data_9C1F
#
_entry.id   9C1F
#
_cell.length_a   1.00
_cell.length_b   1.00
_cell.length_c   1.00
_cell.angle_alpha   90.00
_cell.angle_beta   90.00
_cell.angle_gamma   90.00
#
_symmetry.space_group_name_H-M   'P 1'
#
loop_
_entity.id
_entity.type
_entity.pdbx_description
1 polymer 'Peptidyl-prolyl cis-trans isomerase FKBP1B'
2 polymer 'Ryanodine receptor 3'
3 non-polymer 'ZINC ION'
4 non-polymer 'CALCIUM ION'
5 non-polymer "ADENOSINE-5'-TRIPHOSPHATE"
6 non-polymer CAFFEINE
7 non-polymer 'CHLORIDE ION'
#
loop_
_entity_poly.entity_id
_entity_poly.type
_entity_poly.pdbx_seq_one_letter_code
_entity_poly.pdbx_strand_id
1 'polypeptide(L)'
;SNAGVEIETISPGDGRTFPKKGQTCVVHYTGMLQNGKKFDSSRDRNKPFKFRIGKQEVIKGFEEGAAQMSLGQRAKLTCT
PDVAYGATGHPGVIPPNATLIFDVELLNLE
;
A,C,E,G
2 'polypeptide(L)'
;MAEGGEGGEDEIQFLRTEDEVVLQCIANIHKEQRKFCLAAEGLGNRLCFLEPTSEAKYVPPDLCVCNFVLEQSLSVRALQ
EMLANTGENGGEGAAQGGGHRTLLYGHAILLRHSFSGMYLTCLTTSRSQTDKLAFDVGLRENATGEACWWTIHPASKQRS
EGEKVRIGDDLILVSVSSERYLHLSVSNGNVQVDASFMQTLWNVHPTCSGSSIEEGYLLGGHVVRLFHGHDECLTIPSTD
QNDAQHRRIFYEAGGAGTRARSLWRVEPLRISWSGSNIRWGQAFRLRHITTGHYLALTEDQGLLLQDRAKSDTKSTAFSF
RASKEIKEKLDSSHKRDIEGMGVPEIKYGDSVCFVQHIASGLWVTYKAQDAKTSRLGPLKRKVILHQEGHMDDGLTLQRC
QREESQAARIIRNTTALFSQFVSGNNRAAAPVTLPIQEVLQTLQDLIAYFQPPEEEMQHEDKQNKLRSLKNRQNLFKEEG
MLALVLNCIDRLNIYNSVAHFAGIAREESGMAWKEILNLLYKLLAALIRGNRNNCAQFSNNLDWLISKLDRLESSSGILE
VLHCILIESPEALNLIAEGHIKSIISLLDKHGRNHKVLDVLCSLCLCNGVAVRANQNLICDNLLPRRNLLLQTRLINDVT
SIRPNIFLGVAEGSAQYKKWYFELIIDQVDPFLTAEPTHLRVGWASSSGYAPYPGGGEGWGGNGVGDDLYSYGFDGLHLW
SGRIPRAVASINLHLLRSDDVVSCCLDLGVPSISFRINGQPVQGMFENFNTDGLFFPVVSFSAGVKVRFLTGGRHGEFKF
LPPSGYAPCYEALLPKEKMRLEPVKEYKRDAEGIRDLLGTTQSLSQASFIPCPIDTSQVVLPPHLEKIRDRLAENIHELW
GMNKIELGWTFGKIRDDNKRQHPCLVEFSKLPETEKNYNLQMSTETLKTLLALGCHIAHVNPAAEEDLKKVKLPKNYMMS
NGYKPAPLDLSDVKLLPPQEVLVDKLAENAHNVWAKDRIKQGWTYGIQQDLKNKRNPRLVPYALLDERTKKSNRDSLREA
VRTFVGYGYNIEPSDQELADPAVEKVSIDKIRFFRVEWSYAVRSGKWYFEFEVVTGGDMRVGWARPGCRPDIELGADDQA
FVFEGSRGQRWHQGSGYFGRTWQPGDVVGCMINLDDASMIFTLNGELLITNKGSELAFADYEIENGFVPICSLGLSQIGR
MNLGMDASTFKFYTMCGLQEGFEPFAVNMNRDVAMWFSKRLPTFVNVPKDHPHIEVVRIDGTMDSPPCLKVTHKTFGTQN
SNASMIYCRLSMPVECHSSFSHSPCLDSEAFQKRKQMQEILSHTTTQCYYAIRIFAGQDPSCVWVGWVTPDYHLYSEKFD
LNKNCTVTVTLGDERGRVHESVKRSNCYMVWGGDIVATSQRSSRSNVDLEIGCLVDLAMGMLSFSANGRELGTCYQVEPN
TKVFPAVFLQPTSTALFQFELGKLKNAMPLSAAIFKSEEKNPVPQCPPRLDVQTIQPVLWSRMPSSFLKVETERVSERHG
WAVQCLEPLQMMALHIPEENRCVDILELCEQEDLMQFHYHTLRLYSAVCALGNSRVAYALCGHVDLSQLFYAIDNKYLPG
LLRSGFYDLLISIHLANAKERKLMMKNEYIIPITSATRKIRLYPDESKRHGLPGVGLRTCLKPGFRFSTPCFVVTGEEHQ
KQSPEIPLEILKTKALSMLTEAVQHSGAHIRDPVGGSVEFQFVPVLKLIGTLLVMGVFDDDDIRQILLLIDPSVFGEHSV
ETEDGAEKEEVTQVEEKAVEAGEKAGKEAPVKGLLQTRLPESVKLQMCELLSYLCDCELQHRVEAIVAFGDIYVSKLQAN
QKSRYNELMQALNMSAALTARKTREFRSPPQEQINMLLNFQLGENCPCPEEIREELYDFHEDLLIHCGVPLEEEEEEEED
TSWAGKLRALVYKIKGPPKPEKEQPTEEEERCPTTLKELISQTMIRWAQEDQIQDAELVRMMFSLLQRQYDSIGELLQAL
RKTYTISQASVSDTINLLAALGQIRCLLSVRMGKEEELLMINGLGDIMNNKVFYQHPNLMRVLGMHETVMEVMVDVLGAE
KSQIAFPKMVASCCRFLCYFCRISRQNQKAMFEHLSYLLENSSVGLASPSMRGSTPLDVAASSVMDNNELALGLEEPDLE
KVVTYLAGCGLQSCPMLLAKGYPDVGWNPIEGERYLSFLRFAVFVNSESVEENASVVVKLLIRRPECFGPALRGEGGNGL
LAAMQGAIKISENPALDLPSQGYKREVMEDGEDEEIVHMGNAIMSFYSALIDLLGRCAPEMHLIQTGKGEAIRIRSILRS
LVPTEDLVGIISIPLKLPSLNKDGSISEPDMAANFCPDHKAPMVLFLDRVYGIKDQTFLLHLLEVGFLPDLRASASLDTV
SLSTTEAALALNRYLCSAVLPLLTRCAPLFAGTEHYTSLIDSTLQTIYRLSKGRSLTKAQRDTIEECLLAICNHLRPSML
QQLLRRLVFDVPQLNEYCKMPLKLLTNHYEQCWKYYCLPSGWGSYGLAVEEELHLTEKLFWGIFDSLSHKKYDPDLFRMA
LPCLSAIAGALPPDYLDTRISATLEKQISVDADGNFDPKPINTMNFSLPEKWEYIVTKYAEHSHDKWACDKSQNGWKYGI
SLDENVKTHPLIRPFKTLTEKEKEIYRWPARESLKTMLAVGWSVERTKEGEALVQQRENEKLRSVSQASQGNSYSPAPLD
LSNVVLSRELQGMVEVVAENYHNIWAKKKKLELESKGGGSHPLLVPYDTLTAKEKFRDREKAQDLFKFLQVNGIVVSRGV
KDMELDASSMEKRFAYKFLKKILKYVDSAQEFIAHLEAIVSSGKTEKSPHDQEIKFFAKVLLPLVDQYFTNHHLYFLSSP
LKPLSSSGYASHKEKEMVASLFCKLAALVRHRISLFGSDSTTMVSCLHILAQTLDTRTVMKSGSELVKAGLRAFFENAAE
DLEKTSENLKLGKFTHSRTQIKGVSQNINYTTVALLPILTSIFEHVAQHQFGVDLLLGDVQISCYHILCSLYSLGTGKNI
YVERQRPALGECLASLAAAIPVAFLEPTLNRYNPLSVFNTKTPRERSILGMPDTVEEMCPDIPQLEGLMKEISDLAESGA
RYTEMPHVIEVILPMLCNYLSYWWERGPEHLPPSTGPWCTKVTSEHLSVILGNILKIINNNLGIDEASWMKRIAVYAQPI
ISKARPDLLKSHFIPTLEKLKKKAVKTVQEEEQLKADTKGDTQEAELLILDEFAVLCRDLYAFYPMLIRYVDNNRSNWLK
SPSADSDQLFRMVAEVFILWCKSHNFKREEQNFVIQNEINNLAFLTGDSKSKMSKSGGQDQERKKTKRRGDLYSIQTSLI
VAALKKMLPIGLNMCTPGDQELISLAKSRYSYRDTDEEVKEHLRNNLHLQEKSDDPAVKWQLNLYKDVLKSEEPFNAEKT
IERVQRISAAVFHLEQVEQPLRSKKAVWHKLLSKQRKRAVVACFRMAPLYNLPRHKINNFFLSTFQRVWLEKVNEKTQYD
RLIPILMKSPKVEEEEEEEMEKQPDPLHQIILHFSRNALTERSKLEDDPLYTSYSSMMAKSCQSGEDEEEEEDKEKTFEE
KEMEKQKTLYQQARLHERGAAEMVLQMISASKGEMSPMVVETLKLGIAILNGGNAGVQQKMLDYLKEKKDAGFFQSLSGL
MQSCSVLDLNAFERQNKAEGLGMVTEEGTREKVLQNDEFTRDLFRFLQLLCEGHNSDFQNFLRTQMGNTTTINVIISTVD
YLLRLQESISDFYWYYSGKDIIDESGQHNFSKALAVTKQIFNSLTEYIQGPCIGNQQSLAHSRLWDAVVGFLHVFANMQM
KLSQDSSQIELLKELLDLLQDMVVMLLSLLEGNVVNGTIGKQMVDTLVESSTNVEMILKFFDMFLKLKDLTSSDTFKEYD
PDGKGIISKKEFQKAMEGQKQYTQSEIDFLLSCAEADENDMFNYVDFVDRFHEPAKDIGFNVAVLLTNLSEHMPNDSRLK
CLLDPAGSVLNYFEPYLGRIEIMGGAKKIERVYFEISESSRTQWEKPQVKESKRQFIFDVVNEGGEQEKMELFVNFCEDT
IFEMQLASQISETDSAERPDEEEEEDEDSSYVLEIEGEEEDDKSFESASAFAMACASVKRNVANFLKKATLKNLRKQYRK
VKKMTVKELVKVFFSFFWMLFVGLFRLFFTILGGIFQILWNTVFGGGLVEGAKNIRVTKILGDMPDPTQFGIHDDALDAE
RAEVTEPGVPPELIHFVKGEKGDADIMSDLFGFHPKKEGGLKHGPEGGLGDLSEIIGKDEPPTLESTVRKKRKAQAAEMK
AAHEAEGKVEPEKTDLEDGEKEDTAKEEEQAEALWADVTKKKKRRRGQKVEKPEAFMANFFKGLEIYQTKLLHYLARNFY
NLRFLALFVAFAINFILLFYKVTEEPVEEETEDVANLWNSFTDEEEEEAMVFFVLQESTGYMAPALRALAIIHTVISLVC
VVGYYCLKVPLVVFKREKEIARKLEFDGLYITEQPSEDDIKGQWDRLVINTPSFPNNYWDKFVKRKVINKYGDLYGAERI
AELLGLDKNALDFSPVEASKAEAASLVSWLSSIDMKYHIWKLGVVFTDNSFLYLAWYTTMSVLGHYNNFFFAAHLLDIAM
GFKTLRTILSSVTHNGKQLVLTVGLLAVVVYLYTVVAFNFFRKFYNKSEDDDEPDMKCDDMMTCYLFHMYVGVRAGGGIG
DEIEDPAGDPYEMYRIVFDITFFFFVIVILLAIIQGLIIDAFGELRDQQEQVREDMETKCFICGIGNDYFDTTPHGFETH
TLQEHNLANYLFFLMYLINKDETEHTGQESYVWKMYQERCWDFFPAGDCFRKQYEDQLG
;
B,D,F,H
#
loop_
_chem_comp.id
_chem_comp.type
_chem_comp.name
_chem_comp.formula
ATP non-polymer ADENOSINE-5'-TRIPHOSPHATE 'C10 H16 N5 O13 P3'
CA non-polymer 'CALCIUM ION' 'Ca 2'
CFF non-polymer CAFFEINE 'C8 H10 N4 O2'
CL non-polymer 'CHLORIDE ION' 'Cl -1'
ZN non-polymer 'ZINC ION' 'Zn 2'
#
# COMPACT_ATOMS: atom_id res chain seq x y z
N ALA A 3 -71.36 81.15 -80.07
CA ALA A 3 -71.21 80.11 -79.07
C ALA A 3 -69.95 79.29 -79.31
N GLY A 4 -69.61 78.44 -78.35
CA GLY A 4 -68.43 77.60 -78.44
C GLY A 4 -68.64 76.29 -79.17
N VAL A 5 -69.82 76.05 -79.71
CA VAL A 5 -70.15 74.81 -80.40
C VAL A 5 -70.35 75.11 -81.88
N GLU A 6 -69.76 74.28 -82.74
CA GLU A 6 -69.95 74.36 -84.18
C GLU A 6 -70.78 73.17 -84.62
N ILE A 7 -71.93 73.44 -85.23
CA ILE A 7 -72.86 72.41 -85.66
C ILE A 7 -72.69 72.18 -87.15
N GLU A 8 -72.50 70.93 -87.55
CA GLU A 8 -72.43 70.52 -88.94
C GLU A 8 -73.51 69.48 -89.17
N THR A 9 -74.45 69.79 -90.06
CA THR A 9 -75.59 68.90 -90.28
C THR A 9 -75.14 67.62 -90.97
N ILE A 10 -75.86 66.53 -90.67
CA ILE A 10 -75.61 65.24 -91.30
C ILE A 10 -76.89 64.78 -91.98
N SER A 11 -77.96 64.63 -91.22
CA SER A 11 -79.27 64.26 -91.75
C SER A 11 -80.29 65.27 -91.22
N PRO A 12 -81.00 65.98 -92.08
CA PRO A 12 -81.88 67.06 -91.62
C PRO A 12 -83.09 66.54 -90.86
N GLY A 13 -83.62 67.39 -90.00
CA GLY A 13 -84.85 67.16 -89.29
C GLY A 13 -86.01 67.89 -89.94
N ASP A 14 -87.04 68.18 -89.14
CA ASP A 14 -88.18 68.93 -89.65
C ASP A 14 -87.89 70.43 -89.76
N GLY A 15 -86.86 70.92 -89.06
CA GLY A 15 -86.50 72.32 -89.14
C GLY A 15 -87.50 73.27 -88.53
N ARG A 16 -88.47 72.77 -87.78
CA ARG A 16 -89.52 73.58 -87.18
C ARG A 16 -89.68 73.33 -85.69
N THR A 17 -89.57 72.10 -85.24
CA THR A 17 -89.77 71.74 -83.84
C THR A 17 -88.42 71.75 -83.13
N PHE A 18 -88.21 72.75 -82.29
CA PHE A 18 -86.96 72.85 -81.55
C PHE A 18 -87.21 72.65 -80.06
N PRO A 19 -86.22 72.16 -79.33
CA PRO A 19 -86.41 71.95 -77.89
C PRO A 19 -86.70 73.25 -77.17
N LYS A 20 -87.58 73.17 -76.17
CA LYS A 20 -87.98 74.31 -75.37
C LYS A 20 -87.73 74.02 -73.90
N LYS A 21 -87.92 75.05 -73.08
CA LYS A 21 -87.69 74.91 -71.64
C LYS A 21 -88.64 73.90 -71.04
N GLY A 22 -88.14 73.15 -70.06
CA GLY A 22 -88.93 72.10 -69.44
C GLY A 22 -89.30 70.97 -70.37
N GLN A 23 -88.39 70.60 -71.27
CA GLN A 23 -88.59 69.49 -72.18
C GLN A 23 -87.42 68.52 -72.06
N THR A 24 -87.71 67.23 -72.17
CA THR A 24 -86.68 66.20 -72.17
C THR A 24 -86.27 65.90 -73.60
N CYS A 25 -84.97 65.98 -73.87
CA CYS A 25 -84.43 65.77 -75.21
C CYS A 25 -83.82 64.37 -75.25
N VAL A 26 -84.57 63.41 -75.77
CA VAL A 26 -84.07 62.05 -75.89
C VAL A 26 -83.17 62.01 -77.14
N VAL A 27 -81.87 61.94 -76.93
CA VAL A 27 -80.89 62.02 -78.00
C VAL A 27 -79.97 60.82 -77.93
N HIS A 28 -79.64 60.27 -79.09
CA HIS A 28 -78.64 59.22 -79.23
C HIS A 28 -77.36 59.86 -79.76
N TYR A 29 -76.27 59.71 -79.03
CA TYR A 29 -75.04 60.41 -79.35
C TYR A 29 -73.87 59.45 -79.42
N THR A 30 -72.73 59.96 -79.88
CA THR A 30 -71.49 59.19 -79.96
C THR A 30 -70.34 60.20 -79.88
N GLY A 31 -69.72 60.31 -78.71
CA GLY A 31 -68.71 61.30 -78.47
C GLY A 31 -67.31 60.71 -78.56
N MET A 32 -66.43 61.44 -79.25
CA MET A 32 -65.05 61.02 -79.43
C MET A 32 -64.14 62.24 -79.29
N LEU A 33 -62.87 61.96 -79.00
CA LEU A 33 -61.87 63.00 -78.90
C LEU A 33 -61.54 63.55 -80.29
N GLN A 34 -60.87 64.71 -80.29
CA GLN A 34 -60.53 65.36 -81.55
C GLN A 34 -59.52 64.55 -82.38
N ASN A 35 -58.88 63.55 -81.79
CA ASN A 35 -57.93 62.71 -82.49
C ASN A 35 -58.54 61.46 -83.10
N GLY A 36 -59.85 61.27 -82.95
CA GLY A 36 -60.51 60.08 -83.46
C GLY A 36 -60.66 58.94 -82.46
N LYS A 37 -60.39 59.19 -81.18
CA LYS A 37 -60.47 58.17 -80.15
C LYS A 37 -61.83 58.26 -79.47
N LYS A 38 -62.69 57.30 -79.72
CA LYS A 38 -64.03 57.31 -79.15
C LYS A 38 -63.96 57.15 -77.64
N PHE A 39 -64.76 57.93 -76.93
CA PHE A 39 -64.82 57.83 -75.48
C PHE A 39 -66.22 57.60 -74.93
N ASP A 40 -67.27 57.72 -75.73
CA ASP A 40 -68.60 57.46 -75.21
C ASP A 40 -69.54 57.22 -76.38
N SER A 41 -70.59 56.44 -76.12
CA SER A 41 -71.61 56.19 -77.14
C SER A 41 -72.82 55.60 -76.46
N SER A 42 -73.97 56.26 -76.61
CA SER A 42 -75.21 55.73 -76.06
C SER A 42 -75.83 54.67 -76.94
N ARG A 43 -75.38 54.53 -78.18
CA ARG A 43 -75.92 53.49 -79.05
C ARG A 43 -75.35 52.11 -78.71
N ASP A 44 -74.15 52.06 -78.13
CA ASP A 44 -73.60 50.79 -77.65
C ASP A 44 -74.44 50.24 -76.51
N ARG A 45 -74.90 51.10 -75.62
CA ARG A 45 -75.68 50.68 -74.47
C ARG A 45 -77.15 50.46 -74.79
N ASN A 46 -77.58 50.80 -76.00
CA ASN A 46 -78.99 50.65 -76.40
C ASN A 46 -79.92 51.49 -75.54
N LYS A 47 -79.42 52.62 -75.04
CA LYS A 47 -80.20 53.47 -74.15
C LYS A 47 -80.02 54.93 -74.52
N PRO A 48 -81.03 55.56 -75.12
CA PRO A 48 -80.92 56.98 -75.46
C PRO A 48 -80.77 57.83 -74.20
N PHE A 49 -80.01 58.92 -74.35
CA PHE A 49 -79.71 59.81 -73.24
C PHE A 49 -80.76 60.89 -73.14
N LYS A 50 -81.26 61.12 -71.93
CA LYS A 50 -82.31 62.09 -71.67
C LYS A 50 -81.79 63.18 -70.77
N PHE A 51 -82.05 64.43 -71.14
CA PHE A 51 -81.68 65.58 -70.31
C PHE A 51 -82.68 66.68 -70.57
N ARG A 52 -82.81 67.58 -69.59
CA ARG A 52 -83.78 68.66 -69.65
C ARG A 52 -83.06 69.98 -69.91
N ILE A 53 -83.58 70.76 -70.85
CA ILE A 53 -82.97 72.05 -71.17
C ILE A 53 -83.20 73.02 -70.02
N GLY A 54 -82.21 73.87 -69.77
CA GLY A 54 -82.31 74.89 -68.76
C GLY A 54 -81.99 74.46 -67.35
N LYS A 55 -81.64 73.18 -67.13
CA LYS A 55 -81.29 72.70 -65.81
C LYS A 55 -79.79 72.49 -65.65
N GLN A 56 -79.01 72.67 -66.72
CA GLN A 56 -77.56 72.51 -66.66
C GLN A 56 -77.16 71.10 -66.21
N GLU A 57 -77.88 70.10 -66.73
CA GLU A 57 -77.52 68.71 -66.44
C GLU A 57 -76.28 68.29 -67.22
N VAL A 58 -76.19 68.69 -68.49
CA VAL A 58 -75.12 68.26 -69.37
C VAL A 58 -74.14 69.41 -69.56
N ILE A 59 -73.01 69.11 -70.20
CA ILE A 59 -72.03 70.15 -70.48
C ILE A 59 -72.64 71.21 -71.39
N LYS A 60 -72.09 72.41 -71.33
CA LYS A 60 -72.72 73.55 -72.00
C LYS A 60 -72.78 73.36 -73.50
N GLY A 61 -71.69 72.91 -74.12
CA GLY A 61 -71.69 72.76 -75.56
C GLY A 61 -72.72 71.77 -76.06
N PHE A 62 -72.84 70.63 -75.36
CA PHE A 62 -73.82 69.62 -75.74
C PHE A 62 -75.24 70.18 -75.67
N GLU A 63 -75.55 70.88 -74.58
CA GLU A 63 -76.89 71.44 -74.42
C GLU A 63 -77.18 72.50 -75.47
N GLU A 64 -76.22 73.38 -75.76
CA GLU A 64 -76.44 74.39 -76.80
C GLU A 64 -76.64 73.75 -78.16
N GLY A 65 -75.83 72.74 -78.49
CA GLY A 65 -75.99 72.08 -79.77
C GLY A 65 -77.33 71.39 -79.91
N ALA A 66 -77.77 70.69 -78.86
CA ALA A 66 -79.10 70.08 -78.91
C ALA A 66 -80.19 71.14 -78.97
N ALA A 67 -79.97 72.30 -78.36
CA ALA A 67 -80.95 73.38 -78.45
C ALA A 67 -81.08 73.89 -79.88
N GLN A 68 -79.95 74.06 -80.58
CA GLN A 68 -80.03 74.49 -81.97
C GLN A 68 -80.62 73.42 -82.88
N MET A 69 -80.41 72.15 -82.55
CA MET A 69 -80.90 71.07 -83.38
C MET A 69 -82.42 70.98 -83.33
N SER A 70 -82.99 70.43 -84.40
CA SER A 70 -84.43 70.23 -84.52
C SER A 70 -84.78 68.77 -84.31
N LEU A 71 -86.09 68.50 -84.29
CA LEU A 71 -86.56 67.15 -84.05
C LEU A 71 -86.15 66.22 -85.18
N GLY A 72 -85.70 65.02 -84.83
CA GLY A 72 -85.29 64.04 -85.81
C GLY A 72 -84.10 64.46 -86.66
N GLN A 73 -83.17 65.23 -86.08
CA GLN A 73 -82.03 65.74 -86.80
C GLN A 73 -80.75 65.12 -86.27
N ARG A 74 -79.88 64.70 -87.19
CA ARG A 74 -78.58 64.14 -86.85
C ARG A 74 -77.50 65.12 -87.29
N ALA A 75 -76.69 65.58 -86.35
CA ALA A 75 -75.72 66.63 -86.62
C ALA A 75 -74.47 66.40 -85.79
N LYS A 76 -73.37 67.00 -86.24
CA LYS A 76 -72.10 66.91 -85.55
C LYS A 76 -71.85 68.19 -84.75
N LEU A 77 -71.57 68.03 -83.46
CA LEU A 77 -71.32 69.14 -82.55
C LEU A 77 -69.87 69.09 -82.09
N THR A 78 -69.17 70.20 -82.24
CA THR A 78 -67.77 70.31 -81.80
C THR A 78 -67.74 71.20 -80.56
N CYS A 79 -67.59 70.56 -79.40
CA CYS A 79 -67.53 71.27 -78.13
C CYS A 79 -66.07 71.55 -77.79
N THR A 80 -65.70 72.83 -77.79
CA THR A 80 -64.36 73.22 -77.43
C THR A 80 -64.15 73.06 -75.93
N PRO A 81 -62.90 73.04 -75.47
CA PRO A 81 -62.65 72.84 -74.04
C PRO A 81 -63.26 73.91 -73.17
N ASP A 82 -63.55 75.09 -73.72
CA ASP A 82 -64.18 76.15 -72.94
C ASP A 82 -65.55 75.71 -72.45
N VAL A 83 -66.33 75.05 -73.30
CA VAL A 83 -67.68 74.62 -72.96
C VAL A 83 -67.77 73.12 -72.75
N ALA A 84 -66.63 72.45 -72.55
CA ALA A 84 -66.63 71.02 -72.23
C ALA A 84 -65.41 70.75 -71.36
N TYR A 85 -65.61 70.77 -70.03
CA TYR A 85 -64.52 70.57 -69.09
C TYR A 85 -63.43 71.61 -69.29
N GLY A 86 -62.26 71.20 -69.77
CA GLY A 86 -61.19 72.13 -70.01
C GLY A 86 -59.90 71.78 -69.30
N ALA A 87 -59.49 72.61 -68.35
CA ALA A 87 -58.28 72.32 -67.58
C ALA A 87 -58.43 71.02 -66.81
N THR A 88 -59.62 70.76 -66.29
CA THR A 88 -59.93 69.51 -65.59
C THR A 88 -60.97 68.74 -66.40
N GLY A 89 -60.56 67.62 -66.98
CA GLY A 89 -61.47 66.72 -67.67
C GLY A 89 -61.76 65.49 -66.82
N HIS A 90 -62.56 64.61 -67.41
CA HIS A 90 -62.80 63.33 -66.75
C HIS A 90 -61.48 62.58 -66.62
N PRO A 91 -60.96 62.41 -65.42
CA PRO A 91 -59.69 61.69 -65.27
C PRO A 91 -59.81 60.25 -65.74
N GLY A 92 -58.85 59.83 -66.55
CA GLY A 92 -58.85 58.50 -67.10
C GLY A 92 -59.71 58.32 -68.33
N VAL A 93 -60.45 59.35 -68.76
CA VAL A 93 -61.25 59.26 -69.97
C VAL A 93 -60.89 60.40 -70.91
N ILE A 94 -61.11 61.62 -70.46
CA ILE A 94 -60.93 62.83 -71.27
C ILE A 94 -59.71 63.59 -70.75
N PRO A 95 -58.67 63.78 -71.55
CA PRO A 95 -57.50 64.52 -71.09
C PRO A 95 -57.82 66.00 -70.96
N PRO A 96 -57.00 66.75 -70.22
CA PRO A 96 -57.25 68.18 -70.05
C PRO A 96 -57.11 68.93 -71.37
N ASN A 97 -57.92 69.97 -71.52
CA ASN A 97 -57.89 70.83 -72.70
C ASN A 97 -58.08 70.01 -73.98
N ALA A 98 -59.19 69.29 -74.03
CA ALA A 98 -59.50 68.42 -75.16
C ALA A 98 -60.81 68.86 -75.79
N THR A 99 -60.78 69.07 -77.11
CA THR A 99 -62.00 69.32 -77.87
C THR A 99 -62.72 68.00 -78.13
N LEU A 100 -64.04 68.04 -78.04
CA LEU A 100 -64.87 66.85 -78.16
C LEU A 100 -65.77 66.96 -79.37
N ILE A 101 -66.06 65.84 -80.01
CA ILE A 101 -66.92 65.81 -81.19
C ILE A 101 -68.02 64.78 -80.96
N PHE A 102 -69.27 65.22 -81.07
CA PHE A 102 -70.43 64.38 -80.81
C PHE A 102 -71.27 64.25 -82.06
N ASP A 103 -71.60 63.00 -82.42
CA ASP A 103 -72.52 62.73 -83.52
C ASP A 103 -73.90 62.54 -82.89
N VAL A 104 -74.62 63.65 -82.71
CA VAL A 104 -75.82 63.69 -81.89
C VAL A 104 -77.05 63.60 -82.78
N GLU A 105 -77.95 62.69 -82.45
CA GLU A 105 -79.25 62.59 -83.10
C GLU A 105 -80.34 62.91 -82.09
N LEU A 106 -81.20 63.87 -82.43
CA LEU A 106 -82.29 64.29 -81.55
C LEU A 106 -83.49 63.40 -81.82
N LEU A 107 -83.55 62.26 -81.11
CA LEU A 107 -84.60 61.28 -81.35
C LEU A 107 -85.97 61.88 -81.03
N ASN A 108 -86.19 62.26 -79.77
CA ASN A 108 -87.51 62.67 -79.31
C ASN A 108 -87.42 63.94 -78.47
N LEU A 109 -88.55 64.65 -78.43
CA LEU A 109 -88.73 65.83 -77.58
C LEU A 109 -89.79 65.60 -76.52
N GLU A 110 -89.76 64.43 -75.90
CA GLU A 110 -90.70 64.11 -74.83
C GLU A 110 -89.95 63.65 -73.58
N GLU B 11 -2.08 4.41 -36.23
CA GLU B 11 -0.88 4.72 -35.45
C GLU B 11 -0.59 6.21 -35.49
N ILE B 12 0.22 6.68 -34.53
CA ILE B 12 0.57 8.09 -34.47
C ILE B 12 1.60 8.51 -35.50
N GLN B 13 2.07 7.58 -36.33
CA GLN B 13 3.03 7.89 -37.39
C GLN B 13 2.56 7.44 -38.76
N PHE B 14 1.28 7.08 -38.92
CA PHE B 14 0.74 6.66 -40.20
C PHE B 14 -0.46 7.51 -40.55
N LEU B 15 -0.53 7.91 -41.83
CA LEU B 15 -1.63 8.73 -42.32
C LEU B 15 -2.79 7.85 -42.75
N ARG B 16 -4.00 8.29 -42.43
CA ARG B 16 -5.21 7.57 -42.77
C ARG B 16 -6.19 8.53 -43.42
N THR B 17 -7.20 7.96 -44.07
CA THR B 17 -8.20 8.80 -44.72
C THR B 17 -9.02 9.55 -43.67
N GLU B 18 -9.73 10.58 -44.13
CA GLU B 18 -10.54 11.43 -43.26
C GLU B 18 -9.67 12.16 -42.24
N ASP B 19 -8.41 12.39 -42.59
CA ASP B 19 -7.43 13.01 -41.71
C ASP B 19 -7.10 14.39 -42.26
N GLU B 20 -7.37 15.44 -41.49
CA GLU B 20 -7.09 16.80 -41.92
C GLU B 20 -5.62 17.11 -41.76
N VAL B 21 -4.97 17.44 -42.87
CA VAL B 21 -3.53 17.68 -42.91
C VAL B 21 -3.26 18.97 -43.68
N VAL B 22 -2.05 19.48 -43.52
CA VAL B 22 -1.55 20.64 -44.26
C VAL B 22 -0.32 20.20 -45.03
N LEU B 23 -0.25 20.60 -46.30
CA LEU B 23 0.87 20.24 -47.17
C LEU B 23 1.88 21.38 -47.14
N GLN B 24 3.04 21.11 -46.54
CA GLN B 24 4.07 22.13 -46.34
C GLN B 24 5.28 21.85 -47.20
N CYS B 25 5.91 22.92 -47.67
CA CYS B 25 7.11 22.84 -48.50
C CYS B 25 8.13 23.87 -48.03
N ILE B 26 9.40 23.53 -48.16
CA ILE B 26 10.49 24.38 -47.71
C ILE B 26 11.19 24.96 -48.94
N ALA B 27 11.38 26.28 -48.93
CA ALA B 27 12.08 26.96 -50.01
C ALA B 27 13.22 27.77 -49.41
N ASN B 28 14.41 27.64 -49.99
CA ASN B 28 15.59 28.34 -49.50
C ASN B 28 15.70 29.68 -50.22
N ILE B 29 15.45 30.76 -49.50
CA ILE B 29 15.49 32.11 -50.05
C ILE B 29 16.42 32.96 -49.18
N HIS B 30 17.40 33.61 -49.81
CA HIS B 30 18.35 34.48 -49.12
C HIS B 30 19.04 33.74 -47.98
N LYS B 31 19.39 32.47 -48.21
CA LYS B 31 20.07 31.62 -47.25
C LYS B 31 19.22 31.26 -46.04
N GLU B 32 17.91 31.51 -46.11
CA GLU B 32 16.99 31.19 -45.03
C GLU B 32 15.94 30.21 -45.54
N GLN B 33 15.67 29.18 -44.75
CA GLN B 33 14.68 28.16 -45.12
C GLN B 33 13.30 28.65 -44.72
N ARG B 34 12.57 29.22 -45.66
CA ARG B 34 11.21 29.69 -45.42
C ARG B 34 10.23 28.57 -45.76
N LYS B 35 9.34 28.27 -44.82
CA LYS B 35 8.35 27.21 -45.00
C LYS B 35 7.02 27.80 -45.42
N PHE B 36 6.30 27.09 -46.28
CA PHE B 36 5.05 27.54 -46.85
C PHE B 36 4.06 26.39 -46.80
N CYS B 37 2.77 26.73 -46.79
CA CYS B 37 1.70 25.74 -46.80
C CYS B 37 0.79 25.99 -47.98
N LEU B 38 0.44 24.93 -48.69
CA LEU B 38 -0.47 25.06 -49.81
C LEU B 38 -1.84 25.53 -49.34
N ALA B 39 -2.39 26.55 -50.00
CA ALA B 39 -3.62 27.17 -49.57
C ALA B 39 -4.48 27.50 -50.77
N ALA B 40 -5.77 27.66 -50.52
CA ALA B 40 -6.71 28.08 -51.55
C ALA B 40 -7.88 28.76 -50.86
N GLU B 41 -8.67 29.48 -51.65
CA GLU B 41 -9.86 30.16 -51.16
C GLU B 41 -11.06 29.66 -51.96
N GLY B 42 -12.20 29.55 -51.29
CA GLY B 42 -13.37 29.04 -51.98
C GLY B 42 -13.96 29.99 -53.00
N LEU B 43 -14.56 31.09 -52.54
CA LEU B 43 -15.23 32.03 -53.42
C LEU B 43 -14.27 33.09 -53.89
N GLY B 44 -14.44 33.53 -55.13
CA GLY B 44 -13.60 34.58 -55.68
C GLY B 44 -12.39 34.07 -56.41
N ASN B 45 -11.43 33.49 -55.68
CA ASN B 45 -10.16 33.04 -56.25
C ASN B 45 -10.04 31.54 -55.99
N ARG B 46 -10.02 30.75 -57.05
CA ARG B 46 -9.91 29.30 -56.93
C ARG B 46 -8.50 28.79 -57.13
N LEU B 47 -7.51 29.66 -57.36
CA LEU B 47 -6.15 29.21 -57.53
C LEU B 47 -5.45 29.06 -56.19
N CYS B 48 -4.51 28.12 -56.13
CA CYS B 48 -3.76 27.85 -54.92
C CYS B 48 -2.57 28.79 -54.81
N PHE B 49 -2.28 29.22 -53.59
CA PHE B 49 -1.10 30.01 -53.29
C PHE B 49 -0.39 29.35 -52.13
N LEU B 50 0.64 30.00 -51.61
CA LEU B 50 1.45 29.44 -50.52
C LEU B 50 1.43 30.40 -49.34
N GLU B 51 0.78 29.99 -48.26
CA GLU B 51 0.73 30.77 -47.04
C GLU B 51 2.03 30.59 -46.27
N PRO B 52 2.79 31.66 -45.99
CA PRO B 52 4.06 31.49 -45.28
C PRO B 52 3.83 31.22 -43.80
N THR B 53 4.38 30.11 -43.32
CA THR B 53 4.24 29.71 -41.92
C THR B 53 5.59 29.67 -41.20
N SER B 54 6.57 30.44 -41.69
CA SER B 54 7.91 30.43 -41.13
C SER B 54 8.09 31.50 -40.05
N GLU B 55 7.70 32.74 -40.35
CA GLU B 55 7.75 33.82 -39.37
C GLU B 55 6.42 33.94 -38.63
N ALA B 56 6.03 32.84 -37.99
CA ALA B 56 4.74 32.75 -37.33
C ALA B 56 4.74 33.37 -35.95
N LYS B 57 5.90 33.74 -35.41
CA LYS B 57 5.95 34.36 -34.09
C LYS B 57 5.51 35.81 -34.14
N TYR B 58 5.69 36.49 -35.28
CA TYR B 58 5.39 37.91 -35.40
C TYR B 58 4.20 38.21 -36.30
N VAL B 59 3.78 37.26 -37.13
CA VAL B 59 2.64 37.45 -38.02
C VAL B 59 1.84 36.14 -38.03
N PRO B 60 0.58 36.16 -37.61
CA PRO B 60 -0.17 34.92 -37.49
C PRO B 60 -0.38 34.27 -38.84
N PRO B 61 -0.23 32.95 -38.94
CA PRO B 61 -0.59 32.23 -40.15
C PRO B 61 -2.07 31.86 -40.19
N ASP B 62 -2.63 31.91 -41.39
CA ASP B 62 -4.04 31.60 -41.63
C ASP B 62 -4.12 30.16 -42.09
N LEU B 63 -4.25 29.24 -41.14
CA LEU B 63 -4.35 27.82 -41.42
C LEU B 63 -5.76 27.37 -41.75
N CYS B 64 -6.74 28.29 -41.73
CA CYS B 64 -8.10 27.93 -42.07
C CYS B 64 -8.19 27.42 -43.50
N VAL B 65 -7.49 28.08 -44.43
CA VAL B 65 -7.56 27.74 -45.84
C VAL B 65 -6.45 26.80 -46.28
N CYS B 66 -5.55 26.42 -45.37
CA CYS B 66 -4.49 25.48 -45.67
C CYS B 66 -4.86 24.04 -45.32
N ASN B 67 -6.08 23.78 -44.89
CA ASN B 67 -6.49 22.49 -44.38
C ASN B 67 -7.18 21.68 -45.48
N PHE B 68 -6.65 20.51 -45.78
CA PHE B 68 -7.22 19.59 -46.73
C PHE B 68 -7.55 18.28 -46.03
N VAL B 69 -8.51 17.54 -46.59
CA VAL B 69 -8.97 16.28 -46.02
C VAL B 69 -8.61 15.17 -47.00
N LEU B 70 -7.95 14.12 -46.50
CA LEU B 70 -7.63 12.95 -47.28
C LEU B 70 -8.88 12.08 -47.37
N GLU B 71 -9.60 12.18 -48.48
CA GLU B 71 -10.86 11.46 -48.60
C GLU B 71 -10.64 9.99 -48.97
N GLN B 72 -9.94 9.73 -50.07
CA GLN B 72 -9.74 8.38 -50.56
C GLN B 72 -8.28 8.15 -50.92
N SER B 73 -7.88 6.88 -50.85
CA SER B 73 -6.49 6.43 -51.02
C SER B 73 -6.43 5.20 -51.90
N LEU B 74 -7.05 5.26 -53.08
CA LEU B 74 -7.11 4.09 -53.95
C LEU B 74 -5.72 3.75 -54.50
N SER B 75 -5.66 2.73 -55.35
CA SER B 75 -4.46 2.38 -56.08
C SER B 75 -4.67 2.63 -57.57
N VAL B 76 -3.59 2.46 -58.33
CA VAL B 76 -3.60 2.87 -59.73
C VAL B 76 -4.56 2.00 -60.55
N ARG B 77 -4.47 0.68 -60.40
CA ARG B 77 -5.38 -0.21 -61.11
C ARG B 77 -6.80 -0.06 -60.59
N ALA B 78 -6.97 0.07 -59.27
CA ALA B 78 -8.29 0.32 -58.72
C ALA B 78 -8.84 1.65 -59.21
N LEU B 79 -7.97 2.66 -59.30
CA LEU B 79 -8.41 3.96 -59.82
C LEU B 79 -8.85 3.86 -61.26
N GLN B 80 -8.09 3.13 -62.09
CA GLN B 80 -8.47 2.98 -63.49
C GLN B 80 -9.81 2.25 -63.62
N GLU B 81 -10.01 1.21 -62.82
CA GLU B 81 -11.27 0.48 -62.86
C GLU B 81 -12.43 1.37 -62.40
N MET B 82 -12.21 2.17 -61.37
CA MET B 82 -13.24 3.08 -60.90
C MET B 82 -13.60 4.09 -61.98
N LEU B 83 -12.59 4.63 -62.67
CA LEU B 83 -12.87 5.58 -63.74
C LEU B 83 -13.63 4.93 -64.88
N ALA B 84 -13.22 3.72 -65.27
CA ALA B 84 -13.88 3.04 -66.38
C ALA B 84 -15.32 2.68 -66.04
N ASN B 85 -15.58 2.27 -64.80
CA ASN B 85 -16.94 1.88 -64.41
C ASN B 85 -17.90 3.05 -64.53
N THR B 86 -17.50 4.23 -64.08
CA THR B 86 -18.34 5.41 -64.13
C THR B 86 -19.63 5.21 -63.34
N GLY B 99 -13.58 2.97 -44.97
CA GLY B 99 -12.98 3.03 -43.64
C GLY B 99 -11.76 3.92 -43.59
N HIS B 100 -11.02 3.84 -42.48
CA HIS B 100 -9.81 4.64 -42.30
C HIS B 100 -8.61 3.88 -42.86
N ARG B 101 -8.56 3.81 -44.19
CA ARG B 101 -7.45 3.17 -44.87
C ARG B 101 -6.16 3.93 -44.63
N THR B 102 -5.06 3.19 -44.63
CA THR B 102 -3.73 3.78 -44.53
C THR B 102 -3.18 4.05 -45.92
N LEU B 103 -2.52 5.20 -46.06
CA LEU B 103 -1.87 5.54 -47.32
C LEU B 103 -0.64 4.68 -47.53
N LEU B 104 -0.39 4.29 -48.78
CA LEU B 104 0.82 3.58 -49.16
C LEU B 104 1.47 4.31 -50.31
N TYR B 105 2.80 4.33 -50.33
CA TYR B 105 3.51 4.96 -51.43
C TYR B 105 3.14 4.30 -52.74
N GLY B 106 2.75 5.11 -53.71
CA GLY B 106 2.28 4.62 -54.98
C GLY B 106 0.77 4.57 -55.15
N HIS B 107 0.01 5.12 -54.23
CA HIS B 107 -1.44 5.15 -54.31
C HIS B 107 -1.92 6.49 -54.86
N ALA B 108 -3.17 6.51 -55.30
CA ALA B 108 -3.83 7.71 -55.79
C ALA B 108 -4.79 8.22 -54.72
N ILE B 109 -4.54 9.43 -54.23
CA ILE B 109 -5.30 10.02 -53.14
C ILE B 109 -6.12 11.19 -53.66
N LEU B 110 -7.18 11.49 -52.93
CA LEU B 110 -8.08 12.59 -53.22
C LEU B 110 -8.08 13.56 -52.05
N LEU B 111 -7.86 14.84 -52.32
CA LEU B 111 -7.79 15.87 -51.29
C LEU B 111 -8.95 16.83 -51.42
N ARG B 112 -9.69 17.02 -50.34
CA ARG B 112 -10.82 17.93 -50.30
C ARG B 112 -10.53 19.11 -49.39
N HIS B 113 -10.74 20.31 -49.90
CA HIS B 113 -10.55 21.50 -49.08
C HIS B 113 -11.51 21.47 -47.90
N SER B 114 -10.98 21.73 -46.71
CA SER B 114 -11.80 21.60 -45.51
C SER B 114 -12.76 22.77 -45.37
N PHE B 115 -12.40 23.94 -45.88
CA PHE B 115 -13.27 25.11 -45.75
C PHE B 115 -14.38 25.11 -46.80
N SER B 116 -14.01 25.15 -48.07
CA SER B 116 -14.98 25.33 -49.15
C SER B 116 -15.61 24.03 -49.61
N GLY B 117 -15.02 22.89 -49.29
CA GLY B 117 -15.54 21.62 -49.76
C GLY B 117 -15.18 21.27 -51.18
N MET B 118 -14.38 22.09 -51.85
CA MET B 118 -13.93 21.81 -53.20
C MET B 118 -12.69 20.92 -53.16
N TYR B 119 -12.40 20.30 -54.30
CA TYR B 119 -11.31 19.34 -54.41
C TYR B 119 -10.14 19.96 -55.16
N LEU B 120 -8.93 19.71 -54.65
CA LEU B 120 -7.72 20.17 -55.31
C LEU B 120 -7.61 19.51 -56.68
N THR B 121 -7.33 20.32 -57.70
CA THR B 121 -7.35 19.87 -59.07
C THR B 121 -6.16 20.44 -59.83
N CYS B 122 -5.72 19.70 -60.85
CA CYS B 122 -4.70 20.15 -61.79
C CYS B 122 -5.43 20.84 -62.94
N LEU B 123 -5.50 22.17 -62.87
CA LEU B 123 -6.20 22.94 -63.89
C LEU B 123 -5.37 23.03 -65.15
N THR B 124 -6.01 22.75 -66.28
CA THR B 124 -5.34 22.79 -67.57
C THR B 124 -4.83 24.19 -67.89
N THR B 125 -5.61 25.21 -67.56
CA THR B 125 -5.19 26.58 -67.82
C THR B 125 -3.92 26.89 -67.05
N SER B 126 -3.04 27.68 -67.67
CA SER B 126 -1.77 28.03 -67.05
C SER B 126 -1.59 29.54 -67.04
N ARG B 127 -0.83 30.01 -66.05
CA ARG B 127 -0.50 31.42 -65.95
C ARG B 127 0.98 31.62 -65.59
N SER B 128 1.82 30.65 -65.89
CA SER B 128 3.24 30.69 -65.54
C SER B 128 4.03 31.10 -66.78
N GLN B 129 4.48 32.35 -66.82
CA GLN B 129 5.27 32.82 -67.95
C GLN B 129 6.60 32.09 -68.03
N THR B 130 7.23 31.81 -66.88
CA THR B 130 8.56 31.20 -66.89
C THR B 130 8.54 29.82 -67.53
N ASP B 131 7.57 28.99 -67.16
CA ASP B 131 7.49 27.64 -67.68
C ASP B 131 6.55 27.57 -68.87
N LYS B 132 6.57 26.42 -69.55
CA LYS B 132 5.73 26.20 -70.72
C LYS B 132 4.75 25.05 -70.54
N LEU B 133 5.17 23.96 -69.92
CA LEU B 133 4.31 22.80 -69.69
C LEU B 133 3.81 22.74 -68.25
N ALA B 134 3.83 23.86 -67.54
CA ALA B 134 3.37 23.93 -66.15
C ALA B 134 1.91 24.35 -66.14
N PHE B 135 1.03 23.46 -65.69
CA PHE B 135 -0.37 23.78 -65.56
C PHE B 135 -0.59 24.57 -64.27
N ASP B 136 -1.85 24.73 -63.86
CA ASP B 136 -2.16 25.39 -62.61
C ASP B 136 -2.68 24.38 -61.61
N VAL B 137 -2.70 24.77 -60.34
CA VAL B 137 -3.32 23.98 -59.29
C VAL B 137 -4.40 24.85 -58.65
N GLY B 138 -5.61 24.30 -58.55
CA GLY B 138 -6.71 25.07 -58.02
C GLY B 138 -7.74 24.22 -57.33
N LEU B 139 -8.95 24.73 -57.16
CA LEU B 139 -10.05 23.98 -56.58
C LEU B 139 -11.15 23.84 -57.61
N ARG B 140 -11.85 22.71 -57.57
CA ARG B 140 -13.01 22.51 -58.42
C ARG B 140 -14.08 21.80 -57.61
N GLU B 141 -15.34 22.11 -57.91
CA GLU B 141 -16.43 21.71 -57.04
C GLU B 141 -16.56 20.20 -56.94
N ASN B 142 -16.43 19.49 -58.05
CA ASN B 142 -16.71 18.07 -58.11
C ASN B 142 -15.44 17.26 -58.41
N ALA B 143 -15.43 16.02 -57.95
CA ALA B 143 -14.30 15.13 -58.10
C ALA B 143 -14.36 14.29 -59.38
N THR B 144 -15.17 14.70 -60.36
CA THR B 144 -15.33 13.94 -61.58
C THR B 144 -14.07 14.04 -62.43
N GLY B 145 -13.60 12.90 -62.92
CA GLY B 145 -12.44 12.84 -63.79
C GLY B 145 -11.19 12.41 -63.03
N GLU B 146 -10.10 12.33 -63.78
CA GLU B 146 -8.80 11.93 -63.26
C GLU B 146 -7.94 13.11 -62.89
N ALA B 147 -8.47 14.34 -62.97
CA ALA B 147 -7.68 15.52 -62.67
C ALA B 147 -7.50 15.75 -61.18
N CYS B 148 -8.36 15.20 -60.34
CA CYS B 148 -8.35 15.48 -58.91
C CYS B 148 -7.68 14.40 -58.09
N TRP B 149 -6.99 13.45 -58.72
CA TRP B 149 -6.33 12.36 -58.02
C TRP B 149 -4.82 12.50 -58.15
N TRP B 150 -4.12 12.40 -57.03
CA TRP B 150 -2.68 12.63 -56.97
C TRP B 150 -1.97 11.39 -56.44
N THR B 151 -0.89 11.00 -57.11
CA THR B 151 -0.11 9.84 -56.70
C THR B 151 0.99 10.27 -55.74
N ILE B 152 1.26 9.40 -54.77
CA ILE B 152 2.26 9.63 -53.74
C ILE B 152 3.50 8.83 -54.08
N HIS B 153 4.67 9.45 -53.97
CA HIS B 153 5.92 8.74 -54.18
C HIS B 153 6.92 9.11 -53.10
N PRO B 154 7.78 8.17 -52.70
CA PRO B 154 8.82 8.48 -51.74
C PRO B 154 9.84 9.44 -52.32
N ALA B 155 10.43 10.24 -51.44
CA ALA B 155 11.47 11.20 -51.84
C ALA B 155 12.87 10.67 -51.62
N SER B 156 13.02 9.50 -50.99
CA SER B 156 14.32 8.92 -50.73
C SER B 156 14.27 7.42 -51.00
N LYS B 157 15.46 6.84 -51.19
CA LYS B 157 15.54 5.41 -51.52
C LYS B 157 15.18 4.55 -50.31
N GLN B 158 15.23 5.10 -49.10
CA GLN B 158 14.86 4.32 -47.92
C GLN B 158 13.40 3.89 -47.99
N ARG B 159 12.53 4.77 -48.46
CA ARG B 159 11.13 4.44 -48.67
C ARG B 159 10.95 3.86 -50.07
N SER B 160 10.12 2.84 -50.19
CA SER B 160 9.90 2.16 -51.46
C SER B 160 8.41 2.00 -51.70
N GLU B 161 8.06 1.76 -52.96
CA GLU B 161 6.66 1.69 -53.35
C GLU B 161 5.93 0.60 -52.59
N GLY B 162 4.76 0.94 -52.06
CA GLY B 162 3.95 0.02 -51.29
C GLY B 162 4.07 0.18 -49.79
N GLU B 163 5.16 0.78 -49.31
CA GLU B 163 5.31 1.01 -47.89
C GLU B 163 4.28 2.02 -47.39
N LYS B 164 3.89 1.88 -46.14
CA LYS B 164 2.98 2.84 -45.53
C LYS B 164 3.65 4.21 -45.46
N VAL B 165 2.92 5.25 -45.83
CA VAL B 165 3.40 6.62 -45.71
C VAL B 165 3.34 7.03 -44.25
N ARG B 166 4.42 7.61 -43.74
CA ARG B 166 4.53 7.97 -42.34
C ARG B 166 4.45 9.47 -42.16
N ILE B 167 3.98 9.88 -40.97
CA ILE B 167 3.93 11.30 -40.63
C ILE B 167 5.34 11.85 -40.51
N GLY B 168 5.60 12.96 -41.19
CA GLY B 168 6.93 13.52 -41.22
C GLY B 168 7.78 13.06 -42.38
N ASP B 169 7.25 12.25 -43.28
CA ASP B 169 7.96 11.83 -44.49
C ASP B 169 7.76 12.85 -45.59
N ASP B 170 8.79 13.05 -46.39
CA ASP B 170 8.72 13.94 -47.53
C ASP B 170 8.11 13.19 -48.71
N LEU B 171 7.00 13.70 -49.22
CA LEU B 171 6.29 13.08 -50.32
C LEU B 171 6.62 13.76 -51.64
N ILE B 172 6.28 13.08 -52.72
CA ILE B 172 6.26 13.65 -54.06
C ILE B 172 4.87 13.39 -54.63
N LEU B 173 4.17 14.46 -54.97
CA LEU B 173 2.80 14.36 -55.48
C LEU B 173 2.81 14.54 -56.99
N VAL B 174 2.26 13.57 -57.70
CA VAL B 174 2.24 13.57 -59.16
C VAL B 174 0.80 13.52 -59.62
N SER B 175 0.41 14.46 -60.47
CA SER B 175 -0.97 14.49 -60.93
C SER B 175 -1.26 13.26 -61.79
N VAL B 176 -2.40 12.62 -61.53
CA VAL B 176 -2.74 11.40 -62.26
C VAL B 176 -2.98 11.70 -63.73
N SER B 177 -3.56 12.86 -64.02
CA SER B 177 -3.95 13.17 -65.40
C SER B 177 -2.80 13.76 -66.19
N SER B 178 -2.24 14.87 -65.71
CA SER B 178 -1.18 15.56 -66.43
C SER B 178 0.19 14.92 -66.26
N GLU B 179 0.35 14.02 -65.29
CA GLU B 179 1.65 13.41 -65.01
C GLU B 179 2.69 14.47 -64.66
N ARG B 180 2.28 15.47 -63.89
CA ARG B 180 3.14 16.56 -63.48
C ARG B 180 3.23 16.60 -61.96
N TYR B 181 4.41 16.97 -61.46
CA TYR B 181 4.62 17.13 -60.04
C TYR B 181 3.92 18.39 -59.52
N LEU B 182 3.49 18.34 -58.26
CA LEU B 182 2.99 19.52 -57.56
C LEU B 182 4.18 20.34 -57.10
N HIS B 183 4.74 21.10 -58.04
CA HIS B 183 6.03 21.74 -57.88
C HIS B 183 5.86 23.18 -57.39
N LEU B 184 6.78 23.59 -56.52
CA LEU B 184 6.83 24.96 -56.02
C LEU B 184 7.92 25.72 -56.77
N SER B 185 7.55 26.88 -57.32
CA SER B 185 8.44 27.69 -58.14
C SER B 185 8.86 28.94 -57.38
N VAL B 186 10.17 29.20 -57.36
CA VAL B 186 10.76 30.36 -56.72
C VAL B 186 11.40 31.24 -57.78
N SER B 187 11.04 32.51 -57.81
CA SER B 187 11.58 33.44 -58.80
C SER B 187 11.60 34.84 -58.22
N ASN B 188 12.80 35.37 -57.96
CA ASN B 188 12.99 36.74 -57.50
C ASN B 188 12.21 37.02 -56.22
N GLY B 189 12.22 36.06 -55.30
CA GLY B 189 11.52 36.19 -54.04
C GLY B 189 10.05 35.92 -54.11
N ASN B 190 9.52 35.55 -55.27
CA ASN B 190 8.12 35.21 -55.43
C ASN B 190 7.97 33.70 -55.46
N VAL B 191 7.06 33.18 -54.65
CA VAL B 191 6.85 31.74 -54.49
C VAL B 191 5.47 31.41 -55.01
N GLN B 192 5.38 30.38 -55.85
CA GLN B 192 4.10 29.93 -56.40
C GLN B 192 4.06 28.41 -56.41
N VAL B 193 2.87 27.88 -56.66
CA VAL B 193 2.67 26.43 -56.75
C VAL B 193 1.98 26.13 -58.07
N ASP B 194 2.48 25.13 -58.80
CA ASP B 194 1.88 24.75 -60.07
C ASP B 194 2.30 23.33 -60.38
N ALA B 195 1.60 22.72 -61.34
CA ALA B 195 1.90 21.37 -61.77
C ALA B 195 2.91 21.45 -62.90
N SER B 196 4.16 21.04 -62.62
CA SER B 196 5.23 21.13 -63.59
C SER B 196 6.08 19.86 -63.52
N PHE B 197 6.93 19.68 -64.53
CA PHE B 197 7.73 18.47 -64.63
C PHE B 197 8.92 18.46 -63.67
N MET B 198 9.19 19.55 -62.97
CA MET B 198 10.15 19.53 -61.87
C MET B 198 9.44 19.07 -60.60
N GLN B 199 10.23 18.53 -59.66
CA GLN B 199 9.67 17.89 -58.47
C GLN B 199 10.06 18.65 -57.21
N THR B 200 9.13 18.69 -56.25
CA THR B 200 9.34 19.30 -54.95
C THR B 200 8.79 18.37 -53.89
N LEU B 201 9.45 18.34 -52.73
CA LEU B 201 9.11 17.41 -51.66
C LEU B 201 8.19 18.10 -50.65
N TRP B 202 7.07 17.46 -50.34
CA TRP B 202 6.05 18.02 -49.46
C TRP B 202 5.98 17.21 -48.17
N ASN B 203 5.92 17.90 -47.04
CA ASN B 203 5.70 17.28 -45.75
C ASN B 203 4.22 17.43 -45.40
N VAL B 204 3.54 16.30 -45.20
CA VAL B 204 2.13 16.32 -44.86
C VAL B 204 2.04 16.28 -43.34
N HIS B 205 1.81 17.44 -42.74
CA HIS B 205 1.68 17.55 -41.30
C HIS B 205 0.22 17.34 -40.91
N PRO B 206 -0.09 16.35 -40.08
CA PRO B 206 -1.49 16.17 -39.65
C PRO B 206 -1.89 17.27 -38.70
N THR B 207 -3.12 17.76 -38.87
CA THR B 207 -3.70 18.70 -37.93
C THR B 207 -4.87 18.13 -37.15
N CYS B 208 -5.57 17.16 -37.71
CA CYS B 208 -6.66 16.52 -36.98
C CYS B 208 -6.80 15.09 -37.46
N SER B 209 -6.70 14.14 -36.53
CA SER B 209 -6.83 12.74 -36.87
C SER B 209 -8.26 12.38 -37.21
N GLY B 210 -8.42 11.44 -38.13
CA GLY B 210 -9.75 11.00 -38.52
C GLY B 210 -10.51 10.33 -37.39
N SER B 211 -9.79 9.63 -36.51
CA SER B 211 -10.41 8.95 -35.37
C SER B 211 -10.63 9.95 -34.24
N SER B 212 -11.54 10.88 -34.49
CA SER B 212 -11.90 11.93 -33.55
C SER B 212 -13.41 12.11 -33.51
N ILE B 213 -14.12 11.00 -33.33
CA ILE B 213 -15.58 11.04 -33.32
C ILE B 213 -16.09 11.87 -32.15
N GLU B 214 -15.40 11.82 -31.01
CA GLU B 214 -15.85 12.56 -29.83
C GLU B 214 -15.95 14.04 -30.11
N GLU B 215 -17.07 14.64 -29.71
CA GLU B 215 -17.34 16.04 -29.97
C GLU B 215 -17.94 16.68 -28.73
N GLY B 216 -17.84 18.00 -28.66
CA GLY B 216 -18.33 18.76 -27.53
C GLY B 216 -17.27 19.49 -26.74
N TYR B 217 -15.99 19.39 -27.10
CA TYR B 217 -14.92 20.08 -26.42
C TYR B 217 -14.24 21.04 -27.37
N LEU B 218 -13.47 21.96 -26.82
CA LEU B 218 -12.83 23.01 -27.60
C LEU B 218 -11.60 22.43 -28.29
N LEU B 219 -11.61 22.45 -29.62
CA LEU B 219 -10.48 22.06 -30.45
C LEU B 219 -9.91 23.27 -31.17
N GLY B 220 -8.67 23.16 -31.59
CA GLY B 220 -8.03 24.28 -32.27
C GLY B 220 -8.72 24.58 -33.59
N GLY B 221 -8.83 25.87 -33.90
CA GLY B 221 -9.43 26.32 -35.13
C GLY B 221 -10.93 26.48 -35.07
N HIS B 222 -11.56 26.02 -34.00
CA HIS B 222 -13.01 26.13 -33.87
C HIS B 222 -13.43 27.59 -33.77
N VAL B 223 -14.53 27.93 -34.44
CA VAL B 223 -15.13 29.25 -34.34
C VAL B 223 -16.16 29.21 -33.23
N VAL B 224 -15.98 30.07 -32.23
CA VAL B 224 -16.78 30.02 -31.01
C VAL B 224 -17.31 31.41 -30.70
N ARG B 225 -18.37 31.43 -29.89
CA ARG B 225 -18.89 32.64 -29.26
C ARG B 225 -18.60 32.56 -27.77
N LEU B 226 -18.05 33.63 -27.21
CA LEU B 226 -17.72 33.68 -25.79
C LEU B 226 -18.81 34.45 -25.06
N PHE B 227 -19.65 33.73 -24.33
CA PHE B 227 -20.79 34.31 -23.64
C PHE B 227 -20.41 34.69 -22.22
N HIS B 228 -20.73 35.93 -21.83
CA HIS B 228 -20.62 36.37 -20.45
C HIS B 228 -22.01 36.42 -19.86
N GLY B 229 -22.19 35.76 -18.73
CA GLY B 229 -23.54 35.57 -18.22
C GLY B 229 -24.30 34.65 -19.15
N HIS B 230 -25.49 35.07 -19.57
CA HIS B 230 -26.33 34.26 -20.44
C HIS B 230 -26.57 34.92 -21.79
N ASP B 231 -26.91 36.21 -21.80
CA ASP B 231 -27.17 36.91 -23.05
C ASP B 231 -25.96 37.66 -23.58
N GLU B 232 -25.14 38.20 -22.69
CA GLU B 232 -23.99 38.99 -23.12
C GLU B 232 -22.97 38.12 -23.82
N CYS B 233 -22.38 38.65 -24.89
CA CYS B 233 -21.32 37.97 -25.61
C CYS B 233 -20.32 39.00 -26.08
N LEU B 234 -19.12 38.54 -26.40
CA LEU B 234 -18.03 39.42 -26.81
C LEU B 234 -18.21 39.78 -28.28
N THR B 235 -18.47 41.06 -28.55
CA THR B 235 -18.72 41.54 -29.90
C THR B 235 -17.95 42.84 -30.12
N ILE B 236 -18.22 43.46 -31.26
CA ILE B 236 -17.67 44.78 -31.57
C ILE B 236 -18.80 45.64 -32.10
N PRO B 237 -18.57 46.94 -32.25
CA PRO B 237 -19.63 47.82 -32.79
C PRO B 237 -20.03 47.51 -34.22
N SER B 238 -19.08 47.52 -35.15
CA SER B 238 -19.41 47.41 -36.57
C SER B 238 -18.34 46.64 -37.31
N THR B 239 -18.76 45.95 -38.37
CA THR B 239 -17.80 45.25 -39.23
C THR B 239 -17.09 46.21 -40.16
N ASP B 240 -17.73 47.32 -40.52
CA ASP B 240 -17.13 48.32 -41.38
C ASP B 240 -15.86 48.87 -40.73
N GLN B 241 -14.77 48.88 -41.51
CA GLN B 241 -13.47 49.23 -40.98
C GLN B 241 -13.14 50.70 -41.12
N ASN B 242 -14.13 51.53 -41.47
CA ASN B 242 -13.90 52.97 -41.52
C ASN B 242 -13.91 53.57 -40.12
N ASP B 243 -15.04 53.43 -39.41
CA ASP B 243 -15.12 53.95 -38.04
C ASP B 243 -14.14 53.21 -37.15
N ALA B 244 -13.36 53.97 -36.37
CA ALA B 244 -12.38 53.36 -35.47
C ALA B 244 -13.05 52.61 -34.34
N GLN B 245 -14.32 52.90 -34.03
CA GLN B 245 -14.97 52.27 -32.89
C GLN B 245 -15.12 50.76 -33.07
N HIS B 246 -14.96 50.26 -34.30
CA HIS B 246 -15.01 48.81 -34.50
C HIS B 246 -13.84 48.09 -33.83
N ARG B 247 -12.77 48.82 -33.50
CA ARG B 247 -11.65 48.19 -32.78
C ARG B 247 -12.02 47.82 -31.35
N ARG B 248 -13.07 48.40 -30.80
CA ARG B 248 -13.40 48.18 -29.40
C ARG B 248 -14.10 46.84 -29.20
N ILE B 249 -13.99 46.32 -27.99
CA ILE B 249 -14.63 45.06 -27.59
C ILE B 249 -15.60 45.37 -26.47
N PHE B 250 -16.83 44.89 -26.60
CA PHE B 250 -17.88 45.11 -25.62
C PHE B 250 -18.52 43.78 -25.24
N TYR B 251 -19.14 43.76 -24.06
CA TYR B 251 -20.01 42.64 -23.68
C TYR B 251 -21.46 42.94 -24.05
N GLU B 252 -21.68 43.34 -25.30
CA GLU B 252 -23.01 43.72 -25.74
C GLU B 252 -23.95 42.53 -25.67
N ALA B 253 -25.16 42.77 -25.18
CA ALA B 253 -26.15 41.72 -24.99
C ALA B 253 -27.45 42.11 -25.67
N GLY B 254 -28.12 41.13 -26.25
CA GLY B 254 -29.39 41.36 -26.90
C GLY B 254 -29.25 41.45 -28.41
N GLY B 255 -29.55 40.36 -29.10
CA GLY B 255 -29.45 40.33 -30.55
C GLY B 255 -28.05 40.18 -31.09
N ALA B 256 -27.03 40.19 -30.23
CA ALA B 256 -25.65 40.06 -30.66
C ALA B 256 -25.14 38.63 -30.62
N GLY B 257 -25.90 37.71 -30.03
CA GLY B 257 -25.53 36.32 -30.05
C GLY B 257 -25.87 35.60 -31.32
N THR B 258 -26.52 36.28 -32.26
CA THR B 258 -26.82 35.72 -33.56
C THR B 258 -26.06 36.39 -34.70
N ARG B 259 -25.57 37.61 -34.51
CA ARG B 259 -24.80 38.29 -35.53
C ARG B 259 -23.49 37.55 -35.79
N ALA B 260 -22.78 37.99 -36.83
CA ALA B 260 -21.48 37.45 -37.17
C ALA B 260 -20.33 38.27 -36.61
N ARG B 261 -20.60 39.42 -36.01
CA ARG B 261 -19.56 40.21 -35.37
C ARG B 261 -19.10 39.61 -34.06
N SER B 262 -19.81 38.61 -33.54
CA SER B 262 -19.49 37.97 -32.26
C SER B 262 -18.93 36.57 -32.45
N LEU B 263 -18.33 36.29 -33.59
CA LEU B 263 -17.71 35.00 -33.86
C LEU B 263 -16.21 35.14 -33.75
N TRP B 264 -15.60 34.32 -32.91
CA TRP B 264 -14.16 34.32 -32.69
C TRP B 264 -13.60 32.96 -33.06
N ARG B 265 -12.36 32.95 -33.49
CA ARG B 265 -11.67 31.73 -33.88
C ARG B 265 -10.48 31.53 -32.99
N VAL B 266 -10.35 30.32 -32.43
CA VAL B 266 -9.31 29.98 -31.47
C VAL B 266 -8.18 29.31 -32.23
N GLU B 267 -7.07 30.01 -32.41
CA GLU B 267 -5.97 29.52 -33.21
C GLU B 267 -4.77 29.21 -32.32
N PRO B 268 -4.45 27.95 -32.07
CA PRO B 268 -3.28 27.65 -31.24
C PRO B 268 -2.00 28.16 -31.85
N LEU B 269 -0.93 28.13 -31.05
CA LEU B 269 0.38 28.56 -31.50
C LEU B 269 1.20 27.36 -31.99
N ARG B 270 0.66 26.67 -32.99
CA ARG B 270 1.30 25.48 -33.52
C ARG B 270 0.69 25.15 -34.88
N ILE B 271 1.51 24.61 -35.76
CA ILE B 271 1.09 24.28 -37.12
C ILE B 271 0.68 22.82 -37.26
N SER B 272 1.44 21.91 -36.64
CA SER B 272 1.08 20.50 -36.63
C SER B 272 0.19 20.21 -35.43
N TRP B 273 -0.84 19.41 -35.65
CA TRP B 273 -1.80 19.05 -34.60
C TRP B 273 -2.51 20.29 -34.06
N SER B 274 -2.60 21.33 -34.88
CA SER B 274 -3.28 22.55 -34.46
C SER B 274 -4.78 22.37 -34.33
N GLY B 275 -5.33 21.30 -34.89
CA GLY B 275 -6.75 21.05 -34.80
C GLY B 275 -7.09 20.11 -33.67
N SER B 276 -6.19 20.00 -32.70
CA SER B 276 -6.35 19.09 -31.57
C SER B 276 -6.93 19.84 -30.37
N ASN B 277 -7.14 19.11 -29.28
CA ASN B 277 -7.85 19.66 -28.14
C ASN B 277 -7.04 20.73 -27.43
N ILE B 278 -7.72 21.78 -27.00
CA ILE B 278 -7.11 22.89 -26.29
C ILE B 278 -7.13 22.59 -24.79
N ARG B 279 -5.99 22.74 -24.15
CA ARG B 279 -5.83 22.43 -22.74
C ARG B 279 -5.85 23.71 -21.90
N TRP B 280 -6.20 23.55 -20.62
CA TRP B 280 -6.22 24.69 -19.72
C TRP B 280 -4.83 25.31 -19.64
N GLY B 281 -4.76 26.63 -19.78
CA GLY B 281 -3.50 27.34 -19.74
C GLY B 281 -2.74 27.37 -21.06
N GLN B 282 -3.25 26.73 -22.10
CA GLN B 282 -2.58 26.74 -23.39
C GLN B 282 -2.72 28.11 -24.05
N ALA B 283 -1.63 28.58 -24.66
CA ALA B 283 -1.65 29.87 -25.33
C ALA B 283 -2.25 29.72 -26.72
N PHE B 284 -3.11 30.66 -27.09
CA PHE B 284 -3.72 30.69 -28.41
C PHE B 284 -3.88 32.14 -28.84
N ARG B 285 -4.55 32.33 -29.98
CA ARG B 285 -4.93 33.64 -30.46
C ARG B 285 -6.43 33.64 -30.73
N LEU B 286 -7.07 34.76 -30.46
CA LEU B 286 -8.48 34.94 -30.79
C LEU B 286 -8.56 35.85 -32.01
N ARG B 287 -9.02 35.30 -33.13
CA ARG B 287 -9.19 36.08 -34.35
C ARG B 287 -10.66 36.41 -34.56
N HIS B 288 -10.93 37.67 -34.87
CA HIS B 288 -12.28 38.09 -35.21
C HIS B 288 -12.55 37.75 -36.67
N ILE B 289 -13.61 37.00 -36.95
CA ILE B 289 -13.82 36.46 -38.29
C ILE B 289 -14.17 37.58 -39.27
N THR B 290 -15.23 38.33 -38.99
CA THR B 290 -15.72 39.31 -39.94
C THR B 290 -14.74 40.46 -40.16
N THR B 291 -13.77 40.65 -39.26
CA THR B 291 -12.80 41.71 -39.43
C THR B 291 -11.41 41.19 -39.76
N GLY B 292 -11.03 40.02 -39.28
CA GLY B 292 -9.69 39.54 -39.49
C GLY B 292 -8.67 40.13 -38.56
N HIS B 293 -9.09 40.77 -37.49
CA HIS B 293 -8.20 41.35 -36.50
C HIS B 293 -8.14 40.46 -35.28
N TYR B 294 -7.03 40.56 -34.55
CA TYR B 294 -6.76 39.71 -33.42
C TYR B 294 -6.93 40.49 -32.13
N LEU B 295 -7.54 39.85 -31.13
CA LEU B 295 -7.59 40.45 -29.81
C LEU B 295 -6.17 40.61 -29.28
N ALA B 296 -5.84 41.79 -28.77
CA ALA B 296 -4.47 42.08 -28.39
C ALA B 296 -4.46 43.10 -27.27
N LEU B 297 -3.31 43.20 -26.61
CA LEU B 297 -3.06 44.21 -25.58
C LEU B 297 -2.09 45.21 -26.20
N THR B 298 -2.65 46.22 -26.87
CA THR B 298 -1.85 47.30 -27.39
C THR B 298 -1.41 48.21 -26.25
N GLU B 299 -0.20 48.76 -26.38
CA GLU B 299 0.34 49.61 -25.33
C GLU B 299 -0.50 50.86 -25.13
N ASP B 300 -0.93 51.49 -26.21
CA ASP B 300 -1.63 52.77 -26.12
C ASP B 300 -3.09 52.62 -25.68
N GLN B 301 -3.76 51.55 -26.11
CA GLN B 301 -5.20 51.45 -25.95
C GLN B 301 -5.68 50.27 -25.11
N GLY B 302 -4.78 49.41 -24.62
CA GLY B 302 -5.24 48.29 -23.82
C GLY B 302 -5.78 47.17 -24.69
N LEU B 303 -6.87 46.56 -24.26
CA LEU B 303 -7.48 45.47 -25.01
C LEU B 303 -8.14 46.04 -26.26
N LEU B 304 -7.75 45.51 -27.42
CA LEU B 304 -8.17 46.11 -28.69
C LEU B 304 -7.97 45.11 -29.81
N LEU B 305 -8.68 45.32 -30.90
CA LEU B 305 -8.45 44.55 -32.12
C LEU B 305 -7.25 45.12 -32.85
N GLN B 306 -6.35 44.25 -33.26
CA GLN B 306 -5.12 44.67 -33.92
C GLN B 306 -5.00 43.97 -35.26
N ASP B 307 -4.25 44.60 -36.16
CA ASP B 307 -4.09 44.07 -37.50
C ASP B 307 -3.34 42.75 -37.48
N ARG B 308 -3.56 41.96 -38.52
CA ARG B 308 -2.81 40.71 -38.66
C ARG B 308 -1.32 40.96 -38.88
N ALA B 309 -0.95 42.16 -39.35
CA ALA B 309 0.45 42.44 -39.60
C ALA B 309 1.22 42.72 -38.30
N LYS B 310 0.57 43.34 -37.32
CA LYS B 310 1.21 43.70 -36.07
C LYS B 310 1.00 42.67 -34.97
N SER B 311 0.25 41.60 -35.22
CA SER B 311 -0.15 40.67 -34.17
C SER B 311 0.97 39.67 -33.93
N ASP B 312 1.87 40.00 -33.03
CA ASP B 312 2.87 39.06 -32.56
C ASP B 312 2.33 38.28 -31.37
N THR B 313 3.12 37.31 -30.91
CA THR B 313 2.66 36.47 -29.81
C THR B 313 2.59 37.25 -28.50
N LYS B 314 3.49 38.21 -28.31
CA LYS B 314 3.48 38.99 -27.09
C LYS B 314 2.18 39.78 -26.94
N SER B 315 1.74 40.44 -28.02
CA SER B 315 0.50 41.21 -27.97
C SER B 315 -0.71 40.28 -27.96
N THR B 316 -0.73 39.28 -28.84
CA THR B 316 -1.90 38.44 -29.08
C THR B 316 -1.60 37.02 -28.64
N ALA B 317 -1.83 36.71 -27.38
CA ALA B 317 -1.68 35.35 -26.88
C ALA B 317 -2.41 35.25 -25.56
N PHE B 318 -3.52 34.53 -25.54
CA PHE B 318 -4.38 34.43 -24.38
C PHE B 318 -4.55 32.96 -24.02
N SER B 319 -4.99 32.71 -22.79
CA SER B 319 -5.19 31.35 -22.32
C SER B 319 -6.49 31.27 -21.54
N PHE B 320 -7.09 30.08 -21.55
CA PHE B 320 -8.27 29.77 -20.77
C PHE B 320 -7.85 29.07 -19.49
N ARG B 321 -8.35 29.53 -18.36
CA ARG B 321 -7.99 29.00 -17.06
C ARG B 321 -9.25 28.67 -16.28
N ALA B 322 -9.22 27.50 -15.62
CA ALA B 322 -10.41 27.03 -14.90
C ALA B 322 -10.75 27.94 -13.74
N SER B 323 -9.75 28.57 -13.12
CA SER B 323 -9.97 29.45 -12.00
C SER B 323 -8.82 30.44 -11.91
N LYS B 324 -9.02 31.51 -11.15
CA LYS B 324 -8.01 32.53 -11.00
C LYS B 324 -6.95 32.17 -9.98
N GLU B 325 -6.95 30.94 -9.46
CA GLU B 325 -5.93 30.52 -8.52
C GLU B 325 -4.55 30.58 -9.17
N ILE B 326 -3.59 31.14 -8.45
CA ILE B 326 -2.23 31.28 -8.95
C ILE B 326 -1.61 29.90 -9.18
N ARG B 336 2.96 20.07 -22.41
CA ARG B 336 3.66 20.83 -23.43
C ARG B 336 3.09 20.54 -24.81
N ASP B 337 3.97 20.43 -25.80
CA ASP B 337 3.56 20.18 -27.18
C ASP B 337 3.23 18.70 -27.33
N ILE B 338 2.05 18.33 -26.88
CA ILE B 338 1.59 16.95 -27.00
C ILE B 338 1.41 16.62 -28.47
N GLU B 339 2.17 15.63 -28.95
CA GLU B 339 2.14 15.27 -30.37
C GLU B 339 0.97 14.32 -30.64
N GLY B 340 -0.24 14.88 -30.56
CA GLY B 340 -1.43 14.11 -30.84
C GLY B 340 -2.66 14.93 -30.52
N MET B 341 -3.81 14.24 -30.60
CA MET B 341 -5.07 14.90 -30.31
C MET B 341 -5.24 15.27 -28.84
N GLY B 342 -4.36 14.79 -27.96
CA GLY B 342 -4.46 15.14 -26.56
C GLY B 342 -5.69 14.53 -25.92
N VAL B 343 -6.06 15.10 -24.78
CA VAL B 343 -7.26 14.68 -24.06
C VAL B 343 -8.16 15.88 -23.89
N PRO B 344 -9.48 15.74 -24.04
CA PRO B 344 -10.37 16.90 -23.94
C PRO B 344 -10.37 17.50 -22.55
N GLU B 345 -10.11 18.80 -22.47
CA GLU B 345 -10.12 19.52 -21.20
C GLU B 345 -11.26 20.52 -21.12
N ILE B 346 -11.35 21.45 -22.08
CA ILE B 346 -12.36 22.49 -22.05
C ILE B 346 -13.59 22.00 -22.80
N LYS B 347 -14.77 22.35 -22.30
CA LYS B 347 -16.02 21.82 -22.81
C LYS B 347 -16.96 22.96 -23.17
N TYR B 348 -17.83 22.72 -24.14
CA TYR B 348 -18.72 23.76 -24.63
C TYR B 348 -19.92 23.88 -23.70
N GLY B 349 -20.13 25.06 -23.16
CA GLY B 349 -21.25 25.29 -22.25
C GLY B 349 -21.03 24.86 -20.81
N ASP B 350 -20.50 23.66 -20.61
CA ASP B 350 -20.28 23.16 -19.26
C ASP B 350 -19.21 23.97 -18.54
N SER B 351 -18.06 24.14 -19.17
CA SER B 351 -16.92 24.73 -18.50
C SER B 351 -16.99 26.26 -18.51
N VAL B 352 -16.55 26.86 -17.42
CA VAL B 352 -16.46 28.31 -17.30
C VAL B 352 -14.99 28.69 -17.37
N CYS B 353 -14.64 29.51 -18.35
CA CYS B 353 -13.25 29.81 -18.68
C CYS B 353 -12.92 31.24 -18.30
N PHE B 354 -11.74 31.43 -17.74
CA PHE B 354 -11.20 32.76 -17.46
C PHE B 354 -10.11 33.05 -18.48
N VAL B 355 -10.22 34.18 -19.16
CA VAL B 355 -9.28 34.53 -20.22
C VAL B 355 -8.17 35.38 -19.62
N GLN B 356 -6.92 34.93 -19.78
CA GLN B 356 -5.77 35.62 -19.23
C GLN B 356 -4.78 35.93 -20.34
N HIS B 357 -4.22 37.14 -20.30
CA HIS B 357 -3.16 37.49 -21.22
C HIS B 357 -1.88 36.79 -20.79
N ILE B 358 -1.26 36.06 -21.72
CA ILE B 358 -0.14 35.20 -21.35
C ILE B 358 1.05 36.03 -20.87
N ALA B 359 1.35 37.12 -21.56
CA ALA B 359 2.50 37.94 -21.16
C ALA B 359 2.15 38.82 -19.97
N SER B 360 1.18 39.73 -20.14
CA SER B 360 0.88 40.68 -19.08
C SER B 360 0.31 40.00 -17.85
N GLY B 361 -0.31 38.84 -18.01
CA GLY B 361 -0.95 38.17 -16.90
C GLY B 361 -2.30 38.74 -16.52
N LEU B 362 -2.74 39.82 -17.17
CA LEU B 362 -3.98 40.47 -16.82
C LEU B 362 -5.17 39.58 -17.18
N TRP B 363 -6.32 39.93 -16.63
CA TRP B 363 -7.54 39.17 -16.79
C TRP B 363 -8.57 39.97 -17.57
N VAL B 364 -9.34 39.28 -18.41
CA VAL B 364 -10.33 39.93 -19.26
C VAL B 364 -11.58 40.19 -18.43
N THR B 365 -11.82 41.45 -18.09
CA THR B 365 -12.95 41.83 -17.24
C THR B 365 -13.67 43.01 -17.85
N TYR B 366 -14.97 43.07 -17.61
CA TYR B 366 -15.75 44.22 -18.06
C TYR B 366 -15.49 45.43 -17.18
N LYS B 367 -15.35 46.59 -17.81
CA LYS B 367 -15.19 47.82 -17.07
C LYS B 367 -16.49 48.17 -16.35
N ALA B 368 -16.38 48.63 -15.11
CA ALA B 368 -17.55 49.01 -14.35
C ALA B 368 -18.27 50.18 -15.01
N GLN B 369 -19.59 50.18 -14.91
CA GLN B 369 -20.41 51.21 -15.53
C GLN B 369 -20.04 52.61 -15.03
N LEU B 379 -26.99 44.92 -20.86
CA LEU B 379 -26.21 46.16 -20.96
C LEU B 379 -25.04 46.00 -21.92
N LYS B 380 -24.48 47.12 -22.37
CA LYS B 380 -23.32 47.13 -23.26
C LYS B 380 -22.10 47.51 -22.43
N ARG B 381 -21.51 46.52 -21.77
CA ARG B 381 -20.35 46.73 -20.92
C ARG B 381 -19.06 46.72 -21.74
N LYS B 382 -18.13 47.60 -21.38
CA LYS B 382 -16.83 47.62 -22.01
C LYS B 382 -15.97 46.49 -21.47
N VAL B 383 -14.89 46.18 -22.19
CA VAL B 383 -13.99 45.09 -21.83
C VAL B 383 -12.57 45.62 -21.76
N ILE B 384 -11.83 45.16 -20.76
CA ILE B 384 -10.47 45.61 -20.49
C ILE B 384 -9.69 44.46 -19.87
N LEU B 385 -8.39 44.65 -19.71
CA LEU B 385 -7.53 43.74 -18.97
C LEU B 385 -7.19 44.38 -17.63
N HIS B 386 -7.44 43.65 -16.55
CA HIS B 386 -7.26 44.18 -15.20
C HIS B 386 -6.40 43.24 -14.38
N GLN B 387 -5.80 43.80 -13.32
CA GLN B 387 -4.81 43.06 -12.54
C GLN B 387 -5.41 41.81 -11.91
N GLU B 388 -6.54 41.96 -11.20
CA GLU B 388 -7.17 40.85 -10.52
C GLU B 388 -8.52 40.48 -11.12
N GLY B 389 -9.38 41.47 -11.35
CA GLY B 389 -10.64 41.23 -12.02
C GLY B 389 -11.75 40.83 -11.06
N HIS B 390 -12.98 40.95 -11.55
CA HIS B 390 -14.16 40.64 -10.77
C HIS B 390 -14.25 39.13 -10.54
N MET B 391 -15.33 38.71 -9.89
CA MET B 391 -15.59 37.29 -9.72
C MET B 391 -16.48 36.71 -10.81
N ASP B 392 -17.29 37.54 -11.46
CA ASP B 392 -18.10 37.11 -12.59
C ASP B 392 -17.39 37.38 -13.92
N ASP B 393 -16.13 36.96 -14.02
CA ASP B 393 -15.34 37.13 -15.23
C ASP B 393 -15.30 35.88 -16.09
N GLY B 394 -15.96 34.81 -15.68
CA GLY B 394 -15.91 33.58 -16.44
C GLY B 394 -16.73 33.69 -17.72
N LEU B 395 -16.15 33.18 -18.80
CA LEU B 395 -16.78 33.19 -20.12
C LEU B 395 -17.07 31.75 -20.53
N THR B 396 -18.34 31.46 -20.85
CA THR B 396 -18.65 30.18 -21.44
C THR B 396 -18.45 30.25 -22.95
N LEU B 397 -18.37 29.09 -23.58
CA LEU B 397 -18.11 29.01 -25.02
C LEU B 397 -19.20 28.21 -25.70
N GLN B 398 -19.60 28.67 -26.88
CA GLN B 398 -20.53 27.91 -27.72
C GLN B 398 -20.00 27.85 -29.14
N ARG B 399 -19.95 26.66 -29.70
CA ARG B 399 -19.46 26.49 -31.07
C ARG B 399 -20.52 26.95 -32.06
N CYS B 400 -20.11 27.79 -33.01
CA CYS B 400 -21.04 28.27 -34.01
C CYS B 400 -21.15 27.28 -35.16
N GLN B 401 -22.28 27.33 -35.84
CA GLN B 401 -22.53 26.40 -36.94
C GLN B 401 -21.59 26.68 -38.10
N ARG B 402 -21.44 25.68 -38.97
CA ARG B 402 -20.52 25.82 -40.10
C ARG B 402 -20.98 26.92 -41.05
N GLU B 403 -22.29 27.03 -41.26
CA GLU B 403 -22.81 28.05 -42.15
C GLU B 403 -22.47 29.45 -41.65
N GLU B 404 -22.60 29.68 -40.35
CA GLU B 404 -22.33 31.01 -39.81
C GLU B 404 -20.86 31.39 -39.98
N SER B 405 -19.95 30.48 -39.67
CA SER B 405 -18.53 30.78 -39.79
C SER B 405 -18.13 30.99 -41.24
N GLN B 406 -18.64 30.15 -42.14
CA GLN B 406 -18.34 30.32 -43.55
C GLN B 406 -18.86 31.65 -44.07
N ALA B 407 -20.10 32.00 -43.70
CA ALA B 407 -20.66 33.28 -44.11
C ALA B 407 -19.87 34.44 -43.55
N ALA B 408 -19.37 34.33 -42.32
CA ALA B 408 -18.58 35.41 -41.74
C ALA B 408 -17.28 35.61 -42.50
N ARG B 409 -16.58 34.53 -42.85
CA ARG B 409 -15.36 34.71 -43.62
C ARG B 409 -15.65 35.29 -45.01
N ILE B 410 -16.74 34.84 -45.63
CA ILE B 410 -17.12 35.37 -46.93
C ILE B 410 -17.47 36.86 -46.82
N ILE B 411 -18.11 37.25 -45.73
CA ILE B 411 -18.39 38.65 -45.49
C ILE B 411 -17.10 39.45 -45.41
N ARG B 412 -16.12 38.93 -44.69
CA ARG B 412 -14.84 39.63 -44.58
C ARG B 412 -14.21 39.84 -45.96
N ASN B 413 -14.10 38.76 -46.74
CA ASN B 413 -13.45 38.86 -48.04
C ASN B 413 -14.21 39.81 -48.96
N THR B 414 -15.53 39.68 -49.01
CA THR B 414 -16.34 40.51 -49.90
C THR B 414 -16.26 41.97 -49.49
N THR B 415 -16.30 42.26 -48.19
CA THR B 415 -16.20 43.64 -47.74
C THR B 415 -14.86 44.23 -48.13
N ALA B 416 -13.78 43.49 -47.94
CA ALA B 416 -12.47 44.01 -48.33
C ALA B 416 -12.43 44.32 -49.82
N LEU B 417 -12.89 43.37 -50.64
CA LEU B 417 -12.85 43.55 -52.09
C LEU B 417 -13.68 44.76 -52.53
N PHE B 418 -14.94 44.82 -52.10
CA PHE B 418 -15.80 45.91 -52.56
C PHE B 418 -15.35 47.26 -52.00
N SER B 419 -14.84 47.30 -50.77
CA SER B 419 -14.34 48.54 -50.24
C SER B 419 -13.15 49.06 -51.04
N GLN B 420 -12.25 48.16 -51.43
CA GLN B 420 -11.17 48.61 -52.32
C GLN B 420 -11.73 49.04 -53.66
N PHE B 421 -12.84 48.43 -54.10
CA PHE B 421 -13.48 48.80 -55.35
C PHE B 421 -14.29 50.08 -55.25
N VAL B 422 -14.66 50.51 -54.05
CA VAL B 422 -15.50 51.69 -53.86
C VAL B 422 -14.71 52.73 -53.08
N SER B 423 -13.40 52.76 -53.29
CA SER B 423 -12.54 53.69 -52.59
C SER B 423 -12.61 55.09 -53.19
N THR B 433 -6.19 49.23 -61.72
CA THR B 433 -6.42 49.45 -60.29
C THR B 433 -7.08 48.23 -59.64
N LEU B 434 -8.41 48.16 -59.73
CA LEU B 434 -9.14 47.06 -59.12
C LEU B 434 -9.09 45.83 -60.03
N PRO B 435 -8.87 44.64 -59.45
CA PRO B 435 -8.84 43.43 -60.28
C PRO B 435 -10.23 43.09 -60.79
N ILE B 436 -10.46 43.27 -62.09
CA ILE B 436 -11.80 43.10 -62.64
C ILE B 436 -12.20 41.64 -62.62
N GLN B 437 -11.27 40.73 -62.94
CA GLN B 437 -11.64 39.31 -62.98
C GLN B 437 -12.01 38.80 -61.60
N GLU B 438 -11.28 39.24 -60.56
CA GLU B 438 -11.62 38.83 -59.20
C GLU B 438 -13.00 39.33 -58.82
N VAL B 439 -13.33 40.57 -59.18
CA VAL B 439 -14.65 41.11 -58.90
C VAL B 439 -15.72 40.31 -59.61
N LEU B 440 -15.48 39.96 -60.88
CA LEU B 440 -16.47 39.21 -61.64
C LEU B 440 -16.70 37.83 -61.04
N GLN B 441 -15.62 37.14 -60.70
CA GLN B 441 -15.76 35.82 -60.12
C GLN B 441 -16.45 35.89 -58.76
N THR B 442 -16.12 36.89 -57.95
CA THR B 442 -16.76 37.04 -56.66
C THR B 442 -18.26 37.30 -56.82
N LEU B 443 -18.64 38.16 -57.76
CA LEU B 443 -20.06 38.46 -57.95
C LEU B 443 -20.81 37.24 -58.44
N GLN B 444 -20.21 36.47 -59.36
CA GLN B 444 -20.87 35.26 -59.83
C GLN B 444 -21.03 34.24 -58.71
N ASP B 445 -19.98 34.06 -57.89
CA ASP B 445 -20.06 33.12 -56.79
C ASP B 445 -21.07 33.56 -55.74
N LEU B 446 -21.16 34.86 -55.48
CA LEU B 446 -22.14 35.36 -54.52
C LEU B 446 -23.56 35.20 -55.05
N ILE B 447 -23.78 35.43 -56.34
CA ILE B 447 -25.10 35.24 -56.91
C ILE B 447 -25.50 33.77 -56.86
N ALA B 448 -24.55 32.86 -57.09
CA ALA B 448 -24.84 31.44 -56.94
C ALA B 448 -25.00 31.04 -55.48
N TYR B 449 -24.44 31.83 -54.57
CA TYR B 449 -24.54 31.55 -53.14
C TYR B 449 -25.95 31.81 -52.63
N PHE B 450 -26.60 32.86 -53.13
CA PHE B 450 -27.94 33.22 -52.71
C PHE B 450 -28.96 32.69 -53.71
N GLN B 451 -28.92 31.38 -53.94
CA GLN B 451 -29.73 30.78 -54.97
C GLN B 451 -30.90 30.04 -54.35
N PRO B 452 -32.13 30.41 -54.69
CA PRO B 452 -33.28 29.74 -54.08
C PRO B 452 -33.33 28.28 -54.49
N PRO B 453 -33.88 27.42 -53.66
CA PRO B 453 -34.01 26.01 -54.03
C PRO B 453 -34.96 25.82 -55.19
N GLU B 454 -34.70 24.78 -55.98
CA GLU B 454 -35.56 24.46 -57.11
C GLU B 454 -36.96 24.11 -56.61
N GLU B 455 -37.97 24.49 -57.39
CA GLU B 455 -39.35 24.23 -56.99
C GLU B 455 -39.66 22.74 -56.93
N GLU B 456 -38.97 21.93 -57.74
CA GLU B 456 -39.20 20.49 -57.76
C GLU B 456 -38.76 19.79 -56.49
N MET B 457 -38.00 20.48 -55.64
CA MET B 457 -37.47 19.85 -54.43
C MET B 457 -38.59 19.44 -53.49
N GLN B 458 -38.28 18.45 -52.65
CA GLN B 458 -39.25 18.01 -51.65
C GLN B 458 -39.52 19.12 -50.63
N HIS B 459 -40.68 19.04 -49.99
CA HIS B 459 -41.13 20.13 -49.14
C HIS B 459 -40.18 20.34 -47.96
N GLU B 460 -39.76 19.27 -47.30
CA GLU B 460 -38.89 19.41 -46.13
C GLU B 460 -37.52 19.95 -46.53
N ASP B 461 -36.92 19.39 -47.57
CA ASP B 461 -35.63 19.89 -48.04
C ASP B 461 -35.75 21.32 -48.54
N LYS B 462 -36.84 21.62 -49.24
CA LYS B 462 -37.04 22.98 -49.74
C LYS B 462 -37.15 23.97 -48.59
N GLN B 463 -37.86 23.59 -47.53
CA GLN B 463 -37.98 24.48 -46.37
C GLN B 463 -36.66 24.66 -45.65
N ASN B 464 -35.87 23.58 -45.55
CA ASN B 464 -34.54 23.73 -44.94
C ASN B 464 -33.67 24.66 -45.75
N LYS B 465 -33.69 24.52 -47.07
CA LYS B 465 -32.91 25.41 -47.92
C LYS B 465 -33.38 26.84 -47.80
N LEU B 466 -34.69 27.06 -47.73
CA LEU B 466 -35.21 28.41 -47.57
C LEU B 466 -34.77 29.01 -46.24
N ARG B 467 -34.80 28.22 -45.17
CA ARG B 467 -34.38 28.72 -43.87
C ARG B 467 -32.90 29.10 -43.87
N SER B 468 -32.05 28.24 -44.43
CA SER B 468 -30.63 28.56 -44.48
C SER B 468 -30.37 29.79 -45.35
N LEU B 469 -31.08 29.91 -46.47
CA LEU B 469 -30.91 31.07 -47.33
C LEU B 469 -31.33 32.35 -46.61
N LYS B 470 -32.43 32.30 -45.86
CA LYS B 470 -32.84 33.48 -45.12
C LYS B 470 -31.84 33.84 -44.04
N ASN B 471 -31.27 32.82 -43.38
CA ASN B 471 -30.23 33.10 -42.38
C ASN B 471 -29.02 33.78 -43.01
N ARG B 472 -28.59 33.31 -44.18
CA ARG B 472 -27.44 33.93 -44.84
C ARG B 472 -27.76 35.35 -45.29
N GLN B 473 -28.98 35.57 -45.78
CA GLN B 473 -29.38 36.93 -46.14
C GLN B 473 -29.36 37.84 -44.94
N ASN B 474 -29.87 37.38 -43.79
CA ASN B 474 -29.83 38.19 -42.58
C ASN B 474 -28.41 38.47 -42.14
N LEU B 475 -27.54 37.46 -42.18
CA LEU B 475 -26.15 37.67 -41.78
C LEU B 475 -25.47 38.71 -42.66
N PHE B 476 -25.69 38.64 -43.97
CA PHE B 476 -25.08 39.61 -44.86
C PHE B 476 -25.66 41.01 -44.65
N LYS B 477 -26.99 41.10 -44.46
CA LYS B 477 -27.61 42.41 -44.26
C LYS B 477 -27.13 43.07 -42.98
N GLU B 478 -26.95 42.28 -41.91
CA GLU B 478 -26.54 42.86 -40.64
C GLU B 478 -25.14 43.48 -40.72
N GLU B 479 -24.25 42.90 -41.53
CA GLU B 479 -22.90 43.40 -41.68
C GLU B 479 -22.80 44.53 -42.69
N GLY B 480 -23.92 45.14 -43.06
CA GLY B 480 -23.89 46.26 -43.98
C GLY B 480 -23.42 45.89 -45.37
N MET B 481 -23.86 44.75 -45.90
CA MET B 481 -23.52 44.40 -47.26
C MET B 481 -24.43 45.06 -48.28
N LEU B 482 -25.68 45.34 -47.90
CA LEU B 482 -26.57 46.09 -48.79
C LEU B 482 -26.03 47.49 -49.04
N ALA B 483 -25.58 48.17 -47.98
CA ALA B 483 -25.00 49.49 -48.15
C ALA B 483 -23.75 49.44 -49.01
N LEU B 484 -22.94 48.39 -48.84
CA LEU B 484 -21.74 48.24 -49.67
C LEU B 484 -22.11 48.06 -51.14
N VAL B 485 -23.13 47.25 -51.42
CA VAL B 485 -23.56 47.05 -52.81
C VAL B 485 -24.07 48.35 -53.40
N LEU B 486 -24.85 49.11 -52.63
CA LEU B 486 -25.35 50.38 -53.13
C LEU B 486 -24.21 51.36 -53.40
N ASN B 487 -23.21 51.40 -52.51
CA ASN B 487 -22.07 52.28 -52.74
C ASN B 487 -21.29 51.86 -53.97
N CYS B 488 -21.11 50.55 -54.17
CA CYS B 488 -20.42 50.08 -55.37
C CYS B 488 -21.18 50.49 -56.62
N ILE B 489 -22.51 50.36 -56.60
CA ILE B 489 -23.32 50.78 -57.75
C ILE B 489 -23.15 52.27 -58.01
N ASP B 490 -23.19 53.07 -56.95
CA ASP B 490 -23.04 54.52 -57.12
C ASP B 490 -21.67 54.86 -57.71
N ARG B 491 -20.62 54.22 -57.22
CA ARG B 491 -19.28 54.50 -57.74
C ARG B 491 -19.16 54.08 -59.19
N LEU B 492 -19.73 52.93 -59.56
CA LEU B 492 -19.70 52.51 -60.96
C LEU B 492 -20.44 53.50 -61.84
N ASN B 493 -21.60 53.98 -61.39
CA ASN B 493 -22.34 54.96 -62.17
C ASN B 493 -21.57 56.27 -62.32
N ILE B 494 -20.91 56.70 -61.25
CA ILE B 494 -20.10 57.92 -61.33
C ILE B 494 -18.95 57.72 -62.31
N TYR B 495 -18.29 56.56 -62.27
CA TYR B 495 -17.20 56.29 -63.20
C TYR B 495 -17.69 56.30 -64.64
N ASN B 496 -18.83 55.66 -64.90
CA ASN B 496 -19.36 55.64 -66.26
C ASN B 496 -19.80 57.03 -66.72
N SER B 497 -20.28 57.86 -65.80
CA SER B 497 -20.73 59.20 -66.18
C SER B 497 -19.59 60.04 -66.72
N VAL B 498 -18.42 59.96 -66.10
CA VAL B 498 -17.26 60.72 -66.56
C VAL B 498 -16.31 59.81 -67.34
N SER B 509 -12.94 48.94 -71.53
CA SER B 509 -13.46 48.07 -70.49
C SER B 509 -14.93 48.36 -70.22
N GLY B 510 -15.62 48.91 -71.23
CA GLY B 510 -17.03 49.22 -71.07
C GLY B 510 -17.89 47.98 -70.89
N MET B 511 -17.62 46.93 -71.67
CA MET B 511 -18.40 45.71 -71.54
C MET B 511 -18.20 45.06 -70.18
N ALA B 512 -16.96 45.04 -69.68
CA ALA B 512 -16.70 44.45 -68.38
C ALA B 512 -17.43 45.19 -67.27
N TRP B 513 -17.41 46.52 -67.32
CA TRP B 513 -18.10 47.29 -66.28
C TRP B 513 -19.61 47.20 -66.40
N LYS B 514 -20.13 47.10 -67.62
CA LYS B 514 -21.56 46.86 -67.78
C LYS B 514 -21.95 45.52 -67.16
N GLU B 515 -21.13 44.49 -67.39
CA GLU B 515 -21.40 43.20 -66.77
C GLU B 515 -21.30 43.29 -65.25
N ILE B 516 -20.33 44.05 -64.74
CA ILE B 516 -20.19 44.22 -63.30
C ILE B 516 -21.43 44.89 -62.72
N LEU B 517 -21.95 45.92 -63.38
CA LEU B 517 -23.14 46.59 -62.90
C LEU B 517 -24.35 45.67 -62.92
N ASN B 518 -24.51 44.89 -64.00
CA ASN B 518 -25.63 43.96 -64.06
C ASN B 518 -25.52 42.90 -62.96
N LEU B 519 -24.31 42.39 -62.72
CA LEU B 519 -24.12 41.42 -61.66
C LEU B 519 -24.40 42.04 -60.29
N LEU B 520 -24.06 43.32 -60.11
CA LEU B 520 -24.36 43.98 -58.85
C LEU B 520 -25.86 44.06 -58.62
N TYR B 521 -26.62 44.40 -59.67
CA TYR B 521 -28.07 44.45 -59.51
C TYR B 521 -28.65 43.06 -59.23
N LYS B 522 -28.14 42.04 -59.92
CA LYS B 522 -28.61 40.69 -59.65
C LYS B 522 -28.28 40.26 -58.22
N LEU B 523 -27.10 40.62 -57.74
CA LEU B 523 -26.71 40.29 -56.36
C LEU B 523 -27.60 41.01 -55.36
N LEU B 524 -27.93 42.28 -55.63
CA LEU B 524 -28.84 43.00 -54.75
C LEU B 524 -30.19 42.32 -54.69
N ALA B 525 -30.73 41.92 -55.83
CA ALA B 525 -32.01 41.23 -55.85
C ALA B 525 -31.93 39.91 -55.10
N ALA B 526 -30.82 39.18 -55.27
CA ALA B 526 -30.65 37.90 -54.58
C ALA B 526 -30.54 38.10 -53.07
N LEU B 527 -29.91 39.20 -52.66
CA LEU B 527 -29.81 39.51 -51.23
C LEU B 527 -31.16 39.83 -50.63
N ILE B 528 -32.00 40.59 -51.33
CA ILE B 528 -33.27 41.03 -50.76
C ILE B 528 -34.46 40.18 -51.20
N ARG B 529 -34.26 39.23 -52.10
CA ARG B 529 -35.40 38.47 -52.62
C ARG B 529 -35.97 37.56 -51.55
N GLY B 530 -37.27 37.70 -51.30
CA GLY B 530 -37.96 36.83 -50.37
C GLY B 530 -37.67 37.08 -48.91
N ASN B 531 -36.99 38.18 -48.58
CA ASN B 531 -36.61 38.51 -47.22
C ASN B 531 -37.30 39.81 -46.85
N ARG B 532 -38.26 39.74 -45.95
CA ARG B 532 -39.06 40.92 -45.63
C ARG B 532 -38.22 42.00 -44.95
N ASN B 533 -37.31 41.62 -44.06
CA ASN B 533 -36.50 42.63 -43.36
C ASN B 533 -35.59 43.37 -44.33
N ASN B 534 -34.96 42.65 -45.26
CA ASN B 534 -34.09 43.30 -46.23
C ASN B 534 -34.87 44.25 -47.13
N CYS B 535 -36.06 43.83 -47.56
CA CYS B 535 -36.88 44.71 -48.39
C CYS B 535 -37.34 45.93 -47.62
N ALA B 536 -37.72 45.76 -46.35
CA ALA B 536 -38.09 46.90 -45.53
C ALA B 536 -36.91 47.85 -45.36
N GLN B 537 -35.71 47.31 -45.19
CA GLN B 537 -34.51 48.15 -45.11
C GLN B 537 -34.29 48.91 -46.41
N PHE B 538 -34.51 48.26 -47.54
CA PHE B 538 -34.30 48.89 -48.83
C PHE B 538 -35.41 49.86 -49.21
N SER B 539 -36.54 49.82 -48.51
CA SER B 539 -37.64 50.73 -48.80
C SER B 539 -37.22 52.19 -48.69
N ASN B 540 -36.20 52.48 -47.89
CA ASN B 540 -35.72 53.85 -47.74
C ASN B 540 -35.05 54.39 -48.99
N ASN B 541 -34.72 53.52 -49.95
CA ASN B 541 -34.01 53.92 -51.17
C ASN B 541 -34.91 53.85 -52.40
N LEU B 542 -36.21 54.07 -52.22
CA LEU B 542 -37.11 54.06 -53.36
C LEU B 542 -36.78 55.18 -54.34
N ASP B 543 -36.44 56.36 -53.81
CA ASP B 543 -36.06 57.47 -54.67
C ASP B 543 -34.82 57.13 -55.48
N TRP B 544 -33.82 56.52 -54.83
CA TRP B 544 -32.60 56.10 -55.51
C TRP B 544 -32.91 55.10 -56.62
N LEU B 545 -33.72 54.09 -56.31
CA LEU B 545 -34.05 53.06 -57.28
C LEU B 545 -34.79 53.65 -58.48
N ILE B 546 -35.81 54.46 -58.21
CA ILE B 546 -36.60 55.02 -59.30
C ILE B 546 -35.76 55.98 -60.13
N SER B 547 -34.89 56.77 -59.48
CA SER B 547 -34.01 57.66 -60.22
C SER B 547 -33.10 56.88 -61.15
N LYS B 548 -32.68 55.69 -60.74
CA LYS B 548 -31.86 54.85 -61.61
C LYS B 548 -32.68 54.02 -62.59
N LEU B 549 -34.02 54.07 -62.50
CA LEU B 549 -34.84 53.35 -63.47
C LEU B 549 -34.63 53.88 -64.88
N ASP B 550 -34.32 55.18 -65.02
CA ASP B 550 -34.35 55.82 -66.33
C ASP B 550 -33.32 55.24 -67.28
N ARG B 551 -32.10 54.99 -66.81
CA ARG B 551 -31.02 54.57 -67.68
C ARG B 551 -31.32 53.22 -68.33
N LEU B 552 -30.96 53.11 -69.61
CA LEU B 552 -31.32 51.92 -70.39
C LEU B 552 -30.66 50.66 -69.82
N GLU B 553 -29.38 50.74 -69.48
CA GLU B 553 -28.67 49.56 -69.01
C GLU B 553 -29.24 49.06 -67.68
N SER B 554 -29.57 49.97 -66.78
CA SER B 554 -29.96 49.61 -65.43
C SER B 554 -31.43 49.31 -65.26
N SER B 555 -32.25 49.47 -66.32
CA SER B 555 -33.70 49.40 -66.15
C SER B 555 -34.16 48.01 -65.73
N SER B 556 -33.58 46.96 -66.32
CA SER B 556 -34.07 45.61 -66.07
C SER B 556 -33.78 45.16 -64.64
N GLY B 557 -32.53 45.34 -64.19
CA GLY B 557 -32.20 44.98 -62.82
C GLY B 557 -32.95 45.81 -61.81
N ILE B 558 -33.13 47.09 -62.10
CA ILE B 558 -33.93 47.95 -61.23
C ILE B 558 -35.36 47.44 -61.14
N LEU B 559 -35.93 47.01 -62.27
CA LEU B 559 -37.29 46.48 -62.25
C LEU B 559 -37.37 45.21 -61.41
N GLU B 560 -36.39 44.33 -61.56
CA GLU B 560 -36.37 43.10 -60.75
C GLU B 560 -36.32 43.43 -59.27
N VAL B 561 -35.41 44.33 -58.88
CA VAL B 561 -35.28 44.70 -57.47
C VAL B 561 -36.56 45.36 -56.96
N LEU B 562 -37.13 46.26 -57.75
CA LEU B 562 -38.33 46.98 -57.33
C LEU B 562 -39.51 46.04 -57.17
N HIS B 563 -39.66 45.08 -58.07
CA HIS B 563 -40.74 44.11 -57.93
C HIS B 563 -40.54 43.26 -56.69
N CYS B 564 -39.29 42.85 -56.41
CA CYS B 564 -39.04 42.12 -55.17
C CYS B 564 -39.44 42.95 -53.95
N ILE B 565 -39.07 44.23 -53.94
CA ILE B 565 -39.39 45.09 -52.80
C ILE B 565 -40.89 45.22 -52.63
N LEU B 566 -41.60 45.49 -53.72
CA LEU B 566 -43.05 45.68 -53.64
C LEU B 566 -43.75 44.41 -53.18
N ILE B 567 -43.33 43.26 -53.70
CA ILE B 567 -43.95 42.01 -53.29
C ILE B 567 -43.71 41.74 -51.81
N GLU B 568 -42.48 41.96 -51.34
CA GLU B 568 -42.16 41.60 -49.96
C GLU B 568 -42.48 42.70 -48.97
N SER B 569 -41.94 43.89 -49.17
CA SER B 569 -42.21 44.98 -48.24
C SER B 569 -43.64 45.45 -48.39
N PRO B 570 -44.47 45.35 -47.34
CA PRO B 570 -45.83 45.91 -47.43
C PRO B 570 -45.88 47.40 -47.20
N GLU B 571 -44.90 47.98 -46.51
CA GLU B 571 -44.88 49.43 -46.31
C GLU B 571 -44.27 50.17 -47.48
N ALA B 572 -43.57 49.49 -48.39
CA ALA B 572 -42.96 50.17 -49.53
C ALA B 572 -44.01 50.84 -50.40
N LEU B 573 -45.16 50.18 -50.59
CA LEU B 573 -46.24 50.80 -51.36
C LEU B 573 -46.74 52.08 -50.72
N ASN B 574 -46.52 52.26 -49.43
CA ASN B 574 -46.92 53.50 -48.76
C ASN B 574 -45.98 54.66 -49.10
N LEU B 575 -44.77 54.37 -49.55
CA LEU B 575 -43.81 55.42 -49.90
C LEU B 575 -43.82 55.77 -51.38
N ILE B 576 -44.68 55.13 -52.16
CA ILE B 576 -44.73 55.39 -53.60
C ILE B 576 -45.56 56.65 -53.84
N ALA B 577 -44.94 57.67 -54.42
CA ALA B 577 -45.59 58.94 -54.70
C ALA B 577 -45.90 59.04 -56.19
N GLU B 578 -46.47 60.18 -56.57
CA GLU B 578 -46.86 60.38 -57.97
C GLU B 578 -45.64 60.41 -58.89
N GLY B 579 -44.54 60.99 -58.43
CA GLY B 579 -43.35 61.04 -59.26
C GLY B 579 -42.82 59.66 -59.62
N HIS B 580 -42.86 58.74 -58.66
CA HIS B 580 -42.38 57.39 -58.93
C HIS B 580 -43.28 56.67 -59.92
N ILE B 581 -44.59 56.85 -59.79
CA ILE B 581 -45.54 56.24 -60.72
C ILE B 581 -45.33 56.80 -62.12
N LYS B 582 -45.14 58.12 -62.23
CA LYS B 582 -44.88 58.72 -63.52
C LYS B 582 -43.57 58.23 -64.11
N SER B 583 -42.56 57.99 -63.26
CA SER B 583 -41.29 57.45 -63.74
C SER B 583 -41.47 56.06 -64.31
N ILE B 584 -42.25 55.21 -63.64
CA ILE B 584 -42.47 53.87 -64.15
C ILE B 584 -43.25 53.90 -65.47
N ILE B 585 -44.28 54.76 -65.54
CA ILE B 585 -45.05 54.88 -66.77
C ILE B 585 -44.19 55.41 -67.91
N SER B 586 -43.30 56.36 -67.60
CA SER B 586 -42.37 56.86 -68.61
C SER B 586 -41.39 55.78 -69.06
N LEU B 587 -41.01 54.88 -68.15
CA LEU B 587 -40.22 53.73 -68.56
C LEU B 587 -40.98 52.88 -69.57
N LEU B 588 -42.27 52.65 -69.31
CA LEU B 588 -43.12 51.99 -70.29
C LEU B 588 -43.10 52.72 -71.63
N ASP B 589 -43.16 54.04 -71.58
CA ASP B 589 -43.26 54.85 -72.79
C ASP B 589 -41.97 54.86 -73.60
N LYS B 590 -40.82 54.86 -72.93
CA LYS B 590 -39.54 55.03 -73.60
C LYS B 590 -38.81 53.73 -73.90
N HIS B 591 -39.10 52.65 -73.20
CA HIS B 591 -38.42 51.39 -73.48
C HIS B 591 -39.26 50.42 -74.30
N GLY B 592 -40.52 50.73 -74.55
CA GLY B 592 -41.37 49.86 -75.33
C GLY B 592 -42.36 49.11 -74.48
N ARG B 593 -43.16 48.28 -75.14
CA ARG B 593 -44.26 47.57 -74.50
C ARG B 593 -43.70 46.34 -73.80
N ASN B 594 -43.29 46.51 -72.56
CA ASN B 594 -42.80 45.44 -71.71
C ASN B 594 -43.82 45.21 -70.60
N HIS B 595 -44.24 43.96 -70.41
CA HIS B 595 -45.34 43.68 -69.49
C HIS B 595 -44.89 43.57 -68.04
N LYS B 596 -43.59 43.57 -67.78
CA LYS B 596 -43.13 43.58 -66.39
C LYS B 596 -43.39 44.93 -65.72
N VAL B 597 -43.36 46.01 -66.49
CA VAL B 597 -43.77 47.30 -65.96
C VAL B 597 -45.23 47.26 -65.56
N LEU B 598 -46.06 46.60 -66.37
CA LEU B 598 -47.46 46.45 -66.02
C LEU B 598 -47.65 45.58 -64.78
N ASP B 599 -46.80 44.56 -64.62
CA ASP B 599 -46.82 43.78 -63.38
C ASP B 599 -46.50 44.66 -62.18
N VAL B 600 -45.49 45.52 -62.31
CA VAL B 600 -45.14 46.41 -61.20
C VAL B 600 -46.29 47.35 -60.87
N LEU B 601 -46.96 47.88 -61.90
CA LEU B 601 -48.10 48.76 -61.65
C LEU B 601 -49.23 48.02 -60.95
N CYS B 602 -49.52 46.79 -61.39
CA CYS B 602 -50.52 45.99 -60.70
C CYS B 602 -50.15 45.75 -59.25
N SER B 603 -48.88 45.49 -58.98
CA SER B 603 -48.43 45.34 -57.60
C SER B 603 -48.65 46.61 -56.80
N LEU B 604 -48.42 47.76 -57.42
CA LEU B 604 -48.68 49.02 -56.74
C LEU B 604 -50.15 49.18 -56.39
N CYS B 605 -51.04 48.72 -57.26
CA CYS B 605 -52.46 48.95 -57.02
C CYS B 605 -52.98 48.15 -55.82
N LEU B 606 -52.65 46.87 -55.73
CA LEU B 606 -53.16 46.00 -54.68
C LEU B 606 -52.02 45.48 -53.81
N CYS B 607 -52.15 45.64 -52.49
CA CYS B 607 -51.10 45.32 -51.54
C CYS B 607 -51.56 44.17 -50.64
N ASN B 608 -51.41 42.94 -51.15
CA ASN B 608 -51.74 41.73 -50.39
C ASN B 608 -53.17 41.75 -49.88
N GLY B 609 -54.10 42.10 -50.78
CA GLY B 609 -55.51 42.09 -50.47
C GLY B 609 -56.09 43.44 -50.09
N VAL B 610 -55.24 44.42 -49.79
CA VAL B 610 -55.69 45.77 -49.43
C VAL B 610 -55.43 46.69 -50.60
N ALA B 611 -56.47 47.40 -51.03
CA ALA B 611 -56.37 48.31 -52.16
C ALA B 611 -55.85 49.66 -51.72
N VAL B 612 -54.91 50.21 -52.48
CA VAL B 612 -54.37 51.54 -52.25
C VAL B 612 -55.00 52.46 -53.28
N ARG B 613 -55.92 53.32 -52.81
CA ARG B 613 -56.68 54.16 -53.73
C ARG B 613 -55.81 55.20 -54.42
N ALA B 614 -54.80 55.72 -53.71
CA ALA B 614 -53.94 56.74 -54.31
C ALA B 614 -53.20 56.19 -55.51
N ASN B 615 -52.63 54.99 -55.38
CA ASN B 615 -51.94 54.37 -56.50
C ASN B 615 -52.89 54.08 -57.65
N GLN B 616 -54.08 53.55 -57.35
CA GLN B 616 -55.05 53.25 -58.40
C GLN B 616 -55.44 54.50 -59.16
N ASN B 617 -55.74 55.58 -58.43
CA ASN B 617 -56.14 56.82 -59.08
C ASN B 617 -55.00 57.43 -59.89
N LEU B 618 -53.77 57.39 -59.36
CA LEU B 618 -52.64 57.93 -60.11
C LEU B 618 -52.41 57.16 -61.40
N ILE B 619 -52.44 55.82 -61.31
CA ILE B 619 -52.22 55.01 -62.50
C ILE B 619 -53.32 55.23 -63.52
N CYS B 620 -54.57 55.28 -63.07
CA CYS B 620 -55.68 55.53 -63.99
C CYS B 620 -55.55 56.88 -64.66
N ASP B 621 -55.20 57.92 -63.90
CA ASP B 621 -55.17 59.26 -64.46
C ASP B 621 -53.96 59.49 -65.36
N ASN B 622 -52.84 58.80 -65.11
CA ASN B 622 -51.63 59.07 -65.87
C ASN B 622 -51.39 58.08 -67.01
N LEU B 623 -51.94 56.88 -66.95
CA LEU B 623 -51.68 55.87 -67.98
C LEU B 623 -52.79 55.75 -69.00
N LEU B 624 -54.05 55.91 -68.59
CA LEU B 624 -55.20 55.66 -69.43
C LEU B 624 -55.53 56.79 -70.41
N PRO B 625 -55.63 58.04 -69.96
CA PRO B 625 -56.15 59.10 -70.84
C PRO B 625 -55.35 59.31 -72.11
N ARG B 626 -54.04 59.08 -72.08
CA ARG B 626 -53.21 59.39 -73.24
C ARG B 626 -53.62 58.56 -74.46
N ARG B 627 -53.87 57.27 -74.27
CA ARG B 627 -54.24 56.37 -75.36
C ARG B 627 -53.14 56.28 -76.41
N ASN B 628 -51.89 56.21 -75.96
CA ASN B 628 -50.76 56.09 -76.86
C ASN B 628 -49.78 55.00 -76.46
N LEU B 629 -49.97 54.36 -75.31
CA LEU B 629 -49.13 53.26 -74.85
C LEU B 629 -49.85 51.92 -74.90
N LEU B 630 -51.04 51.83 -74.35
CA LEU B 630 -51.78 50.58 -74.32
C LEU B 630 -52.53 50.39 -75.63
N LEU B 631 -52.51 49.16 -76.13
CA LEU B 631 -53.23 48.84 -77.36
C LEU B 631 -54.73 49.05 -77.16
N GLN B 632 -55.39 49.56 -78.18
CA GLN B 632 -56.82 49.85 -78.08
C GLN B 632 -57.62 48.71 -78.68
N THR B 633 -58.89 48.62 -78.28
CA THR B 633 -59.80 47.63 -78.84
C THR B 633 -61.13 48.29 -79.15
N ARG B 634 -61.80 47.80 -80.18
CA ARG B 634 -63.08 48.39 -80.52
C ARG B 634 -63.80 47.51 -81.55
N LEU B 635 -65.12 47.49 -81.47
CA LEU B 635 -65.92 46.74 -82.43
C LEU B 635 -66.16 47.60 -83.67
N ILE B 636 -65.69 47.13 -84.82
CA ILE B 636 -65.81 47.85 -86.08
C ILE B 636 -66.63 47.02 -87.05
N ASN B 637 -67.48 47.70 -87.82
CA ASN B 637 -68.25 47.06 -88.87
C ASN B 637 -67.35 46.66 -90.03
N ASP B 638 -67.64 45.50 -90.61
CA ASP B 638 -66.91 45.06 -91.79
C ASP B 638 -67.45 45.74 -93.05
N VAL B 639 -66.54 46.11 -93.94
CA VAL B 639 -66.84 46.87 -95.14
C VAL B 639 -66.41 46.05 -96.34
N THR B 640 -67.18 46.14 -97.42
CA THR B 640 -66.88 45.44 -98.66
C THR B 640 -67.03 46.38 -99.84
N SER B 641 -66.21 46.16 -100.86
CA SER B 641 -66.23 46.95 -102.09
C SER B 641 -66.73 46.12 -103.24
N ILE B 642 -67.47 46.74 -104.15
CA ILE B 642 -68.02 46.08 -105.33
C ILE B 642 -67.84 46.99 -106.52
N ARG B 643 -67.43 46.41 -107.65
CA ARG B 643 -67.18 47.13 -108.88
C ARG B 643 -67.83 46.41 -110.05
N PRO B 644 -68.22 47.13 -111.09
CA PRO B 644 -68.58 46.47 -112.34
C PRO B 644 -67.35 45.98 -113.07
N ASN B 645 -67.54 45.44 -114.27
CA ASN B 645 -66.46 44.89 -115.07
C ASN B 645 -65.88 45.91 -116.04
N ILE B 646 -65.85 47.18 -115.64
CA ILE B 646 -65.48 48.28 -116.52
C ILE B 646 -64.15 48.85 -116.05
N PHE B 647 -63.14 48.81 -116.92
CA PHE B 647 -61.83 49.33 -116.62
C PHE B 647 -61.46 50.40 -117.64
N LEU B 648 -61.03 51.56 -117.15
CA LEU B 648 -60.69 52.70 -117.99
C LEU B 648 -59.26 53.11 -117.69
N GLY B 649 -58.50 53.39 -118.75
CA GLY B 649 -57.11 53.77 -118.60
C GLY B 649 -56.74 54.87 -119.57
N VAL B 650 -55.63 55.53 -119.25
CA VAL B 650 -55.08 56.60 -120.09
C VAL B 650 -53.66 56.23 -120.44
N ALA B 651 -53.36 56.18 -121.74
CA ALA B 651 -52.03 55.85 -122.21
C ALA B 651 -51.81 56.48 -123.57
N GLU B 652 -50.54 56.65 -123.92
CA GLU B 652 -50.20 57.24 -125.21
C GLU B 652 -50.42 56.25 -126.34
N GLY B 653 -51.04 56.72 -127.42
CA GLY B 653 -51.32 55.87 -128.54
C GLY B 653 -52.31 54.77 -128.21
N SER B 654 -53.38 55.14 -127.51
CA SER B 654 -54.42 54.20 -127.11
C SER B 654 -55.76 54.69 -127.62
N ALA B 655 -56.66 53.75 -127.88
CA ALA B 655 -57.99 54.07 -128.38
C ALA B 655 -58.98 54.42 -127.28
N GLN B 656 -58.56 54.36 -126.02
CA GLN B 656 -59.46 54.64 -124.90
C GLN B 656 -59.98 56.07 -124.96
N TYR B 657 -61.24 56.24 -124.60
CA TYR B 657 -61.83 57.57 -124.47
C TYR B 657 -61.63 58.07 -123.04
N LYS B 658 -61.41 59.38 -122.91
CA LYS B 658 -61.00 59.94 -121.63
C LYS B 658 -62.17 60.15 -120.68
N LYS B 659 -63.20 60.88 -121.10
CA LYS B 659 -64.30 61.22 -120.21
C LYS B 659 -65.27 60.04 -120.05
N TRP B 660 -65.74 59.83 -118.83
CA TRP B 660 -66.64 58.74 -118.52
C TRP B 660 -67.61 59.17 -117.42
N TYR B 661 -68.72 58.46 -117.32
CA TYR B 661 -69.81 58.84 -116.44
C TYR B 661 -70.60 57.60 -116.03
N PHE B 662 -71.09 57.58 -114.80
CA PHE B 662 -72.00 56.52 -114.37
C PHE B 662 -72.83 57.02 -113.20
N GLU B 663 -73.78 56.19 -112.76
CA GLU B 663 -74.65 56.60 -111.67
C GLU B 663 -74.93 55.45 -110.72
N LEU B 664 -75.33 55.80 -109.51
CA LEU B 664 -75.70 54.86 -108.46
C LEU B 664 -77.01 55.31 -107.84
N ILE B 665 -77.96 54.38 -107.72
CA ILE B 665 -79.24 54.65 -107.09
C ILE B 665 -79.27 53.95 -105.74
N ILE B 666 -79.63 54.67 -104.69
CA ILE B 666 -79.61 54.15 -103.34
C ILE B 666 -81.04 53.78 -102.97
N ASP B 667 -81.36 52.49 -103.01
CA ASP B 667 -82.73 52.04 -102.77
C ASP B 667 -83.08 52.13 -101.29
N GLN B 668 -82.14 51.81 -100.41
CA GLN B 668 -82.43 51.76 -98.98
C GLN B 668 -81.12 51.75 -98.21
N VAL B 669 -80.99 52.69 -97.28
CA VAL B 669 -79.87 52.72 -96.35
C VAL B 669 -80.44 52.68 -94.94
N ASP B 670 -79.90 51.80 -94.11
CA ASP B 670 -80.31 51.68 -92.71
C ASP B 670 -79.17 52.20 -91.86
N PRO B 671 -79.12 53.50 -91.57
CA PRO B 671 -78.07 54.01 -90.69
C PRO B 671 -78.24 53.45 -89.28
N PHE B 672 -77.12 53.14 -88.66
CA PHE B 672 -77.11 52.59 -87.30
C PHE B 672 -77.88 51.28 -87.25
N LEU B 673 -77.34 50.28 -87.96
CA LEU B 673 -77.83 48.92 -87.86
C LEU B 673 -77.08 48.11 -86.80
N THR B 674 -75.90 48.58 -86.37
CA THR B 674 -75.11 47.86 -85.39
C THR B 674 -74.45 48.80 -84.39
N ALA B 675 -75.09 49.92 -84.07
CA ALA B 675 -74.59 50.91 -83.12
C ALA B 675 -73.42 51.71 -83.66
N GLU B 676 -73.03 51.49 -84.91
CA GLU B 676 -72.04 52.29 -85.61
C GLU B 676 -72.61 52.70 -86.96
N PRO B 677 -72.28 53.88 -87.44
CA PRO B 677 -72.91 54.38 -88.68
C PRO B 677 -72.66 53.44 -89.85
N THR B 678 -73.69 53.26 -90.68
CA THR B 678 -73.53 52.49 -91.89
C THR B 678 -72.56 53.18 -92.82
N HIS B 679 -71.71 52.38 -93.46
CA HIS B 679 -70.72 52.87 -94.41
C HIS B 679 -71.29 52.76 -95.82
N LEU B 680 -71.26 53.86 -96.57
CA LEU B 680 -71.68 53.82 -97.96
C LEU B 680 -70.99 54.97 -98.69
N ARG B 681 -69.99 54.63 -99.49
CA ARG B 681 -69.29 55.60 -100.33
C ARG B 681 -69.29 55.09 -101.76
N VAL B 682 -69.36 56.02 -102.70
CA VAL B 682 -69.33 55.69 -104.12
C VAL B 682 -68.27 56.55 -104.78
N GLY B 683 -67.60 56.00 -105.79
CA GLY B 683 -66.61 56.80 -106.48
C GLY B 683 -65.79 55.97 -107.44
N TRP B 684 -64.56 56.40 -107.66
CA TRP B 684 -63.66 55.74 -108.59
C TRP B 684 -62.48 55.15 -107.83
N ALA B 685 -61.84 54.16 -108.44
CA ALA B 685 -60.67 53.57 -107.84
C ALA B 685 -59.71 53.16 -108.94
N SER B 686 -58.45 53.00 -108.58
CA SER B 686 -57.39 52.65 -109.51
C SER B 686 -56.88 51.26 -109.21
N SER B 687 -56.72 50.44 -110.24
CA SER B 687 -56.23 49.09 -110.07
C SER B 687 -54.77 49.03 -109.69
N SER B 688 -54.05 50.14 -109.76
CA SER B 688 -52.62 50.12 -109.45
C SER B 688 -52.37 49.71 -108.00
N GLY B 689 -53.16 50.24 -107.07
CA GLY B 689 -52.91 49.91 -105.68
C GLY B 689 -54.13 49.81 -104.78
N TYR B 690 -55.34 49.89 -105.32
CA TYR B 690 -56.54 49.83 -104.51
C TYR B 690 -56.92 48.37 -104.34
N ALA B 691 -56.64 47.82 -103.16
CA ALA B 691 -56.95 46.43 -102.87
C ALA B 691 -57.25 46.31 -101.38
N PRO B 692 -58.51 46.46 -101.00
CA PRO B 692 -58.86 46.36 -99.58
C PRO B 692 -59.20 44.94 -99.16
N TYR B 693 -58.51 44.43 -98.16
CA TYR B 693 -58.90 43.10 -97.70
C TYR B 693 -59.87 43.22 -96.54
N PRO B 694 -60.84 42.32 -96.42
CA PRO B 694 -61.74 42.36 -95.26
C PRO B 694 -60.96 42.12 -93.98
N GLY B 695 -61.37 42.82 -92.92
CA GLY B 695 -60.72 42.74 -91.63
C GLY B 695 -60.16 44.09 -91.22
N GLY B 696 -58.98 44.07 -90.61
CA GLY B 696 -58.35 45.26 -90.10
C GLY B 696 -57.26 45.77 -91.03
N GLY B 697 -57.15 47.09 -91.11
CA GLY B 697 -56.13 47.73 -91.92
C GLY B 697 -55.72 49.05 -91.32
N GLU B 698 -55.58 50.06 -92.17
CA GLU B 698 -55.17 51.37 -91.69
C GLU B 698 -56.22 51.99 -90.80
N GLY B 699 -55.77 52.83 -89.88
CA GLY B 699 -56.70 53.51 -88.99
C GLY B 699 -57.41 52.52 -88.10
N TRP B 700 -58.74 52.59 -88.11
CA TRP B 700 -59.59 51.71 -87.32
C TRP B 700 -60.33 50.71 -88.20
N GLY B 701 -59.66 50.19 -89.22
CA GLY B 701 -60.27 49.22 -90.08
C GLY B 701 -61.44 49.81 -90.84
N GLY B 702 -62.23 48.92 -91.44
CA GLY B 702 -63.38 49.33 -92.20
C GLY B 702 -63.02 50.24 -93.35
N ASN B 703 -62.01 49.85 -94.12
CA ASN B 703 -61.50 50.68 -95.20
C ASN B 703 -62.33 50.51 -96.47
N GLY B 704 -62.83 51.61 -97.00
CA GLY B 704 -63.64 51.58 -98.19
C GLY B 704 -63.10 52.46 -99.27
N VAL B 705 -63.99 53.05 -100.08
CA VAL B 705 -63.59 53.88 -101.20
C VAL B 705 -63.18 55.24 -100.66
N GLY B 706 -61.88 55.48 -100.59
CA GLY B 706 -61.39 56.76 -100.13
C GLY B 706 -60.49 56.63 -98.92
N ASP B 707 -60.14 55.40 -98.57
CA ASP B 707 -59.28 55.14 -97.42
C ASP B 707 -57.84 54.84 -97.82
N ASP B 708 -57.46 55.17 -99.05
CA ASP B 708 -56.08 55.20 -99.48
C ASP B 708 -55.93 56.28 -100.54
N LEU B 709 -54.76 56.34 -101.16
CA LEU B 709 -54.49 57.35 -102.18
C LEU B 709 -54.79 56.87 -103.58
N TYR B 710 -55.36 55.66 -103.74
CA TYR B 710 -55.73 55.12 -105.03
C TYR B 710 -57.22 55.15 -105.30
N SER B 711 -58.05 55.43 -104.30
CA SER B 711 -59.49 55.51 -104.46
C SER B 711 -59.98 56.89 -104.07
N TYR B 712 -61.02 57.35 -104.76
CA TYR B 712 -61.58 58.69 -104.59
C TYR B 712 -63.08 58.52 -104.44
N GLY B 713 -63.58 58.77 -103.24
CA GLY B 713 -64.94 58.44 -102.88
C GLY B 713 -65.74 59.64 -102.41
N PHE B 714 -67.05 59.40 -102.26
CA PHE B 714 -68.00 60.44 -101.87
C PHE B 714 -69.11 59.76 -101.10
N ASP B 715 -69.47 60.34 -99.96
CA ASP B 715 -70.45 59.73 -99.05
C ASP B 715 -71.63 60.64 -98.78
N GLY B 716 -71.82 61.67 -99.59
CA GLY B 716 -72.93 62.58 -99.45
C GLY B 716 -72.62 63.87 -98.73
N LEU B 717 -71.60 63.87 -97.89
CA LEU B 717 -71.17 65.06 -97.16
C LEU B 717 -69.73 65.42 -97.42
N HIS B 718 -68.83 64.44 -97.47
CA HIS B 718 -67.41 64.70 -97.57
C HIS B 718 -66.83 64.04 -98.81
N LEU B 719 -65.70 64.58 -99.24
CA LEU B 719 -64.87 63.95 -100.26
C LEU B 719 -63.72 63.23 -99.57
N TRP B 720 -63.52 61.96 -99.91
CA TRP B 720 -62.59 61.10 -99.21
C TRP B 720 -61.42 60.73 -100.11
N SER B 721 -60.21 60.88 -99.59
CA SER B 721 -59.01 60.40 -100.27
C SER B 721 -57.85 60.40 -99.29
N GLY B 722 -57.13 59.30 -99.21
CA GLY B 722 -56.09 59.18 -98.20
C GLY B 722 -56.61 58.93 -96.80
N ARG B 723 -57.90 58.63 -96.66
CA ARG B 723 -58.54 58.42 -95.38
C ARG B 723 -58.72 59.72 -94.60
N ILE B 724 -58.84 60.84 -95.31
CA ILE B 724 -59.05 62.14 -94.70
C ILE B 724 -60.27 62.76 -95.35
N PRO B 725 -61.33 63.06 -94.59
CA PRO B 725 -62.52 63.64 -95.20
C PRO B 725 -62.40 65.14 -95.35
N ARG B 726 -62.94 65.65 -96.45
CA ARG B 726 -62.99 67.08 -96.70
C ARG B 726 -64.46 67.47 -96.87
N ALA B 727 -64.97 68.28 -95.95
CA ALA B 727 -66.37 68.65 -95.98
C ALA B 727 -66.66 69.48 -97.22
N VAL B 728 -67.57 68.99 -98.06
CA VAL B 728 -67.90 69.63 -99.33
C VAL B 728 -69.26 70.27 -99.22
N ALA B 729 -69.43 71.38 -99.93
CA ALA B 729 -70.64 72.18 -99.85
C ALA B 729 -71.59 71.81 -100.98
N SER B 730 -72.85 71.59 -100.64
CA SER B 730 -73.87 71.21 -101.62
C SER B 730 -75.21 71.73 -101.15
N ILE B 731 -76.14 71.85 -102.10
CA ILE B 731 -77.50 72.26 -101.78
C ILE B 731 -78.24 71.07 -101.19
N ASN B 732 -78.84 71.27 -100.02
CA ASN B 732 -79.47 70.18 -99.27
C ASN B 732 -78.44 69.12 -98.89
N LEU B 733 -77.38 69.55 -98.21
CA LEU B 733 -76.34 68.61 -97.78
C LEU B 733 -76.92 67.59 -96.82
N HIS B 734 -76.57 66.33 -97.02
CA HIS B 734 -76.99 65.26 -96.13
C HIS B 734 -76.29 63.99 -96.53
N LEU B 735 -76.12 63.09 -95.56
CA LEU B 735 -75.55 61.78 -95.83
C LEU B 735 -76.42 61.05 -96.85
N LEU B 736 -75.79 60.17 -97.63
CA LEU B 736 -76.53 59.42 -98.63
C LEU B 736 -77.63 58.60 -97.97
N ARG B 737 -78.85 58.71 -98.49
CA ARG B 737 -79.99 57.99 -97.95
C ARG B 737 -80.80 57.36 -99.07
N SER B 738 -81.98 56.84 -98.74
CA SER B 738 -82.81 56.18 -99.74
C SER B 738 -83.26 57.17 -100.80
N ASP B 739 -83.42 56.66 -102.02
CA ASP B 739 -83.89 57.47 -103.14
C ASP B 739 -82.92 58.62 -103.45
N ASP B 740 -81.62 58.31 -103.41
CA ASP B 740 -80.57 59.24 -103.80
C ASP B 740 -79.90 58.73 -105.06
N VAL B 741 -79.66 59.64 -106.00
CA VAL B 741 -79.00 59.32 -107.26
C VAL B 741 -77.67 60.06 -107.28
N VAL B 742 -76.57 59.31 -107.31
CA VAL B 742 -75.22 59.86 -107.28
C VAL B 742 -74.60 59.66 -108.64
N SER B 743 -74.25 60.75 -109.31
CA SER B 743 -73.64 60.71 -110.63
C SER B 743 -72.16 60.99 -110.48
N CYS B 744 -71.33 60.10 -111.02
CA CYS B 744 -69.88 60.21 -110.93
C CYS B 744 -69.29 60.41 -112.32
N CYS B 745 -68.42 61.42 -112.45
CA CYS B 745 -67.81 61.79 -113.71
C CYS B 745 -66.30 61.75 -113.56
N LEU B 746 -65.63 61.09 -114.51
CA LEU B 746 -64.19 60.98 -114.52
C LEU B 746 -63.66 61.55 -115.83
N ASP B 747 -62.50 62.20 -115.76
CA ASP B 747 -61.88 62.80 -116.93
C ASP B 747 -60.38 62.58 -116.83
N LEU B 748 -59.88 61.52 -117.48
CA LEU B 748 -58.45 61.23 -117.42
C LEU B 748 -57.61 62.29 -118.12
N GLY B 749 -58.23 63.19 -118.88
CA GLY B 749 -57.46 64.21 -119.56
C GLY B 749 -56.81 65.20 -118.63
N VAL B 750 -57.51 65.60 -117.56
CA VAL B 750 -57.02 66.63 -116.66
C VAL B 750 -55.91 66.09 -115.77
N PRO B 751 -56.14 65.02 -114.98
CA PRO B 751 -57.38 64.28 -114.73
C PRO B 751 -58.23 64.91 -113.64
N SER B 752 -59.52 64.60 -113.59
CA SER B 752 -60.39 65.19 -112.58
C SER B 752 -61.59 64.27 -112.35
N ILE B 753 -61.96 64.13 -111.09
CA ILE B 753 -63.11 63.34 -110.68
C ILE B 753 -64.09 64.27 -109.99
N SER B 754 -65.34 64.26 -110.45
CA SER B 754 -66.36 65.14 -109.90
C SER B 754 -67.65 64.34 -109.71
N PHE B 755 -68.54 64.90 -108.88
CA PHE B 755 -69.76 64.22 -108.48
C PHE B 755 -70.95 65.15 -108.64
N ARG B 756 -72.13 64.53 -108.58
CA ARG B 756 -73.40 65.25 -108.55
C ARG B 756 -74.37 64.42 -107.71
N ILE B 757 -75.19 65.10 -106.91
CA ILE B 757 -76.14 64.44 -106.03
C ILE B 757 -77.53 64.89 -106.42
N ASN B 758 -78.37 63.94 -106.84
CA ASN B 758 -79.74 64.23 -107.27
C ASN B 758 -79.79 65.26 -108.39
N GLY B 759 -78.79 65.24 -109.26
CA GLY B 759 -78.71 66.20 -110.34
C GLY B 759 -78.16 67.55 -109.98
N GLN B 760 -77.83 67.77 -108.70
CA GLN B 760 -77.24 69.02 -108.25
C GLN B 760 -75.74 68.87 -108.11
N PRO B 761 -74.94 69.82 -108.59
CA PRO B 761 -73.49 69.68 -108.50
C PRO B 761 -73.00 69.73 -107.06
N VAL B 762 -71.88 69.06 -106.83
CA VAL B 762 -71.19 69.09 -105.54
C VAL B 762 -69.98 70.01 -105.69
N GLN B 763 -69.84 70.95 -104.77
CA GLN B 763 -68.82 72.00 -104.88
C GLN B 763 -67.48 71.46 -104.42
N GLY B 764 -66.85 70.69 -105.30
CA GLY B 764 -65.55 70.13 -105.03
C GLY B 764 -65.23 69.00 -105.98
N MET B 765 -63.95 68.68 -106.09
CA MET B 765 -63.53 67.61 -106.98
C MET B 765 -62.12 67.18 -106.62
N PHE B 766 -61.73 66.03 -107.16
CA PHE B 766 -60.36 65.54 -107.04
C PHE B 766 -59.62 65.81 -108.34
N GLU B 767 -58.33 66.10 -108.24
CA GLU B 767 -57.52 66.35 -109.42
C GLU B 767 -56.07 66.00 -109.16
N ASN B 768 -55.29 66.00 -110.23
CA ASN B 768 -53.84 65.82 -110.17
C ASN B 768 -53.44 64.54 -109.45
N PHE B 769 -54.19 63.47 -109.70
CA PHE B 769 -53.82 62.16 -109.19
C PHE B 769 -53.12 61.36 -110.27
N ASN B 770 -52.48 60.27 -109.86
CA ASN B 770 -51.77 59.43 -110.81
C ASN B 770 -52.75 58.72 -111.72
N THR B 771 -52.53 58.85 -113.03
CA THR B 771 -53.39 58.22 -114.03
C THR B 771 -52.87 56.88 -114.50
N ASP B 772 -51.82 56.36 -113.87
CA ASP B 772 -51.36 55.01 -114.18
C ASP B 772 -52.35 53.98 -113.66
N GLY B 773 -52.36 52.82 -114.30
CA GLY B 773 -53.29 51.78 -113.94
C GLY B 773 -54.66 52.02 -114.56
N LEU B 774 -55.59 51.13 -114.22
CA LEU B 774 -56.93 51.14 -114.79
C LEU B 774 -57.92 51.63 -113.76
N PHE B 775 -58.78 52.55 -114.16
CA PHE B 775 -59.78 53.15 -113.28
C PHE B 775 -61.10 52.43 -113.44
N PHE B 776 -61.71 52.06 -112.32
CA PHE B 776 -63.01 51.42 -112.36
C PHE B 776 -63.94 52.07 -111.34
N PRO B 777 -65.24 52.08 -111.62
CA PRO B 777 -66.21 52.52 -110.63
C PRO B 777 -66.25 51.56 -109.46
N VAL B 778 -66.53 52.09 -108.27
CA VAL B 778 -66.52 51.27 -107.07
C VAL B 778 -67.50 51.83 -106.07
N VAL B 779 -68.10 50.93 -105.29
CA VAL B 779 -68.94 51.30 -104.15
C VAL B 779 -68.49 50.48 -102.96
N SER B 780 -68.21 51.16 -101.85
CA SER B 780 -67.89 50.50 -100.59
C SER B 780 -69.06 50.67 -99.63
N PHE B 781 -69.40 49.59 -98.93
CA PHE B 781 -70.58 49.59 -98.09
C PHE B 781 -70.39 48.61 -96.94
N SER B 782 -71.17 48.82 -95.89
CA SER B 782 -71.33 47.85 -94.83
C SER B 782 -72.75 47.29 -94.86
N ALA B 783 -73.03 46.35 -93.97
CA ALA B 783 -74.32 45.66 -94.00
C ALA B 783 -75.47 46.65 -93.78
N GLY B 784 -76.52 46.49 -94.57
CA GLY B 784 -77.71 47.28 -94.40
C GLY B 784 -78.00 48.26 -95.53
N VAL B 785 -77.60 47.92 -96.75
CA VAL B 785 -77.78 48.80 -97.90
C VAL B 785 -78.27 48.01 -99.10
N LYS B 786 -78.93 48.72 -100.01
CA LYS B 786 -79.28 48.24 -101.33
C LYS B 786 -78.98 49.35 -102.32
N VAL B 787 -78.23 49.04 -103.37
CA VAL B 787 -77.84 50.03 -104.37
C VAL B 787 -77.98 49.42 -105.75
N ARG B 788 -78.00 50.29 -106.76
CA ARG B 788 -78.11 49.86 -108.15
C ARG B 788 -77.16 50.68 -109.01
N PHE B 789 -76.22 50.00 -109.65
CA PHE B 789 -75.39 50.63 -110.66
C PHE B 789 -76.19 50.87 -111.93
N LEU B 790 -76.08 52.08 -112.45
CA LEU B 790 -76.61 52.44 -113.76
C LEU B 790 -75.45 52.88 -114.63
N THR B 791 -75.23 52.16 -115.72
CA THR B 791 -74.10 52.39 -116.62
C THR B 791 -74.54 52.65 -118.05
N GLY B 792 -75.81 52.97 -118.27
CA GLY B 792 -76.29 53.36 -119.58
C GLY B 792 -76.68 52.18 -120.44
N GLY B 793 -77.35 52.49 -121.55
CA GLY B 793 -77.73 51.46 -122.50
C GLY B 793 -78.70 50.47 -121.89
N ARG B 794 -78.41 49.19 -122.08
CA ARG B 794 -79.23 48.12 -121.52
C ARG B 794 -78.80 47.71 -120.13
N HIS B 795 -77.64 48.18 -119.65
CA HIS B 795 -77.12 47.83 -118.34
C HIS B 795 -77.45 48.89 -117.29
N GLY B 796 -78.55 49.61 -117.46
CA GLY B 796 -78.94 50.65 -116.53
C GLY B 796 -79.37 51.91 -117.24
N GLU B 797 -80.51 52.47 -116.82
CA GLU B 797 -81.07 53.65 -117.46
C GLU B 797 -80.69 54.88 -116.63
N PHE B 798 -79.98 55.81 -117.25
CA PHE B 798 -79.57 57.02 -116.55
C PHE B 798 -80.79 57.86 -116.20
N LYS B 799 -80.81 58.39 -114.99
CA LYS B 799 -81.88 59.27 -114.54
C LYS B 799 -81.56 60.74 -114.72
N PHE B 800 -80.34 61.07 -115.14
CA PHE B 800 -79.96 62.45 -115.42
C PHE B 800 -79.05 62.48 -116.63
N LEU B 801 -79.12 63.57 -117.37
CA LEU B 801 -78.34 63.71 -118.59
C LEU B 801 -76.86 63.77 -118.25
N PRO B 802 -76.02 62.91 -118.82
CA PRO B 802 -74.58 63.04 -118.57
C PRO B 802 -74.08 64.36 -119.10
N PRO B 803 -73.07 64.94 -118.44
CA PRO B 803 -72.50 66.19 -118.94
C PRO B 803 -71.94 66.01 -120.35
N SER B 804 -71.98 67.09 -121.13
CA SER B 804 -71.61 67.01 -122.53
C SER B 804 -70.18 66.50 -122.69
N GLY B 805 -70.00 65.52 -123.55
CA GLY B 805 -68.71 64.92 -123.79
C GLY B 805 -68.40 63.69 -122.96
N TYR B 806 -69.20 63.43 -121.91
CA TYR B 806 -68.96 62.31 -121.01
C TYR B 806 -69.69 61.07 -121.51
N ALA B 807 -69.01 59.97 -121.55
CA ALA B 807 -69.61 58.77 -122.10
C ALA B 807 -70.07 57.84 -120.99
N PRO B 808 -71.19 57.15 -121.20
CA PRO B 808 -71.62 56.12 -120.24
C PRO B 808 -70.60 55.00 -120.15
N CYS B 809 -70.53 54.39 -118.97
CA CYS B 809 -69.52 53.37 -118.72
C CYS B 809 -69.73 52.10 -119.53
N TYR B 810 -70.97 51.81 -119.95
CA TYR B 810 -71.20 50.56 -120.67
C TYR B 810 -70.49 50.53 -122.01
N GLU B 811 -70.08 51.69 -122.53
CA GLU B 811 -69.31 51.73 -123.77
C GLU B 811 -67.86 51.30 -123.59
N ALA B 812 -67.41 51.08 -122.35
CA ALA B 812 -66.05 50.64 -122.12
C ALA B 812 -65.89 49.13 -122.24
N LEU B 813 -66.97 48.40 -122.47
CA LEU B 813 -66.89 46.95 -122.60
C LEU B 813 -66.61 46.56 -124.05
N LEU B 814 -65.94 45.43 -124.21
CA LEU B 814 -65.72 44.86 -125.53
C LEU B 814 -66.97 44.11 -125.98
N PRO B 815 -67.12 43.88 -127.29
CA PRO B 815 -68.29 43.13 -127.76
C PRO B 815 -68.38 41.74 -127.17
N LYS B 816 -67.24 41.09 -126.91
CA LYS B 816 -67.25 39.77 -126.30
C LYS B 816 -67.55 39.82 -124.81
N GLU B 817 -67.09 40.86 -124.12
CA GLU B 817 -67.27 40.93 -122.67
C GLU B 817 -68.73 41.12 -122.31
N LYS B 818 -69.15 40.46 -121.24
CA LYS B 818 -70.49 40.63 -120.67
C LYS B 818 -70.34 41.23 -119.28
N MET B 819 -71.15 42.24 -118.99
CA MET B 819 -71.00 42.97 -117.73
C MET B 819 -71.38 42.10 -116.54
N ARG B 820 -70.70 42.34 -115.43
CA ARG B 820 -70.97 41.64 -114.18
C ARG B 820 -70.47 42.49 -113.04
N LEU B 821 -70.94 42.19 -111.84
CA LEU B 821 -70.49 42.85 -110.62
C LEU B 821 -69.64 41.88 -109.81
N GLU B 822 -68.45 42.32 -109.42
CA GLU B 822 -67.50 41.45 -108.75
C GLU B 822 -66.82 42.18 -107.61
N PRO B 823 -66.34 41.46 -106.61
CA PRO B 823 -65.53 42.10 -105.57
C PRO B 823 -64.21 42.63 -106.11
N VAL B 824 -63.74 43.71 -105.50
CA VAL B 824 -62.53 44.37 -105.98
C VAL B 824 -61.32 43.46 -105.80
N LYS B 825 -61.16 42.90 -104.62
CA LYS B 825 -60.07 41.98 -104.33
C LYS B 825 -60.65 40.70 -103.75
N GLU B 826 -60.09 39.56 -104.16
CA GLU B 826 -60.69 38.29 -103.78
C GLU B 826 -59.61 37.23 -103.71
N TYR B 827 -59.50 36.55 -102.57
CA TYR B 827 -58.59 35.43 -102.39
C TYR B 827 -59.33 34.15 -102.04
N LYS B 828 -60.63 34.11 -102.33
CA LYS B 828 -61.47 32.99 -101.92
C LYS B 828 -62.85 33.21 -102.51
N ARG B 829 -63.53 32.12 -102.82
CA ARG B 829 -64.87 32.20 -103.39
C ARG B 829 -65.69 31.03 -102.85
N ASP B 830 -66.78 31.34 -102.17
CA ASP B 830 -67.66 30.33 -101.60
C ASP B 830 -68.88 30.14 -102.49
N ALA B 831 -69.27 28.88 -102.70
CA ALA B 831 -70.45 28.56 -103.50
C ALA B 831 -71.10 27.33 -102.89
N GLU B 832 -72.33 27.51 -102.40
CA GLU B 832 -73.13 26.40 -101.86
C GLU B 832 -72.38 25.64 -100.77
N GLY B 833 -71.58 26.36 -99.99
CA GLY B 833 -70.85 25.75 -98.90
C GLY B 833 -69.53 25.12 -99.28
N ILE B 834 -69.07 25.29 -100.51
CA ILE B 834 -67.77 24.80 -100.95
C ILE B 834 -66.90 26.01 -101.26
N ARG B 835 -65.73 26.06 -100.62
CA ARG B 835 -64.86 27.24 -100.68
C ARG B 835 -63.65 26.94 -101.54
N ASP B 836 -63.46 27.76 -102.58
CA ASP B 836 -62.30 27.66 -103.45
C ASP B 836 -61.29 28.72 -103.07
N LEU B 837 -60.05 28.30 -102.84
CA LEU B 837 -58.94 29.20 -102.58
C LEU B 837 -58.33 29.65 -103.89
N LEU B 838 -58.23 30.95 -104.09
CA LEU B 838 -57.81 31.51 -105.36
C LEU B 838 -56.38 32.03 -105.29
N GLY B 839 -55.68 31.92 -106.41
CA GLY B 839 -54.40 32.57 -106.58
C GLY B 839 -54.59 34.04 -106.90
N THR B 840 -53.64 34.60 -107.64
CA THR B 840 -53.68 36.01 -108.01
C THR B 840 -53.89 36.15 -109.50
N THR B 841 -54.69 37.14 -109.89
CA THR B 841 -54.92 37.42 -111.30
C THR B 841 -53.81 38.35 -111.82
N GLN B 842 -53.20 37.96 -112.93
CA GLN B 842 -52.05 38.70 -113.44
C GLN B 842 -52.42 40.14 -113.80
N SER B 843 -53.53 40.32 -114.50
CA SER B 843 -53.93 41.64 -114.96
C SER B 843 -55.44 41.68 -115.09
N LEU B 844 -55.95 42.75 -115.70
CA LEU B 844 -57.39 42.93 -115.86
C LEU B 844 -57.73 43.31 -117.30
N SER B 845 -58.97 43.67 -117.55
CA SER B 845 -59.40 44.01 -118.90
C SER B 845 -58.86 45.36 -119.32
N GLN B 846 -57.63 45.38 -119.85
CA GLN B 846 -57.00 46.64 -120.22
C GLN B 846 -57.81 47.35 -121.31
N ALA B 847 -58.13 46.64 -122.39
CA ALA B 847 -58.85 47.19 -123.54
C ALA B 847 -58.08 48.30 -124.24
N SER B 848 -56.77 48.40 -123.97
CA SER B 848 -55.92 49.41 -124.57
C SER B 848 -55.17 48.78 -125.74
N PHE B 849 -55.54 49.16 -126.96
CA PHE B 849 -54.94 48.54 -128.14
C PHE B 849 -53.46 48.88 -128.25
N ILE B 850 -53.11 50.16 -128.15
CA ILE B 850 -51.76 50.69 -128.35
C ILE B 850 -51.08 50.00 -129.54
N PRO B 851 -51.51 50.28 -130.77
CA PRO B 851 -51.00 49.53 -131.92
C PRO B 851 -49.51 49.72 -132.11
N CYS B 852 -48.84 48.65 -132.52
CA CYS B 852 -47.40 48.66 -132.80
C CYS B 852 -47.15 47.95 -134.12
N PRO B 853 -47.55 48.55 -135.23
CA PRO B 853 -47.33 47.93 -136.54
C PRO B 853 -45.85 47.86 -136.88
N ILE B 854 -45.52 46.95 -137.81
CA ILE B 854 -44.14 46.71 -138.17
C ILE B 854 -43.54 47.99 -138.76
N ASP B 855 -42.37 48.36 -138.27
CA ASP B 855 -41.70 49.59 -138.70
C ASP B 855 -41.00 49.35 -140.02
N THR B 856 -41.58 49.85 -141.11
CA THR B 856 -41.03 49.69 -142.45
C THR B 856 -40.28 50.92 -142.93
N SER B 857 -40.03 51.89 -142.04
CA SER B 857 -39.34 53.12 -142.44
C SER B 857 -37.94 52.83 -142.94
N GLN B 858 -37.23 51.93 -142.26
CA GLN B 858 -35.88 51.55 -142.67
C GLN B 858 -35.86 50.49 -143.75
N VAL B 859 -37.02 49.97 -144.17
CA VAL B 859 -37.09 48.97 -145.22
C VAL B 859 -37.00 49.67 -146.57
N VAL B 860 -36.00 49.30 -147.36
CA VAL B 860 -35.73 49.94 -148.65
C VAL B 860 -36.28 49.05 -149.75
N LEU B 861 -37.10 49.63 -150.62
CA LEU B 861 -37.67 48.87 -151.73
C LEU B 861 -36.64 48.69 -152.82
N PRO B 862 -36.28 47.46 -153.19
CA PRO B 862 -35.34 47.26 -154.30
C PRO B 862 -35.92 47.80 -155.60
N PRO B 863 -35.08 48.39 -156.44
CA PRO B 863 -35.61 48.96 -157.70
C PRO B 863 -36.26 47.94 -158.60
N HIS B 864 -35.70 46.73 -158.69
CA HIS B 864 -36.23 45.74 -159.61
C HIS B 864 -37.63 45.27 -159.23
N LEU B 865 -38.02 45.43 -157.96
CA LEU B 865 -39.35 45.09 -157.52
C LEU B 865 -40.34 46.23 -157.67
N GLU B 866 -39.88 47.41 -158.09
CA GLU B 866 -40.78 48.55 -158.21
C GLU B 866 -41.72 48.41 -159.41
N LYS B 867 -41.18 47.99 -160.56
CA LYS B 867 -41.99 47.89 -161.77
C LYS B 867 -43.19 46.98 -161.56
N ILE B 868 -42.95 45.77 -161.04
CA ILE B 868 -44.05 44.87 -160.70
C ILE B 868 -44.98 45.55 -159.69
N ARG B 869 -44.41 46.24 -158.70
CA ARG B 869 -45.22 47.02 -157.78
C ARG B 869 -46.06 48.04 -158.54
N ASP B 870 -45.45 48.74 -159.49
CA ASP B 870 -46.18 49.70 -160.30
C ASP B 870 -47.33 49.03 -161.03
N ARG B 871 -47.18 47.76 -161.40
CA ARG B 871 -48.30 47.02 -161.98
C ARG B 871 -49.36 46.72 -160.94
N LEU B 872 -48.94 46.23 -159.76
CA LEU B 872 -49.90 45.76 -158.76
C LEU B 872 -50.86 46.87 -158.34
N ALA B 873 -50.31 48.04 -157.99
CA ALA B 873 -51.15 49.17 -157.64
C ALA B 873 -52.12 49.50 -158.78
N GLU B 874 -51.63 49.46 -160.02
CA GLU B 874 -52.52 49.65 -161.16
C GLU B 874 -53.63 48.63 -161.16
N ASN B 875 -53.29 47.35 -160.95
CA ASN B 875 -54.30 46.33 -160.79
C ASN B 875 -55.20 46.65 -159.60
N ILE B 876 -54.60 47.13 -158.51
CA ILE B 876 -55.36 47.57 -157.36
C ILE B 876 -56.37 48.63 -157.77
N HIS B 877 -55.96 49.54 -158.65
CA HIS B 877 -56.87 50.57 -159.14
C HIS B 877 -58.09 49.93 -159.78
N GLU B 878 -57.89 48.90 -160.60
CA GLU B 878 -59.02 48.18 -161.17
C GLU B 878 -59.90 47.62 -160.08
N LEU B 879 -59.29 47.02 -159.05
CA LEU B 879 -60.05 46.46 -157.94
C LEU B 879 -60.89 47.52 -157.25
N TRP B 880 -60.54 48.80 -157.40
CA TRP B 880 -61.43 49.86 -156.96
C TRP B 880 -62.52 50.12 -158.00
N GLY B 881 -62.10 50.43 -159.23
CA GLY B 881 -63.04 50.98 -160.20
C GLY B 881 -64.20 50.03 -160.51
N MET B 882 -63.86 48.76 -160.77
CA MET B 882 -64.91 47.77 -161.04
C MET B 882 -65.91 47.69 -159.90
N ASN B 883 -65.42 47.77 -158.66
CA ASN B 883 -66.33 47.72 -157.52
C ASN B 883 -67.31 48.88 -157.55
N LYS B 884 -66.84 50.06 -157.96
CA LYS B 884 -67.75 51.20 -158.07
C LYS B 884 -68.86 50.91 -159.07
N ILE B 885 -68.56 50.15 -160.12
CA ILE B 885 -69.61 49.72 -161.04
C ILE B 885 -70.52 48.70 -160.38
N GLU B 886 -69.93 47.80 -159.57
CA GLU B 886 -70.71 46.73 -158.96
C GLU B 886 -71.60 47.22 -157.83
N LEU B 887 -71.28 48.35 -157.23
CA LEU B 887 -72.10 48.94 -156.17
C LEU B 887 -73.10 49.95 -156.71
N GLY B 888 -73.18 50.13 -158.03
CA GLY B 888 -74.09 51.09 -158.63
C GLY B 888 -73.52 52.47 -158.87
N TRP B 889 -72.29 52.72 -158.44
CA TRP B 889 -71.70 54.05 -158.61
C TRP B 889 -71.50 54.35 -160.10
N THR B 890 -71.67 55.62 -160.46
CA THR B 890 -71.53 56.08 -161.83
C THR B 890 -70.52 57.22 -161.88
N PHE B 891 -69.73 57.25 -162.96
CA PHE B 891 -68.72 58.29 -163.11
C PHE B 891 -69.38 59.63 -163.36
N GLY B 892 -68.82 60.67 -162.74
CA GLY B 892 -69.31 62.03 -162.92
C GLY B 892 -68.21 63.02 -162.60
N LYS B 893 -68.45 64.27 -163.01
CA LYS B 893 -67.49 65.32 -162.73
C LYS B 893 -67.33 65.54 -161.23
N ILE B 894 -68.43 65.49 -160.48
CA ILE B 894 -68.43 65.70 -159.04
C ILE B 894 -69.07 64.49 -158.37
N ARG B 895 -68.42 63.97 -157.34
CA ARG B 895 -68.95 62.83 -156.60
C ARG B 895 -70.25 63.21 -155.90
N ASP B 896 -71.23 62.31 -155.93
CA ASP B 896 -72.50 62.53 -155.25
C ASP B 896 -72.95 61.21 -154.65
N ASP B 897 -73.19 61.20 -153.33
CA ASP B 897 -73.66 59.99 -152.68
C ASP B 897 -75.03 59.57 -153.21
N ASN B 898 -75.93 60.54 -153.39
CA ASN B 898 -77.26 60.22 -153.89
C ASN B 898 -77.21 59.66 -155.31
N LYS B 899 -76.34 60.22 -156.15
CA LYS B 899 -76.22 59.80 -157.54
C LYS B 899 -75.15 58.74 -157.75
N ARG B 900 -74.46 58.30 -156.69
CA ARG B 900 -73.40 57.30 -156.80
C ARG B 900 -72.28 57.78 -157.73
N GLN B 901 -71.99 59.07 -157.67
CA GLN B 901 -71.01 59.68 -158.55
C GLN B 901 -69.66 59.82 -157.84
N HIS B 902 -68.59 59.79 -158.63
CA HIS B 902 -67.24 59.98 -158.12
C HIS B 902 -66.31 60.37 -159.26
N PRO B 903 -65.58 61.48 -159.13
CA PRO B 903 -64.66 61.89 -160.21
C PRO B 903 -63.53 60.91 -160.46
N CYS B 904 -63.24 60.04 -159.49
CA CYS B 904 -62.11 59.11 -159.62
C CYS B 904 -62.36 57.98 -160.60
N LEU B 905 -63.59 57.82 -161.10
CA LEU B 905 -63.91 56.71 -161.99
C LEU B 905 -63.32 56.93 -163.38
N VAL B 906 -61.99 56.86 -163.49
CA VAL B 906 -61.27 57.09 -164.73
C VAL B 906 -60.11 56.11 -164.81
N GLU B 907 -59.48 56.07 -165.98
CA GLU B 907 -58.31 55.21 -166.18
C GLU B 907 -57.20 55.59 -165.20
N PHE B 908 -56.27 54.65 -165.01
CA PHE B 908 -55.16 54.89 -164.10
C PHE B 908 -54.31 56.05 -164.57
N SER B 909 -54.05 56.13 -165.88
CA SER B 909 -53.28 57.26 -166.41
C SER B 909 -54.02 58.57 -166.19
N LYS B 910 -55.34 58.57 -166.40
CA LYS B 910 -56.15 59.76 -166.20
C LYS B 910 -56.53 59.98 -164.74
N LEU B 911 -56.15 59.06 -163.85
CA LEU B 911 -56.48 59.20 -162.44
C LEU B 911 -55.82 60.44 -161.86
N PRO B 912 -56.44 61.10 -160.90
CA PRO B 912 -55.82 62.28 -160.28
C PRO B 912 -54.53 61.91 -159.57
N GLU B 913 -53.63 62.90 -159.48
CA GLU B 913 -52.33 62.67 -158.89
C GLU B 913 -52.43 62.21 -157.44
N THR B 914 -53.43 62.70 -156.70
CA THR B 914 -53.59 62.30 -155.31
C THR B 914 -53.87 60.81 -155.19
N GLU B 915 -54.77 60.29 -156.03
CA GLU B 915 -55.11 58.87 -155.98
C GLU B 915 -53.90 58.00 -156.34
N LYS B 916 -53.16 58.40 -157.38
CA LYS B 916 -51.97 57.64 -157.77
C LYS B 916 -50.91 57.67 -156.69
N ASN B 917 -50.72 58.83 -156.06
CA ASN B 917 -49.77 58.91 -154.95
C ASN B 917 -50.20 58.00 -153.79
N TYR B 918 -51.50 57.99 -153.48
CA TYR B 918 -51.98 57.13 -152.40
C TYR B 918 -51.76 55.66 -152.72
N ASN B 919 -52.06 55.25 -153.96
CA ASN B 919 -51.87 53.85 -154.34
C ASN B 919 -50.39 53.47 -154.31
N LEU B 920 -49.52 54.34 -154.83
CA LEU B 920 -48.09 54.05 -154.82
C LEU B 920 -47.57 53.97 -153.38
N GLN B 921 -48.01 54.87 -152.52
CA GLN B 921 -47.58 54.84 -151.12
C GLN B 921 -48.05 53.57 -150.43
N MET B 922 -49.29 53.15 -150.68
CA MET B 922 -49.79 51.91 -150.08
C MET B 922 -49.00 50.71 -150.57
N SER B 923 -48.72 50.65 -151.88
CA SER B 923 -47.95 49.52 -152.40
C SER B 923 -46.54 49.51 -151.84
N THR B 924 -45.92 50.68 -151.71
CA THR B 924 -44.59 50.75 -151.12
C THR B 924 -44.61 50.32 -149.66
N GLU B 925 -45.65 50.71 -148.92
CA GLU B 925 -45.79 50.27 -147.54
C GLU B 925 -45.91 48.75 -147.48
N THR B 926 -46.70 48.16 -148.37
CA THR B 926 -46.84 46.70 -148.38
C THR B 926 -45.52 46.02 -148.72
N LEU B 927 -44.79 46.55 -149.71
CA LEU B 927 -43.51 45.97 -150.07
C LEU B 927 -42.51 46.04 -148.91
N LYS B 928 -42.46 47.20 -148.24
CA LYS B 928 -41.56 47.35 -147.10
C LYS B 928 -41.97 46.42 -145.96
N THR B 929 -43.28 46.23 -145.76
CA THR B 929 -43.74 45.29 -144.75
C THR B 929 -43.29 43.88 -145.08
N LEU B 930 -43.40 43.48 -146.35
CA LEU B 930 -42.95 42.16 -146.75
C LEU B 930 -41.45 41.99 -146.57
N LEU B 931 -40.68 43.01 -146.92
CA LEU B 931 -39.23 42.93 -146.77
C LEU B 931 -38.83 42.86 -145.30
N ALA B 932 -39.50 43.63 -144.43
CA ALA B 932 -39.15 43.63 -143.02
C ALA B 932 -39.42 42.29 -142.36
N LEU B 933 -40.40 41.54 -142.88
CA LEU B 933 -40.72 40.23 -142.31
C LEU B 933 -39.63 39.20 -142.55
N GLY B 934 -38.65 39.50 -143.40
CA GLY B 934 -37.64 38.54 -143.78
C GLY B 934 -37.99 37.72 -145.00
N CYS B 935 -39.21 37.82 -145.51
CA CYS B 935 -39.60 37.09 -146.70
C CYS B 935 -38.74 37.53 -147.89
N HIS B 936 -38.27 36.56 -148.66
CA HIS B 936 -37.44 36.82 -149.82
C HIS B 936 -38.28 36.73 -151.08
N ILE B 937 -38.25 37.79 -151.88
CA ILE B 937 -39.00 37.85 -153.13
C ILE B 937 -38.07 37.48 -154.28
N ALA B 938 -38.50 36.50 -155.09
CA ALA B 938 -37.70 36.03 -156.21
C ALA B 938 -38.55 36.05 -157.47
N HIS B 939 -38.03 36.68 -158.53
CA HIS B 939 -38.71 36.72 -159.82
C HIS B 939 -38.27 35.50 -160.62
N VAL B 940 -39.09 34.44 -160.56
CA VAL B 940 -38.73 33.14 -161.12
C VAL B 940 -39.59 32.74 -162.29
N ASN B 941 -40.58 33.54 -162.68
CA ASN B 941 -41.48 33.23 -163.78
C ASN B 941 -41.55 34.42 -164.73
N PRO B 942 -40.48 34.68 -165.49
CA PRO B 942 -40.56 35.73 -166.53
C PRO B 942 -41.63 35.45 -167.57
N ALA B 943 -41.89 34.18 -167.90
CA ALA B 943 -42.89 33.83 -168.89
C ALA B 943 -44.31 33.81 -168.33
N ALA B 944 -44.47 33.94 -167.01
CA ALA B 944 -45.81 33.96 -166.42
C ALA B 944 -46.54 35.26 -166.74
N GLU B 945 -45.81 36.37 -166.86
CA GLU B 945 -46.45 37.65 -167.16
C GLU B 945 -47.15 37.61 -168.51
N GLU B 946 -46.54 36.94 -169.49
CA GLU B 946 -47.17 36.80 -170.79
C GLU B 946 -48.48 36.02 -170.69
N ASP B 947 -48.50 34.95 -169.89
CA ASP B 947 -49.71 34.14 -169.78
C ASP B 947 -50.85 34.91 -169.13
N LEU B 948 -50.55 35.75 -168.15
CA LEU B 948 -51.58 36.46 -167.41
C LEU B 948 -52.40 37.35 -168.33
N LYS B 949 -53.71 37.33 -168.14
CA LYS B 949 -54.64 38.08 -168.97
C LYS B 949 -55.65 38.80 -168.09
N LYS B 950 -56.27 39.84 -168.66
CA LYS B 950 -57.28 40.60 -167.95
C LYS B 950 -58.64 39.92 -168.09
N VAL B 951 -59.70 40.62 -167.69
CA VAL B 951 -61.07 40.13 -167.82
C VAL B 951 -61.83 41.11 -168.72
N LYS B 952 -62.50 40.57 -169.73
CA LYS B 952 -63.26 41.37 -170.69
C LYS B 952 -64.60 41.74 -170.09
N LEU B 953 -64.64 42.86 -169.37
CA LEU B 953 -65.88 43.31 -168.76
C LEU B 953 -66.84 43.84 -169.83
N PRO B 954 -68.13 43.56 -169.71
CA PRO B 954 -69.09 44.07 -170.70
C PRO B 954 -69.26 45.57 -170.60
N LYS B 955 -69.96 46.13 -171.59
CA LYS B 955 -70.10 47.58 -171.70
C LYS B 955 -70.84 48.18 -170.51
N ASN B 956 -71.66 47.38 -169.79
CA ASN B 956 -72.40 47.92 -168.66
C ASN B 956 -71.47 48.46 -167.58
N TYR B 957 -70.26 47.91 -167.47
CA TYR B 957 -69.31 48.40 -166.48
C TYR B 957 -68.80 49.79 -166.85
N MET B 958 -68.49 50.02 -168.11
CA MET B 958 -67.86 51.27 -168.52
C MET B 958 -68.80 52.45 -168.25
N MET B 959 -68.22 53.56 -167.80
CA MET B 959 -68.97 54.76 -167.49
C MET B 959 -69.09 55.63 -168.75
N SER B 960 -69.64 56.84 -168.58
CA SER B 960 -69.82 57.73 -169.71
C SER B 960 -68.50 58.22 -170.28
N ASN B 961 -67.46 58.30 -169.44
CA ASN B 961 -66.16 58.81 -169.90
C ASN B 961 -65.55 57.93 -170.96
N GLY B 962 -65.92 56.65 -171.03
CA GLY B 962 -65.31 55.73 -171.95
C GLY B 962 -64.31 54.78 -171.33
N TYR B 963 -64.15 54.81 -170.01
CA TYR B 963 -63.27 53.89 -169.31
C TYR B 963 -64.06 52.68 -168.82
N LYS B 964 -63.57 51.49 -169.15
CA LYS B 964 -64.15 50.25 -168.67
C LYS B 964 -63.06 49.46 -167.94
N PRO B 965 -63.25 49.09 -166.69
CA PRO B 965 -62.19 48.39 -165.95
C PRO B 965 -61.84 47.05 -166.60
N ALA B 966 -60.56 46.71 -166.51
CA ALA B 966 -60.03 45.45 -167.01
C ALA B 966 -59.20 44.78 -165.93
N PRO B 967 -59.83 44.33 -164.85
CA PRO B 967 -59.08 43.66 -163.79
C PRO B 967 -58.47 42.35 -164.28
N LEU B 968 -57.31 42.03 -163.73
CA LEU B 968 -56.58 40.84 -164.15
C LEU B 968 -57.34 39.58 -163.76
N ASP B 969 -57.40 38.62 -164.68
CA ASP B 969 -58.08 37.34 -164.44
C ASP B 969 -57.22 36.51 -163.50
N LEU B 970 -57.55 36.55 -162.21
CA LEU B 970 -56.77 35.87 -161.18
C LEU B 970 -57.54 34.71 -160.55
N SER B 971 -58.62 34.27 -161.18
CA SER B 971 -59.40 33.16 -160.64
C SER B 971 -58.59 31.87 -160.58
N ASP B 972 -57.83 31.59 -161.64
CA ASP B 972 -57.02 30.38 -161.68
C ASP B 972 -55.88 30.40 -160.66
N VAL B 973 -55.51 31.59 -160.16
CA VAL B 973 -54.40 31.70 -159.23
C VAL B 973 -54.77 31.01 -157.92
N LYS B 974 -53.84 30.20 -157.40
CA LYS B 974 -54.02 29.50 -156.14
C LYS B 974 -52.87 29.84 -155.21
N LEU B 975 -53.16 29.86 -153.90
CA LEU B 975 -52.20 30.26 -152.89
C LEU B 975 -51.87 29.09 -151.97
N LEU B 976 -50.60 29.01 -151.59
CA LEU B 976 -50.13 27.97 -150.69
C LEU B 976 -50.51 28.29 -149.24
N PRO B 977 -50.46 27.30 -148.35
CA PRO B 977 -50.70 27.57 -146.93
C PRO B 977 -49.75 28.63 -146.39
N PRO B 978 -48.45 28.56 -146.72
CA PRO B 978 -47.57 29.68 -146.34
C PRO B 978 -48.00 31.01 -146.94
N GLN B 979 -48.51 31.00 -148.18
CA GLN B 979 -49.00 32.23 -148.77
C GLN B 979 -50.24 32.72 -148.05
N GLU B 980 -51.11 31.81 -147.61
CA GLU B 980 -52.27 32.21 -146.82
C GLU B 980 -51.83 32.83 -145.49
N VAL B 981 -50.82 32.25 -144.86
CA VAL B 981 -50.29 32.81 -143.62
C VAL B 981 -49.72 34.21 -143.87
N LEU B 982 -49.01 34.38 -144.98
CA LEU B 982 -48.49 35.70 -145.33
C LEU B 982 -49.62 36.70 -145.53
N VAL B 983 -50.70 36.28 -146.19
CA VAL B 983 -51.84 37.16 -146.42
C VAL B 983 -52.47 37.55 -145.08
N ASP B 984 -52.61 36.59 -144.17
CA ASP B 984 -53.20 36.89 -142.87
C ASP B 984 -52.33 37.86 -142.08
N LYS B 985 -51.01 37.64 -142.09
CA LYS B 985 -50.11 38.55 -141.39
C LYS B 985 -50.17 39.96 -142.00
N LEU B 986 -50.22 40.04 -143.32
CA LEU B 986 -50.33 41.34 -143.97
C LEU B 986 -51.64 42.03 -143.60
N ALA B 987 -52.73 41.27 -143.51
CA ALA B 987 -54.01 41.84 -143.10
C ALA B 987 -53.93 42.38 -141.68
N GLU B 988 -53.31 41.62 -140.77
CA GLU B 988 -53.16 42.09 -139.40
C GLU B 988 -52.32 43.36 -139.34
N ASN B 989 -51.22 43.39 -140.08
CA ASN B 989 -50.36 44.57 -140.09
C ASN B 989 -51.10 45.78 -140.65
N ALA B 990 -51.88 45.59 -141.72
CA ALA B 990 -52.66 46.68 -142.28
C ALA B 990 -53.68 47.18 -141.28
N HIS B 991 -54.34 46.27 -140.57
CA HIS B 991 -55.29 46.68 -139.55
C HIS B 991 -54.62 47.50 -138.45
N ASN B 992 -53.44 47.06 -138.00
CA ASN B 992 -52.73 47.80 -136.96
C ASN B 992 -52.32 49.18 -137.47
N VAL B 993 -51.85 49.27 -138.71
CA VAL B 993 -51.45 50.56 -139.26
C VAL B 993 -52.64 51.50 -139.37
N TRP B 994 -53.78 50.98 -139.83
CA TRP B 994 -54.97 51.80 -139.95
C TRP B 994 -55.46 52.25 -138.57
N ALA B 995 -55.40 51.37 -137.58
CA ALA B 995 -55.80 51.74 -136.23
C ALA B 995 -54.89 52.83 -135.67
N LYS B 996 -53.58 52.71 -135.90
CA LYS B 996 -52.67 53.76 -135.45
C LYS B 996 -52.97 55.08 -136.13
N ASP B 997 -53.25 55.04 -137.44
CA ASP B 997 -53.60 56.26 -138.16
C ASP B 997 -54.87 56.88 -137.58
N ARG B 998 -55.88 56.07 -137.31
CA ARG B 998 -57.12 56.59 -136.73
C ARG B 998 -56.87 57.20 -135.36
N ILE B 999 -56.05 56.53 -134.54
CA ILE B 999 -55.75 57.05 -133.21
C ILE B 999 -55.05 58.40 -133.31
N LYS B 1000 -54.07 58.51 -134.21
CA LYS B 1000 -53.41 59.79 -134.43
C LYS B 1000 -54.40 60.85 -134.92
N GLN B 1001 -55.43 60.43 -135.66
CA GLN B 1001 -56.45 61.35 -136.13
C GLN B 1001 -57.36 61.85 -135.01
N GLY B 1002 -57.28 61.26 -133.83
CA GLY B 1002 -58.16 61.60 -132.73
C GLY B 1002 -59.30 60.63 -132.51
N TRP B 1003 -59.42 59.59 -133.35
CA TRP B 1003 -60.47 58.62 -133.19
C TRP B 1003 -60.27 57.80 -131.91
N THR B 1004 -61.36 57.21 -131.43
CA THR B 1004 -61.33 56.39 -130.24
C THR B 1004 -62.32 55.24 -130.40
N TYR B 1005 -62.03 54.13 -129.71
CA TYR B 1005 -62.89 52.96 -129.79
C TYR B 1005 -64.26 53.24 -129.18
N GLY B 1006 -65.30 52.77 -129.86
CA GLY B 1006 -66.65 52.91 -129.37
C GLY B 1006 -67.41 51.60 -129.47
N ILE B 1007 -68.58 51.57 -128.85
CA ILE B 1007 -69.42 50.38 -128.83
C ILE B 1007 -70.56 50.59 -129.83
N GLN B 1008 -70.43 49.93 -130.99
CA GLN B 1008 -71.49 49.88 -131.99
C GLN B 1008 -71.94 51.27 -132.44
N GLN B 1009 -71.07 52.26 -132.29
CA GLN B 1009 -71.36 53.63 -132.72
C GLN B 1009 -70.19 54.17 -133.50
N ASP B 1010 -70.48 54.83 -134.61
CA ASP B 1010 -69.48 55.48 -135.45
C ASP B 1010 -69.78 56.97 -135.58
N LEU B 1011 -70.14 57.60 -134.46
CA LEU B 1011 -70.42 59.03 -134.46
C LEU B 1011 -69.17 59.80 -134.88
N LYS B 1012 -69.37 60.84 -135.66
CA LYS B 1012 -68.23 61.56 -136.22
C LYS B 1012 -67.48 62.38 -135.18
N ASN B 1013 -67.80 62.30 -133.89
CA ASN B 1013 -66.98 62.93 -132.85
C ASN B 1013 -65.81 62.02 -132.50
N LYS B 1014 -65.08 61.58 -133.52
CA LYS B 1014 -63.91 60.72 -133.34
C LYS B 1014 -64.25 59.48 -132.52
N ARG B 1015 -65.37 58.85 -132.83
CA ARG B 1015 -65.79 57.62 -132.18
C ARG B 1015 -65.96 56.54 -133.23
N ASN B 1016 -65.04 55.58 -133.26
CA ASN B 1016 -65.05 54.48 -134.20
C ASN B 1016 -65.05 53.16 -133.45
N PRO B 1017 -66.00 52.27 -133.72
CA PRO B 1017 -66.10 51.01 -132.96
C PRO B 1017 -65.18 49.90 -133.46
N ARG B 1018 -64.19 50.21 -134.30
CA ARG B 1018 -63.32 49.19 -134.87
C ARG B 1018 -61.86 49.31 -134.42
N LEU B 1019 -61.52 50.32 -133.62
CA LEU B 1019 -60.15 50.50 -133.15
C LEU B 1019 -59.90 49.56 -131.97
N VAL B 1020 -59.73 48.28 -132.30
CA VAL B 1020 -59.57 47.23 -131.31
C VAL B 1020 -58.41 46.34 -131.71
N PRO B 1021 -58.05 45.33 -130.91
CA PRO B 1021 -57.06 44.35 -131.36
C PRO B 1021 -57.59 43.55 -132.54
N TYR B 1022 -56.66 43.00 -133.33
CA TYR B 1022 -57.07 42.26 -134.52
C TYR B 1022 -57.91 41.04 -134.16
N ALA B 1023 -57.58 40.39 -133.04
CA ALA B 1023 -58.32 39.20 -132.64
C ALA B 1023 -59.79 39.51 -132.37
N LEU B 1024 -60.06 40.63 -131.70
CA LEU B 1024 -61.44 41.02 -131.40
C LEU B 1024 -62.15 41.66 -132.59
N LEU B 1025 -61.43 41.91 -133.69
CA LEU B 1025 -62.05 42.54 -134.85
C LEU B 1025 -63.11 41.63 -135.46
N ASP B 1026 -64.11 42.25 -136.07
CA ASP B 1026 -65.18 41.49 -136.72
C ASP B 1026 -64.62 40.70 -137.90
N GLU B 1027 -65.15 39.48 -138.08
CA GLU B 1027 -64.70 38.64 -139.18
C GLU B 1027 -65.01 39.28 -140.53
N ARG B 1028 -66.20 39.89 -140.66
CA ARG B 1028 -66.54 40.59 -141.89
C ARG B 1028 -65.59 41.76 -142.11
N THR B 1029 -65.27 42.51 -141.06
CA THR B 1029 -64.32 43.60 -141.18
C THR B 1029 -62.94 43.09 -141.58
N LYS B 1030 -62.53 41.95 -141.01
CA LYS B 1030 -61.27 41.33 -141.43
C LYS B 1030 -61.29 41.04 -142.93
N LYS B 1031 -62.33 40.35 -143.40
CA LYS B 1031 -62.42 39.97 -144.80
C LYS B 1031 -62.45 41.19 -145.72
N SER B 1032 -63.01 42.31 -145.24
CA SER B 1032 -63.13 43.51 -146.07
C SER B 1032 -61.79 43.92 -146.68
N ASN B 1033 -60.72 43.86 -145.88
CA ASN B 1033 -59.38 44.16 -146.40
C ASN B 1033 -58.59 42.91 -146.75
N ARG B 1034 -58.93 41.76 -146.16
CA ARG B 1034 -58.23 40.53 -146.50
C ARG B 1034 -58.48 40.12 -147.95
N ASP B 1035 -59.67 40.42 -148.49
CA ASP B 1035 -59.94 40.13 -149.88
C ASP B 1035 -59.01 40.92 -150.80
N SER B 1036 -58.83 42.22 -150.51
CA SER B 1036 -57.92 43.02 -151.30
C SER B 1036 -56.48 42.55 -151.15
N LEU B 1037 -56.08 42.19 -149.93
CA LEU B 1037 -54.72 41.71 -149.73
C LEU B 1037 -54.47 40.40 -150.47
N ARG B 1038 -55.46 39.51 -150.46
CA ARG B 1038 -55.32 38.25 -151.20
C ARG B 1038 -55.33 38.49 -152.70
N GLU B 1039 -56.10 39.47 -153.18
CA GLU B 1039 -56.03 39.85 -154.59
C GLU B 1039 -54.63 40.32 -154.96
N ALA B 1040 -54.04 41.16 -154.11
CA ALA B 1040 -52.67 41.61 -154.35
C ALA B 1040 -51.68 40.45 -154.34
N VAL B 1041 -51.86 39.51 -153.39
CA VAL B 1041 -50.96 38.37 -153.32
C VAL B 1041 -51.07 37.51 -154.57
N ARG B 1042 -52.30 37.28 -155.04
CA ARG B 1042 -52.48 36.49 -156.24
C ARG B 1042 -51.91 37.20 -157.47
N THR B 1043 -52.06 38.53 -157.51
CA THR B 1043 -51.44 39.30 -158.59
C THR B 1043 -49.93 39.14 -158.58
N PHE B 1044 -49.32 39.23 -157.40
CA PHE B 1044 -47.88 39.05 -157.29
C PHE B 1044 -47.45 37.66 -157.72
N VAL B 1045 -48.21 36.64 -157.30
CA VAL B 1045 -47.86 35.26 -157.67
C VAL B 1045 -47.99 35.05 -159.16
N GLY B 1046 -48.99 35.69 -159.79
CA GLY B 1046 -49.17 35.53 -161.23
C GLY B 1046 -47.99 36.08 -162.02
N TYR B 1047 -47.48 37.24 -161.62
CA TYR B 1047 -46.35 37.84 -162.33
C TYR B 1047 -45.05 37.06 -162.14
N GLY B 1048 -45.00 36.13 -161.18
CA GLY B 1048 -43.83 35.32 -160.98
C GLY B 1048 -42.94 35.71 -159.82
N TYR B 1049 -43.35 36.69 -159.00
CA TYR B 1049 -42.57 37.09 -157.83
C TYR B 1049 -43.02 36.23 -156.65
N ASN B 1050 -42.31 35.11 -156.45
CA ASN B 1050 -42.63 34.19 -155.37
C ASN B 1050 -42.01 34.67 -154.07
N ILE B 1051 -42.74 34.49 -152.97
CA ILE B 1051 -42.33 34.97 -151.66
C ILE B 1051 -41.96 33.76 -150.80
N GLU B 1052 -40.80 33.83 -150.16
CA GLU B 1052 -40.33 32.78 -149.26
C GLU B 1052 -40.07 33.38 -147.88
N PRO B 1053 -41.03 33.31 -146.96
CA PRO B 1053 -40.78 33.75 -145.59
C PRO B 1053 -39.85 32.79 -144.86
N SER B 1054 -39.15 33.33 -143.86
CA SER B 1054 -38.26 32.54 -143.03
C SER B 1054 -38.99 32.00 -141.81
N ASP B 1055 -38.52 30.86 -141.31
CA ASP B 1055 -39.14 30.22 -140.17
C ASP B 1055 -39.01 31.09 -138.93
N GLN B 1056 -40.06 31.11 -138.11
CA GLN B 1056 -40.09 31.94 -136.91
C GLN B 1056 -39.40 31.28 -135.71
N GLU B 1057 -38.98 30.02 -135.83
CA GLU B 1057 -38.31 29.36 -134.73
C GLU B 1057 -36.94 29.95 -134.42
N LEU B 1058 -36.38 30.74 -135.34
CA LEU B 1058 -35.09 31.36 -135.11
C LEU B 1058 -35.12 32.40 -133.99
N ALA B 1059 -36.31 32.88 -133.62
CA ALA B 1059 -36.40 33.88 -132.56
C ALA B 1059 -35.92 33.30 -131.22
N ASP B 1060 -36.28 32.06 -130.93
CA ASP B 1060 -35.92 31.42 -129.67
C ASP B 1060 -36.49 32.22 -128.49
N PRO B 1061 -37.81 32.21 -128.29
CA PRO B 1061 -38.40 33.01 -127.21
C PRO B 1061 -38.06 32.47 -125.83
N ALA B 1062 -38.60 33.13 -124.80
CA ALA B 1062 -38.38 32.72 -123.42
C ALA B 1062 -39.58 33.16 -122.59
N VAL B 1063 -39.55 32.83 -121.29
CA VAL B 1063 -40.64 33.13 -120.38
C VAL B 1063 -40.06 33.79 -119.13
N GLU B 1064 -40.92 34.54 -118.44
CA GLU B 1064 -40.53 35.26 -117.23
C GLU B 1064 -40.85 34.42 -115.99
N LYS B 1065 -40.37 34.91 -114.85
CA LYS B 1065 -40.55 34.23 -113.57
C LYS B 1065 -41.47 35.07 -112.69
N VAL B 1066 -42.50 34.43 -112.15
CA VAL B 1066 -43.44 35.13 -111.27
C VAL B 1066 -42.79 35.38 -109.92
N SER B 1067 -42.88 36.61 -109.45
CA SER B 1067 -42.28 36.96 -108.17
C SER B 1067 -42.95 36.20 -107.03
N ILE B 1068 -42.17 35.95 -105.97
CA ILE B 1068 -42.73 35.25 -104.82
C ILE B 1068 -43.75 36.11 -104.08
N ASP B 1069 -43.78 37.42 -104.34
CA ASP B 1069 -44.80 38.26 -103.74
C ASP B 1069 -46.17 38.07 -104.37
N LYS B 1070 -46.23 37.50 -105.57
CA LYS B 1070 -47.48 37.32 -106.29
C LYS B 1070 -48.06 35.92 -106.14
N ILE B 1071 -47.43 35.06 -105.35
CA ILE B 1071 -47.92 33.71 -105.07
C ILE B 1071 -48.57 33.72 -103.70
N ARG B 1072 -49.77 33.13 -103.60
CA ARG B 1072 -50.55 33.22 -102.38
C ARG B 1072 -50.45 31.94 -101.57
N PHE B 1073 -50.02 32.07 -100.32
CA PHE B 1073 -49.87 30.93 -99.42
C PHE B 1073 -51.10 30.86 -98.52
N PHE B 1074 -51.69 29.68 -98.41
CA PHE B 1074 -52.76 29.40 -97.46
C PHE B 1074 -52.26 28.36 -96.48
N ARG B 1075 -52.75 28.43 -95.26
CA ARG B 1075 -52.11 27.71 -94.18
C ARG B 1075 -53.08 27.53 -93.04
N VAL B 1076 -52.94 26.46 -92.29
CA VAL B 1076 -53.68 26.33 -91.04
C VAL B 1076 -52.89 26.98 -89.93
N GLU B 1077 -53.60 27.52 -88.95
CA GLU B 1077 -52.98 28.31 -87.89
C GLU B 1077 -51.98 27.48 -87.07
N TRP B 1078 -50.95 28.16 -86.56
CA TRP B 1078 -49.87 27.44 -85.89
C TRP B 1078 -50.35 26.71 -84.64
N SER B 1079 -51.39 27.21 -83.99
CA SER B 1079 -51.83 26.56 -82.76
C SER B 1079 -52.45 25.20 -82.99
N TYR B 1080 -52.75 24.85 -84.24
CA TYR B 1080 -53.28 23.54 -84.59
C TYR B 1080 -52.19 22.55 -84.96
N ALA B 1081 -50.92 22.91 -84.77
CA ALA B 1081 -49.81 22.05 -85.16
C ALA B 1081 -49.88 20.73 -84.42
N VAL B 1082 -49.56 19.64 -85.13
CA VAL B 1082 -49.61 18.29 -84.60
C VAL B 1082 -48.20 17.78 -84.37
N ARG B 1083 -47.98 17.15 -83.22
CA ARG B 1083 -46.68 16.60 -82.88
C ARG B 1083 -46.70 15.09 -82.74
N SER B 1084 -47.79 14.43 -83.08
CA SER B 1084 -47.87 12.99 -82.97
C SER B 1084 -49.14 12.52 -83.67
N GLY B 1085 -49.22 11.21 -83.90
CA GLY B 1085 -50.39 10.65 -84.55
C GLY B 1085 -50.24 10.59 -86.05
N LYS B 1086 -51.29 10.08 -86.69
CA LYS B 1086 -51.33 9.91 -88.13
C LYS B 1086 -52.51 10.71 -88.67
N TRP B 1087 -52.23 11.67 -89.55
CA TRP B 1087 -53.23 12.64 -89.99
C TRP B 1087 -53.30 12.67 -91.51
N TYR B 1088 -54.47 13.05 -92.01
CA TYR B 1088 -54.79 12.99 -93.43
C TYR B 1088 -55.60 14.22 -93.81
N PHE B 1089 -55.29 14.81 -94.97
CA PHE B 1089 -56.13 15.87 -95.51
C PHE B 1089 -56.02 15.90 -97.02
N GLU B 1090 -57.04 16.43 -97.68
CA GLU B 1090 -57.07 16.42 -99.13
C GLU B 1090 -56.96 17.83 -99.70
N PHE B 1091 -56.54 17.90 -100.95
CA PHE B 1091 -56.39 19.16 -101.68
C PHE B 1091 -56.80 18.92 -103.11
N GLU B 1092 -57.95 19.48 -103.50
CA GLU B 1092 -58.45 19.31 -104.86
C GLU B 1092 -57.95 20.44 -105.73
N VAL B 1093 -57.42 20.09 -106.90
CA VAL B 1093 -56.81 21.05 -107.81
C VAL B 1093 -57.85 21.34 -108.88
N VAL B 1094 -58.63 22.40 -108.68
CA VAL B 1094 -59.64 22.77 -109.65
C VAL B 1094 -58.99 23.20 -110.97
N THR B 1095 -57.93 23.97 -110.89
CA THR B 1095 -57.19 24.45 -112.05
C THR B 1095 -55.80 23.83 -112.01
N GLY B 1096 -55.58 22.82 -112.84
CA GLY B 1096 -54.27 22.21 -112.92
C GLY B 1096 -53.21 23.21 -113.32
N GLY B 1097 -52.14 23.30 -112.55
CA GLY B 1097 -51.13 24.32 -112.80
C GLY B 1097 -50.15 24.42 -111.66
N ASP B 1098 -49.59 25.61 -111.50
CA ASP B 1098 -48.53 25.86 -110.53
C ASP B 1098 -49.12 25.97 -109.13
N MET B 1099 -49.13 24.85 -108.42
CA MET B 1099 -49.59 24.80 -107.04
C MET B 1099 -48.72 23.81 -106.27
N ARG B 1100 -48.64 24.03 -104.96
CA ARG B 1100 -47.90 23.12 -104.09
C ARG B 1100 -48.76 22.83 -102.87
N VAL B 1101 -48.59 21.63 -102.32
CA VAL B 1101 -49.39 21.25 -101.15
C VAL B 1101 -48.56 20.35 -100.25
N GLY B 1102 -48.70 20.53 -98.95
CA GLY B 1102 -47.94 19.71 -98.02
C GLY B 1102 -48.06 20.20 -96.60
N TRP B 1103 -46.97 20.03 -95.85
CA TRP B 1103 -46.93 20.33 -94.43
C TRP B 1103 -45.91 21.41 -94.15
N ALA B 1104 -46.17 22.23 -93.14
CA ALA B 1104 -45.34 23.38 -92.83
C ALA B 1104 -45.07 23.46 -91.33
N ARG B 1105 -43.83 23.76 -90.99
CA ARG B 1105 -43.41 23.99 -89.62
C ARG B 1105 -43.79 25.41 -89.19
N PRO B 1106 -44.11 25.61 -87.91
CA PRO B 1106 -44.22 26.97 -87.40
C PRO B 1106 -42.92 27.73 -87.59
N GLY B 1107 -42.93 28.75 -88.43
CA GLY B 1107 -41.72 29.44 -88.78
C GLY B 1107 -41.54 29.58 -90.27
N CYS B 1108 -42.41 28.93 -91.04
CA CYS B 1108 -42.40 29.09 -92.48
C CYS B 1108 -42.72 30.53 -92.85
N ARG B 1109 -41.98 31.08 -93.81
CA ARG B 1109 -42.16 32.47 -94.15
C ARG B 1109 -42.92 32.61 -95.47
N PRO B 1110 -43.67 33.69 -95.65
CA PRO B 1110 -44.44 33.86 -96.89
C PRO B 1110 -43.64 34.38 -98.06
N ASP B 1111 -42.41 34.85 -97.85
CA ASP B 1111 -41.60 35.43 -98.92
C ASP B 1111 -40.53 34.48 -99.42
N ILE B 1112 -40.65 33.19 -99.13
CA ILE B 1112 -39.75 32.17 -99.62
C ILE B 1112 -40.59 31.05 -100.22
N GLU B 1113 -40.16 30.55 -101.38
CA GLU B 1113 -40.94 29.53 -102.08
C GLU B 1113 -41.14 28.31 -101.19
N LEU B 1114 -42.35 27.78 -101.24
CA LEU B 1114 -42.74 26.68 -100.36
C LEU B 1114 -41.88 25.45 -100.62
N GLY B 1115 -41.01 25.11 -99.68
CA GLY B 1115 -40.15 23.96 -99.81
C GLY B 1115 -38.73 24.24 -100.21
N ALA B 1116 -38.36 25.50 -100.42
CA ALA B 1116 -37.00 25.85 -100.76
C ALA B 1116 -36.10 25.97 -99.53
N ASP B 1117 -36.63 25.71 -98.34
CA ASP B 1117 -35.85 25.70 -97.11
C ASP B 1117 -36.31 24.52 -96.27
N ASP B 1118 -35.93 24.52 -95.00
CA ASP B 1118 -36.22 23.38 -94.12
C ASP B 1118 -37.50 23.56 -93.33
N GLN B 1119 -38.37 24.50 -93.73
CA GLN B 1119 -39.57 24.81 -92.98
C GLN B 1119 -40.84 24.31 -93.64
N ALA B 1120 -40.74 23.53 -94.71
CA ALA B 1120 -41.93 23.05 -95.38
C ALA B 1120 -41.58 21.85 -96.24
N PHE B 1121 -42.47 20.85 -96.23
CA PHE B 1121 -42.34 19.62 -96.99
C PHE B 1121 -43.53 19.60 -97.94
N VAL B 1122 -43.30 19.87 -99.22
CA VAL B 1122 -44.40 20.04 -100.15
C VAL B 1122 -44.23 19.16 -101.37
N PHE B 1123 -45.32 18.98 -102.11
CA PHE B 1123 -45.34 18.30 -103.38
C PHE B 1123 -45.93 19.25 -104.41
N GLU B 1124 -45.25 19.38 -105.54
CA GLU B 1124 -45.72 20.17 -106.67
C GLU B 1124 -46.08 19.23 -107.81
N GLY B 1125 -47.32 19.29 -108.24
CA GLY B 1125 -47.80 18.35 -109.23
C GLY B 1125 -47.76 18.82 -110.66
N SER B 1126 -47.56 20.12 -110.90
CA SER B 1126 -47.42 20.59 -112.27
C SER B 1126 -46.19 19.98 -112.92
N ARG B 1127 -45.09 19.90 -112.18
CA ARG B 1127 -43.85 19.32 -112.68
C ARG B 1127 -43.50 18.00 -112.02
N GLY B 1128 -44.36 17.47 -111.14
CA GLY B 1128 -44.11 16.19 -110.52
C GLY B 1128 -42.89 16.15 -109.65
N GLN B 1129 -42.71 17.14 -108.78
CA GLN B 1129 -41.55 17.24 -107.91
C GLN B 1129 -41.97 17.27 -106.46
N ARG B 1130 -41.00 17.05 -105.59
CA ARG B 1130 -41.16 17.18 -104.16
C ARG B 1130 -40.11 18.15 -103.64
N TRP B 1131 -40.51 19.04 -102.74
CA TRP B 1131 -39.69 20.13 -102.27
C TRP B 1131 -39.46 20.01 -100.78
N HIS B 1132 -38.20 19.85 -100.39
CA HIS B 1132 -37.76 20.08 -99.02
C HIS B 1132 -36.27 20.39 -99.07
N GLN B 1133 -35.92 21.65 -98.84
CA GLN B 1133 -34.53 22.09 -98.95
C GLN B 1133 -34.00 21.86 -100.35
N GLY B 1134 -34.87 21.95 -101.35
CA GLY B 1134 -34.51 21.70 -102.71
C GLY B 1134 -35.65 21.03 -103.44
N SER B 1135 -35.34 20.47 -104.60
CA SER B 1135 -36.34 19.79 -105.42
C SER B 1135 -35.83 18.43 -105.84
N GLY B 1136 -36.72 17.45 -105.84
CA GLY B 1136 -36.41 16.13 -106.37
C GLY B 1136 -37.60 15.56 -107.08
N TYR B 1137 -37.41 15.02 -108.28
CA TYR B 1137 -38.54 14.50 -109.03
C TYR B 1137 -39.17 13.33 -108.29
N PHE B 1138 -40.51 13.31 -108.27
CA PHE B 1138 -41.25 12.37 -107.45
C PHE B 1138 -42.66 12.27 -107.99
N GLY B 1139 -43.18 11.04 -108.06
CA GLY B 1139 -44.55 10.86 -108.46
C GLY B 1139 -44.81 11.29 -109.89
N ARG B 1140 -46.05 11.67 -110.16
CA ARG B 1140 -46.47 12.06 -111.49
C ARG B 1140 -47.33 13.32 -111.41
N THR B 1141 -47.37 14.05 -112.51
CA THR B 1141 -48.07 15.32 -112.54
C THR B 1141 -49.59 15.09 -112.46
N TRP B 1142 -50.29 16.16 -112.08
CA TRP B 1142 -51.74 16.12 -111.92
C TRP B 1142 -52.41 16.80 -113.10
N GLN B 1143 -53.73 16.85 -113.05
CA GLN B 1143 -54.50 17.58 -114.04
C GLN B 1143 -55.76 18.10 -113.36
N PRO B 1144 -56.52 18.96 -114.03
CA PRO B 1144 -57.69 19.57 -113.39
C PRO B 1144 -58.67 18.52 -112.88
N GLY B 1145 -59.19 18.76 -111.68
CA GLY B 1145 -60.10 17.83 -111.04
C GLY B 1145 -59.44 16.73 -110.25
N ASP B 1146 -58.12 16.75 -110.09
CA ASP B 1146 -57.44 15.75 -109.30
C ASP B 1146 -57.53 16.10 -107.81
N VAL B 1147 -57.32 15.08 -106.98
CA VAL B 1147 -57.38 15.22 -105.53
C VAL B 1147 -56.12 14.62 -104.95
N VAL B 1148 -55.33 15.43 -104.26
CA VAL B 1148 -54.10 14.99 -103.62
C VAL B 1148 -54.41 14.74 -102.15
N GLY B 1149 -54.21 13.50 -101.71
CA GLY B 1149 -54.36 13.13 -100.33
C GLY B 1149 -53.00 13.11 -99.65
N CYS B 1150 -52.82 14.01 -98.70
CA CYS B 1150 -51.56 14.15 -97.97
C CYS B 1150 -51.70 13.52 -96.61
N MET B 1151 -50.81 12.60 -96.28
CA MET B 1151 -50.82 11.90 -95.00
C MET B 1151 -49.48 12.09 -94.32
N ILE B 1152 -49.53 12.37 -93.02
CA ILE B 1152 -48.34 12.46 -92.19
C ILE B 1152 -48.45 11.41 -91.11
N ASN B 1153 -47.35 10.70 -90.87
CA ASN B 1153 -47.23 9.70 -89.82
C ASN B 1153 -46.14 10.22 -88.90
N LEU B 1154 -46.53 10.97 -87.88
CA LEU B 1154 -45.58 11.49 -86.91
C LEU B 1154 -45.14 10.43 -85.92
N ASP B 1155 -45.77 9.27 -85.92
CA ASP B 1155 -45.32 8.17 -85.07
C ASP B 1155 -43.93 7.70 -85.49
N ASP B 1156 -43.69 7.56 -86.79
CA ASP B 1156 -42.40 7.10 -87.28
C ASP B 1156 -41.80 8.02 -88.34
N ALA B 1157 -42.20 9.30 -88.35
CA ALA B 1157 -41.55 10.32 -89.17
C ALA B 1157 -41.62 9.96 -90.66
N SER B 1158 -42.84 9.96 -91.18
CA SER B 1158 -43.06 9.63 -92.59
C SER B 1158 -44.09 10.58 -93.18
N MET B 1159 -43.97 10.85 -94.47
CA MET B 1159 -44.92 11.69 -95.20
C MET B 1159 -45.21 11.04 -96.54
N ILE B 1160 -46.49 10.82 -96.82
CA ILE B 1160 -46.98 10.09 -97.98
C ILE B 1160 -47.97 10.96 -98.74
N PHE B 1161 -47.98 10.80 -100.06
CA PHE B 1161 -48.91 11.51 -100.94
C PHE B 1161 -49.64 10.50 -101.80
N THR B 1162 -50.88 10.82 -102.16
CA THR B 1162 -51.64 10.02 -103.09
C THR B 1162 -52.33 10.93 -104.09
N LEU B 1163 -52.35 10.51 -105.35
CA LEU B 1163 -53.04 11.25 -106.40
C LEU B 1163 -54.21 10.41 -106.89
N ASN B 1164 -55.42 10.81 -106.53
CA ASN B 1164 -56.64 10.10 -106.91
C ASN B 1164 -56.69 8.71 -106.29
N GLY B 1165 -56.33 8.62 -105.01
CA GLY B 1165 -56.43 7.38 -104.29
C GLY B 1165 -55.29 6.41 -104.54
N GLU B 1166 -54.33 6.78 -105.38
CA GLU B 1166 -53.20 5.93 -105.71
C GLU B 1166 -51.93 6.57 -105.19
N LEU B 1167 -51.13 5.81 -104.46
CA LEU B 1167 -49.93 6.36 -103.85
C LEU B 1167 -48.96 6.86 -104.92
N LEU B 1168 -48.25 7.93 -104.61
CA LEU B 1168 -47.16 8.42 -105.44
C LEU B 1168 -45.85 7.88 -104.88
N ILE B 1169 -45.10 7.18 -105.72
CA ILE B 1169 -43.88 6.52 -105.29
C ILE B 1169 -42.68 7.23 -105.90
N THR B 1170 -41.54 7.16 -105.21
CA THR B 1170 -40.31 7.76 -105.70
C THR B 1170 -39.76 6.94 -106.87
N ASN B 1171 -38.61 7.38 -107.38
CA ASN B 1171 -37.95 6.64 -108.45
C ASN B 1171 -37.43 5.28 -108.00
N LYS B 1172 -37.28 5.08 -106.69
CA LYS B 1172 -36.81 3.81 -106.14
C LYS B 1172 -37.94 2.90 -105.70
N GLY B 1173 -39.18 3.26 -106.01
CA GLY B 1173 -40.32 2.42 -105.71
C GLY B 1173 -40.85 2.51 -104.30
N SER B 1174 -40.48 3.54 -103.54
CA SER B 1174 -40.93 3.70 -102.18
C SER B 1174 -42.11 4.68 -102.13
N GLU B 1175 -43.06 4.40 -101.25
CA GLU B 1175 -44.22 5.25 -101.07
C GLU B 1175 -43.95 6.47 -100.20
N LEU B 1176 -42.83 6.48 -99.48
CA LEU B 1176 -42.51 7.55 -98.54
C LEU B 1176 -41.96 8.74 -99.30
N ALA B 1177 -42.80 9.77 -99.49
CA ALA B 1177 -42.32 10.99 -100.10
C ALA B 1177 -41.25 11.65 -99.24
N PHE B 1178 -41.45 11.66 -97.92
CA PHE B 1178 -40.44 12.16 -97.01
C PHE B 1178 -40.34 11.22 -95.82
N ALA B 1179 -39.18 11.20 -95.17
CA ALA B 1179 -39.02 10.36 -94.00
C ALA B 1179 -37.86 10.85 -93.17
N ASP B 1180 -37.86 10.46 -91.90
CA ASP B 1180 -36.77 10.75 -90.97
C ASP B 1180 -36.53 12.26 -90.84
N TYR B 1181 -37.55 12.95 -90.34
CA TYR B 1181 -37.48 14.38 -90.07
C TYR B 1181 -37.67 14.63 -88.58
N GLU B 1182 -37.12 15.73 -88.09
CA GLU B 1182 -37.27 16.08 -86.69
C GLU B 1182 -38.62 16.76 -86.47
N ILE B 1183 -39.35 16.30 -85.46
CA ILE B 1183 -40.69 16.83 -85.23
C ILE B 1183 -40.63 18.29 -84.82
N GLU B 1184 -39.82 18.62 -83.82
CA GLU B 1184 -39.66 19.98 -83.32
C GLU B 1184 -41.05 20.48 -82.89
N ASN B 1185 -41.52 21.63 -83.40
CA ASN B 1185 -42.80 22.17 -82.96
C ASN B 1185 -43.97 21.34 -83.45
N GLY B 1186 -43.99 20.99 -84.73
CA GLY B 1186 -45.06 20.24 -85.33
C GLY B 1186 -45.29 20.70 -86.75
N PHE B 1187 -46.40 20.26 -87.34
CA PHE B 1187 -46.70 20.56 -88.72
C PHE B 1187 -48.16 20.97 -88.86
N VAL B 1188 -48.43 21.87 -89.80
CA VAL B 1188 -49.81 22.22 -90.16
C VAL B 1188 -49.95 22.16 -91.67
N PRO B 1189 -51.14 21.87 -92.19
CA PRO B 1189 -51.35 21.90 -93.64
C PRO B 1189 -51.03 23.27 -94.24
N ILE B 1190 -50.38 23.24 -95.40
CA ILE B 1190 -50.05 24.44 -96.14
C ILE B 1190 -50.22 24.15 -97.62
N CYS B 1191 -50.66 25.17 -98.35
CA CYS B 1191 -50.76 25.11 -99.80
C CYS B 1191 -50.31 26.45 -100.36
N SER B 1192 -49.86 26.41 -101.60
CA SER B 1192 -49.42 27.60 -102.31
C SER B 1192 -50.04 27.60 -103.69
N LEU B 1193 -50.70 28.70 -104.04
CA LEU B 1193 -51.40 28.85 -105.30
C LEU B 1193 -50.73 29.95 -106.11
N GLY B 1194 -50.50 29.67 -107.39
CA GLY B 1194 -49.88 30.62 -108.29
C GLY B 1194 -50.90 31.50 -108.96
N LEU B 1195 -50.51 32.04 -110.11
CA LEU B 1195 -51.39 32.97 -110.83
C LEU B 1195 -52.58 32.24 -111.42
N SER B 1196 -53.77 32.75 -111.15
CA SER B 1196 -55.01 32.23 -111.72
C SER B 1196 -55.28 30.80 -111.33
N GLN B 1197 -54.69 30.32 -110.24
CA GLN B 1197 -54.87 28.95 -109.79
C GLN B 1197 -55.97 28.90 -108.74
N ILE B 1198 -56.65 27.75 -108.68
CA ILE B 1198 -57.74 27.52 -107.75
C ILE B 1198 -57.51 26.19 -107.05
N GLY B 1199 -57.96 26.09 -105.81
CA GLY B 1199 -57.78 24.87 -105.05
C GLY B 1199 -58.82 24.78 -103.95
N ARG B 1200 -58.93 23.59 -103.39
CA ARG B 1200 -59.88 23.34 -102.30
C ARG B 1200 -59.21 22.44 -101.27
N MET B 1201 -58.84 23.01 -100.14
CA MET B 1201 -58.25 22.25 -99.05
C MET B 1201 -59.36 21.71 -98.16
N ASN B 1202 -59.45 20.39 -98.07
CA ASN B 1202 -60.45 19.71 -97.26
C ASN B 1202 -59.74 19.06 -96.09
N LEU B 1203 -59.94 19.61 -94.89
CA LEU B 1203 -59.23 19.16 -93.71
C LEU B 1203 -59.95 18.04 -92.97
N GLY B 1204 -61.12 17.62 -93.43
CA GLY B 1204 -61.80 16.51 -92.81
C GLY B 1204 -62.77 16.87 -91.71
N MET B 1205 -63.32 18.08 -91.74
CA MET B 1205 -64.36 18.43 -90.77
C MET B 1205 -65.57 17.52 -90.92
N ASP B 1206 -65.77 16.97 -92.11
CA ASP B 1206 -66.77 15.92 -92.34
C ASP B 1206 -66.11 14.89 -93.25
N ALA B 1207 -65.68 13.77 -92.66
CA ALA B 1207 -64.90 12.79 -93.41
C ALA B 1207 -65.70 12.17 -94.56
N SER B 1208 -67.03 12.26 -94.53
CA SER B 1208 -67.80 11.76 -95.65
C SER B 1208 -67.72 12.66 -96.86
N THR B 1209 -67.14 13.86 -96.72
CA THR B 1209 -66.87 14.71 -97.86
C THR B 1209 -65.55 14.38 -98.54
N PHE B 1210 -64.73 13.55 -97.90
CA PHE B 1210 -63.51 13.06 -98.55
C PHE B 1210 -63.88 12.21 -99.76
N LYS B 1211 -63.00 12.21 -100.76
CA LYS B 1211 -63.26 11.47 -101.98
C LYS B 1211 -62.47 10.17 -102.08
N PHE B 1212 -61.27 10.11 -101.50
CA PHE B 1212 -60.46 8.90 -101.55
C PHE B 1212 -59.92 8.53 -100.18
N TYR B 1213 -60.57 8.98 -99.11
CA TYR B 1213 -60.13 8.62 -97.78
C TYR B 1213 -60.26 7.12 -97.54
N THR B 1214 -61.37 6.53 -97.97
CA THR B 1214 -61.58 5.10 -97.75
C THR B 1214 -60.69 4.26 -98.64
N MET B 1215 -60.43 4.71 -99.86
CA MET B 1215 -59.59 3.94 -100.77
C MET B 1215 -58.17 3.80 -100.24
N CYS B 1216 -57.59 4.90 -99.74
CA CYS B 1216 -56.25 4.86 -99.18
C CYS B 1216 -56.18 5.93 -98.09
N GLY B 1217 -56.15 5.50 -96.84
CA GLY B 1217 -56.04 6.44 -95.73
C GLY B 1217 -56.85 6.06 -94.51
N LEU B 1218 -58.01 5.43 -94.70
CA LEU B 1218 -58.87 5.12 -93.57
C LEU B 1218 -58.37 3.91 -92.81
N GLN B 1219 -58.22 2.78 -93.50
CA GLN B 1219 -57.81 1.54 -92.85
C GLN B 1219 -56.33 1.51 -92.50
N GLU B 1220 -55.54 2.42 -93.04
CA GLU B 1220 -54.12 2.49 -92.73
C GLU B 1220 -53.84 3.25 -91.44
N GLY B 1221 -54.87 3.75 -90.78
CA GLY B 1221 -54.73 4.37 -89.48
C GLY B 1221 -54.70 5.87 -89.47
N PHE B 1222 -54.95 6.52 -90.61
CA PHE B 1222 -54.89 7.97 -90.69
C PHE B 1222 -56.24 8.58 -90.41
N GLU B 1223 -56.28 9.55 -89.52
CA GLU B 1223 -57.50 10.22 -89.18
C GLU B 1223 -57.56 11.59 -89.84
N PRO B 1224 -58.76 12.09 -90.14
CA PRO B 1224 -58.85 13.42 -90.75
C PRO B 1224 -58.22 14.45 -89.85
N PHE B 1225 -57.61 15.46 -90.45
CA PHE B 1225 -56.87 16.44 -89.66
C PHE B 1225 -57.78 17.14 -88.66
N ALA B 1226 -58.96 17.56 -89.11
CA ALA B 1226 -59.92 18.23 -88.24
C ALA B 1226 -60.97 17.26 -87.71
N VAL B 1227 -60.54 16.17 -87.10
CA VAL B 1227 -61.46 15.16 -86.59
C VAL B 1227 -61.77 15.47 -85.14
N ASN B 1228 -63.03 15.28 -84.75
CA ASN B 1228 -63.48 15.56 -83.39
C ASN B 1228 -63.25 17.03 -83.03
N MET B 1229 -63.52 17.92 -83.97
CA MET B 1229 -63.48 19.35 -83.75
C MET B 1229 -64.87 19.92 -83.95
N ASN B 1230 -65.25 20.89 -83.11
CA ASN B 1230 -66.61 21.40 -83.13
C ASN B 1230 -66.78 22.52 -84.14
N ARG B 1231 -65.82 23.43 -84.23
CA ARG B 1231 -65.90 24.58 -85.11
C ARG B 1231 -64.80 24.51 -86.16
N ASP B 1232 -64.96 25.32 -87.21
CA ASP B 1232 -64.03 25.30 -88.32
C ASP B 1232 -62.62 25.66 -87.86
N VAL B 1233 -61.65 25.35 -88.70
CA VAL B 1233 -60.24 25.54 -88.37
C VAL B 1233 -59.81 26.91 -88.86
N ALA B 1234 -59.22 27.69 -87.96
CA ALA B 1234 -58.70 29.00 -88.35
C ALA B 1234 -57.61 28.85 -89.40
N MET B 1235 -57.70 29.65 -90.45
CA MET B 1235 -56.75 29.58 -91.55
C MET B 1235 -56.17 30.96 -91.82
N TRP B 1236 -54.88 30.99 -92.08
CA TRP B 1236 -54.15 32.20 -92.41
C TRP B 1236 -53.70 32.15 -93.86
N PHE B 1237 -53.42 33.32 -94.41
CA PHE B 1237 -52.96 33.44 -95.78
C PHE B 1237 -51.87 34.48 -95.82
N SER B 1238 -51.20 34.59 -96.95
CA SER B 1238 -50.10 35.53 -97.10
C SER B 1238 -50.56 36.65 -98.01
N LYS B 1239 -50.43 37.89 -97.54
CA LYS B 1239 -50.82 39.06 -98.32
C LYS B 1239 -49.60 39.93 -98.57
N ARG B 1240 -49.62 40.60 -99.71
CA ARG B 1240 -48.51 41.45 -100.14
C ARG B 1240 -48.82 42.90 -99.78
N LEU B 1241 -48.65 43.20 -98.50
CA LEU B 1241 -48.80 44.57 -97.97
C LEU B 1241 -47.50 44.95 -97.32
N PRO B 1242 -46.63 45.70 -97.99
CA PRO B 1242 -45.34 46.04 -97.40
C PRO B 1242 -45.50 46.82 -96.10
N THR B 1243 -44.65 46.51 -95.13
CA THR B 1243 -44.77 47.07 -93.79
C THR B 1243 -43.38 47.23 -93.20
N PHE B 1244 -43.18 48.31 -92.46
CA PHE B 1244 -41.89 48.53 -91.82
C PHE B 1244 -41.80 47.70 -90.55
N VAL B 1245 -40.76 46.89 -90.43
CA VAL B 1245 -40.50 46.09 -89.24
C VAL B 1245 -39.07 46.36 -88.78
N ASN B 1246 -38.85 46.20 -87.48
CA ASN B 1246 -37.55 46.51 -86.90
C ASN B 1246 -36.46 45.64 -87.51
N VAL B 1247 -35.30 46.24 -87.75
CA VAL B 1247 -34.17 45.50 -88.28
C VAL B 1247 -33.69 44.53 -87.22
N PRO B 1248 -33.68 43.24 -87.47
CA PRO B 1248 -33.23 42.27 -86.46
C PRO B 1248 -31.71 42.26 -86.36
N LYS B 1249 -31.22 41.62 -85.31
CA LYS B 1249 -29.78 41.40 -85.19
C LYS B 1249 -29.26 40.41 -86.21
N ASP B 1250 -30.15 39.69 -86.91
CA ASP B 1250 -29.77 38.70 -87.91
C ASP B 1250 -30.17 39.12 -89.32
N HIS B 1251 -30.36 40.41 -89.55
CA HIS B 1251 -30.76 40.88 -90.87
C HIS B 1251 -29.64 40.59 -91.87
N PRO B 1252 -29.94 40.00 -93.02
CA PRO B 1252 -28.88 39.59 -93.95
C PRO B 1252 -28.30 40.72 -94.79
N HIS B 1253 -28.77 41.93 -94.67
CA HIS B 1253 -28.26 42.94 -95.59
C HIS B 1253 -27.75 44.21 -94.91
N ILE B 1254 -28.39 44.66 -93.83
CA ILE B 1254 -28.01 45.92 -93.20
C ILE B 1254 -27.90 45.73 -91.70
N GLU B 1255 -27.14 46.61 -91.07
CA GLU B 1255 -26.92 46.59 -89.63
C GLU B 1255 -26.99 48.00 -89.08
N VAL B 1256 -27.48 48.11 -87.85
CA VAL B 1256 -27.69 49.38 -87.18
C VAL B 1256 -26.89 49.39 -85.89
N VAL B 1257 -26.14 50.46 -85.68
CA VAL B 1257 -25.31 50.62 -84.48
C VAL B 1257 -25.71 51.91 -83.78
N ARG B 1258 -25.99 51.83 -82.48
CA ARG B 1258 -26.29 53.01 -81.71
C ARG B 1258 -24.99 53.69 -81.26
N ILE B 1259 -24.99 55.02 -81.28
CA ILE B 1259 -23.84 55.81 -80.88
C ILE B 1259 -24.33 56.81 -79.83
N ASP B 1260 -23.82 56.70 -78.61
CA ASP B 1260 -24.28 57.55 -77.53
C ASP B 1260 -23.88 58.99 -77.78
N GLY B 1261 -24.66 59.90 -77.20
CA GLY B 1261 -24.42 61.32 -77.39
C GLY B 1261 -23.40 61.88 -76.43
N THR B 1262 -22.32 62.45 -76.96
CA THR B 1262 -21.28 63.06 -76.16
C THR B 1262 -21.60 64.54 -75.97
N MET B 1263 -20.61 65.31 -75.49
CA MET B 1263 -20.82 66.73 -75.28
C MET B 1263 -21.11 67.45 -76.60
N ASP B 1264 -20.38 67.09 -77.66
CA ASP B 1264 -20.55 67.71 -78.97
C ASP B 1264 -21.38 66.85 -79.92
N SER B 1265 -21.02 65.59 -80.08
CA SER B 1265 -21.74 64.72 -81.01
C SER B 1265 -23.08 64.32 -80.41
N PRO B 1266 -24.19 64.53 -81.11
CA PRO B 1266 -25.48 64.10 -80.62
C PRO B 1266 -25.64 62.59 -80.78
N PRO B 1267 -26.62 61.99 -80.12
CA PRO B 1267 -26.84 60.55 -80.28
C PRO B 1267 -27.18 60.22 -81.73
N CYS B 1268 -26.69 59.07 -82.20
CA CYS B 1268 -26.80 58.73 -83.61
C CYS B 1268 -27.16 57.27 -83.78
N LEU B 1269 -27.73 56.97 -84.94
CA LEU B 1269 -28.02 55.60 -85.36
C LEU B 1269 -27.35 55.39 -86.73
N LYS B 1270 -26.29 54.61 -86.75
CA LYS B 1270 -25.48 54.42 -87.95
C LYS B 1270 -25.91 53.15 -88.66
N VAL B 1271 -26.31 53.29 -89.93
CA VAL B 1271 -26.76 52.17 -90.75
C VAL B 1271 -25.67 51.86 -91.76
N THR B 1272 -25.25 50.60 -91.81
CA THR B 1272 -24.18 50.13 -92.68
C THR B 1272 -24.62 48.85 -93.39
N HIS B 1273 -24.01 48.59 -94.53
CA HIS B 1273 -24.37 47.43 -95.35
C HIS B 1273 -23.48 46.25 -94.99
N LYS B 1274 -24.11 45.13 -94.63
CA LYS B 1274 -23.35 43.97 -94.16
C LYS B 1274 -22.58 43.30 -95.29
N THR B 1275 -23.23 43.09 -96.42
CA THR B 1275 -22.73 42.17 -97.44
C THR B 1275 -22.61 42.86 -98.79
N PHE B 1276 -22.00 44.04 -98.81
CA PHE B 1276 -21.75 44.76 -100.05
C PHE B 1276 -20.27 44.69 -100.39
N GLY B 1277 -19.97 44.52 -101.68
CA GLY B 1277 -18.62 44.31 -102.14
C GLY B 1277 -18.19 42.87 -102.22
N THR B 1278 -19.02 41.93 -101.78
CA THR B 1278 -18.70 40.52 -101.81
C THR B 1278 -19.45 39.84 -102.96
N GLN B 1279 -19.30 38.52 -103.05
CA GLN B 1279 -20.01 37.76 -104.07
C GLN B 1279 -21.50 37.65 -103.78
N ASN B 1280 -21.93 38.01 -102.56
CA ASN B 1280 -23.34 37.98 -102.18
C ASN B 1280 -23.96 39.38 -102.17
N SER B 1281 -23.36 40.33 -102.88
CA SER B 1281 -23.86 41.70 -102.86
C SER B 1281 -25.24 41.78 -103.50
N ASN B 1282 -26.10 42.62 -102.90
CA ASN B 1282 -27.46 42.84 -103.41
C ASN B 1282 -27.65 44.34 -103.60
N ALA B 1283 -27.54 44.80 -104.84
CA ALA B 1283 -27.72 46.21 -105.16
C ALA B 1283 -29.21 46.51 -105.40
N SER B 1284 -29.95 46.47 -104.29
CA SER B 1284 -31.39 46.71 -104.31
C SER B 1284 -31.72 47.80 -103.30
N MET B 1285 -32.83 48.48 -103.56
CA MET B 1285 -33.21 49.62 -102.72
C MET B 1285 -33.48 49.18 -101.30
N ILE B 1286 -33.20 50.07 -100.36
CA ILE B 1286 -33.45 49.87 -98.94
C ILE B 1286 -34.36 51.00 -98.46
N TYR B 1287 -35.45 50.63 -97.80
CA TYR B 1287 -36.45 51.57 -97.31
C TYR B 1287 -36.41 51.55 -95.79
N CYS B 1288 -35.79 52.58 -95.20
CA CYS B 1288 -35.59 52.67 -93.76
C CYS B 1288 -36.45 53.78 -93.18
N ARG B 1289 -37.03 53.52 -92.01
CA ARG B 1289 -37.87 54.47 -91.31
C ARG B 1289 -37.49 54.44 -89.84
N LEU B 1290 -37.84 55.48 -89.11
CA LEU B 1290 -37.66 55.49 -87.67
C LEU B 1290 -38.92 54.96 -86.99
N SER B 1291 -38.71 54.30 -85.85
CA SER B 1291 -39.78 53.54 -85.23
C SER B 1291 -40.94 54.42 -84.79
N MET B 1292 -40.67 55.61 -84.26
CA MET B 1292 -41.71 56.43 -83.66
C MET B 1292 -41.99 57.66 -84.49
N PRO B 1293 -43.24 58.12 -84.52
CA PRO B 1293 -43.59 59.26 -85.36
C PRO B 1293 -43.43 60.60 -84.67
N VAL B 1294 -43.82 61.66 -85.36
CA VAL B 1294 -43.82 63.03 -84.84
C VAL B 1294 -45.14 63.64 -85.29
N GLU B 1295 -46.12 63.69 -84.39
CA GLU B 1295 -47.47 64.09 -84.75
C GLU B 1295 -47.65 65.60 -84.66
N CYS B 1296 -48.28 66.18 -85.68
CA CYS B 1296 -48.58 67.59 -85.71
C CYS B 1296 -49.77 67.91 -84.81
N HIS B 1297 -49.91 69.19 -84.48
CA HIS B 1297 -50.99 69.62 -83.61
C HIS B 1297 -52.35 69.48 -84.30
N SER B 1298 -53.39 69.30 -83.50
CA SER B 1298 -54.73 69.11 -84.05
C SER B 1298 -55.29 70.38 -84.66
N SER B 1299 -54.80 71.54 -84.27
CA SER B 1299 -55.23 72.81 -84.83
C SER B 1299 -54.02 73.68 -85.11
N PHE B 1300 -54.11 74.49 -86.17
CA PHE B 1300 -53.02 75.35 -86.58
C PHE B 1300 -53.38 76.81 -86.32
N SER B 1301 -52.35 77.61 -86.04
CA SER B 1301 -52.54 79.04 -85.79
C SER B 1301 -52.91 79.77 -87.08
N THR B 1324 -41.57 75.71 -75.37
CA THR B 1324 -41.87 76.96 -76.04
C THR B 1324 -41.89 76.76 -77.55
N THR B 1325 -40.76 76.33 -78.10
CA THR B 1325 -40.66 76.13 -79.54
C THR B 1325 -41.53 74.95 -79.97
N THR B 1326 -42.14 75.08 -81.15
CA THR B 1326 -42.97 74.03 -81.72
C THR B 1326 -42.32 73.32 -82.89
N GLN B 1327 -41.03 73.55 -83.13
CA GLN B 1327 -40.33 72.98 -84.27
C GLN B 1327 -39.47 71.80 -83.82
N CYS B 1328 -39.50 70.74 -84.62
CA CYS B 1328 -38.68 69.57 -84.43
C CYS B 1328 -37.66 69.48 -85.55
N TYR B 1329 -36.56 68.77 -85.29
CA TYR B 1329 -35.46 68.70 -86.23
C TYR B 1329 -34.77 67.35 -86.12
N TYR B 1330 -34.28 66.85 -87.25
CA TYR B 1330 -33.36 65.73 -87.25
C TYR B 1330 -32.46 65.86 -88.46
N ALA B 1331 -31.38 65.09 -88.50
CA ALA B 1331 -30.46 65.19 -89.61
C ALA B 1331 -30.03 63.81 -90.06
N ILE B 1332 -29.51 63.75 -91.28
CA ILE B 1332 -28.94 62.53 -91.83
C ILE B 1332 -27.56 62.88 -92.37
N ARG B 1333 -26.59 62.02 -92.07
CA ARG B 1333 -25.23 62.19 -92.57
C ARG B 1333 -24.90 61.01 -93.47
N ILE B 1334 -24.62 61.30 -94.73
CA ILE B 1334 -24.29 60.30 -95.73
C ILE B 1334 -22.78 60.26 -95.86
N PHE B 1335 -22.21 59.09 -95.57
CA PHE B 1335 -20.76 58.95 -95.52
C PHE B 1335 -20.17 58.98 -96.92
N ALA B 1336 -18.88 59.30 -96.98
CA ALA B 1336 -18.16 59.24 -98.24
C ALA B 1336 -18.17 57.81 -98.77
N GLY B 1337 -18.40 57.67 -100.07
CA GLY B 1337 -18.59 56.36 -100.67
C GLY B 1337 -20.03 56.02 -100.96
N GLN B 1338 -20.98 56.83 -100.49
CA GLN B 1338 -22.40 56.67 -100.79
C GLN B 1338 -22.82 57.80 -101.71
N ASP B 1339 -23.23 57.44 -102.92
CA ASP B 1339 -23.59 58.44 -103.91
C ASP B 1339 -24.84 59.20 -103.46
N PRO B 1340 -24.77 60.53 -103.33
CA PRO B 1340 -25.98 61.28 -102.94
C PRO B 1340 -27.10 61.23 -103.96
N SER B 1341 -26.82 60.82 -105.20
CA SER B 1341 -27.88 60.72 -106.20
C SER B 1341 -28.79 59.53 -105.98
N CYS B 1342 -28.38 58.56 -105.16
CA CYS B 1342 -29.19 57.38 -104.87
C CYS B 1342 -29.74 57.41 -103.44
N VAL B 1343 -29.98 58.60 -102.90
CA VAL B 1343 -30.45 58.76 -101.52
C VAL B 1343 -31.57 59.78 -101.51
N TRP B 1344 -32.73 59.37 -100.98
CA TRP B 1344 -33.86 60.25 -100.74
C TRP B 1344 -34.09 60.32 -99.24
N VAL B 1345 -34.24 61.54 -98.72
CA VAL B 1345 -34.34 61.76 -97.27
C VAL B 1345 -35.56 62.61 -96.98
N GLY B 1346 -36.34 62.22 -95.96
CA GLY B 1346 -37.49 63.02 -95.60
C GLY B 1346 -38.40 62.38 -94.59
N TRP B 1347 -39.71 62.44 -94.82
CA TRP B 1347 -40.72 61.90 -93.92
C TRP B 1347 -41.72 61.06 -94.70
N VAL B 1348 -42.32 60.09 -94.03
CA VAL B 1348 -43.37 59.26 -94.60
C VAL B 1348 -44.52 59.16 -93.60
N THR B 1349 -45.75 59.16 -94.12
CA THR B 1349 -46.92 58.98 -93.27
C THR B 1349 -47.10 57.51 -92.94
N PRO B 1350 -47.96 57.19 -91.98
CA PRO B 1350 -48.16 55.78 -91.62
C PRO B 1350 -48.74 54.93 -92.74
N ASP B 1351 -49.36 55.54 -93.75
CA ASP B 1351 -50.03 54.81 -94.81
C ASP B 1351 -49.16 54.64 -96.05
N TYR B 1352 -47.84 54.62 -95.89
CA TYR B 1352 -46.93 54.37 -96.99
C TYR B 1352 -46.67 52.87 -97.08
N HIS B 1353 -47.18 52.24 -98.13
CA HIS B 1353 -47.06 50.80 -98.34
C HIS B 1353 -46.58 50.49 -99.73
N LEU B 1354 -45.52 51.16 -100.16
CA LEU B 1354 -44.96 50.98 -101.49
C LEU B 1354 -43.61 50.30 -101.41
N TYR B 1355 -43.38 49.34 -102.31
CA TYR B 1355 -42.11 48.65 -102.40
C TYR B 1355 -41.81 48.36 -103.86
N SER B 1356 -40.63 48.74 -104.31
CA SER B 1356 -40.25 48.57 -105.70
C SER B 1356 -38.74 48.54 -105.82
N GLU B 1357 -38.26 47.98 -106.92
CA GLU B 1357 -36.81 47.88 -107.13
C GLU B 1357 -36.20 49.24 -107.41
N LYS B 1358 -36.90 50.09 -108.15
CA LYS B 1358 -36.41 51.41 -108.52
C LYS B 1358 -37.38 52.46 -107.99
N PHE B 1359 -36.84 53.46 -107.30
CA PHE B 1359 -37.64 54.51 -106.69
C PHE B 1359 -37.49 55.81 -107.47
N ASP B 1360 -38.55 56.61 -107.45
CA ASP B 1360 -38.56 57.90 -108.15
C ASP B 1360 -39.60 58.79 -107.50
N LEU B 1361 -39.19 59.98 -107.10
CA LEU B 1361 -40.13 60.91 -106.44
C LEU B 1361 -41.24 61.35 -107.37
N ASN B 1362 -41.00 61.37 -108.68
CA ASN B 1362 -42.04 61.76 -109.62
C ASN B 1362 -43.20 60.78 -109.60
N LYS B 1363 -42.90 59.48 -109.50
CA LYS B 1363 -43.94 58.45 -109.45
C LYS B 1363 -44.34 58.25 -107.99
N ASN B 1364 -45.20 59.15 -107.50
CA ASN B 1364 -45.66 59.16 -106.12
C ASN B 1364 -47.17 59.29 -106.09
N CYS B 1365 -47.78 58.70 -105.06
CA CYS B 1365 -49.21 58.82 -104.88
C CYS B 1365 -49.55 60.20 -104.35
N THR B 1366 -50.44 60.89 -105.05
CA THR B 1366 -50.78 62.27 -104.72
C THR B 1366 -52.20 62.55 -105.19
N VAL B 1367 -52.81 63.58 -104.63
CA VAL B 1367 -54.12 64.03 -105.05
C VAL B 1367 -54.34 65.43 -104.52
N THR B 1368 -55.17 66.21 -105.22
CA THR B 1368 -55.52 67.56 -104.80
C THR B 1368 -57.03 67.64 -104.71
N VAL B 1369 -57.54 68.05 -103.56
CA VAL B 1369 -58.97 68.18 -103.32
C VAL B 1369 -59.32 69.66 -103.45
N THR B 1370 -60.04 70.02 -104.51
CA THR B 1370 -60.43 71.40 -104.73
C THR B 1370 -61.84 71.61 -104.23
N LEU B 1371 -62.06 72.68 -103.48
CA LEU B 1371 -63.36 73.04 -102.97
C LEU B 1371 -63.77 74.40 -103.53
N GLY B 1372 -64.91 74.45 -104.20
CA GLY B 1372 -65.40 75.65 -104.83
C GLY B 1372 -66.58 76.25 -104.10
N ASP B 1373 -66.98 77.42 -104.56
CA ASP B 1373 -68.11 78.14 -103.98
C ASP B 1373 -69.39 77.70 -104.70
N GLU B 1374 -70.50 78.40 -104.41
CA GLU B 1374 -71.76 78.09 -105.08
C GLU B 1374 -71.65 78.27 -106.59
N ARG B 1375 -70.82 79.21 -107.04
CA ARG B 1375 -70.62 79.47 -108.45
C ARG B 1375 -69.43 78.70 -109.02
N GLY B 1376 -68.77 77.86 -108.23
CA GLY B 1376 -67.66 77.07 -108.69
C GLY B 1376 -66.29 77.70 -108.50
N ARG B 1377 -66.21 78.89 -107.90
CA ARG B 1377 -64.92 79.52 -107.66
C ARG B 1377 -64.17 78.76 -106.57
N VAL B 1378 -62.90 78.45 -106.83
CA VAL B 1378 -62.09 77.66 -105.92
C VAL B 1378 -61.69 78.55 -104.74
N HIS B 1379 -62.09 78.14 -103.54
CA HIS B 1379 -61.70 78.85 -102.32
C HIS B 1379 -60.81 78.02 -101.41
N GLU B 1380 -60.29 76.90 -101.91
CA GLU B 1380 -59.38 76.06 -101.14
C GLU B 1380 -58.87 74.96 -102.06
N SER B 1381 -57.68 74.45 -101.75
CA SER B 1381 -57.09 73.36 -102.52
C SER B 1381 -56.07 72.66 -101.65
N VAL B 1382 -56.36 71.41 -101.29
CA VAL B 1382 -55.55 70.63 -100.37
C VAL B 1382 -54.84 69.54 -101.17
N LYS B 1383 -53.54 69.39 -100.96
CA LYS B 1383 -52.74 68.39 -101.63
C LYS B 1383 -52.29 67.34 -100.63
N ARG B 1384 -52.60 66.08 -100.91
CA ARG B 1384 -52.24 64.98 -100.03
C ARG B 1384 -51.11 64.16 -100.63
N SER B 1385 -50.47 63.37 -99.78
CA SER B 1385 -49.42 62.45 -100.20
C SER B 1385 -49.01 61.66 -98.96
N ASN B 1386 -48.14 60.68 -99.16
CA ASN B 1386 -47.66 59.87 -98.06
C ASN B 1386 -46.14 59.80 -98.02
N CYS B 1387 -45.45 60.70 -98.73
CA CYS B 1387 -44.00 60.65 -98.81
C CYS B 1387 -43.51 62.06 -99.15
N TYR B 1388 -43.02 62.77 -98.13
CA TYR B 1388 -42.48 64.12 -98.29
C TYR B 1388 -40.97 64.01 -98.16
N MET B 1389 -40.28 63.82 -99.28
CA MET B 1389 -38.85 63.59 -99.27
C MET B 1389 -38.17 64.48 -100.29
N VAL B 1390 -36.85 64.59 -100.17
CA VAL B 1390 -36.02 65.32 -101.12
C VAL B 1390 -34.94 64.38 -101.62
N TRP B 1391 -34.52 64.62 -102.86
CA TRP B 1391 -33.52 63.78 -103.51
C TRP B 1391 -32.13 64.37 -103.30
N GLY B 1392 -31.17 63.50 -103.00
CA GLY B 1392 -29.80 63.95 -102.87
C GLY B 1392 -29.22 64.44 -104.18
N GLY B 1393 -29.73 63.93 -105.30
CA GLY B 1393 -29.24 64.38 -106.60
C GLY B 1393 -29.48 65.85 -106.84
N ASP B 1394 -30.68 66.32 -106.50
CA ASP B 1394 -30.97 67.75 -106.67
C ASP B 1394 -30.10 68.60 -105.75
N ILE B 1395 -29.85 68.12 -104.54
CA ILE B 1395 -29.00 68.85 -103.60
C ILE B 1395 -27.59 68.96 -104.14
N VAL B 1396 -27.03 67.85 -104.65
CA VAL B 1396 -25.67 67.89 -105.18
C VAL B 1396 -25.62 68.75 -106.44
N ALA B 1397 -26.69 68.72 -107.24
CA ALA B 1397 -26.74 69.58 -108.42
C ALA B 1397 -26.72 71.06 -108.02
N THR B 1398 -27.47 71.42 -106.99
CA THR B 1398 -27.47 72.78 -106.48
C THR B 1398 -26.27 73.08 -105.58
N SER B 1399 -25.47 72.06 -105.26
CA SER B 1399 -24.31 72.26 -104.40
C SER B 1399 -23.02 72.17 -105.21
N ASN B 1406 -15.53 61.42 -102.01
CA ASN B 1406 -15.67 62.86 -101.76
C ASN B 1406 -15.70 63.16 -100.26
N VAL B 1407 -16.75 63.88 -99.84
CA VAL B 1407 -16.91 64.28 -98.45
C VAL B 1407 -18.33 63.94 -98.01
N ASP B 1408 -18.50 63.75 -96.70
CA ASP B 1408 -19.81 63.41 -96.16
C ASP B 1408 -20.79 64.55 -96.40
N LEU B 1409 -22.06 64.18 -96.64
CA LEU B 1409 -23.10 65.16 -96.93
C LEU B 1409 -24.16 65.12 -95.82
N GLU B 1410 -24.52 66.28 -95.29
CA GLU B 1410 -25.47 66.37 -94.21
C GLU B 1410 -26.75 67.05 -94.69
N ILE B 1411 -27.88 66.38 -94.51
CA ILE B 1411 -29.19 66.91 -94.88
C ILE B 1411 -30.04 66.99 -93.62
N GLY B 1412 -30.55 68.18 -93.31
CA GLY B 1412 -31.35 68.40 -92.12
C GLY B 1412 -32.80 68.62 -92.48
N CYS B 1413 -33.67 67.96 -91.74
CA CYS B 1413 -35.12 68.03 -91.96
C CYS B 1413 -35.76 68.67 -90.73
N LEU B 1414 -36.55 69.71 -90.96
CA LEU B 1414 -37.17 70.48 -89.89
C LEU B 1414 -38.67 70.55 -90.12
N VAL B 1415 -39.44 70.46 -89.03
CA VAL B 1415 -40.89 70.41 -89.10
C VAL B 1415 -41.48 71.38 -88.09
N ASP B 1416 -42.29 72.31 -88.57
CA ASP B 1416 -43.06 73.19 -87.71
C ASP B 1416 -44.39 72.51 -87.42
N LEU B 1417 -44.55 72.01 -86.19
CA LEU B 1417 -45.74 71.26 -85.83
C LEU B 1417 -46.95 72.18 -85.66
N ALA B 1418 -46.74 73.37 -85.12
CA ALA B 1418 -47.85 74.29 -84.93
C ALA B 1418 -48.43 74.75 -86.26
N MET B 1419 -47.62 74.81 -87.31
CA MET B 1419 -48.08 75.15 -88.64
C MET B 1419 -48.02 73.98 -89.61
N GLY B 1420 -47.41 72.87 -89.22
CA GLY B 1420 -47.33 71.70 -90.07
C GLY B 1420 -46.57 71.96 -91.36
N MET B 1421 -45.41 72.60 -91.26
CA MET B 1421 -44.62 72.98 -92.42
C MET B 1421 -43.30 72.23 -92.40
N LEU B 1422 -43.01 71.48 -93.46
CA LEU B 1422 -41.79 70.69 -93.56
C LEU B 1422 -40.80 71.40 -94.46
N SER B 1423 -39.57 71.54 -94.01
CA SER B 1423 -38.52 72.19 -94.77
C SER B 1423 -37.22 71.40 -94.64
N PHE B 1424 -36.32 71.62 -95.59
CA PHE B 1424 -35.08 70.88 -95.68
C PHE B 1424 -33.93 71.84 -95.90
N SER B 1425 -32.73 71.40 -95.50
CA SER B 1425 -31.54 72.23 -95.65
C SER B 1425 -30.31 71.34 -95.74
N ALA B 1426 -29.55 71.46 -96.83
CA ALA B 1426 -28.34 70.68 -97.03
C ALA B 1426 -27.12 71.57 -96.74
N ASN B 1427 -26.33 71.17 -95.75
CA ASN B 1427 -25.14 71.91 -95.36
C ASN B 1427 -25.47 73.35 -94.98
N GLY B 1428 -26.50 73.51 -94.16
CA GLY B 1428 -26.90 74.81 -93.64
C GLY B 1428 -27.79 75.63 -94.54
N ARG B 1429 -27.51 75.66 -95.83
CA ARG B 1429 -28.32 76.42 -96.75
C ARG B 1429 -29.71 75.82 -96.87
N GLU B 1430 -30.72 76.67 -96.88
CA GLU B 1430 -32.11 76.22 -96.92
C GLU B 1430 -32.53 75.93 -98.36
N LEU B 1431 -33.02 74.72 -98.60
CA LEU B 1431 -33.48 74.34 -99.92
C LEU B 1431 -34.88 74.91 -100.18
N GLY B 1432 -35.24 74.95 -101.46
CA GLY B 1432 -36.54 75.46 -101.86
C GLY B 1432 -37.66 74.45 -101.82
N THR B 1433 -37.39 73.23 -101.40
CA THR B 1433 -38.40 72.17 -101.35
C THR B 1433 -39.08 72.20 -99.99
N CYS B 1434 -40.31 72.72 -99.96
CA CYS B 1434 -41.08 72.80 -98.73
C CYS B 1434 -42.44 72.15 -98.94
N TYR B 1435 -42.96 71.54 -97.88
CA TYR B 1435 -44.23 70.84 -97.94
C TYR B 1435 -45.15 71.34 -96.83
N GLN B 1436 -46.45 71.20 -97.06
CA GLN B 1436 -47.47 71.59 -96.11
C GLN B 1436 -48.37 70.38 -95.84
N VAL B 1437 -48.62 70.09 -94.57
CA VAL B 1437 -49.40 68.93 -94.18
C VAL B 1437 -50.52 69.38 -93.24
N GLU B 1438 -51.57 68.57 -93.18
CA GLU B 1438 -52.75 68.89 -92.39
C GLU B 1438 -52.52 68.57 -90.92
N PRO B 1439 -53.39 69.08 -90.05
CA PRO B 1439 -53.27 68.78 -88.62
C PRO B 1439 -53.51 67.30 -88.34
N ASN B 1440 -52.94 66.84 -87.23
CA ASN B 1440 -53.06 65.45 -86.79
C ASN B 1440 -52.30 64.51 -87.73
N THR B 1441 -51.27 65.01 -88.40
CA THR B 1441 -50.50 64.23 -89.36
C THR B 1441 -49.29 63.63 -88.66
N LYS B 1442 -49.14 62.31 -88.75
CA LYS B 1442 -47.99 61.61 -88.21
C LYS B 1442 -46.97 61.41 -89.33
N VAL B 1443 -45.74 61.82 -89.10
CA VAL B 1443 -44.67 61.70 -90.07
C VAL B 1443 -43.49 61.03 -89.40
N PHE B 1444 -43.02 59.94 -89.98
CA PHE B 1444 -41.87 59.19 -89.54
C PHE B 1444 -40.65 59.62 -90.34
N PRO B 1445 -39.50 59.85 -89.72
CA PRO B 1445 -38.28 60.06 -90.49
C PRO B 1445 -37.99 58.86 -91.38
N ALA B 1446 -37.56 59.12 -92.61
CA ALA B 1446 -37.38 58.04 -93.57
C ALA B 1446 -36.22 58.35 -94.49
N VAL B 1447 -35.48 57.30 -94.83
CA VAL B 1447 -34.39 57.36 -95.81
C VAL B 1447 -34.55 56.17 -96.75
N PHE B 1448 -34.63 56.46 -98.05
CA PHE B 1448 -34.72 55.43 -99.07
C PHE B 1448 -33.47 55.53 -99.93
N LEU B 1449 -32.67 54.46 -99.97
CA LEU B 1449 -31.39 54.58 -100.64
C LEU B 1449 -31.00 53.28 -101.31
N GLN B 1450 -30.23 53.40 -102.40
CA GLN B 1450 -29.61 52.25 -103.04
C GLN B 1450 -28.16 52.20 -102.64
N PRO B 1451 -27.72 51.16 -101.93
CA PRO B 1451 -26.37 51.19 -101.35
C PRO B 1451 -25.29 51.10 -102.42
N THR B 1452 -24.27 51.93 -102.26
CA THR B 1452 -23.07 51.87 -103.08
C THR B 1452 -21.80 51.68 -102.25
N SER B 1453 -21.92 51.50 -100.94
CA SER B 1453 -20.76 51.32 -100.07
C SER B 1453 -21.21 50.64 -98.79
N THR B 1454 -20.24 50.10 -98.05
CA THR B 1454 -20.56 49.38 -96.82
C THR B 1454 -21.09 50.32 -95.75
N ALA B 1455 -20.51 51.51 -95.61
CA ALA B 1455 -21.00 52.50 -94.67
C ALA B 1455 -22.04 53.35 -95.37
N LEU B 1456 -23.30 53.21 -94.96
CA LEU B 1456 -24.41 53.79 -95.70
C LEU B 1456 -24.75 55.20 -95.24
N PHE B 1457 -25.16 55.36 -93.99
CA PHE B 1457 -25.56 56.70 -93.53
C PHE B 1457 -25.75 56.64 -92.02
N GLN B 1458 -26.19 57.76 -91.44
CA GLN B 1458 -26.50 57.76 -90.02
C GLN B 1458 -27.53 58.83 -89.70
N PHE B 1459 -28.56 58.44 -88.95
CA PHE B 1459 -29.48 59.38 -88.34
C PHE B 1459 -28.77 60.12 -87.21
N GLU B 1460 -28.91 61.44 -87.18
CA GLU B 1460 -28.40 62.29 -86.11
C GLU B 1460 -29.59 62.97 -85.46
N LEU B 1461 -29.92 62.53 -84.23
CA LEU B 1461 -31.03 63.07 -83.48
C LEU B 1461 -30.60 64.27 -82.65
N GLY B 1462 -29.97 65.23 -83.30
CA GLY B 1462 -29.42 66.39 -82.63
C GLY B 1462 -30.46 67.47 -82.40
N LYS B 1463 -29.95 68.66 -82.09
CA LYS B 1463 -30.80 69.80 -81.78
C LYS B 1463 -30.16 71.05 -82.38
N LEU B 1464 -30.98 72.07 -82.58
CA LEU B 1464 -30.49 73.39 -82.95
C LEU B 1464 -31.40 74.43 -82.30
N LYS B 1465 -30.93 75.68 -82.31
CA LYS B 1465 -31.67 76.76 -81.65
C LYS B 1465 -33.06 76.91 -82.27
N ASN B 1466 -34.07 77.05 -81.41
CA ASN B 1466 -35.47 77.18 -81.79
C ASN B 1466 -36.06 75.89 -82.33
N ALA B 1467 -35.36 74.76 -82.20
CA ALA B 1467 -35.85 73.49 -82.70
C ALA B 1467 -35.61 72.41 -81.65
N MET B 1468 -36.65 71.63 -81.37
CA MET B 1468 -36.54 70.54 -80.42
C MET B 1468 -35.77 69.38 -81.04
N PRO B 1469 -35.18 68.51 -80.21
CA PRO B 1469 -34.69 67.23 -80.72
C PRO B 1469 -35.84 66.30 -81.02
N LEU B 1470 -35.52 65.21 -81.72
CA LEU B 1470 -36.55 64.25 -82.10
C LEU B 1470 -37.15 63.58 -80.87
N SER B 1471 -36.31 63.24 -79.89
CA SER B 1471 -36.81 62.60 -78.68
C SER B 1471 -37.76 63.52 -77.93
N ALA B 1472 -37.46 64.81 -77.88
CA ALA B 1472 -38.33 65.76 -77.20
C ALA B 1472 -39.69 65.83 -77.86
N ALA B 1473 -39.72 65.78 -79.20
CA ALA B 1473 -40.99 65.87 -79.91
C ALA B 1473 -41.76 64.56 -79.85
N ILE B 1474 -41.07 63.43 -79.73
CA ILE B 1474 -41.77 62.15 -79.73
C ILE B 1474 -42.26 61.80 -78.33
N PHE B 1475 -41.39 61.90 -77.33
CA PHE B 1475 -41.70 61.45 -75.98
C PHE B 1475 -42.11 62.64 -75.12
N LYS B 1476 -43.30 62.58 -74.54
CA LYS B 1476 -43.78 63.66 -73.68
C LYS B 1476 -42.97 63.78 -72.40
N SER B 1477 -42.30 62.72 -71.98
CA SER B 1477 -41.49 62.79 -70.77
C SER B 1477 -40.36 63.80 -70.93
N GLU B 1478 -39.73 63.82 -72.10
CA GLU B 1478 -38.61 64.70 -72.38
C GLU B 1478 -39.04 66.00 -73.05
N GLU B 1479 -40.33 66.33 -73.00
CA GLU B 1479 -40.81 67.55 -73.64
C GLU B 1479 -40.14 68.78 -73.02
N LYS B 1480 -40.04 68.81 -71.69
CA LYS B 1480 -39.37 69.90 -71.00
C LYS B 1480 -37.86 69.81 -71.14
N ASN B 1481 -37.31 68.60 -71.07
CA ASN B 1481 -35.87 68.42 -71.08
C ASN B 1481 -35.30 68.75 -72.45
N PRO B 1482 -34.27 69.58 -72.54
CA PRO B 1482 -33.64 69.88 -73.83
C PRO B 1482 -32.46 68.99 -74.20
N VAL B 1483 -32.21 67.92 -73.45
CA VAL B 1483 -31.09 67.03 -73.74
C VAL B 1483 -31.48 66.03 -74.82
N PRO B 1484 -30.80 66.00 -75.96
CA PRO B 1484 -31.09 64.98 -76.96
C PRO B 1484 -30.90 63.58 -76.41
N GLN B 1485 -31.77 62.66 -76.82
CA GLN B 1485 -31.69 61.28 -76.38
C GLN B 1485 -32.15 60.37 -77.51
N CYS B 1486 -31.73 59.11 -77.42
CA CYS B 1486 -32.14 58.07 -78.37
C CYS B 1486 -32.59 56.86 -77.57
N PRO B 1487 -33.82 56.88 -77.07
CA PRO B 1487 -34.30 55.78 -76.22
C PRO B 1487 -34.35 54.48 -76.99
N PRO B 1488 -34.33 53.35 -76.29
CA PRO B 1488 -34.34 52.05 -76.99
C PRO B 1488 -35.62 51.78 -77.76
N ARG B 1489 -36.68 52.53 -77.52
CA ARG B 1489 -37.89 52.38 -78.33
C ARG B 1489 -37.74 52.99 -79.71
N LEU B 1490 -36.70 53.81 -79.90
CA LEU B 1490 -36.47 54.48 -81.18
C LEU B 1490 -35.43 53.66 -81.95
N ASP B 1491 -35.89 52.85 -82.89
CA ASP B 1491 -35.02 51.94 -83.63
C ASP B 1491 -35.33 52.06 -85.12
N VAL B 1492 -34.35 51.69 -85.93
CA VAL B 1492 -34.47 51.79 -87.38
C VAL B 1492 -35.19 50.55 -87.91
N GLN B 1493 -36.20 50.77 -88.74
CA GLN B 1493 -37.00 49.72 -89.34
C GLN B 1493 -36.81 49.72 -90.84
N THR B 1494 -36.98 48.56 -91.45
CA THR B 1494 -36.91 48.42 -92.90
C THR B 1494 -38.20 47.80 -93.41
N ILE B 1495 -38.51 48.08 -94.68
CA ILE B 1495 -39.73 47.53 -95.27
C ILE B 1495 -39.56 46.05 -95.57
N GLN B 1496 -40.56 45.24 -95.21
CA GLN B 1496 -40.71 43.86 -95.64
C GLN B 1496 -41.98 43.72 -96.47
N PRO B 1497 -41.95 42.93 -97.54
CA PRO B 1497 -43.00 43.03 -98.56
C PRO B 1497 -44.20 42.10 -98.39
N VAL B 1498 -44.10 41.05 -97.60
CA VAL B 1498 -45.18 40.07 -97.47
C VAL B 1498 -45.39 39.74 -96.02
N LEU B 1499 -46.65 39.47 -95.65
CA LEU B 1499 -46.96 39.14 -94.27
C LEU B 1499 -48.08 38.12 -94.20
N TRP B 1500 -48.09 37.34 -93.12
CA TRP B 1500 -49.24 36.50 -92.83
C TRP B 1500 -50.39 37.34 -92.30
N SER B 1501 -51.61 36.91 -92.61
CA SER B 1501 -52.82 37.62 -92.23
C SER B 1501 -53.92 36.61 -92.01
N ARG B 1502 -54.71 36.80 -90.96
CA ARG B 1502 -55.71 35.82 -90.59
C ARG B 1502 -56.94 35.95 -91.47
N MET B 1503 -57.36 34.84 -92.05
CA MET B 1503 -58.58 34.83 -92.83
C MET B 1503 -59.78 34.96 -91.90
N PRO B 1504 -60.66 35.92 -92.12
CA PRO B 1504 -61.78 36.13 -91.19
C PRO B 1504 -62.67 34.90 -91.09
N SER B 1505 -63.23 34.71 -89.90
CA SER B 1505 -64.09 33.56 -89.67
C SER B 1505 -65.36 33.64 -90.51
N SER B 1506 -65.94 34.83 -90.63
CA SER B 1506 -67.15 35.04 -91.41
C SER B 1506 -66.95 36.20 -92.36
N PHE B 1507 -67.72 36.21 -93.44
CA PHE B 1507 -67.62 37.23 -94.46
C PHE B 1507 -69.00 37.82 -94.72
N LEU B 1508 -69.01 39.05 -95.24
CA LEU B 1508 -70.27 39.68 -95.62
C LEU B 1508 -70.92 38.91 -96.75
N LYS B 1509 -72.24 38.73 -96.64
CA LYS B 1509 -73.01 38.01 -97.65
C LYS B 1509 -73.61 39.03 -98.61
N VAL B 1510 -72.84 39.38 -99.63
CA VAL B 1510 -73.27 40.33 -100.65
C VAL B 1510 -73.97 39.57 -101.76
N GLU B 1511 -75.04 40.16 -102.29
CA GLU B 1511 -75.84 39.53 -103.33
C GLU B 1511 -75.97 40.48 -104.51
N THR B 1512 -75.55 40.03 -105.69
CA THR B 1512 -75.61 40.82 -106.90
C THR B 1512 -76.58 40.18 -107.88
N GLU B 1513 -77.19 41.01 -108.73
CA GLU B 1513 -78.22 40.53 -109.63
C GLU B 1513 -78.57 41.61 -110.64
N ARG B 1514 -78.83 41.20 -111.88
CA ARG B 1514 -79.26 42.12 -112.92
C ARG B 1514 -80.77 42.27 -112.84
N VAL B 1515 -81.23 43.44 -112.37
CA VAL B 1515 -82.66 43.63 -112.16
C VAL B 1515 -83.40 43.64 -113.50
N SER B 1516 -82.92 44.41 -114.45
CA SER B 1516 -83.57 44.54 -115.75
C SER B 1516 -82.66 45.35 -116.65
N GLU B 1517 -83.16 45.66 -117.86
CA GLU B 1517 -82.40 46.46 -118.81
C GLU B 1517 -82.52 47.96 -118.54
N ARG B 1518 -83.39 48.37 -117.62
CA ARG B 1518 -83.49 49.78 -117.26
C ARG B 1518 -83.31 50.02 -115.77
N HIS B 1519 -83.18 48.97 -114.96
CA HIS B 1519 -82.94 49.12 -113.53
C HIS B 1519 -81.50 48.84 -113.15
N GLY B 1520 -80.62 48.60 -114.10
CA GLY B 1520 -79.23 48.42 -113.78
C GLY B 1520 -78.99 47.15 -112.98
N TRP B 1521 -77.87 47.16 -112.26
CA TRP B 1521 -77.43 46.01 -111.48
C TRP B 1521 -77.58 46.27 -109.99
N ALA B 1522 -78.16 45.31 -109.28
CA ALA B 1522 -78.49 45.47 -107.87
C ALA B 1522 -77.42 44.81 -107.01
N VAL B 1523 -77.02 45.51 -105.94
CA VAL B 1523 -76.14 44.97 -104.92
C VAL B 1523 -76.77 45.24 -103.56
N GLN B 1524 -76.94 44.22 -102.75
CA GLN B 1524 -77.54 44.38 -101.44
C GLN B 1524 -76.74 43.63 -100.39
N CYS B 1525 -76.63 44.22 -99.21
CA CYS B 1525 -76.05 43.54 -98.05
C CYS B 1525 -76.90 43.90 -96.84
N LEU B 1526 -77.44 42.90 -96.17
CA LEU B 1526 -78.45 43.13 -95.14
C LEU B 1526 -78.06 42.61 -93.77
N GLU B 1527 -77.43 41.45 -93.69
CA GLU B 1527 -77.08 40.86 -92.40
C GLU B 1527 -75.85 41.54 -91.82
N PRO B 1528 -75.92 42.08 -90.61
CA PRO B 1528 -74.77 42.81 -90.06
C PRO B 1528 -73.63 41.89 -89.69
N LEU B 1529 -72.42 42.44 -89.73
CA LEU B 1529 -71.21 41.73 -89.33
C LEU B 1529 -70.27 42.72 -88.68
N GLN B 1530 -69.53 42.26 -87.67
CA GLN B 1530 -68.60 43.10 -86.94
C GLN B 1530 -67.37 42.30 -86.57
N MET B 1531 -66.34 43.00 -86.11
CA MET B 1531 -65.17 42.35 -85.58
C MET B 1531 -64.51 43.26 -84.56
N MET B 1532 -63.88 42.65 -83.55
CA MET B 1532 -63.15 43.41 -82.54
C MET B 1532 -61.73 43.64 -83.04
N ALA B 1533 -61.39 44.89 -83.30
CA ALA B 1533 -60.10 45.29 -83.81
C ALA B 1533 -59.20 45.76 -82.68
N LEU B 1534 -57.93 45.38 -82.76
CA LEU B 1534 -56.89 45.84 -81.86
C LEU B 1534 -56.03 46.85 -82.60
N HIS B 1535 -55.90 48.04 -82.04
CA HIS B 1535 -55.31 49.20 -82.69
C HIS B 1535 -53.99 49.53 -82.01
N ILE B 1536 -52.92 49.56 -82.80
CA ILE B 1536 -51.59 49.93 -82.32
C ILE B 1536 -51.47 51.45 -82.47
N PRO B 1537 -51.41 52.21 -81.37
CA PRO B 1537 -51.61 53.67 -81.50
C PRO B 1537 -50.55 54.39 -82.32
N GLU B 1538 -49.27 54.08 -82.12
CA GLU B 1538 -48.23 54.85 -82.80
C GLU B 1538 -48.23 54.59 -84.30
N GLU B 1539 -48.46 53.35 -84.71
CA GLU B 1539 -48.48 52.99 -86.11
C GLU B 1539 -49.76 53.40 -86.82
N ASN B 1540 -50.79 53.77 -86.07
CA ASN B 1540 -52.06 54.20 -86.64
C ASN B 1540 -52.66 53.14 -87.55
N ARG B 1541 -52.58 51.87 -87.11
CA ARG B 1541 -53.15 50.77 -87.84
C ARG B 1541 -53.72 49.76 -86.85
N CYS B 1542 -54.68 48.97 -87.31
CA CYS B 1542 -55.36 48.00 -86.48
C CYS B 1542 -55.38 46.64 -87.17
N VAL B 1543 -55.22 45.60 -86.37
CA VAL B 1543 -55.40 44.23 -86.85
C VAL B 1543 -56.62 43.65 -86.14
N ASP B 1544 -56.96 42.42 -86.46
CA ASP B 1544 -58.01 41.72 -85.74
C ASP B 1544 -57.48 41.28 -84.38
N ILE B 1545 -58.38 41.20 -83.40
CA ILE B 1545 -57.98 40.72 -82.09
C ILE B 1545 -57.55 39.27 -82.17
N LEU B 1546 -58.22 38.49 -83.02
CA LEU B 1546 -57.92 37.07 -83.14
C LEU B 1546 -56.55 36.83 -83.74
N GLU B 1547 -55.97 37.82 -84.41
CA GLU B 1547 -54.59 37.69 -84.85
C GLU B 1547 -53.61 37.60 -83.70
N LEU B 1548 -54.03 37.93 -82.48
CA LEU B 1548 -53.20 37.70 -81.31
C LEU B 1548 -53.06 36.23 -80.99
N CYS B 1549 -53.79 35.35 -81.67
CA CYS B 1549 -53.59 33.92 -81.48
C CYS B 1549 -52.18 33.48 -81.84
N GLU B 1550 -51.47 34.24 -82.68
CA GLU B 1550 -50.14 33.88 -83.10
C GLU B 1550 -49.07 34.92 -82.78
N GLN B 1551 -49.42 35.99 -82.09
CA GLN B 1551 -48.46 37.03 -81.70
C GLN B 1551 -48.37 37.02 -80.18
N GLU B 1552 -47.44 36.23 -79.65
CA GLU B 1552 -47.39 36.01 -78.21
C GLU B 1552 -46.98 37.28 -77.46
N ASP B 1553 -46.13 38.10 -78.06
CA ASP B 1553 -45.69 39.32 -77.37
C ASP B 1553 -46.84 40.27 -77.13
N LEU B 1554 -47.58 40.60 -78.19
CA LEU B 1554 -48.73 41.48 -78.03
C LEU B 1554 -49.82 40.83 -77.19
N MET B 1555 -49.97 39.51 -77.29
CA MET B 1555 -50.95 38.83 -76.47
C MET B 1555 -50.61 38.98 -74.99
N GLN B 1556 -49.35 38.78 -74.63
CA GLN B 1556 -48.95 38.94 -73.23
C GLN B 1556 -49.13 40.36 -72.76
N PHE B 1557 -48.75 41.33 -73.59
CA PHE B 1557 -48.90 42.72 -73.17
C PHE B 1557 -50.36 43.09 -72.97
N HIS B 1558 -51.24 42.64 -73.86
CA HIS B 1558 -52.65 42.97 -73.71
C HIS B 1558 -53.30 42.21 -72.57
N TYR B 1559 -52.86 40.98 -72.32
CA TYR B 1559 -53.37 40.25 -71.17
C TYR B 1559 -53.00 40.97 -69.88
N HIS B 1560 -51.77 41.46 -69.77
CA HIS B 1560 -51.39 42.19 -68.58
C HIS B 1560 -52.06 43.56 -68.53
N THR B 1561 -52.39 44.14 -69.68
CA THR B 1561 -53.20 45.36 -69.67
C THR B 1561 -54.57 45.10 -69.09
N LEU B 1562 -55.20 43.99 -69.46
CA LEU B 1562 -56.50 43.64 -68.89
C LEU B 1562 -56.38 43.37 -67.40
N ARG B 1563 -55.30 42.71 -66.97
CA ARG B 1563 -55.06 42.53 -65.54
C ARG B 1563 -54.93 43.87 -64.83
N LEU B 1564 -54.22 44.82 -65.44
CA LEU B 1564 -54.07 46.15 -64.84
C LEU B 1564 -55.41 46.87 -64.75
N TYR B 1565 -56.24 46.74 -65.79
CA TYR B 1565 -57.59 47.30 -65.74
C TYR B 1565 -58.36 46.74 -64.56
N SER B 1566 -58.32 45.41 -64.38
CA SER B 1566 -59.02 44.81 -63.26
C SER B 1566 -58.45 45.26 -61.93
N ALA B 1567 -57.14 45.55 -61.88
CA ALA B 1567 -56.52 45.92 -60.62
C ALA B 1567 -56.85 47.35 -60.20
N VAL B 1568 -56.83 48.29 -61.14
CA VAL B 1568 -57.02 49.69 -60.76
C VAL B 1568 -58.43 49.92 -60.22
N CYS B 1569 -59.42 49.23 -60.78
CA CYS B 1569 -60.79 49.33 -60.32
C CYS B 1569 -61.14 48.26 -59.30
N ALA B 1570 -60.18 47.83 -58.50
CA ALA B 1570 -60.37 46.74 -57.56
C ALA B 1570 -60.87 47.26 -56.21
N LEU B 1571 -61.64 46.41 -55.55
CA LEU B 1571 -62.16 46.72 -54.21
C LEU B 1571 -62.95 48.02 -54.21
N GLY B 1572 -63.93 48.10 -55.10
CA GLY B 1572 -64.90 49.18 -55.10
C GLY B 1572 -64.38 50.56 -55.44
N ASN B 1573 -63.45 50.66 -56.39
CA ASN B 1573 -63.01 51.97 -56.89
C ASN B 1573 -63.91 52.33 -58.05
N SER B 1574 -65.12 52.77 -57.70
CA SER B 1574 -66.17 52.98 -58.70
C SER B 1574 -65.81 54.07 -59.71
N ARG B 1575 -65.03 55.07 -59.28
CA ARG B 1575 -64.62 56.12 -60.22
C ARG B 1575 -63.78 55.55 -61.35
N VAL B 1576 -62.81 54.69 -61.02
CA VAL B 1576 -61.97 54.10 -62.05
C VAL B 1576 -62.76 53.12 -62.90
N ALA B 1577 -63.79 52.48 -62.33
CA ALA B 1577 -64.66 51.64 -63.13
C ALA B 1577 -65.42 52.47 -64.17
N TYR B 1578 -65.96 53.61 -63.76
CA TYR B 1578 -66.60 54.51 -64.73
C TYR B 1578 -65.63 54.98 -65.78
N ALA B 1579 -64.39 55.26 -65.38
CA ALA B 1579 -63.37 55.64 -66.35
C ALA B 1579 -63.11 54.51 -67.34
N LEU B 1580 -63.00 53.28 -66.84
CA LEU B 1580 -62.71 52.14 -67.71
C LEU B 1580 -63.86 51.82 -68.64
N CYS B 1581 -65.08 52.19 -68.27
CA CYS B 1581 -66.19 52.03 -69.21
C CYS B 1581 -66.06 52.93 -70.42
N GLY B 1582 -65.15 53.91 -70.39
CA GLY B 1582 -64.80 54.69 -71.55
C GLY B 1582 -63.72 54.09 -72.42
N HIS B 1583 -63.23 52.92 -72.06
CA HIS B 1583 -62.20 52.21 -72.81
C HIS B 1583 -62.68 50.86 -73.31
N VAL B 1584 -63.23 50.02 -72.43
CA VAL B 1584 -63.85 48.77 -72.81
C VAL B 1584 -65.32 48.85 -72.39
N ASP B 1585 -66.21 48.83 -73.36
CA ASP B 1585 -67.63 49.01 -73.10
C ASP B 1585 -68.37 47.69 -73.19
N LEU B 1586 -69.70 47.76 -73.03
CA LEU B 1586 -70.51 46.56 -72.92
C LEU B 1586 -70.51 45.76 -74.22
N SER B 1587 -70.54 46.44 -75.37
CA SER B 1587 -70.54 45.72 -76.63
C SER B 1587 -69.29 44.90 -76.80
N GLN B 1588 -68.12 45.49 -76.49
CA GLN B 1588 -66.87 44.75 -76.57
C GLN B 1588 -66.84 43.59 -75.59
N LEU B 1589 -67.34 43.80 -74.36
CA LEU B 1589 -67.31 42.73 -73.37
C LEU B 1589 -68.19 41.57 -73.77
N PHE B 1590 -69.39 41.86 -74.27
CA PHE B 1590 -70.26 40.79 -74.73
C PHE B 1590 -69.66 40.05 -75.91
N TYR B 1591 -69.06 40.78 -76.86
CA TYR B 1591 -68.38 40.13 -77.98
C TYR B 1591 -67.26 39.23 -77.49
N ALA B 1592 -66.45 39.73 -76.55
CA ALA B 1592 -65.32 38.96 -76.05
C ALA B 1592 -65.76 37.70 -75.32
N ILE B 1593 -66.79 37.82 -74.47
CA ILE B 1593 -67.21 36.64 -73.73
C ILE B 1593 -67.85 35.62 -74.65
N ASP B 1594 -68.53 36.07 -75.71
CA ASP B 1594 -69.19 35.11 -76.60
C ASP B 1594 -68.25 34.52 -77.64
N ASN B 1595 -67.15 35.20 -77.97
CA ASN B 1595 -66.28 34.75 -79.05
C ASN B 1595 -65.53 33.48 -78.67
N LYS B 1596 -65.45 32.53 -79.62
CA LYS B 1596 -64.87 31.22 -79.37
C LYS B 1596 -63.45 31.05 -79.86
N TYR B 1597 -62.99 31.90 -80.78
CA TYR B 1597 -61.63 31.80 -81.29
C TYR B 1597 -60.64 32.65 -80.51
N LEU B 1598 -61.07 33.29 -79.43
CA LEU B 1598 -60.19 34.14 -78.66
C LEU B 1598 -59.19 33.30 -77.86
N PRO B 1599 -57.94 33.75 -77.74
CA PRO B 1599 -56.98 33.01 -76.92
C PRO B 1599 -57.45 32.93 -75.47
N GLY B 1600 -57.03 31.85 -74.80
CA GLY B 1600 -57.53 31.60 -73.47
C GLY B 1600 -57.19 32.70 -72.48
N LEU B 1601 -55.96 33.22 -72.56
CA LEU B 1601 -55.57 34.28 -71.64
C LEU B 1601 -56.40 35.54 -71.85
N LEU B 1602 -56.62 35.93 -73.12
CA LEU B 1602 -57.46 37.09 -73.39
C LEU B 1602 -58.90 36.84 -72.99
N ARG B 1603 -59.39 35.62 -73.18
CA ARG B 1603 -60.73 35.26 -72.77
C ARG B 1603 -60.91 35.43 -71.25
N SER B 1604 -59.96 34.90 -70.49
CA SER B 1604 -59.98 35.05 -69.04
C SER B 1604 -59.88 36.52 -68.63
N GLY B 1605 -59.01 37.28 -69.29
CA GLY B 1605 -58.88 38.68 -68.97
C GLY B 1605 -60.15 39.46 -69.21
N PHE B 1606 -60.85 39.16 -70.30
CA PHE B 1606 -62.10 39.86 -70.58
C PHE B 1606 -63.19 39.48 -69.59
N TYR B 1607 -63.30 38.20 -69.23
CA TYR B 1607 -64.27 37.80 -68.22
C TYR B 1607 -63.98 38.49 -66.88
N ASP B 1608 -62.71 38.51 -66.47
CA ASP B 1608 -62.35 39.17 -65.22
C ASP B 1608 -62.62 40.66 -65.28
N LEU B 1609 -62.36 41.29 -66.43
CA LEU B 1609 -62.60 42.73 -66.56
C LEU B 1609 -64.08 43.05 -66.47
N LEU B 1610 -64.93 42.25 -67.09
CA LEU B 1610 -66.36 42.45 -66.96
C LEU B 1610 -66.80 42.30 -65.50
N ILE B 1611 -66.30 41.26 -64.83
CA ILE B 1611 -66.68 41.04 -63.44
C ILE B 1611 -66.21 42.19 -62.56
N SER B 1612 -64.99 42.67 -62.78
CA SER B 1612 -64.47 43.75 -61.96
C SER B 1612 -65.24 45.05 -62.17
N ILE B 1613 -65.41 45.44 -63.43
CA ILE B 1613 -66.04 46.73 -63.72
C ILE B 1613 -67.50 46.73 -63.27
N HIS B 1614 -68.23 45.65 -63.55
CA HIS B 1614 -69.68 45.70 -63.41
C HIS B 1614 -70.25 44.87 -62.27
N LEU B 1615 -69.56 43.82 -61.83
CA LEU B 1615 -70.17 42.82 -60.96
C LEU B 1615 -69.45 42.59 -59.64
N ALA B 1616 -68.17 42.93 -59.52
CA ALA B 1616 -67.40 42.52 -58.35
C ALA B 1616 -67.88 43.21 -57.08
N ASN B 1617 -68.20 44.50 -57.18
CA ASN B 1617 -68.57 45.27 -55.99
C ASN B 1617 -69.86 44.75 -55.38
N ALA B 1618 -70.86 44.44 -56.20
CA ALA B 1618 -72.12 43.93 -55.68
C ALA B 1618 -71.92 42.60 -54.99
N LYS B 1619 -71.11 41.72 -55.59
CA LYS B 1619 -70.85 40.42 -54.97
C LYS B 1619 -70.13 40.59 -53.64
N GLU B 1620 -69.17 41.51 -53.57
CA GLU B 1620 -68.47 41.73 -52.31
C GLU B 1620 -69.40 42.25 -51.24
N ARG B 1621 -70.29 43.18 -51.59
CA ARG B 1621 -71.25 43.68 -50.60
C ARG B 1621 -72.19 42.58 -50.15
N LYS B 1622 -72.62 41.71 -51.06
CA LYS B 1622 -73.46 40.59 -50.67
C LYS B 1622 -72.73 39.63 -49.75
N LEU B 1623 -71.43 39.43 -49.99
CA LEU B 1623 -70.67 38.50 -49.17
C LEU B 1623 -70.37 39.05 -47.79
N MET B 1624 -70.19 40.37 -47.66
CA MET B 1624 -69.98 40.95 -46.34
C MET B 1624 -71.19 40.70 -45.44
N MET B 1625 -72.39 40.94 -45.96
CA MET B 1625 -73.62 40.79 -45.20
C MET B 1625 -74.29 39.46 -45.52
N LYS B 1626 -73.63 38.38 -45.13
CA LYS B 1626 -74.15 37.04 -45.42
C LYS B 1626 -74.23 36.12 -44.22
N ASN B 1627 -73.52 36.39 -43.13
CA ASN B 1627 -73.56 35.52 -41.96
C ASN B 1627 -74.59 35.97 -40.94
N GLU B 1628 -75.38 37.00 -41.23
CA GLU B 1628 -76.41 37.50 -40.34
C GLU B 1628 -77.76 37.42 -41.03
N TYR B 1629 -78.80 37.09 -40.27
CA TYR B 1629 -80.14 36.89 -40.80
C TYR B 1629 -81.11 37.82 -40.08
N ILE B 1630 -81.40 38.95 -40.69
CA ILE B 1630 -82.35 39.93 -40.15
C ILE B 1630 -83.68 39.74 -40.85
N ILE B 1631 -84.66 39.22 -40.15
CA ILE B 1631 -85.93 38.81 -40.74
C ILE B 1631 -87.03 39.72 -40.21
N PRO B 1632 -87.69 40.50 -41.05
CA PRO B 1632 -88.91 41.17 -40.62
C PRO B 1632 -90.04 40.17 -40.39
N ILE B 1633 -90.94 40.51 -39.48
CA ILE B 1633 -92.04 39.63 -39.09
C ILE B 1633 -93.30 40.10 -39.81
N THR B 1634 -93.78 39.30 -40.75
CA THR B 1634 -95.01 39.60 -41.48
C THR B 1634 -95.66 38.27 -41.87
N SER B 1635 -96.71 38.36 -42.69
CA SER B 1635 -97.35 37.14 -43.19
C SER B 1635 -96.42 36.38 -44.13
N ALA B 1636 -95.67 37.10 -44.96
CA ALA B 1636 -94.70 36.45 -45.83
C ALA B 1636 -93.68 35.66 -45.03
N THR B 1637 -93.31 36.15 -43.84
CA THR B 1637 -92.44 35.38 -42.95
C THR B 1637 -93.11 34.08 -42.53
N ARG B 1638 -94.41 34.15 -42.21
CA ARG B 1638 -95.11 32.96 -41.74
C ARG B 1638 -95.31 31.94 -42.85
N LYS B 1639 -95.31 32.38 -44.11
CA LYS B 1639 -95.61 31.46 -45.20
C LYS B 1639 -94.50 30.45 -45.47
N ILE B 1640 -93.29 30.69 -44.95
CA ILE B 1640 -92.17 29.80 -45.25
C ILE B 1640 -92.37 28.45 -44.60
N ARG B 1641 -92.07 27.38 -45.33
CA ARG B 1641 -92.20 26.02 -44.83
C ARG B 1641 -90.90 25.27 -45.02
N LEU B 1642 -90.68 24.27 -44.17
CA LEU B 1642 -89.46 23.47 -44.27
C LEU B 1642 -89.46 22.63 -45.53
N TYR B 1643 -90.60 22.09 -45.91
CA TYR B 1643 -90.72 21.26 -47.10
C TYR B 1643 -91.74 21.85 -48.06
N PRO B 1644 -91.59 21.60 -49.37
CA PRO B 1644 -92.51 22.19 -50.34
C PRO B 1644 -93.83 21.45 -50.49
N ASP B 1645 -94.03 20.32 -49.82
CA ASP B 1645 -95.26 19.56 -49.95
C ASP B 1645 -95.35 18.54 -48.82
N GLU B 1646 -96.36 17.69 -48.89
CA GLU B 1646 -96.59 16.67 -47.87
C GLU B 1646 -95.75 15.42 -48.09
N SER B 1647 -95.15 15.24 -49.26
CA SER B 1647 -94.31 14.08 -49.51
C SER B 1647 -93.04 14.10 -48.68
N LYS B 1648 -92.62 15.28 -48.21
CA LYS B 1648 -91.39 15.44 -47.44
C LYS B 1648 -90.19 14.97 -48.24
N ARG B 1649 -90.01 15.58 -49.40
CA ARG B 1649 -88.84 15.40 -50.24
C ARG B 1649 -88.17 16.74 -50.43
N HIS B 1650 -86.84 16.75 -50.34
CA HIS B 1650 -86.08 18.00 -50.40
C HIS B 1650 -86.36 18.74 -51.70
N GLY B 1651 -86.53 20.06 -51.59
CA GLY B 1651 -86.63 20.89 -52.77
C GLY B 1651 -85.26 21.25 -53.31
N LEU B 1652 -85.27 21.95 -54.43
CA LEU B 1652 -84.02 22.38 -55.04
C LEU B 1652 -83.39 23.48 -54.19
N PRO B 1653 -82.11 23.37 -53.83
CA PRO B 1653 -81.47 24.43 -53.06
C PRO B 1653 -81.43 25.74 -53.83
N GLY B 1654 -81.65 26.84 -53.13
CA GLY B 1654 -81.64 28.15 -53.75
C GLY B 1654 -82.96 28.58 -54.36
N VAL B 1655 -83.96 27.71 -54.38
CA VAL B 1655 -85.26 28.01 -54.99
C VAL B 1655 -86.27 28.21 -53.88
N GLY B 1656 -87.05 29.27 -53.98
CA GLY B 1656 -88.10 29.55 -53.03
C GLY B 1656 -88.19 31.03 -52.75
N LEU B 1657 -88.85 31.35 -51.63
CA LEU B 1657 -89.01 32.74 -51.20
C LEU B 1657 -88.03 33.04 -50.07
N ARG B 1658 -87.37 34.17 -50.16
CA ARG B 1658 -86.38 34.59 -49.17
C ARG B 1658 -86.97 35.71 -48.34
N THR B 1659 -87.02 35.51 -47.02
CA THR B 1659 -87.59 36.49 -46.10
C THR B 1659 -86.54 37.30 -45.37
N CYS B 1660 -85.26 36.93 -45.46
CA CYS B 1660 -84.22 37.71 -44.83
C CYS B 1660 -84.08 39.07 -45.51
N LEU B 1661 -83.59 40.04 -44.75
CA LEU B 1661 -83.45 41.40 -45.22
C LEU B 1661 -82.07 41.56 -45.87
N LYS B 1662 -82.06 41.93 -47.14
CA LYS B 1662 -80.83 42.11 -47.90
C LYS B 1662 -80.88 43.45 -48.61
N PRO B 1663 -80.02 44.41 -48.25
CA PRO B 1663 -80.05 45.71 -48.93
C PRO B 1663 -79.72 45.58 -50.41
N GLY B 1664 -80.38 46.42 -51.21
CA GLY B 1664 -80.15 46.41 -52.64
C GLY B 1664 -78.94 47.23 -53.03
N PHE B 1665 -78.52 47.05 -54.29
CA PHE B 1665 -77.36 47.71 -54.85
C PHE B 1665 -77.80 48.70 -55.92
N ARG B 1666 -77.07 49.80 -56.02
CA ARG B 1666 -77.40 50.88 -56.94
C ARG B 1666 -76.39 50.93 -58.08
N PHE B 1667 -76.90 50.90 -59.30
CA PHE B 1667 -76.09 51.01 -60.50
C PHE B 1667 -76.45 52.30 -61.24
N SER B 1668 -75.49 52.86 -61.97
CA SER B 1668 -75.74 54.04 -62.78
C SER B 1668 -75.04 53.89 -64.12
N THR B 1669 -75.69 54.37 -65.18
CA THR B 1669 -75.13 54.22 -66.51
C THR B 1669 -73.94 55.15 -66.70
N PRO B 1670 -72.85 54.68 -67.29
CA PRO B 1670 -71.62 55.47 -67.46
C PRO B 1670 -71.70 56.49 -68.60
N CYS B 1671 -72.26 57.66 -68.29
CA CYS B 1671 -72.40 58.74 -69.26
C CYS B 1671 -71.36 59.81 -68.97
N PHE B 1672 -70.62 60.21 -69.99
CA PHE B 1672 -69.54 61.18 -69.84
C PHE B 1672 -69.92 62.58 -70.34
N VAL B 1673 -71.20 62.82 -70.57
CA VAL B 1673 -71.69 64.14 -70.93
C VAL B 1673 -72.27 64.81 -69.69
N VAL B 1674 -72.69 64.00 -68.72
CA VAL B 1674 -73.25 64.53 -67.48
C VAL B 1674 -72.15 65.13 -66.63
N THR B 1675 -72.39 66.34 -66.14
CA THR B 1675 -71.43 67.05 -65.30
C THR B 1675 -71.79 66.85 -63.83
N GLY B 1676 -70.79 66.49 -63.04
CA GLY B 1676 -70.99 66.22 -61.62
C GLY B 1676 -70.94 64.72 -61.33
N GLU B 1677 -70.65 64.41 -60.07
CA GLU B 1677 -70.57 63.03 -59.62
C GLU B 1677 -71.89 62.50 -59.07
N GLU B 1678 -72.91 63.35 -58.96
CA GLU B 1678 -74.19 62.90 -58.45
C GLU B 1678 -74.79 61.81 -59.32
N HIS B 1679 -74.57 61.90 -60.64
CA HIS B 1679 -75.09 60.88 -61.54
C HIS B 1679 -74.45 59.52 -61.25
N GLN B 1680 -73.15 59.51 -60.97
CA GLN B 1680 -72.45 58.27 -60.68
C GLN B 1680 -72.92 57.68 -59.36
N LYS B 1681 -73.21 56.37 -59.36
CA LYS B 1681 -73.73 55.68 -58.17
C LYS B 1681 -73.15 54.27 -58.15
N GLN B 1682 -72.08 54.07 -57.42
CA GLN B 1682 -71.47 52.75 -57.23
C GLN B 1682 -71.01 52.23 -58.60
N SER B 1683 -71.17 50.95 -58.89
CA SER B 1683 -70.63 50.39 -60.12
C SER B 1683 -71.46 50.78 -61.33
N PRO B 1684 -70.86 50.76 -62.52
CA PRO B 1684 -71.62 51.07 -63.73
C PRO B 1684 -72.71 50.05 -64.00
N GLU B 1685 -73.78 50.50 -64.64
CA GLU B 1685 -74.93 49.66 -64.89
C GLU B 1685 -74.66 48.68 -66.02
N ILE B 1686 -75.19 47.47 -65.88
CA ILE B 1686 -75.16 46.46 -66.93
C ILE B 1686 -76.56 45.90 -67.04
N PRO B 1687 -76.99 45.42 -68.22
CA PRO B 1687 -78.38 44.94 -68.36
C PRO B 1687 -78.81 43.90 -67.34
N LEU B 1688 -78.02 42.86 -67.13
CA LEU B 1688 -78.28 41.83 -66.12
C LEU B 1688 -79.43 40.91 -66.51
N GLU B 1689 -80.15 41.22 -67.59
CA GLU B 1689 -81.12 40.31 -68.16
C GLU B 1689 -80.61 39.66 -69.42
N ILE B 1690 -79.88 40.41 -70.24
CA ILE B 1690 -79.14 39.81 -71.35
C ILE B 1690 -77.96 39.01 -70.82
N LEU B 1691 -77.29 39.52 -69.80
CA LEU B 1691 -76.05 38.90 -69.31
C LEU B 1691 -76.31 37.52 -68.73
N LYS B 1692 -77.35 37.39 -67.90
CA LYS B 1692 -77.59 36.12 -67.24
C LYS B 1692 -78.10 35.07 -68.23
N THR B 1693 -78.94 35.49 -69.18
CA THR B 1693 -79.38 34.57 -70.23
C THR B 1693 -78.20 34.10 -71.07
N LYS B 1694 -77.31 35.03 -71.44
CA LYS B 1694 -76.13 34.63 -72.20
C LYS B 1694 -75.23 33.71 -71.40
N ALA B 1695 -75.10 33.96 -70.10
CA ALA B 1695 -74.28 33.10 -69.27
C ALA B 1695 -74.85 31.68 -69.20
N LEU B 1696 -76.16 31.56 -69.02
CA LEU B 1696 -76.77 30.23 -69.00
C LEU B 1696 -76.60 29.53 -70.35
N SER B 1697 -76.76 30.26 -71.44
CA SER B 1697 -76.59 29.66 -72.77
C SER B 1697 -75.16 29.19 -72.97
N MET B 1698 -74.19 30.01 -72.57
CA MET B 1698 -72.79 29.63 -72.73
C MET B 1698 -72.45 28.40 -71.90
N LEU B 1699 -72.96 28.34 -70.67
CA LEU B 1699 -72.71 27.16 -69.85
C LEU B 1699 -73.35 25.91 -70.45
N THR B 1700 -74.57 26.03 -70.96
CA THR B 1700 -75.23 24.88 -71.59
C THR B 1700 -74.43 24.38 -72.77
N GLU B 1701 -74.00 25.29 -73.65
CA GLU B 1701 -73.27 24.86 -74.84
C GLU B 1701 -71.89 24.32 -74.47
N ALA B 1702 -71.27 24.87 -73.44
CA ALA B 1702 -69.98 24.34 -72.98
C ALA B 1702 -70.14 22.92 -72.48
N VAL B 1703 -71.19 22.66 -71.70
CA VAL B 1703 -71.40 21.32 -71.18
C VAL B 1703 -71.73 20.34 -72.30
N GLN B 1704 -72.49 20.79 -73.31
CA GLN B 1704 -72.84 19.89 -74.40
C GLN B 1704 -71.67 19.56 -75.31
N HIS B 1705 -70.53 20.26 -75.17
CA HIS B 1705 -69.31 19.96 -75.91
C HIS B 1705 -68.18 19.64 -74.96
N SER B 1706 -68.46 18.86 -73.92
CA SER B 1706 -67.49 18.57 -72.88
C SER B 1706 -66.88 17.19 -73.00
N GLY B 1707 -67.03 16.54 -74.15
CA GLY B 1707 -66.43 15.23 -74.33
C GLY B 1707 -64.92 15.28 -74.18
N ALA B 1708 -64.35 14.17 -73.73
CA ALA B 1708 -62.91 14.09 -73.58
C ALA B 1708 -62.20 13.96 -74.92
N HIS B 1709 -62.92 13.55 -75.96
CA HIS B 1709 -62.33 13.37 -77.27
C HIS B 1709 -62.27 14.64 -78.10
N ILE B 1710 -62.96 15.70 -77.67
CA ILE B 1710 -62.96 16.94 -78.44
C ILE B 1710 -61.56 17.52 -78.47
N ARG B 1711 -61.17 18.06 -79.62
CA ARG B 1711 -59.80 18.50 -79.84
C ARG B 1711 -59.66 20.00 -80.02
N ASP B 1712 -60.75 20.76 -79.95
CA ASP B 1712 -60.69 22.23 -80.00
C ASP B 1712 -61.55 22.82 -78.90
N PRO B 1713 -61.19 22.60 -77.63
CA PRO B 1713 -61.92 23.25 -76.55
C PRO B 1713 -61.80 24.76 -76.67
N VAL B 1714 -62.87 25.46 -76.31
CA VAL B 1714 -62.88 26.92 -76.42
C VAL B 1714 -61.80 27.49 -75.52
N GLY B 1715 -60.96 28.35 -76.10
CA GLY B 1715 -59.88 28.96 -75.37
C GLY B 1715 -58.59 28.19 -75.36
N GLY B 1716 -58.57 26.97 -75.88
CA GLY B 1716 -57.36 26.17 -75.93
C GLY B 1716 -57.29 25.06 -74.89
N SER B 1717 -58.17 25.06 -73.91
CA SER B 1717 -58.16 24.03 -72.89
C SER B 1717 -59.53 23.95 -72.24
N VAL B 1718 -59.75 22.89 -71.48
CA VAL B 1718 -60.98 22.77 -70.70
C VAL B 1718 -61.00 23.81 -69.58
N GLU B 1719 -59.84 24.12 -69.01
CA GLU B 1719 -59.76 25.17 -68.01
C GLU B 1719 -60.20 26.51 -68.59
N PHE B 1720 -59.61 26.91 -69.71
CA PHE B 1720 -59.96 28.17 -70.34
C PHE B 1720 -61.37 28.17 -70.89
N GLN B 1721 -62.00 27.01 -71.03
CA GLN B 1721 -63.38 26.96 -71.48
C GLN B 1721 -64.37 27.08 -70.33
N PHE B 1722 -64.08 26.47 -69.18
CA PHE B 1722 -65.06 26.37 -68.10
C PHE B 1722 -64.84 27.38 -66.99
N VAL B 1723 -63.60 27.65 -66.60
CA VAL B 1723 -63.36 28.52 -65.45
C VAL B 1723 -63.97 29.90 -65.62
N PRO B 1724 -63.82 30.58 -66.76
CA PRO B 1724 -64.47 31.90 -66.91
C PRO B 1724 -65.98 31.85 -66.78
N VAL B 1725 -66.63 30.89 -67.43
CA VAL B 1725 -68.08 30.81 -67.37
C VAL B 1725 -68.53 30.48 -65.95
N LEU B 1726 -67.80 29.59 -65.28
CA LEU B 1726 -68.16 29.24 -63.91
C LEU B 1726 -67.98 30.41 -62.97
N LYS B 1727 -66.93 31.21 -63.16
CA LYS B 1727 -66.76 32.40 -62.34
C LYS B 1727 -67.90 33.38 -62.56
N LEU B 1728 -68.31 33.58 -63.81
CA LEU B 1728 -69.44 34.47 -64.08
C LEU B 1728 -70.73 33.94 -63.46
N ILE B 1729 -70.96 32.63 -63.56
CA ILE B 1729 -72.17 32.04 -63.00
C ILE B 1729 -72.19 32.19 -61.48
N GLY B 1730 -71.06 31.93 -60.83
CA GLY B 1730 -70.99 32.09 -59.39
C GLY B 1730 -71.20 33.53 -58.96
N THR B 1731 -70.61 34.47 -59.69
CA THR B 1731 -70.80 35.88 -59.40
C THR B 1731 -72.26 36.28 -59.51
N LEU B 1732 -72.94 35.81 -60.56
CA LEU B 1732 -74.34 36.16 -60.73
C LEU B 1732 -75.23 35.44 -59.72
N LEU B 1733 -74.83 34.25 -59.27
CA LEU B 1733 -75.59 33.57 -58.24
C LEU B 1733 -75.51 34.30 -56.92
N VAL B 1734 -74.30 34.66 -56.49
CA VAL B 1734 -74.14 35.34 -55.21
C VAL B 1734 -74.84 36.69 -55.21
N MET B 1735 -74.86 37.37 -56.36
CA MET B 1735 -75.59 38.63 -56.48
C MET B 1735 -77.10 38.44 -56.46
N GLY B 1736 -77.58 37.21 -56.51
CA GLY B 1736 -79.01 36.98 -56.51
C GLY B 1736 -79.72 37.46 -57.74
N VAL B 1737 -79.17 37.21 -58.92
CA VAL B 1737 -79.79 37.63 -60.17
C VAL B 1737 -80.68 36.53 -60.76
N PHE B 1738 -80.24 35.29 -60.66
CA PHE B 1738 -80.98 34.18 -61.25
C PHE B 1738 -82.28 33.92 -60.49
N ASP B 1739 -83.36 33.71 -61.23
CA ASP B 1739 -84.62 33.34 -60.62
C ASP B 1739 -84.70 31.82 -60.50
N ASP B 1740 -85.89 31.30 -60.17
CA ASP B 1740 -86.02 29.88 -59.86
C ASP B 1740 -85.73 29.01 -61.07
N ASP B 1741 -86.20 29.42 -62.25
CA ASP B 1741 -85.99 28.59 -63.44
C ASP B 1741 -84.52 28.57 -63.85
N ASP B 1742 -83.84 29.70 -63.73
CA ASP B 1742 -82.40 29.72 -64.03
C ASP B 1742 -81.64 28.82 -63.07
N ILE B 1743 -81.99 28.87 -61.79
CA ILE B 1743 -81.33 28.01 -60.81
C ILE B 1743 -81.63 26.54 -61.11
N ARG B 1744 -82.84 26.26 -61.57
CA ARG B 1744 -83.19 24.89 -61.93
C ARG B 1744 -82.35 24.41 -63.11
N GLN B 1745 -82.16 25.26 -64.11
CA GLN B 1745 -81.32 24.91 -65.25
C GLN B 1745 -79.88 24.68 -64.81
N ILE B 1746 -79.36 25.54 -63.95
CA ILE B 1746 -77.98 25.38 -63.47
C ILE B 1746 -77.83 24.07 -62.71
N LEU B 1747 -78.81 23.76 -61.85
CA LEU B 1747 -78.75 22.52 -61.08
C LEU B 1747 -78.81 21.30 -62.00
N LEU B 1748 -79.65 21.34 -63.03
CA LEU B 1748 -79.68 20.25 -63.99
C LEU B 1748 -78.36 20.10 -64.73
N LEU B 1749 -77.68 21.21 -65.02
CA LEU B 1749 -76.36 21.12 -65.62
C LEU B 1749 -75.33 20.57 -64.64
N ILE B 1750 -75.54 20.78 -63.35
CA ILE B 1750 -74.60 20.26 -62.34
C ILE B 1750 -74.78 18.77 -62.16
N ASP B 1751 -75.98 18.33 -61.82
CA ASP B 1751 -76.28 16.91 -61.68
C ASP B 1751 -77.75 16.65 -61.99
N PRO B 1752 -78.07 16.10 -63.15
CA PRO B 1752 -79.48 16.01 -63.56
C PRO B 1752 -80.30 15.01 -62.76
N SER B 1753 -79.69 13.92 -62.29
CA SER B 1753 -80.47 12.88 -61.61
C SER B 1753 -80.89 13.33 -60.22
N VAL B 1754 -79.97 13.93 -59.46
CA VAL B 1754 -80.27 14.31 -58.09
C VAL B 1754 -81.33 15.40 -58.06
N PHE B 1755 -81.24 16.37 -58.97
CA PHE B 1755 -82.11 17.54 -58.96
C PHE B 1755 -83.23 17.45 -59.99
N GLY B 1756 -83.48 16.26 -60.52
CA GLY B 1756 -84.56 16.10 -61.48
C GLY B 1756 -85.92 16.21 -60.82
N GLU B 1757 -86.93 16.37 -61.67
CA GLU B 1757 -88.31 16.51 -61.20
C GLU B 1757 -88.79 15.21 -60.57
N VAL B 1791 -77.18 15.58 -69.76
CA VAL B 1791 -76.01 14.75 -70.02
C VAL B 1791 -75.59 14.02 -68.74
N LYS B 1792 -74.29 13.79 -68.60
CA LYS B 1792 -73.77 13.15 -67.41
C LYS B 1792 -73.69 14.13 -66.23
N GLY B 1793 -73.41 15.39 -66.50
CA GLY B 1793 -73.26 16.40 -65.48
C GLY B 1793 -71.81 16.79 -65.28
N LEU B 1794 -71.61 18.02 -64.80
CA LEU B 1794 -70.25 18.51 -64.60
C LEU B 1794 -69.52 17.72 -63.52
N LEU B 1795 -70.21 17.37 -62.44
CA LEU B 1795 -69.55 16.70 -61.33
C LEU B 1795 -69.00 15.34 -61.75
N GLN B 1796 -69.75 14.59 -62.55
CA GLN B 1796 -69.32 13.28 -62.99
C GLN B 1796 -68.31 13.32 -64.13
N THR B 1797 -68.03 14.51 -64.67
CA THR B 1797 -67.07 14.66 -65.75
C THR B 1797 -65.66 14.82 -65.19
N ARG B 1798 -64.68 14.27 -65.89
CA ARG B 1798 -63.29 14.48 -65.52
C ARG B 1798 -62.90 15.92 -65.81
N LEU B 1799 -62.54 16.66 -64.76
CA LEU B 1799 -62.26 18.07 -64.87
C LEU B 1799 -60.89 18.39 -64.28
N PRO B 1800 -60.24 19.43 -64.75
CA PRO B 1800 -59.03 19.91 -64.09
C PRO B 1800 -59.35 20.43 -62.70
N GLU B 1801 -58.30 20.79 -61.97
CA GLU B 1801 -58.48 21.25 -60.60
C GLU B 1801 -59.06 22.67 -60.51
N SER B 1802 -58.86 23.49 -61.53
CA SER B 1802 -59.47 24.82 -61.53
C SER B 1802 -60.98 24.72 -61.62
N VAL B 1803 -61.47 23.88 -62.54
CA VAL B 1803 -62.91 23.65 -62.64
C VAL B 1803 -63.42 23.04 -61.35
N LYS B 1804 -62.60 22.22 -60.68
CA LYS B 1804 -63.01 21.67 -59.39
C LYS B 1804 -63.16 22.76 -58.34
N LEU B 1805 -62.25 23.74 -58.33
CA LEU B 1805 -62.40 24.86 -57.40
C LEU B 1805 -63.70 25.61 -57.67
N GLN B 1806 -64.01 25.85 -58.94
CA GLN B 1806 -65.25 26.56 -59.26
C GLN B 1806 -66.47 25.75 -58.82
N MET B 1807 -66.46 24.45 -59.05
CA MET B 1807 -67.57 23.60 -58.64
C MET B 1807 -67.72 23.60 -57.12
N CYS B 1808 -66.60 23.56 -56.40
CA CYS B 1808 -66.66 23.62 -54.95
C CYS B 1808 -67.29 24.92 -54.48
N GLU B 1809 -66.94 26.04 -55.12
CA GLU B 1809 -67.53 27.31 -54.72
C GLU B 1809 -69.03 27.33 -54.97
N LEU B 1810 -69.47 26.81 -56.12
CA LEU B 1810 -70.90 26.74 -56.38
C LEU B 1810 -71.62 25.88 -55.35
N LEU B 1811 -71.03 24.74 -55.00
CA LEU B 1811 -71.64 23.87 -53.99
C LEU B 1811 -71.71 24.55 -52.64
N SER B 1812 -70.68 25.34 -52.30
CA SER B 1812 -70.73 26.09 -51.05
C SER B 1812 -71.89 27.08 -51.05
N TYR B 1813 -72.13 27.75 -52.18
CA TYR B 1813 -73.28 28.64 -52.25
C TYR B 1813 -74.58 27.89 -52.05
N LEU B 1814 -74.71 26.71 -52.67
CA LEU B 1814 -75.93 25.95 -52.51
C LEU B 1814 -76.15 25.53 -51.06
N CYS B 1815 -75.08 25.13 -50.37
CA CYS B 1815 -75.19 24.80 -48.94
C CYS B 1815 -75.63 26.03 -48.14
N ASP B 1816 -75.09 27.20 -48.46
CA ASP B 1816 -75.52 28.42 -47.78
C ASP B 1816 -77.00 28.68 -48.00
N CYS B 1817 -77.49 28.44 -49.21
CA CYS B 1817 -78.91 28.61 -49.49
C CYS B 1817 -79.76 27.68 -48.64
N GLU B 1818 -79.34 26.41 -48.52
CA GLU B 1818 -80.08 25.47 -47.68
C GLU B 1818 -80.10 25.93 -46.23
N LEU B 1819 -78.97 26.41 -45.72
CA LEU B 1819 -78.92 26.87 -44.34
C LEU B 1819 -79.85 28.06 -44.12
N GLN B 1820 -79.86 29.01 -45.04
CA GLN B 1820 -80.76 30.16 -44.90
C GLN B 1820 -82.21 29.72 -44.93
N HIS B 1821 -82.53 28.75 -45.79
CA HIS B 1821 -83.89 28.22 -45.83
C HIS B 1821 -84.28 27.61 -44.48
N ARG B 1822 -83.37 26.85 -43.88
CA ARG B 1822 -83.67 26.25 -42.58
C ARG B 1822 -83.91 27.32 -41.52
N VAL B 1823 -83.09 28.36 -41.51
CA VAL B 1823 -83.26 29.43 -40.53
C VAL B 1823 -84.60 30.11 -40.69
N GLU B 1824 -84.99 30.41 -41.94
CA GLU B 1824 -86.27 31.07 -42.17
C GLU B 1824 -87.44 30.18 -41.78
N ALA B 1825 -87.34 28.88 -42.07
CA ALA B 1825 -88.40 27.96 -41.67
C ALA B 1825 -88.54 27.92 -40.14
N ILE B 1826 -87.41 27.87 -39.43
CA ILE B 1826 -87.44 27.89 -37.98
C ILE B 1826 -88.12 29.16 -37.49
N VAL B 1827 -87.80 30.30 -38.09
CA VAL B 1827 -88.36 31.56 -37.63
C VAL B 1827 -89.87 31.61 -37.84
N ALA B 1828 -90.34 31.13 -39.00
CA ALA B 1828 -91.78 31.13 -39.25
C ALA B 1828 -92.50 30.22 -38.26
N PHE B 1829 -91.97 29.02 -38.05
CA PHE B 1829 -92.59 28.11 -37.08
C PHE B 1829 -92.60 28.74 -35.70
N GLY B 1830 -91.51 29.41 -35.33
CA GLY B 1830 -91.46 30.06 -34.04
C GLY B 1830 -92.50 31.15 -33.90
N ASP B 1831 -92.73 31.91 -34.97
CA ASP B 1831 -93.74 32.95 -34.92
C ASP B 1831 -95.12 32.36 -34.66
N ILE B 1832 -95.50 31.33 -35.41
CA ILE B 1832 -96.83 30.75 -35.19
C ILE B 1832 -96.93 30.11 -33.81
N TYR B 1833 -95.88 29.43 -33.38
CA TYR B 1833 -95.90 28.76 -32.08
C TYR B 1833 -96.00 29.76 -30.94
N VAL B 1834 -95.27 30.89 -31.03
CA VAL B 1834 -95.34 31.88 -29.97
C VAL B 1834 -96.71 32.55 -29.96
N SER B 1835 -97.34 32.74 -31.13
CA SER B 1835 -98.70 33.25 -31.12
C SER B 1835 -99.64 32.29 -30.37
N LYS B 1836 -99.52 30.99 -30.65
CA LYS B 1836 -100.35 30.01 -29.96
C LYS B 1836 -100.08 30.03 -28.46
N LEU B 1837 -98.80 30.10 -28.06
CA LEU B 1837 -98.47 30.12 -26.65
C LEU B 1837 -99.00 31.36 -25.96
N GLN B 1838 -98.97 32.51 -26.65
CA GLN B 1838 -99.54 33.72 -26.08
C GLN B 1838 -101.03 33.56 -25.84
N ALA B 1839 -101.74 33.01 -26.83
CA ALA B 1839 -103.17 32.79 -26.65
C ALA B 1839 -103.45 31.87 -25.48
N ASN B 1840 -102.68 30.78 -25.37
CA ASN B 1840 -102.92 29.82 -24.30
C ASN B 1840 -102.55 30.39 -22.93
N GLN B 1841 -101.50 31.21 -22.86
CA GLN B 1841 -101.18 31.83 -21.58
C GLN B 1841 -102.25 32.82 -21.17
N LYS B 1842 -102.83 33.55 -22.13
CA LYS B 1842 -103.95 34.42 -21.80
C LYS B 1842 -105.13 33.61 -21.27
N SER B 1843 -105.45 32.49 -21.92
CA SER B 1843 -106.54 31.64 -21.44
C SER B 1843 -106.25 31.10 -20.06
N ARG B 1844 -105.01 30.65 -19.81
CA ARG B 1844 -104.66 30.10 -18.51
C ARG B 1844 -104.74 31.17 -17.42
N TYR B 1845 -104.30 32.39 -17.73
CA TYR B 1845 -104.42 33.48 -16.76
C TYR B 1845 -105.87 33.79 -16.45
N ASN B 1846 -106.72 33.82 -17.49
CA ASN B 1846 -108.13 34.07 -17.25
C ASN B 1846 -108.76 32.98 -16.39
N GLU B 1847 -108.38 31.72 -16.64
CA GLU B 1847 -108.87 30.63 -15.79
C GLU B 1847 -108.39 30.79 -14.36
N LEU B 1848 -107.12 31.17 -14.18
CA LEU B 1848 -106.57 31.34 -12.83
C LEU B 1848 -107.30 32.44 -12.08
N MET B 1849 -107.62 33.55 -12.77
CA MET B 1849 -108.38 34.62 -12.12
C MET B 1849 -109.75 34.11 -11.68
N GLN B 1850 -110.42 33.34 -12.54
CA GLN B 1850 -111.72 32.76 -12.20
C GLN B 1850 -111.51 31.32 -11.74
N ALA B 1851 -110.89 31.20 -10.55
CA ALA B 1851 -110.59 29.91 -9.95
C ALA B 1851 -111.27 29.85 -8.59
N LEU B 1852 -112.27 28.97 -8.48
CA LEU B 1852 -112.98 28.82 -7.21
C LEU B 1852 -112.10 28.16 -6.15
N ASN B 1853 -111.42 27.07 -6.52
CA ASN B 1853 -110.56 26.34 -5.59
C ASN B 1853 -109.16 26.94 -5.64
N MET B 1854 -109.05 28.16 -5.13
CA MET B 1854 -107.79 28.92 -5.16
C MET B 1854 -106.99 28.59 -3.91
N SER B 1855 -106.17 27.54 -4.01
CA SER B 1855 -105.25 27.22 -2.93
C SER B 1855 -104.19 28.30 -2.79
N ALA B 1856 -103.78 28.59 -1.56
CA ALA B 1856 -102.79 29.63 -1.32
C ALA B 1856 -101.46 29.28 -1.99
N ALA B 1857 -100.99 28.04 -1.81
CA ALA B 1857 -99.74 27.63 -2.44
C ALA B 1857 -99.86 27.61 -3.95
N LEU B 1858 -100.94 27.04 -4.48
CA LEU B 1858 -101.13 26.99 -5.92
C LEU B 1858 -101.29 28.39 -6.51
N THR B 1859 -102.04 29.25 -5.82
CA THR B 1859 -102.20 30.62 -6.30
C THR B 1859 -100.87 31.36 -6.31
N ALA B 1860 -100.07 31.18 -5.26
CA ALA B 1860 -98.76 31.82 -5.21
C ALA B 1860 -97.85 31.31 -6.33
N ARG B 1861 -97.87 30.00 -6.57
CA ARG B 1861 -97.05 29.43 -7.64
C ARG B 1861 -97.48 29.96 -9.00
N LYS B 1862 -98.79 30.05 -9.25
CA LYS B 1862 -99.27 30.57 -10.51
C LYS B 1862 -98.91 32.04 -10.68
N THR B 1863 -99.04 32.83 -9.61
CA THR B 1863 -98.67 34.24 -9.68
C THR B 1863 -97.19 34.40 -9.96
N ARG B 1864 -96.35 33.58 -9.33
CA ARG B 1864 -94.92 33.63 -9.62
C ARG B 1864 -94.63 33.26 -11.07
N GLU B 1865 -95.30 32.22 -11.58
CA GLU B 1865 -95.06 31.80 -12.95
C GLU B 1865 -95.46 32.89 -13.94
N PHE B 1866 -96.63 33.49 -13.74
CA PHE B 1866 -97.09 34.54 -14.64
C PHE B 1866 -96.35 35.86 -14.42
N ARG B 1867 -95.88 36.12 -13.20
CA ARG B 1867 -95.14 37.33 -12.90
C ARG B 1867 -93.64 37.02 -12.92
N SER B 1868 -93.15 36.71 -14.11
CA SER B 1868 -91.76 36.36 -14.33
C SER B 1868 -91.27 37.08 -15.58
N PRO B 1869 -89.97 37.25 -15.72
CA PRO B 1869 -89.45 37.89 -16.93
C PRO B 1869 -89.86 37.14 -18.17
N PRO B 1870 -90.09 37.84 -19.28
CA PRO B 1870 -90.57 37.16 -20.50
C PRO B 1870 -89.67 36.03 -20.97
N GLN B 1871 -88.36 36.19 -20.86
CA GLN B 1871 -87.46 35.09 -21.21
C GLN B 1871 -87.68 33.90 -20.30
N GLU B 1872 -87.88 34.14 -19.01
CA GLU B 1872 -88.17 33.04 -18.08
C GLU B 1872 -89.49 32.38 -18.43
N GLN B 1873 -90.49 33.16 -18.82
CA GLN B 1873 -91.77 32.58 -19.23
C GLN B 1873 -91.59 31.69 -20.46
N ILE B 1874 -90.80 32.14 -21.44
CA ILE B 1874 -90.58 31.33 -22.63
C ILE B 1874 -89.83 30.05 -22.26
N ASN B 1875 -88.82 30.16 -21.39
CA ASN B 1875 -88.09 28.98 -20.97
C ASN B 1875 -89.01 27.99 -20.27
N MET B 1876 -89.89 28.47 -19.41
CA MET B 1876 -90.83 27.59 -18.73
C MET B 1876 -91.78 26.93 -19.72
N LEU B 1877 -92.28 27.69 -20.68
CA LEU B 1877 -93.22 27.13 -21.66
C LEU B 1877 -92.56 26.07 -22.52
N LEU B 1878 -91.32 26.29 -22.94
CA LEU B 1878 -90.69 25.40 -23.92
C LEU B 1878 -89.97 24.21 -23.32
N ASN B 1879 -89.67 24.22 -22.02
CA ASN B 1879 -89.04 23.06 -21.38
C ASN B 1879 -90.09 21.96 -21.23
N PHE B 1880 -90.04 20.99 -22.14
CA PHE B 1880 -91.02 19.91 -22.14
C PHE B 1880 -90.60 18.72 -21.29
N GLN B 1881 -89.39 18.73 -20.73
CA GLN B 1881 -88.94 17.66 -19.85
C GLN B 1881 -89.37 17.86 -18.41
N LEU B 1882 -90.02 18.97 -18.10
CA LEU B 1882 -90.47 19.25 -16.73
C LEU B 1882 -91.80 18.58 -16.39
N GLY B 1883 -92.42 17.88 -17.34
CA GLY B 1883 -93.66 17.17 -17.06
C GLY B 1883 -94.75 18.12 -16.62
N GLU B 1884 -95.39 17.79 -15.50
CA GLU B 1884 -96.43 18.65 -14.95
C GLU B 1884 -95.90 20.01 -14.54
N ASN B 1885 -94.59 20.13 -14.28
CA ASN B 1885 -94.02 21.42 -13.93
C ASN B 1885 -94.15 22.41 -15.09
N CYS B 1886 -93.95 21.95 -16.31
CA CYS B 1886 -94.11 22.81 -17.47
C CYS B 1886 -95.59 23.08 -17.71
N PRO B 1887 -96.02 24.34 -17.82
CA PRO B 1887 -97.43 24.64 -18.03
C PRO B 1887 -97.90 24.54 -19.47
N CYS B 1888 -97.16 23.86 -20.35
CA CYS B 1888 -97.56 23.77 -21.74
C CYS B 1888 -98.49 22.58 -21.95
N PRO B 1889 -99.67 22.78 -22.54
CA PRO B 1889 -100.53 21.64 -22.87
C PRO B 1889 -99.86 20.73 -23.88
N GLU B 1890 -100.19 19.43 -23.80
CA GLU B 1890 -99.54 18.45 -24.67
C GLU B 1890 -99.96 18.62 -26.12
N GLU B 1891 -101.18 19.12 -26.36
CA GLU B 1891 -101.63 19.34 -27.74
C GLU B 1891 -100.72 20.33 -28.45
N ILE B 1892 -100.30 21.39 -27.74
CA ILE B 1892 -99.34 22.32 -28.30
C ILE B 1892 -97.96 21.66 -28.42
N ARG B 1893 -97.60 20.82 -27.45
CA ARG B 1893 -96.29 20.19 -27.45
C ARG B 1893 -96.11 19.27 -28.66
N GLU B 1894 -97.20 18.70 -29.16
CA GLU B 1894 -97.11 17.83 -30.32
C GLU B 1894 -96.55 18.58 -31.53
N GLU B 1895 -96.97 19.83 -31.72
CA GLU B 1895 -96.47 20.62 -32.84
C GLU B 1895 -94.96 20.79 -32.76
N LEU B 1896 -94.46 21.16 -31.57
CA LEU B 1896 -93.03 21.38 -31.43
C LEU B 1896 -92.25 20.09 -31.63
N TYR B 1897 -92.75 18.98 -31.09
CA TYR B 1897 -92.05 17.70 -31.29
C TYR B 1897 -92.00 17.34 -32.77
N ASP B 1898 -93.12 17.51 -33.48
CA ASP B 1898 -93.14 17.18 -34.90
C ASP B 1898 -92.19 18.07 -35.70
N PHE B 1899 -92.19 19.37 -35.40
CA PHE B 1899 -91.29 20.28 -36.12
C PHE B 1899 -89.83 19.93 -35.85
N HIS B 1900 -89.50 19.60 -34.59
CA HIS B 1900 -88.13 19.24 -34.28
C HIS B 1900 -87.70 17.99 -35.03
N GLU B 1901 -88.58 16.98 -35.07
CA GLU B 1901 -88.24 15.76 -35.81
C GLU B 1901 -88.04 16.05 -37.28
N ASP B 1902 -88.94 16.85 -37.88
CA ASP B 1902 -88.81 17.16 -39.29
C ASP B 1902 -87.53 17.95 -39.57
N LEU B 1903 -87.21 18.91 -38.70
CA LEU B 1903 -85.99 19.68 -38.89
C LEU B 1903 -84.75 18.81 -38.81
N LEU B 1904 -84.71 17.88 -37.85
CA LEU B 1904 -83.56 17.00 -37.75
C LEU B 1904 -83.49 16.05 -38.93
N ILE B 1905 -84.62 15.68 -39.52
CA ILE B 1905 -84.58 14.87 -40.73
C ILE B 1905 -84.06 15.68 -41.91
N HIS B 1906 -84.46 16.95 -41.99
CA HIS B 1906 -83.98 17.82 -43.07
C HIS B 1906 -82.48 18.03 -42.96
N CYS B 1907 -81.96 18.20 -41.76
CA CYS B 1907 -80.53 18.44 -41.54
C CYS B 1907 -79.69 17.19 -41.76
N GLY B 1908 -80.27 16.09 -42.22
CA GLY B 1908 -79.50 14.91 -42.53
C GLY B 1908 -79.22 14.01 -41.35
N VAL B 1909 -79.61 14.40 -40.15
CA VAL B 1909 -79.42 13.58 -38.96
C VAL B 1909 -80.36 12.39 -39.04
N PRO B 1910 -79.85 11.14 -38.98
CA PRO B 1910 -80.71 9.96 -39.07
C PRO B 1910 -81.47 9.69 -37.78
N GLU B 1950 -73.90 2.85 -50.87
CA GLU B 1950 -73.69 2.71 -52.31
C GLU B 1950 -74.88 3.26 -53.09
N ARG B 1951 -75.90 3.71 -52.36
CA ARG B 1951 -77.10 4.24 -53.00
C ARG B 1951 -76.79 5.51 -53.78
N CYS B 1952 -77.53 5.69 -54.87
CA CYS B 1952 -77.39 6.92 -55.63
C CYS B 1952 -77.82 8.11 -54.78
N PRO B 1953 -77.15 9.26 -54.91
CA PRO B 1953 -77.53 10.41 -54.08
C PRO B 1953 -78.94 10.88 -54.38
N THR B 1954 -79.60 11.39 -53.34
CA THR B 1954 -80.92 11.96 -53.48
C THR B 1954 -81.05 13.36 -52.89
N THR B 1955 -80.03 13.85 -52.17
CA THR B 1955 -80.04 15.19 -51.63
C THR B 1955 -78.68 15.82 -51.89
N LEU B 1956 -78.57 17.11 -51.57
CA LEU B 1956 -77.34 17.83 -51.83
C LEU B 1956 -76.19 17.32 -50.98
N LYS B 1957 -76.46 16.99 -49.72
CA LYS B 1957 -75.40 16.52 -48.83
C LYS B 1957 -74.75 15.25 -49.35
N GLU B 1958 -75.57 14.27 -49.75
CA GLU B 1958 -75.02 13.02 -50.27
C GLU B 1958 -74.23 13.26 -51.55
N LEU B 1959 -74.75 14.11 -52.43
CA LEU B 1959 -74.05 14.43 -53.67
C LEU B 1959 -72.68 15.03 -53.39
N ILE B 1960 -72.64 16.01 -52.48
CA ILE B 1960 -71.38 16.68 -52.18
C ILE B 1960 -70.38 15.71 -51.55
N SER B 1961 -70.83 14.91 -50.58
CA SER B 1961 -69.93 13.99 -49.92
C SER B 1961 -69.36 12.98 -50.90
N GLN B 1962 -70.22 12.37 -51.71
CA GLN B 1962 -69.75 11.39 -52.68
C GLN B 1962 -68.82 12.01 -53.69
N THR B 1963 -69.13 13.23 -54.16
CA THR B 1963 -68.26 13.89 -55.12
C THR B 1963 -66.89 14.19 -54.55
N MET B 1964 -66.86 14.71 -53.32
CA MET B 1964 -65.57 15.04 -52.71
C MET B 1964 -64.73 13.80 -52.49
N ILE B 1965 -65.34 12.73 -51.99
CA ILE B 1965 -64.57 11.51 -51.74
C ILE B 1965 -64.14 10.87 -53.05
N ARG B 1966 -64.98 10.92 -54.09
CA ARG B 1966 -64.58 10.36 -55.38
C ARG B 1966 -63.45 11.16 -56.00
N TRP B 1967 -63.49 12.48 -55.89
CA TRP B 1967 -62.37 13.29 -56.38
C TRP B 1967 -61.09 12.97 -55.63
N ALA B 1968 -61.18 12.79 -54.31
CA ALA B 1968 -59.99 12.49 -53.53
C ALA B 1968 -59.44 11.11 -53.87
N GLN B 1969 -60.31 10.15 -54.16
CA GLN B 1969 -59.86 8.80 -54.49
C GLN B 1969 -59.31 8.70 -55.90
N GLU B 1970 -59.91 9.41 -56.85
CA GLU B 1970 -59.51 9.30 -58.25
C GLU B 1970 -58.06 9.73 -58.45
N ASP B 1971 -57.70 10.90 -57.92
CA ASP B 1971 -56.38 11.47 -58.15
C ASP B 1971 -55.88 12.12 -56.89
N GLN B 1972 -54.56 12.25 -56.80
CA GLN B 1972 -53.92 12.93 -55.69
C GLN B 1972 -53.93 14.43 -55.97
N ILE B 1973 -54.67 15.19 -55.18
CA ILE B 1973 -54.85 16.61 -55.45
C ILE B 1973 -53.52 17.32 -55.26
N GLN B 1974 -53.07 18.01 -56.30
CA GLN B 1974 -51.78 18.71 -56.28
C GLN B 1974 -51.91 20.18 -55.89
N ASP B 1975 -53.11 20.65 -55.61
CA ASP B 1975 -53.35 22.05 -55.26
C ASP B 1975 -53.79 22.14 -53.80
N ALA B 1976 -53.08 22.94 -53.01
CA ALA B 1976 -53.42 23.06 -51.60
C ALA B 1976 -54.79 23.68 -51.40
N GLU B 1977 -55.10 24.73 -52.15
CA GLU B 1977 -56.39 25.41 -51.99
C GLU B 1977 -57.54 24.48 -52.33
N LEU B 1978 -57.40 23.66 -53.36
CA LEU B 1978 -58.45 22.73 -53.70
C LEU B 1978 -58.63 21.68 -52.62
N VAL B 1979 -57.54 21.20 -52.03
CA VAL B 1979 -57.64 20.24 -50.94
C VAL B 1979 -58.40 20.85 -49.77
N ARG B 1980 -58.04 22.08 -49.41
CA ARG B 1980 -58.72 22.75 -48.31
C ARG B 1980 -60.20 22.94 -48.61
N MET B 1981 -60.54 23.35 -49.82
CA MET B 1981 -61.94 23.55 -50.18
C MET B 1981 -62.71 22.24 -50.14
N MET B 1982 -62.16 21.18 -50.73
CA MET B 1982 -62.85 19.90 -50.76
C MET B 1982 -63.11 19.39 -49.35
N PHE B 1983 -62.09 19.42 -48.50
CA PHE B 1983 -62.28 18.83 -47.18
C PHE B 1983 -63.09 19.73 -46.26
N SER B 1984 -63.05 21.04 -46.45
CA SER B 1984 -63.96 21.92 -45.72
C SER B 1984 -65.41 21.62 -46.09
N LEU B 1985 -65.68 21.47 -47.39
CA LEU B 1985 -67.05 21.17 -47.82
C LEU B 1985 -67.50 19.81 -47.30
N LEU B 1986 -66.63 18.81 -47.39
CA LEU B 1986 -66.98 17.47 -46.93
C LEU B 1986 -67.27 17.47 -45.44
N GLN B 1987 -66.43 18.11 -44.65
CA GLN B 1987 -66.67 18.16 -43.21
C GLN B 1987 -67.94 18.93 -42.89
N ARG B 1988 -68.19 20.01 -43.63
CA ARG B 1988 -69.39 20.81 -43.40
C ARG B 1988 -70.65 20.04 -43.74
N GLN B 1989 -70.55 19.03 -44.60
CA GLN B 1989 -71.72 18.20 -44.89
C GLN B 1989 -72.18 17.41 -43.68
N TYR B 1990 -71.29 17.14 -42.72
CA TYR B 1990 -71.62 16.35 -41.54
C TYR B 1990 -71.64 17.21 -40.27
N ASP B 1991 -71.89 18.50 -40.43
CA ASP B 1991 -72.02 19.44 -39.33
C ASP B 1991 -73.22 20.34 -39.56
N SER B 1992 -74.35 19.75 -39.95
CA SER B 1992 -75.53 20.53 -40.24
C SER B 1992 -76.06 21.24 -39.00
N ILE B 1993 -76.12 20.53 -37.88
CA ILE B 1993 -76.69 21.10 -36.67
C ILE B 1993 -75.78 22.18 -36.10
N GLY B 1994 -74.47 21.97 -36.15
CA GLY B 1994 -73.56 22.99 -35.65
C GLY B 1994 -73.66 24.29 -36.42
N GLU B 1995 -73.70 24.20 -37.75
CA GLU B 1995 -73.86 25.40 -38.56
C GLU B 1995 -75.23 26.02 -38.36
N LEU B 1996 -76.27 25.20 -38.17
CA LEU B 1996 -77.59 25.73 -37.90
C LEU B 1996 -77.62 26.51 -36.59
N LEU B 1997 -76.96 25.99 -35.55
CA LEU B 1997 -76.85 26.72 -34.30
C LEU B 1997 -76.10 28.03 -34.47
N GLN B 1998 -74.95 27.97 -35.15
CA GLN B 1998 -74.18 29.19 -35.36
C GLN B 1998 -74.93 30.20 -36.20
N ALA B 1999 -75.82 29.74 -37.07
CA ALA B 1999 -76.65 30.65 -37.85
C ALA B 1999 -77.75 31.26 -37.00
N LEU B 2000 -78.38 30.46 -36.14
CA LEU B 2000 -79.42 30.98 -35.27
C LEU B 2000 -78.86 31.98 -34.26
N ARG B 2001 -77.61 31.81 -33.85
CA ARG B 2001 -77.01 32.75 -32.91
C ARG B 2001 -76.87 34.15 -33.51
N LYS B 2002 -76.90 34.28 -34.83
CA LYS B 2002 -76.81 35.57 -35.50
C LYS B 2002 -78.11 35.95 -36.19
N THR B 2003 -79.22 35.31 -35.83
CA THR B 2003 -80.52 35.62 -36.38
C THR B 2003 -81.23 36.64 -35.49
N TYR B 2004 -82.00 37.52 -36.11
CA TYR B 2004 -82.73 38.56 -35.37
C TYR B 2004 -83.98 38.92 -36.14
N THR B 2005 -85.12 38.85 -35.47
CA THR B 2005 -86.41 39.15 -36.08
C THR B 2005 -86.84 40.55 -35.64
N ILE B 2006 -87.17 41.39 -36.61
CA ILE B 2006 -87.57 42.76 -36.33
C ILE B 2006 -89.02 42.95 -36.76
N SER B 2007 -89.55 44.12 -36.45
CA SER B 2007 -90.92 44.47 -36.79
C SER B 2007 -90.97 45.16 -38.15
N GLN B 2008 -92.11 45.02 -38.82
CA GLN B 2008 -92.26 45.59 -40.16
C GLN B 2008 -92.17 47.10 -40.16
N ALA B 2009 -92.32 47.75 -39.01
CA ALA B 2009 -92.23 49.20 -38.95
C ALA B 2009 -90.80 49.70 -39.09
N SER B 2010 -89.82 48.86 -38.72
CA SER B 2010 -88.42 49.26 -38.73
C SER B 2010 -87.66 48.77 -39.94
N VAL B 2011 -88.36 48.29 -40.98
CA VAL B 2011 -87.67 47.70 -42.12
C VAL B 2011 -86.84 48.75 -42.84
N SER B 2012 -87.39 49.94 -43.05
CA SER B 2012 -86.66 50.99 -43.76
C SER B 2012 -85.42 51.41 -42.97
N ASP B 2013 -85.59 51.66 -41.67
CA ASP B 2013 -84.46 52.08 -40.85
C ASP B 2013 -83.38 51.00 -40.80
N THR B 2014 -83.79 49.73 -40.69
CA THR B 2014 -82.81 48.66 -40.65
C THR B 2014 -82.12 48.49 -42.01
N ILE B 2015 -82.83 48.75 -43.10
CA ILE B 2015 -82.19 48.72 -44.41
C ILE B 2015 -81.12 49.80 -44.52
N ASN B 2016 -81.44 51.01 -44.05
CA ASN B 2016 -80.44 52.06 -44.06
C ASN B 2016 -79.25 51.72 -43.17
N LEU B 2017 -79.52 51.16 -42.00
CA LEU B 2017 -78.44 50.75 -41.09
C LEU B 2017 -77.56 49.69 -41.73
N LEU B 2018 -78.17 48.71 -42.40
CA LEU B 2018 -77.38 47.66 -43.04
C LEU B 2018 -76.58 48.20 -44.21
N ALA B 2019 -77.13 49.16 -44.96
CA ALA B 2019 -76.37 49.78 -46.03
C ALA B 2019 -75.14 50.50 -45.49
N ALA B 2020 -75.32 51.29 -44.42
CA ALA B 2020 -74.19 51.99 -43.83
C ALA B 2020 -73.16 51.01 -43.28
N LEU B 2021 -73.62 49.97 -42.59
CA LEU B 2021 -72.70 48.99 -42.03
C LEU B 2021 -71.92 48.27 -43.13
N GLY B 2022 -72.58 47.96 -44.25
CA GLY B 2022 -71.89 47.33 -45.35
C GLY B 2022 -70.85 48.24 -45.99
N GLN B 2023 -71.18 49.53 -46.13
CA GLN B 2023 -70.20 50.47 -46.65
C GLN B 2023 -68.98 50.54 -45.72
N ILE B 2024 -69.21 50.55 -44.41
CA ILE B 2024 -68.09 50.57 -43.46
C ILE B 2024 -67.27 49.30 -43.57
N ARG B 2025 -67.95 48.15 -43.66
CA ARG B 2025 -67.24 46.87 -43.71
C ARG B 2025 -66.39 46.75 -44.95
N CYS B 2026 -66.89 47.23 -46.09
CA CYS B 2026 -66.15 47.13 -47.33
C CYS B 2026 -64.92 48.02 -47.38
N LEU B 2027 -64.78 48.95 -46.42
CA LEU B 2027 -63.59 49.79 -46.36
C LEU B 2027 -62.51 49.21 -45.47
N LEU B 2028 -62.70 48.01 -44.93
CA LEU B 2028 -61.65 47.36 -44.17
C LEU B 2028 -60.59 46.72 -45.04
N SER B 2029 -60.83 46.64 -46.34
CA SER B 2029 -59.85 46.14 -47.30
C SER B 2029 -59.39 47.26 -48.23
N VAL B 2030 -59.21 48.45 -47.66
CA VAL B 2030 -58.71 49.61 -48.40
C VAL B 2030 -57.73 50.36 -47.51
N ARG B 2031 -56.63 50.79 -48.10
CA ARG B 2031 -55.64 51.59 -47.36
C ARG B 2031 -56.28 52.90 -46.89
N MET B 2032 -56.07 53.22 -45.62
CA MET B 2032 -56.71 54.40 -45.04
C MET B 2032 -56.17 55.69 -45.65
N GLY B 2033 -57.07 56.62 -45.94
CA GLY B 2033 -56.70 57.90 -46.50
C GLY B 2033 -57.71 58.97 -46.14
N LYS B 2034 -57.56 60.17 -46.72
CA LYS B 2034 -58.47 61.27 -46.39
C LYS B 2034 -59.90 60.96 -46.83
N GLU B 2035 -60.07 60.51 -48.08
CA GLU B 2035 -61.41 60.21 -48.57
C GLU B 2035 -62.02 59.04 -47.80
N GLU B 2036 -61.24 57.99 -47.55
CA GLU B 2036 -61.72 56.87 -46.77
C GLU B 2036 -62.06 57.29 -45.35
N GLU B 2037 -61.22 58.17 -44.77
CA GLU B 2037 -61.50 58.66 -43.43
C GLU B 2037 -62.82 59.41 -43.38
N LEU B 2038 -63.07 60.27 -44.36
CA LEU B 2038 -64.35 60.98 -44.39
C LEU B 2038 -65.51 60.01 -44.57
N LEU B 2039 -65.34 59.00 -45.43
CA LEU B 2039 -66.41 58.03 -45.63
C LEU B 2039 -66.74 57.29 -44.34
N MET B 2040 -65.72 56.84 -43.62
CA MET B 2040 -65.98 56.12 -42.37
C MET B 2040 -66.55 57.03 -41.30
N ILE B 2041 -66.08 58.27 -41.22
CA ILE B 2041 -66.62 59.21 -40.24
C ILE B 2041 -68.11 59.45 -40.50
N ASN B 2042 -68.47 59.70 -41.77
CA ASN B 2042 -69.87 59.91 -42.10
C ASN B 2042 -70.69 58.66 -41.86
N GLY B 2043 -70.15 57.48 -42.17
CA GLY B 2043 -70.88 56.25 -41.93
C GLY B 2043 -71.16 56.03 -40.46
N LEU B 2044 -70.17 56.25 -39.60
CA LEU B 2044 -70.38 56.10 -38.17
C LEU B 2044 -71.39 57.12 -37.66
N GLY B 2045 -71.32 58.36 -38.17
CA GLY B 2045 -72.32 59.35 -37.79
C GLY B 2045 -73.73 58.93 -38.16
N ASP B 2046 -73.91 58.42 -39.39
CA ASP B 2046 -75.22 57.97 -39.82
C ASP B 2046 -75.70 56.81 -38.97
N ILE B 2047 -74.81 55.87 -38.64
CA ILE B 2047 -75.22 54.73 -37.82
C ILE B 2047 -75.65 55.19 -36.43
N MET B 2048 -74.88 56.11 -35.83
CA MET B 2048 -75.23 56.59 -34.50
C MET B 2048 -76.56 57.34 -34.51
N ASN B 2049 -76.80 58.16 -35.53
CA ASN B 2049 -78.05 58.90 -35.61
C ASN B 2049 -79.25 58.01 -35.90
N ASN B 2050 -79.03 56.76 -36.28
CA ASN B 2050 -80.14 55.88 -36.61
C ASN B 2050 -80.92 55.49 -35.36
N LYS B 2051 -82.25 55.44 -35.49
CA LYS B 2051 -83.10 55.09 -34.35
C LYS B 2051 -82.83 53.67 -33.89
N VAL B 2052 -82.70 52.73 -34.83
CA VAL B 2052 -82.54 51.32 -34.49
C VAL B 2052 -81.25 51.06 -33.72
N PHE B 2053 -80.26 51.95 -33.84
CA PHE B 2053 -79.00 51.72 -33.14
C PHE B 2053 -79.20 51.69 -31.63
N TYR B 2054 -79.97 52.64 -31.09
CA TYR B 2054 -80.24 52.67 -29.66
C TYR B 2054 -81.62 52.12 -29.30
N GLN B 2055 -82.42 51.72 -30.28
CA GLN B 2055 -83.64 50.99 -29.96
C GLN B 2055 -83.43 49.48 -29.91
N HIS B 2056 -82.46 48.96 -30.65
CA HIS B 2056 -82.18 47.52 -30.71
C HIS B 2056 -80.69 47.29 -30.49
N PRO B 2057 -80.19 47.50 -29.28
CA PRO B 2057 -78.77 47.23 -29.01
C PRO B 2057 -78.39 45.78 -29.26
N ASN B 2058 -79.31 44.84 -29.01
CA ASN B 2058 -79.03 43.45 -29.31
C ASN B 2058 -78.75 43.26 -30.80
N LEU B 2059 -79.45 44.02 -31.65
CA LEU B 2059 -79.18 43.95 -33.08
C LEU B 2059 -77.76 44.42 -33.39
N MET B 2060 -77.32 45.49 -32.73
CA MET B 2060 -75.96 45.99 -32.96
C MET B 2060 -74.93 44.97 -32.52
N ARG B 2061 -75.18 44.28 -31.40
CA ARG B 2061 -74.25 43.24 -30.98
C ARG B 2061 -74.27 42.05 -31.93
N VAL B 2062 -75.43 41.70 -32.46
CA VAL B 2062 -75.52 40.59 -33.41
C VAL B 2062 -74.76 40.91 -34.69
N LEU B 2063 -74.93 42.13 -35.20
CA LEU B 2063 -74.26 42.54 -36.43
C LEU B 2063 -72.76 42.70 -36.26
N GLY B 2064 -72.24 42.68 -35.04
CA GLY B 2064 -70.83 42.88 -34.80
C GLY B 2064 -70.34 44.26 -35.15
N MET B 2065 -71.10 45.30 -34.80
CA MET B 2065 -70.66 46.67 -35.07
C MET B 2065 -69.39 47.00 -34.31
N HIS B 2066 -69.33 46.64 -33.03
CA HIS B 2066 -68.20 47.01 -32.20
C HIS B 2066 -66.92 46.35 -32.68
N GLU B 2067 -67.02 45.10 -33.15
CA GLU B 2067 -65.83 44.43 -33.67
C GLU B 2067 -65.31 45.11 -34.92
N THR B 2068 -66.21 45.54 -35.81
CA THR B 2068 -65.79 46.26 -37.00
C THR B 2068 -65.10 47.58 -36.65
N VAL B 2069 -65.70 48.34 -35.72
CA VAL B 2069 -65.11 49.62 -35.35
C VAL B 2069 -63.77 49.42 -34.64
N MET B 2070 -63.66 48.35 -33.85
CA MET B 2070 -62.39 48.05 -33.21
C MET B 2070 -61.33 47.68 -34.24
N GLU B 2071 -61.71 46.95 -35.29
CA GLU B 2071 -60.76 46.66 -36.36
C GLU B 2071 -60.29 47.94 -37.03
N VAL B 2072 -61.22 48.86 -37.30
CA VAL B 2072 -60.85 50.14 -37.90
C VAL B 2072 -59.89 50.89 -37.00
N MET B 2073 -60.19 50.94 -35.70
CA MET B 2073 -59.35 51.68 -34.76
C MET B 2073 -57.97 51.05 -34.65
N VAL B 2074 -57.90 49.72 -34.61
CA VAL B 2074 -56.62 49.04 -34.57
C VAL B 2074 -55.80 49.36 -35.82
N ASP B 2075 -56.47 49.40 -36.97
CA ASP B 2075 -55.77 49.77 -38.20
C ASP B 2075 -55.22 51.19 -38.11
N VAL B 2076 -56.04 52.13 -37.64
CA VAL B 2076 -55.62 53.52 -37.60
C VAL B 2076 -54.45 53.72 -36.64
N LEU B 2077 -54.54 53.12 -35.46
CA LEU B 2077 -53.49 53.25 -34.47
C LEU B 2077 -52.22 52.52 -34.92
N ILE B 2084 -49.92 57.67 -35.63
CA ILE B 2084 -51.30 58.12 -35.65
C ILE B 2084 -51.41 59.36 -36.54
N ALA B 2085 -51.68 59.15 -37.83
CA ALA B 2085 -51.85 60.24 -38.77
C ALA B 2085 -53.30 60.54 -39.09
N PHE B 2086 -54.24 59.83 -38.47
CA PHE B 2086 -55.67 60.04 -38.69
C PHE B 2086 -56.37 60.14 -37.33
N PRO B 2087 -56.10 61.20 -36.58
CA PRO B 2087 -56.75 61.34 -35.27
C PRO B 2087 -58.27 61.45 -35.35
N LYS B 2088 -58.80 62.03 -36.42
CA LYS B 2088 -60.25 62.19 -36.52
C LYS B 2088 -60.97 60.85 -36.58
N MET B 2089 -60.39 59.89 -37.30
CA MET B 2089 -60.98 58.55 -37.36
C MET B 2089 -61.00 57.91 -35.98
N VAL B 2090 -59.90 58.05 -35.23
CA VAL B 2090 -59.85 57.50 -33.88
C VAL B 2090 -60.90 58.15 -33.01
N ALA B 2091 -61.05 59.47 -33.12
CA ALA B 2091 -62.05 60.17 -32.33
C ALA B 2091 -63.46 59.67 -32.65
N SER B 2092 -63.76 59.50 -33.93
CA SER B 2092 -65.09 59.02 -34.31
C SER B 2092 -65.34 57.60 -33.79
N CYS B 2093 -64.34 56.73 -33.93
CA CYS B 2093 -64.49 55.36 -33.43
C CYS B 2093 -64.72 55.35 -31.93
N CYS B 2094 -63.96 56.19 -31.20
CA CYS B 2094 -64.08 56.20 -29.74
C CYS B 2094 -65.43 56.77 -29.30
N ARG B 2095 -65.92 57.81 -29.96
CA ARG B 2095 -67.26 58.31 -29.63
C ARG B 2095 -68.31 57.25 -29.89
N PHE B 2096 -68.21 56.56 -31.03
CA PHE B 2096 -69.18 55.51 -31.33
C PHE B 2096 -69.14 54.42 -30.29
N LEU B 2097 -67.95 53.99 -29.87
CA LEU B 2097 -67.86 52.91 -28.89
C LEU B 2097 -68.33 53.35 -27.51
N CYS B 2098 -68.11 54.62 -27.15
CA CYS B 2098 -68.63 55.12 -25.90
C CYS B 2098 -70.15 55.11 -25.89
N TYR B 2099 -70.78 55.57 -26.99
CA TYR B 2099 -72.23 55.52 -27.08
C TYR B 2099 -72.73 54.07 -27.04
N PHE B 2100 -72.04 53.19 -27.76
CA PHE B 2100 -72.34 51.77 -27.77
C PHE B 2100 -72.37 51.21 -26.36
N CYS B 2101 -71.36 51.53 -25.56
CA CYS B 2101 -71.32 51.08 -24.17
C CYS B 2101 -72.45 51.70 -23.35
N ARG B 2102 -72.71 53.00 -23.55
CA ARG B 2102 -73.73 53.67 -22.75
C ARG B 2102 -75.11 53.08 -23.00
N ILE B 2103 -75.35 52.52 -24.19
CA ILE B 2103 -76.70 52.08 -24.54
C ILE B 2103 -77.20 51.00 -23.58
N SER B 2104 -76.52 49.86 -23.53
CA SER B 2104 -76.97 48.74 -22.74
C SER B 2104 -75.81 48.10 -21.98
N ARG B 2105 -76.14 47.42 -20.90
CA ARG B 2105 -75.11 46.73 -20.12
C ARG B 2105 -74.48 45.59 -20.88
N GLN B 2106 -75.25 44.95 -21.77
CA GLN B 2106 -74.67 43.89 -22.60
C GLN B 2106 -73.58 44.43 -23.51
N ASN B 2107 -73.81 45.59 -24.11
CA ASN B 2107 -72.77 46.21 -24.93
C ASN B 2107 -71.56 46.56 -24.09
N GLN B 2108 -71.78 47.01 -22.86
CA GLN B 2108 -70.68 47.34 -21.97
C GLN B 2108 -69.84 46.10 -21.67
N LYS B 2109 -70.50 44.98 -21.37
CA LYS B 2109 -69.76 43.75 -21.11
C LYS B 2109 -69.07 43.24 -22.37
N ALA B 2110 -69.65 43.48 -23.54
CA ALA B 2110 -68.99 43.10 -24.79
C ALA B 2110 -67.73 43.92 -25.02
N MET B 2111 -67.80 45.24 -24.79
CA MET B 2111 -66.62 46.08 -24.96
C MET B 2111 -65.59 45.87 -23.86
N PHE B 2112 -65.99 45.30 -22.72
CA PHE B 2112 -65.02 45.02 -21.67
C PHE B 2112 -63.95 44.04 -22.12
N GLU B 2113 -64.23 43.22 -23.13
CA GLU B 2113 -63.25 42.25 -23.60
C GLU B 2113 -62.04 42.91 -24.24
N HIS B 2114 -62.17 44.14 -24.73
CA HIS B 2114 -61.09 44.84 -25.38
C HIS B 2114 -60.34 45.76 -24.44
N LEU B 2115 -60.54 45.61 -23.13
CA LEU B 2115 -60.00 46.55 -22.17
C LEU B 2115 -58.48 46.56 -22.20
N SER B 2116 -57.85 45.39 -22.34
CA SER B 2116 -56.40 45.32 -22.33
C SER B 2116 -55.81 46.10 -23.50
N TYR B 2117 -56.36 45.90 -24.70
CA TYR B 2117 -55.87 46.64 -25.86
C TYR B 2117 -56.16 48.13 -25.71
N LEU B 2118 -57.35 48.48 -25.21
CA LEU B 2118 -57.69 49.89 -25.07
C LEU B 2118 -56.76 50.59 -24.10
N LEU B 2119 -56.37 49.91 -23.02
CA LEU B 2119 -55.43 50.49 -22.09
C LEU B 2119 -54.01 50.49 -22.62
N GLU B 2120 -53.67 49.53 -23.48
CA GLU B 2120 -52.33 49.53 -24.07
C GLU B 2120 -52.09 50.76 -24.92
N ASN B 2121 -53.15 51.33 -25.50
CA ASN B 2121 -53.07 52.55 -26.28
C ASN B 2121 -53.76 53.72 -25.60
N SER B 2122 -53.83 53.68 -24.27
CA SER B 2122 -54.59 54.70 -23.54
C SER B 2122 -53.96 56.08 -23.63
N SER B 2123 -52.73 56.19 -24.11
CA SER B 2123 -52.03 57.48 -24.16
C SER B 2123 -52.29 58.25 -25.44
N VAL B 2124 -53.42 58.00 -26.11
CA VAL B 2124 -53.72 58.61 -27.40
C VAL B 2124 -54.75 59.72 -27.17
N GLY B 2125 -54.41 60.93 -27.60
CA GLY B 2125 -55.35 62.03 -27.60
C GLY B 2125 -55.63 62.64 -26.24
N LEU B 2126 -54.87 62.26 -25.21
CA LEU B 2126 -55.14 62.80 -23.88
C LEU B 2126 -54.80 64.27 -23.79
N ALA B 2127 -53.71 64.69 -24.44
CA ALA B 2127 -53.24 66.07 -24.30
C ALA B 2127 -54.26 67.07 -24.81
N SER B 2128 -54.89 66.79 -25.95
CA SER B 2128 -55.84 67.71 -26.53
C SER B 2128 -57.07 67.82 -25.63
N PRO B 2129 -57.43 69.02 -25.17
CA PRO B 2129 -58.59 69.13 -24.27
C PRO B 2129 -59.92 68.95 -24.98
N SER B 2130 -60.01 69.35 -26.25
CA SER B 2130 -61.27 69.26 -26.98
C SER B 2130 -61.64 67.82 -27.34
N MET B 2131 -60.74 66.87 -27.17
CA MET B 2131 -60.97 65.48 -27.54
C MET B 2131 -61.44 64.62 -26.37
N ARG B 2132 -61.82 65.23 -25.25
CA ARG B 2132 -62.30 64.44 -24.13
C ARG B 2132 -63.54 63.66 -24.51
N GLY B 2133 -63.60 62.39 -24.10
CA GLY B 2133 -64.66 61.51 -24.51
C GLY B 2133 -64.47 60.91 -25.89
N SER B 2134 -63.35 61.20 -26.55
CA SER B 2134 -63.05 60.71 -27.89
C SER B 2134 -61.64 60.15 -27.93
N THR B 2135 -61.30 59.34 -26.94
CA THR B 2135 -60.00 58.71 -26.84
C THR B 2135 -60.18 57.27 -26.38
N PRO B 2136 -59.21 56.40 -26.64
CA PRO B 2136 -59.33 55.01 -26.18
C PRO B 2136 -59.49 54.89 -24.67
N LEU B 2137 -58.87 55.77 -23.90
CA LEU B 2137 -59.04 55.73 -22.45
C LEU B 2137 -60.49 55.98 -22.07
N ASP B 2138 -61.17 56.87 -22.78
CA ASP B 2138 -62.58 57.12 -22.52
C ASP B 2138 -63.43 55.89 -22.82
N VAL B 2139 -63.10 55.17 -23.89
CA VAL B 2139 -63.80 53.92 -24.19
C VAL B 2139 -63.58 52.91 -23.08
N ALA B 2140 -62.34 52.81 -22.59
CA ALA B 2140 -62.05 51.89 -21.50
C ALA B 2140 -62.85 52.26 -20.25
N ALA B 2141 -62.95 53.55 -19.95
CA ALA B 2141 -63.75 53.98 -18.81
C ALA B 2141 -65.23 53.65 -19.01
N SER B 2142 -65.73 53.85 -20.22
CA SER B 2142 -67.13 53.50 -20.49
C SER B 2142 -67.37 52.00 -20.36
N SER B 2143 -66.35 51.18 -20.62
CA SER B 2143 -66.48 49.75 -20.42
C SER B 2143 -66.71 49.41 -18.95
N VAL B 2144 -66.02 50.10 -18.06
CA VAL B 2144 -66.10 49.87 -16.61
C VAL B 2144 -66.61 51.16 -15.98
N MET B 2145 -67.92 51.27 -15.82
CA MET B 2145 -68.48 52.51 -15.27
C MET B 2145 -69.85 52.18 -14.68
N ASP B 2146 -69.94 52.20 -13.35
CA ASP B 2146 -71.19 51.94 -12.66
C ASP B 2146 -71.70 50.53 -12.95
N ASN B 2147 -70.80 49.62 -13.26
CA ASN B 2147 -71.11 48.21 -13.47
C ASN B 2147 -70.27 47.43 -12.47
N ASN B 2148 -70.88 47.00 -11.37
CA ASN B 2148 -70.12 46.37 -10.29
C ASN B 2148 -69.49 45.06 -10.74
N GLU B 2149 -70.21 44.29 -11.56
CA GLU B 2149 -69.70 43.00 -12.01
C GLU B 2149 -68.41 43.16 -12.80
N LEU B 2150 -68.39 44.09 -13.75
CA LEU B 2150 -67.19 44.28 -14.55
C LEU B 2150 -66.08 44.93 -13.75
N ALA B 2151 -66.42 45.85 -12.85
CA ALA B 2151 -65.39 46.48 -12.02
C ALA B 2151 -64.69 45.46 -11.14
N LEU B 2152 -65.45 44.51 -10.59
CA LEU B 2152 -64.83 43.43 -9.82
C LEU B 2152 -63.94 42.54 -10.67
N GLY B 2153 -64.11 42.56 -11.99
CA GLY B 2153 -63.33 41.73 -12.88
C GLY B 2153 -62.00 42.32 -13.34
N LEU B 2154 -61.69 43.55 -12.96
CA LEU B 2154 -60.45 44.17 -13.40
C LEU B 2154 -59.26 43.40 -12.86
N GLU B 2155 -58.30 43.11 -13.73
CA GLU B 2155 -57.08 42.41 -13.35
C GLU B 2155 -56.01 43.41 -12.96
N GLU B 2156 -55.07 42.92 -12.14
CA GLU B 2156 -54.01 43.79 -11.63
C GLU B 2156 -53.15 44.41 -12.71
N PRO B 2157 -52.70 43.68 -13.73
CA PRO B 2157 -51.91 44.33 -14.79
C PRO B 2157 -52.66 45.43 -15.55
N ASP B 2158 -53.99 45.31 -15.68
CA ASP B 2158 -54.75 46.36 -16.35
C ASP B 2158 -54.63 47.68 -15.60
N LEU B 2159 -54.76 47.65 -14.27
CA LEU B 2159 -54.53 48.85 -13.48
C LEU B 2159 -53.06 49.23 -13.47
N GLU B 2160 -52.16 48.26 -13.58
CA GLU B 2160 -50.73 48.54 -13.55
C GLU B 2160 -50.32 49.36 -14.77
N LYS B 2161 -50.94 49.10 -15.92
CA LYS B 2161 -50.64 49.90 -17.11
C LYS B 2161 -50.99 51.37 -16.88
N VAL B 2162 -52.18 51.63 -16.34
CA VAL B 2162 -52.60 53.00 -16.10
C VAL B 2162 -51.72 53.66 -15.05
N VAL B 2163 -51.31 52.90 -14.03
CA VAL B 2163 -50.41 53.47 -13.03
C VAL B 2163 -49.05 53.79 -13.63
N THR B 2164 -48.57 52.96 -14.55
CA THR B 2164 -47.31 53.25 -15.22
C THR B 2164 -47.42 54.52 -16.06
N TYR B 2165 -48.52 54.66 -16.80
CA TYR B 2165 -48.71 55.88 -17.59
C TYR B 2165 -48.77 57.10 -16.69
N LEU B 2166 -49.46 56.99 -15.55
CA LEU B 2166 -49.56 58.11 -14.62
C LEU B 2166 -48.18 58.46 -14.04
N ALA B 2167 -47.40 57.44 -13.70
CA ALA B 2167 -46.05 57.68 -13.19
C ALA B 2167 -45.20 58.39 -14.24
N GLY B 2168 -45.30 57.96 -15.49
CA GLY B 2168 -44.59 58.66 -16.55
C GLY B 2168 -45.04 60.10 -16.68
N CYS B 2169 -46.34 60.35 -16.52
CA CYS B 2169 -46.85 61.72 -16.54
C CYS B 2169 -46.32 62.53 -15.37
N GLY B 2170 -45.95 61.87 -14.28
CA GLY B 2170 -45.43 62.57 -13.12
C GLY B 2170 -43.99 62.96 -13.16
N LEU B 2171 -43.28 62.66 -14.25
CA LEU B 2171 -41.86 62.97 -14.38
C LEU B 2171 -41.55 63.88 -15.55
N GLN B 2172 -42.08 63.58 -16.73
CA GLN B 2172 -41.74 64.30 -17.96
C GLN B 2172 -42.83 65.29 -18.33
N SER B 2173 -42.41 66.45 -18.82
CA SER B 2173 -43.37 67.46 -19.28
C SER B 2173 -44.04 67.01 -20.57
N CYS B 2174 -45.19 67.59 -20.85
CA CYS B 2174 -45.98 67.18 -22.00
C CYS B 2174 -45.29 67.62 -23.29
N PRO B 2175 -44.93 66.70 -24.19
CA PRO B 2175 -44.28 67.13 -25.45
C PRO B 2175 -45.14 68.08 -26.26
N MET B 2176 -46.44 67.84 -26.35
CA MET B 2176 -47.31 68.74 -27.11
C MET B 2176 -47.37 70.12 -26.47
N LEU B 2177 -47.45 70.17 -25.14
CA LEU B 2177 -47.49 71.47 -24.47
C LEU B 2177 -46.18 72.23 -24.68
N LEU B 2178 -45.05 71.53 -24.63
CA LEU B 2178 -43.77 72.19 -24.89
C LEU B 2178 -43.68 72.67 -26.32
N ALA B 2179 -44.16 71.88 -27.27
CA ALA B 2179 -44.16 72.32 -28.66
C ALA B 2179 -45.02 73.55 -28.86
N LYS B 2180 -46.19 73.59 -28.21
CA LYS B 2180 -47.06 74.76 -28.31
C LYS B 2180 -46.54 75.96 -27.54
N GLY B 2181 -45.49 75.79 -26.73
CA GLY B 2181 -44.86 76.91 -26.06
C GLY B 2181 -45.15 77.06 -24.59
N TYR B 2182 -45.85 76.12 -23.97
CA TYR B 2182 -46.15 76.24 -22.55
C TYR B 2182 -44.87 76.15 -21.73
N PRO B 2183 -44.83 76.79 -20.57
CA PRO B 2183 -43.65 76.71 -19.71
C PRO B 2183 -43.38 75.27 -19.28
N ASP B 2184 -42.11 74.95 -19.12
CA ASP B 2184 -41.70 73.60 -18.73
C ASP B 2184 -41.73 73.52 -17.20
N VAL B 2185 -42.90 73.18 -16.66
CA VAL B 2185 -43.03 73.01 -15.22
C VAL B 2185 -42.38 71.73 -14.73
N GLY B 2186 -42.11 70.78 -15.63
CA GLY B 2186 -41.40 69.58 -15.27
C GLY B 2186 -42.25 68.35 -15.08
N TRP B 2187 -43.55 68.43 -15.29
CA TRP B 2187 -44.42 67.26 -15.22
C TRP B 2187 -45.69 67.55 -15.99
N ASN B 2188 -46.42 66.50 -16.31
CA ASN B 2188 -47.61 66.62 -17.15
C ASN B 2188 -48.87 66.54 -16.32
N PRO B 2189 -49.44 67.67 -15.91
CA PRO B 2189 -50.59 67.62 -15.01
C PRO B 2189 -51.91 67.47 -15.74
N ILE B 2190 -51.86 67.15 -17.03
CA ILE B 2190 -53.05 67.11 -17.87
C ILE B 2190 -53.47 65.68 -18.19
N GLU B 2191 -52.52 64.84 -18.60
CA GLU B 2191 -52.85 63.43 -18.82
C GLU B 2191 -52.96 62.66 -17.51
N GLY B 2192 -52.18 63.07 -16.50
CA GLY B 2192 -52.29 62.43 -15.20
C GLY B 2192 -53.69 62.52 -14.63
N GLU B 2193 -54.34 63.66 -14.84
CA GLU B 2193 -55.73 63.79 -14.43
C GLU B 2193 -56.62 62.77 -15.14
N ARG B 2194 -56.33 62.51 -16.42
CA ARG B 2194 -57.10 61.54 -17.18
C ARG B 2194 -56.95 60.14 -16.58
N TYR B 2195 -55.72 59.74 -16.25
CA TYR B 2195 -55.53 58.42 -15.66
C TYR B 2195 -56.13 58.34 -14.27
N LEU B 2196 -56.08 59.43 -13.50
CA LEU B 2196 -56.72 59.44 -12.20
C LEU B 2196 -58.23 59.28 -12.34
N SER B 2197 -58.82 59.91 -13.35
CA SER B 2197 -60.26 59.75 -13.59
C SER B 2197 -60.60 58.31 -13.95
N PHE B 2198 -59.79 57.68 -14.80
CA PHE B 2198 -60.05 56.28 -15.11
C PHE B 2198 -59.97 55.42 -13.86
N LEU B 2199 -58.96 55.63 -13.02
CA LEU B 2199 -58.85 54.84 -11.81
C LEU B 2199 -60.02 55.10 -10.87
N ARG B 2200 -60.52 56.34 -10.83
CA ARG B 2200 -61.70 56.64 -10.05
C ARG B 2200 -62.90 55.84 -10.52
N PHE B 2201 -63.06 55.72 -11.83
CA PHE B 2201 -64.14 54.87 -12.36
C PHE B 2201 -63.91 53.42 -11.98
N ALA B 2202 -62.64 52.98 -11.95
CA ALA B 2202 -62.34 51.60 -11.63
C ALA B 2202 -62.67 51.28 -10.17
N VAL B 2203 -62.42 52.20 -9.25
CA VAL B 2203 -62.58 51.94 -7.83
C VAL B 2203 -64.02 52.17 -7.39
N PHE B 2204 -64.48 53.41 -7.53
CA PHE B 2204 -65.79 53.80 -6.99
C PHE B 2204 -66.89 53.41 -7.95
N VAL B 2205 -67.77 52.51 -7.52
CA VAL B 2205 -68.87 52.03 -8.34
C VAL B 2205 -70.18 52.27 -7.60
N ASN B 2206 -71.07 53.06 -8.21
CA ASN B 2206 -72.42 53.27 -7.71
C ASN B 2206 -72.43 53.68 -6.24
N SER B 2207 -71.71 54.76 -5.94
CA SER B 2207 -71.69 55.35 -4.60
C SER B 2207 -71.17 54.37 -3.55
N GLU B 2208 -70.29 53.45 -3.95
CA GLU B 2208 -69.71 52.50 -3.00
C GLU B 2208 -68.39 52.02 -3.56
N SER B 2209 -67.30 52.25 -2.84
CA SER B 2209 -65.99 51.88 -3.33
C SER B 2209 -65.83 50.37 -3.37
N VAL B 2210 -65.16 49.88 -4.39
CA VAL B 2210 -64.81 48.46 -4.51
C VAL B 2210 -63.52 48.24 -3.73
N GLU B 2211 -63.59 47.39 -2.69
CA GLU B 2211 -62.46 47.27 -1.78
C GLU B 2211 -61.24 46.66 -2.46
N GLU B 2212 -61.44 45.65 -3.30
CA GLU B 2212 -60.30 45.00 -3.94
C GLU B 2212 -59.54 45.96 -4.83
N ASN B 2213 -60.26 46.65 -5.71
CA ASN B 2213 -59.62 47.61 -6.59
C ASN B 2213 -59.02 48.77 -5.81
N ALA B 2214 -59.67 49.16 -4.71
CA ALA B 2214 -59.12 50.22 -3.87
C ALA B 2214 -57.76 49.81 -3.31
N SER B 2215 -57.68 48.60 -2.77
CA SER B 2215 -56.42 48.10 -2.24
C SER B 2215 -55.35 48.03 -3.33
N VAL B 2216 -55.71 47.49 -4.49
CA VAL B 2216 -54.73 47.34 -5.57
C VAL B 2216 -54.22 48.70 -6.02
N VAL B 2217 -55.13 49.66 -6.20
CA VAL B 2217 -54.74 50.98 -6.67
C VAL B 2217 -53.85 51.67 -5.66
N VAL B 2218 -54.18 51.56 -4.37
CA VAL B 2218 -53.35 52.22 -3.37
C VAL B 2218 -51.97 51.59 -3.32
N LYS B 2219 -51.89 50.26 -3.40
CA LYS B 2219 -50.58 49.60 -3.41
C LYS B 2219 -49.75 50.05 -4.61
N LEU B 2220 -50.36 50.07 -5.80
CA LEU B 2220 -49.63 50.47 -6.99
C LEU B 2220 -49.15 51.91 -6.87
N LEU B 2221 -50.00 52.80 -6.39
CA LEU B 2221 -49.60 54.20 -6.30
C LEU B 2221 -48.47 54.39 -5.29
N ILE B 2222 -48.56 53.73 -4.14
CA ILE B 2222 -47.52 53.89 -3.12
C ILE B 2222 -46.20 53.31 -3.59
N ARG B 2223 -46.22 52.22 -4.36
CA ARG B 2223 -44.99 51.68 -4.90
C ARG B 2223 -44.25 52.70 -5.76
N ARG B 2224 -44.99 53.59 -6.43
CA ARG B 2224 -44.42 54.63 -7.30
C ARG B 2224 -44.90 55.99 -6.83
N PRO B 2225 -44.16 56.67 -5.97
CA PRO B 2225 -44.64 57.94 -5.40
C PRO B 2225 -44.81 59.06 -6.41
N GLU B 2226 -44.16 58.99 -7.57
CA GLU B 2226 -44.30 60.06 -8.55
C GLU B 2226 -45.72 60.16 -9.11
N CYS B 2227 -46.52 59.09 -8.96
CA CYS B 2227 -47.93 59.18 -9.31
C CYS B 2227 -48.67 60.22 -8.48
N PHE B 2228 -48.12 60.61 -7.33
CA PHE B 2228 -48.71 61.66 -6.52
C PHE B 2228 -48.28 63.06 -6.96
N GLY B 2229 -47.37 63.18 -7.91
CA GLY B 2229 -46.92 64.48 -8.35
C GLY B 2229 -45.82 65.04 -7.47
N PRO B 2230 -45.21 66.14 -7.90
CA PRO B 2230 -44.08 66.70 -7.16
C PRO B 2230 -44.40 67.11 -5.73
N ALA B 2231 -45.62 67.57 -5.46
CA ALA B 2231 -45.93 68.09 -4.14
C ALA B 2231 -45.96 67.00 -3.08
N LEU B 2232 -46.41 65.80 -3.46
CA LEU B 2232 -46.54 64.71 -2.50
C LEU B 2232 -45.38 63.73 -2.54
N ARG B 2233 -44.27 64.08 -3.20
CA ARG B 2233 -43.08 63.25 -3.11
C ARG B 2233 -42.42 63.45 -1.74
N GLY B 2234 -41.84 62.37 -1.23
CA GLY B 2234 -41.35 62.38 0.14
C GLY B 2234 -40.24 63.40 0.36
N GLU B 2235 -39.26 63.42 -0.53
CA GLU B 2235 -38.11 64.30 -0.41
C GLU B 2235 -38.33 65.53 -1.28
N GLY B 2236 -38.35 66.71 -0.65
CA GLY B 2236 -38.58 67.96 -1.34
C GLY B 2236 -40.03 68.36 -1.49
N GLY B 2237 -40.97 67.47 -1.14
CA GLY B 2237 -42.38 67.79 -1.22
C GLY B 2237 -42.77 68.97 -0.35
N ASN B 2238 -43.54 69.91 -0.91
CA ASN B 2238 -43.99 71.08 -0.17
C ASN B 2238 -45.38 70.89 0.43
N GLY B 2239 -46.06 69.79 0.14
CA GLY B 2239 -47.38 69.56 0.66
C GLY B 2239 -48.48 69.97 -0.30
N LEU B 2240 -49.65 69.38 -0.11
CA LEU B 2240 -50.78 69.63 -1.01
C LEU B 2240 -51.21 71.09 -0.95
N LEU B 2241 -51.26 71.67 0.25
CA LEU B 2241 -51.67 73.07 0.37
C LEU B 2241 -50.68 73.99 -0.31
N ALA B 2242 -49.38 73.73 -0.14
CA ALA B 2242 -48.37 74.53 -0.81
C ALA B 2242 -48.50 74.41 -2.32
N ALA B 2243 -48.76 73.19 -2.81
CA ALA B 2243 -48.92 73.00 -4.24
C ALA B 2243 -50.11 73.76 -4.78
N MET B 2244 -51.24 73.71 -4.08
CA MET B 2244 -52.43 74.44 -4.55
C MET B 2244 -52.21 75.95 -4.52
N GLN B 2245 -51.56 76.45 -3.47
CA GLN B 2245 -51.28 77.88 -3.42
C GLN B 2245 -50.33 78.31 -4.53
N GLY B 2246 -49.32 77.48 -4.81
CA GLY B 2246 -48.45 77.77 -5.94
C GLY B 2246 -49.19 77.75 -7.26
N ALA B 2247 -50.15 76.83 -7.42
CA ALA B 2247 -50.95 76.80 -8.63
C ALA B 2247 -51.78 78.07 -8.78
N ILE B 2248 -52.34 78.55 -7.67
CA ILE B 2248 -53.11 79.79 -7.74
C ILE B 2248 -52.21 80.97 -8.09
N LYS B 2249 -51.00 81.00 -7.53
CA LYS B 2249 -50.05 82.04 -7.88
C LYS B 2249 -49.71 81.98 -9.37
N ILE B 2250 -49.52 80.78 -9.91
CA ILE B 2250 -49.29 80.63 -11.34
C ILE B 2250 -50.47 81.18 -12.13
N SER B 2251 -51.69 80.86 -11.70
CA SER B 2251 -52.88 81.29 -12.43
C SER B 2251 -52.97 82.81 -12.46
N GLU B 2252 -52.68 83.47 -11.35
CA GLU B 2252 -52.79 84.94 -11.32
C GLU B 2252 -51.77 85.62 -12.22
N ASN B 2253 -50.69 84.94 -12.58
CA ASN B 2253 -49.63 85.52 -13.38
C ASN B 2253 -49.70 84.99 -14.80
N PRO B 2254 -50.07 85.81 -15.80
CA PRO B 2254 -50.18 85.28 -17.18
C PRO B 2254 -48.88 84.78 -17.76
N ALA B 2255 -47.73 85.20 -17.21
CA ALA B 2255 -46.45 84.79 -17.78
C ALA B 2255 -46.11 83.35 -17.44
N LEU B 2256 -46.72 82.78 -16.40
CA LEU B 2256 -46.35 81.45 -15.93
C LEU B 2256 -47.27 80.35 -16.41
N ASP B 2257 -48.44 80.67 -16.96
CA ASP B 2257 -49.39 79.65 -17.38
C ASP B 2257 -49.64 79.66 -18.88
N LEU B 2258 -49.98 80.81 -19.45
CA LEU B 2258 -50.29 80.86 -20.86
C LEU B 2258 -49.03 80.67 -21.71
N PRO B 2259 -49.17 80.12 -22.91
CA PRO B 2259 -48.01 79.96 -23.78
C PRO B 2259 -47.47 81.31 -24.23
N SER B 2260 -46.26 81.27 -24.79
CA SER B 2260 -45.61 82.50 -25.21
C SER B 2260 -46.39 83.16 -26.34
N GLN B 2261 -46.28 84.48 -26.42
CA GLN B 2261 -46.98 85.23 -27.46
C GLN B 2261 -46.52 84.80 -28.85
N GLY B 2262 -45.22 84.62 -29.02
CA GLY B 2262 -44.67 84.19 -30.30
C GLY B 2262 -44.99 82.75 -30.62
N GLU B 2274 -58.10 77.35 -29.36
CA GLU B 2274 -59.34 76.68 -29.01
C GLU B 2274 -59.21 75.97 -27.67
N GLU B 2275 -59.86 76.52 -26.64
CA GLU B 2275 -59.80 75.96 -25.29
C GLU B 2275 -58.36 75.91 -24.78
N ILE B 2276 -57.78 77.10 -24.62
CA ILE B 2276 -56.39 77.20 -24.21
C ILE B 2276 -56.20 76.54 -22.85
N VAL B 2277 -55.17 75.71 -22.74
CA VAL B 2277 -54.87 75.02 -21.49
C VAL B 2277 -54.12 75.97 -20.57
N HIS B 2278 -54.63 76.14 -19.35
CA HIS B 2278 -54.00 76.98 -18.34
C HIS B 2278 -53.28 76.09 -17.34
N MET B 2279 -52.00 76.37 -17.09
CA MET B 2279 -51.19 75.47 -16.28
C MET B 2279 -51.69 75.43 -14.82
N GLY B 2280 -52.04 76.59 -14.28
CA GLY B 2280 -52.49 76.62 -12.89
C GLY B 2280 -53.73 75.78 -12.66
N ASN B 2281 -54.73 75.95 -13.52
CA ASN B 2281 -55.94 75.15 -13.37
C ASN B 2281 -55.67 73.68 -13.64
N ALA B 2282 -54.74 73.37 -14.54
CA ALA B 2282 -54.39 71.97 -14.78
C ALA B 2282 -53.80 71.34 -13.52
N ILE B 2283 -52.91 72.05 -12.84
CA ILE B 2283 -52.31 71.52 -11.62
C ILE B 2283 -53.37 71.35 -10.54
N MET B 2284 -54.24 72.34 -10.36
CA MET B 2284 -55.31 72.23 -9.38
C MET B 2284 -56.20 71.04 -9.68
N SER B 2285 -56.57 70.85 -10.95
CA SER B 2285 -57.42 69.74 -11.32
C SER B 2285 -56.73 68.41 -11.07
N PHE B 2286 -55.43 68.34 -11.34
CA PHE B 2286 -54.71 67.10 -11.07
C PHE B 2286 -54.77 66.74 -9.60
N TYR B 2287 -54.47 67.71 -8.73
CA TYR B 2287 -54.46 67.40 -7.30
C TYR B 2287 -55.86 67.10 -6.78
N SER B 2288 -56.88 67.79 -7.29
CA SER B 2288 -58.24 67.49 -6.89
C SER B 2288 -58.64 66.08 -7.31
N ALA B 2289 -58.28 65.67 -8.52
CA ALA B 2289 -58.59 64.32 -8.97
C ALA B 2289 -57.85 63.29 -8.13
N LEU B 2290 -56.59 63.57 -7.78
CA LEU B 2290 -55.83 62.62 -6.97
C LEU B 2290 -56.45 62.47 -5.59
N ILE B 2291 -56.79 63.58 -4.95
CA ILE B 2291 -57.38 63.51 -3.62
C ILE B 2291 -58.75 62.85 -3.66
N ASP B 2292 -59.50 63.10 -4.73
CA ASP B 2292 -60.79 62.43 -4.90
C ASP B 2292 -60.62 60.92 -5.02
N LEU B 2293 -59.66 60.48 -5.83
CA LEU B 2293 -59.42 59.05 -5.98
C LEU B 2293 -59.02 58.42 -4.65
N LEU B 2294 -58.10 59.08 -3.92
CA LEU B 2294 -57.66 58.53 -2.64
C LEU B 2294 -58.80 58.47 -1.65
N GLY B 2295 -59.61 59.53 -1.59
CA GLY B 2295 -60.74 59.53 -0.68
C GLY B 2295 -61.78 58.48 -1.03
N ARG B 2296 -61.94 58.18 -2.31
CA ARG B 2296 -62.83 57.10 -2.71
C ARG B 2296 -62.20 55.72 -2.47
N CYS B 2297 -60.88 55.65 -2.32
CA CYS B 2297 -60.23 54.39 -1.98
C CYS B 2297 -60.30 54.07 -0.49
N ALA B 2298 -60.75 55.00 0.34
CA ALA B 2298 -60.75 54.77 1.78
C ALA B 2298 -61.75 53.69 2.15
N PRO B 2299 -61.45 52.87 3.15
CA PRO B 2299 -62.33 51.74 3.47
C PRO B 2299 -63.67 52.22 4.01
N GLU B 2300 -64.68 51.40 3.78
CA GLU B 2300 -65.99 51.66 4.35
C GLU B 2300 -65.94 51.50 5.87
N MET B 2301 -66.84 52.20 6.55
CA MET B 2301 -66.80 52.21 8.01
C MET B 2301 -67.08 50.84 8.60
N HIS B 2302 -68.02 50.10 8.00
CA HIS B 2302 -68.35 48.78 8.53
C HIS B 2302 -67.17 47.83 8.40
N LEU B 2303 -66.40 47.93 7.31
CA LEU B 2303 -65.22 47.09 7.17
C LEU B 2303 -64.18 47.39 8.25
N ILE B 2304 -64.00 48.67 8.57
CA ILE B 2304 -63.07 49.02 9.63
C ILE B 2304 -63.57 48.49 10.98
N GLN B 2305 -64.87 48.62 11.24
CA GLN B 2305 -65.41 48.16 12.51
C GLN B 2305 -65.45 46.63 12.61
N THR B 2306 -65.39 45.93 11.48
CA THR B 2306 -65.35 44.48 11.49
C THR B 2306 -63.97 43.93 11.83
N GLY B 2307 -62.95 44.79 11.91
CA GLY B 2307 -61.63 44.35 12.31
C GLY B 2307 -60.72 43.91 11.20
N LYS B 2308 -61.03 44.23 9.94
CA LYS B 2308 -60.16 43.84 8.84
C LYS B 2308 -58.85 44.63 8.89
N GLY B 2309 -57.73 43.90 8.82
CA GLY B 2309 -56.44 44.55 8.86
C GLY B 2309 -56.16 45.39 7.63
N GLU B 2310 -56.61 44.91 6.45
CA GLU B 2310 -56.34 45.63 5.21
C GLU B 2310 -56.99 47.01 5.21
N ALA B 2311 -58.22 47.10 5.71
CA ALA B 2311 -58.90 48.40 5.74
C ALA B 2311 -58.17 49.38 6.63
N ILE B 2312 -57.73 48.94 7.81
CA ILE B 2312 -57.00 49.83 8.71
C ILE B 2312 -55.67 50.23 8.10
N ARG B 2313 -55.01 49.29 7.42
CA ARG B 2313 -53.73 49.60 6.78
C ARG B 2313 -53.91 50.66 5.71
N ILE B 2314 -54.93 50.51 4.87
CA ILE B 2314 -55.16 51.47 3.80
C ILE B 2314 -55.53 52.83 4.36
N ARG B 2315 -56.38 52.85 5.39
CA ARG B 2315 -56.76 54.12 6.00
C ARG B 2315 -55.55 54.82 6.63
N SER B 2316 -54.67 54.04 7.26
CA SER B 2316 -53.46 54.62 7.84
C SER B 2316 -52.56 55.20 6.76
N ILE B 2317 -52.41 54.49 5.65
CA ILE B 2317 -51.59 55.00 4.55
C ILE B 2317 -52.17 56.31 4.04
N LEU B 2318 -53.49 56.35 3.84
CA LEU B 2318 -54.13 57.56 3.34
C LEU B 2318 -53.96 58.71 4.31
N ARG B 2319 -54.08 58.44 5.61
CA ARG B 2319 -53.88 59.49 6.60
C ARG B 2319 -52.45 60.01 6.58
N SER B 2320 -51.48 59.11 6.44
CA SER B 2320 -50.10 59.55 6.39
C SER B 2320 -49.81 60.37 5.14
N LEU B 2321 -50.51 60.10 4.04
CA LEU B 2321 -50.25 60.83 2.81
C LEU B 2321 -50.64 62.31 2.93
N VAL B 2322 -51.85 62.59 3.38
CA VAL B 2322 -52.34 63.97 3.43
C VAL B 2322 -52.82 64.32 4.83
N PRO B 2323 -52.17 65.25 5.52
CA PRO B 2323 -52.64 65.64 6.86
C PRO B 2323 -53.89 66.50 6.79
N THR B 2324 -54.60 66.56 7.91
CA THR B 2324 -55.83 67.34 7.96
C THR B 2324 -55.56 68.84 7.84
N GLU B 2325 -54.36 69.28 8.22
CA GLU B 2325 -54.01 70.68 8.07
C GLU B 2325 -54.06 71.09 6.61
N ASP B 2326 -53.55 70.25 5.72
CA ASP B 2326 -53.57 70.55 4.28
C ASP B 2326 -55.00 70.62 3.76
N LEU B 2327 -55.84 69.67 4.16
CA LEU B 2327 -57.24 69.67 3.72
C LEU B 2327 -57.95 70.92 4.19
N VAL B 2328 -57.80 71.26 5.46
CA VAL B 2328 -58.50 72.42 6.00
C VAL B 2328 -57.97 73.71 5.38
N GLY B 2329 -56.67 73.76 5.08
CA GLY B 2329 -56.14 74.93 4.39
C GLY B 2329 -56.69 75.06 2.98
N ILE B 2330 -56.79 73.95 2.26
CA ILE B 2330 -57.32 73.99 0.91
C ILE B 2330 -58.78 74.42 0.92
N ILE B 2331 -59.57 73.88 1.85
CA ILE B 2331 -60.98 74.26 1.94
C ILE B 2331 -61.12 75.74 2.30
N SER B 2332 -60.12 76.32 2.95
CA SER B 2332 -60.18 77.70 3.40
C SER B 2332 -59.73 78.70 2.36
N ILE B 2333 -59.24 78.25 1.20
CA ILE B 2333 -58.71 79.17 0.19
C ILE B 2333 -59.88 79.95 -0.40
N PRO B 2334 -59.86 81.28 -0.33
CA PRO B 2334 -60.98 82.07 -0.85
C PRO B 2334 -61.11 81.95 -2.36
N LEU B 2335 -62.34 82.02 -2.82
CA LEU B 2335 -62.67 81.94 -4.24
C LEU B 2335 -62.84 83.33 -4.82
N LYS B 2336 -62.77 83.40 -6.15
CA LYS B 2336 -62.98 84.64 -6.89
C LYS B 2336 -64.30 84.49 -7.67
N LEU B 2337 -65.35 85.08 -7.13
CA LEU B 2337 -66.68 84.96 -7.69
C LEU B 2337 -67.08 86.24 -8.40
N PRO B 2338 -68.02 86.15 -9.35
CA PRO B 2338 -68.38 87.33 -10.14
C PRO B 2338 -68.98 88.43 -9.27
N SER B 2339 -68.74 89.67 -9.69
CA SER B 2339 -69.23 90.84 -8.97
C SER B 2339 -69.95 91.76 -9.93
N LEU B 2340 -70.92 92.50 -9.41
CA LEU B 2340 -71.76 93.39 -10.20
C LEU B 2340 -71.10 94.77 -10.26
N ASN B 2341 -70.74 95.20 -11.47
CA ASN B 2341 -70.05 96.46 -11.65
C ASN B 2341 -71.01 97.63 -11.44
N LYS B 2342 -70.42 98.78 -11.07
CA LYS B 2342 -71.23 99.98 -10.86
C LYS B 2342 -71.92 100.42 -12.14
N ASP B 2343 -71.29 100.21 -13.29
CA ASP B 2343 -71.90 100.59 -14.57
C ASP B 2343 -73.12 99.75 -14.92
N GLY B 2344 -73.35 98.64 -14.21
CA GLY B 2344 -74.47 97.77 -14.48
C GLY B 2344 -74.14 96.52 -15.26
N SER B 2345 -72.86 96.27 -15.53
CA SER B 2345 -72.42 95.07 -16.24
C SER B 2345 -71.83 94.08 -15.26
N ILE B 2346 -72.06 92.79 -15.53
CA ILE B 2346 -71.60 91.71 -14.67
C ILE B 2346 -70.17 91.35 -15.07
N SER B 2347 -69.27 91.37 -14.09
CA SER B 2347 -67.87 90.99 -14.30
C SER B 2347 -67.70 89.56 -13.78
N GLU B 2348 -67.63 88.61 -14.71
CA GLU B 2348 -67.56 87.21 -14.34
C GLU B 2348 -66.13 86.70 -14.51
N PRO B 2349 -65.43 86.35 -13.44
CA PRO B 2349 -64.08 85.79 -13.60
C PRO B 2349 -64.12 84.50 -14.40
N ASP B 2350 -63.06 84.27 -15.16
CA ASP B 2350 -62.97 83.07 -15.97
C ASP B 2350 -62.90 81.83 -15.08
N MET B 2351 -63.73 80.84 -15.38
CA MET B 2351 -63.79 79.62 -14.58
C MET B 2351 -62.88 78.52 -15.08
N ALA B 2352 -62.11 78.77 -16.13
CA ALA B 2352 -61.17 77.79 -16.64
C ALA B 2352 -59.73 78.05 -16.20
N ALA B 2353 -59.46 79.20 -15.59
CA ALA B 2353 -58.11 79.55 -15.15
C ALA B 2353 -58.15 80.15 -13.76
N ASN B 2354 -58.94 79.58 -12.87
CA ASN B 2354 -59.04 80.06 -11.50
C ASN B 2354 -59.37 78.90 -10.58
N PHE B 2355 -59.12 79.10 -9.29
CA PHE B 2355 -59.54 78.14 -8.29
C PHE B 2355 -61.07 78.15 -8.20
N CYS B 2356 -61.67 76.97 -8.29
CA CYS B 2356 -63.11 76.82 -8.35
C CYS B 2356 -63.59 75.88 -7.25
N PRO B 2357 -64.88 75.95 -6.90
CA PRO B 2357 -65.39 75.07 -5.84
C PRO B 2357 -65.26 73.60 -6.17
N ASP B 2358 -65.16 73.24 -7.45
CA ASP B 2358 -64.96 71.84 -7.82
C ASP B 2358 -63.68 71.28 -7.25
N HIS B 2359 -62.72 72.13 -6.89
CA HIS B 2359 -61.47 71.70 -6.30
C HIS B 2359 -61.52 71.61 -4.79
N LYS B 2360 -62.63 72.02 -4.17
CA LYS B 2360 -62.81 71.86 -2.73
C LYS B 2360 -63.68 70.67 -2.38
N ALA B 2361 -64.53 70.22 -3.29
CA ALA B 2361 -65.40 69.09 -3.00
C ALA B 2361 -64.64 67.82 -2.68
N PRO B 2362 -63.61 67.43 -3.44
CA PRO B 2362 -62.87 66.21 -3.07
C PRO B 2362 -62.26 66.27 -1.68
N MET B 2363 -61.74 67.43 -1.28
CA MET B 2363 -61.15 67.54 0.06
C MET B 2363 -62.18 67.23 1.12
N VAL B 2364 -63.37 67.83 1.01
CA VAL B 2364 -64.45 67.53 1.94
C VAL B 2364 -64.75 66.04 1.93
N LEU B 2365 -64.64 65.41 0.77
CA LEU B 2365 -64.77 63.95 0.72
C LEU B 2365 -63.62 63.27 1.45
N PHE B 2366 -62.39 63.66 1.12
CA PHE B 2366 -61.22 63.02 1.71
C PHE B 2366 -61.19 63.25 3.21
N LEU B 2367 -61.50 64.47 3.64
CA LEU B 2367 -61.58 64.80 5.05
C LEU B 2367 -62.72 64.10 5.77
N ASP B 2368 -63.64 63.50 5.03
CA ASP B 2368 -64.81 62.85 5.63
C ASP B 2368 -64.68 61.33 5.66
N ARG B 2369 -64.36 60.71 4.52
CA ARG B 2369 -64.18 59.27 4.50
C ARG B 2369 -62.93 58.84 5.26
N VAL B 2370 -61.85 59.58 5.10
CA VAL B 2370 -60.67 59.48 5.95
C VAL B 2370 -60.69 60.66 6.90
N TYR B 2371 -60.21 60.47 8.12
CA TYR B 2371 -60.21 61.54 9.11
C TYR B 2371 -61.63 61.97 9.44
N GLY B 2372 -62.48 61.01 9.77
CA GLY B 2372 -63.88 61.30 10.03
C GLY B 2372 -64.09 62.37 11.08
N ILE B 2373 -64.97 63.33 10.80
CA ILE B 2373 -65.23 64.42 11.74
C ILE B 2373 -65.89 63.84 12.98
N LYS B 2374 -65.16 63.83 14.10
CA LYS B 2374 -65.67 63.23 15.32
C LYS B 2374 -65.54 64.10 16.55
N ASP B 2375 -64.89 65.25 16.47
CA ASP B 2375 -64.72 66.14 17.61
C ASP B 2375 -65.45 67.44 17.37
N GLN B 2376 -66.14 67.94 18.39
CA GLN B 2376 -66.90 69.17 18.25
C GLN B 2376 -65.99 70.35 17.95
N THR B 2377 -64.84 70.43 18.61
CA THR B 2377 -63.92 71.53 18.37
C THR B 2377 -63.41 71.53 16.94
N PHE B 2378 -63.06 70.36 16.41
CA PHE B 2378 -62.61 70.28 15.03
C PHE B 2378 -63.70 70.71 14.05
N LEU B 2379 -64.92 70.24 14.27
CA LEU B 2379 -66.02 70.61 13.39
C LEU B 2379 -66.27 72.11 13.44
N LEU B 2380 -66.24 72.70 14.63
CA LEU B 2380 -66.48 74.13 14.76
C LEU B 2380 -65.36 74.94 14.11
N HIS B 2381 -64.12 74.50 14.27
CA HIS B 2381 -63.01 75.19 13.60
C HIS B 2381 -63.16 75.11 12.09
N LEU B 2382 -63.49 73.93 11.58
CA LEU B 2382 -63.69 73.76 10.13
C LEU B 2382 -64.82 74.63 9.64
N LEU B 2383 -65.91 74.72 10.40
CA LEU B 2383 -67.04 75.54 10.00
C LEU B 2383 -66.69 77.03 10.05
N GLU B 2384 -65.84 77.42 11.00
CA GLU B 2384 -65.50 78.84 11.12
C GLU B 2384 -64.55 79.28 10.02
N VAL B 2385 -63.55 78.47 9.69
CA VAL B 2385 -62.56 78.88 8.70
C VAL B 2385 -62.95 78.43 7.30
N GLY B 2386 -63.46 77.21 7.14
CA GLY B 2386 -63.72 76.71 5.82
C GLY B 2386 -65.08 77.02 5.22
N PHE B 2387 -66.15 76.55 5.86
CA PHE B 2387 -67.45 76.50 5.21
C PHE B 2387 -68.22 77.81 5.31
N LEU B 2388 -68.10 78.53 6.41
CA LEU B 2388 -68.89 79.74 6.60
C LEU B 2388 -68.61 80.80 5.54
N PRO B 2389 -67.36 81.11 5.19
CA PRO B 2389 -67.14 82.07 4.09
C PRO B 2389 -67.75 81.63 2.78
N ASP B 2390 -67.74 80.34 2.46
CA ASP B 2390 -68.38 79.86 1.25
C ASP B 2390 -69.89 80.07 1.31
N LEU B 2391 -70.51 79.76 2.44
CA LEU B 2391 -71.94 79.99 2.58
C LEU B 2391 -72.27 81.47 2.42
N ARG B 2392 -71.46 82.34 3.02
CA ARG B 2392 -71.68 83.77 2.90
C ARG B 2392 -71.54 84.23 1.45
N ALA B 2393 -70.54 83.72 0.73
CA ALA B 2393 -70.38 84.09 -0.67
C ALA B 2393 -71.56 83.63 -1.50
N SER B 2394 -72.04 82.42 -1.26
CA SER B 2394 -73.20 81.92 -2.00
C SER B 2394 -74.43 82.78 -1.73
N ALA B 2395 -74.62 83.19 -0.46
CA ALA B 2395 -75.73 84.09 -0.15
C ALA B 2395 -75.55 85.43 -0.86
N SER B 2396 -74.33 85.96 -0.89
CA SER B 2396 -74.07 87.25 -1.51
C SER B 2396 -74.30 87.21 -3.01
N LEU B 2397 -74.07 86.06 -3.65
CA LEU B 2397 -74.31 85.91 -5.07
C LEU B 2397 -75.75 85.59 -5.39
N ASP B 2398 -76.69 85.92 -4.51
CA ASP B 2398 -78.09 85.61 -4.72
C ASP B 2398 -78.88 86.75 -5.34
N THR B 2399 -78.21 87.82 -5.77
CA THR B 2399 -78.89 88.90 -6.43
C THR B 2399 -79.54 88.42 -7.72
N VAL B 2400 -80.36 89.29 -8.31
CA VAL B 2400 -81.10 88.92 -9.51
C VAL B 2400 -80.15 88.69 -10.68
N SER B 2401 -79.06 89.46 -10.74
CA SER B 2401 -78.14 89.34 -11.87
C SER B 2401 -77.13 88.22 -11.67
N LEU B 2402 -76.53 88.13 -10.48
CA LEU B 2402 -75.46 87.18 -10.23
C LEU B 2402 -75.96 85.77 -9.90
N SER B 2403 -77.25 85.60 -9.63
CA SER B 2403 -77.74 84.29 -9.20
C SER B 2403 -77.63 83.24 -10.29
N THR B 2404 -77.77 83.65 -11.55
CA THR B 2404 -77.80 82.70 -12.66
C THR B 2404 -76.43 82.42 -13.26
N THR B 2405 -75.39 83.13 -12.83
CA THR B 2405 -74.06 82.90 -13.39
C THR B 2405 -73.58 81.50 -13.08
N GLU B 2406 -72.71 80.99 -13.94
CA GLU B 2406 -72.22 79.63 -13.75
C GLU B 2406 -71.43 79.48 -12.46
N ALA B 2407 -70.76 80.55 -12.01
CA ALA B 2407 -70.05 80.49 -10.74
C ALA B 2407 -71.01 80.25 -9.59
N ALA B 2408 -72.15 80.93 -9.61
CA ALA B 2408 -73.13 80.73 -8.54
C ALA B 2408 -73.69 79.32 -8.56
N LEU B 2409 -73.97 78.79 -9.75
CA LEU B 2409 -74.46 77.41 -9.84
C LEU B 2409 -73.44 76.42 -9.33
N ALA B 2410 -72.16 76.61 -9.68
CA ALA B 2410 -71.12 75.72 -9.18
C ALA B 2410 -70.99 75.80 -7.67
N LEU B 2411 -71.04 77.01 -7.12
CA LEU B 2411 -70.96 77.17 -5.67
C LEU B 2411 -72.14 76.51 -4.98
N ASN B 2412 -73.33 76.64 -5.54
CA ASN B 2412 -74.50 75.99 -4.96
C ASN B 2412 -74.37 74.48 -5.00
N ARG B 2413 -73.88 73.93 -6.11
CA ARG B 2413 -73.68 72.48 -6.18
C ARG B 2413 -72.68 72.03 -5.14
N TYR B 2414 -71.58 72.77 -4.97
CA TYR B 2414 -70.61 72.41 -3.95
C TYR B 2414 -71.22 72.45 -2.56
N LEU B 2415 -71.97 73.51 -2.25
CA LEU B 2415 -72.56 73.63 -0.92
C LEU B 2415 -73.57 72.53 -0.65
N CYS B 2416 -74.42 72.24 -1.62
CA CYS B 2416 -75.52 71.30 -1.40
C CYS B 2416 -75.13 69.86 -1.62
N SER B 2417 -73.94 69.57 -2.14
CA SER B 2417 -73.51 68.21 -2.35
C SER B 2417 -72.31 67.81 -1.49
N ALA B 2418 -71.57 68.77 -0.95
CA ALA B 2418 -70.41 68.48 -0.12
C ALA B 2418 -70.52 69.06 1.28
N VAL B 2419 -70.86 70.34 1.40
CA VAL B 2419 -70.79 71.02 2.69
C VAL B 2419 -72.01 70.71 3.54
N LEU B 2420 -73.20 71.04 3.03
CA LEU B 2420 -74.41 70.96 3.83
C LEU B 2420 -74.74 69.55 4.29
N PRO B 2421 -74.66 68.52 3.47
CA PRO B 2421 -74.84 67.16 4.00
C PRO B 2421 -73.85 66.80 5.09
N LEU B 2422 -72.61 67.27 4.96
CA LEU B 2422 -71.63 67.03 6.01
C LEU B 2422 -72.05 67.68 7.31
N LEU B 2423 -72.56 68.91 7.25
CA LEU B 2423 -73.05 69.55 8.47
C LEU B 2423 -74.25 68.81 9.02
N THR B 2424 -75.13 68.31 8.14
CA THR B 2424 -76.32 67.59 8.60
C THR B 2424 -75.93 66.32 9.34
N ARG B 2425 -74.97 65.56 8.81
CA ARG B 2425 -74.55 64.34 9.50
C ARG B 2425 -73.92 64.65 10.85
N CYS B 2426 -73.18 65.75 10.93
CA CYS B 2426 -72.52 66.16 12.17
C CYS B 2426 -73.40 67.03 13.04
N ALA B 2427 -74.72 66.95 12.86
CA ALA B 2427 -75.63 67.74 13.68
C ALA B 2427 -75.49 67.47 15.17
N PRO B 2428 -75.40 66.22 15.65
CA PRO B 2428 -75.27 65.99 17.10
C PRO B 2428 -74.10 66.70 17.73
N LEU B 2429 -73.01 66.93 17.00
CA LEU B 2429 -71.86 67.63 17.56
C LEU B 2429 -72.15 69.09 17.86
N PHE B 2430 -73.24 69.65 17.34
CA PHE B 2430 -73.60 71.01 17.67
C PHE B 2430 -74.14 71.15 19.08
N ALA B 2431 -74.51 70.05 19.72
CA ALA B 2431 -75.04 70.11 21.07
C ALA B 2431 -73.95 70.51 22.06
N GLY B 2432 -74.33 71.32 23.04
CA GLY B 2432 -73.38 71.78 24.03
C GLY B 2432 -72.30 72.69 23.48
N THR B 2433 -72.68 73.64 22.64
CA THR B 2433 -71.75 74.62 22.08
C THR B 2433 -72.09 76.02 22.54
N GLU B 2434 -72.35 76.17 23.84
CA GLU B 2434 -72.74 77.47 24.37
C GLU B 2434 -71.63 78.51 24.29
N HIS B 2435 -70.38 78.08 24.11
CA HIS B 2435 -69.25 79.00 24.05
C HIS B 2435 -68.99 79.55 22.66
N TYR B 2436 -69.70 79.04 21.63
CA TYR B 2436 -69.50 79.49 20.26
C TYR B 2436 -70.75 80.14 19.69
N THR B 2437 -71.65 80.62 20.57
CA THR B 2437 -73.00 81.00 20.15
C THR B 2437 -72.99 81.95 18.97
N SER B 2438 -72.19 83.02 19.06
CA SER B 2438 -72.14 84.00 17.99
C SER B 2438 -71.86 83.34 16.65
N LEU B 2439 -70.80 82.53 16.59
CA LEU B 2439 -70.49 81.80 15.36
C LEU B 2439 -71.70 81.01 14.89
N ILE B 2440 -72.27 80.20 15.79
CA ILE B 2440 -73.43 79.40 15.45
C ILE B 2440 -74.54 80.29 14.90
N ASP B 2441 -74.79 81.40 15.58
CA ASP B 2441 -75.84 82.30 15.14
C ASP B 2441 -75.62 82.71 13.70
N SER B 2442 -74.40 83.17 13.40
CA SER B 2442 -74.09 83.60 12.03
C SER B 2442 -74.37 82.46 11.06
N THR B 2443 -73.90 81.26 11.39
CA THR B 2443 -74.13 80.11 10.53
C THR B 2443 -75.59 79.97 10.21
N LEU B 2444 -76.44 79.97 11.25
CA LEU B 2444 -77.86 79.77 11.04
C LEU B 2444 -78.40 80.80 10.06
N GLN B 2445 -78.03 82.07 10.28
CA GLN B 2445 -78.54 83.13 9.41
C GLN B 2445 -78.22 82.81 7.95
N THR B 2446 -76.95 82.50 7.67
CA THR B 2446 -76.57 82.26 6.29
C THR B 2446 -77.36 81.09 5.72
N ILE B 2447 -77.47 80.01 6.49
CA ILE B 2447 -78.19 78.85 5.97
C ILE B 2447 -79.65 79.21 5.75
N TYR B 2448 -80.24 79.98 6.68
CA TYR B 2448 -81.61 80.44 6.45
C TYR B 2448 -81.68 81.30 5.20
N ARG B 2449 -80.69 82.18 5.02
CA ARG B 2449 -80.67 83.03 3.85
C ARG B 2449 -80.44 82.23 2.58
N LEU B 2450 -79.92 81.00 2.69
CA LEU B 2450 -79.81 80.16 1.51
C LEU B 2450 -81.12 79.46 1.18
N SER B 2451 -81.99 79.25 2.17
CA SER B 2451 -83.26 78.60 1.89
C SER B 2451 -84.11 79.45 0.96
N LYS B 2452 -84.08 80.76 1.14
CA LYS B 2452 -84.83 81.68 0.29
C LYS B 2452 -84.03 82.02 -0.96
N GLY B 2453 -83.54 81.01 -1.66
CA GLY B 2453 -82.77 81.24 -2.86
C GLY B 2453 -83.63 81.39 -4.09
N ARG B 2454 -83.03 81.95 -5.14
CA ARG B 2454 -83.73 82.14 -6.40
C ARG B 2454 -83.48 81.00 -7.37
N SER B 2455 -82.21 80.67 -7.62
CA SER B 2455 -81.84 79.71 -8.65
C SER B 2455 -81.71 78.28 -8.11
N LEU B 2456 -81.99 78.07 -6.83
CA LEU B 2456 -81.90 76.72 -6.27
C LEU B 2456 -82.93 75.81 -6.91
N THR B 2457 -82.55 74.56 -7.12
CA THR B 2457 -83.51 73.56 -7.57
C THR B 2457 -84.26 73.00 -6.36
N LYS B 2458 -85.12 72.01 -6.61
CA LYS B 2458 -85.88 71.41 -5.51
C LYS B 2458 -84.96 70.63 -4.58
N ALA B 2459 -84.05 69.82 -5.14
CA ALA B 2459 -83.18 69.00 -4.31
C ALA B 2459 -82.26 69.87 -3.46
N GLN B 2460 -81.70 70.94 -4.04
CA GLN B 2460 -80.81 71.80 -3.28
C GLN B 2460 -81.53 72.51 -2.15
N ARG B 2461 -82.72 73.03 -2.42
CA ARG B 2461 -83.47 73.71 -1.36
C ARG B 2461 -83.88 72.72 -0.28
N ASP B 2462 -84.24 71.50 -0.67
CA ASP B 2462 -84.56 70.48 0.33
C ASP B 2462 -83.36 70.18 1.20
N THR B 2463 -82.17 70.06 0.60
CA THR B 2463 -80.96 69.81 1.38
C THR B 2463 -80.68 70.94 2.35
N ILE B 2464 -80.82 72.19 1.89
CA ILE B 2464 -80.56 73.33 2.76
C ILE B 2464 -81.53 73.34 3.93
N GLU B 2465 -82.81 73.13 3.65
CA GLU B 2465 -83.82 73.14 4.72
C GLU B 2465 -83.60 71.99 5.70
N GLU B 2466 -83.26 70.80 5.18
CA GLU B 2466 -83.02 69.66 6.06
C GLU B 2466 -81.82 69.91 6.95
N CYS B 2467 -80.75 70.50 6.40
CA CYS B 2467 -79.59 70.82 7.22
C CYS B 2467 -79.95 71.83 8.30
N LEU B 2468 -80.73 72.85 7.95
CA LEU B 2468 -81.13 73.84 8.94
C LEU B 2468 -81.95 73.20 10.06
N LEU B 2469 -82.91 72.34 9.70
CA LEU B 2469 -83.73 71.70 10.71
C LEU B 2469 -82.90 70.80 11.62
N ALA B 2470 -82.01 69.99 11.03
CA ALA B 2470 -81.19 69.11 11.84
C ALA B 2470 -80.27 69.89 12.77
N ILE B 2471 -79.68 70.99 12.29
CA ILE B 2471 -78.82 71.80 13.13
C ILE B 2471 -79.61 72.42 14.27
N CYS B 2472 -80.77 72.99 13.96
CA CYS B 2472 -81.57 73.63 15.00
C CYS B 2472 -82.12 72.64 16.01
N ASN B 2473 -82.28 71.37 15.60
CA ASN B 2473 -82.87 70.39 16.50
C ASN B 2473 -81.99 70.12 17.71
N HIS B 2474 -80.68 70.27 17.58
CA HIS B 2474 -79.74 69.95 18.65
C HIS B 2474 -79.23 71.16 19.41
N LEU B 2475 -79.65 72.36 19.04
CA LEU B 2475 -79.23 73.56 19.75
C LEU B 2475 -80.19 73.85 20.90
N ARG B 2476 -79.65 74.45 21.96
CA ARG B 2476 -80.48 74.84 23.08
C ARG B 2476 -81.28 76.10 22.75
N PRO B 2477 -82.32 76.39 23.53
CA PRO B 2477 -83.18 77.54 23.22
C PRO B 2477 -82.45 78.87 23.24
N SER B 2478 -81.33 78.98 23.94
CA SER B 2478 -80.66 80.28 24.04
C SER B 2478 -79.98 80.67 22.73
N MET B 2479 -79.61 79.69 21.91
CA MET B 2479 -78.85 79.95 20.69
C MET B 2479 -79.72 80.07 19.46
N LEU B 2480 -81.03 79.94 19.58
CA LEU B 2480 -81.93 80.07 18.45
C LEU B 2480 -82.63 81.42 18.37
N GLN B 2481 -82.56 82.22 19.45
CA GLN B 2481 -83.41 83.40 19.57
C GLN B 2481 -83.26 84.33 18.38
N GLN B 2482 -82.03 84.65 18.01
CA GLN B 2482 -81.79 85.52 16.86
C GLN B 2482 -82.53 85.02 15.64
N LEU B 2483 -82.37 83.73 15.32
CA LEU B 2483 -83.06 83.16 14.17
C LEU B 2483 -84.56 83.33 14.31
N LEU B 2484 -85.09 83.03 15.51
CA LEU B 2484 -86.52 83.17 15.73
C LEU B 2484 -86.97 84.59 15.48
N ARG B 2485 -86.15 85.57 15.87
CA ARG B 2485 -86.48 86.97 15.63
C ARG B 2485 -86.70 87.21 14.15
N ARG B 2486 -85.79 86.71 13.32
CA ARG B 2486 -85.98 86.83 11.88
C ARG B 2486 -87.26 86.15 11.43
N LEU B 2487 -87.54 84.97 11.98
CA LEU B 2487 -88.76 84.26 11.60
C LEU B 2487 -89.99 85.06 12.00
N VAL B 2488 -89.90 85.87 13.05
CA VAL B 2488 -91.05 86.66 13.46
C VAL B 2488 -91.45 87.65 12.38
N PHE B 2489 -90.51 88.01 11.49
CA PHE B 2489 -90.81 88.88 10.38
C PHE B 2489 -91.25 88.12 9.13
N ASP B 2490 -90.98 86.83 9.04
CA ASP B 2490 -91.20 86.07 7.82
C ASP B 2490 -92.37 85.09 7.91
N VAL B 2491 -92.43 84.30 8.99
CA VAL B 2491 -93.49 83.29 9.10
C VAL B 2491 -94.88 83.90 9.03
N PRO B 2492 -95.18 85.01 9.69
CA PRO B 2492 -96.53 85.58 9.60
C PRO B 2492 -96.97 85.92 8.19
N GLN B 2493 -96.03 86.17 7.28
CA GLN B 2493 -96.42 86.43 5.89
C GLN B 2493 -97.07 85.20 5.26
N LEU B 2494 -96.56 84.01 5.57
CA LEU B 2494 -97.12 82.77 5.06
C LEU B 2494 -97.03 82.70 3.54
N ASN B 2495 -95.81 82.84 3.03
CA ASN B 2495 -95.53 82.75 1.60
C ASN B 2495 -95.16 81.31 1.24
N GLU B 2496 -94.58 81.12 0.05
CA GLU B 2496 -94.20 79.79 -0.38
C GLU B 2496 -93.20 79.15 0.57
N TYR B 2497 -92.20 79.92 1.01
CA TYR B 2497 -91.16 79.40 1.90
C TYR B 2497 -91.60 79.49 3.36
N CYS B 2498 -92.70 78.80 3.67
CA CYS B 2498 -93.22 78.77 5.02
C CYS B 2498 -93.23 77.38 5.64
N LYS B 2499 -93.17 76.32 4.83
CA LYS B 2499 -93.21 74.97 5.37
C LYS B 2499 -92.05 74.72 6.33
N MET B 2500 -90.83 75.02 5.89
CA MET B 2500 -89.66 74.80 6.74
C MET B 2500 -89.68 75.65 8.00
N PRO B 2501 -89.92 76.96 7.95
CA PRO B 2501 -90.00 77.72 9.21
C PRO B 2501 -91.07 77.22 10.14
N LEU B 2502 -92.23 76.84 9.62
CA LEU B 2502 -93.30 76.31 10.46
C LEU B 2502 -92.86 75.02 11.13
N LYS B 2503 -92.23 74.13 10.39
CA LYS B 2503 -91.78 72.87 10.98
C LYS B 2503 -90.68 73.11 12.01
N LEU B 2504 -89.79 74.07 11.75
CA LEU B 2504 -88.74 74.39 12.70
C LEU B 2504 -89.32 74.93 14.00
N LEU B 2505 -90.27 75.86 13.90
CA LEU B 2505 -90.92 76.38 15.09
C LEU B 2505 -91.65 75.28 15.84
N THR B 2506 -92.35 74.41 15.12
CA THR B 2506 -93.06 73.30 15.74
C THR B 2506 -92.10 72.43 16.53
N ASN B 2507 -91.01 71.99 15.89
CA ASN B 2507 -90.06 71.12 16.57
C ASN B 2507 -89.45 71.80 17.79
N HIS B 2508 -89.05 73.06 17.65
CA HIS B 2508 -88.39 73.74 18.76
C HIS B 2508 -89.32 73.91 19.94
N TYR B 2509 -90.53 74.43 19.71
CA TYR B 2509 -91.44 74.69 20.80
C TYR B 2509 -92.14 73.44 21.31
N GLU B 2510 -92.06 72.33 20.60
CA GLU B 2510 -92.61 71.08 21.08
C GLU B 2510 -91.58 70.22 21.80
N GLN B 2511 -90.30 70.45 21.55
CA GLN B 2511 -89.25 69.76 22.28
C GLN B 2511 -88.79 70.54 23.51
N CYS B 2512 -88.84 71.86 23.46
CA CYS B 2512 -88.35 72.72 24.53
C CYS B 2512 -89.48 73.40 25.28
N TRP B 2513 -90.60 72.70 25.49
CA TRP B 2513 -91.75 73.33 26.11
C TRP B 2513 -91.53 73.53 27.62
N LYS B 2514 -90.80 72.62 28.27
CA LYS B 2514 -90.51 72.82 29.69
C LYS B 2514 -89.66 74.07 29.90
N TYR B 2515 -88.80 74.39 28.94
CA TYR B 2515 -87.97 75.58 29.06
C TYR B 2515 -88.81 76.85 29.11
N TYR B 2516 -90.01 76.81 28.55
CA TYR B 2516 -90.88 77.97 28.49
C TYR B 2516 -92.07 77.91 29.44
N CYS B 2517 -92.58 76.72 29.74
CA CYS B 2517 -93.81 76.60 30.51
C CYS B 2517 -93.54 76.46 32.00
N LEU B 2518 -92.80 75.43 32.38
CA LEU B 2518 -92.57 75.17 33.79
C LEU B 2518 -91.76 76.31 34.41
N PRO B 2519 -92.19 76.86 35.54
CA PRO B 2519 -91.40 77.91 36.20
C PRO B 2519 -90.01 77.44 36.60
N SER B 2520 -89.86 76.18 37.00
CA SER B 2520 -88.55 75.69 37.40
C SER B 2520 -87.57 75.69 36.22
N GLY B 2521 -88.02 75.27 35.05
CA GLY B 2521 -87.18 75.19 33.88
C GLY B 2521 -86.94 73.75 33.46
N TRP B 2522 -86.20 73.61 32.38
CA TRP B 2522 -85.93 72.31 31.78
C TRP B 2522 -84.56 71.77 32.23
N GLY B 2523 -84.46 71.53 33.53
CA GLY B 2523 -83.22 70.97 34.06
C GLY B 2523 -82.04 71.88 33.83
N SER B 2524 -80.96 71.31 33.27
CA SER B 2524 -79.75 72.08 33.06
C SER B 2524 -79.94 73.22 32.06
N TYR B 2525 -80.90 73.07 31.14
CA TYR B 2525 -81.14 74.13 30.16
C TYR B 2525 -81.64 75.40 30.82
N GLY B 2526 -82.22 75.32 32.02
CA GLY B 2526 -82.63 76.50 32.75
C GLY B 2526 -83.97 77.03 32.29
N LEU B 2527 -84.43 78.05 33.01
CA LEU B 2527 -85.70 78.69 32.69
C LEU B 2527 -85.51 79.75 31.61
N ALA B 2528 -86.61 80.17 31.03
CA ALA B 2528 -86.59 81.14 29.94
C ALA B 2528 -86.40 82.54 30.50
N VAL B 2529 -86.58 83.55 29.66
CA VAL B 2529 -86.50 84.95 30.06
C VAL B 2529 -87.69 85.68 29.46
N GLU B 2530 -87.93 86.90 29.96
CA GLU B 2530 -89.10 87.66 29.52
C GLU B 2530 -89.03 87.97 28.04
N GLU B 2531 -87.83 88.29 27.52
CA GLU B 2531 -87.72 88.61 26.11
C GLU B 2531 -88.10 87.42 25.23
N GLU B 2532 -87.64 86.23 25.58
CA GLU B 2532 -87.97 85.05 24.79
C GLU B 2532 -89.47 84.76 24.80
N LEU B 2533 -90.10 84.87 25.97
CA LEU B 2533 -91.54 84.64 26.05
C LEU B 2533 -92.30 85.69 25.26
N HIS B 2534 -91.85 86.95 25.31
CA HIS B 2534 -92.48 87.99 24.51
C HIS B 2534 -92.37 87.69 23.03
N LEU B 2535 -91.20 87.22 22.59
CA LEU B 2535 -91.02 86.86 21.20
C LEU B 2535 -91.95 85.72 20.80
N THR B 2536 -92.07 84.71 21.67
CA THR B 2536 -92.96 83.59 21.38
C THR B 2536 -94.41 84.06 21.25
N GLU B 2537 -94.85 84.94 22.15
CA GLU B 2537 -96.22 85.42 22.08
C GLU B 2537 -96.45 86.25 20.82
N LYS B 2538 -95.48 87.09 20.47
CA LYS B 2538 -95.62 87.88 19.25
C LYS B 2538 -95.70 86.99 18.02
N LEU B 2539 -94.87 85.95 17.99
CA LEU B 2539 -94.91 85.00 16.87
C LEU B 2539 -96.26 84.32 16.78
N PHE B 2540 -96.78 83.84 17.91
CA PHE B 2540 -98.08 83.18 17.92
C PHE B 2540 -99.16 84.11 17.41
N TRP B 2541 -99.20 85.33 17.92
CA TRP B 2541 -100.25 86.26 17.51
C TRP B 2541 -100.14 86.61 16.03
N GLY B 2542 -98.92 86.84 15.55
CA GLY B 2542 -98.75 87.14 14.14
C GLY B 2542 -99.23 86.02 13.25
N ILE B 2543 -98.83 84.78 13.54
CA ILE B 2543 -99.25 83.66 12.71
C ILE B 2543 -100.76 83.48 12.80
N PHE B 2544 -101.34 83.60 13.99
CA PHE B 2544 -102.77 83.40 14.14
C PHE B 2544 -103.56 84.44 13.36
N ASP B 2545 -103.21 85.71 13.51
CA ASP B 2545 -103.93 86.76 12.80
C ASP B 2545 -103.76 86.62 11.29
N SER B 2546 -102.56 86.29 10.83
CA SER B 2546 -102.34 86.12 9.40
C SER B 2546 -103.15 84.95 8.86
N LEU B 2547 -103.17 83.83 9.58
CA LEU B 2547 -103.92 82.67 9.13
C LEU B 2547 -105.41 82.92 9.15
N SER B 2548 -105.89 83.80 10.03
CA SER B 2548 -107.31 84.11 10.09
C SER B 2548 -107.81 84.79 8.82
N HIS B 2549 -106.93 85.39 8.03
CA HIS B 2549 -107.30 86.11 6.83
C HIS B 2549 -106.73 85.47 5.57
N LYS B 2550 -106.81 84.14 5.48
CA LYS B 2550 -106.29 83.39 4.35
C LYS B 2550 -107.39 82.56 3.73
N LYS B 2551 -107.43 82.53 2.40
CA LYS B 2551 -108.32 81.61 1.71
C LYS B 2551 -107.90 80.18 2.04
N TYR B 2552 -108.90 79.34 2.30
CA TYR B 2552 -108.64 78.01 2.83
C TYR B 2552 -107.75 77.18 1.90
N ASP B 2553 -106.54 76.86 2.37
CA ASP B 2553 -105.63 75.97 1.67
C ASP B 2553 -105.29 74.82 2.61
N PRO B 2554 -105.63 73.58 2.25
CA PRO B 2554 -105.41 72.47 3.20
C PRO B 2554 -103.97 72.32 3.65
N ASP B 2555 -103.00 72.47 2.74
CA ASP B 2555 -101.61 72.27 3.11
C ASP B 2555 -101.14 73.36 4.08
N LEU B 2556 -101.47 74.62 3.80
CA LEU B 2556 -101.04 75.70 4.67
C LEU B 2556 -101.63 75.56 6.07
N PHE B 2557 -102.92 75.25 6.15
CA PHE B 2557 -103.55 75.10 7.46
C PHE B 2557 -102.97 73.89 8.19
N ARG B 2558 -102.75 72.79 7.47
CA ARG B 2558 -102.20 71.60 8.10
C ARG B 2558 -100.81 71.86 8.66
N MET B 2559 -100.01 72.66 7.96
CA MET B 2559 -98.68 72.98 8.45
C MET B 2559 -98.72 73.99 9.60
N ALA B 2560 -99.64 74.96 9.53
CA ALA B 2560 -99.67 76.03 10.51
C ALA B 2560 -100.27 75.61 11.84
N LEU B 2561 -101.23 74.69 11.83
CA LEU B 2561 -101.91 74.32 13.07
C LEU B 2561 -100.96 73.77 14.12
N PRO B 2562 -100.10 72.79 13.83
CA PRO B 2562 -99.17 72.30 14.86
C PRO B 2562 -98.24 73.37 15.38
N CYS B 2563 -97.82 74.32 14.55
CA CYS B 2563 -96.97 75.39 15.02
C CYS B 2563 -97.68 76.21 16.10
N LEU B 2564 -98.93 76.59 15.84
CA LEU B 2564 -99.70 77.36 16.82
C LEU B 2564 -99.93 76.54 18.08
N SER B 2565 -100.26 75.25 17.92
CA SER B 2565 -100.47 74.42 19.11
C SER B 2565 -99.22 74.32 19.95
N ALA B 2566 -98.06 74.15 19.31
CA ALA B 2566 -96.81 74.05 20.07
C ALA B 2566 -96.48 75.36 20.77
N ILE B 2567 -96.65 76.48 20.08
CA ILE B 2567 -96.37 77.77 20.71
C ILE B 2567 -97.28 78.01 21.90
N ALA B 2568 -98.58 77.72 21.74
CA ALA B 2568 -99.51 77.90 22.85
C ALA B 2568 -99.18 76.97 24.01
N GLY B 2569 -98.82 75.73 23.72
CA GLY B 2569 -98.46 74.80 24.75
C GLY B 2569 -97.10 75.03 25.36
N ALA B 2570 -96.31 75.94 24.80
CA ALA B 2570 -95.06 76.36 25.40
C ALA B 2570 -95.21 77.61 26.25
N LEU B 2571 -95.98 78.58 25.79
CA LEU B 2571 -96.20 79.80 26.56
C LEU B 2571 -96.99 79.49 27.82
N PRO B 2572 -96.54 79.94 28.98
CA PRO B 2572 -97.33 79.78 30.20
C PRO B 2572 -98.69 80.45 30.07
N PRO B 2573 -99.74 79.84 30.57
CA PRO B 2573 -101.08 80.41 30.38
C PRO B 2573 -101.26 81.77 31.01
N ASP B 2574 -100.45 82.12 32.01
CA ASP B 2574 -100.58 83.37 32.73
C ASP B 2574 -99.38 84.28 32.48
N TYR B 2575 -98.91 84.33 31.24
CA TYR B 2575 -97.77 85.18 30.88
C TYR B 2575 -98.27 86.60 30.67
N LEU B 2576 -98.12 87.44 31.69
CA LEU B 2576 -98.50 88.84 31.59
C LEU B 2576 -97.35 89.61 30.94
N ASP B 2577 -97.61 90.16 29.75
CA ASP B 2577 -96.58 90.84 28.98
C ASP B 2577 -96.64 92.34 29.28
N THR B 2578 -95.57 92.86 29.87
CA THR B 2578 -95.48 94.28 30.21
C THR B 2578 -94.82 95.00 29.04
N ARG B 2579 -95.65 95.50 28.13
CA ARG B 2579 -95.15 96.23 26.97
C ARG B 2579 -96.00 97.47 26.69
N SER B 2808 -99.58 93.05 37.03
CA SER B 2808 -100.53 94.04 36.52
C SER B 2808 -101.95 93.47 36.48
N SER B 2809 -102.79 94.06 35.63
CA SER B 2809 -104.16 93.60 35.52
C SER B 2809 -104.20 92.18 34.97
N MET B 2810 -105.17 91.39 35.46
CA MET B 2810 -105.31 90.02 35.00
C MET B 2810 -105.89 89.91 33.60
N GLU B 2811 -106.29 91.02 32.99
CA GLU B 2811 -106.80 91.01 31.63
C GLU B 2811 -105.70 91.06 30.59
N LYS B 2812 -104.44 91.15 31.01
CA LYS B 2812 -103.31 91.12 30.09
C LYS B 2812 -102.67 89.75 29.99
N ARG B 2813 -103.20 88.75 30.68
CA ARG B 2813 -102.64 87.41 30.59
C ARG B 2813 -102.89 86.83 29.21
N PHE B 2814 -102.00 85.90 28.81
CA PHE B 2814 -102.15 85.27 27.50
C PHE B 2814 -103.42 84.46 27.42
N ALA B 2815 -103.73 83.69 28.47
CA ALA B 2815 -104.91 82.83 28.43
C ALA B 2815 -106.18 83.66 28.31
N TYR B 2816 -106.23 84.80 29.00
CA TYR B 2816 -107.40 85.66 28.92
C TYR B 2816 -107.62 86.16 27.49
N LYS B 2817 -106.55 86.62 26.85
CA LYS B 2817 -106.67 87.10 25.47
C LYS B 2817 -107.09 85.96 24.54
N PHE B 2818 -106.50 84.78 24.72
CA PHE B 2818 -106.83 83.64 23.88
C PHE B 2818 -108.30 83.28 24.00
N LEU B 2819 -108.79 83.20 25.24
CA LEU B 2819 -110.19 82.85 25.45
C LEU B 2819 -111.12 83.93 24.92
N LYS B 2820 -110.75 85.21 25.08
CA LYS B 2820 -111.58 86.28 24.56
C LYS B 2820 -111.68 86.20 23.04
N LYS B 2821 -110.55 85.98 22.37
CA LYS B 2821 -110.56 85.85 20.92
C LYS B 2821 -111.41 84.67 20.48
N ILE B 2822 -111.27 83.54 21.16
CA ILE B 2822 -112.03 82.36 20.78
C ILE B 2822 -113.52 82.56 21.01
N LEU B 2823 -113.89 83.25 22.09
CA LEU B 2823 -115.29 83.55 22.33
C LEU B 2823 -115.86 84.45 21.26
N LYS B 2824 -115.09 85.46 20.83
CA LYS B 2824 -115.56 86.31 19.74
C LYS B 2824 -115.75 85.51 18.46
N TYR B 2825 -114.81 84.62 18.16
CA TYR B 2825 -114.95 83.78 16.97
C TYR B 2825 -116.17 82.87 17.07
N VAL B 2826 -116.44 82.32 18.26
CA VAL B 2826 -117.61 81.47 18.42
C VAL B 2826 -118.89 82.28 18.26
N ASP B 2827 -118.91 83.52 18.77
CA ASP B 2827 -120.07 84.37 18.58
C ASP B 2827 -120.32 84.64 17.11
N SER B 2828 -119.26 84.92 16.34
CA SER B 2828 -119.43 85.11 14.90
C SER B 2828 -119.89 83.82 14.23
N ALA B 2829 -119.34 82.69 14.63
CA ALA B 2829 -119.70 81.42 14.03
C ALA B 2829 -121.15 81.07 14.32
N GLN B 2830 -121.70 81.56 15.43
CA GLN B 2830 -123.13 81.37 15.69
C GLN B 2830 -123.96 81.96 14.56
N GLU B 2831 -123.71 83.23 14.21
CA GLU B 2831 -124.44 83.86 13.12
C GLU B 2831 -124.16 83.17 11.80
N PHE B 2832 -122.90 82.79 11.56
CA PHE B 2832 -122.55 82.13 10.31
C PHE B 2832 -123.31 80.81 10.16
N ILE B 2833 -123.39 80.02 11.23
CA ILE B 2833 -124.08 78.74 11.17
C ILE B 2833 -125.58 78.95 11.03
N ALA B 2834 -126.13 79.98 11.70
CA ALA B 2834 -127.55 80.27 11.53
C ALA B 2834 -127.86 80.62 10.07
N HIS B 2835 -127.03 81.46 9.45
CA HIS B 2835 -127.25 81.82 8.05
C HIS B 2835 -127.07 80.62 7.14
N LEU B 2836 -126.08 79.76 7.43
CA LEU B 2836 -125.89 78.57 6.63
C LEU B 2836 -127.11 77.65 6.71
N GLU B 2837 -127.67 77.48 7.90
CA GLU B 2837 -128.86 76.66 8.03
C GLU B 2837 -130.03 77.29 7.31
N ALA B 2838 -130.14 78.62 7.35
CA ALA B 2838 -131.21 79.29 6.63
C ALA B 2838 -131.10 79.08 5.12
N ILE B 2839 -129.88 79.19 4.58
CA ILE B 2839 -129.69 78.99 3.15
C ILE B 2839 -129.95 77.53 2.77
N VAL B 2840 -129.58 76.60 3.66
CA VAL B 2840 -129.87 75.19 3.42
C VAL B 2840 -131.38 74.97 3.38
N SER B 2841 -132.11 75.59 4.30
CA SER B 2841 -133.57 75.47 4.30
C SER B 2841 -134.16 76.05 3.02
N SER B 2842 -133.62 77.18 2.57
CA SER B 2842 -134.12 77.79 1.34
C SER B 2842 -133.84 76.93 0.11
N GLY B 2843 -132.90 75.98 0.20
CA GLY B 2843 -132.57 75.12 -0.91
C GLY B 2843 -131.40 75.55 -1.76
N LYS B 2844 -130.81 76.72 -1.48
CA LYS B 2844 -129.68 77.19 -2.27
C LYS B 2844 -128.46 76.31 -1.99
N THR B 2845 -127.80 75.87 -3.05
CA THR B 2845 -126.64 74.99 -2.94
C THR B 2845 -125.32 75.72 -3.17
N GLU B 2846 -125.34 77.04 -3.27
CA GLU B 2846 -124.11 77.79 -3.48
C GLU B 2846 -123.29 77.82 -2.19
N LYS B 2847 -121.99 78.06 -2.35
CA LYS B 2847 -121.10 78.15 -1.20
C LYS B 2847 -121.46 79.36 -0.35
N SER B 2848 -121.31 79.21 0.96
CA SER B 2848 -121.67 80.29 1.88
C SER B 2848 -120.73 81.48 1.66
N PRO B 2849 -121.23 82.70 1.81
CA PRO B 2849 -120.34 83.88 1.68
C PRO B 2849 -119.22 83.89 2.71
N HIS B 2850 -119.46 83.33 3.90
CA HIS B 2850 -118.45 83.28 4.96
C HIS B 2850 -117.80 81.91 5.05
N ASP B 2851 -117.60 81.24 3.91
CA ASP B 2851 -116.99 79.92 3.93
C ASP B 2851 -115.57 79.94 4.48
N GLN B 2852 -114.86 81.05 4.27
CA GLN B 2852 -113.52 81.18 4.86
C GLN B 2852 -113.59 81.14 6.38
N GLU B 2853 -114.53 81.88 6.96
CA GLU B 2853 -114.67 81.88 8.41
C GLU B 2853 -115.04 80.50 8.93
N ILE B 2854 -115.95 79.81 8.25
CA ILE B 2854 -116.36 78.48 8.70
C ILE B 2854 -115.19 77.51 8.60
N LYS B 2855 -114.43 77.57 7.51
CA LYS B 2855 -113.29 76.68 7.37
C LYS B 2855 -112.23 76.95 8.44
N PHE B 2856 -111.97 78.22 8.73
CA PHE B 2856 -111.02 78.55 9.79
C PHE B 2856 -111.51 78.06 11.15
N PHE B 2857 -112.80 78.26 11.43
CA PHE B 2857 -113.35 77.86 12.71
C PHE B 2857 -113.33 76.35 12.89
N ALA B 2858 -113.66 75.60 11.85
CA ALA B 2858 -113.76 74.16 11.97
C ALA B 2858 -112.44 73.43 11.74
N LYS B 2859 -111.43 74.09 11.18
CA LYS B 2859 -110.19 73.44 10.84
C LYS B 2859 -108.99 73.90 11.66
N VAL B 2860 -109.08 75.07 12.30
CA VAL B 2860 -107.98 75.63 13.09
C VAL B 2860 -108.39 75.91 14.52
N LEU B 2861 -109.56 76.53 14.71
CA LEU B 2861 -109.94 76.98 16.04
C LEU B 2861 -110.25 75.80 16.96
N LEU B 2862 -111.07 74.86 16.50
CA LEU B 2862 -111.48 73.76 17.37
C LEU B 2862 -110.32 72.86 17.77
N PRO B 2863 -109.49 72.35 16.85
CA PRO B 2863 -108.34 71.56 17.28
C PRO B 2863 -107.37 72.34 18.14
N LEU B 2864 -107.21 73.64 17.87
CA LEU B 2864 -106.34 74.47 18.69
C LEU B 2864 -106.85 74.56 20.12
N VAL B 2865 -108.16 74.78 20.29
CA VAL B 2865 -108.74 74.84 21.62
C VAL B 2865 -108.60 73.50 22.32
N ASP B 2866 -108.87 72.41 21.60
CA ASP B 2866 -108.74 71.08 22.17
C ASP B 2866 -107.34 70.84 22.69
N GLN B 2867 -106.32 71.14 21.89
CA GLN B 2867 -104.96 70.92 22.32
C GLN B 2867 -104.57 71.85 23.47
N TYR B 2868 -105.02 73.11 23.43
CA TYR B 2868 -104.68 74.06 24.48
C TYR B 2868 -105.22 73.61 25.82
N PHE B 2869 -106.46 73.13 25.85
CA PHE B 2869 -107.02 72.67 27.12
C PHE B 2869 -106.61 71.25 27.47
N THR B 2870 -106.06 70.49 26.53
CA THR B 2870 -105.43 69.23 26.90
C THR B 2870 -104.07 69.46 27.53
N ASN B 2871 -103.38 70.53 27.15
CA ASN B 2871 -102.09 70.86 27.74
C ASN B 2871 -102.27 71.58 29.07
N HIS B 2872 -102.88 72.76 29.05
CA HIS B 2872 -103.08 73.56 30.25
C HIS B 2872 -104.42 73.21 30.90
N HIS B 2873 -104.57 71.93 31.23
CA HIS B 2873 -105.83 71.43 31.77
C HIS B 2873 -105.93 71.70 33.27
N LEU B 2874 -104.90 71.30 34.03
CA LEU B 2874 -104.91 71.50 35.47
C LEU B 2874 -104.86 72.97 35.86
N TYR B 2875 -104.31 73.83 35.01
CA TYR B 2875 -104.22 75.25 35.33
C TYR B 2875 -105.59 75.88 35.49
N PHE B 2876 -106.59 75.40 34.75
CA PHE B 2876 -107.93 75.95 34.84
C PHE B 2876 -108.79 75.25 35.88
N LEU B 2877 -108.32 74.16 36.47
CA LEU B 2877 -109.03 73.50 37.56
C LEU B 2877 -108.49 73.86 38.93
N SER B 2878 -107.20 74.16 39.03
CA SER B 2878 -106.60 74.45 40.31
C SER B 2878 -107.18 75.71 40.92
N SER B 2879 -107.15 75.77 42.25
CA SER B 2879 -107.57 76.93 43.00
C SER B 2879 -106.61 77.13 44.18
N PRO B 2880 -106.71 78.23 44.92
CA PRO B 2880 -105.83 78.41 46.08
C PRO B 2880 -105.96 77.30 47.10
N LEU B 2881 -107.17 76.77 47.30
CA LEU B 2881 -107.34 75.65 48.21
C LEU B 2881 -106.64 74.40 47.70
N LYS B 2882 -106.77 74.10 46.42
CA LYS B 2882 -106.15 72.91 45.81
C LYS B 2882 -105.22 73.33 44.68
N PRO B 2883 -103.91 73.31 44.90
CA PRO B 2883 -102.94 73.64 43.85
C PRO B 2883 -102.56 72.45 42.98
N LEU B 2884 -103.46 72.07 42.07
CA LEU B 2884 -103.21 70.91 41.22
C LEU B 2884 -102.06 71.16 40.25
N SER B 2885 -101.98 72.37 39.70
CA SER B 2885 -101.01 72.70 38.67
C SER B 2885 -99.86 73.51 39.27
N SER B 2886 -98.63 73.12 38.93
CA SER B 2886 -97.47 73.84 39.43
C SER B 2886 -97.37 75.23 38.80
N SER B 2887 -97.87 75.39 37.57
CA SER B 2887 -97.76 76.68 36.89
C SER B 2887 -98.53 77.76 37.64
N GLY B 2888 -99.72 77.44 38.14
CA GLY B 2888 -100.53 78.41 38.84
C GLY B 2888 -101.98 77.97 38.86
N TYR B 2889 -102.86 78.94 39.06
CA TYR B 2889 -104.29 78.69 39.00
C TYR B 2889 -104.96 79.82 38.24
N ALA B 2890 -105.90 79.45 37.37
CA ALA B 2890 -106.59 80.43 36.56
C ALA B 2890 -107.45 81.36 37.42
N SER B 2891 -107.55 82.60 37.00
CA SER B 2891 -108.38 83.56 37.72
C SER B 2891 -109.86 83.23 37.54
N HIS B 2892 -110.69 83.92 38.31
CA HIS B 2892 -112.14 83.68 38.24
C HIS B 2892 -112.68 83.99 36.84
N LYS B 2893 -112.22 85.08 36.24
CA LYS B 2893 -112.72 85.47 34.93
C LYS B 2893 -112.38 84.42 33.88
N GLU B 2894 -111.18 83.85 33.94
CA GLU B 2894 -110.81 82.83 32.96
C GLU B 2894 -111.67 81.58 33.11
N LYS B 2895 -111.96 81.16 34.36
CA LYS B 2895 -112.82 80.01 34.56
C LYS B 2895 -114.23 80.28 34.06
N GLU B 2896 -114.74 81.49 34.30
CA GLU B 2896 -116.04 81.85 33.77
C GLU B 2896 -116.05 81.82 32.25
N MET B 2897 -114.95 82.28 31.63
CA MET B 2897 -114.86 82.24 30.17
C MET B 2897 -114.84 80.81 29.66
N VAL B 2898 -114.14 79.91 30.35
CA VAL B 2898 -114.11 78.52 29.93
C VAL B 2898 -115.50 77.91 30.00
N ALA B 2899 -116.22 78.17 31.08
CA ALA B 2899 -117.58 77.65 31.21
C ALA B 2899 -118.48 78.22 30.12
N SER B 2900 -118.37 79.53 29.86
CA SER B 2900 -119.18 80.15 28.82
C SER B 2900 -118.87 79.57 27.45
N LEU B 2901 -117.58 79.32 27.17
CA LEU B 2901 -117.19 78.73 25.89
C LEU B 2901 -117.76 77.33 25.74
N PHE B 2902 -117.69 76.52 26.81
CA PHE B 2902 -118.28 75.18 26.73
C PHE B 2902 -119.77 75.26 26.46
N CYS B 2903 -120.47 76.15 27.17
CA CYS B 2903 -121.91 76.27 26.96
C CYS B 2903 -122.24 76.69 25.54
N LYS B 2904 -121.50 77.67 25.00
CA LYS B 2904 -121.76 78.14 23.65
C LYS B 2904 -121.48 77.05 22.61
N LEU B 2905 -120.37 76.32 22.77
CA LEU B 2905 -120.10 75.23 21.85
C LEU B 2905 -121.18 74.16 21.91
N ALA B 2906 -121.63 73.81 23.11
CA ALA B 2906 -122.71 72.84 23.24
C ALA B 2906 -123.99 73.36 22.59
N ALA B 2907 -124.21 74.67 22.64
CA ALA B 2907 -125.35 75.26 21.96
C ALA B 2907 -125.23 75.16 20.44
N LEU B 2908 -124.02 75.33 19.92
CA LEU B 2908 -123.84 75.32 18.46
C LEU B 2908 -124.21 73.98 17.85
N VAL B 2909 -123.83 72.88 18.49
CA VAL B 2909 -123.99 71.56 17.92
C VAL B 2909 -125.23 70.86 18.47
N ARG B 2910 -126.21 71.62 18.97
CA ARG B 2910 -127.33 71.00 19.67
C ARG B 2910 -128.15 70.10 18.76
N HIS B 2911 -128.39 70.54 17.53
CA HIS B 2911 -129.07 69.67 16.57
C HIS B 2911 -128.48 69.81 15.17
N ARG B 2912 -127.24 70.27 15.06
CA ARG B 2912 -126.62 70.57 13.78
C ARG B 2912 -125.44 69.64 13.49
N ILE B 2913 -125.52 68.40 13.95
CA ILE B 2913 -124.47 67.42 13.63
C ILE B 2913 -124.42 67.18 12.13
N SER B 2914 -125.58 67.12 11.49
CA SER B 2914 -125.61 66.92 10.04
C SER B 2914 -124.95 68.09 9.31
N LEU B 2915 -125.22 69.33 9.75
CA LEU B 2915 -124.58 70.47 9.13
C LEU B 2915 -123.07 70.41 9.26
N PHE B 2916 -122.57 70.08 10.45
CA PHE B 2916 -121.13 69.99 10.66
C PHE B 2916 -120.52 68.89 9.81
N GLY B 2917 -121.18 67.74 9.73
CA GLY B 2917 -120.68 66.65 8.93
C GLY B 2917 -119.40 66.04 9.46
N SER B 2918 -118.29 66.24 8.74
CA SER B 2918 -117.03 65.63 9.12
C SER B 2918 -116.43 66.25 10.37
N ASP B 2919 -116.84 67.46 10.74
CA ASP B 2919 -116.30 68.16 11.89
C ASP B 2919 -117.06 67.89 13.18
N SER B 2920 -118.09 67.05 13.13
CA SER B 2920 -118.83 66.72 14.35
C SER B 2920 -117.92 66.01 15.35
N THR B 2921 -117.04 65.13 14.86
CA THR B 2921 -116.12 64.45 15.75
C THR B 2921 -115.19 65.44 16.45
N THR B 2922 -114.67 66.42 15.70
CA THR B 2922 -113.81 67.42 16.31
C THR B 2922 -114.58 68.26 17.33
N MET B 2923 -115.81 68.63 17.00
CA MET B 2923 -116.62 69.40 17.93
C MET B 2923 -116.86 68.62 19.22
N VAL B 2924 -117.16 67.33 19.10
CA VAL B 2924 -117.43 66.51 20.27
C VAL B 2924 -116.17 66.32 21.10
N SER B 2925 -115.02 66.17 20.45
CA SER B 2925 -113.77 66.05 21.20
C SER B 2925 -113.45 67.34 21.95
N CYS B 2926 -113.66 68.48 21.30
CA CYS B 2926 -113.46 69.76 21.98
C CYS B 2926 -114.40 69.91 23.17
N LEU B 2927 -115.64 69.45 23.00
CA LEU B 2927 -116.59 69.50 24.11
C LEU B 2927 -116.17 68.58 25.25
N HIS B 2928 -115.65 67.40 24.94
CA HIS B 2928 -115.09 66.53 25.96
C HIS B 2928 -114.02 67.26 26.76
N ILE B 2929 -113.07 67.86 26.05
CA ILE B 2929 -111.95 68.52 26.73
C ILE B 2929 -112.43 69.67 27.59
N LEU B 2930 -113.35 70.49 27.07
CA LEU B 2930 -113.87 71.60 27.85
C LEU B 2930 -114.66 71.13 29.06
N ALA B 2931 -115.44 70.06 28.91
CA ALA B 2931 -116.21 69.55 30.04
C ALA B 2931 -115.30 69.02 31.13
N GLN B 2932 -114.20 68.37 30.76
CA GLN B 2932 -113.26 67.88 31.75
C GLN B 2932 -112.43 69.00 32.38
N THR B 2933 -112.51 70.22 31.86
CA THR B 2933 -111.75 71.36 32.37
C THR B 2933 -112.68 72.43 32.92
N LEU B 2934 -113.81 72.00 33.50
CA LEU B 2934 -114.81 72.91 34.04
C LEU B 2934 -114.70 72.94 35.56
N ASP B 2935 -114.65 74.14 36.12
CA ASP B 2935 -114.70 74.33 37.57
C ASP B 2935 -116.04 74.99 37.87
N THR B 2936 -117.08 74.17 38.01
CA THR B 2936 -118.41 74.70 38.24
C THR B 2936 -118.52 75.39 39.60
N ARG B 2937 -117.72 74.98 40.57
CA ARG B 2937 -117.81 75.56 41.91
C ARG B 2937 -117.48 77.04 41.90
N THR B 2938 -116.34 77.41 41.33
CA THR B 2938 -115.95 78.81 41.29
C THR B 2938 -116.89 79.61 40.39
N VAL B 2939 -117.35 79.02 39.30
CA VAL B 2939 -118.27 79.72 38.40
C VAL B 2939 -119.55 80.06 39.13
N MET B 2940 -120.12 79.10 39.86
CA MET B 2940 -121.36 79.34 40.58
C MET B 2940 -121.15 80.33 41.73
N LYS B 2941 -120.02 80.23 42.42
CA LYS B 2941 -119.77 81.12 43.55
C LYS B 2941 -119.62 82.57 43.09
N SER B 2942 -118.77 82.80 42.10
CA SER B 2942 -118.48 84.16 41.62
C SER B 2942 -118.44 84.13 40.09
N GLY B 2943 -119.59 84.34 39.48
CA GLY B 2943 -119.68 84.36 38.03
C GLY B 2943 -120.85 85.18 37.58
N SER B 2944 -120.74 85.74 36.38
CA SER B 2944 -121.81 86.57 35.84
C SER B 2944 -123.08 85.74 35.66
N GLU B 2945 -124.22 86.40 35.85
CA GLU B 2945 -125.49 85.68 35.81
C GLU B 2945 -125.73 85.00 34.48
N LEU B 2946 -125.18 85.55 33.39
CA LEU B 2946 -125.33 84.91 32.09
C LEU B 2946 -124.66 83.55 32.06
N VAL B 2947 -123.46 83.44 32.62
CA VAL B 2947 -122.74 82.17 32.60
C VAL B 2947 -123.45 81.14 33.45
N LYS B 2948 -123.93 81.53 34.63
CA LYS B 2948 -124.69 80.62 35.47
C LYS B 2948 -125.97 80.18 34.76
N ALA B 2949 -126.64 81.11 34.10
CA ALA B 2949 -127.85 80.76 33.38
C ALA B 2949 -127.56 79.75 32.27
N GLY B 2950 -126.47 79.96 31.54
CA GLY B 2950 -126.10 79.00 30.50
C GLY B 2950 -125.78 77.63 31.07
N LEU B 2951 -125.03 77.59 32.17
CA LEU B 2951 -124.68 76.32 32.77
C LEU B 2951 -125.91 75.58 33.28
N ARG B 2952 -126.85 76.30 33.88
CA ARG B 2952 -128.06 75.66 34.37
C ARG B 2952 -128.98 75.26 33.22
N ALA B 2953 -128.93 75.98 32.10
CA ALA B 2953 -129.77 75.65 30.96
C ALA B 2953 -129.20 74.53 30.11
N PHE B 2954 -127.91 74.23 30.22
CA PHE B 2954 -127.36 73.10 29.50
C PHE B 2954 -128.04 71.79 29.93
N PHE B 2955 -128.21 71.60 31.23
CA PHE B 2955 -128.84 70.38 31.71
C PHE B 2955 -130.32 70.35 31.36
N GLU B 2956 -130.99 71.51 31.37
CA GLU B 2956 -132.39 71.55 30.94
C GLU B 2956 -132.53 71.18 29.49
N ASN B 2957 -131.62 71.68 28.63
CA ASN B 2957 -131.66 71.31 27.22
C ASN B 2957 -131.40 69.82 27.05
N ALA B 2958 -130.44 69.27 27.80
CA ALA B 2958 -130.18 67.84 27.70
C ALA B 2958 -131.39 67.02 28.13
N ALA B 2959 -132.06 67.43 29.20
CA ALA B 2959 -133.26 66.73 29.65
C ALA B 2959 -134.36 66.80 28.59
N GLU B 2960 -134.56 67.98 27.99
CA GLU B 2960 -135.55 68.11 26.94
C GLU B 2960 -135.23 67.21 25.76
N ASP B 2961 -133.96 67.16 25.35
CA ASP B 2961 -133.57 66.33 24.23
C ASP B 2961 -133.78 64.85 24.54
N LEU B 2962 -133.44 64.43 25.75
CA LEU B 2962 -133.63 63.03 26.10
C LEU B 2962 -135.11 62.66 26.14
N GLU B 2963 -135.95 63.55 26.69
CA GLU B 2963 -137.39 63.27 26.71
C GLU B 2963 -137.95 63.23 25.29
N LYS B 2964 -137.47 64.11 24.41
CA LYS B 2964 -137.91 64.10 23.02
C LYS B 2964 -137.49 62.81 22.33
N THR B 2965 -136.28 62.34 22.60
CA THR B 2965 -135.83 61.07 22.01
C THR B 2965 -136.68 59.91 22.49
N SER B 2966 -137.01 59.89 23.79
CA SER B 2966 -137.88 58.85 24.32
C SER B 2966 -139.25 58.89 23.66
N GLU B 2967 -139.81 60.10 23.50
CA GLU B 2967 -141.10 60.25 22.85
C GLU B 2967 -141.05 59.77 21.40
N ASN B 2968 -139.99 60.13 20.67
CA ASN B 2968 -139.86 59.68 19.29
C ASN B 2968 -139.76 58.17 19.20
N LEU B 2969 -138.99 57.56 20.11
CA LEU B 2969 -138.88 56.11 20.10
C LEU B 2969 -140.22 55.45 20.37
N LYS B 2970 -141.00 56.00 21.30
CA LYS B 2970 -142.31 55.45 21.58
C LYS B 2970 -143.24 55.59 20.37
N LEU B 2971 -143.28 56.78 19.77
CA LEU B 2971 -144.16 57.01 18.64
C LEU B 2971 -143.74 56.19 17.42
N GLY B 2972 -142.43 56.09 17.18
CA GLY B 2972 -141.92 55.40 16.01
C GLY B 2972 -142.36 53.94 15.93
N LYS B 2973 -142.81 53.53 14.75
CA LYS B 2973 -143.29 52.17 14.53
C LYS B 2973 -142.74 51.58 13.24
N VAL B 2984 -136.55 62.70 13.38
CA VAL B 2984 -136.56 61.54 14.27
C VAL B 2984 -135.19 60.88 14.28
N SER B 2985 -134.74 60.42 13.11
CA SER B 2985 -133.42 59.82 13.03
C SER B 2985 -132.33 60.83 13.32
N GLN B 2986 -132.55 62.09 12.95
CA GLN B 2986 -131.57 63.14 13.26
C GLN B 2986 -131.41 63.31 14.76
N ASN B 2987 -132.52 63.32 15.50
CA ASN B 2987 -132.44 63.48 16.94
C ASN B 2987 -131.75 62.31 17.61
N ILE B 2988 -132.05 61.09 17.18
CA ILE B 2988 -131.39 59.93 17.77
C ILE B 2988 -129.91 59.91 17.41
N ASN B 2989 -129.56 60.34 16.20
CA ASN B 2989 -128.16 60.45 15.84
C ASN B 2989 -127.43 61.46 16.73
N TYR B 2990 -128.07 62.61 16.98
CA TYR B 2990 -127.47 63.60 17.86
C TYR B 2990 -127.31 63.05 19.27
N THR B 2991 -128.32 62.36 19.78
CA THR B 2991 -128.23 61.79 21.11
C THR B 2991 -127.10 60.77 21.20
N THR B 2992 -126.98 59.91 20.19
CA THR B 2992 -125.95 58.88 20.22
C THR B 2992 -124.55 59.48 20.10
N VAL B 2993 -124.39 60.49 19.25
CA VAL B 2993 -123.05 60.99 18.91
C VAL B 2993 -122.59 62.05 19.89
N ALA B 2994 -123.42 63.06 20.16
CA ALA B 2994 -122.98 64.22 20.91
C ALA B 2994 -123.45 64.22 22.36
N LEU B 2995 -124.75 64.04 22.59
CA LEU B 2995 -125.31 64.32 23.90
C LEU B 2995 -124.80 63.35 24.97
N LEU B 2996 -124.89 62.05 24.69
CA LEU B 2996 -124.54 61.06 25.71
C LEU B 2996 -123.06 61.13 26.13
N PRO B 2997 -122.10 61.17 25.21
CA PRO B 2997 -120.70 61.29 25.64
C PRO B 2997 -120.42 62.55 26.45
N ILE B 2998 -121.02 63.68 26.07
CA ILE B 2998 -120.80 64.91 26.80
C ILE B 2998 -121.40 64.83 28.20
N LEU B 2999 -122.60 64.26 28.33
CA LEU B 2999 -123.19 64.08 29.65
C LEU B 2999 -122.32 63.17 30.51
N THR B 3000 -121.82 62.08 29.92
CA THR B 3000 -120.96 61.18 30.67
C THR B 3000 -119.71 61.89 31.15
N SER B 3001 -119.08 62.68 30.28
CA SER B 3001 -117.89 63.42 30.68
C SER B 3001 -118.20 64.41 31.79
N ILE B 3002 -119.30 65.14 31.68
CA ILE B 3002 -119.65 66.14 32.68
C ILE B 3002 -119.87 65.47 34.03
N PHE B 3003 -120.60 64.36 34.05
CA PHE B 3003 -120.92 63.72 35.31
C PHE B 3003 -119.71 63.05 35.93
N GLU B 3004 -118.85 62.43 35.11
CA GLU B 3004 -117.61 61.88 35.65
C GLU B 3004 -116.73 62.99 36.23
N HIS B 3005 -116.66 64.13 35.53
CA HIS B 3005 -115.85 65.24 36.02
C HIS B 3005 -116.36 65.79 37.33
N VAL B 3006 -117.68 65.99 37.44
CA VAL B 3006 -118.24 66.52 38.69
C VAL B 3006 -118.33 65.47 39.78
N ALA B 3007 -118.12 64.20 39.45
CA ALA B 3007 -118.10 63.16 40.47
C ALA B 3007 -116.71 62.89 41.01
N GLN B 3008 -115.69 62.95 40.16
CA GLN B 3008 -114.33 62.72 40.64
C GLN B 3008 -113.77 63.93 41.36
N HIS B 3009 -114.14 65.14 40.96
CA HIS B 3009 -113.71 66.35 41.64
C HIS B 3009 -114.68 66.79 42.72
N GLN B 3010 -115.81 66.09 42.88
CA GLN B 3010 -116.74 66.34 43.98
C GLN B 3010 -117.37 67.73 43.87
N PHE B 3011 -117.88 68.05 42.68
CA PHE B 3011 -118.68 69.25 42.47
C PHE B 3011 -120.16 68.96 42.57
N GLY B 3012 -120.56 67.71 42.79
CA GLY B 3012 -121.97 67.37 42.78
C GLY B 3012 -122.75 68.05 43.89
N VAL B 3013 -122.16 68.11 45.09
CA VAL B 3013 -122.86 68.70 46.23
C VAL B 3013 -123.03 70.21 46.11
N ASP B 3014 -122.39 70.83 45.12
CA ASP B 3014 -122.53 72.26 44.87
C ASP B 3014 -123.23 72.60 43.57
N LEU B 3015 -123.21 71.69 42.60
CA LEU B 3015 -123.77 71.96 41.27
C LEU B 3015 -125.18 71.43 41.10
N LEU B 3016 -125.41 70.16 41.40
CA LEU B 3016 -126.71 69.52 41.16
C LEU B 3016 -127.65 69.82 42.33
N LEU B 3017 -128.06 71.09 42.40
CA LEU B 3017 -129.00 71.56 43.41
C LEU B 3017 -130.07 72.42 42.75
N GLY B 3018 -131.30 72.26 43.23
CA GLY B 3018 -132.41 73.05 42.74
C GLY B 3018 -132.80 72.75 41.31
N ASP B 3019 -132.68 73.75 40.43
CA ASP B 3019 -133.07 73.57 39.04
C ASP B 3019 -132.22 72.52 38.35
N VAL B 3020 -130.91 72.52 38.62
CA VAL B 3020 -130.03 71.51 38.06
C VAL B 3020 -130.45 70.14 38.55
N GLN B 3021 -130.87 70.04 39.81
CA GLN B 3021 -131.29 68.75 40.35
C GLN B 3021 -132.58 68.27 39.71
N ILE B 3022 -133.50 69.18 39.43
CA ILE B 3022 -134.73 68.80 38.73
C ILE B 3022 -134.39 68.29 37.32
N SER B 3023 -133.51 69.00 36.62
CA SER B 3023 -133.11 68.57 35.29
C SER B 3023 -132.42 67.21 35.36
N CYS B 3024 -131.63 66.98 36.40
CA CYS B 3024 -130.99 65.68 36.56
C CYS B 3024 -132.00 64.59 36.87
N TYR B 3025 -133.06 64.91 37.61
CA TYR B 3025 -134.14 63.95 37.80
C TYR B 3025 -134.74 63.55 36.46
N HIS B 3026 -135.03 64.53 35.61
CA HIS B 3026 -135.60 64.22 34.30
C HIS B 3026 -134.64 63.40 33.46
N ILE B 3027 -133.36 63.74 33.49
CA ILE B 3027 -132.35 62.99 32.74
C ILE B 3027 -132.29 61.56 33.24
N LEU B 3028 -132.32 61.37 34.55
CA LEU B 3028 -132.24 60.03 35.12
C LEU B 3028 -133.44 59.19 34.72
N CYS B 3029 -134.64 59.76 34.80
CA CYS B 3029 -135.83 59.02 34.39
C CYS B 3029 -135.76 58.64 32.92
N SER B 3030 -135.36 59.59 32.06
CA SER B 3030 -135.29 59.29 30.64
C SER B 3030 -134.25 58.22 30.33
N LEU B 3031 -133.08 58.31 30.95
CA LEU B 3031 -132.03 57.33 30.72
C LEU B 3031 -132.47 55.95 31.19
N TYR B 3032 -133.09 55.86 32.36
CA TYR B 3032 -133.55 54.55 32.82
C TYR B 3032 -134.63 54.00 31.91
N SER B 3033 -135.54 54.86 31.43
CA SER B 3033 -136.58 54.39 30.53
C SER B 3033 -136.00 53.86 29.23
N LEU B 3034 -135.04 54.59 28.64
CA LEU B 3034 -134.44 54.14 27.39
C LEU B 3034 -133.62 52.87 27.59
N GLY B 3035 -132.86 52.78 28.68
CA GLY B 3035 -131.95 51.66 28.85
C GLY B 3035 -132.65 50.33 28.97
N THR B 3036 -133.76 50.29 29.71
CA THR B 3036 -134.46 49.04 29.97
C THR B 3036 -135.56 48.74 28.94
N GLY B 3037 -135.74 49.60 27.94
CA GLY B 3037 -136.74 49.34 26.93
C GLY B 3037 -136.28 48.30 25.91
N LYS B 3038 -137.22 47.88 25.08
CA LYS B 3038 -136.98 46.88 24.03
C LYS B 3038 -137.17 47.56 22.68
N ASN B 3039 -136.08 48.08 22.12
CA ASN B 3039 -136.12 48.78 20.84
C ASN B 3039 -134.82 48.53 20.11
N ILE B 3040 -134.83 48.79 18.80
CA ILE B 3040 -133.62 48.66 18.00
C ILE B 3040 -132.56 49.65 18.48
N TYR B 3041 -132.95 50.91 18.66
CA TYR B 3041 -132.02 51.91 19.17
C TYR B 3041 -131.52 51.53 20.55
N VAL B 3042 -132.41 51.06 21.42
CA VAL B 3042 -132.00 50.63 22.75
C VAL B 3042 -131.05 49.45 22.65
N GLU B 3043 -131.36 48.50 21.78
CA GLU B 3043 -130.48 47.34 21.61
C GLU B 3043 -129.08 47.77 21.18
N ARG B 3044 -129.00 48.81 20.35
CA ARG B 3044 -127.68 49.27 19.90
C ARG B 3044 -126.96 50.10 20.96
N GLN B 3045 -127.71 50.88 21.74
CA GLN B 3045 -127.10 51.89 22.61
C GLN B 3045 -127.22 51.57 24.10
N ARG B 3046 -127.51 50.32 24.45
CA ARG B 3046 -127.51 49.95 25.86
C ARG B 3046 -126.20 50.24 26.58
N PRO B 3047 -125.03 49.95 26.03
CA PRO B 3047 -123.79 50.29 26.76
C PRO B 3047 -123.65 51.78 27.06
N ALA B 3048 -123.93 52.65 26.09
CA ALA B 3048 -123.80 54.08 26.33
C ALA B 3048 -124.80 54.56 27.37
N LEU B 3049 -126.03 54.08 27.30
CA LEU B 3049 -127.03 54.46 28.29
C LEU B 3049 -126.64 53.98 29.67
N GLY B 3050 -126.12 52.76 29.77
CA GLY B 3050 -125.68 52.27 31.06
C GLY B 3050 -124.53 53.08 31.63
N GLU B 3051 -123.57 53.44 30.79
CA GLU B 3051 -122.44 54.24 31.25
C GLU B 3051 -122.88 55.62 31.70
N CYS B 3052 -123.76 56.27 30.93
CA CYS B 3052 -124.23 57.59 31.31
C CYS B 3052 -125.04 57.53 32.61
N LEU B 3053 -125.87 56.51 32.76
CA LEU B 3053 -126.65 56.35 33.99
C LEU B 3053 -125.73 56.10 35.18
N ALA B 3054 -124.68 55.29 35.00
CA ALA B 3054 -123.74 55.05 36.07
C ALA B 3054 -123.03 56.34 36.47
N SER B 3055 -122.63 57.14 35.50
CA SER B 3055 -122.00 58.42 35.80
C SER B 3055 -122.95 59.33 36.56
N LEU B 3056 -124.22 59.37 36.15
CA LEU B 3056 -125.19 60.22 36.83
C LEU B 3056 -125.42 59.78 38.26
N ALA B 3057 -125.45 58.47 38.50
CA ALA B 3057 -125.69 57.97 39.85
C ALA B 3057 -124.55 58.26 40.80
N ALA B 3058 -123.34 58.47 40.29
CA ALA B 3058 -122.18 58.73 41.12
C ALA B 3058 -121.97 60.20 41.42
N ALA B 3059 -122.85 61.07 40.96
CA ALA B 3059 -122.70 62.50 41.20
C ALA B 3059 -123.92 63.14 41.82
N ILE B 3060 -125.12 62.72 41.43
CA ILE B 3060 -126.34 63.38 41.93
C ILE B 3060 -126.46 63.11 43.42
N PRO B 3061 -126.68 64.14 44.24
CA PRO B 3061 -126.61 63.96 45.69
C PRO B 3061 -127.92 63.54 46.34
N VAL B 3062 -128.87 63.00 45.57
CA VAL B 3062 -130.15 62.56 46.11
C VAL B 3062 -130.28 61.07 45.89
N ALA B 3063 -130.62 60.34 46.96
CA ALA B 3063 -130.81 58.91 46.88
C ALA B 3063 -132.13 58.65 46.16
N PHE B 3064 -132.05 58.42 44.86
CA PHE B 3064 -133.25 58.22 44.04
C PHE B 3064 -133.81 56.82 44.14
N LEU B 3065 -133.13 55.91 44.82
CA LEU B 3065 -133.66 54.57 45.06
C LEU B 3065 -134.19 54.39 46.48
N GLU B 3066 -134.01 55.37 47.34
CA GLU B 3066 -134.48 55.31 48.73
C GLU B 3066 -135.24 56.59 49.05
N PRO B 3067 -136.39 56.80 48.41
CA PRO B 3067 -137.16 58.02 48.68
C PRO B 3067 -137.77 58.06 50.07
N THR B 3068 -137.99 56.90 50.69
CA THR B 3068 -138.65 56.87 52.00
C THR B 3068 -137.87 57.60 53.07
N LEU B 3069 -136.55 57.74 52.90
CA LEU B 3069 -135.72 58.48 53.84
C LEU B 3069 -135.33 59.86 53.32
N ASN B 3070 -135.96 60.32 52.24
CA ASN B 3070 -135.57 61.59 51.64
C ASN B 3070 -135.73 62.76 52.59
N ARG B 3071 -136.56 62.63 53.61
CA ARG B 3071 -136.73 63.70 54.59
C ARG B 3071 -135.46 63.97 55.38
N TYR B 3072 -134.50 63.04 55.37
CA TYR B 3072 -133.24 63.21 56.08
C TYR B 3072 -132.12 63.73 55.21
N ASN B 3073 -132.42 64.12 53.97
CA ASN B 3073 -131.39 64.57 53.04
C ASN B 3073 -131.49 66.08 52.85
N PRO B 3074 -130.61 66.87 53.47
CA PRO B 3074 -130.74 68.34 53.36
C PRO B 3074 -130.49 68.90 51.97
N LEU B 3075 -129.87 68.12 51.08
CA LEU B 3075 -129.51 68.61 49.75
C LEU B 3075 -130.62 68.44 48.72
N SER B 3076 -131.71 67.78 49.08
CA SER B 3076 -132.80 67.60 48.13
C SER B 3076 -133.62 68.87 48.01
N VAL B 3077 -134.23 69.06 46.85
CA VAL B 3077 -135.08 70.23 46.64
C VAL B 3077 -136.30 70.18 47.56
N PHE B 3078 -136.81 68.98 47.83
CA PHE B 3078 -137.97 68.85 48.69
C PHE B 3078 -137.70 69.36 50.10
N ASN B 3079 -136.45 69.30 50.54
CA ASN B 3079 -136.07 69.78 51.87
C ASN B 3079 -135.33 71.12 51.82
N THR B 3080 -135.13 71.69 50.65
CA THR B 3080 -134.41 72.96 50.52
C THR B 3080 -135.23 74.05 49.84
N LYS B 3081 -136.46 73.76 49.42
CA LYS B 3081 -137.30 74.75 48.77
C LYS B 3081 -138.69 74.72 49.41
N THR B 3082 -139.32 75.89 49.45
CA THR B 3082 -140.66 75.97 50.00
C THR B 3082 -141.64 75.23 49.11
N PRO B 3083 -142.71 74.67 49.67
CA PRO B 3083 -143.68 73.94 48.84
C PRO B 3083 -144.29 74.77 47.73
N ARG B 3084 -144.52 76.06 47.98
CA ARG B 3084 -145.05 76.92 46.93
C ARG B 3084 -144.08 77.03 45.77
N GLU B 3085 -142.79 77.22 46.07
CA GLU B 3085 -141.79 77.30 45.00
C GLU B 3085 -141.72 75.99 44.22
N ARG B 3086 -141.74 74.86 44.92
CA ARG B 3086 -141.69 73.57 44.23
C ARG B 3086 -142.90 73.35 43.35
N SER B 3087 -144.08 73.77 43.82
CA SER B 3087 -145.27 73.69 42.99
C SER B 3087 -145.20 74.62 41.79
N ILE B 3088 -144.53 75.77 41.95
CA ILE B 3088 -144.35 76.69 40.82
C ILE B 3088 -143.54 76.01 39.71
N LEU B 3089 -142.55 75.20 40.10
CA LEU B 3089 -141.69 74.52 39.14
C LEU B 3089 -142.37 73.31 38.51
N GLY B 3090 -143.62 73.03 38.84
CA GLY B 3090 -144.34 71.94 38.21
C GLY B 3090 -143.81 70.55 38.53
N MET B 3091 -143.43 70.30 39.77
CA MET B 3091 -143.00 68.99 40.20
C MET B 3091 -144.02 68.36 41.14
N PRO B 3092 -144.06 67.04 41.23
CA PRO B 3092 -145.04 66.39 42.11
C PRO B 3092 -144.78 66.75 43.56
N ASP B 3093 -145.86 66.76 44.35
CA ASP B 3093 -145.78 67.16 45.74
C ASP B 3093 -145.04 66.14 46.61
N THR B 3094 -144.78 64.95 46.10
CA THR B 3094 -144.10 63.91 46.86
C THR B 3094 -142.91 63.38 46.08
N VAL B 3095 -141.84 63.07 46.81
CA VAL B 3095 -140.65 62.51 46.17
C VAL B 3095 -140.91 61.14 45.56
N GLU B 3096 -141.96 60.46 46.02
CA GLU B 3096 -142.26 59.13 45.50
C GLU B 3096 -142.57 59.17 44.01
N GLU B 3097 -143.11 60.30 43.52
CA GLU B 3097 -143.52 60.39 42.13
C GLU B 3097 -142.45 60.99 41.22
N MET B 3098 -141.31 61.43 41.76
CA MET B 3098 -140.27 62.00 40.92
C MET B 3098 -139.71 60.97 39.94
N CYS B 3099 -139.50 59.74 40.40
CA CYS B 3099 -138.98 58.65 39.58
C CYS B 3099 -139.93 57.47 39.73
N PRO B 3100 -141.12 57.54 39.14
CA PRO B 3100 -142.10 56.46 39.35
C PRO B 3100 -141.65 55.12 38.80
N ASP B 3101 -140.99 55.10 37.64
CA ASP B 3101 -140.65 53.82 37.02
C ASP B 3101 -139.45 53.16 37.69
N ILE B 3102 -138.50 53.94 38.20
CA ILE B 3102 -137.30 53.38 38.80
C ILE B 3102 -137.66 52.65 40.08
N PRO B 3103 -137.36 51.36 40.21
CA PRO B 3103 -137.72 50.64 41.43
C PRO B 3103 -136.90 51.13 42.61
N GLN B 3104 -137.30 50.67 43.80
CA GLN B 3104 -136.54 50.96 45.00
C GLN B 3104 -135.29 50.09 45.04
N LEU B 3105 -134.41 50.39 46.00
CA LEU B 3105 -133.17 49.64 46.13
C LEU B 3105 -133.42 48.18 46.42
N GLU B 3106 -134.36 47.89 47.32
CA GLU B 3106 -134.65 46.51 47.68
C GLU B 3106 -135.19 45.72 46.49
N GLY B 3107 -136.05 46.35 45.69
CA GLY B 3107 -136.57 45.66 44.51
C GLY B 3107 -135.48 45.31 43.52
N LEU B 3108 -134.58 46.25 43.25
CA LEU B 3108 -133.49 45.99 42.31
C LEU B 3108 -132.59 44.88 42.85
N MET B 3109 -132.26 44.92 44.14
CA MET B 3109 -131.37 43.90 44.68
C MET B 3109 -132.03 42.53 44.64
N LYS B 3110 -133.33 42.46 44.95
CA LYS B 3110 -134.03 41.18 44.89
C LYS B 3110 -134.09 40.64 43.45
N GLU B 3111 -134.35 41.52 42.49
CA GLU B 3111 -134.39 41.08 41.10
C GLU B 3111 -133.03 40.55 40.65
N ILE B 3112 -131.96 41.27 41.00
CA ILE B 3112 -130.62 40.81 40.62
C ILE B 3112 -130.30 39.48 41.28
N SER B 3113 -130.66 39.32 42.56
CA SER B 3113 -130.41 38.06 43.24
C SER B 3113 -131.16 36.91 42.60
N ASP B 3114 -132.43 37.13 42.25
CA ASP B 3114 -133.20 36.08 41.60
C ASP B 3114 -132.60 35.70 40.26
N LEU B 3115 -132.20 36.69 39.46
CA LEU B 3115 -131.59 36.38 38.17
C LEU B 3115 -130.29 35.61 38.36
N ALA B 3116 -129.46 36.01 39.33
CA ALA B 3116 -128.18 35.33 39.52
C ALA B 3116 -128.38 33.90 40.01
N GLU B 3117 -129.29 33.69 40.94
CA GLU B 3117 -129.47 32.35 41.50
C GLU B 3117 -130.18 31.43 40.53
N SER B 3118 -131.08 31.94 39.69
CA SER B 3118 -131.77 31.10 38.74
C SER B 3118 -130.81 30.48 37.75
N GLY B 3119 -129.86 31.27 37.26
CA GLY B 3119 -128.92 30.81 36.26
C GLY B 3119 -129.08 31.40 34.88
N ALA B 3120 -129.81 32.51 34.74
CA ALA B 3120 -130.06 33.09 33.44
C ALA B 3120 -128.79 33.62 32.81
N ARG B 3121 -128.77 33.64 31.48
CA ARG B 3121 -127.64 34.13 30.73
C ARG B 3121 -127.91 35.55 30.23
N TYR B 3122 -126.93 36.13 29.54
CA TYR B 3122 -127.01 37.53 29.14
C TYR B 3122 -128.20 37.79 28.24
N THR B 3123 -128.60 36.80 27.44
CA THR B 3123 -129.75 36.99 26.56
C THR B 3123 -131.02 37.23 27.36
N GLU B 3124 -131.18 36.51 28.48
CA GLU B 3124 -132.40 36.65 29.27
C GLU B 3124 -132.47 37.98 30.00
N MET B 3125 -131.33 38.52 30.43
CA MET B 3125 -131.27 39.76 31.19
C MET B 3125 -130.23 40.69 30.59
N PRO B 3126 -130.45 41.16 29.36
CA PRO B 3126 -129.48 42.06 28.74
C PRO B 3126 -129.49 43.46 29.32
N HIS B 3127 -130.54 43.84 30.04
CA HIS B 3127 -130.60 45.16 30.64
C HIS B 3127 -130.26 45.16 32.12
N VAL B 3128 -130.33 44.01 32.79
CA VAL B 3128 -129.87 43.90 34.17
C VAL B 3128 -128.36 43.81 34.26
N ILE B 3129 -127.67 43.73 33.13
CA ILE B 3129 -126.22 43.63 33.12
C ILE B 3129 -125.55 44.86 32.53
N GLU B 3130 -126.24 45.64 31.69
CA GLU B 3130 -125.64 46.79 31.04
C GLU B 3130 -126.21 48.13 31.49
N VAL B 3131 -127.31 48.14 32.25
CA VAL B 3131 -127.90 49.39 32.70
C VAL B 3131 -128.08 49.37 34.21
N ILE B 3132 -128.79 48.37 34.73
CA ILE B 3132 -129.11 48.36 36.15
C ILE B 3132 -127.87 48.12 36.99
N LEU B 3133 -127.01 47.20 36.57
CA LEU B 3133 -125.87 46.82 37.42
C LEU B 3133 -124.87 47.95 37.60
N PRO B 3134 -124.41 48.65 36.56
CA PRO B 3134 -123.48 49.76 36.79
C PRO B 3134 -124.07 50.86 37.64
N MET B 3135 -125.33 51.20 37.42
CA MET B 3135 -125.98 52.21 38.24
C MET B 3135 -126.01 51.78 39.69
N LEU B 3136 -126.36 50.51 39.95
CA LEU B 3136 -126.42 50.02 41.31
C LEU B 3136 -125.05 50.03 41.97
N CYS B 3137 -124.01 49.63 41.24
CA CYS B 3137 -122.67 49.64 41.80
C CYS B 3137 -122.24 51.05 42.18
N ASN B 3138 -122.41 52.01 41.28
CA ASN B 3138 -122.01 53.38 41.58
C ASN B 3138 -122.86 53.96 42.71
N TYR B 3139 -124.17 53.66 42.71
CA TYR B 3139 -125.04 54.16 43.76
C TYR B 3139 -124.62 53.64 45.13
N LEU B 3140 -124.36 52.34 45.22
CA LEU B 3140 -123.93 51.75 46.49
C LEU B 3140 -122.60 52.32 46.93
N SER B 3141 -121.64 52.46 46.01
CA SER B 3141 -120.35 53.00 46.39
C SER B 3141 -120.48 54.44 46.88
N TYR B 3142 -121.32 55.24 46.22
CA TYR B 3142 -121.46 56.63 46.61
C TYR B 3142 -122.18 56.77 47.95
N TRP B 3143 -123.20 55.96 48.19
CA TRP B 3143 -124.02 56.12 49.39
C TRP B 3143 -123.54 55.29 50.57
N TRP B 3144 -122.55 54.41 50.39
CA TRP B 3144 -121.98 53.74 51.53
C TRP B 3144 -121.28 54.73 52.45
N GLU B 3145 -120.58 55.70 51.87
CA GLU B 3145 -119.87 56.71 52.64
C GLU B 3145 -120.80 57.69 53.32
N ARG B 3146 -122.09 57.66 53.01
CA ARG B 3146 -123.09 58.49 53.68
C ARG B 3146 -124.12 57.64 54.41
N GLY B 3147 -123.75 56.41 54.77
CA GLY B 3147 -124.66 55.51 55.42
C GLY B 3147 -124.26 55.23 56.85
N PRO B 3148 -124.88 54.21 57.44
CA PRO B 3148 -124.59 53.89 58.85
C PRO B 3148 -123.13 53.57 59.13
N GLU B 3149 -122.45 52.89 58.21
CA GLU B 3149 -121.12 52.39 58.52
C GLU B 3149 -120.09 53.50 58.56
N HIS B 3150 -120.11 54.40 57.58
CA HIS B 3150 -119.09 55.44 57.48
C HIS B 3150 -119.43 56.68 58.29
N LEU B 3151 -120.56 56.72 58.96
CA LEU B 3151 -120.94 57.85 59.80
C LEU B 3151 -121.30 57.34 61.20
N PRO B 3152 -120.30 56.90 61.97
CA PRO B 3152 -120.56 56.46 63.35
C PRO B 3152 -121.10 57.59 64.20
N PRO B 3153 -120.40 58.73 64.29
CA PRO B 3153 -120.89 59.82 65.15
C PRO B 3153 -122.23 60.38 64.73
N SER B 3154 -122.61 60.24 63.46
CA SER B 3154 -123.88 60.77 63.00
C SER B 3154 -125.02 59.91 63.52
N THR B 3155 -125.31 60.01 64.82
CA THR B 3155 -126.33 59.17 65.43
C THR B 3155 -127.69 59.39 64.81
N GLY B 3156 -127.95 60.58 64.28
CA GLY B 3156 -129.21 60.88 63.65
C GLY B 3156 -129.46 60.01 62.45
N PRO B 3157 -130.72 59.81 62.10
CA PRO B 3157 -131.04 58.95 60.96
C PRO B 3157 -130.41 59.47 59.68
N TRP B 3158 -130.02 58.56 58.81
CA TRP B 3158 -129.34 58.88 57.57
C TRP B 3158 -130.30 58.83 56.40
N CYS B 3159 -129.93 59.54 55.32
CA CYS B 3159 -130.72 59.56 54.11
C CYS B 3159 -130.58 58.28 53.29
N THR B 3160 -129.88 57.28 53.82
CA THR B 3160 -129.67 56.01 53.14
C THR B 3160 -129.61 54.89 54.16
N LYS B 3161 -129.77 53.66 53.69
CA LYS B 3161 -129.69 52.48 54.53
C LYS B 3161 -128.67 51.48 53.98
N VAL B 3162 -127.64 51.98 53.30
CA VAL B 3162 -126.66 51.13 52.63
C VAL B 3162 -125.52 50.83 53.59
N THR B 3163 -125.21 49.55 53.73
CA THR B 3163 -124.07 49.08 54.52
C THR B 3163 -123.20 48.21 53.63
N SER B 3164 -122.09 47.71 54.19
CA SER B 3164 -121.21 46.86 53.41
C SER B 3164 -121.86 45.53 53.05
N GLU B 3165 -122.95 45.16 53.71
CA GLU B 3165 -123.65 43.94 53.34
C GLU B 3165 -124.19 44.02 51.92
N HIS B 3166 -124.74 45.18 51.55
CA HIS B 3166 -125.26 45.34 50.19
C HIS B 3166 -124.15 45.22 49.16
N LEU B 3167 -123.01 45.86 49.42
CA LEU B 3167 -121.89 45.77 48.49
C LEU B 3167 -121.39 44.33 48.38
N SER B 3168 -121.29 43.62 49.50
CA SER B 3168 -120.84 42.24 49.47
C SER B 3168 -121.80 41.36 48.68
N VAL B 3169 -123.11 41.50 48.92
CA VAL B 3169 -124.07 40.66 48.23
C VAL B 3169 -124.13 40.98 46.74
N ILE B 3170 -123.99 42.26 46.39
CA ILE B 3170 -123.98 42.63 44.97
C ILE B 3170 -122.74 42.07 44.29
N LEU B 3171 -121.58 42.13 44.94
CA LEU B 3171 -120.38 41.55 44.37
C LEU B 3171 -120.53 40.04 44.20
N GLY B 3172 -121.13 39.38 45.18
CA GLY B 3172 -121.38 37.95 45.05
C GLY B 3172 -122.30 37.63 43.88
N ASN B 3173 -123.33 38.45 43.69
CA ASN B 3173 -124.23 38.24 42.57
C ASN B 3173 -123.52 38.47 41.23
N ILE B 3174 -122.63 39.46 41.17
CA ILE B 3174 -121.86 39.68 39.95
C ILE B 3174 -120.99 38.46 39.65
N LEU B 3175 -120.34 37.91 40.68
CA LEU B 3175 -119.51 36.74 40.47
C LEU B 3175 -120.35 35.54 40.02
N LYS B 3176 -121.52 35.36 40.63
CA LYS B 3176 -122.39 34.27 40.23
C LYS B 3176 -122.84 34.43 38.79
N ILE B 3177 -123.16 35.65 38.38
CA ILE B 3177 -123.56 35.91 37.00
C ILE B 3177 -122.42 35.59 36.04
N ILE B 3178 -121.21 35.99 36.38
CA ILE B 3178 -120.06 35.65 35.55
C ILE B 3178 -119.88 34.15 35.48
N ASN B 3179 -120.13 33.46 36.59
CA ASN B 3179 -120.00 32.00 36.62
C ASN B 3179 -121.02 31.34 35.71
N ASN B 3180 -122.26 31.81 35.73
CA ASN B 3180 -123.29 31.19 34.89
C ASN B 3180 -122.97 31.34 33.42
N ASN B 3181 -122.48 32.51 33.00
CA ASN B 3181 -122.16 32.78 31.60
C ASN B 3181 -120.74 32.39 31.26
N LEU B 3182 -120.19 31.40 31.95
CA LEU B 3182 -118.82 30.97 31.70
C LEU B 3182 -118.77 30.05 30.48
N GLY B 3183 -117.89 30.37 29.53
CA GLY B 3183 -117.75 29.54 28.35
C GLY B 3183 -118.71 29.84 27.22
N ILE B 3184 -119.51 30.90 27.33
CA ILE B 3184 -120.42 31.25 26.25
C ILE B 3184 -119.61 31.61 25.00
N ASP B 3185 -120.19 31.35 23.83
CA ASP B 3185 -119.46 31.52 22.59
C ASP B 3185 -119.05 32.98 22.36
N GLU B 3186 -119.96 33.92 22.63
CA GLU B 3186 -119.69 35.34 22.40
C GLU B 3186 -120.38 36.15 23.49
N ALA B 3187 -119.59 36.83 24.31
CA ALA B 3187 -120.13 37.69 25.37
C ALA B 3187 -119.10 38.78 25.65
N SER B 3188 -119.32 39.96 25.06
CA SER B 3188 -118.40 41.08 25.20
C SER B 3188 -118.76 41.99 26.37
N TRP B 3189 -119.79 41.65 27.13
CA TRP B 3189 -120.18 42.45 28.28
C TRP B 3189 -119.30 42.21 29.50
N MET B 3190 -118.51 41.13 29.51
CA MET B 3190 -117.71 40.81 30.68
C MET B 3190 -116.66 41.87 30.96
N LYS B 3191 -116.02 42.39 29.90
CA LYS B 3191 -114.97 43.38 30.09
C LYS B 3191 -115.48 44.70 30.62
N ARG B 3192 -116.79 44.93 30.64
CA ARG B 3192 -117.35 46.10 31.29
C ARG B 3192 -117.80 45.79 32.71
N ILE B 3193 -118.36 44.61 32.93
CA ILE B 3193 -118.78 44.20 34.27
C ILE B 3193 -117.58 44.07 35.18
N ALA B 3194 -116.41 43.75 34.63
CA ALA B 3194 -115.20 43.72 35.44
C ALA B 3194 -114.69 45.11 35.79
N VAL B 3195 -115.24 46.16 35.18
CA VAL B 3195 -114.77 47.52 35.41
C VAL B 3195 -115.77 48.26 36.29
N TYR B 3196 -117.04 47.88 36.20
CA TYR B 3196 -118.06 48.52 37.00
C TYR B 3196 -118.20 47.93 38.40
N ALA B 3197 -117.51 46.84 38.70
CA ALA B 3197 -117.53 46.27 40.03
C ALA B 3197 -116.36 46.73 40.89
N GLN B 3198 -115.41 47.47 40.32
CA GLN B 3198 -114.26 47.92 41.09
C GLN B 3198 -114.62 48.76 42.31
N PRO B 3199 -115.54 49.71 42.24
CA PRO B 3199 -115.83 50.53 43.43
C PRO B 3199 -116.28 49.73 44.64
N ILE B 3200 -116.94 48.58 44.45
CA ILE B 3200 -117.52 47.85 45.57
C ILE B 3200 -116.70 46.64 45.99
N ILE B 3201 -115.58 46.36 45.34
CA ILE B 3201 -114.75 45.24 45.78
C ILE B 3201 -114.10 45.55 47.11
N SER B 3202 -113.94 46.83 47.44
CA SER B 3202 -113.22 47.20 48.65
C SER B 3202 -113.98 46.82 49.91
N LYS B 3203 -115.30 46.73 49.85
CA LYS B 3203 -116.13 46.41 51.00
C LYS B 3203 -116.59 44.95 51.00
N ALA B 3204 -116.02 44.11 50.14
CA ALA B 3204 -116.42 42.72 50.10
C ALA B 3204 -116.05 42.02 51.41
N ARG B 3205 -116.93 41.15 51.87
CA ARG B 3205 -116.73 40.44 53.12
C ARG B 3205 -115.92 39.17 52.91
N PRO B 3206 -115.31 38.65 53.97
CA PRO B 3206 -114.45 37.47 53.81
C PRO B 3206 -115.18 36.24 53.29
N ASP B 3207 -116.47 36.08 53.61
CA ASP B 3207 -117.18 34.86 53.24
C ASP B 3207 -117.32 34.69 51.74
N LEU B 3208 -117.04 35.73 50.94
CA LEU B 3208 -117.02 35.59 49.50
C LEU B 3208 -115.92 34.64 49.03
N LEU B 3209 -114.91 34.38 49.85
CA LEU B 3209 -113.80 33.55 49.40
C LEU B 3209 -114.25 32.11 49.18
N LYS B 3210 -114.92 31.52 50.15
CA LYS B 3210 -115.33 30.12 50.03
C LYS B 3210 -116.53 29.94 49.13
N SER B 3211 -117.44 30.91 49.09
CA SER B 3211 -118.69 30.71 48.39
C SER B 3211 -118.65 31.15 46.93
N HIS B 3212 -117.87 32.16 46.59
CA HIS B 3212 -117.99 32.67 45.24
C HIS B 3212 -116.68 32.72 44.46
N PHE B 3213 -115.56 33.02 45.11
CA PHE B 3213 -114.30 33.14 44.38
C PHE B 3213 -113.68 31.78 44.09
N ILE B 3214 -113.58 30.93 45.10
CA ILE B 3214 -112.98 29.61 44.90
C ILE B 3214 -113.75 28.76 43.89
N PRO B 3215 -115.08 28.66 43.96
CA PRO B 3215 -115.78 27.87 42.93
C PRO B 3215 -115.57 28.36 41.51
N THR B 3216 -115.64 29.68 41.29
CA THR B 3216 -115.44 30.21 39.95
C THR B 3216 -114.02 29.95 39.46
N LEU B 3217 -113.04 30.17 40.32
CA LEU B 3217 -111.65 29.91 39.90
C LEU B 3217 -111.43 28.43 39.68
N GLU B 3218 -112.14 27.57 40.41
CA GLU B 3218 -112.02 26.14 40.18
C GLU B 3218 -112.60 25.76 38.82
N LYS B 3219 -113.73 26.34 38.44
CA LYS B 3219 -114.29 26.10 37.11
C LYS B 3219 -113.31 26.56 36.02
N LEU B 3220 -112.72 27.75 36.21
CA LEU B 3220 -111.76 28.25 35.23
C LEU B 3220 -110.55 27.34 35.15
N LYS B 3221 -110.06 26.85 36.29
CA LYS B 3221 -108.90 25.98 36.29
C LYS B 3221 -109.20 24.65 35.61
N LYS B 3222 -110.38 24.09 35.86
CA LYS B 3222 -110.76 22.86 35.16
C LYS B 3222 -110.81 23.06 33.66
N LYS B 3223 -111.40 24.18 33.22
CA LYS B 3223 -111.42 24.47 31.79
C LYS B 3223 -110.02 24.59 31.22
N ALA B 3224 -109.12 25.28 31.94
CA ALA B 3224 -107.77 25.47 31.44
C ALA B 3224 -107.02 24.14 31.34
N VAL B 3225 -107.13 23.29 32.36
CA VAL B 3225 -106.44 22.01 32.31
C VAL B 3225 -106.99 21.15 31.18
N LYS B 3226 -108.31 21.13 31.00
CA LYS B 3226 -108.91 20.36 29.93
C LYS B 3226 -108.41 20.84 28.57
N THR B 3227 -108.40 22.15 28.35
CA THR B 3227 -107.96 22.67 27.07
C THR B 3227 -106.48 22.38 26.82
N VAL B 3228 -105.65 22.51 27.85
CA VAL B 3228 -104.21 22.27 27.65
C VAL B 3228 -103.95 20.79 27.39
N GLN B 3229 -104.67 19.90 28.07
CA GLN B 3229 -104.53 18.48 27.77
C GLN B 3229 -104.94 18.18 26.34
N GLU B 3230 -106.05 18.77 25.89
CA GLU B 3230 -106.47 18.56 24.51
C GLU B 3230 -105.42 19.06 23.52
N GLU B 3231 -104.84 20.24 23.79
CA GLU B 3231 -103.80 20.76 22.91
C GLU B 3231 -102.58 19.85 22.88
N GLU B 3232 -102.16 19.36 24.04
CA GLU B 3232 -100.99 18.47 24.08
C GLU B 3232 -101.26 17.17 23.34
N GLN B 3233 -102.44 16.59 23.53
CA GLN B 3233 -102.77 15.35 22.82
C GLN B 3233 -102.87 15.59 21.32
N LEU B 3234 -103.39 16.75 20.91
CA LEU B 3234 -103.43 17.07 19.48
C LEU B 3234 -102.02 17.20 18.91
N LYS B 3235 -101.13 17.87 19.63
CA LYS B 3235 -99.76 18.03 19.14
C LYS B 3235 -99.03 16.69 19.09
N ALA B 3236 -99.30 15.81 20.05
CA ALA B 3236 -98.64 14.50 20.06
C ALA B 3236 -99.00 13.69 18.83
N ASP B 3237 -100.28 13.70 18.45
CA ASP B 3237 -100.75 12.92 17.31
C ASP B 3237 -100.67 13.76 16.05
N THR B 3238 -99.84 13.31 15.10
CA THR B 3238 -99.65 14.01 13.84
C THR B 3238 -100.57 13.49 12.73
N LYS B 3239 -101.48 12.58 13.04
CA LYS B 3239 -102.41 12.05 12.06
C LYS B 3239 -103.70 12.87 12.03
N GLY B 3240 -104.36 12.84 10.87
CA GLY B 3240 -105.60 13.57 10.69
C GLY B 3240 -105.36 15.04 10.36
N ASP B 3241 -106.46 15.77 10.32
CA ASP B 3241 -106.43 17.21 10.02
C ASP B 3241 -106.21 17.97 11.33
N THR B 3242 -104.99 18.42 11.54
CA THR B 3242 -104.65 19.16 12.76
C THR B 3242 -104.98 20.64 12.67
N GLN B 3243 -105.26 21.16 11.48
CA GLN B 3243 -105.52 22.59 11.34
C GLN B 3243 -106.87 22.96 11.96
N GLU B 3244 -107.91 22.17 11.70
CA GLU B 3244 -109.21 22.43 12.30
C GLU B 3244 -109.14 22.33 13.81
N ALA B 3245 -108.46 21.31 14.32
CA ALA B 3245 -108.31 21.17 15.77
C ALA B 3245 -107.52 22.34 16.35
N GLU B 3246 -106.50 22.80 15.63
CA GLU B 3246 -105.73 23.96 16.09
C GLU B 3246 -106.60 25.20 16.17
N LEU B 3247 -107.44 25.42 15.16
CA LEU B 3247 -108.35 26.57 15.19
C LEU B 3247 -109.34 26.45 16.35
N LEU B 3248 -109.88 25.24 16.57
CA LEU B 3248 -110.83 25.05 17.66
C LEU B 3248 -110.17 25.31 19.02
N ILE B 3249 -108.95 24.82 19.21
CA ILE B 3249 -108.29 25.05 20.50
C ILE B 3249 -107.91 26.52 20.65
N LEU B 3250 -107.60 27.20 19.55
CA LEU B 3250 -107.36 28.64 19.64
C LEU B 3250 -108.61 29.38 20.07
N ASP B 3251 -109.77 29.00 19.54
CA ASP B 3251 -111.01 29.60 19.99
C ASP B 3251 -111.27 29.32 21.46
N GLU B 3252 -111.00 28.09 21.90
CA GLU B 3252 -111.17 27.76 23.31
C GLU B 3252 -110.25 28.60 24.19
N PHE B 3253 -109.00 28.76 23.78
CA PHE B 3253 -108.07 29.60 24.54
C PHE B 3253 -108.54 31.04 24.57
N ALA B 3254 -109.12 31.53 23.47
CA ALA B 3254 -109.63 32.89 23.46
C ALA B 3254 -110.76 33.07 24.46
N VAL B 3255 -111.71 32.13 24.49
CA VAL B 3255 -112.80 32.24 25.44
C VAL B 3255 -112.29 32.11 26.87
N LEU B 3256 -111.28 31.27 27.08
CA LEU B 3256 -110.70 31.12 28.42
C LEU B 3256 -110.00 32.39 28.87
N CYS B 3257 -109.26 33.04 27.97
CA CYS B 3257 -108.62 34.30 28.31
C CYS B 3257 -109.65 35.36 28.62
N ARG B 3258 -110.75 35.39 27.86
CA ARG B 3258 -111.82 36.34 28.15
C ARG B 3258 -112.41 36.10 29.53
N ASP B 3259 -112.66 34.84 29.87
CA ASP B 3259 -113.23 34.54 31.17
C ASP B 3259 -112.26 34.89 32.30
N LEU B 3260 -110.97 34.61 32.11
CA LEU B 3260 -109.99 34.97 33.13
C LEU B 3260 -109.90 36.47 33.33
N TYR B 3261 -109.87 37.23 32.23
CA TYR B 3261 -109.77 38.67 32.35
C TYR B 3261 -111.09 39.32 32.72
N ALA B 3262 -112.18 38.57 32.76
CA ALA B 3262 -113.44 39.08 33.29
C ALA B 3262 -113.63 38.77 34.76
N PHE B 3263 -112.72 38.02 35.38
CA PHE B 3263 -112.87 37.61 36.77
C PHE B 3263 -111.61 37.91 37.58
N TYR B 3264 -110.44 37.84 36.94
CA TYR B 3264 -109.19 38.06 37.65
C TYR B 3264 -109.06 39.45 38.26
N PRO B 3265 -109.51 40.54 37.64
CA PRO B 3265 -109.40 41.84 38.34
C PRO B 3265 -110.07 41.88 39.69
N MET B 3266 -111.26 41.29 39.81
CA MET B 3266 -111.93 41.23 41.10
C MET B 3266 -111.13 40.41 42.09
N LEU B 3267 -110.57 39.29 41.64
CA LEU B 3267 -109.75 38.46 42.51
C LEU B 3267 -108.53 39.22 43.00
N ILE B 3268 -107.88 39.98 42.12
CA ILE B 3268 -106.69 40.71 42.50
C ILE B 3268 -107.02 41.80 43.51
N ARG B 3269 -108.13 42.52 43.30
CA ARG B 3269 -108.51 43.53 44.29
C ARG B 3269 -108.84 42.89 45.63
N TYR B 3270 -109.57 41.77 45.62
CA TYR B 3270 -109.93 41.10 46.86
C TYR B 3270 -108.68 40.62 47.60
N VAL B 3271 -107.73 40.05 46.86
CA VAL B 3271 -106.49 39.59 47.48
C VAL B 3271 -105.69 40.76 48.03
N ASP B 3272 -105.59 41.85 47.27
CA ASP B 3272 -104.86 43.02 47.76
C ASP B 3272 -105.47 43.53 49.06
N ASN B 3273 -106.79 43.50 49.18
CA ASN B 3273 -107.40 43.99 50.40
C ASN B 3273 -107.22 43.02 51.57
N ASN B 3274 -107.32 41.72 51.33
CA ASN B 3274 -107.40 40.74 52.41
C ASN B 3274 -106.11 39.96 52.64
N ARG B 3275 -105.01 40.32 51.97
CA ARG B 3275 -103.78 39.54 52.13
C ARG B 3275 -103.24 39.64 53.54
N SER B 3276 -103.28 40.82 54.16
CA SER B 3276 -102.78 40.96 55.52
C SER B 3276 -103.61 40.12 56.49
N ASN B 3277 -104.93 40.13 56.35
CA ASN B 3277 -105.77 39.32 57.21
C ASN B 3277 -105.49 37.84 57.03
N TRP B 3278 -105.29 37.40 55.78
CA TRP B 3278 -104.97 35.99 55.55
C TRP B 3278 -103.62 35.62 56.16
N LEU B 3279 -102.63 36.50 56.02
CA LEU B 3279 -101.31 36.20 56.58
C LEU B 3279 -101.36 36.13 58.11
N LYS B 3280 -102.08 37.05 58.74
CA LYS B 3280 -102.11 37.06 60.20
C LYS B 3280 -102.93 35.90 60.76
N SER B 3281 -103.95 35.44 60.03
CA SER B 3281 -104.80 34.35 60.47
C SER B 3281 -104.90 33.32 59.36
N PRO B 3282 -103.90 32.45 59.23
CA PRO B 3282 -103.90 31.47 58.14
C PRO B 3282 -105.09 30.53 58.23
N SER B 3283 -105.58 30.11 57.07
CA SER B 3283 -106.71 29.20 56.97
C SER B 3283 -106.48 28.29 55.77
N ALA B 3284 -107.50 27.50 55.43
CA ALA B 3284 -107.39 26.56 54.32
C ALA B 3284 -107.85 27.16 53.00
N ASP B 3285 -108.82 28.09 53.03
CA ASP B 3285 -109.30 28.70 51.81
C ASP B 3285 -108.20 29.49 51.11
N SER B 3286 -107.39 30.22 51.88
CA SER B 3286 -106.31 30.99 51.28
C SER B 3286 -105.30 30.07 50.61
N ASP B 3287 -104.96 28.95 51.26
CA ASP B 3287 -104.03 28.00 50.66
C ASP B 3287 -104.61 27.40 49.38
N GLN B 3288 -105.90 27.07 49.39
CA GLN B 3288 -106.52 26.52 48.20
C GLN B 3288 -106.52 27.54 47.06
N LEU B 3289 -106.78 28.81 47.39
CA LEU B 3289 -106.74 29.85 46.37
C LEU B 3289 -105.35 29.98 45.79
N PHE B 3290 -104.32 29.90 46.65
CA PHE B 3290 -102.95 29.94 46.14
C PHE B 3290 -102.68 28.77 45.22
N ARG B 3291 -103.14 27.57 45.59
CA ARG B 3291 -102.89 26.40 44.75
C ARG B 3291 -103.56 26.56 43.39
N MET B 3292 -104.80 27.05 43.37
CA MET B 3292 -105.48 27.26 42.09
C MET B 3292 -104.76 28.28 41.24
N VAL B 3293 -104.35 29.39 41.83
CA VAL B 3293 -103.68 30.44 41.07
C VAL B 3293 -102.35 29.94 40.54
N ALA B 3294 -101.62 29.18 41.36
CA ALA B 3294 -100.34 28.64 40.93
C ALA B 3294 -100.51 27.66 39.78
N GLU B 3295 -101.54 26.81 39.86
CA GLU B 3295 -101.77 25.86 38.77
C GLU B 3295 -102.11 26.58 37.47
N VAL B 3296 -102.97 27.60 37.53
CA VAL B 3296 -103.30 28.34 36.33
C VAL B 3296 -102.07 29.03 35.76
N PHE B 3297 -101.25 29.62 36.63
CA PHE B 3297 -100.03 30.29 36.16
C PHE B 3297 -99.06 29.30 35.53
N ILE B 3298 -98.96 28.10 36.10
CA ILE B 3298 -98.08 27.08 35.55
C ILE B 3298 -98.57 26.65 34.17
N LEU B 3299 -99.87 26.46 34.02
CA LEU B 3299 -100.41 26.15 32.70
C LEU B 3299 -100.13 27.28 31.71
N TRP B 3300 -100.23 28.52 32.18
CA TRP B 3300 -99.91 29.66 31.32
C TRP B 3300 -98.45 29.63 30.88
N CYS B 3301 -97.55 29.29 31.79
CA CYS B 3301 -96.13 29.28 31.47
C CYS B 3301 -95.78 28.16 30.49
N LYS B 3302 -96.23 26.95 30.79
CA LYS B 3302 -95.87 25.82 29.94
C LYS B 3302 -96.49 25.95 28.55
N SER B 3303 -97.78 26.27 28.48
CA SER B 3303 -98.46 26.37 27.20
C SER B 3303 -97.95 27.57 26.41
N HIS B 3304 -97.93 27.42 25.09
CA HIS B 3304 -97.51 28.48 24.18
C HIS B 3304 -98.67 29.20 23.52
N ASN B 3305 -99.79 28.50 23.29
CA ASN B 3305 -100.97 29.17 22.75
C ASN B 3305 -101.66 30.01 23.81
N PHE B 3306 -101.53 29.62 25.09
CA PHE B 3306 -102.17 30.38 26.16
C PHE B 3306 -101.64 31.81 26.21
N LYS B 3307 -100.31 31.97 26.18
CA LYS B 3307 -99.74 33.31 26.24
C LYS B 3307 -100.13 34.14 25.03
N ARG B 3308 -100.08 33.54 23.84
CA ARG B 3308 -100.44 34.27 22.62
C ARG B 3308 -101.89 34.70 22.65
N GLU B 3309 -102.79 33.82 23.10
CA GLU B 3309 -104.20 34.17 23.16
C GLU B 3309 -104.44 35.28 24.18
N GLU B 3310 -103.79 35.20 25.34
CA GLU B 3310 -103.94 36.28 26.32
C GLU B 3310 -103.46 37.61 25.75
N GLN B 3311 -102.30 37.60 25.08
CA GLN B 3311 -101.78 38.83 24.49
C GLN B 3311 -102.72 39.36 23.41
N ASN B 3312 -103.26 38.48 22.58
CA ASN B 3312 -104.19 38.91 21.54
C ASN B 3312 -105.44 39.54 22.15
N PHE B 3313 -105.98 38.91 23.19
CA PHE B 3313 -107.15 39.49 23.86
C PHE B 3313 -106.84 40.86 24.41
N VAL B 3314 -105.71 41.01 25.10
CA VAL B 3314 -105.36 42.28 25.71
C VAL B 3314 -105.17 43.36 24.65
N ILE B 3315 -104.47 43.03 23.57
CA ILE B 3315 -104.19 44.05 22.55
C ILE B 3315 -105.46 44.42 21.79
N GLN B 3316 -106.25 43.42 21.40
CA GLN B 3316 -107.45 43.70 20.60
C GLN B 3316 -108.49 44.45 21.39
N ASN B 3317 -108.70 44.09 22.65
CA ASN B 3317 -109.68 44.79 23.47
C ASN B 3317 -109.12 46.04 24.13
N GLU B 3318 -107.83 46.33 23.93
CA GLU B 3318 -107.21 47.55 24.45
C GLU B 3318 -107.37 47.64 25.96
N ILE B 3319 -107.21 46.51 26.64
CA ILE B 3319 -107.27 46.48 28.09
C ILE B 3319 -105.96 47.02 28.65
N ASN B 3320 -106.07 47.97 29.57
CA ASN B 3320 -104.91 48.54 30.24
C ASN B 3320 -104.77 47.85 31.58
N ASN B 3321 -103.83 46.90 31.67
CA ASN B 3321 -103.65 46.16 32.91
C ASN B 3321 -103.17 47.07 34.04
N LEU B 3322 -102.50 48.17 33.70
CA LEU B 3322 -102.04 49.10 34.73
C LEU B 3322 -103.21 49.65 35.53
N ALA B 3323 -104.38 49.79 34.90
CA ALA B 3323 -105.55 50.24 35.65
C ALA B 3323 -105.93 49.25 36.73
N PHE B 3324 -105.90 47.95 36.43
CA PHE B 3324 -106.26 46.93 37.40
C PHE B 3324 -105.11 46.57 38.33
N LEU B 3325 -103.89 47.06 38.06
CA LEU B 3325 -102.73 46.76 38.90
C LEU B 3325 -102.40 47.91 39.84
N THR B 3326 -102.13 49.10 39.29
CA THR B 3326 -101.73 50.26 40.07
C THR B 3326 -102.83 51.30 40.21
N GLY B 3327 -104.08 50.90 39.99
CA GLY B 3327 -105.18 51.84 40.07
C GLY B 3327 -105.70 52.13 41.45
N ASP B 3328 -105.18 51.45 42.47
CA ASP B 3328 -105.63 51.66 43.84
C ASP B 3328 -104.81 52.74 44.53
N GLY B 3337 -98.31 63.28 40.85
CA GLY B 3337 -97.71 62.06 40.34
C GLY B 3337 -97.01 62.24 39.01
N GLY B 3338 -96.60 63.47 38.72
CA GLY B 3338 -95.93 63.80 37.48
C GLY B 3338 -96.85 64.02 36.31
N GLN B 3339 -98.17 63.91 36.49
CA GLN B 3339 -99.10 64.13 35.39
C GLN B 3339 -99.03 65.56 34.87
N ASP B 3340 -98.90 66.53 35.77
CA ASP B 3340 -98.84 67.93 35.36
C ASP B 3340 -97.60 68.24 34.52
N GLN B 3341 -96.56 67.42 34.61
CA GLN B 3341 -95.32 67.63 33.87
C GLN B 3341 -95.03 66.50 32.89
N GLU B 3342 -96.07 65.97 32.23
CA GLU B 3342 -95.90 64.95 31.22
C GLU B 3342 -96.89 65.20 30.09
N ARG B 3343 -96.39 65.15 28.85
CA ARG B 3343 -97.22 65.29 27.66
C ARG B 3343 -96.93 64.09 26.77
N LYS B 3344 -97.67 63.00 26.99
CA LYS B 3344 -97.47 61.79 26.22
C LYS B 3344 -97.86 62.00 24.77
N LYS B 3345 -97.06 61.44 23.86
CA LYS B 3345 -97.30 61.59 22.43
C LYS B 3345 -97.15 60.30 21.64
N THR B 3346 -96.58 59.25 22.22
CA THR B 3346 -96.36 57.98 21.53
C THR B 3346 -97.23 56.90 22.17
N LYS B 3347 -97.92 56.13 21.32
CA LYS B 3347 -98.76 55.04 21.79
C LYS B 3347 -98.82 53.97 20.72
N ARG B 3348 -98.64 52.72 21.13
CA ARG B 3348 -98.70 51.58 20.21
C ARG B 3348 -99.43 50.44 20.87
N ARG B 3349 -100.07 49.60 20.05
CA ARG B 3349 -100.79 48.44 20.56
C ARG B 3349 -99.83 47.44 21.20
N GLY B 3350 -98.65 47.25 20.61
CA GLY B 3350 -97.70 46.32 21.16
C GLY B 3350 -97.20 46.70 22.54
N ASP B 3351 -97.24 47.99 22.86
CA ASP B 3351 -96.86 48.46 24.18
C ASP B 3351 -97.99 48.35 25.19
N LEU B 3352 -99.19 47.94 24.77
CA LEU B 3352 -100.31 47.77 25.68
C LEU B 3352 -100.22 46.47 26.48
N TYR B 3353 -99.39 45.53 26.07
CA TYR B 3353 -99.25 44.25 26.76
C TYR B 3353 -97.80 44.01 27.11
N SER B 3354 -97.57 43.49 28.31
CA SER B 3354 -96.25 43.09 28.75
C SER B 3354 -96.40 42.00 29.80
N ILE B 3355 -95.41 41.10 29.84
CA ILE B 3355 -95.48 40.00 30.80
C ILE B 3355 -95.47 40.51 32.23
N GLN B 3356 -94.88 41.68 32.46
CA GLN B 3356 -94.82 42.24 33.81
C GLN B 3356 -96.21 42.53 34.34
N THR B 3357 -97.08 43.11 33.50
CA THR B 3357 -98.40 43.55 33.94
C THR B 3357 -99.50 42.53 33.68
N SER B 3358 -99.16 41.35 33.16
CA SER B 3358 -100.18 40.33 32.92
C SER B 3358 -100.86 39.95 34.22
N LEU B 3359 -102.20 39.81 34.17
CA LEU B 3359 -102.93 39.46 35.36
C LEU B 3359 -102.65 38.02 35.81
N ILE B 3360 -102.36 37.14 34.86
CA ILE B 3360 -102.04 35.76 35.22
C ILE B 3360 -100.76 35.72 36.07
N VAL B 3361 -99.76 36.50 35.68
CA VAL B 3361 -98.53 36.59 36.46
C VAL B 3361 -98.76 37.35 37.76
N ALA B 3362 -99.47 38.47 37.68
CA ALA B 3362 -99.61 39.35 38.84
C ALA B 3362 -100.39 38.69 39.96
N ALA B 3363 -101.42 37.91 39.62
CA ALA B 3363 -102.19 37.24 40.66
C ALA B 3363 -101.33 36.27 41.45
N LEU B 3364 -100.47 35.52 40.76
CA LEU B 3364 -99.55 34.65 41.48
C LEU B 3364 -98.53 35.44 42.28
N LYS B 3365 -98.03 36.54 41.71
CA LYS B 3365 -97.08 37.36 42.47
C LYS B 3365 -97.69 37.86 43.76
N LYS B 3366 -98.99 38.13 43.76
CA LYS B 3366 -99.66 38.62 44.96
C LYS B 3366 -100.10 37.51 45.90
N MET B 3367 -100.33 36.30 45.40
CA MET B 3367 -100.71 35.18 46.25
C MET B 3367 -99.52 34.38 46.75
N LEU B 3368 -98.33 34.61 46.21
CA LEU B 3368 -97.16 33.86 46.64
C LEU B 3368 -96.87 34.02 48.14
N PRO B 3369 -96.95 35.21 48.73
CA PRO B 3369 -96.74 35.32 50.19
C PRO B 3369 -97.71 34.48 51.00
N ILE B 3370 -98.88 34.13 50.46
CA ILE B 3370 -99.78 33.24 51.17
C ILE B 3370 -99.41 31.77 51.03
N GLY B 3371 -98.49 31.45 50.13
CA GLY B 3371 -98.08 30.07 49.95
C GLY B 3371 -96.78 29.77 50.66
N LEU B 3372 -95.91 30.77 50.74
CA LEU B 3372 -94.67 30.67 51.49
C LEU B 3372 -94.83 30.94 52.97
N ASN B 3373 -96.05 31.25 53.42
CA ASN B 3373 -96.27 31.67 54.79
C ASN B 3373 -95.89 30.58 55.78
N MET B 3374 -95.22 30.99 56.86
CA MET B 3374 -94.85 30.11 57.97
C MET B 3374 -93.87 29.02 57.52
N CYS B 3375 -92.96 29.36 56.64
CA CYS B 3375 -91.93 28.42 56.17
C CYS B 3375 -90.71 28.53 57.07
N THR B 3376 -90.42 27.46 57.81
CA THR B 3376 -89.24 27.37 58.63
C THR B 3376 -88.02 27.14 57.76
N PRO B 3377 -86.81 27.29 58.33
CA PRO B 3377 -85.59 27.12 57.53
C PRO B 3377 -85.47 25.75 56.88
N GLY B 3378 -85.98 24.69 57.52
CA GLY B 3378 -85.97 23.39 56.89
C GLY B 3378 -86.82 23.35 55.63
N ASP B 3379 -88.01 23.97 55.69
CA ASP B 3379 -88.83 24.06 54.49
C ASP B 3379 -88.17 24.91 53.43
N GLN B 3380 -87.42 25.94 53.82
CA GLN B 3380 -86.68 26.71 52.83
C GLN B 3380 -85.59 25.87 52.15
N GLU B 3381 -84.91 25.02 52.93
CA GLU B 3381 -83.96 24.10 52.33
C GLU B 3381 -84.63 23.16 51.34
N LEU B 3382 -85.77 22.59 51.73
CA LEU B 3382 -86.50 21.69 50.83
C LEU B 3382 -86.96 22.42 49.58
N ILE B 3383 -87.41 23.66 49.71
CA ILE B 3383 -87.83 24.43 48.55
C ILE B 3383 -86.66 24.69 47.62
N SER B 3384 -85.49 25.02 48.17
CA SER B 3384 -84.33 25.24 47.33
C SER B 3384 -83.95 23.96 46.59
N LEU B 3385 -84.00 22.82 47.29
CA LEU B 3385 -83.73 21.54 46.64
C LEU B 3385 -84.71 21.28 45.50
N ALA B 3386 -86.00 21.52 45.74
CA ALA B 3386 -87.01 21.27 44.71
C ALA B 3386 -86.80 22.19 43.52
N LYS B 3387 -86.46 23.45 43.75
CA LYS B 3387 -86.20 24.35 42.63
C LYS B 3387 -85.00 23.90 41.84
N SER B 3388 -83.95 23.44 42.53
CA SER B 3388 -82.79 22.91 41.82
C SER B 3388 -83.17 21.71 40.96
N ARG B 3389 -83.99 20.80 41.50
CA ARG B 3389 -84.43 19.65 40.71
C ARG B 3389 -85.25 20.09 39.50
N TYR B 3390 -86.15 21.05 39.69
CA TYR B 3390 -86.93 21.57 38.57
C TYR B 3390 -86.03 22.19 37.51
N SER B 3391 -84.88 22.74 37.92
CA SER B 3391 -83.97 23.32 36.95
C SER B 3391 -83.46 22.31 35.93
N TYR B 3392 -83.48 21.02 36.26
CA TYR B 3392 -83.07 19.97 35.36
C TYR B 3392 -84.22 19.42 34.53
N ARG B 3393 -85.38 20.07 34.57
CA ARG B 3393 -86.55 19.66 33.79
C ARG B 3393 -87.03 18.28 34.21
N ASP B 3394 -87.35 18.16 35.50
CA ASP B 3394 -87.90 16.94 36.06
C ASP B 3394 -89.39 17.12 36.32
N THR B 3395 -90.12 16.01 36.30
CA THR B 3395 -91.56 16.05 36.52
C THR B 3395 -91.86 16.24 38.00
N ASP B 3396 -93.14 16.37 38.33
CA ASP B 3396 -93.53 16.55 39.72
C ASP B 3396 -93.22 15.32 40.55
N GLU B 3397 -93.46 14.13 40.00
CA GLU B 3397 -93.23 12.91 40.77
C GLU B 3397 -91.75 12.73 41.10
N GLU B 3398 -90.87 13.06 40.15
CA GLU B 3398 -89.44 12.94 40.41
C GLU B 3398 -89.01 13.88 41.53
N VAL B 3399 -89.52 15.12 41.53
CA VAL B 3399 -89.15 16.06 42.57
C VAL B 3399 -89.71 15.63 43.91
N LYS B 3400 -90.92 15.09 43.93
CA LYS B 3400 -91.48 14.58 45.18
C LYS B 3400 -90.66 13.43 45.71
N GLU B 3401 -90.18 12.54 44.83
CA GLU B 3401 -89.30 11.46 45.26
C GLU B 3401 -88.01 12.01 45.85
N HIS B 3402 -87.40 12.98 45.18
CA HIS B 3402 -86.15 13.55 45.68
C HIS B 3402 -86.35 14.20 47.05
N LEU B 3403 -87.47 14.90 47.24
CA LEU B 3403 -87.76 15.47 48.55
C LEU B 3403 -87.98 14.36 49.58
N ARG B 3404 -88.57 13.24 49.15
CA ARG B 3404 -88.75 12.12 50.07
C ARG B 3404 -87.41 11.57 50.55
N ASN B 3405 -86.44 11.46 49.63
CA ASN B 3405 -85.11 11.00 50.04
C ASN B 3405 -84.44 12.01 50.96
N ASN B 3406 -84.39 13.27 50.55
CA ASN B 3406 -83.69 14.31 51.31
C ASN B 3406 -84.62 14.97 52.33
N LEU B 3407 -85.17 14.13 53.20
CA LEU B 3407 -86.07 14.61 54.24
C LEU B 3407 -85.37 14.90 55.56
N HIS B 3408 -84.04 14.80 55.60
CA HIS B 3408 -83.27 15.16 56.77
C HIS B 3408 -82.91 16.64 56.82
N LEU B 3409 -83.21 17.39 55.76
CA LEU B 3409 -82.88 18.81 55.73
C LEU B 3409 -83.71 19.62 56.72
N GLN B 3410 -84.82 19.06 57.22
CA GLN B 3410 -85.65 19.79 58.16
C GLN B 3410 -84.89 20.14 59.43
N GLU B 3411 -83.87 19.35 59.77
CA GLU B 3411 -83.07 19.64 60.95
C GLU B 3411 -82.29 20.95 60.82
N LYS B 3412 -82.21 21.51 59.62
CA LYS B 3412 -81.65 22.86 59.45
C LYS B 3412 -82.42 23.90 60.26
N SER B 3413 -83.68 23.62 60.62
CA SER B 3413 -84.40 24.52 61.50
C SER B 3413 -83.74 24.63 62.86
N ASP B 3414 -82.98 23.63 63.28
CA ASP B 3414 -82.30 23.63 64.57
C ASP B 3414 -80.89 24.19 64.51
N ASP B 3415 -80.49 24.71 63.36
CA ASP B 3415 -79.14 25.24 63.20
C ASP B 3415 -78.97 26.49 64.08
N PRO B 3416 -77.74 26.77 64.52
CA PRO B 3416 -77.51 28.00 65.28
C PRO B 3416 -77.42 29.23 64.39
N ALA B 3417 -76.97 29.05 63.16
CA ALA B 3417 -76.83 30.17 62.25
C ALA B 3417 -78.16 30.77 61.84
N VAL B 3418 -79.25 30.01 61.96
CA VAL B 3418 -80.58 30.50 61.59
C VAL B 3418 -81.49 30.43 62.80
N LYS B 3419 -80.93 30.68 63.98
CA LYS B 3419 -81.74 30.74 65.19
C LYS B 3419 -82.55 32.01 65.28
N TRP B 3420 -82.28 33.00 64.42
CA TRP B 3420 -83.02 34.25 64.45
C TRP B 3420 -84.40 34.15 63.82
N GLN B 3421 -84.70 33.06 63.13
CA GLN B 3421 -86.02 32.85 62.56
C GLN B 3421 -86.94 32.06 63.46
N LEU B 3422 -86.47 31.67 64.64
CA LEU B 3422 -87.24 30.72 65.46
C LEU B 3422 -88.51 31.32 66.02
N ASN B 3423 -88.58 32.64 66.18
CA ASN B 3423 -89.74 33.26 66.82
C ASN B 3423 -90.36 34.35 65.96
N LEU B 3424 -90.10 34.35 64.65
CA LEU B 3424 -90.70 35.36 63.78
C LEU B 3424 -92.21 35.20 63.70
N TYR B 3425 -92.69 33.95 63.62
CA TYR B 3425 -94.11 33.67 63.46
C TYR B 3425 -94.79 33.33 64.79
N LYS B 3426 -94.29 33.89 65.89
CA LYS B 3426 -94.90 33.63 67.19
C LYS B 3426 -96.31 34.20 67.27
N ASP B 3427 -96.51 35.40 66.74
CA ASP B 3427 -97.83 36.03 66.80
C ASP B 3427 -98.87 35.22 66.03
N VAL B 3428 -98.48 34.71 64.85
CA VAL B 3428 -99.39 33.90 64.05
C VAL B 3428 -99.82 32.68 64.86
N LEU B 3429 -100.94 32.09 64.45
CA LEU B 3429 -101.53 30.99 65.21
C LEU B 3429 -100.56 29.82 65.36
N LYS B 3430 -99.88 29.46 64.26
CA LYS B 3430 -98.94 28.35 64.27
C LYS B 3430 -99.59 27.04 64.73
N SER B 3431 -100.87 26.88 64.42
CA SER B 3431 -101.63 25.70 64.81
C SER B 3431 -101.86 24.83 63.58
N GLU B 3432 -101.47 23.56 63.67
CA GLU B 3432 -101.55 22.66 62.53
C GLU B 3432 -101.64 21.23 63.04
N GLU B 3433 -102.00 20.32 62.12
CA GLU B 3433 -102.15 18.92 62.44
C GLU B 3433 -100.79 18.31 62.78
N PRO B 3434 -100.77 17.04 63.19
CA PRO B 3434 -99.49 16.38 63.46
C PRO B 3434 -98.63 16.32 62.20
N PHE B 3435 -97.32 16.31 62.42
CA PHE B 3435 -96.37 16.33 61.30
C PHE B 3435 -96.60 15.14 60.38
N ASN B 3436 -96.68 15.44 59.07
CA ASN B 3436 -96.88 14.43 58.05
C ASN B 3436 -95.89 14.68 56.93
N ALA B 3437 -95.16 13.63 56.54
CA ALA B 3437 -94.13 13.80 55.51
C ALA B 3437 -94.74 14.10 54.16
N GLU B 3438 -95.79 13.36 53.77
CA GLU B 3438 -96.36 13.52 52.44
C GLU B 3438 -96.93 14.92 52.25
N LYS B 3439 -97.63 15.44 53.25
CA LYS B 3439 -98.21 16.78 53.12
C LYS B 3439 -97.13 17.83 52.98
N THR B 3440 -96.07 17.73 53.77
CA THR B 3440 -94.97 18.68 53.67
C THR B 3440 -94.31 18.61 52.30
N ILE B 3441 -94.10 17.39 51.79
CA ILE B 3441 -93.48 17.24 50.48
C ILE B 3441 -94.35 17.85 49.38
N GLU B 3442 -95.66 17.61 49.44
CA GLU B 3442 -96.56 18.17 48.44
C GLU B 3442 -96.56 19.69 48.50
N ARG B 3443 -96.60 20.25 49.72
CA ARG B 3443 -96.61 21.70 49.88
C ARG B 3443 -95.32 22.31 49.33
N VAL B 3444 -94.17 21.70 49.65
CA VAL B 3444 -92.90 22.20 49.15
C VAL B 3444 -92.85 22.08 47.64
N GLN B 3445 -93.44 21.02 47.09
CA GLN B 3445 -93.42 20.83 45.65
C GLN B 3445 -94.20 21.94 44.95
N ARG B 3446 -95.40 22.24 45.45
CA ARG B 3446 -96.21 23.28 44.83
C ARG B 3446 -95.50 24.64 44.93
N ILE B 3447 -94.97 24.95 46.12
CA ILE B 3447 -94.30 26.23 46.32
C ILE B 3447 -93.10 26.36 45.40
N SER B 3448 -92.27 25.32 45.33
CA SER B 3448 -91.08 25.36 44.50
C SER B 3448 -91.44 25.47 43.02
N ALA B 3449 -92.48 24.78 42.58
CA ALA B 3449 -92.90 24.89 41.19
C ALA B 3449 -93.28 26.32 40.86
N ALA B 3450 -94.13 26.93 41.69
CA ALA B 3450 -94.58 28.29 41.43
C ALA B 3450 -93.40 29.26 41.42
N VAL B 3451 -92.51 29.15 42.42
CA VAL B 3451 -91.39 30.07 42.52
C VAL B 3451 -90.45 29.92 41.33
N PHE B 3452 -90.16 28.68 40.94
CA PHE B 3452 -89.24 28.44 39.83
C PHE B 3452 -89.80 29.00 38.52
N HIS B 3453 -91.08 28.75 38.24
CA HIS B 3453 -91.63 29.26 37.00
C HIS B 3453 -91.71 30.78 37.00
N LEU B 3454 -92.02 31.38 38.16
CA LEU B 3454 -92.04 32.82 38.24
C LEU B 3454 -90.67 33.42 37.98
N GLU B 3455 -89.63 32.82 38.55
CA GLU B 3455 -88.27 33.31 38.30
C GLU B 3455 -87.91 33.17 36.83
N GLN B 3456 -88.28 32.04 36.22
CA GLN B 3456 -87.98 31.84 34.80
C GLN B 3456 -88.64 32.90 33.93
N VAL B 3457 -89.92 33.20 34.20
CA VAL B 3457 -90.60 34.20 33.37
C VAL B 3457 -90.02 35.58 33.61
N GLU B 3458 -89.64 35.89 34.85
CA GLU B 3458 -89.17 37.24 35.16
C GLU B 3458 -87.75 37.50 34.69
N GLN B 3459 -86.91 36.48 34.59
CA GLN B 3459 -85.51 36.71 34.19
C GLN B 3459 -85.39 37.40 32.85
N PRO B 3460 -86.05 36.97 31.77
CA PRO B 3460 -85.94 37.69 30.50
C PRO B 3460 -86.40 39.12 30.55
N LEU B 3461 -87.34 39.46 31.45
CA LEU B 3461 -87.78 40.84 31.56
C LEU B 3461 -86.67 41.77 31.99
N ARG B 3462 -85.72 41.27 32.79
CA ARG B 3462 -84.57 42.08 33.15
C ARG B 3462 -83.75 42.42 31.91
N SER B 3463 -83.14 43.60 31.94
CA SER B 3463 -82.36 44.06 30.80
C SER B 3463 -81.19 43.13 30.51
N PHE B 3484 -96.01 41.30 -9.51
CA PHE B 3484 -95.36 41.90 -10.65
C PHE B 3484 -95.88 41.31 -11.96
N ARG B 3485 -97.06 40.69 -11.89
CA ARG B 3485 -97.67 40.05 -13.07
C ARG B 3485 -98.32 41.14 -13.94
N MET B 3486 -97.45 41.94 -14.56
CA MET B 3486 -97.89 43.06 -15.37
C MET B 3486 -97.43 43.01 -16.82
N ALA B 3487 -96.57 42.05 -17.19
CA ALA B 3487 -96.07 41.93 -18.56
C ALA B 3487 -96.20 40.47 -19.03
N PRO B 3488 -97.43 40.00 -19.22
CA PRO B 3488 -97.61 38.65 -19.77
C PRO B 3488 -97.24 38.61 -21.25
N LEU B 3489 -96.98 37.38 -21.73
CA LEU B 3489 -96.50 37.21 -23.10
C LEU B 3489 -97.51 37.73 -24.11
N TYR B 3490 -98.80 37.70 -23.79
CA TYR B 3490 -99.81 38.18 -24.72
C TYR B 3490 -99.94 39.70 -24.74
N ASN B 3491 -98.96 40.42 -24.18
CA ASN B 3491 -98.95 41.87 -24.21
C ASN B 3491 -97.68 42.44 -24.83
N LEU B 3492 -96.97 41.63 -25.62
CA LEU B 3492 -95.74 42.06 -26.27
C LEU B 3492 -95.81 41.77 -27.75
N PRO B 3493 -95.07 42.51 -28.57
CA PRO B 3493 -95.06 42.25 -30.01
C PRO B 3493 -94.49 40.88 -30.31
N ARG B 3494 -94.96 40.28 -31.40
CA ARG B 3494 -94.55 38.92 -31.75
C ARG B 3494 -93.06 38.82 -32.05
N HIS B 3495 -92.40 39.92 -32.41
CA HIS B 3495 -90.99 39.83 -32.78
C HIS B 3495 -90.10 39.64 -31.56
N LYS B 3496 -90.39 40.34 -30.46
CA LYS B 3496 -89.62 40.15 -29.24
C LYS B 3496 -89.82 38.74 -28.69
N ILE B 3497 -91.06 38.27 -28.66
CA ILE B 3497 -91.34 36.91 -28.21
C ILE B 3497 -90.66 35.91 -29.14
N ASN B 3498 -90.56 36.23 -30.43
CA ASN B 3498 -89.93 35.32 -31.37
C ASN B 3498 -88.42 35.26 -31.15
N ASN B 3499 -87.81 36.40 -30.80
CA ASN B 3499 -86.40 36.38 -30.43
C ASN B 3499 -86.18 35.50 -29.20
N PHE B 3500 -87.07 35.62 -28.21
CA PHE B 3500 -86.96 34.76 -27.03
C PHE B 3500 -87.13 33.29 -27.41
N PHE B 3501 -88.07 33.00 -28.31
CA PHE B 3501 -88.28 31.63 -28.76
C PHE B 3501 -87.04 31.08 -29.44
N LEU B 3502 -86.38 31.91 -30.26
CA LEU B 3502 -85.17 31.46 -30.93
C LEU B 3502 -84.06 31.18 -29.94
N SER B 3503 -83.89 32.05 -28.95
CA SER B 3503 -82.87 31.80 -27.92
C SER B 3503 -83.14 30.49 -27.20
N THR B 3504 -84.40 30.27 -26.80
CA THR B 3504 -84.74 29.03 -26.11
C THR B 3504 -84.53 27.82 -27.01
N PHE B 3505 -84.91 27.93 -28.28
CA PHE B 3505 -84.79 26.80 -29.20
C PHE B 3505 -83.32 26.42 -29.40
N GLN B 3506 -82.44 27.41 -29.54
CA GLN B 3506 -81.01 27.09 -29.60
C GLN B 3506 -80.54 26.47 -28.31
N ARG B 3507 -80.97 27.02 -27.17
CA ARG B 3507 -80.40 26.63 -25.88
C ARG B 3507 -80.86 25.27 -25.41
N VAL B 3508 -82.08 24.85 -25.76
CA VAL B 3508 -82.70 23.66 -25.19
C VAL B 3508 -82.72 22.50 -26.20
N TRP B 3509 -83.36 22.70 -27.36
CA TRP B 3509 -83.67 21.58 -28.23
C TRP B 3509 -82.47 21.17 -29.09
N LEU B 3510 -81.74 22.14 -29.66
CA LEU B 3510 -80.70 21.82 -30.62
C LEU B 3510 -79.35 21.54 -29.99
N GLU B 3511 -79.04 22.19 -28.87
CA GLU B 3511 -77.72 22.06 -28.28
C GLU B 3511 -77.45 20.63 -27.84
N LYS B 3512 -78.44 19.96 -27.26
CA LYS B 3512 -78.28 18.57 -26.88
C LYS B 3512 -78.08 17.69 -28.10
N VAL B 3513 -78.83 17.95 -29.18
CA VAL B 3513 -78.74 17.12 -30.37
C VAL B 3513 -77.36 17.25 -31.01
N ASN B 3514 -76.76 18.44 -30.94
CA ASN B 3514 -75.51 18.68 -31.65
C ASN B 3514 -74.40 17.75 -31.17
N GLU B 3515 -74.35 17.47 -29.87
CA GLU B 3515 -73.26 16.67 -29.33
C GLU B 3515 -73.29 15.23 -29.86
N LYS B 3516 -74.48 14.64 -29.96
CA LYS B 3516 -74.58 13.22 -30.30
C LYS B 3516 -74.12 12.95 -31.73
N THR B 3517 -74.60 13.75 -32.69
CA THR B 3517 -74.36 13.52 -34.11
C THR B 3517 -73.46 14.62 -34.66
N GLN B 3518 -72.19 14.29 -34.88
CA GLN B 3518 -71.26 15.21 -35.53
C GLN B 3518 -70.07 14.42 -36.01
N TYR B 3519 -69.86 14.38 -37.32
CA TYR B 3519 -68.75 13.65 -37.93
C TYR B 3519 -68.84 12.16 -37.67
N ASP B 3520 -70.03 11.66 -37.34
CA ASP B 3520 -70.13 10.27 -36.90
C ASP B 3520 -70.01 9.29 -38.07
N ARG B 3521 -70.54 9.65 -39.24
CA ARG B 3521 -70.52 8.78 -40.40
C ARG B 3521 -69.44 9.14 -41.40
N LEU B 3522 -68.50 10.00 -41.01
CA LEU B 3522 -67.51 10.50 -41.96
C LEU B 3522 -66.21 9.70 -41.94
N ILE B 3523 -65.66 9.46 -40.74
CA ILE B 3523 -64.36 8.80 -40.64
C ILE B 3523 -64.36 7.42 -41.27
N PRO B 3524 -65.38 6.58 -41.12
CA PRO B 3524 -65.35 5.28 -41.83
C PRO B 3524 -65.26 5.44 -43.34
N ILE B 3525 -65.95 6.43 -43.90
CA ILE B 3525 -65.92 6.63 -45.35
C ILE B 3525 -64.56 7.15 -45.79
N LEU B 3526 -63.96 8.02 -44.98
CA LEU B 3526 -62.60 8.48 -45.29
C LEU B 3526 -61.61 7.32 -45.28
N MET B 3527 -61.72 6.44 -44.28
CA MET B 3527 -60.85 5.26 -44.24
C MET B 3527 -61.28 4.20 -45.24
N LYS B 3528 -62.55 4.21 -45.65
CA LYS B 3528 -63.07 3.18 -46.54
C LYS B 3528 -62.35 3.19 -47.88
N SER B 3529 -62.10 2.00 -48.42
CA SER B 3529 -61.42 1.86 -49.69
C SER B 3529 -62.40 2.02 -50.85
N PRO B 3530 -61.90 2.40 -52.03
CA PRO B 3530 -62.71 2.61 -53.23
C PRO B 3530 -63.29 1.31 -53.79
N LYS B 3542 -50.40 2.72 -53.46
CA LYS B 3542 -49.55 3.77 -54.03
C LYS B 3542 -50.22 5.13 -53.91
N GLN B 3543 -51.42 5.25 -54.46
CA GLN B 3543 -52.17 6.49 -54.38
C GLN B 3543 -52.66 6.70 -52.96
N PRO B 3544 -52.34 7.83 -52.32
CA PRO B 3544 -52.77 8.03 -50.93
C PRO B 3544 -54.28 8.11 -50.79
N ASP B 3545 -54.75 7.71 -49.62
CA ASP B 3545 -56.15 7.79 -49.28
C ASP B 3545 -56.56 9.25 -49.10
N PRO B 3546 -57.86 9.55 -49.15
CA PRO B 3546 -58.29 10.91 -48.83
C PRO B 3546 -57.85 11.37 -47.44
N LEU B 3547 -57.96 10.50 -46.43
CA LEU B 3547 -57.50 10.85 -45.09
C LEU B 3547 -56.00 11.06 -45.08
N HIS B 3548 -55.27 10.21 -45.81
CA HIS B 3548 -53.83 10.38 -45.92
C HIS B 3548 -53.50 11.74 -46.54
N GLN B 3549 -54.28 12.15 -47.53
CA GLN B 3549 -54.03 13.44 -48.18
C GLN B 3549 -54.30 14.61 -47.25
N ILE B 3550 -55.37 14.55 -46.46
CA ILE B 3550 -55.64 15.65 -45.55
C ILE B 3550 -54.57 15.72 -44.46
N ILE B 3551 -54.10 14.56 -44.00
CA ILE B 3551 -53.04 14.54 -43.00
C ILE B 3551 -51.75 15.09 -43.58
N LEU B 3552 -51.42 14.76 -44.83
CA LEU B 3552 -50.24 15.32 -45.46
C LEU B 3552 -50.36 16.83 -45.64
N HIS B 3553 -51.55 17.31 -45.96
CA HIS B 3553 -51.77 18.74 -46.05
C HIS B 3553 -51.49 19.42 -44.72
N PHE B 3554 -51.99 18.85 -43.63
CA PHE B 3554 -51.75 19.43 -42.30
C PHE B 3554 -50.27 19.39 -41.94
N SER B 3555 -49.59 18.29 -42.29
CA SER B 3555 -48.15 18.21 -42.02
C SER B 3555 -47.39 19.29 -42.79
N ARG B 3556 -47.73 19.49 -44.06
CA ARG B 3556 -47.04 20.51 -44.84
C ARG B 3556 -47.30 21.90 -44.29
N ASN B 3557 -48.53 22.18 -43.85
CA ASN B 3557 -48.80 23.46 -43.21
C ASN B 3557 -47.99 23.61 -41.92
N ALA B 3558 -47.85 22.53 -41.16
CA ALA B 3558 -47.09 22.61 -39.91
C ALA B 3558 -45.62 22.86 -40.17
N LEU B 3559 -45.06 22.25 -41.21
CA LEU B 3559 -43.63 22.38 -41.48
C LEU B 3559 -43.25 23.76 -41.98
N THR B 3560 -44.17 24.51 -42.58
CA THR B 3560 -43.85 25.82 -43.11
C THR B 3560 -43.47 26.79 -42.00
N GLU B 3561 -42.42 27.57 -42.24
CA GLU B 3561 -41.87 28.45 -41.22
C GLU B 3561 -42.73 29.70 -41.05
N ARG B 3562 -43.07 30.01 -39.80
CA ARG B 3562 -43.84 31.20 -39.47
C ARG B 3562 -43.42 31.66 -38.09
N SER B 3563 -44.21 32.55 -37.50
CA SER B 3563 -43.95 33.03 -36.15
C SER B 3563 -45.06 32.70 -35.16
N LYS B 3564 -46.31 32.64 -35.61
CA LYS B 3564 -47.42 32.27 -34.75
C LYS B 3564 -48.32 31.29 -35.48
N LEU B 3565 -48.84 30.31 -34.76
CA LEU B 3565 -49.73 29.30 -35.35
C LEU B 3565 -51.09 29.94 -35.56
N GLU B 3566 -51.34 30.39 -36.78
CA GLU B 3566 -52.61 31.04 -37.09
C GLU B 3566 -53.77 30.06 -36.95
N ASP B 3567 -54.92 30.58 -36.54
CA ASP B 3567 -56.08 29.75 -36.30
C ASP B 3567 -56.49 29.03 -37.58
N ASP B 3568 -56.82 27.74 -37.45
CA ASP B 3568 -57.17 26.89 -38.58
C ASP B 3568 -58.33 26.00 -38.18
N PRO B 3569 -59.57 26.44 -38.44
CA PRO B 3569 -60.72 25.61 -38.05
C PRO B 3569 -60.75 24.24 -38.70
N LEU B 3570 -60.22 24.12 -39.91
CA LEU B 3570 -60.22 22.82 -40.58
C LEU B 3570 -59.39 21.81 -39.80
N TYR B 3571 -58.20 22.22 -39.36
CA TYR B 3571 -57.37 21.33 -38.56
C TYR B 3571 -58.06 20.96 -37.26
N THR B 3572 -58.68 21.93 -36.60
CA THR B 3572 -59.36 21.64 -35.34
C THR B 3572 -60.45 20.59 -35.54
N SER B 3573 -61.30 20.80 -36.54
CA SER B 3573 -62.40 19.88 -36.78
C SER B 3573 -61.89 18.49 -37.14
N TYR B 3574 -60.91 18.40 -38.03
CA TYR B 3574 -60.45 17.09 -38.45
C TYR B 3574 -59.65 16.36 -37.38
N SER B 3575 -58.87 17.09 -36.59
CA SER B 3575 -58.16 16.47 -35.47
C SER B 3575 -59.14 15.95 -34.42
N SER B 3576 -60.18 16.73 -34.12
CA SER B 3576 -61.22 16.24 -33.22
C SER B 3576 -61.89 15.00 -33.77
N MET B 3577 -62.18 14.99 -35.07
CA MET B 3577 -62.80 13.84 -35.71
C MET B 3577 -61.93 12.60 -35.60
N MET B 3578 -60.64 12.74 -35.86
CA MET B 3578 -59.73 11.60 -35.76
C MET B 3578 -59.64 11.10 -34.32
N ALA B 3579 -59.53 12.02 -33.35
CA ALA B 3579 -59.45 11.62 -31.96
C ALA B 3579 -60.69 10.83 -31.55
N LYS B 3580 -61.88 11.31 -31.93
CA LYS B 3580 -63.09 10.55 -31.62
C LYS B 3580 -63.14 9.24 -32.40
N SER B 3581 -62.42 9.16 -33.52
CA SER B 3581 -62.30 7.89 -34.22
C SER B 3581 -61.58 6.87 -33.34
N CYS B 3582 -60.40 7.24 -32.82
CA CYS B 3582 -59.67 6.30 -31.96
C CYS B 3582 -60.43 6.02 -30.68
N GLN B 3583 -61.03 7.05 -30.09
CA GLN B 3583 -61.70 6.93 -28.79
C GLN B 3583 -63.05 6.24 -28.93
N SER B 3584 -63.00 4.99 -29.38
CA SER B 3584 -64.21 4.22 -29.58
C SER B 3584 -64.83 3.83 -28.25
N GLY B 3585 -66.16 3.87 -28.20
CA GLY B 3585 -66.89 3.53 -26.99
C GLY B 3585 -68.38 3.44 -27.23
N GLU B 3595 -65.64 -6.17 -13.71
CA GLU B 3595 -64.64 -7.08 -14.24
C GLU B 3595 -65.10 -7.68 -15.57
N LYS B 3596 -64.13 -8.02 -16.42
CA LYS B 3596 -64.41 -8.53 -17.76
C LYS B 3596 -63.61 -9.81 -18.00
N THR B 3597 -64.10 -10.60 -18.94
CA THR B 3597 -63.37 -11.80 -19.33
C THR B 3597 -62.04 -11.43 -19.96
N PHE B 3598 -61.07 -12.34 -19.86
CA PHE B 3598 -59.77 -12.10 -20.47
C PHE B 3598 -59.90 -11.90 -21.97
N GLU B 3599 -60.73 -12.72 -22.63
CA GLU B 3599 -60.92 -12.57 -24.06
C GLU B 3599 -61.55 -11.24 -24.40
N GLU B 3600 -62.49 -10.78 -23.57
CA GLU B 3600 -63.15 -9.50 -23.83
C GLU B 3600 -62.16 -8.34 -23.76
N LYS B 3601 -61.34 -8.31 -22.71
CA LYS B 3601 -60.35 -7.26 -22.58
C LYS B 3601 -59.30 -7.33 -23.69
N GLU B 3602 -58.90 -8.54 -24.07
CA GLU B 3602 -57.94 -8.70 -25.15
C GLU B 3602 -58.52 -8.19 -26.48
N MET B 3603 -59.80 -8.48 -26.74
CA MET B 3603 -60.42 -7.99 -27.97
C MET B 3603 -60.56 -6.48 -27.94
N GLU B 3604 -60.87 -5.90 -26.78
CA GLU B 3604 -60.91 -4.45 -26.68
C GLU B 3604 -59.54 -3.85 -26.99
N LYS B 3605 -58.48 -4.46 -26.47
CA LYS B 3605 -57.13 -3.99 -26.76
C LYS B 3605 -56.82 -4.08 -28.24
N GLN B 3606 -57.18 -5.19 -28.89
CA GLN B 3606 -56.91 -5.35 -30.31
C GLN B 3606 -57.68 -4.33 -31.13
N LYS B 3607 -58.94 -4.09 -30.77
CA LYS B 3607 -59.73 -3.10 -31.49
C LYS B 3607 -59.13 -1.70 -31.37
N THR B 3608 -58.67 -1.35 -30.16
CA THR B 3608 -58.03 -0.05 -29.99
C THR B 3608 -56.76 0.05 -30.81
N LEU B 3609 -55.95 -1.00 -30.83
CA LEU B 3609 -54.73 -0.98 -31.63
C LEU B 3609 -55.03 -0.80 -33.11
N TYR B 3610 -56.05 -1.50 -33.62
CA TYR B 3610 -56.42 -1.38 -35.03
C TYR B 3610 -56.92 0.03 -35.35
N GLN B 3611 -57.76 0.60 -34.49
CA GLN B 3611 -58.24 1.95 -34.72
C GLN B 3611 -57.11 2.96 -34.71
N GLN B 3612 -56.13 2.76 -33.82
CA GLN B 3612 -54.99 3.68 -33.78
C GLN B 3612 -54.11 3.51 -35.01
N ALA B 3613 -53.96 2.29 -35.50
CA ALA B 3613 -53.13 2.05 -36.67
C ALA B 3613 -53.77 2.56 -37.94
N ARG B 3614 -55.10 2.72 -37.97
CA ARG B 3614 -55.71 3.39 -39.10
C ARG B 3614 -55.14 4.79 -39.29
N LEU B 3615 -54.74 5.45 -38.20
CA LEU B 3615 -54.27 6.83 -38.23
C LEU B 3615 -52.75 6.95 -38.23
N HIS B 3616 -52.05 6.19 -37.39
CA HIS B 3616 -50.61 6.39 -37.33
C HIS B 3616 -49.89 5.75 -38.51
N GLU B 3617 -50.58 4.98 -39.33
CA GLU B 3617 -50.01 4.48 -40.58
C GLU B 3617 -50.17 5.47 -41.73
N ARG B 3618 -50.85 6.58 -41.49
CA ARG B 3618 -51.01 7.65 -42.48
C ARG B 3618 -50.29 8.92 -42.06
N GLY B 3619 -49.39 8.82 -41.08
CA GLY B 3619 -48.58 9.96 -40.69
C GLY B 3619 -49.24 10.91 -39.73
N ALA B 3620 -49.92 10.40 -38.71
CA ALA B 3620 -50.53 11.27 -37.71
C ALA B 3620 -49.61 11.52 -36.52
N ALA B 3621 -48.70 10.59 -36.22
CA ALA B 3621 -47.74 10.82 -35.14
C ALA B 3621 -46.82 11.99 -35.47
N GLU B 3622 -46.27 11.98 -36.68
CA GLU B 3622 -45.43 13.10 -37.10
C GLU B 3622 -46.24 14.38 -37.16
N MET B 3623 -47.50 14.31 -37.57
CA MET B 3623 -48.33 15.51 -37.62
C MET B 3623 -48.52 16.08 -36.22
N VAL B 3624 -48.77 15.23 -35.23
CA VAL B 3624 -48.93 15.69 -33.86
C VAL B 3624 -47.67 16.38 -33.38
N LEU B 3625 -46.52 15.74 -33.62
CA LEU B 3625 -45.26 16.33 -33.17
C LEU B 3625 -45.00 17.66 -33.85
N GLN B 3626 -45.25 17.74 -35.16
CA GLN B 3626 -45.02 18.98 -35.90
C GLN B 3626 -45.95 20.09 -35.45
N MET B 3627 -47.21 19.76 -35.15
CA MET B 3627 -48.13 20.80 -34.71
C MET B 3627 -47.82 21.28 -33.31
N ILE B 3628 -47.30 20.39 -32.43
CA ILE B 3628 -46.87 20.86 -31.12
C ILE B 3628 -45.62 21.71 -31.26
N SER B 3629 -44.73 21.36 -32.18
CA SER B 3629 -43.55 22.19 -32.41
C SER B 3629 -43.92 23.55 -32.95
N ALA B 3630 -44.91 23.62 -33.83
CA ALA B 3630 -45.30 24.84 -34.51
C ALA B 3630 -46.05 25.81 -33.63
N SER B 3631 -46.54 25.38 -32.46
CA SER B 3631 -47.29 26.28 -31.61
C SER B 3631 -46.39 27.35 -31.00
N LYS B 3632 -45.11 27.06 -30.83
CA LYS B 3632 -44.11 27.94 -30.25
C LYS B 3632 -44.31 28.16 -28.76
N GLY B 3633 -45.28 27.50 -28.14
CA GLY B 3633 -45.54 27.65 -26.73
C GLY B 3633 -46.79 28.41 -26.37
N GLU B 3634 -47.68 28.67 -27.32
CA GLU B 3634 -48.89 29.44 -27.10
C GLU B 3634 -50.09 28.52 -27.17
N MET B 3635 -50.92 28.54 -26.13
CA MET B 3635 -52.10 27.69 -26.11
C MET B 3635 -53.15 28.22 -27.08
N SER B 3636 -53.83 27.31 -27.76
CA SER B 3636 -54.84 27.62 -28.75
C SER B 3636 -55.64 26.37 -29.04
N PRO B 3637 -56.77 26.48 -29.73
CA PRO B 3637 -57.57 25.26 -30.01
C PRO B 3637 -56.81 24.21 -30.78
N MET B 3638 -55.90 24.62 -31.66
CA MET B 3638 -55.10 23.65 -32.39
C MET B 3638 -54.21 22.83 -31.47
N VAL B 3639 -53.62 23.47 -30.46
CA VAL B 3639 -52.78 22.73 -29.51
C VAL B 3639 -53.62 21.75 -28.71
N VAL B 3640 -54.82 22.18 -28.29
CA VAL B 3640 -55.69 21.29 -27.52
C VAL B 3640 -56.06 20.06 -28.34
N GLU B 3641 -56.46 20.28 -29.60
CA GLU B 3641 -56.83 19.16 -30.46
C GLU B 3641 -55.62 18.27 -30.75
N THR B 3642 -54.44 18.87 -30.90
CA THR B 3642 -53.24 18.08 -31.15
C THR B 3642 -52.92 17.18 -29.97
N LEU B 3643 -53.01 17.70 -28.75
CA LEU B 3643 -52.75 16.87 -27.58
C LEU B 3643 -53.79 15.78 -27.44
N LYS B 3644 -55.06 16.09 -27.70
CA LYS B 3644 -56.08 15.05 -27.63
C LYS B 3644 -55.85 13.97 -28.68
N LEU B 3645 -55.46 14.35 -29.89
CA LEU B 3645 -55.18 13.36 -30.92
C LEU B 3645 -53.96 12.51 -30.55
N GLY B 3646 -52.93 13.12 -30.00
CA GLY B 3646 -51.77 12.37 -29.57
C GLY B 3646 -52.10 11.37 -28.47
N ILE B 3647 -52.94 11.78 -27.51
CA ILE B 3647 -53.40 10.87 -26.49
C ILE B 3647 -54.21 9.74 -27.11
N ALA B 3648 -55.05 10.07 -28.10
CA ALA B 3648 -55.88 9.06 -28.73
C ALA B 3648 -55.06 8.02 -29.45
N ILE B 3649 -54.00 8.44 -30.14
CA ILE B 3649 -53.16 7.47 -30.86
C ILE B 3649 -52.06 6.88 -30.01
N LEU B 3650 -51.88 7.33 -28.77
CA LEU B 3650 -50.93 6.74 -27.85
C LEU B 3650 -51.57 5.93 -26.73
N ASN B 3651 -52.90 5.98 -26.61
CA ASN B 3651 -53.57 5.37 -25.46
C ASN B 3651 -53.26 3.88 -25.36
N GLY B 3652 -53.04 3.44 -24.13
CA GLY B 3652 -52.60 2.08 -23.88
C GLY B 3652 -51.11 1.86 -24.04
N GLY B 3653 -50.35 2.92 -24.30
CA GLY B 3653 -48.92 2.77 -24.53
C GLY B 3653 -48.63 2.08 -25.83
N ASN B 3654 -48.93 2.74 -26.95
CA ASN B 3654 -48.73 2.14 -28.27
C ASN B 3654 -47.25 2.17 -28.61
N ALA B 3655 -46.64 0.99 -28.69
CA ALA B 3655 -45.20 0.93 -28.92
C ALA B 3655 -44.82 1.43 -30.32
N GLY B 3656 -45.64 1.11 -31.32
CA GLY B 3656 -45.33 1.58 -32.67
C GLY B 3656 -45.35 3.09 -32.80
N VAL B 3657 -46.35 3.73 -32.19
CA VAL B 3657 -46.43 5.19 -32.25
C VAL B 3657 -45.28 5.82 -31.47
N GLN B 3658 -44.90 5.24 -30.34
CA GLN B 3658 -43.77 5.77 -29.59
C GLN B 3658 -42.49 5.65 -30.39
N GLN B 3659 -42.29 4.53 -31.07
CA GLN B 3659 -41.10 4.38 -31.90
C GLN B 3659 -41.09 5.39 -33.04
N LYS B 3660 -42.24 5.59 -33.68
CA LYS B 3660 -42.33 6.57 -34.76
C LYS B 3660 -42.00 7.98 -34.24
N MET B 3661 -42.57 8.35 -33.10
CA MET B 3661 -42.33 9.68 -32.55
C MET B 3661 -40.88 9.87 -32.16
N LEU B 3662 -40.27 8.87 -31.51
CA LEU B 3662 -38.89 8.99 -31.10
C LEU B 3662 -37.96 9.06 -32.30
N ASP B 3663 -38.21 8.25 -33.33
CA ASP B 3663 -37.39 8.31 -34.54
C ASP B 3663 -37.53 9.66 -35.22
N TYR B 3664 -38.75 10.20 -35.29
CA TYR B 3664 -38.92 11.52 -35.88
C TYR B 3664 -38.17 12.58 -35.10
N LEU B 3665 -38.24 12.54 -33.77
CA LEU B 3665 -37.61 13.56 -32.96
C LEU B 3665 -36.10 13.46 -32.99
N LYS B 3666 -35.55 12.25 -33.12
CA LYS B 3666 -34.10 12.10 -33.12
C LYS B 3666 -33.51 12.36 -34.49
N GLU B 3667 -34.12 11.80 -35.54
CA GLU B 3667 -33.62 12.01 -36.90
C GLU B 3667 -33.71 13.47 -37.30
N LYS B 3668 -34.81 14.13 -36.96
CA LYS B 3668 -35.04 15.51 -37.35
C LYS B 3668 -34.27 16.50 -36.49
N LYS B 3669 -33.73 16.09 -35.36
CA LYS B 3669 -33.07 16.99 -34.43
C LYS B 3669 -33.99 18.14 -34.02
N ASP B 3670 -35.26 17.81 -33.84
CA ASP B 3670 -36.30 18.82 -33.61
C ASP B 3670 -36.20 19.33 -32.18
N ALA B 3671 -35.59 20.50 -32.01
CA ALA B 3671 -35.52 21.15 -30.71
C ALA B 3671 -36.67 22.12 -30.47
N GLY B 3672 -37.51 22.36 -31.47
CA GLY B 3672 -38.68 23.19 -31.26
C GLY B 3672 -39.78 22.48 -30.50
N PHE B 3673 -39.85 21.16 -30.63
CA PHE B 3673 -40.85 20.39 -29.90
C PHE B 3673 -40.68 20.59 -28.40
N PHE B 3674 -39.45 20.50 -27.91
CA PHE B 3674 -39.21 20.59 -26.48
C PHE B 3674 -39.28 22.03 -25.99
N GLN B 3675 -38.89 23.00 -26.80
CA GLN B 3675 -39.11 24.40 -26.43
C GLN B 3675 -40.59 24.68 -26.27
N SER B 3676 -41.41 24.19 -27.20
CA SER B 3676 -42.85 24.39 -27.09
C SER B 3676 -43.43 23.65 -25.90
N LEU B 3677 -42.94 22.44 -25.61
CA LEU B 3677 -43.38 21.73 -24.42
C LEU B 3677 -43.05 22.52 -23.16
N SER B 3678 -41.84 23.06 -23.08
CA SER B 3678 -41.45 23.84 -21.91
C SER B 3678 -42.34 25.07 -21.76
N GLY B 3679 -42.61 25.77 -22.86
CA GLY B 3679 -43.48 26.92 -22.79
C GLY B 3679 -44.89 26.56 -22.36
N LEU B 3680 -45.43 25.47 -22.91
CA LEU B 3680 -46.77 25.03 -22.53
C LEU B 3680 -46.83 24.66 -21.06
N MET B 3681 -45.82 23.98 -20.54
CA MET B 3681 -45.80 23.65 -19.12
C MET B 3681 -45.73 24.90 -18.27
N GLN B 3682 -44.90 25.86 -18.66
CA GLN B 3682 -44.78 27.09 -17.90
C GLN B 3682 -46.04 27.95 -17.97
N SER B 3683 -46.86 27.76 -18.98
CA SER B 3683 -48.10 28.52 -19.10
C SER B 3683 -49.28 27.87 -18.38
N CYS B 3684 -49.10 26.69 -17.81
CA CYS B 3684 -50.20 26.01 -17.14
C CYS B 3684 -50.63 26.78 -15.90
N SER B 3685 -51.93 26.80 -15.64
CA SER B 3685 -52.52 27.59 -14.58
C SER B 3685 -52.78 26.75 -13.34
N VAL B 3686 -52.72 27.40 -12.18
CA VAL B 3686 -52.93 26.76 -10.89
C VAL B 3686 -54.06 27.50 -10.17
N LEU B 3687 -54.45 26.96 -9.02
CA LEU B 3687 -55.47 27.59 -8.19
C LEU B 3687 -55.00 28.96 -7.73
N ASP B 3688 -55.88 29.95 -7.82
CA ASP B 3688 -55.59 31.28 -7.31
C ASP B 3688 -56.74 31.75 -6.42
N LEU B 3689 -56.39 32.28 -5.25
CA LEU B 3689 -57.39 32.67 -4.27
C LEU B 3689 -58.02 34.03 -4.56
N ASN B 3690 -57.34 34.90 -5.31
CA ASN B 3690 -57.89 36.22 -5.59
C ASN B 3690 -59.15 36.12 -6.43
N ALA B 3691 -59.10 35.33 -7.51
CA ALA B 3691 -60.29 35.16 -8.35
C ALA B 3691 -61.40 34.47 -7.59
N PHE B 3692 -61.05 33.52 -6.72
CA PHE B 3692 -62.05 32.84 -5.92
C PHE B 3692 -62.75 33.82 -4.96
N GLU B 3693 -61.97 34.70 -4.33
CA GLU B 3693 -62.57 35.68 -3.43
C GLU B 3693 -63.45 36.67 -4.20
N ARG B 3694 -63.00 37.09 -5.38
CA ARG B 3694 -63.84 37.99 -6.19
C ARG B 3694 -65.15 37.30 -6.60
N GLN B 3695 -65.07 36.02 -6.96
CA GLN B 3695 -66.27 35.27 -7.30
C GLN B 3695 -67.21 35.17 -6.10
N ASN B 3696 -66.66 34.90 -4.92
CA ASN B 3696 -67.49 34.84 -3.72
C ASN B 3696 -68.15 36.18 -3.43
N LYS B 3697 -67.40 37.27 -3.60
CA LYS B 3697 -67.97 38.59 -3.37
C LYS B 3697 -69.12 38.87 -4.35
N ALA B 3698 -68.91 38.56 -5.62
CA ALA B 3698 -69.97 38.76 -6.61
C ALA B 3698 -71.19 37.91 -6.30
N GLU B 3699 -70.98 36.66 -5.87
CA GLU B 3699 -72.11 35.82 -5.51
C GLU B 3699 -72.84 36.37 -4.29
N GLY B 3700 -72.10 36.86 -3.30
CA GLY B 3700 -72.75 37.41 -2.12
C GLY B 3700 -73.56 38.65 -2.41
N LEU B 3701 -73.04 39.54 -3.26
CA LEU B 3701 -73.79 40.72 -3.63
C LEU B 3701 -75.07 40.36 -4.37
N GLY B 3702 -75.11 39.21 -5.02
CA GLY B 3702 -76.30 38.76 -5.70
C GLY B 3702 -76.06 38.35 -7.14
N MET B 3703 -74.96 38.79 -7.73
CA MET B 3703 -74.68 38.50 -9.13
C MET B 3703 -74.45 37.00 -9.32
N VAL B 3704 -75.01 36.48 -10.40
CA VAL B 3704 -74.85 35.06 -10.73
C VAL B 3704 -73.53 34.88 -11.47
N THR B 3705 -72.67 34.03 -10.94
CA THR B 3705 -71.35 33.82 -11.53
C THR B 3705 -71.47 33.05 -12.85
N GLU B 3706 -70.79 33.54 -13.88
CA GLU B 3706 -70.80 32.90 -15.18
C GLU B 3706 -69.79 31.76 -15.22
N GLU B 3707 -69.87 30.97 -16.30
CA GLU B 3707 -69.00 29.81 -16.43
C GLU B 3707 -67.54 30.22 -16.55
N GLY B 3708 -67.25 31.28 -17.31
CA GLY B 3708 -65.88 31.77 -17.39
C GLY B 3708 -65.36 32.22 -16.04
N THR B 3709 -66.21 32.90 -15.26
CA THR B 3709 -65.83 33.30 -13.92
C THR B 3709 -65.51 32.10 -13.05
N ARG B 3710 -66.31 31.03 -13.15
CA ARG B 3710 -66.02 29.82 -12.41
C ARG B 3710 -64.70 29.21 -12.84
N GLU B 3711 -64.43 29.21 -14.14
CA GLU B 3711 -63.18 28.64 -14.65
C GLU B 3711 -61.97 29.50 -14.35
N LYS B 3712 -62.17 30.76 -13.93
CA LYS B 3712 -61.02 31.62 -13.65
C LYS B 3712 -60.16 31.10 -12.50
N VAL B 3713 -60.76 30.39 -11.54
CA VAL B 3713 -60.02 30.02 -10.34
C VAL B 3713 -58.94 29.00 -10.66
N LEU B 3714 -59.29 27.95 -11.39
CA LEU B 3714 -58.33 26.96 -11.88
C LEU B 3714 -58.56 26.87 -13.38
N GLN B 3715 -57.74 27.57 -14.15
CA GLN B 3715 -58.01 27.82 -15.55
C GLN B 3715 -57.27 26.82 -16.43
N ASN B 3716 -57.99 26.27 -17.42
CA ASN B 3716 -57.41 25.35 -18.39
C ASN B 3716 -56.84 24.11 -17.71
N ASP B 3717 -57.66 23.48 -16.88
CA ASP B 3717 -57.24 22.26 -16.21
C ASP B 3717 -57.32 21.06 -17.16
N GLU B 3718 -58.29 21.04 -18.06
CA GLU B 3718 -58.35 19.97 -19.04
C GLU B 3718 -57.11 19.96 -19.92
N PHE B 3719 -56.65 21.15 -20.34
CA PHE B 3719 -55.43 21.21 -21.14
C PHE B 3719 -54.23 20.74 -20.35
N THR B 3720 -54.14 21.10 -19.07
CA THR B 3720 -53.04 20.65 -18.24
C THR B 3720 -53.01 19.13 -18.16
N ARG B 3721 -54.17 18.54 -17.90
CA ARG B 3721 -54.24 17.09 -17.78
C ARG B 3721 -53.95 16.42 -19.11
N ASP B 3722 -54.39 17.00 -20.22
CA ASP B 3722 -54.06 16.46 -21.53
C ASP B 3722 -52.56 16.51 -21.79
N LEU B 3723 -51.93 17.64 -21.47
CA LEU B 3723 -50.49 17.79 -21.68
C LEU B 3723 -49.71 16.74 -20.90
N PHE B 3724 -50.04 16.59 -19.62
CA PHE B 3724 -49.27 15.65 -18.80
C PHE B 3724 -49.65 14.20 -19.08
N ARG B 3725 -50.87 13.94 -19.54
CA ARG B 3725 -51.22 12.60 -20.00
C ARG B 3725 -50.45 12.23 -21.25
N PHE B 3726 -50.28 13.18 -22.16
CA PHE B 3726 -49.45 12.96 -23.34
C PHE B 3726 -48.02 12.65 -22.95
N LEU B 3727 -47.45 13.46 -22.05
CA LEU B 3727 -46.08 13.22 -21.60
C LEU B 3727 -45.93 11.88 -20.89
N GLN B 3728 -46.96 11.48 -20.15
CA GLN B 3728 -46.96 10.16 -19.53
C GLN B 3728 -46.98 9.06 -20.58
N LEU B 3729 -47.87 9.17 -21.56
CA LEU B 3729 -48.00 8.15 -22.58
C LEU B 3729 -46.76 8.03 -23.45
N LEU B 3730 -45.93 9.06 -23.50
CA LEU B 3730 -44.66 8.92 -24.20
C LEU B 3730 -43.74 7.92 -23.50
N CYS B 3731 -43.80 7.84 -22.17
CA CYS B 3731 -42.97 6.91 -21.41
C CYS B 3731 -43.71 5.63 -21.04
N GLU B 3732 -44.97 5.48 -21.42
CA GLU B 3732 -45.79 4.37 -20.98
C GLU B 3732 -45.18 3.04 -21.40
N GLY B 3733 -45.33 2.03 -20.54
CA GLY B 3733 -44.75 0.74 -20.79
C GLY B 3733 -43.28 0.63 -20.49
N HIS B 3734 -42.71 1.62 -19.81
CA HIS B 3734 -41.28 1.64 -19.48
C HIS B 3734 -40.43 1.73 -20.75
N ASN B 3735 -40.75 2.73 -21.57
CA ASN B 3735 -39.98 3.04 -22.77
C ASN B 3735 -38.72 3.78 -22.33
N SER B 3736 -37.64 3.03 -22.20
CA SER B 3736 -36.41 3.61 -21.66
C SER B 3736 -35.86 4.68 -22.59
N ASP B 3737 -35.99 4.48 -23.89
CA ASP B 3737 -35.47 5.47 -24.84
C ASP B 3737 -36.16 6.82 -24.67
N PHE B 3738 -37.48 6.81 -24.52
CA PHE B 3738 -38.22 8.05 -24.36
C PHE B 3738 -38.16 8.55 -22.92
N GLN B 3739 -37.92 7.67 -21.96
CA GLN B 3739 -37.69 8.13 -20.59
C GLN B 3739 -36.40 8.91 -20.49
N ASN B 3740 -35.35 8.45 -21.18
CA ASN B 3740 -34.09 9.18 -21.19
C ASN B 3740 -34.13 10.41 -22.07
N PHE B 3741 -34.77 10.32 -23.24
CA PHE B 3741 -34.77 11.45 -24.16
C PHE B 3741 -35.50 12.65 -23.58
N LEU B 3742 -36.49 12.43 -22.72
CA LEU B 3742 -37.20 13.53 -22.10
C LEU B 3742 -36.36 14.26 -21.07
N ARG B 3743 -35.23 13.71 -20.66
CA ARG B 3743 -34.37 14.34 -19.67
C ARG B 3743 -33.23 15.12 -20.34
N THR B 3744 -32.40 14.44 -21.11
CA THR B 3744 -31.34 15.07 -21.87
C THR B 3744 -31.50 14.66 -23.32
N GLN B 3745 -31.74 15.64 -24.20
CA GLN B 3745 -31.91 15.37 -25.62
C GLN B 3745 -30.53 15.37 -26.27
N MET B 3746 -29.93 14.20 -26.37
CA MET B 3746 -28.60 14.08 -26.95
C MET B 3746 -28.67 14.27 -28.46
N GLY B 3747 -27.81 15.14 -28.99
CA GLY B 3747 -27.77 15.45 -30.39
C GLY B 3747 -28.46 16.74 -30.79
N ASN B 3748 -29.34 17.26 -29.94
CA ASN B 3748 -30.01 18.51 -30.24
C ASN B 3748 -29.13 19.69 -29.87
N THR B 3749 -29.40 20.83 -30.50
CA THR B 3749 -28.66 22.05 -30.18
C THR B 3749 -28.90 22.48 -28.74
N THR B 3750 -30.15 22.42 -28.29
CA THR B 3750 -30.50 22.81 -26.93
C THR B 3750 -31.32 21.71 -26.29
N THR B 3751 -31.12 21.54 -24.98
CA THR B 3751 -31.75 20.48 -24.21
C THR B 3751 -32.75 21.07 -23.22
N ILE B 3752 -33.88 20.41 -23.07
CA ILE B 3752 -34.90 20.77 -22.08
C ILE B 3752 -35.15 19.56 -21.21
N ASN B 3753 -35.18 19.77 -19.90
CA ASN B 3753 -35.40 18.71 -18.93
C ASN B 3753 -36.88 18.72 -18.54
N VAL B 3754 -37.60 17.66 -18.93
CA VAL B 3754 -39.04 17.63 -18.69
C VAL B 3754 -39.38 17.12 -17.31
N ILE B 3755 -38.51 16.29 -16.72
CA ILE B 3755 -38.73 15.82 -15.35
C ILE B 3755 -38.77 17.02 -14.41
N ILE B 3756 -37.79 17.91 -14.53
CA ILE B 3756 -37.71 19.07 -13.66
C ILE B 3756 -38.86 20.02 -13.92
N SER B 3757 -39.29 20.14 -15.17
CA SER B 3757 -40.42 21.00 -15.48
C SER B 3757 -41.71 20.49 -14.82
N THR B 3758 -41.93 19.18 -14.87
CA THR B 3758 -43.09 18.63 -14.17
C THR B 3758 -42.97 18.84 -12.67
N VAL B 3759 -41.77 18.67 -12.11
CA VAL B 3759 -41.60 18.90 -10.68
C VAL B 3759 -41.89 20.36 -10.32
N ASP B 3760 -41.45 21.30 -11.15
CA ASP B 3760 -41.71 22.71 -10.88
C ASP B 3760 -43.19 23.02 -10.90
N TYR B 3761 -43.91 22.51 -11.91
CA TYR B 3761 -45.35 22.72 -11.93
C TYR B 3761 -46.01 22.08 -10.72
N LEU B 3762 -45.50 20.92 -10.29
CA LEU B 3762 -46.04 20.27 -9.10
C LEU B 3762 -45.86 21.15 -7.88
N LEU B 3763 -44.70 21.78 -7.74
CA LEU B 3763 -44.48 22.67 -6.61
C LEU B 3763 -45.42 23.86 -6.63
N ARG B 3764 -45.61 24.47 -7.81
CA ARG B 3764 -46.53 25.59 -7.92
C ARG B 3764 -47.94 25.19 -7.53
N LEU B 3765 -48.41 24.05 -8.06
CA LEU B 3765 -49.74 23.58 -7.73
C LEU B 3765 -49.86 23.25 -6.25
N GLN B 3766 -48.81 22.66 -5.67
CA GLN B 3766 -48.84 22.33 -4.25
C GLN B 3766 -48.96 23.59 -3.40
N GLU B 3767 -48.24 24.64 -3.76
CA GLU B 3767 -48.33 25.89 -3.01
C GLU B 3767 -49.74 26.48 -3.10
N SER B 3768 -50.34 26.44 -4.31
CA SER B 3768 -51.69 26.95 -4.44
C SER B 3768 -52.68 26.14 -3.60
N ILE B 3769 -52.51 24.82 -3.58
CA ILE B 3769 -53.40 23.97 -2.79
C ILE B 3769 -53.23 24.23 -1.31
N SER B 3770 -52.01 24.45 -0.85
CA SER B 3770 -51.79 24.79 0.55
C SER B 3770 -52.43 26.12 0.90
N ASP B 3771 -52.37 27.09 -0.01
CA ASP B 3771 -53.05 28.36 0.23
C ASP B 3771 -54.56 28.15 0.36
N PHE B 3772 -55.14 27.33 -0.51
CA PHE B 3772 -56.56 27.03 -0.41
C PHE B 3772 -56.90 26.37 0.92
N TYR B 3773 -56.06 25.43 1.37
CA TYR B 3773 -56.30 24.78 2.64
C TYR B 3773 -56.21 25.77 3.79
N TRP B 3774 -55.24 26.68 3.75
CA TRP B 3774 -55.15 27.71 4.80
C TRP B 3774 -56.39 28.59 4.78
N TYR B 3775 -56.92 28.87 3.59
CA TYR B 3775 -58.15 29.64 3.50
C TYR B 3775 -59.30 28.92 4.21
N TYR B 3776 -59.44 27.63 3.97
CA TYR B 3776 -60.58 26.89 4.53
C TYR B 3776 -60.31 26.28 5.90
N SER B 3777 -59.13 26.48 6.47
CA SER B 3777 -58.83 25.90 7.77
C SER B 3777 -59.70 26.53 8.85
N GLY B 3778 -59.87 27.85 8.82
CA GLY B 3778 -60.67 28.50 9.84
C GLY B 3778 -62.14 28.13 9.76
N LYS B 3779 -62.65 27.97 8.54
CA LYS B 3779 -64.08 27.75 8.34
C LYS B 3779 -64.48 26.34 8.77
N ASP B 3780 -65.79 26.16 8.95
CA ASP B 3780 -66.31 24.90 9.47
C ASP B 3780 -66.50 23.87 8.36
N ILE B 3781 -67.21 24.24 7.30
CA ILE B 3781 -67.46 23.34 6.18
C ILE B 3781 -67.10 24.06 4.89
N ILE B 3782 -66.87 23.26 3.85
CA ILE B 3782 -66.46 23.75 2.54
C ILE B 3782 -67.68 23.85 1.64
N ASP B 3783 -67.90 25.03 1.07
CA ASP B 3783 -69.06 25.24 0.20
C ASP B 3783 -68.88 24.48 -1.11
N GLU B 3784 -69.88 24.61 -1.98
CA GLU B 3784 -69.85 23.87 -3.24
C GLU B 3784 -68.72 24.33 -4.14
N SER B 3785 -68.50 25.64 -4.25
CA SER B 3785 -67.46 26.15 -5.12
C SER B 3785 -66.09 25.70 -4.65
N GLY B 3786 -65.86 25.72 -3.34
CA GLY B 3786 -64.60 25.25 -2.81
C GLY B 3786 -64.36 23.79 -3.10
N GLN B 3787 -65.38 22.96 -2.94
CA GLN B 3787 -65.25 21.54 -3.26
C GLN B 3787 -64.97 21.33 -4.74
N HIS B 3788 -65.65 22.09 -5.61
CA HIS B 3788 -65.42 21.99 -7.04
C HIS B 3788 -63.97 22.28 -7.39
N ASN B 3789 -63.45 23.40 -6.88
CA ASN B 3789 -62.07 23.77 -7.19
C ASN B 3789 -61.07 22.80 -6.57
N PHE B 3790 -61.35 22.32 -5.35
CA PHE B 3790 -60.49 21.30 -4.75
C PHE B 3790 -60.46 20.04 -5.60
N SER B 3791 -61.62 19.62 -6.10
CA SER B 3791 -61.67 18.42 -6.92
C SER B 3791 -60.87 18.59 -8.20
N LYS B 3792 -60.99 19.75 -8.85
CA LYS B 3792 -60.21 19.98 -10.06
C LYS B 3792 -58.71 19.98 -9.77
N ALA B 3793 -58.30 20.63 -8.68
CA ALA B 3793 -56.88 20.66 -8.33
C ALA B 3793 -56.37 19.26 -8.00
N LEU B 3794 -57.19 18.45 -7.31
CA LEU B 3794 -56.80 17.09 -7.00
C LEU B 3794 -56.67 16.24 -8.26
N ALA B 3795 -57.55 16.45 -9.24
CA ALA B 3795 -57.42 15.74 -10.51
C ALA B 3795 -56.11 16.09 -11.21
N VAL B 3796 -55.78 17.38 -11.26
CA VAL B 3796 -54.53 17.79 -11.89
C VAL B 3796 -53.33 17.20 -11.16
N THR B 3797 -53.36 17.21 -9.82
CA THR B 3797 -52.25 16.68 -9.04
C THR B 3797 -52.10 15.19 -9.25
N LYS B 3798 -53.21 14.46 -9.32
CA LYS B 3798 -53.15 13.04 -9.58
C LYS B 3798 -52.53 12.75 -10.94
N GLN B 3799 -52.88 13.56 -11.95
CA GLN B 3799 -52.27 13.38 -13.26
C GLN B 3799 -50.77 13.63 -13.21
N ILE B 3800 -50.33 14.66 -12.48
CA ILE B 3800 -48.92 14.97 -12.42
C ILE B 3800 -48.15 13.87 -11.70
N PHE B 3801 -48.74 13.32 -10.64
CA PHE B 3801 -48.10 12.21 -9.94
C PHE B 3801 -47.98 11.00 -10.85
N ASN B 3802 -49.02 10.72 -11.65
CA ASN B 3802 -48.93 9.62 -12.60
C ASN B 3802 -47.84 9.86 -13.64
N SER B 3803 -47.70 11.11 -14.09
CA SER B 3803 -46.64 11.41 -15.05
C SER B 3803 -45.26 11.17 -14.45
N LEU B 3804 -45.03 11.64 -13.22
CA LEU B 3804 -43.73 11.42 -12.59
C LEU B 3804 -43.47 9.94 -12.37
N THR B 3805 -44.47 9.21 -11.91
CA THR B 3805 -44.33 7.77 -11.72
C THR B 3805 -43.98 7.08 -13.02
N GLU B 3806 -44.58 7.52 -14.13
CA GLU B 3806 -44.22 6.96 -15.43
C GLU B 3806 -42.78 7.31 -15.79
N TYR B 3807 -42.35 8.53 -15.49
CA TYR B 3807 -40.98 8.93 -15.80
C TYR B 3807 -39.97 8.02 -15.12
N ILE B 3808 -40.18 7.72 -13.84
CA ILE B 3808 -39.13 7.06 -13.06
C ILE B 3808 -39.21 5.53 -13.05
N GLN B 3809 -40.36 4.95 -13.38
CA GLN B 3809 -40.50 3.51 -13.28
C GLN B 3809 -39.64 2.80 -14.31
N GLY B 3810 -39.38 1.52 -14.04
CA GLY B 3810 -38.67 0.67 -14.97
C GLY B 3810 -37.56 -0.16 -14.36
N PRO B 3811 -36.73 0.42 -13.49
CA PRO B 3811 -36.56 1.82 -13.12
C PRO B 3811 -35.68 2.58 -14.10
N CYS B 3812 -35.83 3.89 -14.19
CA CYS B 3812 -34.92 4.74 -14.94
C CYS B 3812 -34.01 5.42 -13.93
N ILE B 3813 -32.74 5.01 -13.91
CA ILE B 3813 -31.82 5.51 -12.89
C ILE B 3813 -31.61 7.01 -13.04
N GLY B 3814 -31.47 7.48 -14.29
CA GLY B 3814 -31.25 8.91 -14.50
C GLY B 3814 -32.40 9.75 -13.99
N ASN B 3815 -33.63 9.34 -14.27
CA ASN B 3815 -34.78 10.10 -13.82
C ASN B 3815 -34.97 9.99 -12.31
N GLN B 3816 -34.67 8.83 -11.74
CA GLN B 3816 -34.73 8.70 -10.28
C GLN B 3816 -33.75 9.65 -9.61
N GLN B 3817 -32.51 9.68 -10.09
CA GLN B 3817 -31.52 10.58 -9.52
C GLN B 3817 -31.92 12.04 -9.74
N SER B 3818 -32.51 12.33 -10.90
CA SER B 3818 -32.95 13.69 -11.18
C SER B 3818 -34.03 14.13 -10.21
N LEU B 3819 -35.01 13.27 -9.94
CA LEU B 3819 -36.07 13.61 -9.00
C LEU B 3819 -35.54 13.70 -7.57
N ALA B 3820 -34.61 12.82 -7.21
CA ALA B 3820 -34.09 12.81 -5.85
C ALA B 3820 -33.37 14.11 -5.52
N HIS B 3821 -32.76 14.76 -6.51
CA HIS B 3821 -32.03 15.99 -6.30
C HIS B 3821 -32.86 17.24 -6.55
N SER B 3822 -34.14 17.09 -6.88
CA SER B 3822 -35.00 18.22 -7.17
C SER B 3822 -35.73 18.67 -5.90
N ARG B 3823 -36.74 19.52 -6.06
CA ARG B 3823 -37.57 19.99 -4.96
C ARG B 3823 -38.83 19.14 -4.78
N LEU B 3824 -38.78 17.86 -5.16
CA LEU B 3824 -39.95 17.00 -5.00
C LEU B 3824 -40.29 16.80 -3.53
N TRP B 3825 -39.28 16.77 -2.66
CA TRP B 3825 -39.55 16.46 -1.26
C TRP B 3825 -40.31 17.58 -0.57
N ASP B 3826 -40.11 18.83 -0.99
CA ASP B 3826 -40.94 19.91 -0.47
C ASP B 3826 -42.40 19.72 -0.83
N ALA B 3827 -42.66 19.31 -2.07
CA ALA B 3827 -44.03 19.02 -2.47
C ALA B 3827 -44.60 17.86 -1.67
N VAL B 3828 -43.78 16.84 -1.39
CA VAL B 3828 -44.23 15.72 -0.58
C VAL B 3828 -44.59 16.19 0.81
N VAL B 3829 -43.76 17.04 1.42
CA VAL B 3829 -44.04 17.53 2.77
C VAL B 3829 -45.33 18.33 2.79
N GLY B 3830 -45.50 19.25 1.85
CA GLY B 3830 -46.71 20.05 1.82
C GLY B 3830 -47.96 19.22 1.59
N PHE B 3831 -47.87 18.24 0.69
CA PHE B 3831 -49.01 17.38 0.44
C PHE B 3831 -49.33 16.50 1.64
N LEU B 3832 -48.31 16.05 2.38
CA LEU B 3832 -48.58 15.34 3.62
C LEU B 3832 -49.32 16.22 4.60
N HIS B 3833 -48.92 17.49 4.70
CA HIS B 3833 -49.64 18.43 5.56
C HIS B 3833 -51.11 18.53 5.15
N VAL B 3834 -51.37 18.73 3.86
CA VAL B 3834 -52.74 18.93 3.40
C VAL B 3834 -53.58 17.66 3.61
N PHE B 3835 -53.02 16.50 3.25
CA PHE B 3835 -53.72 15.23 3.46
C PHE B 3835 -54.07 15.04 4.93
N ALA B 3836 -53.07 15.18 5.80
CA ALA B 3836 -53.26 14.90 7.22
C ALA B 3836 -54.29 15.84 7.83
N ASN B 3837 -54.24 17.12 7.46
CA ASN B 3837 -55.15 18.08 8.07
C ASN B 3837 -56.51 18.16 7.39
N MET B 3838 -56.68 17.59 6.20
CA MET B 3838 -57.97 17.62 5.53
C MET B 3838 -58.75 16.32 5.61
N GLN B 3839 -58.08 15.18 5.74
CA GLN B 3839 -58.86 13.94 5.86
C GLN B 3839 -59.44 13.77 7.25
N MET B 3840 -58.95 14.51 8.24
CA MET B 3840 -59.59 14.60 9.54
C MET B 3840 -60.51 15.80 9.66
N LYS B 3841 -60.70 16.54 8.57
CA LYS B 3841 -61.64 17.65 8.51
C LYS B 3841 -62.80 17.40 7.57
N LEU B 3842 -62.57 16.66 6.49
CA LEU B 3842 -63.65 16.26 5.58
C LEU B 3842 -64.44 15.09 6.12
N SER B 3843 -63.87 14.31 7.05
CA SER B 3843 -64.56 13.17 7.61
C SER B 3843 -65.59 13.56 8.65
N GLN B 3844 -65.51 14.77 9.20
CA GLN B 3844 -66.47 15.21 10.19
C GLN B 3844 -67.77 15.72 9.58
N ASP B 3845 -67.78 15.99 8.27
CA ASP B 3845 -68.99 16.43 7.58
C ASP B 3845 -69.47 15.31 6.66
N SER B 3846 -70.76 14.99 6.74
CA SER B 3846 -71.32 13.90 5.96
C SER B 3846 -71.57 14.28 4.52
N SER B 3847 -71.42 15.55 4.15
CA SER B 3847 -71.62 16.00 2.78
C SER B 3847 -70.32 16.14 2.01
N GLN B 3848 -69.23 15.63 2.56
CA GLN B 3848 -67.90 15.71 1.94
C GLN B 3848 -67.29 14.33 1.78
N ILE B 3849 -68.12 13.35 1.45
CA ILE B 3849 -67.60 11.99 1.26
C ILE B 3849 -66.78 11.91 -0.02
N GLU B 3850 -67.28 12.48 -1.11
CA GLU B 3850 -66.59 12.36 -2.39
C GLU B 3850 -65.25 13.10 -2.37
N LEU B 3851 -65.21 14.27 -1.73
CA LEU B 3851 -63.94 14.98 -1.61
C LEU B 3851 -62.94 14.17 -0.81
N LEU B 3852 -63.40 13.50 0.25
CA LEU B 3852 -62.51 12.65 1.02
C LEU B 3852 -61.99 11.48 0.19
N LYS B 3853 -62.85 10.88 -0.63
CA LYS B 3853 -62.42 9.78 -1.48
C LYS B 3853 -61.36 10.26 -2.48
N GLU B 3854 -61.57 11.42 -3.08
CA GLU B 3854 -60.58 11.96 -4.01
C GLU B 3854 -59.26 12.24 -3.32
N LEU B 3855 -59.32 12.80 -2.11
CA LEU B 3855 -58.10 13.07 -1.36
C LEU B 3855 -57.34 11.78 -1.04
N LEU B 3856 -58.08 10.74 -0.65
CA LEU B 3856 -57.44 9.45 -0.37
C LEU B 3856 -56.82 8.85 -1.63
N ASP B 3857 -57.50 8.95 -2.77
CA ASP B 3857 -56.92 8.45 -4.01
C ASP B 3857 -55.65 9.20 -4.38
N LEU B 3858 -55.65 10.52 -4.20
CA LEU B 3858 -54.44 11.28 -4.47
C LEU B 3858 -53.30 10.86 -3.56
N LEU B 3859 -53.62 10.59 -2.28
CA LEU B 3859 -52.59 10.10 -1.37
C LEU B 3859 -52.02 8.76 -1.85
N GLN B 3860 -52.90 7.89 -2.34
CA GLN B 3860 -52.44 6.61 -2.88
C GLN B 3860 -51.51 6.80 -4.06
N ASP B 3861 -51.83 7.75 -4.95
CA ASP B 3861 -50.96 8.05 -6.08
C ASP B 3861 -49.60 8.57 -5.63
N MET B 3862 -49.59 9.46 -4.64
CA MET B 3862 -48.32 9.96 -4.13
C MET B 3862 -47.48 8.84 -3.53
N VAL B 3863 -48.11 7.94 -2.79
CA VAL B 3863 -47.37 6.84 -2.19
C VAL B 3863 -46.84 5.89 -3.26
N VAL B 3864 -47.60 5.70 -4.33
CA VAL B 3864 -47.11 4.87 -5.44
C VAL B 3864 -45.91 5.52 -6.09
N MET B 3865 -45.92 6.84 -6.24
CA MET B 3865 -44.75 7.53 -6.78
C MET B 3865 -43.53 7.34 -5.88
N LEU B 3866 -43.73 7.42 -4.55
CA LEU B 3866 -42.62 7.19 -3.63
C LEU B 3866 -42.08 5.76 -3.76
N LEU B 3867 -42.98 4.78 -3.86
CA LEU B 3867 -42.55 3.41 -4.05
C LEU B 3867 -41.77 3.24 -5.34
N SER B 3868 -42.17 3.95 -6.39
CA SER B 3868 -41.41 3.91 -7.64
C SER B 3868 -40.02 4.51 -7.46
N LEU B 3869 -39.92 5.58 -6.68
CA LEU B 3869 -38.61 6.14 -6.36
C LEU B 3869 -37.74 5.14 -5.61
N LEU B 3870 -38.36 4.24 -4.84
CA LEU B 3870 -37.60 3.27 -4.07
C LEU B 3870 -37.20 2.03 -4.89
N GLU B 3871 -37.57 1.94 -6.16
CA GLU B 3871 -37.21 0.78 -6.96
C GLU B 3871 -35.71 0.72 -7.19
N GLY B 3872 -35.16 -0.49 -7.17
CA GLY B 3872 -33.72 -0.65 -7.36
C GLY B 3872 -32.91 -0.01 -6.26
N ASN B 3873 -33.39 -0.09 -5.03
CA ASN B 3873 -32.78 0.57 -3.89
C ASN B 3873 -32.12 -0.47 -3.01
N VAL B 3874 -30.79 -0.40 -2.91
CA VAL B 3874 -30.02 -1.32 -2.07
C VAL B 3874 -30.25 -0.96 -0.61
N VAL B 3875 -29.85 -1.84 0.30
CA VAL B 3875 -29.93 -1.54 1.72
C VAL B 3875 -29.05 -0.33 2.02
N ASN B 3876 -29.60 0.62 2.76
CA ASN B 3876 -28.88 1.84 3.11
C ASN B 3876 -28.59 2.70 1.87
N GLY B 3877 -29.52 2.71 0.93
CA GLY B 3877 -29.35 3.52 -0.25
C GLY B 3877 -29.60 4.99 0.02
N THR B 3878 -29.20 5.83 -0.93
CA THR B 3878 -29.30 7.27 -0.74
C THR B 3878 -30.75 7.75 -0.80
N ILE B 3879 -31.51 7.25 -1.77
CA ILE B 3879 -32.90 7.71 -1.90
C ILE B 3879 -33.72 7.23 -0.72
N GLY B 3880 -33.44 6.05 -0.18
CA GLY B 3880 -34.08 5.63 1.04
C GLY B 3880 -33.79 6.56 2.20
N LYS B 3881 -32.53 6.99 2.33
CA LYS B 3881 -32.19 7.94 3.39
C LYS B 3881 -32.91 9.25 3.20
N GLN B 3882 -33.00 9.74 1.97
CA GLN B 3882 -33.73 10.98 1.71
C GLN B 3882 -35.20 10.84 2.05
N MET B 3883 -35.80 9.69 1.73
CA MET B 3883 -37.22 9.51 2.03
C MET B 3883 -37.45 9.39 3.53
N VAL B 3884 -36.54 8.74 4.25
CA VAL B 3884 -36.65 8.68 5.70
C VAL B 3884 -36.53 10.08 6.30
N ASP B 3885 -35.59 10.89 5.78
CA ASP B 3885 -35.46 12.26 6.26
C ASP B 3885 -36.72 13.07 6.00
N THR B 3886 -37.31 12.91 4.82
CA THR B 3886 -38.53 13.64 4.49
C THR B 3886 -39.68 13.22 5.37
N LEU B 3887 -39.81 11.92 5.65
CA LEU B 3887 -40.89 11.45 6.51
C LEU B 3887 -40.67 11.84 7.96
N VAL B 3888 -39.41 11.94 8.39
CA VAL B 3888 -39.10 12.42 9.73
C VAL B 3888 -39.42 13.91 9.86
N GLU B 3889 -39.16 14.67 8.80
CA GLU B 3889 -39.42 16.10 8.83
C GLU B 3889 -40.91 16.39 9.02
N SER B 3890 -41.78 15.59 8.39
CA SER B 3890 -43.22 15.74 8.52
C SER B 3890 -43.83 14.66 9.41
N SER B 3891 -43.13 14.29 10.49
CA SER B 3891 -43.55 13.17 11.31
C SER B 3891 -44.90 13.40 11.96
N THR B 3892 -45.24 14.66 12.28
CA THR B 3892 -46.54 14.93 12.88
C THR B 3892 -47.67 14.58 11.92
N ASN B 3893 -47.55 14.98 10.66
CA ASN B 3893 -48.59 14.70 9.69
C ASN B 3893 -48.64 13.22 9.34
N VAL B 3894 -47.49 12.57 9.28
CA VAL B 3894 -47.47 11.12 9.05
C VAL B 3894 -48.17 10.40 10.19
N GLU B 3895 -47.92 10.82 11.43
CA GLU B 3895 -48.58 10.20 12.57
C GLU B 3895 -50.08 10.46 12.54
N MET B 3896 -50.49 11.65 12.11
CA MET B 3896 -51.92 11.91 11.99
C MET B 3896 -52.57 11.02 10.95
N ILE B 3897 -51.88 10.81 9.82
CA ILE B 3897 -52.40 9.92 8.77
C ILE B 3897 -52.53 8.49 9.30
N LEU B 3898 -51.48 8.00 9.94
CA LEU B 3898 -51.53 6.65 10.51
C LEU B 3898 -52.59 6.54 11.59
N LYS B 3899 -52.81 7.62 12.35
CA LYS B 3899 -53.87 7.62 13.36
C LYS B 3899 -55.23 7.49 12.72
N PHE B 3900 -55.48 8.23 11.64
CA PHE B 3900 -56.72 8.10 10.89
C PHE B 3900 -56.94 6.66 10.44
N PHE B 3901 -55.93 6.07 9.80
CA PHE B 3901 -56.06 4.72 9.27
C PHE B 3901 -56.29 3.71 10.39
N ASP B 3902 -55.52 3.81 11.47
CA ASP B 3902 -55.66 2.87 12.57
C ASP B 3902 -57.04 2.97 13.22
N MET B 3903 -57.50 4.20 13.43
CA MET B 3903 -58.81 4.42 14.04
C MET B 3903 -59.92 3.83 13.18
N PHE B 3904 -59.81 3.94 11.86
CA PHE B 3904 -60.87 3.39 11.01
C PHE B 3904 -60.62 1.95 10.58
N LEU B 3905 -59.49 1.37 10.95
CA LEU B 3905 -59.26 -0.06 10.73
C LEU B 3905 -59.63 -0.90 11.93
N LYS B 3906 -59.54 -0.35 13.14
CA LYS B 3906 -60.04 -1.06 14.31
C LYS B 3906 -61.56 -1.11 14.35
N LEU B 3907 -62.23 -0.27 13.58
CA LEU B 3907 -63.67 -0.13 13.68
C LEU B 3907 -64.40 -1.39 13.29
N LYS B 3908 -63.97 -2.04 12.21
CA LYS B 3908 -64.62 -3.27 11.78
C LYS B 3908 -64.52 -4.34 12.84
N ASP B 3909 -63.35 -4.48 13.45
CA ASP B 3909 -63.17 -5.46 14.51
C ASP B 3909 -64.05 -5.14 15.72
N LEU B 3910 -64.13 -3.87 16.09
CA LEU B 3910 -64.84 -3.53 17.32
C LEU B 3910 -66.35 -3.61 17.13
N THR B 3911 -66.87 -3.20 15.98
CA THR B 3911 -68.33 -3.26 15.78
C THR B 3911 -68.82 -4.68 15.61
N SER B 3912 -67.96 -5.59 15.14
CA SER B 3912 -68.35 -6.98 14.95
C SER B 3912 -68.14 -7.83 16.19
N SER B 3913 -67.63 -7.26 17.26
CA SER B 3913 -67.40 -8.02 18.49
C SER B 3913 -68.72 -8.45 19.11
N ASP B 3914 -68.68 -9.60 19.80
CA ASP B 3914 -69.88 -10.09 20.47
C ASP B 3914 -70.37 -9.12 21.52
N THR B 3915 -69.46 -8.34 22.12
CA THR B 3915 -69.87 -7.31 23.06
C THR B 3915 -70.79 -6.30 22.38
N PHE B 3916 -70.44 -5.89 21.15
CA PHE B 3916 -71.28 -4.95 20.43
C PHE B 3916 -72.64 -5.55 20.12
N LYS B 3917 -72.68 -6.82 19.73
CA LYS B 3917 -73.95 -7.50 19.51
C LYS B 3917 -74.79 -7.50 20.77
N GLU B 3918 -74.14 -7.65 21.94
CA GLU B 3918 -74.86 -7.50 23.20
C GLU B 3918 -75.40 -6.08 23.35
N TYR B 3919 -74.60 -5.08 22.98
CA TYR B 3919 -75.05 -3.69 23.08
C TYR B 3919 -76.14 -3.35 22.09
N ASP B 3920 -76.36 -4.17 21.07
CA ASP B 3920 -77.45 -3.99 20.12
C ASP B 3920 -78.15 -5.34 19.95
N PRO B 3921 -78.97 -5.74 20.92
CA PRO B 3921 -79.60 -7.07 20.85
C PRO B 3921 -80.48 -7.26 19.63
N ASP B 3922 -81.16 -6.20 19.17
CA ASP B 3922 -82.01 -6.32 18.01
C ASP B 3922 -81.22 -6.68 16.76
N GLY B 3923 -80.04 -6.08 16.59
CA GLY B 3923 -79.26 -6.28 15.40
C GLY B 3923 -79.90 -5.71 14.15
N LYS B 3924 -80.49 -4.52 14.26
CA LYS B 3924 -81.13 -3.86 13.12
C LYS B 3924 -80.19 -2.92 12.38
N GLY B 3925 -78.92 -2.85 12.78
CA GLY B 3925 -78.00 -1.92 12.16
C GLY B 3925 -78.15 -0.49 12.61
N ILE B 3926 -78.74 -0.26 13.78
CA ILE B 3926 -78.95 1.08 14.32
C ILE B 3926 -78.61 1.07 15.79
N ILE B 3927 -78.00 2.16 16.27
CA ILE B 3927 -77.63 2.28 17.67
C ILE B 3927 -77.54 3.76 18.02
N SER B 3928 -77.86 4.08 19.28
CA SER B 3928 -77.76 5.44 19.77
C SER B 3928 -76.30 5.85 19.93
N LYS B 3929 -76.07 7.16 19.95
CA LYS B 3929 -74.73 7.67 20.14
C LYS B 3929 -74.20 7.32 21.52
N LYS B 3930 -75.04 7.43 22.55
CA LYS B 3930 -74.59 7.11 23.90
C LYS B 3930 -74.22 5.63 24.02
N GLU B 3931 -75.03 4.75 23.42
CA GLU B 3931 -74.73 3.33 23.50
C GLU B 3931 -73.51 2.97 22.67
N PHE B 3932 -73.33 3.62 21.52
CA PHE B 3932 -72.12 3.42 20.73
C PHE B 3932 -70.88 3.87 21.51
N GLN B 3933 -70.97 5.01 22.18
CA GLN B 3933 -69.86 5.48 23.01
C GLN B 3933 -69.58 4.50 24.13
N LYS B 3934 -70.63 3.97 24.76
CA LYS B 3934 -70.44 3.00 25.84
C LYS B 3934 -69.78 1.73 25.31
N ALA B 3935 -70.17 1.28 24.11
CA ALA B 3935 -69.53 0.12 23.52
C ALA B 3935 -68.05 0.37 23.25
N MET B 3936 -67.73 1.54 22.69
CA MET B 3936 -66.33 1.85 22.43
C MET B 3936 -65.53 1.91 23.73
N GLU B 3937 -66.12 2.48 24.78
CA GLU B 3937 -65.45 2.52 26.07
C GLU B 3937 -65.25 1.12 26.64
N GLY B 3938 -66.26 0.26 26.50
CA GLY B 3938 -66.15 -1.11 27.00
C GLY B 3938 -65.10 -1.92 26.27
N GLN B 3939 -64.91 -1.66 24.97
CA GLN B 3939 -63.87 -2.38 24.23
C GLN B 3939 -62.49 -2.10 24.81
N LYS B 3940 -62.24 -0.86 25.21
CA LYS B 3940 -60.99 -0.45 25.85
C LYS B 3940 -59.83 -0.41 24.86
N GLN B 3941 -60.11 -0.16 23.59
CA GLN B 3941 -59.08 0.01 22.57
C GLN B 3941 -59.00 1.43 22.03
N TYR B 3942 -60.08 2.18 22.08
CA TYR B 3942 -60.10 3.57 21.65
C TYR B 3942 -59.92 4.49 22.85
N THR B 3943 -59.10 5.52 22.68
CA THR B 3943 -58.97 6.54 23.70
C THR B 3943 -60.18 7.46 23.66
N GLN B 3944 -60.15 8.54 24.46
CA GLN B 3944 -61.27 9.46 24.49
C GLN B 3944 -61.29 10.34 23.25
N SER B 3945 -60.13 10.79 22.79
CA SER B 3945 -60.07 11.61 21.59
C SER B 3945 -60.60 10.82 20.38
N GLU B 3946 -60.18 9.56 20.26
CA GLU B 3946 -60.66 8.73 19.15
C GLU B 3946 -62.16 8.55 19.21
N ILE B 3947 -62.70 8.32 20.41
CA ILE B 3947 -64.15 8.13 20.55
C ILE B 3947 -64.91 9.41 20.18
N ASP B 3948 -64.41 10.55 20.65
CA ASP B 3948 -65.05 11.82 20.30
C ASP B 3948 -65.01 12.05 18.79
N PHE B 3949 -63.87 11.75 18.17
CA PHE B 3949 -63.76 11.90 16.71
C PHE B 3949 -64.74 11.00 15.99
N LEU B 3950 -64.84 9.74 16.40
CA LEU B 3950 -65.75 8.82 15.75
C LEU B 3950 -67.20 9.27 15.91
N LEU B 3951 -67.56 9.76 17.10
CA LEU B 3951 -68.91 10.27 17.30
C LEU B 3951 -69.18 11.48 16.41
N SER B 3952 -68.20 12.38 16.28
CA SER B 3952 -68.38 13.53 15.41
C SER B 3952 -68.56 13.11 13.96
N CYS B 3953 -67.85 12.06 13.54
CA CYS B 3953 -68.02 11.57 12.18
C CYS B 3953 -69.42 11.02 11.95
N ALA B 3954 -69.94 10.27 12.92
CA ALA B 3954 -71.22 9.58 12.75
C ALA B 3954 -72.36 10.58 12.55
N GLU B 3955 -73.19 10.30 11.54
CA GLU B 3955 -74.31 11.17 11.18
C GLU B 3955 -75.55 10.63 11.90
N ALA B 3956 -75.81 11.15 13.09
CA ALA B 3956 -76.89 10.66 13.92
C ALA B 3956 -78.24 11.13 13.37
N ASP B 3957 -79.30 10.74 14.07
CA ASP B 3957 -80.66 11.10 13.72
C ASP B 3957 -81.20 12.13 14.71
N GLU B 3958 -82.44 12.57 14.49
CA GLU B 3958 -83.09 13.43 15.47
C GLU B 3958 -83.26 12.72 16.81
N ASN B 3959 -83.35 11.40 16.80
CA ASN B 3959 -83.43 10.59 18.01
C ASN B 3959 -82.05 10.24 18.55
N ASP B 3960 -80.98 10.75 17.93
CA ASP B 3960 -79.61 10.48 18.34
C ASP B 3960 -79.22 9.03 18.03
N MET B 3961 -79.63 8.55 16.86
CA MET B 3961 -79.29 7.21 16.40
C MET B 3961 -78.74 7.27 14.97
N PHE B 3962 -77.87 6.32 14.65
CA PHE B 3962 -77.28 6.25 13.33
C PHE B 3962 -77.04 4.79 12.97
N ASN B 3963 -77.11 4.49 11.68
CA ASN B 3963 -76.88 3.13 11.18
C ASN B 3963 -75.38 2.90 11.15
N TYR B 3964 -74.86 2.22 12.19
CA TYR B 3964 -73.41 2.04 12.28
C TYR B 3964 -72.87 1.13 11.19
N VAL B 3965 -73.71 0.29 10.59
CA VAL B 3965 -73.25 -0.55 9.48
C VAL B 3965 -72.82 0.32 8.31
N ASP B 3966 -73.63 1.32 7.98
CA ASP B 3966 -73.26 2.23 6.89
C ASP B 3966 -72.07 3.10 7.27
N PHE B 3967 -71.97 3.48 8.55
CA PHE B 3967 -70.79 4.21 9.03
C PHE B 3967 -69.52 3.41 8.77
N VAL B 3968 -69.52 2.15 9.16
CA VAL B 3968 -68.36 1.30 8.94
C VAL B 3968 -68.12 1.08 7.46
N ASP B 3969 -69.17 0.83 6.69
CA ASP B 3969 -68.99 0.66 5.25
C ASP B 3969 -68.40 1.89 4.60
N ARG B 3970 -68.72 3.07 5.12
CA ARG B 3970 -68.22 4.32 4.53
C ARG B 3970 -66.77 4.56 4.90
N PHE B 3971 -66.36 4.22 6.12
CA PHE B 3971 -65.02 4.62 6.56
C PHE B 3971 -63.99 3.49 6.56
N HIS B 3972 -64.39 2.25 6.81
CA HIS B 3972 -63.43 1.16 6.91
C HIS B 3972 -62.92 0.73 5.55
N GLU B 3973 -63.81 0.65 4.55
CA GLU B 3973 -63.41 0.18 3.24
C GLU B 3973 -62.38 1.07 2.57
N PRO B 3974 -62.58 2.38 2.46
CA PRO B 3974 -61.52 3.23 1.90
C PRO B 3974 -60.22 3.16 2.67
N ALA B 3975 -60.29 3.08 4.00
CA ALA B 3975 -59.07 2.93 4.79
C ALA B 3975 -58.37 1.63 4.46
N LYS B 3976 -59.12 0.53 4.36
CA LYS B 3976 -58.49 -0.75 4.03
C LYS B 3976 -57.94 -0.75 2.62
N ASP B 3977 -58.50 0.07 1.72
CA ASP B 3977 -58.00 0.15 0.36
C ASP B 3977 -56.72 0.97 0.27
N ILE B 3978 -56.64 2.06 1.03
CA ILE B 3978 -55.58 3.04 0.82
C ILE B 3978 -54.43 2.88 1.81
N GLY B 3979 -54.69 2.29 2.97
CA GLY B 3979 -53.65 2.14 3.97
C GLY B 3979 -52.63 1.08 3.64
N PHE B 3980 -52.96 0.17 2.73
CA PHE B 3980 -52.01 -0.87 2.36
C PHE B 3980 -50.77 -0.27 1.72
N ASN B 3981 -50.93 0.79 0.93
CA ASN B 3981 -49.78 1.42 0.30
C ASN B 3981 -48.86 2.04 1.34
N VAL B 3982 -49.42 2.70 2.36
CA VAL B 3982 -48.61 3.24 3.44
C VAL B 3982 -47.90 2.12 4.18
N ALA B 3983 -48.60 1.01 4.41
CA ALA B 3983 -47.98 -0.13 5.08
C ALA B 3983 -46.82 -0.67 4.25
N VAL B 3984 -46.98 -0.78 2.93
CA VAL B 3984 -45.91 -1.28 2.08
C VAL B 3984 -44.74 -0.31 2.05
N LEU B 3985 -45.02 0.99 2.04
CA LEU B 3985 -43.95 1.98 2.07
C LEU B 3985 -43.14 1.86 3.34
N LEU B 3986 -43.82 1.78 4.48
CA LEU B 3986 -43.12 1.69 5.76
C LEU B 3986 -42.37 0.38 5.89
N THR B 3987 -42.95 -0.72 5.39
CA THR B 3987 -42.25 -2.01 5.41
C THR B 3987 -41.01 -1.97 4.54
N ASN B 3988 -41.12 -1.38 3.35
CA ASN B 3988 -39.98 -1.25 2.45
C ASN B 3988 -38.86 -0.48 3.12
N LEU B 3989 -39.20 0.67 3.71
CA LEU B 3989 -38.18 1.47 4.38
C LEU B 3989 -37.57 0.75 5.56
N SER B 3990 -38.40 0.06 6.36
CA SER B 3990 -37.88 -0.65 7.52
C SER B 3990 -36.90 -1.74 7.11
N GLU B 3991 -37.21 -2.47 6.05
CA GLU B 3991 -36.36 -3.57 5.64
C GLU B 3991 -35.10 -3.09 4.93
N HIS B 3992 -35.16 -1.95 4.25
CA HIS B 3992 -34.00 -1.43 3.54
C HIS B 3992 -33.24 -0.37 4.31
N MET B 3993 -33.68 -0.01 5.50
CA MET B 3993 -32.93 0.86 6.42
C MET B 3993 -32.97 0.24 7.80
N PRO B 3994 -32.38 -0.95 7.97
CA PRO B 3994 -32.61 -1.73 9.20
C PRO B 3994 -31.90 -1.18 10.42
N ASN B 3995 -31.03 -0.18 10.27
CA ASN B 3995 -30.20 0.32 11.35
C ASN B 3995 -30.42 1.80 11.55
N ASP B 3996 -31.68 2.21 11.61
CA ASP B 3996 -32.05 3.61 11.72
C ASP B 3996 -32.95 3.80 12.93
N SER B 3997 -32.73 4.91 13.65
CA SER B 3997 -33.47 5.19 14.87
C SER B 3997 -34.69 6.08 14.61
N ARG B 3998 -34.54 7.08 13.76
CA ARG B 3998 -35.67 7.93 13.40
C ARG B 3998 -36.76 7.12 12.73
N LEU B 3999 -36.37 6.18 11.87
CA LEU B 3999 -37.35 5.32 11.21
C LEU B 3999 -38.13 4.50 12.22
N LYS B 4000 -37.44 3.98 13.25
CA LYS B 4000 -38.15 3.22 14.28
C LYS B 4000 -39.08 4.11 15.08
N CYS B 4001 -38.65 5.33 15.41
CA CYS B 4001 -39.50 6.26 16.13
C CYS B 4001 -40.71 6.66 15.30
N LEU B 4002 -40.60 6.56 13.98
CA LEU B 4002 -41.76 6.80 13.12
C LEU B 4002 -42.63 5.56 12.95
N LEU B 4003 -42.03 4.37 13.02
CA LEU B 4003 -42.76 3.12 12.84
C LEU B 4003 -43.57 2.75 14.07
N ASP B 4004 -43.13 3.15 15.26
CA ASP B 4004 -43.85 2.82 16.49
C ASP B 4004 -45.33 3.23 16.44
N PRO B 4005 -45.70 4.42 15.99
CA PRO B 4005 -47.12 4.74 15.83
C PRO B 4005 -47.85 3.86 14.83
N ALA B 4006 -47.12 3.20 13.92
CA ALA B 4006 -47.71 2.45 12.83
C ALA B 4006 -47.78 0.95 13.10
N GLY B 4007 -47.53 0.53 14.33
CA GLY B 4007 -47.56 -0.89 14.63
C GLY B 4007 -48.95 -1.49 14.47
N SER B 4008 -49.99 -0.74 14.87
CA SER B 4008 -51.35 -1.22 14.76
C SER B 4008 -51.89 -1.19 13.33
N VAL B 4009 -51.20 -0.50 12.42
CA VAL B 4009 -51.56 -0.53 11.01
C VAL B 4009 -50.79 -1.63 10.29
N LEU B 4010 -49.48 -1.71 10.51
CA LEU B 4010 -48.68 -2.75 9.89
C LEU B 4010 -49.12 -4.15 10.32
N ASN B 4011 -49.66 -4.27 11.53
CA ASN B 4011 -50.15 -5.56 11.99
C ASN B 4011 -51.50 -5.92 11.40
N TYR B 4012 -52.23 -4.95 10.84
CA TYR B 4012 -53.48 -5.27 10.16
C TYR B 4012 -53.23 -5.86 8.77
N PHE B 4013 -52.17 -5.43 8.10
CA PHE B 4013 -51.90 -5.84 6.73
C PHE B 4013 -50.85 -6.94 6.64
N GLU B 4014 -50.49 -7.55 7.75
CA GLU B 4014 -49.59 -8.71 7.68
C GLU B 4014 -50.18 -9.85 6.88
N PRO B 4015 -51.44 -10.25 7.09
CA PRO B 4015 -52.03 -11.29 6.22
C PRO B 4015 -52.11 -10.88 4.76
N TYR B 4016 -52.32 -9.60 4.47
CA TYR B 4016 -52.55 -9.12 3.11
C TYR B 4016 -51.28 -8.64 2.42
N LEU B 4017 -50.15 -8.68 3.10
CA LEU B 4017 -48.88 -8.23 2.53
C LEU B 4017 -48.08 -9.46 2.14
N GLY B 4018 -47.78 -9.58 0.85
CA GLY B 4018 -47.01 -10.68 0.33
C GLY B 4018 -45.62 -10.20 -0.06
N ARG B 4019 -44.62 -10.97 0.35
CA ARG B 4019 -43.23 -10.68 0.05
C ARG B 4019 -42.65 -11.82 -0.75
N ILE B 4020 -41.89 -11.49 -1.79
CA ILE B 4020 -41.07 -12.48 -2.48
C ILE B 4020 -39.72 -11.84 -2.80
N GLU B 4021 -38.79 -12.66 -3.24
CA GLU B 4021 -37.48 -12.19 -3.66
C GLU B 4021 -37.22 -12.67 -5.07
N ILE B 4022 -36.76 -11.78 -5.93
CA ILE B 4022 -36.51 -12.09 -7.33
C ILE B 4022 -35.12 -11.59 -7.69
N MET B 4023 -34.41 -12.36 -8.51
CA MET B 4023 -33.18 -11.86 -9.09
C MET B 4023 -33.51 -10.74 -10.06
N GLY B 4024 -33.21 -9.51 -9.68
CA GLY B 4024 -33.63 -8.35 -10.44
C GLY B 4024 -32.81 -8.14 -11.70
N GLY B 4025 -33.11 -7.03 -12.38
CA GLY B 4025 -32.44 -6.70 -13.61
C GLY B 4025 -31.02 -6.22 -13.45
N ALA B 4026 -30.69 -5.67 -12.27
CA ALA B 4026 -29.35 -5.16 -12.00
C ALA B 4026 -28.41 -6.25 -11.50
N LYS B 4027 -28.74 -7.52 -11.71
CA LYS B 4027 -27.94 -8.63 -11.23
C LYS B 4027 -27.87 -8.67 -9.70
N LYS B 4028 -28.94 -8.22 -9.04
CA LYS B 4028 -29.02 -8.27 -7.59
C LYS B 4028 -30.39 -8.79 -7.18
N ILE B 4029 -30.42 -9.51 -6.06
CA ILE B 4029 -31.69 -9.95 -5.49
C ILE B 4029 -32.44 -8.74 -4.97
N GLU B 4030 -33.74 -8.68 -5.26
CA GLU B 4030 -34.60 -7.60 -4.85
C GLU B 4030 -35.84 -8.17 -4.19
N ARG B 4031 -36.40 -7.44 -3.25
CA ARG B 4031 -37.61 -7.85 -2.57
C ARG B 4031 -38.82 -7.15 -3.17
N VAL B 4032 -39.85 -7.92 -3.48
CA VAL B 4032 -41.09 -7.43 -4.09
C VAL B 4032 -42.20 -7.58 -3.08
N TYR B 4033 -42.93 -6.49 -2.85
CA TYR B 4033 -44.09 -6.45 -1.97
C TYR B 4033 -45.34 -6.28 -2.81
N PHE B 4034 -46.38 -7.04 -2.49
CA PHE B 4034 -47.62 -6.99 -3.24
C PHE B 4034 -48.78 -7.31 -2.31
N GLU B 4035 -50.00 -7.22 -2.84
CA GLU B 4035 -51.19 -7.44 -2.05
C GLU B 4035 -51.78 -8.81 -2.32
N ILE B 4036 -52.32 -9.43 -1.27
CA ILE B 4036 -52.93 -10.74 -1.33
C ILE B 4036 -54.37 -10.60 -0.86
N SER B 4037 -55.31 -11.04 -1.69
CA SER B 4037 -56.72 -10.96 -1.33
C SER B 4037 -57.09 -12.10 -0.39
N GLU B 4038 -58.11 -11.87 0.43
CA GLU B 4038 -58.53 -12.89 1.39
C GLU B 4038 -59.06 -14.12 0.69
N SER B 4039 -59.76 -13.94 -0.44
CA SER B 4039 -60.26 -15.08 -1.19
C SER B 4039 -59.12 -15.96 -1.68
N SER B 4040 -57.95 -15.38 -1.95
CA SER B 4040 -56.81 -16.18 -2.37
C SER B 4040 -56.40 -17.15 -1.28
N ARG B 4041 -56.30 -16.68 -0.03
CA ARG B 4041 -56.00 -17.57 1.08
C ARG B 4041 -57.10 -18.60 1.25
N THR B 4042 -58.36 -18.17 1.16
CA THR B 4042 -59.48 -19.07 1.36
C THR B 4042 -59.45 -20.22 0.36
N GLN B 4043 -59.14 -19.93 -0.90
CA GLN B 4043 -59.07 -20.97 -1.91
C GLN B 4043 -57.79 -21.79 -1.78
N TRP B 4044 -56.71 -21.19 -1.31
CA TRP B 4044 -55.48 -21.93 -1.07
C TRP B 4044 -55.62 -22.93 0.06
N GLU B 4045 -56.61 -22.73 0.94
CA GLU B 4045 -56.83 -23.64 2.06
C GLU B 4045 -57.85 -24.73 1.75
N LYS B 4046 -58.35 -24.83 0.52
CA LYS B 4046 -59.35 -25.84 0.20
C LYS B 4046 -58.72 -27.24 0.20
N PRO B 4047 -59.54 -28.28 0.39
CA PRO B 4047 -58.99 -29.64 0.42
C PRO B 4047 -58.42 -30.11 -0.91
N GLN B 4048 -59.12 -29.88 -2.03
CA GLN B 4048 -58.60 -30.33 -3.31
C GLN B 4048 -57.31 -29.61 -3.67
N VAL B 4049 -57.23 -28.32 -3.36
CA VAL B 4049 -56.01 -27.57 -3.66
C VAL B 4049 -54.84 -28.10 -2.84
N LYS B 4050 -55.09 -28.42 -1.57
CA LYS B 4050 -54.03 -28.98 -0.73
C LYS B 4050 -53.61 -30.35 -1.25
N GLU B 4051 -54.55 -31.16 -1.72
CA GLU B 4051 -54.21 -32.44 -2.32
C GLU B 4051 -53.30 -32.25 -3.54
N SER B 4052 -53.66 -31.31 -4.41
CA SER B 4052 -52.84 -31.04 -5.59
C SER B 4052 -51.45 -30.56 -5.20
N LYS B 4053 -51.37 -29.70 -4.18
CA LYS B 4053 -50.08 -29.21 -3.73
C LYS B 4053 -49.22 -30.35 -3.19
N ARG B 4054 -49.81 -31.24 -2.40
CA ARG B 4054 -49.05 -32.36 -1.84
C ARG B 4054 -48.53 -33.27 -2.94
N GLN B 4055 -49.39 -33.58 -3.91
CA GLN B 4055 -48.96 -34.43 -5.03
C GLN B 4055 -47.82 -33.77 -5.79
N PHE B 4056 -47.95 -32.46 -6.06
CA PHE B 4056 -46.90 -31.77 -6.80
C PHE B 4056 -45.59 -31.77 -6.03
N ILE B 4057 -45.64 -31.52 -4.72
CA ILE B 4057 -44.42 -31.43 -3.94
C ILE B 4057 -43.71 -32.77 -3.93
N PHE B 4058 -44.47 -33.86 -3.74
CA PHE B 4058 -43.84 -35.18 -3.73
C PHE B 4058 -43.24 -35.50 -5.11
N ASP B 4059 -43.96 -35.20 -6.18
CA ASP B 4059 -43.46 -35.52 -7.51
C ASP B 4059 -42.20 -34.73 -7.82
N VAL B 4060 -42.22 -33.41 -7.58
CA VAL B 4060 -41.10 -32.58 -7.99
C VAL B 4060 -39.88 -32.84 -7.13
N VAL B 4061 -40.05 -32.97 -5.81
CA VAL B 4061 -38.90 -33.15 -4.94
C VAL B 4061 -38.28 -34.53 -5.13
N ASN B 4062 -39.11 -35.56 -5.26
CA ASN B 4062 -38.59 -36.92 -5.37
C ASN B 4062 -37.95 -37.17 -6.73
N GLU B 4063 -38.61 -36.74 -7.81
CA GLU B 4063 -38.18 -37.07 -9.16
C GLU B 4063 -38.07 -35.89 -10.10
N GLY B 4064 -38.49 -34.69 -9.68
CA GLY B 4064 -38.48 -33.55 -10.58
C GLY B 4064 -37.09 -33.18 -11.05
N GLY B 4065 -36.12 -33.23 -10.16
CA GLY B 4065 -34.76 -32.85 -10.53
C GLY B 4065 -34.51 -31.36 -10.36
N GLU B 4066 -33.25 -31.02 -10.12
CA GLU B 4066 -32.89 -29.62 -9.94
C GLU B 4066 -33.16 -28.81 -11.21
N GLN B 4067 -32.84 -29.37 -12.36
CA GLN B 4067 -33.18 -28.75 -13.63
C GLN B 4067 -34.63 -29.05 -13.98
N GLU B 4068 -35.32 -28.06 -14.53
CA GLU B 4068 -36.72 -28.07 -14.92
C GLU B 4068 -37.65 -27.99 -13.71
N LYS B 4069 -37.13 -27.85 -12.49
CA LYS B 4069 -37.99 -27.74 -11.33
C LYS B 4069 -38.86 -26.49 -11.38
N MET B 4070 -38.30 -25.38 -11.87
CA MET B 4070 -39.07 -24.14 -11.92
C MET B 4070 -40.11 -24.13 -13.03
N GLU B 4071 -39.84 -24.79 -14.15
CA GLU B 4071 -40.87 -24.96 -15.17
C GLU B 4071 -42.05 -25.75 -14.62
N LEU B 4072 -41.76 -26.84 -13.91
CA LEU B 4072 -42.81 -27.61 -13.28
C LEU B 4072 -43.56 -26.80 -12.24
N PHE B 4073 -42.83 -25.98 -11.47
CA PHE B 4073 -43.48 -25.15 -10.47
C PHE B 4073 -44.41 -24.13 -11.10
N VAL B 4074 -43.99 -23.53 -12.22
CA VAL B 4074 -44.85 -22.55 -12.88
C VAL B 4074 -46.08 -23.23 -13.46
N ASN B 4075 -45.91 -24.43 -14.03
CA ASN B 4075 -47.06 -25.17 -14.50
C ASN B 4075 -48.02 -25.48 -13.37
N PHE B 4076 -47.48 -25.87 -12.22
CA PHE B 4076 -48.31 -26.09 -11.04
C PHE B 4076 -49.04 -24.83 -10.63
N CYS B 4077 -48.36 -23.69 -10.72
CA CYS B 4077 -48.99 -22.43 -10.34
C CYS B 4077 -50.16 -22.11 -11.25
N GLU B 4078 -50.00 -22.32 -12.56
CA GLU B 4078 -51.11 -22.07 -13.48
C GLU B 4078 -52.27 -23.01 -13.21
N ASP B 4079 -51.98 -24.30 -13.01
CA ASP B 4079 -53.04 -25.27 -12.73
C ASP B 4079 -53.74 -24.94 -11.43
N THR B 4080 -53.00 -24.47 -10.42
CA THR B 4080 -53.59 -24.15 -9.14
C THR B 4080 -54.41 -22.86 -9.20
N ILE B 4081 -54.00 -21.91 -10.03
CA ILE B 4081 -54.83 -20.73 -10.24
C ILE B 4081 -56.16 -21.13 -10.85
N PHE B 4082 -56.13 -22.03 -11.83
CA PHE B 4082 -57.40 -22.53 -12.37
C PHE B 4082 -58.21 -23.28 -11.31
N GLU B 4083 -57.55 -24.10 -10.51
CA GLU B 4083 -58.26 -24.85 -9.47
C GLU B 4083 -58.91 -23.91 -8.47
N MET B 4084 -58.21 -22.85 -8.08
CA MET B 4084 -58.76 -21.90 -7.13
C MET B 4084 -59.92 -21.12 -7.72
N GLN B 4085 -59.83 -20.75 -9.00
CA GLN B 4085 -60.99 -20.13 -9.65
C GLN B 4085 -62.19 -21.08 -9.66
N LEU B 4086 -61.94 -22.35 -9.99
CA LEU B 4086 -63.03 -23.33 -10.01
C LEU B 4086 -63.62 -23.55 -8.63
N ALA B 4087 -62.77 -23.57 -7.60
CA ALA B 4087 -63.26 -23.73 -6.24
C ALA B 4087 -64.06 -22.52 -5.78
N SER B 4088 -63.66 -21.32 -6.20
CA SER B 4088 -64.48 -20.15 -5.92
C SER B 4088 -65.83 -20.24 -6.60
N GLN B 4089 -65.86 -20.73 -7.84
CA GLN B 4089 -67.14 -20.92 -8.51
C GLN B 4089 -68.00 -21.95 -7.79
N ILE B 4090 -67.40 -23.05 -7.34
CA ILE B 4090 -68.15 -24.14 -6.74
C ILE B 4090 -68.70 -23.74 -5.37
N SER B 4091 -67.91 -23.01 -4.58
CA SER B 4091 -68.30 -22.68 -3.23
C SER B 4091 -69.55 -21.81 -3.22
N GLU B 4092 -70.39 -22.01 -2.22
CA GLU B 4092 -71.63 -21.27 -2.08
C GLU B 4092 -71.37 -19.79 -1.81
N ASN B 4379 -89.89 -18.53 -14.39
CA ASN B 4379 -89.81 -19.06 -15.74
C ASN B 4379 -89.35 -20.51 -15.74
N PHE B 4380 -90.31 -21.42 -15.73
CA PHE B 4380 -89.99 -22.85 -15.73
C PHE B 4380 -89.31 -23.23 -17.04
N PHE B 4381 -88.50 -24.29 -16.98
CA PHE B 4381 -87.69 -24.80 -18.09
C PHE B 4381 -86.49 -23.91 -18.38
N LYS B 4382 -86.36 -22.76 -17.72
CA LYS B 4382 -85.18 -21.91 -17.87
C LYS B 4382 -84.65 -21.56 -16.49
N GLY B 4383 -85.52 -21.53 -15.49
CA GLY B 4383 -85.10 -21.32 -14.12
C GLY B 4383 -84.57 -22.55 -13.42
N LEU B 4384 -84.79 -23.73 -14.00
CA LEU B 4384 -84.26 -24.97 -13.46
C LEU B 4384 -82.74 -25.03 -13.54
N GLU B 4385 -82.12 -24.20 -14.38
CA GLU B 4385 -80.67 -24.21 -14.51
C GLU B 4385 -80.00 -23.88 -13.19
N ILE B 4386 -80.57 -22.95 -12.43
CA ILE B 4386 -79.98 -22.58 -11.14
C ILE B 4386 -80.00 -23.76 -10.19
N TYR B 4387 -81.13 -24.49 -10.13
CA TYR B 4387 -81.21 -25.65 -9.24
C TYR B 4387 -80.26 -26.76 -9.67
N GLN B 4388 -80.16 -27.01 -10.99
CA GLN B 4388 -79.23 -28.02 -11.46
C GLN B 4388 -77.80 -27.65 -11.11
N THR B 4389 -77.43 -26.38 -11.30
CA THR B 4389 -76.08 -25.93 -10.98
C THR B 4389 -75.82 -26.04 -9.49
N LYS B 4390 -76.81 -25.70 -8.66
CA LYS B 4390 -76.64 -25.85 -7.21
C LYS B 4390 -76.41 -27.30 -6.83
N LEU B 4391 -77.19 -28.22 -7.43
CA LEU B 4391 -76.99 -29.63 -7.15
C LEU B 4391 -75.61 -30.11 -7.56
N LEU B 4392 -75.16 -29.69 -8.75
CA LEU B 4392 -73.84 -30.11 -9.22
C LEU B 4392 -72.74 -29.56 -8.33
N HIS B 4393 -72.86 -28.30 -7.90
CA HIS B 4393 -71.86 -27.74 -7.01
C HIS B 4393 -71.87 -28.46 -5.67
N TYR B 4394 -73.04 -28.81 -5.16
CA TYR B 4394 -73.11 -29.55 -3.90
C TYR B 4394 -72.43 -30.90 -4.03
N LEU B 4395 -72.67 -31.61 -5.12
CA LEU B 4395 -72.01 -32.89 -5.32
C LEU B 4395 -70.51 -32.72 -5.44
N ALA B 4396 -70.05 -31.72 -6.19
CA ALA B 4396 -68.63 -31.52 -6.39
C ALA B 4396 -67.93 -31.06 -5.12
N ARG B 4397 -68.67 -30.42 -4.22
CA ARG B 4397 -68.10 -29.87 -3.00
C ARG B 4397 -67.99 -30.88 -1.87
N ASN B 4398 -68.62 -32.04 -2.01
CA ASN B 4398 -68.65 -33.07 -0.97
C ASN B 4398 -68.22 -34.42 -1.53
N PHE B 4399 -67.26 -34.40 -2.46
CA PHE B 4399 -66.82 -35.64 -3.09
C PHE B 4399 -66.16 -36.58 -2.08
N TYR B 4400 -65.30 -36.04 -1.23
CA TYR B 4400 -64.57 -36.88 -0.28
C TYR B 4400 -65.49 -37.40 0.82
N ASN B 4401 -66.43 -36.59 1.27
CA ASN B 4401 -67.41 -37.05 2.24
C ASN B 4401 -68.24 -38.19 1.67
N LEU B 4402 -68.66 -38.07 0.41
CA LEU B 4402 -69.40 -39.14 -0.22
C LEU B 4402 -68.56 -40.40 -0.36
N ARG B 4403 -67.26 -40.24 -0.64
CA ARG B 4403 -66.37 -41.40 -0.70
C ARG B 4403 -66.31 -42.13 0.64
N PHE B 4404 -66.14 -41.38 1.73
CA PHE B 4404 -66.13 -41.99 3.06
C PHE B 4404 -67.45 -42.68 3.36
N LEU B 4405 -68.57 -42.04 3.00
CA LEU B 4405 -69.87 -42.64 3.26
C LEU B 4405 -70.05 -43.93 2.47
N ALA B 4406 -69.59 -43.96 1.23
CA ALA B 4406 -69.66 -45.18 0.44
C ALA B 4406 -68.83 -46.29 1.06
N LEU B 4407 -67.64 -45.95 1.58
CA LEU B 4407 -66.83 -46.95 2.26
C LEU B 4407 -67.56 -47.52 3.47
N PHE B 4408 -68.18 -46.65 4.27
CA PHE B 4408 -68.93 -47.11 5.44
C PHE B 4408 -70.08 -48.03 5.03
N VAL B 4409 -70.81 -47.65 3.97
CA VAL B 4409 -71.94 -48.46 3.52
C VAL B 4409 -71.47 -49.82 3.03
N ALA B 4410 -70.34 -49.87 2.32
CA ALA B 4410 -69.81 -51.14 1.85
C ALA B 4410 -69.41 -52.03 3.04
N PHE B 4411 -68.79 -51.43 4.06
CA PHE B 4411 -68.45 -52.21 5.24
C PHE B 4411 -69.69 -52.77 5.91
N ALA B 4412 -70.75 -51.97 6.01
CA ALA B 4412 -71.99 -52.47 6.60
C ALA B 4412 -72.57 -53.61 5.78
N ILE B 4413 -72.55 -53.49 4.45
CA ILE B 4413 -73.10 -54.53 3.59
C ILE B 4413 -72.32 -55.83 3.76
N ASN B 4414 -71.00 -55.74 3.85
CA ASN B 4414 -70.21 -56.96 4.00
C ASN B 4414 -70.35 -57.56 5.39
N PHE B 4415 -70.50 -56.73 6.41
CA PHE B 4415 -70.83 -57.24 7.73
C PHE B 4415 -72.13 -58.01 7.70
N ILE B 4416 -73.13 -57.52 6.97
CA ILE B 4416 -74.38 -58.26 6.83
C ILE B 4416 -74.16 -59.54 6.04
N LEU B 4417 -73.31 -59.49 5.01
CA LEU B 4417 -73.03 -60.68 4.20
C LEU B 4417 -72.33 -61.77 4.98
N LEU B 4418 -71.65 -61.42 6.08
CA LEU B 4418 -71.00 -62.44 6.89
C LEU B 4418 -71.98 -63.41 7.54
N PHE B 4419 -73.27 -63.11 7.54
CA PHE B 4419 -74.26 -63.97 8.16
C PHE B 4419 -74.96 -64.89 7.15
N TYR B 4420 -74.48 -64.96 5.93
CA TYR B 4420 -75.07 -65.86 4.96
C TYR B 4420 -74.75 -67.30 5.32
N LYS B 4421 -75.58 -68.21 4.83
CA LYS B 4421 -75.31 -69.63 4.93
C LYS B 4421 -76.04 -70.32 3.80
N VAL B 4422 -75.66 -71.55 3.52
CA VAL B 4422 -76.20 -72.30 2.40
C VAL B 4422 -77.03 -73.45 2.95
N THR B 4423 -78.26 -73.57 2.46
CA THR B 4423 -79.18 -74.60 2.92
C THR B 4423 -79.77 -75.31 1.72
N GLU B 4424 -79.79 -76.65 1.78
CA GLU B 4424 -80.38 -77.44 0.71
C GLU B 4424 -81.90 -77.33 0.73
N GLU B 4425 -82.50 -77.23 1.91
CA GLU B 4425 -83.93 -77.07 2.06
C GLU B 4425 -84.35 -75.63 1.76
N ALA B 4449 -78.17 -81.26 -5.14
CA ALA B 4449 -79.56 -80.92 -5.41
C ALA B 4449 -79.71 -79.42 -5.61
N MET B 4450 -80.32 -78.75 -4.63
CA MET B 4450 -80.54 -77.32 -4.67
C MET B 4450 -79.88 -76.67 -3.47
N VAL B 4451 -79.19 -75.56 -3.72
CA VAL B 4451 -78.55 -74.78 -2.67
C VAL B 4451 -79.15 -73.38 -2.68
N PHE B 4452 -79.66 -72.95 -1.53
CA PHE B 4452 -80.23 -71.62 -1.37
C PHE B 4452 -79.40 -70.88 -0.34
N PHE B 4453 -79.05 -69.63 -0.66
CA PHE B 4453 -78.33 -68.78 0.28
C PHE B 4453 -79.33 -68.04 1.14
N VAL B 4454 -79.31 -68.32 2.44
CA VAL B 4454 -80.24 -67.74 3.40
C VAL B 4454 -79.44 -66.97 4.45
N LEU B 4455 -79.97 -65.83 4.86
CA LEU B 4455 -79.34 -64.99 5.87
C LEU B 4455 -79.76 -65.50 7.23
N GLN B 4456 -78.88 -66.22 7.91
CA GLN B 4456 -79.21 -66.83 9.19
C GLN B 4456 -79.28 -65.78 10.29
N GLU B 4457 -80.43 -65.13 10.43
CA GLU B 4457 -80.63 -64.12 11.44
C GLU B 4457 -81.97 -64.34 12.12
N SER B 4458 -82.07 -63.89 13.37
CA SER B 4458 -83.30 -64.01 14.15
C SER B 4458 -84.10 -62.73 14.22
N THR B 4459 -83.44 -61.58 14.15
CA THR B 4459 -84.16 -60.30 14.23
C THR B 4459 -85.10 -60.13 13.05
N GLY B 4460 -84.68 -60.56 11.86
CA GLY B 4460 -85.50 -60.47 10.67
C GLY B 4460 -85.36 -59.20 9.88
N TYR B 4461 -84.57 -58.24 10.36
CA TYR B 4461 -84.39 -56.96 9.69
C TYR B 4461 -83.16 -56.91 8.79
N MET B 4462 -82.40 -57.99 8.68
CA MET B 4462 -81.15 -57.92 7.95
C MET B 4462 -81.36 -57.93 6.44
N ALA B 4463 -82.34 -58.68 5.95
CA ALA B 4463 -82.60 -58.67 4.50
C ALA B 4463 -83.08 -57.31 4.02
N PRO B 4464 -84.10 -56.69 4.62
CA PRO B 4464 -84.47 -55.33 4.20
C PRO B 4464 -83.34 -54.33 4.36
N ALA B 4465 -82.55 -54.45 5.43
CA ALA B 4465 -81.41 -53.56 5.60
C ALA B 4465 -80.41 -53.75 4.46
N LEU B 4466 -80.19 -54.99 4.05
CA LEU B 4466 -79.25 -55.25 2.97
C LEU B 4466 -79.74 -54.66 1.66
N ARG B 4467 -81.04 -54.79 1.37
CA ARG B 4467 -81.56 -54.20 0.13
C ARG B 4467 -81.47 -52.67 0.17
N ALA B 4468 -81.83 -52.06 1.29
CA ALA B 4468 -81.73 -50.62 1.43
C ALA B 4468 -80.28 -50.17 1.26
N LEU B 4469 -79.35 -50.89 1.87
CA LEU B 4469 -77.94 -50.52 1.79
C LEU B 4469 -77.41 -50.68 0.37
N ALA B 4470 -77.86 -51.71 -0.35
CA ALA B 4470 -77.44 -51.87 -1.74
C ALA B 4470 -77.89 -50.69 -2.58
N ILE B 4471 -79.15 -50.28 -2.43
CA ILE B 4471 -79.65 -49.14 -3.20
C ILE B 4471 -78.90 -47.86 -2.82
N ILE B 4472 -78.69 -47.66 -1.52
CA ILE B 4472 -77.98 -46.46 -1.05
C ILE B 4472 -76.57 -46.44 -1.62
N HIS B 4473 -75.89 -47.59 -1.63
CA HIS B 4473 -74.53 -47.64 -2.13
C HIS B 4473 -74.47 -47.34 -3.61
N THR B 4474 -75.41 -47.87 -4.39
CA THR B 4474 -75.43 -47.56 -5.81
C THR B 4474 -75.62 -46.06 -6.04
N VAL B 4475 -76.56 -45.46 -5.29
CA VAL B 4475 -76.82 -44.02 -5.44
C VAL B 4475 -75.58 -43.22 -5.07
N ILE B 4476 -74.92 -43.60 -3.98
CA ILE B 4476 -73.74 -42.86 -3.54
C ILE B 4476 -72.62 -42.97 -4.55
N SER B 4477 -72.42 -44.16 -5.12
CA SER B 4477 -71.38 -44.32 -6.13
C SER B 4477 -71.67 -43.47 -7.36
N LEU B 4478 -72.93 -43.43 -7.80
CA LEU B 4478 -73.27 -42.58 -8.95
C LEU B 4478 -73.03 -41.11 -8.66
N VAL B 4479 -73.43 -40.65 -7.48
CA VAL B 4479 -73.22 -39.24 -7.15
C VAL B 4479 -71.73 -38.95 -7.00
N CYS B 4480 -70.95 -39.91 -6.53
CA CYS B 4480 -69.50 -39.72 -6.46
C CYS B 4480 -68.90 -39.56 -7.84
N VAL B 4481 -69.35 -40.37 -8.80
CA VAL B 4481 -68.86 -40.24 -10.17
C VAL B 4481 -69.20 -38.86 -10.72
N VAL B 4482 -70.45 -38.43 -10.51
CA VAL B 4482 -70.89 -37.13 -11.01
C VAL B 4482 -70.09 -36.00 -10.37
N GLY B 4483 -69.85 -36.10 -9.06
CA GLY B 4483 -69.09 -35.08 -8.36
C GLY B 4483 -67.64 -35.03 -8.80
N TYR B 4484 -67.06 -36.17 -9.12
CA TYR B 4484 -65.72 -36.16 -9.70
C TYR B 4484 -65.73 -35.49 -11.07
N TYR B 4485 -66.77 -35.74 -11.87
CA TYR B 4485 -66.83 -35.12 -13.18
C TYR B 4485 -66.96 -33.60 -13.10
N CYS B 4486 -67.42 -33.05 -11.98
CA CYS B 4486 -67.62 -31.62 -11.82
C CYS B 4486 -66.55 -30.97 -10.95
N LEU B 4487 -65.52 -31.70 -10.56
CA LEU B 4487 -64.51 -31.15 -9.67
C LEU B 4487 -63.10 -31.38 -10.15
N LYS B 4488 -62.81 -32.53 -10.75
CA LYS B 4488 -61.46 -32.86 -11.16
C LYS B 4488 -61.29 -33.02 -12.67
N VAL B 4489 -62.37 -33.33 -13.39
CA VAL B 4489 -62.28 -33.40 -14.85
C VAL B 4489 -61.92 -32.06 -15.47
N PRO B 4490 -62.47 -30.92 -15.04
CA PRO B 4490 -62.05 -29.65 -15.63
C PRO B 4490 -60.56 -29.41 -15.56
N LEU B 4491 -59.91 -29.80 -14.47
CA LEU B 4491 -58.46 -29.63 -14.36
C LEU B 4491 -57.72 -30.52 -15.35
N VAL B 4492 -58.19 -31.75 -15.55
CA VAL B 4492 -57.56 -32.66 -16.51
C VAL B 4492 -57.66 -32.08 -17.92
N VAL B 4493 -58.85 -31.62 -18.29
CA VAL B 4493 -59.05 -31.03 -19.60
C VAL B 4493 -58.21 -29.77 -19.75
N PHE B 4494 -58.11 -28.98 -18.68
CA PHE B 4494 -57.28 -27.78 -18.70
C PHE B 4494 -55.83 -28.10 -18.99
N LYS B 4495 -55.28 -29.09 -18.28
CA LYS B 4495 -53.89 -29.45 -18.50
C LYS B 4495 -53.67 -29.95 -19.92
N ARG B 4496 -54.58 -30.80 -20.41
CA ARG B 4496 -54.44 -31.34 -21.75
C ARG B 4496 -54.49 -30.22 -22.80
N GLU B 4497 -55.45 -29.31 -22.68
CA GLU B 4497 -55.54 -28.20 -23.61
C GLU B 4497 -54.33 -27.30 -23.55
N LYS B 4498 -53.82 -27.06 -22.33
CA LYS B 4498 -52.64 -26.21 -22.19
C LYS B 4498 -51.45 -26.82 -22.90
N GLU B 4499 -51.22 -28.12 -22.72
CA GLU B 4499 -50.09 -28.75 -23.40
C GLU B 4499 -50.29 -28.76 -24.91
N ILE B 4500 -51.52 -29.00 -25.38
CA ILE B 4500 -51.78 -29.00 -26.82
C ILE B 4500 -51.50 -27.62 -27.41
N ALA B 4501 -51.98 -26.56 -26.74
CA ALA B 4501 -51.77 -25.22 -27.24
C ALA B 4501 -50.30 -24.84 -27.23
N ARG B 4502 -49.58 -25.22 -26.17
CA ARG B 4502 -48.15 -24.96 -26.14
C ARG B 4502 -47.42 -25.67 -27.27
N LYS B 4503 -47.78 -26.94 -27.52
CA LYS B 4503 -47.15 -27.66 -28.62
C LYS B 4503 -47.45 -27.00 -29.96
N LEU B 4504 -48.70 -26.61 -30.18
CA LEU B 4504 -49.04 -25.90 -31.41
C LEU B 4504 -48.20 -24.65 -31.59
N GLU B 4505 -48.14 -23.81 -30.57
CA GLU B 4505 -47.53 -22.50 -30.74
C GLU B 4505 -46.00 -22.58 -30.82
N PHE B 4506 -45.38 -23.42 -29.98
CA PHE B 4506 -43.92 -23.40 -29.83
C PHE B 4506 -43.24 -24.64 -30.38
N ASP B 4507 -43.97 -25.55 -31.03
CA ASP B 4507 -43.34 -26.72 -31.62
C ASP B 4507 -43.84 -27.08 -33.01
N GLY B 4508 -44.96 -26.52 -33.47
CA GLY B 4508 -45.51 -26.91 -34.76
C GLY B 4508 -45.85 -28.39 -34.81
N LEU B 4509 -46.55 -28.88 -33.78
CA LEU B 4509 -46.80 -30.31 -33.66
C LEU B 4509 -47.62 -30.84 -34.83
N TYR B 4510 -48.62 -30.07 -35.28
CA TYR B 4510 -49.48 -30.50 -36.37
C TYR B 4510 -49.30 -29.65 -37.63
N ILE B 4511 -48.27 -28.80 -37.67
CA ILE B 4511 -47.98 -28.00 -38.85
C ILE B 4511 -46.54 -28.23 -39.28
N THR B 4512 -45.59 -27.85 -38.42
CA THR B 4512 -44.18 -28.06 -38.74
C THR B 4512 -43.84 -29.54 -38.74
N GLU B 4513 -44.30 -30.29 -37.74
CA GLU B 4513 -43.99 -31.70 -37.62
C GLU B 4513 -45.28 -32.50 -37.50
N GLN B 4514 -45.16 -33.78 -37.17
CA GLN B 4514 -46.31 -34.64 -36.96
C GLN B 4514 -46.06 -35.54 -35.76
N PRO B 4515 -47.11 -35.94 -35.04
CA PRO B 4515 -46.93 -36.79 -33.87
C PRO B 4515 -46.38 -38.16 -34.25
N SER B 4516 -45.61 -38.74 -33.35
CA SER B 4516 -45.11 -40.09 -33.56
C SER B 4516 -46.27 -41.08 -33.59
N GLU B 4517 -46.06 -42.18 -34.31
CA GLU B 4517 -47.09 -43.20 -34.40
C GLU B 4517 -47.21 -44.01 -33.11
N ASP B 4518 -46.18 -44.02 -32.28
CA ASP B 4518 -46.20 -44.83 -31.06
C ASP B 4518 -47.17 -44.26 -30.03
N ASP B 4519 -47.10 -42.95 -29.77
CA ASP B 4519 -47.87 -42.35 -28.70
C ASP B 4519 -49.29 -42.05 -29.17
N ILE B 4520 -50.27 -42.42 -28.36
CA ILE B 4520 -51.67 -42.22 -28.73
C ILE B 4520 -52.19 -40.83 -28.33
N LYS B 4521 -51.48 -40.11 -27.48
CA LYS B 4521 -51.97 -38.82 -27.03
C LYS B 4521 -52.07 -37.82 -28.17
N GLY B 4522 -51.02 -37.69 -28.97
CA GLY B 4522 -51.08 -36.77 -30.10
C GLY B 4522 -52.12 -37.18 -31.13
N GLN B 4523 -52.21 -38.48 -31.40
CA GLN B 4523 -53.20 -38.96 -32.35
C GLN B 4523 -54.61 -38.62 -31.90
N TRP B 4524 -54.91 -38.82 -30.62
CA TRP B 4524 -56.23 -38.45 -30.13
C TRP B 4524 -56.42 -36.94 -30.13
N ASP B 4525 -55.38 -36.19 -29.76
CA ASP B 4525 -55.46 -34.74 -29.71
C ASP B 4525 -55.72 -34.12 -31.06
N ARG B 4526 -55.37 -34.82 -32.15
CA ARG B 4526 -55.64 -34.29 -33.48
C ARG B 4526 -57.11 -34.01 -33.72
N LEU B 4527 -58.01 -34.63 -32.94
CA LEU B 4527 -59.45 -34.45 -33.14
C LEU B 4527 -60.00 -33.14 -32.62
N VAL B 4528 -59.23 -32.39 -31.82
CA VAL B 4528 -59.81 -31.27 -31.11
C VAL B 4528 -59.41 -29.93 -31.73
N ILE B 4529 -58.21 -29.89 -32.34
CA ILE B 4529 -57.68 -28.62 -32.81
C ILE B 4529 -58.58 -28.01 -33.89
N ASN B 4530 -59.27 -28.84 -34.66
CA ASN B 4530 -60.18 -28.34 -35.68
C ASN B 4530 -61.50 -27.86 -35.12
N THR B 4531 -61.80 -28.14 -33.86
CA THR B 4531 -63.08 -27.80 -33.27
C THR B 4531 -63.18 -26.31 -33.01
N PRO B 4532 -64.39 -25.79 -32.82
CA PRO B 4532 -64.55 -24.37 -32.49
C PRO B 4532 -64.41 -24.09 -31.00
N SER B 4533 -64.72 -25.10 -30.17
CA SER B 4533 -64.66 -24.91 -28.73
C SER B 4533 -63.25 -24.89 -28.18
N PHE B 4534 -62.29 -25.42 -28.92
CA PHE B 4534 -60.91 -25.49 -28.43
C PHE B 4534 -60.30 -24.09 -28.38
N PRO B 4535 -59.73 -23.66 -27.24
CA PRO B 4535 -59.67 -24.34 -25.94
C PRO B 4535 -60.83 -23.94 -25.04
N ASN B 4536 -61.49 -24.88 -24.38
CA ASN B 4536 -62.67 -24.53 -23.59
C ASN B 4536 -62.32 -24.15 -22.15
N ASN B 4537 -61.34 -24.81 -21.56
CA ASN B 4537 -60.92 -24.52 -20.19
C ASN B 4537 -59.64 -23.70 -20.13
N TYR B 4538 -58.68 -23.96 -21.02
CA TYR B 4538 -57.46 -23.19 -21.07
C TYR B 4538 -57.78 -21.71 -21.33
N TRP B 4539 -57.08 -20.84 -20.61
CA TRP B 4539 -57.43 -19.42 -20.60
C TRP B 4539 -57.24 -18.78 -21.97
N ASP B 4540 -56.17 -19.14 -22.67
CA ASP B 4540 -55.79 -18.44 -23.90
C ASP B 4540 -56.74 -18.82 -25.02
N LYS B 4541 -57.65 -17.93 -25.37
CA LYS B 4541 -58.60 -18.15 -26.45
C LYS B 4541 -58.12 -17.65 -27.79
N PHE B 4542 -56.89 -17.13 -27.88
CA PHE B 4542 -56.32 -16.63 -29.12
C PHE B 4542 -55.10 -17.44 -29.55
N VAL B 4543 -55.06 -18.72 -29.18
CA VAL B 4543 -53.93 -19.56 -29.55
C VAL B 4543 -53.95 -19.87 -31.04
N LYS B 4544 -55.15 -20.10 -31.60
CA LYS B 4544 -55.26 -20.38 -33.02
C LYS B 4544 -54.76 -19.22 -33.86
N ARG B 4545 -55.12 -17.99 -33.48
CA ARG B 4545 -54.66 -16.83 -34.23
C ARG B 4545 -53.15 -16.67 -34.13
N LYS B 4546 -52.58 -16.94 -32.96
CA LYS B 4546 -51.12 -16.90 -32.83
C LYS B 4546 -50.47 -17.91 -33.76
N VAL B 4547 -51.01 -19.13 -33.80
CA VAL B 4547 -50.42 -20.18 -34.63
C VAL B 4547 -50.52 -19.78 -36.10
N ILE B 4548 -51.67 -19.26 -36.52
CA ILE B 4548 -51.82 -18.89 -37.92
C ILE B 4548 -50.88 -17.75 -38.28
N ASN B 4549 -50.79 -16.72 -37.43
CA ASN B 4549 -49.89 -15.61 -37.70
C ASN B 4549 -48.43 -16.01 -37.64
N LYS B 4550 -48.11 -17.12 -36.97
CA LYS B 4550 -46.73 -17.56 -36.89
C LYS B 4550 -46.35 -18.51 -38.01
N TYR B 4551 -47.31 -19.22 -38.61
CA TYR B 4551 -46.98 -20.24 -39.60
C TYR B 4551 -47.57 -20.04 -40.98
N GLY B 4552 -48.43 -19.03 -41.19
CA GLY B 4552 -49.02 -18.84 -42.51
C GLY B 4552 -48.01 -18.43 -43.55
N ASP B 4553 -47.02 -17.63 -43.16
CA ASP B 4553 -46.04 -17.14 -44.12
C ASP B 4553 -45.25 -18.27 -44.75
N LEU B 4554 -44.88 -19.28 -43.96
CA LEU B 4554 -44.11 -20.40 -44.46
C LEU B 4554 -44.97 -21.58 -44.89
N TYR B 4555 -46.24 -21.63 -44.49
CA TYR B 4555 -47.08 -22.77 -44.80
C TYR B 4555 -48.47 -22.40 -45.31
N GLY B 4556 -48.76 -21.12 -45.51
CA GLY B 4556 -50.00 -20.74 -46.14
C GLY B 4556 -51.14 -20.53 -45.17
N ALA B 4557 -51.67 -19.31 -45.12
CA ALA B 4557 -52.72 -18.99 -44.15
C ALA B 4557 -53.98 -19.81 -44.38
N GLU B 4558 -54.34 -20.04 -45.65
CA GLU B 4558 -55.53 -20.82 -45.94
C GLU B 4558 -55.39 -22.25 -45.43
N ARG B 4559 -54.22 -22.87 -45.63
CA ARG B 4559 -54.02 -24.23 -45.17
C ARG B 4559 -54.06 -24.31 -43.65
N ILE B 4560 -53.48 -23.31 -42.97
CA ILE B 4560 -53.52 -23.31 -41.51
C ILE B 4560 -54.94 -23.12 -41.01
N ALA B 4561 -55.71 -22.23 -41.63
CA ALA B 4561 -57.10 -22.04 -41.23
C ALA B 4561 -57.89 -23.32 -41.43
N GLU B 4562 -57.64 -24.04 -42.53
CA GLU B 4562 -58.26 -25.34 -42.71
C GLU B 4562 -57.85 -26.31 -41.61
N LEU B 4563 -56.56 -26.31 -41.25
CA LEU B 4563 -56.08 -27.21 -40.21
C LEU B 4563 -56.71 -26.91 -38.87
N LEU B 4564 -56.82 -25.63 -38.52
CA LEU B 4564 -57.39 -25.21 -37.25
C LEU B 4564 -58.88 -24.92 -37.33
N GLY B 4565 -59.50 -25.13 -38.49
CA GLY B 4565 -60.93 -24.91 -38.62
C GLY B 4565 -61.34 -23.48 -38.36
N LEU B 4566 -60.58 -22.52 -38.87
CA LEU B 4566 -60.84 -21.10 -38.68
C LEU B 4566 -61.35 -20.51 -39.98
N ASP B 4567 -62.46 -19.77 -39.90
CA ASP B 4567 -63.04 -19.16 -41.09
C ASP B 4567 -62.10 -18.12 -41.69
N LYS B 4568 -62.00 -18.12 -43.01
CA LYS B 4568 -61.11 -17.18 -43.69
C LYS B 4568 -61.54 -15.74 -43.45
N ASN B 4569 -62.84 -15.47 -43.53
CA ASN B 4569 -63.33 -14.11 -43.27
C ASN B 4569 -63.01 -13.68 -41.84
N ALA B 4570 -63.23 -14.59 -40.88
CA ALA B 4570 -62.85 -14.29 -39.50
C ALA B 4570 -61.34 -14.16 -39.37
N LEU B 4571 -60.58 -14.93 -40.15
CA LEU B 4571 -59.13 -14.82 -40.12
C LEU B 4571 -58.67 -13.43 -40.55
N ASP B 4572 -59.28 -12.89 -41.60
CA ASP B 4572 -58.92 -11.57 -42.09
C ASP B 4572 -59.75 -10.45 -41.47
N PHE B 4573 -60.62 -10.77 -40.51
CA PHE B 4573 -61.44 -9.75 -39.88
C PHE B 4573 -60.58 -8.69 -39.19
N SER B 4574 -60.91 -7.42 -39.45
CA SER B 4574 -60.21 -6.31 -38.82
C SER B 4574 -60.90 -5.92 -37.53
N PRO B 4575 -60.25 -6.05 -36.36
CA PRO B 4575 -60.88 -5.76 -35.07
C PRO B 4575 -61.24 -4.29 -34.92
N SER B 4588 -81.46 -27.74 -35.04
CA SER B 4588 -80.37 -26.78 -34.93
C SER B 4588 -79.39 -27.18 -33.83
N TRP B 4589 -79.87 -27.96 -32.87
CA TRP B 4589 -79.02 -28.39 -31.77
C TRP B 4589 -77.90 -29.30 -32.25
N LEU B 4590 -78.12 -30.02 -33.36
CA LEU B 4590 -77.06 -30.88 -33.88
C LEU B 4590 -75.83 -30.07 -34.26
N SER B 4591 -76.03 -28.91 -34.91
CA SER B 4591 -74.91 -28.05 -35.23
C SER B 4591 -74.40 -27.28 -34.02
N SER B 4592 -75.30 -26.93 -33.09
CA SER B 4592 -74.89 -26.14 -31.93
C SER B 4592 -73.87 -26.89 -31.08
N ILE B 4593 -74.11 -28.17 -30.82
CA ILE B 4593 -73.22 -28.96 -29.98
C ILE B 4593 -72.02 -29.43 -30.81
N ASP B 4594 -70.82 -29.18 -30.29
CA ASP B 4594 -69.58 -29.59 -30.95
C ASP B 4594 -69.31 -31.05 -30.60
N MET B 4595 -69.89 -31.95 -31.39
CA MET B 4595 -69.78 -33.37 -31.08
C MET B 4595 -68.34 -33.85 -31.13
N LYS B 4596 -67.53 -33.29 -32.02
CA LYS B 4596 -66.14 -33.71 -32.12
C LYS B 4596 -65.38 -33.38 -30.84
N TYR B 4597 -65.57 -32.17 -30.31
CA TYR B 4597 -64.90 -31.79 -29.08
C TYR B 4597 -65.34 -32.64 -27.91
N HIS B 4598 -66.63 -32.96 -27.84
CA HIS B 4598 -67.12 -33.78 -26.74
C HIS B 4598 -66.64 -35.22 -26.86
N ILE B 4599 -66.49 -35.74 -28.07
CA ILE B 4599 -65.88 -37.06 -28.24
C ILE B 4599 -64.43 -37.03 -27.76
N TRP B 4600 -63.71 -35.97 -28.11
CA TRP B 4600 -62.34 -35.82 -27.61
C TRP B 4600 -62.31 -35.77 -26.09
N LYS B 4601 -63.24 -35.03 -25.49
CA LYS B 4601 -63.28 -34.92 -24.04
C LYS B 4601 -63.60 -36.26 -23.38
N LEU B 4602 -64.53 -37.02 -23.96
CA LEU B 4602 -64.83 -38.34 -23.42
C LEU B 4602 -63.62 -39.26 -23.51
N GLY B 4603 -62.89 -39.20 -24.63
CA GLY B 4603 -61.67 -39.99 -24.72
C GLY B 4603 -60.63 -39.57 -23.70
N VAL B 4604 -60.55 -38.28 -23.41
CA VAL B 4604 -59.59 -37.79 -22.43
C VAL B 4604 -59.99 -38.24 -21.02
N VAL B 4605 -61.29 -38.16 -20.70
CA VAL B 4605 -61.75 -38.53 -19.36
C VAL B 4605 -61.63 -40.03 -19.13
N PHE B 4606 -62.09 -40.82 -20.09
CA PHE B 4606 -62.13 -42.27 -19.90
C PHE B 4606 -60.76 -42.91 -19.82
N THR B 4607 -59.70 -42.20 -20.21
CA THR B 4607 -58.34 -42.68 -20.00
C THR B 4607 -57.75 -42.15 -18.70
N ASP B 4608 -58.53 -41.42 -17.91
CA ASP B 4608 -58.08 -40.94 -16.61
C ASP B 4608 -58.21 -42.04 -15.58
N ASN B 4609 -57.14 -42.24 -14.78
CA ASN B 4609 -57.11 -43.37 -13.87
C ASN B 4609 -58.18 -43.26 -12.79
N SER B 4610 -58.33 -42.07 -12.18
CA SER B 4610 -59.30 -41.92 -11.10
C SER B 4610 -60.73 -42.11 -11.59
N PHE B 4611 -61.05 -41.56 -12.76
CA PHE B 4611 -62.39 -41.76 -13.31
C PHE B 4611 -62.62 -43.21 -13.65
N LEU B 4612 -61.59 -43.90 -14.15
CA LEU B 4612 -61.72 -45.33 -14.43
C LEU B 4612 -62.00 -46.11 -13.16
N TYR B 4613 -61.30 -45.77 -12.07
CA TYR B 4613 -61.55 -46.45 -10.80
C TYR B 4613 -62.97 -46.19 -10.30
N LEU B 4614 -63.45 -44.95 -10.44
CA LEU B 4614 -64.81 -44.64 -10.01
C LEU B 4614 -65.83 -45.38 -10.86
N ALA B 4615 -65.59 -45.47 -12.16
CA ALA B 4615 -66.50 -46.21 -13.04
C ALA B 4615 -66.52 -47.69 -12.70
N TRP B 4616 -65.36 -48.27 -12.39
CA TRP B 4616 -65.31 -49.67 -11.96
C TRP B 4616 -66.06 -49.86 -10.65
N TYR B 4617 -65.88 -48.93 -9.71
CA TYR B 4617 -66.59 -48.98 -8.44
C TYR B 4617 -68.10 -48.98 -8.67
N THR B 4618 -68.59 -48.08 -9.53
CA THR B 4618 -70.02 -48.00 -9.79
C THR B 4618 -70.52 -49.23 -10.53
N THR B 4619 -69.72 -49.76 -11.45
CA THR B 4619 -70.12 -50.98 -12.15
C THR B 4619 -70.27 -52.16 -11.19
N MET B 4620 -69.34 -52.29 -10.26
CA MET B 4620 -69.47 -53.36 -9.26
C MET B 4620 -70.66 -53.10 -8.35
N SER B 4621 -70.95 -51.83 -8.04
CA SER B 4621 -72.14 -51.52 -7.25
C SER B 4621 -73.40 -51.96 -7.98
N VAL B 4622 -73.46 -51.75 -9.29
CA VAL B 4622 -74.62 -52.16 -10.07
C VAL B 4622 -74.70 -53.68 -10.16
N LEU B 4623 -73.55 -54.34 -10.32
CA LEU B 4623 -73.53 -55.80 -10.35
C LEU B 4623 -73.95 -56.40 -9.03
N GLY B 4624 -73.70 -55.70 -7.92
CA GLY B 4624 -74.07 -56.22 -6.62
C GLY B 4624 -75.55 -56.45 -6.44
N HIS B 4625 -76.38 -55.86 -7.30
CA HIS B 4625 -77.80 -56.17 -7.29
C HIS B 4625 -78.08 -57.50 -7.98
N TYR B 4626 -77.30 -57.85 -8.99
CA TYR B 4626 -77.38 -59.18 -9.56
C TYR B 4626 -76.98 -60.25 -8.56
N ASN B 4627 -75.91 -60.00 -7.81
CA ASN B 4627 -75.46 -60.91 -6.76
C ASN B 4627 -74.80 -60.06 -5.68
N ASN B 4628 -75.26 -60.24 -4.43
CA ASN B 4628 -74.82 -59.36 -3.36
C ASN B 4628 -73.33 -59.43 -3.11
N PHE B 4629 -72.71 -60.59 -3.33
CA PHE B 4629 -71.32 -60.77 -2.94
C PHE B 4629 -70.37 -59.89 -3.74
N PHE B 4630 -70.83 -59.32 -4.86
CA PHE B 4630 -69.97 -58.37 -5.59
C PHE B 4630 -69.64 -57.16 -4.73
N PHE B 4631 -70.47 -56.85 -3.73
CA PHE B 4631 -70.14 -55.75 -2.84
C PHE B 4631 -68.84 -55.99 -2.09
N ALA B 4632 -68.42 -57.24 -1.95
CA ALA B 4632 -67.13 -57.51 -1.34
C ALA B 4632 -66.01 -56.81 -2.07
N ALA B 4633 -66.13 -56.66 -3.39
CA ALA B 4633 -65.07 -56.01 -4.16
C ALA B 4633 -64.86 -54.57 -3.74
N HIS B 4634 -65.81 -53.97 -3.03
CA HIS B 4634 -65.63 -52.59 -2.61
C HIS B 4634 -64.76 -52.46 -1.36
N LEU B 4635 -64.55 -53.55 -0.62
CA LEU B 4635 -63.66 -53.48 0.53
C LEU B 4635 -62.26 -53.06 0.12
N LEU B 4636 -61.84 -53.43 -1.09
CA LEU B 4636 -60.51 -53.07 -1.57
C LEU B 4636 -60.33 -51.56 -1.68
N ASP B 4637 -61.42 -50.80 -1.63
CA ASP B 4637 -61.30 -49.35 -1.59
C ASP B 4637 -60.47 -48.87 -0.41
N ILE B 4638 -60.40 -49.65 0.67
CA ILE B 4638 -59.57 -49.24 1.80
C ILE B 4638 -58.10 -49.17 1.39
N ALA B 4639 -57.68 -50.01 0.45
CA ALA B 4639 -56.30 -49.93 -0.04
C ALA B 4639 -56.07 -48.70 -0.90
N MET B 4640 -57.13 -48.07 -1.38
CA MET B 4640 -57.03 -46.83 -2.15
C MET B 4640 -57.36 -45.61 -1.31
N GLY B 4641 -57.50 -45.77 0.00
CA GLY B 4641 -57.88 -44.67 0.86
C GLY B 4641 -56.84 -44.35 1.91
N PHE B 4642 -56.03 -45.33 2.28
CA PHE B 4642 -54.97 -45.16 3.26
C PHE B 4642 -53.62 -45.20 2.55
N LYS B 4643 -52.71 -44.31 2.96
CA LYS B 4643 -51.42 -44.19 2.30
C LYS B 4643 -50.60 -45.46 2.46
N THR B 4644 -50.65 -46.08 3.63
CA THR B 4644 -49.87 -47.30 3.86
C THR B 4644 -50.29 -48.42 2.93
N LEU B 4645 -51.59 -48.61 2.76
CA LEU B 4645 -52.07 -49.70 1.90
C LEU B 4645 -51.82 -49.40 0.43
N ARG B 4646 -51.92 -48.13 0.03
CA ARG B 4646 -51.54 -47.77 -1.33
C ARG B 4646 -50.06 -48.05 -1.57
N THR B 4647 -49.21 -47.77 -0.58
CA THR B 4647 -47.80 -48.09 -0.72
C THR B 4647 -47.58 -49.60 -0.84
N ILE B 4648 -48.31 -50.39 -0.05
CA ILE B 4648 -48.18 -51.84 -0.14
C ILE B 4648 -48.60 -52.33 -1.53
N LEU B 4649 -49.68 -51.79 -2.07
CA LEU B 4649 -50.10 -52.17 -3.41
C LEU B 4649 -49.08 -51.74 -4.47
N SER B 4650 -48.52 -50.54 -4.32
CA SER B 4650 -47.53 -50.07 -5.27
C SER B 4650 -46.24 -50.88 -5.20
N SER B 4651 -45.94 -51.45 -4.04
CA SER B 4651 -44.71 -52.22 -3.91
C SER B 4651 -44.71 -53.47 -4.79
N VAL B 4652 -45.90 -53.97 -5.14
CA VAL B 4652 -45.97 -55.14 -6.00
C VAL B 4652 -45.47 -54.80 -7.41
N THR B 4653 -45.89 -53.66 -7.95
CA THR B 4653 -45.55 -53.26 -9.31
C THR B 4653 -44.32 -52.36 -9.37
N HIS B 4654 -43.71 -52.01 -8.23
CA HIS B 4654 -42.51 -51.19 -8.24
C HIS B 4654 -41.38 -51.88 -8.98
N ASN B 4655 -41.21 -53.19 -8.77
CA ASN B 4655 -40.19 -54.00 -9.42
C ASN B 4655 -40.84 -55.01 -10.36
N GLY B 4656 -41.83 -54.58 -11.12
CA GLY B 4656 -42.65 -55.52 -11.88
C GLY B 4656 -41.86 -56.29 -12.92
N LYS B 4657 -40.97 -55.61 -13.64
CA LYS B 4657 -40.18 -56.28 -14.66
C LYS B 4657 -39.27 -57.33 -14.06
N GLN B 4658 -38.56 -56.96 -12.99
CA GLN B 4658 -37.69 -57.91 -12.31
C GLN B 4658 -38.49 -59.06 -11.72
N LEU B 4659 -39.67 -58.76 -11.18
CA LEU B 4659 -40.52 -59.80 -10.61
C LEU B 4659 -40.97 -60.79 -11.66
N VAL B 4660 -41.39 -60.29 -12.83
CA VAL B 4660 -41.84 -61.17 -13.91
C VAL B 4660 -40.68 -62.03 -14.40
N LEU B 4661 -39.49 -61.44 -14.54
CA LEU B 4661 -38.34 -62.23 -14.96
C LEU B 4661 -37.99 -63.29 -13.93
N THR B 4662 -38.07 -62.97 -12.64
CA THR B 4662 -37.73 -63.94 -11.61
C THR B 4662 -38.74 -65.09 -11.58
N VAL B 4663 -40.03 -64.79 -11.74
CA VAL B 4663 -41.01 -65.86 -11.78
C VAL B 4663 -40.82 -66.71 -13.03
N GLY B 4664 -40.43 -66.11 -14.15
CA GLY B 4664 -40.09 -66.88 -15.32
C GLY B 4664 -38.91 -67.81 -15.10
N LEU B 4665 -37.88 -67.32 -14.41
CA LEU B 4665 -36.74 -68.17 -14.10
C LEU B 4665 -37.15 -69.33 -13.18
N LEU B 4666 -38.01 -69.05 -12.20
CA LEU B 4666 -38.51 -70.12 -11.34
C LEU B 4666 -39.25 -71.17 -12.15
N ALA B 4667 -40.11 -70.72 -13.09
CA ALA B 4667 -40.84 -71.66 -13.92
C ALA B 4667 -39.90 -72.49 -14.80
N VAL B 4668 -38.86 -71.86 -15.33
CA VAL B 4668 -37.90 -72.59 -16.17
C VAL B 4668 -37.15 -73.64 -15.35
N VAL B 4669 -36.70 -73.28 -14.16
CA VAL B 4669 -35.99 -74.22 -13.31
C VAL B 4669 -36.89 -75.39 -12.92
N VAL B 4670 -38.14 -75.10 -12.57
CA VAL B 4670 -39.06 -76.19 -12.23
C VAL B 4670 -39.35 -77.03 -13.46
N TYR B 4671 -39.32 -76.45 -14.65
CA TYR B 4671 -39.49 -77.24 -15.86
C TYR B 4671 -38.32 -78.19 -16.07
N LEU B 4672 -37.09 -77.72 -15.80
CA LEU B 4672 -35.94 -78.61 -15.92
C LEU B 4672 -36.02 -79.76 -14.92
N TYR B 4673 -36.44 -79.46 -13.70
CA TYR B 4673 -36.64 -80.53 -12.72
C TYR B 4673 -37.73 -81.49 -13.16
N THR B 4674 -38.79 -80.97 -13.77
CA THR B 4674 -39.85 -81.81 -14.29
C THR B 4674 -39.33 -82.74 -15.38
N VAL B 4675 -38.50 -82.22 -16.27
CA VAL B 4675 -37.92 -83.04 -17.34
C VAL B 4675 -37.11 -84.17 -16.74
N VAL B 4676 -36.25 -83.85 -15.78
CA VAL B 4676 -35.42 -84.87 -15.15
C VAL B 4676 -36.27 -85.92 -14.47
N ALA B 4677 -37.31 -85.49 -13.74
CA ALA B 4677 -38.14 -86.43 -12.99
C ALA B 4677 -39.02 -87.26 -13.92
N PHE B 4678 -39.38 -86.73 -15.09
CA PHE B 4678 -40.17 -87.47 -16.05
C PHE B 4678 -39.35 -88.51 -16.77
N ASN B 4679 -38.08 -88.22 -17.03
CA ASN B 4679 -37.24 -89.23 -17.69
C ASN B 4679 -36.83 -90.35 -16.74
N PHE B 4680 -36.48 -90.02 -15.49
CA PHE B 4680 -35.84 -90.98 -14.60
C PHE B 4680 -36.69 -91.35 -13.39
N PHE B 4681 -37.14 -90.37 -12.61
CA PHE B 4681 -37.83 -90.65 -11.35
C PHE B 4681 -39.34 -90.59 -11.55
N ARG B 4682 -39.88 -91.61 -12.21
CA ARG B 4682 -41.31 -91.67 -12.42
C ARG B 4682 -42.02 -92.61 -11.46
N LYS B 4683 -41.30 -93.57 -10.87
CA LYS B 4683 -41.91 -94.52 -9.96
C LYS B 4683 -42.25 -93.91 -8.61
N PHE B 4684 -41.63 -92.78 -8.27
CA PHE B 4684 -41.80 -92.17 -6.96
C PHE B 4684 -42.98 -91.21 -6.89
N TYR B 4685 -43.72 -91.03 -7.98
CA TYR B 4685 -44.77 -90.03 -8.05
C TYR B 4685 -46.17 -90.63 -7.96
N ASN B 4686 -46.32 -91.73 -7.25
CA ASN B 4686 -47.63 -92.36 -7.05
C ASN B 4686 -48.25 -91.79 -5.78
N LYS B 4687 -49.32 -91.03 -5.93
CA LYS B 4687 -49.96 -90.34 -4.82
C LYS B 4687 -51.26 -91.03 -4.40
N SER B 4688 -51.32 -92.36 -4.48
CA SER B 4688 -52.51 -93.11 -4.15
C SER B 4688 -52.19 -94.11 -3.04
N GLU B 4689 -52.97 -94.06 -1.95
CA GLU B 4689 -52.81 -95.02 -0.88
C GLU B 4689 -53.35 -96.40 -1.25
N ASP B 4690 -54.49 -96.43 -1.95
CA ASP B 4690 -55.09 -97.68 -2.38
C ASP B 4690 -54.32 -98.27 -3.55
N ASP B 4691 -53.86 -99.52 -3.39
CA ASP B 4691 -53.12 -100.18 -4.46
C ASP B 4691 -53.99 -100.47 -5.67
N ASP B 4692 -55.31 -100.49 -5.51
CA ASP B 4692 -56.18 -100.77 -6.65
C ASP B 4692 -56.10 -99.66 -7.71
N GLU B 4693 -56.09 -98.41 -7.27
CA GLU B 4693 -56.09 -97.26 -8.18
C GLU B 4693 -54.87 -96.39 -7.94
N PRO B 4694 -53.79 -96.55 -8.70
CA PRO B 4694 -52.62 -95.69 -8.52
C PRO B 4694 -52.82 -94.35 -9.21
N ASP B 4695 -52.54 -93.27 -8.47
CA ASP B 4695 -52.65 -91.91 -8.99
C ASP B 4695 -51.26 -91.40 -9.32
N MET B 4696 -50.71 -91.87 -10.43
CA MET B 4696 -49.38 -91.46 -10.84
C MET B 4696 -49.40 -90.01 -11.31
N LYS B 4697 -48.53 -89.19 -10.73
CA LYS B 4697 -48.50 -87.77 -11.00
C LYS B 4697 -47.45 -87.36 -12.02
N CYS B 4698 -46.66 -88.31 -12.54
CA CYS B 4698 -45.61 -87.94 -13.48
C CYS B 4698 -45.53 -88.91 -14.65
N ASP B 4699 -46.66 -89.41 -15.13
CA ASP B 4699 -46.72 -90.15 -16.38
C ASP B 4699 -47.01 -89.24 -17.57
N ASP B 4700 -47.21 -87.95 -17.32
CA ASP B 4700 -47.42 -86.95 -18.36
C ASP B 4700 -46.59 -85.74 -17.99
N MET B 4701 -46.19 -84.97 -19.01
CA MET B 4701 -45.33 -83.82 -18.75
C MET B 4701 -46.12 -82.65 -18.18
N MET B 4702 -47.36 -82.46 -18.62
CA MET B 4702 -48.16 -81.37 -18.06
C MET B 4702 -48.59 -81.68 -16.63
N THR B 4703 -48.97 -82.93 -16.37
CA THR B 4703 -49.32 -83.31 -15.01
C THR B 4703 -48.12 -83.17 -14.09
N CYS B 4704 -46.95 -83.63 -14.53
CA CYS B 4704 -45.76 -83.53 -13.68
C CYS B 4704 -45.35 -82.08 -13.48
N TYR B 4705 -45.45 -81.25 -14.52
CA TYR B 4705 -45.12 -79.84 -14.39
C TYR B 4705 -46.06 -79.15 -13.41
N LEU B 4706 -47.35 -79.44 -13.51
CA LEU B 4706 -48.32 -78.85 -12.59
C LEU B 4706 -48.05 -79.32 -11.16
N PHE B 4707 -47.72 -80.60 -10.99
CA PHE B 4707 -47.39 -81.11 -9.66
C PHE B 4707 -46.21 -80.37 -9.06
N HIS B 4708 -45.13 -80.22 -9.84
CA HIS B 4708 -43.94 -79.55 -9.31
C HIS B 4708 -44.21 -78.08 -9.02
N MET B 4709 -44.98 -77.40 -9.88
CA MET B 4709 -45.21 -75.97 -9.66
C MET B 4709 -46.19 -75.71 -8.53
N TYR B 4710 -47.15 -76.61 -8.30
CA TYR B 4710 -48.19 -76.40 -7.32
C TYR B 4710 -47.80 -77.00 -5.97
N VAL B 4711 -47.58 -78.30 -5.93
CA VAL B 4711 -47.25 -78.98 -4.68
C VAL B 4711 -45.82 -78.69 -4.25
N GLY B 4712 -44.87 -78.79 -5.17
CA GLY B 4712 -43.48 -78.68 -4.80
C GLY B 4712 -43.08 -77.30 -4.32
N VAL B 4713 -43.51 -76.26 -5.02
CA VAL B 4713 -43.05 -74.92 -4.69
C VAL B 4713 -43.64 -74.46 -3.37
N ARG B 4714 -44.88 -74.83 -3.07
CA ARG B 4714 -45.50 -74.46 -1.81
C ARG B 4714 -45.08 -75.35 -0.65
N ALA B 4715 -44.41 -76.47 -0.93
CA ALA B 4715 -43.95 -77.35 0.13
C ALA B 4715 -42.76 -76.73 0.85
N GLY B 4716 -42.69 -76.98 2.16
CA GLY B 4716 -41.63 -76.37 2.95
C GLY B 4716 -40.25 -76.88 2.59
N GLY B 4717 -40.11 -78.18 2.42
CA GLY B 4717 -38.83 -78.79 2.11
C GLY B 4717 -38.62 -79.11 0.64
N GLY B 4718 -39.46 -78.63 -0.25
CA GLY B 4718 -39.28 -78.88 -1.66
C GLY B 4718 -40.17 -80.01 -2.15
N ILE B 4719 -39.70 -80.72 -3.17
CA ILE B 4719 -40.48 -81.82 -3.74
C ILE B 4719 -40.20 -83.14 -3.05
N GLY B 4720 -39.09 -83.26 -2.33
CA GLY B 4720 -38.81 -84.48 -1.60
C GLY B 4720 -39.80 -84.76 -0.50
N ASP B 4721 -40.48 -83.72 -0.01
CA ASP B 4721 -41.51 -83.92 1.01
C ASP B 4721 -42.73 -84.63 0.46
N GLU B 4722 -43.03 -84.43 -0.82
CA GLU B 4722 -44.32 -84.80 -1.39
C GLU B 4722 -44.25 -86.03 -2.28
N ILE B 4723 -43.13 -86.75 -2.33
CA ILE B 4723 -43.00 -87.94 -3.15
C ILE B 4723 -42.38 -89.06 -2.33
N GLU B 4724 -42.34 -90.24 -2.94
CA GLU B 4724 -41.96 -91.46 -2.24
C GLU B 4724 -40.51 -91.40 -1.77
N ASP B 4725 -40.26 -92.08 -0.65
CA ASP B 4725 -38.93 -92.09 -0.06
C ASP B 4725 -37.98 -92.93 -0.91
N PRO B 4726 -36.79 -92.41 -1.23
CA PRO B 4726 -35.88 -93.13 -2.14
C PRO B 4726 -35.04 -94.21 -1.49
N ALA B 4727 -35.28 -94.54 -0.22
CA ALA B 4727 -34.40 -95.47 0.48
C ALA B 4727 -34.43 -96.84 -0.16
N GLY B 4728 -33.26 -97.48 -0.21
CA GLY B 4728 -33.15 -98.82 -0.76
C GLY B 4728 -33.50 -98.91 -2.23
N ASP B 4729 -33.00 -97.98 -3.04
CA ASP B 4729 -33.28 -97.94 -4.47
C ASP B 4729 -31.98 -97.65 -5.20
N PRO B 4730 -31.84 -98.16 -6.42
CA PRO B 4730 -30.63 -97.84 -7.20
C PRO B 4730 -30.43 -96.36 -7.44
N TYR B 4731 -31.51 -95.57 -7.49
CA TYR B 4731 -31.45 -94.14 -7.73
C TYR B 4731 -31.53 -93.33 -6.45
N GLU B 4732 -31.11 -93.90 -5.31
CA GLU B 4732 -31.24 -93.21 -4.04
C GLU B 4732 -30.39 -91.94 -4.00
N MET B 4733 -29.15 -92.01 -4.47
CA MET B 4733 -28.28 -90.84 -4.40
C MET B 4733 -28.68 -89.78 -5.41
N TYR B 4734 -29.07 -90.20 -6.61
CA TYR B 4734 -29.59 -89.25 -7.58
C TYR B 4734 -30.84 -88.57 -7.06
N ARG B 4735 -31.70 -89.33 -6.39
CA ARG B 4735 -32.91 -88.76 -5.80
C ARG B 4735 -32.57 -87.78 -4.69
N ILE B 4736 -31.57 -88.11 -3.86
CA ILE B 4736 -31.17 -87.21 -2.78
C ILE B 4736 -30.64 -85.89 -3.35
N VAL B 4737 -29.79 -85.97 -4.37
CA VAL B 4737 -29.26 -84.77 -5.00
C VAL B 4737 -30.39 -83.96 -5.63
N PHE B 4738 -31.31 -84.65 -6.30
CA PHE B 4738 -32.48 -84.02 -6.90
C PHE B 4738 -33.26 -83.23 -5.86
N ASP B 4739 -33.60 -83.86 -4.73
CA ASP B 4739 -34.40 -83.21 -3.70
C ASP B 4739 -33.66 -82.04 -3.07
N ILE B 4740 -32.38 -82.23 -2.74
CA ILE B 4740 -31.64 -81.17 -2.06
C ILE B 4740 -31.44 -79.98 -2.96
N THR B 4741 -31.15 -80.20 -4.24
CA THR B 4741 -31.00 -79.09 -5.16
C THR B 4741 -32.33 -78.38 -5.41
N PHE B 4742 -33.44 -79.12 -5.49
CA PHE B 4742 -34.74 -78.46 -5.60
C PHE B 4742 -35.00 -77.59 -4.39
N PHE B 4743 -34.68 -78.09 -3.20
CA PHE B 4743 -34.87 -77.32 -1.97
C PHE B 4743 -34.02 -76.06 -1.98
N PHE B 4744 -32.77 -76.16 -2.46
CA PHE B 4744 -31.86 -75.03 -2.38
C PHE B 4744 -32.15 -73.98 -3.45
N PHE B 4745 -32.17 -74.39 -4.72
CA PHE B 4745 -32.33 -73.42 -5.80
C PHE B 4745 -33.72 -72.80 -5.80
N VAL B 4746 -34.75 -73.60 -5.57
CA VAL B 4746 -36.12 -73.11 -5.70
C VAL B 4746 -36.62 -72.55 -4.39
N ILE B 4747 -36.68 -73.38 -3.35
CA ILE B 4747 -37.30 -72.98 -2.09
C ILE B 4747 -36.48 -71.90 -1.41
N VAL B 4748 -35.16 -72.09 -1.33
CA VAL B 4748 -34.34 -71.22 -0.51
C VAL B 4748 -33.93 -69.97 -1.27
N ILE B 4749 -33.56 -70.10 -2.54
CA ILE B 4749 -32.96 -68.99 -3.27
C ILE B 4749 -33.99 -68.19 -4.04
N LEU B 4750 -34.77 -68.83 -4.91
CA LEU B 4750 -35.64 -68.10 -5.82
C LEU B 4750 -36.85 -67.53 -5.11
N LEU B 4751 -37.49 -68.30 -4.23
CA LEU B 4751 -38.65 -67.79 -3.50
C LEU B 4751 -38.26 -66.61 -2.61
N ALA B 4752 -37.11 -66.71 -1.96
CA ALA B 4752 -36.65 -65.60 -1.11
C ALA B 4752 -36.38 -64.35 -1.94
N ILE B 4753 -35.82 -64.51 -3.13
CA ILE B 4753 -35.57 -63.37 -4.01
C ILE B 4753 -36.87 -62.75 -4.47
N ILE B 4754 -37.85 -63.58 -4.84
CA ILE B 4754 -39.15 -63.06 -5.26
C ILE B 4754 -39.81 -62.27 -4.13
N GLN B 4755 -39.76 -62.80 -2.92
CA GLN B 4755 -40.32 -62.10 -1.77
C GLN B 4755 -39.57 -60.80 -1.48
N GLY B 4756 -38.24 -60.83 -1.60
CA GLY B 4756 -37.47 -59.64 -1.35
C GLY B 4756 -37.75 -58.54 -2.35
N LEU B 4757 -38.01 -58.90 -3.60
CA LEU B 4757 -38.29 -57.88 -4.62
C LEU B 4757 -39.51 -57.05 -4.28
N ILE B 4758 -40.40 -57.55 -3.43
CA ILE B 4758 -41.58 -56.81 -3.01
C ILE B 4758 -41.38 -56.14 -1.65
N ILE B 4759 -40.78 -56.86 -0.70
CA ILE B 4759 -40.58 -56.26 0.62
C ILE B 4759 -39.59 -55.11 0.53
N ASP B 4760 -38.51 -55.28 -0.23
CA ASP B 4760 -37.56 -54.19 -0.45
C ASP B 4760 -38.21 -53.02 -1.17
N ALA B 4761 -39.10 -53.26 -2.13
CA ALA B 4761 -39.78 -52.17 -2.80
C ALA B 4761 -40.64 -51.38 -1.83
N PHE B 4762 -41.33 -52.08 -0.93
CA PHE B 4762 -42.11 -51.42 0.10
C PHE B 4762 -41.21 -50.53 0.96
N GLY B 4763 -40.09 -51.08 1.42
CA GLY B 4763 -39.16 -50.29 2.21
C GLY B 4763 -38.62 -49.09 1.46
N GLU B 4764 -38.32 -49.27 0.17
CA GLU B 4764 -37.77 -48.20 -0.65
C GLU B 4764 -38.77 -47.07 -0.86
N LEU B 4765 -40.03 -47.41 -1.11
CA LEU B 4765 -41.07 -46.39 -1.26
C LEU B 4765 -41.24 -45.60 0.04
N ARG B 4766 -41.29 -46.29 1.18
CA ARG B 4766 -41.40 -45.57 2.44
C ARG B 4766 -40.18 -44.68 2.68
N ASP B 4767 -38.99 -45.17 2.32
CA ASP B 4767 -37.78 -44.35 2.46
C ASP B 4767 -37.86 -43.11 1.58
N GLN B 4768 -38.37 -43.24 0.36
CA GLN B 4768 -38.50 -42.09 -0.52
C GLN B 4768 -39.44 -41.04 0.08
N GLN B 4769 -40.56 -41.49 0.63
CA GLN B 4769 -41.49 -40.55 1.26
C GLN B 4769 -40.83 -39.82 2.42
N GLU B 4770 -40.16 -40.56 3.30
CA GLU B 4770 -39.49 -39.92 4.42
C GLU B 4770 -38.39 -38.97 3.95
N GLN B 4771 -37.69 -39.34 2.88
CA GLN B 4771 -36.62 -38.50 2.38
C GLN B 4771 -37.16 -37.22 1.79
N VAL B 4772 -38.29 -37.27 1.11
CA VAL B 4772 -38.93 -36.04 0.62
C VAL B 4772 -39.30 -35.15 1.78
N ARG B 4773 -39.89 -35.72 2.84
CA ARG B 4773 -40.24 -34.92 4.00
C ARG B 4773 -39.02 -34.28 4.63
N GLU B 4774 -37.91 -35.02 4.71
CA GLU B 4774 -36.69 -34.47 5.28
C GLU B 4774 -36.09 -33.39 4.39
N ASP B 4775 -36.14 -33.57 3.07
CA ASP B 4775 -35.60 -32.58 2.17
C ASP B 4775 -36.37 -31.27 2.26
N MET B 4776 -37.69 -31.34 2.36
CA MET B 4776 -38.46 -30.11 2.51
C MET B 4776 -38.12 -29.39 3.82
N GLU B 4777 -37.82 -30.14 4.87
CA GLU B 4777 -37.53 -29.57 6.17
C GLU B 4777 -36.07 -29.14 6.34
N THR B 4778 -35.22 -29.38 5.34
CA THR B 4778 -33.82 -29.01 5.45
C THR B 4778 -33.29 -28.24 4.24
N LYS B 4779 -34.18 -27.79 3.35
CA LYS B 4779 -33.78 -26.98 2.21
C LYS B 4779 -34.92 -26.06 1.85
N CYS B 4780 -34.60 -24.98 1.15
CA CYS B 4780 -35.61 -24.08 0.62
C CYS B 4780 -35.99 -24.52 -0.78
N PHE B 4781 -37.30 -24.62 -1.02
CA PHE B 4781 -37.79 -25.10 -2.31
C PHE B 4781 -37.35 -24.20 -3.45
N ILE B 4782 -37.20 -22.90 -3.19
CA ILE B 4782 -36.97 -21.93 -4.25
C ILE B 4782 -35.47 -21.77 -4.50
N CYS B 4783 -34.71 -21.39 -3.47
CA CYS B 4783 -33.30 -21.08 -3.66
C CYS B 4783 -32.38 -22.26 -3.41
N GLY B 4784 -32.85 -23.28 -2.69
CA GLY B 4784 -32.04 -24.46 -2.46
C GLY B 4784 -30.96 -24.32 -1.41
N ILE B 4785 -30.97 -23.24 -0.63
CA ILE B 4785 -30.00 -23.08 0.45
C ILE B 4785 -30.45 -23.87 1.66
N GLY B 4786 -29.53 -24.61 2.26
CA GLY B 4786 -29.87 -25.44 3.40
C GLY B 4786 -30.21 -24.62 4.62
N ASN B 4787 -30.87 -25.28 5.57
CA ASN B 4787 -31.27 -24.60 6.80
C ASN B 4787 -30.11 -24.32 7.73
N ASP B 4788 -28.92 -24.85 7.46
CA ASP B 4788 -27.77 -24.52 8.27
C ASP B 4788 -27.43 -23.03 8.16
N TYR B 4789 -27.52 -22.48 6.95
CA TYR B 4789 -27.22 -21.06 6.78
C TYR B 4789 -28.20 -20.18 7.55
N PHE B 4790 -29.49 -20.49 7.48
CA PHE B 4790 -30.49 -19.65 8.12
C PHE B 4790 -30.65 -19.94 9.59
N ASP B 4791 -30.14 -21.06 10.08
CA ASP B 4791 -30.29 -21.40 11.49
C ASP B 4791 -29.33 -20.65 12.40
N THR B 4792 -28.40 -19.87 11.83
CA THR B 4792 -27.54 -19.05 12.67
C THR B 4792 -28.35 -18.04 13.47
N THR B 4793 -29.49 -17.61 12.96
CA THR B 4793 -30.43 -16.79 13.68
C THR B 4793 -31.56 -17.63 14.23
N PRO B 4794 -32.24 -17.18 15.28
CA PRO B 4794 -33.35 -17.95 15.84
C PRO B 4794 -34.50 -18.05 14.86
N HIS B 4795 -34.91 -19.29 14.54
CA HIS B 4795 -35.99 -19.55 13.60
C HIS B 4795 -35.69 -18.96 12.23
N GLY B 4796 -34.41 -19.00 11.85
CA GLY B 4796 -34.03 -18.42 10.56
C GLY B 4796 -34.65 -19.14 9.39
N PHE B 4797 -34.60 -20.48 9.41
CA PHE B 4797 -35.14 -21.24 8.28
C PHE B 4797 -36.64 -21.11 8.19
N GLU B 4798 -37.34 -21.14 9.34
CA GLU B 4798 -38.79 -20.99 9.30
C GLU B 4798 -39.20 -19.62 8.79
N THR B 4799 -38.51 -18.57 9.23
CA THR B 4799 -38.81 -17.24 8.73
C THR B 4799 -38.51 -17.12 7.25
N HIS B 4800 -37.40 -17.69 6.80
CA HIS B 4800 -37.04 -17.60 5.40
C HIS B 4800 -38.09 -18.25 4.50
N THR B 4801 -38.58 -19.42 4.90
CA THR B 4801 -39.50 -20.18 4.08
C THR B 4801 -40.96 -19.81 4.34
N LEU B 4802 -41.21 -18.87 5.23
CA LEU B 4802 -42.56 -18.37 5.46
C LEU B 4802 -42.73 -16.90 5.12
N GLN B 4803 -41.65 -16.13 5.06
CA GLN B 4803 -41.72 -14.74 4.67
C GLN B 4803 -40.88 -14.42 3.44
N GLU B 4804 -39.62 -14.87 3.41
CA GLU B 4804 -38.73 -14.48 2.32
C GLU B 4804 -39.03 -15.26 1.04
N HIS B 4805 -38.86 -16.58 1.07
CA HIS B 4805 -39.11 -17.43 -0.09
C HIS B 4805 -40.21 -18.41 0.28
N ASN B 4806 -41.45 -18.05 -0.03
CA ASN B 4806 -42.60 -18.93 0.20
C ASN B 4806 -43.28 -19.18 -1.13
N LEU B 4807 -43.41 -20.46 -1.50
CA LEU B 4807 -43.94 -20.80 -2.81
C LEU B 4807 -45.39 -20.34 -2.98
N ALA B 4808 -46.15 -20.32 -1.88
CA ALA B 4808 -47.49 -19.77 -1.94
C ALA B 4808 -47.45 -18.29 -2.32
N ASN B 4809 -46.42 -17.57 -1.86
CA ASN B 4809 -46.30 -16.16 -2.22
C ASN B 4809 -45.98 -15.99 -3.69
N TYR B 4810 -45.22 -16.92 -4.27
CA TYR B 4810 -44.97 -16.85 -5.71
C TYR B 4810 -46.24 -17.16 -6.50
N LEU B 4811 -47.05 -18.11 -6.04
CA LEU B 4811 -48.34 -18.35 -6.67
C LEU B 4811 -49.23 -17.12 -6.59
N PHE B 4812 -49.27 -16.48 -5.43
CA PHE B 4812 -50.10 -15.29 -5.26
C PHE B 4812 -49.56 -14.13 -6.08
N PHE B 4813 -48.25 -14.05 -6.27
CA PHE B 4813 -47.70 -13.01 -7.14
C PHE B 4813 -48.11 -13.23 -8.58
N LEU B 4814 -48.13 -14.49 -9.03
CA LEU B 4814 -48.60 -14.75 -10.38
C LEU B 4814 -50.07 -14.37 -10.52
N MET B 4815 -50.90 -14.71 -9.54
CA MET B 4815 -52.31 -14.29 -9.60
C MET B 4815 -52.43 -12.78 -9.61
N TYR B 4816 -51.61 -12.10 -8.81
CA TYR B 4816 -51.62 -10.65 -8.75
C TYR B 4816 -51.25 -10.03 -10.08
N LEU B 4817 -50.24 -10.59 -10.76
CA LEU B 4817 -49.86 -10.10 -12.07
C LEU B 4817 -50.96 -10.33 -13.10
N ILE B 4818 -51.61 -11.49 -13.05
CA ILE B 4818 -52.67 -11.76 -14.02
C ILE B 4818 -53.82 -10.78 -13.87
N ASN B 4819 -54.22 -10.49 -12.63
CA ASN B 4819 -55.40 -9.69 -12.38
C ASN B 4819 -55.12 -8.19 -12.37
N LYS B 4820 -53.91 -7.77 -12.67
CA LYS B 4820 -53.53 -6.37 -12.69
C LYS B 4820 -53.33 -5.91 -14.12
N ASP B 4821 -53.72 -4.66 -14.41
CA ASP B 4821 -53.57 -4.13 -15.76
C ASP B 4821 -52.10 -4.00 -16.11
N GLU B 4822 -51.77 -4.28 -17.37
CA GLU B 4822 -50.39 -4.15 -17.81
C GLU B 4822 -49.93 -2.69 -17.78
N THR B 4823 -50.84 -1.74 -17.88
CA THR B 4823 -50.47 -0.35 -17.77
C THR B 4823 -50.16 0.07 -16.35
N GLU B 4824 -50.63 -0.70 -15.36
CA GLU B 4824 -50.38 -0.43 -13.96
C GLU B 4824 -49.19 -1.19 -13.41
N HIS B 4825 -48.60 -2.11 -14.18
CA HIS B 4825 -47.45 -2.86 -13.72
C HIS B 4825 -46.29 -1.93 -13.40
N THR B 4826 -45.63 -2.19 -12.28
CA THR B 4826 -44.43 -1.45 -11.91
C THR B 4826 -43.23 -2.06 -12.64
N GLY B 4827 -42.03 -1.59 -12.31
CA GLY B 4827 -40.85 -2.09 -12.99
C GLY B 4827 -40.59 -3.55 -12.71
N GLN B 4828 -40.70 -3.94 -11.44
CA GLN B 4828 -40.45 -5.33 -11.05
C GLN B 4828 -41.54 -6.26 -11.56
N GLU B 4829 -42.80 -5.84 -11.42
CA GLU B 4829 -43.91 -6.63 -11.93
C GLU B 4829 -43.84 -6.75 -13.45
N SER B 4830 -43.52 -5.67 -14.13
CA SER B 4830 -43.39 -5.71 -15.59
C SER B 4830 -42.25 -6.62 -16.02
N TYR B 4831 -41.12 -6.55 -15.31
CA TYR B 4831 -39.97 -7.41 -15.60
C TYR B 4831 -40.34 -8.88 -15.45
N VAL B 4832 -40.97 -9.23 -14.33
CA VAL B 4832 -41.35 -10.62 -14.09
C VAL B 4832 -42.39 -11.08 -15.10
N TRP B 4833 -43.34 -10.20 -15.44
CA TRP B 4833 -44.38 -10.57 -16.40
C TRP B 4833 -43.79 -10.81 -17.78
N LYS B 4834 -42.84 -9.99 -18.20
CA LYS B 4834 -42.20 -10.22 -19.48
C LYS B 4834 -41.43 -11.53 -19.48
N MET B 4835 -40.70 -11.82 -18.41
CA MET B 4835 -39.96 -13.08 -18.35
C MET B 4835 -40.91 -14.27 -18.34
N TYR B 4836 -42.05 -14.16 -17.67
CA TYR B 4836 -43.03 -15.22 -17.66
C TYR B 4836 -43.65 -15.43 -19.04
N GLN B 4837 -43.96 -14.34 -19.74
CA GLN B 4837 -44.49 -14.46 -21.10
C GLN B 4837 -43.49 -15.15 -22.01
N GLU B 4838 -42.21 -14.78 -21.90
CA GLU B 4838 -41.18 -15.45 -22.67
C GLU B 4838 -40.79 -16.80 -22.08
N ARG B 4839 -41.30 -17.14 -20.91
CA ARG B 4839 -40.98 -18.40 -20.24
C ARG B 4839 -39.48 -18.52 -19.97
N CYS B 4840 -38.91 -17.48 -19.38
CA CYS B 4840 -37.55 -17.49 -18.87
C CYS B 4840 -37.61 -17.38 -17.36
N TRP B 4841 -37.07 -18.36 -16.66
CA TRP B 4841 -37.21 -18.49 -15.21
C TRP B 4841 -36.00 -17.98 -14.46
N ASP B 4842 -35.36 -16.93 -14.98
CA ASP B 4842 -34.18 -16.37 -14.34
C ASP B 4842 -34.50 -15.45 -13.19
N PHE B 4843 -35.78 -15.14 -12.96
CA PHE B 4843 -36.14 -14.22 -11.88
C PHE B 4843 -36.32 -14.93 -10.54
N PHE B 4844 -36.30 -16.25 -10.50
CA PHE B 4844 -36.30 -16.94 -9.23
C PHE B 4844 -34.93 -16.86 -8.59
N PRO B 4845 -34.85 -16.60 -7.30
CA PRO B 4845 -33.53 -16.60 -6.64
C PRO B 4845 -33.00 -18.00 -6.46
N ALA B 4846 -31.98 -18.37 -7.24
CA ALA B 4846 -31.41 -19.71 -7.22
C ALA B 4846 -30.07 -19.67 -6.50
N GLY B 4847 -30.02 -20.27 -5.31
CA GLY B 4847 -28.79 -20.28 -4.55
C GLY B 4847 -28.40 -18.96 -3.95
N ASP B 4848 -29.35 -18.03 -3.81
CA ASP B 4848 -29.05 -16.70 -3.30
C ASP B 4848 -30.30 -16.14 -2.64
N CYS B 4849 -30.10 -15.16 -1.76
CA CYS B 4849 -31.22 -14.55 -1.06
C CYS B 4849 -30.81 -13.15 -0.63
N PHE B 4850 -31.75 -12.45 0.01
CA PHE B 4850 -31.48 -11.11 0.50
C PHE B 4850 -30.42 -11.13 1.60
N ARG B 4851 -30.44 -12.15 2.44
CA ARG B 4851 -29.46 -12.26 3.52
C ARG B 4851 -28.04 -12.39 2.96
N LYS B 4852 -27.84 -13.34 2.05
CA LYS B 4852 -26.52 -13.52 1.46
C LYS B 4852 -26.11 -12.30 0.64
N GLN B 4853 -27.05 -11.68 -0.07
CA GLN B 4853 -26.73 -10.51 -0.87
C GLN B 4853 -26.22 -9.37 0.00
N TYR B 4854 -26.89 -9.12 1.12
CA TYR B 4854 -26.55 -7.98 1.98
C TYR B 4854 -26.15 -8.45 3.37
N GLU B 4855 -25.31 -9.49 3.44
CA GLU B 4855 -24.95 -10.05 4.73
C GLU B 4855 -24.21 -9.04 5.59
N ASP B 4856 -23.33 -8.25 4.99
CA ASP B 4856 -22.58 -7.25 5.74
C ASP B 4856 -23.50 -6.11 6.20
N GLN B 4857 -24.14 -5.42 5.26
CA GLN B 4857 -24.97 -4.27 5.60
C GLN B 4857 -26.16 -4.68 6.46
N LEU B 4858 -26.89 -5.70 6.03
CA LEU B 4858 -28.11 -6.08 6.74
C LEU B 4858 -27.80 -6.59 8.14
N GLY B 4859 -26.74 -7.39 8.28
CA GLY B 4859 -26.35 -7.91 9.58
C GLY B 4859 -26.76 -9.34 9.80
N ALA C 3 -41.50 82.02 98.19
CA ALA C 3 -41.18 80.71 97.62
C ALA C 3 -41.48 80.67 96.14
N GLY C 4 -41.05 79.60 95.47
CA GLY C 4 -41.27 79.42 94.05
C GLY C 4 -42.59 78.79 93.68
N VAL C 5 -43.45 78.52 94.65
CA VAL C 5 -44.74 77.87 94.43
C VAL C 5 -45.85 78.87 94.73
N GLU C 6 -46.83 78.94 93.83
CA GLU C 6 -48.02 79.75 94.03
C GLU C 6 -49.20 78.83 94.28
N ILE C 7 -49.84 78.99 95.43
CA ILE C 7 -50.96 78.14 95.84
C ILE C 7 -52.26 78.89 95.58
N GLU C 8 -53.18 78.23 94.89
CA GLU C 8 -54.52 78.75 94.64
C GLU C 8 -55.51 77.73 95.18
N THR C 9 -56.31 78.15 96.16
CA THR C 9 -57.22 77.22 96.81
C THR C 9 -58.35 76.81 95.87
N ILE C 10 -58.83 75.58 96.07
CA ILE C 10 -59.95 75.05 95.29
C ILE C 10 -61.06 74.67 96.25
N SER C 11 -60.77 73.76 97.17
CA SER C 11 -61.71 73.34 98.20
C SER C 11 -61.01 73.44 99.55
N PRO C 12 -61.53 74.23 100.49
CA PRO C 12 -60.81 74.47 101.75
C PRO C 12 -60.75 73.23 102.63
N GLY C 13 -59.73 73.20 103.47
CA GLY C 13 -59.57 72.21 104.51
C GLY C 13 -60.01 72.73 105.86
N ASP C 14 -59.46 72.14 106.93
CA ASP C 14 -59.77 72.60 108.26
C ASP C 14 -59.02 73.89 108.63
N GLY C 15 -57.94 74.20 107.91
CA GLY C 15 -57.19 75.42 108.17
C GLY C 15 -56.44 75.44 109.48
N ARG C 16 -56.33 74.31 110.15
CA ARG C 16 -55.68 74.21 111.45
C ARG C 16 -54.61 73.13 111.51
N THR C 17 -54.85 71.99 110.89
CA THR C 17 -53.93 70.85 110.93
C THR C 17 -53.02 70.92 109.71
N PHE C 18 -51.76 71.26 109.94
CA PHE C 18 -50.79 71.34 108.86
C PHE C 18 -49.73 70.25 109.02
N PRO C 19 -49.15 69.81 107.92
CA PRO C 19 -48.12 68.76 108.01
C PRO C 19 -46.93 69.23 108.83
N LYS C 20 -46.36 68.30 109.60
CA LYS C 20 -45.21 68.56 110.44
C LYS C 20 -44.09 67.59 110.11
N LYS C 21 -42.93 67.83 110.72
CA LYS C 21 -41.77 66.99 110.46
C LYS C 21 -42.02 65.56 110.91
N GLY C 22 -41.49 64.61 110.15
CA GLY C 22 -41.71 63.21 110.43
C GLY C 22 -43.14 62.76 110.29
N GLN C 23 -43.85 63.31 109.29
CA GLN C 23 -45.22 62.93 109.00
C GLN C 23 -45.33 62.53 107.54
N THR C 24 -46.16 61.53 107.26
CA THR C 24 -46.44 61.12 105.89
C THR C 24 -47.67 61.85 105.38
N CYS C 25 -47.53 62.50 104.23
CA CYS C 25 -48.61 63.29 103.65
C CYS C 25 -49.21 62.48 102.51
N VAL C 26 -50.31 61.79 102.78
CA VAL C 26 -51.00 61.02 101.75
C VAL C 26 -51.82 62.00 100.92
N VAL C 27 -51.36 62.28 99.70
CA VAL C 27 -51.96 63.28 98.84
C VAL C 27 -52.30 62.65 97.50
N HIS C 28 -53.45 63.01 96.96
CA HIS C 28 -53.86 62.65 95.62
C HIS C 28 -53.66 63.87 94.72
N TYR C 29 -52.87 63.71 93.67
CA TYR C 29 -52.48 64.84 92.84
C TYR C 29 -52.74 64.55 91.37
N THR C 30 -52.57 65.59 90.55
CA THR C 30 -52.74 65.48 89.11
C THR C 30 -51.88 66.58 88.49
N GLY C 31 -50.70 66.20 87.98
CA GLY C 31 -49.75 67.15 87.47
C GLY C 31 -49.78 67.24 85.96
N MET C 32 -49.76 68.48 85.46
CA MET C 32 -49.79 68.74 84.03
C MET C 32 -48.82 69.88 83.72
N LEU C 33 -48.42 69.94 82.45
CA LEU C 33 -47.56 71.00 81.98
C LEU C 33 -48.33 72.32 81.90
N GLN C 34 -47.58 73.41 81.77
CA GLN C 34 -48.20 74.73 81.71
C GLN C 34 -49.04 74.94 80.47
N ASN C 35 -48.92 74.08 79.47
CA ASN C 35 -49.69 74.17 78.24
C ASN C 35 -50.98 73.38 78.27
N GLY C 36 -51.28 72.70 79.38
CA GLY C 36 -52.47 71.87 79.48
C GLY C 36 -52.27 70.41 79.15
N LYS C 37 -51.03 69.95 79.02
CA LYS C 37 -50.72 68.57 78.67
C LYS C 37 -50.45 67.79 79.95
N LYS C 38 -51.37 66.92 80.32
CA LYS C 38 -51.22 66.15 81.55
C LYS C 38 -50.04 65.19 81.43
N PHE C 39 -49.25 65.10 82.49
CA PHE C 39 -48.12 64.18 82.51
C PHE C 39 -48.13 63.22 83.69
N ASP C 40 -48.99 63.41 84.69
CA ASP C 40 -49.01 62.46 85.79
C ASP C 40 -50.33 62.63 86.54
N SER C 41 -50.77 61.54 87.16
CA SER C 41 -51.99 61.58 87.97
C SER C 41 -52.03 60.34 88.84
N SER C 42 -52.09 60.53 90.16
CA SER C 42 -52.22 59.40 91.06
C SER C 42 -53.64 58.89 91.18
N ARG C 43 -54.62 59.65 90.69
CA ARG C 43 -56.01 59.19 90.74
C ARG C 43 -56.29 58.15 89.66
N ASP C 44 -55.55 58.20 88.55
CA ASP C 44 -55.68 57.16 87.52
C ASP C 44 -55.23 55.81 88.06
N ARG C 45 -54.16 55.79 88.85
CA ARG C 45 -53.62 54.55 89.40
C ARG C 45 -54.36 54.07 90.63
N ASN C 46 -55.29 54.87 91.16
CA ASN C 46 -56.04 54.51 92.36
C ASN C 46 -55.12 54.33 93.56
N LYS C 47 -54.01 55.06 93.59
CA LYS C 47 -53.03 54.92 94.66
C LYS C 47 -52.54 56.28 95.11
N PRO C 48 -52.96 56.75 96.28
CA PRO C 48 -52.47 58.05 96.78
C PRO C 48 -50.97 58.02 97.00
N PHE C 49 -50.34 59.18 96.76
CA PHE C 49 -48.90 59.31 96.88
C PHE C 49 -48.52 59.71 98.29
N LYS C 50 -47.53 59.02 98.85
CA LYS C 50 -47.07 59.24 100.21
C LYS C 50 -45.64 59.72 100.20
N PHE C 51 -45.37 60.78 100.95
CA PHE C 51 -44.01 61.29 101.11
C PHE C 51 -43.90 61.92 102.48
N ARG C 52 -42.66 62.00 102.97
CA ARG C 52 -42.39 62.51 104.31
C ARG C 52 -41.75 63.89 104.20
N ILE C 53 -42.25 64.83 105.00
CA ILE C 53 -41.70 66.18 104.99
C ILE C 53 -40.31 66.18 105.61
N GLY C 54 -39.43 67.00 105.06
CA GLY C 54 -38.09 67.16 105.59
C GLY C 54 -37.08 66.14 105.13
N LYS C 55 -37.47 65.18 104.29
CA LYS C 55 -36.55 64.19 103.76
C LYS C 55 -36.16 64.46 102.32
N GLN C 56 -36.75 65.46 101.68
CA GLN C 56 -36.44 65.80 100.30
C GLN C 56 -36.70 64.63 99.35
N GLU C 57 -37.81 63.93 99.58
CA GLU C 57 -38.20 62.85 98.67
C GLU C 57 -38.75 63.40 97.36
N VAL C 58 -39.56 64.45 97.44
CA VAL C 58 -40.25 64.99 96.28
C VAL C 58 -39.57 66.30 95.87
N ILE C 59 -39.98 66.82 94.71
CA ILE C 59 -39.43 68.09 94.26
C ILE C 59 -39.79 69.20 95.25
N LYS C 60 -38.99 70.25 95.26
CA LYS C 60 -39.10 71.27 96.30
C LYS C 60 -40.45 71.97 96.27
N GLY C 61 -40.92 72.35 95.08
CA GLY C 61 -42.18 73.06 95.00
C GLY C 61 -43.36 72.24 95.52
N PHE C 62 -43.40 70.96 95.16
CA PHE C 62 -44.47 70.08 95.63
C PHE C 62 -44.47 69.98 97.15
N GLU C 63 -43.29 69.78 97.73
CA GLU C 63 -43.19 69.65 99.18
C GLU C 63 -43.59 70.94 99.88
N GLU C 64 -43.14 72.09 99.38
CA GLU C 64 -43.52 73.37 99.99
C GLU C 64 -45.03 73.59 99.90
N GLY C 65 -45.61 73.30 98.73
CA GLY C 65 -47.04 73.48 98.59
C GLY C 65 -47.85 72.59 99.52
N ALA C 66 -47.45 71.32 99.63
CA ALA C 66 -48.13 70.44 100.58
C ALA C 66 -47.90 70.89 102.02
N ALA C 67 -46.75 71.49 102.31
CA ALA C 67 -46.50 72.01 103.65
C ALA C 67 -47.45 73.17 103.97
N GLN C 68 -47.66 74.07 103.01
CA GLN C 68 -48.60 75.16 103.25
C GLN C 68 -50.04 74.68 103.34
N MET C 69 -50.38 73.62 102.62
CA MET C 69 -51.74 73.11 102.60
C MET C 69 -52.11 72.50 103.94
N SER C 70 -53.41 72.49 104.22
CA SER C 70 -53.96 71.93 105.44
C SER C 70 -54.63 70.59 105.15
N LEU C 71 -55.08 69.94 106.23
CA LEU C 71 -55.69 68.63 106.09
C LEU C 71 -56.99 68.72 105.32
N GLY C 72 -57.21 67.77 104.42
CA GLY C 72 -58.42 67.74 103.62
C GLY C 72 -58.60 68.94 102.72
N GLN C 73 -57.51 69.50 102.20
CA GLN C 73 -57.57 70.69 101.37
C GLN C 73 -57.13 70.35 99.95
N ARG C 74 -57.89 70.86 98.97
CA ARG C 74 -57.59 70.70 97.57
C ARG C 74 -57.18 72.05 96.99
N ALA C 75 -55.97 72.12 96.45
CA ALA C 75 -55.42 73.39 96.01
C ALA C 75 -54.54 73.17 94.79
N LYS C 76 -54.34 74.25 94.04
CA LYS C 76 -53.51 74.22 92.85
C LYS C 76 -52.13 74.81 93.17
N LEU C 77 -51.09 74.06 92.86
CA LEU C 77 -49.70 74.46 93.10
C LEU C 77 -49.00 74.65 91.77
N THR C 78 -48.38 75.80 91.59
CA THR C 78 -47.62 76.12 90.38
C THR C 78 -46.14 76.08 90.73
N CYS C 79 -45.47 74.99 90.34
CA CYS C 79 -44.05 74.82 90.59
C CYS C 79 -43.27 75.34 89.38
N THR C 80 -42.52 76.42 89.58
CA THR C 80 -41.70 76.96 88.53
C THR C 80 -40.49 76.05 88.29
N PRO C 81 -39.82 76.20 87.14
CA PRO C 81 -38.68 75.33 86.84
C PRO C 81 -37.57 75.43 87.86
N ASP C 82 -37.48 76.53 88.60
CA ASP C 82 -36.45 76.66 89.63
C ASP C 82 -36.61 75.58 90.69
N VAL C 83 -37.84 75.31 91.12
CA VAL C 83 -38.11 74.33 92.17
C VAL C 83 -38.73 73.06 91.62
N ALA C 84 -38.64 72.83 90.31
CA ALA C 84 -39.11 71.58 89.71
C ALA C 84 -38.23 71.30 88.50
N TYR C 85 -37.18 70.49 88.70
CA TYR C 85 -36.25 70.17 87.63
C TYR C 85 -35.60 71.44 87.07
N GLY C 86 -35.92 71.80 85.84
CA GLY C 86 -35.38 73.00 85.25
C GLY C 86 -34.67 72.77 83.94
N ALA C 87 -33.36 72.99 83.92
CA ALA C 87 -32.58 72.75 82.71
C ALA C 87 -32.65 71.29 82.30
N THR C 88 -32.65 70.39 83.28
CA THR C 88 -32.79 68.95 83.04
C THR C 88 -34.10 68.48 83.66
N GLY C 89 -35.06 68.12 82.81
CA GLY C 89 -36.31 67.53 83.26
C GLY C 89 -36.32 66.03 83.01
N HIS C 90 -37.45 65.43 83.36
CA HIS C 90 -37.63 64.02 83.05
C HIS C 90 -37.58 63.83 81.54
N PRO C 91 -36.56 63.19 81.01
CA PRO C 91 -36.49 63.00 79.55
C PRO C 91 -37.65 62.15 79.06
N GLY C 92 -38.30 62.62 78.00
CA GLY C 92 -39.43 61.94 77.44
C GLY C 92 -40.75 62.22 78.13
N VAL C 93 -40.75 62.98 79.23
CA VAL C 93 -41.99 63.33 79.91
C VAL C 93 -42.08 64.84 80.05
N ILE C 94 -41.14 65.42 80.77
CA ILE C 94 -41.14 66.85 81.11
C ILE C 94 -40.03 67.53 80.32
N PRO C 95 -40.34 68.49 79.45
CA PRO C 95 -39.29 69.18 78.70
C PRO C 95 -38.50 70.10 79.61
N PRO C 96 -37.30 70.52 79.19
CA PRO C 96 -36.49 71.41 80.01
C PRO C 96 -37.15 72.77 80.20
N ASN C 97 -36.93 73.36 81.36
CA ASN C 97 -37.45 74.68 81.69
C ASN C 97 -38.97 74.74 81.50
N ALA C 98 -39.66 73.85 82.21
CA ALA C 98 -41.11 73.73 82.12
C ALA C 98 -41.73 73.98 83.49
N THR C 99 -42.69 74.89 83.54
CA THR C 99 -43.48 75.10 84.75
C THR C 99 -44.55 74.01 84.85
N LEU C 100 -44.79 73.54 86.07
CA LEU C 100 -45.70 72.44 86.31
C LEU C 100 -46.86 72.91 87.17
N ILE C 101 -48.03 72.33 86.96
CA ILE C 101 -49.22 72.68 87.72
C ILE C 101 -49.83 71.41 88.29
N PHE C 102 -50.01 71.38 89.60
CA PHE C 102 -50.50 70.21 90.31
C PHE C 102 -51.81 70.54 91.00
N ASP C 103 -52.82 69.70 90.78
CA ASP C 103 -54.09 69.80 91.50
C ASP C 103 -54.01 68.83 92.67
N VAL C 104 -53.47 69.32 93.80
CA VAL C 104 -53.06 68.47 94.91
C VAL C 104 -54.14 68.49 95.98
N GLU C 105 -54.56 67.31 96.42
CA GLU C 105 -55.46 67.17 97.55
C GLU C 105 -54.73 66.46 98.69
N LEU C 106 -54.73 67.07 99.86
CA LEU C 106 -54.06 66.52 101.04
C LEU C 106 -55.04 65.60 101.74
N LEU C 107 -55.05 64.33 101.33
CA LEU C 107 -56.00 63.37 101.88
C LEU C 107 -55.77 63.17 103.37
N ASN C 108 -54.59 62.66 103.74
CA ASN C 108 -54.32 62.26 105.11
C ASN C 108 -52.96 62.75 105.58
N LEU C 109 -52.84 62.89 106.90
CA LEU C 109 -51.58 63.23 107.56
C LEU C 109 -51.08 62.08 108.43
N GLU C 110 -51.16 60.86 107.92
CA GLU C 110 -50.68 59.69 108.65
C GLU C 110 -49.70 58.89 107.78
N GLU D 11 -28.02 23.23 3.46
CA GLU D 11 -26.93 23.42 2.51
C GLU D 11 -26.12 24.66 2.87
N ILE D 12 -24.89 24.74 2.34
CA ILE D 12 -24.03 25.88 2.61
C ILE D 12 -24.41 27.13 1.85
N GLN D 13 -25.46 27.07 1.03
CA GLN D 13 -25.93 28.22 0.27
C GLN D 13 -27.41 28.51 0.50
N PHE D 14 -28.03 27.89 1.51
CA PHE D 14 -29.44 28.13 1.81
C PHE D 14 -29.58 28.56 3.26
N LEU D 15 -30.44 29.56 3.48
CA LEU D 15 -30.69 30.08 4.82
C LEU D 15 -31.78 29.27 5.50
N ARG D 16 -31.59 29.00 6.79
CA ARG D 16 -32.53 28.24 7.58
C ARG D 16 -32.82 29.00 8.87
N THR D 17 -33.89 28.60 9.55
CA THR D 17 -34.23 29.26 10.80
C THR D 17 -33.18 28.94 11.86
N GLU D 18 -33.21 29.73 12.93
CA GLU D 18 -32.25 29.60 14.03
C GLU D 18 -30.83 29.86 13.56
N ASP D 19 -30.69 30.66 12.50
CA ASP D 19 -29.40 30.96 11.88
C ASP D 19 -29.07 32.41 12.16
N GLU D 20 -27.96 32.67 12.85
CA GLU D 20 -27.55 34.03 13.16
C GLU D 20 -26.90 34.67 11.95
N VAL D 21 -27.48 35.77 11.49
CA VAL D 21 -27.04 36.46 10.29
C VAL D 21 -26.94 37.95 10.58
N VAL D 22 -26.25 38.66 9.69
CA VAL D 22 -26.14 40.11 9.72
C VAL D 22 -26.70 40.65 8.41
N LEU D 23 -27.52 41.69 8.51
CA LEU D 23 -28.14 42.30 7.34
C LEU D 23 -27.29 43.48 6.89
N GLN D 24 -26.65 43.33 5.74
CA GLN D 24 -25.71 44.33 5.23
C GLN D 24 -26.27 45.02 4.01
N CYS D 25 -25.95 46.31 3.88
CA CYS D 25 -26.38 47.13 2.75
C CYS D 25 -25.21 47.98 2.26
N ILE D 26 -25.19 48.24 0.96
CA ILE D 26 -24.11 48.98 0.32
C ILE D 26 -24.65 50.36 -0.07
N ALA D 27 -23.92 51.40 0.31
CA ALA D 27 -24.28 52.76 -0.06
C ALA D 27 -23.10 53.42 -0.74
N ASN D 28 -23.35 54.06 -1.88
CA ASN D 28 -22.30 54.70 -2.65
C ASN D 28 -22.18 56.15 -2.20
N ILE D 29 -21.08 56.46 -1.52
CA ILE D 29 -20.83 57.80 -0.99
C ILE D 29 -19.46 58.26 -1.47
N HIS D 30 -19.41 59.44 -2.09
CA HIS D 30 -18.16 60.01 -2.58
C HIS D 30 -17.43 59.05 -3.52
N LYS D 31 -18.18 58.35 -4.36
CA LYS D 31 -17.67 57.40 -5.34
C LYS D 31 -17.07 56.15 -4.70
N GLU D 32 -17.31 55.93 -3.41
CA GLU D 32 -16.82 54.76 -2.70
C GLU D 32 -18.00 53.97 -2.16
N GLN D 33 -17.95 52.65 -2.34
CA GLN D 33 -19.02 51.77 -1.87
C GLN D 33 -18.77 51.43 -0.41
N ARG D 34 -19.43 52.15 0.49
CA ARG D 34 -19.33 51.90 1.91
C ARG D 34 -20.41 50.92 2.33
N LYS D 35 -20.02 49.86 3.03
CA LYS D 35 -20.95 48.83 3.48
C LYS D 35 -21.31 49.06 4.93
N PHE D 36 -22.56 48.77 5.28
CA PHE D 36 -23.11 49.00 6.60
C PHE D 36 -23.90 47.78 7.02
N CYS D 37 -24.03 47.59 8.33
CA CYS D 37 -24.80 46.49 8.89
C CYS D 37 -25.87 47.04 9.81
N LEU D 38 -27.09 46.53 9.68
CA LEU D 38 -28.17 46.95 10.55
C LEU D 38 -27.87 46.57 11.99
N ALA D 39 -28.02 47.52 12.91
CA ALA D 39 -27.65 47.32 14.29
C ALA D 39 -28.68 47.96 15.21
N ALA D 40 -28.70 47.50 16.45
CA ALA D 40 -29.56 48.08 17.47
C ALA D 40 -28.94 47.80 18.82
N GLU D 41 -29.40 48.52 19.83
CA GLU D 41 -28.95 48.34 21.20
C GLU D 41 -30.15 48.02 22.08
N GLY D 42 -29.94 47.16 23.07
CA GLY D 42 -31.05 46.77 23.92
C GLY D 42 -31.54 47.87 24.84
N LEU D 43 -30.75 48.22 25.85
CA LEU D 43 -31.16 49.20 26.84
C LEU D 43 -30.76 50.59 26.41
N GLY D 44 -31.59 51.56 26.74
CA GLY D 44 -31.30 52.95 26.42
C GLY D 44 -31.87 53.40 25.10
N ASN D 45 -31.33 52.87 23.99
CA ASN D 45 -31.72 53.29 22.65
C ASN D 45 -32.25 52.07 21.91
N ARG D 46 -33.52 52.09 21.55
CA ARG D 46 -34.14 50.97 20.84
C ARG D 46 -34.23 51.18 19.34
N LEU D 47 -33.72 52.30 18.81
CA LEU D 47 -33.76 52.52 17.39
C LEU D 47 -32.57 51.89 16.70
N CYS D 48 -32.78 51.46 15.45
CA CYS D 48 -31.74 50.84 14.67
C CYS D 48 -30.87 51.88 13.98
N PHE D 49 -29.57 51.61 13.91
CA PHE D 49 -28.63 52.43 13.17
C PHE D 49 -27.84 51.51 12.25
N LEU D 50 -26.82 52.06 11.60
CA LEU D 50 -26.03 51.28 10.64
C LEU D 50 -24.57 51.33 11.07
N GLU D 51 -24.05 50.18 11.49
CA GLU D 51 -22.66 50.06 11.87
C GLU D 51 -21.80 49.93 10.63
N PRO D 52 -20.84 50.83 10.39
CA PRO D 52 -20.03 50.73 9.17
C PRO D 52 -19.00 49.61 9.27
N THR D 53 -19.05 48.68 8.31
CA THR D 53 -18.14 47.55 8.28
C THR D 53 -17.23 47.57 7.05
N SER D 54 -17.00 48.75 6.48
CA SER D 54 -16.22 48.89 5.26
C SER D 54 -14.74 49.13 5.55
N GLU D 55 -14.44 50.09 6.42
CA GLU D 55 -13.07 50.37 6.84
C GLU D 55 -12.73 49.58 8.10
N ALA D 56 -12.86 48.26 8.00
CA ALA D 56 -12.67 47.38 9.14
C ALA D 56 -11.22 47.05 9.41
N LYS D 57 -10.31 47.42 8.51
CA LYS D 57 -8.89 47.15 8.74
C LYS D 57 -8.30 48.12 9.75
N TYR D 58 -8.84 49.33 9.85
CA TYR D 58 -8.28 50.36 10.72
C TYR D 58 -9.16 50.69 11.92
N VAL D 59 -10.43 50.31 11.90
CA VAL D 59 -11.34 50.56 13.01
C VAL D 59 -12.21 49.32 13.18
N PRO D 60 -12.17 48.66 14.34
CA PRO D 60 -12.89 47.42 14.50
C PRO D 60 -14.39 47.63 14.41
N PRO D 61 -15.11 46.74 13.72
CA PRO D 61 -16.56 46.78 13.74
C PRO D 61 -17.15 46.02 14.92
N ASP D 62 -18.25 46.55 15.44
CA ASP D 62 -18.95 45.98 16.59
C ASP D 62 -20.09 45.13 16.06
N LEU D 63 -19.81 43.86 15.80
CA LEU D 63 -20.79 42.92 15.29
C LEU D 63 -21.64 42.29 16.39
N CYS D 64 -21.39 42.64 17.65
CA CYS D 64 -22.19 42.09 18.74
C CYS D 64 -23.65 42.50 18.59
N VAL D 65 -23.90 43.76 18.23
CA VAL D 65 -25.25 44.28 18.14
C VAL D 65 -25.83 44.21 16.73
N CYS D 66 -25.06 43.71 15.77
CA CYS D 66 -25.53 43.54 14.41
C CYS D 66 -26.07 42.14 14.14
N ASN D 67 -26.15 41.29 15.15
CA ASN D 67 -26.49 39.88 14.98
C ASN D 67 -27.98 39.68 15.26
N PHE D 68 -28.70 39.16 14.28
CA PHE D 68 -30.10 38.81 14.41
C PHE D 68 -30.28 37.32 14.17
N VAL D 69 -31.35 36.76 14.73
CA VAL D 69 -31.65 35.33 14.61
C VAL D 69 -32.93 35.18 13.82
N LEU D 70 -32.90 34.34 12.78
CA LEU D 70 -34.07 34.01 11.99
C LEU D 70 -34.89 32.99 12.76
N GLU D 71 -35.93 33.46 13.46
CA GLU D 71 -36.71 32.55 14.29
C GLU D 71 -37.71 31.74 13.47
N GLN D 72 -38.58 32.41 12.72
CA GLN D 72 -39.63 31.75 11.97
C GLN D 72 -39.69 32.27 10.55
N SER D 73 -40.18 31.42 9.65
CA SER D 73 -40.21 31.65 8.21
C SER D 73 -41.56 31.25 7.62
N LEU D 74 -42.65 31.76 8.20
CA LEU D 74 -43.98 31.37 7.76
C LEU D 74 -44.26 31.90 6.36
N SER D 75 -45.47 31.64 5.87
CA SER D 75 -45.97 32.20 4.62
C SER D 75 -47.11 33.16 4.91
N VAL D 76 -47.56 33.84 3.85
CA VAL D 76 -48.50 34.94 4.03
C VAL D 76 -49.85 34.42 4.52
N ARG D 77 -50.39 33.38 3.88
CA ARG D 77 -51.65 32.82 4.33
C ARG D 77 -51.49 32.15 5.69
N ALA D 78 -50.39 31.43 5.91
CA ALA D 78 -50.12 30.86 7.22
C ALA D 78 -49.98 31.95 8.27
N LEU D 79 -49.32 33.05 7.91
CA LEU D 79 -49.18 34.16 8.84
C LEU D 79 -50.53 34.76 9.19
N GLN D 80 -51.40 34.94 8.19
CA GLN D 80 -52.72 35.50 8.46
C GLN D 80 -53.53 34.57 9.36
N GLU D 81 -53.46 33.27 9.12
CA GLU D 81 -54.18 32.32 9.96
C GLU D 81 -53.62 32.33 11.38
N MET D 82 -52.31 32.41 11.53
CA MET D 82 -51.71 32.48 12.85
C MET D 82 -52.16 33.73 13.59
N LEU D 83 -52.21 34.86 12.90
CA LEU D 83 -52.67 36.09 13.54
C LEU D 83 -54.12 35.99 13.95
N ALA D 84 -54.97 35.45 13.07
CA ALA D 84 -56.39 35.35 13.38
C ALA D 84 -56.65 34.40 14.54
N ASN D 85 -55.90 33.29 14.60
CA ASN D 85 -56.11 32.32 15.68
C ASN D 85 -55.85 32.93 17.04
N THR D 86 -54.77 33.70 17.17
CA THR D 86 -54.41 34.32 18.43
C THR D 86 -54.18 33.28 19.53
N GLY D 99 -38.75 23.21 13.24
CA GLY D 99 -37.48 22.70 12.73
C GLY D 99 -36.68 23.75 11.99
N HIS D 100 -35.64 23.31 11.29
CA HIS D 100 -34.78 24.22 10.53
C HIS D 100 -35.33 24.38 9.12
N ARG D 101 -36.45 25.10 9.04
CA ARG D 101 -37.07 25.39 7.76
C ARG D 101 -36.17 26.26 6.90
N THR D 102 -36.28 26.08 5.59
CA THR D 102 -35.57 26.92 4.63
C THR D 102 -36.44 28.10 4.24
N LEU D 103 -35.80 29.27 4.12
CA LEU D 103 -36.51 30.46 3.66
C LEU D 103 -36.81 30.35 2.18
N LEU D 104 -37.98 30.85 1.78
CA LEU D 104 -38.36 30.95 0.38
C LEU D 104 -38.78 32.38 0.09
N TYR D 105 -38.45 32.86 -1.11
CA TYR D 105 -38.86 34.19 -1.50
C TYR D 105 -40.37 34.32 -1.45
N GLY D 106 -40.85 35.35 -0.76
CA GLY D 106 -42.26 35.54 -0.55
C GLY D 106 -42.80 35.09 0.79
N HIS D 107 -41.94 34.72 1.72
CA HIS D 107 -42.34 34.30 3.06
C HIS D 107 -42.22 35.45 4.05
N ALA D 108 -42.88 35.28 5.18
CA ALA D 108 -42.82 36.24 6.29
C ALA D 108 -41.93 35.68 7.38
N ILE D 109 -40.83 36.39 7.66
CA ILE D 109 -39.82 35.95 8.61
C ILE D 109 -39.85 36.85 9.84
N LEU D 110 -39.35 36.29 10.93
CA LEU D 110 -39.24 36.98 12.21
C LEU D 110 -37.78 37.03 12.62
N LEU D 111 -37.29 38.22 12.96
CA LEU D 111 -35.90 38.43 13.33
C LEU D 111 -35.80 38.82 14.79
N ARG D 112 -34.99 38.10 15.55
CA ARG D 112 -34.77 38.37 16.96
C ARG D 112 -33.34 38.84 17.19
N HIS D 113 -33.19 39.95 17.88
CA HIS D 113 -31.86 40.44 18.22
C HIS D 113 -31.14 39.42 19.08
N SER D 114 -29.90 39.12 18.72
CA SER D 114 -29.18 38.06 19.42
C SER D 114 -28.70 38.52 20.78
N PHE D 115 -28.42 39.82 20.94
CA PHE D 115 -27.93 40.32 22.22
C PHE D 115 -29.07 40.54 23.22
N SER D 116 -30.00 41.42 22.89
CA SER D 116 -31.03 41.84 23.84
C SER D 116 -32.23 40.91 23.87
N GLY D 117 -32.41 40.08 22.85
CA GLY D 117 -33.58 39.22 22.79
C GLY D 117 -34.83 39.89 22.31
N MET D 118 -34.77 41.16 21.92
CA MET D 118 -35.91 41.87 21.38
C MET D 118 -36.03 41.61 19.89
N TYR D 119 -37.22 41.88 19.35
CA TYR D 119 -37.54 41.61 17.96
C TYR D 119 -37.55 42.89 17.15
N LEU D 120 -36.96 42.83 15.96
CA LEU D 120 -36.97 43.96 15.05
C LEU D 120 -38.42 44.28 14.66
N THR D 121 -38.77 45.56 14.73
CA THR D 121 -40.13 46.00 14.55
C THR D 121 -40.17 47.27 13.71
N CYS D 122 -41.28 47.44 12.99
CA CYS D 122 -41.57 48.66 12.24
C CYS D 122 -42.34 49.59 13.18
N LEU D 123 -41.62 50.51 13.81
CA LEU D 123 -42.23 51.43 14.76
C LEU D 123 -43.02 52.50 14.03
N THR D 124 -44.25 52.72 14.50
CA THR D 124 -45.12 53.71 13.88
C THR D 124 -44.54 55.12 14.01
N THR D 125 -43.94 55.43 15.14
CA THR D 125 -43.34 56.74 15.34
C THR D 125 -42.24 56.97 14.32
N SER D 126 -42.12 58.20 13.85
CA SER D 126 -41.13 58.55 12.84
C SER D 126 -40.30 59.73 13.32
N ARG D 127 -39.05 59.78 12.83
CA ARG D 127 -38.16 60.90 13.12
C ARG D 127 -37.41 61.35 11.87
N SER D 128 -37.95 61.07 10.69
CA SER D 128 -37.29 61.39 9.42
C SER D 128 -37.91 62.67 8.86
N GLN D 129 -37.18 63.78 8.98
CA GLN D 129 -37.68 65.04 8.46
C GLN D 129 -37.80 65.00 6.94
N THR D 130 -36.84 64.35 6.26
CA THR D 130 -36.84 64.35 4.79
C THR D 130 -38.08 63.67 4.23
N ASP D 131 -38.44 62.52 4.76
CA ASP D 131 -39.58 61.77 4.27
C ASP D 131 -40.83 62.07 5.08
N LYS D 132 -41.97 61.61 4.58
CA LYS D 132 -43.25 61.82 5.24
C LYS D 132 -43.94 60.53 5.65
N LEU D 133 -43.89 59.50 4.81
CA LEU D 133 -44.50 58.21 5.11
C LEU D 133 -43.47 57.18 5.56
N ALA D 134 -42.30 57.62 6.01
CA ALA D 134 -41.24 56.73 6.47
C ALA D 134 -41.37 56.53 7.97
N PHE D 135 -41.67 55.32 8.40
CA PHE D 135 -41.74 55.00 9.81
C PHE D 135 -40.33 54.78 10.35
N ASP D 136 -40.22 54.24 11.55
CA ASP D 136 -38.93 53.92 12.12
C ASP D 136 -38.75 52.41 12.18
N VAL D 137 -37.51 51.98 12.38
CA VAL D 137 -37.20 50.58 12.61
C VAL D 137 -36.50 50.49 13.96
N GLY D 138 -37.00 49.62 14.83
CA GLY D 138 -36.43 49.52 16.15
C GLY D 138 -36.56 48.13 16.74
N LEU D 139 -36.45 48.01 18.06
CA LEU D 139 -36.62 46.74 18.74
C LEU D 139 -37.81 46.85 19.67
N ARG D 140 -38.53 45.75 19.84
CA ARG D 140 -39.62 45.68 20.80
C ARG D 140 -39.58 44.33 21.48
N GLU D 141 -39.98 44.30 22.76
CA GLU D 141 -39.73 43.13 23.59
C GLU D 141 -40.46 41.90 23.07
N ASN D 142 -41.70 42.05 22.64
CA ASN D 142 -42.55 40.92 22.30
C ASN D 142 -42.90 40.92 20.81
N ALA D 143 -43.16 39.73 20.29
CA ALA D 143 -43.47 39.54 18.88
C ALA D 143 -44.96 39.62 18.58
N THR D 144 -45.75 40.21 19.48
CA THR D 144 -47.19 40.28 19.29
C THR D 144 -47.53 41.27 18.18
N GLY D 145 -48.40 40.85 17.27
CA GLY D 145 -48.86 41.70 16.19
C GLY D 145 -48.16 41.37 14.88
N GLU D 146 -48.55 42.11 13.85
CA GLU D 146 -48.01 41.95 12.51
C GLU D 146 -46.88 42.92 12.23
N ALA D 147 -46.46 43.70 13.22
CA ALA D 147 -45.41 44.69 13.00
C ALA D 147 -44.02 44.07 12.94
N CYS D 148 -43.82 42.89 13.50
CA CYS D 148 -42.50 42.29 13.62
C CYS D 148 -42.22 41.24 12.57
N TRP D 149 -43.05 41.13 11.54
CA TRP D 149 -42.88 40.13 10.49
C TRP D 149 -42.54 40.83 9.17
N TRP D 150 -41.50 40.35 8.51
CA TRP D 150 -40.98 40.98 7.29
C TRP D 150 -41.02 40.00 6.14
N THR D 151 -41.51 40.45 4.99
CA THR D 151 -41.57 39.62 3.79
C THR D 151 -40.29 39.76 2.98
N ILE D 152 -39.87 38.65 2.38
CA ILE D 152 -38.66 38.58 1.57
C ILE D 152 -39.06 38.60 0.11
N HIS D 153 -38.36 39.40 -0.69
CA HIS D 153 -38.59 39.41 -2.12
C HIS D 153 -37.27 39.41 -2.87
N PRO D 154 -37.22 38.77 -4.04
CA PRO D 154 -36.01 38.82 -4.85
C PRO D 154 -35.75 40.21 -5.37
N ALA D 155 -34.47 40.51 -5.56
CA ALA D 155 -34.05 41.80 -6.10
C ALA D 155 -33.80 41.76 -7.60
N SER D 156 -33.85 40.58 -8.22
CA SER D 156 -33.61 40.43 -9.65
C SER D 156 -34.62 39.46 -10.23
N LYS D 157 -34.79 39.54 -11.56
CA LYS D 157 -35.77 38.68 -12.23
C LYS D 157 -35.31 37.22 -12.26
N GLN D 158 -34.01 36.96 -12.06
CA GLN D 158 -33.54 35.58 -12.05
C GLN D 158 -34.18 34.80 -10.90
N ARG D 159 -34.32 35.43 -9.74
CA ARG D 159 -35.01 34.83 -8.61
C ARG D 159 -36.49 35.13 -8.71
N SER D 160 -37.33 34.15 -8.38
CA SER D 160 -38.77 34.29 -8.47
C SER D 160 -39.41 33.80 -7.19
N GLU D 161 -40.66 34.22 -6.98
CA GLU D 161 -41.36 33.91 -5.74
C GLU D 161 -41.47 32.41 -5.53
N GLY D 162 -41.15 31.97 -4.32
CA GLY D 162 -41.19 30.57 -3.96
C GLY D 162 -39.84 29.88 -3.99
N GLU D 163 -38.87 30.42 -4.73
CA GLU D 163 -37.55 29.83 -4.76
C GLU D 163 -36.88 29.96 -3.40
N LYS D 164 -36.01 29.00 -3.09
CA LYS D 164 -35.23 29.07 -1.86
C LYS D 164 -34.31 30.28 -1.89
N VAL D 165 -34.26 31.02 -0.80
CA VAL D 165 -33.34 32.14 -0.66
C VAL D 165 -31.94 31.60 -0.43
N ARG D 166 -30.96 32.11 -1.16
CA ARG D 166 -29.59 31.62 -1.10
C ARG D 166 -28.69 32.61 -0.39
N ILE D 167 -27.62 32.08 0.21
CA ILE D 167 -26.62 32.93 0.86
C ILE D 167 -25.90 33.75 -0.19
N GLY D 168 -25.82 35.06 0.03
CA GLY D 168 -25.24 35.95 -0.94
C GLY D 168 -26.22 36.56 -1.91
N ASP D 169 -27.51 36.28 -1.78
CA ASP D 169 -28.54 36.89 -2.60
C ASP D 169 -28.97 38.21 -2.01
N ASP D 170 -29.27 39.18 -2.87
CA ASP D 170 -29.77 40.47 -2.44
C ASP D 170 -31.27 40.37 -2.20
N LEU D 171 -31.70 40.67 -0.99
CA LEU D 171 -33.10 40.59 -0.61
C LEU D 171 -33.75 41.95 -0.63
N ILE D 172 -35.07 41.95 -0.62
CA ILE D 172 -35.89 43.13 -0.37
C ILE D 172 -36.82 42.78 0.78
N LEU D 173 -36.73 43.55 1.86
CA LEU D 173 -37.53 43.29 3.05
C LEU D 173 -38.68 44.29 3.11
N VAL D 174 -39.90 43.78 3.19
CA VAL D 174 -41.10 44.61 3.20
C VAL D 174 -41.86 44.33 4.49
N SER D 175 -42.17 45.40 5.23
CA SER D 175 -42.87 45.21 6.49
C SER D 175 -44.28 44.68 6.23
N VAL D 176 -44.67 43.67 7.00
CA VAL D 176 -45.98 43.05 6.79
C VAL D 176 -47.09 44.03 7.13
N SER D 177 -46.88 44.87 8.14
CA SER D 177 -47.95 45.75 8.61
C SER D 177 -48.00 47.04 7.81
N SER D 178 -46.91 47.78 7.77
CA SER D 178 -46.89 49.07 7.09
C SER D 178 -46.74 48.96 5.58
N GLU D 179 -46.37 47.79 5.07
CA GLU D 179 -46.13 47.62 3.63
C GLU D 179 -45.04 48.56 3.13
N ARG D 180 -44.00 48.73 3.93
CA ARG D 180 -42.89 49.61 3.61
C ARG D 180 -41.60 48.81 3.55
N TYR D 181 -40.71 49.20 2.64
CA TYR D 181 -39.41 48.58 2.53
C TYR D 181 -38.51 48.99 3.70
N LEU D 182 -37.60 48.09 4.08
CA LEU D 182 -36.54 48.40 5.03
C LEU D 182 -35.45 49.16 4.29
N HIS D 183 -35.70 50.45 4.10
CA HIS D 183 -34.92 51.28 3.20
C HIS D 183 -33.82 52.02 3.95
N LEU D 184 -32.66 52.14 3.31
CA LEU D 184 -31.54 52.91 3.83
C LEU D 184 -31.50 54.27 3.16
N SER D 185 -31.44 55.33 3.98
CA SER D 185 -31.48 56.70 3.50
C SER D 185 -30.11 57.34 3.64
N VAL D 186 -29.65 57.98 2.56
CA VAL D 186 -28.37 58.68 2.53
C VAL D 186 -28.64 60.16 2.30
N SER D 187 -28.09 61.01 3.16
CA SER D 187 -28.30 62.45 3.05
C SER D 187 -27.10 63.17 3.62
N ASN D 188 -26.32 63.83 2.76
CA ASN D 188 -25.19 64.66 3.17
C ASN D 188 -24.18 63.87 4.00
N GLY D 189 -23.92 62.63 3.59
CA GLY D 189 -22.99 61.78 4.29
C GLY D 189 -23.55 61.11 5.52
N ASN D 190 -24.82 61.31 5.83
CA ASN D 190 -25.46 60.68 6.96
C ASN D 190 -26.31 59.51 6.46
N VAL D 191 -26.12 58.35 7.08
CA VAL D 191 -26.79 57.11 6.67
C VAL D 191 -27.72 56.68 7.78
N GLN D 192 -28.97 56.36 7.42
CA GLN D 192 -29.96 55.91 8.39
C GLN D 192 -30.76 54.77 7.79
N VAL D 193 -31.53 54.10 8.64
CA VAL D 193 -32.40 53.01 8.22
C VAL D 193 -33.81 53.29 8.72
N ASP D 194 -34.80 53.14 7.84
CA ASP D 194 -36.18 53.36 8.21
C ASP D 194 -37.07 52.63 7.23
N ALA D 195 -38.34 52.48 7.61
CA ALA D 195 -39.32 51.81 6.76
C ALA D 195 -39.96 52.86 5.86
N SER D 196 -39.63 52.82 4.57
CA SER D 196 -40.13 53.80 3.62
C SER D 196 -40.51 53.11 2.33
N PHE D 197 -41.23 53.83 1.47
CA PHE D 197 -41.73 53.26 0.23
C PHE D 197 -40.66 53.11 -0.85
N MET D 198 -39.45 53.62 -0.63
CA MET D 198 -38.33 53.30 -1.50
C MET D 198 -37.69 51.99 -1.04
N GLN D 199 -37.00 51.32 -1.97
CA GLN D 199 -36.50 49.98 -1.73
C GLN D 199 -34.97 49.96 -1.75
N THR D 200 -34.39 49.13 -0.88
CA THR D 200 -32.96 48.91 -0.81
C THR D 200 -32.70 47.42 -0.69
N LEU D 201 -31.60 46.97 -1.29
CA LEU D 201 -31.28 45.55 -1.37
C LEU D 201 -30.32 45.17 -0.24
N TRP D 202 -30.67 44.14 0.51
CA TRP D 202 -29.90 43.71 1.68
C TRP D 202 -29.28 42.34 1.42
N ASN D 203 -28.02 42.20 1.77
CA ASN D 203 -27.32 40.92 1.72
C ASN D 203 -27.32 40.33 3.12
N VAL D 204 -27.90 39.14 3.27
CA VAL D 204 -27.96 38.48 4.57
C VAL D 204 -26.75 37.56 4.64
N HIS D 205 -25.71 38.01 5.34
CA HIS D 205 -24.51 37.22 5.52
C HIS D 205 -24.65 36.34 6.76
N PRO D 206 -24.56 35.02 6.63
CA PRO D 206 -24.64 34.17 7.83
C PRO D 206 -23.39 34.32 8.66
N THR D 207 -23.58 34.36 9.98
CA THR D 207 -22.46 34.34 10.91
C THR D 207 -22.40 33.07 11.73
N CYS D 208 -23.53 32.42 11.97
CA CYS D 208 -23.52 31.15 12.69
C CYS D 208 -24.69 30.31 12.22
N SER D 209 -24.38 29.10 11.73
CA SER D 209 -25.42 28.20 11.26
C SER D 209 -26.24 27.64 12.41
N GLY D 210 -27.52 27.41 12.15
CA GLY D 210 -28.39 26.85 13.17
C GLY D 210 -27.99 25.44 13.59
N SER D 211 -27.45 24.66 12.65
CA SER D 211 -27.01 23.29 12.93
C SER D 211 -25.62 23.33 13.57
N SER D 212 -25.57 23.86 14.78
CA SER D 212 -24.35 23.98 15.55
C SER D 212 -24.59 23.58 17.00
N ILE D 213 -25.19 22.40 17.18
CA ILE D 213 -25.52 21.92 18.52
C ILE D 213 -24.25 21.71 19.34
N GLU D 214 -23.17 21.26 18.71
CA GLU D 214 -21.93 20.98 19.43
C GLU D 214 -21.43 22.22 20.14
N GLU D 215 -21.06 22.06 21.41
CA GLU D 215 -20.62 23.16 22.24
C GLU D 215 -19.42 22.73 23.06
N GLY D 216 -18.65 23.72 23.52
CA GLY D 216 -17.46 23.47 24.30
C GLY D 216 -16.17 23.93 23.65
N TYR D 217 -16.21 24.49 22.44
CA TYR D 217 -15.03 24.99 21.76
C TYR D 217 -15.16 26.48 21.54
N LEU D 218 -14.03 27.12 21.23
CA LEU D 218 -13.99 28.56 21.08
C LEU D 218 -14.55 28.95 19.72
N LEU D 219 -15.63 29.72 19.72
CA LEU D 219 -16.24 30.28 18.52
C LEU D 219 -16.07 31.79 18.52
N GLY D 220 -16.17 32.37 17.33
CA GLY D 220 -16.00 33.81 17.23
C GLY D 220 -17.10 34.55 17.96
N GLY D 221 -16.71 35.65 18.60
CA GLY D 221 -17.64 36.49 19.33
C GLY D 221 -17.88 36.06 20.76
N HIS D 222 -17.39 34.90 21.15
CA HIS D 222 -17.58 34.41 22.51
C HIS D 222 -16.85 35.30 23.50
N VAL D 223 -17.49 35.56 24.63
CA VAL D 223 -16.87 36.29 25.73
C VAL D 223 -16.23 35.28 26.66
N VAL D 224 -14.93 35.41 26.87
CA VAL D 224 -14.14 34.41 27.58
C VAL D 224 -13.30 35.08 28.65
N ARG D 225 -12.88 34.28 29.62
CA ARG D 225 -11.87 34.65 30.61
C ARG D 225 -10.63 33.84 30.32
N LEU D 226 -9.47 34.51 30.27
CA LEU D 226 -8.20 33.85 30.00
C LEU D 226 -7.47 33.64 31.32
N PHE D 227 -7.44 32.40 31.79
CA PHE D 227 -6.85 32.05 33.08
C PHE D 227 -5.40 31.66 32.90
N HIS D 228 -4.52 32.26 33.71
CA HIS D 228 -3.14 31.84 33.80
C HIS D 228 -2.96 31.06 35.09
N GLY D 229 -2.42 29.86 34.99
CA GLY D 229 -2.43 28.98 36.14
C GLY D 229 -3.85 28.56 36.43
N HIS D 230 -4.26 28.70 37.69
CA HIS D 230 -5.61 28.31 38.10
C HIS D 230 -6.44 29.49 38.59
N ASP D 231 -5.86 30.34 39.44
CA ASP D 231 -6.60 31.49 39.96
C ASP D 231 -6.35 32.76 39.17
N GLU D 232 -5.14 32.94 38.66
CA GLU D 232 -4.80 34.17 37.95
C GLU D 232 -5.58 34.26 36.65
N CYS D 233 -6.04 35.47 36.33
CA CYS D 233 -6.72 35.73 35.08
C CYS D 233 -6.34 37.11 34.59
N LEU D 234 -6.55 37.36 33.31
CA LEU D 234 -6.16 38.62 32.68
C LEU D 234 -7.22 39.67 32.99
N THR D 235 -6.86 40.69 33.76
CA THR D 235 -7.78 41.73 34.17
C THR D 235 -7.11 43.09 34.02
N ILE D 236 -7.78 44.12 34.51
CA ILE D 236 -7.23 45.47 34.57
C ILE D 236 -7.50 46.03 35.95
N PRO D 237 -6.89 47.16 36.29
CA PRO D 237 -7.15 47.76 37.61
C PRO D 237 -8.58 48.21 37.84
N SER D 238 -9.11 49.08 36.97
CA SER D 238 -10.41 49.68 37.22
C SER D 238 -11.15 49.89 35.91
N THR D 239 -12.49 49.84 35.99
CA THR D 239 -13.32 50.13 34.82
C THR D 239 -13.41 51.63 34.58
N ASP D 240 -13.29 52.44 35.62
CA ASP D 240 -13.34 53.89 35.48
C ASP D 240 -12.22 54.36 34.57
N GLN D 241 -12.58 55.18 33.58
CA GLN D 241 -11.65 55.58 32.55
C GLN D 241 -10.92 56.88 32.86
N ASN D 242 -11.02 57.36 34.10
CA ASN D 242 -10.27 58.54 34.50
C ASN D 242 -8.81 58.19 34.78
N ASP D 243 -8.58 57.30 35.74
CA ASP D 243 -7.21 56.88 36.04
C ASP D 243 -6.61 56.15 34.85
N ALA D 244 -5.40 56.54 34.47
CA ALA D 244 -4.73 55.91 33.33
C ALA D 244 -4.35 54.47 33.63
N GLN D 245 -4.25 54.08 34.91
CA GLN D 245 -3.81 52.74 35.24
C GLN D 245 -4.76 51.66 34.74
N HIS D 246 -5.99 52.04 34.38
CA HIS D 246 -6.91 51.05 33.82
C HIS D 246 -6.44 50.53 32.47
N ARG D 247 -5.54 51.25 31.79
CA ARG D 247 -5.00 50.76 30.52
C ARG D 247 -4.10 49.54 30.71
N ARG D 248 -3.61 49.30 31.91
CA ARG D 248 -2.65 48.23 32.13
C ARG D 248 -3.35 46.88 32.21
N ILE D 249 -2.59 45.83 31.90
CA ILE D 249 -3.07 44.45 31.95
C ILE D 249 -2.22 43.71 32.97
N PHE D 250 -2.88 43.00 33.89
CA PHE D 250 -2.22 42.25 34.94
C PHE D 250 -2.74 40.82 34.97
N TYR D 251 -1.94 39.92 35.53
CA TYR D 251 -2.42 38.57 35.86
C TYR D 251 -2.92 38.52 37.30
N GLU D 252 -3.79 39.45 37.65
CA GLU D 252 -4.29 39.53 39.01
C GLU D 252 -5.07 38.28 39.38
N ALA D 253 -4.84 37.77 40.57
CA ALA D 253 -5.47 36.55 41.03
C ALA D 253 -6.14 36.78 42.38
N GLY D 254 -7.29 36.15 42.56
CA GLY D 254 -8.01 36.26 43.81
C GLY D 254 -9.17 37.23 43.71
N GLY D 255 -10.37 36.71 43.52
CA GLY D 255 -11.56 37.54 43.41
C GLY D 255 -11.74 38.21 42.07
N ALA D 256 -10.78 38.08 41.15
CA ALA D 256 -10.86 38.70 39.84
C ALA D 256 -11.43 37.78 38.78
N GLY D 257 -11.61 36.50 39.09
CA GLY D 257 -12.25 35.59 38.17
C GLY D 257 -13.75 35.66 38.16
N THR D 258 -14.33 36.49 39.03
CA THR D 258 -15.76 36.71 39.06
C THR D 258 -16.17 38.11 38.64
N ARG D 259 -15.26 39.08 38.72
CA ARG D 259 -15.56 40.43 38.29
C ARG D 259 -15.84 40.47 36.79
N ALA D 260 -16.29 41.64 36.32
CA ALA D 260 -16.53 41.87 34.91
C ALA D 260 -15.37 42.56 34.22
N ARG D 261 -14.34 42.99 34.96
CA ARG D 261 -13.17 43.57 34.34
C ARG D 261 -12.28 42.52 33.68
N SER D 262 -12.54 41.24 33.91
CA SER D 262 -11.75 40.15 33.36
C SER D 262 -12.48 39.40 32.27
N LEU D 263 -13.42 40.04 31.59
CA LEU D 263 -14.15 39.43 30.49
C LEU D 263 -13.62 39.99 29.19
N TRP D 264 -13.20 39.11 28.30
CA TRP D 264 -12.67 39.47 26.99
C TRP D 264 -13.54 38.85 25.91
N ARG D 265 -13.60 39.52 24.77
CA ARG D 265 -14.38 39.06 23.64
C ARG D 265 -13.45 38.80 22.47
N VAL D 266 -13.58 37.63 21.86
CA VAL D 266 -12.72 37.18 20.77
C VAL D 266 -13.41 37.50 19.47
N GLU D 267 -12.93 38.50 18.75
CA GLU D 267 -13.57 38.97 17.54
C GLU D 267 -12.71 38.64 16.33
N PRO D 268 -13.07 37.66 15.51
CA PRO D 268 -12.25 37.36 14.32
C PRO D 268 -12.18 38.53 13.37
N LEU D 269 -11.28 38.41 12.40
CA LEU D 269 -11.11 39.44 11.38
C LEU D 269 -11.93 39.10 10.13
N ARG D 270 -13.24 38.96 10.33
CA ARG D 270 -14.13 38.60 9.24
C ARG D 270 -15.56 38.92 9.65
N ILE D 271 -16.37 39.29 8.67
CA ILE D 271 -17.76 39.68 8.90
C ILE D 271 -18.72 38.53 8.66
N SER D 272 -18.50 37.75 7.60
CA SER D 272 -19.30 36.56 7.34
C SER D 272 -18.68 35.37 8.03
N TRP D 273 -19.52 34.53 8.63
CA TRP D 273 -19.08 33.35 9.36
C TRP D 273 -18.17 33.72 10.53
N SER D 274 -18.33 34.94 11.04
CA SER D 274 -17.53 35.38 12.16
C SER D 274 -17.88 34.66 13.45
N GLY D 275 -19.02 33.99 13.50
CA GLY D 275 -19.42 33.27 14.69
C GLY D 275 -19.06 31.81 14.61
N SER D 276 -18.10 31.47 13.75
CA SER D 276 -17.68 30.10 13.53
C SER D 276 -16.45 29.78 14.37
N ASN D 277 -15.98 28.54 14.26
CA ASN D 277 -14.93 28.06 15.15
C ASN D 277 -13.60 28.74 14.87
N ILE D 278 -12.87 29.04 15.93
CA ILE D 278 -11.57 29.67 15.84
C ILE D 278 -10.50 28.59 15.75
N ARG D 279 -9.61 28.73 14.78
CA ARG D 279 -8.57 27.75 14.52
C ARG D 279 -7.23 28.22 15.08
N TRP D 280 -6.35 27.25 15.34
CA TRP D 280 -5.02 27.59 15.84
C TRP D 280 -4.30 28.47 14.84
N GLY D 281 -3.72 29.56 15.33
CA GLY D 281 -3.02 30.50 14.48
C GLY D 281 -3.90 31.54 13.80
N GLN D 282 -5.21 31.47 13.99
CA GLN D 282 -6.09 32.45 13.37
C GLN D 282 -5.97 33.80 14.07
N ALA D 283 -5.96 34.87 13.27
CA ALA D 283 -5.86 36.21 13.82
C ALA D 283 -7.22 36.69 14.29
N PHE D 284 -7.25 37.31 15.47
CA PHE D 284 -8.47 37.88 16.02
C PHE D 284 -8.12 39.15 16.77
N ARG D 285 -9.12 39.71 17.45
CA ARG D 285 -8.94 40.84 18.34
C ARG D 285 -9.52 40.48 19.70
N LEU D 286 -8.89 40.95 20.76
CA LEU D 286 -9.41 40.79 22.11
C LEU D 286 -9.96 42.13 22.55
N ARG D 287 -11.28 42.21 22.73
CA ARG D 287 -11.92 43.42 23.20
C ARG D 287 -12.28 43.29 24.67
N HIS D 288 -11.95 44.32 25.45
CA HIS D 288 -12.34 44.37 26.84
C HIS D 288 -13.79 44.86 26.93
N ILE D 289 -14.66 44.09 27.58
CA ILE D 289 -16.09 44.38 27.53
C ILE D 289 -16.40 45.66 28.31
N THR D 290 -16.05 45.70 29.59
CA THR D 290 -16.45 46.81 30.44
C THR D 290 -15.80 48.12 30.03
N THR D 291 -14.72 48.08 29.24
CA THR D 291 -14.08 49.30 28.80
C THR D 291 -14.27 49.58 27.32
N GLY D 292 -14.39 48.55 26.49
CA GLY D 292 -14.49 48.77 25.07
C GLY D 292 -13.17 49.03 24.39
N HIS D 293 -12.06 48.75 25.05
CA HIS D 293 -10.73 48.93 24.49
C HIS D 293 -10.18 47.59 24.07
N TYR D 294 -9.25 47.63 23.11
CA TYR D 294 -8.69 46.44 22.52
C TYR D 294 -7.27 46.23 23.02
N LEU D 295 -6.92 44.97 23.31
CA LEU D 295 -5.54 44.66 23.61
C LEU D 295 -4.69 44.96 22.39
N ALA D 296 -3.57 45.66 22.60
CA ALA D 296 -2.78 46.13 21.48
C ALA D 296 -1.33 46.26 21.90
N LEU D 297 -0.46 46.34 20.90
CA LEU D 297 0.97 46.60 21.11
C LEU D 297 1.22 48.03 20.65
N THR D 298 1.04 48.98 21.57
CA THR D 298 1.37 50.36 21.29
C THR D 298 2.88 50.54 21.28
N GLU D 299 3.35 51.44 20.41
CA GLU D 299 4.78 51.66 20.28
C GLU D 299 5.39 52.19 21.58
N ASP D 300 4.72 53.14 22.22
CA ASP D 300 5.28 53.80 23.40
C ASP D 300 5.21 52.94 24.65
N GLN D 301 4.14 52.15 24.81
CA GLN D 301 3.87 51.50 26.08
C GLN D 301 3.84 49.98 26.03
N GLY D 302 4.02 49.37 24.86
CA GLY D 302 3.98 47.91 24.81
C GLY D 302 2.56 47.38 24.83
N LEU D 303 2.34 46.31 25.57
CA LEU D 303 1.01 45.72 25.66
C LEU D 303 0.11 46.63 26.48
N LEU D 304 -1.02 47.03 25.90
CA LEU D 304 -1.85 48.05 26.52
C LEU D 304 -3.24 48.01 25.91
N LEU D 305 -4.21 48.55 26.64
CA LEU D 305 -5.55 48.74 26.09
C LEU D 305 -5.56 49.99 25.24
N GLN D 306 -6.13 49.89 24.05
CA GLN D 306 -6.15 51.00 23.11
C GLN D 306 -7.58 51.28 22.69
N ASP D 307 -7.82 52.51 22.27
CA ASP D 307 -9.15 52.93 21.90
C ASP D 307 -9.63 52.20 20.66
N ARG D 308 -10.95 52.11 20.52
CA ARG D 308 -11.52 51.52 19.31
C ARG D 308 -11.21 52.34 18.07
N ALA D 309 -10.88 53.63 18.22
CA ALA D 309 -10.60 54.46 17.07
C ALA D 309 -9.21 54.19 16.50
N LYS D 310 -8.25 53.87 17.36
CA LYS D 310 -6.87 53.64 16.94
C LYS D 310 -6.55 52.18 16.71
N SER D 311 -7.49 51.27 16.94
CA SER D 311 -7.20 49.83 16.92
C SER D 311 -7.25 49.33 15.48
N ASP D 312 -6.11 49.38 14.81
CA ASP D 312 -5.96 48.75 13.51
C ASP D 312 -5.52 47.30 13.69
N THR D 313 -5.45 46.58 12.57
CA THR D 313 -5.09 45.17 12.64
C THR D 313 -3.63 44.98 13.04
N LYS D 314 -2.76 45.90 12.63
CA LYS D 314 -1.35 45.78 12.98
C LYS D 314 -1.15 45.85 14.49
N SER D 315 -1.80 46.81 15.15
CA SER D 315 -1.67 46.93 16.60
C SER D 315 -2.43 45.82 17.31
N THR D 316 -3.68 45.56 16.90
CA THR D 316 -4.59 44.68 17.61
C THR D 316 -4.89 43.46 16.75
N ALA D 317 -4.07 42.43 16.84
CA ALA D 317 -4.32 41.18 16.13
C ALA D 317 -3.46 40.11 16.77
N PHE D 318 -4.09 39.18 17.47
CA PHE D 318 -3.40 38.15 18.22
C PHE D 318 -3.90 36.79 17.76
N SER D 319 -3.12 35.75 18.06
CA SER D 319 -3.49 34.40 17.68
C SER D 319 -3.20 33.45 18.84
N PHE D 320 -3.97 32.37 18.88
CA PHE D 320 -3.78 31.29 19.83
C PHE D 320 -2.99 30.18 19.16
N ARG D 321 -1.94 29.70 19.82
CA ARG D 321 -1.05 28.69 19.27
C ARG D 321 -0.89 27.57 20.28
N ALA D 322 -0.94 26.33 19.78
CA ALA D 322 -0.89 25.17 20.66
C ALA D 322 0.46 25.07 21.37
N SER D 323 1.53 25.53 20.73
CA SER D 323 2.85 25.47 21.31
C SER D 323 3.71 26.55 20.67
N LYS D 324 4.84 26.85 21.31
CA LYS D 324 5.74 27.88 20.82
C LYS D 324 6.65 27.39 19.71
N GLU D 325 6.44 26.17 19.21
CA GLU D 325 7.25 25.67 18.11
C GLU D 325 7.08 26.55 16.88
N ILE D 326 8.20 26.88 16.24
CA ILE D 326 8.19 27.74 15.06
C ILE D 326 7.44 27.06 13.92
N ARG D 336 -7.37 28.78 5.55
CA ARG D 336 -7.65 30.17 5.23
C ARG D 336 -9.07 30.55 5.61
N ASP D 337 -9.73 31.34 4.76
CA ASP D 337 -11.09 31.79 5.02
C ASP D 337 -12.06 30.66 4.69
N ILE D 338 -12.16 29.71 5.62
CA ILE D 338 -13.08 28.60 5.45
C ILE D 338 -14.50 29.13 5.47
N GLU D 339 -15.23 28.92 4.36
CA GLU D 339 -16.59 29.45 4.23
C GLU D 339 -17.58 28.49 4.89
N GLY D 340 -17.52 28.46 6.22
CA GLY D 340 -18.44 27.63 6.97
C GLY D 340 -18.06 27.64 8.44
N MET D 341 -18.75 26.79 9.19
CA MET D 341 -18.48 26.68 10.62
C MET D 341 -17.13 26.07 10.94
N GLY D 342 -16.44 25.51 9.94
CA GLY D 342 -15.14 24.94 10.20
C GLY D 342 -15.22 23.69 11.05
N VAL D 343 -14.08 23.35 11.64
CA VAL D 343 -14.00 22.21 12.56
C VAL D 343 -13.46 22.71 13.88
N PRO D 344 -13.98 22.24 15.02
CA PRO D 344 -13.52 22.74 16.32
C PRO D 344 -12.06 22.40 16.57
N GLU D 345 -11.27 23.42 16.89
CA GLU D 345 -9.85 23.24 17.20
C GLU D 345 -9.56 23.55 18.67
N ILE D 346 -9.89 24.75 19.13
CA ILE D 346 -9.58 25.17 20.48
C ILE D 346 -10.74 24.81 21.38
N LYS D 347 -10.44 24.39 22.61
CA LYS D 347 -11.44 23.86 23.52
C LYS D 347 -11.38 24.60 24.84
N TYR D 348 -12.51 24.68 25.52
CA TYR D 348 -12.59 25.43 26.77
C TYR D 348 -12.06 24.58 27.91
N GLY D 349 -11.06 25.08 28.61
CA GLY D 349 -10.46 24.36 29.72
C GLY D 349 -9.46 23.29 29.35
N ASP D 350 -9.78 22.45 28.37
CA ASP D 350 -8.87 21.39 27.97
C ASP D 350 -7.60 21.95 27.35
N SER D 351 -7.75 22.83 26.37
CA SER D 351 -6.61 23.28 25.59
C SER D 351 -5.86 24.40 26.29
N VAL D 352 -4.54 24.38 26.15
CA VAL D 352 -3.67 25.43 26.68
C VAL D 352 -3.18 26.26 25.50
N CYS D 353 -3.48 27.54 25.52
CA CYS D 353 -3.26 28.43 24.38
C CYS D 353 -2.12 29.40 24.68
N PHE D 354 -1.28 29.62 23.69
CA PHE D 354 -0.23 30.64 23.77
C PHE D 354 -0.65 31.81 22.89
N VAL D 355 -0.66 33.01 23.45
CA VAL D 355 -1.12 34.19 22.73
C VAL D 355 0.08 34.86 22.09
N GLN D 356 0.02 35.04 20.77
CA GLN D 356 1.11 35.64 20.02
C GLN D 356 0.60 36.84 19.24
N HIS D 357 1.39 37.91 19.24
CA HIS D 357 1.07 39.06 18.41
C HIS D 357 1.38 38.72 16.96
N ILE D 358 0.40 38.92 16.09
CA ILE D 358 0.53 38.45 14.71
C ILE D 358 1.64 39.20 13.99
N ALA D 359 1.71 40.51 14.17
CA ALA D 359 2.74 41.28 13.47
C ALA D 359 4.09 41.15 14.16
N SER D 360 4.18 41.60 15.42
CA SER D 360 5.46 41.60 16.11
C SER D 360 5.98 40.19 16.35
N GLY D 361 5.11 39.21 16.42
CA GLY D 361 5.51 37.86 16.73
C GLY D 361 5.79 37.61 18.20
N LEU D 362 5.70 38.64 19.04
CA LEU D 362 6.02 38.50 20.44
C LEU D 362 4.98 37.63 21.15
N TRP D 363 5.33 37.20 22.35
CA TRP D 363 4.50 36.30 23.13
C TRP D 363 4.03 36.99 24.40
N VAL D 364 2.80 36.69 24.80
CA VAL D 364 2.19 37.33 25.97
C VAL D 364 2.70 36.62 27.22
N THR D 365 3.57 37.29 27.97
CA THR D 365 4.19 36.70 29.15
C THR D 365 4.11 37.69 30.30
N TYR D 366 4.03 37.16 31.52
CA TYR D 366 4.06 38.00 32.69
C TYR D 366 5.46 38.50 32.97
N LYS D 367 5.58 39.77 33.32
CA LYS D 367 6.86 40.33 33.70
C LYS D 367 7.31 39.74 35.03
N ALA D 368 8.59 39.41 35.13
CA ALA D 368 9.13 38.87 36.36
C ALA D 368 9.01 39.87 37.50
N GLN D 369 8.78 39.37 38.70
CA GLN D 369 8.60 40.21 39.87
C GLN D 369 9.81 41.10 40.12
N LEU D 379 -0.62 36.30 43.17
CA LEU D 379 0.11 37.54 42.98
C LEU D 379 -0.46 38.37 41.84
N LYS D 380 -0.13 39.66 41.80
CA LYS D 380 -0.57 40.57 40.75
C LYS D 380 0.61 40.79 39.81
N ARG D 381 0.78 39.88 38.85
CA ARG D 381 1.87 39.95 37.90
C ARG D 381 1.51 40.84 36.72
N LYS D 382 2.49 41.61 36.24
CA LYS D 382 2.29 42.43 35.07
C LYS D 382 2.37 41.57 33.81
N VAL D 383 1.88 42.11 32.70
CA VAL D 383 1.83 41.40 31.43
C VAL D 383 2.51 42.25 30.36
N ILE D 384 3.28 41.58 29.51
CA ILE D 384 4.06 42.23 28.46
C ILE D 384 4.17 41.28 27.28
N LEU D 385 4.72 41.78 26.18
CA LEU D 385 5.07 40.96 25.02
C LEU D 385 6.58 40.80 24.99
N HIS D 386 7.04 39.55 24.92
CA HIS D 386 8.46 39.24 24.99
C HIS D 386 8.87 38.36 23.82
N GLN D 387 10.17 38.38 23.52
CA GLN D 387 10.67 37.72 22.32
C GLN D 387 10.40 36.22 22.34
N GLU D 388 10.79 35.55 23.43
CA GLU D 388 10.62 34.11 23.55
C GLU D 388 9.61 33.72 24.61
N GLY D 389 9.71 34.30 25.80
CA GLY D 389 8.73 34.07 26.85
C GLY D 389 9.04 32.85 27.69
N HIS D 390 8.40 32.80 28.85
CA HIS D 390 8.60 31.72 29.80
C HIS D 390 7.99 30.43 29.26
N MET D 391 8.04 29.37 30.06
CA MET D 391 7.38 28.12 29.71
C MET D 391 5.98 28.01 30.27
N ASP D 392 5.67 28.73 31.34
CA ASP D 392 4.32 28.78 31.89
C ASP D 392 3.54 29.97 31.34
N ASP D 393 3.54 30.14 30.03
CA ASP D 393 2.84 31.23 29.38
C ASP D 393 1.50 30.80 28.80
N GLY D 394 1.12 29.53 28.96
CA GLY D 394 -0.12 29.07 28.40
C GLY D 394 -1.32 29.60 29.17
N LEU D 395 -2.33 30.03 28.43
CA LEU D 395 -3.56 30.57 28.99
C LEU D 395 -4.71 29.63 28.65
N THR D 396 -5.43 29.16 29.67
CA THR D 396 -6.65 28.44 29.42
C THR D 396 -7.81 29.42 29.25
N LEU D 397 -8.91 28.94 28.69
CA LEU D 397 -10.06 29.79 28.41
C LEU D 397 -11.30 29.21 29.06
N GLN D 398 -12.13 30.09 29.60
CA GLN D 398 -13.44 29.68 30.12
C GLN D 398 -14.51 30.62 29.61
N ARG D 399 -15.57 30.07 29.06
CA ARG D 399 -16.66 30.89 28.53
C ARG D 399 -17.50 31.44 29.68
N CYS D 400 -17.75 32.74 29.65
CA CYS D 400 -18.55 33.35 30.69
C CYS D 400 -20.03 33.23 30.37
N GLN D 401 -20.85 33.27 31.40
CA GLN D 401 -22.28 33.11 31.24
C GLN D 401 -22.87 34.31 30.49
N ARG D 402 -24.06 34.11 29.93
CA ARG D 402 -24.69 35.17 29.15
C ARG D 402 -25.01 36.38 30.02
N GLU D 403 -25.45 36.13 31.25
CA GLU D 403 -25.79 37.22 32.15
C GLU D 403 -24.57 38.10 32.42
N GLU D 404 -23.41 37.49 32.65
CA GLU D 404 -22.22 38.27 32.97
C GLU D 404 -21.81 39.15 31.79
N SER D 405 -21.80 38.60 30.59
CA SER D 405 -21.40 39.38 29.42
C SER D 405 -22.38 40.50 29.13
N GLN D 406 -23.68 40.21 29.24
CA GLN D 406 -24.68 41.24 29.03
C GLN D 406 -24.55 42.36 30.06
N ALA D 407 -24.36 41.99 31.33
CA ALA D 407 -24.18 42.98 32.37
C ALA D 407 -22.93 43.80 32.14
N ALA D 408 -21.85 43.19 31.65
CA ALA D 408 -20.63 43.93 31.39
C ALA D 408 -20.83 44.97 30.29
N ARG D 409 -21.51 44.59 29.20
CA ARG D 409 -21.75 45.59 28.16
C ARG D 409 -22.66 46.70 28.65
N ILE D 410 -23.67 46.35 29.45
CA ILE D 410 -24.57 47.36 30.01
C ILE D 410 -23.79 48.29 30.95
N ILE D 411 -22.85 47.75 31.71
CA ILE D 411 -22.00 48.56 32.55
C ILE D 411 -21.21 49.55 31.71
N ARG D 412 -20.64 49.08 30.61
CA ARG D 412 -19.88 49.99 29.74
C ARG D 412 -20.75 51.14 29.25
N ASN D 413 -21.92 50.81 28.69
CA ASN D 413 -22.79 51.85 28.13
C ASN D 413 -23.24 52.83 29.21
N THR D 414 -23.67 52.31 30.35
CA THR D 414 -24.16 53.17 31.43
C THR D 414 -23.06 54.05 31.98
N THR D 415 -21.85 53.51 32.14
CA THR D 415 -20.75 54.32 32.63
C THR D 415 -20.43 55.44 31.67
N ALA D 416 -20.40 55.15 30.37
CA ALA D 416 -20.13 56.21 29.40
C ALA D 416 -21.18 57.30 29.48
N LEU D 417 -22.46 56.90 29.49
CA LEU D 417 -23.55 57.87 29.52
C LEU D 417 -23.49 58.74 30.77
N PHE D 418 -23.42 58.12 31.95
CA PHE D 418 -23.44 58.90 33.18
C PHE D 418 -22.18 59.74 33.35
N SER D 419 -21.03 59.25 32.91
CA SER D 419 -19.82 60.04 32.98
C SER D 419 -19.93 61.29 32.11
N GLN D 420 -20.49 61.15 30.91
CA GLN D 420 -20.73 62.35 30.11
C GLN D 420 -21.74 63.26 30.80
N PHE D 421 -22.68 62.67 31.54
CA PHE D 421 -23.69 63.44 32.26
C PHE D 421 -23.14 64.07 33.54
N VAL D 422 -22.02 63.57 34.07
CA VAL D 422 -21.47 64.07 35.32
C VAL D 422 -20.09 64.67 35.05
N SER D 423 -19.93 65.26 33.87
CA SER D 423 -18.66 65.85 33.48
C SER D 423 -18.45 67.22 34.13
N THR D 433 -26.92 69.87 25.79
CA THR D 433 -25.69 69.14 26.09
C THR D 433 -25.94 67.64 26.18
N LEU D 434 -26.37 67.18 27.36
CA LEU D 434 -26.62 65.77 27.57
C LEU D 434 -27.98 65.38 27.00
N PRO D 435 -28.07 64.24 26.31
CA PRO D 435 -29.36 63.81 25.77
C PRO D 435 -30.30 63.37 26.88
N ILE D 436 -31.33 64.17 27.16
CA ILE D 436 -32.20 63.90 28.29
C ILE D 436 -33.03 62.66 28.05
N GLN D 437 -33.53 62.47 26.83
CA GLN D 437 -34.39 61.32 26.56
C GLN D 437 -33.60 60.02 26.69
N GLU D 438 -32.35 60.00 26.22
CA GLU D 438 -31.53 58.81 26.37
C GLU D 438 -31.29 58.50 27.84
N VAL D 439 -31.03 59.52 28.65
CA VAL D 439 -30.84 59.31 30.08
C VAL D 439 -32.10 58.75 30.71
N LEU D 440 -33.26 59.30 30.34
CA LEU D 440 -34.52 58.83 30.92
C LEU D 440 -34.79 57.38 30.55
N GLN D 441 -34.61 57.03 29.29
CA GLN D 441 -34.84 55.67 28.86
C GLN D 441 -33.86 54.71 29.53
N THR D 442 -32.59 55.11 29.65
CA THR D 442 -31.62 54.27 30.31
C THR D 442 -31.98 54.05 31.78
N LEU D 443 -32.40 55.10 32.47
CA LEU D 443 -32.75 54.94 33.89
C LEU D 443 -33.96 54.06 34.05
N GLN D 444 -34.97 54.21 33.19
CA GLN D 444 -36.14 53.35 33.28
C GLN D 444 -35.78 51.89 32.99
N ASP D 445 -34.94 51.65 31.98
CA ASP D 445 -34.54 50.29 31.66
C ASP D 445 -33.70 49.68 32.77
N LEU D 446 -32.84 50.47 33.40
CA LEU D 446 -32.03 49.96 34.51
C LEU D 446 -32.89 49.66 35.73
N ILE D 447 -33.89 50.49 36.01
CA ILE D 447 -34.78 50.22 37.13
C ILE D 447 -35.59 48.96 36.87
N ALA D 448 -36.01 48.74 35.62
CA ALA D 448 -36.70 47.49 35.30
C ALA D 448 -35.74 46.31 35.29
N TYR D 449 -34.45 46.57 35.11
CA TYR D 449 -33.45 45.51 35.10
C TYR D 449 -33.23 44.94 36.49
N PHE D 450 -33.26 45.78 37.51
CA PHE D 450 -33.06 45.36 38.89
C PHE D 450 -34.41 45.18 39.59
N GLN D 451 -35.25 44.35 39.00
CA GLN D 451 -36.61 44.21 39.46
C GLN D 451 -36.77 42.91 40.23
N PRO D 452 -37.16 42.96 41.51
CA PRO D 452 -37.28 41.72 42.27
C PRO D 452 -38.38 40.84 41.70
N PRO D 453 -38.27 39.54 41.85
CA PRO D 453 -39.33 38.65 41.37
C PRO D 453 -40.62 38.85 42.14
N GLU D 454 -41.74 38.60 41.47
CA GLU D 454 -43.04 38.71 42.11
C GLU D 454 -43.16 37.69 43.23
N GLU D 455 -43.85 38.08 44.31
CA GLU D 455 -43.99 37.19 45.45
C GLU D 455 -44.78 35.93 45.10
N GLU D 456 -45.70 36.02 44.14
CA GLU D 456 -46.52 34.88 43.74
C GLU D 456 -45.72 33.78 43.06
N MET D 457 -44.48 34.07 42.66
CA MET D 457 -43.68 33.09 41.93
C MET D 457 -43.40 31.86 42.78
N GLN D 458 -43.13 30.75 42.09
CA GLN D 458 -42.78 29.52 42.79
C GLN D 458 -41.44 29.68 43.51
N HIS D 459 -41.23 28.86 44.53
CA HIS D 459 -40.08 29.04 45.40
C HIS D 459 -38.77 28.85 44.64
N GLU D 460 -38.68 27.82 43.81
CA GLU D 460 -37.43 27.55 43.09
C GLU D 460 -37.14 28.65 42.08
N ASP D 461 -38.15 29.02 41.28
CA ASP D 461 -37.96 30.10 40.32
C ASP D 461 -37.66 31.42 41.03
N LYS D 462 -38.35 31.68 42.13
CA LYS D 462 -38.11 32.91 42.88
C LYS D 462 -36.68 32.95 43.41
N GLN D 463 -36.18 31.83 43.90
CA GLN D 463 -34.80 31.79 44.39
C GLN D 463 -33.80 31.96 43.27
N ASN D 464 -34.07 31.37 42.10
CA ASN D 464 -33.16 31.58 40.98
C ASN D 464 -33.14 33.04 40.56
N LYS D 465 -34.31 33.68 40.51
CA LYS D 465 -34.36 35.09 40.16
C LYS D 465 -33.63 35.94 41.19
N LEU D 466 -33.79 35.61 42.47
CA LEU D 466 -33.08 36.36 43.51
C LEU D 466 -31.58 36.20 43.38
N ARG D 467 -31.11 34.99 43.08
CA ARG D 467 -29.68 34.77 42.92
C ARG D 467 -29.13 35.55 41.73
N SER D 468 -29.82 35.52 40.60
CA SER D 468 -29.36 36.27 39.44
C SER D 468 -29.37 37.77 39.72
N LEU D 469 -30.40 38.26 40.40
CA LEU D 469 -30.47 39.67 40.73
C LEU D 469 -29.32 40.08 41.64
N LYS D 470 -29.00 39.24 42.63
CA LYS D 470 -27.89 39.56 43.51
C LYS D 470 -26.57 39.55 42.75
N ASN D 471 -26.40 38.61 41.81
CA ASN D 471 -25.20 38.60 41.00
C ASN D 471 -25.07 39.88 40.18
N ARG D 472 -26.16 40.34 39.58
CA ARG D 472 -26.11 41.57 38.79
C ARG D 472 -25.82 42.78 39.67
N GLN D 473 -26.41 42.82 40.87
CA GLN D 473 -26.11 43.90 41.80
C GLN D 473 -24.64 43.91 42.17
N ASN D 474 -24.06 42.74 42.45
CA ASN D 474 -22.64 42.66 42.76
C ASN D 474 -21.78 43.11 41.60
N LEU D 475 -22.12 42.67 40.38
CA LEU D 475 -21.35 43.07 39.21
C LEU D 475 -21.37 44.58 39.02
N PHE D 476 -22.54 45.20 39.18
CA PHE D 476 -22.62 46.64 39.03
C PHE D 476 -21.87 47.37 40.15
N LYS D 477 -21.99 46.88 41.39
CA LYS D 477 -21.31 47.54 42.50
C LYS D 477 -19.80 47.46 42.35
N GLU D 478 -19.28 46.33 41.87
CA GLU D 478 -17.83 46.17 41.74
C GLU D 478 -17.24 47.15 40.74
N GLU D 479 -17.99 47.49 39.68
CA GLU D 479 -17.52 48.41 38.66
C GLU D 479 -17.75 49.86 39.03
N GLY D 480 -18.01 50.15 40.31
CA GLY D 480 -18.19 51.52 40.74
C GLY D 480 -19.40 52.20 40.15
N MET D 481 -20.53 51.50 40.08
CA MET D 481 -21.75 52.12 39.60
C MET D 481 -22.47 52.89 40.70
N LEU D 482 -22.32 52.45 41.95
CA LEU D 482 -22.88 53.22 43.06
C LEU D 482 -22.23 54.60 43.16
N ALA D 483 -20.90 54.66 43.04
CA ALA D 483 -20.22 55.93 43.07
C ALA D 483 -20.65 56.81 41.90
N LEU D 484 -20.85 56.21 40.73
CA LEU D 484 -21.32 56.97 39.58
C LEU D 484 -22.71 57.55 39.83
N VAL D 485 -23.61 56.76 40.41
CA VAL D 485 -24.96 57.25 40.71
C VAL D 485 -24.90 58.39 41.71
N LEU D 486 -24.07 58.25 42.74
CA LEU D 486 -23.94 59.32 43.73
C LEU D 486 -23.39 60.59 43.10
N ASN D 487 -22.39 60.45 42.21
CA ASN D 487 -21.85 61.63 41.55
C ASN D 487 -22.88 62.29 40.65
N CYS D 488 -23.68 61.48 39.94
CA CYS D 488 -24.73 62.04 39.11
C CYS D 488 -25.74 62.81 39.95
N ILE D 489 -26.11 62.25 41.11
CA ILE D 489 -27.04 62.94 42.01
C ILE D 489 -26.45 64.25 42.48
N ASP D 490 -25.17 64.25 42.86
CA ASP D 490 -24.53 65.47 43.33
C ASP D 490 -24.50 66.53 42.23
N ARG D 491 -24.17 66.13 41.00
CA ARG D 491 -24.13 67.09 39.90
C ARG D 491 -25.51 67.65 39.61
N LEU D 492 -26.55 66.80 39.64
CA LEU D 492 -27.91 67.29 39.43
C LEU D 492 -28.30 68.28 40.51
N ASN D 493 -27.96 67.99 41.76
CA ASN D 493 -28.29 68.91 42.84
C ASN D 493 -27.55 70.24 42.69
N ILE D 494 -26.28 70.18 42.28
CA ILE D 494 -25.52 71.42 42.05
C ILE D 494 -26.15 72.22 40.91
N TYR D 495 -26.56 71.55 39.84
CA TYR D 495 -27.19 72.25 38.72
C TYR D 495 -28.49 72.91 39.16
N ASN D 496 -29.31 72.19 39.93
CA ASN D 496 -30.57 72.77 40.39
C ASN D 496 -30.34 73.93 41.37
N SER D 497 -29.27 73.86 42.16
CA SER D 497 -29.01 74.91 43.13
C SER D 497 -28.74 76.24 42.44
N VAL D 498 -27.99 76.23 41.35
CA VAL D 498 -27.69 77.46 40.61
C VAL D 498 -28.56 77.54 39.36
N SER D 509 -36.78 72.95 31.71
CA SER D 509 -36.50 71.53 31.83
C SER D 509 -36.49 71.09 33.29
N GLY D 510 -37.21 71.84 34.13
CA GLY D 510 -37.25 71.50 35.55
C GLY D 510 -37.95 70.18 35.81
N MET D 511 -39.07 69.93 35.12
CA MET D 511 -39.78 68.68 35.32
C MET D 511 -38.95 67.48 34.88
N ALA D 512 -38.25 67.61 33.74
CA ALA D 512 -37.42 66.51 33.26
C ALA D 512 -36.31 66.18 34.25
N TRP D 513 -35.65 67.21 34.79
CA TRP D 513 -34.57 66.97 35.74
C TRP D 513 -35.09 66.45 37.08
N LYS D 514 -36.27 66.89 37.50
CA LYS D 514 -36.87 66.31 38.69
C LYS D 514 -37.15 64.83 38.49
N GLU D 515 -37.66 64.47 37.32
CA GLU D 515 -37.88 63.06 37.02
C GLU D 515 -36.57 62.29 36.98
N ILE D 516 -35.52 62.91 36.43
CA ILE D 516 -34.21 62.26 36.38
C ILE D 516 -33.69 62.00 37.79
N LEU D 517 -33.84 62.97 38.69
CA LEU D 517 -33.38 62.79 40.05
C LEU D 517 -34.17 61.71 40.77
N ASN D 518 -35.50 61.69 40.57
CA ASN D 518 -36.30 60.64 41.20
C ASN D 518 -35.92 59.26 40.67
N LEU D 519 -35.68 59.16 39.36
CA LEU D 519 -35.26 57.89 38.79
C LEU D 519 -33.89 57.48 39.31
N LEU D 520 -33.00 58.45 39.54
CA LEU D 520 -31.70 58.12 40.10
C LEU D 520 -31.83 57.54 41.50
N TYR D 521 -32.70 58.14 42.33
CA TYR D 521 -32.91 57.59 43.66
C TYR D 521 -33.53 56.20 43.61
N LYS D 522 -34.49 56.00 42.71
CA LYS D 522 -35.09 54.67 42.57
C LYS D 522 -34.05 53.65 42.10
N LEU D 523 -33.18 54.04 41.18
CA LEU D 523 -32.12 53.14 40.71
C LEU D 523 -31.14 52.81 41.83
N LEU D 524 -30.80 53.80 42.66
CA LEU D 524 -29.92 53.53 43.79
C LEU D 524 -30.55 52.52 44.73
N ALA D 525 -31.83 52.70 45.05
CA ALA D 525 -32.51 51.75 45.92
C ALA D 525 -32.56 50.36 45.29
N ALA D 526 -32.81 50.29 43.98
CA ALA D 526 -32.85 49.00 43.30
C ALA D 526 -31.48 48.33 43.29
N LEU D 527 -30.42 49.13 43.18
CA LEU D 527 -29.07 48.59 43.23
C LEU D 527 -28.74 48.02 44.60
N ILE D 528 -29.13 48.71 45.68
CA ILE D 528 -28.74 48.27 47.02
C ILE D 528 -29.83 47.49 47.73
N ARG D 529 -31.01 47.35 47.15
CA ARG D 529 -32.11 46.70 47.86
C ARG D 529 -31.84 45.21 48.01
N GLY D 530 -31.88 44.73 49.25
CA GLY D 530 -31.72 43.32 49.51
C GLY D 530 -30.32 42.77 49.37
N ASN D 531 -29.32 43.64 49.21
CA ASN D 531 -27.94 43.23 49.01
C ASN D 531 -27.14 43.77 50.19
N ARG D 532 -26.67 42.87 51.04
CA ARG D 532 -25.99 43.30 52.26
C ARG D 532 -24.68 44.01 51.97
N ASN D 533 -23.92 43.53 50.97
CA ASN D 533 -22.63 44.16 50.67
C ASN D 533 -22.82 45.58 50.15
N ASN D 534 -23.80 45.78 49.27
CA ASN D 534 -24.05 47.12 48.74
C ASN D 534 -24.49 48.07 49.84
N CYS D 535 -25.35 47.60 50.74
CA CYS D 535 -25.79 48.45 51.85
C CYS D 535 -24.63 48.77 52.79
N ALA D 536 -23.77 47.79 53.07
CA ALA D 536 -22.60 48.05 53.89
C ALA D 536 -21.69 49.07 53.22
N GLN D 537 -21.53 48.97 51.90
CA GLN D 537 -20.74 49.96 51.17
C GLN D 537 -21.36 51.34 51.27
N PHE D 538 -22.68 51.43 51.19
CA PHE D 538 -23.37 52.71 51.26
C PHE D 538 -23.44 53.27 52.67
N SER D 539 -23.17 52.45 53.69
CA SER D 539 -23.21 52.93 55.06
C SER D 539 -22.27 54.10 55.29
N ASN D 540 -21.20 54.21 54.49
CA ASN D 540 -20.26 55.32 54.64
C ASN D 540 -20.85 56.66 54.24
N ASN D 541 -22.01 56.67 53.57
CA ASN D 541 -22.63 57.90 53.08
C ASN D 541 -23.90 58.24 53.86
N LEU D 542 -23.96 57.86 55.14
CA LEU D 542 -25.12 58.20 55.94
C LEU D 542 -25.26 59.71 56.10
N ASP D 543 -24.13 60.40 56.29
CA ASP D 543 -24.18 61.85 56.40
C ASP D 543 -24.72 62.48 55.13
N TRP D 544 -24.25 61.99 53.98
CA TRP D 544 -24.73 62.49 52.69
C TRP D 544 -26.23 62.26 52.54
N LEU D 545 -26.69 61.05 52.85
CA LEU D 545 -28.10 60.73 52.71
C LEU D 545 -28.96 61.60 53.62
N ILE D 546 -28.58 61.70 54.89
CA ILE D 546 -29.38 62.48 55.84
C ILE D 546 -29.36 63.95 55.47
N SER D 547 -28.21 64.47 55.01
CA SER D 547 -28.15 65.85 54.59
C SER D 547 -29.08 66.11 53.42
N LYS D 548 -29.26 65.13 52.54
CA LYS D 548 -30.21 65.28 51.44
C LYS D 548 -31.63 64.93 51.83
N LEU D 549 -31.87 64.46 53.06
CA LEU D 549 -33.24 64.20 53.51
C LEU D 549 -34.07 65.47 53.53
N ASP D 550 -33.44 66.62 53.79
CA ASP D 550 -34.19 67.84 54.07
C ASP D 550 -35.02 68.29 52.89
N ARG D 551 -34.46 68.26 51.68
CA ARG D 551 -35.13 68.81 50.52
C ARG D 551 -36.44 68.07 50.22
N LEU D 552 -37.46 68.83 49.83
CA LEU D 552 -38.80 68.26 49.65
C LEU D 552 -38.81 67.22 48.54
N GLU D 553 -38.19 67.53 47.41
CA GLU D 553 -38.23 66.62 46.28
C GLU D 553 -37.54 65.29 46.59
N SER D 554 -36.41 65.35 47.28
CA SER D 554 -35.57 64.18 47.49
C SER D 554 -35.95 63.35 48.71
N SER D 555 -36.94 63.80 49.51
CA SER D 555 -37.19 63.16 50.79
C SER D 555 -37.68 61.72 50.62
N SER D 556 -38.56 61.47 49.66
CA SER D 556 -39.17 60.15 49.54
C SER D 556 -38.15 59.10 49.10
N GLY D 557 -37.39 59.40 48.05
CA GLY D 557 -36.36 58.47 47.60
C GLY D 557 -35.29 58.25 48.65
N ILE D 558 -34.91 59.32 49.35
CA ILE D 558 -33.95 59.19 50.43
C ILE D 558 -34.49 58.28 51.52
N LEU D 559 -35.78 58.40 51.85
CA LEU D 559 -36.36 57.53 52.86
C LEU D 559 -36.35 56.08 52.41
N GLU D 560 -36.68 55.83 51.14
CA GLU D 560 -36.65 54.46 50.62
C GLU D 560 -35.24 53.88 50.73
N VAL D 561 -34.24 54.63 50.28
CA VAL D 561 -32.86 54.16 50.33
C VAL D 561 -32.42 53.93 51.77
N LEU D 562 -32.74 54.86 52.66
CA LEU D 562 -32.32 54.75 54.05
C LEU D 562 -32.96 53.55 54.73
N HIS D 563 -34.23 53.29 54.46
CA HIS D 563 -34.87 52.12 55.04
C HIS D 563 -34.24 50.84 54.50
N CYS D 564 -33.92 50.80 53.21
CA CYS D 564 -33.21 49.64 52.68
C CYS D 564 -31.88 49.43 53.40
N ILE D 565 -31.12 50.51 53.59
CA ILE D 565 -29.83 50.40 54.25
C ILE D 565 -29.99 49.88 55.68
N LEU D 566 -30.92 50.46 56.43
CA LEU D 566 -31.11 50.06 57.82
C LEU D 566 -31.55 48.62 57.93
N ILE D 567 -32.47 48.19 57.06
CA ILE D 567 -32.92 46.81 57.11
C ILE D 567 -31.78 45.85 56.79
N GLU D 568 -30.99 46.16 55.76
CA GLU D 568 -29.97 45.22 55.33
C GLU D 568 -28.66 45.37 56.09
N SER D 569 -28.08 46.56 56.09
CA SER D 569 -26.82 46.75 56.80
C SER D 569 -27.05 46.70 58.30
N PRO D 570 -26.44 45.75 59.02
CA PRO D 570 -26.56 45.76 60.49
C PRO D 570 -25.61 46.72 61.17
N GLU D 571 -24.51 47.10 60.52
CA GLU D 571 -23.60 48.07 61.11
C GLU D 571 -24.03 49.51 60.86
N ALA D 572 -24.96 49.75 59.93
CA ALA D 572 -25.39 51.11 59.66
C ALA D 572 -26.02 51.75 60.88
N LEU D 573 -26.80 50.98 61.64
CA LEU D 573 -27.38 51.51 62.88
C LEU D 573 -26.32 51.94 63.87
N ASN D 574 -25.10 51.41 63.76
CA ASN D 574 -24.02 51.82 64.64
C ASN D 574 -23.47 53.20 64.28
N LEU D 575 -23.69 53.65 63.05
CA LEU D 575 -23.20 54.96 62.62
C LEU D 575 -24.24 56.06 62.76
N ILE D 576 -25.43 55.74 63.27
CA ILE D 576 -26.49 56.74 63.42
C ILE D 576 -26.24 57.53 64.70
N ALA D 577 -26.04 58.83 64.56
CA ALA D 577 -25.78 59.73 65.68
C ALA D 577 -27.02 60.54 65.99
N GLU D 578 -26.89 61.42 66.97
CA GLU D 578 -28.03 62.23 67.40
C GLU D 578 -28.48 63.20 66.30
N GLY D 579 -27.53 63.75 65.55
CA GLY D 579 -27.89 64.66 64.48
C GLY D 579 -28.77 64.01 63.43
N HIS D 580 -28.47 62.76 63.08
CA HIS D 580 -29.27 62.07 62.08
C HIS D 580 -30.67 61.79 62.59
N ILE D 581 -30.79 61.39 63.85
CA ILE D 581 -32.10 61.15 64.45
C ILE D 581 -32.91 62.44 64.48
N LYS D 582 -32.28 63.55 64.87
CA LYS D 582 -32.97 64.82 64.87
C LYS D 582 -33.38 65.24 63.46
N SER D 583 -32.56 64.92 62.46
CA SER D 583 -32.92 65.22 61.08
C SER D 583 -34.15 64.45 60.65
N ILE D 584 -34.23 63.16 61.01
CA ILE D 584 -35.39 62.37 60.65
C ILE D 584 -36.65 62.88 61.36
N ILE D 585 -36.51 63.21 62.65
CA ILE D 585 -37.65 63.74 63.39
C ILE D 585 -38.10 65.09 62.82
N SER D 586 -37.15 65.92 62.41
CA SER D 586 -37.50 67.19 61.77
C SER D 586 -38.17 66.97 60.44
N LEU D 587 -37.80 65.91 59.72
CA LEU D 587 -38.54 65.55 58.52
C LEU D 587 -39.98 65.23 58.84
N LEU D 588 -40.20 64.47 59.92
CA LEU D 588 -41.56 64.24 60.40
C LEU D 588 -42.28 65.56 60.68
N ASP D 589 -41.58 66.50 61.29
CA ASP D 589 -42.18 67.76 61.71
C ASP D 589 -42.52 68.67 60.54
N LYS D 590 -41.69 68.67 59.49
CA LYS D 590 -41.84 69.62 58.40
C LYS D 590 -42.58 69.07 57.19
N HIS D 591 -42.64 67.76 57.01
CA HIS D 591 -43.35 67.21 55.86
C HIS D 591 -44.73 66.67 56.21
N GLY D 592 -45.08 66.62 57.47
CA GLY D 592 -46.38 66.12 57.88
C GLY D 592 -46.30 64.73 58.47
N ARG D 593 -47.47 64.22 58.85
CA ARG D 593 -47.58 62.95 59.55
C ARG D 593 -47.50 61.82 58.54
N ASN D 594 -46.29 61.38 58.24
CA ASN D 594 -46.02 60.26 57.36
C ASN D 594 -45.47 59.11 58.19
N HIS D 595 -46.07 57.92 58.05
CA HIS D 595 -45.72 56.82 58.94
C HIS D 595 -44.48 56.06 58.50
N LYS D 596 -43.94 56.35 57.32
CA LYS D 596 -42.69 55.73 56.92
C LYS D 596 -41.51 56.26 57.72
N VAL D 597 -41.58 57.53 58.14
CA VAL D 597 -40.57 58.05 59.06
C VAL D 597 -40.62 57.30 60.38
N LEU D 598 -41.83 56.97 60.84
CA LEU D 598 -41.97 56.19 62.06
C LEU D 598 -41.44 54.77 61.87
N ASP D 599 -41.63 54.20 60.68
CA ASP D 599 -41.01 52.91 60.38
C ASP D 599 -39.49 52.98 60.46
N VAL D 600 -38.91 54.05 59.91
CA VAL D 600 -37.45 54.21 59.97
C VAL D 600 -36.99 54.33 61.41
N LEU D 601 -37.71 55.08 62.23
CA LEU D 601 -37.34 55.22 63.64
C LEU D 601 -37.42 53.88 64.36
N CYS D 602 -38.48 53.11 64.10
CA CYS D 602 -38.58 51.77 64.68
C CYS D 602 -37.41 50.89 64.26
N SER D 603 -37.01 50.98 62.99
CA SER D 603 -35.85 50.23 62.53
C SER D 603 -34.59 50.65 63.27
N LEU D 604 -34.46 51.94 63.54
CA LEU D 604 -33.31 52.41 64.31
C LEU D 604 -33.29 51.83 65.72
N CYS D 605 -34.47 51.68 66.32
CA CYS D 605 -34.50 51.23 67.71
C CYS D 605 -34.05 49.78 67.86
N LEU D 606 -34.55 48.88 67.02
CA LEU D 606 -34.26 47.45 67.13
C LEU D 606 -33.54 46.96 65.88
N CYS D 607 -32.41 46.29 66.08
CA CYS D 607 -31.53 45.86 65.00
C CYS D 607 -31.50 44.33 64.93
N ASN D 608 -32.51 43.75 64.28
CA ASN D 608 -32.59 42.30 64.08
C ASN D 608 -32.51 41.54 65.39
N GLY D 609 -33.30 41.99 66.37
CA GLY D 609 -33.39 41.33 67.66
C GLY D 609 -32.53 41.93 68.75
N VAL D 610 -31.57 42.78 68.40
CA VAL D 610 -30.69 43.42 69.37
C VAL D 610 -31.11 44.88 69.51
N ALA D 611 -31.35 45.30 70.75
CA ALA D 611 -31.79 46.65 71.02
C ALA D 611 -30.61 47.59 71.13
N VAL D 612 -30.72 48.75 70.50
CA VAL D 612 -29.71 49.80 70.56
C VAL D 612 -30.24 50.86 71.52
N ARG D 613 -29.64 50.93 72.71
CA ARG D 613 -30.14 51.82 73.75
C ARG D 613 -29.96 53.29 73.39
N ALA D 614 -28.87 53.61 72.69
CA ALA D 614 -28.62 55.01 72.34
C ALA D 614 -29.71 55.54 71.42
N ASN D 615 -30.09 54.76 70.41
CA ASN D 615 -31.16 55.17 69.51
C ASN D 615 -32.48 55.28 70.25
N GLN D 616 -32.80 54.31 71.10
CA GLN D 616 -34.05 54.35 71.85
C GLN D 616 -34.13 55.59 72.72
N ASN D 617 -33.05 55.88 73.45
CA ASN D 617 -33.04 57.04 74.33
C ASN D 617 -33.12 58.34 73.54
N LEU D 618 -32.40 58.43 72.41
CA LEU D 618 -32.46 59.65 71.61
C LEU D 618 -33.86 59.88 71.07
N ILE D 619 -34.49 58.83 70.55
CA ILE D 619 -35.83 58.97 69.98
C ILE D 619 -36.82 59.33 71.08
N CYS D 620 -36.73 58.69 72.24
CA CYS D 620 -37.63 59.03 73.34
C CYS D 620 -37.45 60.46 73.79
N ASP D 621 -36.21 60.93 73.90
CA ASP D 621 -35.97 62.26 74.43
C ASP D 621 -36.30 63.35 73.43
N ASN D 622 -36.18 63.08 72.13
CA ASN D 622 -36.37 64.12 71.13
C ASN D 622 -37.75 64.12 70.49
N LEU D 623 -38.45 62.99 70.48
CA LEU D 623 -39.76 62.92 69.82
C LEU D 623 -40.93 63.03 70.77
N LEU D 624 -40.82 62.48 71.98
CA LEU D 624 -41.92 62.39 72.91
C LEU D 624 -42.22 63.68 73.68
N PRO D 625 -41.23 64.32 74.29
CA PRO D 625 -41.54 65.44 75.21
C PRO D 625 -42.28 66.60 74.56
N ARG D 626 -42.06 66.85 73.27
CA ARG D 626 -42.65 68.02 72.64
C ARG D 626 -44.17 67.96 72.66
N ARG D 627 -44.74 66.80 72.34
CA ARG D 627 -46.19 66.61 72.30
C ARG D 627 -46.83 67.52 71.25
N ASN D 628 -46.19 67.64 70.09
CA ASN D 628 -46.72 68.45 69.01
C ASN D 628 -46.71 67.74 67.66
N LEU D 629 -46.15 66.54 67.58
CA LEU D 629 -46.13 65.75 66.36
C LEU D 629 -47.03 64.53 66.45
N LEU D 630 -46.91 63.74 67.50
CA LEU D 630 -47.72 62.53 67.65
C LEU D 630 -49.07 62.88 68.24
N LEU D 631 -50.11 62.25 67.70
CA LEU D 631 -51.46 62.46 68.21
C LEU D 631 -51.55 62.00 69.66
N GLN D 632 -52.30 62.74 70.47
CA GLN D 632 -52.41 62.42 71.88
C GLN D 632 -53.69 61.63 72.13
N THR D 633 -53.71 60.90 73.25
CA THR D 633 -54.91 60.17 73.65
C THR D 633 -55.15 60.39 75.14
N ARG D 634 -56.41 60.37 75.53
CA ARG D 634 -56.70 60.58 76.94
C ARG D 634 -58.17 60.27 77.22
N LEU D 635 -58.44 59.75 78.41
CA LEU D 635 -59.81 59.47 78.81
C LEU D 635 -60.45 60.73 79.38
N ILE D 636 -61.52 61.20 78.75
CA ILE D 636 -62.22 62.41 79.15
C ILE D 636 -63.64 62.06 79.54
N ASN D 637 -64.12 62.72 80.59
CA ASN D 637 -65.51 62.57 81.01
C ASN D 637 -66.45 63.24 80.02
N ASP D 638 -67.59 62.61 79.79
CA ASP D 638 -68.61 63.20 78.94
C ASP D 638 -69.43 64.24 79.70
N VAL D 639 -69.74 65.34 79.03
CA VAL D 639 -70.42 66.49 79.61
C VAL D 639 -71.72 66.71 78.86
N THR D 640 -72.75 67.13 79.59
CA THR D 640 -74.06 67.41 79.02
C THR D 640 -74.58 68.73 79.54
N SER D 641 -75.33 69.43 78.70
CA SER D 641 -75.93 70.71 79.03
C SER D 641 -77.44 70.58 79.13
N ILE D 642 -78.04 71.30 80.06
CA ILE D 642 -79.48 71.29 80.26
C ILE D 642 -79.95 72.72 80.47
N ARG D 643 -81.08 73.07 79.85
CA ARG D 643 -81.66 74.39 79.92
C ARG D 643 -83.15 74.30 80.20
N PRO D 644 -83.73 75.29 80.84
CA PRO D 644 -85.18 75.39 80.89
C PRO D 644 -85.74 75.86 79.56
N ASN D 645 -87.05 76.07 79.50
CA ASN D 645 -87.73 76.49 78.28
C ASN D 645 -87.85 78.00 78.17
N ILE D 646 -86.87 78.73 78.68
CA ILE D 646 -86.94 80.18 78.80
C ILE D 646 -85.93 80.79 77.83
N PHE D 647 -86.41 81.60 76.89
CA PHE D 647 -85.58 82.27 75.93
C PHE D 647 -85.78 83.77 76.04
N LEU D 648 -84.67 84.50 76.14
CA LEU D 648 -84.69 85.95 76.29
C LEU D 648 -83.89 86.58 75.17
N GLY D 649 -84.43 87.65 74.58
CA GLY D 649 -83.77 88.32 73.49
C GLY D 649 -83.91 89.82 73.60
N VAL D 650 -83.04 90.52 72.88
CA VAL D 650 -83.05 91.98 72.82
C VAL D 650 -83.18 92.38 71.36
N ALA D 651 -84.19 93.19 71.07
CA ALA D 651 -84.43 93.66 69.72
C ALA D 651 -85.16 94.99 69.77
N GLU D 652 -85.06 95.74 68.69
CA GLU D 652 -85.73 97.03 68.62
C GLU D 652 -87.23 96.86 68.39
N GLY D 653 -88.02 97.62 69.14
CA GLY D 653 -89.45 97.53 69.03
C GLY D 653 -89.98 96.17 69.47
N SER D 654 -89.48 95.69 70.60
CA SER D 654 -89.89 94.41 71.15
C SER D 654 -90.38 94.61 72.58
N ALA D 655 -91.30 93.74 73.00
CA ALA D 655 -91.88 93.81 74.34
C ALA D 655 -91.03 93.11 75.39
N GLN D 656 -89.92 92.50 74.99
CA GLN D 656 -89.08 91.76 75.94
C GLN D 656 -88.52 92.70 77.01
N TYR D 657 -88.44 92.19 78.23
CA TYR D 657 -87.80 92.90 79.32
C TYR D 657 -86.32 92.53 79.36
N LYS D 658 -85.48 93.51 79.71
CA LYS D 658 -84.04 93.34 79.58
C LYS D 658 -83.43 92.56 80.74
N LYS D 659 -83.65 92.99 81.98
CA LYS D 659 -83.02 92.37 83.13
C LYS D 659 -83.73 91.07 83.51
N TRP D 660 -82.95 90.05 83.86
CA TRP D 660 -83.48 88.75 84.22
C TRP D 660 -82.59 88.12 85.29
N TYR D 661 -83.15 87.15 86.00
CA TYR D 661 -82.49 86.56 87.16
C TYR D 661 -82.98 85.13 87.35
N PHE D 662 -82.10 84.25 87.80
CA PHE D 662 -82.52 82.90 88.18
C PHE D 662 -81.50 82.33 89.16
N GLU D 663 -81.80 81.13 89.68
CA GLU D 663 -80.91 80.52 90.65
C GLU D 663 -80.78 79.02 90.42
N LEU D 664 -79.71 78.46 90.95
CA LEU D 664 -79.42 77.03 90.90
C LEU D 664 -79.00 76.57 92.28
N ILE D 665 -79.60 75.48 92.75
CA ILE D 665 -79.26 74.89 94.03
C ILE D 665 -78.53 73.59 93.78
N ILE D 666 -77.38 73.41 94.42
CA ILE D 666 -76.53 72.26 94.18
C ILE D 666 -76.77 71.28 95.34
N ASP D 667 -77.54 70.23 95.08
CA ASP D 667 -77.90 69.29 96.14
C ASP D 667 -76.73 68.39 96.51
N GLN D 668 -75.95 67.98 95.52
CA GLN D 668 -74.86 67.02 95.78
C GLN D 668 -73.92 67.02 94.59
N VAL D 669 -72.64 67.24 94.88
CA VAL D 669 -71.58 67.12 93.88
C VAL D 669 -70.58 66.09 94.39
N ASP D 670 -70.23 65.14 93.54
CA ASP D 670 -69.24 64.11 93.87
C ASP D 670 -67.99 64.40 93.07
N PRO D 671 -67.06 65.24 93.57
CA PRO D 671 -65.82 65.47 92.84
C PRO D 671 -65.00 64.19 92.76
N PHE D 672 -64.38 63.99 91.61
CA PHE D 672 -63.54 62.81 91.39
C PHE D 672 -64.36 61.53 91.54
N LEU D 673 -65.32 61.38 90.63
CA LEU D 673 -66.06 60.13 90.50
C LEU D 673 -65.42 59.18 89.49
N THR D 674 -64.54 59.69 88.61
CA THR D 674 -63.91 58.86 87.61
C THR D 674 -62.44 59.22 87.41
N ALA D 675 -61.76 59.66 88.46
CA ALA D 675 -60.35 60.03 88.43
C ALA D 675 -60.10 61.33 87.69
N GLU D 676 -61.14 62.01 87.24
CA GLU D 676 -61.06 63.34 86.67
C GLU D 676 -62.10 64.23 87.35
N PRO D 677 -61.81 65.50 87.54
CA PRO D 677 -62.72 66.35 88.31
C PRO D 677 -64.10 66.41 87.69
N THR D 678 -65.13 66.40 88.53
CA THR D 678 -66.49 66.56 88.06
C THR D 678 -66.66 67.94 87.46
N HIS D 679 -67.39 68.00 86.35
CA HIS D 679 -67.68 69.24 85.65
C HIS D 679 -69.03 69.77 86.11
N LEU D 680 -69.07 71.03 86.53
CA LEU D 680 -70.34 71.65 86.89
C LEU D 680 -70.19 73.15 86.74
N ARG D 681 -70.77 73.70 85.68
CA ARG D 681 -70.79 75.14 85.45
C ARG D 681 -72.23 75.58 85.23
N VAL D 682 -72.54 76.78 85.67
CA VAL D 682 -73.87 77.35 85.49
C VAL D 682 -73.71 78.74 84.89
N GLY D 683 -74.65 79.12 84.04
CA GLY D 683 -74.57 80.45 83.47
C GLY D 683 -75.59 80.66 82.38
N TRP D 684 -75.24 81.52 81.44
CA TRP D 684 -76.13 81.86 80.33
C TRP D 684 -75.53 81.39 79.02
N ALA D 685 -76.38 81.22 78.02
CA ALA D 685 -75.90 80.83 76.71
C ALA D 685 -76.78 81.48 75.66
N SER D 686 -76.26 81.59 74.45
CA SER D 686 -76.95 82.21 73.34
C SER D 686 -77.28 81.18 72.29
N SER D 687 -78.52 81.21 71.80
CA SER D 687 -78.96 80.26 70.79
C SER D 687 -78.32 80.50 69.44
N SER D 688 -77.63 81.61 69.25
CA SER D 688 -77.03 81.91 67.95
C SER D 688 -75.99 80.87 67.57
N GLY D 689 -75.15 80.47 68.51
CA GLY D 689 -74.12 79.51 68.15
C GLY D 689 -73.72 78.51 69.22
N TYR D 690 -74.42 78.47 70.35
CA TYR D 690 -74.08 77.55 71.42
C TYR D 690 -74.79 76.23 71.16
N ALA D 691 -74.03 75.24 70.68
CA ALA D 691 -74.58 73.93 70.38
C ALA D 691 -73.49 72.89 70.61
N PRO D 692 -73.41 72.35 71.83
CA PRO D 692 -72.38 71.35 72.12
C PRO D 692 -72.85 69.94 71.83
N TYR D 693 -72.12 69.22 70.99
CA TYR D 693 -72.52 67.83 70.80
C TYR D 693 -71.74 66.93 71.73
N PRO D 694 -72.35 65.85 72.24
CA PRO D 694 -71.59 64.92 73.08
C PRO D 694 -70.47 64.28 72.29
N GLY D 695 -69.34 64.06 72.96
CA GLY D 695 -68.16 63.49 72.34
C GLY D 695 -66.99 64.45 72.41
N GLY D 696 -66.22 64.49 71.33
CA GLY D 696 -65.03 65.31 71.26
C GLY D 696 -65.26 66.59 70.48
N GLY D 697 -64.62 67.66 70.94
CA GLY D 697 -64.71 68.95 70.27
C GLY D 697 -63.44 69.73 70.45
N GLU D 698 -63.58 71.02 70.74
CA GLU D 698 -62.42 71.86 70.92
C GLU D 698 -61.62 71.46 72.15
N GLY D 699 -60.32 71.72 72.09
CA GLY D 699 -59.47 71.41 73.23
C GLY D 699 -59.41 69.92 73.47
N TRP D 700 -59.71 69.52 74.70
CA TRP D 700 -59.73 68.12 75.11
C TRP D 700 -61.14 67.63 75.36
N GLY D 701 -62.08 68.05 74.53
CA GLY D 701 -63.45 67.60 74.66
C GLY D 701 -64.05 68.08 75.96
N GLY D 702 -65.20 67.48 76.30
CA GLY D 702 -65.89 67.83 77.52
C GLY D 702 -66.28 69.29 77.56
N ASN D 703 -66.87 69.79 76.48
CA ASN D 703 -67.20 71.19 76.36
C ASN D 703 -68.53 71.50 77.03
N GLY D 704 -68.52 72.46 77.93
CA GLY D 704 -69.72 72.84 78.65
C GLY D 704 -70.02 74.30 78.52
N VAL D 705 -70.60 74.90 79.57
CA VAL D 705 -71.00 76.29 79.55
C VAL D 705 -69.75 77.14 79.74
N GLY D 706 -69.25 77.73 78.67
CA GLY D 706 -68.10 78.59 78.76
C GLY D 706 -66.95 78.10 77.91
N ASP D 707 -67.21 77.10 77.07
CA ASP D 707 -66.19 76.55 76.19
C ASP D 707 -66.32 77.05 74.76
N ASP D 708 -67.07 78.12 74.54
CA ASP D 708 -67.07 78.85 73.29
C ASP D 708 -67.35 80.32 73.60
N LEU D 709 -67.54 81.12 72.57
CA LEU D 709 -67.80 82.54 72.73
C LEU D 709 -69.27 82.88 72.79
N TYR D 710 -70.15 81.87 72.80
CA TYR D 710 -71.59 82.08 72.90
C TYR D 710 -72.16 81.74 74.27
N SER D 711 -71.39 81.10 75.14
CA SER D 711 -71.84 80.76 76.49
C SER D 711 -70.92 81.41 77.51
N TYR D 712 -71.51 81.79 78.64
CA TYR D 712 -70.82 82.51 79.71
C TYR D 712 -71.15 81.78 81.00
N GLY D 713 -70.15 81.11 81.57
CA GLY D 713 -70.36 80.20 82.67
C GLY D 713 -69.55 80.55 83.90
N PHE D 714 -69.87 79.85 84.99
CA PHE D 714 -69.25 80.08 86.29
C PHE D 714 -69.23 78.75 87.03
N ASP D 715 -68.09 78.41 87.60
CA ASP D 715 -67.90 77.11 88.24
C ASP D 715 -67.49 77.23 89.70
N GLY D 716 -67.67 78.40 90.30
CA GLY D 716 -67.37 78.62 91.69
C GLY D 716 -66.04 79.28 91.95
N LEU D 717 -65.09 79.15 91.03
CA LEU D 717 -63.78 79.77 91.15
C LEU D 717 -63.45 80.68 89.99
N HIS D 718 -63.77 80.28 88.76
CA HIS D 718 -63.38 81.01 87.57
C HIS D 718 -64.60 81.43 86.77
N LEU D 719 -64.40 82.46 85.96
CA LEU D 719 -65.36 82.85 84.94
C LEU D 719 -64.87 82.31 83.60
N TRP D 720 -65.77 81.63 82.88
CA TRP D 720 -65.41 80.90 81.68
C TRP D 720 -66.04 81.53 80.46
N SER D 721 -65.25 81.76 79.42
CA SER D 721 -65.76 82.20 78.13
C SER D 721 -64.67 82.04 77.09
N GLY D 722 -64.99 81.41 75.96
CA GLY D 722 -63.97 81.10 74.98
C GLY D 722 -63.08 79.94 75.36
N ARG D 723 -63.43 79.20 76.40
CA ARG D 723 -62.64 78.09 76.92
C ARG D 723 -61.38 78.56 77.62
N ILE D 724 -61.42 79.76 78.19
CA ILE D 724 -60.30 80.31 78.93
C ILE D 724 -60.81 80.73 80.30
N PRO D 725 -60.29 80.16 81.39
CA PRO D 725 -60.78 80.54 82.71
C PRO D 725 -60.11 81.79 83.23
N ARG D 726 -60.88 82.61 83.92
CA ARG D 726 -60.36 83.81 84.57
C ARG D 726 -60.66 83.70 86.05
N ALA D 727 -59.61 83.61 86.87
CA ALA D 727 -59.79 83.43 88.30
C ALA D 727 -60.45 84.65 88.90
N VAL D 728 -61.61 84.45 89.52
CA VAL D 728 -62.41 85.54 90.07
C VAL D 728 -62.32 85.49 91.58
N ALA D 729 -62.37 86.67 92.20
CA ALA D 729 -62.19 86.81 93.63
C ALA D 729 -63.54 86.86 94.32
N SER D 730 -63.69 86.07 95.38
CA SER D 730 -64.93 86.00 96.14
C SER D 730 -64.61 85.66 97.57
N ILE D 731 -65.55 85.98 98.47
CA ILE D 731 -65.42 85.63 99.87
C ILE D 731 -65.72 84.16 100.05
N ASN D 732 -64.80 83.43 100.69
CA ASN D 732 -64.91 81.98 100.80
C ASN D 732 -64.89 81.32 99.43
N LEU D 733 -63.85 81.62 98.65
CA LEU D 733 -63.73 81.02 97.32
C LEU D 733 -63.59 79.51 97.43
N HIS D 734 -64.33 78.81 96.58
CA HIS D 734 -64.25 77.36 96.52
C HIS D 734 -65.06 76.87 95.35
N LEU D 735 -64.68 75.70 94.83
CA LEU D 735 -65.44 75.08 93.77
C LEU D 735 -66.86 74.81 94.24
N LEU D 736 -67.80 74.81 93.29
CA LEU D 736 -69.19 74.56 93.63
C LEU D 736 -69.34 73.20 94.29
N ARG D 737 -70.01 73.17 95.44
CA ARG D 737 -70.22 71.94 96.18
C ARG D 737 -71.66 71.82 96.65
N SER D 738 -71.94 70.84 97.50
CA SER D 738 -73.31 70.63 97.97
C SER D 738 -73.78 71.83 98.78
N ASP D 739 -75.09 72.08 98.71
CA ASP D 739 -75.71 73.17 99.47
C ASP D 739 -75.13 74.54 99.06
N ASP D 740 -74.94 74.72 97.76
CA ASP D 740 -74.53 76.00 97.19
C ASP D 740 -75.66 76.57 96.36
N VAL D 741 -75.91 77.87 96.52
CA VAL D 741 -76.94 78.57 95.77
C VAL D 741 -76.26 79.59 94.87
N VAL D 742 -76.40 79.41 93.56
CA VAL D 742 -75.76 80.26 92.57
C VAL D 742 -76.83 81.10 91.91
N SER D 743 -76.73 82.42 92.05
CA SER D 743 -77.68 83.35 91.46
C SER D 743 -77.06 83.98 90.23
N CYS D 744 -77.76 83.90 89.11
CA CYS D 744 -77.28 84.43 87.84
C CYS D 744 -78.17 85.57 87.38
N CYS D 745 -77.55 86.69 87.01
CA CYS D 745 -78.24 87.89 86.60
C CYS D 745 -77.77 88.29 85.21
N LEU D 746 -78.73 88.56 84.32
CA LEU D 746 -78.44 88.98 82.96
C LEU D 746 -79.10 90.34 82.71
N ASP D 747 -78.41 91.17 81.93
CA ASP D 747 -78.92 92.51 81.61
C ASP D 747 -78.58 92.79 80.16
N LEU D 748 -79.54 92.54 79.26
CA LEU D 748 -79.29 92.78 77.84
C LEU D 748 -79.12 94.25 77.51
N GLY D 749 -79.43 95.15 78.45
CA GLY D 749 -79.28 96.56 78.17
C GLY D 749 -77.84 96.99 78.00
N VAL D 750 -76.93 96.44 78.81
CA VAL D 750 -75.54 96.87 78.80
C VAL D 750 -74.81 96.33 77.58
N PRO D 751 -74.77 95.01 77.34
CA PRO D 751 -75.25 93.89 78.16
C PRO D 751 -74.24 93.45 79.21
N SER D 752 -74.67 92.75 80.25
CA SER D 752 -73.76 92.32 81.29
C SER D 752 -74.33 91.10 82.00
N ILE D 753 -73.45 90.14 82.29
CA ILE D 753 -73.81 88.93 83.01
C ILE D 753 -73.00 88.90 84.29
N SER D 754 -73.68 88.73 85.42
CA SER D 754 -73.03 88.72 86.72
C SER D 754 -73.60 87.58 87.55
N PHE D 755 -72.85 87.22 88.60
CA PHE D 755 -73.17 86.08 89.42
C PHE D 755 -73.12 86.45 90.89
N ARG D 756 -73.67 85.55 91.71
CA ARG D 756 -73.58 85.64 93.16
C ARG D 756 -73.55 84.22 93.70
N ILE D 757 -72.75 83.99 94.73
CA ILE D 757 -72.60 82.67 95.33
C ILE D 757 -73.03 82.76 96.78
N ASN D 758 -74.07 82.00 97.14
CA ASN D 758 -74.61 81.99 98.50
C ASN D 758 -75.01 83.38 98.96
N GLY D 759 -75.49 84.21 98.04
CA GLY D 759 -75.87 85.57 98.37
C GLY D 759 -74.73 86.56 98.43
N GLN D 760 -73.49 86.11 98.24
CA GLN D 760 -72.34 86.98 98.23
C GLN D 760 -71.94 87.30 96.80
N PRO D 761 -71.64 88.56 96.48
CA PRO D 761 -71.29 88.90 95.10
C PRO D 761 -69.96 88.29 94.69
N VAL D 762 -69.84 88.03 93.39
CA VAL D 762 -68.60 87.56 92.79
C VAL D 762 -67.95 88.74 92.07
N GLN D 763 -66.67 88.97 92.35
CA GLN D 763 -65.98 90.17 91.86
C GLN D 763 -65.55 89.95 90.41
N GLY D 764 -66.51 90.10 89.52
CA GLY D 764 -66.26 89.96 88.10
C GLY D 764 -67.55 89.77 87.34
N MET D 765 -67.49 90.03 86.04
CA MET D 765 -68.67 89.88 85.20
C MET D 765 -68.25 89.83 83.74
N PHE D 766 -69.19 89.41 82.90
CA PHE D 766 -69.01 89.44 81.45
C PHE D 766 -69.76 90.63 80.88
N GLU D 767 -69.21 91.23 79.84
CA GLU D 767 -69.86 92.37 79.20
C GLU D 767 -69.46 92.45 77.73
N ASN D 768 -70.16 93.33 77.02
CA ASN D 768 -69.84 93.65 75.63
C ASN D 768 -69.82 92.42 74.73
N PHE D 769 -70.75 91.51 74.97
CA PHE D 769 -70.91 90.37 74.08
C PHE D 769 -72.05 90.62 73.11
N ASN D 770 -72.12 89.79 72.07
CA ASN D 770 -73.15 89.94 71.06
C ASN D 770 -74.50 89.59 71.65
N THR D 771 -75.46 90.51 71.49
CA THR D 771 -76.81 90.31 72.01
C THR D 771 -77.77 89.76 70.97
N ASP D 772 -77.26 89.36 69.80
CA ASP D 772 -78.10 88.69 68.81
C ASP D 772 -78.44 87.28 69.29
N GLY D 773 -79.57 86.78 68.80
CA GLY D 773 -80.04 85.48 69.22
C GLY D 773 -80.75 85.55 70.56
N LEU D 774 -81.16 84.38 71.03
CA LEU D 774 -81.96 84.25 72.25
C LEU D 774 -81.09 83.69 73.36
N PHE D 775 -81.16 84.31 74.52
CA PHE D 775 -80.37 83.92 75.69
C PHE D 775 -81.20 83.02 76.59
N PHE D 776 -80.62 81.90 76.99
CA PHE D 776 -81.29 81.00 77.91
C PHE D 776 -80.35 80.59 79.03
N PRO D 777 -80.89 80.31 80.21
CA PRO D 777 -80.08 79.75 81.29
C PRO D 777 -79.63 78.36 80.93
N VAL D 778 -78.45 77.98 81.42
CA VAL D 778 -77.88 76.69 81.07
C VAL D 778 -77.01 76.20 82.21
N VAL D 779 -76.97 74.88 82.38
CA VAL D 779 -76.06 74.22 83.30
C VAL D 779 -75.39 73.08 82.56
N SER D 780 -74.06 73.05 82.59
CA SER D 780 -73.28 71.95 82.04
C SER D 780 -72.70 71.13 83.18
N PHE D 781 -72.76 69.81 83.04
CA PHE D 781 -72.36 68.93 84.12
C PHE D 781 -71.87 67.61 83.55
N SER D 782 -71.09 66.90 84.35
CA SER D 782 -70.75 65.51 84.09
C SER D 782 -71.41 64.63 85.15
N ALA D 783 -71.24 63.32 85.02
CA ALA D 783 -71.93 62.39 85.90
C ALA D 783 -71.52 62.61 87.36
N GLY D 784 -72.50 62.58 88.24
CA GLY D 784 -72.25 62.67 89.66
C GLY D 784 -72.75 63.95 90.32
N VAL D 785 -73.83 64.52 89.80
CA VAL D 785 -74.36 65.77 90.33
C VAL D 785 -75.88 65.70 90.43
N LYS D 786 -76.42 66.53 91.32
CA LYS D 786 -77.84 66.81 91.42
C LYS D 786 -78.01 68.30 91.62
N VAL D 787 -78.85 68.93 90.80
CA VAL D 787 -79.06 70.36 90.85
C VAL D 787 -80.55 70.64 90.71
N ARG D 788 -80.94 71.86 91.09
CA ARG D 788 -82.33 72.30 90.99
C ARG D 788 -82.38 73.72 90.47
N PHE D 789 -83.03 73.90 89.33
CA PHE D 789 -83.32 75.23 88.83
C PHE D 789 -84.44 75.85 89.64
N LEU D 790 -84.22 77.10 90.05
CA LEU D 790 -85.24 77.93 90.67
C LEU D 790 -85.45 79.15 89.80
N THR D 791 -86.66 79.31 89.28
CA THR D 791 -87.00 80.38 88.35
C THR D 791 -88.16 81.24 88.85
N GLY D 792 -88.48 81.17 90.14
CA GLY D 792 -89.47 82.04 90.72
C GLY D 792 -90.89 81.52 90.57
N GLY D 793 -91.80 82.16 91.30
CA GLY D 793 -93.20 81.79 91.21
C GLY D 793 -93.45 80.38 91.68
N ARG D 794 -94.20 79.62 90.88
CA ARG D 794 -94.48 78.23 91.18
C ARG D 794 -93.45 77.27 90.62
N HIS D 795 -92.53 77.75 89.78
CA HIS D 795 -91.50 76.92 89.17
C HIS D 795 -90.18 77.00 89.91
N GLY D 796 -90.22 77.26 91.22
CA GLY D 796 -89.01 77.38 92.01
C GLY D 796 -89.05 78.58 92.93
N GLU D 797 -88.69 78.37 94.20
CA GLU D 797 -88.75 79.43 95.20
C GLU D 797 -87.34 80.00 95.37
N PHE D 798 -87.20 81.29 95.11
CA PHE D 798 -85.90 81.94 95.26
C PHE D 798 -85.48 81.96 96.72
N LYS D 799 -84.21 81.65 96.97
CA LYS D 799 -83.66 81.69 98.31
C LYS D 799 -82.97 83.01 98.63
N PHE D 800 -82.84 83.90 97.67
CA PHE D 800 -82.27 85.23 97.89
C PHE D 800 -83.03 86.25 97.07
N LEU D 801 -83.10 87.46 97.59
CA LEU D 801 -83.84 88.52 96.93
C LEU D 801 -83.16 88.88 95.61
N PRO D 802 -83.87 88.85 94.48
CA PRO D 802 -83.25 89.29 93.24
C PRO D 802 -82.88 90.76 93.33
N PRO D 803 -81.80 91.16 92.66
CA PRO D 803 -81.42 92.57 92.66
C PRO D 803 -82.54 93.43 92.07
N SER D 804 -82.63 94.66 92.55
CA SER D 804 -83.73 95.53 92.16
C SER D 804 -83.78 95.73 90.65
N GLY D 805 -84.95 95.54 90.07
CA GLY D 805 -85.14 95.67 88.65
C GLY D 805 -85.01 94.38 87.87
N TYR D 806 -84.48 93.32 88.48
CA TYR D 806 -84.26 92.05 87.80
C TYR D 806 -85.49 91.16 87.95
N ALA D 807 -85.92 90.59 86.87
CA ALA D 807 -87.13 89.80 86.90
C ALA D 807 -86.81 88.31 86.94
N PRO D 808 -87.61 87.54 87.66
CA PRO D 808 -87.45 86.08 87.63
C PRO D 808 -87.71 85.53 86.24
N CYS D 809 -87.04 84.42 85.93
CA CYS D 809 -87.11 83.86 84.58
C CYS D 809 -88.48 83.31 84.24
N TYR D 810 -89.28 82.90 85.24
CA TYR D 810 -90.57 82.30 84.92
C TYR D 810 -91.51 83.28 84.26
N GLU D 811 -91.24 84.59 84.36
CA GLU D 811 -92.05 85.59 83.67
C GLU D 811 -91.77 85.65 82.17
N ALA D 812 -90.75 84.94 81.69
CA ALA D 812 -90.46 84.94 80.27
C ALA D 812 -91.30 83.94 79.48
N LEU D 813 -92.12 83.15 80.15
CA LEU D 813 -92.96 82.17 79.48
C LEU D 813 -94.29 82.80 79.05
N LEU D 814 -94.83 82.27 77.96
CA LEU D 814 -96.15 82.67 77.52
C LEU D 814 -97.22 81.94 78.33
N PRO D 815 -98.44 82.47 78.36
CA PRO D 815 -99.50 81.77 79.11
C PRO D 815 -99.76 80.37 78.61
N LYS D 816 -99.60 80.12 77.31
CA LYS D 816 -99.78 78.78 76.76
C LYS D 816 -98.60 77.86 77.08
N GLU D 817 -97.39 78.41 77.09
CA GLU D 817 -96.21 77.58 77.30
C GLU D 817 -96.17 77.02 78.71
N LYS D 818 -95.73 75.77 78.82
CA LYS D 818 -95.51 75.12 80.11
C LYS D 818 -94.02 74.82 80.24
N MET D 819 -93.45 75.13 81.40
CA MET D 819 -92.01 75.02 81.58
C MET D 819 -91.57 73.56 81.57
N ARG D 820 -90.37 73.34 81.05
CA ARG D 820 -89.77 72.01 81.02
C ARG D 820 -88.26 72.17 80.93
N LEU D 821 -87.55 71.10 81.24
CA LEU D 821 -86.10 71.05 81.12
C LEU D 821 -85.73 70.16 79.95
N GLU D 822 -84.89 70.66 79.05
CA GLU D 822 -84.56 69.96 77.83
C GLU D 822 -83.08 70.09 77.53
N PRO D 823 -82.50 69.14 76.80
CA PRO D 823 -81.12 69.30 76.34
C PRO D 823 -80.97 70.46 75.36
N VAL D 824 -79.80 71.08 75.39
CA VAL D 824 -79.56 72.25 74.56
C VAL D 824 -79.59 71.89 73.09
N LYS D 825 -78.87 70.85 72.70
CA LYS D 825 -78.84 70.37 71.33
C LYS D 825 -79.15 68.88 71.33
N GLU D 826 -79.94 68.45 70.35
CA GLU D 826 -80.43 67.08 70.36
C GLU D 826 -80.66 66.62 68.93
N TYR D 827 -80.04 65.50 68.56
CA TYR D 827 -80.25 64.87 67.27
C TYR D 827 -80.80 63.46 67.41
N LYS D 828 -81.38 63.15 68.56
CA LYS D 828 -81.82 61.79 68.87
C LYS D 828 -82.53 61.82 70.20
N ARG D 829 -83.51 60.96 70.37
CA ARG D 829 -84.26 60.88 71.61
C ARG D 829 -84.62 59.42 71.87
N ASP D 830 -84.17 58.89 73.00
CA ASP D 830 -84.44 57.51 73.37
C ASP D 830 -85.57 57.46 74.39
N ALA D 831 -86.48 56.51 74.21
CA ALA D 831 -87.59 56.32 75.15
C ALA D 831 -87.88 54.83 75.23
N GLU D 832 -87.68 54.26 76.42
CA GLU D 832 -88.01 52.86 76.69
C GLU D 832 -87.32 51.92 75.70
N GLY D 833 -86.11 52.29 75.28
CA GLY D 833 -85.35 51.46 74.36
C GLY D 833 -85.67 51.66 72.90
N ILE D 834 -86.48 52.64 72.55
CA ILE D 834 -86.77 52.97 71.16
C ILE D 834 -86.19 54.34 70.87
N ARG D 835 -85.36 54.42 69.83
CA ARG D 835 -84.59 55.63 69.54
C ARG D 835 -85.15 56.31 68.31
N ASP D 836 -85.54 57.58 68.47
CA ASP D 836 -86.02 58.39 67.37
C ASP D 836 -84.91 59.32 66.90
N LEU D 837 -84.64 59.29 65.60
CA LEU D 837 -83.69 60.19 64.98
C LEU D 837 -84.39 61.48 64.60
N LEU D 838 -83.85 62.61 65.05
CA LEU D 838 -84.51 63.89 64.89
C LEU D 838 -83.84 64.73 63.81
N GLY D 839 -84.64 65.52 63.13
CA GLY D 839 -84.13 66.54 62.23
C GLY D 839 -83.69 67.76 63.02
N THR D 840 -83.78 68.92 62.39
CA THR D 840 -83.37 70.17 63.01
C THR D 840 -84.57 71.06 63.25
N THR D 841 -84.58 71.74 64.39
CA THR D 841 -85.65 72.68 64.70
C THR D 841 -85.33 74.05 64.08
N GLN D 842 -86.29 74.60 63.35
CA GLN D 842 -86.05 75.84 62.62
C GLN D 842 -85.70 76.99 63.55
N SER D 843 -86.44 77.14 64.63
CA SER D 843 -86.25 78.26 65.54
C SER D 843 -86.71 77.85 66.93
N LEU D 844 -86.77 78.82 67.84
CA LEU D 844 -87.16 78.56 69.22
C LEU D 844 -88.24 79.54 69.67
N SER D 845 -88.56 79.53 70.95
CA SER D 845 -89.60 80.41 71.47
C SER D 845 -89.12 81.85 71.54
N GLN D 846 -89.25 82.58 70.44
CA GLN D 846 -88.75 83.95 70.39
C GLN D 846 -89.47 84.83 71.41
N ALA D 847 -90.80 84.80 71.39
CA ALA D 847 -91.64 85.62 72.27
C ALA D 847 -91.46 87.11 72.03
N SER D 848 -90.87 87.48 70.88
CA SER D 848 -90.63 88.87 70.52
C SER D 848 -91.73 89.32 69.58
N PHE D 849 -92.63 90.17 70.07
CA PHE D 849 -93.77 90.58 69.27
C PHE D 849 -93.34 91.40 68.04
N ILE D 850 -92.51 92.42 68.27
CA ILE D 850 -92.07 93.39 67.26
C ILE D 850 -93.23 93.78 66.35
N PRO D 851 -94.21 94.55 66.85
CA PRO D 851 -95.41 94.82 66.05
C PRO D 851 -95.11 95.58 64.78
N CYS D 852 -95.83 95.23 63.72
CA CYS D 852 -95.71 95.89 62.42
C CYS D 852 -97.09 96.20 61.88
N PRO D 853 -97.79 97.15 62.49
CA PRO D 853 -99.14 97.50 62.02
C PRO D 853 -99.09 98.14 60.64
N ILE D 854 -100.24 98.10 59.96
CA ILE D 854 -100.32 98.61 58.60
C ILE D 854 -100.01 100.10 58.59
N ASP D 855 -99.13 100.50 57.68
CA ASP D 855 -98.68 101.89 57.60
C ASP D 855 -99.72 102.70 56.84
N THR D 856 -100.50 103.49 57.57
CA THR D 856 -101.55 104.32 56.99
C THR D 856 -101.13 105.78 56.83
N SER D 857 -99.84 106.08 57.01
CA SER D 857 -99.36 107.46 56.90
C SER D 857 -99.58 108.01 55.50
N GLN D 858 -99.31 107.19 54.48
CA GLN D 858 -99.51 107.60 53.09
C GLN D 858 -100.95 107.43 52.62
N VAL D 859 -101.83 106.88 53.46
CA VAL D 859 -103.23 106.71 53.10
C VAL D 859 -103.96 108.03 53.30
N VAL D 860 -104.55 108.54 52.23
CA VAL D 860 -105.22 109.85 52.24
C VAL D 860 -106.72 109.62 52.36
N LEU D 861 -107.34 110.27 53.34
CA LEU D 861 -108.77 110.14 53.53
C LEU D 861 -109.52 110.98 52.51
N PRO D 862 -110.36 110.40 51.67
CA PRO D 862 -111.15 111.19 50.72
C PRO D 862 -112.08 112.14 51.46
N PRO D 863 -112.26 113.35 50.94
CA PRO D 863 -113.13 114.31 51.66
C PRO D 863 -114.56 113.84 51.81
N HIS D 864 -115.12 113.18 50.80
CA HIS D 864 -116.51 112.78 50.85
C HIS D 864 -116.78 111.73 51.93
N LEU D 865 -115.75 111.00 52.36
CA LEU D 865 -115.89 110.04 53.43
C LEU D 865 -115.67 110.64 54.81
N GLU D 866 -115.30 111.92 54.88
CA GLU D 866 -115.03 112.53 56.18
C GLU D 866 -116.32 112.79 56.96
N LYS D 867 -117.34 113.31 56.29
CA LYS D 867 -118.59 113.65 56.96
C LYS D 867 -119.18 112.44 57.67
N ILE D 868 -119.32 111.33 56.95
CA ILE D 868 -119.76 110.09 57.58
C ILE D 868 -118.82 109.71 58.72
N ARG D 869 -117.51 109.85 58.49
CA ARG D 869 -116.54 109.64 59.56
C ARG D 869 -116.85 110.54 60.75
N ASP D 870 -117.12 111.81 60.48
CA ASP D 870 -117.47 112.75 61.54
C ASP D 870 -118.70 112.27 62.30
N ARG D 871 -119.62 111.58 61.62
CA ARG D 871 -120.75 110.98 62.33
C ARG D 871 -120.30 109.80 63.17
N LEU D 872 -119.48 108.90 62.60
CA LEU D 872 -119.14 107.66 63.28
C LEU D 872 -118.46 107.92 64.62
N ALA D 873 -117.43 108.78 64.61
CA ALA D 873 -116.77 109.14 65.85
C ALA D 873 -117.78 109.71 66.86
N GLU D 874 -118.70 110.55 66.39
CA GLU D 874 -119.75 111.04 67.28
C GLU D 874 -120.55 109.89 67.85
N ASN D 875 -120.95 108.94 67.00
CA ASN D 875 -121.60 107.74 67.50
C ASN D 875 -120.67 106.99 68.45
N ILE D 876 -119.38 106.94 68.12
CA ILE D 876 -118.39 106.35 69.01
C ILE D 876 -118.43 107.04 70.36
N HIS D 877 -118.59 108.36 70.36
CA HIS D 877 -118.68 109.10 71.62
C HIS D 877 -119.84 108.57 72.46
N GLU D 878 -120.99 108.33 71.83
CA GLU D 878 -122.11 107.74 72.55
C GLU D 878 -121.71 106.39 73.13
N LEU D 879 -121.03 105.56 72.33
CA LEU D 879 -120.59 104.26 72.80
C LEU D 879 -119.68 104.37 74.01
N TRP D 880 -119.06 105.53 74.22
CA TRP D 880 -118.37 105.77 75.48
C TRP D 880 -119.36 106.19 76.57
N GLY D 881 -120.11 107.26 76.31
CA GLY D 881 -120.86 107.90 77.39
C GLY D 881 -121.87 106.98 78.03
N MET D 882 -122.66 106.29 77.20
CA MET D 882 -123.65 105.35 77.73
C MET D 882 -123.00 104.30 78.61
N ASN D 883 -121.82 103.82 78.21
CA ASN D 883 -121.13 102.83 79.02
C ASN D 883 -120.79 103.37 80.40
N LYS D 884 -120.41 104.65 80.47
CA LYS D 884 -120.14 105.25 81.77
C LYS D 884 -121.38 105.23 82.65
N ILE D 885 -122.56 105.36 82.05
CA ILE D 885 -123.80 105.21 82.82
C ILE D 885 -124.00 103.75 83.22
N GLU D 886 -123.66 102.82 82.32
CA GLU D 886 -123.89 101.41 82.57
C GLU D 886 -122.94 100.83 83.60
N LEU D 887 -121.77 101.44 83.79
CA LEU D 887 -120.80 101.00 84.79
C LEU D 887 -120.97 101.73 86.12
N GLY D 888 -121.98 102.59 86.26
CA GLY D 888 -122.21 103.33 87.47
C GLY D 888 -121.55 104.70 87.54
N TRP D 889 -120.76 105.06 86.53
CA TRP D 889 -120.08 106.35 86.54
C TRP D 889 -121.10 107.49 86.48
N THR D 890 -120.78 108.58 87.17
CA THR D 890 -121.64 109.76 87.21
C THR D 890 -120.85 110.98 86.78
N PHE D 891 -121.52 111.89 86.06
CA PHE D 891 -120.87 113.10 85.59
C PHE D 891 -120.54 114.02 86.74
N GLY D 892 -119.37 114.64 86.67
CA GLY D 892 -118.94 115.59 87.68
C GLY D 892 -117.89 116.52 87.11
N LYS D 893 -117.64 117.61 87.84
CA LYS D 893 -116.64 118.56 87.42
C LYS D 893 -115.25 117.93 87.37
N ILE D 894 -114.93 117.09 88.36
CA ILE D 894 -113.64 116.42 88.45
C ILE D 894 -113.87 114.92 88.53
N ARG D 895 -113.13 114.16 87.73
CA ARG D 895 -113.24 112.71 87.75
C ARG D 895 -112.78 112.16 89.09
N ASP D 896 -113.51 111.17 89.60
CA ASP D 896 -113.15 110.51 90.85
C ASP D 896 -113.45 109.02 90.71
N ASP D 897 -112.43 108.19 90.93
CA ASP D 897 -112.63 106.75 90.86
C ASP D 897 -113.61 106.27 91.93
N ASN D 898 -113.49 106.79 93.15
CA ASN D 898 -114.38 106.38 94.22
C ASN D 898 -115.82 106.80 93.92
N LYS D 899 -116.02 107.98 93.36
CA LYS D 899 -117.34 108.50 93.07
C LYS D 899 -117.80 108.19 91.65
N ARG D 900 -116.99 107.50 90.85
CA ARG D 900 -117.34 107.18 89.47
C ARG D 900 -117.58 108.44 88.64
N GLN D 901 -116.80 109.47 88.92
CA GLN D 901 -116.96 110.76 88.28
C GLN D 901 -115.98 110.92 87.12
N HIS D 902 -116.38 111.72 86.13
CA HIS D 902 -115.54 112.03 84.99
C HIS D 902 -116.04 113.28 84.29
N PRO D 903 -115.19 114.29 84.10
CA PRO D 903 -115.64 115.52 83.43
C PRO D 903 -116.07 115.31 81.99
N CYS D 904 -115.66 114.21 81.36
CA CYS D 904 -115.96 113.98 79.95
C CYS D 904 -117.41 113.60 79.70
N LEU D 905 -118.21 113.35 80.75
CA LEU D 905 -119.59 112.92 80.57
C LEU D 905 -120.47 114.07 80.10
N VAL D 906 -120.27 114.54 78.87
CA VAL D 906 -121.00 115.66 78.31
C VAL D 906 -121.29 115.37 76.84
N GLU D 907 -122.11 116.22 76.23
CA GLU D 907 -122.43 116.08 74.82
C GLU D 907 -121.16 116.19 73.98
N PHE D 908 -121.27 115.70 72.73
CA PHE D 908 -120.12 115.74 71.84
C PHE D 908 -119.70 117.17 71.55
N SER D 909 -120.67 118.06 71.34
CA SER D 909 -120.34 119.47 71.11
C SER D 909 -119.67 120.07 72.33
N LYS D 910 -120.16 119.74 73.53
CA LYS D 910 -119.58 120.24 74.77
C LYS D 910 -118.36 119.44 75.21
N LEU D 911 -118.01 118.38 74.49
CA LEU D 911 -116.87 117.57 74.85
C LEU D 911 -115.59 118.39 74.78
N PRO D 912 -114.61 118.12 75.63
CA PRO D 912 -113.34 118.86 75.56
C PRO D 912 -112.63 118.62 74.25
N GLU D 913 -111.83 119.62 73.84
CA GLU D 913 -111.14 119.56 72.56
C GLU D 913 -110.21 118.35 72.48
N THR D 914 -109.60 117.96 73.60
CA THR D 914 -108.70 116.81 73.59
C THR D 914 -109.44 115.53 73.22
N GLU D 915 -110.61 115.31 73.81
CA GLU D 915 -111.39 114.11 73.52
C GLU D 915 -111.83 114.08 72.06
N LYS D 916 -112.30 115.21 71.54
CA LYS D 916 -112.73 115.27 70.15
C LYS D 916 -111.56 115.04 69.21
N ASN D 917 -110.40 115.61 69.52
CA ASN D 917 -109.21 115.36 68.70
C ASN D 917 -108.84 113.89 68.72
N TYR D 918 -108.90 113.26 69.90
CA TYR D 918 -108.58 111.83 69.98
C TYR D 918 -109.54 110.99 69.16
N ASN D 919 -110.85 111.29 69.25
CA ASN D 919 -111.83 110.52 68.49
C ASN D 919 -111.63 110.72 66.99
N LEU D 920 -111.41 111.97 66.56
CA LEU D 920 -111.19 112.23 65.14
C LEU D 920 -109.93 111.52 64.63
N GLN D 921 -108.86 111.56 65.43
CA GLN D 921 -107.63 110.88 65.04
C GLN D 921 -107.83 109.38 64.94
N MET D 922 -108.55 108.79 65.89
CA MET D 922 -108.82 107.36 65.83
C MET D 922 -109.65 107.00 64.60
N SER D 923 -110.68 107.79 64.30
CA SER D 923 -111.50 107.51 63.14
C SER D 923 -110.71 107.67 61.85
N THR D 924 -109.85 108.68 61.78
CA THR D 924 -109.00 108.85 60.60
C THR D 924 -108.03 107.69 60.45
N GLU D 925 -107.47 107.21 61.57
CA GLU D 925 -106.60 106.04 61.52
C GLU D 925 -107.36 104.83 60.99
N THR D 926 -108.59 104.62 61.46
CA THR D 926 -109.38 103.49 60.97
C THR D 926 -109.69 103.62 59.49
N LEU D 927 -110.05 104.83 59.04
CA LEU D 927 -110.33 105.04 57.63
C LEU D 927 -109.10 104.78 56.76
N LYS D 928 -107.94 105.28 57.21
CA LYS D 928 -106.71 105.04 56.46
C LYS D 928 -106.34 103.56 56.45
N THR D 929 -106.60 102.86 57.56
CA THR D 929 -106.36 101.43 57.60
C THR D 929 -107.25 100.71 56.59
N LEU D 930 -108.52 101.10 56.52
CA LEU D 930 -109.43 100.49 55.55
C LEU D 930 -109.00 100.77 54.12
N LEU D 931 -108.57 102.00 53.85
CA LEU D 931 -108.14 102.34 52.49
C LEU D 931 -106.87 101.59 52.11
N ALA D 932 -105.92 101.45 53.06
CA ALA D 932 -104.67 100.76 52.75
C ALA D 932 -104.89 99.29 52.44
N LEU D 933 -105.94 98.69 53.00
CA LEU D 933 -106.23 97.28 52.75
C LEU D 933 -106.68 97.01 51.33
N GLY D 934 -106.99 98.06 50.56
CA GLY D 934 -107.55 97.90 49.24
C GLY D 934 -109.06 97.86 49.20
N CYS D 935 -109.72 97.81 50.34
CA CYS D 935 -111.18 97.81 50.38
C CYS D 935 -111.71 99.11 49.78
N HIS D 936 -112.73 98.98 48.94
CA HIS D 936 -113.35 100.12 48.29
C HIS D 936 -114.64 100.48 49.00
N ILE D 937 -114.75 101.74 49.41
CA ILE D 937 -115.93 102.24 50.11
C ILE D 937 -116.83 102.93 49.10
N ALA D 938 -118.10 102.52 49.07
CA ALA D 938 -119.07 103.08 48.14
C ALA D 938 -120.31 103.52 48.91
N HIS D 939 -120.73 104.77 48.70
CA HIS D 939 -121.93 105.31 49.32
C HIS D 939 -123.11 104.99 48.41
N VAL D 940 -123.81 103.90 48.71
CA VAL D 940 -124.84 103.36 47.83
C VAL D 940 -126.23 103.44 48.44
N ASN D 941 -126.37 103.92 49.67
CA ASN D 941 -127.66 104.01 50.35
C ASN D 941 -127.84 105.42 50.90
N PRO D 942 -128.08 106.40 50.03
CA PRO D 942 -128.41 107.75 50.54
C PRO D 942 -129.67 107.78 51.38
N ALA D 943 -130.65 106.93 51.08
CA ALA D 943 -131.89 106.89 51.84
C ALA D 943 -131.79 106.07 53.13
N ALA D 944 -130.68 105.36 53.33
CA ALA D 944 -130.52 104.58 54.56
C ALA D 944 -130.29 105.49 55.77
N GLU D 945 -129.64 106.64 55.57
CA GLU D 945 -129.38 107.55 56.69
C GLU D 945 -130.68 108.05 57.29
N GLU D 946 -131.68 108.31 56.45
CA GLU D 946 -132.98 108.73 56.95
C GLU D 946 -133.62 107.64 57.82
N ASP D 947 -133.51 106.39 57.40
CA ASP D 947 -134.13 105.30 58.15
C ASP D 947 -133.48 105.12 59.52
N LEU D 948 -132.17 105.30 59.60
CA LEU D 948 -131.44 105.05 60.84
C LEU D 948 -131.95 105.96 61.95
N LYS D 949 -132.12 105.39 63.14
CA LYS D 949 -132.65 106.11 64.29
C LYS D 949 -131.80 105.80 65.51
N LYS D 950 -131.88 106.69 66.51
CA LYS D 950 -131.15 106.52 67.75
C LYS D 950 -131.95 105.62 68.70
N VAL D 951 -131.52 105.56 69.95
CA VAL D 951 -132.21 104.80 70.99
C VAL D 951 -132.64 105.78 72.09
N LYS D 952 -133.91 105.72 72.46
CA LYS D 952 -134.47 106.62 73.48
C LYS D 952 -134.11 106.09 74.86
N LEU D 953 -132.96 106.51 75.37
CA LEU D 953 -132.53 106.08 76.68
C LEU D 953 -133.36 106.75 77.77
N PRO D 954 -133.72 106.04 78.83
CA PRO D 954 -134.51 106.65 79.91
C PRO D 954 -133.70 107.67 80.69
N LYS D 955 -134.40 108.41 81.55
CA LYS D 955 -133.78 109.50 82.28
C LYS D 955 -132.67 109.02 83.22
N ASN D 956 -132.69 107.75 83.63
CA ASN D 956 -131.66 107.25 84.54
C ASN D 956 -130.27 107.35 83.93
N TYR D 957 -130.17 107.29 82.60
CA TYR D 957 -128.87 107.42 81.95
C TYR D 957 -128.33 108.84 82.07
N MET D 958 -129.18 109.84 81.87
CA MET D 958 -128.71 111.22 81.82
C MET D 958 -128.12 111.63 83.17
N MET D 959 -127.04 112.41 83.11
CA MET D 959 -126.35 112.87 84.29
C MET D 959 -126.96 114.19 84.76
N SER D 960 -126.34 114.82 85.77
CA SER D 960 -126.85 116.07 86.30
C SER D 960 -126.74 117.21 85.30
N ASN D 961 -125.76 117.14 84.40
CA ASN D 961 -125.56 118.23 83.43
C ASN D 961 -126.74 118.38 82.49
N GLY D 962 -127.54 117.34 82.30
CA GLY D 962 -128.62 117.38 81.34
C GLY D 962 -128.36 116.65 80.04
N TYR D 963 -127.21 115.98 79.92
CA TYR D 963 -126.90 115.19 78.74
C TYR D 963 -127.31 113.74 78.96
N LYS D 964 -128.08 113.20 78.01
CA LYS D 964 -128.46 111.80 78.02
C LYS D 964 -128.01 111.17 76.71
N PRO D 965 -127.21 110.12 76.74
CA PRO D 965 -126.70 109.53 75.49
C PRO D 965 -127.84 109.02 74.60
N ALA D 966 -127.62 109.15 73.29
CA ALA D 966 -128.57 108.67 72.28
C ALA D 966 -127.82 107.84 71.25
N PRO D 967 -127.32 106.67 71.65
CA PRO D 967 -126.60 105.82 70.69
C PRO D 967 -127.53 105.32 69.59
N LEU D 968 -126.96 105.17 68.41
CA LEU D 968 -127.74 104.77 67.24
C LEU D 968 -128.25 103.34 67.40
N ASP D 969 -129.51 103.13 67.05
CA ASP D 969 -130.14 101.81 67.13
C ASP D 969 -129.59 100.94 66.01
N LEU D 970 -128.59 100.12 66.34
CA LEU D 970 -127.89 99.29 65.36
C LEU D 970 -128.17 97.81 65.57
N SER D 971 -129.18 97.47 66.36
CA SER D 971 -129.49 96.07 66.62
C SER D 971 -129.91 95.34 65.34
N ASP D 972 -130.74 96.00 64.52
CA ASP D 972 -131.20 95.39 63.27
C ASP D 972 -130.07 95.21 62.26
N VAL D 973 -128.96 95.94 62.42
CA VAL D 973 -127.86 95.87 61.47
C VAL D 973 -127.23 94.48 61.53
N LYS D 974 -126.99 93.89 60.35
CA LYS D 974 -126.36 92.59 60.22
C LYS D 974 -125.14 92.71 59.33
N LEU D 975 -124.13 91.88 59.61
CA LEU D 975 -122.85 91.94 58.92
C LEU D 975 -122.62 90.65 58.13
N LEU D 976 -122.04 90.80 56.95
CA LEU D 976 -121.71 89.67 56.10
C LEU D 976 -120.46 88.96 56.59
N PRO D 977 -120.22 87.73 56.14
CA PRO D 977 -118.97 87.04 56.47
C PRO D 977 -117.75 87.85 56.06
N PRO D 978 -117.74 88.42 54.85
CA PRO D 978 -116.64 89.35 54.52
C PRO D 978 -116.55 90.53 55.46
N GLN D 979 -117.70 91.06 55.91
CA GLN D 979 -117.67 92.15 56.87
C GLN D 979 -117.13 91.68 58.21
N GLU D 980 -117.45 90.45 58.62
CA GLU D 980 -116.88 89.91 59.84
C GLU D 980 -115.36 89.77 59.72
N VAL D 981 -114.89 89.32 58.56
CA VAL D 981 -113.45 89.21 58.32
C VAL D 981 -112.80 90.59 58.39
N LEU D 982 -113.45 91.60 57.81
CA LEU D 982 -112.93 92.97 57.88
C LEU D 982 -112.86 93.44 59.33
N VAL D 983 -113.89 93.14 60.12
CA VAL D 983 -113.89 93.53 61.53
C VAL D 983 -112.75 92.85 62.28
N ASP D 984 -112.53 91.56 62.01
CA ASP D 984 -111.45 90.84 62.68
C ASP D 984 -110.09 91.41 62.30
N LYS D 985 -109.89 91.71 61.01
CA LYS D 985 -108.62 92.30 60.58
C LYS D 985 -108.41 93.68 61.22
N LEU D 986 -109.48 94.48 61.29
CA LEU D 986 -109.37 95.78 61.93
C LEU D 986 -109.03 95.64 63.41
N ALA D 987 -109.61 94.65 64.08
CA ALA D 987 -109.29 94.41 65.48
C ALA D 987 -107.83 94.03 65.65
N GLU D 988 -107.32 93.16 64.77
CA GLU D 988 -105.92 92.78 64.85
C GLU D 988 -105.00 93.98 64.62
N ASN D 989 -105.33 94.79 63.62
CA ASN D 989 -104.52 95.98 63.34
C ASN D 989 -104.54 96.95 64.51
N ALA D 990 -105.71 97.15 65.13
CA ALA D 990 -105.80 98.02 66.30
C ALA D 990 -104.97 97.48 67.44
N HIS D 991 -105.01 96.16 67.66
CA HIS D 991 -104.19 95.57 68.71
C HIS D 991 -102.71 95.78 68.44
N ASN D 992 -102.28 95.60 67.20
CA ASN D 992 -100.87 95.81 66.87
C ASN D 992 -100.47 97.27 67.07
N VAL D 993 -101.33 98.20 66.67
CA VAL D 993 -101.02 99.62 66.84
C VAL D 993 -100.92 99.97 68.32
N TRP D 994 -101.85 99.46 69.13
CA TRP D 994 -101.81 99.73 70.57
C TRP D 994 -100.57 99.12 71.20
N ALA D 995 -100.19 97.92 70.78
CA ALA D 995 -98.99 97.30 71.31
C ALA D 995 -97.75 98.10 70.95
N LYS D 996 -97.67 98.58 69.71
CA LYS D 996 -96.54 99.42 69.32
C LYS D 996 -96.50 100.70 70.14
N ASP D 997 -97.66 101.31 70.37
CA ASP D 997 -97.71 102.52 71.19
C ASP D 997 -97.23 102.22 72.61
N ARG D 998 -97.67 101.11 73.19
CA ARG D 998 -97.23 100.75 74.53
C ARG D 998 -95.73 100.51 74.57
N ILE D 999 -95.19 99.83 73.56
CA ILE D 999 -93.76 99.56 73.51
C ILE D 999 -92.98 100.86 73.44
N LYS D 1000 -93.43 101.80 72.59
CA LYS D 1000 -92.79 103.10 72.53
C LYS D 1000 -92.89 103.84 73.86
N GLN D 1001 -93.96 103.60 74.61
CA GLN D 1001 -94.12 104.20 75.94
C GLN D 1001 -93.17 103.63 76.97
N GLY D 1002 -92.48 102.54 76.66
CA GLY D 1002 -91.62 101.87 77.61
C GLY D 1002 -92.21 100.63 78.24
N TRP D 1003 -93.46 100.29 77.91
CA TRP D 1003 -94.09 99.11 78.45
C TRP D 1003 -93.42 97.84 77.94
N THR D 1004 -93.59 96.76 78.69
CA THR D 1004 -93.02 95.47 78.33
C THR D 1004 -93.99 94.37 78.74
N TYR D 1005 -93.92 93.25 78.02
CA TYR D 1005 -94.80 92.13 78.31
C TYR D 1005 -94.48 91.52 79.67
N GLY D 1006 -95.54 91.20 80.42
CA GLY D 1006 -95.40 90.57 81.71
C GLY D 1006 -96.34 89.39 81.84
N ILE D 1007 -96.13 88.61 82.90
CA ILE D 1007 -96.93 87.42 83.17
C ILE D 1007 -97.92 87.76 84.28
N GLN D 1008 -99.18 87.97 83.88
CA GLN D 1008 -100.30 88.14 84.81
C GLN D 1008 -100.06 89.28 85.80
N GLN D 1009 -99.21 90.24 85.42
CA GLN D 1009 -98.93 91.40 86.26
C GLN D 1009 -99.01 92.66 85.41
N ASP D 1010 -99.66 93.68 85.95
CA ASP D 1010 -99.77 94.99 85.30
C ASP D 1010 -99.18 96.07 86.20
N LEU D 1011 -98.02 95.78 86.80
CA LEU D 1011 -97.36 96.76 87.65
C LEU D 1011 -97.00 98.00 86.84
N LYS D 1012 -97.16 99.16 87.45
CA LYS D 1012 -96.97 100.41 86.70
C LYS D 1012 -95.50 100.68 86.38
N ASN D 1013 -94.56 99.77 86.65
CA ASN D 1013 -93.19 99.93 86.18
C ASN D 1013 -93.08 99.44 84.74
N LYS D 1014 -93.97 99.95 83.88
CA LYS D 1014 -93.98 99.60 82.46
C LYS D 1014 -94.02 98.09 82.25
N ARG D 1015 -94.88 97.42 83.00
CA ARG D 1015 -95.07 95.98 82.88
C ARG D 1015 -96.54 95.71 82.57
N ASN D 1016 -96.83 95.32 81.33
CA ASN D 1016 -98.17 95.04 80.87
C ASN D 1016 -98.23 93.62 80.33
N PRO D 1017 -99.14 92.78 80.81
CA PRO D 1017 -99.19 91.38 80.38
C PRO D 1017 -99.95 91.15 79.08
N ARG D 1018 -100.24 92.19 78.30
CA ARG D 1018 -101.02 92.05 77.08
C ARG D 1018 -100.24 92.38 75.81
N LEU D 1019 -98.98 92.79 75.93
CA LEU D 1019 -98.16 93.12 74.77
C LEU D 1019 -97.61 91.83 74.15
N VAL D 1020 -98.50 91.13 73.46
CA VAL D 1020 -98.19 89.83 72.89
C VAL D 1020 -98.69 89.79 71.45
N PRO D 1021 -98.46 88.70 70.71
CA PRO D 1021 -99.10 88.56 69.39
C PRO D 1021 -100.61 88.45 69.54
N TYR D 1022 -101.31 88.81 68.46
CA TYR D 1022 -102.77 88.79 68.51
C TYR D 1022 -103.30 87.39 68.77
N ALA D 1023 -102.64 86.38 68.20
CA ALA D 1023 -103.11 85.01 68.38
C ALA D 1023 -103.08 84.58 69.83
N LEU D 1024 -102.02 84.95 70.56
CA LEU D 1024 -101.91 84.60 71.97
C LEU D 1024 -102.73 85.51 72.88
N LEU D 1025 -103.34 86.58 72.33
CA LEU D 1025 -104.11 87.49 73.14
C LEU D 1025 -105.34 86.80 73.72
N ASP D 1026 -105.77 87.28 74.88
CA ASP D 1026 -106.95 86.71 75.53
C ASP D 1026 -108.20 86.98 74.69
N GLU D 1027 -109.10 85.99 74.65
CA GLU D 1027 -110.33 86.14 73.89
C GLU D 1027 -111.19 87.28 74.42
N ARG D 1028 -111.26 87.40 75.75
CA ARG D 1028 -112.00 88.52 76.35
C ARG D 1028 -111.34 89.84 75.97
N THR D 1029 -110.02 89.91 76.01
CA THR D 1029 -109.33 91.12 75.60
C THR D 1029 -109.58 91.43 74.13
N LYS D 1030 -109.60 90.40 73.28
CA LYS D 1030 -109.96 90.60 71.88
C LYS D 1030 -111.34 91.23 71.76
N LYS D 1031 -112.34 90.63 72.42
CA LYS D 1031 -113.71 91.11 72.32
C LYS D 1031 -113.84 92.54 72.85
N SER D 1032 -113.01 92.91 73.84
CA SER D 1032 -113.10 94.24 74.44
C SER D 1032 -113.06 95.35 73.40
N ASN D 1033 -112.18 95.22 72.41
CA ASN D 1033 -112.12 96.19 71.31
C ASN D 1033 -112.86 95.72 70.07
N ARG D 1034 -113.05 94.41 69.89
CA ARG D 1034 -113.79 93.92 68.74
C ARG D 1034 -115.26 94.36 68.79
N ASP D 1035 -115.83 94.48 69.99
CA ASP D 1035 -117.20 94.96 70.10
C ASP D 1035 -117.31 96.40 69.58
N SER D 1036 -116.36 97.26 69.97
CA SER D 1036 -116.38 98.63 69.47
C SER D 1036 -116.15 98.68 67.97
N LEU D 1037 -115.23 97.85 67.47
CA LEU D 1037 -114.98 97.84 66.03
C LEU D 1037 -116.20 97.36 65.25
N ARG D 1038 -116.90 96.36 65.77
CA ARG D 1038 -118.12 95.89 65.11
C ARG D 1038 -119.23 96.92 65.21
N GLU D 1039 -119.31 97.66 66.32
CA GLU D 1039 -120.25 98.77 66.40
C GLU D 1039 -119.97 99.81 65.32
N ALA D 1040 -118.70 100.15 65.14
CA ALA D 1040 -118.33 101.10 64.09
C ALA D 1040 -118.67 100.56 62.71
N VAL D 1041 -118.42 99.26 62.48
CA VAL D 1041 -118.73 98.67 61.18
C VAL D 1041 -120.23 98.70 60.92
N ARG D 1042 -121.04 98.37 61.93
CA ARG D 1042 -122.48 98.40 61.76
C ARG D 1042 -122.98 99.83 61.53
N THR D 1043 -122.37 100.80 62.22
CA THR D 1043 -122.71 102.20 61.97
C THR D 1043 -122.41 102.59 60.53
N PHE D 1044 -121.24 102.19 60.03
CA PHE D 1044 -120.89 102.49 58.65
C PHE D 1044 -121.86 101.84 57.67
N VAL D 1045 -122.22 100.58 57.93
CA VAL D 1045 -123.15 99.87 57.04
C VAL D 1045 -124.52 100.53 57.05
N GLY D 1046 -124.95 101.02 58.22
CA GLY D 1046 -126.25 101.66 58.31
C GLY D 1046 -126.34 102.92 57.47
N TYR D 1047 -125.29 103.74 57.49
CA TYR D 1047 -125.28 104.97 56.71
C TYR D 1047 -125.21 104.72 55.20
N GLY D 1048 -124.89 103.50 54.78
CA GLY D 1048 -124.85 103.17 53.37
C GLY D 1048 -123.48 103.11 52.74
N TYR D 1049 -122.41 103.24 53.53
CA TYR D 1049 -121.05 103.13 53.00
C TYR D 1049 -120.63 101.66 53.05
N ASN D 1050 -120.87 100.96 51.95
CA ASN D 1050 -120.53 99.55 51.86
C ASN D 1050 -119.06 99.37 51.50
N ILE D 1051 -118.43 98.37 52.10
CA ILE D 1051 -117.01 98.12 51.94
C ILE D 1051 -116.83 96.85 51.11
N GLU D 1052 -115.99 96.93 50.08
CA GLU D 1052 -115.67 95.80 49.22
C GLU D 1052 -114.17 95.54 49.25
N PRO D 1053 -113.68 94.65 50.10
CA PRO D 1053 -112.27 94.27 50.06
C PRO D 1053 -111.94 93.46 48.82
N SER D 1054 -110.67 93.53 48.43
CA SER D 1054 -110.18 92.77 47.29
C SER D 1054 -109.63 91.42 47.74
N ASP D 1055 -109.69 90.45 46.82
CA ASP D 1055 -109.22 89.11 47.14
C ASP D 1055 -107.73 89.10 47.39
N GLN D 1056 -107.31 88.28 48.37
CA GLN D 1056 -105.90 88.21 48.75
C GLN D 1056 -105.08 87.27 47.86
N GLU D 1057 -105.72 86.54 46.95
CA GLU D 1057 -104.99 85.64 46.06
C GLU D 1057 -104.10 86.38 45.07
N LEU D 1058 -104.32 87.68 44.89
CA LEU D 1058 -103.49 88.46 43.98
C LEU D 1058 -102.05 88.58 44.45
N ALA D 1059 -101.78 88.33 45.73
CA ALA D 1059 -100.42 88.44 46.24
C ALA D 1059 -99.50 87.42 45.57
N ASP D 1060 -99.99 86.20 45.38
CA ASP D 1060 -99.19 85.12 44.80
C ASP D 1060 -97.95 84.85 45.65
N PRO D 1061 -98.12 84.28 46.85
CA PRO D 1061 -96.96 84.07 47.73
C PRO D 1061 -96.02 82.99 47.21
N ALA D 1062 -94.96 82.72 47.98
CA ALA D 1062 -93.99 81.70 47.62
C ALA D 1062 -93.37 81.14 48.90
N VAL D 1063 -92.47 80.17 48.75
CA VAL D 1063 -91.83 79.50 49.87
C VAL D 1063 -90.33 79.48 49.63
N GLU D 1064 -89.59 79.36 50.73
CA GLU D 1064 -88.12 79.34 50.69
C GLU D 1064 -87.62 77.90 50.63
N LYS D 1065 -86.31 77.77 50.41
CA LYS D 1065 -85.65 76.48 50.30
C LYS D 1065 -84.71 76.29 51.49
N VAL D 1066 -84.85 75.15 52.17
CA VAL D 1066 -84.01 74.86 53.32
C VAL D 1066 -82.61 74.50 52.84
N SER D 1067 -81.60 75.11 53.44
CA SER D 1067 -80.22 74.85 53.06
C SER D 1067 -79.84 73.41 53.35
N ILE D 1068 -78.91 72.88 52.55
CA ILE D 1068 -78.46 71.52 52.78
C ILE D 1068 -77.67 71.39 54.07
N ASP D 1069 -77.21 72.50 54.64
CA ASP D 1069 -76.53 72.45 55.92
C ASP D 1069 -77.48 72.20 57.08
N LYS D 1070 -78.78 72.43 56.89
CA LYS D 1070 -79.77 72.29 57.94
C LYS D 1070 -80.50 70.95 57.89
N ILE D 1071 -80.14 70.08 56.96
CA ILE D 1071 -80.73 68.75 56.84
C ILE D 1071 -79.76 67.75 57.44
N ARG D 1072 -80.27 66.84 58.27
CA ARG D 1072 -79.41 65.95 59.04
C ARG D 1072 -79.38 64.56 58.42
N PHE D 1073 -78.18 64.09 58.10
CA PHE D 1073 -77.99 62.77 57.49
C PHE D 1073 -77.58 61.80 58.58
N PHE D 1074 -78.25 60.65 58.61
CA PHE D 1074 -77.88 59.53 59.48
C PHE D 1074 -77.49 58.37 58.60
N ARG D 1075 -76.56 57.55 59.09
CA ARG D 1075 -75.89 56.63 58.21
C ARG D 1075 -75.28 55.51 59.03
N VAL D 1076 -75.18 54.33 58.45
CA VAL D 1076 -74.40 53.27 59.08
C VAL D 1076 -72.96 53.39 58.64
N GLU D 1077 -72.05 52.99 59.52
CA GLU D 1077 -70.61 53.19 59.31
C GLU D 1077 -70.13 52.45 58.05
N TRP D 1078 -69.11 53.01 57.41
CA TRP D 1078 -68.66 52.46 56.13
C TRP D 1078 -68.13 51.04 56.26
N SER D 1079 -67.59 50.69 57.42
CA SER D 1079 -67.02 49.35 57.56
C SER D 1079 -68.06 48.25 57.55
N TYR D 1080 -69.35 48.60 57.66
CA TYR D 1080 -70.44 47.65 57.60
C TYR D 1080 -70.98 47.48 56.19
N ALA D 1081 -70.33 48.07 55.19
CA ALA D 1081 -70.82 48.03 53.82
C ALA D 1081 -70.91 46.60 53.33
N VAL D 1082 -71.97 46.30 52.59
CA VAL D 1082 -72.24 44.97 52.07
C VAL D 1082 -71.98 44.94 50.58
N ARG D 1083 -71.30 43.89 50.12
CA ARG D 1083 -70.98 43.73 48.71
C ARG D 1083 -71.66 42.51 48.09
N SER D 1084 -72.54 41.84 48.81
CA SER D 1084 -73.21 40.67 48.28
C SER D 1084 -74.34 40.28 49.23
N GLY D 1085 -75.22 39.41 48.76
CA GLY D 1085 -76.33 38.96 49.57
C GLY D 1085 -77.56 39.82 49.40
N LYS D 1086 -78.60 39.44 50.14
CA LYS D 1086 -79.88 40.12 50.09
C LYS D 1086 -80.20 40.62 51.49
N TRP D 1087 -80.37 41.95 51.63
CA TRP D 1087 -80.47 42.58 52.94
C TRP D 1087 -81.72 43.45 53.01
N TYR D 1088 -82.22 43.61 54.23
CA TYR D 1088 -83.50 44.27 54.49
C TYR D 1088 -83.38 45.13 55.73
N PHE D 1089 -83.95 46.33 55.69
CA PHE D 1089 -84.05 47.15 56.89
C PHE D 1089 -85.26 48.07 56.79
N GLU D 1090 -85.77 48.50 57.94
CA GLU D 1090 -86.98 49.31 57.94
C GLU D 1090 -86.69 50.72 58.44
N PHE D 1091 -87.58 51.63 58.07
CA PHE D 1091 -87.49 53.04 58.45
C PHE D 1091 -88.89 53.53 58.73
N GLU D 1092 -89.21 53.78 59.99
CA GLU D 1092 -90.53 54.26 60.37
C GLU D 1092 -90.54 55.77 60.38
N VAL D 1093 -91.56 56.36 59.74
CA VAL D 1093 -91.66 57.80 59.59
C VAL D 1093 -92.65 58.28 60.64
N VAL D 1094 -92.13 58.68 61.80
CA VAL D 1094 -92.98 59.18 62.87
C VAL D 1094 -93.69 60.46 62.45
N THR D 1095 -92.96 61.36 61.81
CA THR D 1095 -93.49 62.63 61.32
C THR D 1095 -93.44 62.62 59.80
N GLY D 1096 -94.58 62.41 59.17
CA GLY D 1096 -94.65 62.44 57.73
C GLY D 1096 -94.20 63.79 57.18
N GLY D 1097 -93.26 63.78 56.25
CA GLY D 1097 -92.70 65.03 55.76
C GLY D 1097 -91.47 64.78 54.91
N ASP D 1098 -90.59 65.77 54.92
CA ASP D 1098 -89.40 65.77 54.06
C ASP D 1098 -88.34 64.85 54.65
N MET D 1099 -88.34 63.60 54.20
CA MET D 1099 -87.34 62.63 54.61
C MET D 1099 -87.00 61.74 53.41
N ARG D 1100 -85.80 61.19 53.44
CA ARG D 1100 -85.36 60.26 52.41
C ARG D 1100 -84.72 59.06 53.05
N VAL D 1101 -84.84 57.90 52.42
CA VAL D 1101 -84.27 56.68 52.98
C VAL D 1101 -83.80 55.78 51.86
N GLY D 1102 -82.66 55.13 52.07
CA GLY D 1102 -82.14 54.24 51.05
C GLY D 1102 -80.75 53.76 51.36
N TRP D 1103 -79.96 53.58 50.31
CA TRP D 1103 -78.63 53.00 50.41
C TRP D 1103 -77.59 54.01 49.95
N ALA D 1104 -76.40 53.95 50.53
CA ALA D 1104 -75.35 54.92 50.26
C ALA D 1104 -74.02 54.22 50.06
N ARG D 1105 -73.28 54.67 49.06
CA ARG D 1105 -71.92 54.20 48.79
C ARG D 1105 -70.93 54.90 49.73
N PRO D 1106 -69.86 54.21 50.12
CA PRO D 1106 -68.77 54.90 50.79
C PRO D 1106 -68.21 56.01 49.92
N GLY D 1107 -68.39 57.25 50.35
CA GLY D 1107 -68.02 58.38 49.54
C GLY D 1107 -69.13 59.40 49.43
N CYS D 1108 -70.31 59.05 49.94
CA CYS D 1108 -71.41 59.99 49.98
C CYS D 1108 -71.05 61.17 50.88
N ARG D 1109 -71.37 62.38 50.43
CA ARG D 1109 -70.98 63.56 51.17
C ARG D 1109 -72.18 64.15 51.91
N PRO D 1110 -71.95 64.81 53.04
CA PRO D 1110 -73.07 65.37 53.81
C PRO D 1110 -73.57 66.71 53.29
N ASP D 1111 -72.86 67.36 52.37
CA ASP D 1111 -73.24 68.67 51.87
C ASP D 1111 -73.88 68.61 50.49
N ILE D 1112 -74.33 67.44 50.06
CA ILE D 1112 -75.04 67.27 48.81
C ILE D 1112 -76.32 66.49 49.10
N GLU D 1113 -77.43 66.92 48.49
CA GLU D 1113 -78.72 66.29 48.77
C GLU D 1113 -78.66 64.80 48.45
N LEU D 1114 -79.27 64.02 49.32
CA LEU D 1114 -79.21 62.56 49.23
C LEU D 1114 -79.84 62.09 47.93
N GLY D 1115 -79.04 61.59 47.00
CA GLY D 1115 -79.52 61.09 45.74
C GLY D 1115 -79.36 62.01 44.57
N ALA D 1116 -78.80 63.20 44.76
CA ALA D 1116 -78.56 64.12 43.66
C ALA D 1116 -77.27 63.82 42.90
N ASP D 1117 -76.56 62.77 43.29
CA ASP D 1117 -75.36 62.33 42.59
C ASP D 1117 -75.39 60.81 42.51
N ASP D 1118 -74.25 60.21 42.18
CA ASP D 1118 -74.18 58.76 41.97
C ASP D 1118 -73.76 58.01 43.21
N GLN D 1119 -73.81 58.64 44.39
CA GLN D 1119 -73.32 58.04 45.62
C GLN D 1119 -74.43 57.61 46.56
N ALA D 1120 -75.69 57.67 46.13
CA ALA D 1120 -76.79 57.29 47.01
C ALA D 1120 -78.02 57.00 46.18
N PHE D 1121 -78.74 55.94 46.57
CA PHE D 1121 -79.97 55.50 45.93
C PHE D 1121 -81.06 55.62 46.99
N VAL D 1122 -81.91 56.63 46.89
CA VAL D 1122 -82.86 56.91 47.96
C VAL D 1122 -84.27 57.01 47.42
N PHE D 1123 -85.23 56.92 48.33
CA PHE D 1123 -86.63 57.12 48.06
C PHE D 1123 -87.14 58.22 48.98
N GLU D 1124 -87.84 59.20 48.41
CA GLU D 1124 -88.47 60.27 49.16
C GLU D 1124 -89.98 60.09 49.08
N GLY D 1125 -90.60 59.96 50.23
CA GLY D 1125 -92.02 59.66 50.26
C GLY D 1125 -92.94 60.84 50.42
N SER D 1126 -92.42 62.01 50.77
CA SER D 1126 -93.27 63.19 50.83
C SER D 1126 -93.82 63.53 49.46
N ARG D 1127 -92.98 63.42 48.43
CA ARG D 1127 -93.39 63.69 47.05
C ARG D 1127 -93.45 62.44 46.19
N GLY D 1128 -93.20 61.26 46.75
CA GLY D 1128 -93.29 60.03 46.00
C GLY D 1128 -92.30 59.92 44.88
N GLN D 1129 -91.03 60.23 45.14
CA GLN D 1129 -89.98 60.20 44.13
C GLN D 1129 -88.88 59.25 44.54
N ARG D 1130 -88.03 58.93 43.57
CA ARG D 1130 -86.83 58.16 43.78
C ARG D 1130 -85.65 58.94 43.24
N TRP D 1131 -84.55 58.95 43.98
CA TRP D 1131 -83.40 59.78 43.70
C TRP D 1131 -82.18 58.92 43.45
N HIS D 1132 -81.64 59.01 42.24
CA HIS D 1132 -80.28 58.56 41.95
C HIS D 1132 -79.80 59.33 40.73
N GLN D 1133 -78.88 60.25 40.94
CA GLN D 1133 -78.40 61.12 39.86
C GLN D 1133 -79.54 61.93 39.27
N GLY D 1134 -80.53 62.27 40.09
CA GLY D 1134 -81.69 62.98 39.65
C GLY D 1134 -82.92 62.51 40.40
N SER D 1135 -84.08 62.85 39.87
CA SER D 1135 -85.34 62.47 40.49
C SER D 1135 -86.26 61.86 39.45
N GLY D 1136 -86.99 60.82 39.85
CA GLY D 1136 -88.02 60.24 39.01
C GLY D 1136 -89.20 59.82 39.85
N TYR D 1137 -90.41 60.16 39.44
CA TYR D 1137 -91.57 59.82 40.24
C TYR D 1137 -91.72 58.30 40.33
N PHE D 1138 -92.04 57.82 41.54
CA PHE D 1138 -92.04 56.40 41.82
C PHE D 1138 -92.87 56.15 43.06
N GLY D 1139 -93.69 55.10 43.02
CA GLY D 1139 -94.44 54.72 44.18
C GLY D 1139 -95.46 55.77 44.58
N ARG D 1140 -95.79 55.79 45.87
CA ARG D 1140 -96.79 56.69 46.41
C ARG D 1140 -96.28 57.29 47.71
N THR D 1141 -96.83 58.46 48.05
CA THR D 1141 -96.37 59.18 49.22
C THR D 1141 -96.79 58.45 50.50
N TRP D 1142 -96.09 58.79 51.59
CA TRP D 1142 -96.34 58.18 52.88
C TRP D 1142 -97.13 59.14 53.77
N GLN D 1143 -97.38 58.70 54.99
CA GLN D 1143 -98.01 59.54 55.99
C GLN D 1143 -97.48 59.11 57.35
N PRO D 1144 -97.78 59.88 58.40
CA PRO D 1144 -97.23 59.57 59.72
C PRO D 1144 -97.59 58.16 60.18
N GLY D 1145 -96.61 57.48 60.76
CA GLY D 1145 -96.78 56.11 61.20
C GLY D 1145 -96.53 55.06 60.15
N ASP D 1146 -96.07 55.44 58.96
CA ASP D 1146 -95.77 54.47 57.92
C ASP D 1146 -94.39 53.85 58.16
N VAL D 1147 -94.18 52.69 57.56
CA VAL D 1147 -92.94 51.94 57.68
C VAL D 1147 -92.45 51.60 56.28
N VAL D 1148 -91.28 52.08 55.91
CA VAL D 1148 -90.68 51.80 54.62
C VAL D 1148 -89.68 50.67 54.80
N GLY D 1149 -89.90 49.56 54.10
CA GLY D 1149 -88.99 48.45 54.10
C GLY D 1149 -88.11 48.51 52.86
N CYS D 1150 -86.82 48.71 53.08
CA CYS D 1150 -85.84 48.82 52.00
C CYS D 1150 -85.08 47.52 51.88
N MET D 1151 -85.07 46.95 50.68
CA MET D 1151 -84.38 45.70 50.40
C MET D 1151 -83.39 45.91 49.28
N ILE D 1152 -82.20 45.36 49.45
CA ILE D 1152 -81.17 45.37 48.41
C ILE D 1152 -80.85 43.92 48.08
N ASN D 1153 -80.75 43.63 46.78
CA ASN D 1153 -80.38 42.33 46.27
C ASN D 1153 -79.09 42.56 45.50
N LEU D 1154 -77.96 42.40 46.18
CA LEU D 1154 -76.66 42.57 45.54
C LEU D 1154 -76.28 41.36 44.71
N ASP D 1155 -77.03 40.28 44.79
CA ASP D 1155 -76.80 39.13 43.93
C ASP D 1155 -77.04 39.48 42.47
N ASP D 1156 -78.12 40.21 42.18
CA ASP D 1156 -78.45 40.58 40.81
C ASP D 1156 -78.70 42.07 40.64
N ALA D 1157 -78.14 42.90 41.54
CA ALA D 1157 -78.13 44.36 41.38
C ALA D 1157 -79.56 44.91 41.28
N SER D 1158 -80.29 44.79 42.38
CA SER D 1158 -81.67 45.27 42.43
C SER D 1158 -81.92 45.96 43.76
N MET D 1159 -82.81 46.95 43.76
CA MET D 1159 -83.22 47.67 44.96
C MET D 1159 -84.72 47.84 44.94
N ILE D 1160 -85.38 47.40 46.01
CA ILE D 1160 -86.83 47.35 46.14
C ILE D 1160 -87.24 48.10 47.40
N PHE D 1161 -88.41 48.72 47.34
CA PHE D 1161 -89.00 49.44 48.46
C PHE D 1161 -90.40 48.92 48.70
N THR D 1162 -90.84 48.95 49.96
CA THR D 1162 -92.20 48.62 50.31
C THR D 1162 -92.72 49.64 51.30
N LEU D 1163 -93.98 50.03 51.14
CA LEU D 1163 -94.63 50.95 52.06
C LEU D 1163 -95.75 50.20 52.77
N ASN D 1164 -95.53 49.88 54.04
CA ASN D 1164 -96.52 49.15 54.85
C ASN D 1164 -96.74 47.74 54.32
N GLY D 1165 -95.64 47.07 53.97
CA GLY D 1165 -95.71 45.70 53.54
C GLY D 1165 -96.14 45.50 52.10
N GLU D 1166 -96.40 46.58 51.37
CA GLU D 1166 -96.84 46.52 49.99
C GLU D 1166 -95.76 47.14 49.11
N LEU D 1167 -95.37 46.42 48.07
CA LEU D 1167 -94.29 46.90 47.21
C LEU D 1167 -94.67 48.21 46.54
N LEU D 1168 -93.69 49.07 46.34
CA LEU D 1168 -93.86 50.29 45.55
C LEU D 1168 -93.35 50.01 44.14
N ILE D 1169 -94.22 50.22 43.16
CA ILE D 1169 -93.91 49.90 41.77
C ILE D 1169 -93.76 51.18 40.98
N THR D 1170 -92.95 51.12 39.92
CA THR D 1170 -92.74 52.27 39.05
C THR D 1170 -93.98 52.51 38.20
N ASN D 1171 -93.90 53.52 37.33
CA ASN D 1171 -94.99 53.80 36.42
C ASN D 1171 -95.20 52.71 35.38
N LYS D 1172 -94.19 51.87 35.17
CA LYS D 1172 -94.27 50.76 34.22
C LYS D 1172 -94.66 49.45 34.86
N GLY D 1173 -95.03 49.47 36.14
CA GLY D 1173 -95.49 48.28 36.82
C GLY D 1173 -94.42 47.36 37.36
N SER D 1174 -93.17 47.83 37.45
CA SER D 1174 -92.08 47.02 37.94
C SER D 1174 -91.83 47.33 39.42
N GLU D 1175 -91.48 46.29 40.18
CA GLU D 1175 -91.18 46.43 41.59
C GLU D 1175 -89.77 46.94 41.85
N LEU D 1176 -88.90 46.92 40.85
CA LEU D 1176 -87.50 47.29 41.02
C LEU D 1176 -87.38 48.80 41.01
N ALA D 1177 -87.21 49.39 42.20
CA ALA D 1177 -86.96 50.82 42.27
C ALA D 1177 -85.65 51.18 41.59
N PHE D 1178 -84.61 50.38 41.78
CA PHE D 1178 -83.36 50.57 41.08
C PHE D 1178 -82.85 49.23 40.61
N ALA D 1179 -82.04 49.24 39.55
CA ALA D 1179 -81.47 47.99 39.06
C ALA D 1179 -80.25 48.29 38.21
N ASP D 1180 -79.41 47.27 38.07
CA ASP D 1180 -78.23 47.33 37.20
C ASP D 1180 -77.29 48.47 37.62
N TYR D 1181 -76.76 48.35 38.84
CA TYR D 1181 -75.80 49.29 39.37
C TYR D 1181 -74.49 48.56 39.66
N GLU D 1182 -73.39 49.30 39.63
CA GLU D 1182 -72.09 48.71 39.92
C GLU D 1182 -71.89 48.63 41.43
N ILE D 1183 -71.48 47.46 41.91
CA ILE D 1183 -71.34 47.27 43.35
C ILE D 1183 -70.23 48.15 43.92
N GLU D 1184 -69.05 48.11 43.32
CA GLU D 1184 -67.89 48.89 43.76
C GLU D 1184 -67.62 48.55 45.22
N ASN D 1185 -67.57 49.54 46.13
CA ASN D 1185 -67.24 49.26 47.53
C ASN D 1185 -68.36 48.51 48.23
N GLY D 1186 -69.59 48.98 48.09
CA GLY D 1186 -70.74 48.40 48.75
C GLY D 1186 -71.72 49.47 49.14
N PHE D 1187 -72.70 49.10 49.96
CA PHE D 1187 -73.76 50.01 50.35
C PHE D 1187 -74.02 49.89 51.84
N VAL D 1188 -74.39 51.01 52.46
CA VAL D 1188 -74.84 51.00 53.85
C VAL D 1188 -76.15 51.77 53.94
N PRO D 1189 -77.02 51.45 54.90
CA PRO D 1189 -78.24 52.23 55.09
C PRO D 1189 -77.96 53.70 55.37
N ILE D 1190 -78.77 54.56 54.75
CA ILE D 1190 -78.67 56.00 54.96
C ILE D 1190 -80.08 56.56 54.98
N CYS D 1191 -80.26 57.59 55.80
CA CYS D 1191 -81.51 58.33 55.85
C CYS D 1191 -81.18 59.81 56.00
N SER D 1192 -82.10 60.64 55.57
CA SER D 1192 -81.96 62.09 55.66
C SER D 1192 -83.25 62.66 56.21
N LEU D 1193 -83.13 63.46 57.27
CA LEU D 1193 -84.27 64.05 57.95
C LEU D 1193 -84.21 65.56 57.80
N GLY D 1194 -85.34 66.16 57.47
CA GLY D 1194 -85.45 67.59 57.30
C GLY D 1194 -85.79 68.29 58.59
N LEU D 1195 -86.36 69.48 58.46
CA LEU D 1195 -86.69 70.28 59.63
C LEU D 1195 -87.84 69.67 60.40
N SER D 1196 -87.64 69.49 61.71
CA SER D 1196 -88.69 69.01 62.61
C SER D 1196 -89.17 67.62 62.26
N GLN D 1197 -88.38 66.85 61.52
CA GLN D 1197 -88.75 65.50 61.12
C GLN D 1197 -88.19 64.49 62.11
N ILE D 1198 -88.89 63.36 62.24
CA ILE D 1198 -88.51 62.29 63.14
C ILE D 1198 -88.57 60.98 62.38
N GLY D 1199 -87.71 60.04 62.76
CA GLY D 1199 -87.67 58.75 62.09
C GLY D 1199 -87.06 57.71 63.00
N ARG D 1200 -87.24 56.46 62.61
CA ARG D 1200 -86.71 55.33 63.37
C ARG D 1200 -86.16 54.30 62.40
N MET D 1201 -84.85 54.20 62.31
CA MET D 1201 -84.20 53.22 61.46
C MET D 1201 -84.01 51.93 62.25
N ASN D 1202 -84.65 50.86 61.78
CA ASN D 1202 -84.58 49.55 62.41
C ASN D 1202 -83.77 48.64 61.50
N LEU D 1203 -82.55 48.30 61.92
CA LEU D 1203 -81.64 47.53 61.10
C LEU D 1203 -81.78 46.03 61.29
N GLY D 1204 -82.66 45.58 62.17
CA GLY D 1204 -82.89 44.16 62.32
C GLY D 1204 -82.04 43.48 63.37
N MET D 1205 -81.58 44.21 64.38
CA MET D 1205 -80.85 43.57 65.47
C MET D 1205 -81.73 42.56 66.18
N ASP D 1206 -83.05 42.75 66.13
CA ASP D 1206 -84.02 41.76 66.60
C ASP D 1206 -85.13 41.73 65.56
N ALA D 1207 -85.13 40.71 64.70
CA ALA D 1207 -86.06 40.66 63.58
C ALA D 1207 -87.51 40.58 64.03
N SER D 1208 -87.77 40.18 65.27
CA SER D 1208 -89.13 40.18 65.76
C SER D 1208 -89.65 41.58 66.06
N THR D 1209 -88.77 42.59 66.04
CA THR D 1209 -89.21 43.97 66.14
C THR D 1209 -89.61 44.55 64.80
N PHE D 1210 -89.32 43.85 63.71
CA PHE D 1210 -89.80 44.27 62.40
C PHE D 1210 -91.32 44.20 62.37
N LYS D 1211 -91.93 45.06 61.55
CA LYS D 1211 -93.38 45.12 61.47
C LYS D 1211 -93.94 44.47 60.21
N PHE D 1212 -93.20 44.50 59.10
CA PHE D 1212 -93.66 43.90 57.86
C PHE D 1212 -92.59 43.03 57.22
N TYR D 1213 -91.64 42.53 58.01
CA TYR D 1213 -90.63 41.65 57.47
C TYR D 1213 -91.23 40.35 56.96
N THR D 1214 -92.16 39.78 57.72
CA THR D 1214 -92.76 38.51 57.31
C THR D 1214 -93.71 38.69 56.14
N MET D 1215 -94.43 39.82 56.09
CA MET D 1215 -95.36 40.04 54.99
C MET D 1215 -94.65 40.12 53.65
N CYS D 1216 -93.53 40.86 53.59
CA CYS D 1216 -92.76 40.96 52.36
C CYS D 1216 -91.30 41.17 52.75
N GLY D 1217 -90.48 40.14 52.56
CA GLY D 1217 -89.07 40.25 52.86
C GLY D 1217 -88.45 39.00 53.45
N LEU D 1218 -89.22 38.24 54.23
CA LEU D 1218 -88.66 37.07 54.89
C LEU D 1218 -88.53 35.91 53.93
N GLN D 1219 -89.65 35.50 53.31
CA GLN D 1219 -89.65 34.35 52.43
C GLN D 1219 -89.02 34.63 51.08
N GLU D 1220 -88.80 35.89 50.74
CA GLU D 1220 -88.16 36.24 49.48
C GLU D 1220 -86.64 36.17 49.55
N GLY D 1221 -86.09 35.82 50.70
CA GLY D 1221 -84.67 35.59 50.85
C GLY D 1221 -83.88 36.72 51.45
N PHE D 1222 -84.55 37.77 51.94
CA PHE D 1222 -83.85 38.93 52.49
C PHE D 1222 -83.64 38.76 53.98
N GLU D 1223 -82.42 38.96 54.42
CA GLU D 1223 -82.09 38.85 55.82
C GLU D 1223 -81.95 40.23 56.44
N PRO D 1224 -82.22 40.37 57.74
CA PRO D 1224 -82.07 41.68 58.37
C PRO D 1224 -80.64 42.15 58.23
N PHE D 1225 -80.47 43.46 58.10
CA PHE D 1225 -79.13 43.99 57.85
C PHE D 1225 -78.17 43.64 58.98
N ALA D 1226 -78.61 43.81 60.22
CA ALA D 1226 -77.79 43.49 61.37
C ALA D 1226 -78.11 42.11 61.93
N VAL D 1227 -78.07 41.09 61.08
CA VAL D 1227 -78.39 39.73 61.50
C VAL D 1227 -77.11 39.03 61.92
N ASN D 1228 -77.19 38.24 62.99
CA ASN D 1228 -76.04 37.52 63.53
C ASN D 1228 -74.94 38.49 63.94
N MET D 1229 -75.32 39.60 64.54
CA MET D 1229 -74.39 40.56 65.11
C MET D 1229 -74.60 40.62 66.61
N ASN D 1230 -73.51 40.74 67.36
CA ASN D 1230 -73.59 40.67 68.81
C ASN D 1230 -73.89 42.02 69.43
N ARG D 1231 -73.26 43.08 68.94
CA ARG D 1231 -73.42 44.42 69.49
C ARG D 1231 -74.04 45.34 68.46
N ASP D 1232 -74.53 46.49 68.93
CA ASP D 1232 -75.23 47.43 68.06
C ASP D 1232 -74.31 47.91 66.95
N VAL D 1233 -74.93 48.48 65.92
CA VAL D 1233 -74.21 48.91 64.73
C VAL D 1233 -73.81 50.38 64.91
N ALA D 1234 -72.52 50.65 64.70
CA ALA D 1234 -72.04 52.02 64.78
C ALA D 1234 -72.71 52.88 63.72
N MET D 1235 -73.19 54.05 64.13
CA MET D 1235 -73.90 54.94 63.23
C MET D 1235 -73.27 56.32 63.28
N TRP D 1236 -73.15 56.94 62.11
CA TRP D 1236 -72.62 58.28 61.96
C TRP D 1236 -73.73 59.22 61.52
N PHE D 1237 -73.51 60.50 61.75
CA PHE D 1237 -74.46 61.53 61.38
C PHE D 1237 -73.69 62.70 60.81
N SER D 1238 -74.40 63.66 60.25
CA SER D 1238 -73.77 64.82 59.65
C SER D 1238 -74.06 66.02 60.52
N LYS D 1239 -73.01 66.72 60.92
CA LYS D 1239 -73.13 67.91 61.76
C LYS D 1239 -72.59 69.12 61.01
N ARG D 1240 -73.19 70.26 61.31
CA ARG D 1240 -72.83 71.52 60.66
C ARG D 1240 -71.87 72.30 61.55
N LEU D 1241 -70.62 71.85 61.53
CA LEU D 1241 -69.53 72.52 62.24
C LEU D 1241 -68.47 72.88 61.23
N PRO D 1242 -68.43 74.12 60.74
CA PRO D 1242 -67.45 74.48 59.72
C PRO D 1242 -66.02 74.26 60.20
N THR D 1243 -65.17 73.77 59.31
CA THR D 1243 -63.81 73.39 59.66
C THR D 1243 -62.91 73.64 58.47
N PHE D 1244 -61.69 74.09 58.75
CA PHE D 1244 -60.73 74.33 57.68
C PHE D 1244 -60.10 73.01 57.25
N VAL D 1245 -60.17 72.70 55.96
CA VAL D 1245 -59.53 71.51 55.41
C VAL D 1245 -58.67 71.94 54.23
N ASN D 1246 -57.63 71.16 53.96
CA ASN D 1246 -56.67 71.50 52.93
C ASN D 1246 -57.36 71.57 51.56
N VAL D 1247 -56.96 72.54 50.76
CA VAL D 1247 -57.50 72.69 49.42
C VAL D 1247 -57.01 71.51 48.59
N PRO D 1248 -57.88 70.69 48.03
CA PRO D 1248 -57.44 69.55 47.23
C PRO D 1248 -56.99 70.00 45.85
N LYS D 1249 -56.33 69.09 45.14
CA LYS D 1249 -56.00 69.35 43.74
C LYS D 1249 -57.22 69.37 42.84
N ASP D 1250 -58.38 68.92 43.35
CA ASP D 1250 -59.62 68.88 42.58
C ASP D 1250 -60.66 69.87 43.11
N HIS D 1251 -60.23 70.89 43.82
CA HIS D 1251 -61.18 71.86 44.37
C HIS D 1251 -61.88 72.59 43.23
N PRO D 1252 -63.20 72.70 43.24
CA PRO D 1252 -63.91 73.29 42.10
C PRO D 1252 -63.88 74.81 42.04
N HIS D 1253 -63.27 75.49 42.97
CA HIS D 1253 -63.38 76.94 42.93
C HIS D 1253 -62.04 77.67 43.00
N ILE D 1254 -61.08 77.18 43.78
CA ILE D 1254 -59.82 77.89 43.97
C ILE D 1254 -58.66 76.93 43.80
N GLU D 1255 -57.50 77.50 43.48
CA GLU D 1255 -56.28 76.73 43.28
C GLU D 1255 -55.12 77.45 43.93
N VAL D 1256 -54.17 76.66 44.45
CA VAL D 1256 -53.02 77.16 45.18
C VAL D 1256 -51.76 76.71 44.46
N VAL D 1257 -50.85 77.64 44.22
CA VAL D 1257 -49.58 77.36 43.55
C VAL D 1257 -48.44 77.80 44.46
N ARG D 1258 -47.48 76.90 44.69
CA ARG D 1258 -46.31 77.24 45.46
C ARG D 1258 -45.28 77.94 44.58
N ILE D 1259 -44.61 78.94 45.13
CA ILE D 1259 -43.58 79.70 44.43
C ILE D 1259 -42.33 79.68 45.29
N ASP D 1260 -41.27 79.08 44.79
CA ASP D 1260 -40.05 78.94 45.57
C ASP D 1260 -39.41 80.30 45.81
N GLY D 1261 -38.66 80.39 46.91
CA GLY D 1261 -38.03 81.63 47.28
C GLY D 1261 -36.70 81.86 46.60
N THR D 1262 -36.58 82.95 45.85
CA THR D 1262 -35.36 83.30 45.17
C THR D 1262 -34.51 84.20 46.08
N MET D 1263 -33.48 84.83 45.51
CA MET D 1263 -32.63 85.71 46.30
C MET D 1263 -33.42 86.90 46.84
N ASP D 1264 -34.30 87.48 46.02
CA ASP D 1264 -35.10 88.63 46.43
C ASP D 1264 -36.52 88.25 46.82
N SER D 1265 -37.22 87.52 45.96
CA SER D 1265 -38.60 87.15 46.24
C SER D 1265 -38.65 86.06 47.29
N PRO D 1266 -39.38 86.24 48.38
CA PRO D 1266 -39.51 85.19 49.38
C PRO D 1266 -40.47 84.10 48.89
N PRO D 1267 -40.47 82.94 49.54
CA PRO D 1267 -41.40 81.88 49.13
C PRO D 1267 -42.84 82.34 49.29
N CYS D 1268 -43.69 81.91 48.36
CA CYS D 1268 -45.05 82.43 48.31
C CYS D 1268 -46.04 81.31 48.02
N LEU D 1269 -47.28 81.55 48.40
CA LEU D 1269 -48.41 80.67 48.09
C LEU D 1269 -49.46 81.52 47.40
N LYS D 1270 -49.63 81.31 46.09
CA LYS D 1270 -50.52 82.13 45.27
C LYS D 1270 -51.86 81.43 45.13
N VAL D 1271 -52.94 82.12 45.54
CA VAL D 1271 -54.29 81.60 45.47
C VAL D 1271 -55.02 82.32 44.34
N THR D 1272 -55.60 81.54 43.43
CA THR D 1272 -56.30 82.05 42.26
C THR D 1272 -57.64 81.35 42.11
N HIS D 1273 -58.57 82.01 41.44
CA HIS D 1273 -59.92 81.49 41.28
C HIS D 1273 -60.02 80.70 39.98
N LYS D 1274 -60.45 79.44 40.08
CA LYS D 1274 -60.48 78.56 38.92
C LYS D 1274 -61.56 78.97 37.93
N THR D 1275 -62.76 79.24 38.41
CA THR D 1275 -63.95 79.30 37.56
C THR D 1275 -64.68 80.63 37.74
N PHE D 1276 -63.94 81.72 37.68
CA PHE D 1276 -64.53 83.06 37.74
C PHE D 1276 -64.48 83.71 36.37
N GLY D 1277 -65.55 84.41 36.01
CA GLY D 1277 -65.71 84.98 34.70
C GLY D 1277 -66.41 84.09 33.70
N THR D 1278 -66.74 82.86 34.07
CA THR D 1278 -67.41 81.93 33.18
C THR D 1278 -68.88 81.81 33.58
N GLN D 1279 -69.60 80.94 32.88
CA GLN D 1279 -71.00 80.70 33.20
C GLN D 1279 -71.19 79.95 34.51
N ASN D 1280 -70.11 79.38 35.06
CA ASN D 1280 -70.15 78.66 36.33
C ASN D 1280 -69.57 79.49 37.48
N SER D 1281 -69.52 80.81 37.33
CA SER D 1281 -68.92 81.66 38.36
C SER D 1281 -69.74 81.61 39.64
N ASN D 1282 -69.03 81.60 40.78
CA ASN D 1282 -69.66 81.59 42.10
C ASN D 1282 -69.10 82.76 42.90
N ALA D 1283 -69.86 83.85 42.98
CA ALA D 1283 -69.44 85.03 43.73
C ALA D 1283 -69.84 84.87 45.21
N SER D 1284 -69.14 83.96 45.88
CA SER D 1284 -69.38 83.66 47.28
C SER D 1284 -68.07 83.79 48.04
N MET D 1285 -68.20 84.07 49.34
CA MET D 1285 -67.02 84.31 50.16
C MET D 1285 -66.14 83.08 50.24
N ILE D 1286 -64.84 83.31 50.37
CA ILE D 1286 -63.84 82.27 50.52
C ILE D 1286 -63.09 82.53 51.82
N TYR D 1287 -63.00 81.50 52.66
CA TYR D 1287 -62.35 81.59 53.97
C TYR D 1287 -61.11 80.72 53.93
N CYS D 1288 -59.94 81.36 53.80
CA CYS D 1288 -58.67 80.68 53.68
C CYS D 1288 -57.83 80.89 54.93
N ARG D 1289 -57.14 79.84 55.35
CA ARG D 1289 -56.28 79.86 56.51
C ARG D 1289 -55.00 79.12 56.17
N LEU D 1290 -53.95 79.37 56.93
CA LEU D 1290 -52.71 78.62 56.78
C LEU D 1290 -52.73 77.40 57.71
N SER D 1291 -52.09 76.33 57.25
CA SER D 1291 -52.23 75.05 57.91
C SER D 1291 -51.70 75.06 59.33
N MET D 1292 -50.59 75.74 59.59
CA MET D 1292 -49.92 75.66 60.88
C MET D 1292 -50.04 76.96 61.66
N PRO D 1293 -50.13 76.89 62.97
CA PRO D 1293 -50.32 78.10 63.77
C PRO D 1293 -49.02 78.77 64.19
N VAL D 1294 -49.15 79.82 64.98
CA VAL D 1294 -48.01 80.55 65.56
C VAL D 1294 -48.39 80.82 67.01
N GLU D 1295 -47.86 80.01 67.92
CA GLU D 1295 -48.28 80.05 69.31
C GLU D 1295 -47.48 81.07 70.11
N CYS D 1296 -48.17 81.86 70.92
CA CYS D 1296 -47.54 82.84 71.79
C CYS D 1296 -46.93 82.16 73.01
N HIS D 1297 -46.03 82.88 73.67
CA HIS D 1297 -45.36 82.34 74.84
C HIS D 1297 -46.33 82.17 76.00
N SER D 1298 -46.02 81.22 76.88
CA SER D 1298 -46.90 80.94 78.02
C SER D 1298 -46.89 82.04 79.05
N SER D 1299 -45.84 82.86 79.09
CA SER D 1299 -45.76 83.98 80.01
C SER D 1299 -45.24 85.20 79.27
N PHE D 1300 -45.72 86.37 79.69
CA PHE D 1300 -45.35 87.62 79.06
C PHE D 1300 -44.48 88.44 79.99
N SER D 1301 -43.58 89.24 79.40
CA SER D 1301 -42.68 90.10 80.17
C SER D 1301 -43.46 91.25 80.81
N THR D 1324 -33.15 85.41 68.89
CA THR D 1324 -33.14 86.63 69.68
C THR D 1324 -34.49 87.33 69.61
N THR D 1325 -34.89 87.71 68.40
CA THR D 1325 -36.15 88.41 68.22
C THR D 1325 -37.32 87.48 68.50
N THR D 1326 -38.37 88.04 69.10
CA THR D 1326 -39.58 87.29 69.43
C THR D 1326 -40.75 87.65 68.52
N GLN D 1327 -40.51 88.40 67.44
CA GLN D 1327 -41.57 88.86 66.56
C GLN D 1327 -41.60 88.02 65.29
N CYS D 1328 -42.81 87.67 64.87
CA CYS D 1328 -43.06 86.96 63.63
C CYS D 1328 -43.77 87.88 62.65
N TYR D 1329 -43.66 87.57 61.36
CA TYR D 1329 -44.20 88.43 60.33
C TYR D 1329 -44.63 87.59 59.14
N TYR D 1330 -45.70 88.03 58.48
CA TYR D 1330 -46.05 87.50 57.17
C TYR D 1330 -46.76 88.60 56.40
N ALA D 1331 -46.92 88.41 55.10
CA ALA D 1331 -47.56 89.44 54.29
C ALA D 1331 -48.53 88.81 53.32
N ILE D 1332 -49.44 89.63 52.82
CA ILE D 1332 -50.38 89.22 51.78
C ILE D 1332 -50.31 90.26 50.67
N ARG D 1333 -50.27 89.78 49.43
CA ARG D 1333 -50.26 90.65 48.26
C ARG D 1333 -51.52 90.39 47.47
N ILE D 1334 -52.34 91.42 47.32
CA ILE D 1334 -53.60 91.36 46.59
C ILE D 1334 -53.35 91.91 45.21
N PHE D 1335 -53.58 91.07 44.20
CA PHE D 1335 -53.26 91.44 42.83
C PHE D 1335 -54.25 92.46 42.29
N ALA D 1336 -53.82 93.17 41.25
CA ALA D 1336 -54.71 94.08 40.56
C ALA D 1336 -55.88 93.31 39.97
N GLY D 1337 -57.08 93.87 40.11
CA GLY D 1337 -58.29 93.17 39.73
C GLY D 1337 -59.06 92.59 40.90
N GLN D 1338 -58.49 92.60 42.10
CA GLN D 1338 -59.16 92.16 43.32
C GLN D 1338 -59.44 93.39 44.16
N ASP D 1339 -60.72 93.67 44.38
CA ASP D 1339 -61.11 94.87 45.12
C ASP D 1339 -60.65 94.75 46.57
N PRO D 1340 -59.85 95.70 47.07
CA PRO D 1340 -59.43 95.63 48.48
C PRO D 1340 -60.57 95.78 49.47
N SER D 1341 -61.73 96.28 49.04
CA SER D 1341 -62.86 96.41 49.96
C SER D 1341 -63.52 95.09 50.28
N CYS D 1342 -63.24 94.03 49.51
CA CYS D 1342 -63.81 92.71 49.75
C CYS D 1342 -62.75 91.74 50.28
N VAL D 1343 -61.76 92.23 50.99
CA VAL D 1343 -60.66 91.41 51.50
C VAL D 1343 -60.40 91.78 52.95
N TRP D 1344 -60.45 90.78 53.83
CA TRP D 1344 -60.08 90.92 55.23
C TRP D 1344 -58.87 90.04 55.48
N VAL D 1345 -57.85 90.60 56.13
CA VAL D 1345 -56.57 89.91 56.32
C VAL D 1345 -56.19 89.97 57.78
N GLY D 1346 -55.74 88.83 58.34
CA GLY D 1346 -55.32 88.83 59.72
C GLY D 1346 -55.04 87.46 60.29
N TRP D 1347 -55.52 87.19 61.50
CA TRP D 1347 -55.30 85.94 62.19
C TRP D 1347 -56.62 85.41 62.74
N VAL D 1348 -56.71 84.10 62.89
CA VAL D 1348 -57.87 83.44 63.49
C VAL D 1348 -57.38 82.41 64.50
N THR D 1349 -58.10 82.28 65.61
CA THR D 1349 -57.78 81.26 66.61
C THR D 1349 -58.31 79.91 66.16
N PRO D 1350 -57.90 78.83 66.81
CA PRO D 1350 -58.37 77.50 66.41
C PRO D 1350 -59.88 77.31 66.56
N ASP D 1351 -60.54 78.13 67.37
CA ASP D 1351 -61.95 77.96 67.68
C ASP D 1351 -62.85 78.84 66.81
N TYR D 1352 -62.40 79.18 65.60
CA TYR D 1352 -63.22 79.93 64.66
C TYR D 1352 -63.99 78.95 63.79
N HIS D 1353 -65.31 78.90 63.98
CA HIS D 1353 -66.19 77.98 63.27
C HIS D 1353 -67.37 78.71 62.69
N LEU D 1354 -67.12 79.82 62.01
CA LEU D 1354 -68.18 80.63 61.42
C LEU D 1354 -68.13 80.54 59.90
N TYR D 1355 -69.31 80.41 59.29
CA TYR D 1355 -69.43 80.38 57.84
C TYR D 1355 -70.70 81.09 57.45
N SER D 1356 -70.59 82.03 56.52
CA SER D 1356 -71.73 82.83 56.10
C SER D 1356 -71.47 83.38 54.71
N GLU D 1357 -72.55 83.76 54.03
CA GLU D 1357 -72.41 84.30 52.67
C GLU D 1357 -71.80 85.68 52.69
N LYS D 1358 -72.14 86.50 53.67
CA LYS D 1358 -71.65 87.86 53.78
C LYS D 1358 -70.90 88.02 55.10
N PHE D 1359 -69.69 88.56 55.03
CA PHE D 1359 -68.84 88.72 56.20
C PHE D 1359 -68.79 90.19 56.61
N ASP D 1360 -68.62 90.42 57.91
CA ASP D 1360 -68.53 91.78 58.45
C ASP D 1360 -67.79 91.72 59.77
N LEU D 1361 -66.74 92.52 59.91
CA LEU D 1361 -65.96 92.52 61.15
C LEU D 1361 -66.77 93.00 62.34
N ASN D 1362 -67.78 93.84 62.11
CA ASN D 1362 -68.60 94.32 63.22
C ASN D 1362 -69.37 93.17 63.86
N LYS D 1363 -69.88 92.25 63.05
CA LYS D 1363 -70.62 91.10 63.55
C LYS D 1363 -69.63 89.98 63.85
N ASN D 1364 -68.97 90.09 65.01
CA ASN D 1364 -67.95 89.15 65.43
C ASN D 1364 -68.22 88.71 66.87
N CYS D 1365 -67.83 87.48 67.18
CA CYS D 1365 -67.97 86.98 68.53
C CYS D 1365 -66.90 87.59 69.42
N THR D 1366 -67.34 88.21 70.52
CA THR D 1366 -66.44 88.93 71.41
C THR D 1366 -67.03 88.92 72.81
N VAL D 1367 -66.19 89.17 73.79
CA VAL D 1367 -66.63 89.30 75.17
C VAL D 1367 -65.52 89.97 75.96
N THR D 1368 -65.90 90.67 77.04
CA THR D 1368 -64.95 91.32 77.92
C THR D 1368 -65.20 90.82 79.33
N VAL D 1369 -64.17 90.29 79.97
CA VAL D 1369 -64.26 89.78 81.33
C VAL D 1369 -63.68 90.83 82.27
N THR D 1370 -64.55 91.46 83.06
CA THR D 1370 -64.12 92.48 83.99
C THR D 1370 -63.94 91.87 85.38
N LEU D 1371 -62.83 92.18 86.02
CA LEU D 1371 -62.53 91.71 87.36
C LEU D 1371 -62.40 92.90 88.29
N GLY D 1372 -63.20 92.94 89.34
CA GLY D 1372 -63.22 94.03 90.28
C GLY D 1372 -62.60 93.66 91.61
N ASP D 1373 -62.47 94.66 92.46
CA ASP D 1373 -61.91 94.49 93.79
C ASP D 1373 -63.03 94.13 94.77
N GLU D 1374 -62.71 94.11 96.07
CA GLU D 1374 -63.73 93.83 97.08
C GLU D 1374 -64.85 94.86 97.05
N ARG D 1375 -64.53 96.10 96.68
CA ARG D 1375 -65.51 97.17 96.58
C ARG D 1375 -66.09 97.33 95.19
N GLY D 1376 -65.70 96.47 94.25
CA GLY D 1376 -66.22 96.52 92.90
C GLY D 1376 -65.40 97.35 91.92
N ARG D 1377 -64.28 97.93 92.35
CA ARG D 1377 -63.44 98.70 91.45
C ARG D 1377 -62.75 97.76 90.45
N VAL D 1378 -62.82 98.12 89.18
CA VAL D 1378 -62.27 97.28 88.12
C VAL D 1378 -60.76 97.41 88.13
N HIS D 1379 -60.07 96.28 88.33
CA HIS D 1379 -58.61 96.26 88.29
C HIS D 1379 -58.07 95.42 87.14
N GLU D 1380 -58.93 95.04 86.19
CA GLU D 1380 -58.51 94.29 85.02
C GLU D 1380 -59.70 94.16 84.08
N SER D 1381 -59.42 94.00 82.80
CA SER D 1381 -60.47 93.84 81.80
C SER D 1381 -59.86 93.16 80.58
N VAL D 1382 -60.29 91.92 80.33
CA VAL D 1382 -59.74 91.09 79.26
C VAL D 1382 -60.78 90.96 78.17
N LYS D 1383 -60.36 91.18 76.93
CA LYS D 1383 -61.24 91.09 75.77
C LYS D 1383 -60.84 89.88 74.93
N ARG D 1384 -61.80 89.00 74.67
CA ARG D 1384 -61.55 87.79 73.90
C ARG D 1384 -62.19 87.91 72.53
N SER D 1385 -61.75 87.05 71.62
CA SER D 1385 -62.30 86.96 70.28
C SER D 1385 -61.59 85.80 69.59
N ASN D 1386 -62.04 85.48 68.39
CA ASN D 1386 -61.44 84.41 67.62
C ASN D 1386 -61.07 84.85 66.20
N CYS D 1387 -61.02 86.16 65.95
CA CYS D 1387 -60.77 86.67 64.61
C CYS D 1387 -60.19 88.08 64.76
N TYR D 1388 -58.88 88.20 64.62
CA TYR D 1388 -58.18 89.48 64.69
C TYR D 1388 -57.76 89.84 63.27
N MET D 1389 -58.61 90.57 62.56
CA MET D 1389 -58.37 90.88 61.17
C MET D 1389 -58.59 92.36 60.92
N VAL D 1390 -58.11 92.82 59.76
CA VAL D 1390 -58.31 94.19 59.31
C VAL D 1390 -58.94 94.14 57.93
N TRP D 1391 -59.73 95.17 57.64
CA TRP D 1391 -60.46 95.26 56.37
C TRP D 1391 -59.64 96.04 55.36
N GLY D 1392 -59.61 95.55 54.13
CA GLY D 1392 -58.94 96.28 53.07
C GLY D 1392 -59.61 97.59 52.74
N GLY D 1393 -60.93 97.67 52.98
CA GLY D 1393 -61.64 98.92 52.71
C GLY D 1393 -61.14 100.07 53.55
N ASP D 1394 -60.92 99.83 54.84
CA ASP D 1394 -60.39 100.89 55.70
C ASP D 1394 -58.99 101.30 55.27
N ILE D 1395 -58.17 100.33 54.85
CA ILE D 1395 -56.82 100.63 54.40
C ILE D 1395 -56.86 101.51 53.16
N VAL D 1396 -57.72 101.15 52.18
CA VAL D 1396 -57.80 101.95 50.96
C VAL D 1396 -58.38 103.33 51.26
N ALA D 1397 -59.32 103.40 52.21
CA ALA D 1397 -59.85 104.70 52.61
C ALA D 1397 -58.76 105.58 53.22
N THR D 1398 -57.91 105.00 54.06
CA THR D 1398 -56.79 105.74 54.63
C THR D 1398 -55.60 105.85 53.68
N SER D 1399 -55.66 105.19 52.53
CA SER D 1399 -54.58 105.24 51.56
C SER D 1399 -54.98 106.08 50.35
N ASN D 1406 -56.04 98.76 39.06
CA ASN D 1406 -55.13 99.65 39.79
C ASN D 1406 -53.76 99.00 39.96
N VAL D 1407 -53.29 98.95 41.21
CA VAL D 1407 -51.99 98.40 41.54
C VAL D 1407 -52.14 97.41 42.69
N ASP D 1408 -51.21 96.47 42.77
CA ASP D 1408 -51.26 95.46 43.83
C ASP D 1408 -51.11 96.11 45.19
N LEU D 1409 -51.81 95.55 46.19
CA LEU D 1409 -51.80 96.08 47.54
C LEU D 1409 -51.17 95.06 48.48
N GLU D 1410 -50.22 95.51 49.31
CA GLU D 1410 -49.51 94.63 50.22
C GLU D 1410 -49.87 94.98 51.66
N ILE D 1411 -50.34 93.99 52.42
CA ILE D 1411 -50.70 94.15 53.82
C ILE D 1411 -49.83 93.21 54.63
N GLY D 1412 -49.09 93.75 55.59
CA GLY D 1412 -48.19 92.96 56.42
C GLY D 1412 -48.73 92.84 57.84
N CYS D 1413 -48.67 91.63 58.36
CA CYS D 1413 -49.16 91.31 59.70
C CYS D 1413 -47.99 90.87 60.55
N LEU D 1414 -47.84 91.51 61.70
CA LEU D 1414 -46.71 91.27 62.60
C LEU D 1414 -47.23 90.94 63.99
N VAL D 1415 -46.56 89.99 64.66
CA VAL D 1415 -47.00 89.49 65.95
C VAL D 1415 -45.82 89.44 66.90
N ASP D 1416 -45.93 90.14 68.02
CA ASP D 1416 -44.96 90.04 69.10
C ASP D 1416 -45.40 88.92 70.03
N LEU D 1417 -44.68 87.79 69.97
CA LEU D 1417 -45.06 86.62 70.74
C LEU D 1417 -44.75 86.80 72.22
N ALA D 1418 -43.63 87.46 72.53
CA ALA D 1418 -43.28 87.66 73.93
C ALA D 1418 -44.28 88.56 74.64
N MET D 1419 -44.91 89.48 73.92
CA MET D 1419 -45.94 90.33 74.47
C MET D 1419 -47.32 90.03 73.92
N GLY D 1420 -47.43 89.19 72.90
CA GLY D 1420 -48.71 88.82 72.33
C GLY D 1420 -49.45 90.01 71.74
N MET D 1421 -48.76 90.83 70.96
CA MET D 1421 -49.32 92.04 70.39
C MET D 1421 -49.37 91.91 68.88
N LEU D 1422 -50.55 92.06 68.29
CA LEU D 1422 -50.74 91.94 66.85
C LEU D 1422 -50.88 93.32 66.25
N SER D 1423 -50.13 93.58 65.19
CA SER D 1423 -50.17 94.87 64.50
C SER D 1423 -50.15 94.65 62.99
N PHE D 1424 -50.60 95.65 62.26
CA PHE D 1424 -50.75 95.57 60.82
C PHE D 1424 -50.16 96.81 60.18
N SER D 1425 -49.76 96.66 58.91
CA SER D 1425 -49.16 97.77 58.18
C SER D 1425 -49.40 97.57 56.68
N ALA D 1426 -50.04 98.55 56.04
CA ALA D 1426 -50.31 98.49 54.61
C ALA D 1426 -49.32 99.40 53.88
N ASN D 1427 -48.52 98.80 53.00
CA ASN D 1427 -47.53 99.55 52.23
C ASN D 1427 -46.56 100.30 53.14
N GLY D 1428 -46.05 99.60 54.15
CA GLY D 1428 -45.05 100.14 55.06
C GLY D 1428 -45.59 100.95 56.21
N ARG D 1429 -46.57 101.81 55.95
CA ARG D 1429 -47.13 102.63 57.00
C ARG D 1429 -47.88 101.77 58.01
N GLU D 1430 -47.69 102.07 59.29
CA GLU D 1430 -48.29 101.29 60.36
C GLU D 1430 -49.73 101.75 60.60
N LEU D 1431 -50.67 100.81 60.55
CA LEU D 1431 -52.06 101.13 60.79
C LEU D 1431 -52.33 101.22 62.29
N GLY D 1432 -53.45 101.86 62.63
CA GLY D 1432 -53.83 102.02 64.02
C GLY D 1432 -54.59 100.86 64.62
N THR D 1433 -54.81 99.80 63.86
CA THR D 1433 -55.56 98.63 64.33
C THR D 1433 -54.59 97.65 64.98
N CYS D 1434 -54.60 97.60 66.31
CA CYS D 1434 -53.73 96.71 67.05
C CYS D 1434 -54.57 95.88 68.01
N TYR D 1435 -54.15 94.64 68.23
CA TYR D 1435 -54.86 93.71 69.10
C TYR D 1435 -53.92 93.15 70.15
N GLN D 1436 -54.50 92.73 71.27
CA GLN D 1436 -53.76 92.13 72.37
C GLN D 1436 -54.38 90.77 72.68
N VAL D 1437 -53.55 89.74 72.79
CA VAL D 1437 -54.01 88.38 73.03
C VAL D 1437 -53.29 87.80 74.23
N GLU D 1438 -53.91 86.81 74.85
CA GLU D 1438 -53.39 86.19 76.06
C GLU D 1438 -52.29 85.20 75.73
N PRO D 1439 -51.52 84.79 76.74
CA PRO D 1439 -50.48 83.79 76.52
C PRO D 1439 -51.06 82.44 76.11
N ASN D 1440 -50.24 81.66 75.42
CA ASN D 1440 -50.63 80.33 74.94
C ASN D 1440 -51.70 80.42 73.85
N THR D 1441 -51.74 81.52 73.12
CA THR D 1441 -52.74 81.75 72.09
C THR D 1441 -52.18 81.31 70.75
N LYS D 1442 -52.90 80.43 70.05
CA LYS D 1442 -52.53 79.99 68.72
C LYS D 1442 -53.31 80.82 67.71
N VAL D 1443 -52.61 81.42 66.76
CA VAL D 1443 -53.20 82.25 65.73
C VAL D 1443 -52.71 81.76 64.38
N PHE D 1444 -53.63 81.44 63.49
CA PHE D 1444 -53.38 81.02 62.13
C PHE D 1444 -53.51 82.21 61.21
N PRO D 1445 -52.60 82.42 60.27
CA PRO D 1445 -52.83 83.43 59.24
C PRO D 1445 -54.11 83.14 58.46
N ALA D 1446 -54.88 84.18 58.18
CA ALA D 1446 -56.18 83.98 57.55
C ALA D 1446 -56.50 85.14 56.62
N VAL D 1447 -57.14 84.80 55.50
CA VAL D 1447 -57.65 85.77 54.53
C VAL D 1447 -59.07 85.36 54.17
N PHE D 1448 -60.01 86.29 54.35
CA PHE D 1448 -61.40 86.07 54.00
C PHE D 1448 -61.75 87.06 52.90
N LEU D 1449 -62.14 86.55 51.73
CA LEU D 1449 -62.31 87.46 50.61
C LEU D 1449 -63.43 87.00 49.70
N GLN D 1450 -64.08 87.97 49.05
CA GLN D 1450 -65.05 87.68 48.00
C GLN D 1450 -64.39 87.91 46.66
N PRO D 1451 -64.24 86.89 45.83
CA PRO D 1451 -63.42 87.04 44.62
C PRO D 1451 -64.07 87.94 43.60
N THR D 1452 -63.26 88.82 43.02
CA THR D 1452 -63.67 89.65 41.89
C THR D 1452 -62.79 89.47 40.67
N SER D 1453 -61.83 88.55 40.72
CA SER D 1453 -60.93 88.31 39.59
C SER D 1453 -60.33 86.92 39.73
N THR D 1454 -59.76 86.43 38.63
CA THR D 1454 -59.20 85.08 38.63
C THR D 1454 -57.97 84.99 39.51
N ALA D 1455 -57.10 86.00 39.48
CA ALA D 1455 -55.93 86.04 40.35
C ALA D 1455 -56.33 86.72 41.65
N LEU D 1456 -56.37 85.95 42.74
CA LEU D 1456 -56.95 86.44 43.98
C LEU D 1456 -55.93 87.11 44.88
N PHE D 1457 -54.92 86.38 45.33
CA PHE D 1457 -53.95 86.98 46.25
C PHE D 1457 -52.79 86.01 46.42
N GLN D 1458 -51.84 86.37 47.28
CA GLN D 1458 -50.75 85.45 47.58
C GLN D 1458 -50.19 85.72 48.97
N PHE D 1459 -50.03 84.65 49.75
CA PHE D 1459 -49.26 84.70 50.98
C PHE D 1459 -47.78 84.85 50.66
N GLU D 1460 -47.11 85.77 51.33
CA GLU D 1460 -45.67 85.97 51.23
C GLU D 1460 -45.08 85.70 52.60
N LEU D 1461 -44.37 84.57 52.73
CA LEU D 1461 -43.75 84.16 53.97
C LEU D 1461 -42.34 84.73 54.09
N GLY D 1462 -42.23 86.04 53.92
CA GLY D 1462 -40.95 86.71 53.90
C GLY D 1462 -40.46 87.03 55.29
N LYS D 1463 -39.47 87.92 55.34
CA LYS D 1463 -38.83 88.31 56.59
C LYS D 1463 -38.53 89.81 56.53
N LEU D 1464 -38.36 90.40 57.70
CA LEU D 1464 -37.87 91.77 57.81
C LEU D 1464 -37.03 91.86 59.07
N LYS D 1465 -36.28 92.96 59.17
CA LYS D 1465 -35.36 93.14 60.30
C LYS D 1465 -36.13 93.14 61.61
N ASN D 1466 -35.60 92.41 62.60
CA ASN D 1466 -36.19 92.24 63.92
C ASN D 1466 -37.44 91.38 63.91
N ALA D 1467 -37.74 90.71 62.81
CA ALA D 1467 -38.92 89.87 62.71
C ALA D 1467 -38.57 88.55 62.05
N MET D 1468 -38.99 87.45 62.67
CA MET D 1468 -38.74 86.13 62.12
C MET D 1468 -39.65 85.88 60.93
N PRO D 1469 -39.27 84.96 60.05
CA PRO D 1469 -40.23 84.46 59.05
C PRO D 1469 -41.24 83.54 59.71
N LEU D 1470 -42.30 83.24 58.95
CA LEU D 1470 -43.36 82.38 59.48
C LEU D 1470 -42.84 80.98 59.75
N SER D 1471 -42.01 80.44 58.86
CA SER D 1471 -41.46 79.11 59.06
C SER D 1471 -40.60 79.05 60.31
N ALA D 1472 -39.82 80.09 60.57
CA ALA D 1472 -38.99 80.11 61.77
C ALA D 1472 -39.83 80.08 63.03
N ALA D 1473 -40.96 80.80 63.02
CA ALA D 1473 -41.81 80.84 64.21
C ALA D 1473 -42.62 79.56 64.36
N ILE D 1474 -42.94 78.88 63.27
CA ILE D 1474 -43.76 77.68 63.36
C ILE D 1474 -42.92 76.45 63.67
N PHE D 1475 -41.83 76.26 62.93
CA PHE D 1475 -41.02 75.04 63.03
C PHE D 1475 -39.81 75.31 63.91
N LYS D 1476 -39.65 74.52 64.97
CA LYS D 1476 -38.51 74.68 65.87
C LYS D 1476 -37.19 74.32 65.19
N SER D 1477 -37.23 73.51 64.14
CA SER D 1477 -36.00 73.15 63.45
C SER D 1477 -35.33 74.38 62.84
N GLU D 1478 -36.13 75.28 62.26
CA GLU D 1478 -35.64 76.48 61.61
C GLU D 1478 -35.63 77.69 62.54
N GLU D 1479 -35.73 77.47 63.86
CA GLU D 1479 -35.74 78.58 64.80
C GLU D 1479 -34.44 79.37 64.71
N LYS D 1480 -33.31 78.67 64.64
CA LYS D 1480 -32.01 79.32 64.50
C LYS D 1480 -31.80 79.85 63.09
N ASN D 1481 -32.23 79.09 62.09
CA ASN D 1481 -31.98 79.46 60.70
C ASN D 1481 -32.81 80.67 60.31
N PRO D 1482 -32.20 81.70 59.72
CA PRO D 1482 -32.95 82.87 59.26
C PRO D 1482 -33.43 82.81 57.82
N VAL D 1483 -33.29 81.68 57.14
CA VAL D 1483 -33.72 81.56 55.74
C VAL D 1483 -35.22 81.29 55.69
N PRO D 1484 -36.00 82.15 55.04
CA PRO D 1484 -37.43 81.86 54.87
C PRO D 1484 -37.65 80.56 54.11
N GLN D 1485 -38.66 79.81 54.52
CA GLN D 1485 -38.99 78.56 53.87
C GLN D 1485 -40.50 78.36 53.90
N CYS D 1486 -40.98 77.51 52.99
CA CYS D 1486 -42.40 77.13 52.92
C CYS D 1486 -42.47 75.62 52.83
N PRO D 1487 -42.34 74.93 53.95
CA PRO D 1487 -42.33 73.46 53.94
C PRO D 1487 -43.64 72.90 53.43
N PRO D 1488 -43.65 71.68 52.94
CA PRO D 1488 -44.89 71.09 52.40
C PRO D 1488 -45.98 70.90 53.45
N ARG D 1489 -45.65 70.96 54.73
CA ARG D 1489 -46.69 70.89 55.76
C ARG D 1489 -47.47 72.19 55.86
N LEU D 1490 -46.96 73.26 55.26
CA LEU D 1490 -47.61 74.57 55.32
C LEU D 1490 -48.41 74.75 54.04
N ASP D 1491 -49.71 74.53 54.10
CA ASP D 1491 -50.58 74.56 52.93
C ASP D 1491 -51.81 75.39 53.24
N VAL D 1492 -52.43 75.91 52.20
CA VAL D 1492 -53.60 76.77 52.33
C VAL D 1492 -54.84 75.90 52.47
N GLN D 1493 -55.66 76.19 53.47
CA GLN D 1493 -56.89 75.48 53.75
C GLN D 1493 -58.07 76.40 53.57
N THR D 1494 -59.22 75.82 53.23
CA THR D 1494 -60.47 76.56 53.09
C THR D 1494 -61.52 75.95 54.00
N ILE D 1495 -62.50 76.78 54.39
CA ILE D 1495 -63.56 76.28 55.27
C ILE D 1495 -64.53 75.41 54.49
N GLN D 1496 -64.89 74.26 55.07
CA GLN D 1496 -65.99 73.42 54.61
C GLN D 1496 -67.05 73.35 55.70
N PRO D 1497 -68.33 73.39 55.34
CA PRO D 1497 -69.38 73.68 56.32
C PRO D 1497 -70.01 72.48 57.03
N VAL D 1498 -69.87 71.28 56.51
CA VAL D 1498 -70.54 70.11 57.08
C VAL D 1498 -69.57 68.95 57.14
N LEU D 1499 -69.72 68.12 58.17
CA LEU D 1499 -68.82 66.98 58.32
C LEU D 1499 -69.56 65.79 58.92
N TRP D 1500 -69.08 64.59 58.62
CA TRP D 1500 -69.55 63.41 59.30
C TRP D 1500 -68.96 63.34 60.70
N SER D 1501 -69.74 62.78 61.63
CA SER D 1501 -69.35 62.69 63.02
C SER D 1501 -69.97 61.43 63.60
N ARG D 1502 -69.20 60.70 64.40
CA ARG D 1502 -69.65 59.42 64.90
C ARG D 1502 -70.61 59.60 66.06
N MET D 1503 -71.75 58.95 65.98
CA MET D 1503 -72.69 58.98 67.08
C MET D 1503 -72.16 58.14 68.22
N PRO D 1504 -72.06 58.68 69.43
CA PRO D 1504 -71.46 57.93 70.54
C PRO D 1504 -72.23 56.65 70.84
N SER D 1505 -71.48 55.63 71.27
CA SER D 1505 -72.10 54.35 71.58
C SER D 1505 -73.06 54.46 72.75
N SER D 1506 -72.68 55.22 73.78
CA SER D 1506 -73.52 55.41 74.95
C SER D 1506 -73.64 56.89 75.25
N PHE D 1507 -74.71 57.24 75.95
CA PHE D 1507 -75.01 58.63 76.29
C PHE D 1507 -75.25 58.74 77.78
N LEU D 1508 -75.05 59.95 78.30
CA LEU D 1508 -75.35 60.21 79.70
C LEU D 1508 -76.83 60.06 79.97
N LYS D 1509 -77.16 59.41 81.09
CA LYS D 1509 -78.54 59.19 81.47
C LYS D 1509 -78.96 60.30 82.43
N VAL D 1510 -79.42 61.40 81.88
CA VAL D 1510 -79.88 62.54 82.66
C VAL D 1510 -81.35 62.37 82.98
N GLU D 1511 -81.75 62.75 84.19
CA GLU D 1511 -83.12 62.60 84.64
C GLU D 1511 -83.64 63.94 85.15
N THR D 1512 -84.73 64.41 84.58
CA THR D 1512 -85.34 65.68 84.94
C THR D 1512 -86.71 65.42 85.55
N GLU D 1513 -87.13 66.32 86.45
CA GLU D 1513 -88.37 66.12 87.17
C GLU D 1513 -88.73 67.38 87.93
N ARG D 1514 -90.02 67.70 88.00
CA ARG D 1514 -90.51 68.83 88.76
C ARG D 1514 -90.73 68.38 90.20
N VAL D 1515 -89.86 68.83 91.10
CA VAL D 1515 -89.94 68.37 92.48
C VAL D 1515 -91.21 68.89 93.15
N SER D 1516 -91.48 70.17 93.03
CA SER D 1516 -92.64 70.78 93.66
C SER D 1516 -92.75 72.22 93.17
N GLU D 1517 -93.70 72.96 93.75
CA GLU D 1517 -93.89 74.36 93.38
C GLU D 1517 -92.92 75.29 94.12
N ARG D 1518 -92.17 74.78 95.09
CA ARG D 1518 -91.17 75.59 95.78
C ARG D 1518 -89.78 74.98 95.72
N HIS D 1519 -89.62 73.79 95.17
CA HIS D 1519 -88.31 73.16 95.03
C HIS D 1519 -87.78 73.23 93.61
N GLY D 1520 -88.48 73.89 92.70
CA GLY D 1520 -87.97 74.04 91.36
C GLY D 1520 -87.90 72.72 90.62
N TRP D 1521 -87.03 72.70 89.62
CA TRP D 1521 -86.88 71.55 88.73
C TRP D 1521 -85.55 70.84 88.99
N ALA D 1522 -85.61 69.52 89.13
CA ALA D 1522 -84.45 68.72 89.50
C ALA D 1522 -83.82 68.10 88.27
N VAL D 1523 -82.48 68.15 88.20
CA VAL D 1523 -81.70 67.46 87.18
C VAL D 1523 -80.60 66.69 87.88
N GLN D 1524 -80.50 65.40 87.61
CA GLN D 1524 -79.49 64.57 88.23
C GLN D 1524 -78.82 63.68 87.20
N CYS D 1525 -77.51 63.49 87.35
CA CYS D 1525 -76.77 62.52 86.55
C CYS D 1525 -75.80 61.81 87.49
N LEU D 1526 -75.89 60.49 87.56
CA LEU D 1526 -75.17 59.74 88.58
C LEU D 1526 -74.22 58.70 88.02
N GLU D 1527 -74.60 58.00 86.96
CA GLU D 1527 -73.76 56.94 86.41
C GLU D 1527 -72.63 57.54 85.58
N PRO D 1528 -71.38 57.24 85.88
CA PRO D 1528 -70.27 57.86 85.14
C PRO D 1528 -70.16 57.34 83.73
N LEU D 1529 -69.62 58.19 82.85
CA LEU D 1529 -69.35 57.85 81.47
C LEU D 1529 -68.07 58.54 81.03
N GLN D 1530 -67.30 57.87 80.18
CA GLN D 1530 -66.05 58.40 79.69
C GLN D 1530 -65.85 58.01 78.24
N MET D 1531 -64.86 58.62 77.60
CA MET D 1531 -64.48 58.23 76.27
C MET D 1531 -63.00 58.55 76.06
N MET D 1532 -62.34 57.74 75.24
CA MET D 1532 -60.94 57.98 74.90
C MET D 1532 -60.89 58.92 73.71
N ALA D 1533 -60.37 60.12 73.92
CA ALA D 1533 -60.27 61.15 72.91
C ALA D 1533 -58.88 61.16 72.30
N LEU D 1534 -58.83 61.36 70.99
CA LEU D 1534 -57.60 61.54 70.24
C LEU D 1534 -57.48 63.02 69.87
N HIS D 1535 -56.37 63.63 70.26
CA HIS D 1535 -56.17 65.07 70.21
C HIS D 1535 -55.12 65.38 69.15
N ILE D 1536 -55.49 66.21 68.19
CA ILE D 1536 -54.58 66.67 67.14
C ILE D 1536 -53.89 67.93 67.66
N PRO D 1537 -52.58 67.90 67.93
CA PRO D 1537 -51.99 68.99 68.73
C PRO D 1537 -52.03 70.36 68.07
N GLU D 1538 -51.71 70.45 66.77
CA GLU D 1538 -51.62 71.77 66.15
C GLU D 1538 -52.99 72.42 66.03
N GLU D 1539 -54.02 71.65 65.71
CA GLU D 1539 -55.36 72.18 65.57
C GLU D 1539 -56.05 72.46 66.90
N ASN D 1540 -55.49 71.95 67.99
CA ASN D 1540 -56.05 72.17 69.33
C ASN D 1540 -57.49 71.68 69.41
N ARG D 1541 -57.76 70.52 68.82
CA ARG D 1541 -59.07 69.90 68.87
C ARG D 1541 -58.91 68.40 68.97
N CYS D 1542 -59.93 67.74 69.50
CA CYS D 1542 -59.92 66.31 69.72
C CYS D 1542 -61.18 65.68 69.16
N VAL D 1543 -61.03 64.50 68.59
CA VAL D 1543 -62.16 63.68 68.18
C VAL D 1543 -62.18 62.43 69.05
N ASP D 1544 -63.16 61.58 68.84
CA ASP D 1544 -63.18 60.29 69.51
C ASP D 1544 -62.16 59.37 68.85
N ILE D 1545 -61.62 58.44 69.64
CA ILE D 1545 -60.68 57.47 69.08
C ILE D 1545 -61.39 56.58 68.08
N LEU D 1546 -62.66 56.25 68.37
CA LEU D 1546 -63.41 55.36 67.49
C LEU D 1546 -63.70 55.99 66.14
N GLU D 1547 -63.60 57.30 66.02
CA GLU D 1547 -63.69 57.93 64.72
C GLU D 1547 -62.55 57.54 63.79
N LEU D 1548 -61.48 56.95 64.33
CA LEU D 1548 -60.43 56.40 63.49
C LEU D 1548 -60.89 55.16 62.75
N CYS D 1549 -62.08 54.65 63.03
CA CYS D 1549 -62.62 53.53 62.26
C CYS D 1549 -62.79 53.89 60.79
N GLU D 1550 -62.91 55.17 60.46
CA GLU D 1550 -63.12 55.60 59.09
C GLU D 1550 -62.07 56.56 58.56
N GLN D 1551 -61.03 56.85 59.33
CA GLN D 1551 -59.95 57.73 58.90
C GLN D 1551 -58.67 56.89 58.82
N GLU D 1552 -58.42 56.31 57.65
CA GLU D 1552 -57.33 55.34 57.52
C GLU D 1552 -55.97 56.00 57.69
N ASP D 1553 -55.83 57.25 57.26
CA ASP D 1553 -54.52 57.92 57.37
C ASP D 1553 -54.12 58.10 58.83
N LEU D 1554 -55.00 58.70 59.63
CA LEU D 1554 -54.71 58.88 61.04
C LEU D 1554 -54.61 57.55 61.75
N MET D 1555 -55.41 56.56 61.34
CA MET D 1555 -55.32 55.25 61.95
C MET D 1555 -53.95 54.63 61.72
N GLN D 1556 -53.45 54.72 60.49
CA GLN D 1556 -52.12 54.17 60.20
C GLN D 1556 -51.04 54.90 60.97
N PHE D 1557 -51.13 56.23 61.02
CA PHE D 1557 -50.11 56.98 61.74
C PHE D 1557 -50.11 56.65 63.23
N HIS D 1558 -51.29 56.52 63.83
CA HIS D 1558 -51.34 56.20 65.25
C HIS D 1558 -50.96 54.76 65.53
N TYR D 1559 -51.27 53.84 64.62
CA TYR D 1559 -50.83 52.47 64.78
C TYR D 1559 -49.30 52.40 64.76
N HIS D 1560 -48.67 53.12 63.85
CA HIS D 1560 -47.21 53.12 63.82
C HIS D 1560 -46.63 53.89 65.01
N THR D 1561 -47.36 54.87 65.54
CA THR D 1561 -46.93 55.50 66.78
C THR D 1561 -46.92 54.51 67.93
N LEU D 1562 -47.94 53.67 68.02
CA LEU D 1562 -47.97 52.65 69.06
C LEU D 1562 -46.86 51.63 68.86
N ARG D 1563 -46.58 51.26 67.60
CA ARG D 1563 -45.44 50.40 67.31
C ARG D 1563 -44.13 51.04 67.77
N LEU D 1564 -43.97 52.33 67.52
CA LEU D 1564 -42.76 53.04 67.94
C LEU D 1564 -42.65 53.08 69.46
N TYR D 1565 -43.76 53.29 70.16
CA TYR D 1565 -43.77 53.22 71.61
C TYR D 1565 -43.27 51.86 72.09
N SER D 1566 -43.80 50.79 71.49
CA SER D 1566 -43.37 49.45 71.88
C SER D 1566 -41.90 49.23 71.56
N ALA D 1567 -41.39 49.86 70.50
CA ALA D 1567 -40.01 49.64 70.10
C ALA D 1567 -39.01 50.35 71.00
N VAL D 1568 -39.30 51.60 71.37
CA VAL D 1568 -38.31 52.36 72.13
C VAL D 1568 -38.09 51.75 73.51
N CYS D 1569 -39.15 51.21 74.12
CA CYS D 1569 -39.04 50.56 75.42
C CYS D 1569 -38.85 49.06 75.29
N ALA D 1570 -38.17 48.61 74.24
CA ALA D 1570 -38.01 47.19 73.96
C ALA D 1570 -36.76 46.64 74.64
N LEU D 1571 -36.84 45.37 75.00
CA LEU D 1571 -35.71 44.66 75.61
C LEU D 1571 -35.23 45.36 76.86
N GLY D 1572 -36.16 45.60 77.79
CA GLY D 1572 -35.84 46.08 79.12
C GLY D 1572 -35.28 47.48 79.22
N ASN D 1573 -35.78 48.41 78.41
CA ASN D 1573 -35.42 49.83 78.55
C ASN D 1573 -36.40 50.45 79.51
N SER D 1574 -36.19 50.17 80.80
CA SER D 1574 -37.16 50.54 81.83
C SER D 1574 -37.34 52.05 81.95
N ARG D 1575 -36.28 52.82 81.67
CA ARG D 1575 -36.41 54.27 81.73
C ARG D 1575 -37.43 54.78 80.72
N VAL D 1576 -37.36 54.28 79.49
CA VAL D 1576 -38.30 54.72 78.46
C VAL D 1576 -39.70 54.19 78.76
N ALA D 1577 -39.81 53.04 79.44
CA ALA D 1577 -41.12 52.57 79.87
C ALA D 1577 -41.73 53.52 80.90
N TYR D 1578 -40.94 53.96 81.87
CA TYR D 1578 -41.43 54.96 82.82
C TYR D 1578 -41.82 56.25 82.12
N ALA D 1579 -41.04 56.65 81.12
CA ALA D 1579 -41.39 57.84 80.35
C ALA D 1579 -42.72 57.65 79.63
N LEU D 1580 -42.92 56.48 79.02
CA LEU D 1580 -44.15 56.21 78.27
C LEU D 1580 -45.36 56.12 79.18
N CYS D 1581 -45.16 55.77 80.44
CA CYS D 1581 -46.29 55.80 81.38
C CYS D 1581 -46.78 57.21 81.63
N GLY D 1582 -46.04 58.23 81.21
CA GLY D 1582 -46.50 59.60 81.21
C GLY D 1582 -47.27 60.01 79.97
N HIS D 1583 -47.45 59.10 79.03
CA HIS D 1583 -48.18 59.35 77.80
C HIS D 1583 -49.40 58.46 77.67
N VAL D 1584 -49.25 57.15 77.82
CA VAL D 1584 -50.35 56.21 77.86
C VAL D 1584 -50.33 55.53 79.23
N ASP D 1585 -51.36 55.76 80.02
CA ASP D 1585 -51.39 55.27 81.39
C ASP D 1585 -52.33 54.08 81.51
N LEU D 1586 -52.48 53.59 82.74
CA LEU D 1586 -53.21 52.36 82.98
C LEU D 1586 -54.69 52.50 82.63
N SER D 1587 -55.29 53.64 82.94
CA SER D 1587 -56.70 53.83 82.63
C SER D 1587 -56.95 53.73 81.14
N GLN D 1588 -56.11 54.39 80.34
CA GLN D 1588 -56.24 54.32 78.89
C GLN D 1588 -56.04 52.90 78.38
N LEU D 1589 -55.04 52.19 78.93
CA LEU D 1589 -54.76 50.83 78.46
C LEU D 1589 -55.90 49.89 78.78
N PHE D 1590 -56.47 49.99 79.98
CA PHE D 1590 -57.60 49.16 80.32
C PHE D 1590 -58.81 49.48 79.45
N TYR D 1591 -59.06 50.77 79.21
CA TYR D 1591 -60.15 51.15 78.31
C TYR D 1591 -59.94 50.58 76.92
N ALA D 1592 -58.72 50.69 76.40
CA ALA D 1592 -58.43 50.22 75.06
C ALA D 1592 -58.58 48.71 74.94
N ILE D 1593 -58.07 47.96 75.92
CA ILE D 1593 -58.17 46.52 75.82
C ILE D 1593 -59.61 46.06 75.97
N ASP D 1594 -60.42 46.76 76.76
CA ASP D 1594 -61.80 46.34 76.95
C ASP D 1594 -62.73 46.80 75.84
N ASN D 1595 -62.38 47.87 75.12
CA ASN D 1595 -63.29 48.45 74.14
C ASN D 1595 -63.45 47.54 72.93
N LYS D 1596 -64.69 47.40 72.45
CA LYS D 1596 -65.02 46.47 71.39
C LYS D 1596 -65.17 47.11 70.02
N TYR D 1597 -65.37 48.42 69.95
CA TYR D 1597 -65.51 49.10 68.67
C TYR D 1597 -64.19 49.62 68.13
N LEU D 1598 -63.08 49.34 68.79
CA LEU D 1598 -61.79 49.85 68.36
C LEU D 1598 -61.33 49.10 67.10
N PRO D 1599 -60.69 49.79 66.16
CA PRO D 1599 -60.16 49.10 64.99
C PRO D 1599 -59.13 48.06 65.38
N GLY D 1600 -59.03 47.01 64.57
CA GLY D 1600 -58.18 45.89 64.92
C GLY D 1600 -56.72 46.26 65.08
N LEU D 1601 -56.22 47.12 64.18
CA LEU D 1601 -54.82 47.52 64.28
C LEU D 1601 -54.55 48.31 65.55
N LEU D 1602 -55.45 49.24 65.91
CA LEU D 1602 -55.28 49.98 67.16
C LEU D 1602 -55.43 49.07 68.37
N ARG D 1603 -56.33 48.10 68.29
CA ARG D 1603 -56.51 47.14 69.36
C ARG D 1603 -55.22 46.35 69.61
N SER D 1604 -54.63 45.84 68.53
CA SER D 1604 -53.36 45.12 68.63
C SER D 1604 -52.25 46.02 69.15
N GLY D 1605 -52.19 47.26 68.67
CA GLY D 1605 -51.17 48.17 69.15
C GLY D 1605 -51.28 48.45 70.62
N PHE D 1606 -52.50 48.61 71.13
CA PHE D 1606 -52.68 48.87 72.55
C PHE D 1606 -52.32 47.65 73.39
N TYR D 1607 -52.72 46.45 72.95
CA TYR D 1607 -52.32 45.25 73.67
C TYR D 1607 -50.80 45.10 73.72
N ASP D 1608 -50.14 45.31 72.58
CA ASP D 1608 -48.69 45.22 72.53
C ASP D 1608 -48.04 46.28 73.40
N LEU D 1609 -48.60 47.49 73.42
CA LEU D 1609 -48.02 48.56 74.24
C LEU D 1609 -48.14 48.24 75.72
N LEU D 1610 -49.27 47.71 76.15
CA LEU D 1610 -49.41 47.29 77.53
C LEU D 1610 -48.40 46.20 77.88
N ILE D 1611 -48.25 45.21 77.01
CA ILE D 1611 -47.32 44.13 77.25
C ILE D 1611 -45.89 44.65 77.32
N SER D 1612 -45.53 45.55 76.42
CA SER D 1612 -44.17 46.07 76.40
C SER D 1612 -43.86 46.90 77.63
N ILE D 1613 -44.74 47.85 77.95
CA ILE D 1613 -44.47 48.76 79.06
C ILE D 1613 -44.46 48.01 80.38
N HIS D 1614 -45.41 47.11 80.60
CA HIS D 1614 -45.63 46.58 81.93
C HIS D 1614 -45.26 45.11 82.11
N LEU D 1615 -45.27 44.31 81.05
CA LEU D 1615 -45.21 42.86 81.20
C LEU D 1615 -44.08 42.18 80.45
N ALA D 1616 -43.49 42.80 79.43
CA ALA D 1616 -42.55 42.09 78.57
C ALA D 1616 -41.27 41.72 79.30
N ASN D 1617 -40.76 42.63 80.14
CA ASN D 1617 -39.48 42.41 80.80
C ASN D 1617 -39.56 41.23 81.77
N ALA D 1618 -40.64 41.13 82.53
CA ALA D 1618 -40.79 40.02 83.47
C ALA D 1618 -40.85 38.69 82.74
N LYS D 1619 -41.60 38.65 81.63
CA LYS D 1619 -41.69 37.42 80.85
C LYS D 1619 -40.34 37.03 80.28
N GLU D 1620 -39.57 38.01 79.80
CA GLU D 1620 -38.25 37.70 79.26
C GLU D 1620 -37.33 37.16 80.33
N ARG D 1621 -37.36 37.75 81.52
CA ARG D 1621 -36.53 37.24 82.61
C ARG D 1621 -36.95 35.83 83.00
N LYS D 1622 -38.25 35.56 83.03
CA LYS D 1622 -38.71 34.21 83.33
C LYS D 1622 -38.27 33.22 82.27
N LEU D 1623 -38.25 33.65 81.00
CA LEU D 1623 -37.87 32.74 79.93
C LEU D 1623 -36.39 32.47 79.90
N MET D 1624 -35.56 33.44 80.29
CA MET D 1624 -34.12 33.19 80.35
C MET D 1624 -33.80 32.09 81.35
N MET D 1625 -34.40 32.15 82.54
CA MET D 1625 -34.15 31.19 83.59
C MET D 1625 -35.26 30.15 83.64
N LYS D 1626 -35.34 29.34 82.58
CA LYS D 1626 -36.39 28.33 82.50
C LYS D 1626 -35.89 26.93 82.20
N ASN D 1627 -34.69 26.75 81.68
CA ASN D 1627 -34.19 25.43 81.36
C ASN D 1627 -33.36 24.83 82.49
N GLU D 1628 -33.27 25.49 83.63
CA GLU D 1628 -32.53 25.01 84.78
C GLU D 1628 -33.47 24.88 85.97
N TYR D 1629 -33.26 23.85 86.78
CA TYR D 1629 -34.13 23.55 87.91
C TYR D 1629 -33.30 23.50 89.18
N ILE D 1630 -33.29 24.60 89.93
CA ILE D 1630 -32.57 24.70 91.20
C ILE D 1630 -33.58 24.51 92.32
N ILE D 1631 -33.51 23.38 93.00
CA ILE D 1631 -34.51 22.98 93.97
C ILE D 1631 -33.87 22.98 95.36
N PRO D 1632 -34.33 23.82 96.28
CA PRO D 1632 -33.92 23.66 97.67
C PRO D 1632 -34.53 22.40 98.28
N ILE D 1633 -33.83 21.83 99.25
CA ILE D 1633 -34.23 20.57 99.88
C ILE D 1633 -34.88 20.91 101.21
N THR D 1634 -36.19 20.68 101.31
CA THR D 1634 -36.93 20.90 102.54
C THR D 1634 -38.09 19.91 102.57
N SER D 1635 -38.98 20.08 103.56
CA SER D 1635 -40.17 19.24 103.62
C SER D 1635 -41.11 19.51 102.45
N ALA D 1636 -41.23 20.79 102.07
CA ALA D 1636 -42.05 21.13 100.91
C ALA D 1636 -41.55 20.42 99.65
N THR D 1637 -40.24 20.24 99.54
CA THR D 1637 -39.69 19.46 98.43
C THR D 1637 -40.17 18.01 98.50
N ARG D 1638 -40.19 17.44 99.71
CA ARG D 1638 -40.59 16.04 99.85
C ARG D 1638 -42.07 15.85 99.60
N LYS D 1639 -42.88 16.89 99.77
CA LYS D 1639 -44.32 16.72 99.65
C LYS D 1639 -44.79 16.50 98.21
N ILE D 1640 -43.95 16.80 97.21
CA ILE D 1640 -44.38 16.69 95.82
C ILE D 1640 -44.59 15.23 95.45
N ARG D 1641 -45.67 14.95 94.73
CA ARG D 1641 -45.98 13.61 94.28
C ARG D 1641 -46.21 13.60 92.78
N LEU D 1642 -45.97 12.44 92.17
CA LEU D 1642 -46.16 12.31 90.72
C LEU D 1642 -47.64 12.40 90.36
N TYR D 1643 -48.51 11.82 91.17
CA TYR D 1643 -49.94 11.84 90.92
C TYR D 1643 -50.67 12.48 92.09
N PRO D 1644 -51.84 13.09 91.84
CA PRO D 1644 -52.56 13.77 92.91
C PRO D 1644 -53.39 12.85 93.80
N ASP D 1645 -53.46 11.56 93.51
CA ASP D 1645 -54.27 10.64 94.31
C ASP D 1645 -53.88 9.21 93.97
N GLU D 1646 -54.62 8.27 94.53
CA GLU D 1646 -54.36 6.85 94.32
C GLU D 1646 -54.98 6.32 93.03
N SER D 1647 -55.89 7.06 92.41
CA SER D 1647 -56.49 6.61 91.16
C SER D 1647 -55.48 6.59 90.02
N LYS D 1648 -54.39 7.34 90.13
CA LYS D 1648 -53.37 7.44 89.10
C LYS D 1648 -53.98 7.96 87.79
N ARG D 1649 -54.58 9.15 87.88
CA ARG D 1649 -55.08 9.88 86.74
C ARG D 1649 -54.38 11.22 86.69
N HIS D 1650 -53.97 11.63 85.48
CA HIS D 1650 -53.19 12.86 85.32
C HIS D 1650 -53.95 14.06 85.87
N GLY D 1651 -53.22 14.92 86.58
CA GLY D 1651 -53.80 16.18 87.00
C GLY D 1651 -53.71 17.23 85.92
N LEU D 1652 -54.27 18.39 86.21
CA LEU D 1652 -54.25 19.48 85.25
C LEU D 1652 -52.83 20.03 85.14
N PRO D 1653 -52.28 20.18 83.94
CA PRO D 1653 -50.94 20.75 83.81
C PRO D 1653 -50.90 22.19 84.31
N GLY D 1654 -49.81 22.54 84.98
CA GLY D 1654 -49.64 23.87 85.52
C GLY D 1654 -50.24 24.10 86.89
N VAL D 1655 -50.96 23.11 87.43
CA VAL D 1655 -51.62 23.24 88.73
C VAL D 1655 -50.85 22.41 89.74
N GLY D 1656 -50.57 23.00 90.90
CA GLY D 1656 -49.90 22.31 91.97
C GLY D 1656 -48.93 23.22 92.68
N LEU D 1657 -48.01 22.61 93.42
CA LEU D 1657 -46.99 23.34 94.15
C LEU D 1657 -45.67 23.26 93.39
N ARG D 1658 -44.99 24.38 93.27
CA ARG D 1658 -43.72 24.47 92.55
C ARG D 1658 -42.60 24.63 93.56
N THR D 1659 -41.63 23.72 93.53
CA THR D 1659 -40.52 23.73 94.47
C THR D 1659 -39.24 24.28 93.86
N CYS D 1660 -39.20 24.49 92.54
CA CYS D 1660 -38.02 25.06 91.93
C CYS D 1660 -37.84 26.52 92.37
N LEU D 1661 -36.60 26.98 92.33
CA LEU D 1661 -36.26 28.31 92.77
C LEU D 1661 -36.37 29.26 91.58
N LYS D 1662 -37.22 30.27 91.72
CA LYS D 1662 -37.46 31.26 90.66
C LYS D 1662 -37.36 32.65 91.27
N PRO D 1663 -36.36 33.46 90.90
CA PRO D 1663 -36.25 34.81 91.47
C PRO D 1663 -37.46 35.67 91.10
N GLY D 1664 -37.84 36.52 92.04
CA GLY D 1664 -38.97 37.41 91.82
C GLY D 1664 -38.57 38.66 91.06
N PHE D 1665 -39.60 39.38 90.60
CA PHE D 1665 -39.43 40.59 89.81
C PHE D 1665 -39.91 41.79 90.62
N ARG D 1666 -39.25 42.92 90.42
CA ARG D 1666 -39.53 44.14 91.17
C ARG D 1666 -40.20 45.17 90.26
N PHE D 1667 -41.34 45.67 90.70
CA PHE D 1667 -42.07 46.71 90.00
C PHE D 1667 -42.11 47.97 90.86
N SER D 1668 -42.18 49.13 90.22
CA SER D 1668 -42.30 50.39 90.93
C SER D 1668 -43.31 51.28 90.22
N THR D 1669 -44.09 52.02 91.01
CA THR D 1669 -45.13 52.86 90.43
C THR D 1669 -44.52 54.07 89.74
N PRO D 1670 -44.97 54.42 88.55
CA PRO D 1670 -44.40 55.53 87.76
C PRO D 1670 -44.84 56.91 88.25
N CYS D 1671 -44.12 57.42 89.25
CA CYS D 1671 -44.39 58.74 89.82
C CYS D 1671 -43.35 59.73 89.33
N PHE D 1672 -43.80 60.86 88.82
CA PHE D 1672 -42.91 61.87 88.24
C PHE D 1672 -42.70 63.07 89.17
N VAL D 1673 -43.08 62.94 90.44
CA VAL D 1673 -42.82 63.97 91.43
C VAL D 1673 -41.59 63.57 92.25
N VAL D 1674 -41.32 62.27 92.30
CA VAL D 1674 -40.17 61.77 93.03
C VAL D 1674 -38.89 62.11 92.29
N THR D 1675 -37.92 62.65 93.02
CA THR D 1675 -36.63 63.03 92.46
C THR D 1675 -35.61 61.92 92.71
N GLY D 1676 -34.90 61.54 91.66
CA GLY D 1676 -33.93 60.46 91.73
C GLY D 1676 -34.44 59.20 91.06
N GLU D 1677 -33.49 58.34 90.68
CA GLU D 1677 -33.81 57.08 90.03
C GLU D 1677 -33.95 55.92 91.01
N GLU D 1678 -33.68 56.15 92.30
CA GLU D 1678 -33.80 55.08 93.27
C GLU D 1678 -35.23 54.56 93.35
N HIS D 1679 -36.21 55.45 93.19
CA HIS D 1679 -37.61 55.03 93.22
C HIS D 1679 -37.91 54.06 92.07
N GLN D 1680 -37.37 54.34 90.89
CA GLN D 1680 -37.60 53.48 89.74
C GLN D 1680 -36.93 52.13 89.93
N LYS D 1681 -37.68 51.05 89.64
CA LYS D 1681 -37.18 49.68 89.82
C LYS D 1681 -37.75 48.81 88.72
N GLN D 1682 -36.98 48.61 87.66
CA GLN D 1682 -37.36 47.72 86.56
C GLN D 1682 -38.64 48.27 85.92
N SER D 1683 -39.58 47.43 85.52
CA SER D 1683 -40.74 47.89 84.79
C SER D 1683 -41.74 48.59 85.70
N PRO D 1684 -42.59 49.45 85.14
CA PRO D 1684 -43.61 50.12 85.95
C PRO D 1684 -44.62 49.14 86.50
N GLU D 1685 -45.17 49.47 87.66
CA GLU D 1685 -46.09 48.60 88.35
C GLU D 1685 -47.46 48.60 87.68
N ILE D 1686 -48.09 47.43 87.66
CA ILE D 1686 -49.47 47.28 87.20
C ILE D 1686 -50.19 46.45 88.24
N PRO D 1687 -51.51 46.62 88.42
CA PRO D 1687 -52.22 45.86 89.48
C PRO D 1687 -52.02 44.36 89.44
N LEU D 1688 -52.19 43.73 88.29
CA LEU D 1688 -51.95 42.29 88.10
C LEU D 1688 -53.03 41.44 88.75
N GLU D 1689 -53.93 42.04 89.53
CA GLU D 1689 -55.10 41.35 90.03
C GLU D 1689 -56.35 41.76 89.28
N ILE D 1690 -56.46 43.03 88.93
CA ILE D 1690 -57.49 43.47 88.00
C ILE D 1690 -57.18 42.97 86.59
N LEU D 1691 -55.92 43.00 86.21
CA LEU D 1691 -55.54 42.68 84.82
C LEU D 1691 -55.83 41.23 84.48
N LYS D 1692 -55.47 40.30 85.38
CA LYS D 1692 -55.64 38.89 85.07
C LYS D 1692 -57.12 38.50 85.09
N THR D 1693 -57.88 39.07 86.02
CA THR D 1693 -59.33 38.83 86.03
C THR D 1693 -59.97 39.36 84.75
N LYS D 1694 -59.59 40.56 84.33
CA LYS D 1694 -60.13 41.11 83.09
C LYS D 1694 -59.72 40.27 81.89
N ALA D 1695 -58.49 39.76 81.89
CA ALA D 1695 -58.05 38.91 80.79
C ALA D 1695 -58.87 37.63 80.71
N LEU D 1696 -59.10 36.99 81.85
CA LEU D 1696 -59.92 35.77 81.84
C LEU D 1696 -61.34 36.07 81.39
N SER D 1697 -61.91 37.19 81.84
CA SER D 1697 -63.26 37.55 81.42
C SER D 1697 -63.32 37.80 79.92
N MET D 1698 -62.34 38.52 79.38
CA MET D 1698 -62.32 38.80 77.95
C MET D 1698 -62.19 37.52 77.14
N LEU D 1699 -61.33 36.60 77.59
CA LEU D 1699 -61.20 35.34 76.87
C LEU D 1699 -62.49 34.53 76.92
N THR D 1700 -63.15 34.49 78.09
CA THR D 1700 -64.42 33.77 78.19
C THR D 1700 -65.46 34.34 77.24
N GLU D 1701 -65.60 35.67 77.23
CA GLU D 1701 -66.62 36.27 76.38
C GLU D 1701 -66.26 36.12 74.90
N ALA D 1702 -64.98 36.17 74.57
CA ALA D 1702 -64.56 35.94 73.19
C ALA D 1702 -64.92 34.54 72.74
N VAL D 1703 -64.67 33.54 73.59
CA VAL D 1703 -64.98 32.17 73.22
C VAL D 1703 -66.48 31.96 73.10
N GLN D 1704 -67.27 32.62 73.97
CA GLN D 1704 -68.71 32.45 73.90
C GLN D 1704 -69.35 33.12 72.70
N HIS D 1705 -68.60 33.95 71.96
CA HIS D 1705 -69.06 34.56 70.72
C HIS D 1705 -68.17 34.17 69.56
N SER D 1706 -67.78 32.90 69.51
CA SER D 1706 -66.83 32.42 68.51
C SER D 1706 -67.50 31.66 67.37
N GLY D 1707 -68.81 31.78 67.23
CA GLY D 1707 -69.49 31.11 66.13
C GLY D 1707 -68.97 31.57 64.79
N ALA D 1708 -69.03 30.67 63.81
CA ALA D 1708 -68.60 31.02 62.47
C ALA D 1708 -69.59 31.93 61.76
N HIS D 1709 -70.84 31.97 62.23
CA HIS D 1709 -71.87 32.79 61.61
C HIS D 1709 -71.87 34.23 62.09
N ILE D 1710 -71.15 34.54 63.15
CA ILE D 1710 -71.14 35.91 63.66
C ILE D 1710 -70.52 36.84 62.64
N ARG D 1711 -71.10 38.02 62.50
CA ARG D 1711 -70.72 38.95 61.45
C ARG D 1711 -70.06 40.22 61.94
N ASP D 1712 -69.88 40.38 63.25
CA ASP D 1712 -69.15 41.52 63.81
C ASP D 1712 -68.15 41.05 64.85
N PRO D 1713 -67.13 40.29 64.44
CA PRO D 1713 -66.08 39.91 65.39
C PRO D 1713 -65.38 41.14 65.91
N VAL D 1714 -64.98 41.10 67.18
CA VAL D 1714 -64.33 42.25 67.79
C VAL D 1714 -63.03 42.53 67.06
N GLY D 1715 -62.86 43.79 66.65
CA GLY D 1715 -61.68 44.20 65.94
C GLY D 1715 -61.75 44.05 64.43
N GLY D 1716 -62.81 43.45 63.90
CA GLY D 1716 -62.96 43.29 62.47
C GLY D 1716 -62.66 41.89 61.95
N SER D 1717 -62.07 41.03 62.76
CA SER D 1717 -61.76 39.68 62.32
C SER D 1717 -61.59 38.79 63.54
N VAL D 1718 -61.57 37.48 63.30
CA VAL D 1718 -61.29 36.54 64.37
C VAL D 1718 -59.85 36.67 64.83
N GLU D 1719 -58.93 36.97 63.91
CA GLU D 1719 -57.55 37.21 64.29
C GLU D 1719 -57.45 38.40 65.25
N PHE D 1720 -58.02 39.54 64.88
CA PHE D 1720 -57.97 40.72 65.72
C PHE D 1720 -58.77 40.55 67.00
N GLN D 1721 -59.63 39.55 67.07
CA GLN D 1721 -60.36 39.29 68.30
C GLN D 1721 -59.60 38.40 69.26
N PHE D 1722 -58.90 37.38 68.75
CA PHE D 1722 -58.30 36.36 69.60
C PHE D 1722 -56.82 36.55 69.84
N VAL D 1723 -56.05 36.96 68.83
CA VAL D 1723 -54.60 37.04 68.98
C VAL D 1723 -54.18 37.96 70.11
N PRO D 1724 -54.73 39.17 70.26
CA PRO D 1724 -54.33 40.02 71.39
C PRO D 1724 -54.62 39.40 72.74
N VAL D 1725 -55.81 38.82 72.93
CA VAL D 1725 -56.16 38.23 74.22
C VAL D 1725 -55.27 37.03 74.49
N LEU D 1726 -55.00 36.22 73.46
CA LEU D 1726 -54.14 35.06 73.66
C LEU D 1726 -52.72 35.46 73.99
N LYS D 1727 -52.21 36.53 73.37
CA LYS D 1727 -50.88 37.01 73.72
C LYS D 1727 -50.84 37.48 75.17
N LEU D 1728 -51.86 38.20 75.61
CA LEU D 1728 -51.90 38.64 77.01
C LEU D 1728 -51.98 37.45 77.96
N ILE D 1729 -52.79 36.44 77.62
CA ILE D 1729 -52.93 35.27 78.48
C ILE D 1729 -51.61 34.51 78.56
N GLY D 1730 -50.93 34.33 77.43
CA GLY D 1730 -49.64 33.66 77.45
C GLY D 1730 -48.60 34.42 78.24
N THR D 1731 -48.58 35.74 78.10
CA THR D 1731 -47.66 36.56 78.87
C THR D 1731 -47.91 36.43 80.36
N LEU D 1732 -49.17 36.44 80.77
CA LEU D 1732 -49.48 36.33 82.19
C LEU D 1732 -49.23 34.91 82.70
N LEU D 1733 -49.38 33.90 81.85
CA LEU D 1733 -49.07 32.54 82.26
C LEU D 1733 -47.58 32.37 82.50
N VAL D 1734 -46.75 32.80 81.56
CA VAL D 1734 -45.31 32.64 81.70
C VAL D 1734 -44.79 33.41 82.91
N MET D 1735 -45.39 34.57 83.21
CA MET D 1735 -45.02 35.33 84.39
C MET D 1735 -45.46 34.66 85.68
N GLY D 1736 -46.26 33.61 85.60
CA GLY D 1736 -46.73 32.94 86.81
C GLY D 1736 -47.67 33.76 87.65
N VAL D 1737 -48.63 34.44 87.03
CA VAL D 1737 -49.59 35.25 87.76
C VAL D 1737 -50.85 34.46 88.10
N PHE D 1738 -51.31 33.62 87.18
CA PHE D 1738 -52.54 32.88 87.39
C PHE D 1738 -52.37 31.81 88.46
N ASP D 1739 -53.34 31.71 89.35
CA ASP D 1739 -53.34 30.65 90.35
C ASP D 1739 -54.05 29.41 89.78
N ASP D 1740 -54.33 28.44 90.64
CA ASP D 1740 -54.84 27.16 90.17
C ASP D 1740 -56.22 27.29 89.54
N ASP D 1741 -57.09 28.11 90.12
CA ASP D 1741 -58.44 28.24 89.58
C ASP D 1741 -58.43 28.95 88.23
N ASP D 1742 -57.58 29.97 88.08
CA ASP D 1742 -57.47 30.64 86.78
C ASP D 1742 -56.95 29.69 85.72
N ILE D 1743 -55.96 28.86 86.07
CA ILE D 1743 -55.44 27.89 85.12
C ILE D 1743 -56.51 26.86 84.77
N ARG D 1744 -57.33 26.49 85.75
CA ARG D 1744 -58.42 25.56 85.49
C ARG D 1744 -59.43 26.16 84.52
N GLN D 1745 -59.77 27.43 84.70
CA GLN D 1745 -60.68 28.10 83.77
C GLN D 1745 -60.09 28.17 82.38
N ILE D 1746 -58.81 28.50 82.27
CA ILE D 1746 -58.16 28.58 80.96
C ILE D 1746 -58.18 27.22 80.28
N LEU D 1747 -57.87 26.16 81.04
CA LEU D 1747 -57.86 24.82 80.47
C LEU D 1747 -59.26 24.41 80.01
N LEU D 1748 -60.29 24.74 80.78
CA LEU D 1748 -61.64 24.46 80.34
C LEU D 1748 -62.01 25.22 79.08
N LEU D 1749 -61.51 26.45 78.93
CA LEU D 1749 -61.73 27.18 77.68
C LEU D 1749 -60.95 26.55 76.52
N ILE D 1750 -59.83 25.90 76.81
CA ILE D 1750 -59.04 25.26 75.75
C ILE D 1750 -59.71 23.98 75.29
N ASP D 1751 -59.94 23.05 76.21
CA ASP D 1751 -60.63 21.80 75.88
C ASP D 1751 -61.37 21.29 77.10
N PRO D 1752 -62.70 21.43 77.15
CA PRO D 1752 -63.43 21.11 78.39
C PRO D 1752 -63.47 19.63 78.72
N SER D 1753 -63.51 18.75 77.72
CA SER D 1753 -63.67 17.32 78.00
C SER D 1753 -62.40 16.72 78.57
N VAL D 1754 -61.24 17.06 78.00
CA VAL D 1754 -59.99 16.46 78.44
C VAL D 1754 -59.66 16.90 79.86
N PHE D 1755 -59.89 18.17 80.17
CA PHE D 1755 -59.49 18.74 81.46
C PHE D 1755 -60.66 18.88 82.43
N GLY D 1756 -61.77 18.21 82.15
CA GLY D 1756 -62.91 18.26 83.05
C GLY D 1756 -62.64 17.51 84.35
N GLU D 1757 -63.50 17.77 85.32
CA GLU D 1757 -63.38 17.14 86.63
C GLU D 1757 -63.65 15.64 86.54
N VAL D 1791 -68.18 25.10 76.08
CA VAL D 1791 -68.53 25.03 74.66
C VAL D 1791 -67.75 23.90 73.99
N LYS D 1792 -67.44 24.09 72.71
CA LYS D 1792 -66.66 23.11 71.98
C LYS D 1792 -65.17 23.20 72.33
N GLY D 1793 -64.67 24.39 72.60
CA GLY D 1793 -63.28 24.61 72.89
C GLY D 1793 -62.56 25.29 71.74
N LEU D 1794 -61.49 26.00 72.07
CA LEU D 1794 -60.73 26.72 71.05
C LEU D 1794 -60.08 25.76 70.06
N LEU D 1795 -59.54 24.64 70.56
CA LEU D 1795 -58.81 23.74 69.68
C LEU D 1795 -59.72 23.15 68.61
N GLN D 1796 -60.95 22.79 68.98
CA GLN D 1796 -61.88 22.20 68.03
C GLN D 1796 -62.54 23.23 67.12
N THR D 1797 -62.31 24.52 67.36
CA THR D 1797 -62.89 25.57 66.54
C THR D 1797 -62.00 25.86 65.34
N ARG D 1798 -62.62 26.18 64.21
CA ARG D 1798 -61.87 26.59 63.03
C ARG D 1798 -61.26 27.97 63.28
N LEU D 1799 -59.94 28.05 63.27
CA LEU D 1799 -59.23 29.26 63.61
C LEU D 1799 -58.25 29.63 62.50
N PRO D 1800 -57.94 30.90 62.35
CA PRO D 1800 -56.86 31.29 61.45
C PRO D 1800 -55.53 30.78 61.98
N GLU D 1801 -54.48 31.00 61.18
CA GLU D 1801 -53.16 30.50 61.55
C GLU D 1801 -52.50 31.31 62.66
N SER D 1802 -52.86 32.57 62.82
CA SER D 1802 -52.33 33.36 63.93
C SER D 1802 -52.83 32.82 65.26
N VAL D 1803 -54.14 32.55 65.34
CA VAL D 1803 -54.69 31.94 66.55
C VAL D 1803 -54.07 30.58 66.77
N LYS D 1804 -53.74 29.87 65.69
CA LYS D 1804 -53.06 28.58 65.84
C LYS D 1804 -51.67 28.75 66.44
N LEU D 1805 -50.94 29.78 66.02
CA LEU D 1805 -49.64 30.04 66.64
C LEU D 1805 -49.79 30.31 68.13
N GLN D 1806 -50.78 31.11 68.50
CA GLN D 1806 -50.98 31.40 69.92
C GLN D 1806 -51.33 30.13 70.70
N MET D 1807 -52.20 29.30 70.13
CA MET D 1807 -52.57 28.05 70.80
C MET D 1807 -51.36 27.13 70.95
N CYS D 1808 -50.51 27.07 69.92
CA CYS D 1808 -49.30 26.26 70.01
C CYS D 1808 -48.39 26.76 71.13
N GLU D 1809 -48.26 28.07 71.27
CA GLU D 1809 -47.42 28.61 72.34
C GLU D 1809 -47.99 28.25 73.72
N LEU D 1810 -49.30 28.37 73.89
CA LEU D 1810 -49.90 27.97 75.16
C LEU D 1810 -49.68 26.50 75.45
N LEU D 1811 -49.83 25.65 74.44
CA LEU D 1811 -49.60 24.22 74.63
C LEU D 1811 -48.16 23.93 74.99
N SER D 1812 -47.22 24.67 74.40
CA SER D 1812 -45.82 24.51 74.77
C SER D 1812 -45.59 24.85 76.23
N TYR D 1813 -46.24 25.92 76.72
CA TYR D 1813 -46.12 26.23 78.14
C TYR D 1813 -46.66 25.12 79.01
N LEU D 1814 -47.80 24.54 78.63
CA LEU D 1814 -48.36 23.46 79.42
C LEU D 1814 -47.43 22.25 79.46
N CYS D 1815 -46.81 21.92 78.32
CA CYS D 1815 -45.84 20.83 78.29
C CYS D 1815 -44.66 21.14 79.21
N ASP D 1816 -44.18 22.38 79.21
CA ASP D 1816 -43.10 22.76 80.12
C ASP D 1816 -43.51 22.57 81.57
N CYS D 1817 -44.75 22.92 81.90
CA CYS D 1817 -45.23 22.72 83.26
C CYS D 1817 -45.23 21.25 83.65
N GLU D 1818 -45.68 20.38 82.74
CA GLU D 1818 -45.65 18.94 83.02
C GLU D 1818 -44.23 18.45 83.25
N LEU D 1819 -43.28 18.91 82.42
CA LEU D 1819 -41.90 18.48 82.58
C LEU D 1819 -41.33 18.92 83.93
N GLN D 1820 -41.61 20.16 84.33
CA GLN D 1820 -41.11 20.64 85.62
C GLN D 1820 -41.72 19.83 86.76
N HIS D 1821 -43.00 19.48 86.63
CA HIS D 1821 -43.64 18.64 87.65
C HIS D 1821 -42.95 17.30 87.75
N ARG D 1822 -42.62 16.68 86.62
CA ARG D 1822 -41.93 15.40 86.64
C ARG D 1822 -40.57 15.51 87.32
N VAL D 1823 -39.83 16.57 87.01
CA VAL D 1823 -38.51 16.75 87.62
C VAL D 1823 -38.63 16.90 89.13
N GLU D 1824 -39.58 17.70 89.59
CA GLU D 1824 -39.75 17.89 91.03
C GLU D 1824 -40.17 16.60 91.72
N ALA D 1825 -41.06 15.82 91.10
CA ALA D 1825 -41.46 14.55 91.67
C ALA D 1825 -40.26 13.60 91.79
N ILE D 1826 -39.43 13.54 90.74
CA ILE D 1826 -38.23 12.72 90.79
C ILE D 1826 -37.34 13.16 91.94
N VAL D 1827 -37.17 14.47 92.13
CA VAL D 1827 -36.28 14.95 93.16
C VAL D 1827 -36.79 14.60 94.55
N ALA D 1828 -38.11 14.74 94.77
CA ALA D 1828 -38.67 14.39 96.08
C ALA D 1828 -38.50 12.90 96.36
N PHE D 1829 -38.82 12.06 95.38
CA PHE D 1829 -38.63 10.62 95.57
C PHE D 1829 -37.18 10.30 95.85
N GLY D 1830 -36.26 10.96 95.14
CA GLY D 1830 -34.85 10.73 95.38
C GLY D 1830 -34.43 11.12 96.78
N ASP D 1831 -34.98 12.21 97.30
CA ASP D 1831 -34.65 12.62 98.66
C ASP D 1831 -35.07 11.56 99.66
N ILE D 1832 -36.31 11.09 99.57
CA ILE D 1832 -36.76 10.08 100.54
C ILE D 1832 -35.98 8.78 100.37
N TYR D 1833 -35.72 8.38 99.13
CA TYR D 1833 -35.00 7.14 98.89
C TYR D 1833 -33.57 7.20 99.40
N VAL D 1834 -32.88 8.34 99.21
CA VAL D 1834 -31.52 8.46 99.71
C VAL D 1834 -31.50 8.48 101.22
N SER D 1835 -32.52 9.08 101.86
CA SER D 1835 -32.58 8.98 103.31
C SER D 1835 -32.69 7.53 103.77
N LYS D 1836 -33.56 6.76 103.11
CA LYS D 1836 -33.70 5.35 103.46
C LYS D 1836 -32.39 4.60 103.24
N LEU D 1837 -31.71 4.86 102.11
CA LEU D 1837 -30.46 4.18 101.82
C LEU D 1837 -29.39 4.54 102.83
N GLN D 1838 -29.36 5.80 103.28
CA GLN D 1838 -28.40 6.19 104.31
C GLN D 1838 -28.66 5.42 105.59
N ALA D 1839 -29.92 5.33 106.01
CA ALA D 1839 -30.23 4.58 107.22
C ALA D 1839 -29.82 3.12 107.09
N ASN D 1840 -30.10 2.51 105.93
CA ASN D 1840 -29.77 1.10 105.76
C ASN D 1840 -28.26 0.88 105.67
N GLN D 1841 -27.53 1.81 105.07
CA GLN D 1841 -26.08 1.65 105.04
C GLN D 1841 -25.49 1.79 106.43
N LYS D 1842 -26.05 2.69 107.26
CA LYS D 1842 -25.61 2.77 108.64
C LYS D 1842 -25.88 1.46 109.37
N SER D 1843 -27.06 0.89 109.19
CA SER D 1843 -27.37 -0.39 109.83
C SER D 1843 -26.44 -1.49 109.35
N ARG D 1844 -26.17 -1.55 108.04
CA ARG D 1844 -25.29 -2.58 107.50
C ARG D 1844 -23.87 -2.42 108.03
N TYR D 1845 -23.39 -1.18 108.14
CA TYR D 1845 -22.06 -0.96 108.71
C TYR D 1845 -22.00 -1.40 110.16
N ASN D 1846 -23.05 -1.07 110.94
CA ASN D 1846 -23.06 -1.50 112.33
C ASN D 1846 -23.07 -3.02 112.44
N GLU D 1847 -23.83 -3.69 111.57
CA GLU D 1847 -23.82 -5.16 111.56
C GLU D 1847 -22.44 -5.69 111.20
N LEU D 1848 -21.79 -5.08 110.21
CA LEU D 1848 -20.46 -5.53 109.80
C LEU D 1848 -19.45 -5.38 110.92
N MET D 1849 -19.52 -4.27 111.67
CA MET D 1849 -18.63 -4.10 112.82
C MET D 1849 -18.86 -5.20 113.85
N GLN D 1850 -20.13 -5.51 114.13
CA GLN D 1850 -20.47 -6.58 115.07
C GLN D 1850 -20.77 -7.85 114.28
N ALA D 1851 -19.71 -8.40 113.68
CA ALA D 1851 -19.80 -9.61 112.86
C ALA D 1851 -18.89 -10.66 113.47
N LEU D 1852 -19.49 -11.72 114.01
CA LEU D 1852 -18.69 -12.80 114.60
C LEU D 1852 -17.95 -13.60 113.53
N ASN D 1853 -18.65 -13.98 112.46
CA ASN D 1853 -18.05 -14.75 111.38
C ASN D 1853 -17.44 -13.80 110.35
N MET D 1854 -16.36 -13.14 110.77
CA MET D 1854 -15.69 -12.13 109.95
C MET D 1854 -14.64 -12.81 109.09
N SER D 1855 -15.06 -13.26 107.91
CA SER D 1855 -14.11 -13.80 106.94
C SER D 1855 -13.18 -12.71 106.44
N ALA D 1856 -11.92 -13.06 106.20
CA ALA D 1856 -10.95 -12.08 105.73
C ALA D 1856 -11.36 -11.51 104.38
N ALA D 1857 -11.73 -12.37 103.44
CA ALA D 1857 -12.15 -11.90 102.12
C ALA D 1857 -13.44 -11.09 102.20
N LEU D 1858 -14.43 -11.59 102.95
CA LEU D 1858 -15.69 -10.87 103.08
C LEU D 1858 -15.48 -9.54 103.81
N THR D 1859 -14.66 -9.55 104.86
CA THR D 1859 -14.39 -8.30 105.58
C THR D 1859 -13.69 -7.29 104.68
N ALA D 1860 -12.72 -7.75 103.88
CA ALA D 1860 -12.04 -6.85 102.96
C ALA D 1860 -13.00 -6.29 101.91
N ARG D 1861 -13.87 -7.14 101.38
CA ARG D 1861 -14.84 -6.67 100.39
C ARG D 1861 -15.80 -5.65 101.00
N LYS D 1862 -16.27 -5.89 102.22
CA LYS D 1862 -17.16 -4.94 102.87
C LYS D 1862 -16.46 -3.62 103.15
N THR D 1863 -15.20 -3.69 103.61
CA THR D 1863 -14.44 -2.47 103.86
C THR D 1863 -14.23 -1.68 102.59
N ARG D 1864 -13.93 -2.37 101.48
CA ARG D 1864 -13.79 -1.69 100.20
C ARG D 1864 -15.10 -1.04 99.77
N GLU D 1865 -16.22 -1.74 99.94
CA GLU D 1865 -17.51 -1.20 99.54
C GLU D 1865 -17.86 0.04 100.35
N PHE D 1866 -17.67 -0.02 101.66
CA PHE D 1866 -17.98 1.12 102.51
C PHE D 1866 -16.94 2.23 102.39
N ARG D 1867 -15.69 1.89 102.09
CA ARG D 1867 -14.64 2.88 101.92
C ARG D 1867 -14.44 3.18 100.43
N SER D 1868 -15.47 3.78 99.86
CA SER D 1868 -15.49 4.12 98.44
C SER D 1868 -16.02 5.54 98.29
N PRO D 1869 -15.74 6.19 97.18
CA PRO D 1869 -16.27 7.53 96.97
C PRO D 1869 -17.78 7.54 97.01
N PRO D 1870 -18.39 8.61 97.50
CA PRO D 1870 -19.86 8.64 97.65
C PRO D 1870 -20.60 8.36 96.35
N GLN D 1871 -20.11 8.87 95.23
CA GLN D 1871 -20.75 8.55 93.95
C GLN D 1871 -20.67 7.07 93.66
N GLU D 1872 -19.53 6.45 93.95
CA GLU D 1872 -19.40 5.00 93.76
C GLU D 1872 -20.35 4.25 94.68
N GLN D 1873 -20.51 4.72 95.91
CA GLN D 1873 -21.46 4.08 96.83
C GLN D 1873 -22.89 4.17 96.28
N ILE D 1874 -23.27 5.34 95.76
CA ILE D 1874 -24.61 5.48 95.19
C ILE D 1874 -24.78 4.57 93.99
N ASN D 1875 -23.76 4.50 93.12
CA ASN D 1875 -23.84 3.62 91.96
C ASN D 1875 -24.01 2.18 92.39
N MET D 1876 -23.26 1.75 93.40
CA MET D 1876 -23.39 0.38 93.89
C MET D 1876 -24.77 0.13 94.47
N LEU D 1877 -25.30 1.07 95.23
CA LEU D 1877 -26.61 0.89 95.84
C LEU D 1877 -27.71 0.81 94.79
N LEU D 1878 -27.63 1.64 93.75
CA LEU D 1878 -28.75 1.75 92.81
C LEU D 1878 -28.69 0.75 91.65
N ASN D 1879 -27.54 0.13 91.40
CA ASN D 1879 -27.46 -0.89 90.35
C ASN D 1879 -28.16 -2.15 90.84
N PHE D 1880 -29.39 -2.35 90.39
CA PHE D 1880 -30.19 -3.49 90.81
C PHE D 1880 -30.00 -4.72 89.94
N GLN D 1881 -29.23 -4.61 88.85
CA GLN D 1881 -28.95 -5.76 88.00
C GLN D 1881 -27.78 -6.58 88.49
N LEU D 1882 -27.10 -6.15 89.55
CA LEU D 1882 -25.95 -6.88 90.08
C LEU D 1882 -26.34 -8.02 91.00
N GLY D 1883 -27.63 -8.21 91.28
CA GLY D 1883 -28.06 -9.33 92.10
C GLY D 1883 -27.49 -9.24 93.50
N GLU D 1884 -26.89 -10.34 93.95
CA GLU D 1884 -26.25 -10.37 95.26
C GLU D 1884 -25.08 -9.40 95.35
N ASN D 1885 -24.49 -9.02 94.21
CA ASN D 1885 -23.40 -8.06 94.23
C ASN D 1885 -23.87 -6.70 94.76
N CYS D 1886 -25.06 -6.28 94.37
CA CYS D 1886 -25.61 -5.03 94.88
C CYS D 1886 -26.04 -5.19 96.32
N PRO D 1887 -25.58 -4.33 97.24
CA PRO D 1887 -25.94 -4.47 98.65
C PRO D 1887 -27.29 -3.89 99.03
N CYS D 1888 -28.18 -3.64 98.06
CA CYS D 1888 -29.48 -3.06 98.38
C CYS D 1888 -30.49 -4.14 98.72
N PRO D 1889 -31.15 -4.06 99.87
CA PRO D 1889 -32.22 -5.02 100.17
C PRO D 1889 -33.36 -4.89 99.17
N GLU D 1890 -34.04 -6.02 98.93
CA GLU D 1890 -35.10 -6.04 97.92
C GLU D 1890 -36.31 -5.23 98.37
N GLU D 1891 -36.55 -5.14 99.68
CA GLU D 1891 -37.67 -4.34 100.17
C GLU D 1891 -37.53 -2.88 99.75
N ILE D 1892 -36.30 -2.35 99.82
CA ILE D 1892 -36.05 -1.01 99.33
C ILE D 1892 -36.14 -0.97 97.80
N ARG D 1893 -35.69 -2.02 97.14
CA ARG D 1893 -35.70 -2.05 95.68
C ARG D 1893 -37.12 -1.98 95.12
N GLU D 1894 -38.09 -2.50 95.87
CA GLU D 1894 -39.48 -2.46 95.40
C GLU D 1894 -39.94 -1.02 95.21
N GLU D 1895 -39.56 -0.12 96.12
CA GLU D 1895 -39.96 1.28 95.98
C GLU D 1895 -39.43 1.88 94.68
N LEU D 1896 -38.14 1.64 94.39
CA LEU D 1896 -37.56 2.22 93.19
C LEU D 1896 -38.19 1.64 91.94
N TYR D 1897 -38.44 0.32 91.93
CA TYR D 1897 -39.10 -0.28 90.76
C TYR D 1897 -40.49 0.31 90.55
N ASP D 1898 -41.26 0.46 91.64
CA ASP D 1898 -42.60 1.01 91.51
C ASP D 1898 -42.56 2.46 91.01
N PHE D 1899 -41.65 3.26 91.55
CA PHE D 1899 -41.55 4.65 91.11
C PHE D 1899 -41.16 4.74 89.64
N HIS D 1900 -40.21 3.89 89.21
CA HIS D 1900 -39.80 3.91 87.82
C HIS D 1900 -40.96 3.54 86.90
N GLU D 1901 -41.72 2.51 87.28
CA GLU D 1901 -42.88 2.13 86.45
C GLU D 1901 -43.90 3.26 86.38
N ASP D 1902 -44.19 3.89 87.52
CA ASP D 1902 -45.16 4.98 87.53
C ASP D 1902 -44.67 6.16 86.70
N LEU D 1903 -43.39 6.49 86.81
CA LEU D 1903 -42.84 7.60 86.03
C LEU D 1903 -42.92 7.32 84.54
N LEU D 1904 -42.60 6.09 84.12
CA LEU D 1904 -42.69 5.76 82.71
C LEU D 1904 -44.14 5.76 82.23
N ILE D 1905 -45.09 5.43 83.10
CA ILE D 1905 -46.49 5.52 82.72
C ILE D 1905 -46.91 6.97 82.58
N HIS D 1906 -46.43 7.84 83.46
CA HIS D 1906 -46.75 9.26 83.39
C HIS D 1906 -46.18 9.87 82.12
N CYS D 1907 -44.98 9.49 81.73
CA CYS D 1907 -44.33 10.03 80.53
C CYS D 1907 -44.95 9.51 79.24
N GLY D 1908 -46.03 8.75 79.30
CA GLY D 1908 -46.71 8.30 78.11
C GLY D 1908 -46.13 7.05 77.48
N VAL D 1909 -45.04 6.53 78.01
CA VAL D 1909 -44.44 5.30 77.50
C VAL D 1909 -45.35 4.14 77.86
N PRO D 1910 -45.82 3.34 76.88
CA PRO D 1910 -46.71 2.22 77.16
C PRO D 1910 -45.97 1.02 77.75
N GLU D 1950 -58.41 5.94 67.91
CA GLU D 1950 -59.61 6.72 67.65
C GLU D 1950 -60.25 7.18 68.95
N ARG D 1951 -59.67 6.75 70.07
CA ARG D 1951 -60.22 7.10 71.38
C ARG D 1951 -60.13 8.60 71.62
N CYS D 1952 -61.11 9.11 72.36
CA CYS D 1952 -61.07 10.51 72.75
C CYS D 1952 -59.87 10.77 73.64
N PRO D 1953 -59.22 11.93 73.52
CA PRO D 1953 -58.04 12.19 74.34
C PRO D 1953 -58.38 12.23 75.82
N THR D 1954 -57.43 11.79 76.64
CA THR D 1954 -57.58 11.85 78.08
C THR D 1954 -56.40 12.52 78.79
N THR D 1955 -55.31 12.82 78.07
CA THR D 1955 -54.18 13.51 78.64
C THR D 1955 -53.73 14.59 77.67
N LEU D 1956 -52.78 15.41 78.12
CA LEU D 1956 -52.32 16.53 77.30
C LEU D 1956 -51.61 16.05 76.05
N LYS D 1957 -50.80 14.99 76.16
CA LYS D 1957 -50.06 14.49 75.02
C LYS D 1957 -50.98 14.06 73.89
N GLU D 1958 -52.01 13.27 74.21
CA GLU D 1958 -52.95 12.83 73.19
C GLU D 1958 -53.68 14.01 72.56
N LEU D 1959 -54.10 14.96 73.39
CA LEU D 1959 -54.78 16.15 72.87
C LEU D 1959 -53.91 16.90 71.89
N ILE D 1960 -52.64 17.13 72.26
CA ILE D 1960 -51.74 17.89 71.41
C ILE D 1960 -51.48 17.15 70.10
N SER D 1961 -51.21 15.85 70.18
CA SER D 1961 -50.92 15.08 68.98
C SER D 1961 -52.10 15.08 68.03
N GLN D 1962 -53.30 14.79 68.55
CA GLN D 1962 -54.48 14.77 67.70
C GLN D 1962 -54.76 16.13 67.11
N THR D 1963 -54.59 17.20 67.90
CA THR D 1963 -54.84 18.54 67.38
C THR D 1963 -53.87 18.91 66.27
N MET D 1964 -52.59 18.61 66.46
CA MET D 1964 -51.61 18.95 65.44
C MET D 1964 -51.86 18.18 64.15
N ILE D 1965 -52.14 16.88 64.27
CA ILE D 1965 -52.38 16.09 63.06
C ILE D 1965 -53.68 16.51 62.39
N ARG D 1966 -54.71 16.85 63.16
CA ARG D 1966 -55.97 17.30 62.56
C ARG D 1966 -55.79 18.63 61.86
N TRP D 1967 -55.03 19.55 62.45
CA TRP D 1967 -54.75 20.81 61.77
C TRP D 1967 -53.98 20.58 60.48
N ALA D 1968 -53.00 19.66 60.50
CA ALA D 1968 -52.23 19.40 59.30
C ALA D 1968 -53.08 18.75 58.21
N GLN D 1969 -54.03 17.90 58.60
CA GLN D 1969 -54.88 17.23 57.63
C GLN D 1969 -55.97 18.15 57.08
N GLU D 1970 -56.52 19.02 57.91
CA GLU D 1970 -57.63 19.87 57.49
C GLU D 1970 -57.22 20.79 56.35
N ASP D 1971 -56.10 21.50 56.52
CA ASP D 1971 -55.67 22.50 55.56
C ASP D 1971 -54.18 22.43 55.38
N GLN D 1972 -53.71 22.93 54.24
CA GLN D 1972 -52.29 23.03 53.96
C GLN D 1972 -51.76 24.31 54.59
N ILE D 1973 -50.90 24.18 55.59
CA ILE D 1973 -50.43 25.33 56.34
C ILE D 1973 -49.58 26.21 55.43
N GLN D 1974 -49.97 27.47 55.30
CA GLN D 1974 -49.29 28.42 54.43
C GLN D 1974 -48.24 29.25 55.16
N ASP D 1975 -48.06 29.03 56.46
CA ASP D 1975 -47.11 29.80 57.26
C ASP D 1975 -45.97 28.88 57.71
N ALA D 1976 -44.74 29.28 57.41
CA ALA D 1976 -43.60 28.45 57.77
C ALA D 1976 -43.45 28.33 59.28
N GLU D 1977 -43.61 29.44 60.00
CA GLU D 1977 -43.44 29.42 61.45
C GLU D 1977 -44.47 28.52 62.10
N LEU D 1978 -45.71 28.55 61.63
CA LEU D 1978 -46.73 27.68 62.19
C LEU D 1978 -46.42 26.22 61.92
N VAL D 1979 -45.91 25.90 60.73
CA VAL D 1979 -45.54 24.53 60.42
C VAL D 1979 -44.45 24.06 61.38
N ARG D 1980 -43.44 24.90 61.57
CA ARG D 1980 -42.35 24.54 62.48
C ARG D 1980 -42.86 24.35 63.90
N MET D 1981 -43.73 25.23 64.38
CA MET D 1981 -44.26 25.10 65.73
C MET D 1981 -45.09 23.84 65.88
N MET D 1982 -45.99 23.57 64.93
CA MET D 1982 -46.84 22.39 65.02
C MET D 1982 -46.01 21.12 65.05
N PHE D 1983 -45.04 21.01 64.15
CA PHE D 1983 -44.31 19.75 64.08
C PHE D 1983 -43.28 19.62 65.20
N SER D 1984 -42.75 20.73 65.71
CA SER D 1984 -41.93 20.65 66.91
C SER D 1984 -42.74 20.15 68.10
N LEU D 1985 -43.95 20.68 68.27
CA LEU D 1985 -44.79 20.24 69.38
C LEU D 1985 -45.18 18.78 69.23
N LEU D 1986 -45.55 18.37 68.02
CA LEU D 1986 -45.95 16.99 67.78
C LEU D 1986 -44.80 16.04 68.06
N GLN D 1987 -43.61 16.36 67.56
CA GLN D 1987 -42.46 15.50 67.81
C GLN D 1987 -42.11 15.46 69.29
N ARG D 1988 -42.22 16.60 69.97
CA ARG D 1988 -41.92 16.66 71.40
C ARG D 1988 -42.90 15.84 72.22
N GLN D 1989 -44.11 15.61 71.69
CA GLN D 1989 -45.05 14.76 72.41
C GLN D 1989 -44.58 13.32 72.50
N TYR D 1990 -43.71 12.88 71.59
CA TYR D 1990 -43.22 11.50 71.56
C TYR D 1990 -41.75 11.41 71.95
N ASP D 1991 -41.27 12.39 72.72
CA ASP D 1991 -39.92 12.42 73.24
C ASP D 1991 -39.94 12.82 74.70
N SER D 1992 -40.84 12.21 75.48
CA SER D 1992 -40.97 12.56 76.88
C SER D 1992 -39.71 12.20 77.66
N ILE D 1993 -39.17 11.01 77.43
CA ILE D 1993 -38.02 10.56 78.20
C ILE D 1993 -36.78 11.35 77.83
N GLY D 1994 -36.61 11.67 76.55
CA GLY D 1994 -35.44 12.45 76.15
C GLY D 1994 -35.43 13.83 76.79
N GLU D 1995 -36.58 14.51 76.77
CA GLU D 1995 -36.67 15.81 77.41
C GLU D 1995 -36.53 15.70 78.92
N LEU D 1996 -37.04 14.62 79.52
CA LEU D 1996 -36.87 14.41 80.94
C LEU D 1996 -35.40 14.24 81.30
N LEU D 1997 -34.65 13.49 80.49
CA LEU D 1997 -33.22 13.35 80.71
C LEU D 1997 -32.51 14.69 80.58
N GLN D 1998 -32.81 15.43 79.51
CA GLN D 1998 -32.17 16.71 79.31
C GLN D 1998 -32.52 17.70 80.41
N ALA D 1999 -33.69 17.55 81.02
CA ALA D 1999 -34.07 18.39 82.15
C ALA D 1999 -33.32 17.98 83.41
N LEU D 2000 -33.19 16.68 83.64
CA LEU D 2000 -32.45 16.22 84.82
C LEU D 2000 -30.97 16.59 84.74
N ARG D 2001 -30.41 16.65 83.53
CA ARG D 2001 -29.01 17.03 83.40
C ARG D 2001 -28.75 18.46 83.85
N LYS D 2002 -29.78 19.30 83.92
CA LYS D 2002 -29.64 20.67 84.38
C LYS D 2002 -30.33 20.91 85.71
N THR D 2003 -30.64 19.85 86.45
CA THR D 2003 -31.24 19.95 87.76
C THR D 2003 -30.17 19.96 88.83
N TYR D 2004 -30.41 20.72 89.90
CA TYR D 2004 -29.45 20.82 91.00
C TYR D 2004 -30.20 21.10 92.29
N THR D 2005 -29.96 20.28 93.30
CA THR D 2005 -30.62 20.42 94.59
C THR D 2005 -29.65 21.06 95.57
N ILE D 2006 -30.09 22.13 96.21
CA ILE D 2006 -29.25 22.87 97.15
C ILE D 2006 -29.87 22.76 98.54
N SER D 2007 -29.14 23.27 99.52
CA SER D 2007 -29.57 23.27 100.91
C SER D 2007 -30.35 24.54 101.23
N GLN D 2008 -31.25 24.42 102.21
CA GLN D 2008 -32.09 25.57 102.57
C GLN D 2008 -31.29 26.73 103.12
N ALA D 2009 -30.04 26.51 103.53
CA ALA D 2009 -29.23 27.59 104.06
C ALA D 2009 -28.75 28.53 102.97
N SER D 2010 -28.63 28.02 101.74
CA SER D 2010 -28.09 28.81 100.63
C SER D 2010 -29.16 29.38 99.72
N VAL D 2011 -30.42 29.38 100.15
CA VAL D 2011 -31.50 29.82 99.27
C VAL D 2011 -31.35 31.30 98.94
N SER D 2012 -31.04 32.12 99.94
CA SER D 2012 -30.91 33.56 99.70
C SER D 2012 -29.74 33.85 98.77
N ASP D 2013 -28.58 33.24 99.04
CA ASP D 2013 -27.41 33.47 98.20
C ASP D 2013 -27.67 33.00 96.77
N THR D 2014 -28.33 31.85 96.61
CA THR D 2014 -28.61 31.36 95.26
C THR D 2014 -29.64 32.24 94.56
N ILE D 2015 -30.58 32.82 95.31
CA ILE D 2015 -31.52 33.75 94.70
C ILE D 2015 -30.79 34.99 94.19
N ASN D 2016 -29.86 35.52 94.98
CA ASN D 2016 -29.08 36.65 94.52
C ASN D 2016 -28.24 36.29 93.30
N LEU D 2017 -27.63 35.12 93.32
CA LEU D 2017 -26.83 34.66 92.18
C LEU D 2017 -27.68 34.54 90.93
N LEU D 2018 -28.88 33.98 91.06
CA LEU D 2018 -29.76 33.82 89.90
C LEU D 2018 -30.25 35.17 89.39
N ALA D 2019 -30.50 36.12 90.29
CA ALA D 2019 -30.88 37.46 89.85
C ALA D 2019 -29.76 38.10 89.04
N ALA D 2020 -28.52 38.02 89.54
CA ALA D 2020 -27.40 38.59 88.82
C ALA D 2020 -27.20 37.90 87.48
N LEU D 2021 -27.29 36.57 87.45
CA LEU D 2021 -27.10 35.84 86.22
C LEU D 2021 -28.18 36.19 85.20
N GLY D 2022 -29.43 36.37 85.66
CA GLY D 2022 -30.49 36.76 84.76
C GLY D 2022 -30.29 38.16 84.19
N GLN D 2023 -29.82 39.09 85.03
CA GLN D 2023 -29.52 40.42 84.53
C GLN D 2023 -28.43 40.36 83.47
N ILE D 2024 -27.40 39.54 83.69
CA ILE D 2024 -26.34 39.40 82.69
C ILE D 2024 -26.89 38.79 81.41
N ARG D 2025 -27.71 37.75 81.54
CA ARG D 2025 -28.24 37.06 80.36
C ARG D 2025 -29.12 37.97 79.53
N CYS D 2026 -29.92 38.80 80.17
CA CYS D 2026 -30.82 39.69 79.45
C CYS D 2026 -30.10 40.80 78.71
N LEU D 2027 -28.80 41.00 78.97
CA LEU D 2027 -28.02 42.00 78.25
C LEU D 2027 -27.33 41.43 77.03
N LEU D 2028 -27.55 40.16 76.71
CA LEU D 2028 -26.99 39.60 75.49
C LEU D 2028 -27.79 39.97 74.25
N SER D 2029 -28.96 40.57 74.42
CA SER D 2029 -29.77 41.08 73.31
C SER D 2029 -29.84 42.60 73.35
N VAL D 2030 -28.72 43.23 73.69
CA VAL D 2030 -28.60 44.68 73.73
C VAL D 2030 -27.25 45.08 73.16
N ARG D 2031 -27.24 46.11 72.33
CA ARG D 2031 -25.98 46.62 71.79
C ARG D 2031 -25.08 47.12 72.91
N MET D 2032 -23.82 46.71 72.87
CA MET D 2032 -22.89 47.04 73.94
C MET D 2032 -22.59 48.54 73.98
N GLY D 2033 -22.57 49.09 75.19
CA GLY D 2033 -22.28 50.49 75.40
C GLY D 2033 -21.68 50.75 76.76
N LYS D 2034 -21.51 52.02 77.12
CA LYS D 2034 -20.90 52.35 78.41
C LYS D 2034 -21.76 51.89 79.57
N GLU D 2035 -23.06 52.19 79.53
CA GLU D 2035 -23.95 51.79 80.62
C GLU D 2035 -24.07 50.27 80.69
N GLU D 2036 -24.21 49.62 79.54
CA GLU D 2036 -24.27 48.17 79.51
C GLU D 2036 -22.96 47.56 80.01
N GLU D 2037 -21.83 48.17 79.62
CA GLU D 2037 -20.54 47.68 80.08
C GLU D 2037 -20.44 47.76 81.60
N LEU D 2038 -20.86 48.88 82.19
CA LEU D 2038 -20.84 48.99 83.64
C LEU D 2038 -21.76 47.98 84.29
N LEU D 2039 -22.95 47.76 83.70
CA LEU D 2039 -23.88 46.79 84.26
C LEU D 2039 -23.27 45.39 84.26
N MET D 2040 -22.66 44.99 83.16
CA MET D 2040 -22.08 43.65 83.09
C MET D 2040 -20.86 43.53 84.01
N ILE D 2041 -20.04 44.57 84.10
CA ILE D 2041 -18.89 44.53 85.00
C ILE D 2041 -19.34 44.35 86.44
N ASN D 2042 -20.34 45.14 86.86
CA ASN D 2042 -20.85 45.01 88.22
C ASN D 2042 -21.50 43.65 88.45
N GLY D 2043 -22.22 43.14 87.45
CA GLY D 2043 -22.84 41.83 87.61
C GLY D 2043 -21.81 40.73 87.78
N LEU D 2044 -20.75 40.74 86.98
CA LEU D 2044 -19.71 39.75 87.12
C LEU D 2044 -19.01 39.88 88.47
N GLY D 2045 -18.77 41.12 88.91
CA GLY D 2045 -18.20 41.30 90.24
C GLY D 2045 -19.06 40.72 91.34
N ASP D 2046 -20.37 40.97 91.28
CA ASP D 2046 -21.28 40.43 92.29
C ASP D 2046 -21.30 38.92 92.24
N ILE D 2047 -21.29 38.33 91.04
CA ILE D 2047 -21.31 36.87 90.94
C ILE D 2047 -20.03 36.28 91.53
N MET D 2048 -18.88 36.89 91.23
CA MET D 2048 -17.62 36.37 91.76
C MET D 2048 -17.57 36.49 93.27
N ASN D 2049 -18.05 37.60 93.83
CA ASN D 2049 -18.03 37.77 95.28
C ASN D 2049 -19.02 36.86 95.99
N ASN D 2050 -19.92 36.22 95.27
CA ASN D 2050 -20.92 35.37 95.90
C ASN D 2050 -20.28 34.10 96.46
N LYS D 2051 -20.74 33.68 97.64
CA LYS D 2051 -20.19 32.48 98.27
C LYS D 2051 -20.48 31.25 97.44
N VAL D 2052 -21.70 31.13 96.92
CA VAL D 2052 -22.11 29.94 96.18
C VAL D 2052 -21.30 29.74 94.91
N PHE D 2053 -20.69 30.81 94.38
CA PHE D 2053 -19.93 30.67 93.15
C PHE D 2053 -18.75 29.72 93.33
N TYR D 2054 -18.01 29.86 94.43
CA TYR D 2054 -16.89 28.98 94.70
C TYR D 2054 -17.21 27.89 95.72
N GLN D 2055 -18.42 27.87 96.27
CA GLN D 2055 -18.82 26.73 97.08
C GLN D 2055 -19.51 25.64 96.26
N HIS D 2056 -20.14 26.01 95.15
CA HIS D 2056 -20.87 25.06 94.29
C HIS D 2056 -20.44 25.27 92.85
N PRO D 2057 -19.21 24.91 92.49
CA PRO D 2057 -18.79 25.03 91.09
C PRO D 2057 -19.64 24.22 90.13
N ASN D 2058 -20.15 23.06 90.58
CA ASN D 2058 -21.05 22.29 89.74
C ASN D 2058 -22.29 23.09 89.40
N LEU D 2059 -22.78 23.91 90.34
CA LEU D 2059 -23.92 24.76 90.05
C LEU D 2059 -23.59 25.77 88.97
N MET D 2060 -22.39 26.35 89.02
CA MET D 2060 -21.99 27.31 87.99
C MET D 2060 -21.90 26.65 86.63
N ARG D 2061 -21.40 25.41 86.58
CA ARG D 2061 -21.36 24.71 85.30
C ARG D 2061 -22.75 24.35 84.81
N VAL D 2062 -23.65 24.00 85.72
CA VAL D 2062 -25.03 23.68 85.32
C VAL D 2062 -25.73 24.91 84.76
N LEU D 2063 -25.56 26.05 85.42
CA LEU D 2063 -26.20 27.29 84.98
C LEU D 2063 -25.61 27.83 83.68
N GLY D 2064 -24.49 27.29 83.21
CA GLY D 2064 -23.85 27.78 82.01
C GLY D 2064 -23.30 29.18 82.14
N MET D 2065 -22.66 29.50 83.27
CA MET D 2065 -22.08 30.83 83.45
C MET D 2065 -20.97 31.07 82.44
N HIS D 2066 -20.09 30.10 82.25
CA HIS D 2066 -18.94 30.29 81.37
C HIS D 2066 -19.36 30.50 79.94
N GLU D 2067 -20.42 29.80 79.50
CA GLU D 2067 -20.90 30.00 78.13
C GLU D 2067 -21.45 31.40 77.94
N THR D 2068 -22.18 31.92 78.93
CA THR D 2068 -22.68 33.28 78.83
C THR D 2068 -21.54 34.30 78.77
N VAL D 2069 -20.54 34.14 79.64
CA VAL D 2069 -19.43 35.09 79.64
C VAL D 2069 -18.62 34.98 78.36
N MET D 2070 -18.50 33.77 77.81
CA MET D 2070 -17.82 33.61 76.53
C MET D 2070 -18.60 34.29 75.40
N GLU D 2071 -19.93 34.21 75.43
CA GLU D 2071 -20.73 34.93 74.44
C GLU D 2071 -20.50 36.42 74.55
N VAL D 2072 -20.48 36.95 75.77
CA VAL D 2072 -20.23 38.38 75.97
C VAL D 2072 -18.86 38.76 75.42
N MET D 2073 -17.84 37.95 75.73
CA MET D 2073 -16.49 38.25 75.27
C MET D 2073 -16.38 38.19 73.76
N VAL D 2074 -17.02 37.20 73.15
CA VAL D 2074 -17.02 37.10 71.69
C VAL D 2074 -17.68 38.33 71.08
N ASP D 2075 -18.76 38.79 71.69
CA ASP D 2075 -19.42 40.00 71.20
C ASP D 2075 -18.48 41.20 71.30
N VAL D 2076 -17.81 41.36 72.44
CA VAL D 2076 -16.96 42.52 72.64
C VAL D 2076 -15.78 42.52 71.67
N LEU D 2077 -15.14 41.37 71.51
CA LEU D 2077 -14.00 41.25 70.61
C LEU D 2077 -14.44 41.40 69.15
N ILE D 2084 -11.81 46.44 69.22
CA ILE D 2084 -11.94 46.32 70.67
C ILE D 2084 -12.05 47.72 71.27
N ALA D 2085 -13.29 48.20 71.42
CA ALA D 2085 -13.55 49.49 72.02
C ALA D 2085 -14.01 49.41 73.47
N PHE D 2086 -14.09 48.20 74.02
CA PHE D 2086 -14.51 47.99 75.41
C PHE D 2086 -13.52 47.06 76.10
N PRO D 2087 -12.29 47.52 76.30
CA PRO D 2087 -11.30 46.66 76.96
C PRO D 2087 -11.67 46.27 78.39
N LYS D 2088 -12.39 47.13 79.10
CA LYS D 2088 -12.74 46.81 80.49
C LYS D 2088 -13.66 45.60 80.57
N MET D 2089 -14.60 45.49 79.64
CA MET D 2089 -15.48 44.32 79.62
C MET D 2089 -14.68 43.04 79.37
N VAL D 2090 -13.73 43.10 78.44
CA VAL D 2090 -12.89 41.93 78.17
C VAL D 2090 -12.09 41.57 79.41
N ALA D 2091 -11.54 42.57 80.10
CA ALA D 2091 -10.77 42.30 81.31
C ALA D 2091 -11.64 41.63 82.37
N SER D 2092 -12.86 42.13 82.57
CA SER D 2092 -13.74 41.53 83.57
C SER D 2092 -14.10 40.09 83.20
N CYS D 2093 -14.42 39.86 81.92
CA CYS D 2093 -14.75 38.50 81.50
C CYS D 2093 -13.57 37.56 81.71
N CYS D 2094 -12.36 38.03 81.38
CA CYS D 2094 -11.19 37.17 81.51
C CYS D 2094 -10.86 36.88 82.97
N ARG D 2095 -10.99 37.87 83.85
CA ARG D 2095 -10.79 37.60 85.27
C ARG D 2095 -11.80 36.60 85.78
N PHE D 2096 -13.07 36.76 85.39
CA PHE D 2096 -14.09 35.82 85.83
C PHE D 2096 -13.79 34.42 85.35
N LEU D 2097 -13.38 34.27 84.09
CA LEU D 2097 -13.10 32.93 83.56
C LEU D 2097 -11.86 32.32 84.18
N CYS D 2098 -10.86 33.13 84.51
CA CYS D 2098 -9.69 32.62 85.22
C CYS D 2098 -10.06 32.09 86.59
N TYR D 2099 -10.88 32.84 87.34
CA TYR D 2099 -11.34 32.37 88.64
C TYR D 2099 -12.17 31.09 88.48
N PHE D 2100 -13.05 31.08 87.48
CA PHE D 2100 -13.86 29.91 87.16
C PHE D 2100 -13.00 28.68 86.97
N CYS D 2101 -11.92 28.81 86.19
CA CYS D 2101 -11.01 27.69 85.98
C CYS D 2101 -10.29 27.31 87.27
N ARG D 2102 -9.85 28.30 88.05
CA ARG D 2102 -9.10 28.00 89.26
C ARG D 2102 -9.94 27.24 90.27
N ILE D 2103 -11.26 27.41 90.24
CA ILE D 2103 -12.11 26.82 91.28
C ILE D 2103 -12.00 25.30 91.28
N SER D 2104 -12.38 24.65 90.19
CA SER D 2104 -12.42 23.20 90.14
C SER D 2104 -11.84 22.69 88.82
N ARG D 2105 -11.38 21.45 88.84
CA ARG D 2105 -10.84 20.85 87.63
C ARG D 2105 -11.90 20.64 86.57
N GLN D 2106 -13.15 20.40 86.99
CA GLN D 2106 -14.24 20.28 86.02
C GLN D 2106 -14.44 21.57 85.25
N ASN D 2107 -14.39 22.71 85.94
CA ASN D 2107 -14.49 23.99 85.25
C ASN D 2107 -13.33 24.19 84.30
N GLN D 2108 -12.14 23.74 84.70
CA GLN D 2108 -10.97 23.86 83.85
C GLN D 2108 -11.15 23.05 82.57
N LYS D 2109 -11.65 21.82 82.69
CA LYS D 2109 -11.89 21.00 81.51
C LYS D 2109 -13.01 21.57 80.66
N ALA D 2110 -14.00 22.22 81.28
CA ALA D 2110 -15.05 22.87 80.52
C ALA D 2110 -14.51 24.04 79.71
N MET D 2111 -13.66 24.88 80.33
CA MET D 2111 -13.08 26.00 79.61
C MET D 2111 -12.04 25.57 78.59
N PHE D 2112 -11.49 24.36 78.72
CA PHE D 2112 -10.53 23.89 77.74
C PHE D 2112 -11.14 23.77 76.35
N GLU D 2113 -12.47 23.64 76.26
CA GLU D 2113 -13.11 23.51 74.95
C GLU D 2113 -13.00 24.78 74.12
N HIS D 2114 -12.81 25.94 74.75
CA HIS D 2114 -12.72 27.20 74.06
C HIS D 2114 -11.28 27.61 73.77
N LEU D 2115 -10.34 26.68 73.90
CA LEU D 2115 -8.93 27.02 73.81
C LEU D 2115 -8.58 27.56 72.44
N SER D 2116 -9.14 26.98 71.38
CA SER D 2116 -8.81 27.42 70.03
C SER D 2116 -9.24 28.87 69.81
N TYR D 2117 -10.46 29.21 70.22
CA TYR D 2117 -10.90 30.60 70.08
C TYR D 2117 -10.09 31.53 70.97
N LEU D 2118 -9.79 31.10 72.19
CA LEU D 2118 -9.03 31.96 73.10
C LEU D 2118 -7.65 32.25 72.55
N LEU D 2119 -7.02 31.26 71.92
CA LEU D 2119 -5.72 31.48 71.32
C LEU D 2119 -5.81 32.27 70.02
N GLU D 2120 -6.93 32.16 69.31
CA GLU D 2120 -7.08 32.94 68.09
C GLU D 2120 -7.09 34.44 68.38
N ASN D 2121 -7.53 34.83 69.57
CA ASN D 2121 -7.53 36.21 70.01
C ASN D 2121 -6.54 36.46 71.13
N SER D 2122 -5.48 35.66 71.19
CA SER D 2122 -4.54 35.74 72.30
C SER D 2122 -3.75 37.04 72.31
N SER D 2123 -3.79 37.82 71.24
CA SER D 2123 -3.00 39.04 71.14
C SER D 2123 -3.72 40.26 71.69
N VAL D 2124 -4.67 40.08 72.60
CA VAL D 2124 -5.49 41.16 73.13
C VAL D 2124 -4.98 41.51 74.53
N GLY D 2125 -4.63 42.78 74.73
CA GLY D 2125 -4.29 43.28 76.04
C GLY D 2125 -2.93 42.87 76.56
N LEU D 2126 -2.09 42.26 75.72
CA LEU D 2126 -0.79 41.80 76.20
C LEU D 2126 0.13 42.97 76.50
N ALA D 2127 0.08 44.03 75.68
CA ALA D 2127 1.01 45.14 75.84
C ALA D 2127 0.85 45.83 77.18
N SER D 2128 -0.38 46.06 77.62
CA SER D 2128 -0.61 46.76 78.87
C SER D 2128 -0.12 45.91 80.04
N PRO D 2129 0.80 46.42 80.87
CA PRO D 2129 1.31 45.59 81.98
C PRO D 2129 0.31 45.41 83.10
N SER D 2130 -0.56 46.40 83.35
CA SER D 2130 -1.51 46.32 84.44
C SER D 2130 -2.64 45.33 84.18
N MET D 2131 -2.77 44.82 82.96
CA MET D 2131 -3.84 43.91 82.59
C MET D 2131 -3.44 42.44 82.66
N ARG D 2132 -2.30 42.13 83.27
CA ARG D 2132 -1.89 40.74 83.38
C ARG D 2132 -2.92 39.95 84.18
N GLY D 2133 -3.24 38.75 83.71
CA GLY D 2133 -4.30 37.96 84.29
C GLY D 2133 -5.69 38.36 83.85
N SER D 2134 -5.81 39.33 82.96
CA SER D 2134 -7.09 39.84 82.47
C SER D 2134 -7.07 39.92 80.96
N THR D 2135 -6.59 38.86 80.31
CA THR D 2135 -6.51 38.78 78.87
C THR D 2135 -6.92 37.38 78.44
N PRO D 2136 -7.34 37.21 77.19
CA PRO D 2136 -7.71 35.87 76.72
C PRO D 2136 -6.57 34.86 76.82
N LEU D 2137 -5.33 35.29 76.64
CA LEU D 2137 -4.20 34.38 76.78
C LEU D 2137 -4.12 33.85 78.21
N ASP D 2138 -4.41 34.70 79.20
CA ASP D 2138 -4.41 34.24 80.58
C ASP D 2138 -5.50 33.21 80.83
N VAL D 2139 -6.67 33.40 80.22
CA VAL D 2139 -7.73 32.40 80.34
C VAL D 2139 -7.28 31.08 79.72
N ALA D 2140 -6.63 31.15 78.56
CA ALA D 2140 -6.13 29.93 77.93
C ALA D 2140 -5.11 29.23 78.81
N ALA D 2141 -4.23 29.99 79.45
CA ALA D 2141 -3.26 29.39 80.36
C ALA D 2141 -3.95 28.75 81.56
N SER D 2142 -4.97 29.42 82.10
CA SER D 2142 -5.72 28.84 83.21
C SER D 2142 -6.44 27.56 82.81
N SER D 2143 -6.83 27.44 81.53
CA SER D 2143 -7.43 26.21 81.05
C SER D 2143 -6.45 25.05 81.13
N VAL D 2144 -5.19 25.29 80.80
CA VAL D 2144 -4.15 24.26 80.78
C VAL D 2144 -3.09 24.70 81.78
N MET D 2145 -3.21 24.25 83.03
CA MET D 2145 -2.26 24.66 84.06
C MET D 2145 -2.28 23.62 85.17
N ASP D 2146 -1.20 22.85 85.27
CA ASP D 2146 -1.07 21.83 86.30
C ASP D 2146 -2.16 20.77 86.18
N ASN D 2147 -2.66 20.57 84.97
CA ASN D 2147 -3.64 19.53 84.66
C ASN D 2147 -3.02 18.66 83.58
N ASN D 2148 -2.48 17.50 83.96
CA ASN D 2148 -1.73 16.68 83.02
C ASN D 2148 -2.62 16.17 81.89
N GLU D 2149 -3.87 15.81 82.22
CA GLU D 2149 -4.77 15.28 81.21
C GLU D 2149 -5.03 16.28 80.10
N LEU D 2150 -5.33 17.53 80.47
CA LEU D 2150 -5.59 18.54 79.45
C LEU D 2150 -4.33 18.95 78.72
N ALA D 2151 -3.19 19.00 79.42
CA ALA D 2151 -1.94 19.35 78.77
C ALA D 2151 -1.57 18.33 77.70
N LEU D 2152 -1.79 17.04 77.99
CA LEU D 2152 -1.57 16.01 76.99
C LEU D 2152 -2.51 16.13 75.80
N GLY D 2153 -3.62 16.84 75.95
CA GLY D 2153 -4.59 17.00 74.89
C GLY D 2153 -4.34 18.15 73.92
N LEU D 2154 -3.31 18.96 74.16
CA LEU D 2154 -3.06 20.09 73.29
C LEU D 2154 -2.72 19.62 71.88
N GLU D 2155 -3.35 20.22 70.89
CA GLU D 2155 -3.10 19.90 69.49
C GLU D 2155 -2.00 20.78 68.94
N GLU D 2156 -1.35 20.27 67.90
CA GLU D 2156 -0.22 20.99 67.30
C GLU D 2156 -0.59 22.37 66.77
N PRO D 2157 -1.69 22.56 66.05
CA PRO D 2157 -2.03 23.92 65.59
C PRO D 2157 -2.27 24.91 66.72
N ASP D 2158 -2.76 24.44 67.88
CA ASP D 2158 -2.96 25.35 69.01
C ASP D 2158 -1.64 25.96 69.46
N LEU D 2159 -0.59 25.13 69.57
CA LEU D 2159 0.73 25.65 69.88
C LEU D 2159 1.30 26.44 68.70
N GLU D 2160 0.93 26.08 67.48
CA GLU D 2160 1.44 26.76 66.30
C GLU D 2160 0.97 28.21 66.26
N LYS D 2161 -0.27 28.46 66.70
CA LYS D 2161 -0.76 29.83 66.76
C LYS D 2161 0.10 30.69 67.69
N VAL D 2162 0.39 30.17 68.89
CA VAL D 2162 1.19 30.91 69.84
C VAL D 2162 2.60 31.11 69.33
N VAL D 2163 3.15 30.10 68.64
CA VAL D 2163 4.49 30.26 68.08
C VAL D 2163 4.49 31.31 66.97
N THR D 2164 3.42 31.37 66.18
CA THR D 2164 3.33 32.40 65.15
C THR D 2164 3.26 33.79 65.77
N TYR D 2165 2.47 33.94 66.83
CA TYR D 2165 2.40 35.24 67.51
C TYR D 2165 3.75 35.62 68.08
N LEU D 2166 4.46 34.65 68.67
CA LEU D 2166 5.77 34.93 69.23
C LEU D 2166 6.76 35.33 68.13
N ALA D 2167 6.72 34.64 67.00
CA ALA D 2167 7.59 34.99 65.88
C ALA D 2167 7.30 36.40 65.40
N GLY D 2168 6.02 36.76 65.29
CA GLY D 2168 5.68 38.13 64.93
C GLY D 2168 6.21 39.14 65.95
N CYS D 2169 6.15 38.78 67.24
CA CYS D 2169 6.71 39.65 68.27
C CYS D 2169 8.22 39.76 68.14
N GLY D 2170 8.87 38.78 67.54
CA GLY D 2170 10.31 38.82 67.37
C GLY D 2170 10.82 39.62 66.22
N LEU D 2171 9.95 40.26 65.44
CA LEU D 2171 10.35 41.05 64.28
C LEU D 2171 9.93 42.50 64.37
N GLN D 2172 8.68 42.77 64.72
CA GLN D 2172 8.13 44.12 64.70
C GLN D 2172 8.06 44.70 66.10
N SER D 2173 8.36 45.99 66.22
CA SER D 2173 8.26 46.68 67.49
C SER D 2173 6.81 46.85 67.91
N CYS D 2174 6.59 47.06 69.19
CA CYS D 2174 5.25 47.14 69.73
C CYS D 2174 4.58 48.43 69.27
N PRO D 2175 3.46 48.38 68.56
CA PRO D 2175 2.80 49.64 68.14
C PRO D 2175 2.41 50.52 69.30
N MET D 2176 1.90 49.95 70.39
CA MET D 2176 1.52 50.76 71.55
C MET D 2176 2.75 51.41 72.19
N LEU D 2177 3.85 50.66 72.29
CA LEU D 2177 5.06 51.24 72.88
C LEU D 2177 5.60 52.37 72.00
N LEU D 2178 5.55 52.21 70.68
CA LEU D 2178 5.99 53.28 69.80
C LEU D 2178 5.08 54.49 69.92
N ALA D 2179 3.78 54.27 70.01
CA ALA D 2179 2.86 55.39 70.18
C ALA D 2179 3.12 56.13 71.48
N LYS D 2180 3.39 55.40 72.56
CA LYS D 2180 3.70 56.03 73.84
C LYS D 2180 5.08 56.67 73.87
N GLY D 2181 5.91 56.44 72.85
CA GLY D 2181 7.19 57.11 72.76
C GLY D 2181 8.41 56.29 73.10
N TYR D 2182 8.27 54.99 73.34
CA TYR D 2182 9.41 54.17 73.68
C TYR D 2182 10.36 54.07 72.48
N PRO D 2183 11.65 53.90 72.72
CA PRO D 2183 12.60 53.75 71.62
C PRO D 2183 12.28 52.52 70.78
N ASP D 2184 12.56 52.62 69.49
CA ASP D 2184 12.29 51.53 68.56
C ASP D 2184 13.49 50.59 68.56
N VAL D 2185 13.48 49.64 69.48
CA VAL D 2185 14.54 48.64 69.55
C VAL D 2185 14.44 47.63 68.41
N GLY D 2186 13.28 47.52 67.77
CA GLY D 2186 13.13 46.66 66.63
C GLY D 2186 12.45 45.34 66.88
N TRP D 2187 12.00 45.08 68.10
CA TRP D 2187 11.25 43.87 68.40
C TRP D 2187 10.45 44.09 69.67
N ASN D 2188 9.47 43.24 69.89
CA ASN D 2188 8.55 43.41 71.01
C ASN D 2188 8.88 42.44 72.13
N PRO D 2189 9.66 42.86 73.12
CA PRO D 2189 10.09 41.91 74.15
C PRO D 2189 9.10 41.76 75.28
N ILE D 2190 7.88 42.28 75.09
CA ILE D 2190 6.87 42.32 76.14
C ILE D 2190 5.78 41.30 75.93
N GLU D 2191 5.24 41.22 74.71
CA GLU D 2191 4.26 40.18 74.42
C GLU D 2191 4.91 38.82 74.21
N GLY D 2192 6.14 38.82 73.68
CA GLY D 2192 6.85 37.56 73.52
C GLY D 2192 7.02 36.83 74.83
N GLU D 2193 7.28 37.58 75.90
CA GLU D 2193 7.34 36.97 77.22
C GLU D 2193 6.02 36.31 77.59
N ARG D 2194 4.90 36.94 77.22
CA ARG D 2194 3.59 36.38 77.49
C ARG D 2194 3.40 35.04 76.78
N TYR D 2195 3.77 34.98 75.50
CA TYR D 2195 3.62 33.72 74.78
C TYR D 2195 4.57 32.66 75.30
N LEU D 2196 5.78 33.06 75.71
CA LEU D 2196 6.70 32.10 76.32
C LEU D 2196 6.13 31.55 77.62
N SER D 2197 5.48 32.40 78.41
CA SER D 2197 4.85 31.92 79.64
C SER D 2197 3.73 30.94 79.35
N PHE D 2198 2.91 31.22 78.34
CA PHE D 2198 1.87 30.27 77.99
C PHE D 2198 2.47 28.93 77.56
N LEU D 2199 3.51 28.96 76.74
CA LEU D 2199 4.13 27.71 76.32
C LEU D 2199 4.75 26.98 77.50
N ARG D 2200 5.30 27.71 78.47
CA ARG D 2200 5.81 27.09 79.67
C ARG D 2200 4.72 26.36 80.43
N PHE D 2201 3.54 26.96 80.51
CA PHE D 2201 2.41 26.25 81.13
C PHE D 2201 2.02 25.03 80.31
N ALA D 2202 2.13 25.12 78.98
CA ALA D 2202 1.76 24.00 78.13
C ALA D 2202 2.71 22.81 78.31
N VAL D 2203 4.01 23.07 78.48
CA VAL D 2203 4.99 22.02 78.52
C VAL D 2203 5.13 21.45 79.93
N PHE D 2204 5.54 22.29 80.87
CA PHE D 2204 5.87 21.83 82.22
C PHE D 2204 4.60 21.71 83.05
N VAL D 2205 4.28 20.50 83.48
CA VAL D 2205 3.09 20.23 84.27
C VAL D 2205 3.50 19.54 85.56
N ASN D 2206 3.19 20.17 86.69
CA ASN D 2206 3.38 19.58 88.02
C ASN D 2206 4.80 19.06 88.21
N SER D 2207 5.77 19.94 88.01
CA SER D 2207 7.18 19.62 88.25
C SER D 2207 7.67 18.47 87.37
N GLU D 2208 7.09 18.31 86.19
CA GLU D 2208 7.52 17.25 85.27
C GLU D 2208 7.13 17.66 83.86
N SER D 2209 8.11 17.79 82.98
CA SER D 2209 7.84 18.24 81.63
C SER D 2209 7.07 17.18 80.85
N VAL D 2210 6.13 17.63 80.03
CA VAL D 2210 5.40 16.76 79.11
C VAL D 2210 6.24 16.59 77.86
N GLU D 2211 6.64 15.34 77.57
CA GLU D 2211 7.60 15.11 76.50
C GLU D 2211 7.03 15.46 75.14
N GLU D 2212 5.77 15.12 74.88
CA GLU D 2212 5.19 15.37 73.57
C GLU D 2212 5.13 16.87 73.28
N ASN D 2213 4.59 17.64 74.22
CA ASN D 2213 4.51 19.08 74.03
C ASN D 2213 5.90 19.70 73.97
N ALA D 2214 6.84 19.15 74.74
CA ALA D 2214 8.21 19.64 74.69
C ALA D 2214 8.79 19.48 73.29
N SER D 2215 8.64 18.30 72.71
CA SER D 2215 9.13 18.06 71.36
C SER D 2215 8.45 18.99 70.36
N VAL D 2216 7.14 19.11 70.45
CA VAL D 2216 6.41 19.95 69.48
C VAL D 2216 6.86 21.41 69.59
N VAL D 2217 6.99 21.91 70.82
CA VAL D 2217 7.37 23.30 71.02
C VAL D 2217 8.78 23.55 70.50
N VAL D 2218 9.70 22.62 70.76
CA VAL D 2218 11.07 22.82 70.30
C VAL D 2218 11.12 22.80 68.76
N LYS D 2219 10.38 21.87 68.14
CA LYS D 2219 10.36 21.83 66.68
C LYS D 2219 9.81 23.13 66.11
N LEU D 2220 8.69 23.61 66.66
CA LEU D 2220 8.10 24.84 66.15
C LEU D 2220 9.05 26.02 66.32
N LEU D 2221 9.70 26.13 67.47
CA LEU D 2221 10.60 27.25 67.70
C LEU D 2221 11.79 27.20 66.75
N ILE D 2222 12.38 26.02 66.57
CA ILE D 2222 13.55 25.92 65.71
C ILE D 2222 13.19 26.20 64.26
N ARG D 2223 11.99 25.81 63.81
CA ARG D 2223 11.57 26.14 62.46
C ARG D 2223 11.57 27.64 62.22
N ARG D 2224 11.30 28.44 63.25
CA ARG D 2224 11.25 29.90 63.17
C ARG D 2224 12.22 30.49 64.18
N PRO D 2225 13.46 30.76 63.79
CA PRO D 2225 14.47 31.22 64.77
C PRO D 2225 14.17 32.57 65.38
N GLU D 2226 13.34 33.41 64.75
CA GLU D 2226 13.05 34.72 65.32
C GLU D 2226 12.30 34.63 66.65
N CYS D 2227 11.68 33.47 66.93
CA CYS D 2227 11.08 33.26 68.25
C CYS D 2227 12.12 33.31 69.36
N PHE D 2228 13.41 33.13 69.03
CA PHE D 2228 14.47 33.26 70.01
C PHE D 2228 14.93 34.71 70.21
N GLY D 2229 14.44 35.65 69.42
CA GLY D 2229 14.85 37.02 69.56
C GLY D 2229 16.12 37.32 68.79
N PRO D 2230 16.49 38.59 68.71
CA PRO D 2230 17.66 38.97 67.92
C PRO D 2230 18.97 38.35 68.39
N ALA D 2231 19.13 38.13 69.69
CA ALA D 2231 20.41 37.67 70.20
C ALA D 2231 20.70 36.23 69.78
N LEU D 2232 19.68 35.40 69.68
CA LEU D 2232 19.87 34.00 69.35
C LEU D 2232 19.61 33.68 67.89
N ARG D 2233 19.52 34.69 67.02
CA ARG D 2233 19.46 34.43 65.59
C ARG D 2233 20.85 34.02 65.09
N GLY D 2234 20.86 33.11 64.11
CA GLY D 2234 22.11 32.51 63.69
C GLY D 2234 23.09 33.53 63.10
N GLU D 2235 22.60 34.39 62.21
CA GLU D 2235 23.44 35.37 61.54
C GLU D 2235 23.30 36.71 62.25
N GLY D 2236 24.42 37.22 62.77
CA GLY D 2236 24.44 38.47 63.49
C GLY D 2236 24.17 38.36 64.97
N GLY D 2237 23.77 37.18 65.46
CA GLY D 2237 23.52 36.99 66.87
C GLY D 2237 24.75 37.24 67.73
N ASN D 2238 24.58 38.00 68.81
CA ASN D 2238 25.68 38.30 69.72
C ASN D 2238 25.74 37.34 70.91
N GLY D 2239 24.77 36.46 71.07
CA GLY D 2239 24.75 35.53 72.17
C GLY D 2239 23.91 36.02 73.33
N LEU D 2240 23.47 35.07 74.15
CA LEU D 2240 22.59 35.38 75.28
C LEU D 2240 23.29 36.29 76.28
N LEU D 2241 24.56 36.02 76.57
CA LEU D 2241 25.28 36.86 77.53
C LEU D 2241 25.44 38.28 77.01
N ALA D 2242 25.76 38.43 75.72
CA ALA D 2242 25.86 39.75 75.14
C ALA D 2242 24.52 40.48 75.19
N ALA D 2243 23.43 39.76 74.91
CA ALA D 2243 22.12 40.37 74.97
C ALA D 2243 21.78 40.85 76.37
N MET D 2244 22.06 40.03 77.38
CA MET D 2244 21.75 40.43 78.75
C MET D 2244 22.61 41.62 79.19
N GLN D 2245 23.88 41.62 78.82
CA GLN D 2245 24.73 42.76 79.17
C GLN D 2245 24.27 44.03 78.47
N GLY D 2246 23.86 43.92 77.20
CA GLY D 2246 23.29 45.07 76.53
C GLY D 2246 22.02 45.56 77.19
N ALA D 2247 21.18 44.64 77.67
CA ALA D 2247 19.97 45.03 78.37
C ALA D 2247 20.30 45.78 79.65
N ILE D 2248 21.32 45.31 80.38
CA ILE D 2248 21.72 46.02 81.60
C ILE D 2248 22.25 47.40 81.27
N LYS D 2249 23.03 47.52 80.19
CA LYS D 2249 23.51 48.82 79.75
C LYS D 2249 22.34 49.75 79.42
N ILE D 2250 21.32 49.22 78.74
CA ILE D 2250 20.12 50.00 78.46
C ILE D 2250 19.47 50.46 79.75
N SER D 2251 19.36 49.56 80.72
CA SER D 2251 18.69 49.89 81.98
C SER D 2251 19.42 51.02 82.70
N GLU D 2252 20.75 50.98 82.72
CA GLU D 2252 21.50 52.02 83.43
C GLU D 2252 21.36 53.39 82.79
N ASN D 2253 20.98 53.45 81.51
CA ASN D 2253 20.88 54.71 80.79
C ASN D 2253 19.42 55.10 80.62
N PRO D 2254 18.93 56.15 81.29
CA PRO D 2254 17.50 56.50 81.17
C PRO D 2254 17.08 56.90 79.77
N ALA D 2255 18.03 57.29 78.90
CA ALA D 2255 17.66 57.75 77.57
C ALA D 2255 17.28 56.59 76.65
N LEU D 2256 17.70 55.37 76.98
CA LEU D 2256 17.49 54.23 76.09
C LEU D 2256 16.30 53.36 76.46
N ASP D 2257 15.73 53.52 77.66
CA ASP D 2257 14.63 52.68 78.08
C ASP D 2257 13.34 53.45 78.31
N LEU D 2258 13.38 54.52 79.09
CA LEU D 2258 12.17 55.25 79.39
C LEU D 2258 11.68 56.02 78.16
N PRO D 2259 10.38 56.25 78.04
CA PRO D 2259 9.86 57.02 76.91
C PRO D 2259 10.33 58.47 76.98
N SER D 2260 10.14 59.17 75.87
CA SER D 2260 10.58 60.55 75.78
C SER D 2260 9.80 61.42 76.77
N GLN D 2261 10.44 62.50 77.22
CA GLN D 2261 9.80 63.41 78.16
C GLN D 2261 8.55 64.04 77.55
N GLY D 2262 8.63 64.44 76.29
CA GLY D 2262 7.50 65.03 75.61
C GLY D 2262 6.41 64.03 75.29
N GLU D 2274 1.47 54.81 84.94
CA GLU D 2274 1.11 53.68 85.79
C GLU D 2274 1.88 52.43 85.38
N GLU D 2275 2.85 52.04 86.21
CA GLU D 2275 3.69 50.88 85.93
C GLU D 2275 4.43 51.03 84.60
N ILE D 2276 5.32 52.03 84.58
CA ILE D 2276 6.04 52.34 83.36
C ILE D 2276 6.87 51.15 82.92
N VAL D 2277 6.79 50.81 81.64
CA VAL D 2277 7.53 49.68 81.10
C VAL D 2277 8.96 50.12 80.81
N HIS D 2278 9.92 49.38 81.35
CA HIS D 2278 11.33 49.65 81.13
C HIS D 2278 11.88 48.66 80.13
N MET D 2279 12.54 49.16 79.08
CA MET D 2279 12.94 48.30 77.98
C MET D 2279 14.00 47.28 78.43
N GLY D 2280 14.96 47.71 79.25
CA GLY D 2280 16.00 46.79 79.66
C GLY D 2280 15.46 45.61 80.44
N ASN D 2281 14.60 45.89 81.41
CA ASN D 2281 14.01 44.80 82.18
C ASN D 2281 13.10 43.93 81.31
N ALA D 2282 12.43 44.53 80.33
CA ALA D 2282 11.59 43.74 79.43
C ALA D 2282 12.45 42.75 78.63
N ILE D 2283 13.59 43.20 78.13
CA ILE D 2283 14.47 42.31 77.37
C ILE D 2283 15.01 41.21 78.27
N MET D 2284 15.45 41.56 79.48
CA MET D 2284 15.94 40.55 80.41
C MET D 2284 14.86 39.52 80.72
N SER D 2285 13.64 39.98 80.96
CA SER D 2285 12.55 39.08 81.28
C SER D 2285 12.24 38.17 80.09
N PHE D 2286 12.30 38.71 78.87
CA PHE D 2286 12.05 37.88 77.71
C PHE D 2286 13.07 36.75 77.62
N TYR D 2287 14.35 37.08 77.76
CA TYR D 2287 15.37 36.04 77.64
C TYR D 2287 15.30 35.04 78.78
N SER D 2288 14.99 35.51 79.99
CA SER D 2288 14.83 34.59 81.10
C SER D 2288 13.66 33.64 80.88
N ALA D 2289 12.54 34.14 80.37
CA ALA D 2289 11.41 33.28 80.08
C ALA D 2289 11.75 32.29 78.98
N LEU D 2290 12.48 32.72 77.96
CA LEU D 2290 12.85 31.81 76.88
C LEU D 2290 13.75 30.70 77.38
N ILE D 2291 14.77 31.05 78.16
CA ILE D 2291 15.69 30.04 78.68
C ILE D 2291 14.98 29.11 79.65
N ASP D 2292 14.04 29.64 80.43
CA ASP D 2292 13.24 28.80 81.32
C ASP D 2292 12.41 27.80 80.53
N LEU D 2293 11.75 28.25 79.47
CA LEU D 2293 10.95 27.35 78.65
C LEU D 2293 11.82 26.26 78.02
N LEU D 2294 12.98 26.65 77.48
CA LEU D 2294 13.86 25.66 76.86
C LEU D 2294 14.37 24.67 77.88
N GLY D 2295 14.76 25.15 79.06
CA GLY D 2295 15.23 24.25 80.09
C GLY D 2295 14.15 23.30 80.59
N ARG D 2296 12.90 23.75 80.60
CA ARG D 2296 11.80 22.87 80.95
C ARG D 2296 11.44 21.92 79.81
N CYS D 2297 11.86 22.23 78.58
CA CYS D 2297 11.65 21.31 77.47
C CYS D 2297 12.68 20.20 77.40
N ALA D 2298 13.74 20.27 78.21
CA ALA D 2298 14.80 19.28 78.12
C ALA D 2298 14.31 17.92 78.57
N PRO D 2299 14.79 16.84 77.97
CA PRO D 2299 14.25 15.51 78.29
C PRO D 2299 14.61 15.10 79.71
N GLU D 2300 13.75 14.28 80.30
CA GLU D 2300 14.04 13.70 81.60
C GLU D 2300 15.21 12.73 81.49
N MET D 2301 15.92 12.57 82.61
CA MET D 2301 17.13 11.76 82.59
C MET D 2301 16.83 10.30 82.27
N HIS D 2302 15.73 9.77 82.81
CA HIS D 2302 15.41 8.37 82.56
C HIS D 2302 15.10 8.13 81.09
N LEU D 2303 14.44 9.09 80.43
CA LEU D 2303 14.19 8.94 79.00
C LEU D 2303 15.48 8.90 78.20
N ILE D 2304 16.45 9.74 78.56
CA ILE D 2304 17.73 9.72 77.88
C ILE D 2304 18.44 8.38 78.12
N GLN D 2305 18.41 7.89 79.35
CA GLN D 2305 19.08 6.64 79.66
C GLN D 2305 18.37 5.42 79.06
N THR D 2306 17.09 5.56 78.71
CA THR D 2306 16.37 4.48 78.06
C THR D 2306 16.70 4.35 76.58
N GLY D 2307 17.46 5.29 76.01
CA GLY D 2307 17.88 5.19 74.64
C GLY D 2307 16.96 5.80 73.61
N LYS D 2308 16.02 6.65 74.02
CA LYS D 2308 15.13 7.28 73.06
C LYS D 2308 15.89 8.29 72.20
N GLY D 2309 15.73 8.16 70.88
CA GLY D 2309 16.42 9.07 69.98
C GLY D 2309 15.90 10.49 70.07
N GLU D 2310 14.58 10.65 70.26
CA GLU D 2310 14.00 11.99 70.31
C GLU D 2310 14.55 12.80 71.48
N ALA D 2311 14.71 12.16 72.64
CA ALA D 2311 15.23 12.89 73.80
C ALA D 2311 16.65 13.37 73.55
N ILE D 2312 17.50 12.51 72.98
CA ILE D 2312 18.88 12.91 72.70
C ILE D 2312 18.90 14.02 71.66
N ARG D 2313 18.02 13.92 70.65
CA ARG D 2313 17.97 14.95 69.62
C ARG D 2313 17.59 16.30 70.21
N ILE D 2314 16.57 16.32 71.07
CA ILE D 2314 16.13 17.57 71.68
C ILE D 2314 17.20 18.13 72.59
N ARG D 2315 17.85 17.27 73.38
CA ARG D 2315 18.92 17.75 74.26
C ARG D 2315 20.08 18.32 73.46
N SER D 2316 20.41 17.68 72.34
CA SER D 2316 21.49 18.20 71.49
C SER D 2316 21.12 19.55 70.90
N ILE D 2317 19.88 19.71 70.46
CA ILE D 2317 19.43 21.00 69.93
C ILE D 2317 19.55 22.07 71.00
N LEU D 2318 19.08 21.76 72.21
CA LEU D 2318 19.14 22.73 73.29
C LEU D 2318 20.57 23.10 73.63
N ARG D 2319 21.47 22.11 73.63
CA ARG D 2319 22.87 22.40 73.90
C ARG D 2319 23.47 23.29 72.82
N SER D 2320 23.13 23.03 71.55
CA SER D 2320 23.65 23.86 70.48
C SER D 2320 23.11 25.28 70.55
N LEU D 2321 21.90 25.47 71.08
CA LEU D 2321 21.33 26.80 71.13
C LEU D 2321 22.10 27.70 72.10
N VAL D 2322 22.32 27.25 73.33
CA VAL D 2322 22.94 28.08 74.35
C VAL D 2322 24.16 27.39 74.94
N PRO D 2323 25.36 27.91 74.75
CA PRO D 2323 26.54 27.28 75.35
C PRO D 2323 26.63 27.54 76.84
N THR D 2324 27.41 26.71 77.53
CA THR D 2324 27.55 26.84 78.97
C THR D 2324 28.29 28.12 79.35
N GLU D 2325 29.12 28.64 78.44
CA GLU D 2325 29.80 29.90 78.72
C GLU D 2325 28.80 31.02 78.92
N ASP D 2326 27.76 31.07 78.09
CA ASP D 2326 26.73 32.10 78.23
C ASP D 2326 25.99 31.97 79.56
N LEU D 2327 25.63 30.74 79.93
CA LEU D 2327 24.92 30.52 81.19
C LEU D 2327 25.78 30.94 82.37
N VAL D 2328 27.04 30.53 82.38
CA VAL D 2328 27.90 30.85 83.50
C VAL D 2328 28.18 32.35 83.56
N GLY D 2329 28.28 33.00 82.40
CA GLY D 2329 28.44 34.44 82.40
C GLY D 2329 27.22 35.16 82.94
N ILE D 2330 26.03 34.70 82.57
CA ILE D 2330 24.81 35.32 83.06
C ILE D 2330 24.69 35.14 84.56
N ILE D 2331 24.98 33.94 85.06
CA ILE D 2331 24.91 33.69 86.50
C ILE D 2331 25.93 34.54 87.25
N SER D 2332 27.00 34.95 86.59
CA SER D 2332 28.07 35.71 87.22
C SER D 2332 27.84 37.20 87.22
N ILE D 2333 26.78 37.69 86.58
CA ILE D 2333 26.54 39.13 86.48
C ILE D 2333 26.18 39.65 87.86
N PRO D 2334 26.92 40.62 88.40
CA PRO D 2334 26.62 41.12 89.74
C PRO D 2334 25.29 41.85 89.80
N LEU D 2335 24.65 41.75 90.95
CA LEU D 2335 23.37 42.38 91.20
C LEU D 2335 23.56 43.70 91.94
N LYS D 2336 22.52 44.53 91.89
CA LYS D 2336 22.49 45.80 92.60
C LYS D 2336 21.46 45.69 93.72
N LEU D 2337 21.95 45.46 94.92
CA LEU D 2337 21.10 45.24 96.08
C LEU D 2337 21.07 46.47 96.97
N PRO D 2338 20.02 46.62 97.78
CA PRO D 2338 19.89 47.83 98.60
C PRO D 2338 21.02 47.95 99.61
N SER D 2339 21.38 49.20 99.91
CA SER D 2339 22.45 49.50 100.85
C SER D 2339 21.96 50.49 101.88
N LEU D 2340 22.53 50.41 103.08
CA LEU D 2340 22.13 51.25 104.21
C LEU D 2340 22.95 52.54 104.19
N ASN D 2341 22.27 53.67 104.02
CA ASN D 2341 22.94 54.95 103.93
C ASN D 2341 23.48 55.38 105.29
N LYS D 2342 24.52 56.23 105.25
CA LYS D 2342 25.11 56.73 106.48
C LYS D 2342 24.11 57.56 107.28
N ASP D 2343 23.22 58.27 106.61
CA ASP D 2343 22.22 59.07 107.32
C ASP D 2343 21.20 58.23 108.07
N GLY D 2344 21.16 56.92 107.82
CA GLY D 2344 20.20 56.04 108.47
C GLY D 2344 19.01 55.66 107.64
N SER D 2345 18.97 56.06 106.38
CA SER D 2345 17.87 55.72 105.47
C SER D 2345 18.31 54.62 104.52
N ILE D 2346 17.38 53.73 104.19
CA ILE D 2346 17.64 52.59 103.32
C ILE D 2346 17.47 53.03 101.87
N SER D 2347 18.50 52.80 101.07
CA SER D 2347 18.48 53.11 99.64
C SER D 2347 18.21 51.81 98.89
N GLU D 2348 16.98 51.65 98.43
CA GLU D 2348 16.58 50.41 97.77
C GLU D 2348 16.52 50.61 96.26
N PRO D 2349 17.40 49.98 95.48
CA PRO D 2349 17.31 50.11 94.02
C PRO D 2349 15.98 49.59 93.51
N ASP D 2350 15.49 50.21 92.45
CA ASP D 2350 14.23 49.81 91.86
C ASP D 2350 14.34 48.40 91.28
N MET D 2351 13.38 47.54 91.62
CA MET D 2351 13.40 46.15 91.17
C MET D 2351 12.64 45.93 89.88
N ALA D 2352 12.09 46.97 89.27
CA ALA D 2352 11.40 46.85 88.01
C ALA D 2352 12.25 47.29 86.81
N ALA D 2353 13.41 47.88 87.05
CA ALA D 2353 14.28 48.35 85.98
C ALA D 2353 15.72 48.01 86.27
N ASN D 2354 15.97 46.80 86.77
CA ASN D 2354 17.32 46.34 87.06
C ASN D 2354 17.39 44.84 86.88
N PHE D 2355 18.62 44.34 86.75
CA PHE D 2355 18.85 42.91 86.74
C PHE D 2355 18.55 42.35 88.13
N CYS D 2356 17.73 41.31 88.18
CA CYS D 2356 17.24 40.74 89.43
C CYS D 2356 17.55 39.25 89.48
N PRO D 2357 17.56 38.66 90.68
CA PRO D 2357 17.85 37.22 90.78
C PRO D 2357 16.85 36.35 90.04
N ASP D 2358 15.64 36.85 89.79
CA ASP D 2358 14.67 36.09 89.02
C ASP D 2358 15.16 35.77 87.62
N HIS D 2359 16.13 36.53 87.12
CA HIS D 2359 16.70 36.30 85.80
C HIS D 2359 17.88 35.35 85.83
N LYS D 2360 18.33 34.93 87.01
CA LYS D 2360 19.38 33.93 87.11
C LYS D 2360 18.85 32.54 87.41
N ALA D 2361 17.66 32.44 87.99
CA ALA D 2361 17.10 31.13 88.31
C ALA D 2361 16.90 30.26 87.08
N PRO D 2362 16.32 30.74 85.98
CA PRO D 2362 16.18 29.88 84.80
C PRO D 2362 17.50 29.34 84.28
N MET D 2363 18.56 30.15 84.30
CA MET D 2363 19.86 29.68 83.82
C MET D 2363 20.32 28.49 84.64
N VAL D 2364 20.25 28.59 85.96
CA VAL D 2364 20.60 27.47 86.82
C VAL D 2364 19.75 26.26 86.48
N LEU D 2365 18.50 26.49 86.10
CA LEU D 2365 17.67 25.38 85.62
C LEU D 2365 18.20 24.85 84.29
N PHE D 2366 18.43 25.75 83.33
CA PHE D 2366 18.87 25.33 82.00
C PHE D 2366 20.23 24.66 82.08
N LEU D 2367 21.14 25.22 82.88
CA LEU D 2367 22.45 24.64 83.10
C LEU D 2367 22.40 23.31 83.85
N ASP D 2368 21.26 22.97 84.43
CA ASP D 2368 21.13 21.75 85.21
C ASP D 2368 20.41 20.64 84.47
N ARG D 2369 19.23 20.93 83.90
CA ARG D 2369 18.52 19.92 83.14
C ARG D 2369 19.22 19.61 81.83
N VAL D 2370 19.74 20.61 81.16
CA VAL D 2370 20.67 20.45 80.05
C VAL D 2370 22.05 20.79 80.57
N TYR D 2371 23.07 20.12 80.07
CA TYR D 2371 24.44 20.35 80.52
C TYR D 2371 24.59 20.00 82.00
N GLY D 2372 24.16 18.81 82.36
CA GLY D 2372 24.18 18.40 83.76
C GLY D 2372 25.54 18.53 84.41
N ILE D 2373 25.59 19.11 85.60
CA ILE D 2373 26.86 19.30 86.30
C ILE D 2373 27.41 17.93 86.67
N LYS D 2374 28.51 17.54 86.02
CA LYS D 2374 29.08 16.22 86.23
C LYS D 2374 30.57 16.21 86.49
N ASP D 2375 31.26 17.35 86.38
CA ASP D 2375 32.70 17.42 86.61
C ASP D 2375 32.99 18.29 87.81
N GLN D 2376 33.91 17.83 88.66
CA GLN D 2376 34.25 18.58 89.86
C GLN D 2376 34.82 19.94 89.53
N THR D 2377 35.68 20.02 88.51
CA THR D 2377 36.29 21.29 88.15
C THR D 2377 35.24 22.28 87.68
N PHE D 2378 34.28 21.82 86.86
CA PHE D 2378 33.22 22.71 86.41
C PHE D 2378 32.37 23.21 87.57
N LEU D 2379 32.01 22.32 88.48
CA LEU D 2379 31.21 22.72 89.63
C LEU D 2379 31.96 23.73 90.49
N LEU D 2380 33.25 23.50 90.72
CA LEU D 2380 34.03 24.42 91.54
C LEU D 2380 34.19 25.78 90.85
N HIS D 2381 34.39 25.78 89.54
CA HIS D 2381 34.47 27.05 88.81
C HIS D 2381 33.15 27.81 88.90
N LEU D 2382 32.04 27.10 88.71
CA LEU D 2382 30.72 27.73 88.80
C LEU D 2382 30.49 28.28 90.20
N LEU D 2383 30.89 27.54 91.23
CA LEU D 2383 30.71 28.00 92.60
C LEU D 2383 31.60 29.20 92.90
N GLU D 2384 32.79 29.24 92.30
CA GLU D 2384 33.70 30.35 92.59
C GLU D 2384 33.25 31.63 91.91
N VAL D 2385 32.82 31.55 90.65
CA VAL D 2385 32.45 32.76 89.91
C VAL D 2385 30.98 33.08 90.07
N GLY D 2386 30.09 32.09 90.02
CA GLY D 2386 28.68 32.38 90.04
C GLY D 2386 28.02 32.49 91.39
N PHE D 2387 28.04 31.41 92.18
CA PHE D 2387 27.17 31.30 93.34
C PHE D 2387 27.73 31.96 94.58
N LEU D 2388 29.04 31.92 94.78
CA LEU D 2388 29.62 32.44 96.01
C LEU D 2388 29.37 33.94 96.19
N PRO D 2389 29.54 34.79 95.18
CA PRO D 2389 29.19 36.21 95.38
C PRO D 2389 27.73 36.42 95.74
N ASP D 2390 26.81 35.64 95.18
CA ASP D 2390 25.41 35.75 95.55
C ASP D 2390 25.19 35.36 97.02
N LEU D 2391 25.82 34.28 97.45
CA LEU D 2391 25.70 33.88 98.85
C LEU D 2391 26.25 34.97 99.77
N ARG D 2392 27.39 35.55 99.40
CA ARG D 2392 27.97 36.62 100.21
C ARG D 2392 27.05 37.83 100.26
N ALA D 2393 26.45 38.20 99.13
CA ALA D 2393 25.52 39.33 99.13
C ALA D 2393 24.31 39.06 100.00
N SER D 2394 23.77 37.85 99.93
CA SER D 2394 22.62 37.51 100.77
C SER D 2394 22.99 37.58 102.25
N ALA D 2395 24.19 37.10 102.60
CA ALA D 2395 24.64 37.22 103.99
C ALA D 2395 24.79 38.68 104.39
N SER D 2396 25.34 39.51 103.49
CA SER D 2396 25.55 40.92 103.80
C SER D 2396 24.24 41.66 103.99
N LEU D 2397 23.19 41.25 103.28
CA LEU D 2397 21.88 41.86 103.42
C LEU D 2397 21.10 41.31 104.60
N ASP D 2398 21.76 40.74 105.59
CA ASP D 2398 21.09 40.15 106.74
C ASP D 2398 20.98 41.09 107.93
N THR D 2399 21.34 42.36 107.75
CA THR D 2399 21.19 43.31 108.84
C THR D 2399 19.72 43.47 109.21
N VAL D 2400 19.48 44.18 110.32
CA VAL D 2400 18.12 44.33 110.82
C VAL D 2400 17.27 45.15 109.86
N SER D 2401 17.88 46.13 109.18
CA SER D 2401 17.12 47.00 108.29
C SER D 2401 16.95 46.39 106.91
N LEU D 2402 18.03 45.85 106.33
CA LEU D 2402 18.01 45.36 104.97
C LEU D 2402 17.44 43.95 104.83
N SER D 2403 17.25 43.23 105.94
CA SER D 2403 16.82 41.83 105.83
C SER D 2403 15.41 41.71 105.28
N THR D 2404 14.55 42.68 105.57
CA THR D 2404 13.14 42.59 105.20
C THR D 2404 12.84 43.19 103.83
N THR D 2405 13.81 43.83 103.18
CA THR D 2405 13.55 44.44 101.88
C THR D 2405 13.21 43.37 100.85
N GLU D 2406 12.45 43.78 99.84
CA GLU D 2406 12.03 42.82 98.83
C GLU D 2406 13.20 42.24 98.06
N ALA D 2407 14.28 43.01 97.91
CA ALA D 2407 15.47 42.48 97.24
C ALA D 2407 16.06 41.32 98.02
N ALA D 2408 16.12 41.45 99.35
CA ALA D 2408 16.66 40.36 100.16
C ALA D 2408 15.77 39.13 100.08
N LEU D 2409 14.45 39.32 100.10
CA LEU D 2409 13.55 38.16 99.97
C LEU D 2409 13.71 37.48 98.63
N ALA D 2410 13.83 38.26 97.55
CA ALA D 2410 14.03 37.66 96.23
C ALA D 2410 15.35 36.90 96.16
N LEU D 2411 16.42 37.48 96.72
CA LEU D 2411 17.70 36.80 96.71
C LEU D 2411 17.65 35.52 97.52
N ASN D 2412 16.96 35.53 98.66
CA ASN D 2412 16.82 34.31 99.45
C ASN D 2412 16.04 33.25 98.69
N ARG D 2413 14.97 33.64 98.01
CA ARG D 2413 14.21 32.66 97.22
C ARG D 2413 15.08 32.07 96.13
N TYR D 2414 15.87 32.90 95.44
CA TYR D 2414 16.76 32.38 94.42
C TYR D 2414 17.77 31.41 95.00
N LEU D 2415 18.39 31.77 96.13
CA LEU D 2415 19.40 30.91 96.72
C LEU D 2415 18.81 29.58 97.18
N CYS D 2416 17.65 29.63 97.83
CA CYS D 2416 17.08 28.43 98.44
C CYS D 2416 16.26 27.60 97.47
N SER D 2417 15.97 28.10 96.27
CA SER D 2417 15.21 27.34 95.30
C SER D 2417 16.00 26.96 94.06
N ALA D 2418 17.11 27.62 93.79
CA ALA D 2418 17.93 27.32 92.61
C ALA D 2418 19.36 26.93 92.97
N VAL D 2419 20.04 27.70 93.82
CA VAL D 2419 21.46 27.50 94.05
C VAL D 2419 21.70 26.36 95.04
N LEU D 2420 21.16 26.51 96.25
CA LEU D 2420 21.48 25.57 97.32
C LEU D 2420 21.06 24.15 97.03
N PRO D 2421 19.86 23.86 96.53
CA PRO D 2421 19.56 22.48 96.12
C PRO D 2421 20.51 21.94 95.08
N LEU D 2422 20.95 22.78 94.15
CA LEU D 2422 21.93 22.34 93.17
C LEU D 2422 23.24 21.94 93.83
N LEU D 2423 23.69 22.72 94.80
CA LEU D 2423 24.90 22.34 95.53
C LEU D 2423 24.68 21.06 96.32
N THR D 2424 23.49 20.89 96.90
CA THR D 2424 23.20 19.69 97.68
C THR D 2424 23.25 18.44 96.80
N ARG D 2425 22.66 18.51 95.61
CA ARG D 2425 22.70 17.34 94.72
C ARG D 2425 24.12 17.02 94.28
N CYS D 2426 24.94 18.05 94.07
CA CYS D 2426 26.32 17.87 93.66
C CYS D 2426 27.27 17.74 94.83
N ALA D 2427 26.76 17.32 95.99
CA ALA D 2427 27.62 17.14 97.16
C ALA D 2427 28.75 16.13 96.93
N PRO D 2428 28.51 14.96 96.32
CA PRO D 2428 29.62 14.01 96.12
C PRO D 2428 30.79 14.58 95.36
N LEU D 2429 30.57 15.54 94.46
CA LEU D 2429 31.67 16.13 93.72
C LEU D 2429 32.60 16.96 94.59
N PHE D 2430 32.20 17.30 95.81
CA PHE D 2430 33.08 18.00 96.71
C PHE D 2430 34.18 17.12 97.27
N ALA D 2431 34.05 15.81 97.15
CA ALA D 2431 35.06 14.90 97.66
C ALA D 2431 36.35 15.01 96.85
N GLY D 2432 37.48 14.93 97.55
CA GLY D 2432 38.76 15.03 96.88
C GLY D 2432 39.04 16.40 96.28
N THR D 2433 38.74 17.46 97.02
CA THR D 2433 39.01 18.82 96.57
C THR D 2433 40.03 19.49 97.49
N GLU D 2434 41.11 18.77 97.79
CA GLU D 2434 42.13 19.32 98.69
C GLU D 2434 42.86 20.52 98.11
N HIS D 2435 42.79 20.72 96.80
CA HIS D 2435 43.49 21.83 96.16
C HIS D 2435 42.70 23.12 96.14
N TYR D 2436 41.42 23.09 96.57
CA TYR D 2436 40.57 24.27 96.56
C TYR D 2436 40.13 24.66 97.97
N THR D 2437 40.88 24.21 98.99
CA THR D 2437 40.41 24.27 100.37
C THR D 2437 39.93 25.66 100.75
N SER D 2438 40.74 26.68 100.47
CA SER D 2438 40.38 28.04 100.83
C SER D 2438 39.01 28.40 100.29
N LEU D 2439 38.80 28.19 98.99
CA LEU D 2439 37.50 28.45 98.40
C LEU D 2439 36.41 27.72 99.16
N ILE D 2440 36.59 26.41 99.34
CA ILE D 2440 35.61 25.60 100.05
C ILE D 2440 35.35 26.20 101.43
N ASP D 2441 36.42 26.56 102.13
CA ASP D 2441 36.27 27.13 103.46
C ASP D 2441 35.34 28.34 103.42
N SER D 2442 35.63 29.26 102.50
CA SER D 2442 34.80 30.46 102.39
C SER D 2442 33.35 30.08 102.16
N THR D 2443 33.12 29.15 101.23
CA THR D 2443 31.76 28.70 100.95
C THR D 2443 31.07 28.28 102.22
N LEU D 2444 31.71 27.39 102.98
CA LEU D 2444 31.10 26.89 104.20
C LEU D 2444 30.69 28.03 105.11
N GLN D 2445 31.61 28.98 105.32
CA GLN D 2445 31.32 30.10 106.21
C GLN D 2445 30.04 30.80 105.78
N THR D 2446 29.95 31.15 104.50
CA THR D 2446 28.79 31.89 104.04
C THR D 2446 27.53 31.07 104.26
N ILE D 2447 27.58 29.78 103.92
CA ILE D 2447 26.38 28.97 104.08
C ILE D 2447 26.02 28.87 105.55
N TYR D 2448 27.04 28.71 106.42
CA TYR D 2448 26.75 28.72 107.85
C TYR D 2448 26.15 30.05 108.26
N ARG D 2449 26.70 31.15 107.73
CA ARG D 2449 26.17 32.46 108.07
C ARG D 2449 24.77 32.66 107.51
N LEU D 2450 24.36 31.86 106.52
CA LEU D 2450 22.99 31.94 106.06
C LEU D 2450 22.03 31.15 106.95
N SER D 2451 22.53 30.14 107.66
CA SER D 2451 21.65 29.38 108.54
C SER D 2451 21.12 30.26 109.66
N LYS D 2452 21.95 31.15 110.19
CA LYS D 2452 21.53 32.07 111.24
C LYS D 2452 20.88 33.30 110.66
N GLY D 2453 19.91 33.11 109.78
CA GLY D 2453 19.23 34.23 109.17
C GLY D 2453 18.08 34.75 110.00
N ARG D 2454 17.66 35.97 109.68
CA ARG D 2454 16.54 36.59 110.39
C ARG D 2454 15.22 36.37 109.68
N SER D 2455 15.16 36.70 108.39
CA SER D 2455 13.91 36.69 107.64
C SER D 2455 13.65 35.36 106.93
N LEU D 2456 14.53 34.38 107.10
CA LEU D 2456 14.32 33.08 106.46
C LEU D 2456 13.07 32.42 107.01
N THR D 2457 12.34 31.73 106.14
CA THR D 2457 11.22 30.91 106.59
C THR D 2457 11.75 29.55 107.04
N LYS D 2458 10.82 28.66 107.41
CA LYS D 2458 11.23 27.32 107.85
C LYS D 2458 11.82 26.52 106.70
N ALA D 2459 11.16 26.55 105.53
CA ALA D 2459 11.64 25.76 104.40
C ALA D 2459 13.01 26.24 103.94
N GLN D 2460 13.22 27.55 103.87
CA GLN D 2460 14.50 28.07 103.43
C GLN D 2460 15.63 27.71 104.39
N ARG D 2461 15.38 27.86 105.69
CA ARG D 2461 16.41 27.50 106.67
C ARG D 2461 16.70 26.01 106.63
N ASP D 2462 15.66 25.19 106.45
CA ASP D 2462 15.87 23.75 106.31
C ASP D 2462 16.73 23.44 105.09
N THR D 2463 16.47 24.10 103.97
CA THR D 2463 17.27 23.88 102.77
C THR D 2463 18.72 24.27 103.00
N ILE D 2464 18.95 25.41 103.64
CA ILE D 2464 20.31 25.86 103.89
C ILE D 2464 21.05 24.87 104.79
N GLU D 2465 20.40 24.44 105.86
CA GLU D 2465 21.04 23.50 106.78
C GLU D 2465 21.30 22.16 106.11
N GLU D 2466 20.35 21.67 105.31
CA GLU D 2466 20.54 20.40 104.61
C GLU D 2466 21.70 20.49 103.63
N CYS D 2467 21.81 21.60 102.90
CA CYS D 2467 22.93 21.77 101.99
C CYS D 2467 24.25 21.79 102.75
N LEU D 2468 24.29 22.49 103.88
CA LEU D 2468 25.52 22.52 104.67
C LEU D 2468 25.91 21.14 105.15
N LEU D 2469 24.93 20.37 105.66
CA LEU D 2469 25.24 19.03 106.14
C LEU D 2469 25.72 18.12 105.02
N ALA D 2470 25.04 18.16 103.87
CA ALA D 2470 25.45 17.32 102.76
C ALA D 2470 26.85 17.69 102.27
N ILE D 2471 27.16 18.98 102.18
CA ILE D 2471 28.48 19.41 101.75
C ILE D 2471 29.54 18.94 102.73
N CYS D 2472 29.30 19.16 104.02
CA CYS D 2472 30.29 18.77 105.03
C CYS D 2472 30.47 17.27 105.12
N ASN D 2473 29.44 16.50 104.73
CA ASN D 2473 29.53 15.05 104.86
C ASN D 2473 30.61 14.46 103.95
N HIS D 2474 30.90 15.09 102.83
CA HIS D 2474 31.84 14.56 101.85
C HIS D 2474 33.21 15.21 101.90
N LEU D 2475 33.43 16.18 102.78
CA LEU D 2475 34.73 16.81 102.91
C LEU D 2475 35.59 16.05 103.91
N ARG D 2476 36.90 16.08 103.68
CA ARG D 2476 37.82 15.45 104.60
C ARG D 2476 38.00 16.30 105.85
N PRO D 2477 38.53 15.72 106.92
CA PRO D 2477 38.66 16.47 108.18
C PRO D 2477 39.54 17.70 108.09
N SER D 2478 40.45 17.77 107.12
CA SER D 2478 41.36 18.91 107.05
C SER D 2478 40.65 20.18 106.59
N MET D 2479 39.57 20.04 105.83
CA MET D 2479 38.88 21.18 105.25
C MET D 2479 37.72 21.69 106.08
N LEU D 2480 37.43 21.06 107.22
CA LEU D 2480 36.34 21.51 108.08
C LEU D 2480 36.81 22.32 109.28
N GLN D 2481 38.12 22.33 109.55
CA GLN D 2481 38.62 22.85 110.82
C GLN D 2481 38.15 24.28 111.07
N GLN D 2482 38.31 25.15 110.08
CA GLN D 2482 37.88 26.53 110.22
C GLN D 2482 36.44 26.60 110.67
N LEU D 2483 35.55 25.87 109.98
CA LEU D 2483 34.14 25.87 110.36
C LEU D 2483 33.98 25.40 111.80
N LEU D 2484 34.68 24.31 112.16
CA LEU D 2484 34.58 23.81 113.52
C LEU D 2484 35.00 24.86 114.53
N ARG D 2485 36.03 25.65 114.19
CA ARG D 2485 36.47 26.72 115.08
C ARG D 2485 35.32 27.67 115.37
N ARG D 2486 34.60 28.08 114.32
CA ARG D 2486 33.44 28.93 114.54
C ARG D 2486 32.40 28.23 115.41
N LEU D 2487 32.18 26.95 115.17
CA LEU D 2487 31.21 26.22 115.98
C LEU D 2487 31.64 26.16 117.44
N VAL D 2488 32.95 26.20 117.71
CA VAL D 2488 33.41 26.17 119.08
C VAL D 2488 32.93 27.39 119.85
N PHE D 2489 32.61 28.48 119.14
CA PHE D 2489 32.07 29.66 119.77
C PHE D 2489 30.56 29.66 119.84
N ASP D 2490 29.88 28.83 119.05
CA ASP D 2490 28.43 28.88 118.93
C ASP D 2490 27.72 27.71 119.58
N VAL D 2491 28.18 26.48 119.31
CA VAL D 2491 27.49 25.31 119.85
C VAL D 2491 27.41 25.32 121.37
N PRO D 2492 28.46 25.68 122.12
CA PRO D 2492 28.34 25.69 123.58
C PRO D 2492 27.25 26.60 124.10
N GLN D 2493 26.86 27.63 123.35
CA GLN D 2493 25.75 28.48 123.80
C GLN D 2493 24.45 27.69 123.87
N LEU D 2494 24.21 26.81 122.91
CA LEU D 2494 23.02 25.97 122.89
C LEU D 2494 21.75 26.82 122.78
N ASN D 2495 21.71 27.63 121.72
CA ASN D 2495 20.56 28.47 121.42
C ASN D 2495 19.61 27.73 120.48
N GLU D 2496 18.68 28.46 119.86
CA GLU D 2496 17.73 27.84 118.96
C GLU D 2496 18.43 27.16 117.79
N TYR D 2497 19.43 27.82 117.21
CA TYR D 2497 20.14 27.29 116.06
C TYR D 2497 21.29 26.37 116.50
N CYS D 2498 20.91 25.31 117.21
CA CYS D 2498 21.88 24.33 117.68
C CYS D 2498 21.67 22.93 117.12
N LYS D 2499 20.47 22.62 116.61
CA LYS D 2499 20.22 21.29 116.08
C LYS D 2499 21.17 20.96 114.93
N MET D 2500 21.25 21.85 113.95
CA MET D 2500 22.12 21.60 112.80
C MET D 2500 23.59 21.50 113.18
N PRO D 2501 24.16 22.43 113.95
CA PRO D 2501 25.57 22.26 114.35
C PRO D 2501 25.82 20.99 115.12
N LEU D 2502 24.91 20.61 116.01
CA LEU D 2502 25.07 19.36 116.76
C LEU D 2502 25.07 18.17 115.83
N LYS D 2503 24.15 18.14 114.88
CA LYS D 2503 24.10 17.01 113.94
C LYS D 2503 25.34 16.98 113.05
N LEU D 2504 25.84 18.15 112.65
CA LEU D 2504 27.04 18.21 111.84
C LEU D 2504 28.24 17.68 112.60
N LEU D 2505 28.40 18.10 113.85
CA LEU D 2505 29.50 17.59 114.67
C LEU D 2505 29.36 16.10 114.88
N THR D 2506 28.15 15.61 115.14
CA THR D 2506 27.92 14.19 115.32
C THR D 2506 28.35 13.42 114.09
N ASN D 2507 27.87 13.82 112.92
CA ASN D 2507 28.21 13.11 111.69
C ASN D 2507 29.72 13.13 111.44
N HIS D 2508 30.34 14.29 111.60
CA HIS D 2508 31.77 14.40 111.29
C HIS D 2508 32.60 13.53 112.22
N TYR D 2509 32.38 13.64 113.53
CA TYR D 2509 33.19 12.90 114.47
C TYR D 2509 32.79 11.44 114.59
N GLU D 2510 31.66 11.04 114.04
CA GLU D 2510 31.28 9.64 114.02
C GLU D 2510 31.67 8.94 112.74
N GLN D 2511 31.90 9.69 111.67
CA GLN D 2511 32.40 9.11 110.43
C GLN D 2511 33.93 9.15 110.35
N CYS D 2512 34.56 10.15 110.95
CA CYS D 2512 36.00 10.35 110.87
C CYS D 2512 36.69 10.05 112.19
N TRP D 2513 36.22 9.03 112.91
CA TRP D 2513 36.78 8.75 114.22
C TRP D 2513 38.17 8.12 114.13
N LYS D 2514 38.42 7.32 113.09
CA LYS D 2514 39.76 6.76 112.91
C LYS D 2514 40.78 7.86 112.67
N TYR D 2515 40.37 8.94 112.01
CA TYR D 2515 41.28 10.05 111.76
C TYR D 2515 41.78 10.68 113.05
N TYR D 2516 41.00 10.56 114.13
CA TYR D 2516 41.34 11.17 115.40
C TYR D 2516 41.80 10.18 116.46
N CYS D 2517 41.30 8.94 116.43
CA CYS D 2517 41.57 8.00 117.51
C CYS D 2517 42.79 7.13 117.21
N LEU D 2518 42.76 6.39 116.11
CA LEU D 2518 43.84 5.48 115.80
C LEU D 2518 45.13 6.25 115.54
N PRO D 2519 46.24 5.87 116.18
CA PRO D 2519 47.51 6.56 115.90
C PRO D 2519 47.94 6.44 114.45
N SER D 2520 47.66 5.32 113.79
CA SER D 2520 48.05 5.18 112.39
C SER D 2520 47.33 6.19 111.50
N GLY D 2521 46.04 6.38 111.72
CA GLY D 2521 45.24 7.28 110.92
C GLY D 2521 44.21 6.52 110.09
N TRP D 2522 43.43 7.28 109.35
CA TRP D 2522 42.33 6.74 108.55
C TRP D 2522 42.76 6.55 107.09
N GLY D 2523 43.73 5.66 106.91
CA GLY D 2523 44.18 5.36 105.55
C GLY D 2523 44.75 6.57 104.86
N SER D 2524 44.26 6.84 103.64
CA SER D 2524 44.78 7.95 102.86
C SER D 2524 44.50 9.30 103.51
N TYR D 2525 43.43 9.39 104.30
CA TYR D 2525 43.11 10.65 104.96
C TYR D 2525 44.19 11.06 105.95
N GLY D 2526 44.99 10.12 106.45
CA GLY D 2526 46.09 10.45 107.32
C GLY D 2526 45.66 10.65 108.76
N LEU D 2527 46.67 10.85 109.62
CA LEU D 2527 46.43 11.08 111.03
C LEU D 2527 46.13 12.55 111.28
N ALA D 2528 45.59 12.82 112.46
CA ALA D 2528 45.20 14.17 112.84
C ALA D 2528 46.43 14.97 113.27
N VAL D 2529 46.21 16.14 113.84
CA VAL D 2529 47.28 16.98 114.36
C VAL D 2529 46.88 17.47 115.74
N GLU D 2530 47.85 18.02 116.47
CA GLU D 2530 47.61 18.43 117.85
C GLU D 2530 46.56 19.53 117.90
N GLU D 2531 46.59 20.47 116.95
CA GLU D 2531 45.62 21.56 116.97
C GLU D 2531 44.19 21.04 116.81
N GLU D 2532 43.98 20.10 115.90
CA GLU D 2532 42.65 19.56 115.69
C GLU D 2532 42.14 18.83 116.94
N LEU D 2533 43.00 18.03 117.56
CA LEU D 2533 42.60 17.32 118.78
C LEU D 2533 42.30 18.29 119.90
N HIS D 2534 43.10 19.36 120.02
CA HIS D 2534 42.83 20.38 121.02
C HIS D 2534 41.48 21.04 120.78
N LEU D 2535 41.17 21.33 119.52
CA LEU D 2535 39.88 21.92 119.19
C LEU D 2535 38.74 20.98 119.56
N THR D 2536 38.91 19.68 119.25
CA THR D 2536 37.88 18.71 119.59
C THR D 2536 37.65 18.64 121.10
N GLU D 2537 38.74 18.63 121.88
CA GLU D 2537 38.59 18.57 123.33
C GLU D 2537 37.93 19.83 123.87
N LYS D 2538 38.31 20.99 123.34
CA LYS D 2538 37.68 22.23 123.78
C LYS D 2538 36.19 22.24 123.48
N LEU D 2539 35.83 21.76 122.29
CA LEU D 2539 34.41 21.68 121.91
C LEU D 2539 33.66 20.76 122.85
N PHE D 2540 34.22 19.57 123.13
CA PHE D 2540 33.57 18.64 124.04
C PHE D 2540 33.36 19.25 125.41
N TRP D 2541 34.40 19.86 125.96
CA TRP D 2541 34.28 20.43 127.30
C TRP D 2541 33.28 21.58 127.34
N GLY D 2542 33.30 22.43 126.32
CA GLY D 2542 32.33 23.52 126.28
C GLY D 2542 30.91 23.03 126.24
N ILE D 2543 30.61 22.07 125.36
CA ILE D 2543 29.25 21.55 125.27
C ILE D 2543 28.85 20.86 126.56
N PHE D 2544 29.76 20.07 127.14
CA PHE D 2544 29.43 19.35 128.37
C PHE D 2544 29.12 20.31 129.51
N ASP D 2545 29.99 21.29 129.72
CA ASP D 2545 29.77 22.24 130.81
C ASP D 2545 28.50 23.05 130.59
N SER D 2546 28.24 23.47 129.34
CA SER D 2546 27.03 24.23 129.07
C SER D 2546 25.79 23.39 129.32
N LEU D 2547 25.80 22.14 128.87
CA LEU D 2547 24.65 21.27 129.06
C LEU D 2547 24.43 20.94 130.52
N SER D 2548 25.50 20.93 131.33
CA SER D 2548 25.35 20.65 132.75
C SER D 2548 24.54 21.70 133.48
N HIS D 2549 24.41 22.90 132.92
CA HIS D 2549 23.70 24.01 133.55
C HIS D 2549 22.47 24.43 132.76
N LYS D 2550 21.70 23.46 132.27
CA LYS D 2550 20.52 23.72 131.48
C LYS D 2550 19.31 23.08 132.13
N LYS D 2551 18.19 23.80 132.14
CA LYS D 2551 16.94 23.21 132.56
C LYS D 2551 16.57 22.09 131.58
N TYR D 2552 16.11 20.97 132.13
CA TYR D 2552 15.92 19.76 131.35
C TYR D 2552 14.95 19.98 130.19
N ASP D 2553 15.47 19.88 128.96
CA ASP D 2553 14.66 19.92 127.75
C ASP D 2553 14.92 18.64 126.97
N PRO D 2554 13.90 17.80 126.76
CA PRO D 2554 14.17 16.51 126.10
C PRO D 2554 14.81 16.63 124.72
N ASP D 2555 14.37 17.59 123.91
CA ASP D 2555 14.92 17.70 122.56
C ASP D 2555 16.39 18.12 122.60
N LEU D 2556 16.73 19.11 123.42
CA LEU D 2556 18.10 19.58 123.49
C LEU D 2556 19.03 18.47 123.97
N PHE D 2557 18.63 17.76 125.03
CA PHE D 2557 19.47 16.68 125.54
C PHE D 2557 19.60 15.56 124.52
N ARG D 2558 18.49 15.22 123.85
CA ARG D 2558 18.53 14.15 122.86
C ARG D 2558 19.46 14.51 121.70
N MET D 2559 19.49 15.78 121.31
CA MET D 2559 20.39 16.19 120.24
C MET D 2559 21.84 16.27 120.71
N ALA D 2560 22.06 16.73 121.95
CA ALA D 2560 23.41 16.96 122.44
C ALA D 2560 24.14 15.68 122.81
N LEU D 2561 23.42 14.67 123.30
CA LEU D 2561 24.08 13.46 123.76
C LEU D 2561 24.90 12.77 122.68
N PRO D 2562 24.36 12.50 121.49
CA PRO D 2562 25.18 11.86 120.44
C PRO D 2562 26.39 12.68 120.05
N CYS D 2563 26.30 14.01 120.06
CA CYS D 2563 27.46 14.83 119.75
C CYS D 2563 28.58 14.59 120.74
N LEU D 2564 28.25 14.59 122.04
CA LEU D 2564 29.26 14.35 123.05
C LEU D 2564 29.83 12.94 122.94
N SER D 2565 28.96 11.96 122.70
CA SER D 2565 29.45 10.59 122.55
C SER D 2565 30.40 10.46 121.38
N ALA D 2566 30.07 11.09 120.24
CA ALA D 2566 30.95 11.01 119.08
C ALA D 2566 32.28 11.70 119.33
N ILE D 2567 32.25 12.88 119.95
CA ILE D 2567 33.49 13.58 120.24
C ILE D 2567 34.37 12.77 121.18
N ALA D 2568 33.77 12.20 122.23
CA ALA D 2568 34.55 11.39 123.16
C ALA D 2568 35.11 10.14 122.48
N GLY D 2569 34.32 9.51 121.63
CA GLY D 2569 34.77 8.34 120.92
C GLY D 2569 35.72 8.63 119.79
N ALA D 2570 35.93 9.90 119.45
CA ALA D 2570 36.95 10.30 118.49
C ALA D 2570 38.25 10.70 119.16
N LEU D 2571 38.18 11.43 120.27
CA LEU D 2571 39.39 11.82 120.98
C LEU D 2571 40.08 10.60 121.58
N PRO D 2572 41.37 10.43 121.37
CA PRO D 2572 42.09 9.34 122.03
C PRO D 2572 42.00 9.47 123.53
N PRO D 2573 41.84 8.36 124.25
CA PRO D 2573 41.65 8.44 125.70
C PRO D 2573 42.82 9.05 126.43
N ASP D 2574 44.02 9.01 125.85
CA ASP D 2574 45.23 9.49 126.50
C ASP D 2574 45.78 10.72 125.79
N TYR D 2575 44.90 11.63 125.38
CA TYR D 2575 45.33 12.85 124.69
C TYR D 2575 45.76 13.87 125.74
N LEU D 2576 47.06 13.96 125.96
CA LEU D 2576 47.61 14.94 126.89
C LEU D 2576 47.75 16.27 126.18
N ASP D 2577 46.99 17.27 126.63
CA ASP D 2577 46.97 18.58 125.97
C ASP D 2577 47.97 19.50 126.65
N THR D 2578 48.99 19.92 125.91
CA THR D 2578 50.02 20.82 126.42
C THR D 2578 49.59 22.25 126.12
N ARG D 2579 48.89 22.86 127.07
CA ARG D 2579 48.43 24.24 126.92
C ARG D 2579 48.64 25.04 128.20
N SER D 2808 53.99 14.63 129.70
CA SER D 2808 53.85 15.33 130.96
C SER D 2808 53.17 14.45 132.00
N SER D 2809 52.58 15.08 133.01
CA SER D 2809 51.91 14.33 134.06
C SER D 2809 50.72 13.57 133.49
N MET D 2810 50.47 12.38 134.05
CA MET D 2810 49.36 11.56 133.60
C MET D 2810 48.01 12.08 134.07
N GLU D 2811 47.99 13.12 134.90
CA GLU D 2811 46.73 13.71 135.34
C GLU D 2811 46.17 14.72 134.35
N LYS D 2812 46.87 14.98 133.25
CA LYS D 2812 46.38 15.86 132.21
C LYS D 2812 45.74 15.11 131.05
N ARG D 2813 45.67 13.79 131.12
CA ARG D 2813 45.05 13.03 130.05
C ARG D 2813 43.55 13.30 130.02
N PHE D 2814 42.96 13.13 128.83
CA PHE D 2814 41.53 13.36 128.70
C PHE D 2814 40.72 12.36 129.50
N ALA D 2815 41.12 11.08 129.47
CA ALA D 2815 40.36 10.06 130.18
C ALA D 2815 40.38 10.31 131.67
N TYR D 2816 41.52 10.75 132.20
CA TYR D 2816 41.60 11.04 133.63
C TYR D 2816 40.64 12.16 134.02
N LYS D 2817 40.61 13.24 133.24
CA LYS D 2817 39.69 14.34 133.54
C LYS D 2817 38.24 13.87 133.44
N PHE D 2818 37.93 13.09 132.41
CA PHE D 2818 36.56 12.61 132.22
C PHE D 2818 36.12 11.76 133.41
N LEU D 2819 36.98 10.83 133.83
CA LEU D 2819 36.63 9.97 134.96
C LEU D 2819 36.53 10.77 136.25
N LYS D 2820 37.40 11.75 136.45
CA LYS D 2820 37.32 12.57 137.65
C LYS D 2820 36.01 13.35 137.70
N LYS D 2821 35.62 13.95 136.57
CA LYS D 2821 34.36 14.68 136.51
C LYS D 2821 33.18 13.75 136.79
N ILE D 2822 33.19 12.56 136.19
CA ILE D 2822 32.09 11.64 136.38
C ILE D 2822 32.02 11.15 137.82
N LEU D 2823 33.17 10.93 138.45
CA LEU D 2823 33.18 10.53 139.86
C LEU D 2823 32.62 11.63 140.74
N LYS D 2824 32.98 12.89 140.46
CA LYS D 2824 32.40 13.99 141.24
C LYS D 2824 30.89 14.05 141.06
N TYR D 2825 30.42 13.87 139.83
CA TYR D 2825 28.98 13.88 139.60
C TYR D 2825 28.29 12.72 140.33
N VAL D 2826 28.92 11.55 140.36
CA VAL D 2826 28.33 10.42 141.06
C VAL D 2826 28.30 10.68 142.57
N ASP D 2827 29.35 11.31 143.10
CA ASP D 2827 29.35 11.66 144.52
C ASP D 2827 28.21 12.61 144.84
N SER D 2828 27.99 13.62 143.99
CA SER D 2828 26.86 14.52 144.21
C SER D 2828 25.54 13.79 144.09
N ALA D 2829 25.42 12.90 143.11
CA ALA D 2829 24.18 12.16 142.90
C ALA D 2829 23.89 11.25 144.07
N GLN D 2830 24.92 10.80 144.79
CA GLN D 2830 24.68 10.02 146.00
C GLN D 2830 23.85 10.82 147.01
N GLU D 2831 24.28 12.05 147.30
CA GLU D 2831 23.53 12.90 148.22
C GLU D 2831 22.16 13.23 147.67
N PHE D 2832 22.07 13.51 146.37
CA PHE D 2832 20.79 13.85 145.76
C PHE D 2832 19.80 12.69 145.89
N ILE D 2833 20.26 11.46 145.64
CA ILE D 2833 19.38 10.30 145.74
C ILE D 2833 19.01 10.02 147.19
N ALA D 2834 19.95 10.23 148.12
CA ALA D 2834 19.62 10.06 149.53
C ALA D 2834 18.52 11.04 149.95
N HIS D 2835 18.65 12.31 149.54
CA HIS D 2835 17.63 13.30 149.88
C HIS D 2835 16.30 12.99 149.21
N LEU D 2836 16.35 12.51 147.96
CA LEU D 2836 15.12 12.14 147.27
C LEU D 2836 14.41 11.00 148.00
N GLU D 2837 15.17 10.00 148.43
CA GLU D 2837 14.56 8.90 149.18
C GLU D 2837 14.01 9.39 150.51
N ALA D 2838 14.70 10.32 151.16
CA ALA D 2838 14.19 10.87 152.41
C ALA D 2838 12.87 11.61 152.20
N ILE D 2839 12.78 12.42 151.14
CA ILE D 2839 11.54 13.15 150.87
C ILE D 2839 10.42 12.18 150.49
N VAL D 2840 10.76 11.10 149.78
CA VAL D 2840 9.77 10.09 149.45
C VAL D 2840 9.26 9.43 150.72
N SER D 2841 10.15 9.12 151.65
CA SER D 2841 9.73 8.54 152.93
C SER D 2841 8.84 9.49 153.70
N SER D 2842 9.17 10.78 153.68
CA SER D 2842 8.36 11.77 154.38
C SER D 2842 6.97 11.92 153.75
N GLY D 2843 6.79 11.48 152.50
CA GLY D 2843 5.52 11.58 151.84
C GLY D 2843 5.32 12.79 150.95
N LYS D 2844 6.30 13.71 150.91
CA LYS D 2844 6.17 14.88 150.06
C LYS D 2844 6.25 14.48 148.60
N THR D 2845 5.31 14.99 147.80
CA THR D 2845 5.23 14.66 146.38
C THR D 2845 5.74 15.78 145.49
N GLU D 2846 6.33 16.82 146.06
CA GLU D 2846 6.85 17.92 145.26
C GLU D 2846 8.12 17.49 144.53
N LYS D 2847 8.43 18.20 143.45
CA LYS D 2847 9.64 17.92 142.69
C LYS D 2847 10.87 18.21 143.53
N SER D 2848 11.91 17.40 143.34
CA SER D 2848 13.13 17.57 144.12
C SER D 2848 13.79 18.90 143.77
N PRO D 2849 14.42 19.57 144.74
CA PRO D 2849 15.14 20.82 144.42
C PRO D 2849 16.26 20.63 143.42
N HIS D 2850 16.90 19.45 143.41
CA HIS D 2850 17.99 19.15 142.48
C HIS D 2850 17.52 18.30 141.31
N ASP D 2851 16.29 18.51 140.84
CA ASP D 2851 15.77 17.72 139.74
C ASP D 2851 16.58 17.91 138.46
N GLN D 2852 17.16 19.10 138.28
CA GLN D 2852 18.03 19.32 137.12
C GLN D 2852 19.24 18.40 137.18
N GLU D 2853 19.87 18.30 138.35
CA GLU D 2853 21.03 17.43 138.49
C GLU D 2853 20.66 15.98 138.25
N ILE D 2854 19.52 15.53 138.79
CA ILE D 2854 19.11 14.15 138.60
C ILE D 2854 18.82 13.87 137.13
N LYS D 2855 18.13 14.80 136.45
CA LYS D 2855 17.83 14.60 135.04
C LYS D 2855 19.11 14.55 134.20
N PHE D 2856 20.07 15.43 134.50
CA PHE D 2856 21.34 15.39 133.78
C PHE D 2856 22.09 14.09 134.04
N PHE D 2857 22.11 13.64 135.29
CA PHE D 2857 22.82 12.42 135.64
C PHE D 2857 22.20 11.19 134.98
N ALA D 2858 20.87 11.12 134.96
CA ALA D 2858 20.20 9.93 134.46
C ALA D 2858 19.96 9.97 132.95
N LYS D 2859 20.09 11.13 132.31
CA LYS D 2859 19.78 11.25 130.90
C LYS D 2859 20.98 11.54 130.01
N VAL D 2860 22.09 12.02 130.59
CA VAL D 2860 23.29 12.36 129.82
C VAL D 2860 24.51 11.61 130.33
N LEU D 2861 24.70 11.58 131.65
CA LEU D 2861 25.93 11.02 132.20
C LEU D 2861 26.00 9.52 132.00
N LEU D 2862 24.94 8.79 132.34
CA LEU D 2862 24.99 7.33 132.25
C LEU D 2862 25.14 6.83 130.83
N PRO D 2863 24.33 7.25 129.85
CA PRO D 2863 24.56 6.81 128.48
C PRO D 2863 25.90 7.23 127.93
N LEU D 2864 26.38 8.41 128.33
CA LEU D 2864 27.70 8.86 127.90
C LEU D 2864 28.80 7.94 128.41
N VAL D 2865 28.73 7.56 129.69
CA VAL D 2865 29.72 6.65 130.25
C VAL D 2865 29.64 5.30 129.57
N ASP D 2866 28.41 4.81 129.35
CA ASP D 2866 28.24 3.53 128.68
C ASP D 2866 28.88 3.53 127.31
N GLN D 2867 28.62 4.56 126.51
CA GLN D 2867 29.20 4.61 125.17
C GLN D 2867 30.71 4.78 125.23
N TYR D 2868 31.21 5.59 126.16
CA TYR D 2868 32.65 5.82 126.26
C TYR D 2868 33.39 4.54 126.57
N PHE D 2869 32.87 3.74 127.50
CA PHE D 2869 33.54 2.49 127.82
C PHE D 2869 33.20 1.37 126.86
N THR D 2870 32.17 1.52 126.03
CA THR D 2870 31.98 0.59 124.94
C THR D 2870 32.95 0.85 123.80
N ASN D 2871 33.35 2.11 123.62
CA ASN D 2871 34.32 2.45 122.60
C ASN D 2871 35.74 2.18 123.07
N HIS D 2872 36.18 2.86 124.11
CA HIS D 2872 37.53 2.71 124.65
C HIS D 2872 37.56 1.62 125.72
N HIS D 2873 37.14 0.43 125.32
CA HIS D 2873 37.02 -0.68 126.26
C HIS D 2873 38.36 -1.37 126.47
N LEU D 2874 39.03 -1.75 125.38
CA LEU D 2874 40.32 -2.43 125.48
C LEU D 2874 41.40 -1.53 126.06
N TYR D 2875 41.28 -0.22 125.91
CA TYR D 2875 42.30 0.70 126.42
C TYR D 2875 42.42 0.61 127.93
N PHE D 2876 41.32 0.34 128.63
CA PHE D 2876 41.35 0.23 130.08
C PHE D 2876 41.63 -1.17 130.58
N LEU D 2877 41.67 -2.16 129.70
CA LEU D 2877 42.05 -3.52 130.08
C LEU D 2877 43.50 -3.85 129.75
N SER D 2878 44.05 -3.24 128.71
CA SER D 2878 45.40 -3.56 128.29
C SER D 2878 46.41 -3.16 129.35
N SER D 2879 47.54 -3.86 129.36
CA SER D 2879 48.65 -3.56 130.23
C SER D 2879 49.96 -3.75 129.45
N PRO D 2880 51.10 -3.38 130.01
CA PRO D 2880 52.36 -3.61 129.29
C PRO D 2880 52.60 -5.06 128.95
N LEU D 2881 52.19 -5.99 129.83
CA LEU D 2881 52.33 -7.41 129.52
C LEU D 2881 51.44 -7.81 128.35
N LYS D 2882 50.19 -7.35 128.34
CA LYS D 2882 49.24 -7.68 127.28
C LYS D 2882 48.75 -6.41 126.60
N PRO D 2883 49.24 -6.10 125.40
CA PRO D 2883 48.78 -4.92 124.65
C PRO D 2883 47.55 -5.19 123.80
N LEU D 2884 46.39 -5.27 124.45
CA LEU D 2884 45.15 -5.56 123.74
C LEU D 2884 44.76 -4.43 122.79
N SER D 2885 44.96 -3.19 123.22
CA SER D 2885 44.52 -2.02 122.46
C SER D 2885 45.71 -1.37 121.77
N SER D 2886 45.53 -1.05 120.48
CA SER D 2886 46.59 -0.39 119.73
C SER D 2886 46.81 1.03 120.22
N SER D 2887 45.76 1.68 120.73
CA SER D 2887 45.89 3.08 121.17
C SER D 2887 46.88 3.19 122.32
N GLY D 2888 46.83 2.27 123.27
CA GLY D 2888 47.71 2.32 124.42
C GLY D 2888 47.14 1.48 125.55
N TYR D 2889 47.59 1.79 126.76
CA TYR D 2889 47.07 1.15 127.96
C TYR D 2889 46.86 2.21 129.03
N ALA D 2890 45.73 2.10 129.74
CA ALA D 2890 45.40 3.06 130.76
C ALA D 2890 46.37 2.97 131.93
N SER D 2891 46.64 4.11 132.54
CA SER D 2891 47.52 4.14 133.70
C SER D 2891 46.85 3.48 134.90
N HIS D 2892 47.63 3.28 135.96
CA HIS D 2892 47.09 2.65 137.17
C HIS D 2892 45.97 3.49 137.77
N LYS D 2893 46.15 4.81 137.80
CA LYS D 2893 45.15 5.67 138.42
C LYS D 2893 43.83 5.60 137.67
N GLU D 2894 43.87 5.55 136.34
CA GLU D 2894 42.64 5.47 135.57
C GLU D 2894 41.91 4.15 135.83
N LYS D 2895 42.65 3.04 135.92
CA LYS D 2895 42.01 1.77 136.22
C LYS D 2895 41.39 1.77 137.61
N GLU D 2896 42.09 2.36 138.58
CA GLU D 2896 41.53 2.49 139.91
C GLU D 2896 40.26 3.33 139.89
N MET D 2897 40.25 4.40 139.09
CA MET D 2897 39.05 5.24 138.98
C MET D 2897 37.90 4.47 138.35
N VAL D 2898 38.18 3.64 137.35
CA VAL D 2898 37.13 2.85 136.73
C VAL D 2898 36.52 1.88 137.74
N ALA D 2899 37.38 1.21 138.51
CA ALA D 2899 36.88 0.29 139.53
C ALA D 2899 36.06 1.03 140.58
N SER D 2900 36.54 2.19 141.02
CA SER D 2900 35.81 2.98 142.01
C SER D 2900 34.46 3.43 141.47
N LEU D 2901 34.42 3.84 140.20
CA LEU D 2901 33.17 4.26 139.59
C LEU D 2901 32.18 3.10 139.52
N PHE D 2902 32.65 1.91 139.12
CA PHE D 2902 31.76 0.75 139.09
C PHE D 2902 31.21 0.46 140.48
N CYS D 2903 32.08 0.48 141.49
CA CYS D 2903 31.62 0.20 142.85
C CYS D 2903 30.59 1.21 143.31
N LYS D 2904 30.83 2.51 143.05
CA LYS D 2904 29.90 3.53 143.47
C LYS D 2904 28.55 3.41 142.75
N LEU D 2905 28.58 3.15 141.44
CA LEU D 2905 27.33 2.94 140.73
C LEU D 2905 26.56 1.75 141.27
N ALA D 2906 27.26 0.65 141.54
CA ALA D 2906 26.60 -0.51 142.11
C ALA D 2906 26.02 -0.19 143.49
N ALA D 2907 26.68 0.68 144.23
CA ALA D 2907 26.15 1.12 145.52
C ALA D 2907 24.88 1.95 145.35
N LEU D 2908 24.83 2.79 144.32
CA LEU D 2908 23.68 3.67 144.14
C LEU D 2908 22.39 2.89 143.91
N VAL D 2909 22.45 1.83 143.11
CA VAL D 2909 21.26 1.12 142.70
C VAL D 2909 21.05 -0.15 143.53
N ARG D 2910 21.61 -0.19 144.75
CA ARG D 2910 21.59 -1.44 145.51
C ARG D 2910 20.18 -1.87 145.87
N HIS D 2911 19.33 -0.93 146.26
CA HIS D 2911 17.94 -1.26 146.51
C HIS D 2911 17.00 -0.16 146.02
N ARG D 2912 17.45 0.67 145.09
CA ARG D 2912 16.70 1.84 144.63
C ARG D 2912 16.28 1.71 143.18
N ILE D 2913 15.99 0.49 142.73
CA ILE D 2913 15.49 0.30 141.37
C ILE D 2913 14.15 0.99 141.21
N SER D 2914 13.30 0.91 142.23
CA SER D 2914 12.00 1.58 142.16
C SER D 2914 12.16 3.09 142.04
N LEU D 2915 13.10 3.68 142.80
CA LEU D 2915 13.33 5.11 142.70
C LEU D 2915 13.77 5.50 141.31
N PHE D 2916 14.70 4.75 140.74
CA PHE D 2916 15.18 5.05 139.39
C PHE D 2916 14.06 4.92 138.36
N GLY D 2917 13.25 3.87 138.49
CA GLY D 2917 12.15 3.69 137.56
C GLY D 2917 12.59 3.37 136.16
N SER D 2918 12.36 4.30 135.22
CA SER D 2918 12.67 4.06 133.83
C SER D 2918 14.17 4.02 133.55
N ASP D 2919 15.00 4.57 134.44
CA ASP D 2919 16.43 4.62 134.23
C ASP D 2919 17.17 3.43 134.83
N SER D 2920 16.44 2.48 135.42
CA SER D 2920 17.09 1.28 135.95
C SER D 2920 17.77 0.49 134.84
N THR D 2921 17.14 0.42 133.67
CA THR D 2921 17.75 -0.29 132.55
C THR D 2921 19.06 0.37 132.13
N THR D 2922 19.07 1.71 132.07
CA THR D 2922 20.30 2.40 131.71
C THR D 2922 21.37 2.19 132.76
N MET D 2923 20.99 2.24 134.04
CA MET D 2923 21.95 2.00 135.10
C MET D 2923 22.56 0.61 135.00
N VAL D 2924 21.72 -0.39 134.73
CA VAL D 2924 22.20 -1.77 134.64
C VAL D 2924 23.09 -1.95 133.42
N SER D 2925 22.76 -1.30 132.31
CA SER D 2925 23.61 -1.39 131.13
C SER D 2925 24.97 -0.74 131.38
N CYS D 2926 24.98 0.41 132.05
CA CYS D 2926 26.24 1.04 132.41
C CYS D 2926 27.06 0.16 133.34
N LEU D 2927 26.39 -0.51 134.27
CA LEU D 2927 27.09 -1.44 135.16
C LEU D 2927 27.67 -2.62 134.40
N HIS D 2928 26.92 -3.15 133.44
CA HIS D 2928 27.46 -4.19 132.57
C HIS D 2928 28.75 -3.74 131.91
N ILE D 2929 28.71 -2.56 131.29
CA ILE D 2929 29.88 -2.08 130.55
C ILE D 2929 31.06 -1.87 131.49
N LEU D 2930 30.83 -1.28 132.66
CA LEU D 2930 31.91 -1.06 133.60
C LEU D 2930 32.48 -2.37 134.13
N ALA D 2931 31.61 -3.35 134.39
CA ALA D 2931 32.09 -4.64 134.88
C ALA D 2931 32.93 -5.34 133.84
N GLN D 2932 32.56 -5.25 132.56
CA GLN D 2932 33.36 -5.86 131.51
C GLN D 2932 34.65 -5.10 131.24
N THR D 2933 34.84 -3.92 131.82
CA THR D 2933 36.02 -3.09 131.61
C THR D 2933 36.80 -2.93 132.91
N LEU D 2934 36.78 -3.96 133.75
CA LEU D 2934 37.44 -3.93 135.05
C LEU D 2934 38.74 -4.73 134.97
N ASP D 2935 39.83 -4.14 135.43
CA ASP D 2935 41.10 -4.83 135.57
C ASP D 2935 41.36 -4.97 137.07
N THR D 2936 40.81 -6.02 137.67
CA THR D 2936 40.94 -6.21 139.11
C THR D 2936 42.38 -6.50 139.50
N ARG D 2937 43.17 -7.08 138.61
CA ARG D 2937 44.54 -7.45 138.94
C ARG D 2937 45.38 -6.22 139.26
N THR D 2938 45.38 -5.24 138.37
CA THR D 2938 46.16 -4.03 138.61
C THR D 2938 45.61 -3.24 139.79
N VAL D 2939 44.29 -3.22 139.96
CA VAL D 2939 43.69 -2.50 141.07
C VAL D 2939 44.15 -3.09 142.39
N MET D 2940 44.12 -4.42 142.51
CA MET D 2940 44.53 -5.07 143.74
C MET D 2940 46.04 -4.91 143.97
N LYS D 2941 46.83 -5.00 142.90
CA LYS D 2941 48.28 -4.89 143.06
C LYS D 2941 48.68 -3.49 143.53
N SER D 2942 48.20 -2.47 142.85
CA SER D 2942 48.57 -1.08 143.16
C SER D 2942 47.30 -0.22 143.09
N GLY D 2943 46.63 -0.10 144.22
CA GLY D 2943 45.43 0.71 144.29
C GLY D 2943 45.19 1.18 145.70
N SER D 2944 44.52 2.32 145.83
CA SER D 2944 44.25 2.88 147.13
C SER D 2944 43.36 1.93 147.94
N GLU D 2945 43.57 1.93 149.26
CA GLU D 2945 42.86 0.98 150.11
C GLU D 2945 41.36 1.15 150.03
N LEU D 2946 40.88 2.36 149.76
CA LEU D 2946 39.45 2.58 149.62
C LEU D 2946 38.89 1.81 148.43
N VAL D 2947 39.59 1.81 147.30
CA VAL D 2947 39.09 1.12 146.12
C VAL D 2947 39.09 -0.38 146.34
N LYS D 2948 40.14 -0.92 146.95
CA LYS D 2948 40.17 -2.34 147.26
C LYS D 2948 39.05 -2.70 148.23
N ALA D 2949 38.82 -1.85 149.23
CA ALA D 2949 37.75 -2.12 150.17
C ALA D 2949 36.40 -2.14 149.48
N GLY D 2950 36.17 -1.20 148.57
CA GLY D 2950 34.92 -1.21 147.83
C GLY D 2950 34.75 -2.44 146.96
N LEU D 2951 35.82 -2.84 146.28
CA LEU D 2951 35.75 -4.02 145.43
C LEU D 2951 35.48 -5.28 146.24
N ARG D 2952 36.12 -5.40 147.40
CA ARG D 2952 35.89 -6.57 148.24
C ARG D 2952 34.52 -6.53 148.90
N ALA D 2953 33.99 -5.33 149.14
CA ALA D 2953 32.67 -5.21 149.76
C ALA D 2953 31.53 -5.38 148.77
N PHE D 2954 31.79 -5.23 147.47
CA PHE D 2954 30.74 -5.48 146.49
C PHE D 2954 30.26 -6.93 146.57
N PHE D 2955 31.19 -7.87 146.65
CA PHE D 2955 30.81 -9.27 146.71
C PHE D 2955 30.13 -9.60 148.04
N GLU D 2956 30.58 -8.97 149.13
CA GLU D 2956 29.91 -9.16 150.42
C GLU D 2956 28.48 -8.67 150.37
N ASN D 2957 28.26 -7.49 149.76
CA ASN D 2957 26.90 -6.98 149.62
C ASN D 2957 26.06 -7.90 148.76
N ALA D 2958 26.63 -8.42 147.67
CA ALA D 2958 25.87 -9.35 146.83
C ALA D 2958 25.50 -10.62 147.59
N ALA D 2959 26.44 -11.14 148.39
CA ALA D 2959 26.15 -12.33 149.18
C ALA D 2959 25.06 -12.05 150.20
N GLU D 2960 25.12 -10.90 150.87
CA GLU D 2960 24.07 -10.54 151.82
C GLU D 2960 22.72 -10.43 151.14
N ASP D 2961 22.67 -9.80 149.96
CA ASP D 2961 21.41 -9.65 149.25
C ASP D 2961 20.86 -11.01 148.83
N LEU D 2962 21.72 -11.90 148.34
CA LEU D 2962 21.24 -13.21 147.94
C LEU D 2962 20.72 -14.01 149.13
N GLU D 2963 21.42 -13.95 150.27
CA GLU D 2963 20.94 -14.65 151.45
C GLU D 2963 19.62 -14.07 151.93
N LYS D 2964 19.47 -12.74 151.86
CA LYS D 2964 18.21 -12.11 152.25
C LYS D 2964 17.09 -12.54 151.33
N THR D 2965 17.36 -12.63 150.02
CA THR D 2965 16.33 -13.09 149.08
C THR D 2965 15.92 -14.53 149.38
N SER D 2966 16.90 -15.39 149.67
CA SER D 2966 16.58 -16.77 150.03
C SER D 2966 15.73 -16.82 151.29
N GLU D 2967 16.09 -16.03 152.30
CA GLU D 2967 15.31 -15.98 153.53
C GLU D 2967 13.89 -15.50 153.28
N ASN D 2968 13.73 -14.45 152.46
CA ASN D 2968 12.40 -13.95 152.14
C ASN D 2968 11.57 -15.00 151.41
N LEU D 2969 12.19 -15.72 150.47
CA LEU D 2969 11.47 -16.76 149.76
C LEU D 2969 11.02 -17.86 150.71
N LYS D 2970 11.88 -18.24 151.65
CA LYS D 2970 11.50 -19.26 152.62
C LYS D 2970 10.36 -18.78 153.50
N LEU D 2971 10.47 -17.56 154.03
CA LEU D 2971 9.43 -17.05 154.91
C LEU D 2971 8.12 -16.82 154.19
N GLY D 2972 8.19 -16.31 152.95
CA GLY D 2972 6.99 -16.00 152.18
C GLY D 2972 6.07 -17.19 151.98
N LYS D 2973 4.78 -16.97 152.20
CA LYS D 2973 3.78 -18.04 152.07
C LYS D 2973 2.56 -17.55 151.31
N VAL D 2984 9.90 -7.21 150.36
CA VAL D 2984 10.03 -8.58 149.89
C VAL D 2984 10.03 -8.62 148.36
N SER D 2985 8.95 -8.14 147.76
CA SER D 2985 8.89 -8.09 146.30
C SER D 2985 9.92 -7.13 145.74
N GLN D 2986 10.21 -6.05 146.47
CA GLN D 2986 11.24 -5.11 146.02
C GLN D 2986 12.61 -5.78 145.95
N ASN D 2987 12.95 -6.58 146.97
CA ASN D 2987 14.24 -7.25 146.98
C ASN D 2987 14.35 -8.27 145.87
N ILE D 2988 13.29 -9.04 145.62
CA ILE D 2988 13.34 -10.02 144.55
C ILE D 2988 13.40 -9.33 143.19
N ASN D 2989 12.72 -8.20 143.04
CA ASN D 2989 12.82 -7.43 141.81
C ASN D 2989 14.24 -6.94 141.58
N TYR D 2990 14.88 -6.43 142.64
CA TYR D 2990 16.26 -5.99 142.52
C TYR D 2990 17.18 -7.15 142.15
N THR D 2991 17.00 -8.30 142.79
CA THR D 2991 17.82 -9.46 142.47
C THR D 2991 17.64 -9.88 141.03
N THR D 2992 16.40 -9.92 140.55
CA THR D 2992 16.15 -10.35 139.18
C THR D 2992 16.70 -9.36 138.17
N VAL D 2993 16.56 -8.06 138.43
CA VAL D 2993 16.86 -7.04 137.42
C VAL D 2993 18.32 -6.64 137.45
N ALA D 2994 18.86 -6.33 138.63
CA ALA D 2994 20.19 -5.73 138.73
C ALA D 2994 21.26 -6.72 139.17
N LEU D 2995 21.04 -7.43 140.27
CA LEU D 2995 22.13 -8.16 140.91
C LEU D 2995 22.63 -9.32 140.05
N LEU D 2996 21.71 -10.16 139.58
CA LEU D 2996 22.13 -11.36 138.85
C LEU D 2996 22.87 -11.05 137.55
N PRO D 2997 22.37 -10.17 136.68
CA PRO D 2997 23.13 -9.84 135.47
C PRO D 2997 24.51 -9.26 135.75
N ILE D 2998 24.63 -8.41 136.77
CA ILE D 2998 25.92 -7.83 137.09
C ILE D 2998 26.88 -8.89 137.60
N LEU D 2999 26.40 -9.79 138.46
CA LEU D 2999 27.24 -10.89 138.92
C LEU D 2999 27.70 -11.76 137.77
N THR D 3000 26.78 -12.07 136.85
CA THR D 3000 27.14 -12.88 135.69
C THR D 3000 28.21 -12.19 134.86
N SER D 3001 28.05 -10.90 134.61
CA SER D 3001 29.05 -10.17 133.84
C SER D 3001 30.40 -10.16 134.55
N ILE D 3002 30.41 -9.92 135.85
CA ILE D 3002 31.67 -9.87 136.59
C ILE D 3002 32.37 -11.22 136.53
N PHE D 3003 31.64 -12.30 136.73
CA PHE D 3003 32.27 -13.61 136.76
C PHE D 3003 32.73 -14.05 135.38
N GLU D 3004 31.95 -13.76 134.34
CA GLU D 3004 32.41 -14.04 132.98
C GLU D 3004 33.67 -13.25 132.66
N HIS D 3005 33.70 -11.98 133.07
CA HIS D 3005 34.87 -11.15 132.79
C HIS D 3005 36.11 -11.66 133.50
N VAL D 3006 35.98 -12.02 134.78
CA VAL D 3006 37.14 -12.53 135.52
C VAL D 3006 37.48 -13.96 135.17
N ALA D 3007 36.60 -14.65 134.45
CA ALA D 3007 36.91 -16.01 134.00
C ALA D 3007 37.56 -16.04 132.63
N GLN D 3008 37.14 -15.16 131.72
CA GLN D 3008 37.75 -15.15 130.40
C GLN D 3008 39.10 -14.46 130.40
N HIS D 3009 39.30 -13.45 131.24
CA HIS D 3009 40.58 -12.79 131.37
C HIS D 3009 41.47 -13.41 132.43
N GLN D 3010 40.96 -14.40 133.17
CA GLN D 3010 41.77 -15.16 134.12
C GLN D 3010 42.24 -14.27 135.27
N PHE D 3011 41.30 -13.53 135.86
CA PHE D 3011 41.55 -12.79 137.09
C PHE D 3011 41.12 -13.56 138.32
N GLY D 3012 40.56 -14.76 138.16
CA GLY D 3012 40.03 -15.49 139.29
C GLY D 3012 41.10 -15.87 140.30
N VAL D 3013 42.26 -16.32 139.80
CA VAL D 3013 43.34 -16.76 140.68
C VAL D 3013 43.96 -15.62 141.46
N ASP D 3014 43.63 -14.37 141.15
CA ASP D 3014 44.13 -13.21 141.87
C ASP D 3014 43.07 -12.46 142.64
N LEU D 3015 41.80 -12.57 142.23
CA LEU D 3015 40.71 -11.81 142.84
C LEU D 3015 39.96 -12.59 143.91
N LEU D 3016 39.49 -13.79 143.58
CA LEU D 3016 38.65 -14.57 144.48
C LEU D 3016 39.53 -15.33 145.48
N LEU D 3017 40.14 -14.56 146.38
CA LEU D 3017 40.99 -15.10 147.44
C LEU D 3017 40.62 -14.46 148.77
N GLY D 3018 40.64 -15.26 149.82
CA GLY D 3018 40.37 -14.77 151.15
C GLY D 3018 38.94 -14.31 151.37
N ASP D 3019 38.76 -13.02 151.68
CA ASP D 3019 37.43 -12.50 151.95
C ASP D 3019 36.54 -12.61 150.72
N VAL D 3020 37.08 -12.31 149.54
CA VAL D 3020 36.31 -12.44 148.32
C VAL D 3020 35.91 -13.90 148.12
N GLN D 3021 36.79 -14.83 148.47
CA GLN D 3021 36.47 -16.25 148.32
C GLN D 3021 35.38 -16.68 149.28
N ILE D 3022 35.39 -16.15 150.50
CA ILE D 3022 34.32 -16.46 151.44
C ILE D 3022 32.99 -15.92 150.92
N SER D 3023 32.99 -14.69 150.41
CA SER D 3023 31.77 -14.12 149.85
C SER D 3023 31.29 -14.94 148.66
N CYS D 3024 32.22 -15.44 147.85
CA CYS D 3024 31.85 -16.28 146.73
C CYS D 3024 31.29 -17.62 147.19
N TYR D 3025 31.81 -18.16 148.30
CA TYR D 3025 31.20 -19.35 148.88
C TYR D 3025 29.75 -19.10 149.25
N HIS D 3026 29.49 -17.98 149.91
CA HIS D 3026 28.11 -17.66 150.29
C HIS D 3026 27.23 -17.47 149.06
N ILE D 3027 27.75 -16.79 148.04
CA ILE D 3027 26.99 -16.58 146.81
C ILE D 3027 26.67 -17.92 146.15
N LEU D 3028 27.65 -18.82 146.12
CA LEU D 3028 27.45 -20.12 145.49
C LEU D 3028 26.40 -20.92 146.22
N CYS D 3029 26.46 -20.95 147.55
CA CYS D 3029 25.46 -21.68 148.31
C CYS D 3029 24.07 -21.10 148.09
N SER D 3030 23.94 -19.77 148.11
CA SER D 3030 22.64 -19.16 147.91
C SER D 3030 22.09 -19.42 146.51
N LEU D 3031 22.94 -19.32 145.50
CA LEU D 3031 22.49 -19.56 144.13
C LEU D 3031 22.06 -21.01 143.95
N TYR D 3032 22.83 -21.96 144.49
CA TYR D 3032 22.42 -23.35 144.36
C TYR D 3032 21.13 -23.62 145.11
N SER D 3033 20.95 -23.01 146.29
CA SER D 3033 19.72 -23.20 147.03
C SER D 3033 18.52 -22.66 146.27
N LEU D 3034 18.64 -21.45 145.70
CA LEU D 3034 17.53 -20.87 144.96
C LEU D 3034 17.24 -21.65 143.69
N GLY D 3035 18.27 -22.08 142.97
CA GLY D 3035 18.06 -22.71 141.67
C GLY D 3035 17.30 -24.01 141.75
N THR D 3036 17.62 -24.83 142.75
CA THR D 3036 17.02 -26.15 142.86
C THR D 3036 15.75 -26.17 143.72
N GLY D 3037 15.33 -25.03 144.24
CA GLY D 3037 14.12 -24.98 145.03
C GLY D 3037 12.86 -25.02 144.17
N LYS D 3038 11.73 -25.19 144.84
CA LYS D 3038 10.41 -25.25 144.19
C LYS D 3038 9.61 -24.04 144.64
N ASN D 3039 9.68 -22.96 143.87
CA ASN D 3039 8.97 -21.72 144.19
C ASN D 3039 8.56 -21.05 142.90
N ILE D 3040 7.62 -20.11 143.01
CA ILE D 3040 7.19 -19.34 141.84
C ILE D 3040 8.35 -18.51 141.30
N TYR D 3041 9.05 -17.81 142.19
CA TYR D 3041 10.21 -17.03 141.77
C TYR D 3041 11.28 -17.93 141.16
N VAL D 3042 11.53 -19.08 141.79
CA VAL D 3042 12.51 -20.03 141.23
C VAL D 3042 12.05 -20.53 139.88
N GLU D 3043 10.77 -20.85 139.75
CA GLU D 3043 10.24 -21.31 138.47
C GLU D 3043 10.46 -20.27 137.38
N ARG D 3044 10.33 -19.00 137.73
CA ARG D 3044 10.52 -17.95 136.73
C ARG D 3044 11.99 -17.69 136.42
N GLN D 3045 12.86 -17.80 137.44
CA GLN D 3045 14.23 -17.33 137.32
C GLN D 3045 15.26 -18.46 137.30
N ARG D 3046 14.84 -19.69 137.04
CA ARG D 3046 15.80 -20.78 136.90
C ARG D 3046 16.87 -20.52 135.84
N PRO D 3047 16.55 -20.02 134.65
CA PRO D 3047 17.63 -19.76 133.67
C PRO D 3047 18.68 -18.78 134.17
N ALA D 3048 18.26 -17.67 134.78
CA ALA D 3048 19.22 -16.68 135.26
C ALA D 3048 20.08 -17.26 136.38
N LEU D 3049 19.47 -18.00 137.29
CA LEU D 3049 20.24 -18.62 138.37
C LEU D 3049 21.23 -19.63 137.83
N GLY D 3050 20.81 -20.43 136.85
CA GLY D 3050 21.72 -21.38 136.25
C GLY D 3050 22.89 -20.70 135.55
N GLU D 3051 22.62 -19.63 134.82
CA GLU D 3051 23.68 -18.91 134.14
C GLU D 3051 24.66 -18.28 135.12
N CYS D 3052 24.14 -17.66 136.18
CA CYS D 3052 25.02 -17.04 137.17
C CYS D 3052 25.86 -18.10 137.88
N LEU D 3053 25.26 -19.24 138.22
CA LEU D 3053 25.99 -20.32 138.86
C LEU D 3053 27.07 -20.88 137.93
N ALA D 3054 26.76 -21.01 136.64
CA ALA D 3054 27.74 -21.49 135.69
C ALA D 3054 28.91 -20.51 135.59
N SER D 3055 28.62 -19.22 135.56
CA SER D 3055 29.68 -18.22 135.52
C SER D 3055 30.54 -18.29 136.77
N LEU D 3056 29.91 -18.47 137.93
CA LEU D 3056 30.67 -18.55 139.18
C LEU D 3056 31.57 -19.77 139.21
N ALA D 3057 31.09 -20.90 138.69
CA ALA D 3057 31.88 -22.12 138.72
C ALA D 3057 33.09 -22.05 137.81
N ALA D 3058 33.07 -21.20 136.79
CA ALA D 3058 34.17 -21.08 135.85
C ALA D 3058 35.22 -20.07 136.28
N ALA D 3059 35.08 -19.47 137.44
CA ALA D 3059 36.04 -18.48 137.91
C ALA D 3059 36.59 -18.77 139.29
N ILE D 3060 35.76 -19.27 140.19
CA ILE D 3060 36.21 -19.48 141.58
C ILE D 3060 37.27 -20.57 141.60
N PRO D 3061 38.42 -20.34 142.23
CA PRO D 3061 39.54 -21.28 142.10
C PRO D 3061 39.53 -22.41 143.12
N VAL D 3062 38.40 -22.69 143.75
CA VAL D 3062 38.30 -23.76 144.73
C VAL D 3062 37.32 -24.80 144.23
N ALA D 3063 37.73 -26.07 144.24
CA ALA D 3063 36.89 -27.17 143.81
C ALA D 3063 35.84 -27.40 144.89
N PHE D 3064 34.67 -26.80 144.72
CA PHE D 3064 33.61 -26.89 145.72
C PHE D 3064 32.82 -28.19 145.64
N LEU D 3065 33.09 -29.03 144.64
CA LEU D 3065 32.46 -30.34 144.56
C LEU D 3065 33.41 -31.47 144.97
N GLU D 3066 34.67 -31.17 145.25
CA GLU D 3066 35.66 -32.16 145.64
C GLU D 3066 36.40 -31.64 146.87
N PRO D 3067 35.70 -31.51 148.01
CA PRO D 3067 36.36 -31.02 149.21
C PRO D 3067 37.37 -31.99 149.80
N THR D 3068 37.24 -33.28 149.52
CA THR D 3068 38.13 -34.27 150.11
C THR D 3068 39.58 -34.07 149.71
N LEU D 3069 39.83 -33.42 148.58
CA LEU D 3069 41.19 -33.12 148.13
C LEU D 3069 41.56 -31.66 148.36
N ASN D 3070 40.76 -30.91 149.12
CA ASN D 3070 41.02 -29.49 149.29
C ASN D 3070 42.36 -29.21 149.93
N ARG D 3071 42.93 -30.18 150.65
CA ARG D 3071 44.24 -29.99 151.25
C ARG D 3071 45.34 -29.79 150.21
N TYR D 3072 45.09 -30.16 148.95
CA TYR D 3072 46.07 -30.02 147.89
C TYR D 3072 45.89 -28.75 147.08
N ASN D 3073 45.00 -27.85 147.50
CA ASN D 3073 44.73 -26.63 146.75
C ASN D 3073 45.32 -25.43 147.48
N PRO D 3074 46.45 -24.89 147.01
CA PRO D 3074 47.09 -23.78 147.75
C PRO D 3074 46.29 -22.48 147.74
N LEU D 3075 45.31 -22.34 146.85
CA LEU D 3075 44.56 -21.10 146.71
C LEU D 3075 43.35 -21.02 147.64
N SER D 3076 43.04 -22.09 148.35
CA SER D 3076 41.90 -22.05 149.26
C SER D 3076 42.26 -21.32 150.54
N VAL D 3077 41.25 -20.71 151.16
CA VAL D 3077 41.47 -20.01 152.42
C VAL D 3077 41.90 -20.99 153.51
N PHE D 3078 41.39 -22.21 153.48
CA PHE D 3078 41.75 -23.19 154.49
C PHE D 3078 43.23 -23.52 154.47
N ASN D 3079 43.87 -23.39 153.31
CA ASN D 3079 45.30 -23.66 153.17
C ASN D 3079 46.13 -22.39 153.06
N THR D 3080 45.51 -21.21 153.11
CA THR D 3080 46.23 -19.95 152.99
C THR D 3080 46.04 -19.03 154.19
N LYS D 3081 45.24 -19.42 155.18
CA LYS D 3081 45.01 -18.60 156.35
C LYS D 3081 45.18 -19.46 157.61
N THR D 3082 45.66 -18.82 158.67
CA THR D 3082 45.82 -19.53 159.92
C THR D 3082 44.47 -19.91 160.50
N PRO D 3083 44.39 -21.02 161.25
CA PRO D 3083 43.09 -21.42 161.80
C PRO D 3083 42.46 -20.37 162.70
N ARG D 3084 43.27 -19.62 163.46
CA ARG D 3084 42.72 -18.57 164.29
C ARG D 3084 42.06 -17.49 163.44
N GLU D 3085 42.71 -17.08 162.35
CA GLU D 3085 42.13 -16.07 161.47
C GLU D 3085 40.82 -16.58 160.85
N ARG D 3086 40.81 -17.83 160.40
CA ARG D 3086 39.60 -18.39 159.81
C ARG D 3086 38.46 -18.46 160.81
N SER D 3087 38.78 -18.82 162.06
CA SER D 3087 37.77 -18.82 163.11
C SER D 3087 37.28 -17.41 163.41
N ILE D 3088 38.16 -16.41 163.29
CA ILE D 3088 37.75 -15.02 163.50
C ILE D 3088 36.69 -14.62 162.47
N LEU D 3089 36.83 -15.11 161.24
CA LEU D 3089 35.90 -14.78 160.17
C LEU D 3089 34.59 -15.55 160.27
N GLY D 3090 34.42 -16.38 161.29
CA GLY D 3090 33.16 -17.09 161.49
C GLY D 3090 32.84 -18.12 160.43
N MET D 3091 33.83 -18.89 159.99
CA MET D 3091 33.61 -19.97 159.04
C MET D 3091 33.81 -21.32 159.72
N PRO D 3092 33.19 -22.37 159.20
CA PRO D 3092 33.34 -23.69 159.83
C PRO D 3092 34.78 -24.17 159.75
N ASP D 3093 35.17 -24.97 160.74
CA ASP D 3093 36.54 -25.44 160.85
C ASP D 3093 36.91 -26.45 159.76
N THR D 3094 35.94 -26.96 159.02
CA THR D 3094 36.20 -27.94 157.97
C THR D 3094 35.58 -27.48 156.66
N VAL D 3095 36.28 -27.76 155.56
CA VAL D 3095 35.76 -27.41 154.24
C VAL D 3095 34.48 -28.18 153.91
N GLU D 3096 34.26 -29.31 154.57
CA GLU D 3096 33.07 -30.11 154.29
C GLU D 3096 31.79 -29.33 154.57
N GLU D 3097 31.84 -28.40 155.53
CA GLU D 3097 30.64 -27.67 155.94
C GLU D 3097 30.46 -26.35 155.20
N MET D 3098 31.41 -25.94 154.36
CA MET D 3098 31.27 -24.68 153.65
C MET D 3098 30.07 -24.70 152.70
N CYS D 3099 29.87 -25.81 151.99
CA CYS D 3099 28.76 -25.98 151.07
C CYS D 3099 28.04 -27.28 151.43
N PRO D 3100 27.31 -27.29 152.54
CA PRO D 3100 26.68 -28.55 152.98
C PRO D 3100 25.65 -29.09 152.00
N ASP D 3101 24.85 -28.22 151.38
CA ASP D 3101 23.77 -28.71 150.53
C ASP D 3101 24.26 -29.17 149.17
N ILE D 3102 25.32 -28.56 148.65
CA ILE D 3102 25.82 -28.91 147.32
C ILE D 3102 26.41 -30.31 147.36
N PRO D 3103 25.92 -31.24 146.55
CA PRO D 3103 26.47 -32.60 146.56
C PRO D 3103 27.89 -32.63 146.04
N GLN D 3104 28.53 -33.78 146.23
CA GLN D 3104 29.86 -33.99 145.66
C GLN D 3104 29.75 -34.24 144.17
N LEU D 3105 30.91 -34.27 143.50
CA LEU D 3105 30.93 -34.47 142.06
C LEU D 3105 30.35 -35.82 141.68
N GLU D 3106 30.71 -36.87 142.42
CA GLU D 3106 30.23 -38.21 142.11
C GLU D 3106 28.72 -38.30 142.25
N GLY D 3107 28.17 -37.67 143.29
CA GLY D 3107 26.72 -37.69 143.47
C GLY D 3107 25.99 -37.01 142.32
N LEU D 3108 26.47 -35.85 141.90
CA LEU D 3108 25.83 -35.14 140.79
C LEU D 3108 25.92 -35.97 139.51
N MET D 3109 27.08 -36.56 139.24
CA MET D 3109 27.22 -37.33 138.01
C MET D 3109 26.32 -38.56 138.03
N LYS D 3110 26.22 -39.23 139.19
CA LYS D 3110 25.34 -40.39 139.28
C LYS D 3110 23.88 -40.00 139.12
N GLU D 3111 23.47 -38.87 139.70
CA GLU D 3111 22.09 -38.43 139.54
C GLU D 3111 21.78 -38.11 138.09
N ILE D 3112 22.70 -37.41 137.41
CA ILE D 3112 22.49 -37.08 136.01
C ILE D 3112 22.41 -38.33 135.16
N SER D 3113 23.29 -39.31 135.43
CA SER D 3113 23.27 -40.55 134.68
C SER D 3113 21.97 -41.30 134.88
N ASP D 3114 21.49 -41.37 136.12
CA ASP D 3114 20.22 -42.06 136.38
C ASP D 3114 19.07 -41.37 135.65
N LEU D 3115 19.02 -40.04 135.70
CA LEU D 3115 17.95 -39.33 135.01
C LEU D 3115 18.03 -39.57 133.51
N ALA D 3116 19.23 -39.54 132.93
CA ALA D 3116 19.35 -39.72 131.49
C ALA D 3116 18.96 -41.13 131.07
N GLU D 3117 19.41 -42.13 131.82
CA GLU D 3117 19.13 -43.52 131.42
C GLU D 3117 17.69 -43.89 131.67
N SER D 3118 17.04 -43.34 132.70
CA SER D 3118 15.65 -43.66 132.97
C SER D 3118 14.76 -43.23 131.82
N GLY D 3119 14.99 -42.04 131.29
CA GLY D 3119 14.17 -41.49 130.24
C GLY D 3119 13.29 -40.32 130.62
N ALA D 3120 13.58 -39.66 131.75
CA ALA D 3120 12.74 -38.57 132.21
C ALA D 3120 12.80 -37.39 131.27
N ARG D 3121 11.73 -36.60 131.25
CA ARG D 3121 11.64 -35.42 130.42
C ARG D 3121 11.89 -34.17 131.27
N TYR D 3122 11.86 -33.01 130.61
CA TYR D 3122 12.24 -31.77 131.27
C TYR D 3122 11.34 -31.46 132.45
N THR D 3123 10.08 -31.88 132.39
CA THR D 3123 9.17 -31.63 133.52
C THR D 3123 9.64 -32.34 134.77
N GLU D 3124 10.15 -33.57 134.62
CA GLU D 3124 10.57 -34.33 135.79
C GLU D 3124 11.84 -33.78 136.42
N MET D 3125 12.75 -33.23 135.61
CA MET D 3125 14.03 -32.71 136.09
C MET D 3125 14.26 -31.32 135.52
N PRO D 3126 13.44 -30.35 135.91
CA PRO D 3126 13.63 -28.98 135.39
C PRO D 3126 14.83 -28.27 136.00
N HIS D 3127 15.36 -28.76 137.12
CA HIS D 3127 16.52 -28.13 137.73
C HIS D 3127 17.82 -28.85 137.44
N VAL D 3128 17.76 -30.12 137.02
CA VAL D 3128 18.95 -30.84 136.57
C VAL D 3128 19.35 -30.44 135.16
N ILE D 3129 18.54 -29.62 134.50
CA ILE D 3129 18.85 -29.19 133.13
C ILE D 3129 19.15 -27.71 133.04
N GLU D 3130 18.69 -26.88 133.98
CA GLU D 3130 18.90 -25.45 133.91
C GLU D 3130 19.82 -24.90 135.00
N VAL D 3131 20.18 -25.70 136.01
CA VAL D 3131 21.05 -25.22 137.07
C VAL D 3131 22.24 -26.15 137.24
N ILE D 3132 21.97 -27.44 137.46
CA ILE D 3132 23.06 -28.37 137.76
C ILE D 3132 23.93 -28.60 136.54
N LEU D 3133 23.32 -28.76 135.37
CA LEU D 3133 24.09 -29.14 134.18
C LEU D 3133 25.07 -28.05 133.75
N PRO D 3134 24.69 -26.78 133.62
CA PRO D 3134 25.68 -25.77 133.24
C PRO D 3134 26.80 -25.63 134.25
N MET D 3135 26.48 -25.67 135.53
CA MET D 3135 27.52 -25.61 136.55
C MET D 3135 28.48 -26.77 136.41
N LEU D 3136 27.95 -27.99 136.19
CA LEU D 3136 28.81 -29.15 136.06
C LEU D 3136 29.69 -29.05 134.82
N CYS D 3137 29.14 -28.58 133.71
CA CYS D 3137 29.93 -28.43 132.49
C CYS D 3137 31.08 -27.45 132.70
N ASN D 3138 30.79 -26.27 133.25
CA ASN D 3138 31.84 -25.29 133.46
C ASN D 3138 32.86 -25.78 134.48
N TYR D 3139 32.39 -26.46 135.54
CA TYR D 3139 33.29 -26.97 136.56
C TYR D 3139 34.25 -28.00 135.97
N LEU D 3140 33.72 -28.94 135.19
CA LEU D 3140 34.56 -29.95 134.56
C LEU D 3140 35.55 -29.33 133.59
N SER D 3141 35.09 -28.37 132.77
CA SER D 3141 36.00 -27.74 131.83
C SER D 3141 37.11 -26.98 132.55
N TYR D 3142 36.78 -26.30 133.64
CA TYR D 3142 37.78 -25.53 134.37
C TYR D 3142 38.78 -26.43 135.09
N TRP D 3143 38.31 -27.53 135.67
CA TRP D 3143 39.18 -28.37 136.49
C TRP D 3143 39.84 -29.50 135.72
N TRP D 3144 39.48 -29.72 134.46
CA TRP D 3144 40.21 -30.68 133.66
C TRP D 3144 41.64 -30.22 133.45
N GLU D 3145 41.84 -28.92 133.21
CA GLU D 3145 43.17 -28.36 132.99
C GLU D 3145 44.01 -28.33 134.26
N ARG D 3146 43.41 -28.62 135.41
CA ARG D 3146 44.15 -28.72 136.67
C ARG D 3146 44.06 -30.12 137.25
N GLY D 3147 43.82 -31.12 136.41
CA GLY D 3147 43.66 -32.48 136.86
C GLY D 3147 44.79 -33.37 136.39
N PRO D 3148 44.60 -34.68 136.53
CA PRO D 3148 45.67 -35.62 136.15
C PRO D 3148 46.09 -35.52 134.69
N GLU D 3149 45.15 -35.28 133.78
CA GLU D 3149 45.47 -35.37 132.36
C GLU D 3149 46.33 -34.21 131.89
N HIS D 3150 45.98 -32.99 132.28
CA HIS D 3150 46.68 -31.81 131.78
C HIS D 3150 47.90 -31.45 132.63
N LEU D 3151 48.20 -32.20 133.68
CA LEU D 3151 49.38 -31.96 134.50
C LEU D 3151 50.17 -33.26 134.63
N PRO D 3152 50.83 -33.68 133.54
CA PRO D 3152 51.67 -34.88 133.60
C PRO D 3152 52.82 -34.70 134.57
N PRO D 3153 53.65 -33.67 134.41
CA PRO D 3153 54.80 -33.52 135.32
C PRO D 3153 54.41 -33.31 136.77
N SER D 3154 53.20 -32.81 137.05
CA SER D 3154 52.79 -32.59 138.42
C SER D 3154 52.50 -33.91 139.10
N THR D 3155 53.55 -34.68 139.41
CA THR D 3155 53.36 -36.01 139.99
C THR D 3155 52.64 -35.96 141.31
N GLY D 3156 52.75 -34.85 142.04
CA GLY D 3156 52.08 -34.70 143.31
C GLY D 3156 50.58 -34.75 143.16
N PRO D 3157 49.89 -35.13 144.22
CA PRO D 3157 48.42 -35.23 144.14
C PRO D 3157 47.79 -33.90 143.78
N TRP D 3158 46.71 -33.95 143.03
CA TRP D 3158 46.03 -32.77 142.54
C TRP D 3158 44.80 -32.47 143.39
N CYS D 3159 44.37 -31.20 143.35
CA CYS D 3159 43.19 -30.77 144.05
C CYS D 3159 41.89 -31.21 143.39
N THR D 3160 41.98 -32.02 142.33
CA THR D 3160 40.82 -32.51 141.61
C THR D 3160 41.10 -33.91 141.09
N LYS D 3161 40.04 -34.61 140.71
CA LYS D 3161 40.14 -35.95 140.14
C LYS D 3161 39.42 -36.03 138.81
N VAL D 3162 39.37 -34.92 138.07
CA VAL D 3162 38.63 -34.84 136.83
C VAL D 3162 39.54 -35.23 135.67
N THR D 3163 39.07 -36.16 134.85
CA THR D 3163 39.76 -36.57 133.63
C THR D 3163 38.79 -36.42 132.47
N SER D 3164 39.26 -36.74 131.27
CA SER D 3164 38.41 -36.63 130.09
C SER D 3164 37.26 -37.64 130.13
N GLU D 3165 37.35 -38.67 130.96
CA GLU D 3165 36.25 -39.61 131.08
C GLU D 3165 34.99 -38.92 131.60
N HIS D 3166 35.15 -38.03 132.58
CA HIS D 3166 33.98 -37.31 133.11
C HIS D 3166 33.35 -36.43 132.04
N LEU D 3167 34.17 -35.72 131.27
CA LEU D 3167 33.63 -34.87 130.22
C LEU D 3167 32.92 -35.72 129.16
N SER D 3168 33.50 -36.85 128.78
CA SER D 3168 32.87 -37.71 127.79
C SER D 3168 31.54 -38.25 128.29
N VAL D 3169 31.49 -38.72 129.54
CA VAL D 3169 30.26 -39.29 130.06
C VAL D 3169 29.18 -38.23 130.23
N ILE D 3170 29.59 -37.02 130.64
CA ILE D 3170 28.61 -35.93 130.77
C ILE D 3170 28.06 -35.54 129.40
N LEU D 3171 28.92 -35.47 128.38
CA LEU D 3171 28.44 -35.17 127.05
C LEU D 3171 27.49 -36.25 126.55
N GLY D 3172 27.81 -37.52 126.83
CA GLY D 3172 26.91 -38.59 126.45
C GLY D 3172 25.56 -38.48 127.14
N ASN D 3173 25.57 -38.11 128.42
CA ASN D 3173 24.32 -37.94 129.14
C ASN D 3173 23.51 -36.76 128.58
N ILE D 3174 24.19 -35.68 128.19
CA ILE D 3174 23.49 -34.56 127.57
C ILE D 3174 22.83 -35.00 126.27
N LEU D 3175 23.55 -35.77 125.46
CA LEU D 3175 22.97 -36.25 124.21
C LEU D 3175 21.79 -37.18 124.47
N LYS D 3176 21.90 -38.06 125.46
CA LYS D 3176 20.80 -38.95 125.79
C LYS D 3176 19.59 -38.16 126.25
N ILE D 3177 19.81 -37.12 127.06
CA ILE D 3177 18.70 -36.28 127.52
C ILE D 3177 18.03 -35.59 126.34
N ILE D 3178 18.82 -35.06 125.41
CA ILE D 3178 18.24 -34.45 124.22
C ILE D 3178 17.45 -35.48 123.42
N ASN D 3179 17.95 -36.71 123.37
CA ASN D 3179 17.26 -37.77 122.64
C ASN D 3179 15.91 -38.09 123.28
N ASN D 3180 15.87 -38.18 124.61
CA ASN D 3180 14.62 -38.51 125.29
C ASN D 3180 13.55 -37.46 125.04
N ASN D 3181 13.93 -36.18 125.08
CA ASN D 3181 13.00 -35.07 124.89
C ASN D 3181 12.86 -34.68 123.43
N LEU D 3182 13.06 -35.62 122.52
CA LEU D 3182 12.97 -35.33 121.10
C LEU D 3182 11.50 -35.32 120.67
N GLY D 3183 11.10 -34.24 119.99
CA GLY D 3183 9.74 -34.14 119.51
C GLY D 3183 8.73 -33.60 120.49
N ILE D 3184 9.17 -33.14 121.67
CA ILE D 3184 8.24 -32.57 122.63
C ILE D 3184 7.60 -31.32 122.03
N ASP D 3185 6.36 -31.04 122.44
CA ASP D 3185 5.61 -29.96 121.84
C ASP D 3185 6.27 -28.60 122.08
N GLU D 3186 6.75 -28.36 123.31
CA GLU D 3186 7.36 -27.08 123.65
C GLU D 3186 8.50 -27.32 124.63
N ALA D 3187 9.72 -27.01 124.20
CA ALA D 3187 10.90 -27.15 125.06
C ALA D 3187 11.94 -26.14 124.58
N SER D 3188 12.01 -25.00 125.26
CA SER D 3188 12.92 -23.93 124.91
C SER D 3188 14.27 -24.04 125.62
N TRP D 3189 14.47 -25.08 126.42
CA TRP D 3189 15.73 -25.27 127.11
C TRP D 3189 16.83 -25.84 126.22
N MET D 3190 16.47 -26.38 125.06
CA MET D 3190 17.46 -27.02 124.21
C MET D 3190 18.49 -26.02 123.70
N LYS D 3191 18.05 -24.82 123.33
CA LYS D 3191 18.96 -23.83 122.79
C LYS D 3191 19.96 -23.31 123.81
N ARG D 3192 19.77 -23.60 125.10
CA ARG D 3192 20.77 -23.29 126.10
C ARG D 3192 21.67 -24.48 126.39
N ILE D 3193 21.10 -25.68 126.40
CA ILE D 3193 21.90 -26.89 126.63
C ILE D 3193 22.87 -27.10 125.49
N ALA D 3194 22.54 -26.62 124.29
CA ALA D 3194 23.49 -26.69 123.19
C ALA D 3194 24.61 -25.69 123.30
N VAL D 3195 24.52 -24.74 124.24
CA VAL D 3195 25.52 -23.69 124.39
C VAL D 3195 26.38 -23.98 125.61
N TYR D 3196 25.80 -24.64 126.60
CA TYR D 3196 26.54 -24.97 127.82
C TYR D 3196 27.35 -26.25 127.70
N ALA D 3197 27.21 -27.01 126.61
CA ALA D 3197 28.00 -28.20 126.40
C ALA D 3197 29.23 -27.95 125.54
N GLN D 3198 29.38 -26.75 124.98
CA GLN D 3198 30.52 -26.46 124.13
C GLN D 3198 31.87 -26.64 124.82
N PRO D 3199 32.07 -26.20 126.06
CA PRO D 3199 33.40 -26.37 126.67
C PRO D 3199 33.88 -27.81 126.75
N ILE D 3200 32.97 -28.78 126.86
CA ILE D 3200 33.37 -30.17 127.09
C ILE D 3200 33.29 -31.03 125.85
N ILE D 3201 32.88 -30.49 124.71
CA ILE D 3201 32.87 -31.30 123.49
C ILE D 3201 34.29 -31.60 123.04
N SER D 3202 35.25 -30.77 123.43
CA SER D 3202 36.62 -30.94 122.94
C SER D 3202 37.27 -32.21 123.48
N LYS D 3203 36.85 -32.68 124.65
CA LYS D 3203 37.43 -33.86 125.27
C LYS D 3203 36.57 -35.11 125.07
N ALA D 3204 35.57 -35.05 124.21
CA ALA D 3204 34.72 -36.21 123.98
C ALA D 3204 35.53 -37.35 123.37
N ARG D 3205 35.24 -38.56 123.80
CA ARG D 3205 35.96 -39.74 123.33
C ARG D 3205 35.33 -40.29 122.07
N PRO D 3206 36.08 -41.08 121.30
CA PRO D 3206 35.55 -41.58 120.02
C PRO D 3206 34.31 -42.46 120.17
N ASP D 3207 34.18 -43.19 121.28
CA ASP D 3207 33.07 -44.13 121.40
C ASP D 3207 31.72 -43.46 121.45
N LEU D 3208 31.67 -42.13 121.62
CA LEU D 3208 30.41 -41.41 121.52
C LEU D 3208 29.81 -41.47 120.13
N LEU D 3209 30.60 -41.79 119.11
CA LEU D 3209 30.07 -41.78 117.76
C LEU D 3209 29.03 -42.88 117.56
N LYS D 3210 29.37 -44.11 117.93
CA LYS D 3210 28.45 -45.23 117.71
C LYS D 3210 27.32 -45.26 118.73
N SER D 3211 27.57 -44.82 119.95
CA SER D 3211 26.58 -45.00 121.00
C SER D 3211 25.62 -43.82 121.13
N HIS D 3212 26.05 -42.60 120.85
CA HIS D 3212 25.17 -41.49 121.16
C HIS D 3212 24.88 -40.56 119.99
N PHE D 3213 25.84 -40.34 119.10
CA PHE D 3213 25.61 -39.40 118.00
C PHE D 3213 24.82 -40.04 116.87
N ILE D 3214 25.23 -41.22 116.43
CA ILE D 3214 24.54 -41.88 115.33
C ILE D 3214 23.09 -42.21 115.67
N PRO D 3215 22.77 -42.77 116.83
CA PRO D 3215 21.35 -43.02 117.12
C PRO D 3215 20.48 -41.77 117.13
N THR D 3216 20.96 -40.68 117.74
CA THR D 3216 20.18 -39.46 117.78
C THR D 3216 19.99 -38.89 116.38
N LEU D 3217 21.05 -38.88 115.58
CA LEU D 3217 20.92 -38.36 114.22
C LEU D 3217 20.02 -39.26 113.38
N GLU D 3218 20.01 -40.57 113.67
CA GLU D 3218 19.11 -41.47 112.97
C GLU D 3218 17.66 -41.18 113.32
N LYS D 3219 17.37 -40.91 114.59
CA LYS D 3219 16.01 -40.52 114.98
C LYS D 3219 15.60 -39.22 114.28
N LEU D 3220 16.50 -38.24 114.25
CA LEU D 3220 16.19 -36.99 113.58
C LEU D 3220 15.95 -37.21 112.09
N LYS D 3221 16.76 -38.05 111.45
CA LYS D 3221 16.60 -38.31 110.04
C LYS D 3221 15.27 -39.02 109.75
N LYS D 3222 14.90 -39.98 110.59
CA LYS D 3222 13.61 -40.64 110.41
C LYS D 3222 12.47 -39.65 110.53
N LYS D 3223 12.53 -38.75 111.53
CA LYS D 3223 11.51 -37.74 111.66
C LYS D 3223 11.44 -36.84 110.43
N ALA D 3224 12.60 -36.43 109.91
CA ALA D 3224 12.62 -35.55 108.76
C ALA D 3224 12.04 -36.23 107.53
N VAL D 3225 12.41 -37.48 107.27
CA VAL D 3225 11.88 -38.17 106.11
C VAL D 3225 10.37 -38.36 106.24
N LYS D 3226 9.90 -38.72 107.43
CA LYS D 3226 8.47 -38.89 107.64
C LYS D 3226 7.72 -37.59 107.38
N THR D 3227 8.22 -36.48 107.91
CA THR D 3227 7.54 -35.21 107.72
C THR D 3227 7.55 -34.78 106.26
N VAL D 3228 8.67 -34.99 105.56
CA VAL D 3228 8.73 -34.57 104.16
C VAL D 3228 7.82 -35.43 103.30
N GLN D 3229 7.74 -36.73 103.59
CA GLN D 3229 6.80 -37.57 102.86
C GLN D 3229 5.37 -37.13 103.10
N GLU D 3230 5.03 -36.81 104.36
CA GLU D 3230 3.68 -36.32 104.63
C GLU D 3230 3.39 -35.03 103.88
N GLU D 3231 4.36 -34.11 103.85
CA GLU D 3231 4.16 -32.86 103.11
C GLU D 3231 3.96 -33.11 101.62
N GLU D 3232 4.77 -33.99 101.05
CA GLU D 3232 4.63 -34.28 99.62
C GLU D 3232 3.29 -34.92 99.31
N GLN D 3233 2.85 -35.87 100.14
CA GLN D 3233 1.56 -36.50 99.92
C GLN D 3233 0.42 -35.50 100.09
N LEU D 3234 0.55 -34.58 101.05
CA LEU D 3234 -0.47 -33.54 101.21
C LEU D 3234 -0.53 -32.64 99.98
N LYS D 3235 0.63 -32.24 99.45
CA LYS D 3235 0.64 -31.38 98.28
C LYS D 3235 0.09 -32.10 97.06
N ALA D 3236 0.36 -33.40 96.94
CA ALA D 3236 -0.14 -34.16 95.79
C ALA D 3236 -1.66 -34.19 95.77
N ASP D 3237 -2.28 -34.41 96.93
CA ASP D 3237 -3.73 -34.50 97.02
C ASP D 3237 -4.32 -33.12 97.29
N THR D 3238 -5.13 -32.64 96.34
CA THR D 3238 -5.76 -31.33 96.45
C THR D 3238 -7.16 -31.39 97.06
N LYS D 3239 -7.59 -32.57 97.51
CA LYS D 3239 -8.91 -32.72 98.13
C LYS D 3239 -8.82 -32.53 99.64
N GLY D 3240 -9.95 -32.12 100.22
CA GLY D 3240 -10.02 -31.89 101.65
C GLY D 3240 -9.48 -30.53 102.05
N ASP D 3241 -9.41 -30.32 103.35
CA ASP D 3241 -8.91 -29.07 103.92
C ASP D 3241 -7.39 -29.17 104.05
N THR D 3242 -6.68 -28.54 103.13
CA THR D 3242 -5.22 -28.56 103.14
C THR D 3242 -4.61 -27.51 104.06
N GLN D 3243 -5.39 -26.55 104.52
CA GLN D 3243 -4.83 -25.49 105.36
C GLN D 3243 -4.46 -26.02 106.74
N GLU D 3244 -5.35 -26.82 107.35
CA GLU D 3244 -5.03 -27.40 108.65
C GLU D 3244 -3.82 -28.32 108.56
N ALA D 3245 -3.76 -29.14 107.51
CA ALA D 3245 -2.61 -30.02 107.33
C ALA D 3245 -1.33 -29.21 107.10
N GLU D 3246 -1.44 -28.10 106.37
CA GLU D 3246 -0.27 -27.24 106.16
C GLU D 3246 0.22 -26.66 107.47
N LEU D 3247 -0.70 -26.20 108.32
CA LEU D 3247 -0.31 -25.67 109.63
C LEU D 3247 0.34 -26.75 110.48
N LEU D 3248 -0.23 -27.96 110.47
CA LEU D 3248 0.33 -29.05 111.26
C LEU D 3248 1.74 -29.40 110.78
N ILE D 3249 1.95 -29.47 109.47
CA ILE D 3249 3.28 -29.81 108.98
C ILE D 3249 4.26 -28.66 109.24
N LEU D 3250 3.78 -27.42 109.24
CA LEU D 3250 4.65 -26.31 109.63
C LEU D 3250 5.08 -26.43 111.08
N ASP D 3251 4.17 -26.81 111.96
CA ASP D 3251 4.54 -27.03 113.35
C ASP D 3251 5.55 -28.17 113.48
N GLU D 3252 5.34 -29.25 112.72
CA GLU D 3252 6.29 -30.36 112.75
C GLU D 3252 7.66 -29.92 112.27
N PHE D 3253 7.72 -29.13 111.20
CA PHE D 3253 9.00 -28.63 110.71
C PHE D 3253 9.65 -27.72 111.74
N ALA D 3254 8.86 -26.93 112.47
CA ALA D 3254 9.43 -26.07 113.50
C ALA D 3254 10.06 -26.91 114.61
N VAL D 3255 9.37 -27.94 115.07
CA VAL D 3255 9.95 -28.78 116.13
C VAL D 3255 11.18 -29.51 115.61
N LEU D 3256 11.17 -29.92 114.34
CA LEU D 3256 12.33 -30.60 113.77
C LEU D 3256 13.52 -29.66 113.67
N CYS D 3257 13.30 -28.41 113.26
CA CYS D 3257 14.39 -27.45 113.21
C CYS D 3257 14.93 -27.18 114.59
N ARG D 3258 14.05 -27.10 115.59
CA ARG D 3258 14.52 -26.91 116.96
C ARG D 3258 15.39 -28.08 117.41
N ASP D 3259 14.96 -29.30 117.11
CA ASP D 3259 15.74 -30.47 117.51
C ASP D 3259 17.08 -30.51 116.79
N LEU D 3260 17.10 -30.18 115.50
CA LEU D 3260 18.35 -30.16 114.77
C LEU D 3260 19.31 -29.11 115.32
N TYR D 3261 18.81 -27.91 115.60
CA TYR D 3261 19.67 -26.87 116.12
C TYR D 3261 19.99 -27.04 117.59
N ALA D 3262 19.37 -27.99 118.26
CA ALA D 3262 19.76 -28.34 119.62
C ALA D 3262 20.76 -29.48 119.68
N PHE D 3263 21.11 -30.08 118.55
CA PHE D 3263 22.01 -31.23 118.52
C PHE D 3263 23.13 -31.04 117.50
N TYR D 3264 22.85 -30.33 116.41
CA TYR D 3264 23.85 -30.14 115.38
C TYR D 3264 25.11 -29.41 115.84
N PRO D 3265 25.05 -28.39 116.70
CA PRO D 3265 26.32 -27.77 117.15
C PRO D 3265 27.29 -28.75 117.79
N MET D 3266 26.78 -29.66 118.62
CA MET D 3266 27.66 -30.67 119.22
C MET D 3266 28.24 -31.57 118.15
N LEU D 3267 27.43 -31.96 117.17
CA LEU D 3267 27.92 -32.80 116.09
C LEU D 3267 29.01 -32.10 115.30
N ILE D 3268 28.84 -30.81 115.03
CA ILE D 3268 29.82 -30.07 114.25
C ILE D 3268 31.13 -29.94 115.01
N ARG D 3269 31.06 -29.67 116.32
CA ARG D 3269 32.30 -29.60 117.10
C ARG D 3269 32.99 -30.95 117.14
N TYR D 3270 32.23 -32.03 117.34
CA TYR D 3270 32.81 -33.37 117.38
C TYR D 3270 33.48 -33.72 116.05
N VAL D 3271 32.81 -33.41 114.95
CA VAL D 3271 33.38 -33.68 113.63
C VAL D 3271 34.63 -32.84 113.40
N ASP D 3272 34.59 -31.56 113.77
CA ASP D 3272 35.78 -30.72 113.60
C ASP D 3272 36.96 -31.28 114.37
N ASN D 3273 36.72 -31.82 115.56
CA ASN D 3273 37.83 -32.36 116.33
C ASN D 3273 38.33 -33.69 115.77
N ASN D 3274 37.44 -34.56 115.31
CA ASN D 3274 37.81 -35.93 114.98
C ASN D 3274 37.91 -36.21 113.48
N ARG D 3275 37.81 -35.19 112.63
CA ARG D 3275 37.84 -35.44 111.19
C ARG D 3275 39.18 -35.99 110.75
N SER D 3276 40.29 -35.47 111.29
CA SER D 3276 41.60 -35.97 110.90
C SER D 3276 41.76 -37.43 111.30
N ASN D 3277 41.33 -37.79 112.51
CA ASN D 3277 41.42 -39.17 112.94
C ASN D 3277 40.57 -40.08 112.06
N TRP D 3278 39.37 -39.63 111.69
CA TRP D 3278 38.54 -40.45 110.81
C TRP D 3278 39.17 -40.61 109.43
N LEU D 3279 39.75 -39.54 108.89
CA LEU D 3279 40.39 -39.63 107.58
C LEU D 3279 41.59 -40.57 107.61
N LYS D 3280 42.41 -40.50 108.66
CA LYS D 3280 43.61 -41.33 108.69
C LYS D 3280 43.28 -42.79 108.96
N SER D 3281 42.19 -43.06 109.68
CA SER D 3281 41.78 -44.43 110.01
C SER D 3281 40.31 -44.59 109.65
N PRO D 3282 40.00 -44.83 108.38
CA PRO D 3282 38.60 -44.94 107.97
C PRO D 3282 37.90 -46.10 108.65
N SER D 3283 36.61 -45.92 108.90
CA SER D 3283 35.78 -46.93 109.55
C SER D 3283 34.39 -46.85 108.95
N ALA D 3284 33.45 -47.60 109.55
CA ALA D 3284 32.08 -47.63 109.05
C ALA D 3284 31.20 -46.58 109.71
N ASP D 3285 31.46 -46.24 110.97
CA ASP D 3285 30.65 -45.25 111.66
C ASP D 3285 30.76 -43.88 110.98
N SER D 3286 31.96 -43.50 110.57
CA SER D 3286 32.13 -42.22 109.89
C SER D 3286 31.34 -42.18 108.59
N ASP D 3287 31.39 -43.27 107.82
CA ASP D 3287 30.64 -43.32 106.57
C ASP D 3287 29.14 -43.24 106.83
N GLN D 3288 28.66 -43.93 107.87
CA GLN D 3288 27.24 -43.88 108.20
C GLN D 3288 26.83 -42.47 108.62
N LEU D 3289 27.69 -41.79 109.39
CA LEU D 3289 27.40 -40.42 109.78
C LEU D 3289 27.33 -39.52 108.56
N PHE D 3290 28.25 -39.71 107.60
CA PHE D 3290 28.18 -38.93 106.37
C PHE D 3290 26.89 -39.19 105.62
N ARG D 3291 26.46 -40.46 105.54
CA ARG D 3291 25.24 -40.77 104.83
C ARG D 3291 24.04 -40.10 105.48
N MET D 3292 23.97 -40.14 106.81
CA MET D 3292 22.86 -39.50 107.52
C MET D 3292 22.86 -37.99 107.28
N VAL D 3293 24.02 -37.36 107.38
CA VAL D 3293 24.09 -35.92 107.20
C VAL D 3293 23.72 -35.54 105.78
N ALA D 3294 24.19 -36.32 104.81
CA ALA D 3294 23.87 -36.05 103.42
C ALA D 3294 22.38 -36.18 103.15
N GLU D 3295 21.75 -37.21 103.73
CA GLU D 3295 20.32 -37.38 103.54
C GLU D 3295 19.53 -36.22 104.13
N VAL D 3296 19.90 -35.78 105.34
CA VAL D 3296 19.21 -34.66 105.94
C VAL D 3296 19.39 -33.40 105.11
N PHE D 3297 20.61 -33.17 104.62
CA PHE D 3297 20.86 -31.99 103.79
C PHE D 3297 20.08 -32.05 102.49
N ILE D 3298 19.96 -33.23 101.90
CA ILE D 3298 19.20 -33.38 100.67
C ILE D 3298 17.72 -33.08 100.91
N LEU D 3299 17.18 -33.58 102.03
CA LEU D 3299 15.80 -33.24 102.38
C LEU D 3299 15.64 -31.74 102.59
N TRP D 3300 16.64 -31.12 103.20
CA TRP D 3300 16.60 -29.66 103.37
C TRP D 3300 16.57 -28.94 102.04
N CYS D 3301 17.38 -29.40 101.09
CA CYS D 3301 17.45 -28.74 99.79
C CYS D 3301 16.16 -28.91 99.00
N LYS D 3302 15.67 -30.14 98.90
CA LYS D 3302 14.48 -30.38 98.09
C LYS D 3302 13.25 -29.70 98.70
N SER D 3303 13.04 -29.86 100.00
CA SER D 3303 11.88 -29.29 100.65
C SER D 3303 11.97 -27.77 100.69
N HIS D 3304 10.81 -27.12 100.59
CA HIS D 3304 10.71 -25.66 100.65
C HIS D 3304 10.25 -25.15 102.00
N ASN D 3305 9.43 -25.91 102.72
CA ASN D 3305 9.04 -25.51 104.07
C ASN D 3305 10.18 -25.72 105.06
N PHE D 3306 11.06 -26.69 104.79
CA PHE D 3306 12.18 -26.95 105.69
C PHE D 3306 13.08 -25.73 105.81
N LYS D 3307 13.47 -25.15 104.68
CA LYS D 3307 14.34 -23.99 104.71
C LYS D 3307 13.67 -22.81 105.41
N ARG D 3308 12.40 -22.56 105.10
CA ARG D 3308 11.69 -21.45 105.72
C ARG D 3308 11.58 -21.63 107.23
N GLU D 3309 11.28 -22.85 107.67
CA GLU D 3309 11.17 -23.11 109.10
C GLU D 3309 12.51 -22.94 109.79
N GLU D 3310 13.59 -23.43 109.18
CA GLU D 3310 14.91 -23.24 109.77
C GLU D 3310 15.25 -21.75 109.89
N GLN D 3311 14.97 -20.98 108.83
CA GLN D 3311 15.24 -19.55 108.87
C GLN D 3311 14.40 -18.86 109.94
N ASN D 3312 13.13 -19.23 110.05
CA ASN D 3312 12.28 -18.63 111.07
C ASN D 3312 12.79 -18.93 112.47
N PHE D 3313 13.20 -20.18 112.71
CA PHE D 3313 13.75 -20.53 114.01
C PHE D 3313 14.99 -19.71 114.31
N VAL D 3314 15.91 -19.61 113.35
CA VAL D 3314 17.15 -18.88 113.57
C VAL D 3314 16.88 -17.41 113.84
N ILE D 3315 16.00 -16.80 113.07
CA ILE D 3315 15.75 -15.37 113.23
C ILE D 3315 15.00 -15.09 114.53
N GLN D 3316 13.98 -15.88 114.83
CA GLN D 3316 13.16 -15.62 116.02
C GLN D 3316 13.95 -15.86 117.29
N ASN D 3317 14.75 -16.93 117.33
CA ASN D 3317 15.54 -17.20 118.53
C ASN D 3317 16.87 -16.45 118.55
N GLU D 3318 17.17 -15.68 117.50
CA GLU D 3318 18.37 -14.85 117.45
C GLU D 3318 19.62 -15.70 117.65
N ILE D 3319 19.64 -16.87 117.03
CA ILE D 3319 20.80 -17.75 117.08
C ILE D 3319 21.86 -17.21 116.12
N ASN D 3320 23.08 -17.06 116.63
CA ASN D 3320 24.21 -16.62 115.82
C ASN D 3320 24.99 -17.86 115.42
N ASN D 3321 24.80 -18.30 114.16
CA ASN D 3321 25.48 -19.50 113.70
C ASN D 3321 26.99 -19.30 113.65
N LEU D 3322 27.45 -18.06 113.51
CA LEU D 3322 28.88 -17.79 113.49
C LEU D 3322 29.54 -18.23 114.78
N ALA D 3323 28.81 -18.17 115.90
CA ALA D 3323 29.37 -18.65 117.16
C ALA D 3323 29.66 -20.14 117.09
N PHE D 3324 28.75 -20.93 116.52
CA PHE D 3324 28.93 -22.37 116.43
C PHE D 3324 29.79 -22.77 115.24
N LEU D 3325 30.12 -21.84 114.33
CA LEU D 3325 30.94 -22.15 113.17
C LEU D 3325 32.39 -21.71 113.35
N THR D 3326 32.61 -20.42 113.60
CA THR D 3326 33.95 -19.85 113.73
C THR D 3326 34.33 -19.53 115.16
N GLY D 3327 33.64 -20.13 116.13
CA GLY D 3327 33.91 -19.85 117.52
C GLY D 3327 35.07 -20.60 118.13
N ASP D 3328 35.68 -21.51 117.38
CA ASP D 3328 36.81 -22.29 117.89
C ASP D 3328 38.13 -21.59 117.60
N GLY D 3337 42.12 -9.39 116.08
CA GLY D 3337 41.22 -9.81 115.02
C GLY D 3337 40.39 -8.68 114.45
N GLY D 3338 40.89 -7.45 114.60
CA GLY D 3338 40.20 -6.28 114.12
C GLY D 3338 39.12 -5.75 115.04
N GLN D 3339 38.90 -6.39 116.19
CA GLN D 3339 37.88 -5.92 117.12
C GLN D 3339 38.20 -4.53 117.64
N ASP D 3340 39.48 -4.27 117.94
CA ASP D 3340 39.87 -2.97 118.47
C ASP D 3340 39.64 -1.84 117.48
N GLN D 3341 39.55 -2.15 116.18
CA GLN D 3341 39.35 -1.14 115.14
C GLN D 3341 38.03 -1.33 114.40
N GLU D 3342 36.97 -1.71 115.12
CA GLU D 3342 35.65 -1.84 114.52
C GLU D 3342 34.61 -1.35 115.51
N ARG D 3343 33.69 -0.51 115.04
CA ARG D 3343 32.58 0.00 115.84
C ARG D 3343 31.30 -0.30 115.07
N LYS D 3344 30.74 -1.49 115.28
CA LYS D 3344 29.53 -1.89 114.58
C LYS D 3344 28.35 -1.04 115.02
N LYS D 3345 27.51 -0.67 114.05
CA LYS D 3345 26.35 0.17 114.32
C LYS D 3345 25.08 -0.29 113.63
N THR D 3346 25.16 -1.21 112.68
CA THR D 3346 23.99 -1.69 111.95
C THR D 3346 23.74 -3.16 112.29
N LYS D 3347 22.49 -3.49 112.59
CA LYS D 3347 22.11 -4.86 112.90
C LYS D 3347 20.66 -5.07 112.50
N ARG D 3348 20.40 -6.18 111.81
CA ARG D 3348 19.04 -6.52 111.37
C ARG D 3348 18.82 -8.01 111.57
N ARG D 3349 17.55 -8.38 111.79
CA ARG D 3349 17.21 -9.78 111.96
C ARG D 3349 17.45 -10.57 110.68
N GLY D 3350 17.15 -9.97 109.53
CA GLY D 3350 17.36 -10.66 108.27
C GLY D 3350 18.81 -10.99 107.99
N ASP D 3351 19.73 -10.22 108.57
CA ASP D 3351 21.15 -10.49 108.44
C ASP D 3351 21.65 -11.54 109.42
N LEU D 3352 20.79 -12.01 110.33
CA LEU D 3352 21.19 -13.04 111.28
C LEU D 3352 21.20 -14.44 110.67
N TYR D 3353 20.57 -14.62 109.52
CA TYR D 3353 20.51 -15.93 108.86
C TYR D 3353 21.03 -15.81 107.44
N SER D 3354 21.81 -16.81 107.02
CA SER D 3354 22.29 -16.91 105.66
C SER D 3354 22.55 -18.37 105.35
N ILE D 3355 22.37 -18.73 104.08
CA ILE D 3355 22.58 -20.12 103.69
C ILE D 3355 24.01 -20.55 103.90
N GLN D 3356 24.95 -19.60 103.86
CA GLN D 3356 26.36 -19.94 104.05
C GLN D 3356 26.61 -20.49 105.44
N THR D 3357 26.00 -19.88 106.46
CA THR D 3357 26.26 -20.25 107.84
C THR D 3357 25.26 -21.24 108.42
N SER D 3358 24.31 -21.71 107.61
CA SER D 3358 23.34 -22.68 108.10
C SER D 3358 24.05 -23.94 108.59
N LEU D 3359 23.60 -24.47 109.73
CA LEU D 3359 24.23 -25.67 110.26
C LEU D 3359 23.92 -26.90 109.40
N ILE D 3360 22.76 -26.92 108.76
CA ILE D 3360 22.43 -28.04 107.90
C ILE D 3360 23.41 -28.12 106.73
N VAL D 3361 23.73 -26.98 106.14
CA VAL D 3361 24.73 -26.94 105.06
C VAL D 3361 26.13 -27.19 105.60
N ALA D 3362 26.46 -26.55 106.72
CA ALA D 3362 27.84 -26.59 107.22
C ALA D 3362 28.23 -27.99 107.67
N ALA D 3363 27.30 -28.73 108.27
CA ALA D 3363 27.62 -30.09 108.70
C ALA D 3363 27.98 -30.97 107.51
N LEU D 3364 27.24 -30.85 106.41
CA LEU D 3364 27.60 -31.59 105.22
C LEU D 3364 28.92 -31.11 104.63
N LYS D 3365 29.14 -29.79 104.63
CA LYS D 3365 30.41 -29.29 104.12
C LYS D 3365 31.59 -29.86 104.89
N LYS D 3366 31.41 -30.10 106.19
CA LYS D 3366 32.48 -30.64 107.01
C LYS D 3366 32.58 -32.16 106.95
N MET D 3367 31.48 -32.86 106.65
CA MET D 3367 31.51 -34.31 106.53
C MET D 3367 31.81 -34.79 105.12
N LEU D 3368 31.77 -33.90 104.13
CA LEU D 3368 32.03 -34.31 102.76
C LEU D 3368 33.41 -34.94 102.57
N PRO D 3369 34.49 -34.42 103.13
CA PRO D 3369 35.79 -35.09 103.00
C PRO D 3369 35.80 -36.51 103.55
N ILE D 3370 34.88 -36.87 104.46
CA ILE D 3370 34.79 -38.25 104.91
C ILE D 3370 34.01 -39.14 103.96
N GLY D 3371 33.32 -38.56 102.98
CA GLY D 3371 32.57 -39.34 102.03
C GLY D 3371 33.31 -39.53 100.73
N LEU D 3372 34.11 -38.53 100.36
CA LEU D 3372 34.97 -38.61 99.20
C LEU D 3372 36.29 -39.31 99.47
N ASN D 3373 36.53 -39.75 100.70
CA ASN D 3373 37.82 -40.28 101.09
C ASN D 3373 38.16 -41.53 100.30
N MET D 3374 39.42 -41.61 99.87
CA MET D 3374 39.97 -42.78 99.17
C MET D 3374 39.28 -43.01 97.83
N CYS D 3375 38.96 -41.93 97.13
CA CYS D 3375 38.34 -42.03 95.81
C CYS D 3375 39.43 -42.04 94.75
N THR D 3376 39.55 -43.16 94.04
CA THR D 3376 40.48 -43.30 92.94
C THR D 3376 39.94 -42.56 91.73
N PRO D 3377 40.79 -42.36 90.69
CA PRO D 3377 40.33 -41.61 89.52
C PRO D 3377 39.12 -42.23 88.83
N GLY D 3378 38.98 -43.56 88.85
CA GLY D 3378 37.79 -44.17 88.29
C GLY D 3378 36.53 -43.77 89.04
N ASP D 3379 36.61 -43.75 90.37
CA ASP D 3379 35.47 -43.27 91.16
C ASP D 3379 35.19 -41.81 90.90
N GLN D 3380 36.23 -41.01 90.65
CA GLN D 3380 35.99 -39.61 90.30
C GLN D 3380 35.27 -39.48 88.95
N GLU D 3381 35.63 -40.33 87.98
CA GLU D 3381 34.90 -40.35 86.72
C GLU D 3381 33.45 -40.73 86.93
N LEU D 3382 33.19 -41.76 87.74
CA LEU D 3382 31.81 -42.17 88.01
C LEU D 3382 31.04 -41.07 88.71
N ILE D 3383 31.68 -40.37 89.65
CA ILE D 3383 31.03 -39.28 90.36
C ILE D 3383 30.67 -38.15 89.39
N SER D 3384 31.58 -37.82 88.47
CA SER D 3384 31.28 -36.79 87.50
C SER D 3384 30.12 -37.19 86.62
N LEU D 3385 30.09 -38.46 86.19
CA LEU D 3385 28.97 -38.96 85.40
C LEU D 3385 27.66 -38.84 86.18
N ALA D 3386 27.66 -39.23 87.45
CA ALA D 3386 26.44 -39.17 88.25
C ALA D 3386 25.99 -37.73 88.44
N LYS D 3387 26.91 -36.81 88.66
CA LYS D 3387 26.52 -35.41 88.79
C LYS D 3387 25.92 -34.89 87.51
N SER D 3388 26.51 -35.27 86.37
CA SER D 3388 25.94 -34.86 85.08
C SER D 3388 24.52 -35.40 84.92
N ARG D 3389 24.30 -36.67 85.29
CA ARG D 3389 22.95 -37.23 85.20
C ARG D 3389 21.98 -36.49 86.12
N TYR D 3390 22.42 -36.18 87.35
CA TYR D 3390 21.57 -35.42 88.26
C TYR D 3390 21.23 -34.05 87.69
N SER D 3391 22.13 -33.48 86.88
CA SER D 3391 21.86 -32.18 86.29
C SER D 3391 20.62 -32.19 85.40
N TYR D 3392 20.24 -33.35 84.89
CA TYR D 3392 19.04 -33.48 84.06
C TYR D 3392 17.80 -33.81 84.87
N ARG D 3393 17.88 -33.75 86.19
CA ARG D 3393 16.75 -34.00 87.08
C ARG D 3393 16.26 -35.44 86.94
N ASP D 3394 17.18 -36.37 87.19
CA ASP D 3394 16.88 -37.79 87.18
C ASP D 3394 16.83 -38.31 88.61
N THR D 3395 16.06 -39.38 88.80
CA THR D 3395 15.91 -39.97 90.12
C THR D 3395 17.16 -40.77 90.49
N ASP D 3396 17.17 -41.29 91.72
CA ASP D 3396 18.32 -42.09 92.16
C ASP D 3396 18.45 -43.37 91.37
N GLU D 3397 17.32 -44.03 91.08
CA GLU D 3397 17.38 -45.30 90.37
C GLU D 3397 17.92 -45.12 88.95
N GLU D 3398 17.53 -44.04 88.28
CA GLU D 3398 18.02 -43.79 86.93
C GLU D 3398 19.54 -43.58 86.95
N VAL D 3399 20.04 -42.82 87.92
CA VAL D 3399 21.48 -42.58 88.00
C VAL D 3399 22.22 -43.86 88.34
N LYS D 3400 21.66 -44.69 89.21
CA LYS D 3400 22.29 -45.97 89.51
C LYS D 3400 22.33 -46.85 88.29
N GLU D 3401 21.27 -46.85 87.48
CA GLU D 3401 21.29 -47.61 86.24
C GLU D 3401 22.36 -47.09 85.28
N HIS D 3402 22.47 -45.78 85.14
CA HIS D 3402 23.48 -45.21 84.25
C HIS D 3402 24.88 -45.57 84.71
N LEU D 3403 25.13 -45.53 86.02
CA LEU D 3403 26.42 -45.96 86.53
C LEU D 3403 26.65 -47.44 86.27
N ARG D 3404 25.58 -48.25 86.33
CA ARG D 3404 25.71 -49.67 86.04
C ARG D 3404 26.15 -49.89 84.59
N ASN D 3405 25.58 -49.13 83.66
CA ASN D 3405 26.00 -49.25 82.27
C ASN D 3405 27.44 -48.79 82.08
N ASN D 3406 27.77 -47.60 82.57
CA ASN D 3406 29.09 -47.01 82.37
C ASN D 3406 30.05 -47.42 83.50
N LEU D 3407 30.20 -48.73 83.66
CA LEU D 3407 31.08 -49.26 84.68
C LEU D 3407 32.48 -49.56 84.17
N HIS D 3408 32.78 -49.20 82.93
CA HIS D 3408 34.12 -49.34 82.39
C HIS D 3408 35.01 -48.14 82.68
N LEU D 3409 34.46 -47.07 83.26
CA LEU D 3409 35.24 -45.88 83.56
C LEU D 3409 36.27 -46.13 84.66
N GLN D 3410 36.12 -47.20 85.43
CA GLN D 3410 37.07 -47.47 86.50
C GLN D 3410 38.48 -47.68 85.96
N GLU D 3411 38.60 -48.11 84.71
CA GLU D 3411 39.91 -48.30 84.11
C GLU D 3411 40.67 -46.98 83.95
N LYS D 3412 39.99 -45.85 84.11
CA LYS D 3412 40.68 -44.56 84.17
C LYS D 3412 41.69 -44.50 85.31
N SER D 3413 41.54 -45.34 86.33
CA SER D 3413 42.55 -45.41 87.37
C SER D 3413 43.89 -45.88 86.83
N ASP D 3414 43.90 -46.61 85.72
CA ASP D 3414 45.13 -47.12 85.12
C ASP D 3414 45.71 -46.18 84.07
N ASP D 3415 45.13 -45.00 83.91
CA ASP D 3415 45.60 -44.05 82.92
C ASP D 3415 47.01 -43.56 83.29
N PRO D 3416 47.82 -43.18 82.29
CA PRO D 3416 49.13 -42.62 82.60
C PRO D 3416 49.06 -41.16 83.03
N ALA D 3417 48.05 -40.44 82.53
CA ALA D 3417 47.92 -39.03 82.87
C ALA D 3417 47.57 -38.81 84.33
N VAL D 3418 47.01 -39.82 85.00
CA VAL D 3418 46.63 -39.69 86.41
C VAL D 3418 47.37 -40.75 87.21
N LYS D 3419 48.61 -41.04 86.82
CA LYS D 3419 49.43 -41.95 87.59
C LYS D 3419 49.97 -41.34 88.86
N TRP D 3420 49.83 -40.02 89.02
CA TRP D 3420 50.32 -39.34 90.22
C TRP D 3420 49.41 -39.54 91.42
N GLN D 3421 48.21 -40.06 91.24
CA GLN D 3421 47.31 -40.33 92.35
C GLN D 3421 47.42 -41.75 92.85
N LEU D 3422 48.30 -42.56 92.27
CA LEU D 3422 48.30 -44.00 92.58
C LEU D 3422 48.76 -44.30 94.00
N ASN D 3423 49.56 -43.42 94.61
CA ASN D 3423 50.11 -43.73 95.92
C ASN D 3423 49.82 -42.62 96.93
N LEU D 3424 48.80 -41.79 96.69
CA LEU D 3424 48.46 -40.75 97.65
C LEU D 3424 47.94 -41.34 98.95
N TYR D 3425 47.12 -42.39 98.87
CA TYR D 3425 46.50 -42.99 100.03
C TYR D 3425 47.25 -44.23 100.52
N LYS D 3426 48.56 -44.27 100.31
CA LYS D 3426 49.35 -45.42 100.76
C LYS D 3426 49.37 -45.52 102.28
N ASP D 3427 49.50 -44.38 102.96
CA ASP D 3427 49.55 -44.40 104.43
C ASP D 3427 48.24 -44.92 105.03
N VAL D 3428 47.11 -44.49 104.46
CA VAL D 3428 45.81 -44.95 104.93
C VAL D 3428 45.74 -46.47 104.82
N LEU D 3429 44.83 -47.06 105.59
CA LEU D 3429 44.74 -48.52 105.66
C LEU D 3429 44.50 -49.15 104.29
N LYS D 3430 43.58 -48.57 103.53
CA LYS D 3430 43.25 -49.08 102.20
C LYS D 3430 42.79 -50.54 102.24
N SER D 3431 42.14 -50.92 103.33
CA SER D 3431 41.66 -52.28 103.54
C SER D 3431 40.15 -52.31 103.37
N GLU D 3432 39.68 -53.18 102.49
CA GLU D 3432 38.25 -53.23 102.18
C GLU D 3432 37.91 -54.63 101.66
N GLU D 3433 36.60 -54.90 101.60
CA GLU D 3433 36.11 -56.18 101.15
C GLU D 3433 36.40 -56.37 99.67
N PRO D 3434 36.09 -57.54 99.11
CA PRO D 3434 36.28 -57.76 97.68
C PRO D 3434 35.43 -56.79 96.86
N PHE D 3435 35.93 -56.48 95.67
CA PHE D 3435 35.25 -55.51 94.81
C PHE D 3435 33.82 -55.95 94.51
N ASN D 3436 32.88 -55.01 94.69
CA ASN D 3436 31.47 -55.25 94.44
C ASN D 3436 30.92 -54.09 93.64
N ALA D 3437 30.24 -54.40 92.54
CA ALA D 3437 29.74 -53.34 91.67
C ALA D 3437 28.63 -52.55 92.34
N GLU D 3438 27.68 -53.24 92.98
CA GLU D 3438 26.53 -52.56 93.55
C GLU D 3438 26.94 -51.60 94.65
N LYS D 3439 27.86 -52.01 95.52
CA LYS D 3439 28.31 -51.14 96.60
C LYS D 3439 28.99 -49.90 96.06
N THR D 3440 29.85 -50.06 95.06
CA THR D 3440 30.53 -48.92 94.47
C THR D 3440 29.53 -47.97 93.82
N ILE D 3441 28.53 -48.52 93.12
CA ILE D 3441 27.53 -47.68 92.48
C ILE D 3441 26.72 -46.89 93.52
N GLU D 3442 26.33 -47.56 94.60
CA GLU D 3442 25.58 -46.87 95.66
C GLU D 3442 26.41 -45.77 96.29
N ARG D 3443 27.69 -46.06 96.57
CA ARG D 3443 28.56 -45.07 97.18
C ARG D 3443 28.74 -43.86 96.27
N VAL D 3444 28.98 -44.10 94.97
CA VAL D 3444 29.13 -43.01 94.03
C VAL D 3444 27.84 -42.23 93.91
N GLN D 3445 26.69 -42.91 94.00
CA GLN D 3445 25.42 -42.22 93.89
C GLN D 3445 25.22 -41.26 95.06
N ARG D 3446 25.49 -41.73 96.28
CA ARG D 3446 25.32 -40.87 97.45
C ARG D 3446 26.28 -39.67 97.38
N ILE D 3447 27.54 -39.93 97.03
CA ILE D 3447 28.53 -38.86 96.97
C ILE D 3447 28.14 -37.83 95.92
N SER D 3448 27.74 -38.29 94.73
CA SER D 3448 27.38 -37.38 93.66
C SER D 3448 26.14 -36.58 94.02
N ALA D 3449 25.15 -37.20 94.67
CA ALA D 3449 23.97 -36.47 95.09
C ALA D 3449 24.34 -35.34 96.04
N ALA D 3450 25.13 -35.65 97.07
CA ALA D 3450 25.51 -34.63 98.04
C ALA D 3450 26.28 -33.50 97.37
N VAL D 3451 27.27 -33.85 96.53
CA VAL D 3451 28.10 -32.84 95.90
C VAL D 3451 27.27 -31.95 94.98
N PHE D 3452 26.38 -32.56 94.19
CA PHE D 3452 25.57 -31.79 93.25
C PHE D 3452 24.65 -30.82 93.98
N HIS D 3453 23.97 -31.27 95.03
CA HIS D 3453 23.08 -30.38 95.73
C HIS D 3453 23.85 -29.27 96.45
N LEU D 3454 25.03 -29.59 96.99
CA LEU D 3454 25.84 -28.56 97.61
C LEU D 3454 26.26 -27.50 96.62
N GLU D 3455 26.68 -27.91 95.42
CA GLU D 3455 27.06 -26.95 94.39
C GLU D 3455 25.86 -26.09 94.00
N GLN D 3456 24.69 -26.71 93.86
CA GLN D 3456 23.49 -25.95 93.48
C GLN D 3456 23.16 -24.89 94.53
N VAL D 3457 23.23 -25.25 95.81
CA VAL D 3457 22.90 -24.27 96.85
C VAL D 3457 23.94 -23.17 96.89
N GLU D 3458 25.22 -23.52 96.69
CA GLU D 3458 26.27 -22.52 96.83
C GLU D 3458 26.37 -21.57 95.65
N GLN D 3459 25.97 -22.00 94.45
CA GLN D 3459 26.10 -21.13 93.28
C GLN D 3459 25.38 -19.80 93.45
N PRO D 3460 24.11 -19.74 93.86
CA PRO D 3460 23.46 -18.43 94.05
C PRO D 3460 24.14 -17.55 95.07
N LEU D 3461 24.82 -18.12 96.07
CA LEU D 3461 25.51 -17.31 97.05
C LEU D 3461 26.61 -16.48 96.43
N ARG D 3462 27.24 -16.98 95.38
CA ARG D 3462 28.24 -16.19 94.67
C ARG D 3462 27.60 -14.96 94.05
N SER D 3463 28.37 -13.88 94.00
CA SER D 3463 27.87 -12.61 93.48
C SER D 3463 27.43 -12.75 92.02
N PHE D 3484 -10.02 3.62 104.41
CA PHE D 3484 -10.49 4.95 104.06
C PHE D 3484 -12.00 5.07 104.28
N ARG D 3485 -12.55 4.17 105.08
CA ARG D 3485 -13.99 4.15 105.36
C ARG D 3485 -14.31 5.24 106.40
N MET D 3486 -14.19 6.49 105.94
CA MET D 3486 -14.39 7.64 106.81
C MET D 3486 -15.50 8.58 106.35
N ALA D 3487 -16.08 8.37 105.17
CA ALA D 3487 -17.15 9.23 104.65
C ALA D 3487 -18.31 8.36 104.16
N PRO D 3488 -19.02 7.70 105.07
CA PRO D 3488 -20.21 6.94 104.67
C PRO D 3488 -21.35 7.87 104.31
N LEU D 3489 -22.32 7.32 103.55
CA LEU D 3489 -23.41 8.13 103.04
C LEU D 3489 -24.23 8.76 104.16
N TYR D 3490 -24.30 8.12 105.32
CA TYR D 3490 -25.06 8.66 106.44
C TYR D 3490 -24.32 9.76 107.19
N ASN D 3491 -23.26 10.31 106.61
CA ASN D 3491 -22.52 11.42 107.20
C ASN D 3491 -22.44 12.63 106.28
N LEU D 3492 -23.33 12.72 105.29
CA LEU D 3492 -23.34 13.83 104.36
C LEU D 3492 -24.73 14.43 104.28
N PRO D 3493 -24.83 15.70 103.92
CA PRO D 3493 -26.15 16.33 103.79
C PRO D 3493 -26.96 15.68 102.69
N ARG D 3494 -28.28 15.69 102.86
CA ARG D 3494 -29.16 15.01 101.91
C ARG D 3494 -29.10 15.61 100.52
N HIS D 3495 -28.67 16.86 100.38
CA HIS D 3495 -28.68 17.48 99.05
C HIS D 3495 -27.56 16.95 98.18
N LYS D 3496 -26.36 16.75 98.75
CA LYS D 3496 -25.27 16.18 97.97
C LYS D 3496 -25.59 14.74 97.56
N ILE D 3497 -26.11 13.95 98.50
CA ILE D 3497 -26.51 12.58 98.18
C ILE D 3497 -27.62 12.59 97.14
N ASN D 3498 -28.49 13.60 97.18
CA ASN D 3498 -29.58 13.67 96.21
C ASN D 3498 -29.06 14.01 94.82
N ASN D 3499 -28.04 14.87 94.75
CA ASN D 3499 -27.40 15.13 93.46
C ASN D 3499 -26.79 13.84 92.90
N PHE D 3500 -26.13 13.07 93.76
CA PHE D 3500 -25.58 11.79 93.32
C PHE D 3500 -26.69 10.85 92.85
N PHE D 3501 -27.80 10.82 93.59
CA PHE D 3501 -28.93 9.99 93.19
C PHE D 3501 -29.47 10.38 91.83
N LEU D 3502 -29.56 11.69 91.56
CA LEU D 3502 -30.05 12.16 90.27
C LEU D 3502 -29.10 11.76 89.16
N SER D 3503 -27.80 11.90 89.38
CA SER D 3503 -26.83 11.48 88.36
C SER D 3503 -26.98 9.99 88.06
N THR D 3504 -27.07 9.17 89.11
CA THR D 3504 -27.23 7.74 88.91
C THR D 3504 -28.54 7.41 88.20
N PHE D 3505 -29.62 8.09 88.59
CA PHE D 3505 -30.92 7.81 87.99
C PHE D 3505 -30.92 8.14 86.50
N GLN D 3506 -30.32 9.25 86.11
CA GLN D 3506 -30.18 9.54 84.69
C GLN D 3506 -29.32 8.50 84.00
N ARG D 3507 -28.21 8.11 84.64
CA ARG D 3507 -27.21 7.29 83.96
C ARG D 3507 -27.64 5.84 83.82
N VAL D 3508 -28.44 5.32 84.75
CA VAL D 3508 -28.74 3.89 84.81
C VAL D 3508 -30.16 3.59 84.34
N TRP D 3509 -31.17 4.18 84.99
CA TRP D 3509 -32.54 3.73 84.79
C TRP D 3509 -33.16 4.32 83.53
N LEU D 3510 -32.95 5.62 83.27
CA LEU D 3510 -33.66 6.28 82.19
C LEU D 3510 -32.95 6.17 80.84
N GLU D 3511 -31.62 6.13 80.85
CA GLU D 3511 -30.88 6.15 79.59
C GLU D 3511 -31.19 4.92 78.75
N LYS D 3512 -31.30 3.75 79.39
CA LYS D 3512 -31.66 2.55 78.65
C LYS D 3512 -33.08 2.65 78.10
N VAL D 3513 -34.00 3.20 78.88
CA VAL D 3513 -35.39 3.30 78.43
C VAL D 3513 -35.51 4.22 77.24
N ASN D 3514 -34.70 5.28 77.19
CA ASN D 3514 -34.85 6.29 76.14
C ASN D 3514 -34.67 5.70 74.75
N GLU D 3515 -33.73 4.76 74.60
CA GLU D 3515 -33.43 4.23 73.28
C GLU D 3515 -34.61 3.45 72.70
N LYS D 3516 -35.29 2.66 73.53
CA LYS D 3516 -36.32 1.75 73.02
C LYS D 3516 -37.53 2.52 72.49
N THR D 3517 -38.02 3.51 73.25
CA THR D 3517 -39.25 4.22 72.92
C THR D 3517 -38.91 5.66 72.56
N GLN D 3518 -38.95 5.97 71.27
CA GLN D 3518 -38.78 7.35 70.81
C GLN D 3518 -39.29 7.43 69.39
N TYR D 3519 -40.34 8.23 69.17
CA TYR D 3519 -40.95 8.41 67.85
C TYR D 3519 -41.53 7.11 67.31
N ASP D 3520 -41.80 6.14 68.18
CA ASP D 3520 -42.18 4.82 67.70
C ASP D 3520 -43.61 4.80 67.17
N ARG D 3521 -44.51 5.55 67.79
CA ARG D 3521 -45.92 5.56 67.40
C ARG D 3521 -46.29 6.77 66.56
N LEU D 3522 -45.30 7.51 66.07
CA LEU D 3522 -45.58 8.77 65.38
C LEU D 3522 -45.65 8.60 63.86
N ILE D 3523 -44.66 7.93 63.27
CA ILE D 3523 -44.60 7.82 61.81
C ILE D 3523 -45.83 7.14 61.22
N PRO D 3524 -46.39 6.08 61.81
CA PRO D 3524 -47.63 5.52 61.23
C PRO D 3524 -48.77 6.53 61.20
N ILE D 3525 -48.89 7.35 62.24
CA ILE D 3525 -49.97 8.34 62.29
C ILE D 3525 -49.73 9.44 61.27
N LEU D 3526 -48.47 9.84 61.09
CA LEU D 3526 -48.16 10.82 60.05
C LEU D 3526 -48.50 10.29 58.67
N MET D 3527 -48.16 9.02 58.40
CA MET D 3527 -48.52 8.41 57.12
C MET D 3527 -49.99 8.04 57.06
N LYS D 3528 -50.63 7.85 58.22
CA LYS D 3528 -52.02 7.41 58.25
C LYS D 3528 -52.94 8.42 57.59
N SER D 3529 -53.93 7.92 56.86
CA SER D 3529 -54.89 8.78 56.17
C SER D 3529 -56.00 9.22 57.12
N PRO D 3530 -56.66 10.35 56.81
CA PRO D 3530 -57.74 10.91 57.63
C PRO D 3530 -59.00 10.06 57.61
N LYS D 3542 -54.85 15.33 46.49
CA LYS D 3542 -54.58 16.72 46.17
C LYS D 3542 -53.94 17.44 47.34
N GLN D 3543 -54.63 17.43 48.48
CA GLN D 3543 -54.10 18.06 49.67
C GLN D 3543 -52.94 17.25 50.23
N PRO D 3544 -51.77 17.83 50.41
CA PRO D 3544 -50.62 17.05 50.89
C PRO D 3544 -50.83 16.51 52.30
N ASP D 3545 -50.19 15.38 52.57
CA ASP D 3545 -50.22 14.77 53.87
C ASP D 3545 -49.42 15.63 54.86
N PRO D 3546 -49.62 15.44 56.17
CA PRO D 3546 -48.75 16.12 57.13
C PRO D 3546 -47.27 15.82 56.93
N LEU D 3547 -46.92 14.56 56.67
CA LEU D 3547 -45.53 14.22 56.41
C LEU D 3547 -45.04 14.88 55.14
N HIS D 3548 -45.90 14.91 54.11
CA HIS D 3548 -45.55 15.59 52.87
C HIS D 3548 -45.29 17.07 53.14
N GLN D 3549 -46.07 17.68 54.01
CA GLN D 3549 -45.89 19.10 54.32
C GLN D 3549 -44.59 19.35 55.07
N ILE D 3550 -44.23 18.49 56.02
CA ILE D 3550 -42.98 18.70 56.74
C ILE D 3550 -41.79 18.50 55.80
N ILE D 3551 -41.89 17.53 54.89
CA ILE D 3551 -40.82 17.30 53.92
C ILE D 3551 -40.70 18.49 52.98
N LEU D 3552 -41.82 19.06 52.53
CA LEU D 3552 -41.75 20.25 51.69
C LEU D 3552 -41.16 21.44 52.42
N HIS D 3553 -41.47 21.57 53.71
CA HIS D 3553 -40.86 22.62 54.51
C HIS D 3553 -39.34 22.46 54.55
N PHE D 3554 -38.87 21.24 54.77
CA PHE D 3554 -37.42 21.01 54.81
C PHE D 3554 -36.78 21.27 53.45
N SER D 3555 -37.46 20.88 52.37
CA SER D 3555 -36.93 21.16 51.04
C SER D 3555 -36.83 22.66 50.79
N ARG D 3556 -37.85 23.42 51.17
CA ARG D 3556 -37.80 24.86 50.97
C ARG D 3556 -36.69 25.50 51.79
N ASN D 3557 -36.49 25.04 53.02
CA ASN D 3557 -35.37 25.54 53.81
C ASN D 3557 -34.03 25.20 53.15
N ALA D 3558 -33.93 24.00 52.58
CA ALA D 3558 -32.68 23.61 51.94
C ALA D 3558 -32.40 24.44 50.69
N LEU D 3559 -33.43 24.77 49.92
CA LEU D 3559 -33.24 25.51 48.68
C LEU D 3559 -32.85 26.96 48.90
N THR D 3560 -33.18 27.54 50.05
CA THR D 3560 -32.86 28.94 50.31
C THR D 3560 -31.36 29.16 50.37
N GLU D 3561 -30.90 30.24 49.75
CA GLU D 3561 -29.47 30.50 49.62
C GLU D 3561 -28.91 31.05 50.92
N ARG D 3562 -27.80 30.45 51.38
CA ARG D 3562 -27.11 30.89 52.58
C ARG D 3562 -25.63 30.60 52.40
N SER D 3563 -24.87 30.66 53.49
CA SER D 3563 -23.46 30.33 53.47
C SER D 3563 -23.09 29.14 54.34
N LYS D 3564 -23.79 28.93 55.45
CA LYS D 3564 -23.54 27.79 56.32
C LYS D 3564 -24.87 27.16 56.71
N LEU D 3565 -24.91 25.84 56.78
CA LEU D 3565 -26.13 25.12 57.16
C LEU D 3565 -26.31 25.26 58.66
N GLU D 3566 -27.14 26.20 59.07
CA GLU D 3566 -27.37 26.43 60.49
C GLU D 3566 -28.04 25.22 61.13
N ASP D 3567 -27.71 24.99 62.40
CA ASP D 3567 -28.23 23.83 63.11
C ASP D 3567 -29.75 23.89 63.17
N ASP D 3568 -30.39 22.74 62.93
CA ASP D 3568 -31.84 22.63 62.89
C ASP D 3568 -32.26 21.33 63.56
N PRO D 3569 -32.55 21.39 64.87
CA PRO D 3569 -32.93 20.15 65.57
C PRO D 3569 -34.17 19.49 65.03
N LEU D 3570 -35.11 20.27 64.48
CA LEU D 3570 -36.32 19.68 63.93
C LEU D 3570 -36.00 18.77 62.76
N TYR D 3571 -35.13 19.22 61.86
CA TYR D 3571 -34.73 18.38 60.74
C TYR D 3571 -34.03 17.13 61.22
N THR D 3572 -33.13 17.27 62.19
CA THR D 3572 -32.42 16.10 62.70
C THR D 3572 -33.38 15.07 63.24
N SER D 3573 -34.31 15.50 64.09
CA SER D 3573 -35.25 14.57 64.71
C SER D 3573 -36.14 13.91 63.66
N TYR D 3574 -36.67 14.68 62.72
CA TYR D 3574 -37.58 14.10 61.75
C TYR D 3574 -36.88 13.21 60.74
N SER D 3575 -35.66 13.58 60.33
CA SER D 3575 -34.89 12.71 59.44
C SER D 3575 -34.53 11.40 60.12
N SER D 3576 -34.14 11.45 61.40
CA SER D 3576 -33.90 10.22 62.14
C SER D 3576 -35.16 9.38 62.23
N MET D 3577 -36.30 10.02 62.47
CA MET D 3577 -37.57 9.31 62.55
C MET D 3577 -37.91 8.62 61.24
N MET D 3578 -37.73 9.31 60.12
CA MET D 3578 -38.01 8.70 58.82
C MET D 3578 -37.07 7.54 58.54
N ALA D 3579 -35.77 7.72 58.83
CA ALA D 3579 -34.82 6.66 58.61
C ALA D 3579 -35.18 5.41 59.41
N LYS D 3580 -35.54 5.58 60.68
CA LYS D 3580 -35.98 4.43 61.46
C LYS D 3580 -37.30 3.87 60.95
N SER D 3581 -38.09 4.69 60.26
CA SER D 3581 -39.29 4.18 59.61
C SER D 3581 -38.91 3.16 58.54
N CYS D 3582 -38.01 3.54 57.63
CA CYS D 3582 -37.61 2.60 56.58
C CYS D 3582 -36.88 1.40 57.16
N GLN D 3583 -36.02 1.63 58.14
CA GLN D 3583 -35.17 0.58 58.71
C GLN D 3583 -35.97 -0.32 59.64
N SER D 3584 -36.97 -0.99 59.07
CA SER D 3584 -37.83 -1.86 59.85
C SER D 3584 -37.08 -3.12 60.26
N GLY D 3585 -37.35 -3.58 61.48
CA GLY D 3585 -36.71 -4.76 62.01
C GLY D 3585 -37.32 -5.20 63.32
N GLU D 3595 -30.48 -19.16 56.91
CA GLU D 3595 -31.13 -19.19 55.62
C GLU D 3595 -32.65 -19.04 55.77
N LYS D 3596 -33.29 -18.49 54.74
CA LYS D 3596 -34.72 -18.20 54.77
C LYS D 3596 -35.38 -18.75 53.51
N THR D 3597 -36.68 -18.97 53.61
CA THR D 3597 -37.44 -19.40 52.46
C THR D 3597 -37.44 -18.31 51.39
N PHE D 3598 -37.59 -18.72 50.13
CA PHE D 3598 -37.65 -17.75 49.05
C PHE D 3598 -38.82 -16.79 49.23
N GLU D 3599 -39.98 -17.31 49.64
CA GLU D 3599 -41.13 -16.45 49.86
C GLU D 3599 -40.87 -15.47 51.00
N GLU D 3600 -40.19 -15.92 52.05
CA GLU D 3600 -39.90 -15.04 53.18
C GLU D 3600 -39.00 -13.87 52.77
N LYS D 3601 -37.93 -14.17 52.04
CA LYS D 3601 -37.04 -13.12 51.58
C LYS D 3601 -37.73 -12.19 50.59
N GLU D 3602 -38.57 -12.74 49.72
CA GLU D 3602 -39.30 -11.91 48.77
C GLU D 3602 -40.27 -10.98 49.51
N MET D 3603 -40.94 -11.48 50.54
CA MET D 3603 -41.86 -10.62 51.30
C MET D 3603 -41.10 -9.56 52.06
N GLU D 3604 -39.92 -9.89 52.59
CA GLU D 3604 -39.10 -8.87 53.24
C GLU D 3604 -38.71 -7.78 52.24
N LYS D 3605 -38.34 -8.18 51.02
CA LYS D 3605 -38.00 -7.20 50.00
C LYS D 3605 -39.19 -6.31 49.67
N GLN D 3606 -40.38 -6.90 49.52
CA GLN D 3606 -41.57 -6.12 49.20
C GLN D 3606 -41.91 -5.16 50.32
N LYS D 3607 -41.80 -5.60 51.57
CA LYS D 3607 -42.07 -4.72 52.70
C LYS D 3607 -41.10 -3.55 52.74
N THR D 3608 -39.82 -3.81 52.48
CA THR D 3608 -38.85 -2.72 52.44
C THR D 3608 -39.17 -1.74 51.32
N LEU D 3609 -39.53 -2.24 50.15
CA LEU D 3609 -39.87 -1.36 49.04
C LEU D 3609 -41.07 -0.48 49.38
N TYR D 3610 -42.10 -1.07 50.01
CA TYR D 3610 -43.28 -0.29 50.39
C TYR D 3610 -42.94 0.77 51.43
N GLN D 3611 -42.15 0.42 52.43
CA GLN D 3611 -41.76 1.40 53.44
C GLN D 3611 -40.96 2.53 52.83
N GLN D 3612 -40.09 2.22 51.87
CA GLN D 3612 -39.31 3.27 51.21
C GLN D 3612 -40.19 4.14 50.34
N ALA D 3613 -41.18 3.56 49.68
CA ALA D 3613 -42.07 4.32 48.82
C ALA D 3613 -43.01 5.22 49.61
N ARG D 3614 -43.27 4.89 50.88
CA ARG D 3614 -44.00 5.83 51.71
C ARG D 3614 -43.30 7.19 51.78
N LEU D 3615 -41.97 7.19 51.70
CA LEU D 3615 -41.16 8.40 51.84
C LEU D 3615 -40.73 9.01 50.52
N HIS D 3616 -40.26 8.20 49.57
CA HIS D 3616 -39.76 8.81 48.35
C HIS D 3616 -40.88 9.25 47.41
N GLU D 3617 -42.12 8.90 47.71
CA GLU D 3617 -43.26 9.43 46.99
C GLU D 3617 -43.74 10.77 47.53
N ARG D 3618 -43.14 11.24 48.62
CA ARG D 3618 -43.44 12.55 49.19
C ARG D 3618 -42.26 13.50 49.08
N GLY D 3619 -41.30 13.18 48.23
CA GLY D 3619 -40.19 14.08 47.98
C GLY D 3619 -39.07 14.03 48.98
N ALA D 3620 -38.66 12.82 49.40
CA ALA D 3620 -37.54 12.70 50.32
C ALA D 3620 -36.21 12.52 49.59
N ALA D 3621 -36.22 11.97 48.38
CA ALA D 3621 -34.98 11.85 47.61
C ALA D 3621 -34.43 13.22 47.27
N GLU D 3622 -35.28 14.10 46.75
CA GLU D 3622 -34.86 15.46 46.46
C GLU D 3622 -34.44 16.18 47.73
N MET D 3623 -35.13 15.93 48.84
CA MET D 3623 -34.75 16.57 50.09
C MET D 3623 -33.35 16.14 50.52
N VAL D 3624 -33.04 14.85 50.39
CA VAL D 3624 -31.71 14.36 50.75
C VAL D 3624 -30.66 15.03 49.89
N LEU D 3625 -30.90 15.08 48.58
CA LEU D 3625 -29.92 15.70 47.68
C LEU D 3625 -29.73 17.17 48.01
N GLN D 3626 -30.83 17.89 48.25
CA GLN D 3626 -30.74 19.32 48.55
C GLN D 3626 -30.03 19.57 49.87
N MET D 3627 -30.26 18.73 50.88
CA MET D 3627 -29.59 18.94 52.16
C MET D 3627 -28.11 18.61 52.07
N ILE D 3628 -27.72 17.62 51.25
CA ILE D 3628 -26.30 17.37 51.06
C ILE D 3628 -25.67 18.51 50.29
N SER D 3629 -26.38 19.08 49.32
CA SER D 3629 -25.86 20.23 48.59
C SER D 3629 -25.69 21.43 49.50
N ALA D 3630 -26.63 21.64 50.42
CA ALA D 3630 -26.65 22.82 51.27
C ALA D 3630 -25.61 22.78 52.37
N SER D 3631 -25.00 21.63 52.65
CA SER D 3631 -24.01 21.56 53.71
C SER D 3631 -22.74 22.31 53.35
N LYS D 3632 -22.45 22.44 52.05
CA LYS D 3632 -21.26 23.11 51.53
C LYS D 3632 -19.97 22.36 51.82
N GLY D 3633 -20.04 21.18 52.42
CA GLY D 3633 -18.87 20.40 52.73
C GLY D 3633 -18.49 20.34 54.19
N GLU D 3634 -19.35 20.77 55.10
CA GLU D 3634 -19.07 20.81 56.52
C GLU D 3634 -19.90 19.75 57.23
N MET D 3635 -19.23 18.89 58.00
CA MET D 3635 -19.94 17.84 58.71
C MET D 3635 -20.72 18.43 59.88
N SER D 3636 -21.92 17.91 60.10
CA SER D 3636 -22.82 18.37 61.15
C SER D 3636 -23.90 17.32 61.35
N PRO D 3637 -24.69 17.41 62.41
CA PRO D 3637 -25.73 16.39 62.63
C PRO D 3637 -26.72 16.30 61.49
N MET D 3638 -27.01 17.41 60.83
CA MET D 3638 -27.92 17.38 59.69
C MET D 3638 -27.36 16.54 58.55
N VAL D 3639 -26.06 16.65 58.29
CA VAL D 3639 -25.46 15.84 57.22
C VAL D 3639 -25.51 14.37 57.58
N VAL D 3640 -25.24 14.04 58.84
CA VAL D 3640 -25.27 12.63 59.28
C VAL D 3640 -26.67 12.06 59.09
N GLU D 3641 -27.69 12.80 59.53
CA GLU D 3641 -29.06 12.33 59.40
C GLU D 3641 -29.46 12.24 57.92
N THR D 3642 -28.99 13.18 57.10
CA THR D 3642 -29.30 13.14 55.68
C THR D 3642 -28.72 11.90 55.02
N LEU D 3643 -27.47 11.56 55.33
CA LEU D 3643 -26.87 10.37 54.75
C LEU D 3643 -27.57 9.11 55.24
N LYS D 3644 -27.94 9.06 56.52
CA LYS D 3644 -28.67 7.90 57.02
C LYS D 3644 -30.03 7.76 56.35
N LEU D 3645 -30.74 8.88 56.14
CA LEU D 3645 -32.02 8.81 55.47
C LEU D 3645 -31.86 8.39 54.01
N GLY D 3646 -30.83 8.88 53.33
CA GLY D 3646 -30.59 8.46 51.97
C GLY D 3646 -30.28 6.98 51.86
N ILE D 3647 -29.48 6.46 52.80
CA ILE D 3647 -29.23 5.03 52.84
C ILE D 3647 -30.52 4.27 53.10
N ALA D 3648 -31.36 4.79 53.99
CA ALA D 3648 -32.61 4.12 54.32
C ALA D 3648 -33.53 4.03 53.13
N ILE D 3649 -33.62 5.09 52.33
CA ILE D 3649 -34.51 5.06 51.17
C ILE D 3649 -33.84 4.51 49.92
N LEU D 3650 -32.55 4.20 49.96
CA LEU D 3650 -31.86 3.56 48.85
C LEU D 3650 -31.52 2.10 49.12
N ASN D 3651 -31.72 1.61 50.33
CA ASN D 3651 -31.26 0.28 50.70
C ASN D 3651 -31.86 -0.79 49.80
N GLY D 3652 -31.02 -1.74 49.41
CA GLY D 3652 -31.41 -2.75 48.45
C GLY D 3652 -31.29 -2.32 47.01
N GLY D 3653 -30.77 -1.13 46.75
CA GLY D 3653 -30.69 -0.62 45.40
C GLY D 3653 -32.04 -0.29 44.83
N ASN D 3654 -32.70 0.74 45.37
CA ASN D 3654 -34.04 1.11 44.93
C ASN D 3654 -33.94 1.83 43.60
N ALA D 3655 -34.47 1.20 42.54
CA ALA D 3655 -34.34 1.78 41.21
C ALA D 3655 -35.13 3.07 41.07
N GLY D 3656 -36.32 3.13 41.67
CA GLY D 3656 -37.12 4.35 41.57
C GLY D 3656 -36.45 5.55 42.22
N VAL D 3657 -35.86 5.34 43.40
CA VAL D 3657 -35.18 6.44 44.09
C VAL D 3657 -33.94 6.86 43.31
N GLN D 3658 -33.21 5.91 42.73
CA GLN D 3658 -32.05 6.26 41.93
C GLN D 3658 -32.45 7.06 40.71
N GLN D 3659 -33.54 6.69 40.05
CA GLN D 3659 -34.01 7.45 38.91
C GLN D 3659 -34.42 8.86 39.32
N LYS D 3660 -35.12 8.98 40.44
CA LYS D 3660 -35.53 10.30 40.92
C LYS D 3660 -34.30 11.17 41.22
N MET D 3661 -33.31 10.60 41.90
CA MET D 3661 -32.12 11.37 42.24
C MET D 3661 -31.34 11.78 41.01
N LEU D 3662 -31.17 10.87 40.05
CA LEU D 3662 -30.44 11.20 38.84
C LEU D 3662 -31.16 12.25 38.02
N ASP D 3663 -32.49 12.14 37.90
CA ASP D 3663 -33.24 13.15 37.18
C ASP D 3663 -33.14 14.50 37.86
N TYR D 3664 -33.23 14.54 39.19
CA TYR D 3664 -33.07 15.80 39.89
C TYR D 3664 -31.70 16.41 39.67
N LEU D 3665 -30.65 15.59 39.72
CA LEU D 3665 -29.30 16.11 39.58
C LEU D 3665 -29.01 16.56 38.16
N LYS D 3666 -29.60 15.92 37.16
CA LYS D 3666 -29.33 16.30 35.78
C LYS D 3666 -30.18 17.48 35.34
N GLU D 3667 -31.48 17.45 35.66
CA GLU D 3667 -32.36 18.55 35.28
C GLU D 3667 -31.97 19.84 35.97
N LYS D 3668 -31.61 19.76 37.25
CA LYS D 3668 -31.28 20.95 38.03
C LYS D 3668 -29.88 21.46 37.76
N LYS D 3669 -29.02 20.69 37.10
CA LYS D 3669 -27.63 21.06 36.88
C LYS D 3669 -26.93 21.37 38.20
N ASP D 3670 -27.26 20.59 39.22
CA ASP D 3670 -26.81 20.86 40.59
C ASP D 3670 -25.34 20.46 40.72
N ALA D 3671 -24.46 21.45 40.66
CA ALA D 3671 -23.03 21.22 40.88
C ALA D 3671 -22.62 21.42 42.33
N GLY D 3672 -23.52 21.88 43.19
CA GLY D 3672 -23.21 21.98 44.60
C GLY D 3672 -23.22 20.65 45.31
N PHE D 3673 -24.03 19.71 44.82
CA PHE D 3673 -24.07 18.38 45.41
C PHE D 3673 -22.69 17.72 45.35
N PHE D 3674 -22.04 17.80 44.20
CA PHE D 3674 -20.76 17.13 44.03
C PHE D 3674 -19.62 17.90 44.69
N GLN D 3675 -19.70 19.22 44.74
CA GLN D 3675 -18.73 19.99 45.54
C GLN D 3675 -18.81 19.60 47.00
N SER D 3676 -20.03 19.49 47.53
CA SER D 3676 -20.19 19.08 48.92
C SER D 3676 -19.73 17.65 49.15
N LEU D 3677 -19.99 16.76 48.19
CA LEU D 3677 -19.49 15.39 48.31
C LEU D 3677 -17.97 15.37 48.35
N SER D 3678 -17.33 16.14 47.48
CA SER D 3678 -15.87 16.20 47.46
C SER D 3678 -15.33 16.73 48.78
N GLY D 3679 -15.94 17.79 49.31
CA GLY D 3679 -15.50 18.32 50.59
C GLY D 3679 -15.68 17.32 51.72
N LEU D 3680 -16.82 16.63 51.74
CA LEU D 3680 -17.07 15.64 52.78
C LEU D 3680 -16.06 14.50 52.69
N MET D 3681 -15.74 14.04 51.49
CA MET D 3681 -14.74 12.99 51.35
C MET D 3681 -13.38 13.46 51.82
N GLN D 3682 -13.00 14.69 51.46
CA GLN D 3682 -11.71 15.22 51.88
C GLN D 3682 -11.64 15.47 53.37
N SER D 3683 -12.77 15.62 54.04
CA SER D 3683 -12.77 15.84 55.48
C SER D 3683 -12.81 14.54 56.28
N CYS D 3684 -12.90 13.39 55.63
CA CYS D 3684 -12.97 12.13 56.35
C CYS D 3684 -11.66 11.85 57.07
N SER D 3685 -11.76 11.27 58.26
CA SER D 3685 -10.62 11.07 59.14
C SER D 3685 -10.10 9.64 59.03
N VAL D 3686 -8.80 9.48 59.26
CA VAL D 3686 -8.12 8.20 59.19
C VAL D 3686 -7.42 7.96 60.52
N LEU D 3687 -6.84 6.76 60.66
CA LEU D 3687 -6.09 6.42 61.86
C LEU D 3687 -4.89 7.34 62.01
N ASP D 3688 -4.67 7.84 63.23
CA ASP D 3688 -3.49 8.64 63.52
C ASP D 3688 -2.80 8.09 64.77
N LEU D 3689 -1.48 7.94 64.69
CA LEU D 3689 -0.72 7.34 65.77
C LEU D 3689 -0.41 8.31 66.90
N ASN D 3690 -0.41 9.61 66.65
CA ASN D 3690 -0.10 10.57 67.70
C ASN D 3690 -1.15 10.55 68.79
N ALA D 3691 -2.43 10.58 68.41
CA ALA D 3691 -3.50 10.53 69.40
C ALA D 3691 -3.50 9.20 70.13
N PHE D 3692 -3.19 8.11 69.42
CA PHE D 3692 -3.12 6.81 70.06
C PHE D 3692 -2.01 6.76 71.10
N GLU D 3693 -0.84 7.32 70.77
CA GLU D 3693 0.26 7.35 71.73
C GLU D 3693 -0.09 8.22 72.94
N ARG D 3694 -0.73 9.36 72.71
CA ARG D 3694 -1.14 10.20 73.84
C ARG D 3694 -2.14 9.48 74.73
N GLN D 3695 -3.08 8.75 74.12
CA GLN D 3695 -4.04 7.98 74.90
C GLN D 3695 -3.34 6.90 75.71
N ASN D 3696 -2.37 6.22 75.11
CA ASN D 3696 -1.62 5.20 75.85
C ASN D 3696 -0.85 5.82 77.01
N LYS D 3697 -0.25 6.99 76.78
CA LYS D 3697 0.48 7.65 77.86
C LYS D 3697 -0.46 8.02 79.01
N ALA D 3698 -1.62 8.59 78.68
CA ALA D 3698 -2.58 8.94 79.72
C ALA D 3698 -3.07 7.71 80.47
N GLU D 3699 -3.30 6.60 79.76
CA GLU D 3699 -3.71 5.38 80.44
C GLU D 3699 -2.61 4.85 81.34
N GLY D 3700 -1.36 4.91 80.88
CA GLY D 3700 -0.26 4.43 81.71
C GLY D 3700 -0.07 5.24 82.97
N LEU D 3701 -0.18 6.57 82.86
CA LEU D 3701 -0.06 7.41 84.04
C LEU D 3701 -1.16 7.13 85.04
N GLY D 3702 -2.30 6.62 84.58
CA GLY D 3702 -3.39 6.27 85.47
C GLY D 3702 -4.72 6.86 85.08
N MET D 3703 -4.71 7.90 84.26
CA MET D 3703 -5.94 8.57 83.87
C MET D 3703 -6.81 7.64 83.03
N VAL D 3704 -8.10 7.67 83.31
CA VAL D 3704 -9.07 6.86 82.57
C VAL D 3704 -9.45 7.60 81.29
N THR D 3705 -9.23 6.94 80.16
CA THR D 3705 -9.51 7.57 78.86
C THR D 3705 -11.01 7.71 78.65
N GLU D 3706 -11.44 8.89 78.22
CA GLU D 3706 -12.84 9.16 77.95
C GLU D 3706 -13.22 8.67 76.56
N GLU D 3707 -14.54 8.66 76.29
CA GLU D 3707 -15.03 8.17 75.01
C GLU D 3707 -14.55 9.04 73.86
N GLY D 3708 -14.57 10.36 74.04
CA GLY D 3708 -14.04 11.24 73.00
C GLY D 3708 -12.57 10.99 72.72
N THR D 3709 -11.79 10.76 73.78
CA THR D 3709 -10.39 10.43 73.62
C THR D 3709 -10.22 9.14 72.83
N ARG D 3710 -11.05 8.13 73.11
CA ARG D 3710 -10.98 6.89 72.35
C ARG D 3710 -11.33 7.14 70.89
N GLU D 3711 -12.34 7.97 70.63
CA GLU D 3711 -12.74 8.26 69.25
C GLU D 3711 -11.75 9.15 68.52
N LYS D 3712 -10.81 9.78 69.23
CA LYS D 3712 -9.86 10.66 68.55
C LYS D 3712 -8.98 9.90 67.56
N VAL D 3713 -8.69 8.62 67.82
CA VAL D 3713 -7.72 7.91 67.00
C VAL D 3713 -8.24 7.70 65.59
N LEU D 3714 -9.47 7.21 65.45
CA LEU D 3714 -10.15 7.07 64.17
C LEU D 3714 -11.48 7.78 64.32
N GLN D 3715 -11.55 9.03 63.86
CA GLN D 3715 -12.65 9.91 64.20
C GLN D 3715 -13.70 9.92 63.11
N ASN D 3716 -14.97 9.83 63.53
CA ASN D 3716 -16.10 9.89 62.61
C ASN D 3716 -16.04 8.77 61.58
N ASP D 3717 -15.88 7.55 62.07
CA ASP D 3717 -15.85 6.39 61.18
C ASP D 3717 -17.27 6.01 60.73
N GLU D 3718 -18.26 6.18 61.61
CA GLU D 3718 -19.63 5.92 61.20
C GLU D 3718 -20.06 6.83 60.07
N PHE D 3719 -19.68 8.11 60.15
CA PHE D 3719 -20.00 9.04 59.06
C PHE D 3719 -19.31 8.65 57.78
N THR D 3720 -18.05 8.21 57.86
CA THR D 3720 -17.32 7.78 56.67
C THR D 3720 -18.04 6.61 56.01
N ARG D 3721 -18.40 5.62 56.82
CA ARG D 3721 -19.07 4.44 56.27
C ARG D 3721 -20.44 4.80 55.72
N ASP D 3722 -21.16 5.71 56.35
CA ASP D 3722 -22.44 6.17 55.81
C ASP D 3722 -22.26 6.87 54.47
N LEU D 3723 -21.26 7.74 54.38
CA LEU D 3723 -21.00 8.47 53.13
C LEU D 3723 -20.71 7.50 52.00
N PHE D 3724 -19.82 6.54 52.24
CA PHE D 3724 -19.44 5.64 51.15
C PHE D 3724 -20.51 4.58 50.89
N ARG D 3725 -21.32 4.23 51.88
CA ARG D 3725 -22.46 3.37 51.64
C ARG D 3725 -23.50 4.07 50.77
N PHE D 3726 -23.71 5.36 51.01
CA PHE D 3726 -24.60 6.15 50.15
C PHE D 3726 -24.08 6.19 48.73
N LEU D 3727 -22.79 6.47 48.55
CA LEU D 3727 -22.21 6.51 47.21
C LEU D 3727 -22.28 5.15 46.52
N GLN D 3728 -22.13 4.07 47.30
CA GLN D 3728 -22.30 2.74 46.75
C GLN D 3728 -23.73 2.50 46.29
N LEU D 3729 -24.70 2.84 47.14
CA LEU D 3729 -26.09 2.61 46.82
C LEU D 3729 -26.57 3.44 45.65
N LEU D 3730 -25.88 4.52 45.33
CA LEU D 3730 -26.21 5.25 44.11
C LEU D 3730 -25.92 4.42 42.86
N CYS D 3731 -24.89 3.58 42.88
CA CYS D 3731 -24.54 2.73 41.75
C CYS D 3731 -25.07 1.31 41.88
N GLU D 3732 -25.77 0.99 42.97
CA GLU D 3732 -26.18 -0.38 43.24
C GLU D 3732 -27.07 -0.92 42.14
N GLY D 3733 -26.92 -2.21 41.85
CA GLY D 3733 -27.64 -2.84 40.78
C GLY D 3733 -27.09 -2.59 39.41
N HIS D 3734 -25.88 -2.04 39.31
CA HIS D 3734 -25.26 -1.73 38.02
C HIS D 3734 -26.04 -0.65 37.28
N ASN D 3735 -26.28 0.45 37.98
CA ASN D 3735 -26.92 1.63 37.41
C ASN D 3735 -25.87 2.36 36.57
N SER D 3736 -25.88 2.09 35.27
CA SER D 3736 -24.84 2.64 34.41
C SER D 3736 -24.92 4.15 34.35
N ASP D 3737 -26.12 4.71 34.37
CA ASP D 3737 -26.27 6.16 34.31
C ASP D 3737 -25.61 6.84 35.50
N PHE D 3738 -25.81 6.30 36.69
CA PHE D 3738 -25.22 6.88 37.89
C PHE D 3738 -23.77 6.46 38.06
N GLN D 3739 -23.37 5.33 37.48
CA GLN D 3739 -21.95 4.97 37.47
C GLN D 3739 -21.15 5.94 36.63
N ASN D 3740 -21.70 6.35 35.48
CA ASN D 3740 -21.02 7.32 34.64
C ASN D 3740 -21.12 8.73 35.19
N PHE D 3741 -22.29 9.11 35.71
CA PHE D 3741 -22.47 10.49 36.18
C PHE D 3741 -21.55 10.81 37.35
N LEU D 3742 -21.20 9.81 38.16
CA LEU D 3742 -20.29 10.04 39.28
C LEU D 3742 -18.86 10.29 38.83
N ARG D 3743 -18.53 10.02 37.57
CA ARG D 3743 -17.19 10.23 37.06
C ARG D 3743 -17.06 11.58 36.36
N THR D 3744 -17.84 11.79 35.31
CA THR D 3744 -17.88 13.06 34.60
C THR D 3744 -19.33 13.53 34.56
N GLN D 3745 -19.60 14.67 35.19
CA GLN D 3745 -20.95 15.22 35.22
C GLN D 3745 -21.14 16.06 33.96
N MET D 3746 -21.68 15.45 32.93
CA MET D 3746 -21.89 16.15 31.66
C MET D 3746 -23.06 17.12 31.80
N GLY D 3747 -22.83 18.36 31.38
CA GLY D 3747 -23.82 19.41 31.46
C GLY D 3747 -23.65 20.37 32.62
N ASN D 3748 -22.90 19.97 33.65
CA ASN D 3748 -22.66 20.85 34.78
C ASN D 3748 -21.54 21.82 34.47
N THR D 3749 -21.54 22.94 35.19
CA THR D 3749 -20.47 23.93 35.03
C THR D 3749 -19.12 23.35 35.44
N THR D 3750 -19.09 22.62 36.55
CA THR D 3750 -17.85 22.02 37.05
C THR D 3750 -18.09 20.54 37.34
N THR D 3751 -17.06 19.74 37.09
CA THR D 3751 -17.12 18.30 37.23
C THR D 3751 -16.24 17.84 38.39
N ILE D 3752 -16.74 16.87 39.14
CA ILE D 3752 -15.99 16.24 40.22
C ILE D 3752 -15.96 14.74 39.95
N ASN D 3753 -14.78 14.14 40.08
CA ASN D 3753 -14.58 12.72 39.84
C ASN D 3753 -14.62 12.01 41.19
N VAL D 3754 -15.66 11.19 41.39
CA VAL D 3754 -15.83 10.54 42.70
C VAL D 3754 -15.04 9.26 42.79
N ILE D 3755 -14.77 8.59 41.66
CA ILE D 3755 -13.94 7.39 41.68
C ILE D 3755 -12.56 7.74 42.23
N ILE D 3756 -11.96 8.81 41.71
CA ILE D 3756 -10.63 9.20 42.13
C ILE D 3756 -10.63 9.67 43.57
N SER D 3757 -11.71 10.33 43.99
CA SER D 3757 -11.80 10.76 45.38
C SER D 3757 -11.82 9.57 46.34
N THR D 3758 -12.59 8.54 46.00
CA THR D 3758 -12.59 7.34 46.82
C THR D 3758 -11.22 6.68 46.82
N VAL D 3759 -10.55 6.65 45.66
CA VAL D 3759 -9.21 6.06 45.61
C VAL D 3759 -8.24 6.84 46.49
N ASP D 3760 -8.33 8.17 46.48
CA ASP D 3760 -7.45 8.99 47.30
C ASP D 3760 -7.67 8.72 48.78
N TYR D 3761 -8.94 8.67 49.21
CA TYR D 3761 -9.19 8.35 50.61
C TYR D 3761 -8.69 6.96 50.94
N LEU D 3762 -8.81 6.02 50.00
CA LEU D 3762 -8.30 4.67 50.23
C LEU D 3762 -6.80 4.69 50.45
N LEU D 3763 -6.08 5.49 49.66
CA LEU D 3763 -4.63 5.58 49.83
C LEU D 3763 -4.27 6.17 51.19
N ARG D 3764 -4.97 7.22 51.60
CA ARG D 3764 -4.71 7.82 52.91
C ARG D 3764 -4.94 6.81 54.03
N LEU D 3765 -6.07 6.10 53.97
CA LEU D 3765 -6.37 5.10 54.99
C LEU D 3765 -5.35 3.98 54.97
N GLN D 3766 -4.92 3.56 53.77
CA GLN D 3766 -3.93 2.50 53.67
C GLN D 3766 -2.61 2.91 54.33
N GLU D 3767 -2.19 4.15 54.10
CA GLU D 3767 -0.96 4.63 54.71
C GLU D 3767 -1.08 4.64 56.23
N SER D 3768 -2.23 5.10 56.75
CA SER D 3768 -2.41 5.09 58.20
C SER D 3768 -2.37 3.67 58.75
N ILE D 3769 -3.00 2.73 58.04
CA ILE D 3769 -3.01 1.34 58.49
C ILE D 3769 -1.62 0.75 58.47
N SER D 3770 -0.82 1.07 57.46
CA SER D 3770 0.56 0.60 57.41
C SER D 3770 1.37 1.18 58.56
N ASP D 3771 1.14 2.44 58.90
CA ASP D 3771 1.82 3.03 60.06
C ASP D 3771 1.45 2.28 61.34
N PHE D 3772 0.17 1.96 61.51
CA PHE D 3772 -0.25 1.20 62.68
C PHE D 3772 0.43 -0.17 62.72
N TYR D 3773 0.51 -0.84 61.57
CA TYR D 3773 1.17 -2.13 61.52
C TYR D 3773 2.65 -2.02 61.87
N TRP D 3774 3.32 -0.98 61.37
CA TRP D 3774 4.73 -0.78 61.72
C TRP D 3774 4.86 -0.53 63.21
N TYR D 3775 3.91 0.18 63.80
CA TYR D 3775 3.92 0.38 65.24
C TYR D 3775 3.85 -0.95 65.99
N TYR D 3776 2.96 -1.83 65.58
CA TYR D 3776 2.76 -3.09 66.30
C TYR D 3776 3.63 -4.23 65.82
N SER D 3777 4.50 -4.00 64.83
CA SER D 3777 5.34 -5.08 64.33
C SER D 3777 6.34 -5.52 65.38
N GLY D 3778 6.95 -4.57 66.09
CA GLY D 3778 7.93 -4.94 67.11
C GLY D 3778 7.31 -5.67 68.28
N LYS D 3779 6.10 -5.27 68.68
CA LYS D 3779 5.48 -5.80 69.88
C LYS D 3779 5.01 -7.24 69.66
N ASP D 3780 4.75 -7.93 70.76
CA ASP D 3780 4.39 -9.34 70.71
C ASP D 3780 2.91 -9.55 70.45
N ILE D 3781 2.05 -8.91 71.23
CA ILE D 3781 0.61 -9.02 71.08
C ILE D 3781 0.00 -7.63 71.04
N ILE D 3782 -1.21 -7.56 70.48
CA ILE D 3782 -1.93 -6.30 70.31
C ILE D 3782 -2.91 -6.13 71.46
N ASP D 3783 -2.83 -5.00 72.14
CA ASP D 3783 -3.72 -4.75 73.28
C ASP D 3783 -5.14 -4.51 72.79
N GLU D 3784 -6.04 -4.25 73.74
CA GLU D 3784 -7.45 -4.08 73.40
C GLU D 3784 -7.68 -2.84 72.56
N SER D 3785 -7.03 -1.72 72.91
CA SER D 3785 -7.23 -0.49 72.17
C SER D 3785 -6.75 -0.63 70.74
N GLY D 3786 -5.60 -1.28 70.55
CA GLY D 3786 -5.10 -1.50 69.21
C GLY D 3786 -6.03 -2.35 68.38
N GLN D 3787 -6.58 -3.41 68.96
CA GLN D 3787 -7.53 -4.24 68.24
C GLN D 3787 -8.80 -3.46 67.90
N HIS D 3788 -9.28 -2.63 68.82
CA HIS D 3788 -10.46 -1.81 68.56
C HIS D 3788 -10.24 -0.90 67.37
N ASN D 3789 -9.11 -0.18 67.36
CA ASN D 3789 -8.84 0.75 66.27
C ASN D 3789 -8.58 0.00 64.95
N PHE D 3790 -7.90 -1.14 65.01
CA PHE D 3790 -7.73 -1.95 63.82
C PHE D 3790 -9.06 -2.40 63.25
N SER D 3791 -9.98 -2.83 64.13
CA SER D 3791 -11.28 -3.28 63.66
C SER D 3791 -12.05 -2.14 62.99
N LYS D 3792 -12.01 -0.95 63.58
CA LYS D 3792 -12.70 0.18 62.96
C LYS D 3792 -12.09 0.53 61.60
N ALA D 3793 -10.76 0.53 61.51
CA ALA D 3793 -10.11 0.83 60.23
C ALA D 3793 -10.44 -0.23 59.19
N LEU D 3794 -10.49 -1.50 59.60
CA LEU D 3794 -10.84 -2.57 58.68
C LEU D 3794 -12.28 -2.44 58.20
N ALA D 3795 -13.19 -2.02 59.08
CA ALA D 3795 -14.57 -1.79 58.66
C ALA D 3795 -14.64 -0.68 57.61
N VAL D 3796 -13.94 0.42 57.84
CA VAL D 3796 -13.94 1.51 56.87
C VAL D 3796 -13.35 1.06 55.55
N THR D 3797 -12.25 0.30 55.59
CA THR D 3797 -11.62 -0.16 54.36
C THR D 3797 -12.52 -1.11 53.60
N LYS D 3798 -13.22 -1.99 54.30
CA LYS D 3798 -14.15 -2.89 53.65
C LYS D 3798 -15.26 -2.11 52.96
N GLN D 3799 -15.76 -1.06 53.61
CA GLN D 3799 -16.78 -0.24 52.96
C GLN D 3799 -16.25 0.44 51.70
N ILE D 3800 -15.01 0.94 51.75
CA ILE D 3800 -14.46 1.62 50.58
C ILE D 3800 -14.24 0.65 49.44
N PHE D 3801 -13.79 -0.57 49.75
CA PHE D 3801 -13.64 -1.58 48.71
C PHE D 3801 -14.98 -1.93 48.09
N ASN D 3802 -16.04 -2.03 48.91
CA ASN D 3802 -17.37 -2.29 48.36
C ASN D 3802 -17.83 -1.14 47.47
N SER D 3803 -17.52 0.09 47.85
CA SER D 3803 -17.89 1.23 47.02
C SER D 3803 -17.18 1.17 45.66
N LEU D 3804 -15.88 0.90 45.66
CA LEU D 3804 -15.16 0.83 44.40
C LEU D 3804 -15.67 -0.32 43.54
N THR D 3805 -15.92 -1.47 44.15
CA THR D 3805 -16.46 -2.61 43.42
C THR D 3805 -17.81 -2.26 42.80
N GLU D 3806 -18.64 -1.51 43.52
CA GLU D 3806 -19.90 -1.06 42.95
C GLU D 3806 -19.67 -0.11 41.79
N TYR D 3807 -18.69 0.79 41.91
CA TYR D 3807 -18.41 1.72 40.83
C TYR D 3807 -18.06 1.00 39.54
N ILE D 3808 -17.22 -0.03 39.61
CA ILE D 3808 -16.66 -0.61 38.38
C ILE D 3808 -17.46 -1.78 37.83
N GLN D 3809 -18.31 -2.42 38.62
CA GLN D 3809 -19.01 -3.60 38.14
C GLN D 3809 -20.01 -3.26 37.05
N GLY D 3810 -20.38 -4.28 36.29
CA GLY D 3810 -21.40 -4.14 35.29
C GLY D 3810 -21.06 -4.73 33.93
N PRO D 3811 -19.84 -4.51 33.42
CA PRO D 3811 -18.78 -3.61 33.86
C PRO D 3811 -18.98 -2.19 33.37
N CYS D 3812 -18.42 -1.21 34.06
CA CYS D 3812 -18.37 0.16 33.57
C CYS D 3812 -16.97 0.41 33.05
N ILE D 3813 -16.85 0.52 31.72
CA ILE D 3813 -15.53 0.63 31.10
C ILE D 3813 -14.84 1.91 31.54
N GLY D 3814 -15.58 3.02 31.60
CA GLY D 3814 -14.97 4.28 32.00
C GLY D 3814 -14.39 4.23 33.40
N ASN D 3815 -15.14 3.67 34.34
CA ASN D 3815 -14.66 3.59 35.71
C ASN D 3815 -13.52 2.58 35.85
N GLN D 3816 -13.58 1.48 35.09
CA GLN D 3816 -12.46 0.54 35.10
C GLN D 3816 -11.18 1.20 34.61
N GLN D 3817 -11.26 1.92 33.49
CA GLN D 3817 -10.08 2.60 32.99
C GLN D 3817 -9.62 3.68 33.95
N SER D 3818 -10.55 4.37 34.60
CA SER D 3818 -10.20 5.39 35.57
C SER D 3818 -9.44 4.80 36.74
N LEU D 3819 -9.90 3.67 37.27
CA LEU D 3819 -9.20 3.03 38.39
C LEU D 3819 -7.86 2.46 37.95
N ALA D 3820 -7.78 1.91 36.74
CA ALA D 3820 -6.54 1.31 36.27
C ALA D 3820 -5.43 2.34 36.16
N HIS D 3821 -5.76 3.59 35.88
CA HIS D 3821 -4.78 4.65 35.73
C HIS D 3821 -4.54 5.44 37.01
N SER D 3822 -5.20 5.08 38.11
CA SER D 3822 -5.07 5.80 39.36
C SER D 3822 -3.98 5.16 40.22
N ARG D 3823 -3.92 5.54 41.49
CA ARG D 3823 -2.98 4.99 42.44
C ARG D 3823 -3.57 3.82 43.24
N LEU D 3824 -4.53 3.10 42.66
CA LEU D 3824 -5.12 1.97 43.36
C LEU D 3824 -4.10 0.86 43.60
N TRP D 3825 -3.16 0.69 42.68
CA TRP D 3825 -2.23 -0.43 42.80
C TRP D 3825 -1.27 -0.25 43.96
N ASP D 3826 -0.92 0.99 44.30
CA ASP D 3826 -0.14 1.22 45.51
C ASP D 3826 -0.90 0.79 46.76
N ALA D 3827 -2.19 1.10 46.81
CA ALA D 3827 -3.00 0.64 47.93
C ALA D 3827 -3.07 -0.87 47.97
N VAL D 3828 -3.17 -1.51 46.80
CA VAL D 3828 -3.19 -2.96 46.74
C VAL D 3828 -1.90 -3.54 47.27
N VAL D 3829 -0.75 -2.96 46.88
CA VAL D 3829 0.54 -3.45 47.35
C VAL D 3829 0.66 -3.31 48.86
N GLY D 3830 0.31 -2.14 49.40
CA GLY D 3830 0.40 -1.94 50.83
C GLY D 3830 -0.52 -2.86 51.61
N PHE D 3831 -1.74 -3.04 51.11
CA PHE D 3831 -2.67 -3.94 51.79
C PHE D 3831 -2.21 -5.39 51.72
N LEU D 3832 -1.59 -5.79 50.61
CA LEU D 3832 -1.00 -7.13 50.56
C LEU D 3832 0.08 -7.28 51.62
N HIS D 3833 0.91 -6.25 51.78
CA HIS D 3833 1.92 -6.28 52.83
C HIS D 3833 1.28 -6.47 54.20
N VAL D 3834 0.27 -5.67 54.52
CA VAL D 3834 -0.35 -5.73 55.84
C VAL D 3834 -1.04 -7.09 56.06
N PHE D 3835 -1.79 -7.56 55.08
CA PHE D 3835 -2.44 -8.87 55.18
C PHE D 3835 -1.42 -9.96 55.44
N ALA D 3836 -0.38 -10.01 54.59
CA ALA D 3836 0.59 -11.09 54.66
C ALA D 3836 1.33 -11.09 55.99
N ASN D 3837 1.69 -9.91 56.48
CA ASN D 3837 2.47 -9.85 57.71
C ASN D 3837 1.61 -9.87 58.98
N MET D 3838 0.30 -9.67 58.88
CA MET D 3838 -0.55 -9.70 60.06
C MET D 3838 -1.34 -10.99 60.23
N GLN D 3839 -1.66 -11.69 59.14
CA GLN D 3839 -2.39 -12.95 59.33
C GLN D 3839 -1.47 -14.07 59.79
N MET D 3840 -0.16 -13.90 59.68
CA MET D 3840 0.80 -14.80 60.30
C MET D 3840 1.29 -14.28 61.64
N LYS D 3841 0.73 -13.18 62.11
CA LYS D 3841 1.02 -12.63 63.43
C LYS D 3841 -0.17 -12.68 64.37
N LEU D 3842 -1.38 -12.54 63.84
CA LEU D 3842 -2.59 -12.69 64.65
C LEU D 3842 -2.95 -14.14 64.88
N SER D 3843 -2.45 -15.05 64.04
CA SER D 3843 -2.74 -16.46 64.19
C SER D 3843 -1.93 -17.11 65.30
N GLN D 3844 -0.84 -16.49 65.73
CA GLN D 3844 -0.03 -17.05 66.80
C GLN D 3844 -0.60 -16.77 68.19
N ASP D 3845 -1.53 -15.83 68.31
CA ASP D 3845 -2.17 -15.52 69.58
C ASP D 3845 -3.62 -15.99 69.54
N SER D 3846 -4.03 -16.71 70.58
CA SER D 3846 -5.37 -17.28 70.62
C SER D 3846 -6.43 -16.26 71.00
N SER D 3847 -6.03 -15.05 71.39
CA SER D 3847 -6.98 -14.00 71.76
C SER D 3847 -7.22 -13.01 70.62
N GLN D 3848 -6.77 -13.33 69.42
CA GLN D 3848 -6.91 -12.47 68.25
C GLN D 3848 -7.60 -13.20 67.12
N ILE D 3849 -8.58 -14.03 67.45
CA ILE D 3849 -9.31 -14.76 66.41
C ILE D 3849 -10.20 -13.82 65.62
N GLU D 3850 -10.92 -12.94 66.31
CA GLU D 3850 -11.87 -12.06 65.62
C GLU D 3850 -11.15 -11.06 64.72
N LEU D 3851 -10.01 -10.54 65.17
CA LEU D 3851 -9.23 -9.64 64.33
C LEU D 3851 -8.75 -10.37 63.08
N LEU D 3852 -8.34 -11.63 63.22
CA LEU D 3852 -7.92 -12.40 62.06
C LEU D 3852 -9.08 -12.62 61.10
N LYS D 3853 -10.27 -12.90 61.62
CA LYS D 3853 -11.44 -13.09 60.76
C LYS D 3853 -11.75 -11.81 59.99
N GLU D 3854 -11.69 -10.66 60.67
CA GLU D 3854 -11.95 -9.40 59.99
C GLU D 3854 -10.90 -9.13 58.91
N LEU D 3855 -9.63 -9.42 59.21
CA LEU D 3855 -8.58 -9.23 58.22
C LEU D 3855 -8.80 -10.12 57.00
N LEU D 3856 -9.20 -11.37 57.23
CA LEU D 3856 -9.47 -12.27 56.12
C LEU D 3856 -10.67 -11.80 55.29
N ASP D 3857 -11.72 -11.31 55.93
CA ASP D 3857 -12.85 -10.78 55.19
C ASP D 3857 -12.47 -9.57 54.35
N LEU D 3858 -11.64 -8.68 54.90
CA LEU D 3858 -11.17 -7.55 54.12
C LEU D 3858 -10.36 -8.00 52.92
N LEU D 3859 -9.52 -9.03 53.10
CA LEU D 3859 -8.77 -9.57 51.97
C LEU D 3859 -9.72 -10.10 50.89
N GLN D 3860 -10.79 -10.78 51.31
CA GLN D 3860 -11.77 -11.27 50.36
C GLN D 3860 -12.42 -10.14 49.59
N ASP D 3861 -12.74 -9.03 50.28
CA ASP D 3861 -13.31 -7.87 49.60
C ASP D 3861 -12.34 -7.27 48.59
N MET D 3862 -11.06 -7.17 48.96
CA MET D 3862 -10.07 -6.65 48.02
C MET D 3862 -9.95 -7.54 46.79
N VAL D 3863 -9.96 -8.85 46.99
CA VAL D 3863 -9.86 -9.77 45.86
C VAL D 3863 -11.09 -9.68 44.98
N VAL D 3864 -12.26 -9.48 45.57
CA VAL D 3864 -13.47 -9.30 44.78
C VAL D 3864 -13.39 -8.03 43.94
N MET D 3865 -12.83 -6.97 44.52
CA MET D 3865 -12.63 -5.75 43.73
C MET D 3865 -11.69 -5.99 42.56
N LEU D 3866 -10.61 -6.75 42.78
CA LEU D 3866 -9.70 -7.06 41.68
C LEU D 3866 -10.41 -7.88 40.60
N LEU D 3867 -11.22 -8.85 41.00
CA LEU D 3867 -11.97 -9.63 40.03
C LEU D 3867 -12.92 -8.76 39.24
N SER D 3868 -13.52 -7.77 39.90
CA SER D 3868 -14.38 -6.83 39.19
C SER D 3868 -13.59 -6.00 38.17
N LEU D 3869 -12.37 -5.61 38.53
CA LEU D 3869 -11.50 -4.93 37.58
C LEU D 3869 -11.19 -5.81 36.38
N LEU D 3870 -11.17 -7.13 36.57
CA LEU D 3870 -10.85 -8.04 35.48
C LEU D 3870 -12.06 -8.36 34.59
N GLU D 3871 -13.24 -7.84 34.88
CA GLU D 3871 -14.41 -8.12 34.06
C GLU D 3871 -14.26 -7.52 32.67
N GLY D 3872 -14.74 -8.25 31.66
CA GLY D 3872 -14.62 -7.78 30.29
C GLY D 3872 -13.19 -7.65 29.83
N ASN D 3873 -12.34 -8.58 30.24
CA ASN D 3873 -10.91 -8.52 29.98
C ASN D 3873 -10.57 -9.57 28.93
N VAL D 3874 -10.12 -9.13 27.76
CA VAL D 3874 -9.71 -10.03 26.69
C VAL D 3874 -8.38 -10.67 27.06
N VAL D 3875 -7.99 -11.71 26.33
CA VAL D 3875 -6.69 -12.32 26.54
C VAL D 3875 -5.61 -11.29 26.25
N ASN D 3876 -4.64 -11.18 27.16
CA ASN D 3876 -3.55 -10.23 27.03
C ASN D 3876 -4.06 -8.78 27.10
N GLY D 3877 -5.06 -8.55 27.94
CA GLY D 3877 -5.57 -7.22 28.13
C GLY D 3877 -4.64 -6.35 28.96
N THR D 3878 -4.90 -5.05 28.95
CA THR D 3878 -4.03 -4.12 29.65
C THR D 3878 -4.18 -4.22 31.16
N ILE D 3879 -5.42 -4.30 31.64
CA ILE D 3879 -5.63 -4.36 33.09
C ILE D 3879 -5.11 -5.66 33.64
N GLY D 3880 -5.21 -6.76 32.89
CA GLY D 3880 -4.58 -7.99 33.31
C GLY D 3880 -3.07 -7.85 33.45
N LYS D 3881 -2.44 -7.18 32.49
CA LYS D 3881 -1.00 -6.95 32.58
C LYS D 3881 -0.64 -6.11 33.78
N GLN D 3882 -1.43 -5.07 34.06
CA GLN D 3882 -1.19 -4.24 35.24
C GLN D 3882 -1.33 -5.04 36.52
N MET D 3883 -2.33 -5.92 36.59
CA MET D 3883 -2.53 -6.72 37.79
C MET D 3883 -1.41 -7.73 37.96
N VAL D 3884 -0.94 -8.32 36.87
CA VAL D 3884 0.20 -9.23 36.96
C VAL D 3884 1.44 -8.48 37.44
N ASP D 3885 1.66 -7.27 36.92
CA ASP D 3885 2.79 -6.47 37.38
C ASP D 3885 2.69 -6.15 38.86
N THR D 3886 1.49 -5.79 39.32
CA THR D 3886 1.29 -5.47 40.74
C THR D 3886 1.52 -6.68 41.61
N LEU D 3887 1.05 -7.86 41.19
CA LEU D 3887 1.26 -9.06 41.97
C LEU D 3887 2.70 -9.52 41.95
N VAL D 3888 3.41 -9.26 40.85
CA VAL D 3888 4.83 -9.56 40.78
C VAL D 3888 5.63 -8.63 41.69
N GLU D 3889 5.21 -7.37 41.77
CA GLU D 3889 5.91 -6.41 42.61
C GLU D 3889 5.85 -6.81 44.08
N SER D 3890 4.72 -7.34 44.53
CA SER D 3890 4.55 -7.80 45.90
C SER D 3890 4.57 -9.32 46.01
N SER D 3891 5.44 -9.97 45.23
CA SER D 3891 5.44 -11.42 45.15
C SER D 3891 5.76 -12.07 46.48
N THR D 3892 6.59 -11.43 47.31
CA THR D 3892 6.90 -12.01 48.61
C THR D 3892 5.65 -12.11 49.48
N ASN D 3893 4.85 -11.05 49.54
CA ASN D 3893 3.66 -11.06 50.35
C ASN D 3893 2.60 -11.99 49.78
N VAL D 3894 2.49 -12.05 48.45
CA VAL D 3894 1.56 -13.00 47.83
C VAL D 3894 1.96 -14.42 48.18
N GLU D 3895 3.26 -14.73 48.13
CA GLU D 3895 3.72 -16.07 48.48
C GLU D 3895 3.46 -16.36 49.95
N MET D 3896 3.61 -15.37 50.82
CA MET D 3896 3.30 -15.59 52.22
C MET D 3896 1.83 -15.89 52.44
N ILE D 3897 0.96 -15.17 51.71
CA ILE D 3897 -0.48 -15.41 51.81
C ILE D 3897 -0.82 -16.83 51.33
N LEU D 3898 -0.28 -17.21 50.17
CA LEU D 3898 -0.53 -18.55 49.66
C LEU D 3898 0.05 -19.61 50.58
N LYS D 3899 1.17 -19.32 51.24
CA LYS D 3899 1.74 -20.25 52.20
C LYS D 3899 0.81 -20.45 53.38
N PHE D 3900 0.25 -19.36 53.91
CA PHE D 3900 -0.74 -19.46 54.98
C PHE D 3900 -1.90 -20.35 54.57
N PHE D 3901 -2.48 -20.08 53.40
CA PHE D 3901 -3.64 -20.83 52.95
C PHE D 3901 -3.30 -22.30 52.74
N ASP D 3902 -2.17 -22.58 52.10
CA ASP D 3902 -1.79 -23.96 51.84
C ASP D 3902 -1.54 -24.73 53.13
N MET D 3903 -0.85 -24.09 54.07
CA MET D 3903 -0.56 -24.71 55.36
C MET D 3903 -1.83 -25.04 56.11
N PHE D 3904 -2.84 -24.18 56.05
CA PHE D 3904 -4.07 -24.46 56.77
C PHE D 3904 -5.11 -25.20 55.94
N LEU D 3905 -4.82 -25.47 54.67
CA LEU D 3905 -5.69 -26.33 53.86
C LEU D 3905 -5.22 -27.77 53.85
N LYS D 3906 -3.92 -28.02 54.01
CA LYS D 3906 -3.45 -29.39 54.18
C LYS D 3906 -3.82 -29.97 55.54
N LEU D 3907 -4.18 -29.12 56.50
CA LEU D 3907 -4.37 -29.57 57.86
C LEU D 3907 -5.52 -30.54 57.99
N LYS D 3908 -6.64 -30.26 57.32
CA LYS D 3908 -7.78 -31.16 57.40
C LYS D 3908 -7.44 -32.53 56.86
N ASP D 3909 -6.72 -32.58 55.74
CA ASP D 3909 -6.32 -33.86 55.18
C ASP D 3909 -5.38 -34.60 56.11
N LEU D 3910 -4.43 -33.89 56.74
CA LEU D 3910 -3.42 -34.58 57.52
C LEU D 3910 -3.98 -35.05 58.87
N THR D 3911 -4.85 -34.26 59.50
CA THR D 3911 -5.40 -34.69 60.79
C THR D 3911 -6.39 -35.82 60.64
N SER D 3912 -7.03 -35.94 59.48
CA SER D 3912 -8.00 -37.01 59.25
C SER D 3912 -7.37 -38.28 58.71
N SER D 3913 -6.07 -38.29 58.49
CA SER D 3913 -5.40 -39.48 57.98
C SER D 3913 -5.43 -40.61 59.00
N ASP D 3914 -5.44 -41.84 58.49
CA ASP D 3914 -5.44 -43.00 59.38
C ASP D 3914 -4.19 -43.04 60.24
N THR D 3915 -3.08 -42.49 59.74
CA THR D 3915 -1.87 -42.39 60.55
C THR D 3915 -2.14 -41.56 61.81
N PHE D 3916 -2.85 -40.44 61.65
CA PHE D 3916 -3.17 -39.61 62.80
C PHE D 3916 -4.06 -40.34 63.78
N LYS D 3917 -5.05 -41.09 63.28
CA LYS D 3917 -5.88 -41.90 64.15
C LYS D 3917 -5.05 -42.91 64.93
N GLU D 3918 -4.01 -43.46 64.28
CA GLU D 3918 -3.07 -44.31 65.01
C GLU D 3918 -2.35 -43.52 66.09
N TYR D 3919 -1.95 -42.28 65.78
CA TYR D 3919 -1.26 -41.46 66.77
C TYR D 3919 -2.16 -41.01 67.91
N ASP D 3920 -3.48 -41.12 67.75
CA ASP D 3920 -4.44 -40.81 68.80
C ASP D 3920 -5.44 -41.96 68.87
N PRO D 3921 -5.04 -43.09 69.45
CA PRO D 3921 -5.94 -44.27 69.47
C PRO D 3921 -7.26 -44.01 70.17
N ASP D 3922 -7.25 -43.19 71.24
CA ASP D 3922 -8.48 -42.91 71.95
C ASP D 3922 -9.50 -42.20 71.08
N GLY D 3923 -9.04 -41.25 70.26
CA GLY D 3923 -9.94 -40.46 69.45
C GLY D 3923 -10.83 -39.53 70.26
N LYS D 3924 -10.27 -38.91 71.29
CA LYS D 3924 -11.02 -37.99 72.15
C LYS D 3924 -10.92 -36.54 71.68
N GLY D 3925 -10.24 -36.28 70.56
CA GLY D 3925 -10.04 -34.92 70.11
C GLY D 3925 -8.98 -34.16 70.85
N ILE D 3926 -8.04 -34.85 71.49
CA ILE D 3926 -6.96 -34.23 72.24
C ILE D 3926 -5.67 -34.96 71.94
N ILE D 3927 -4.57 -34.21 71.85
CA ILE D 3927 -3.27 -34.79 71.57
C ILE D 3927 -2.19 -33.85 72.11
N SER D 3928 -1.07 -34.44 72.54
CA SER D 3928 0.05 -33.67 73.03
C SER D 3928 0.76 -32.95 71.88
N LYS D 3929 1.50 -31.90 72.22
CA LYS D 3929 2.24 -31.17 71.22
C LYS D 3929 3.33 -32.04 70.60
N LYS D 3930 4.03 -32.83 71.42
CA LYS D 3930 5.08 -33.69 70.89
C LYS D 3930 4.51 -34.74 69.94
N GLU D 3931 3.37 -35.33 70.29
CA GLU D 3931 2.78 -36.34 69.43
C GLU D 3931 2.20 -35.71 68.16
N PHE D 3932 1.64 -34.51 68.26
CA PHE D 3932 1.18 -33.80 67.07
C PHE D 3932 2.36 -33.49 66.14
N GLN D 3933 3.48 -33.05 66.71
CA GLN D 3933 4.67 -32.79 65.90
C GLN D 3933 5.15 -34.07 65.25
N LYS D 3934 5.14 -35.18 65.98
CA LYS D 3934 5.57 -36.46 65.41
C LYS D 3934 4.65 -36.88 64.27
N ALA D 3935 3.34 -36.67 64.43
CA ALA D 3935 2.41 -36.98 63.36
C ALA D 3935 2.68 -36.14 62.12
N MET D 3936 2.90 -34.83 62.31
CA MET D 3936 3.19 -33.97 61.17
C MET D 3936 4.48 -34.40 60.48
N GLU D 3937 5.49 -34.77 61.26
CA GLU D 3937 6.74 -35.25 60.68
C GLU D 3937 6.54 -36.55 59.91
N GLY D 3938 5.73 -37.46 60.47
CA GLY D 3938 5.46 -38.73 59.80
C GLY D 3938 4.70 -38.56 58.50
N GLN D 3939 3.82 -37.56 58.43
CA GLN D 3939 3.09 -37.33 57.18
C GLN D 3939 4.04 -36.98 56.05
N LYS D 3940 5.08 -36.20 56.35
CA LYS D 3940 6.12 -35.82 55.39
C LYS D 3940 5.61 -34.84 54.33
N GLN D 3941 4.62 -34.02 54.69
CA GLN D 3941 4.12 -32.97 53.82
C GLN D 3941 4.43 -31.56 54.33
N TYR D 3942 4.60 -31.40 55.63
CA TYR D 3942 4.95 -30.12 56.23
C TYR D 3942 6.45 -30.05 56.46
N THR D 3943 7.04 -28.91 56.14
CA THR D 3943 8.44 -28.68 56.46
C THR D 3943 8.59 -28.39 57.95
N GLN D 3944 9.80 -28.02 58.37
CA GLN D 3944 10.03 -27.73 59.78
C GLN D 3944 9.46 -26.37 60.16
N SER D 3945 9.60 -25.38 59.29
CA SER D 3945 9.04 -24.06 59.57
C SER D 3945 7.51 -24.14 59.70
N GLU D 3946 6.87 -24.88 58.80
CA GLU D 3946 5.41 -25.02 58.88
C GLU D 3946 5.00 -25.71 60.17
N ILE D 3947 5.74 -26.75 60.57
CA ILE D 3947 5.40 -27.46 61.81
C ILE D 3947 5.57 -26.56 63.03
N ASP D 3948 6.67 -25.79 63.06
CA ASP D 3948 6.88 -24.86 64.17
C ASP D 3948 5.76 -23.82 64.21
N PHE D 3949 5.37 -23.31 63.05
CA PHE D 3949 4.29 -22.32 63.00
C PHE D 3949 2.99 -22.92 63.52
N LEU D 3950 2.66 -24.13 63.08
CA LEU D 3950 1.42 -24.76 63.52
C LEU D 3950 1.43 -25.01 65.01
N LEU D 3951 2.57 -25.43 65.56
CA LEU D 3951 2.67 -25.63 67.00
C LEU D 3951 2.50 -24.31 67.75
N SER D 3952 3.09 -23.24 67.23
CA SER D 3952 2.93 -21.93 67.87
C SER D 3952 1.48 -21.49 67.85
N CYS D 3953 0.76 -21.79 66.76
CA CYS D 3953 -0.65 -21.44 66.70
C CYS D 3953 -1.47 -22.20 67.74
N ALA D 3954 -1.18 -23.49 67.91
CA ALA D 3954 -1.99 -24.34 68.78
C ALA D 3954 -1.92 -23.86 70.22
N GLU D 3955 -3.10 -23.79 70.86
CA GLU D 3955 -3.21 -23.32 72.24
C GLU D 3955 -3.21 -24.55 73.14
N ALA D 3956 -2.02 -24.92 73.60
CA ALA D 3956 -1.85 -26.13 74.39
C ALA D 3956 -2.40 -25.93 75.80
N ASP D 3957 -2.28 -26.98 76.61
CA ASP D 3957 -2.72 -26.97 77.99
C ASP D 3957 -1.50 -26.95 78.92
N GLU D 3958 -1.76 -26.92 80.23
CA GLU D 3958 -0.67 -27.06 81.19
C GLU D 3958 0.02 -28.40 81.05
N ASN D 3959 -0.69 -29.42 80.58
CA ASN D 3959 -0.13 -30.74 80.32
C ASN D 3959 0.47 -30.84 78.93
N ASP D 3960 0.49 -29.74 78.17
CA ASP D 3960 1.02 -29.71 76.81
C ASP D 3960 0.11 -30.48 75.85
N MET D 3961 -1.20 -30.32 76.01
CA MET D 3961 -2.18 -30.94 75.14
C MET D 3961 -3.19 -29.90 74.65
N PHE D 3962 -3.73 -30.13 73.46
CA PHE D 3962 -4.71 -29.23 72.88
C PHE D 3962 -5.69 -30.03 72.06
N ASN D 3963 -6.93 -29.54 71.98
CA ASN D 3963 -7.97 -30.20 71.20
C ASN D 3963 -7.76 -29.85 69.74
N TYR D 3964 -7.13 -30.77 68.99
CA TYR D 3964 -6.79 -30.47 67.60
C TYR D 3964 -8.02 -30.34 66.73
N VAL D 3965 -9.15 -30.91 67.12
CA VAL D 3965 -10.38 -30.76 66.35
C VAL D 3965 -10.80 -29.29 66.31
N ASP D 3966 -10.75 -28.62 67.47
CA ASP D 3966 -11.09 -27.20 67.50
C ASP D 3966 -10.04 -26.36 66.79
N PHE D 3967 -8.76 -26.77 66.87
CA PHE D 3967 -7.71 -26.09 66.11
C PHE D 3967 -8.02 -26.11 64.62
N VAL D 3968 -8.35 -27.28 64.09
CA VAL D 3968 -8.68 -27.40 62.68
C VAL D 3968 -9.95 -26.63 62.36
N ASP D 3969 -10.97 -26.74 63.20
CA ASP D 3969 -12.20 -25.99 62.96
C ASP D 3969 -11.95 -24.49 62.94
N ARG D 3970 -11.00 -24.01 63.72
CA ARG D 3970 -10.72 -22.58 63.78
C ARG D 3970 -9.94 -22.11 62.57
N PHE D 3971 -9.01 -22.92 62.07
CA PHE D 3971 -8.12 -22.42 61.02
C PHE D 3971 -8.45 -22.91 59.62
N HIS D 3972 -8.97 -24.12 59.46
CA HIS D 3972 -9.22 -24.67 58.13
C HIS D 3972 -10.44 -24.04 57.48
N GLU D 3973 -11.51 -23.83 58.25
CA GLU D 3973 -12.74 -23.30 57.68
C GLU D 3973 -12.58 -21.90 57.10
N PRO D 3974 -12.04 -20.92 57.84
CA PRO D 3974 -11.81 -19.61 57.22
C PRO D 3974 -10.88 -19.66 56.02
N ALA D 3975 -9.85 -20.50 56.06
CA ALA D 3975 -8.99 -20.65 54.90
C ALA D 3975 -9.75 -21.20 53.71
N LYS D 3976 -10.59 -22.21 53.93
CA LYS D 3976 -11.36 -22.77 52.83
C LYS D 3976 -12.39 -21.78 52.31
N ASP D 3977 -12.84 -20.85 53.16
CA ASP D 3977 -13.80 -19.84 52.72
C ASP D 3977 -13.13 -18.74 51.91
N ILE D 3978 -11.93 -18.33 52.30
CA ILE D 3978 -11.34 -17.11 51.75
C ILE D 3978 -10.33 -17.41 50.64
N GLY D 3979 -9.74 -18.60 50.64
CA GLY D 3979 -8.74 -18.92 49.64
C GLY D 3979 -9.31 -19.18 48.27
N PHE D 3980 -10.61 -19.45 48.18
CA PHE D 3980 -11.21 -19.70 46.87
C PHE D 3980 -11.13 -18.47 46.00
N ASN D 3981 -11.27 -17.28 46.58
CA ASN D 3981 -11.18 -16.06 45.79
C ASN D 3981 -9.78 -15.87 45.23
N VAL D 3982 -8.75 -16.15 46.02
CA VAL D 3982 -7.38 -16.08 45.52
C VAL D 3982 -7.18 -17.11 44.41
N ALA D 3983 -7.73 -18.30 44.58
CA ALA D 3983 -7.62 -19.33 43.55
C ALA D 3983 -8.29 -18.86 42.26
N VAL D 3984 -9.46 -18.25 42.36
CA VAL D 3984 -10.17 -17.77 41.17
C VAL D 3984 -9.40 -16.63 40.51
N LEU D 3985 -8.81 -15.75 41.31
CA LEU D 3985 -8.02 -14.66 40.76
C LEU D 3985 -6.83 -15.20 39.98
N LEU D 3986 -6.11 -16.14 40.57
CA LEU D 3986 -4.93 -16.70 39.91
C LEU D 3986 -5.31 -17.50 38.67
N THR D 3987 -6.43 -18.23 38.74
CA THR D 3987 -6.91 -18.97 37.56
C THR D 3987 -7.30 -18.03 36.44
N ASN D 3988 -8.00 -16.94 36.78
CA ASN D 3988 -8.40 -15.95 35.80
C ASN D 3988 -7.18 -15.36 35.10
N LEU D 3989 -6.18 -14.96 35.89
CA LEU D 3989 -4.97 -14.39 35.32
C LEU D 3989 -4.23 -15.40 34.47
N SER D 3990 -4.12 -16.65 34.94
CA SER D 3990 -3.40 -17.67 34.18
C SER D 3990 -4.06 -17.91 32.83
N GLU D 3991 -5.39 -17.97 32.80
CA GLU D 3991 -6.09 -18.26 31.56
C GLU D 3991 -6.12 -17.07 30.61
N HIS D 3992 -6.09 -15.85 31.14
CA HIS D 3992 -6.13 -14.66 30.29
C HIS D 3992 -4.77 -14.04 30.05
N MET D 3993 -3.71 -14.60 30.62
CA MET D 3993 -2.33 -14.22 30.31
C MET D 3993 -1.52 -15.49 30.09
N PRO D 3994 -1.85 -16.27 29.06
CA PRO D 3994 -1.29 -17.63 28.95
C PRO D 3994 0.17 -17.67 28.55
N ASN D 3995 0.77 -16.55 28.17
CA ASN D 3995 2.12 -16.51 27.64
C ASN D 3995 2.99 -15.58 28.46
N ASP D 3996 2.94 -15.75 29.78
CA ASP D 3996 3.66 -14.89 30.70
C ASP D 3996 4.54 -15.74 31.61
N SER D 3997 5.75 -15.25 31.88
CA SER D 3997 6.72 -15.98 32.68
C SER D 3997 6.66 -15.59 34.15
N ARG D 3998 6.51 -14.29 34.43
CA ARG D 3998 6.38 -13.85 35.81
C ARG D 3998 5.15 -14.44 36.46
N LEU D 3999 4.06 -14.52 35.70
CA LEU D 3999 2.83 -15.12 36.23
C LEU D 3999 3.04 -16.58 36.60
N LYS D 4000 3.79 -17.32 35.76
CA LYS D 4000 4.08 -18.71 36.09
C LYS D 4000 4.97 -18.82 37.32
N CYS D 4001 5.97 -17.94 37.44
CA CYS D 4001 6.83 -17.95 38.61
C CYS D 4001 6.06 -17.59 39.87
N LEU D 4002 4.95 -16.88 39.72
CA LEU D 4002 4.09 -16.61 40.87
C LEU D 4002 3.09 -17.73 41.13
N LEU D 4003 2.68 -18.45 40.09
CA LEU D 4003 1.72 -19.54 40.23
C LEU D 4003 2.34 -20.79 40.82
N ASP D 4004 3.63 -21.02 40.59
CA ASP D 4004 4.29 -22.21 41.12
C ASP D 4004 4.10 -22.38 42.63
N PRO D 4005 4.25 -21.35 43.47
CA PRO D 4005 3.94 -21.52 44.89
C PRO D 4005 2.49 -21.85 45.17
N ALA D 4006 1.58 -21.57 44.23
CA ALA D 4006 0.15 -21.72 44.45
C ALA D 4006 -0.41 -23.02 43.88
N GLY D 4007 0.44 -23.95 43.48
CA GLY D 4007 -0.05 -25.19 42.92
C GLY D 4007 -0.83 -26.02 43.93
N SER D 4008 -0.37 -26.04 45.19
CA SER D 4008 -1.04 -26.80 46.22
C SER D 4008 -2.33 -26.15 46.71
N VAL D 4009 -2.55 -24.88 46.37
CA VAL D 4009 -3.82 -24.22 46.67
C VAL D 4009 -4.79 -24.37 45.51
N LEU D 4010 -4.33 -24.11 44.29
CA LEU D 4010 -5.18 -24.26 43.12
C LEU D 4010 -5.65 -25.70 42.94
N ASN D 4011 -4.85 -26.67 43.39
CA ASN D 4011 -5.26 -28.06 43.30
C ASN D 4011 -6.26 -28.46 44.37
N TYR D 4012 -6.40 -27.66 45.43
CA TYR D 4012 -7.43 -27.93 46.43
C TYR D 4012 -8.81 -27.50 45.94
N PHE D 4013 -8.88 -26.44 45.15
CA PHE D 4013 -10.15 -25.88 44.72
C PHE D 4013 -10.53 -26.28 43.31
N GLU D 4014 -9.85 -27.26 42.73
CA GLU D 4014 -10.28 -27.77 41.44
C GLU D 4014 -11.67 -28.37 41.49
N PRO D 4015 -12.01 -29.22 42.47
CA PRO D 4015 -13.41 -29.70 42.56
C PRO D 4015 -14.42 -28.59 42.79
N TYR D 4016 -14.05 -27.54 43.51
CA TYR D 4016 -14.98 -26.48 43.91
C TYR D 4016 -14.98 -25.30 42.96
N LEU D 4017 -14.17 -25.33 41.92
CA LEU D 4017 -14.10 -24.24 40.96
C LEU D 4017 -14.85 -24.67 39.71
N GLY D 4018 -15.90 -23.91 39.37
CA GLY D 4018 -16.70 -24.19 38.21
C GLY D 4018 -16.45 -23.13 37.14
N ARG D 4019 -16.25 -23.60 35.92
CA ARG D 4019 -16.01 -22.74 34.78
C ARG D 4019 -17.12 -22.94 33.76
N ILE D 4020 -17.61 -21.84 33.20
CA ILE D 4020 -18.50 -21.91 32.04
C ILE D 4020 -18.10 -20.79 31.09
N GLU D 4021 -18.65 -20.84 29.89
CA GLU D 4021 -18.43 -19.80 28.90
C GLU D 4021 -19.78 -19.27 28.45
N ILE D 4022 -19.92 -17.95 28.40
CA ILE D 4022 -21.16 -17.30 28.03
C ILE D 4022 -20.86 -16.25 26.97
N MET D 4023 -21.76 -16.12 26.00
CA MET D 4023 -21.68 -15.00 25.08
C MET D 4023 -21.98 -13.72 25.85
N GLY D 4024 -20.96 -12.91 26.10
CA GLY D 4024 -21.10 -11.75 26.96
C GLY D 4024 -21.82 -10.60 26.29
N GLY D 4025 -21.88 -9.48 27.03
CA GLY D 4025 -22.56 -8.31 26.54
C GLY D 4025 -21.83 -7.56 25.47
N ALA D 4026 -20.51 -7.71 25.39
CA ALA D 4026 -19.69 -7.02 24.39
C ALA D 4026 -19.61 -7.80 23.09
N LYS D 4027 -20.51 -8.74 22.85
CA LYS D 4027 -20.50 -9.58 21.66
C LYS D 4027 -19.24 -10.45 21.60
N LYS D 4028 -18.73 -10.86 22.76
CA LYS D 4028 -17.58 -11.75 22.83
C LYS D 4028 -17.85 -12.84 23.86
N ILE D 4029 -17.31 -14.03 23.59
CA ILE D 4029 -17.37 -15.11 24.56
C ILE D 4029 -16.51 -14.75 25.76
N GLU D 4030 -17.03 -14.99 26.96
CA GLU D 4030 -16.35 -14.70 28.19
C GLU D 4030 -16.41 -15.93 29.09
N ARG D 4031 -15.39 -16.11 29.91
CA ARG D 4031 -15.35 -17.22 30.84
C ARG D 4031 -15.76 -16.76 32.23
N VAL D 4032 -16.67 -17.52 32.84
CA VAL D 4032 -17.22 -17.22 34.16
C VAL D 4032 -16.74 -18.29 35.12
N TYR D 4033 -16.16 -17.85 36.24
CA TYR D 4033 -15.71 -18.72 37.31
C TYR D 4033 -16.62 -18.54 38.52
N PHE D 4034 -17.00 -19.64 39.15
CA PHE D 4034 -17.89 -19.60 40.28
C PHE D 4034 -17.57 -20.76 41.21
N GLU D 4035 -18.26 -20.81 42.35
CA GLU D 4035 -18.02 -21.83 43.35
C GLU D 4035 -19.09 -22.90 43.31
N ILE D 4036 -18.67 -24.14 43.54
CA ILE D 4036 -19.55 -25.30 43.55
C ILE D 4036 -19.44 -25.95 44.92
N SER D 4037 -20.58 -26.13 45.58
CA SER D 4037 -20.59 -26.76 46.90
C SER D 4037 -20.49 -28.27 46.76
N GLU D 4038 -19.95 -28.92 47.79
CA GLU D 4038 -19.78 -30.37 47.76
C GLU D 4038 -21.13 -31.07 47.72
N SER D 4039 -22.13 -30.52 48.41
CA SER D 4039 -23.45 -31.12 48.39
C SER D 4039 -24.03 -31.12 46.98
N SER D 4040 -23.67 -30.13 46.16
CA SER D 4040 -24.15 -30.10 44.79
C SER D 4040 -23.66 -31.31 44.01
N ARG D 4041 -22.36 -31.63 44.13
CA ARG D 4041 -21.84 -32.83 43.49
C ARG D 4041 -22.49 -34.07 44.06
N THR D 4042 -22.65 -34.13 45.39
CA THR D 4042 -23.22 -35.29 46.03
C THR D 4042 -24.63 -35.57 45.51
N GLN D 4043 -25.44 -34.53 45.34
CA GLN D 4043 -26.79 -34.72 44.83
C GLN D 4043 -26.79 -34.97 43.33
N TRP D 4044 -25.83 -34.41 42.60
CA TRP D 4044 -25.72 -34.69 41.18
C TRP D 4044 -25.33 -36.13 40.90
N GLU D 4045 -24.75 -36.81 41.88
CA GLU D 4045 -24.35 -38.21 41.71
C GLU D 4045 -25.42 -39.20 42.18
N LYS D 4046 -26.60 -38.74 42.58
CA LYS D 4046 -27.62 -39.66 43.06
C LYS D 4046 -28.19 -40.49 41.90
N PRO D 4047 -28.77 -41.65 42.22
CA PRO D 4047 -29.31 -42.50 41.14
C PRO D 4047 -30.51 -41.90 40.42
N GLN D 4048 -31.48 -41.33 41.14
CA GLN D 4048 -32.64 -40.76 40.47
C GLN D 4048 -32.25 -39.58 39.60
N VAL D 4049 -31.32 -38.76 40.07
CA VAL D 4049 -30.87 -37.61 39.28
C VAL D 4049 -30.19 -38.09 38.00
N LYS D 4050 -29.37 -39.13 38.10
CA LYS D 4050 -28.71 -39.66 36.91
C LYS D 4050 -29.74 -40.25 35.95
N GLU D 4051 -30.77 -40.90 36.46
CA GLU D 4051 -31.84 -41.41 35.61
C GLU D 4051 -32.52 -40.26 34.86
N SER D 4052 -32.84 -39.18 35.57
CA SER D 4052 -33.47 -38.03 34.93
C SER D 4052 -32.56 -37.42 33.87
N LYS D 4053 -31.27 -37.33 34.17
CA LYS D 4053 -30.33 -36.78 33.20
C LYS D 4053 -30.26 -37.65 31.95
N ARG D 4054 -30.21 -38.97 32.11
CA ARG D 4054 -30.14 -39.86 30.96
C ARG D 4054 -31.39 -39.74 30.10
N GLN D 4055 -32.56 -39.72 30.74
CA GLN D 4055 -33.80 -39.57 29.99
C GLN D 4055 -33.81 -38.25 29.23
N PHE D 4056 -33.40 -37.16 29.89
CA PHE D 4056 -33.40 -35.86 29.22
C PHE D 4056 -32.44 -35.86 28.04
N ILE D 4057 -31.24 -36.43 28.21
CA ILE D 4057 -30.26 -36.40 27.14
C ILE D 4057 -30.77 -37.16 25.93
N PHE D 4058 -31.35 -38.35 26.16
CA PHE D 4058 -31.88 -39.12 25.04
C PHE D 4058 -33.02 -38.37 24.34
N ASP D 4059 -33.93 -37.79 25.12
CA ASP D 4059 -35.06 -37.10 24.52
C ASP D 4059 -34.61 -35.90 23.71
N VAL D 4060 -33.74 -35.06 24.28
CA VAL D 4060 -33.37 -33.82 23.61
C VAL D 4060 -32.50 -34.09 22.39
N VAL D 4061 -31.52 -35.00 22.51
CA VAL D 4061 -30.62 -35.23 21.39
C VAL D 4061 -31.33 -35.95 20.26
N ASN D 4062 -32.17 -36.92 20.58
CA ASN D 4062 -32.83 -37.70 19.53
C ASN D 4062 -33.93 -36.89 18.83
N GLU D 4063 -34.75 -36.18 19.60
CA GLU D 4063 -35.93 -35.52 19.05
C GLU D 4063 -36.07 -34.06 19.46
N GLY D 4064 -35.20 -33.55 20.34
CA GLY D 4064 -35.36 -32.18 20.80
C GLY D 4064 -35.22 -31.16 19.69
N GLY D 4065 -34.27 -31.37 18.80
CA GLY D 4065 -34.05 -30.42 17.72
C GLY D 4065 -33.08 -29.31 18.12
N GLU D 4066 -32.39 -28.76 17.11
CA GLU D 4066 -31.44 -27.70 17.38
C GLU D 4066 -32.13 -26.46 17.95
N GLN D 4067 -33.29 -26.12 17.42
CA GLN D 4067 -34.10 -25.05 17.98
C GLN D 4067 -34.90 -25.57 19.16
N GLU D 4068 -35.00 -24.74 20.20
CA GLU D 4068 -35.67 -25.01 21.47
C GLU D 4068 -34.87 -25.95 22.35
N LYS D 4069 -33.66 -26.36 21.95
CA LYS D 4069 -32.86 -27.24 22.79
C LYS D 4069 -32.48 -26.57 24.09
N MET D 4070 -32.17 -25.27 24.06
CA MET D 4070 -31.76 -24.57 25.27
C MET D 4070 -32.92 -24.29 26.21
N GLU D 4071 -34.12 -24.05 25.68
CA GLU D 4071 -35.29 -23.95 26.53
C GLU D 4071 -35.54 -25.25 27.28
N LEU D 4072 -35.44 -26.37 26.56
CA LEU D 4072 -35.58 -27.68 27.20
C LEU D 4072 -34.49 -27.91 28.23
N PHE D 4073 -33.26 -27.50 27.92
CA PHE D 4073 -32.17 -27.67 28.86
C PHE D 4073 -32.39 -26.85 30.13
N VAL D 4074 -32.89 -25.62 29.99
CA VAL D 4074 -33.14 -24.81 31.18
C VAL D 4074 -34.27 -25.41 32.01
N ASN D 4075 -35.31 -25.92 31.34
CA ASN D 4075 -36.37 -26.60 32.08
C ASN D 4075 -35.83 -27.80 32.83
N PHE D 4076 -34.95 -28.56 32.18
CA PHE D 4076 -34.30 -29.69 32.85
C PHE D 4076 -33.49 -29.22 34.04
N CYS D 4077 -32.81 -28.09 33.90
CA CYS D 4077 -32.01 -27.57 35.01
C CYS D 4077 -32.88 -27.22 36.19
N GLU D 4078 -34.02 -26.58 35.95
CA GLU D 4078 -34.92 -26.24 37.05
C GLU D 4078 -35.46 -27.49 37.72
N ASP D 4079 -35.89 -28.47 36.91
CA ASP D 4079 -36.42 -29.71 37.47
C ASP D 4079 -35.36 -30.45 38.26
N THR D 4080 -34.10 -30.42 37.79
CA THR D 4080 -33.03 -31.11 38.47
C THR D 4080 -32.62 -30.40 39.75
N ILE D 4081 -32.71 -29.07 39.78
CA ILE D 4081 -32.48 -28.35 41.02
C ILE D 4081 -33.51 -28.75 42.06
N PHE D 4082 -34.77 -28.86 41.64
CA PHE D 4082 -35.78 -29.35 42.58
C PHE D 4082 -35.49 -30.79 43.01
N GLU D 4083 -35.10 -31.65 42.07
CA GLU D 4083 -34.80 -33.03 42.41
C GLU D 4083 -33.65 -33.12 43.41
N MET D 4084 -32.62 -32.31 43.22
CA MET D 4084 -31.48 -32.33 44.12
C MET D 4084 -31.85 -31.81 45.50
N GLN D 4085 -32.69 -30.77 45.57
CA GLN D 4085 -33.19 -30.34 46.87
C GLN D 4085 -33.98 -31.45 47.56
N LEU D 4086 -34.84 -32.12 46.80
CA LEU D 4086 -35.63 -33.21 47.38
C LEU D 4086 -34.75 -34.36 47.83
N ALA D 4087 -33.71 -34.68 47.07
CA ALA D 4087 -32.79 -35.74 47.45
C ALA D 4087 -31.99 -35.37 48.68
N SER D 4088 -31.62 -34.10 48.82
CA SER D 4088 -30.98 -33.66 50.06
C SER D 4088 -31.92 -33.80 51.24
N GLN D 4089 -33.20 -33.47 51.05
CA GLN D 4089 -34.16 -33.67 52.13
C GLN D 4089 -34.30 -35.14 52.49
N ILE D 4090 -34.36 -36.01 51.49
CA ILE D 4090 -34.60 -37.43 51.72
C ILE D 4090 -33.41 -38.09 52.38
N SER D 4091 -32.19 -37.73 51.98
CA SER D 4091 -31.01 -38.39 52.49
C SER D 4091 -30.86 -38.17 53.98
N GLU D 4092 -30.34 -39.18 54.67
CA GLU D 4092 -30.15 -39.12 56.11
C GLU D 4092 -29.10 -38.07 56.50
N ASN D 4379 -43.31 -36.28 73.74
CA ASN D 4379 -44.68 -35.87 73.44
C ASN D 4379 -45.31 -36.81 72.41
N PHE D 4380 -46.01 -37.82 72.91
CA PHE D 4380 -46.67 -38.78 72.01
C PHE D 4380 -47.77 -38.09 71.22
N PHE D 4381 -48.07 -38.64 70.05
CA PHE D 4381 -49.05 -38.11 69.09
C PHE D 4381 -48.54 -36.87 68.37
N LYS D 4382 -47.37 -36.34 68.74
CA LYS D 4382 -46.77 -35.22 68.03
C LYS D 4382 -45.33 -35.56 67.69
N GLY D 4383 -44.70 -36.40 68.51
CA GLY D 4383 -43.36 -36.88 68.23
C GLY D 4383 -43.29 -38.03 67.24
N LEU D 4384 -44.43 -38.65 66.93
CA LEU D 4384 -44.49 -39.71 65.94
C LEU D 4384 -44.22 -39.19 64.53
N GLU D 4385 -44.33 -37.88 64.32
CA GLU D 4385 -44.09 -37.32 63.00
C GLU D 4385 -42.67 -37.60 62.53
N ILE D 4386 -41.70 -37.53 63.44
CA ILE D 4386 -40.31 -37.78 63.08
C ILE D 4386 -40.15 -39.22 62.61
N TYR D 4387 -40.74 -40.18 63.32
CA TYR D 4387 -40.63 -41.58 62.92
C TYR D 4387 -41.32 -41.84 61.59
N GLN D 4388 -42.50 -41.24 61.39
CA GLN D 4388 -43.19 -41.42 60.11
C GLN D 4388 -42.36 -40.85 58.97
N THR D 4389 -41.77 -39.66 59.16
CA THR D 4389 -40.95 -39.06 58.13
C THR D 4389 -39.72 -39.89 57.86
N LYS D 4390 -39.10 -40.45 58.90
CA LYS D 4390 -37.95 -41.33 58.70
C LYS D 4390 -38.33 -42.56 57.90
N LEU D 4391 -39.48 -43.16 58.21
CA LEU D 4391 -39.92 -44.31 57.44
C LEU D 4391 -40.17 -43.96 55.98
N LEU D 4392 -40.83 -42.82 55.74
CA LEU D 4392 -41.11 -42.42 54.36
C LEU D 4392 -39.82 -42.14 53.60
N HIS D 4393 -38.85 -41.48 54.24
CA HIS D 4393 -37.59 -41.23 53.57
C HIS D 4393 -36.85 -42.53 53.29
N TYR D 4394 -36.90 -43.49 54.21
CA TYR D 4394 -36.27 -44.78 53.97
C TYR D 4394 -36.90 -45.48 52.79
N LEU D 4395 -38.22 -45.48 52.71
CA LEU D 4395 -38.89 -46.10 51.56
C LEU D 4395 -38.53 -45.39 50.27
N ALA D 4396 -38.52 -44.06 50.27
CA ALA D 4396 -38.23 -43.31 49.06
C ALA D 4396 -36.79 -43.46 48.63
N ARG D 4397 -35.90 -43.74 49.56
CA ARG D 4397 -34.47 -43.82 49.29
C ARG D 4397 -34.03 -45.19 48.78
N ASN D 4398 -34.90 -46.20 48.87
CA ASN D 4398 -34.58 -47.56 48.47
C ASN D 4398 -35.63 -48.11 47.51
N PHE D 4399 -36.15 -47.24 46.64
CA PHE D 4399 -37.19 -47.66 45.71
C PHE D 4399 -36.69 -48.71 44.73
N TYR D 4400 -35.50 -48.50 44.18
CA TYR D 4400 -34.98 -49.42 43.17
C TYR D 4400 -34.57 -50.75 43.79
N ASN D 4401 -34.01 -50.72 45.00
CA ASN D 4401 -33.69 -51.95 45.70
C ASN D 4401 -34.94 -52.76 45.97
N LEU D 4402 -36.03 -52.09 46.39
CA LEU D 4402 -37.28 -52.79 46.61
C LEU D 4402 -37.83 -53.37 45.32
N ARG D 4403 -37.66 -52.65 44.21
CA ARG D 4403 -38.09 -53.17 42.92
C ARG D 4403 -37.34 -54.46 42.57
N PHE D 4404 -36.02 -54.46 42.73
CA PHE D 4404 -35.25 -55.67 42.47
C PHE D 4404 -35.67 -56.82 43.39
N LEU D 4405 -35.91 -56.51 44.67
CA LEU D 4405 -36.33 -57.55 45.60
C LEU D 4405 -37.68 -58.13 45.22
N ALA D 4406 -38.60 -57.28 44.77
CA ALA D 4406 -39.90 -57.77 44.33
C ALA D 4406 -39.75 -58.67 43.11
N LEU D 4407 -38.86 -58.30 42.18
CA LEU D 4407 -38.63 -59.17 41.03
C LEU D 4407 -38.10 -60.54 41.46
N PHE D 4408 -37.14 -60.55 42.39
CA PHE D 4408 -36.61 -61.81 42.89
C PHE D 4408 -37.70 -62.66 43.55
N VAL D 4409 -38.55 -62.02 44.35
CA VAL D 4409 -39.61 -62.76 45.04
C VAL D 4409 -40.60 -63.34 44.04
N ALA D 4410 -40.93 -62.58 42.99
CA ALA D 4410 -41.84 -63.09 41.97
C ALA D 4410 -41.22 -64.29 41.24
N PHE D 4411 -39.93 -64.22 40.94
CA PHE D 4411 -39.27 -65.36 40.31
C PHE D 4411 -39.31 -66.57 41.21
N ALA D 4412 -39.08 -66.39 42.51
CA ALA D 4412 -39.16 -67.53 43.43
C ALA D 4412 -40.56 -68.11 43.47
N ILE D 4413 -41.58 -67.25 43.50
CA ILE D 4413 -42.96 -67.73 43.55
C ILE D 4413 -43.29 -68.54 42.30
N ASN D 4414 -42.86 -68.07 41.14
CA ASN D 4414 -43.17 -68.80 39.91
C ASN D 4414 -42.37 -70.09 39.80
N PHE D 4415 -41.14 -70.10 40.30
CA PHE D 4415 -40.40 -71.34 40.38
C PHE D 4415 -41.13 -72.35 41.25
N ILE D 4416 -41.73 -71.90 42.35
CA ILE D 4416 -42.53 -72.80 43.17
C ILE D 4416 -43.78 -73.24 42.44
N LEU D 4417 -44.40 -72.33 41.68
CA LEU D 4417 -45.61 -72.66 40.92
C LEU D 4417 -45.35 -73.68 39.83
N LEU D 4418 -44.11 -73.81 39.37
CA LEU D 4418 -43.81 -74.81 38.35
C LEU D 4418 -44.01 -76.25 38.84
N PHE D 4419 -44.17 -76.46 40.14
CA PHE D 4419 -44.35 -77.79 40.69
C PHE D 4419 -45.82 -78.15 40.93
N TYR D 4420 -46.74 -77.33 40.45
CA TYR D 4420 -48.15 -77.66 40.61
C TYR D 4420 -48.51 -78.84 39.71
N LYS D 4421 -49.58 -79.51 40.08
CA LYS D 4421 -50.17 -80.55 39.24
C LYS D 4421 -51.63 -80.67 39.61
N VAL D 4422 -52.40 -81.30 38.74
CA VAL D 4422 -53.84 -81.41 38.92
C VAL D 4422 -54.18 -82.86 39.19
N THR D 4423 -54.94 -83.09 40.25
CA THR D 4423 -55.33 -84.44 40.66
C THR D 4423 -56.82 -84.49 40.89
N GLU D 4424 -57.46 -85.53 40.34
CA GLU D 4424 -58.89 -85.71 40.55
C GLU D 4424 -59.19 -86.16 41.97
N GLU D 4425 -58.31 -86.96 42.56
CA GLU D 4425 -58.46 -87.41 43.93
C GLU D 4425 -58.07 -86.31 44.91
N ALA D 4449 -65.13 -84.49 36.89
CA ALA D 4449 -65.51 -84.55 38.29
C ALA D 4449 -64.94 -83.36 39.05
N MET D 4450 -63.94 -83.63 39.89
CA MET D 4450 -63.30 -82.61 40.70
C MET D 4450 -61.81 -82.58 40.38
N VAL D 4451 -61.28 -81.37 40.21
CA VAL D 4451 -59.85 -81.17 39.97
C VAL D 4451 -59.29 -80.33 41.10
N PHE D 4452 -58.25 -80.83 41.75
CA PHE D 4452 -57.57 -80.12 42.83
C PHE D 4452 -56.14 -79.87 42.40
N PHE D 4453 -55.67 -78.64 42.59
CA PHE D 4453 -54.29 -78.29 42.30
C PHE D 4453 -53.44 -78.57 43.53
N VAL D 4454 -52.51 -79.51 43.40
CA VAL D 4454 -51.65 -79.94 44.50
C VAL D 4454 -50.21 -79.69 44.10
N LEU D 4455 -49.41 -79.25 45.07
CA LEU D 4455 -48.00 -78.98 44.85
C LEU D 4455 -47.24 -80.29 45.03
N GLN D 4456 -46.83 -80.90 43.93
CA GLN D 4456 -46.17 -82.20 43.99
C GLN D 4456 -44.75 -82.07 44.50
N GLU D 4457 -44.59 -82.06 45.82
CA GLU D 4457 -43.28 -81.94 46.43
C GLU D 4457 -43.16 -82.95 47.56
N SER D 4458 -41.93 -83.36 47.85
CA SER D 4458 -41.65 -84.31 48.92
C SER D 4458 -41.13 -83.66 50.19
N THR D 4459 -40.43 -82.54 50.07
CA THR D 4459 -39.88 -81.87 51.26
C THR D 4459 -41.00 -81.40 52.18
N GLY D 4460 -42.09 -80.90 51.60
CA GLY D 4460 -43.22 -80.43 52.38
C GLY D 4460 -43.18 -78.98 52.78
N TYR D 4461 -42.10 -78.27 52.46
CA TYR D 4461 -41.96 -76.87 52.83
C TYR D 4461 -42.37 -75.90 51.73
N MET D 4462 -42.83 -76.39 50.58
CA MET D 4462 -43.08 -75.50 49.47
C MET D 4462 -44.39 -74.71 49.64
N ALA D 4463 -45.42 -75.33 50.22
CA ALA D 4463 -46.66 -74.58 50.44
C ALA D 4463 -46.47 -73.45 51.45
N PRO D 4464 -45.91 -73.68 52.64
CA PRO D 4464 -45.64 -72.55 53.55
C PRO D 4464 -44.72 -71.51 52.95
N ALA D 4465 -43.71 -71.94 52.18
CA ALA D 4465 -42.84 -70.98 51.52
C ALA D 4465 -43.62 -70.13 50.53
N LEU D 4466 -44.55 -70.75 49.80
CA LEU D 4466 -45.34 -70.02 48.83
C LEU D 4466 -46.24 -68.99 49.51
N ARG D 4467 -46.86 -69.36 50.64
CA ARG D 4467 -47.70 -68.39 51.35
C ARG D 4467 -46.86 -67.24 51.90
N ALA D 4468 -45.71 -67.55 52.50
CA ALA D 4468 -44.83 -66.51 53.01
C ALA D 4468 -44.38 -65.59 51.88
N LEU D 4469 -44.03 -66.16 50.74
CA LEU D 4469 -43.56 -65.35 49.61
C LEU D 4469 -44.68 -64.49 49.06
N ALA D 4470 -45.91 -65.00 49.03
CA ALA D 4470 -47.03 -64.19 48.56
C ALA D 4470 -47.23 -62.98 49.46
N ILE D 4471 -47.20 -63.18 50.78
CA ILE D 4471 -47.37 -62.06 51.71
C ILE D 4471 -46.21 -61.07 51.56
N ILE D 4472 -44.99 -61.58 51.47
CA ILE D 4472 -43.82 -60.72 51.33
C ILE D 4472 -43.92 -59.89 50.05
N HIS D 4473 -44.36 -60.52 48.95
CA HIS D 4473 -44.46 -59.81 47.69
C HIS D 4473 -45.51 -58.72 47.75
N THR D 4474 -46.66 -59.00 48.38
CA THR D 4474 -47.67 -57.95 48.52
C THR D 4474 -47.13 -56.77 49.32
N VAL D 4475 -46.44 -57.06 50.43
CA VAL D 4475 -45.89 -55.99 51.25
C VAL D 4475 -44.87 -55.18 50.48
N ILE D 4476 -44.00 -55.86 49.74
CA ILE D 4476 -42.97 -55.16 48.97
C ILE D 4476 -43.59 -54.29 47.90
N SER D 4477 -44.63 -54.78 47.22
CA SER D 4477 -45.28 -53.97 46.19
C SER D 4477 -45.92 -52.73 46.80
N LEU D 4478 -46.57 -52.88 47.97
CA LEU D 4478 -47.17 -51.71 48.62
C LEU D 4478 -46.11 -50.69 49.01
N VAL D 4479 -45.00 -51.15 49.59
CA VAL D 4479 -43.95 -50.22 49.98
C VAL D 4479 -43.32 -49.57 48.76
N CYS D 4480 -43.23 -50.30 47.65
CA CYS D 4480 -42.72 -49.70 46.41
C CYS D 4480 -43.63 -48.59 45.92
N VAL D 4481 -44.94 -48.81 45.98
CA VAL D 4481 -45.88 -47.76 45.58
C VAL D 4481 -45.71 -46.53 46.47
N VAL D 4482 -45.62 -46.76 47.79
CA VAL D 4482 -45.47 -45.64 48.72
C VAL D 4482 -44.16 -44.90 48.47
N GLY D 4483 -43.08 -45.64 48.24
CA GLY D 4483 -41.80 -45.01 47.97
C GLY D 4483 -41.77 -44.23 46.67
N TYR D 4484 -42.49 -44.70 45.65
CA TYR D 4484 -42.64 -43.91 44.44
C TYR D 4484 -43.41 -42.63 44.72
N TYR D 4485 -44.45 -42.71 45.56
CA TYR D 4485 -45.23 -41.52 45.87
C TYR D 4485 -44.41 -40.48 46.62
N CYS D 4486 -43.32 -40.86 47.27
CA CYS D 4486 -42.50 -39.95 48.05
C CYS D 4486 -41.19 -39.60 47.37
N LEU D 4487 -40.99 -40.02 46.13
CA LEU D 4487 -39.73 -39.77 45.46
C LEU D 4487 -39.90 -39.19 44.07
N LYS D 4488 -40.92 -39.61 43.32
CA LYS D 4488 -41.10 -39.16 41.95
C LYS D 4488 -42.37 -38.36 41.72
N VAL D 4489 -43.39 -38.55 42.56
CA VAL D 4489 -44.61 -37.74 42.44
C VAL D 4489 -44.34 -36.26 42.67
N PRO D 4490 -43.53 -35.84 43.66
CA PRO D 4490 -43.26 -34.41 43.80
C PRO D 4490 -42.71 -33.76 42.54
N LEU D 4491 -41.86 -34.46 41.80
CA LEU D 4491 -41.33 -33.89 40.56
C LEU D 4491 -42.42 -33.74 39.51
N VAL D 4492 -43.33 -34.71 39.42
CA VAL D 4492 -44.43 -34.63 38.46
C VAL D 4492 -45.32 -33.43 38.77
N VAL D 4493 -45.68 -33.28 40.05
CA VAL D 4493 -46.50 -32.16 40.46
C VAL D 4493 -45.77 -30.85 40.23
N PHE D 4494 -44.45 -30.83 40.47
CA PHE D 4494 -43.66 -29.63 40.23
C PHE D 4494 -43.71 -29.22 38.77
N LYS D 4495 -43.49 -30.17 37.87
CA LYS D 4495 -43.52 -29.85 36.45
C LYS D 4495 -44.89 -29.34 36.03
N ARG D 4496 -45.95 -30.00 36.50
CA ARG D 4496 -47.30 -29.59 36.14
C ARG D 4496 -47.60 -28.18 36.64
N GLU D 4497 -47.26 -27.89 37.89
CA GLU D 4497 -47.49 -26.56 38.43
C GLU D 4497 -46.67 -25.52 37.71
N LYS D 4498 -45.42 -25.85 37.36
CA LYS D 4498 -44.58 -24.90 36.65
C LYS D 4498 -45.19 -24.54 35.30
N GLU D 4499 -45.66 -25.54 34.56
CA GLU D 4499 -46.26 -25.24 33.26
C GLU D 4499 -47.56 -24.46 33.42
N ILE D 4500 -48.37 -24.79 34.43
CA ILE D 4500 -49.61 -24.05 34.66
C ILE D 4500 -49.32 -22.59 34.98
N ALA D 4501 -48.35 -22.34 35.86
CA ALA D 4501 -48.01 -20.98 36.23
C ALA D 4501 -47.45 -20.21 35.06
N ARG D 4502 -46.60 -20.84 34.25
CA ARG D 4502 -46.09 -20.18 33.06
C ARG D 4502 -47.21 -19.82 32.09
N LYS D 4503 -48.15 -20.75 31.89
CA LYS D 4503 -49.28 -20.45 31.01
C LYS D 4503 -50.10 -19.30 31.54
N LEU D 4504 -50.39 -19.30 32.85
CA LEU D 4504 -51.13 -18.19 33.44
C LEU D 4504 -50.42 -16.87 33.20
N GLU D 4505 -49.13 -16.80 33.50
CA GLU D 4505 -48.45 -15.51 33.48
C GLU D 4505 -48.19 -15.01 32.07
N PHE D 4506 -47.78 -15.90 31.16
CA PHE D 4506 -47.29 -15.47 29.85
C PHE D 4506 -48.21 -15.85 28.71
N ASP D 4507 -49.39 -16.41 28.99
CA ASP D 4507 -50.33 -16.74 27.91
C ASP D 4507 -51.78 -16.39 28.21
N GLY D 4508 -52.14 -16.09 29.46
CA GLY D 4508 -53.53 -15.84 29.79
C GLY D 4508 -54.42 -17.03 29.48
N LEU D 4509 -53.99 -18.22 29.91
CA LEU D 4509 -54.70 -19.44 29.53
C LEU D 4509 -56.13 -19.45 30.05
N TYR D 4510 -56.34 -18.96 31.28
CA TYR D 4510 -57.68 -18.95 31.87
C TYR D 4510 -58.23 -17.54 32.05
N ILE D 4511 -57.57 -16.53 31.48
CA ILE D 4511 -58.05 -15.16 31.54
C ILE D 4511 -58.18 -14.59 30.13
N THR D 4512 -57.05 -14.48 29.44
CA THR D 4512 -57.07 -13.98 28.06
C THR D 4512 -57.75 -14.97 27.13
N GLU D 4513 -57.43 -16.25 27.25
CA GLU D 4513 -57.98 -17.27 26.38
C GLU D 4513 -58.61 -18.38 27.22
N GLN D 4514 -58.96 -19.49 26.57
CA GLN D 4514 -59.52 -20.64 27.25
C GLN D 4514 -58.92 -21.91 26.66
N PRO D 4515 -58.80 -22.97 27.45
CA PRO D 4515 -58.23 -24.22 26.94
C PRO D 4515 -59.12 -24.83 25.87
N SER D 4516 -58.48 -25.52 24.93
CA SER D 4516 -59.23 -26.24 23.91
C SER D 4516 -60.05 -27.36 24.55
N GLU D 4517 -61.15 -27.70 23.89
CA GLU D 4517 -62.00 -28.77 24.39
C GLU D 4517 -61.39 -30.15 24.17
N ASP D 4518 -60.46 -30.28 23.24
CA ASP D 4518 -59.88 -31.58 22.93
C ASP D 4518 -58.98 -32.08 24.06
N ASP D 4519 -58.07 -31.22 24.54
CA ASP D 4519 -57.07 -31.65 25.51
C ASP D 4519 -57.65 -31.62 26.91
N ILE D 4520 -57.42 -32.70 27.66
CA ILE D 4520 -57.96 -32.82 29.01
C ILE D 4520 -57.05 -32.18 30.07
N LYS D 4521 -55.80 -31.89 29.72
CA LYS D 4521 -54.88 -31.35 30.71
C LYS D 4521 -55.33 -29.98 31.22
N GLY D 4522 -55.67 -29.07 30.31
CA GLY D 4522 -56.13 -27.76 30.74
C GLY D 4522 -57.45 -27.83 31.51
N GLN D 4523 -58.36 -28.69 31.05
CA GLN D 4523 -59.63 -28.84 31.73
C GLN D 4523 -59.43 -29.32 33.16
N TRP D 4524 -58.55 -30.30 33.36
CA TRP D 4524 -58.29 -30.75 34.72
C TRP D 4524 -57.55 -29.69 35.52
N ASP D 4525 -56.61 -28.99 34.89
CA ASP D 4525 -55.84 -27.96 35.58
C ASP D 4525 -56.70 -26.81 36.06
N ARG D 4526 -57.87 -26.60 35.44
CA ARG D 4526 -58.75 -25.54 35.90
C ARG D 4526 -59.16 -25.69 37.35
N LEU D 4527 -59.06 -26.90 37.91
CA LEU D 4527 -59.49 -27.14 39.28
C LEU D 4527 -58.52 -26.65 40.34
N VAL D 4528 -57.29 -26.28 39.97
CA VAL D 4528 -56.27 -26.04 40.97
C VAL D 4528 -55.99 -24.55 41.15
N ILE D 4529 -56.18 -23.77 40.09
CA ILE D 4529 -55.79 -22.37 40.14
C ILE D 4529 -56.58 -21.60 41.20
N ASN D 4530 -57.80 -22.03 41.47
CA ASN D 4530 -58.61 -21.37 42.50
C ASN D 4530 -58.22 -21.79 43.90
N THR D 4531 -57.41 -22.81 44.06
CA THR D 4531 -57.06 -23.33 45.38
C THR D 4531 -56.10 -22.40 46.09
N PRO D 4532 -55.98 -22.53 47.41
CA PRO D 4532 -55.02 -21.71 48.16
C PRO D 4532 -53.61 -22.30 48.16
N SER D 4533 -53.52 -23.63 48.01
CA SER D 4533 -52.23 -24.30 48.05
C SER D 4533 -51.42 -24.11 46.78
N PHE D 4534 -52.07 -23.76 45.68
CA PHE D 4534 -51.36 -23.62 44.41
C PHE D 4534 -50.45 -22.39 44.44
N PRO D 4535 -49.16 -22.53 44.12
CA PRO D 4535 -48.42 -23.76 43.78
C PRO D 4535 -47.76 -24.36 45.01
N ASN D 4536 -47.86 -25.67 45.23
CA ASN D 4536 -47.32 -26.26 46.44
C ASN D 4536 -45.86 -26.67 46.30
N ASN D 4537 -45.47 -27.17 45.13
CA ASN D 4537 -44.09 -27.59 44.88
C ASN D 4537 -43.30 -26.57 44.07
N TYR D 4538 -43.94 -25.94 43.09
CA TYR D 4538 -43.28 -24.91 42.29
C TYR D 4538 -42.82 -23.77 43.20
N TRP D 4539 -41.60 -23.29 42.94
CA TRP D 4539 -40.95 -22.35 43.85
C TRP D 4539 -41.70 -21.03 43.93
N ASP D 4540 -42.20 -20.54 42.81
CA ASP D 4540 -42.76 -19.19 42.75
C ASP D 4540 -44.11 -19.15 43.44
N LYS D 4541 -44.16 -18.59 44.64
CA LYS D 4541 -45.39 -18.47 45.41
C LYS D 4541 -46.12 -17.16 45.16
N PHE D 4542 -45.63 -16.31 44.26
CA PHE D 4542 -46.25 -15.04 43.95
C PHE D 4542 -46.72 -14.98 42.50
N VAL D 4543 -47.06 -16.14 41.93
CA VAL D 4543 -47.53 -16.16 40.55
C VAL D 4543 -48.92 -15.56 40.43
N LYS D 4544 -49.78 -15.82 41.41
CA LYS D 4544 -51.13 -15.26 41.38
C LYS D 4544 -51.09 -13.74 41.41
N ARG D 4545 -50.24 -13.16 42.26
CA ARG D 4545 -50.15 -11.72 42.32
C ARG D 4545 -49.62 -11.13 41.01
N LYS D 4546 -48.65 -11.80 40.39
CA LYS D 4546 -48.17 -11.36 39.09
C LYS D 4546 -49.29 -11.36 38.06
N VAL D 4547 -50.08 -12.44 38.04
CA VAL D 4547 -51.16 -12.54 37.07
C VAL D 4547 -52.19 -11.44 37.29
N ILE D 4548 -52.55 -11.21 38.56
CA ILE D 4548 -53.55 -10.18 38.85
C ILE D 4548 -53.03 -8.80 38.47
N ASN D 4549 -51.77 -8.49 38.83
CA ASN D 4549 -51.21 -7.20 38.48
C ASN D 4549 -51.00 -7.03 36.99
N LYS D 4550 -50.94 -8.14 36.23
CA LYS D 4550 -50.78 -8.04 34.79
C LYS D 4550 -52.09 -7.98 34.04
N TYR D 4551 -53.18 -8.50 34.61
CA TYR D 4551 -54.44 -8.59 33.87
C TYR D 4551 -55.61 -7.85 34.49
N GLY D 4552 -55.48 -7.28 35.69
CA GLY D 4552 -56.61 -6.58 36.30
C GLY D 4552 -57.01 -5.33 35.55
N ASP D 4553 -56.03 -4.62 34.98
CA ASP D 4553 -56.33 -3.37 34.29
C ASP D 4553 -57.24 -3.59 33.09
N LEU D 4554 -57.02 -4.67 32.34
CA LEU D 4554 -57.81 -4.97 31.16
C LEU D 4554 -58.99 -5.90 31.45
N TYR D 4555 -58.99 -6.59 32.58
CA TYR D 4555 -60.04 -7.55 32.87
C TYR D 4555 -60.61 -7.46 34.28
N GLY D 4556 -60.19 -6.49 35.08
CA GLY D 4556 -60.81 -6.27 36.36
C GLY D 4556 -60.18 -7.06 37.49
N ALA D 4557 -59.64 -6.35 38.49
CA ALA D 4557 -58.94 -7.02 39.58
C ALA D 4557 -59.86 -7.92 40.37
N GLU D 4558 -61.11 -7.50 40.59
CA GLU D 4558 -62.04 -8.33 41.35
C GLU D 4558 -62.32 -9.63 40.63
N ARG D 4559 -62.52 -9.58 39.30
CA ARG D 4559 -62.79 -10.80 38.55
C ARG D 4559 -61.59 -11.74 38.57
N ILE D 4560 -60.38 -11.18 38.47
CA ILE D 4560 -59.18 -12.02 38.52
C ILE D 4560 -59.03 -12.66 39.89
N ALA D 4561 -59.27 -11.89 40.96
CA ALA D 4561 -59.18 -12.45 42.29
C ALA D 4561 -60.20 -13.57 42.48
N GLU D 4562 -61.40 -13.39 41.94
CA GLU D 4562 -62.38 -14.47 41.96
C GLU D 4562 -61.87 -15.69 41.18
N LEU D 4563 -61.26 -15.45 40.02
CA LEU D 4563 -60.75 -16.55 39.21
C LEU D 4563 -59.64 -17.31 39.92
N LEU D 4564 -58.73 -16.58 40.56
CA LEU D 4564 -57.61 -17.19 41.27
C LEU D 4564 -57.89 -17.43 42.73
N GLY D 4565 -59.10 -17.15 43.20
CA GLY D 4565 -59.44 -17.39 44.60
C GLY D 4565 -58.60 -16.61 45.57
N LEU D 4566 -58.34 -15.34 45.27
CA LEU D 4566 -57.51 -14.48 46.11
C LEU D 4566 -58.40 -13.46 46.81
N ASP D 4567 -58.22 -13.34 48.12
CA ASP D 4567 -59.03 -12.41 48.90
C ASP D 4567 -58.76 -10.96 48.47
N LYS D 4568 -59.82 -10.17 48.38
CA LYS D 4568 -59.67 -8.78 47.96
C LYS D 4568 -58.84 -7.99 48.96
N ASN D 4569 -59.09 -8.18 50.25
CA ASN D 4569 -58.29 -7.48 51.26
C ASN D 4569 -56.83 -7.86 51.16
N ALA D 4570 -56.55 -9.16 50.99
CA ALA D 4570 -55.17 -9.60 50.78
C ALA D 4570 -54.63 -9.06 49.46
N LEU D 4571 -55.48 -8.93 48.44
CA LEU D 4571 -55.04 -8.37 47.17
C LEU D 4571 -54.57 -6.94 47.34
N ASP D 4572 -55.30 -6.14 48.10
CA ASP D 4572 -54.94 -4.75 48.34
C ASP D 4572 -54.06 -4.55 49.56
N PHE D 4573 -53.64 -5.63 50.22
CA PHE D 4573 -52.80 -5.50 51.40
C PHE D 4573 -51.49 -4.81 51.07
N SER D 4574 -51.12 -3.83 51.90
CA SER D 4574 -49.86 -3.12 51.73
C SER D 4574 -48.77 -3.80 52.53
N PRO D 4575 -47.72 -4.34 51.89
CA PRO D 4575 -46.66 -5.07 52.60
C PRO D 4575 -45.87 -4.17 53.54
N SER D 4588 -62.97 -28.54 62.07
CA SER D 4588 -62.13 -27.51 61.49
C SER D 4588 -61.19 -28.10 60.44
N TRP D 4589 -60.91 -29.40 60.56
CA TRP D 4589 -60.02 -30.06 59.62
C TRP D 4589 -60.61 -30.08 58.21
N LEU D 4590 -61.95 -30.06 58.10
CA LEU D 4590 -62.56 -30.05 56.78
C LEU D 4590 -62.16 -28.81 55.99
N SER D 4591 -62.14 -27.64 56.65
CA SER D 4591 -61.69 -26.43 56.00
C SER D 4591 -60.17 -26.37 55.87
N SER D 4592 -59.45 -26.94 56.83
CA SER D 4592 -57.99 -26.88 56.80
C SER D 4592 -57.43 -27.57 55.57
N ILE D 4593 -57.93 -28.75 55.25
CA ILE D 4593 -57.43 -29.52 54.12
C ILE D 4593 -58.06 -28.99 52.83
N ASP D 4594 -57.21 -28.70 51.85
CA ASP D 4594 -57.66 -28.20 50.55
C ASP D 4594 -58.06 -29.40 49.69
N MET D 4595 -59.31 -29.83 49.83
CA MET D 4595 -59.76 -31.03 49.14
C MET D 4595 -59.70 -30.87 47.63
N LYS D 4596 -59.95 -29.67 47.13
CA LYS D 4596 -59.90 -29.45 45.68
C LYS D 4596 -58.50 -29.67 45.14
N TYR D 4597 -57.49 -29.14 45.83
CA TYR D 4597 -56.11 -29.32 45.39
C TYR D 4597 -55.70 -30.77 45.44
N HIS D 4598 -56.12 -31.49 46.48
CA HIS D 4598 -55.75 -32.90 46.59
C HIS D 4598 -56.48 -33.75 45.55
N ILE D 4599 -57.71 -33.40 45.18
CA ILE D 4599 -58.37 -34.08 44.07
C ILE D 4599 -57.61 -33.83 42.78
N TRP D 4600 -57.17 -32.59 42.56
CA TRP D 4600 -56.35 -32.30 41.38
C TRP D 4600 -55.07 -33.12 41.39
N LYS D 4601 -54.43 -33.22 42.55
CA LYS D 4601 -53.19 -33.98 42.65
C LYS D 4601 -53.41 -35.47 42.38
N LEU D 4602 -54.51 -36.02 42.89
CA LEU D 4602 -54.82 -37.42 42.62
C LEU D 4602 -55.07 -37.65 41.14
N GLY D 4603 -55.77 -36.72 40.49
CA GLY D 4603 -55.96 -36.84 39.05
C GLY D 4603 -54.65 -36.75 38.29
N VAL D 4604 -53.73 -35.93 38.76
CA VAL D 4604 -52.43 -35.79 38.10
C VAL D 4604 -51.61 -37.07 38.29
N VAL D 4605 -51.62 -37.63 39.50
CA VAL D 4605 -50.82 -38.82 39.78
C VAL D 4605 -51.38 -40.04 39.04
N PHE D 4606 -52.68 -40.24 39.12
CA PHE D 4606 -53.28 -41.45 38.56
C PHE D 4606 -53.21 -41.50 37.04
N THR D 4607 -52.91 -40.39 36.37
CA THR D 4607 -52.64 -40.41 34.95
C THR D 4607 -51.16 -40.55 34.63
N ASP D 4608 -50.33 -40.72 35.65
CA ASP D 4608 -48.90 -40.94 35.46
C ASP D 4608 -48.65 -42.40 35.12
N ASN D 4609 -47.84 -42.64 34.08
CA ASN D 4609 -47.67 -44.00 33.58
C ASN D 4609 -46.98 -44.89 34.60
N SER D 4610 -45.91 -44.40 35.24
CA SER D 4610 -45.17 -45.23 36.20
C SER D 4610 -46.03 -45.58 37.41
N PHE D 4611 -46.78 -44.61 37.93
CA PHE D 4611 -47.66 -44.91 39.05
C PHE D 4611 -48.75 -45.88 38.63
N LEU D 4612 -49.26 -45.75 37.42
CA LEU D 4612 -50.26 -46.71 36.94
C LEU D 4612 -49.68 -48.11 36.87
N TYR D 4613 -48.44 -48.25 36.39
CA TYR D 4613 -47.81 -49.56 36.35
C TYR D 4613 -47.62 -50.13 37.74
N LEU D 4614 -47.20 -49.29 38.70
CA LEU D 4614 -47.02 -49.76 40.06
C LEU D 4614 -48.35 -50.18 40.68
N ALA D 4615 -49.41 -49.43 40.41
CA ALA D 4615 -50.73 -49.79 40.92
C ALA D 4615 -51.22 -51.10 40.32
N TRP D 4616 -50.99 -51.31 39.02
CA TRP D 4616 -51.34 -52.59 38.40
C TRP D 4616 -50.55 -53.73 39.01
N TYR D 4617 -49.25 -53.51 39.24
CA TYR D 4617 -48.40 -54.51 39.88
C TYR D 4617 -48.96 -54.90 41.24
N THR D 4618 -49.32 -53.90 42.06
CA THR D 4618 -49.84 -54.18 43.39
C THR D 4618 -51.21 -54.85 43.33
N THR D 4619 -52.04 -54.45 42.37
CA THR D 4619 -53.35 -55.10 42.22
C THR D 4619 -53.20 -56.57 41.87
N MET D 4620 -52.27 -56.89 40.97
CA MET D 4620 -52.04 -58.31 40.65
C MET D 4620 -51.44 -59.04 41.85
N SER D 4621 -50.61 -58.36 42.64
CA SER D 4621 -50.09 -58.98 43.86
C SER D 4621 -51.22 -59.33 44.81
N VAL D 4622 -52.20 -58.44 44.94
CA VAL D 4622 -53.34 -58.70 45.83
C VAL D 4622 -54.22 -59.81 45.26
N LEU D 4623 -54.41 -59.82 43.93
CA LEU D 4623 -55.18 -60.89 43.30
C LEU D 4623 -54.50 -62.24 43.44
N GLY D 4624 -53.17 -62.26 43.52
CA GLY D 4624 -52.45 -63.51 43.64
C GLY D 4624 -52.79 -64.29 44.89
N HIS D 4625 -53.39 -63.64 45.89
CA HIS D 4625 -53.89 -64.36 47.05
C HIS D 4625 -55.21 -65.06 46.75
N TYR D 4626 -56.03 -64.48 45.88
CA TYR D 4626 -57.21 -65.18 45.39
C TYR D 4626 -56.84 -66.42 44.59
N ASN D 4627 -55.83 -66.29 43.73
CA ASN D 4627 -55.33 -67.41 42.93
C ASN D 4627 -53.84 -67.17 42.71
N ASN D 4628 -53.02 -68.17 43.06
CA ASN D 4628 -51.57 -67.97 43.04
C ASN D 4628 -51.04 -67.66 41.65
N PHE D 4629 -51.67 -68.20 40.61
CA PHE D 4629 -51.11 -68.08 39.27
C PHE D 4629 -51.08 -66.64 38.77
N PHE D 4630 -51.81 -65.73 39.42
CA PHE D 4630 -51.72 -64.32 39.03
C PHE D 4630 -50.31 -63.78 39.24
N PHE D 4631 -49.53 -64.40 40.13
CA PHE D 4631 -48.15 -63.97 40.30
C PHE D 4631 -47.34 -64.14 39.04
N ALA D 4632 -47.77 -65.01 38.13
CA ALA D 4632 -47.09 -65.13 36.83
C ALA D 4632 -47.05 -63.80 36.12
N ALA D 4633 -48.09 -62.98 36.28
CA ALA D 4633 -48.13 -61.70 35.58
C ALA D 4633 -46.99 -60.78 36.00
N HIS D 4634 -46.33 -61.05 37.12
CA HIS D 4634 -45.23 -60.21 37.54
C HIS D 4634 -43.93 -60.53 36.81
N LEU D 4635 -43.83 -61.69 36.17
CA LEU D 4635 -42.63 -61.99 35.40
C LEU D 4635 -42.41 -60.97 34.30
N LEU D 4636 -43.49 -60.41 33.75
CA LEU D 4636 -43.38 -59.42 32.70
C LEU D 4636 -42.64 -58.16 33.16
N ASP D 4637 -42.47 -57.99 34.47
CA ASP D 4637 -41.67 -56.88 34.97
C ASP D 4637 -40.25 -56.92 34.43
N ILE D 4638 -39.75 -58.10 34.04
CA ILE D 4638 -38.41 -58.15 33.46
C ILE D 4638 -38.35 -57.36 32.16
N ALA D 4639 -39.45 -57.31 31.42
CA ALA D 4639 -39.47 -56.50 30.20
C ALA D 4639 -39.49 -55.02 30.50
N MET D 4640 -39.82 -54.63 31.72
CA MET D 4640 -39.79 -53.23 32.14
C MET D 4640 -38.55 -52.91 32.96
N GLY D 4641 -37.59 -53.82 33.03
CA GLY D 4641 -36.41 -53.62 33.84
C GLY D 4641 -35.13 -53.62 33.04
N PHE D 4642 -35.13 -54.29 31.90
CA PHE D 4642 -33.98 -54.36 31.01
C PHE D 4642 -34.25 -53.53 29.77
N LYS D 4643 -33.24 -52.79 29.32
CA LYS D 4643 -33.41 -51.88 28.19
C LYS D 4643 -33.73 -52.64 26.90
N THR D 4644 -33.09 -53.79 26.71
CA THR D 4644 -33.35 -54.57 25.49
C THR D 4644 -34.79 -55.01 25.40
N LEU D 4645 -35.35 -55.51 26.50
CA LEU D 4645 -36.73 -56.00 26.47
C LEU D 4645 -37.72 -54.85 26.36
N ARG D 4646 -37.41 -53.70 26.97
CA ARG D 4646 -38.26 -52.53 26.77
C ARG D 4646 -38.24 -52.10 25.31
N THR D 4647 -37.07 -52.17 24.66
CA THR D 4647 -37.01 -51.85 23.24
C THR D 4647 -37.83 -52.83 22.41
N ILE D 4648 -37.77 -54.12 22.75
CA ILE D 4648 -38.56 -55.11 22.03
C ILE D 4648 -40.05 -54.83 22.19
N LEU D 4649 -40.48 -54.48 23.40
CA LEU D 4649 -41.88 -54.15 23.61
C LEU D 4649 -42.28 -52.88 22.85
N SER D 4650 -41.41 -51.87 22.85
CA SER D 4650 -41.71 -50.64 22.14
C SER D 4650 -41.75 -50.85 20.63
N SER D 4651 -41.02 -51.84 20.12
CA SER D 4651 -41.00 -52.07 18.69
C SER D 4651 -42.37 -52.50 18.16
N VAL D 4652 -43.20 -53.08 19.02
CA VAL D 4652 -44.53 -53.49 18.59
C VAL D 4652 -45.39 -52.26 18.27
N THR D 4653 -45.35 -51.24 19.13
CA THR D 4653 -46.18 -50.06 18.97
C THR D 4653 -45.47 -48.93 18.23
N HIS D 4654 -44.20 -49.11 17.84
CA HIS D 4654 -43.50 -48.08 17.09
C HIS D 4654 -44.18 -47.80 15.77
N ASN D 4655 -44.64 -48.83 15.07
CA ASN D 4655 -45.34 -48.72 13.80
C ASN D 4655 -46.79 -49.17 13.95
N GLY D 4656 -47.44 -48.75 15.03
CA GLY D 4656 -48.75 -49.29 15.38
C GLY D 4656 -49.81 -49.00 14.32
N LYS D 4657 -49.83 -47.78 13.80
CA LYS D 4657 -50.83 -47.44 12.79
C LYS D 4657 -50.64 -48.25 11.53
N GLN D 4658 -49.40 -48.35 11.04
CA GLN D 4658 -49.12 -49.15 9.86
C GLN D 4658 -49.42 -50.62 10.12
N LEU D 4659 -49.11 -51.10 11.32
CA LEU D 4659 -49.38 -52.50 11.65
C LEU D 4659 -50.87 -52.79 11.64
N VAL D 4660 -51.68 -51.89 12.22
CA VAL D 4660 -53.12 -52.09 12.25
C VAL D 4660 -53.69 -52.06 10.84
N LEU D 4661 -53.21 -51.14 10.01
CA LEU D 4661 -53.68 -51.09 8.62
C LEU D 4661 -53.30 -52.35 7.87
N THR D 4662 -52.09 -52.87 8.08
CA THR D 4662 -51.66 -54.08 7.38
C THR D 4662 -52.47 -55.29 7.82
N VAL D 4663 -52.76 -55.41 9.11
CA VAL D 4663 -53.59 -56.53 9.56
C VAL D 4663 -55.01 -56.39 9.02
N GLY D 4664 -55.51 -55.17 8.90
CA GLY D 4664 -56.79 -54.96 8.27
C GLY D 4664 -56.80 -55.38 6.80
N LEU D 4665 -55.74 -55.06 6.08
CA LEU D 4665 -55.64 -55.49 4.68
C LEU D 4665 -55.58 -57.01 4.58
N LEU D 4666 -54.84 -57.66 5.48
CA LEU D 4666 -54.81 -59.11 5.50
C LEU D 4666 -56.19 -59.69 5.73
N ALA D 4667 -56.94 -59.12 6.69
CA ALA D 4667 -58.29 -59.59 6.95
C ALA D 4667 -59.21 -59.40 5.74
N VAL D 4668 -59.06 -58.27 5.06
CA VAL D 4668 -59.89 -58.00 3.87
C VAL D 4668 -59.58 -59.00 2.76
N VAL D 4669 -58.30 -59.26 2.52
CA VAL D 4669 -57.92 -60.21 1.48
C VAL D 4669 -58.42 -61.61 1.81
N VAL D 4670 -58.29 -62.02 3.07
CA VAL D 4670 -58.79 -63.33 3.45
C VAL D 4670 -60.31 -63.37 3.35
N TYR D 4671 -60.98 -62.24 3.56
CA TYR D 4671 -62.43 -62.20 3.37
C TYR D 4671 -62.80 -62.39 1.91
N LEU D 4672 -62.03 -61.77 0.99
CA LEU D 4672 -62.30 -61.98 -0.43
C LEU D 4672 -62.10 -63.44 -0.83
N TYR D 4673 -61.04 -64.06 -0.31
CA TYR D 4673 -60.84 -65.48 -0.57
C TYR D 4673 -61.96 -66.32 0.01
N THR D 4674 -62.45 -65.94 1.19
CA THR D 4674 -63.57 -66.64 1.80
C THR D 4674 -64.82 -66.54 0.93
N VAL D 4675 -65.08 -65.35 0.38
CA VAL D 4675 -66.24 -65.16 -0.49
C VAL D 4675 -66.13 -66.08 -1.70
N VAL D 4676 -64.96 -66.09 -2.33
CA VAL D 4676 -64.77 -66.93 -3.52
C VAL D 4676 -64.96 -68.40 -3.17
N ALA D 4677 -64.39 -68.84 -2.05
CA ALA D 4677 -64.47 -70.25 -1.68
C ALA D 4677 -65.86 -70.64 -1.23
N PHE D 4678 -66.64 -69.71 -0.70
CA PHE D 4678 -68.01 -69.98 -0.29
C PHE D 4678 -68.94 -70.07 -1.48
N ASN D 4679 -68.69 -69.27 -2.52
CA ASN D 4679 -69.54 -69.37 -3.71
C ASN D 4679 -69.24 -70.61 -4.54
N PHE D 4680 -67.96 -70.95 -4.71
CA PHE D 4680 -67.56 -71.96 -5.69
C PHE D 4680 -66.97 -73.21 -5.06
N PHE D 4681 -65.93 -73.08 -4.24
CA PHE D 4681 -65.21 -74.24 -3.72
C PHE D 4681 -65.71 -74.60 -2.32
N ARG D 4682 -66.91 -75.17 -2.27
CA ARG D 4682 -67.46 -75.58 -0.99
C ARG D 4682 -67.34 -77.07 -0.74
N LYS D 4683 -67.16 -77.88 -1.79
CA LYS D 4683 -67.05 -79.32 -1.62
C LYS D 4683 -65.71 -79.74 -1.05
N PHE D 4684 -64.70 -78.88 -1.14
CA PHE D 4684 -63.35 -79.23 -0.72
C PHE D 4684 -63.09 -78.95 0.75
N TYR D 4685 -64.07 -78.45 1.49
CA TYR D 4685 -63.87 -78.02 2.87
C TYR D 4685 -64.45 -78.99 3.89
N ASN D 4686 -64.47 -80.27 3.57
CA ASN D 4686 -64.95 -81.31 4.49
C ASN D 4686 -63.76 -81.81 5.30
N LYS D 4687 -63.76 -81.52 6.59
CA LYS D 4687 -62.65 -81.86 7.47
C LYS D 4687 -62.97 -83.06 8.37
N SER D 4688 -63.74 -84.02 7.87
CA SER D 4688 -64.14 -85.18 8.64
C SER D 4688 -63.67 -86.45 7.93
N GLU D 4689 -62.94 -87.30 8.67
CA GLU D 4689 -62.50 -88.57 8.13
C GLU D 4689 -63.66 -89.57 8.04
N ASP D 4690 -64.53 -89.59 9.06
CA ASP D 4690 -65.66 -90.48 9.07
C ASP D 4690 -66.75 -90.00 8.12
N ASP D 4691 -67.15 -90.87 7.18
CA ASP D 4691 -68.18 -90.50 6.23
C ASP D 4691 -69.54 -90.32 6.88
N ASP D 4692 -69.74 -90.88 8.08
CA ASP D 4692 -71.04 -90.73 8.74
C ASP D 4692 -71.31 -89.28 9.12
N GLU D 4693 -70.31 -88.59 9.64
CA GLU D 4693 -70.47 -87.21 10.11
C GLU D 4693 -69.52 -86.28 9.37
N PRO D 4694 -69.96 -85.59 8.32
CA PRO D 4694 -69.08 -84.65 7.62
C PRO D 4694 -69.01 -83.33 8.36
N ASP D 4695 -67.79 -82.85 8.56
CA ASP D 4695 -67.54 -81.57 9.23
C ASP D 4695 -67.20 -80.53 8.17
N MET D 4696 -68.22 -80.06 7.48
CA MET D 4696 -68.03 -79.06 6.43
C MET D 4696 -67.67 -77.72 7.06
N LYS D 4697 -66.56 -77.14 6.61
CA LYS D 4697 -66.04 -75.92 7.18
C LYS D 4697 -66.42 -74.67 6.38
N CYS D 4698 -67.14 -74.82 5.27
CA CYS D 4698 -67.47 -73.65 4.47
C CYS D 4698 -68.91 -73.68 3.98
N ASP D 4699 -69.83 -74.16 4.79
CA ASP D 4699 -71.25 -74.03 4.53
C ASP D 4699 -71.83 -72.76 5.16
N ASP D 4700 -71.02 -72.01 5.89
CA ASP D 4700 -71.41 -70.75 6.49
C ASP D 4700 -70.28 -69.76 6.24
N MET D 4701 -70.62 -68.47 6.20
CA MET D 4701 -69.61 -67.46 5.90
C MET D 4701 -68.73 -67.18 7.11
N MET D 4702 -69.30 -67.21 8.31
CA MET D 4702 -68.47 -66.99 9.49
C MET D 4702 -67.56 -68.18 9.76
N THR D 4703 -68.09 -69.39 9.60
CA THR D 4703 -67.25 -70.57 9.76
C THR D 4703 -66.13 -70.59 8.73
N CYS D 4704 -66.44 -70.28 7.48
CA CYS D 4704 -65.40 -70.28 6.45
C CYS D 4704 -64.39 -69.18 6.69
N TYR D 4705 -64.84 -68.00 7.11
CA TYR D 4705 -63.92 -66.91 7.40
C TYR D 4705 -62.99 -67.26 8.55
N LEU D 4706 -63.54 -67.86 9.61
CA LEU D 4706 -62.72 -68.28 10.74
C LEU D 4706 -61.72 -69.35 10.31
N PHE D 4707 -62.15 -70.29 9.47
CA PHE D 4707 -61.25 -71.32 8.97
C PHE D 4707 -60.08 -70.71 8.21
N HIS D 4708 -60.38 -69.79 7.29
CA HIS D 4708 -59.32 -69.18 6.50
C HIS D 4708 -58.38 -68.33 7.36
N MET D 4709 -58.93 -67.60 8.34
CA MET D 4709 -58.07 -66.73 9.14
C MET D 4709 -57.25 -67.52 10.15
N TYR D 4710 -57.76 -68.64 10.65
CA TYR D 4710 -57.09 -69.40 11.69
C TYR D 4710 -56.20 -70.49 11.09
N VAL D 4711 -56.78 -71.41 10.35
CA VAL D 4711 -56.03 -72.51 9.78
C VAL D 4711 -55.17 -72.05 8.61
N GLY D 4712 -55.75 -71.28 7.69
CA GLY D 4712 -55.05 -70.94 6.48
C GLY D 4712 -53.85 -70.04 6.70
N VAL D 4713 -53.99 -69.01 7.51
CA VAL D 4713 -52.92 -68.04 7.67
C VAL D 4713 -51.73 -68.65 8.40
N ARG D 4714 -51.99 -69.52 9.37
CA ARG D 4714 -50.91 -70.17 10.10
C ARG D 4714 -50.32 -71.35 9.35
N ALA D 4715 -50.96 -71.80 8.28
CA ALA D 4715 -50.43 -72.91 7.49
C ALA D 4715 -49.22 -72.46 6.68
N GLY D 4716 -48.25 -73.36 6.52
CA GLY D 4716 -47.03 -72.99 5.82
C GLY D 4716 -47.26 -72.70 4.36
N GLY D 4717 -48.03 -73.53 3.68
CA GLY D 4717 -48.29 -73.37 2.26
C GLY D 4717 -49.61 -72.70 1.92
N GLY D 4718 -50.30 -72.12 2.88
CA GLY D 4718 -51.55 -71.44 2.60
C GLY D 4718 -52.74 -72.31 2.93
N ILE D 4719 -53.83 -72.11 2.20
CA ILE D 4719 -55.05 -72.87 2.45
C ILE D 4719 -55.10 -74.16 1.64
N GLY D 4720 -54.30 -74.27 0.58
CA GLY D 4720 -54.26 -75.51 -0.17
C GLY D 4720 -53.74 -76.68 0.62
N ASP D 4721 -52.97 -76.41 1.68
CA ASP D 4721 -52.48 -77.50 2.53
C ASP D 4721 -53.60 -78.13 3.35
N GLU D 4722 -54.62 -77.36 3.69
CA GLU D 4722 -55.59 -77.74 4.70
C GLU D 4722 -56.95 -78.14 4.12
N ILE D 4723 -57.08 -78.26 2.80
CA ILE D 4723 -58.34 -78.64 2.18
C ILE D 4723 -58.09 -79.73 1.15
N GLU D 4724 -59.18 -80.25 0.61
CA GLU D 4724 -59.15 -81.43 -0.24
C GLU D 4724 -58.38 -81.17 -1.53
N ASP D 4725 -57.75 -82.23 -2.03
CA ASP D 4725 -56.94 -82.12 -3.24
C ASP D 4725 -57.83 -81.94 -4.46
N PRO D 4726 -57.55 -80.96 -5.33
CA PRO D 4726 -58.43 -80.67 -6.45
C PRO D 4726 -58.25 -81.57 -7.67
N ALA D 4727 -57.44 -82.62 -7.58
CA ALA D 4727 -57.12 -83.41 -8.76
C ALA D 4727 -58.37 -84.09 -9.32
N GLY D 4728 -58.45 -84.14 -10.65
CA GLY D 4728 -59.57 -84.79 -11.31
C GLY D 4728 -60.90 -84.14 -11.04
N ASP D 4729 -60.97 -82.81 -11.11
CA ASP D 4729 -62.19 -82.07 -10.85
C ASP D 4729 -62.33 -80.99 -11.91
N PRO D 4730 -63.56 -80.62 -12.27
CA PRO D 4730 -63.74 -79.53 -13.24
C PRO D 4730 -63.12 -78.22 -12.80
N TYR D 4731 -63.02 -77.97 -11.49
CA TYR D 4731 -62.47 -76.74 -10.95
C TYR D 4731 -61.02 -76.89 -10.53
N GLU D 4732 -60.28 -77.82 -11.14
CA GLU D 4732 -58.91 -78.07 -10.72
C GLU D 4732 -58.02 -76.86 -10.96
N MET D 4733 -58.13 -76.21 -12.12
CA MET D 4733 -57.26 -75.09 -12.41
C MET D 4733 -57.65 -73.85 -11.62
N TYR D 4734 -58.94 -73.61 -11.45
CA TYR D 4734 -59.38 -72.53 -10.59
C TYR D 4734 -58.91 -72.74 -9.16
N ARG D 4735 -58.95 -73.99 -8.69
CA ARG D 4735 -58.48 -74.31 -7.35
C ARG D 4735 -56.97 -74.10 -7.24
N ILE D 4736 -56.22 -74.47 -8.28
CA ILE D 4736 -54.77 -74.28 -8.26
C ILE D 4736 -54.43 -72.79 -8.19
N VAL D 4737 -55.10 -71.98 -9.01
CA VAL D 4737 -54.87 -70.54 -8.99
C VAL D 4737 -55.25 -69.96 -7.62
N PHE D 4738 -56.38 -70.41 -7.09
CA PHE D 4738 -56.83 -69.99 -5.76
C PHE D 4738 -55.76 -70.26 -4.71
N ASP D 4739 -55.24 -71.48 -4.66
CA ASP D 4739 -54.26 -71.86 -3.66
C ASP D 4739 -52.96 -71.09 -3.83
N ILE D 4740 -52.47 -70.98 -5.08
CA ILE D 4740 -51.18 -70.33 -5.30
C ILE D 4740 -51.26 -68.86 -4.98
N THR D 4741 -52.36 -68.20 -5.35
CA THR D 4741 -52.50 -66.79 -5.03
C THR D 4741 -52.67 -66.57 -3.53
N PHE D 4742 -53.39 -67.46 -2.83
CA PHE D 4742 -53.46 -67.34 -1.38
C PHE D 4742 -52.07 -67.47 -0.76
N PHE D 4743 -51.28 -68.41 -1.26
CA PHE D 4743 -49.92 -68.59 -0.75
C PHE D 4743 -49.07 -67.36 -1.00
N PHE D 4744 -49.21 -66.74 -2.17
CA PHE D 4744 -48.34 -65.63 -2.52
C PHE D 4744 -48.75 -64.33 -1.83
N PHE D 4745 -50.00 -63.92 -2.00
CA PHE D 4745 -50.44 -62.63 -1.45
C PHE D 4745 -50.46 -62.64 0.08
N VAL D 4746 -50.93 -63.72 0.68
CA VAL D 4746 -51.13 -63.76 2.12
C VAL D 4746 -49.88 -64.25 2.82
N ILE D 4747 -49.47 -65.48 2.53
CA ILE D 4747 -48.38 -66.11 3.28
C ILE D 4747 -47.06 -65.41 2.99
N VAL D 4748 -46.77 -65.15 1.71
CA VAL D 4748 -45.45 -64.69 1.34
C VAL D 4748 -45.33 -63.18 1.48
N ILE D 4749 -46.35 -62.43 1.08
CA ILE D 4749 -46.24 -60.97 0.99
C ILE D 4749 -46.71 -60.29 2.27
N LEU D 4750 -47.94 -60.54 2.70
CA LEU D 4750 -48.52 -59.77 3.78
C LEU D 4750 -47.94 -60.16 5.13
N LEU D 4751 -47.78 -61.45 5.39
CA LEU D 4751 -47.19 -61.88 6.66
C LEU D 4751 -45.77 -61.38 6.81
N ALA D 4752 -44.99 -61.43 5.73
CA ALA D 4752 -43.62 -60.93 5.78
C ALA D 4752 -43.58 -59.43 6.05
N ILE D 4753 -44.51 -58.68 5.47
CA ILE D 4753 -44.59 -57.23 5.71
C ILE D 4753 -44.97 -56.95 7.16
N ILE D 4754 -45.93 -57.70 7.70
CA ILE D 4754 -46.33 -57.52 9.08
C ILE D 4754 -45.16 -57.79 10.02
N GLN D 4755 -44.42 -58.86 9.77
CA GLN D 4755 -43.26 -59.18 10.58
C GLN D 4755 -42.16 -58.12 10.45
N GLY D 4756 -41.95 -57.62 9.23
CA GLY D 4756 -40.94 -56.61 9.02
C GLY D 4756 -41.27 -55.31 9.73
N LEU D 4757 -42.55 -54.96 9.81
CA LEU D 4757 -42.93 -53.71 10.48
C LEU D 4757 -42.52 -53.70 11.94
N ILE D 4758 -42.30 -54.86 12.55
CA ILE D 4758 -41.86 -54.95 13.93
C ILE D 4758 -40.35 -55.15 14.03
N ILE D 4759 -39.79 -56.03 13.20
CA ILE D 4759 -38.35 -56.27 13.28
C ILE D 4759 -37.58 -55.01 12.86
N ASP D 4760 -38.04 -54.34 11.80
CA ASP D 4760 -37.43 -53.08 11.40
C ASP D 4760 -37.57 -52.01 12.47
N ALA D 4761 -38.70 -51.95 13.17
CA ALA D 4761 -38.86 -50.98 14.24
C ALA D 4761 -37.87 -51.24 15.35
N PHE D 4762 -37.66 -52.51 15.70
CA PHE D 4762 -36.66 -52.87 16.69
C PHE D 4762 -35.27 -52.39 16.25
N GLY D 4763 -34.91 -52.67 15.01
CA GLY D 4763 -33.63 -52.22 14.50
C GLY D 4763 -33.49 -50.71 14.51
N GLU D 4764 -34.57 -50.00 14.16
CA GLU D 4764 -34.56 -48.55 14.09
C GLU D 4764 -34.39 -47.93 15.48
N LEU D 4765 -35.08 -48.47 16.47
CA LEU D 4765 -34.93 -47.97 17.84
C LEU D 4765 -33.50 -48.18 18.34
N ARG D 4766 -32.94 -49.36 18.10
CA ARG D 4766 -31.55 -49.58 18.51
C ARG D 4766 -30.60 -48.64 17.78
N ASP D 4767 -30.85 -48.39 16.49
CA ASP D 4767 -30.03 -47.45 15.74
C ASP D 4767 -30.13 -46.04 16.33
N GLN D 4768 -31.32 -45.62 16.73
CA GLN D 4768 -31.48 -44.30 17.32
C GLN D 4768 -30.69 -44.18 18.61
N GLN D 4769 -30.74 -45.21 19.45
CA GLN D 4769 -29.96 -45.18 20.69
C GLN D 4769 -28.47 -45.07 20.41
N GLU D 4770 -27.96 -45.90 19.50
CA GLU D 4770 -26.55 -45.83 19.16
C GLU D 4770 -26.18 -44.48 18.56
N GLN D 4771 -27.08 -43.91 17.76
CA GLN D 4771 -26.80 -42.63 17.13
C GLN D 4771 -26.76 -41.51 18.15
N VAL D 4772 -27.62 -41.55 19.16
CA VAL D 4772 -27.55 -40.57 20.25
C VAL D 4772 -26.22 -40.69 20.97
N ARG D 4773 -25.79 -41.92 21.27
CA ARG D 4773 -24.51 -42.10 21.94
C ARG D 4773 -23.36 -41.57 21.10
N GLU D 4774 -23.41 -41.79 19.78
CA GLU D 4774 -22.36 -41.29 18.92
C GLU D 4774 -22.38 -39.77 18.81
N ASP D 4775 -23.58 -39.17 18.77
CA ASP D 4775 -23.67 -37.73 18.69
C ASP D 4775 -23.11 -37.07 19.93
N MET D 4776 -23.39 -37.62 21.11
CA MET D 4776 -22.82 -37.05 22.32
C MET D 4776 -21.30 -37.15 22.33
N GLU D 4777 -20.75 -38.20 21.75
CA GLU D 4777 -19.30 -38.42 21.73
C GLU D 4777 -18.59 -37.70 20.59
N THR D 4778 -19.33 -37.01 19.71
CA THR D 4778 -18.71 -36.32 18.59
C THR D 4778 -19.17 -34.88 18.43
N LYS D 4779 -19.89 -34.33 19.42
CA LYS D 4779 -20.32 -32.95 19.38
C LYS D 4779 -20.42 -32.44 20.81
N CYS D 4780 -20.36 -31.13 20.96
CA CYS D 4780 -20.57 -30.49 22.25
C CYS D 4780 -22.05 -30.16 22.40
N PHE D 4781 -22.62 -30.54 23.55
CA PHE D 4781 -24.04 -30.33 23.77
C PHE D 4781 -24.41 -28.86 23.75
N ILE D 4782 -23.50 -27.98 24.16
CA ILE D 4782 -23.81 -26.57 24.34
C ILE D 4782 -23.57 -25.80 23.06
N CYS D 4783 -22.34 -25.85 22.53
CA CYS D 4783 -21.99 -25.02 21.37
C CYS D 4783 -22.16 -25.74 20.05
N GLY D 4784 -22.21 -27.07 20.05
CA GLY D 4784 -22.43 -27.81 18.82
C GLY D 4784 -21.23 -27.94 17.91
N ILE D 4785 -20.04 -27.57 18.38
CA ILE D 4785 -18.84 -27.74 17.57
C ILE D 4785 -18.35 -29.17 17.66
N GLY D 4786 -18.02 -29.75 16.52
CA GLY D 4786 -17.59 -31.13 16.48
C GLY D 4786 -16.25 -31.34 17.15
N ASN D 4787 -15.97 -32.60 17.48
CA ASN D 4787 -14.71 -32.93 18.14
C ASN D 4787 -13.51 -32.85 17.21
N ASP D 4788 -13.72 -32.69 15.91
CA ASP D 4788 -12.60 -32.51 15.00
C ASP D 4788 -11.84 -31.22 15.32
N TYR D 4789 -12.57 -30.15 15.63
CA TYR D 4789 -11.91 -28.88 15.94
C TYR D 4789 -11.06 -29.00 17.20
N PHE D 4790 -11.60 -29.63 18.25
CA PHE D 4790 -10.88 -29.70 19.51
C PHE D 4790 -9.86 -30.82 19.55
N ASP D 4791 -9.91 -31.76 18.62
CA ASP D 4791 -8.96 -32.87 18.63
C ASP D 4791 -7.60 -32.50 18.07
N THR D 4792 -7.44 -31.28 17.55
CA THR D 4792 -6.11 -30.84 17.12
C THR D 4792 -5.13 -30.82 18.29
N THR D 4793 -5.61 -30.59 19.49
CA THR D 4793 -4.82 -30.71 20.70
C THR D 4793 -5.09 -32.04 21.38
N PRO D 4794 -4.15 -32.53 22.19
CA PRO D 4794 -4.37 -33.81 22.88
C PRO D 4794 -5.50 -33.71 23.87
N HIS D 4795 -6.50 -34.60 23.72
CA HIS D 4795 -7.67 -34.62 24.60
C HIS D 4795 -8.42 -33.30 24.55
N GLY D 4796 -8.44 -32.67 23.38
CA GLY D 4796 -9.11 -31.38 23.26
C GLY D 4796 -10.59 -31.47 23.51
N PHE D 4797 -11.26 -32.46 22.90
CA PHE D 4797 -12.71 -32.57 23.07
C PHE D 4797 -13.08 -32.93 24.49
N GLU D 4798 -12.32 -33.84 25.12
CA GLU D 4798 -12.63 -34.21 26.49
C GLU D 4798 -12.45 -33.03 27.43
N THR D 4799 -11.37 -32.26 27.25
CA THR D 4799 -11.17 -31.08 28.08
C THR D 4799 -12.25 -30.05 27.85
N HIS D 4800 -12.65 -29.84 26.60
CA HIS D 4800 -13.67 -28.85 26.30
C HIS D 4800 -14.99 -29.18 26.97
N THR D 4801 -15.39 -30.45 26.93
CA THR D 4801 -16.67 -30.87 27.44
C THR D 4801 -16.63 -31.24 28.92
N LEU D 4802 -15.47 -31.12 29.55
CA LEU D 4802 -15.36 -31.34 30.98
C LEU D 4802 -14.93 -30.10 31.75
N GLN D 4803 -14.31 -29.13 31.10
CA GLN D 4803 -13.94 -27.89 31.74
C GLN D 4803 -14.58 -26.67 31.10
N GLU D 4804 -14.53 -26.56 29.77
CA GLU D 4804 -15.00 -25.34 29.11
C GLU D 4804 -16.53 -25.30 29.05
N HIS D 4805 -17.14 -26.24 28.35
CA HIS D 4805 -18.59 -26.31 28.20
C HIS D 4805 -19.06 -27.62 28.80
N ASN D 4806 -19.44 -27.60 30.07
CA ASN D 4806 -19.98 -28.78 30.75
C ASN D 4806 -21.37 -28.44 31.25
N LEU D 4807 -22.36 -29.23 30.83
CA LEU D 4807 -23.74 -28.92 31.16
C LEU D 4807 -24.00 -28.98 32.66
N ALA D 4808 -23.27 -29.84 33.36
CA ALA D 4808 -23.37 -29.85 34.82
C ALA D 4808 -22.91 -28.52 35.40
N ASN D 4809 -21.91 -27.89 34.78
CA ASN D 4809 -21.45 -26.59 35.25
C ASN D 4809 -22.50 -25.52 35.02
N TYR D 4810 -23.26 -25.62 33.94
CA TYR D 4810 -24.35 -24.66 33.73
C TYR D 4810 -25.47 -24.88 34.75
N LEU D 4811 -25.77 -26.13 35.08
CA LEU D 4811 -26.73 -26.38 36.15
C LEU D 4811 -26.25 -25.82 37.48
N PHE D 4812 -24.98 -26.02 37.79
CA PHE D 4812 -24.43 -25.50 39.04
C PHE D 4812 -24.38 -23.98 39.03
N PHE D 4813 -24.16 -23.37 37.87
CA PHE D 4813 -24.21 -21.91 37.81
C PHE D 4813 -25.61 -21.40 38.07
N LEU D 4814 -26.63 -22.08 37.56
CA LEU D 4814 -28.00 -21.68 37.87
C LEU D 4814 -28.27 -21.81 39.37
N MET D 4815 -27.84 -22.90 39.98
CA MET D 4815 -28.02 -23.04 41.43
C MET D 4815 -27.28 -21.94 42.18
N TYR D 4816 -26.07 -21.61 41.72
CA TYR D 4816 -25.28 -20.56 42.34
C TYR D 4816 -25.97 -19.21 42.26
N LEU D 4817 -26.56 -18.90 41.10
CA LEU D 4817 -27.29 -17.66 40.94
C LEU D 4817 -28.53 -17.62 41.84
N ILE D 4818 -29.25 -18.73 41.95
CA ILE D 4818 -30.44 -18.75 42.79
C ILE D 4818 -30.09 -18.49 44.24
N ASN D 4819 -29.02 -19.11 44.74
CA ASN D 4819 -28.69 -19.06 46.16
C ASN D 4819 -27.84 -17.85 46.52
N LYS D 4820 -27.58 -16.95 45.59
CA LYS D 4820 -26.78 -15.76 45.84
C LYS D 4820 -27.68 -14.54 45.84
N ASP D 4821 -27.37 -13.57 46.71
CA ASP D 4821 -28.16 -12.36 46.79
C ASP D 4821 -28.03 -11.56 45.50
N GLU D 4822 -29.13 -10.94 45.08
CA GLU D 4822 -29.08 -10.12 43.88
C GLU D 4822 -28.19 -8.89 44.07
N THR D 4823 -28.01 -8.43 45.30
CA THR D 4823 -27.11 -7.32 45.55
C THR D 4823 -25.65 -7.72 45.45
N GLU D 4824 -25.36 -9.02 45.56
CA GLU D 4824 -24.00 -9.53 45.46
C GLU D 4824 -23.65 -10.01 44.06
N HIS D 4825 -24.61 -10.05 43.14
CA HIS D 4825 -24.34 -10.48 41.79
C HIS D 4825 -23.31 -9.57 41.12
N THR D 4826 -22.37 -10.18 40.42
CA THR D 4826 -21.39 -9.43 39.64
C THR D 4826 -22.01 -9.06 38.29
N GLY D 4827 -21.20 -8.49 37.40
CA GLY D 4827 -21.73 -8.08 36.11
C GLY D 4827 -22.19 -9.24 35.27
N GLN D 4828 -21.37 -10.29 35.21
CA GLN D 4828 -21.71 -11.47 34.41
C GLN D 4828 -22.87 -12.24 35.01
N GLU D 4829 -22.84 -12.44 36.33
CA GLU D 4829 -23.95 -13.12 37.00
C GLU D 4829 -25.24 -12.32 36.88
N SER D 4830 -25.16 -11.01 37.03
CA SER D 4830 -26.35 -10.17 36.89
C SER D 4830 -26.89 -10.21 35.47
N TYR D 4831 -26.00 -10.19 34.47
CA TYR D 4831 -26.40 -10.27 33.07
C TYR D 4831 -27.13 -11.58 32.79
N VAL D 4832 -26.54 -12.70 33.23
CA VAL D 4832 -27.15 -14.00 32.98
C VAL D 4832 -28.46 -14.12 33.74
N TRP D 4833 -28.53 -13.59 34.96
CA TRP D 4833 -29.76 -13.68 35.74
C TRP D 4833 -30.88 -12.87 35.09
N LYS D 4834 -30.56 -11.69 34.58
CA LYS D 4834 -31.58 -10.92 33.88
C LYS D 4834 -32.07 -11.64 32.64
N MET D 4835 -31.16 -12.22 31.86
CA MET D 4835 -31.58 -12.94 30.67
C MET D 4835 -32.41 -14.16 31.01
N TYR D 4836 -32.08 -14.84 32.11
CA TYR D 4836 -32.86 -15.98 32.56
C TYR D 4836 -34.25 -15.56 33.02
N GLN D 4837 -34.34 -14.45 33.75
CA GLN D 4837 -35.65 -13.95 34.18
C GLN D 4837 -36.51 -13.60 32.97
N GLU D 4838 -35.92 -12.96 31.97
CA GLU D 4838 -36.64 -12.67 30.74
C GLU D 4838 -36.76 -13.88 29.83
N ARG D 4839 -36.09 -14.98 30.15
CA ARG D 4839 -36.11 -16.20 29.34
C ARG D 4839 -35.59 -15.93 27.94
N CYS D 4840 -34.43 -15.29 27.86
CA CYS D 4840 -33.68 -15.13 26.62
C CYS D 4840 -32.40 -15.92 26.74
N TRP D 4841 -32.19 -16.87 25.84
CA TRP D 4841 -31.10 -17.84 25.93
C TRP D 4841 -29.93 -17.48 25.04
N ASP D 4842 -29.66 -16.18 24.90
CA ASP D 4842 -28.56 -15.72 24.07
C ASP D 4842 -27.22 -15.80 24.76
N PHE D 4843 -27.18 -16.13 26.05
CA PHE D 4843 -25.91 -16.18 26.76
C PHE D 4843 -25.22 -17.54 26.64
N PHE D 4844 -25.86 -18.53 26.06
CA PHE D 4844 -25.17 -19.78 25.80
C PHE D 4844 -24.27 -19.61 24.58
N PRO D 4845 -23.05 -20.13 24.63
CA PRO D 4845 -22.19 -20.05 23.44
C PRO D 4845 -22.63 -21.03 22.37
N ALA D 4846 -23.22 -20.51 21.29
CA ALA D 4846 -23.75 -21.33 20.21
C ALA D 4846 -22.81 -21.25 19.01
N GLY D 4847 -22.13 -22.36 18.73
CA GLY D 4847 -21.21 -22.39 17.61
C GLY D 4847 -19.93 -21.60 17.81
N ASP D 4848 -19.58 -21.31 19.07
CA ASP D 4848 -18.40 -20.51 19.36
C ASP D 4848 -17.88 -20.89 20.73
N CYS D 4849 -16.60 -20.59 20.97
CA CYS D 4849 -15.98 -20.91 22.24
C CYS D 4849 -14.81 -19.97 22.46
N PHE D 4850 -14.15 -20.13 23.61
CA PHE D 4850 -12.99 -19.31 23.93
C PHE D 4850 -11.84 -19.59 22.97
N ARG D 4851 -11.68 -20.85 22.57
CA ARG D 4851 -10.62 -21.20 21.63
C ARG D 4851 -10.79 -20.51 20.29
N LYS D 4852 -11.98 -20.63 19.70
CA LYS D 4852 -12.24 -19.97 18.43
C LYS D 4852 -12.18 -18.46 18.56
N GLN D 4853 -12.67 -17.91 19.67
CA GLN D 4853 -12.65 -16.47 19.86
C GLN D 4853 -11.22 -15.94 19.89
N TYR D 4854 -10.34 -16.62 20.60
CA TYR D 4854 -8.97 -16.14 20.77
C TYR D 4854 -7.97 -17.15 20.23
N GLU D 4855 -8.24 -17.68 19.03
CA GLU D 4855 -7.38 -18.71 18.48
C GLU D 4855 -5.97 -18.19 18.24
N ASP D 4856 -5.84 -16.96 17.76
CA ASP D 4856 -4.53 -16.38 17.51
C ASP D 4856 -3.79 -16.10 18.83
N GLN D 4857 -4.37 -15.27 19.68
CA GLN D 4857 -3.69 -14.88 20.92
C GLN D 4857 -3.49 -16.09 21.84
N LEU D 4858 -4.55 -16.86 22.08
CA LEU D 4858 -4.46 -17.96 23.03
C LEU D 4858 -3.49 -19.03 22.55
N GLY D 4859 -3.53 -19.35 21.25
CA GLY D 4859 -2.64 -20.34 20.69
C GLY D 4859 -3.28 -21.68 20.46
N ALA E 3 112.77 -8.69 72.78
CA ALA E 3 111.71 -9.23 71.94
C ALA E 3 110.39 -8.52 72.19
N GLY E 4 109.40 -8.79 71.34
CA GLY E 4 108.09 -8.19 71.46
C GLY E 4 107.14 -8.90 72.39
N VAL E 5 107.59 -9.95 73.07
CA VAL E 5 106.75 -10.75 73.96
C VAL E 5 107.24 -10.55 75.38
N GLU E 6 106.30 -10.32 76.31
CA GLU E 6 106.59 -10.23 77.73
C GLU E 6 106.04 -11.46 78.42
N ILE E 7 106.91 -12.22 79.08
CA ILE E 7 106.54 -13.46 79.73
C ILE E 7 106.38 -13.20 81.22
N GLU E 8 105.25 -13.61 81.78
CA GLU E 8 104.99 -13.54 83.21
C GLU E 8 104.67 -14.95 83.69
N THR E 9 105.49 -15.46 84.60
CA THR E 9 105.33 -16.84 85.05
C THR E 9 104.07 -17.00 85.88
N ILE E 10 103.48 -18.19 85.81
CA ILE E 10 102.30 -18.53 86.60
C ILE E 10 102.62 -19.74 87.45
N SER E 11 102.98 -20.85 86.81
CA SER E 11 103.38 -22.07 87.50
C SER E 11 104.71 -22.52 86.91
N PRO E 12 105.76 -22.65 87.73
CA PRO E 12 107.09 -22.93 87.18
C PRO E 12 107.20 -24.34 86.61
N GLY E 13 108.12 -24.50 85.68
CA GLY E 13 108.51 -25.78 85.13
C GLY E 13 109.78 -26.30 85.76
N ASP E 14 110.48 -27.16 85.02
CA ASP E 14 111.74 -27.69 85.50
C ASP E 14 112.88 -26.68 85.35
N GLY E 15 112.72 -25.66 84.51
CA GLY E 15 113.74 -24.64 84.34
C GLY E 15 115.01 -25.12 83.69
N ARG E 16 115.01 -26.31 83.11
CA ARG E 16 116.19 -26.90 82.49
C ARG E 16 115.95 -27.39 81.07
N THR E 17 114.79 -27.97 80.80
CA THR E 17 114.46 -28.53 79.49
C THR E 17 113.71 -27.48 78.68
N PHE E 18 114.39 -26.92 77.68
CA PHE E 18 113.78 -25.92 76.83
C PHE E 18 113.60 -26.46 75.42
N PRO E 19 112.61 -25.96 74.68
CA PRO E 19 112.40 -26.45 73.31
C PRO E 19 113.62 -26.16 72.43
N LYS E 20 113.90 -27.10 71.54
CA LYS E 20 115.02 -27.00 70.61
C LYS E 20 114.51 -27.15 69.17
N LYS E 21 115.42 -26.92 68.23
CA LYS E 21 115.06 -27.01 66.83
C LYS E 21 114.63 -28.42 66.46
N GLY E 22 113.64 -28.51 65.57
CA GLY E 22 113.11 -29.81 65.18
C GLY E 22 112.40 -30.54 66.30
N GLN E 23 111.69 -29.80 67.17
CA GLN E 23 110.93 -30.39 68.25
C GLN E 23 109.49 -29.89 68.17
N THR E 24 108.54 -30.76 68.50
CA THR E 24 107.14 -30.39 68.56
C THR E 24 106.81 -29.98 69.99
N CYS E 25 106.22 -28.78 70.13
CA CYS E 25 105.88 -28.23 71.44
C CYS E 25 104.38 -28.39 71.63
N VAL E 26 103.98 -29.43 72.35
CA VAL E 26 102.57 -29.66 72.64
C VAL E 26 102.19 -28.73 73.79
N VAL E 27 101.44 -27.67 73.48
CA VAL E 27 101.10 -26.64 74.44
C VAL E 27 99.61 -26.46 74.47
N HIS E 28 99.06 -26.27 75.67
CA HIS E 28 97.67 -25.92 75.88
C HIS E 28 97.61 -24.43 76.20
N TYR E 29 96.86 -23.68 75.41
CA TYR E 29 96.86 -22.23 75.51
C TYR E 29 95.43 -21.70 75.62
N THR E 30 95.33 -20.40 75.89
CA THR E 30 94.05 -19.71 75.98
C THR E 30 94.31 -18.24 75.67
N GLY E 31 93.99 -17.83 74.44
CA GLY E 31 94.30 -16.51 73.97
C GLY E 31 93.09 -15.59 74.02
N MET E 32 93.32 -14.38 74.52
CA MET E 32 92.27 -13.38 74.64
C MET E 32 92.84 -12.02 74.24
N LEU E 33 91.92 -11.11 73.89
CA LEU E 33 92.30 -9.75 73.55
C LEU E 33 92.72 -8.99 74.79
N GLN E 34 93.36 -7.84 74.57
CA GLN E 34 93.85 -7.04 75.69
C GLN E 34 92.72 -6.46 76.54
N ASN E 35 91.48 -6.49 76.06
CA ASN E 35 90.34 -5.98 76.79
C ASN E 35 89.64 -7.04 77.63
N GLY E 36 90.12 -8.28 77.62
CA GLY E 36 89.49 -9.35 78.35
C GLY E 36 88.52 -10.20 77.56
N LYS E 37 88.48 -10.04 76.24
CA LYS E 37 87.55 -10.77 75.38
C LYS E 37 88.27 -11.98 74.81
N LYS E 38 87.91 -13.16 75.29
CA LYS E 38 88.55 -14.39 74.84
C LYS E 38 88.25 -14.64 73.37
N PHE E 39 89.27 -15.04 72.61
CA PHE E 39 89.09 -15.36 71.21
C PHE E 39 89.56 -16.75 70.82
N ASP E 40 90.27 -17.46 71.69
CA ASP E 40 90.68 -18.81 71.32
C ASP E 40 91.07 -19.57 72.59
N SER E 41 90.90 -20.89 72.54
CA SER E 41 91.29 -21.72 73.66
C SER E 41 91.36 -23.16 73.20
N SER E 42 92.52 -23.79 73.34
CA SER E 42 92.65 -25.19 72.99
C SER E 42 92.14 -26.12 74.07
N ARG E 43 91.90 -25.62 75.27
CA ARG E 43 91.36 -26.46 76.33
C ARG E 43 89.86 -26.71 76.16
N ASP E 44 89.15 -25.80 75.49
CA ASP E 44 87.75 -26.03 75.16
C ASP E 44 87.60 -27.19 74.19
N ARG E 45 88.51 -27.30 73.21
CA ARG E 45 88.45 -28.35 72.22
C ARG E 45 89.04 -29.66 72.70
N ASN E 46 89.66 -29.68 73.88
CA ASN E 46 90.28 -30.90 74.42
C ASN E 46 91.40 -31.41 73.52
N LYS E 47 92.07 -30.49 72.82
CA LYS E 47 93.11 -30.87 71.87
C LYS E 47 94.30 -29.94 72.01
N PRO E 48 95.40 -30.40 72.59
CA PRO E 48 96.60 -29.54 72.70
C PRO E 48 97.14 -29.18 71.32
N PHE E 49 97.69 -27.97 71.24
CA PHE E 49 98.20 -27.44 69.98
C PHE E 49 99.67 -27.82 69.81
N LYS E 50 100.00 -28.32 68.63
CA LYS E 50 101.36 -28.77 68.32
C LYS E 50 101.94 -27.93 67.22
N PHE E 51 103.17 -27.46 67.42
CA PHE E 51 103.89 -26.70 66.40
C PHE E 51 105.37 -26.98 66.58
N ARG E 52 106.12 -26.78 65.49
CA ARG E 52 107.55 -27.07 65.47
C ARG E 52 108.32 -25.76 65.46
N ILE E 53 109.34 -25.68 66.31
CA ILE E 53 110.16 -24.48 66.38
C ILE E 53 111.01 -24.36 65.13
N GLY E 54 111.20 -23.12 64.66
CA GLY E 54 112.05 -22.86 63.52
C GLY E 54 111.38 -23.01 62.17
N LYS E 55 110.11 -23.38 62.12
CA LYS E 55 109.39 -23.51 60.87
C LYS E 55 108.44 -22.36 60.61
N GLN E 56 108.28 -21.44 61.56
CA GLN E 56 107.39 -20.29 61.41
C GLN E 56 105.95 -20.72 61.15
N GLU E 57 105.51 -21.75 61.87
CA GLU E 57 104.11 -22.17 61.76
C GLU E 57 103.18 -21.20 62.49
N VAL E 58 103.59 -20.74 63.66
CA VAL E 58 102.74 -19.90 64.50
C VAL E 58 103.25 -18.47 64.43
N ILE E 59 102.46 -17.55 65.02
CA ILE E 59 102.88 -16.16 65.05
C ILE E 59 104.18 -16.02 65.85
N LYS E 60 104.92 -14.96 65.56
CA LYS E 60 106.27 -14.83 66.09
C LYS E 60 106.27 -14.75 67.61
N GLY E 61 105.38 -13.95 68.19
CA GLY E 61 105.37 -13.80 69.63
C GLY E 61 105.09 -15.11 70.35
N PHE E 62 104.12 -15.88 69.85
CA PHE E 62 103.79 -17.16 70.46
C PHE E 62 104.99 -18.11 70.42
N GLU E 63 105.66 -18.19 69.27
CA GLU E 63 106.82 -19.08 69.15
C GLU E 63 107.95 -18.64 70.06
N GLU E 64 108.24 -17.35 70.13
CA GLU E 64 109.30 -16.87 71.00
C GLU E 64 108.98 -17.16 72.47
N GLY E 65 107.73 -16.92 72.88
CA GLY E 65 107.35 -17.19 74.25
C GLY E 65 107.46 -18.66 74.61
N ALA E 66 107.00 -19.53 73.72
CA ALA E 66 107.16 -20.97 73.97
C ALA E 66 108.63 -21.37 73.97
N ALA E 67 109.46 -20.69 73.17
CA ALA E 67 110.89 -20.98 73.18
C ALA E 67 111.52 -20.63 74.51
N GLN E 68 111.14 -19.48 75.09
CA GLN E 68 111.67 -19.11 76.40
C GLN E 68 111.14 -20.02 77.51
N MET E 69 109.91 -20.51 77.35
CA MET E 69 109.31 -21.35 78.39
C MET E 69 110.00 -22.69 78.48
N SER E 70 109.92 -23.30 79.66
CA SER E 70 110.49 -24.61 79.93
C SER E 70 109.41 -25.67 79.98
N LEU E 71 109.84 -26.92 80.11
CA LEU E 71 108.92 -28.04 80.12
C LEU E 71 108.00 -27.97 81.34
N GLY E 72 106.72 -28.24 81.12
CA GLY E 72 105.75 -28.22 82.21
C GLY E 72 105.58 -26.87 82.86
N GLN E 73 105.71 -25.78 82.11
CA GLN E 73 105.63 -24.44 82.65
C GLN E 73 104.39 -23.74 82.11
N ARG E 74 103.67 -23.06 83.00
CA ARG E 74 102.50 -22.28 82.64
C ARG E 74 102.83 -20.81 82.84
N ALA E 75 102.72 -20.03 81.77
CA ALA E 75 103.14 -18.63 81.80
C ALA E 75 102.24 -17.81 80.90
N LYS E 76 102.23 -16.50 81.16
CA LYS E 76 101.44 -15.56 80.38
C LYS E 76 102.34 -14.84 79.38
N LEU E 77 101.95 -14.87 78.12
CA LEU E 77 102.69 -14.23 77.03
C LEU E 77 101.87 -13.09 76.46
N THR E 78 102.47 -11.92 76.38
CA THR E 78 101.82 -10.73 75.81
C THR E 78 102.45 -10.46 74.45
N CYS E 79 101.73 -10.82 73.39
CA CYS E 79 102.20 -10.60 72.03
C CYS E 79 101.66 -9.27 71.53
N THR E 80 102.56 -8.32 71.31
CA THR E 80 102.18 -7.03 70.78
C THR E 80 101.81 -7.17 69.30
N PRO E 81 101.11 -6.17 68.75
CA PRO E 81 100.69 -6.27 67.34
C PRO E 81 101.84 -6.39 66.38
N ASP E 82 103.05 -5.96 66.77
CA ASP E 82 104.20 -6.10 65.89
C ASP E 82 104.49 -7.57 65.60
N VAL E 83 104.40 -8.43 66.61
CA VAL E 83 104.69 -9.85 66.44
C VAL E 83 103.43 -10.70 66.47
N ALA E 84 102.26 -10.10 66.28
CA ALA E 84 101.01 -10.85 66.18
C ALA E 84 100.09 -10.07 65.25
N TYR E 85 100.09 -10.43 63.97
CA TYR E 85 99.28 -9.74 62.98
C TYR E 85 99.63 -8.26 62.92
N GLY E 86 98.72 -7.40 63.35
CA GLY E 86 98.99 -5.98 63.35
C GLY E 86 97.97 -5.16 62.60
N ALA E 87 98.39 -4.54 61.50
CA ALA E 87 97.45 -3.76 60.69
C ALA E 87 96.35 -4.65 60.14
N THR E 88 96.69 -5.88 59.77
CA THR E 88 95.72 -6.87 59.29
C THR E 88 95.66 -8.02 60.29
N GLY E 89 94.55 -8.13 61.00
CA GLY E 89 94.31 -9.25 61.89
C GLY E 89 93.33 -10.24 61.27
N HIS E 90 93.03 -11.27 62.04
CA HIS E 90 92.01 -12.21 61.61
C HIS E 90 90.68 -11.48 61.49
N PRO E 91 90.16 -11.30 60.28
CA PRO E 91 88.89 -10.59 60.12
C PRO E 91 87.76 -11.34 60.82
N GLY E 92 86.98 -10.61 61.60
CA GLY E 92 85.89 -11.18 62.34
C GLY E 92 86.28 -11.82 63.66
N VAL E 93 87.57 -11.88 63.99
CA VAL E 93 88.01 -12.43 65.26
C VAL E 93 88.88 -11.41 65.98
N ILE E 94 90.00 -11.06 65.38
CA ILE E 94 91.01 -10.19 65.98
C ILE E 94 90.99 -8.85 65.25
N PRO E 95 90.70 -7.75 65.92
CA PRO E 95 90.69 -6.45 65.24
C PRO E 95 92.10 -6.00 64.92
N PRO E 96 92.26 -5.04 64.01
CA PRO E 96 93.59 -4.56 63.65
C PRO E 96 94.28 -3.88 64.82
N ASN E 97 95.60 -4.02 64.89
CA ASN E 97 96.42 -3.40 65.92
C ASN E 97 95.92 -3.77 67.32
N ALA E 98 95.88 -5.07 67.57
CA ALA E 98 95.39 -5.60 68.84
C ALA E 98 96.50 -6.41 69.51
N THR E 99 96.77 -6.08 70.78
CA THR E 99 97.67 -6.88 71.59
C THR E 99 96.93 -8.11 72.09
N LEU E 100 97.64 -9.24 72.13
CA LEU E 100 97.05 -10.52 72.50
C LEU E 100 97.72 -11.05 73.75
N ILE E 101 96.96 -11.76 74.57
CA ILE E 101 97.47 -12.33 75.81
C ILE E 101 97.14 -13.82 75.83
N PHE E 102 98.16 -14.65 75.99
CA PHE E 102 98.02 -16.10 75.95
C PHE E 102 98.44 -16.69 77.28
N ASP E 103 97.57 -17.54 77.85
CA ASP E 103 97.90 -18.30 79.05
C ASP E 103 98.40 -19.67 78.58
N VAL E 104 99.70 -19.76 78.30
CA VAL E 104 100.28 -20.89 77.59
C VAL E 104 100.90 -21.85 78.58
N GLU E 105 100.56 -23.12 78.47
CA GLU E 105 101.20 -24.19 79.24
C GLU E 105 101.94 -25.11 78.29
N LEU E 106 103.22 -25.32 78.55
CA LEU E 106 104.07 -26.18 77.72
C LEU E 106 103.94 -27.60 78.23
N LEU E 107 102.94 -28.32 77.70
CA LEU E 107 102.66 -29.68 78.17
C LEU E 107 103.84 -30.60 77.89
N ASN E 108 104.17 -30.79 76.61
CA ASN E 108 105.16 -31.77 76.20
C ASN E 108 106.14 -31.21 75.18
N LEU E 109 107.31 -31.82 75.12
CA LEU E 109 108.34 -31.51 74.13
C LEU E 109 108.59 -32.69 73.21
N GLU E 110 107.52 -33.34 72.77
CA GLU E 110 107.63 -34.47 71.85
C GLU E 110 106.76 -34.24 70.62
N GLU F 11 7.95 5.87 35.20
CA GLU F 11 7.54 6.92 34.28
C GLU F 11 8.67 7.92 34.06
N ILE F 12 8.57 8.70 32.99
CA ILE F 12 9.59 9.69 32.67
C ILE F 12 9.51 10.93 33.55
N GLN F 13 8.55 11.00 34.46
CA GLN F 13 8.42 12.13 35.37
C GLN F 13 8.39 11.71 36.83
N PHE F 14 8.75 10.46 37.15
CA PHE F 14 8.76 9.99 38.52
C PHE F 14 10.15 9.44 38.85
N LEU F 15 10.64 9.77 40.05
CA LEU F 15 11.94 9.31 40.51
C LEU F 15 11.81 7.95 41.16
N ARG F 16 12.78 7.08 40.87
CA ARG F 16 12.82 5.74 41.43
C ARG F 16 14.19 5.47 42.02
N THR F 17 14.28 4.42 42.82
CA THR F 17 15.56 4.09 43.42
C THR F 17 16.53 3.60 42.34
N GLU F 18 17.81 3.57 42.71
CA GLU F 18 18.88 3.17 41.79
C GLU F 18 18.97 4.12 40.60
N ASP F 19 18.55 5.37 40.79
CA ASP F 19 18.51 6.38 39.76
C ASP F 19 19.57 7.43 40.07
N GLU F 20 20.53 7.61 39.16
CA GLU F 20 21.60 8.58 39.37
C GLU F 20 21.09 9.97 39.04
N VAL F 21 21.14 10.86 40.02
CA VAL F 21 20.61 12.22 39.91
C VAL F 21 21.64 13.20 40.45
N VAL F 22 21.44 14.46 40.11
CA VAL F 22 22.24 15.57 40.62
C VAL F 22 21.31 16.53 41.34
N LEU F 23 21.72 16.98 42.52
CA LEU F 23 20.93 17.88 43.33
C LEU F 23 21.37 19.31 43.05
N GLN F 24 20.50 20.08 42.40
CA GLN F 24 20.82 21.43 41.95
C GLN F 24 20.04 22.46 42.74
N CYS F 25 20.67 23.60 42.99
CA CYS F 25 20.06 24.71 43.72
C CYS F 25 20.38 26.02 43.01
N ILE F 26 19.45 26.97 43.08
CA ILE F 26 19.57 28.25 42.42
C ILE F 26 19.83 29.32 43.48
N ALA F 27 20.85 30.14 43.26
CA ALA F 27 21.17 31.24 44.15
C ALA F 27 21.23 32.52 43.35
N ASN F 28 20.56 33.56 43.83
CA ASN F 28 20.51 34.84 43.15
C ASN F 28 21.67 35.71 43.65
N ILE F 29 22.65 35.93 42.78
CA ILE F 29 23.83 36.71 43.13
C ILE F 29 24.01 37.80 42.06
N HIS F 30 24.12 39.05 42.51
CA HIS F 30 24.32 40.19 41.61
C HIS F 30 23.23 40.25 40.54
N LYS F 31 22.00 39.94 40.92
CA LYS F 31 20.83 39.97 40.04
C LYS F 31 20.86 38.87 38.98
N GLU F 32 21.75 37.89 39.13
CA GLU F 32 21.84 36.79 38.20
C GLU F 32 21.59 35.48 38.94
N GLN F 33 20.79 34.60 38.33
CA GLN F 33 20.45 33.32 38.94
C GLN F 33 21.54 32.32 38.59
N ARG F 34 22.48 32.12 39.49
CA ARG F 34 23.55 31.16 39.31
C ARG F 34 23.13 29.82 39.89
N LYS F 35 23.25 28.76 39.09
CA LYS F 35 22.86 27.42 39.50
C LYS F 35 24.09 26.64 39.94
N PHE F 36 23.92 25.80 40.96
CA PHE F 36 24.99 25.04 41.55
C PHE F 36 24.52 23.60 41.77
N CYS F 37 25.46 22.68 41.82
CA CYS F 37 25.16 21.28 42.07
C CYS F 37 25.94 20.80 43.28
N LEU F 38 25.27 20.07 44.17
CA LEU F 38 25.95 19.53 45.33
C LEU F 38 27.01 18.52 44.91
N ALA F 39 28.22 18.66 45.45
CA ALA F 39 29.35 17.84 45.04
C ALA F 39 30.17 17.46 46.25
N ALA F 40 30.94 16.40 46.09
CA ALA F 40 31.88 15.96 47.12
C ALA F 40 32.99 15.19 46.45
N GLU F 41 34.08 14.99 47.18
CA GLU F 41 35.22 14.24 46.70
C GLU F 41 35.49 13.09 47.66
N GLY F 42 35.92 11.95 47.12
CA GLY F 42 36.13 10.80 47.96
C GLY F 42 37.34 10.92 48.88
N LEU F 43 38.54 10.89 48.32
CA LEU F 43 39.76 10.91 49.10
C LEU F 43 40.22 12.34 49.32
N GLY F 44 40.79 12.59 50.49
CA GLY F 44 41.31 13.91 50.80
C GLY F 44 40.31 14.81 51.50
N ASN F 45 39.27 15.23 50.78
CA ASN F 45 38.28 16.18 51.30
C ASN F 45 36.92 15.50 51.26
N ARG F 46 36.32 15.28 52.42
CA ARG F 46 35.02 14.64 52.51
C ARG F 46 33.87 15.62 52.66
N LEU F 47 34.14 16.93 52.67
CA LEU F 47 33.07 17.90 52.79
C LEU F 47 32.47 18.22 51.44
N CYS F 48 31.17 18.54 51.44
CA CYS F 48 30.46 18.87 50.23
C CYS F 48 30.64 20.34 49.87
N PHE F 49 30.76 20.62 48.58
CA PHE F 49 30.80 21.98 48.06
C PHE F 49 29.78 22.08 46.95
N LEU F 50 29.76 23.21 46.26
CA LEU F 50 28.77 23.45 45.20
C LEU F 50 29.50 23.73 43.89
N GLU F 51 29.40 22.81 42.95
CA GLU F 51 29.98 22.98 41.64
C GLU F 51 29.10 23.88 40.79
N PRO F 52 29.60 25.02 40.30
CA PRO F 52 28.74 25.91 39.51
C PRO F 52 28.51 25.36 38.11
N THR F 53 27.23 25.20 37.76
CA THR F 53 26.84 24.68 36.46
C THR F 53 26.06 25.70 35.63
N SER F 54 26.25 27.00 35.91
CA SER F 54 25.51 28.06 35.25
C SER F 54 26.24 28.58 34.01
N GLU F 55 27.52 28.90 34.15
CA GLU F 55 28.34 29.34 33.02
C GLU F 55 29.06 28.15 32.39
N ALA F 56 28.26 27.17 31.95
CA ALA F 56 28.79 25.93 31.42
C ALA F 56 29.19 26.02 29.97
N LYS F 57 28.88 27.12 29.29
CA LYS F 57 29.27 27.28 27.90
C LYS F 57 30.74 27.62 27.77
N TYR F 58 31.32 28.29 28.75
CA TYR F 58 32.70 28.75 28.69
C TYR F 58 33.64 28.02 29.64
N VAL F 59 33.12 27.32 30.64
CA VAL F 59 33.93 26.56 31.58
C VAL F 59 33.23 25.24 31.85
N PRO F 60 33.85 24.10 31.55
CA PRO F 60 33.17 22.82 31.68
C PRO F 60 32.83 22.53 33.13
N PRO F 61 31.63 22.02 33.40
CA PRO F 61 31.31 21.54 34.74
C PRO F 61 31.75 20.09 34.97
N ASP F 62 32.18 19.82 36.19
CA ASP F 62 32.66 18.50 36.59
C ASP F 62 31.51 17.78 37.27
N LEU F 63 30.71 17.07 36.48
CA LEU F 63 29.58 16.33 36.98
C LEU F 63 29.94 14.94 37.50
N CYS F 64 31.22 14.56 37.42
CA CYS F 64 31.64 13.27 37.93
C CYS F 64 31.37 13.15 39.42
N VAL F 65 31.67 14.22 40.17
CA VAL F 65 31.53 14.20 41.62
C VAL F 65 30.19 14.76 42.10
N CYS F 66 29.33 15.19 41.19
CA CYS F 66 28.01 15.68 41.54
C CYS F 66 26.93 14.59 41.43
N ASN F 67 27.32 13.35 41.16
CA ASN F 67 26.36 12.29 40.88
C ASN F 67 26.12 11.46 42.14
N PHE F 68 24.87 11.39 42.56
CA PHE F 68 24.46 10.58 43.70
C PHE F 68 23.45 9.54 43.23
N VAL F 69 23.36 8.44 43.98
CA VAL F 69 22.46 7.34 43.65
C VAL F 69 21.42 7.24 44.75
N LEU F 70 20.15 7.21 44.35
CA LEU F 70 19.03 7.02 45.28
C LEU F 70 18.94 5.53 45.60
N GLU F 71 19.50 5.13 46.74
CA GLU F 71 19.53 3.72 47.08
C GLU F 71 18.19 3.23 47.64
N GLN F 72 17.71 3.87 48.70
CA GLN F 72 16.49 3.44 49.37
C GLN F 72 15.58 4.62 49.63
N SER F 73 14.29 4.33 49.72
CA SER F 73 13.22 5.31 49.84
C SER F 73 12.19 4.89 50.89
N LEU F 74 12.66 4.57 52.09
CA LEU F 74 11.77 4.08 53.13
C LEU F 74 10.82 5.17 53.60
N SER F 75 10.00 4.84 54.58
CA SER F 75 9.14 5.81 55.26
C SER F 75 9.59 5.97 56.70
N VAL F 76 8.96 6.93 57.39
CA VAL F 76 9.44 7.33 58.70
C VAL F 76 9.25 6.20 59.71
N ARG F 77 8.05 5.61 59.76
CA ARG F 77 7.83 4.50 60.68
C ARG F 77 8.65 3.27 60.26
N ALA F 78 8.72 3.00 58.97
CA ALA F 78 9.56 1.91 58.50
C ALA F 78 11.02 2.17 58.83
N LEU F 79 11.45 3.43 58.69
CA LEU F 79 12.83 3.77 59.04
C LEU F 79 13.09 3.57 60.52
N GLN F 80 12.16 3.98 61.37
CA GLN F 80 12.34 3.79 62.81
C GLN F 80 12.41 2.30 63.16
N GLU F 81 11.55 1.49 62.55
CA GLU F 81 11.58 0.06 62.81
C GLU F 81 12.89 -0.55 62.32
N MET F 82 13.37 -0.12 61.15
CA MET F 82 14.65 -0.63 60.65
C MET F 82 15.78 -0.27 61.59
N LEU F 83 15.79 0.96 62.11
CA LEU F 83 16.83 1.36 63.03
C LEU F 83 16.76 0.56 64.33
N ALA F 84 15.56 0.36 64.86
CA ALA F 84 15.41 -0.37 66.11
C ALA F 84 15.81 -1.83 65.95
N ASN F 85 15.48 -2.44 64.81
CA ASN F 85 15.81 -3.85 64.61
C ASN F 85 17.31 -4.09 64.63
N THR F 86 18.07 -3.22 63.98
CA THR F 86 19.52 -3.35 63.92
C THR F 86 19.94 -4.67 63.28
N GLY F 99 13.35 -3.37 45.00
CA GLY F 99 12.98 -3.03 43.64
C GLY F 99 13.11 -1.55 43.35
N HIS F 100 12.57 -1.12 42.21
CA HIS F 100 12.62 0.28 41.80
C HIS F 100 11.41 1.02 42.36
N ARG F 101 11.44 1.22 43.67
CA ARG F 101 10.38 1.95 44.35
C ARG F 101 10.35 3.41 43.89
N THR F 102 9.15 3.98 43.91
CA THR F 102 8.97 5.39 43.61
C THR F 102 9.04 6.20 44.88
N LEU F 103 9.70 7.36 44.80
CA LEU F 103 9.76 8.27 45.94
C LEU F 103 8.42 8.93 46.16
N LEU F 104 8.07 9.13 47.42
CA LEU F 104 6.87 9.88 47.80
C LEU F 104 7.25 10.97 48.78
N TYR F 105 6.60 12.12 48.67
CA TYR F 105 6.86 13.21 49.60
C TYR F 105 6.61 12.76 51.02
N GLY F 106 7.58 12.97 51.89
CA GLY F 106 7.51 12.51 53.26
C GLY F 106 8.25 11.23 53.56
N HIS F 107 9.04 10.71 52.63
CA HIS F 107 9.81 9.50 52.84
C HIS F 107 11.25 9.84 53.22
N ALA F 108 11.94 8.84 53.76
CA ALA F 108 13.35 8.95 54.11
C ALA F 108 14.18 8.22 53.07
N ILE F 109 15.04 8.96 52.38
CA ILE F 109 15.84 8.44 51.28
C ILE F 109 17.31 8.40 51.69
N LEU F 110 18.05 7.53 51.02
CA LEU F 110 19.47 7.36 51.22
C LEU F 110 20.20 7.65 49.91
N LEU F 111 21.21 8.52 49.97
CA LEU F 111 21.96 8.94 48.80
C LEU F 111 23.39 8.43 48.88
N ARG F 112 23.83 7.74 47.85
CA ARG F 112 25.19 7.21 47.78
C ARG F 112 25.97 7.92 46.67
N HIS F 113 27.15 8.41 47.00
CA HIS F 113 28.01 9.03 46.01
C HIS F 113 28.36 8.03 44.93
N SER F 114 28.21 8.43 43.68
CA SER F 114 28.42 7.48 42.58
C SER F 114 29.90 7.21 42.35
N PHE F 115 30.76 8.19 42.65
CA PHE F 115 32.19 8.00 42.42
C PHE F 115 32.84 7.21 43.55
N SER F 116 32.80 7.74 44.77
CA SER F 116 33.54 7.16 45.88
C SER F 116 32.79 6.04 46.58
N GLY F 117 31.49 5.94 46.40
CA GLY F 117 30.71 4.94 47.09
C GLY F 117 30.35 5.28 48.51
N MET F 118 30.70 6.47 48.98
CA MET F 118 30.34 6.93 50.31
C MET F 118 28.95 7.54 50.30
N TYR F 119 28.36 7.64 51.49
CA TYR F 119 27.00 8.12 51.65
C TYR F 119 26.99 9.54 52.19
N LEU F 120 26.12 10.37 51.62
CA LEU F 120 25.95 11.73 52.10
C LEU F 120 25.44 11.71 53.54
N THR F 121 26.07 12.50 54.39
CA THR F 121 25.83 12.47 55.82
C THR F 121 25.77 13.88 56.38
N CYS F 122 25.00 14.04 57.46
CA CYS F 122 24.95 15.28 58.23
C CYS F 122 26.01 15.17 59.31
N LEU F 123 27.17 15.76 59.05
CA LEU F 123 28.27 15.70 59.99
C LEU F 123 28.03 16.64 61.16
N THR F 124 28.23 16.12 62.37
CA THR F 124 28.02 16.92 63.58
C THR F 124 28.99 18.09 63.64
N THR F 125 30.23 17.89 63.23
CA THR F 125 31.21 18.96 63.24
C THR F 125 30.76 20.08 62.33
N SER F 126 31.03 21.32 62.73
CA SER F 126 30.64 22.49 61.97
C SER F 126 31.84 23.38 61.71
N ARG F 127 31.76 24.12 60.60
CA ARG F 127 32.79 25.09 60.26
C ARG F 127 32.18 26.40 59.76
N SER F 128 30.93 26.69 60.11
CA SER F 128 30.22 27.87 59.65
C SER F 128 30.27 28.93 60.74
N GLN F 129 31.11 29.94 60.54
CA GLN F 129 31.21 31.02 61.53
C GLN F 129 29.91 31.81 61.61
N THR F 130 29.25 32.04 60.46
CA THR F 130 28.06 32.87 60.44
C THR F 130 26.93 32.27 61.28
N ASP F 131 26.69 30.97 61.13
CA ASP F 131 25.62 30.30 61.85
C ASP F 131 26.14 29.65 63.12
N LYS F 132 25.21 29.20 63.96
CA LYS F 132 25.55 28.54 65.22
C LYS F 132 25.05 27.11 65.30
N LEU F 133 23.85 26.84 64.81
CA LEU F 133 23.29 25.48 64.83
C LEU F 133 23.36 24.82 63.46
N ALA F 134 24.25 25.29 62.60
CA ALA F 134 24.42 24.72 61.26
C ALA F 134 25.53 23.67 61.31
N PHE F 135 25.18 22.42 61.08
CA PHE F 135 26.17 21.35 61.02
C PHE F 135 26.84 21.36 59.65
N ASP F 136 27.58 20.31 59.34
CA ASP F 136 28.19 20.18 58.03
C ASP F 136 27.51 19.08 57.24
N VAL F 137 27.75 19.07 55.93
CA VAL F 137 27.30 17.99 55.07
C VAL F 137 28.54 17.40 54.40
N GLY F 138 28.68 16.08 54.49
CA GLY F 138 29.86 15.44 53.95
C GLY F 138 29.59 14.03 53.49
N LEU F 139 30.64 13.23 53.34
CA LEU F 139 30.51 11.83 52.98
C LEU F 139 31.04 10.97 54.11
N ARG F 140 30.43 9.81 54.30
CA ARG F 140 30.92 8.84 55.26
C ARG F 140 30.80 7.45 54.66
N GLU F 141 31.73 6.57 55.03
CA GLU F 141 31.87 5.31 54.32
C GLU F 141 30.64 4.44 54.46
N ASN F 142 30.06 4.37 55.65
CA ASN F 142 28.99 3.42 55.95
C ASN F 142 27.68 4.15 56.26
N ALA F 143 26.57 3.48 55.99
CA ALA F 143 25.24 4.03 56.18
C ALA F 143 24.67 3.75 57.57
N THR F 144 25.52 3.41 58.54
CA THR F 144 25.05 3.08 59.87
C THR F 144 24.56 4.34 60.57
N GLY F 145 23.39 4.25 61.20
CA GLY F 145 22.83 5.34 61.96
C GLY F 145 21.76 6.08 61.17
N GLU F 146 21.19 7.08 61.83
CA GLU F 146 20.14 7.91 61.26
C GLU F 146 20.68 9.19 60.65
N ALA F 147 22.00 9.35 60.59
CA ALA F 147 22.59 10.57 60.05
C ALA F 147 22.56 10.62 58.53
N CYS F 148 22.46 9.47 57.86
CA CYS F 148 22.57 9.41 56.41
C CYS F 148 21.23 9.32 55.70
N TRP F 149 20.12 9.54 56.41
CA TRP F 149 18.80 9.45 55.83
C TRP F 149 18.15 10.84 55.80
N TRP F 150 17.62 11.21 54.65
CA TRP F 150 17.07 12.56 54.44
C TRP F 150 15.60 12.46 54.05
N THR F 151 14.77 13.29 54.67
CA THR F 151 13.35 13.32 54.38
C THR F 151 13.06 14.33 53.27
N ILE F 152 12.10 13.99 52.41
CA ILE F 152 11.69 14.80 51.28
C ILE F 152 10.40 15.52 51.63
N HIS F 153 10.33 16.81 51.33
CA HIS F 153 9.11 17.55 51.54
C HIS F 153 8.82 18.43 50.33
N PRO F 154 7.53 18.63 50.01
CA PRO F 154 7.19 19.54 48.93
C PRO F 154 7.54 20.97 49.27
N ALA F 155 7.85 21.74 48.22
CA ALA F 155 8.17 23.16 48.38
C ALA F 155 6.98 24.07 48.13
N SER F 156 5.85 23.52 47.67
CA SER F 156 4.66 24.30 47.38
C SER F 156 3.43 23.56 47.89
N LYS F 157 2.34 24.32 48.06
CA LYS F 157 1.11 23.72 48.58
C LYS F 157 0.45 22.81 47.56
N GLN F 158 0.80 22.94 46.27
CA GLN F 158 0.21 22.06 45.27
C GLN F 158 0.60 20.61 45.53
N ARG F 159 1.84 20.37 45.93
CA ARG F 159 2.28 19.04 46.31
C ARG F 159 2.00 18.82 47.79
N SER F 160 1.56 17.61 48.14
CA SER F 160 1.21 17.27 49.50
C SER F 160 1.85 15.96 49.89
N GLU F 161 1.93 15.73 51.20
CA GLU F 161 2.63 14.56 51.72
C GLU F 161 2.00 13.28 51.19
N GLY F 162 2.85 12.37 50.72
CA GLY F 162 2.41 11.10 50.17
C GLY F 162 2.36 11.06 48.66
N GLU F 163 2.26 12.22 48.00
CA GLU F 163 2.27 12.25 46.56
C GLU F 163 3.61 11.79 46.01
N LYS F 164 3.59 11.20 44.82
CA LYS F 164 4.82 10.81 44.16
C LYS F 164 5.64 12.05 43.81
N VAL F 165 6.94 12.00 44.10
CA VAL F 165 7.85 13.07 43.73
C VAL F 165 8.10 13.01 42.24
N ARG F 166 8.00 14.14 41.56
CA ARG F 166 8.14 14.21 40.11
C ARG F 166 9.45 14.85 39.71
N ILE F 167 9.94 14.48 38.52
CA ILE F 167 11.14 15.08 37.98
C ILE F 167 10.88 16.54 37.65
N GLY F 168 11.75 17.42 38.13
CA GLY F 168 11.56 18.84 37.97
C GLY F 168 10.83 19.52 39.11
N ASP F 169 10.49 18.79 40.16
CA ASP F 169 9.86 19.37 41.34
C ASP F 169 10.94 19.86 42.30
N ASP F 170 10.65 20.98 42.97
CA ASP F 170 11.54 21.53 43.97
C ASP F 170 11.32 20.81 45.29
N LEU F 171 12.37 20.19 45.82
CA LEU F 171 12.30 19.44 47.05
C LEU F 171 12.83 20.25 48.22
N ILE F 172 12.50 19.79 49.42
CA ILE F 172 13.12 20.26 50.65
C ILE F 172 13.65 19.03 51.37
N LEU F 173 14.96 19.01 51.61
CA LEU F 173 15.61 17.87 52.23
C LEU F 173 15.89 18.19 53.69
N VAL F 174 15.40 17.35 54.59
CA VAL F 174 15.54 17.55 56.03
C VAL F 174 16.27 16.36 56.61
N SER F 175 17.36 16.63 57.35
CA SER F 175 18.12 15.53 57.92
C SER F 175 17.29 14.80 58.97
N VAL F 176 17.30 13.47 58.90
CA VAL F 176 16.50 12.69 59.84
C VAL F 176 17.01 12.85 61.26
N SER F 177 18.33 12.97 61.42
CA SER F 177 18.91 13.00 62.77
C SER F 177 18.89 14.40 63.35
N SER F 178 19.51 15.35 62.66
CA SER F 178 19.62 16.71 63.19
C SER F 178 18.36 17.54 63.00
N GLU F 179 17.43 17.08 62.16
CA GLU F 179 16.21 17.85 61.86
C GLU F 179 16.55 19.21 61.27
N ARG F 180 17.55 19.24 60.40
CA ARG F 180 18.01 20.46 59.75
C ARG F 180 17.87 20.33 58.25
N TYR F 181 17.54 21.44 57.60
CA TYR F 181 17.45 21.48 56.15
C TYR F 181 18.84 21.44 55.52
N LEU F 182 18.91 20.86 54.32
CA LEU F 182 20.11 20.91 53.49
C LEU F 182 20.16 22.27 52.82
N HIS F 183 20.61 23.26 53.58
CA HIS F 183 20.49 24.65 53.21
C HIS F 183 21.75 25.16 52.53
N LEU F 184 21.57 26.00 51.53
CA LEU F 184 22.67 26.66 50.83
C LEU F 184 22.82 28.08 51.36
N SER F 185 24.05 28.43 51.75
CA SER F 185 24.36 29.71 52.37
C SER F 185 25.14 30.58 51.40
N VAL F 186 24.70 31.82 51.23
CA VAL F 186 25.34 32.80 50.36
C VAL F 186 25.85 33.95 51.23
N SER F 187 27.13 34.28 51.09
CA SER F 187 27.72 35.35 51.88
C SER F 187 28.86 35.97 51.08
N ASN F 188 28.68 37.22 50.66
CA ASN F 188 29.71 37.99 49.99
C ASN F 188 30.24 37.28 48.74
N GLY F 189 29.33 36.67 47.99
CA GLY F 189 29.70 35.95 46.79
C GLY F 189 30.23 34.56 47.02
N ASN F 190 30.28 34.10 48.27
CA ASN F 190 30.73 32.75 48.59
C ASN F 190 29.50 31.89 48.87
N VAL F 191 29.46 30.73 48.22
CA VAL F 191 28.32 29.81 48.30
C VAL F 191 28.78 28.54 48.98
N GLN F 192 28.02 28.08 49.97
CA GLN F 192 28.35 26.84 50.69
C GLN F 192 27.07 26.06 50.93
N VAL F 193 27.24 24.82 51.36
CA VAL F 193 26.11 23.94 51.69
C VAL F 193 26.32 23.40 53.09
N ASP F 194 25.28 23.44 53.91
CA ASP F 194 25.36 22.93 55.27
C ASP F 194 23.97 22.63 55.76
N ALA F 195 23.88 21.88 56.84
CA ALA F 195 22.61 21.52 57.46
C ALA F 195 22.25 22.60 58.47
N SER F 196 21.26 23.42 58.15
CA SER F 196 20.86 24.53 59.00
C SER F 196 19.34 24.61 59.04
N PHE F 197 18.83 25.40 60.00
CA PHE F 197 17.39 25.51 60.21
C PHE F 197 16.69 26.37 59.16
N MET F 198 17.43 27.04 58.28
CA MET F 198 16.83 27.68 57.12
C MET F 198 16.68 26.66 56.00
N GLN F 199 15.75 26.92 55.09
CA GLN F 199 15.38 25.95 54.06
C GLN F 199 15.72 26.47 52.67
N THR F 200 16.15 25.55 51.81
CA THR F 200 16.45 25.83 50.41
C THR F 200 15.85 24.74 49.55
N LEU F 201 15.38 25.12 48.36
CA LEU F 201 14.68 24.21 47.47
C LEU F 201 15.64 23.61 46.45
N TRP F 202 15.64 22.29 46.34
CA TRP F 202 16.56 21.56 45.48
C TRP F 202 15.80 20.90 44.34
N ASN F 203 16.31 21.03 43.12
CA ASN F 203 15.79 20.33 41.97
C ASN F 203 16.64 19.09 41.73
N VAL F 204 16.01 17.92 41.76
CA VAL F 204 16.72 16.67 41.54
C VAL F 204 16.60 16.35 40.06
N HIS F 205 17.66 16.64 39.31
CA HIS F 205 17.70 16.36 37.89
C HIS F 205 18.23 14.95 37.66
N PRO F 206 17.47 14.07 37.02
CA PRO F 206 18.00 12.72 36.75
C PRO F 206 19.06 12.78 35.68
N THR F 207 20.12 12.00 35.88
CA THR F 207 21.14 11.83 34.86
C THR F 207 21.19 10.43 34.28
N CYS F 208 20.76 9.43 35.03
CA CYS F 208 20.71 8.07 34.50
C CYS F 208 19.60 7.31 35.20
N SER F 209 18.66 6.79 34.42
CA SER F 209 17.55 6.03 34.98
C SER F 209 18.01 4.68 35.50
N GLY F 210 17.36 4.22 36.56
CA GLY F 210 17.70 2.93 37.13
C GLY F 210 17.42 1.77 36.18
N SER F 211 16.38 1.90 35.35
CA SER F 211 16.02 0.86 34.38
C SER F 211 16.89 1.00 33.14
N SER F 212 18.18 0.73 33.33
CA SER F 212 19.18 0.80 32.27
C SER F 212 20.09 -0.41 32.32
N ILE F 213 19.49 -1.60 32.39
CA ILE F 213 20.27 -2.83 32.49
C ILE F 213 21.15 -3.03 31.27
N GLU F 214 20.66 -2.64 30.09
CA GLU F 214 21.41 -2.83 28.85
C GLU F 214 22.76 -2.14 28.92
N GLU F 215 23.80 -2.86 28.53
CA GLU F 215 25.16 -2.36 28.60
C GLU F 215 25.91 -2.74 27.33
N GLY F 216 26.98 -2.00 27.05
CA GLY F 216 27.78 -2.22 25.87
C GLY F 216 27.80 -1.07 24.89
N TYR F 217 27.08 0.03 25.15
CA TYR F 217 27.06 1.19 24.27
C TYR F 217 27.62 2.39 25.02
N LEU F 218 27.98 3.41 24.26
CA LEU F 218 28.61 4.60 24.83
C LEU F 218 27.54 5.47 25.49
N LEU F 219 27.68 5.68 26.79
CA LEU F 219 26.83 6.57 27.57
C LEU F 219 27.65 7.76 28.05
N GLY F 220 26.95 8.84 28.38
CA GLY F 220 27.65 10.04 28.82
C GLY F 220 28.36 9.80 30.14
N GLY F 221 29.56 10.39 30.25
CA GLY F 221 30.35 10.29 31.45
C GLY F 221 31.25 9.07 31.50
N HIS F 222 31.09 8.15 30.57
CA HIS F 222 31.91 6.94 30.55
C HIS F 222 33.36 7.29 30.27
N VAL F 223 34.27 6.62 30.96
CA VAL F 223 35.70 6.75 30.72
C VAL F 223 36.10 5.68 29.72
N VAL F 224 36.65 6.11 28.58
CA VAL F 224 36.92 5.22 27.46
C VAL F 224 38.35 5.41 26.99
N ARG F 225 38.84 4.40 26.29
CA ARG F 225 40.08 4.45 25.53
C ARG F 225 39.74 4.43 24.06
N LEU F 226 40.32 5.35 23.29
CA LEU F 226 40.08 5.45 21.86
C LEU F 226 41.23 4.79 21.12
N PHE F 227 40.98 3.60 20.58
CA PHE F 227 42.01 2.81 19.90
C PHE F 227 42.01 3.11 18.42
N HIS F 228 43.20 3.40 17.88
CA HIS F 228 43.40 3.51 16.45
C HIS F 228 44.10 2.25 15.97
N GLY F 229 43.53 1.60 14.97
CA GLY F 229 44.02 0.28 14.62
C GLY F 229 43.70 -0.69 15.74
N HIS F 230 44.71 -1.44 16.17
CA HIS F 230 44.51 -2.43 17.24
C HIS F 230 45.32 -2.10 18.48
N ASP F 231 46.60 -1.75 18.33
CA ASP F 231 47.44 -1.44 19.49
C ASP F 231 47.50 0.04 19.79
N GLU F 232 47.48 0.88 18.76
CA GLU F 232 47.60 2.32 18.96
C GLU F 232 46.39 2.87 19.70
N CYS F 233 46.63 3.79 20.62
CA CYS F 233 45.57 4.47 21.34
C CYS F 233 45.98 5.91 21.57
N LEU F 234 45.00 6.75 21.85
CA LEU F 234 45.23 8.19 22.02
C LEU F 234 45.76 8.43 23.43
N THR F 235 47.01 8.88 23.53
CA THR F 235 47.67 9.11 24.80
C THR F 235 48.39 10.45 24.76
N ILE F 236 49.16 10.70 25.81
CA ILE F 236 50.04 11.87 25.88
C ILE F 236 51.40 11.41 26.37
N PRO F 237 52.41 12.27 26.29
CA PRO F 237 53.74 11.89 26.79
C PRO F 237 53.81 11.60 28.27
N SER F 238 53.41 12.56 29.11
CA SER F 238 53.61 12.43 30.55
C SER F 238 52.47 13.08 31.30
N THR F 239 52.18 12.54 32.49
CA THR F 239 51.16 13.14 33.36
C THR F 239 51.71 14.37 34.07
N ASP F 240 53.01 14.42 34.31
CA ASP F 240 53.63 15.57 34.96
C ASP F 240 53.40 16.82 34.13
N GLN F 241 52.92 17.88 34.79
CA GLN F 241 52.50 19.09 34.11
C GLN F 241 53.61 20.12 33.99
N ASN F 242 54.85 19.74 34.30
CA ASN F 242 55.97 20.66 34.11
C ASN F 242 56.37 20.73 32.64
N ASP F 243 56.76 19.59 32.07
CA ASP F 243 57.13 19.58 30.65
C ASP F 243 55.93 19.91 29.79
N ALA F 244 56.10 20.84 28.85
CA ALA F 244 55.01 21.24 27.97
C ALA F 244 54.60 20.12 27.02
N GLN F 245 55.48 19.14 26.78
CA GLN F 245 55.17 18.09 25.82
C GLN F 245 53.98 17.25 26.23
N HIS F 246 53.57 17.32 27.51
CA HIS F 246 52.37 16.59 27.92
C HIS F 246 51.12 17.12 27.27
N ARG F 247 51.15 18.36 26.73
CA ARG F 247 49.99 18.89 26.03
C ARG F 247 49.73 18.18 24.71
N ARG F 248 50.71 17.48 24.18
CA ARG F 248 50.57 16.88 22.86
C ARG F 248 49.77 15.59 22.92
N ILE F 249 49.16 15.24 21.80
CA ILE F 249 48.38 14.02 21.65
C ILE F 249 49.05 13.17 20.58
N PHE F 250 49.27 11.89 20.89
CA PHE F 250 49.92 10.96 19.98
C PHE F 250 49.07 9.69 19.86
N TYR F 251 49.27 8.97 18.76
CA TYR F 251 48.73 7.61 18.62
C TYR F 251 49.76 6.59 19.06
N GLU F 252 50.31 6.78 20.26
CA GLU F 252 51.36 5.90 20.75
C GLU F 252 50.82 4.49 20.94
N ALA F 253 51.60 3.51 20.52
CA ALA F 253 51.19 2.12 20.59
C ALA F 253 52.25 1.29 21.30
N GLY F 254 51.80 0.32 22.09
CA GLY F 254 52.71 -0.55 22.80
C GLY F 254 52.84 -0.16 24.26
N GLY F 255 52.13 -0.85 25.13
CA GLY F 255 52.16 -0.57 26.54
C GLY F 255 51.37 0.64 26.97
N ALA F 256 50.78 1.38 26.04
CA ALA F 256 50.01 2.57 26.37
C ALA F 256 48.52 2.29 26.50
N GLY F 257 48.07 1.09 26.13
CA GLY F 257 46.69 0.72 26.32
C GLY F 257 46.36 0.27 27.72
N THR F 258 47.35 0.19 28.59
CA THR F 258 47.14 -0.15 29.99
C THR F 258 47.42 1.00 30.94
N ARG F 259 48.20 1.99 30.53
CA ARG F 259 48.47 3.15 31.36
C ARG F 259 47.19 3.94 31.61
N ALA F 260 47.31 4.91 32.51
CA ALA F 260 46.20 5.82 32.82
C ALA F 260 46.27 7.12 32.05
N ARG F 261 47.35 7.37 31.30
CA ARG F 261 47.42 8.56 30.46
C ARG F 261 46.55 8.46 29.22
N SER F 262 46.03 7.27 28.93
CA SER F 262 45.21 7.04 27.74
C SER F 262 43.74 6.85 28.08
N LEU F 263 43.29 7.40 29.20
CA LEU F 263 41.89 7.32 29.60
C LEU F 263 41.24 8.66 29.35
N TRP F 264 40.15 8.65 28.59
CA TRP F 264 39.40 9.85 28.25
C TRP F 264 37.98 9.70 28.77
N ARG F 265 37.37 10.83 29.09
CA ARG F 265 36.01 10.87 29.60
C ARG F 265 35.15 11.66 28.63
N VAL F 266 34.01 11.08 28.26
CA VAL F 266 33.10 11.66 27.28
C VAL F 266 32.02 12.40 28.04
N GLU F 267 32.07 13.72 28.01
CA GLU F 267 31.14 14.55 28.78
C GLU F 267 30.20 15.28 27.85
N PRO F 268 28.93 14.90 27.76
CA PRO F 268 28.01 15.62 26.88
C PRO F 268 27.84 17.06 27.30
N LEU F 269 27.20 17.84 26.43
CA LEU F 269 26.93 19.24 26.70
C LEU F 269 25.52 19.42 27.29
N ARG F 270 25.30 18.76 28.42
CA ARG F 270 24.00 18.81 29.07
C ARG F 270 24.15 18.32 30.51
N ILE F 271 23.34 18.89 31.39
CA ILE F 271 23.39 18.57 32.81
C ILE F 271 22.37 17.52 33.21
N SER F 272 21.15 17.62 32.67
CA SER F 272 20.14 16.60 32.89
C SER F 272 20.24 15.52 31.83
N TRP F 273 20.08 14.28 32.25
CA TRP F 273 20.18 13.13 31.35
C TRP F 273 21.56 13.05 30.71
N SER F 274 22.57 13.61 31.37
CA SER F 274 23.92 13.58 30.83
C SER F 274 24.52 12.18 30.85
N GLY F 275 23.93 11.26 31.61
CA GLY F 275 24.44 9.92 31.68
C GLY F 275 23.71 8.99 30.74
N SER F 276 23.07 9.55 29.73
CA SER F 276 22.29 8.80 28.77
C SER F 276 23.12 8.50 27.52
N ASN F 277 22.51 7.79 26.57
CA ASN F 277 23.24 7.28 25.43
C ASN F 277 23.68 8.40 24.50
N ILE F 278 24.89 8.27 23.98
CA ILE F 278 25.46 9.24 23.06
C ILE F 278 25.09 8.85 21.63
N ARG F 279 24.58 9.80 20.87
CA ARG F 279 24.11 9.58 19.51
C ARG F 279 25.14 10.06 18.50
N TRP F 280 25.08 9.49 17.30
CA TRP F 280 25.99 9.91 16.24
C TRP F 280 25.80 11.38 15.95
N GLY F 281 26.90 12.12 15.88
CA GLY F 281 26.86 13.54 15.63
C GLY F 281 26.62 14.40 16.85
N GLN F 282 26.41 13.81 18.02
CA GLN F 282 26.20 14.59 19.23
C GLN F 282 27.49 15.25 19.68
N ALA F 283 27.39 16.50 20.13
CA ALA F 283 28.56 17.23 20.60
C ALA F 283 28.86 16.85 22.04
N PHE F 284 30.14 16.63 22.33
CA PHE F 284 30.58 16.33 23.68
C PHE F 284 31.94 16.98 23.90
N ARG F 285 32.54 16.67 25.05
CA ARG F 285 33.91 17.06 25.36
C ARG F 285 34.69 15.82 25.75
N LEU F 286 35.96 15.79 25.38
CA LEU F 286 36.86 14.73 25.80
C LEU F 286 37.78 15.29 26.87
N ARG F 287 37.65 14.79 28.09
CA ARG F 287 38.50 15.22 29.19
C ARG F 287 39.55 14.16 29.47
N HIS F 288 40.80 14.60 29.61
CA HIS F 288 41.87 13.71 30.00
C HIS F 288 41.84 13.53 31.52
N ILE F 289 41.77 12.29 31.99
CA ILE F 289 41.53 12.05 33.41
C ILE F 289 42.75 12.45 34.24
N THR F 290 43.91 11.87 33.94
CA THR F 290 45.08 12.09 34.77
C THR F 290 45.58 13.52 34.73
N THR F 291 45.18 14.31 33.74
CA THR F 291 45.59 15.69 33.65
C THR F 291 44.48 16.67 33.94
N GLY F 292 43.24 16.34 33.61
CA GLY F 292 42.16 17.28 33.78
C GLY F 292 42.06 18.31 32.69
N HIS F 293 42.73 18.10 31.57
CA HIS F 293 42.69 19.01 30.44
C HIS F 293 41.78 18.43 29.36
N TYR F 294 41.24 19.32 28.53
CA TYR F 294 40.28 18.96 27.52
C TYR F 294 40.93 19.00 26.14
N LEU F 295 40.60 18.02 25.31
CA LEU F 295 41.03 18.08 23.91
C LEU F 295 40.39 19.29 23.25
N ALA F 296 41.19 20.08 22.55
CA ALA F 296 40.71 21.34 22.02
C ALA F 296 41.48 21.68 20.75
N LEU F 297 40.91 22.61 19.99
CA LEU F 297 41.56 23.18 18.81
C LEU F 297 41.99 24.59 19.17
N THR F 298 43.18 24.71 19.74
CA THR F 298 43.74 26.02 20.02
C THR F 298 44.20 26.68 18.72
N GLU F 299 44.06 28.00 18.66
CA GLU F 299 44.42 28.73 17.46
C GLU F 299 45.90 28.60 17.13
N ASP F 300 46.76 28.71 18.15
CA ASP F 300 48.20 28.73 17.91
C ASP F 300 48.77 27.34 17.64
N GLN F 301 48.24 26.30 18.28
CA GLN F 301 48.88 25.00 18.26
C GLN F 301 48.04 23.88 17.65
N GLY F 302 46.81 24.14 17.23
CA GLY F 302 46.02 23.07 16.64
C GLY F 302 45.41 22.19 17.72
N LEU F 303 45.42 20.88 17.47
CA LEU F 303 44.86 19.94 18.43
C LEU F 303 45.78 19.84 19.64
N LEU F 304 45.23 20.09 20.83
CA LEU F 304 46.07 20.22 22.01
C LEU F 304 45.20 20.06 23.25
N LEU F 305 45.85 19.73 24.36
CA LEU F 305 45.17 19.72 25.66
C LEU F 305 45.11 21.14 26.18
N GLN F 306 43.94 21.54 26.65
CA GLN F 306 43.73 22.90 27.13
C GLN F 306 43.18 22.86 28.54
N ASP F 307 43.41 23.95 29.26
CA ASP F 307 43.00 24.02 30.65
C ASP F 307 41.48 24.01 30.76
N ARG F 308 41.00 23.58 31.93
CA ARG F 308 39.57 23.63 32.19
C ARG F 308 39.05 25.05 32.23
N ALA F 309 39.91 26.04 32.49
CA ALA F 309 39.46 27.41 32.57
C ALA F 309 39.19 28.01 31.19
N LYS F 310 39.97 27.61 30.19
CA LYS F 310 39.84 28.15 28.84
C LYS F 310 38.97 27.29 27.92
N SER F 311 38.47 26.16 28.41
CA SER F 311 37.78 25.20 27.55
C SER F 311 36.34 25.62 27.37
N ASP F 312 36.09 26.43 26.35
CA ASP F 312 34.73 26.75 25.94
C ASP F 312 34.24 25.71 24.93
N THR F 313 32.96 25.84 24.56
CA THR F 313 32.38 24.86 23.64
C THR F 313 32.97 25.00 22.24
N LYS F 314 33.32 26.21 21.83
CA LYS F 314 33.89 26.40 20.51
C LYS F 314 35.22 25.66 20.36
N SER F 315 36.10 25.78 21.36
CA SER F 315 37.38 25.09 21.31
C SER F 315 37.21 23.59 21.54
N THR F 316 36.43 23.21 22.55
CA THR F 316 36.34 21.83 23.02
C THR F 316 34.93 21.32 22.78
N ALA F 317 34.68 20.78 21.60
CA ALA F 317 33.39 20.15 21.30
C ALA F 317 33.57 19.28 20.08
N PHE F 318 33.52 17.97 20.26
CA PHE F 318 33.77 17.01 19.21
C PHE F 318 32.57 16.09 19.09
N SER F 319 32.48 15.40 17.95
CA SER F 319 31.38 14.48 17.71
C SER F 319 31.91 13.21 17.06
N PHE F 320 31.20 12.11 17.31
CA PHE F 320 31.47 10.83 16.69
C PHE F 320 30.54 10.65 15.49
N ARG F 321 31.10 10.27 14.35
CA ARG F 321 30.35 10.13 13.12
C ARG F 321 30.63 8.77 12.50
N ALA F 322 29.57 8.12 12.03
CA ALA F 322 29.71 6.76 11.50
C ALA F 322 30.57 6.74 10.25
N SER F 323 30.54 7.82 9.47
CA SER F 323 31.32 7.90 8.24
C SER F 323 31.56 9.35 7.91
N LYS F 324 32.51 9.60 7.02
CA LYS F 324 32.86 10.96 6.63
C LYS F 324 31.92 11.53 5.59
N GLU F 325 30.82 10.84 5.26
CA GLU F 325 29.86 11.36 4.31
C GLU F 325 29.27 12.67 4.82
N ILE F 326 29.18 13.65 3.94
CA ILE F 326 28.65 14.96 4.30
C ILE F 326 27.18 14.85 4.68
N ARG F 336 17.57 15.87 18.79
CA ARG F 336 17.95 16.99 19.62
C ARG F 336 18.11 16.57 21.07
N ASP F 337 17.66 17.42 22.00
CA ASP F 337 17.78 17.15 23.43
C ASP F 337 16.68 16.16 23.83
N ILE F 338 16.93 14.89 23.54
CA ILE F 338 16.00 13.84 23.90
C ILE F 338 15.94 13.74 25.41
N GLU F 339 14.76 13.96 25.98
CA GLU F 339 14.58 13.98 27.43
C GLU F 339 14.38 12.55 27.94
N GLY F 340 15.47 11.78 27.88
CA GLY F 340 15.44 10.42 28.37
C GLY F 340 16.75 9.73 28.05
N MET F 341 16.75 8.42 28.32
CA MET F 341 17.95 7.62 28.04
C MET F 341 18.21 7.44 26.55
N GLY F 342 17.28 7.82 25.69
CA GLY F 342 17.51 7.70 24.27
C GLY F 342 17.56 6.25 23.83
N VAL F 343 18.14 6.04 22.66
CA VAL F 343 18.33 4.70 22.10
C VAL F 343 19.81 4.50 21.84
N PRO F 344 20.37 3.33 22.13
CA PRO F 344 21.81 3.12 21.93
C PRO F 344 22.20 3.21 20.46
N GLU F 345 23.18 4.07 20.16
CA GLU F 345 23.69 4.23 18.81
C GLU F 345 25.12 3.73 18.68
N ILE F 346 26.04 4.26 19.49
CA ILE F 346 27.45 3.91 19.40
C ILE F 346 27.72 2.73 20.31
N LYS F 347 28.58 1.82 19.87
CA LYS F 347 28.81 0.57 20.56
C LYS F 347 30.29 0.38 20.81
N TYR F 348 30.62 -0.33 21.89
CA TYR F 348 32.01 -0.51 22.29
C TYR F 348 32.64 -1.61 21.46
N GLY F 349 33.72 -1.29 20.77
CA GLY F 349 34.40 -2.26 19.93
C GLY F 349 33.80 -2.51 18.57
N ASP F 350 32.48 -2.69 18.50
CA ASP F 350 31.83 -2.95 17.23
C ASP F 350 31.92 -1.74 16.30
N SER F 351 31.52 -0.58 16.80
CA SER F 351 31.39 0.59 15.95
C SER F 351 32.73 1.29 15.74
N VAL F 352 32.93 1.81 14.54
CA VAL F 352 34.12 2.58 14.19
C VAL F 352 33.69 4.04 14.08
N CYS F 353 34.29 4.89 14.90
CA CYS F 353 33.87 6.28 15.05
C CYS F 353 34.89 7.22 14.43
N PHE F 354 34.40 8.24 13.75
CA PHE F 354 35.24 9.31 13.23
C PHE F 354 35.02 10.54 14.09
N VAL F 355 36.10 11.11 14.61
CA VAL F 355 36.00 12.25 15.51
C VAL F 355 36.11 13.53 14.70
N GLN F 356 35.10 14.39 14.81
CA GLN F 356 35.06 15.64 14.08
C GLN F 356 34.92 16.81 15.03
N HIS F 357 35.66 17.88 14.77
CA HIS F 357 35.49 19.10 15.53
C HIS F 357 34.20 19.78 15.10
N ILE F 358 33.34 20.09 16.06
CA ILE F 358 32.00 20.57 15.73
C ILE F 358 32.06 21.92 15.04
N ALA F 359 32.90 22.82 15.53
CA ALA F 359 32.99 24.14 14.91
C ALA F 359 33.81 24.11 13.63
N SER F 360 35.09 23.76 13.75
CA SER F 360 35.98 23.81 12.59
C SER F 360 35.57 22.80 11.53
N GLY F 361 34.92 21.72 11.92
CA GLY F 361 34.57 20.67 10.99
C GLY F 361 35.72 19.75 10.63
N LEU F 362 36.92 20.01 11.15
CA LEU F 362 38.08 19.21 10.82
C LEU F 362 37.96 17.81 11.41
N TRP F 363 38.80 16.92 10.91
CA TRP F 363 38.79 15.52 11.30
C TRP F 363 40.07 15.15 12.02
N VAL F 364 39.95 14.28 13.02
CA VAL F 364 41.08 13.89 13.85
C VAL F 364 41.87 12.82 13.10
N THR F 365 43.04 13.18 12.59
CA THR F 365 43.87 12.29 11.80
C THR F 365 45.30 12.35 12.28
N TYR F 366 46.01 11.23 12.14
CA TYR F 366 47.41 11.20 12.49
C TYR F 366 48.24 11.89 11.42
N LYS F 367 49.21 12.68 11.85
CA LYS F 367 50.13 13.32 10.92
C LYS F 367 51.03 12.27 10.27
N ALA F 368 51.25 12.41 8.98
CA ALA F 368 52.12 11.48 8.26
C ALA F 368 53.54 11.55 8.81
N GLN F 369 54.21 10.40 8.81
CA GLN F 369 55.56 10.30 9.34
C GLN F 369 56.52 11.24 8.61
N LEU F 379 54.00 2.36 16.10
CA LEU F 379 54.67 3.65 15.95
C LEU F 379 54.02 4.72 16.81
N LYS F 380 54.73 5.82 17.05
CA LYS F 380 54.22 6.95 17.82
C LYS F 380 53.85 8.06 16.84
N ARG F 381 52.64 7.98 16.29
CA ARG F 381 52.16 8.94 15.32
C ARG F 381 51.57 10.16 16.02
N LYS F 382 51.82 11.34 15.45
CA LYS F 382 51.21 12.55 15.96
C LYS F 382 49.76 12.66 15.51
N VAL F 383 49.01 13.52 16.19
CA VAL F 383 47.58 13.70 15.92
C VAL F 383 47.30 15.17 15.65
N ILE F 384 46.45 15.42 14.67
CA ILE F 384 46.11 16.77 14.22
C ILE F 384 44.68 16.77 13.71
N LEU F 385 44.16 17.96 13.41
CA LEU F 385 42.89 18.12 12.75
C LEU F 385 43.14 18.54 11.31
N HIS F 386 42.55 17.80 10.37
CA HIS F 386 42.79 18.01 8.95
C HIS F 386 41.48 18.15 8.20
N GLN F 387 41.56 18.79 7.03
CA GLN F 387 40.36 19.15 6.29
C GLN F 387 39.54 17.92 5.90
N GLU F 388 40.18 16.93 5.28
CA GLU F 388 39.50 15.72 4.83
C GLU F 388 39.92 14.48 5.59
N GLY F 389 41.22 14.27 5.74
CA GLY F 389 41.73 13.18 6.55
C GLY F 389 41.87 11.88 5.76
N HIS F 390 42.64 10.97 6.33
CA HIS F 390 42.91 9.69 5.71
C HIS F 390 41.65 8.82 5.72
N MET F 391 41.79 7.59 5.24
CA MET F 391 40.69 6.64 5.31
C MET F 391 40.75 5.76 6.54
N ASP F 392 41.93 5.57 7.13
CA ASP F 392 42.07 4.84 8.38
C ASP F 392 42.06 5.78 9.57
N ASP F 393 41.05 6.66 9.64
CA ASP F 393 40.91 7.60 10.73
C ASP F 393 39.88 7.15 11.76
N GLY F 394 39.27 5.99 11.58
CA GLY F 394 38.27 5.53 12.50
C GLY F 394 38.88 5.08 13.81
N LEU F 395 38.25 5.49 14.92
CA LEU F 395 38.69 5.15 16.26
C LEU F 395 37.64 4.25 16.91
N THR F 396 38.07 3.07 17.37
CA THR F 396 37.19 2.26 18.17
C THR F 396 37.27 2.69 19.64
N LEU F 397 36.29 2.28 20.43
CA LEU F 397 36.22 2.68 21.82
C LEU F 397 36.15 1.46 22.72
N GLN F 398 36.85 1.52 23.85
CA GLN F 398 36.75 0.48 24.87
C GLN F 398 36.55 1.11 26.22
N ARG F 399 35.55 0.64 26.96
CA ARG F 399 35.27 1.19 28.28
C ARG F 399 36.30 0.66 29.28
N CYS F 400 36.88 1.57 30.06
CA CYS F 400 37.85 1.16 31.05
C CYS F 400 37.16 0.75 32.34
N GLN F 401 37.84 -0.09 33.10
CA GLN F 401 37.27 -0.60 34.34
C GLN F 401 37.14 0.51 35.37
N ARG F 402 36.27 0.28 36.36
CA ARG F 402 36.02 1.31 37.37
C ARG F 402 37.28 1.61 38.18
N GLU F 403 38.06 0.57 38.48
CA GLU F 403 39.27 0.76 39.25
C GLU F 403 40.25 1.68 38.52
N GLU F 404 40.41 1.47 37.21
CA GLU F 404 41.36 2.29 36.46
C GLU F 404 40.94 3.76 36.44
N SER F 405 39.67 4.04 36.19
CA SER F 405 39.22 5.43 36.14
C SER F 405 39.31 6.09 37.51
N GLN F 406 38.93 5.37 38.57
CA GLN F 406 39.05 5.92 39.91
C GLN F 406 40.51 6.21 40.25
N ALA F 407 41.40 5.28 39.95
CA ALA F 407 42.82 5.49 40.20
C ALA F 407 43.35 6.66 39.41
N ALA F 408 42.89 6.85 38.18
CA ALA F 408 43.37 7.97 37.38
C ALA F 408 42.95 9.29 37.98
N ARG F 409 41.69 9.41 38.43
CA ARG F 409 41.28 10.67 39.06
C ARG F 409 42.04 10.91 40.36
N ILE F 410 42.27 9.85 41.13
CA ILE F 410 43.03 9.98 42.37
C ILE F 410 44.47 10.41 42.07
N ILE F 411 45.05 9.89 40.99
CA ILE F 411 46.37 10.30 40.57
C ILE F 411 46.38 11.79 40.26
N ARG F 412 45.37 12.26 39.54
CA ARG F 412 45.30 13.69 39.22
C ARG F 412 45.28 14.54 40.49
N ASN F 413 44.37 14.21 41.41
CA ASN F 413 44.24 15.01 42.62
C ASN F 413 45.51 14.98 43.45
N THR F 414 46.08 13.79 43.64
CA THR F 414 47.28 13.65 44.44
C THR F 414 48.46 14.38 43.82
N THR F 415 48.61 14.29 42.50
CA THR F 415 49.70 14.99 41.84
C THR F 415 49.57 16.48 42.02
N ALA F 416 48.35 17.02 41.86
CA ALA F 416 48.17 18.46 42.05
C ALA F 416 48.54 18.87 43.46
N LEU F 417 48.03 18.13 44.45
CA LEU F 417 48.29 18.47 45.85
C LEU F 417 49.78 18.42 46.17
N PHE F 418 50.45 17.32 45.85
CA PHE F 418 51.85 17.19 46.21
C PHE F 418 52.73 18.15 45.42
N SER F 419 52.39 18.43 44.16
CA SER F 419 53.16 19.39 43.40
C SER F 419 53.06 20.78 44.02
N GLN F 420 51.86 21.18 44.45
CA GLN F 420 51.77 22.45 45.17
C GLN F 420 52.55 22.39 46.48
N PHE F 421 52.63 21.20 47.09
CA PHE F 421 53.37 21.03 48.33
C PHE F 421 54.88 20.95 48.11
N VAL F 422 55.33 20.66 46.89
CA VAL F 422 56.75 20.51 46.59
C VAL F 422 57.17 21.59 45.61
N SER F 423 56.55 22.75 45.70
CA SER F 423 56.84 23.84 44.79
C SER F 423 58.13 24.57 45.18
N THR F 433 50.57 28.43 53.91
CA THR F 433 50.75 28.12 52.49
C THR F 433 49.99 26.87 52.09
N LEU F 434 50.62 25.71 52.30
CA LEU F 434 50.00 24.44 51.93
C LEU F 434 49.00 24.01 53.00
N PRO F 435 47.82 23.52 52.60
CA PRO F 435 46.84 23.07 53.59
C PRO F 435 47.30 21.79 54.27
N ILE F 436 47.68 21.88 55.54
CA ILE F 436 48.27 20.74 56.22
C ILE F 436 47.22 19.66 56.46
N GLN F 437 46.01 20.04 56.82
CA GLN F 437 44.98 19.04 57.11
C GLN F 437 44.61 18.26 55.86
N GLU F 438 44.52 18.94 54.71
CA GLU F 438 44.23 18.25 53.47
C GLU F 438 45.34 17.26 53.13
N VAL F 439 46.59 17.65 53.33
CA VAL F 439 47.71 16.74 53.07
C VAL F 439 47.64 15.53 53.99
N LEU F 440 47.32 15.76 55.26
CA LEU F 440 47.25 14.66 56.22
C LEU F 440 46.14 13.69 55.86
N GLN F 441 44.96 14.21 55.54
CA GLN F 441 43.85 13.35 55.17
C GLN F 441 44.15 12.59 53.89
N THR F 442 44.77 13.25 52.91
CA THR F 442 45.11 12.58 51.67
C THR F 442 46.11 11.45 51.91
N LEU F 443 47.13 11.70 52.75
CA LEU F 443 48.12 10.66 53.01
C LEU F 443 47.51 9.49 53.75
N GLN F 444 46.63 9.75 54.72
CA GLN F 444 45.97 8.66 55.41
C GLN F 444 45.07 7.85 54.47
N ASP F 445 44.33 8.53 53.61
CA ASP F 445 43.46 7.83 52.67
C ASP F 445 44.26 7.03 51.66
N LEU F 446 45.40 7.56 51.22
CA LEU F 446 46.24 6.82 50.28
C LEU F 446 46.88 5.61 50.94
N ILE F 447 47.30 5.73 52.20
CA ILE F 447 47.86 4.59 52.91
C ILE F 447 46.80 3.52 53.11
N ALA F 448 45.56 3.92 53.39
CA ALA F 448 44.48 2.94 53.49
C ALA F 448 44.10 2.38 52.12
N TYR F 449 44.41 3.12 51.06
CA TYR F 449 44.09 2.67 49.70
C TYR F 449 44.99 1.53 49.27
N PHE F 450 46.27 1.57 49.67
CA PHE F 450 47.23 0.53 49.32
C PHE F 450 47.39 -0.46 50.47
N GLN F 451 46.26 -1.03 50.88
CA GLN F 451 46.24 -1.87 52.06
C GLN F 451 46.17 -3.33 51.66
N PRO F 452 47.14 -4.15 52.05
CA PRO F 452 47.10 -5.55 51.64
C PRO F 452 45.92 -6.26 52.28
N PRO F 453 45.39 -7.28 51.63
CA PRO F 453 44.28 -8.03 52.21
C PRO F 453 44.70 -8.76 53.47
N GLU F 454 43.74 -8.95 54.38
CA GLU F 454 44.01 -9.67 55.61
C GLU F 454 44.38 -11.11 55.31
N GLU F 455 45.30 -11.67 56.10
CA GLU F 455 45.74 -13.04 55.87
C GLU F 455 44.62 -14.05 56.05
N GLU F 456 43.65 -13.75 56.92
CA GLU F 456 42.54 -14.66 57.17
C GLU F 456 41.60 -14.81 55.99
N MET F 457 41.73 -13.96 54.97
CA MET F 457 40.82 -13.99 53.84
C MET F 457 40.96 -15.30 53.08
N GLN F 458 39.89 -15.65 52.36
CA GLN F 458 39.91 -16.84 51.53
C GLN F 458 40.91 -16.68 50.39
N HIS F 459 41.38 -17.81 49.87
CA HIS F 459 42.47 -17.77 48.90
C HIS F 459 42.07 -17.04 47.63
N GLU F 460 40.87 -17.31 47.10
CA GLU F 460 40.45 -16.67 45.86
C GLU F 460 40.25 -15.18 46.05
N ASP F 461 39.55 -14.78 47.11
CA ASP F 461 39.36 -13.36 47.38
C ASP F 461 40.68 -12.68 47.66
N LYS F 462 41.56 -13.35 48.41
CA LYS F 462 42.87 -12.77 48.71
C LYS F 462 43.67 -12.55 47.44
N GLN F 463 43.62 -13.50 46.51
CA GLN F 463 44.34 -13.35 45.25
C GLN F 463 43.76 -12.23 44.41
N ASN F 464 42.42 -12.11 44.39
CA ASN F 464 41.83 -11.00 43.65
C ASN F 464 42.24 -9.66 44.24
N LYS F 465 42.24 -9.55 45.57
CA LYS F 465 42.67 -8.31 46.20
C LYS F 465 44.13 -8.02 45.90
N LEU F 466 44.98 -9.05 45.92
CA LEU F 466 46.39 -8.84 45.60
C LEU F 466 46.56 -8.37 44.17
N ARG F 467 45.81 -8.95 43.23
CA ARG F 467 45.91 -8.53 41.84
C ARG F 467 45.48 -7.09 41.66
N SER F 468 44.36 -6.70 42.27
CA SER F 468 43.91 -5.32 42.15
C SER F 468 44.90 -4.36 42.79
N LEU F 469 45.46 -4.74 43.94
CA LEU F 469 46.45 -3.89 44.59
C LEU F 469 47.69 -3.71 43.73
N LYS F 470 48.15 -4.79 43.09
CA LYS F 470 49.31 -4.68 42.22
C LYS F 470 49.00 -3.80 41.02
N ASN F 471 47.78 -3.91 40.47
CA ASN F 471 47.40 -3.04 39.36
C ASN F 471 47.42 -1.58 39.77
N ARG F 472 46.90 -1.26 40.96
CA ARG F 472 46.90 0.12 41.42
C ARG F 472 48.31 0.62 41.66
N GLN F 473 49.18 -0.23 42.23
CA GLN F 473 50.57 0.15 42.41
C GLN F 473 51.23 0.44 41.09
N ASN F 474 51.00 -0.39 40.07
CA ASN F 474 51.58 -0.15 38.75
C ASN F 474 51.05 1.15 38.15
N LEU F 475 49.74 1.40 38.27
CA LEU F 475 49.17 2.63 37.73
C LEU F 475 49.79 3.85 38.37
N PHE F 476 49.96 3.83 39.69
CA PHE F 476 50.55 4.97 40.37
C PHE F 476 52.03 5.13 40.01
N LYS F 477 52.76 4.02 39.91
CA LYS F 477 54.19 4.11 39.59
C LYS F 477 54.39 4.65 38.18
N GLU F 478 53.54 4.25 37.23
CA GLU F 478 53.71 4.70 35.85
C GLU F 478 53.53 6.21 35.72
N GLU F 479 52.65 6.81 36.53
CA GLU F 479 52.41 8.23 36.48
C GLU F 479 53.40 9.03 37.30
N GLY F 480 54.53 8.44 37.67
CA GLY F 480 55.55 9.15 38.41
C GLY F 480 55.12 9.59 39.79
N MET F 481 54.42 8.72 40.52
CA MET F 481 54.05 9.04 41.89
C MET F 481 55.17 8.74 42.87
N LEU F 482 56.02 7.75 42.56
CA LEU F 482 57.19 7.51 43.40
C LEU F 482 58.14 8.70 43.39
N ALA F 483 58.39 9.26 42.20
CA ALA F 483 59.24 10.44 42.12
C ALA F 483 58.63 11.61 42.87
N LEU F 484 57.31 11.76 42.80
CA LEU F 484 56.64 12.83 43.53
C LEU F 484 56.80 12.64 45.03
N VAL F 485 56.65 11.42 45.52
CA VAL F 485 56.81 11.15 46.95
C VAL F 485 58.24 11.46 47.39
N LEU F 486 59.22 11.05 46.58
CA LEU F 486 60.61 11.33 46.93
C LEU F 486 60.88 12.83 46.95
N ASN F 487 60.33 13.57 45.98
CA ASN F 487 60.52 15.02 45.97
C ASN F 487 59.87 15.66 47.18
N CYS F 488 58.68 15.19 47.56
CA CYS F 488 58.03 15.73 48.75
C CYS F 488 58.87 15.47 49.99
N ILE F 489 59.44 14.27 50.09
CA ILE F 489 60.31 13.96 51.24
C ILE F 489 61.52 14.88 51.26
N ASP F 490 62.13 15.09 50.10
CA ASP F 490 63.31 15.96 50.03
C ASP F 490 62.95 17.38 50.44
N ARG F 491 61.82 17.90 49.96
CA ARG F 491 61.43 19.25 50.32
C ARG F 491 61.13 19.37 51.81
N LEU F 492 60.47 18.36 52.39
CA LEU F 492 60.21 18.39 53.82
C LEU F 492 61.51 18.38 54.62
N ASN F 493 62.48 17.57 54.19
CA ASN F 493 63.76 17.53 54.88
C ASN F 493 64.50 18.86 54.77
N ILE F 494 64.45 19.48 53.58
CA ILE F 494 65.07 20.79 53.42
C ILE F 494 64.40 21.82 54.31
N TYR F 495 63.07 21.81 54.39
CA TYR F 495 62.36 22.75 55.25
C TYR F 495 62.74 22.55 56.71
N ASN F 496 62.80 21.29 57.16
CA ASN F 496 63.17 21.03 58.55
C ASN F 496 64.63 21.42 58.83
N SER F 497 65.50 21.28 57.83
CA SER F 497 66.91 21.61 58.05
C SER F 497 67.09 23.09 58.36
N VAL F 498 66.37 23.96 57.66
CA VAL F 498 66.47 25.40 57.90
C VAL F 498 65.27 25.87 58.72
N SER F 509 54.61 24.00 64.19
CA SER F 509 54.05 22.96 63.35
C SER F 509 55.02 21.81 63.16
N GLY F 510 55.93 21.64 64.14
CA GLY F 510 56.90 20.57 64.05
C GLY F 510 56.27 19.19 64.13
N MET F 511 55.30 19.01 65.03
CA MET F 511 54.65 17.72 65.16
C MET F 511 53.87 17.36 63.90
N ALA F 512 53.18 18.34 63.31
CA ALA F 512 52.42 18.08 62.09
C ALA F 512 53.33 17.65 60.95
N TRP F 513 54.47 18.33 60.80
CA TRP F 513 55.39 17.98 59.71
C TRP F 513 56.09 16.66 59.98
N LYS F 514 56.38 16.34 61.25
CA LYS F 514 56.92 15.02 61.55
C LYS F 514 55.92 13.94 61.18
N GLU F 515 54.64 14.16 61.49
CA GLU F 515 53.62 13.20 61.10
C GLU F 515 53.52 13.09 59.58
N ILE F 516 53.63 14.23 58.88
CA ILE F 516 53.58 14.22 57.43
C ILE F 516 54.73 13.40 56.86
N LEU F 517 55.93 13.56 57.40
CA LEU F 517 57.08 12.80 56.92
C LEU F 517 56.91 11.32 57.19
N ASN F 518 56.41 10.96 58.39
CA ASN F 518 56.20 9.55 58.68
C ASN F 518 55.15 8.95 57.75
N LEU F 519 54.07 9.70 57.48
CA LEU F 519 53.05 9.21 56.56
C LEU F 519 53.61 9.08 55.15
N LEU F 520 54.51 9.98 54.74
CA LEU F 520 55.13 9.86 53.44
C LEU F 520 55.94 8.58 53.33
N TYR F 521 56.72 8.25 54.37
CA TYR F 521 57.48 7.02 54.34
C TYR F 521 56.57 5.79 54.31
N LYS F 522 55.49 5.83 55.10
CA LYS F 522 54.55 4.71 55.09
C LYS F 522 53.89 4.57 53.71
N LEU F 523 53.55 5.68 53.07
CA LEU F 523 52.96 5.64 51.74
C LEU F 523 53.94 5.09 50.72
N LEU F 524 55.22 5.47 50.83
CA LEU F 524 56.22 4.92 49.93
C LEU F 524 56.33 3.42 50.09
N ALA F 525 56.36 2.94 51.32
CA ALA F 525 56.42 1.50 51.54
C ALA F 525 55.19 0.80 51.00
N ALA F 526 54.01 1.41 51.19
CA ALA F 526 52.78 0.82 50.68
C ALA F 526 52.76 0.79 49.16
N LEU F 527 53.34 1.81 48.53
CA LEU F 527 53.44 1.83 47.08
C LEU F 527 54.34 0.74 46.55
N ILE F 528 55.49 0.51 47.20
CA ILE F 528 56.46 -0.44 46.66
C ILE F 528 56.38 -1.81 47.34
N ARG F 529 55.55 -1.98 48.35
CA ARG F 529 55.52 -3.25 49.08
C ARG F 529 54.94 -4.36 48.21
N GLY F 530 55.71 -5.44 48.04
CA GLY F 530 55.24 -6.59 47.33
C GLY F 530 55.18 -6.44 45.83
N ASN F 531 55.74 -5.36 45.28
CA ASN F 531 55.71 -5.08 43.86
C ASN F 531 57.15 -5.08 43.36
N ARG F 532 57.50 -6.07 42.56
CA ARG F 532 58.89 -6.22 42.14
C ARG F 532 59.33 -5.07 41.24
N ASN F 533 58.46 -4.61 40.34
CA ASN F 533 58.84 -3.53 39.43
C ASN F 533 59.09 -2.23 40.20
N ASN F 534 58.24 -1.91 41.16
CA ASN F 534 58.43 -0.69 41.94
C ASN F 534 59.72 -0.76 42.75
N CYS F 535 60.01 -1.91 43.35
CA CYS F 535 61.25 -2.06 44.11
C CYS F 535 62.47 -1.96 43.20
N ALA F 536 62.40 -2.56 42.01
CA ALA F 536 63.49 -2.44 41.06
C ALA F 536 63.69 -0.98 40.65
N GLN F 537 62.60 -0.25 40.46
CA GLN F 537 62.69 1.18 40.15
C GLN F 537 63.34 1.94 41.29
N PHE F 538 62.99 1.60 42.52
CA PHE F 538 63.54 2.29 43.69
C PHE F 538 64.97 1.88 44.00
N SER F 539 65.45 0.78 43.41
CA SER F 539 66.82 0.34 43.66
C SER F 539 67.84 1.41 43.31
N ASN F 540 67.50 2.31 42.38
CA ASN F 540 68.42 3.37 41.99
C ASN F 540 68.64 4.40 43.08
N ASN F 541 67.81 4.40 44.13
CA ASN F 541 67.89 5.39 45.21
C ASN F 541 68.40 4.77 46.51
N LEU F 542 69.24 3.73 46.41
CA LEU F 542 69.79 3.13 47.61
C LEU F 542 70.66 4.12 48.37
N ASP F 543 71.46 4.91 47.64
CA ASP F 543 72.27 5.92 48.29
C ASP F 543 71.42 6.94 49.03
N TRP F 544 70.34 7.39 48.40
CA TRP F 544 69.41 8.32 49.03
C TRP F 544 68.81 7.73 50.30
N LEU F 545 68.33 6.49 50.21
CA LEU F 545 67.70 5.85 51.36
C LEU F 545 68.69 5.69 52.51
N ILE F 546 69.88 5.18 52.22
CA ILE F 546 70.86 4.94 53.28
C ILE F 546 71.32 6.26 53.88
N SER F 547 71.50 7.29 53.04
CA SER F 547 71.87 8.60 53.56
C SER F 547 70.81 9.14 54.50
N LYS F 548 69.55 8.84 54.25
CA LYS F 548 68.49 9.26 55.17
C LYS F 548 68.29 8.29 56.32
N LEU F 549 68.99 7.16 56.33
CA LEU F 549 68.89 6.25 57.48
C LEU F 549 69.36 6.90 58.77
N ASP F 550 70.32 7.83 58.67
CA ASP F 550 71.00 8.32 59.88
C ASP F 550 70.05 9.05 60.81
N ARG F 551 69.18 9.90 60.28
CA ARG F 551 68.34 10.75 61.11
C ARG F 551 67.41 9.92 61.98
N LEU F 552 67.22 10.37 63.22
CA LEU F 552 66.46 9.59 64.20
C LEU F 552 65.00 9.44 63.77
N GLU F 553 64.38 10.52 63.32
CA GLU F 553 62.97 10.47 62.97
C GLU F 553 62.72 9.54 61.79
N SER F 554 63.59 9.57 60.80
CA SER F 554 63.36 8.86 59.54
C SER F 554 63.86 7.41 59.55
N SER F 555 64.49 6.96 60.64
CA SER F 555 65.16 5.67 60.61
C SER F 555 64.17 4.51 60.45
N SER F 556 63.03 4.58 61.14
CA SER F 556 62.10 3.45 61.14
C SER F 556 61.44 3.26 59.77
N GLY F 557 60.92 4.35 59.20
CA GLY F 557 60.33 4.25 57.87
C GLY F 557 61.33 3.86 56.82
N ILE F 558 62.55 4.39 56.93
CA ILE F 558 63.61 4.01 56.00
C ILE F 558 63.91 2.52 56.12
N LEU F 559 63.93 1.98 57.34
CA LEU F 559 64.16 0.56 57.52
C LEU F 559 63.05 -0.27 56.90
N GLU F 560 61.80 0.15 57.08
CA GLU F 560 60.67 -0.56 56.47
C GLU F 560 60.80 -0.58 54.95
N VAL F 561 61.07 0.58 54.36
CA VAL F 561 61.21 0.67 52.91
C VAL F 561 62.38 -0.17 52.41
N LEU F 562 63.51 -0.09 53.11
CA LEU F 562 64.70 -0.82 52.69
C LEU F 562 64.49 -2.32 52.78
N HIS F 563 63.82 -2.80 53.82
CA HIS F 563 63.54 -4.22 53.92
C HIS F 563 62.59 -4.66 52.81
N CYS F 564 61.59 -3.84 52.49
CA CYS F 564 60.72 -4.17 51.35
C CYS F 564 61.54 -4.29 50.06
N ILE F 565 62.43 -3.33 49.83
CA ILE F 565 63.24 -3.35 48.61
C ILE F 565 64.10 -4.60 48.55
N LEU F 566 64.79 -4.91 49.64
CA LEU F 566 65.69 -6.06 49.66
C LEU F 566 64.92 -7.35 49.46
N ILE F 567 63.76 -7.50 50.10
CA ILE F 567 62.98 -8.71 49.94
C ILE F 567 62.51 -8.86 48.50
N GLU F 568 62.02 -7.77 47.90
CA GLU F 568 61.42 -7.88 46.57
C GLU F 568 62.45 -7.76 45.45
N SER F 569 63.21 -6.68 45.42
CA SER F 569 64.19 -6.50 44.37
C SER F 569 65.34 -7.47 44.57
N PRO F 570 65.59 -8.38 43.62
CA PRO F 570 66.77 -9.25 43.75
C PRO F 570 68.06 -8.60 43.29
N GLU F 571 67.99 -7.57 42.45
CA GLU F 571 69.19 -6.87 42.03
C GLU F 571 69.62 -5.80 43.02
N ALA F 572 68.76 -5.41 43.96
CA ALA F 572 69.13 -4.38 44.92
C ALA F 572 70.31 -4.81 45.77
N LEU F 573 70.35 -6.09 46.16
CA LEU F 573 71.50 -6.59 46.92
C LEU F 573 72.79 -6.48 46.14
N ASN F 574 72.73 -6.40 44.82
CA ASN F 574 73.93 -6.22 44.01
C ASN F 574 74.47 -4.80 44.08
N LEU F 575 73.65 -3.84 44.46
CA LEU F 575 74.08 -2.44 44.56
C LEU F 575 74.50 -2.05 45.97
N ILE F 576 74.47 -2.99 46.92
CA ILE F 576 74.85 -2.68 48.30
C ILE F 576 76.36 -2.74 48.42
N ALA F 577 76.98 -1.62 48.78
CA ALA F 577 78.42 -1.49 48.93
C ALA F 577 78.78 -1.48 50.40
N GLU F 578 80.09 -1.35 50.66
CA GLU F 578 80.57 -1.37 52.04
C GLU F 578 80.06 -0.17 52.84
N GLY F 579 79.95 0.99 52.20
CA GLY F 579 79.45 2.16 52.90
C GLY F 579 78.05 1.97 53.42
N HIS F 580 77.18 1.34 52.62
CA HIS F 580 75.81 1.12 53.05
C HIS F 580 75.74 0.14 54.21
N ILE F 581 76.55 -0.91 54.16
CA ILE F 581 76.59 -1.88 55.26
C ILE F 581 77.09 -1.21 56.53
N LYS F 582 78.13 -0.39 56.42
CA LYS F 582 78.62 0.33 57.59
C LYS F 582 77.58 1.30 58.12
N SER F 583 76.80 1.91 57.23
CA SER F 583 75.72 2.80 57.68
C SER F 583 74.67 2.05 58.47
N ILE F 584 74.28 0.86 58.01
CA ILE F 584 73.29 0.08 58.73
C ILE F 584 73.85 -0.38 60.08
N ILE F 585 75.10 -0.82 60.11
CA ILE F 585 75.70 -1.23 61.38
C ILE F 585 75.82 -0.05 62.34
N SER F 586 76.14 1.13 61.82
CA SER F 586 76.18 2.32 62.66
C SER F 586 74.80 2.69 63.18
N LEU F 587 73.76 2.43 62.39
CA LEU F 587 72.41 2.60 62.90
C LEU F 587 72.16 1.68 64.08
N LEU F 588 72.60 0.42 63.97
CA LEU F 588 72.54 -0.48 65.11
C LEU F 588 73.28 0.10 66.32
N ASP F 589 74.44 0.69 66.07
CA ASP F 589 75.28 1.19 67.16
C ASP F 589 74.70 2.42 67.83
N LYS F 590 74.05 3.31 67.08
CA LYS F 590 73.60 4.59 67.60
C LYS F 590 72.14 4.61 68.04
N HIS F 591 71.31 3.72 67.54
CA HIS F 591 69.91 3.71 67.94
C HIS F 591 69.57 2.64 68.97
N GLY F 592 70.51 1.76 69.28
CA GLY F 592 70.26 0.71 70.25
C GLY F 592 70.06 -0.63 69.61
N ARG F 593 69.82 -1.62 70.45
CA ARG F 593 69.71 -3.02 70.03
C ARG F 593 68.32 -3.26 69.47
N ASN F 594 68.15 -3.00 68.19
CA ASN F 594 66.91 -3.25 67.47
C ASN F 594 67.13 -4.40 66.49
N HIS F 595 66.26 -5.41 66.54
CA HIS F 595 66.51 -6.62 65.77
C HIS F 595 66.06 -6.51 64.32
N LYS F 596 65.38 -5.44 63.94
CA LYS F 596 65.02 -5.26 62.54
C LYS F 596 66.25 -4.91 61.70
N VAL F 597 67.23 -4.23 62.29
CA VAL F 597 68.50 -4.02 61.59
C VAL F 597 69.18 -5.35 61.34
N LEU F 598 69.10 -6.27 62.31
CA LEU F 598 69.66 -7.59 62.12
C LEU F 598 68.91 -8.37 61.04
N ASP F 599 67.59 -8.18 60.96
CA ASP F 599 66.83 -8.77 59.86
C ASP F 599 67.31 -8.24 58.51
N VAL F 600 67.55 -6.93 58.43
CA VAL F 600 68.03 -6.35 57.17
C VAL F 600 69.39 -6.92 56.81
N LEU F 601 70.28 -7.07 57.79
CA LEU F 601 71.59 -7.64 57.52
C LEU F 601 71.48 -9.08 57.03
N CYS F 602 70.61 -9.87 57.67
CA CYS F 602 70.38 -11.23 57.21
C CYS F 602 69.87 -11.26 55.78
N SER F 603 68.96 -10.34 55.44
CA SER F 603 68.48 -10.23 54.07
C SER F 603 69.61 -9.91 53.11
N LEU F 604 70.54 -9.06 53.53
CA LEU F 604 71.69 -8.75 52.69
C LEU F 604 72.55 -9.98 52.44
N CYS F 605 72.69 -10.84 53.45
CA CYS F 605 73.59 -11.98 53.31
C CYS F 605 73.07 -13.00 52.29
N LEU F 606 71.80 -13.36 52.36
CA LEU F 606 71.22 -14.39 51.50
C LEU F 606 70.12 -13.80 50.63
N CYS F 607 70.21 -14.03 49.32
CA CYS F 607 69.32 -13.44 48.32
C CYS F 607 68.49 -14.54 47.66
N ASN F 608 67.40 -14.94 48.34
CA ASN F 608 66.48 -15.94 47.80
C ASN F 608 67.18 -17.23 47.42
N GLY F 609 68.03 -17.72 48.33
CA GLY F 609 68.72 -18.98 48.15
C GLY F 609 70.13 -18.85 47.62
N VAL F 610 70.52 -17.69 47.10
CA VAL F 610 71.86 -17.46 46.58
C VAL F 610 72.62 -16.60 47.58
N ALA F 611 73.80 -17.07 47.97
CA ALA F 611 74.62 -16.37 48.95
C ALA F 611 75.47 -15.32 48.27
N VAL F 612 75.52 -14.13 48.86
CA VAL F 612 76.36 -13.04 48.38
C VAL F 612 77.57 -12.97 49.30
N ARG F 613 78.73 -13.39 48.80
CA ARG F 613 79.92 -13.49 49.64
C ARG F 613 80.42 -12.13 50.08
N ALA F 614 80.28 -11.12 49.23
CA ALA F 614 80.77 -9.78 49.59
C ALA F 614 80.02 -9.24 50.79
N ASN F 615 78.70 -9.37 50.80
CA ASN F 615 77.91 -8.92 51.93
C ASN F 615 78.25 -9.70 53.19
N GLN F 616 78.37 -11.02 53.07
CA GLN F 616 78.70 -11.85 54.23
C GLN F 616 80.04 -11.44 54.83
N ASN F 617 81.05 -11.27 53.98
CA ASN F 617 82.37 -10.91 54.46
C ASN F 617 82.38 -9.51 55.07
N LEU F 618 81.67 -8.55 54.45
CA LEU F 618 81.62 -7.21 55.01
C LEU F 618 80.96 -7.20 56.37
N ILE F 619 79.83 -7.91 56.49
CA ILE F 619 79.12 -7.94 57.76
C ILE F 619 79.95 -8.62 58.83
N CYS F 620 80.60 -9.73 58.49
CA CYS F 620 81.45 -10.41 59.44
C CYS F 620 82.61 -9.53 59.90
N ASP F 621 83.25 -8.83 58.97
CA ASP F 621 84.43 -8.06 59.31
C ASP F 621 84.08 -6.78 60.06
N ASN F 622 82.90 -6.19 59.82
CA ASN F 622 82.57 -4.92 60.43
C ASN F 622 81.71 -5.02 61.68
N LEU F 623 80.95 -6.10 61.84
CA LEU F 623 80.05 -6.22 62.99
C LEU F 623 80.61 -7.09 64.10
N LEU F 624 81.34 -8.14 63.77
CA LEU F 624 81.79 -9.12 64.75
C LEU F 624 83.01 -8.69 65.57
N PRO F 625 84.09 -8.23 64.95
CA PRO F 625 85.34 -8.01 65.71
C PRO F 625 85.22 -7.03 66.86
N ARG F 626 84.35 -6.03 66.75
CA ARG F 626 84.29 -5.00 67.77
C ARG F 626 83.89 -5.57 69.13
N ARG F 627 82.90 -6.45 69.16
CA ARG F 627 82.41 -7.06 70.40
C ARG F 627 81.86 -6.00 71.35
N ASN F 628 81.13 -5.04 70.81
CA ASN F 628 80.52 -4.00 71.62
C ASN F 628 79.06 -3.76 71.30
N LEU F 629 78.51 -4.41 70.29
CA LEU F 629 77.11 -4.30 69.93
C LEU F 629 76.33 -5.57 70.24
N LEU F 630 76.81 -6.73 69.80
CA LEU F 630 76.12 -7.99 70.04
C LEU F 630 76.45 -8.52 71.42
N LEU F 631 75.43 -9.04 72.09
CA LEU F 631 75.63 -9.63 73.41
C LEU F 631 76.56 -10.83 73.31
N GLN F 632 77.43 -11.00 74.30
CA GLN F 632 78.40 -12.08 74.29
C GLN F 632 77.89 -13.25 75.11
N THR F 633 78.42 -14.44 74.84
CA THR F 633 78.08 -15.62 75.62
C THR F 633 79.36 -16.39 75.94
N ARG F 634 79.37 -17.05 77.09
CA ARG F 634 80.56 -17.80 77.45
C ARG F 634 80.27 -18.69 78.65
N LEU F 635 80.91 -19.84 78.69
CA LEU F 635 80.77 -20.76 79.82
C LEU F 635 81.73 -20.35 80.94
N ILE F 636 81.19 -20.01 82.10
CA ILE F 636 81.98 -19.56 83.24
C ILE F 636 81.78 -20.54 84.38
N ASN F 637 82.86 -20.80 85.11
CA ASN F 637 82.78 -21.62 86.31
C ASN F 637 82.08 -20.88 87.43
N ASP F 638 81.29 -21.61 88.21
CA ASP F 638 80.64 -21.03 89.38
C ASP F 638 81.60 -20.96 90.56
N VAL F 639 81.53 -19.87 91.29
CA VAL F 639 82.44 -19.57 92.39
C VAL F 639 81.62 -19.42 93.67
N THR F 640 82.19 -19.88 94.78
CA THR F 640 81.54 -19.78 96.09
C THR F 640 82.52 -19.27 97.12
N SER F 641 82.01 -18.52 98.08
CA SER F 641 82.79 -17.96 99.16
C SER F 641 82.44 -18.63 100.48
N ILE F 642 83.43 -18.82 101.34
CA ILE F 642 83.24 -19.43 102.65
C ILE F 642 84.03 -18.65 103.67
N ARG F 643 83.42 -18.41 104.83
CA ARG F 643 84.02 -17.66 105.92
C ARG F 643 83.83 -18.39 107.23
N PRO F 644 84.74 -18.22 108.18
CA PRO F 644 84.47 -18.67 109.54
C PRO F 644 83.48 -17.75 110.23
N ASN F 645 83.22 -18.00 111.52
CA ASN F 645 82.27 -17.22 112.29
C ASN F 645 82.92 -16.07 113.03
N ILE F 646 83.96 -15.48 112.46
CA ILE F 646 84.79 -14.49 113.13
C ILE F 646 84.55 -13.14 112.46
N PHE F 647 84.08 -12.16 113.23
CA PHE F 647 83.83 -10.82 112.75
C PHE F 647 84.65 -9.83 113.56
N LEU F 648 85.38 -8.97 112.86
CA LEU F 648 86.24 -7.98 113.49
C LEU F 648 85.84 -6.59 113.02
N GLY F 649 85.78 -5.64 113.95
CA GLY F 649 85.38 -4.29 113.63
C GLY F 649 86.22 -3.28 114.38
N VAL F 650 86.19 -2.06 113.88
CA VAL F 650 86.89 -0.93 114.49
C VAL F 650 85.87 0.16 114.77
N ALA F 651 85.79 0.58 116.03
CA ALA F 651 84.87 1.62 116.43
C ALA F 651 85.42 2.34 117.65
N GLU F 652 84.94 3.56 117.87
CA GLU F 652 85.38 4.33 119.01
C GLU F 652 84.74 3.82 120.29
N GLY F 653 85.56 3.69 121.34
CA GLY F 653 85.07 3.20 122.60
C GLY F 653 84.60 1.75 122.51
N SER F 654 85.41 0.92 121.88
CA SER F 654 85.10 -0.50 121.71
C SER F 654 86.26 -1.33 122.24
N ALA F 655 85.93 -2.52 122.73
CA ALA F 655 86.93 -3.43 123.29
C ALA F 655 87.64 -4.27 122.24
N GLN F 656 87.27 -4.12 120.97
CA GLN F 656 87.87 -4.92 119.90
C GLN F 656 89.36 -4.64 119.79
N TYR F 657 90.12 -5.69 119.52
CA TYR F 657 91.54 -5.56 119.23
C TYR F 657 91.75 -5.36 117.74
N LYS F 658 92.75 -4.54 117.40
CA LYS F 658 92.91 -4.10 116.02
C LYS F 658 93.61 -5.14 115.14
N LYS F 659 94.80 -5.60 115.53
CA LYS F 659 95.57 -6.50 114.71
C LYS F 659 95.04 -7.93 114.81
N TRP F 660 94.99 -8.62 113.68
CA TRP F 660 94.50 -9.99 113.61
C TRP F 660 95.26 -10.76 112.55
N TYR F 661 95.22 -12.08 112.66
CA TYR F 661 96.03 -12.96 111.83
C TYR F 661 95.33 -14.31 111.67
N PHE F 662 95.47 -14.92 110.51
CA PHE F 662 94.98 -16.29 110.32
C PHE F 662 95.73 -16.93 109.17
N GLU F 663 95.48 -18.22 108.94
CA GLU F 663 96.18 -18.94 107.88
C GLU F 663 95.25 -19.88 107.14
N LEU F 664 95.65 -20.23 105.93
CA LEU F 664 94.95 -21.17 105.08
C LEU F 664 95.95 -22.16 104.51
N ILE F 665 95.63 -23.45 104.61
CA ILE F 665 96.47 -24.52 104.05
C ILE F 665 95.76 -25.09 102.84
N ILE F 666 96.48 -25.19 101.73
CA ILE F 666 95.90 -25.63 100.47
C ILE F 666 96.28 -27.10 100.28
N ASP F 667 95.34 -28.00 100.55
CA ASP F 667 95.65 -29.43 100.49
C ASP F 667 95.77 -29.91 99.06
N GLN F 668 94.93 -29.40 98.15
CA GLN F 668 94.92 -29.89 96.78
C GLN F 668 94.18 -28.89 95.91
N VAL F 669 94.84 -28.45 94.84
CA VAL F 669 94.21 -27.62 93.82
C VAL F 669 94.34 -28.34 92.49
N ASP F 670 93.25 -28.44 91.77
CA ASP F 670 93.23 -29.06 90.44
C ASP F 670 93.03 -27.96 89.42
N PRO F 671 94.09 -27.31 88.93
CA PRO F 671 93.91 -26.30 87.90
C PRO F 671 93.39 -26.93 86.62
N PHE F 672 92.49 -26.22 85.94
CA PHE F 672 91.91 -26.69 84.70
C PHE F 672 91.18 -28.01 84.91
N LEU F 673 90.11 -27.93 85.71
CA LEU F 673 89.18 -29.04 85.86
C LEU F 673 88.03 -28.97 84.86
N THR F 674 87.78 -27.78 84.28
CA THR F 674 86.68 -27.62 83.35
C THR F 674 87.06 -26.73 82.17
N ALA F 675 88.32 -26.77 81.74
CA ALA F 675 88.83 -26.00 80.61
C ALA F 675 88.96 -24.52 80.92
N GLU F 676 88.68 -24.11 82.15
CA GLU F 676 88.91 -22.76 82.64
C GLU F 676 89.67 -22.84 83.95
N PRO F 677 90.56 -21.89 84.22
CA PRO F 677 91.41 -22.01 85.42
C PRO F 677 90.58 -22.08 86.69
N THR F 678 91.03 -22.92 87.62
CA THR F 678 90.38 -22.99 88.92
C THR F 678 90.56 -21.67 89.66
N HIS F 679 89.50 -21.24 90.33
CA HIS F 679 89.50 -20.02 91.11
C HIS F 679 89.81 -20.34 92.56
N LEU F 680 90.80 -19.66 93.13
CA LEU F 680 91.10 -19.83 94.55
C LEU F 680 91.79 -18.57 95.03
N ARG F 681 91.06 -17.75 95.77
CA ARG F 681 91.60 -16.55 96.41
C ARG F 681 91.29 -16.58 97.88
N VAL F 682 92.20 -16.04 98.68
CA VAL F 682 92.03 -15.97 100.12
C VAL F 682 92.28 -14.53 100.56
N GLY F 683 91.55 -14.08 101.57
CA GLY F 683 91.78 -12.73 102.05
C GLY F 683 90.74 -12.30 103.05
N TRP F 684 90.50 -11.01 103.09
CA TRP F 684 89.55 -10.43 104.03
C TRP F 684 88.38 -9.82 103.27
N ALA F 685 87.26 -9.67 103.97
CA ALA F 685 86.10 -9.05 103.36
C ALA F 685 85.36 -8.27 104.43
N SER F 686 84.54 -7.33 103.98
CA SER F 686 83.79 -6.46 104.87
C SER F 686 82.31 -6.75 104.73
N SER F 687 81.62 -6.86 105.86
CA SER F 687 80.19 -7.15 105.85
C SER F 687 79.36 -5.98 105.37
N SER F 688 79.95 -4.81 105.20
CA SER F 688 79.18 -3.64 104.78
C SER F 688 78.58 -3.85 103.39
N GLY F 689 79.35 -4.40 102.46
CA GLY F 689 78.82 -4.56 101.12
C GLY F 689 79.28 -5.78 100.34
N TYR F 690 80.02 -6.70 100.98
CA TYR F 690 80.51 -7.88 100.29
C TYR F 690 79.44 -8.96 100.38
N ALA F 691 78.73 -9.17 99.28
CA ALA F 691 77.67 -10.16 99.22
C ALA F 691 77.59 -10.70 97.80
N PRO F 692 78.33 -11.77 97.51
CA PRO F 692 78.31 -12.33 96.16
C PRO F 692 77.23 -13.38 95.99
N TYR F 693 76.35 -13.20 95.02
CA TYR F 693 75.38 -14.26 94.80
C TYR F 693 75.88 -15.21 93.72
N PRO F 694 75.59 -16.50 93.83
CA PRO F 694 75.98 -17.42 92.76
C PRO F 694 75.28 -17.07 91.46
N GLY F 695 75.99 -17.23 90.35
CA GLY F 695 75.48 -16.91 89.04
C GLY F 695 76.31 -15.82 88.38
N GLY F 696 75.64 -14.92 87.68
CA GLY F 696 76.30 -13.87 86.94
C GLY F 696 76.26 -12.54 87.69
N GLY F 697 77.33 -11.78 87.55
CA GLY F 697 77.42 -10.47 88.17
C GLY F 697 78.29 -9.55 87.35
N GLU F 698 79.15 -8.80 88.02
CA GLU F 698 80.02 -7.87 87.32
C GLU F 698 81.02 -8.60 86.44
N GLY F 699 81.42 -7.93 85.37
CA GLY F 699 82.40 -8.53 84.47
C GLY F 699 81.85 -9.76 83.80
N TRP F 700 82.58 -10.86 83.91
CA TRP F 700 82.19 -12.14 83.34
C TRP F 700 81.80 -13.14 84.42
N GLY F 701 81.10 -12.67 85.44
CA GLY F 701 80.65 -13.54 86.49
C GLY F 701 81.82 -14.13 87.25
N GLY F 702 81.51 -15.16 88.05
CA GLY F 702 82.52 -15.83 88.84
C GLY F 702 83.21 -14.90 89.80
N ASN F 703 82.43 -14.11 90.53
CA ASN F 703 82.97 -13.10 91.42
C ASN F 703 83.36 -13.71 92.76
N GLY F 704 84.60 -13.50 93.16
CA GLY F 704 85.09 -14.04 94.41
C GLY F 704 85.67 -12.97 95.30
N VAL F 705 86.69 -13.31 96.08
CA VAL F 705 87.30 -12.40 97.03
C VAL F 705 88.19 -11.45 96.26
N GLY F 706 87.74 -10.23 96.04
CA GLY F 706 88.54 -9.24 95.35
C GLY F 706 87.86 -8.73 94.10
N ASP F 707 86.60 -9.09 93.91
CA ASP F 707 85.84 -8.66 92.75
C ASP F 707 84.90 -7.52 93.06
N ASP F 708 85.09 -6.84 94.19
CA ASP F 708 84.43 -5.58 94.49
C ASP F 708 85.37 -4.76 95.36
N LEU F 709 84.88 -3.63 95.86
CA LEU F 709 85.70 -2.75 96.69
C LEU F 709 85.55 -3.03 98.17
N TYR F 710 84.83 -4.10 98.55
CA TYR F 710 84.66 -4.48 99.93
C TYR F 710 85.48 -5.71 100.33
N SER F 711 86.05 -6.42 99.36
CA SER F 711 86.87 -7.59 99.64
C SER F 711 88.27 -7.38 99.09
N TYR F 712 89.25 -7.94 99.79
CA TYR F 712 90.67 -7.78 99.48
C TYR F 712 91.28 -9.16 99.48
N GLY F 713 91.64 -9.65 98.30
CA GLY F 713 92.02 -11.04 98.11
C GLY F 713 93.42 -11.20 97.54
N PHE F 714 93.88 -12.45 97.54
CA PHE F 714 95.21 -12.81 97.08
C PHE F 714 95.14 -14.21 96.52
N ASP F 715 95.72 -14.41 95.34
CA ASP F 715 95.61 -15.68 94.62
C ASP F 715 96.98 -16.28 94.32
N GLY F 716 98.04 -15.81 94.97
CA GLY F 716 99.37 -16.34 94.80
C GLY F 716 100.24 -15.53 93.87
N LEU F 717 99.65 -14.79 92.95
CA LEU F 717 100.38 -13.94 92.02
C LEU F 717 99.98 -12.49 92.10
N HIS F 718 98.68 -12.20 92.21
CA HIS F 718 98.18 -10.84 92.14
C HIS F 718 97.44 -10.48 93.42
N LEU F 719 97.35 -9.18 93.67
CA LEU F 719 96.48 -8.64 94.70
C LEU F 719 95.21 -8.11 94.02
N TRP F 720 94.05 -8.52 94.53
CA TRP F 720 92.78 -8.26 93.90
C TRP F 720 91.95 -7.31 94.74
N SER F 721 91.41 -6.28 94.10
CA SER F 721 90.45 -5.39 94.74
C SER F 721 89.77 -4.54 93.67
N GLY F 722 88.45 -4.48 93.69
CA GLY F 722 87.73 -3.80 92.63
C GLY F 722 87.66 -4.59 91.34
N ARG F 723 88.05 -5.85 91.36
CA ARG F 723 88.10 -6.71 90.18
C ARG F 723 89.22 -6.33 89.23
N ILE F 724 90.30 -5.77 89.77
CA ILE F 724 91.47 -5.39 89.00
C ILE F 724 92.68 -6.03 89.65
N PRO F 725 93.41 -6.90 88.95
CA PRO F 725 94.58 -7.54 89.56
C PRO F 725 95.82 -6.67 89.47
N ARG F 726 96.62 -6.71 90.52
CA ARG F 726 97.89 -6.01 90.56
C ARG F 726 98.99 -7.04 90.79
N ALA F 727 99.86 -7.21 89.81
CA ALA F 727 100.90 -8.23 89.90
C ALA F 727 101.86 -7.88 91.02
N VAL F 728 101.98 -8.77 92.01
CA VAL F 728 102.80 -8.54 93.19
C VAL F 728 104.03 -9.41 93.10
N ALA F 729 105.14 -8.90 93.64
CA ALA F 729 106.43 -9.54 93.55
C ALA F 729 106.70 -10.37 94.80
N SER F 730 107.12 -11.61 94.61
CA SER F 730 107.40 -12.51 95.71
C SER F 730 108.49 -13.48 95.29
N ILE F 731 109.16 -14.07 96.29
CA ILE F 731 110.17 -15.08 96.03
C ILE F 731 109.48 -16.39 95.69
N ASN F 732 109.85 -16.98 94.55
CA ASN F 732 109.18 -18.17 94.04
C ASN F 732 107.71 -17.87 93.74
N LEU F 733 107.49 -16.85 92.92
CA LEU F 733 106.12 -16.51 92.54
C LEU F 733 105.46 -17.65 91.79
N HIS F 734 104.22 -17.94 92.16
CA HIS F 734 103.45 -18.97 91.48
C HIS F 734 102.03 -18.94 92.00
N LEU F 735 101.09 -19.39 91.16
CA LEU F 735 99.71 -19.51 91.58
C LEU F 735 99.61 -20.46 92.76
N LEU F 736 98.61 -20.24 93.61
CA LEU F 736 98.42 -21.10 94.77
C LEU F 736 98.23 -22.54 94.34
N ARG F 737 98.99 -23.45 94.95
CA ARG F 737 98.92 -24.86 94.62
C ARG F 737 98.89 -25.70 95.89
N SER F 738 99.02 -27.02 95.74
CA SER F 738 98.96 -27.91 96.89
C SER F 738 100.13 -27.64 97.83
N ASP F 739 99.88 -27.85 99.12
CA ASP F 739 100.91 -27.68 100.15
C ASP F 739 101.42 -26.23 100.19
N ASP F 740 100.49 -25.28 100.09
CA ASP F 740 100.79 -23.86 100.25
C ASP F 740 100.12 -23.35 101.51
N VAL F 741 100.85 -22.55 102.27
CA VAL F 741 100.35 -21.95 103.50
C VAL F 741 100.30 -20.45 103.30
N VAL F 742 99.10 -19.88 103.35
CA VAL F 742 98.88 -18.46 103.12
C VAL F 742 98.50 -17.82 104.44
N SER F 743 99.32 -16.88 104.90
CA SER F 743 99.08 -16.18 106.15
C SER F 743 98.55 -14.80 105.84
N CYS F 744 97.41 -14.45 106.43
CA CYS F 744 96.76 -13.17 106.19
C CYS F 744 96.75 -12.35 107.48
N CYS F 745 97.19 -11.10 107.39
CA CYS F 745 97.29 -10.20 108.52
C CYS F 745 96.47 -8.95 108.25
N LEU F 746 95.64 -8.56 109.23
CA LEU F 746 94.81 -7.38 109.13
C LEU F 746 95.14 -6.45 110.29
N ASP F 747 95.11 -5.15 110.01
CA ASP F 747 95.39 -4.13 111.04
C ASP F 747 94.43 -2.98 110.84
N LEU F 748 93.33 -2.98 111.59
CA LEU F 748 92.35 -1.91 111.45
C LEU F 748 92.88 -0.56 111.91
N GLY F 749 94.03 -0.53 112.58
CA GLY F 749 94.57 0.73 113.03
C GLY F 749 95.00 1.65 111.90
N VAL F 750 95.61 1.08 110.86
CA VAL F 750 96.16 1.88 109.77
C VAL F 750 95.06 2.42 108.88
N PRO F 751 94.19 1.58 108.28
CA PRO F 751 94.17 0.11 108.26
C PRO F 751 95.05 -0.47 107.16
N SER F 752 95.44 -1.73 107.26
CA SER F 752 96.30 -2.33 106.25
C SER F 752 96.11 -3.84 106.28
N ILE F 753 96.07 -4.43 105.08
CA ILE F 753 95.95 -5.87 104.90
C ILE F 753 97.19 -6.35 104.16
N SER F 754 97.87 -7.35 104.73
CA SER F 754 99.08 -7.87 104.14
C SER F 754 99.05 -9.40 104.18
N PHE F 755 99.90 -10.00 103.36
CA PHE F 755 99.91 -11.44 103.17
C PHE F 755 101.33 -11.98 103.29
N ARG F 756 101.40 -13.30 103.42
CA ARG F 756 102.66 -14.04 103.40
C ARG F 756 102.38 -15.40 102.78
N ILE F 757 103.31 -15.88 101.96
CA ILE F 757 103.15 -17.16 101.27
C ILE F 757 104.29 -18.06 101.71
N ASN F 758 103.94 -19.19 102.34
CA ASN F 758 104.93 -20.15 102.84
C ASN F 758 105.92 -19.51 103.79
N GLY F 759 105.47 -18.53 104.57
CA GLY F 759 106.35 -17.83 105.48
C GLY F 759 107.18 -16.74 104.86
N GLN F 760 107.10 -16.55 103.55
CA GLN F 760 107.82 -15.49 102.87
C GLN F 760 106.91 -14.30 102.63
N PRO F 761 107.36 -13.08 102.88
CA PRO F 761 106.49 -11.92 102.69
C PRO F 761 106.16 -11.69 101.23
N VAL F 762 104.99 -11.10 101.00
CA VAL F 762 104.56 -10.69 99.67
C VAL F 762 104.74 -9.18 99.58
N GLN F 763 105.39 -8.73 98.51
CA GLN F 763 105.78 -7.32 98.38
C GLN F 763 104.59 -6.51 97.89
N GLY F 764 103.69 -6.22 98.81
CA GLY F 764 102.51 -5.43 98.52
C GLY F 764 101.47 -5.58 99.60
N MET F 765 100.55 -4.62 99.65
CA MET F 765 99.50 -4.66 100.65
C MET F 765 98.37 -3.72 100.24
N PHE F 766 97.24 -3.87 100.90
CA PHE F 766 96.11 -2.96 100.75
C PHE F 766 96.07 -2.01 101.93
N GLU F 767 95.65 -0.77 101.67
CA GLU F 767 95.56 0.22 102.73
C GLU F 767 94.49 1.25 102.39
N ASN F 768 94.18 2.08 103.38
CA ASN F 768 93.29 3.22 103.22
C ASN F 768 91.93 2.81 102.68
N PHE F 769 91.42 1.68 103.15
CA PHE F 769 90.06 1.27 102.81
C PHE F 769 89.11 1.63 103.94
N ASN F 770 87.82 1.58 103.64
CA ASN F 770 86.82 1.91 104.63
C ASN F 770 86.79 0.86 105.73
N THR F 771 86.90 1.31 106.98
CA THR F 771 86.89 0.41 108.12
C THR F 771 85.52 0.26 108.75
N ASP F 772 84.48 0.80 108.12
CA ASP F 772 83.12 0.58 108.59
C ASP F 772 82.70 -0.86 108.32
N GLY F 773 81.76 -1.35 109.13
CA GLY F 773 81.33 -2.72 109.01
C GLY F 773 82.28 -3.67 109.70
N LEU F 774 81.97 -4.96 109.58
CA LEU F 774 82.71 -6.02 110.26
C LEU F 774 83.55 -6.77 109.25
N PHE F 775 84.81 -7.00 109.58
CA PHE F 775 85.75 -7.68 108.71
C PHE F 775 85.84 -9.15 109.09
N PHE F 776 85.73 -10.02 108.09
CA PHE F 776 85.86 -11.44 108.34
C PHE F 776 86.80 -12.08 107.31
N PRO F 777 87.49 -13.13 107.71
CA PRO F 777 88.29 -13.89 106.74
C PRO F 777 87.38 -14.58 105.74
N VAL F 778 87.88 -14.74 104.52
CA VAL F 778 87.07 -15.31 103.46
C VAL F 778 87.96 -16.02 102.47
N VAL F 779 87.44 -17.10 101.88
CA VAL F 779 88.08 -17.81 100.79
C VAL F 779 87.05 -18.01 99.69
N SER F 780 87.38 -17.60 98.47
CA SER F 780 86.55 -17.84 97.30
C SER F 780 87.21 -18.90 96.44
N PHE F 781 86.40 -19.83 95.94
CA PHE F 781 86.93 -20.97 95.22
C PHE F 781 85.90 -21.47 94.21
N SER F 782 86.39 -22.19 93.22
CA SER F 782 85.54 -22.97 92.33
C SER F 782 85.80 -24.45 92.56
N ALA F 783 85.06 -25.30 91.85
CA ALA F 783 85.14 -26.74 92.09
C ALA F 783 86.55 -27.26 91.83
N GLY F 784 87.02 -28.12 92.72
CA GLY F 784 88.30 -28.77 92.53
C GLY F 784 89.37 -28.36 93.53
N VAL F 785 88.98 -28.00 94.74
CA VAL F 785 89.92 -27.55 95.76
C VAL F 785 89.60 -28.18 97.10
N LYS F 786 90.63 -28.26 97.95
CA LYS F 786 90.51 -28.59 99.36
C LYS F 786 91.39 -27.64 100.14
N VAL F 787 90.83 -26.99 101.16
CA VAL F 787 91.56 -26.01 101.95
C VAL F 787 91.23 -26.23 103.42
N ARG F 788 92.07 -25.67 104.28
CA ARG F 788 91.88 -25.76 105.73
C ARG F 788 92.18 -24.42 106.36
N PHE F 789 91.16 -23.84 107.02
CA PHE F 789 91.36 -22.67 107.85
C PHE F 789 92.08 -23.05 109.12
N LEU F 790 93.11 -22.27 109.46
CA LEU F 790 93.80 -22.36 110.73
C LEU F 790 93.66 -21.01 111.43
N THR F 791 93.02 -21.02 112.59
CA THR F 791 92.72 -19.80 113.34
C THR F 791 93.29 -19.83 114.74
N GLY F 792 94.23 -20.73 115.02
CA GLY F 792 94.93 -20.75 116.30
C GLY F 792 94.19 -21.54 117.36
N GLY F 793 94.89 -21.78 118.46
CA GLY F 793 94.29 -22.48 119.58
C GLY F 793 93.89 -23.90 119.22
N ARG F 794 92.66 -24.26 119.57
CA ARG F 794 92.12 -25.56 119.26
C ARG F 794 91.42 -25.61 117.90
N HIS F 795 91.20 -24.47 117.27
CA HIS F 795 90.52 -24.39 115.98
C HIS F 795 91.49 -24.30 114.82
N GLY F 796 92.69 -24.86 114.97
CA GLY F 796 93.70 -24.82 113.93
C GLY F 796 95.06 -24.45 114.48
N GLU F 797 96.08 -25.21 114.08
CA GLU F 797 97.43 -25.00 114.57
C GLU F 797 98.22 -24.20 113.55
N PHE F 798 98.70 -23.04 113.95
CA PHE F 798 99.47 -22.19 113.04
C PHE F 798 100.79 -22.87 112.68
N LYS F 799 101.14 -22.80 111.40
CA LYS F 799 102.40 -23.35 110.93
C LYS F 799 103.51 -22.32 110.86
N PHE F 800 103.21 -21.05 111.11
CA PHE F 800 104.21 -19.99 111.15
C PHE F 800 103.88 -19.02 112.26
N LEU F 801 104.91 -18.43 112.83
CA LEU F 801 104.73 -17.51 113.95
C LEU F 801 104.01 -16.27 113.47
N PRO F 802 102.88 -15.89 114.09
CA PRO F 802 102.24 -14.63 113.71
C PRO F 802 103.16 -13.47 113.98
N PRO F 803 103.08 -12.42 113.16
CA PRO F 803 103.90 -11.23 113.42
C PRO F 803 103.58 -10.63 114.78
N SER F 804 104.59 -10.01 115.39
CA SER F 804 104.45 -9.52 116.75
C SER F 804 103.30 -8.53 116.86
N GLY F 805 102.44 -8.74 117.85
CA GLY F 805 101.29 -7.90 118.06
C GLY F 805 100.02 -8.37 117.39
N TYR F 806 100.11 -9.33 116.47
CA TYR F 806 98.95 -9.82 115.74
C TYR F 806 98.31 -10.99 116.48
N ALA F 807 97.02 -10.94 116.62
CA ALA F 807 96.35 -11.97 117.39
C ALA F 807 95.69 -12.99 116.48
N PRO F 808 95.69 -14.26 116.89
CA PRO F 808 94.95 -15.28 116.12
C PRO F 808 93.47 -14.98 116.12
N CYS F 809 92.80 -15.41 115.05
CA CYS F 809 91.39 -15.08 114.87
C CYS F 809 90.49 -15.77 115.88
N TYR F 810 90.91 -16.91 116.44
CA TYR F 810 90.03 -17.62 117.36
C TYR F 810 89.75 -16.83 118.62
N GLU F 811 90.57 -15.82 118.92
CA GLU F 811 90.32 -14.95 120.07
C GLU F 811 89.19 -13.96 119.83
N ALA F 812 88.68 -13.87 118.61
CA ALA F 812 87.58 -12.96 118.33
C ALA F 812 86.22 -13.55 118.67
N LEU F 813 86.16 -14.80 119.09
CA LEU F 813 84.90 -15.43 119.43
C LEU F 813 84.55 -15.18 120.90
N LEU F 814 83.24 -15.13 121.16
CA LEU F 814 82.76 -15.03 122.53
C LEU F 814 82.80 -16.41 123.20
N PRO F 815 82.79 -16.45 124.53
CA PRO F 815 82.79 -17.75 125.21
C PRO F 815 81.60 -18.61 124.85
N LYS F 816 80.44 -18.00 124.58
CA LYS F 816 79.26 -18.75 124.18
C LYS F 816 79.33 -19.21 122.73
N GLU F 817 79.92 -18.40 121.86
CA GLU F 817 79.95 -18.74 120.44
C GLU F 817 80.83 -19.95 120.18
N LYS F 818 80.40 -20.80 119.26
CA LYS F 818 81.16 -21.94 118.80
C LYS F 818 81.48 -21.73 117.32
N MET F 819 82.74 -21.96 116.95
CA MET F 819 83.18 -21.66 115.59
C MET F 819 82.52 -22.60 114.58
N ARG F 820 82.28 -22.06 113.39
CA ARG F 820 81.72 -22.83 112.29
C ARG F 820 82.10 -22.15 110.99
N LEU F 821 81.97 -22.88 109.90
CA LEU F 821 82.20 -22.35 108.56
C LEU F 821 80.87 -22.23 107.84
N GLU F 822 80.60 -21.05 107.28
CA GLU F 822 79.31 -20.77 106.68
C GLU F 822 79.50 -20.00 105.38
N PRO F 823 78.55 -20.10 104.46
CA PRO F 823 78.59 -19.24 103.27
C PRO F 823 78.42 -17.77 103.61
N VAL F 824 79.04 -16.93 102.80
CA VAL F 824 79.02 -15.49 103.08
C VAL F 824 77.62 -14.93 102.94
N LYS F 825 76.95 -15.25 101.83
CA LYS F 825 75.58 -14.82 101.60
C LYS F 825 74.73 -16.04 101.27
N GLU F 826 73.52 -16.07 101.80
CA GLU F 826 72.70 -17.27 101.67
C GLU F 826 71.23 -16.88 101.67
N TYR F 827 70.50 -17.30 100.64
CA TYR F 827 69.06 -17.09 100.55
C TYR F 827 68.32 -18.42 100.46
N LYS F 828 68.97 -19.51 100.86
CA LYS F 828 68.41 -20.84 100.70
C LYS F 828 69.35 -21.83 101.36
N ARG F 829 68.80 -22.90 101.90
CA ARG F 829 69.60 -23.92 102.56
C ARG F 829 68.97 -25.29 102.27
N ASP F 830 69.74 -26.17 101.65
CA ASP F 830 69.27 -27.51 101.32
C ASP F 830 69.81 -28.51 102.33
N ALA F 831 68.95 -29.43 102.76
CA ALA F 831 69.35 -30.48 103.68
C ALA F 831 68.58 -31.74 103.34
N GLU F 832 69.32 -32.78 102.93
CA GLU F 832 68.73 -34.10 102.63
C GLU F 832 67.61 -34.00 101.61
N GLY F 833 67.75 -33.07 100.66
CA GLY F 833 66.76 -32.91 99.62
C GLY F 833 65.58 -32.04 99.97
N ILE F 834 65.59 -31.38 101.13
CA ILE F 834 64.55 -30.44 101.52
C ILE F 834 65.16 -29.05 101.56
N ARG F 835 64.56 -28.12 100.83
CA ARG F 835 65.12 -26.79 100.64
C ARG F 835 64.32 -25.76 101.43
N ASP F 836 65.00 -25.04 102.30
CA ASP F 836 64.40 -23.97 103.08
C ASP F 836 64.77 -22.63 102.46
N LEU F 837 63.75 -21.82 102.19
CA LEU F 837 63.93 -20.46 101.69
C LEU F 837 64.11 -19.52 102.88
N LEU F 838 65.19 -18.75 102.86
CA LEU F 838 65.57 -17.93 103.99
C LEU F 838 65.28 -16.46 103.73
N GLY F 839 64.92 -15.75 104.78
CA GLY F 839 64.84 -14.30 104.74
C GLY F 839 66.22 -13.69 104.85
N THR F 840 66.28 -12.49 105.42
CA THR F 840 67.53 -11.77 105.56
C THR F 840 67.89 -11.65 107.04
N THR F 841 69.18 -11.79 107.34
CA THR F 841 69.66 -11.63 108.71
C THR F 841 69.92 -10.15 108.98
N GLN F 842 69.38 -9.64 110.09
CA GLN F 842 69.47 -8.22 110.37
C GLN F 842 70.91 -7.77 110.55
N SER F 843 71.70 -8.52 111.30
CA SER F 843 73.07 -8.14 111.60
C SER F 843 73.89 -9.39 111.85
N LEU F 844 75.12 -9.21 112.32
CA LEU F 844 76.02 -10.32 112.58
C LEU F 844 76.64 -10.21 113.97
N SER F 845 77.61 -11.06 114.27
CA SER F 845 78.23 -11.05 115.59
C SER F 845 79.15 -9.85 115.75
N GLN F 846 78.58 -8.72 116.17
CA GLN F 846 79.38 -7.50 116.28
C GLN F 846 80.48 -7.66 117.32
N ALA F 847 80.13 -8.13 118.52
CA ALA F 847 81.07 -8.30 119.63
C ALA F 847 81.68 -6.98 120.08
N SER F 848 81.07 -5.86 119.70
CA SER F 848 81.56 -4.54 120.05
C SER F 848 80.74 -4.03 121.24
N PHE F 849 81.36 -3.98 122.41
CA PHE F 849 80.63 -3.60 123.62
C PHE F 849 80.16 -2.15 123.55
N ILE F 850 81.07 -1.23 123.23
CA ILE F 850 80.85 0.23 123.23
C ILE F 850 80.01 0.64 124.44
N PRO F 851 80.58 0.60 125.65
CA PRO F 851 79.78 0.83 126.86
C PRO F 851 79.19 2.23 126.89
N CYS F 852 77.97 2.33 127.39
CA CYS F 852 77.26 3.61 127.55
C CYS F 852 76.64 3.67 128.93
N PRO F 853 77.46 3.80 129.97
CA PRO F 853 76.92 3.87 131.33
C PRO F 853 76.14 5.15 131.55
N ILE F 854 75.28 5.12 132.57
CA ILE F 854 74.39 6.24 132.85
C ILE F 854 75.23 7.48 133.19
N ASP F 855 74.91 8.59 132.55
CA ASP F 855 75.66 9.83 132.72
C ASP F 855 75.20 10.51 134.01
N THR F 856 76.02 10.43 135.05
CA THR F 856 75.72 11.02 136.34
C THR F 856 76.44 12.34 136.56
N SER F 857 77.05 12.90 135.52
CA SER F 857 77.79 14.16 135.67
C SER F 857 76.86 15.30 136.09
N GLN F 858 75.67 15.35 135.50
CA GLN F 858 74.70 16.38 135.83
C GLN F 858 73.87 16.03 137.07
N VAL F 859 74.06 14.85 137.64
CA VAL F 859 73.33 14.45 138.84
C VAL F 859 73.99 15.08 140.05
N VAL F 860 73.24 15.87 140.80
CA VAL F 860 73.75 16.61 141.96
C VAL F 860 73.37 15.86 143.22
N LEU F 861 74.35 15.58 144.05
CA LEU F 861 74.10 14.88 145.31
C LEU F 861 73.51 15.84 146.34
N PRO F 862 72.31 15.59 146.85
CA PRO F 862 71.76 16.45 147.89
C PRO F 862 72.63 16.43 149.13
N PRO F 863 72.77 17.57 149.81
CA PRO F 863 73.64 17.59 151.01
C PRO F 863 73.17 16.66 152.10
N HIS F 864 71.86 16.55 152.33
CA HIS F 864 71.36 15.74 153.43
C HIS F 864 71.64 14.26 153.24
N LEU F 865 71.87 13.82 152.01
CA LEU F 865 72.22 12.44 151.74
C LEU F 865 73.71 12.18 151.80
N GLU F 866 74.53 13.23 151.99
CA GLU F 866 75.97 13.04 152.01
C GLU F 866 76.43 12.35 153.30
N LYS F 867 75.90 12.77 154.45
CA LYS F 867 76.33 12.21 155.72
C LYS F 867 76.14 10.70 155.76
N ILE F 868 74.95 10.23 155.41
CA ILE F 868 74.71 8.79 155.30
C ILE F 868 75.68 8.18 154.29
N ARG F 869 75.89 8.86 153.16
CA ARG F 869 76.90 8.42 152.21
C ARG F 869 78.26 8.32 152.86
N ASP F 870 78.63 9.34 153.65
CA ASP F 870 79.90 9.31 154.36
C ASP F 870 79.97 8.10 155.29
N ARG F 871 78.84 7.66 155.82
CA ARG F 871 78.83 6.42 156.61
C ARG F 871 79.03 5.21 155.71
N LEU F 872 78.30 5.15 154.59
CA LEU F 872 78.30 3.94 153.76
C LEU F 872 79.70 3.61 153.27
N ALA F 873 80.39 4.60 152.69
CA ALA F 873 81.77 4.39 152.25
C ALA F 873 82.63 3.90 153.41
N GLU F 874 82.45 4.49 154.59
CA GLU F 874 83.18 3.99 155.76
C GLU F 874 82.86 2.53 156.01
N ASN F 875 81.58 2.16 155.97
CA ASN F 875 81.21 0.76 156.06
C ASN F 875 81.84 -0.02 154.91
N ILE F 876 81.85 0.57 153.71
CA ILE F 876 82.53 -0.05 152.57
C ILE F 876 83.98 -0.31 152.92
N HIS F 877 84.62 0.63 153.61
CA HIS F 877 86.01 0.43 154.01
C HIS F 877 86.14 -0.84 154.85
N GLU F 878 85.23 -1.05 155.79
CA GLU F 878 85.24 -2.29 156.56
C GLU F 878 85.12 -3.49 155.64
N LEU F 879 84.20 -3.42 154.67
CA LEU F 879 84.02 -4.51 153.72
C LEU F 879 85.29 -4.81 152.95
N TRP F 880 86.22 -3.85 152.87
CA TRP F 880 87.55 -4.16 152.36
C TRP F 880 88.42 -4.80 153.44
N GLY F 881 88.57 -4.10 154.57
CA GLY F 881 89.60 -4.49 155.53
C GLY F 881 89.41 -5.90 156.07
N MET F 882 88.18 -6.20 156.49
CA MET F 882 87.89 -7.55 157.00
C MET F 882 88.24 -8.61 155.98
N ASN F 883 87.94 -8.34 154.69
CA ASN F 883 88.27 -9.32 153.66
C ASN F 883 89.76 -9.57 153.60
N LYS F 884 90.57 -8.53 153.78
CA LYS F 884 92.02 -8.72 153.80
C LYS F 884 92.43 -9.67 154.92
N ILE F 885 91.71 -9.63 156.04
CA ILE F 885 91.96 -10.60 157.11
C ILE F 885 91.49 -11.99 156.68
N GLU F 886 90.36 -12.05 155.98
CA GLU F 886 89.78 -13.34 155.60
C GLU F 886 90.57 -14.04 154.50
N LEU F 887 91.32 -13.28 153.70
CA LEU F 887 92.15 -13.85 152.64
C LEU F 887 93.58 -14.13 153.11
N GLY F 888 93.88 -13.90 154.39
CA GLY F 888 95.21 -14.12 154.91
C GLY F 888 96.13 -12.91 154.89
N TRP F 889 95.67 -11.79 154.32
CA TRP F 889 96.52 -10.60 154.24
C TRP F 889 96.81 -10.06 155.64
N THR F 890 98.01 -9.53 155.82
CA THR F 890 98.45 -8.97 157.09
C THR F 890 98.91 -7.53 156.89
N PHE F 891 98.62 -6.68 157.87
CA PHE F 891 99.01 -5.28 157.78
C PHE F 891 100.52 -5.14 157.88
N GLY F 892 101.06 -4.24 157.07
CA GLY F 892 102.49 -3.95 157.08
C GLY F 892 102.75 -2.57 156.52
N LYS F 893 103.98 -2.10 156.75
CA LYS F 893 104.37 -0.80 156.23
C LYS F 893 104.34 -0.77 154.71
N ILE F 894 104.79 -1.85 154.08
CA ILE F 894 104.84 -1.96 152.62
C ILE F 894 104.08 -3.21 152.21
N ARG F 895 103.21 -3.07 151.21
CA ARG F 895 102.45 -4.20 150.71
C ARG F 895 103.38 -5.22 150.07
N ASP F 896 103.11 -6.50 150.32
CA ASP F 896 103.89 -7.58 149.72
C ASP F 896 102.94 -8.72 149.37
N ASP F 897 102.94 -9.12 148.10
CA ASP F 897 102.09 -10.23 147.68
C ASP F 897 102.48 -11.53 148.38
N ASN F 898 103.79 -11.79 148.49
CA ASN F 898 104.24 -13.01 149.14
C ASN F 898 103.85 -13.02 150.62
N LYS F 899 103.96 -11.88 151.29
CA LYS F 899 103.66 -11.78 152.71
C LYS F 899 102.22 -11.35 152.98
N ARG F 900 101.41 -11.14 151.95
CA ARG F 900 100.02 -10.72 152.12
C ARG F 900 99.93 -9.39 152.86
N GLN F 901 100.89 -8.50 152.59
CA GLN F 901 100.98 -7.23 153.28
C GLN F 901 100.35 -6.12 152.44
N HIS F 902 99.85 -5.09 153.13
CA HIS F 902 99.28 -3.93 152.48
C HIS F 902 99.22 -2.76 153.46
N PRO F 903 99.80 -1.61 153.11
CA PRO F 903 99.77 -0.46 154.03
C PRO F 903 98.37 0.06 154.33
N CYS F 904 97.39 -0.26 153.48
CA CYS F 904 96.03 0.26 153.65
C CYS F 904 95.28 -0.37 154.81
N LEU F 905 95.82 -1.43 155.43
CA LEU F 905 95.10 -2.11 156.50
C LEU F 905 95.11 -1.29 157.78
N VAL F 906 94.38 -0.17 157.79
CA VAL F 906 94.32 0.74 158.91
C VAL F 906 92.89 1.26 159.04
N GLU F 907 92.63 1.96 160.14
CA GLU F 907 91.32 2.55 160.37
C GLU F 907 90.99 3.54 159.25
N PHE F 908 89.69 3.84 159.13
CA PHE F 908 89.25 4.78 158.10
C PHE F 908 89.85 6.16 158.31
N SER F 909 89.90 6.61 159.57
CA SER F 909 90.52 7.91 159.86
C SER F 909 92.00 7.89 159.51
N LYS F 910 92.69 6.80 159.82
CA LYS F 910 94.10 6.67 159.51
C LYS F 910 94.36 6.23 158.08
N LEU F 911 93.31 5.97 157.31
CA LEU F 911 93.47 5.54 155.93
C LEU F 911 94.14 6.63 155.12
N PRO F 912 94.95 6.28 154.12
CA PRO F 912 95.59 7.30 153.28
C PRO F 912 94.55 8.12 152.53
N GLU F 913 94.92 9.37 152.22
CA GLU F 913 94.01 10.28 151.54
C GLU F 913 93.54 9.74 150.20
N THR F 914 94.41 9.02 149.49
CA THR F 914 94.03 8.47 148.19
C THR F 914 92.89 7.47 148.32
N GLU F 915 92.98 6.57 149.30
CA GLU F 915 91.93 5.58 149.50
C GLU F 915 90.61 6.23 149.88
N LYS F 916 90.65 7.22 150.78
CA LYS F 916 89.44 7.91 151.18
C LYS F 916 88.82 8.67 150.01
N ASN F 917 89.66 9.32 149.20
CA ASN F 917 89.14 10.00 148.02
C ASN F 917 88.50 9.01 147.05
N TYR F 918 89.12 7.85 146.86
CA TYR F 918 88.55 6.84 145.97
C TYR F 918 87.19 6.36 146.49
N ASN F 919 87.10 6.08 147.80
CA ASN F 919 85.84 5.61 148.36
C ASN F 919 84.76 6.68 148.26
N LEU F 920 85.10 7.94 148.57
CA LEU F 920 84.12 9.01 148.47
C LEU F 920 83.66 9.20 147.03
N GLN F 921 84.59 9.14 146.08
CA GLN F 921 84.22 9.28 144.67
C GLN F 921 83.31 8.14 144.22
N MET F 922 83.61 6.91 144.64
CA MET F 922 82.76 5.78 144.28
C MET F 922 81.36 5.93 144.87
N SER F 923 81.29 6.34 146.14
CA SER F 923 79.98 6.51 146.76
C SER F 923 79.19 7.63 146.10
N THR F 924 79.86 8.73 145.74
CA THR F 924 79.19 9.81 145.03
C THR F 924 78.71 9.36 143.66
N GLU F 925 79.51 8.56 142.96
CA GLU F 925 79.09 8.00 141.68
C GLU F 925 77.84 7.14 141.86
N THR F 926 77.82 6.30 142.89
CA THR F 926 76.64 5.46 143.13
C THR F 926 75.42 6.30 143.46
N LEU F 927 75.58 7.34 144.29
CA LEU F 927 74.46 8.20 144.62
C LEU F 927 73.91 8.92 143.38
N LYS F 928 74.82 9.44 142.55
CA LYS F 928 74.39 10.11 141.32
C LYS F 928 73.71 9.13 140.37
N THR F 929 74.20 7.88 140.32
CA THR F 929 73.55 6.87 139.51
C THR F 929 72.13 6.60 140.00
N LEU F 930 71.96 6.50 141.32
CA LEU F 930 70.63 6.29 141.88
C LEU F 930 69.71 7.45 141.58
N LEU F 931 70.22 8.68 141.72
CA LEU F 931 69.40 9.85 141.46
C LEU F 931 69.00 9.94 139.99
N ALA F 932 69.93 9.62 139.08
CA ALA F 932 69.63 9.70 137.65
C ALA F 932 68.56 8.71 137.23
N LEU F 933 68.46 7.58 137.94
CA LEU F 933 67.46 6.57 137.61
C LEU F 933 66.04 7.03 137.90
N GLY F 934 65.87 8.14 138.61
CA GLY F 934 64.57 8.58 139.04
C GLY F 934 64.14 8.06 140.39
N CYS F 935 64.90 7.15 140.98
CA CYS F 935 64.58 6.63 142.30
C CYS F 935 64.62 7.76 143.33
N HIS F 936 63.62 7.80 144.20
CA HIS F 936 63.51 8.82 145.23
C HIS F 936 63.97 8.24 146.56
N ILE F 937 64.93 8.91 147.19
CA ILE F 937 65.48 8.48 148.47
C ILE F 937 64.79 9.26 149.57
N ALA F 938 64.24 8.55 150.56
CA ALA F 938 63.52 9.16 151.67
C ALA F 938 64.08 8.64 152.98
N HIS F 939 64.44 9.55 153.88
CA HIS F 939 64.94 9.18 155.21
C HIS F 939 63.73 9.07 156.13
N VAL F 940 63.25 7.84 156.31
CA VAL F 940 62.00 7.58 157.02
C VAL F 940 62.20 6.83 158.32
N ASN F 941 63.42 6.44 158.66
CA ASN F 941 63.71 5.68 159.87
C ASN F 941 64.85 6.35 160.63
N PRO F 942 64.58 7.50 161.25
CA PRO F 942 65.61 8.11 162.12
C PRO F 942 66.01 7.23 163.28
N ALA F 943 65.09 6.42 163.81
CA ALA F 943 65.39 5.54 164.93
C ALA F 943 66.05 4.23 164.50
N ALA F 944 66.12 3.96 163.20
CA ALA F 944 66.77 2.74 162.74
C ALA F 944 68.29 2.80 162.91
N GLU F 945 68.88 3.99 162.81
CA GLU F 945 70.33 4.13 162.96
C GLU F 945 70.76 3.72 164.35
N GLU F 946 69.96 4.05 165.37
CA GLU F 946 70.27 3.64 166.73
C GLU F 946 70.27 2.11 166.86
N ASP F 947 69.30 1.45 166.23
CA ASP F 947 69.21 0.00 166.35
C ASP F 947 70.40 -0.69 165.69
N LEU F 948 70.88 -0.17 164.56
CA LEU F 948 71.95 -0.81 163.82
C LEU F 948 73.21 -0.93 164.67
N LYS F 949 73.85 -2.09 164.60
CA LYS F 949 75.03 -2.39 165.39
C LYS F 949 76.09 -3.02 164.49
N LYS F 950 77.34 -2.95 164.95
CA LYS F 950 78.45 -3.55 164.22
C LYS F 950 78.58 -5.03 164.58
N VAL F 951 79.69 -5.64 164.18
CA VAL F 951 79.98 -7.04 164.49
C VAL F 951 81.28 -7.07 165.29
N LYS F 952 81.25 -7.76 166.43
CA LYS F 952 82.41 -7.86 167.32
C LYS F 952 83.36 -8.92 166.79
N LEU F 953 84.27 -8.50 165.92
CA LEU F 953 85.24 -9.44 165.36
C LEU F 953 86.27 -9.83 166.41
N PRO F 954 86.68 -11.09 166.44
CA PRO F 954 87.70 -11.51 167.42
C PRO F 954 89.06 -10.92 167.11
N LYS F 955 89.97 -11.09 168.07
CA LYS F 955 91.30 -10.48 167.97
C LYS F 955 92.08 -11.00 166.76
N ASN F 956 91.76 -12.19 166.26
CA ASN F 956 92.51 -12.74 165.12
C ASN F 956 92.40 -11.84 163.90
N TYR F 957 91.30 -11.09 163.77
CA TYR F 957 91.15 -10.18 162.64
C TYR F 957 92.11 -9.00 162.74
N MET F 958 92.25 -8.43 163.93
CA MET F 958 93.04 -7.21 164.09
C MET F 958 94.50 -7.47 163.73
N MET F 959 95.11 -6.49 163.07
CA MET F 959 96.50 -6.58 162.65
C MET F 959 97.41 -6.07 163.76
N SER F 960 98.71 -5.96 163.47
CA SER F 960 99.67 -5.50 164.46
C SER F 960 99.46 -4.04 164.83
N ASN F 961 98.92 -3.24 163.90
CA ASN F 961 98.73 -1.81 164.16
C ASN F 961 97.75 -1.56 165.30
N GLY F 962 96.86 -2.50 165.58
CA GLY F 962 95.84 -2.30 166.58
C GLY F 962 94.46 -2.01 166.02
N TYR F 963 94.29 -2.06 164.70
CA TYR F 963 92.99 -1.87 164.08
C TYR F 963 92.32 -3.22 163.84
N LYS F 964 91.08 -3.34 164.31
CA LYS F 964 90.27 -4.52 164.07
C LYS F 964 88.98 -4.10 163.38
N PRO F 965 88.66 -4.63 162.21
CA PRO F 965 87.45 -4.18 161.51
C PRO F 965 86.19 -4.44 162.31
N ALA F 966 85.23 -3.53 162.16
CA ALA F 966 83.92 -3.63 162.81
C ALA F 966 82.83 -3.41 161.77
N PRO F 967 82.68 -4.35 160.83
CA PRO F 967 81.63 -4.19 159.82
C PRO F 967 80.24 -4.25 160.45
N LEU F 968 79.32 -3.50 159.85
CA LEU F 968 77.97 -3.40 160.39
C LEU F 968 77.24 -4.73 160.25
N ASP F 969 76.54 -5.13 161.31
CA ASP F 969 75.77 -6.37 161.33
C ASP F 969 74.54 -6.20 160.45
N LEU F 970 74.63 -6.65 159.20
CA LEU F 970 73.57 -6.48 158.22
C LEU F 970 72.91 -7.81 157.85
N SER F 971 73.14 -8.85 158.63
CA SER F 971 72.55 -10.15 158.33
C SER F 971 71.03 -10.11 158.39
N ASP F 972 70.49 -9.43 159.41
CA ASP F 972 69.04 -9.34 159.57
C ASP F 972 68.39 -8.52 158.46
N VAL F 973 69.17 -7.68 157.76
CA VAL F 973 68.62 -6.82 156.73
C VAL F 973 68.10 -7.67 155.57
N LYS F 974 66.89 -7.36 155.10
CA LYS F 974 66.28 -8.05 153.98
C LYS F 974 65.90 -7.04 152.91
N LEU F 975 65.95 -7.47 151.65
CA LEU F 975 65.73 -6.60 150.50
C LEU F 975 64.47 -7.03 149.75
N LEU F 976 63.72 -6.05 149.28
CA LEU F 976 62.51 -6.30 148.50
C LEU F 976 62.86 -6.68 147.07
N PRO F 977 61.91 -7.27 146.34
CA PRO F 977 62.14 -7.55 144.92
C PRO F 977 62.51 -6.29 144.14
N PRO F 978 61.82 -5.17 144.37
CA PRO F 978 62.29 -3.92 143.75
C PRO F 978 63.70 -3.54 144.18
N GLN F 979 64.06 -3.79 145.44
CA GLN F 979 65.41 -3.51 145.88
C GLN F 979 66.41 -4.44 145.20
N GLU F 980 66.03 -5.70 144.98
CA GLU F 980 66.90 -6.60 144.25
C GLU F 980 67.09 -6.12 142.81
N VAL F 981 66.02 -5.64 142.18
CA VAL F 981 66.13 -5.10 140.83
C VAL F 981 67.05 -3.88 140.82
N LEU F 982 66.93 -3.02 141.83
CA LEU F 982 67.82 -1.86 141.93
C LEU F 982 69.27 -2.31 142.07
N VAL F 983 69.52 -3.34 142.88
CA VAL F 983 70.88 -3.84 143.07
C VAL F 983 71.42 -4.39 141.75
N ASP F 984 70.59 -5.12 141.00
CA ASP F 984 71.03 -5.68 139.73
C ASP F 984 71.35 -4.57 138.73
N LYS F 985 70.49 -3.54 138.66
CA LYS F 985 70.75 -2.43 137.76
C LYS F 985 72.03 -1.69 138.15
N LEU F 986 72.24 -1.50 139.45
CA LEU F 986 73.47 -0.84 139.90
C LEU F 986 74.70 -1.68 139.55
N ALA F 987 74.59 -3.00 139.67
CA ALA F 987 75.70 -3.87 139.28
C ALA F 987 76.00 -3.75 137.80
N GLU F 988 74.96 -3.74 136.96
CA GLU F 988 75.17 -3.58 135.53
C GLU F 988 75.81 -2.24 135.20
N ASN F 989 75.34 -1.17 135.84
CA ASN F 989 75.92 0.15 135.59
C ASN F 989 77.37 0.20 136.02
N ALA F 990 77.70 -0.40 137.17
CA ALA F 990 79.08 -0.44 137.63
C ALA F 990 79.95 -1.22 136.66
N HIS F 991 79.44 -2.35 136.15
CA HIS F 991 80.19 -3.10 135.16
C HIS F 991 80.45 -2.29 133.90
N ASN F 992 79.45 -1.57 133.42
CA ASN F 992 79.63 -0.75 132.23
C ASN F 992 80.63 0.36 132.48
N VAL F 993 80.57 1.00 133.66
CA VAL F 993 81.52 2.07 133.97
C VAL F 993 82.94 1.53 134.03
N TRP F 994 83.12 0.37 134.67
CA TRP F 994 84.45 -0.24 134.76
C TRP F 994 84.96 -0.63 133.38
N ALA F 995 84.08 -1.16 132.53
CA ALA F 995 84.49 -1.52 131.18
C ALA F 995 84.91 -0.29 130.39
N LYS F 996 84.16 0.80 130.52
CA LYS F 996 84.55 2.03 129.83
C LYS F 996 85.89 2.54 130.34
N ASP F 997 86.11 2.47 131.66
CA ASP F 997 87.39 2.89 132.21
C ASP F 997 88.53 2.02 131.66
N ARG F 998 88.32 0.71 131.60
CA ARG F 998 89.35 -0.17 131.05
C ARG F 998 89.63 0.14 129.59
N ILE F 999 88.57 0.38 128.81
CA ILE F 999 88.74 0.70 127.40
C ILE F 999 89.55 1.98 127.24
N LYS F 1000 89.22 3.01 128.03
CA LYS F 1000 90.00 4.24 128.00
C LYS F 1000 91.44 4.00 128.39
N GLN F 1001 91.68 3.02 129.27
CA GLN F 1001 93.04 2.67 129.69
C GLN F 1001 93.83 1.97 128.60
N GLY F 1002 93.18 1.58 127.51
CA GLY F 1002 93.83 0.82 126.45
C GLY F 1002 93.56 -0.67 126.48
N TRP F 1003 92.81 -1.15 127.47
CA TRP F 1003 92.50 -2.56 127.56
C TRP F 1003 91.58 -2.99 126.40
N THR F 1004 91.60 -4.29 126.11
CA THR F 1004 90.78 -4.85 125.06
C THR F 1004 90.31 -6.24 125.48
N TYR F 1005 89.17 -6.65 124.93
CA TYR F 1005 88.61 -7.95 125.27
C TYR F 1005 89.49 -9.07 124.74
N GLY F 1006 89.69 -10.10 125.56
CA GLY F 1006 90.46 -11.26 125.18
C GLY F 1006 89.73 -12.54 125.54
N ILE F 1007 90.25 -13.65 125.04
CA ILE F 1007 89.67 -14.97 125.26
C ILE F 1007 90.50 -15.68 126.32
N GLN F 1008 89.97 -15.72 127.55
CA GLN F 1008 90.57 -16.51 128.63
C GLN F 1008 92.02 -16.13 128.91
N GLN F 1009 92.41 -14.91 128.54
CA GLN F 1009 93.76 -14.42 128.78
C GLN F 1009 93.69 -13.03 129.37
N ASP F 1010 94.50 -12.79 130.39
CA ASP F 1010 94.62 -11.49 131.02
C ASP F 1010 96.06 -10.98 130.95
N LEU F 1011 96.68 -11.15 129.79
CA LEU F 1011 98.05 -10.67 129.60
C LEU F 1011 98.10 -9.16 129.79
N LYS F 1012 99.16 -8.70 130.42
CA LYS F 1012 99.25 -7.28 130.76
C LYS F 1012 99.47 -6.38 129.55
N ASN F 1013 99.46 -6.90 128.32
CA ASN F 1013 99.49 -6.04 127.13
C ASN F 1013 98.08 -5.55 126.82
N LYS F 1014 97.41 -4.99 127.83
CA LYS F 1014 96.06 -4.44 127.68
C LYS F 1014 95.10 -5.47 127.08
N ARG F 1015 95.17 -6.69 127.59
CA ARG F 1015 94.28 -7.76 127.17
C ARG F 1015 93.53 -8.28 128.38
N ASN F 1016 92.25 -7.97 128.47
CA ASN F 1016 91.39 -8.38 129.56
C ASN F 1016 90.20 -9.15 129.02
N PRO F 1017 89.94 -10.37 129.50
CA PRO F 1017 88.85 -11.18 128.96
C PRO F 1017 87.48 -10.87 129.54
N ARG F 1018 87.31 -9.75 130.23
CA ARG F 1018 86.04 -9.42 130.87
C ARG F 1018 85.36 -8.19 130.29
N LEU F 1019 85.97 -7.51 129.32
CA LEU F 1019 85.39 -6.33 128.71
C LEU F 1019 84.35 -6.76 127.66
N VAL F 1020 83.21 -7.20 128.17
CA VAL F 1020 82.14 -7.73 127.33
C VAL F 1020 80.82 -7.12 127.77
N PRO F 1021 79.70 -7.43 127.10
CA PRO F 1021 78.40 -7.00 127.61
C PRO F 1021 78.09 -7.68 128.93
N TYR F 1022 77.22 -7.04 129.71
CA TYR F 1022 76.89 -7.57 131.03
C TYR F 1022 76.25 -8.96 130.93
N ALA F 1023 75.42 -9.16 129.90
CA ALA F 1023 74.75 -10.45 129.74
C ALA F 1023 75.74 -11.58 129.56
N LEU F 1024 76.79 -11.36 128.76
CA LEU F 1024 77.79 -12.39 128.52
C LEU F 1024 78.80 -12.51 129.66
N LEU F 1025 78.76 -11.61 130.63
CA LEU F 1025 79.70 -11.64 131.74
C LEU F 1025 79.52 -12.91 132.57
N ASP F 1026 80.61 -13.36 133.17
CA ASP F 1026 80.57 -14.55 134.01
C ASP F 1026 79.71 -14.30 135.25
N GLU F 1027 78.95 -15.33 135.65
CA GLU F 1027 78.10 -15.20 136.82
C GLU F 1027 78.93 -14.94 138.08
N ARG F 1028 80.05 -15.63 138.22
CA ARG F 1028 80.94 -15.39 139.35
C ARG F 1028 81.47 -13.96 139.31
N THR F 1029 81.85 -13.48 138.13
CA THR F 1029 82.32 -12.10 138.00
C THR F 1029 81.21 -11.12 138.36
N LYS F 1030 79.98 -11.42 137.94
CA LYS F 1030 78.84 -10.59 138.34
C LYS F 1030 78.73 -10.53 139.86
N LYS F 1031 78.71 -11.69 140.52
CA LYS F 1031 78.55 -11.74 141.96
C LYS F 1031 79.68 -11.02 142.68
N SER F 1032 80.89 -11.01 142.10
CA SER F 1032 82.05 -10.40 142.74
C SER F 1032 81.77 -8.96 143.16
N ASN F 1033 81.10 -8.19 142.30
CA ASN F 1033 80.72 -6.83 142.64
C ASN F 1033 79.27 -6.71 143.11
N ARG F 1034 78.41 -7.66 142.73
CA ARG F 1034 77.03 -7.62 143.19
C ARG F 1034 76.94 -7.82 144.70
N ASP F 1035 77.85 -8.61 145.29
CA ASP F 1035 77.85 -8.78 146.73
C ASP F 1035 78.14 -7.45 147.43
N SER F 1036 79.13 -6.70 146.93
CA SER F 1036 79.43 -5.40 147.51
C SER F 1036 78.27 -4.42 147.32
N LEU F 1037 77.65 -4.44 146.13
CA LEU F 1037 76.53 -3.55 145.89
C LEU F 1037 75.34 -3.88 146.79
N ARG F 1038 75.08 -5.17 147.01
CA ARG F 1038 74.01 -5.56 147.91
C ARG F 1038 74.34 -5.22 149.35
N GLU F 1039 75.61 -5.32 149.74
CA GLU F 1039 76.02 -4.87 151.07
C GLU F 1039 75.73 -3.38 151.23
N ALA F 1040 76.08 -2.58 150.22
CA ALA F 1040 75.79 -1.15 150.28
C ALA F 1040 74.29 -0.88 150.36
N VAL F 1041 73.49 -1.64 149.58
CA VAL F 1041 72.05 -1.45 149.60
C VAL F 1041 71.49 -1.79 150.98
N ARG F 1042 71.95 -2.88 151.58
CA ARG F 1042 71.47 -3.25 152.90
C ARG F 1042 71.91 -2.23 153.95
N THR F 1043 73.11 -1.68 153.81
CA THR F 1043 73.54 -0.61 154.70
C THR F 1043 72.64 0.60 154.58
N PHE F 1044 72.30 0.99 153.35
CA PHE F 1044 71.40 2.12 153.15
C PHE F 1044 70.03 1.86 153.74
N VAL F 1045 69.51 0.64 153.55
CA VAL F 1045 68.19 0.30 154.09
C VAL F 1045 68.20 0.33 155.61
N GLY F 1046 69.31 -0.12 156.21
CA GLY F 1046 69.39 -0.14 157.66
C GLY F 1046 69.33 1.26 158.27
N TYR F 1047 70.02 2.22 157.66
CA TYR F 1047 70.01 3.58 158.16
C TYR F 1047 68.67 4.28 157.98
N GLY F 1048 67.76 3.71 157.17
CA GLY F 1048 66.45 4.28 157.00
C GLY F 1048 66.24 5.06 155.72
N TYR F 1049 67.21 5.08 154.80
CA TYR F 1049 67.06 5.76 153.52
C TYR F 1049 66.44 4.78 152.53
N ASN F 1050 65.12 4.79 152.44
CA ASN F 1050 64.40 3.90 151.54
C ASN F 1050 64.38 4.48 150.13
N ILE F 1051 64.51 3.60 149.14
CA ILE F 1051 64.60 3.99 147.74
C ILE F 1051 63.30 3.57 147.05
N GLU F 1052 62.71 4.51 146.31
CA GLU F 1052 61.49 4.26 145.54
C GLU F 1052 61.75 4.56 144.06
N PRO F 1053 62.10 3.57 143.25
CA PRO F 1053 62.23 3.80 141.82
C PRO F 1053 60.87 4.01 141.16
N SER F 1054 60.89 4.72 140.04
CA SER F 1054 59.69 4.97 139.26
C SER F 1054 59.49 3.89 138.21
N ASP F 1055 58.24 3.65 137.84
CA ASP F 1055 57.91 2.63 136.86
C ASP F 1055 58.49 2.98 135.50
N GLN F 1056 58.96 1.97 134.78
CA GLN F 1056 59.58 2.18 133.48
C GLN F 1056 58.57 2.26 132.34
N GLU F 1057 57.29 2.02 132.61
CA GLU F 1057 56.28 2.10 131.55
C GLU F 1057 56.06 3.51 131.05
N LEU F 1058 56.53 4.52 131.79
CA LEU F 1058 56.38 5.90 131.36
C LEU F 1058 57.18 6.22 130.11
N ALA F 1059 58.17 5.39 129.77
CA ALA F 1059 58.98 5.64 128.58
C ALA F 1059 58.14 5.57 127.31
N ASP F 1060 57.23 4.60 127.23
CA ASP F 1060 56.38 4.40 126.06
C ASP F 1060 57.25 4.13 124.83
N PRO F 1061 57.91 2.97 124.76
CA PRO F 1061 58.80 2.70 123.62
C PRO F 1061 58.06 2.50 122.31
N ALA F 1062 58.80 2.23 121.24
CA ALA F 1062 58.22 2.00 119.93
C ALA F 1062 59.13 1.07 119.15
N VAL F 1063 58.73 0.73 117.92
CA VAL F 1063 59.46 -0.19 117.06
C VAL F 1063 59.63 0.45 115.69
N GLU F 1064 60.64 -0.02 114.97
CA GLU F 1064 60.95 0.49 113.64
C GLU F 1064 60.29 -0.39 112.57
N LYS F 1065 60.37 0.09 111.33
CA LYS F 1065 59.78 -0.59 110.19
C LYS F 1065 60.88 -1.09 109.27
N VAL F 1066 60.83 -2.38 108.92
CA VAL F 1066 61.82 -2.96 108.04
C VAL F 1066 61.59 -2.49 106.62
N SER F 1067 62.64 -2.02 105.96
CA SER F 1067 62.53 -1.53 104.60
C SER F 1067 62.12 -2.64 103.65
N ILE F 1068 61.42 -2.27 102.58
CA ILE F 1068 61.01 -3.26 101.60
C ILE F 1068 62.20 -3.82 100.83
N ASP F 1069 63.35 -3.16 100.89
CA ASP F 1069 64.55 -3.70 100.26
C ASP F 1069 65.14 -4.87 101.03
N LYS F 1070 64.78 -5.03 102.31
CA LYS F 1070 65.33 -6.08 103.15
C LYS F 1070 64.42 -7.29 103.26
N ILE F 1071 63.30 -7.30 102.55
CA ILE F 1071 62.37 -8.42 102.53
C ILE F 1071 62.59 -9.18 101.24
N ARG F 1072 62.69 -10.52 101.33
CA ARG F 1072 63.06 -11.32 100.18
C ARG F 1072 61.84 -11.99 99.56
N PHE F 1073 61.63 -11.75 98.28
CA PHE F 1073 60.50 -12.33 97.55
C PHE F 1073 60.99 -13.54 96.78
N PHE F 1074 60.28 -14.65 96.90
CA PHE F 1074 60.50 -15.85 96.10
C PHE F 1074 59.27 -16.09 95.25
N ARG F 1075 59.48 -16.66 94.07
CA ARG F 1075 58.44 -16.62 93.07
C ARG F 1075 58.69 -17.72 92.05
N VAL F 1076 57.63 -18.24 91.47
CA VAL F 1076 57.79 -19.13 90.32
C VAL F 1076 57.85 -18.29 89.06
N GLU F 1077 58.59 -18.78 88.07
CA GLU F 1077 58.87 -18.02 86.85
C GLU F 1077 57.57 -17.70 86.09
N TRP F 1078 57.58 -16.56 85.40
CA TRP F 1078 56.36 -16.09 84.75
C TRP F 1078 55.87 -17.06 83.67
N SER F 1079 56.77 -17.79 83.04
CA SER F 1079 56.33 -18.67 81.95
C SER F 1079 55.51 -19.85 82.45
N TYR F 1080 55.47 -20.09 83.75
CA TYR F 1080 54.65 -21.14 84.34
C TYR F 1080 53.28 -20.64 84.77
N ALA F 1081 52.92 -19.41 84.42
CA ALA F 1081 51.66 -18.83 84.83
C ALA F 1081 50.49 -19.65 84.31
N VAL F 1082 49.47 -19.81 85.15
CA VAL F 1082 48.29 -20.61 84.83
C VAL F 1082 47.12 -19.69 84.56
N ARG F 1083 46.37 -19.99 83.51
CA ARG F 1083 45.19 -19.19 83.14
C ARG F 1083 43.90 -19.98 83.24
N SER F 1084 43.93 -21.20 83.76
CA SER F 1084 42.72 -22.00 83.88
C SER F 1084 43.03 -23.21 84.75
N GLY F 1085 41.98 -23.89 85.17
CA GLY F 1085 42.14 -25.07 86.00
C GLY F 1085 42.15 -24.75 87.47
N LYS F 1086 42.30 -25.80 88.27
CA LYS F 1086 42.31 -25.70 89.72
C LYS F 1086 43.64 -26.24 90.23
N TRP F 1087 44.39 -25.38 90.92
CA TRP F 1087 45.77 -25.69 91.31
C TRP F 1087 45.96 -25.51 92.80
N TYR F 1088 46.93 -26.25 93.34
CA TYR F 1088 47.16 -26.34 94.77
C TYR F 1088 48.66 -26.36 95.03
N PHE F 1089 49.11 -25.63 96.06
CA PHE F 1089 50.49 -25.74 96.50
C PHE F 1089 50.59 -25.41 97.98
N GLU F 1090 51.62 -25.91 98.64
CA GLU F 1090 51.76 -25.73 100.07
C GLU F 1090 52.95 -24.85 100.41
N PHE F 1091 52.91 -24.27 101.59
CA PHE F 1091 53.96 -23.40 102.09
C PHE F 1091 54.10 -23.66 103.59
N GLU F 1092 55.19 -24.30 103.98
CA GLU F 1092 55.42 -24.60 105.38
C GLU F 1092 56.21 -23.48 106.04
N VAL F 1093 55.74 -23.03 107.19
CA VAL F 1093 56.33 -21.90 107.89
C VAL F 1093 57.20 -22.48 109.00
N VAL F 1094 58.48 -22.66 108.71
CA VAL F 1094 59.41 -23.19 109.69
C VAL F 1094 59.55 -22.23 110.86
N THR F 1095 59.66 -20.94 110.58
CA THR F 1095 59.80 -19.90 111.59
C THR F 1095 58.56 -19.03 111.52
N GLY F 1096 57.64 -19.21 112.47
CA GLY F 1096 56.45 -18.38 112.54
C GLY F 1096 56.81 -16.91 112.69
N GLY F 1097 56.28 -16.08 111.82
CA GLY F 1097 56.65 -14.67 111.83
C GLY F 1097 56.13 -13.95 110.61
N ASP F 1098 56.85 -12.91 110.22
CA ASP F 1098 56.43 -12.02 109.14
C ASP F 1098 56.71 -12.68 107.79
N MET F 1099 55.70 -13.36 107.27
CA MET F 1099 55.77 -13.98 105.96
C MET F 1099 54.42 -13.85 105.26
N ARG F 1100 54.45 -13.87 103.94
CA ARG F 1100 53.23 -13.82 103.15
C ARG F 1100 53.30 -14.87 102.07
N VAL F 1101 52.15 -15.42 101.69
CA VAL F 1101 52.13 -16.46 100.67
C VAL F 1101 50.86 -16.33 99.85
N GLY F 1102 50.98 -16.56 98.54
CA GLY F 1102 49.80 -16.45 97.70
C GLY F 1102 50.15 -16.53 96.23
N TRP F 1103 49.39 -15.79 95.43
CA TRP F 1103 49.50 -15.83 93.98
C TRP F 1103 49.88 -14.46 93.45
N ALA F 1104 50.63 -14.42 92.35
CA ALA F 1104 51.16 -13.19 91.80
C ALA F 1104 50.96 -13.15 90.30
N ARG F 1105 50.55 -11.99 89.81
CA ARG F 1105 50.42 -11.72 88.38
C ARG F 1105 51.79 -11.40 87.78
N PRO F 1106 52.02 -11.77 86.52
CA PRO F 1106 53.19 -11.26 85.82
C PRO F 1106 53.18 -9.75 85.77
N GLY F 1107 54.14 -9.13 86.46
CA GLY F 1107 54.14 -7.69 86.59
C GLY F 1107 54.30 -7.25 88.02
N CYS F 1108 54.25 -8.20 88.95
CA CYS F 1108 54.51 -7.89 90.35
C CYS F 1108 55.93 -7.40 90.51
N ARG F 1109 56.11 -6.34 91.32
CA ARG F 1109 57.42 -5.76 91.47
C ARG F 1109 58.04 -6.14 92.81
N PRO F 1110 59.37 -6.22 92.88
CA PRO F 1110 60.01 -6.61 94.15
C PRO F 1110 60.15 -5.49 95.15
N ASP F 1111 59.91 -4.23 94.78
CA ASP F 1111 60.08 -3.10 95.66
C ASP F 1111 58.76 -2.58 96.21
N ILE F 1112 57.69 -3.36 96.13
CA ILE F 1112 56.40 -3.02 96.69
C ILE F 1112 55.93 -4.20 97.53
N GLU F 1113 55.39 -3.91 98.70
CA GLU F 1113 54.97 -4.98 99.62
C GLU F 1113 53.95 -5.89 98.94
N LEU F 1114 54.11 -7.19 99.16
CA LEU F 1114 53.30 -8.20 98.51
C LEU F 1114 51.83 -8.03 98.87
N GLY F 1115 51.01 -7.60 97.92
CA GLY F 1115 49.60 -7.42 98.14
C GLY F 1115 49.15 -6.00 98.38
N ALA F 1116 50.06 -5.03 98.36
CA ALA F 1116 49.69 -3.64 98.53
C ALA F 1116 49.22 -2.99 97.23
N ASP F 1117 49.18 -3.76 96.14
CA ASP F 1117 48.66 -3.28 94.86
C ASP F 1117 47.82 -4.38 94.25
N ASP F 1118 47.51 -4.26 92.97
CA ASP F 1118 46.61 -5.20 92.29
C ASP F 1118 47.35 -6.33 91.60
N GLN F 1119 48.63 -6.54 91.93
CA GLN F 1119 49.45 -7.53 91.24
C GLN F 1119 49.73 -8.76 92.07
N ALA F 1120 49.10 -8.90 93.24
CA ALA F 1120 49.36 -10.06 94.08
C ALA F 1120 48.22 -10.22 95.07
N PHE F 1121 47.82 -11.47 95.28
CA PHE F 1121 46.77 -11.87 96.21
C PHE F 1121 47.44 -12.75 97.26
N VAL F 1122 47.67 -12.22 98.45
CA VAL F 1122 48.46 -12.95 99.44
C VAL F 1122 47.72 -13.05 100.76
N PHE F 1123 48.19 -13.96 101.60
CA PHE F 1123 47.73 -14.13 102.96
C PHE F 1123 48.93 -14.00 103.88
N GLU F 1124 48.79 -13.18 104.92
CA GLU F 1124 49.80 -13.02 105.95
C GLU F 1124 49.28 -13.63 107.24
N GLY F 1125 50.00 -14.60 107.77
CA GLY F 1125 49.53 -15.32 108.93
C GLY F 1125 50.04 -14.84 110.26
N SER F 1126 51.06 -13.99 110.27
CA SER F 1126 51.51 -13.43 111.55
C SER F 1126 50.42 -12.58 112.17
N ARG F 1127 49.72 -11.79 111.36
CA ARG F 1127 48.63 -10.94 111.83
C ARG F 1127 47.27 -11.40 111.36
N GLY F 1128 47.18 -12.52 110.64
CA GLY F 1128 45.91 -13.04 110.20
C GLY F 1128 45.17 -12.15 109.24
N GLN F 1129 45.86 -11.64 108.23
CA GLN F 1129 45.27 -10.73 107.26
C GLN F 1129 45.38 -11.29 105.86
N ARG F 1130 44.63 -10.70 104.95
CA ARG F 1130 44.70 -10.99 103.54
C ARG F 1130 44.94 -9.69 102.79
N TRP F 1131 45.83 -9.73 101.80
CA TRP F 1131 46.30 -8.55 101.10
C TRP F 1131 45.96 -8.64 99.64
N HIS F 1132 45.14 -7.70 99.17
CA HIS F 1132 45.00 -7.42 97.75
C HIS F 1132 44.51 -5.98 97.63
N GLN F 1133 45.38 -5.09 97.17
CA GLN F 1133 45.06 -3.67 97.10
C GLN F 1133 44.72 -3.12 98.47
N GLY F 1134 45.32 -3.66 99.51
CA GLY F 1134 45.04 -3.28 100.86
C GLY F 1134 45.11 -4.47 101.77
N SER F 1135 44.57 -4.31 102.98
CA SER F 1135 44.57 -5.38 103.96
C SER F 1135 43.18 -5.56 104.54
N GLY F 1136 42.80 -6.81 104.77
CA GLY F 1136 41.56 -7.12 105.46
C GLY F 1136 41.74 -8.31 106.35
N TYR F 1137 41.29 -8.24 107.60
CA TYR F 1137 41.48 -9.34 108.51
C TYR F 1137 40.74 -10.58 108.01
N PHE F 1138 41.41 -11.73 108.11
CA PHE F 1138 40.92 -12.96 107.51
C PHE F 1138 41.60 -14.14 108.18
N GLY F 1139 40.82 -15.18 108.48
CA GLY F 1139 41.40 -16.38 109.01
C GLY F 1139 42.02 -16.17 110.38
N ARG F 1140 43.01 -17.00 110.70
CA ARG F 1140 43.67 -16.97 111.98
C ARG F 1140 45.17 -17.09 111.79
N THR F 1141 45.91 -16.59 112.76
CA THR F 1141 47.36 -16.56 112.66
C THR F 1141 47.94 -17.98 112.75
N TRP F 1142 49.18 -18.11 112.27
CA TRP F 1142 49.87 -19.39 112.25
C TRP F 1142 50.90 -19.45 113.37
N GLN F 1143 51.61 -20.55 113.43
CA GLN F 1143 52.71 -20.71 114.36
C GLN F 1143 53.74 -21.63 113.71
N PRO F 1144 54.93 -21.75 114.31
CA PRO F 1144 55.99 -22.54 113.69
C PRO F 1144 55.55 -23.99 113.43
N GLY F 1145 55.91 -24.48 112.25
CA GLY F 1145 55.53 -25.82 111.85
C GLY F 1145 54.18 -25.93 111.17
N ASP F 1146 53.52 -24.81 110.90
CA ASP F 1146 52.25 -24.85 110.21
C ASP F 1146 52.46 -24.97 108.70
N VAL F 1147 51.41 -25.42 108.02
CA VAL F 1147 51.43 -25.63 106.57
C VAL F 1147 50.23 -24.93 105.99
N VAL F 1148 50.46 -23.96 105.12
CA VAL F 1148 49.40 -23.22 104.45
C VAL F 1148 49.21 -23.83 103.07
N GLY F 1149 48.01 -24.34 102.80
CA GLY F 1149 47.66 -24.86 101.51
C GLY F 1149 46.89 -23.81 100.72
N CYS F 1150 47.48 -23.35 99.63
CA CYS F 1150 46.90 -22.31 98.79
C CYS F 1150 46.30 -22.96 97.55
N MET F 1151 45.03 -22.70 97.29
CA MET F 1151 44.33 -23.24 96.15
C MET F 1151 43.76 -22.11 95.33
N ILE F 1152 43.90 -22.21 94.01
CA ILE F 1152 43.30 -21.27 93.08
C ILE F 1152 42.37 -22.05 92.18
N ASN F 1153 41.18 -21.49 91.96
CA ASN F 1153 40.17 -22.05 91.07
C ASN F 1153 39.98 -21.00 89.99
N LEU F 1154 40.73 -21.12 88.90
CA LEU F 1154 40.61 -20.19 87.79
C LEU F 1154 39.40 -20.49 86.92
N ASP F 1155 38.72 -21.60 87.16
CA ASP F 1155 37.48 -21.89 86.46
C ASP F 1155 36.40 -20.87 86.81
N ASP F 1156 36.27 -20.54 88.10
CA ASP F 1156 35.26 -19.59 88.54
C ASP F 1156 35.84 -18.47 89.39
N ALA F 1157 37.13 -18.17 89.24
CA ALA F 1157 37.75 -16.98 89.84
C ALA F 1157 37.60 -17.00 91.37
N SER F 1158 38.26 -17.96 91.99
CA SER F 1158 38.22 -18.10 93.43
C SER F 1158 39.61 -18.43 93.97
N MET F 1159 39.89 -17.99 95.19
CA MET F 1159 41.15 -18.27 95.87
C MET F 1159 40.86 -18.65 97.31
N ILE F 1160 41.36 -19.81 97.72
CA ILE F 1160 41.08 -20.41 99.02
C ILE F 1160 42.40 -20.71 99.72
N PHE F 1161 42.38 -20.61 101.05
CA PHE F 1161 43.53 -20.92 101.87
C PHE F 1161 43.12 -21.91 102.95
N THR F 1162 44.06 -22.76 103.35
CA THR F 1162 43.84 -23.67 104.47
C THR F 1162 45.06 -23.65 105.37
N LEU F 1163 44.83 -23.69 106.67
CA LEU F 1163 45.89 -23.75 107.66
C LEU F 1163 45.81 -25.09 108.37
N ASN F 1164 46.75 -25.98 108.05
CA ASN F 1164 46.79 -27.32 108.65
C ASN F 1164 45.58 -28.15 108.25
N GLY F 1165 45.21 -28.08 106.97
CA GLY F 1165 44.14 -28.88 106.45
C GLY F 1165 42.75 -28.36 106.75
N GLU F 1166 42.65 -27.23 107.43
CA GLU F 1166 41.37 -26.63 107.78
C GLU F 1166 41.22 -25.31 107.07
N LEU F 1167 40.10 -25.11 106.40
CA LEU F 1167 39.90 -23.90 105.62
C LEU F 1167 39.93 -22.67 106.51
N LEU F 1168 40.45 -21.58 105.98
CA LEU F 1168 40.39 -20.27 106.63
C LEU F 1168 39.21 -19.51 106.05
N ILE F 1169 38.30 -19.08 106.91
CA ILE F 1169 37.07 -18.43 106.49
C ILE F 1169 37.11 -16.96 106.88
N THR F 1170 36.41 -16.13 106.11
CA THR F 1170 36.34 -14.71 106.40
C THR F 1170 35.46 -14.46 107.62
N ASN F 1171 35.28 -13.19 107.96
CA ASN F 1171 34.41 -12.83 109.07
C ASN F 1171 32.96 -13.14 108.78
N LYS F 1172 32.58 -13.29 107.52
CA LYS F 1172 31.21 -13.60 107.12
C LYS F 1172 30.97 -15.09 106.93
N GLY F 1173 31.95 -15.93 107.28
CA GLY F 1173 31.78 -17.36 107.21
C GLY F 1173 32.01 -17.99 105.85
N SER F 1174 32.63 -17.27 104.92
CA SER F 1174 32.90 -17.79 103.59
C SER F 1174 34.32 -18.31 103.50
N GLU F 1175 34.49 -19.40 102.76
CA GLU F 1175 35.80 -19.99 102.56
C GLU F 1175 36.62 -19.28 101.48
N LEU F 1176 36.00 -18.43 100.68
CA LEU F 1176 36.67 -17.77 99.57
C LEU F 1176 37.48 -16.60 100.09
N ALA F 1177 38.79 -16.77 100.20
CA ALA F 1177 39.65 -15.66 100.57
C ALA F 1177 39.59 -14.55 99.53
N PHE F 1178 39.59 -14.91 98.25
CA PHE F 1178 39.42 -13.94 97.19
C PHE F 1178 38.47 -14.51 96.15
N ALA F 1179 37.80 -13.62 95.42
CA ALA F 1179 36.90 -14.07 94.38
C ALA F 1179 36.66 -12.96 93.38
N ASP F 1180 36.21 -13.35 92.19
CA ASP F 1180 35.83 -12.42 91.14
C ASP F 1180 36.97 -11.48 90.76
N TYR F 1181 38.05 -12.08 90.25
CA TYR F 1181 39.22 -11.36 89.77
C TYR F 1181 39.39 -11.61 88.28
N GLU F 1182 40.01 -10.68 87.59
CA GLU F 1182 40.26 -10.84 86.17
C GLU F 1182 41.52 -11.69 85.96
N ILE F 1183 41.41 -12.69 85.09
CA ILE F 1183 42.53 -13.61 84.90
C ILE F 1183 43.72 -12.90 84.28
N GLU F 1184 43.49 -12.18 83.18
CA GLU F 1184 44.54 -11.45 82.46
C GLU F 1184 45.63 -12.45 82.08
N ASN F 1185 46.90 -12.21 82.46
CA ASN F 1185 47.98 -13.10 82.04
C ASN F 1185 47.91 -14.45 82.76
N GLY F 1186 47.73 -14.43 84.07
CA GLY F 1186 47.70 -15.64 84.87
C GLY F 1186 48.32 -15.39 86.22
N PHE F 1187 48.57 -16.47 86.96
CA PHE F 1187 49.10 -16.37 88.30
C PHE F 1187 50.20 -17.40 88.50
N VAL F 1188 51.19 -17.04 89.32
CA VAL F 1188 52.22 -17.99 89.73
C VAL F 1188 52.38 -17.92 91.24
N PRO F 1189 52.78 -19.00 91.90
CA PRO F 1189 53.04 -18.94 93.34
C PRO F 1189 54.10 -17.90 93.70
N ILE F 1190 53.84 -17.18 94.79
CA ILE F 1190 54.76 -16.19 95.31
C ILE F 1190 54.73 -16.26 96.83
N CYS F 1191 55.89 -16.02 97.43
CA CYS F 1191 56.01 -15.92 98.88
C CYS F 1191 56.97 -14.78 99.19
N SER F 1192 56.82 -14.23 100.38
CA SER F 1192 57.67 -13.15 100.85
C SER F 1192 58.11 -13.48 102.27
N LEU F 1193 59.42 -13.44 102.50
CA LEU F 1193 60.01 -13.78 103.79
C LEU F 1193 60.67 -12.54 104.36
N GLY F 1194 60.43 -12.29 105.64
CA GLY F 1194 61.00 -11.15 106.34
C GLY F 1194 62.34 -11.49 106.95
N LEU F 1195 62.71 -10.72 107.96
CA LEU F 1195 64.00 -10.89 108.60
C LEU F 1195 64.03 -12.18 109.40
N SER F 1196 65.06 -12.99 109.16
CA SER F 1196 65.30 -14.22 109.91
C SER F 1196 64.18 -15.23 109.76
N GLN F 1197 63.37 -15.11 108.72
CA GLN F 1197 62.26 -16.03 108.49
C GLN F 1197 62.68 -17.15 107.56
N ILE F 1198 62.05 -18.30 107.73
CA ILE F 1198 62.32 -19.49 106.93
C ILE F 1198 61.01 -20.06 106.44
N GLY F 1199 61.05 -20.69 105.27
CA GLY F 1199 59.85 -21.25 104.69
C GLY F 1199 60.21 -22.34 103.71
N ARG F 1200 59.20 -23.12 103.34
CA ARG F 1200 59.37 -24.22 102.39
C ARG F 1200 58.18 -24.25 101.45
N MET F 1201 58.38 -23.82 100.21
CA MET F 1201 57.33 -23.85 99.21
C MET F 1201 57.36 -25.20 98.50
N ASN F 1202 56.27 -25.95 98.63
CA ASN F 1202 56.13 -27.27 98.02
C ASN F 1202 55.11 -27.16 96.90
N LEU F 1203 55.58 -27.24 95.66
CA LEU F 1203 54.73 -27.03 94.50
C LEU F 1203 54.08 -28.31 94.00
N GLY F 1204 54.36 -29.45 94.61
CA GLY F 1204 53.70 -30.67 94.24
C GLY F 1204 54.41 -31.49 93.19
N MET F 1205 55.73 -31.36 93.08
CA MET F 1205 56.48 -32.22 92.16
C MET F 1205 56.33 -33.68 92.53
N ASP F 1206 56.07 -33.96 93.81
CA ASP F 1206 55.70 -35.29 94.29
C ASP F 1206 54.56 -35.10 95.28
N ALA F 1207 53.33 -35.37 94.84
CA ALA F 1207 52.16 -35.09 95.65
C ALA F 1207 52.14 -35.90 96.94
N SER F 1208 52.89 -36.99 97.01
CA SER F 1208 52.96 -37.74 98.26
C SER F 1208 53.79 -37.04 99.32
N THR F 1209 54.51 -35.97 98.94
CA THR F 1209 55.19 -35.14 99.92
C THR F 1209 54.29 -34.08 100.51
N PHE F 1210 53.11 -33.89 99.95
CA PHE F 1210 52.13 -32.99 100.56
C PHE F 1210 51.70 -33.54 101.91
N LYS F 1211 51.32 -32.64 102.81
CA LYS F 1211 50.93 -33.04 104.15
C LYS F 1211 49.43 -33.00 104.38
N PHE F 1212 48.71 -32.10 103.72
CA PHE F 1212 47.27 -31.99 103.88
C PHE F 1212 46.55 -31.92 102.54
N TYR F 1213 47.18 -32.42 101.47
CA TYR F 1213 46.54 -32.42 100.17
C TYR F 1213 45.30 -33.31 100.17
N THR F 1214 45.40 -34.48 100.79
CA THR F 1214 44.27 -35.41 100.79
C THR F 1214 43.16 -34.93 101.72
N MET F 1215 43.52 -34.30 102.84
CA MET F 1215 42.51 -33.83 103.78
C MET F 1215 41.62 -32.76 103.15
N CYS F 1216 42.23 -31.80 102.45
CA CYS F 1216 41.46 -30.76 101.78
C CYS F 1216 42.24 -30.32 100.55
N GLY F 1217 41.75 -30.71 99.37
CA GLY F 1217 42.40 -30.31 98.13
C GLY F 1217 42.40 -31.38 97.06
N LEU F 1218 42.46 -32.65 97.44
CA LEU F 1218 42.54 -33.71 96.44
C LEU F 1218 41.18 -33.99 95.83
N GLN F 1219 40.19 -34.33 96.67
CA GLN F 1219 38.87 -34.69 96.19
C GLN F 1219 38.06 -33.49 95.72
N GLU F 1220 38.48 -32.28 96.05
CA GLU F 1220 37.78 -31.08 95.60
C GLU F 1220 38.18 -30.66 94.20
N GLY F 1221 39.08 -31.39 93.56
CA GLY F 1221 39.42 -31.16 92.17
C GLY F 1221 40.69 -30.38 91.94
N PHE F 1222 41.48 -30.12 92.98
CA PHE F 1222 42.69 -29.32 92.84
C PHE F 1222 43.88 -30.22 92.59
N GLU F 1223 44.64 -29.90 91.57
CA GLU F 1223 45.82 -30.67 91.24
C GLU F 1223 47.07 -29.94 91.69
N PRO F 1224 48.14 -30.67 92.01
CA PRO F 1224 49.38 -30.00 92.42
C PRO F 1224 49.86 -29.08 91.32
N PHE F 1225 50.47 -27.97 91.71
CA PHE F 1225 50.85 -26.97 90.72
C PHE F 1225 51.83 -27.55 89.71
N ALA F 1226 52.83 -28.28 90.19
CA ALA F 1226 53.82 -28.90 89.30
C ALA F 1226 53.48 -30.36 89.02
N VAL F 1227 52.28 -30.63 88.56
CA VAL F 1227 51.84 -31.99 88.28
C VAL F 1227 52.14 -32.32 86.83
N ASN F 1228 52.59 -33.55 86.59
CA ASN F 1228 52.95 -34.00 85.24
C ASN F 1228 54.05 -33.13 84.65
N MET F 1229 55.03 -32.78 85.47
CA MET F 1229 56.21 -32.06 85.02
C MET F 1229 57.42 -32.94 85.26
N ASN F 1230 58.37 -32.91 84.31
CA ASN F 1230 59.51 -33.82 84.38
C ASN F 1230 60.64 -33.26 85.22
N ARG F 1231 60.94 -31.97 85.09
CA ARG F 1231 62.04 -31.34 85.79
C ARG F 1231 61.51 -30.27 86.74
N ASP F 1232 62.37 -29.85 87.67
CA ASP F 1232 61.98 -28.90 88.69
C ASP F 1232 61.53 -27.58 88.05
N VAL F 1233 60.83 -26.78 88.84
CA VAL F 1233 60.24 -25.53 88.37
C VAL F 1233 61.24 -24.40 88.60
N ALA F 1234 61.53 -23.64 87.56
CA ALA F 1234 62.41 -22.50 87.68
C ALA F 1234 61.82 -21.48 88.66
N MET F 1235 62.64 -21.00 89.58
CA MET F 1235 62.19 -20.06 90.60
C MET F 1235 63.09 -18.84 90.61
N TRP F 1236 62.48 -17.68 90.75
CA TRP F 1236 63.17 -16.41 90.82
C TRP F 1236 63.03 -15.83 92.22
N PHE F 1237 63.93 -14.93 92.56
CA PHE F 1237 63.92 -14.27 93.85
C PHE F 1237 64.24 -12.82 93.64
N SER F 1238 64.10 -12.01 94.68
CA SER F 1238 64.36 -10.59 94.59
C SER F 1238 65.63 -10.29 95.36
N LYS F 1239 66.57 -9.63 94.70
CA LYS F 1239 67.84 -9.27 95.32
C LYS F 1239 67.99 -7.75 95.33
N ARG F 1240 68.67 -7.27 96.35
CA ARG F 1240 68.87 -5.83 96.55
C ARG F 1240 70.23 -5.43 96.01
N LEU F 1241 70.29 -5.33 94.69
CA LEU F 1241 71.49 -4.86 93.98
C LEU F 1241 71.09 -3.65 93.15
N PRO F 1242 71.35 -2.43 93.64
CA PRO F 1242 70.93 -1.25 92.89
C PRO F 1242 71.57 -1.20 91.51
N THR F 1243 70.79 -0.77 90.53
CA THR F 1243 71.21 -0.80 89.14
C THR F 1243 70.59 0.38 88.42
N PHE F 1244 71.34 0.98 87.50
CA PHE F 1244 70.81 2.09 86.72
C PHE F 1244 69.95 1.56 85.59
N VAL F 1245 68.71 2.03 85.52
CA VAL F 1245 67.79 1.68 84.44
C VAL F 1245 67.26 2.96 83.82
N ASN F 1246 66.90 2.88 82.55
CA ASN F 1246 66.45 4.06 81.82
C ASN F 1246 65.19 4.65 82.45
N VAL F 1247 65.14 5.97 82.50
CA VAL F 1247 63.97 6.66 83.04
C VAL F 1247 62.80 6.42 82.09
N PRO F 1248 61.71 5.83 82.54
CA PRO F 1248 60.58 5.58 81.65
C PRO F 1248 59.78 6.86 81.42
N LYS F 1249 58.89 6.80 80.43
CA LYS F 1249 57.96 7.90 80.23
C LYS F 1249 56.93 8.01 81.34
N ASP F 1250 56.83 7.00 82.22
CA ASP F 1250 55.87 6.99 83.31
C ASP F 1250 56.56 7.07 84.67
N HIS F 1251 57.78 7.58 84.72
CA HIS F 1251 58.50 7.67 85.99
C HIS F 1251 57.76 8.63 86.91
N PRO F 1252 57.51 8.25 88.17
CA PRO F 1252 56.70 9.09 89.05
C PRO F 1252 57.44 10.28 89.66
N HIS F 1253 58.71 10.47 89.40
CA HIS F 1253 59.40 11.53 90.11
C HIS F 1253 60.15 12.50 89.20
N ILE F 1254 60.78 12.01 88.13
CA ILE F 1254 61.60 12.87 87.29
C ILE F 1254 61.26 12.63 85.82
N GLU F 1255 61.56 13.64 85.01
CA GLU F 1255 61.31 13.60 83.58
C GLU F 1255 62.50 14.16 82.83
N VAL F 1256 62.74 13.60 81.64
CA VAL F 1256 63.88 13.95 80.81
C VAL F 1256 63.37 14.45 79.47
N VAL F 1257 63.87 15.59 79.02
CA VAL F 1257 63.49 16.19 77.76
C VAL F 1257 64.74 16.39 76.92
N ARG F 1258 64.70 15.92 75.67
CA ARG F 1258 65.80 16.13 74.75
C ARG F 1258 65.68 17.51 74.10
N ILE F 1259 66.82 18.17 73.92
CA ILE F 1259 66.87 19.49 73.30
C ILE F 1259 67.88 19.41 72.17
N ASP F 1260 67.42 19.61 70.94
CA ASP F 1260 68.28 19.47 69.78
C ASP F 1260 69.34 20.57 69.77
N GLY F 1261 70.47 20.27 69.14
CA GLY F 1261 71.57 21.20 69.09
C GLY F 1261 71.45 22.21 67.96
N THR F 1262 71.43 23.49 68.32
CA THR F 1262 71.35 24.56 67.35
C THR F 1262 72.76 25.00 66.96
N MET F 1263 72.87 26.15 66.29
CA MET F 1263 74.18 26.65 65.89
C MET F 1263 75.05 26.96 67.11
N ASP F 1264 74.47 27.56 68.14
CA ASP F 1264 75.20 27.92 69.35
C ASP F 1264 74.97 26.93 70.49
N SER F 1265 73.72 26.64 70.81
CA SER F 1265 73.42 25.73 71.92
C SER F 1265 73.71 24.29 71.50
N PRO F 1266 74.52 23.56 72.26
CA PRO F 1266 74.77 22.16 71.94
C PRO F 1266 73.58 21.30 72.35
N PRO F 1267 73.50 20.06 71.86
CA PRO F 1267 72.40 19.19 72.26
C PRO F 1267 72.41 18.95 73.77
N CYS F 1268 71.22 18.87 74.36
CA CYS F 1268 71.11 18.82 75.81
C CYS F 1268 70.06 17.81 76.23
N LEU F 1269 70.19 17.35 77.47
CA LEU F 1269 69.21 16.49 78.12
C LEU F 1269 68.81 17.16 79.42
N LYS F 1270 67.59 17.69 79.48
CA LYS F 1270 67.13 18.46 80.62
C LYS F 1270 66.32 17.57 81.55
N VAL F 1271 66.75 17.49 82.81
CA VAL F 1271 66.09 16.67 83.83
C VAL F 1271 65.36 17.60 84.78
N THR F 1272 64.07 17.34 84.97
CA THR F 1272 63.20 18.15 85.81
C THR F 1272 62.38 17.25 86.73
N HIS F 1273 61.95 17.81 87.85
CA HIS F 1273 61.22 17.06 88.87
C HIS F 1273 59.72 17.17 88.61
N LYS F 1274 59.05 16.03 88.48
CA LYS F 1274 57.63 16.03 88.12
C LYS F 1274 56.76 16.52 89.27
N THR F 1275 57.01 16.04 90.48
CA THR F 1275 56.06 16.17 91.58
C THR F 1275 56.71 16.81 92.79
N PHE F 1276 57.40 17.92 92.58
CA PHE F 1276 57.99 18.68 93.67
C PHE F 1276 57.21 19.96 93.89
N GLY F 1277 57.02 20.32 95.16
CA GLY F 1277 56.19 21.45 95.53
C GLY F 1277 54.74 21.11 95.79
N THR F 1278 54.33 19.87 95.56
CA THR F 1278 52.96 19.45 95.78
C THR F 1278 52.87 18.63 97.08
N GLN F 1279 51.67 18.13 97.35
CA GLN F 1279 51.46 17.29 98.53
C GLN F 1279 52.12 15.92 98.39
N ASN F 1280 52.53 15.55 97.18
CA ASN F 1280 53.20 14.28 96.93
C ASN F 1280 54.71 14.44 96.76
N SER F 1281 55.27 15.53 97.26
CA SER F 1281 56.70 15.78 97.07
C SER F 1281 57.53 14.74 97.81
N ASN F 1282 58.63 14.32 97.18
CA ASN F 1282 59.56 13.35 97.76
C ASN F 1282 60.96 13.96 97.74
N ALA F 1283 61.41 14.47 98.88
CA ALA F 1283 62.74 15.06 99.00
C ALA F 1283 63.76 13.97 99.31
N SER F 1284 64.02 13.15 98.30
CA SER F 1284 64.96 12.04 98.41
C SER F 1284 65.97 12.15 97.28
N MET F 1285 67.15 11.58 97.51
CA MET F 1285 68.24 11.69 96.56
C MET F 1285 67.88 11.03 95.24
N ILE F 1286 68.42 11.57 94.16
CA ILE F 1286 68.26 11.04 92.81
C ILE F 1286 69.65 10.76 92.25
N TYR F 1287 69.83 9.54 91.75
CA TYR F 1287 71.10 9.08 91.21
C TYR F 1287 70.93 8.88 89.70
N CYS F 1288 71.44 9.83 88.92
CA CYS F 1288 71.29 9.82 87.47
C CYS F 1288 72.64 9.55 86.82
N ARG F 1289 72.61 8.76 85.75
CA ARG F 1289 73.79 8.40 84.99
C ARG F 1289 73.44 8.48 83.52
N LEU F 1290 74.46 8.60 82.67
CA LEU F 1290 74.25 8.54 81.23
C LEU F 1290 74.38 7.10 80.75
N SER F 1291 73.61 6.77 79.71
CA SER F 1291 73.45 5.38 79.30
C SER F 1291 74.77 4.76 78.83
N MET F 1292 75.59 5.51 78.12
CA MET F 1292 76.77 4.94 77.49
C MET F 1292 78.05 5.43 78.14
N PRO F 1293 79.07 4.59 78.21
CA PRO F 1293 80.31 4.99 78.90
C PRO F 1293 81.31 5.69 78.00
N VAL F 1294 82.47 5.98 78.56
CA VAL F 1294 83.60 6.58 77.84
C VAL F 1294 84.84 5.83 78.30
N GLU F 1295 85.30 4.88 77.49
CA GLU F 1295 86.37 3.98 77.91
C GLU F 1295 87.74 4.56 77.61
N CYS F 1296 88.64 4.46 78.58
CA CYS F 1296 90.01 4.91 78.42
C CYS F 1296 90.82 3.92 77.59
N HIS F 1297 91.95 4.38 77.08
CA HIS F 1297 92.80 3.54 76.25
C HIS F 1297 93.43 2.42 77.07
N SER F 1298 93.75 1.31 76.39
CA SER F 1298 94.31 0.16 77.08
C SER F 1298 95.73 0.40 77.54
N SER F 1299 96.44 1.34 76.94
CA SER F 1299 97.80 1.68 77.34
C SER F 1299 97.94 3.20 77.38
N PHE F 1300 98.77 3.68 78.31
CA PHE F 1300 98.99 5.09 78.49
C PHE F 1300 100.39 5.47 78.05
N SER F 1301 100.53 6.71 77.56
CA SER F 1301 101.83 7.22 77.11
C SER F 1301 102.75 7.46 78.31
N THR F 1324 92.48 13.38 66.40
CA THR F 1324 93.75 13.85 66.91
C THR F 1324 93.73 13.96 68.43
N THR F 1325 92.83 14.79 68.94
CA THR F 1325 92.73 14.99 70.38
C THR F 1325 92.20 13.73 71.05
N THR F 1326 92.72 13.45 72.25
CA THR F 1326 92.31 12.29 73.04
C THR F 1326 91.46 12.68 74.24
N GLN F 1327 91.02 13.93 74.33
CA GLN F 1327 90.27 14.42 75.48
C GLN F 1327 88.79 14.51 75.14
N CYS F 1328 87.97 14.08 76.10
CA CYS F 1328 86.52 14.17 76.01
C CYS F 1328 86.02 15.17 77.04
N TYR F 1329 84.83 15.71 76.80
CA TYR F 1329 84.29 16.76 77.64
C TYR F 1329 82.77 16.66 77.67
N TYR F 1330 82.19 17.00 78.82
CA TYR F 1330 80.76 17.23 78.91
C TYR F 1330 80.52 18.25 80.00
N ALA F 1331 79.31 18.80 80.05
CA ALA F 1331 79.03 19.80 81.05
C ALA F 1331 77.66 19.55 81.67
N ILE F 1332 77.45 20.15 82.84
CA ILE F 1332 76.16 20.11 83.52
C ILE F 1332 75.80 21.54 83.87
N ARG F 1333 74.54 21.90 83.63
CA ARG F 1333 74.03 23.22 83.98
C ARG F 1333 72.93 23.05 85.01
N ILE F 1334 73.15 23.63 86.19
CA ILE F 1334 72.21 23.57 87.30
C ILE F 1334 71.41 24.86 87.30
N PHE F 1335 70.10 24.72 87.14
CA PHE F 1335 69.23 25.89 86.99
C PHE F 1335 69.08 26.62 88.31
N ALA F 1336 68.70 27.89 88.22
CA ALA F 1336 68.38 28.66 89.40
C ALA F 1336 67.21 28.02 90.14
N GLY F 1337 67.32 27.95 91.46
CA GLY F 1337 66.35 27.23 92.26
C GLY F 1337 66.83 25.87 92.73
N GLN F 1338 67.96 25.40 92.22
CA GLN F 1338 68.57 24.14 92.66
C GLN F 1338 69.83 24.48 93.44
N ASP F 1339 69.85 24.13 94.71
CA ASP F 1339 70.97 24.47 95.57
C ASP F 1339 72.21 23.72 95.13
N PRO F 1340 73.31 24.41 94.79
CA PRO F 1340 74.53 23.70 94.40
C PRO F 1340 75.15 22.87 95.50
N SER F 1341 74.76 23.09 96.76
CA SER F 1341 75.31 22.28 97.85
C SER F 1341 74.73 20.88 97.90
N CYS F 1342 73.63 20.62 97.19
CA CYS F 1342 73.00 19.31 97.15
C CYS F 1342 73.19 18.64 95.80
N VAL F 1343 74.28 18.94 95.09
CA VAL F 1343 74.54 18.41 93.76
C VAL F 1343 75.99 17.95 93.70
N TRP F 1344 76.18 16.68 93.33
CA TRP F 1344 77.49 16.11 93.06
C TRP F 1344 77.54 15.73 91.59
N VAL F 1345 78.61 16.12 90.90
CA VAL F 1345 78.73 15.93 89.46
C VAL F 1345 80.06 15.27 89.15
N GLY F 1346 80.04 14.26 88.27
CA GLY F 1346 81.28 13.62 87.90
C GLY F 1346 81.10 12.36 87.07
N TRP F 1347 81.85 11.31 87.41
CA TRP F 1347 81.83 10.05 86.69
C TRP F 1347 81.68 8.89 87.67
N VAL F 1348 81.10 7.79 87.19
CA VAL F 1348 80.98 6.57 87.98
C VAL F 1348 81.40 5.38 87.11
N THR F 1349 82.07 4.42 87.72
CA THR F 1349 82.45 3.19 87.01
C THR F 1349 81.25 2.26 86.93
N PRO F 1350 81.33 1.22 86.11
CA PRO F 1350 80.20 0.29 85.98
C PRO F 1350 79.86 -0.45 87.26
N ASP F 1351 80.79 -0.52 88.22
CA ASP F 1351 80.61 -1.30 89.42
C ASP F 1351 80.12 -0.46 90.60
N TYR F 1352 79.41 0.64 90.33
CA TYR F 1352 78.83 1.46 91.38
C TYR F 1352 77.42 0.95 91.66
N HIS F 1353 77.23 0.36 92.84
CA HIS F 1353 75.96 -0.23 93.24
C HIS F 1353 75.57 0.25 94.63
N LEU F 1354 75.64 1.55 94.86
CA LEU F 1354 75.31 2.13 96.15
C LEU F 1354 74.03 2.95 96.05
N TYR F 1355 73.17 2.80 97.07
CA TYR F 1355 71.94 3.56 97.14
C TYR F 1355 71.67 3.88 98.60
N SER F 1356 71.43 5.15 98.89
CA SER F 1356 71.20 5.60 100.25
C SER F 1356 70.41 6.89 100.24
N GLU F 1357 69.78 7.19 101.37
CA GLU F 1357 68.97 8.42 101.47
C GLU F 1357 69.85 9.65 101.49
N LYS F 1358 71.00 9.59 102.15
CA LYS F 1358 71.91 10.71 102.27
C LYS F 1358 73.26 10.33 101.67
N PHE F 1359 73.78 11.18 100.79
CA PHE F 1359 75.03 10.93 100.10
C PHE F 1359 76.13 11.82 100.67
N ASP F 1360 77.36 11.31 100.62
CA ASP F 1360 78.52 12.05 101.12
C ASP F 1360 79.76 11.50 100.44
N LEU F 1361 80.54 12.38 99.82
CA LEU F 1361 81.75 11.94 99.12
C LEU F 1361 82.78 11.35 100.06
N ASN F 1362 82.78 11.76 101.33
CA ASN F 1362 83.74 11.21 102.28
C ASN F 1362 83.48 9.72 102.51
N LYS F 1363 82.22 9.32 102.58
CA LYS F 1363 81.85 7.92 102.77
C LYS F 1363 81.77 7.25 101.40
N ASN F 1364 82.94 6.90 100.86
CA ASN F 1364 83.06 6.30 99.54
C ASN F 1364 83.94 5.06 99.62
N CYS F 1365 83.66 4.10 98.75
CA CYS F 1365 84.48 2.91 98.67
C CYS F 1365 85.79 3.22 97.97
N THR F 1366 86.90 2.90 98.63
CA THR F 1366 88.22 3.25 98.13
C THR F 1366 89.22 2.24 98.67
N VAL F 1367 90.36 2.16 98.01
CA VAL F 1367 91.45 1.32 98.48
C VAL F 1367 92.72 1.75 97.76
N THR F 1368 93.87 1.52 98.40
CA THR F 1368 95.17 1.83 97.82
C THR F 1368 96.01 0.57 97.85
N VAL F 1369 96.51 0.17 96.70
CA VAL F 1369 97.34 -1.03 96.57
C VAL F 1369 98.79 -0.58 96.50
N THR F 1370 99.55 -0.85 97.55
CA THR F 1370 100.95 -0.47 97.60
C THR F 1370 101.83 -1.65 97.20
N LEU F 1371 102.78 -1.41 96.32
CA LEU F 1371 103.71 -2.43 95.86
C LEU F 1371 105.12 -2.01 96.25
N GLY F 1372 105.81 -2.86 97.00
CA GLY F 1372 107.14 -2.59 97.48
C GLY F 1372 108.20 -3.42 96.77
N ASP F 1373 109.45 -3.11 97.08
CA ASP F 1373 110.59 -3.80 96.51
C ASP F 1373 110.93 -5.01 97.39
N GLU F 1374 112.07 -5.65 97.10
CA GLU F 1374 112.50 -6.78 97.91
C GLU F 1374 112.73 -6.37 99.35
N ARG F 1375 113.15 -5.13 99.59
CA ARG F 1375 113.39 -4.61 100.92
C ARG F 1375 112.17 -3.89 101.50
N GLY F 1376 111.05 -3.87 100.79
CA GLY F 1376 109.85 -3.24 101.27
C GLY F 1376 109.66 -1.78 100.86
N ARG F 1377 110.60 -1.22 100.09
CA ARG F 1377 110.45 0.16 99.64
C ARG F 1377 109.32 0.27 98.62
N VAL F 1378 108.43 1.23 98.82
CA VAL F 1378 107.27 1.40 97.97
C VAL F 1378 107.71 2.00 96.63
N HIS F 1379 107.47 1.28 95.55
CA HIS F 1379 107.78 1.78 94.21
C HIS F 1379 106.53 1.99 93.37
N GLU F 1380 105.35 1.95 93.98
CA GLU F 1380 104.10 2.21 93.27
C GLU F 1380 102.98 2.23 94.29
N SER F 1381 101.90 2.95 93.95
CA SER F 1381 100.74 3.03 94.84
C SER F 1381 99.54 3.42 94.00
N VAL F 1382 98.59 2.50 93.86
CA VAL F 1382 97.43 2.67 93.00
C VAL F 1382 96.20 2.85 93.88
N LYS F 1383 95.40 3.86 93.59
CA LYS F 1383 94.18 4.15 94.34
C LYS F 1383 92.97 3.86 93.47
N ARG F 1384 92.08 3.02 93.96
CA ARG F 1384 90.88 2.64 93.23
C ARG F 1384 89.65 3.29 93.85
N SER F 1385 88.58 3.32 93.08
CA SER F 1385 87.29 3.83 93.53
C SER F 1385 86.30 3.59 92.40
N ASN F 1386 85.04 3.88 92.67
CA ASN F 1386 83.99 3.72 91.65
C ASN F 1386 83.15 4.99 91.51
N CYS F 1387 83.64 6.13 92.01
CA CYS F 1387 82.86 7.36 91.98
C CYS F 1387 83.84 8.52 92.05
N TYR F 1388 84.11 9.14 90.90
CA TYR F 1388 85.00 10.29 90.81
C TYR F 1388 84.13 11.51 90.56
N MET F 1389 83.71 12.17 91.63
CA MET F 1389 82.78 13.29 91.54
C MET F 1389 83.28 14.46 92.35
N VAL F 1390 82.69 15.63 92.10
CA VAL F 1390 82.96 16.84 92.86
C VAL F 1390 81.65 17.38 93.39
N TRP F 1391 81.75 18.04 94.54
CA TRP F 1391 80.58 18.58 95.23
C TRP F 1391 80.35 20.02 94.81
N GLY F 1392 79.09 20.37 94.56
CA GLY F 1392 78.76 21.74 94.26
C GLY F 1392 78.99 22.68 95.42
N GLY F 1393 78.91 22.16 96.64
CA GLY F 1393 79.16 23.00 97.80
C GLY F 1393 80.57 23.56 97.85
N ASP F 1394 81.56 22.72 97.55
CA ASP F 1394 82.94 23.20 97.53
C ASP F 1394 83.14 24.23 96.42
N ILE F 1395 82.49 24.02 95.27
CA ILE F 1395 82.61 24.97 94.17
C ILE F 1395 82.03 26.31 94.56
N VAL F 1396 80.83 26.31 95.17
CA VAL F 1396 80.22 27.57 95.58
C VAL F 1396 81.04 28.23 96.69
N ALA F 1397 81.63 27.43 97.58
CA ALA F 1397 82.49 27.99 98.61
C ALA F 1397 83.71 28.68 97.99
N THR F 1398 84.31 28.06 96.98
CA THR F 1398 85.43 28.66 96.28
C THR F 1398 85.00 29.70 95.24
N SER F 1399 83.69 29.83 95.01
CA SER F 1399 83.19 30.79 94.04
C SER F 1399 82.53 31.97 94.74
N ASN F 1406 69.23 32.56 92.56
CA ASN F 1406 70.51 33.12 92.11
C ASN F 1406 70.65 33.01 90.59
N VAL F 1407 71.76 32.41 90.16
CA VAL F 1407 72.07 32.26 88.74
C VAL F 1407 72.47 30.81 88.48
N ASP F 1408 72.28 30.38 87.24
CA ASP F 1408 72.62 29.00 86.87
C ASP F 1408 74.11 28.77 87.01
N LEU F 1409 74.47 27.54 87.42
CA LEU F 1409 75.86 27.17 87.65
C LEU F 1409 76.27 26.09 86.65
N GLU F 1410 77.40 26.28 85.99
CA GLU F 1410 77.87 25.34 84.99
C GLU F 1410 79.15 24.66 85.46
N ILE F 1411 79.14 23.33 85.48
CA ILE F 1411 80.29 22.53 85.89
C ILE F 1411 80.68 21.66 84.71
N GLY F 1412 81.94 21.76 84.27
CA GLY F 1412 82.43 21.01 83.13
C GLY F 1412 83.40 19.93 83.58
N CYS F 1413 83.22 18.75 83.03
CA CYS F 1413 84.04 17.58 83.35
C CYS F 1413 84.80 17.16 82.10
N LEU F 1414 86.11 17.04 82.24
CA LEU F 1414 87.00 16.73 81.12
C LEU F 1414 87.85 15.52 81.47
N VAL F 1415 88.07 14.65 80.47
CA VAL F 1415 88.77 13.39 80.67
C VAL F 1415 89.81 13.22 79.58
N ASP F 1416 91.07 13.06 79.99
CA ASP F 1416 92.14 12.71 79.07
C ASP F 1416 92.22 11.19 79.00
N LEU F 1417 91.77 10.63 77.88
CA LEU F 1417 91.71 9.18 77.74
C LEU F 1417 93.09 8.58 77.54
N ALA F 1418 93.95 9.27 76.81
CA ALA F 1418 95.30 8.74 76.58
C ALA F 1418 96.11 8.67 77.87
N MET F 1419 95.82 9.56 78.83
CA MET F 1419 96.47 9.53 80.12
C MET F 1419 95.52 9.15 81.25
N GLY F 1420 94.22 9.06 80.98
CA GLY F 1420 93.25 8.68 81.99
C GLY F 1420 93.20 9.65 83.15
N MET F 1421 93.14 10.94 82.86
CA MET F 1421 93.16 11.98 83.88
C MET F 1421 91.85 12.73 83.86
N LEU F 1422 91.15 12.77 84.99
CA LEU F 1422 89.85 13.44 85.09
C LEU F 1422 90.04 14.77 85.80
N SER F 1423 89.48 15.83 85.21
CA SER F 1423 89.57 17.16 85.79
C SER F 1423 88.23 17.86 85.66
N PHE F 1424 88.03 18.88 86.49
CA PHE F 1424 86.77 19.58 86.58
C PHE F 1424 87.02 21.08 86.56
N SER F 1425 86.00 21.83 86.13
CA SER F 1425 86.11 23.28 86.04
C SER F 1425 84.73 23.90 86.17
N ALA F 1426 84.54 24.77 87.15
CA ALA F 1426 83.27 25.45 87.35
C ALA F 1426 83.38 26.89 86.84
N ASN F 1427 82.55 27.22 85.85
CA ASN F 1427 82.54 28.55 85.26
C ASN F 1427 83.91 28.92 84.69
N GLY F 1428 84.50 28.00 83.95
CA GLY F 1428 85.77 28.23 83.28
C GLY F 1428 87.00 28.00 84.12
N ARG F 1429 87.00 28.45 85.36
CA ARG F 1429 88.15 28.28 86.22
C ARG F 1429 88.35 26.80 86.55
N GLU F 1430 89.60 26.36 86.51
CA GLU F 1430 89.93 24.96 86.74
C GLU F 1430 90.02 24.68 88.24
N LEU F 1431 89.26 23.69 88.70
CA LEU F 1431 89.28 23.31 90.10
C LEU F 1431 90.50 22.44 90.39
N GLY F 1432 90.84 22.34 91.68
CA GLY F 1432 91.96 21.54 92.11
C GLY F 1432 91.68 20.07 92.30
N THR F 1433 90.45 19.64 92.06
CA THR F 1433 90.05 18.24 92.26
C THR F 1433 90.32 17.47 90.97
N CYS F 1434 91.38 16.67 90.97
CA CYS F 1434 91.75 15.87 89.81
C CYS F 1434 91.90 14.42 90.24
N TYR F 1435 91.55 13.51 89.33
CA TYR F 1435 91.60 12.08 89.59
C TYR F 1435 92.42 11.38 88.52
N GLN F 1436 92.97 10.23 88.87
CA GLN F 1436 93.75 9.41 87.96
C GLN F 1436 93.16 8.00 87.96
N VAL F 1437 92.92 7.45 86.77
CA VAL F 1437 92.30 6.15 86.63
C VAL F 1437 93.17 5.27 85.73
N GLU F 1438 93.02 3.97 85.89
CA GLU F 1438 93.82 2.99 85.17
C GLU F 1438 93.31 2.81 83.74
N PRO F 1439 94.12 2.19 82.88
CA PRO F 1439 93.67 1.93 81.51
C PRO F 1439 92.51 0.95 81.48
N ASN F 1440 91.74 1.04 80.40
CA ASN F 1440 90.56 0.19 80.19
C ASN F 1440 89.45 0.51 81.18
N THR F 1441 89.40 1.74 81.69
CA THR F 1441 88.43 2.15 82.68
C THR F 1441 87.24 2.78 81.98
N LYS F 1442 86.04 2.27 82.26
CA LYS F 1442 84.81 2.83 81.73
C LYS F 1442 84.21 3.76 82.78
N VAL F 1443 83.91 4.99 82.37
CA VAL F 1443 83.35 5.99 83.26
C VAL F 1443 82.11 6.56 82.60
N PHE F 1444 80.99 6.51 83.30
CA PHE F 1444 79.72 7.06 82.88
C PHE F 1444 79.54 8.43 83.50
N PRO F 1445 79.09 9.43 82.75
CA PRO F 1445 78.71 10.70 83.37
C PRO F 1445 77.62 10.48 84.40
N ALA F 1446 77.72 11.17 85.53
CA ALA F 1446 76.79 10.93 86.63
C ALA F 1446 76.54 12.21 87.40
N VAL F 1447 75.29 12.38 87.83
CA VAL F 1447 74.88 13.48 88.69
C VAL F 1447 74.02 12.90 89.81
N PHE F 1448 74.41 13.17 91.04
CA PHE F 1448 73.66 12.74 92.21
C PHE F 1448 73.19 13.98 92.94
N LEU F 1449 71.87 14.14 93.08
CA LEU F 1449 71.37 15.40 93.61
C LEU F 1449 70.12 15.19 94.43
N GLN F 1450 69.93 16.06 95.41
CA GLN F 1450 68.68 16.12 96.16
C GLN F 1450 67.86 17.27 95.64
N PRO F 1451 66.68 17.04 95.07
CA PRO F 1451 65.97 18.12 94.38
C PRO F 1451 65.43 19.15 95.35
N THR F 1452 65.60 20.42 94.97
CA THR F 1452 65.01 21.54 95.69
C THR F 1452 64.13 22.40 94.79
N SER F 1453 63.92 22.01 93.55
CA SER F 1453 63.10 22.78 92.62
C SER F 1453 62.65 21.86 91.49
N THR F 1454 61.62 22.32 90.77
CA THR F 1454 61.06 21.50 89.69
C THR F 1454 62.04 21.35 88.54
N ALA F 1455 62.75 22.42 88.18
CA ALA F 1455 63.77 22.35 87.14
C ALA F 1455 65.09 21.99 87.79
N LEU F 1456 65.58 20.78 87.51
CA LEU F 1456 66.71 20.23 88.26
C LEU F 1456 68.05 20.57 87.62
N PHE F 1457 68.28 20.12 86.40
CA PHE F 1457 69.59 20.37 85.78
C PHE F 1457 69.51 19.95 84.32
N GLN F 1458 70.64 20.04 83.61
CA GLN F 1458 70.68 19.55 82.25
C GLN F 1458 72.09 19.16 81.86
N PHE F 1459 72.22 17.97 81.26
CA PHE F 1459 73.44 17.57 80.59
C PHE F 1459 73.62 18.37 79.31
N GLU F 1460 74.81 18.90 79.10
CA GLU F 1460 75.18 19.59 77.87
C GLU F 1460 76.32 18.81 77.23
N LEU F 1461 76.01 18.14 76.12
CA LEU F 1461 76.98 17.34 75.39
C LEU F 1461 77.71 18.18 74.36
N GLY F 1462 78.27 19.29 74.80
CA GLY F 1462 78.91 20.23 73.92
C GLY F 1462 80.35 19.84 73.61
N LYS F 1463 81.08 20.83 73.09
CA LYS F 1463 82.47 20.62 72.69
C LYS F 1463 83.26 21.88 73.03
N LEU F 1464 84.57 21.71 73.15
CA LEU F 1464 85.48 22.84 73.27
C LEU F 1464 86.77 22.48 72.56
N LYS F 1465 87.60 23.50 72.34
CA LYS F 1465 88.85 23.30 71.59
C LYS F 1465 89.73 22.29 72.30
N ASN F 1466 90.30 21.37 71.52
CA ASN F 1466 91.16 20.29 71.99
C ASN F 1466 90.41 19.22 72.76
N ALA F 1467 89.08 19.24 72.75
CA ALA F 1467 88.28 18.27 73.47
C ALA F 1467 87.14 17.78 72.59
N MET F 1468 86.99 16.46 72.51
CA MET F 1468 85.91 15.88 71.73
C MET F 1468 84.58 16.05 72.45
N PRO F 1469 83.47 16.00 71.71
CA PRO F 1469 82.17 15.86 72.36
C PRO F 1469 81.98 14.46 72.90
N LEU F 1470 80.95 14.30 73.73
CA LEU F 1470 80.68 13.00 74.34
C LEU F 1470 80.31 11.97 73.28
N SER F 1471 79.51 12.37 72.29
CA SER F 1471 79.12 11.44 71.24
C SER F 1471 80.32 10.97 70.44
N ALA F 1472 81.27 11.86 70.17
CA ALA F 1472 82.47 11.49 69.43
C ALA F 1472 83.28 10.46 70.19
N ALA F 1473 83.38 10.61 71.51
CA ALA F 1473 84.15 9.68 72.32
C ALA F 1473 83.42 8.36 72.51
N ILE F 1474 82.10 8.36 72.51
CA ILE F 1474 81.36 7.14 72.76
C ILE F 1474 81.18 6.33 71.48
N PHE F 1475 80.74 6.97 70.41
CA PHE F 1475 80.40 6.28 69.17
C PHE F 1475 81.56 6.40 68.18
N LYS F 1476 82.06 5.26 67.71
CA LYS F 1476 83.15 5.25 66.76
C LYS F 1476 82.74 5.81 65.40
N SER F 1477 81.45 5.79 65.09
CA SER F 1477 80.99 6.34 63.82
C SER F 1477 81.29 7.84 63.72
N GLU F 1478 81.08 8.56 64.82
CA GLU F 1478 81.29 10.00 64.87
C GLU F 1478 82.68 10.38 65.37
N GLU F 1479 83.62 9.43 65.39
CA GLU F 1479 84.96 9.72 65.87
C GLU F 1479 85.61 10.80 65.02
N LYS F 1480 85.47 10.70 63.69
CA LYS F 1480 86.01 11.72 62.79
C LYS F 1480 85.16 12.99 62.80
N ASN F 1481 83.86 12.84 62.87
CA ASN F 1481 82.96 13.99 62.79
C ASN F 1481 83.06 14.84 64.04
N PRO F 1482 83.26 16.15 63.92
CA PRO F 1482 83.30 17.03 65.09
C PRO F 1482 81.97 17.65 65.48
N VAL F 1483 80.86 17.23 64.88
CA VAL F 1483 79.55 17.79 65.21
C VAL F 1483 78.99 17.11 66.46
N PRO F 1484 78.71 17.86 67.52
CA PRO F 1484 78.08 17.25 68.70
C PRO F 1484 76.73 16.64 68.35
N GLN F 1485 76.43 15.50 68.96
CA GLN F 1485 75.17 14.82 68.72
C GLN F 1485 74.72 14.14 70.01
N CYS F 1486 73.42 13.86 70.09
CA CYS F 1486 72.82 13.14 71.20
C CYS F 1486 71.95 12.03 70.64
N PRO F 1487 72.55 10.92 70.25
CA PRO F 1487 71.79 9.84 69.62
C PRO F 1487 70.77 9.26 70.58
N PRO F 1488 69.73 8.62 70.05
CA PRO F 1488 68.69 8.06 70.94
C PRO F 1488 69.18 6.95 71.85
N ARG F 1489 70.35 6.37 71.59
CA ARG F 1489 70.90 5.39 72.52
C ARG F 1489 71.46 6.03 73.77
N LEU F 1490 71.65 7.35 73.75
CA LEU F 1490 72.21 8.08 74.89
C LEU F 1490 71.05 8.67 75.68
N ASP F 1491 70.67 8.03 76.77
CA ASP F 1491 69.51 8.42 77.56
C ASP F 1491 69.90 8.44 79.03
N VAL F 1492 69.15 9.22 79.80
CA VAL F 1492 69.42 9.38 81.23
C VAL F 1492 68.78 8.23 82.00
N GLN F 1493 69.56 7.60 82.87
CA GLN F 1493 69.12 6.49 83.67
C GLN F 1493 69.16 6.88 85.14
N THR F 1494 68.29 6.25 85.94
CA THR F 1494 68.26 6.46 87.38
C THR F 1494 68.44 5.12 88.09
N ILE F 1495 68.94 5.19 89.33
CA ILE F 1495 69.15 3.96 90.09
C ILE F 1495 67.82 3.42 90.60
N GLN F 1496 67.62 2.11 90.45
CA GLN F 1496 66.55 1.36 91.09
C GLN F 1496 67.14 0.33 92.04
N PRO F 1497 66.55 0.13 93.21
CA PRO F 1497 67.25 -0.57 94.29
C PRO F 1497 67.06 -2.09 94.37
N VAL F 1498 66.04 -2.64 93.72
CA VAL F 1498 65.75 -4.07 93.85
C VAL F 1498 65.46 -4.64 92.48
N LEU F 1499 65.83 -5.90 92.28
CA LEU F 1499 65.59 -6.53 90.99
C LEU F 1499 65.28 -8.02 91.17
N TRP F 1500 64.54 -8.58 90.23
CA TRP F 1500 64.38 -10.01 90.16
C TRP F 1500 65.64 -10.67 89.61
N SER F 1501 65.92 -11.87 90.09
CA SER F 1501 67.11 -12.61 89.71
C SER F 1501 66.79 -14.08 89.75
N ARG F 1502 67.26 -14.82 88.76
CA ARG F 1502 66.91 -16.22 88.62
C ARG F 1502 67.73 -17.07 89.58
N MET F 1503 67.04 -17.90 90.34
CA MET F 1503 67.72 -18.83 91.22
C MET F 1503 68.37 -19.93 90.39
N PRO F 1504 69.66 -20.17 90.54
CA PRO F 1504 70.33 -21.16 89.69
C PRO F 1504 69.74 -22.56 89.85
N SER F 1505 69.75 -23.31 88.75
CA SER F 1505 69.19 -24.65 88.77
C SER F 1505 69.97 -25.56 89.70
N SER F 1506 71.30 -25.45 89.68
CA SER F 1506 72.16 -26.26 90.53
C SER F 1506 73.14 -25.37 91.27
N PHE F 1507 73.63 -25.86 92.40
CA PHE F 1507 74.54 -25.12 93.25
C PHE F 1507 75.77 -25.97 93.52
N LEU F 1508 76.87 -25.29 93.86
CA LEU F 1508 78.09 -25.99 94.25
C LEU F 1508 77.87 -26.77 95.53
N LYS F 1509 78.37 -28.00 95.56
CA LYS F 1509 78.24 -28.86 96.73
C LYS F 1509 79.50 -28.72 97.57
N VAL F 1510 79.49 -27.73 98.46
CA VAL F 1510 80.61 -27.48 99.36
C VAL F 1510 80.42 -28.29 100.63
N GLU F 1511 81.52 -28.83 101.16
CA GLU F 1511 81.47 -29.67 102.34
C GLU F 1511 82.46 -29.13 103.37
N THR F 1512 81.96 -28.82 104.56
CA THR F 1512 82.76 -28.29 105.64
C THR F 1512 82.80 -29.30 106.79
N GLU F 1513 83.90 -29.28 107.55
CA GLU F 1513 84.08 -30.27 108.60
C GLU F 1513 85.27 -29.87 109.45
N ARG F 1514 85.17 -30.11 110.76
CA ARG F 1514 86.26 -29.87 111.69
C ARG F 1514 87.16 -31.10 111.72
N VAL F 1515 88.35 -30.98 111.12
CA VAL F 1515 89.22 -32.14 111.00
C VAL F 1515 89.73 -32.57 112.38
N SER F 1516 90.22 -31.63 113.17
CA SER F 1516 90.77 -31.92 114.48
C SER F 1516 91.09 -30.61 115.17
N GLU F 1517 91.71 -30.71 116.35
CA GLU F 1517 92.08 -29.52 117.11
C GLU F 1517 93.40 -28.91 116.63
N ARG F 1518 94.13 -29.59 115.74
CA ARG F 1518 95.34 -29.03 115.17
C ARG F 1518 95.33 -28.98 113.66
N HIS F 1519 94.30 -29.51 113.00
CA HIS F 1519 94.18 -29.45 111.55
C HIS F 1519 93.18 -28.41 111.09
N GLY F 1520 92.60 -27.63 112.00
CA GLY F 1520 91.70 -26.58 111.58
C GLY F 1520 90.43 -27.13 110.96
N TRP F 1521 89.80 -26.28 110.15
CA TRP F 1521 88.53 -26.58 109.53
C TRP F 1521 88.70 -26.81 108.03
N ALA F 1522 88.12 -27.89 107.53
CA ALA F 1522 88.29 -28.30 106.14
C ALA F 1522 87.11 -27.85 105.30
N VAL F 1523 87.41 -27.32 104.11
CA VAL F 1523 86.41 -26.99 103.11
C VAL F 1523 86.85 -27.60 101.79
N GLN F 1524 85.99 -28.37 101.16
CA GLN F 1524 86.33 -29.00 99.89
C GLN F 1524 85.18 -28.85 98.90
N CYS F 1525 85.53 -28.63 97.64
CA CYS F 1525 84.56 -28.66 96.56
C CYS F 1525 85.20 -29.39 95.38
N LEU F 1526 84.56 -30.44 94.92
CA LEU F 1526 85.18 -31.35 93.95
C LEU F 1526 84.42 -31.48 92.65
N GLU F 1527 83.10 -31.53 92.69
CA GLU F 1527 82.30 -31.72 91.48
C GLU F 1527 82.21 -30.42 90.70
N PRO F 1528 82.60 -30.39 89.44
CA PRO F 1528 82.59 -29.12 88.69
C PRO F 1528 81.19 -28.67 88.36
N LEU F 1529 81.04 -27.35 88.22
CA LEU F 1529 79.79 -26.73 87.82
C LEU F 1529 80.09 -25.53 86.95
N GLN F 1530 79.24 -25.27 85.97
CA GLN F 1530 79.42 -24.17 85.04
C GLN F 1530 78.06 -23.58 84.69
N MET F 1531 78.10 -22.42 84.04
CA MET F 1531 76.90 -21.81 83.51
C MET F 1531 77.25 -20.96 82.31
N MET F 1532 76.32 -20.87 81.36
CA MET F 1532 76.51 -20.02 80.19
C MET F 1532 76.03 -18.62 80.53
N ALA F 1533 76.94 -17.67 80.56
CA ALA F 1533 76.67 -16.29 80.89
C ALA F 1533 76.52 -15.47 79.63
N LEU F 1534 75.55 -14.55 79.66
CA LEU F 1534 75.32 -13.57 78.61
C LEU F 1534 75.81 -12.22 79.12
N HIS F 1535 76.72 -11.60 78.38
CA HIS F 1535 77.46 -10.43 78.80
C HIS F 1535 77.01 -9.24 77.96
N ILE F 1536 76.56 -8.19 78.64
CA ILE F 1536 76.16 -6.94 77.99
C ILE F 1536 77.40 -6.05 77.90
N PRO F 1537 77.93 -5.79 76.71
CA PRO F 1537 79.29 -5.23 76.62
C PRO F 1537 79.44 -3.84 77.22
N GLU F 1538 78.50 -2.92 76.97
CA GLU F 1538 78.69 -1.55 77.43
C GLU F 1538 78.60 -1.46 78.95
N GLU F 1539 77.69 -2.21 79.57
CA GLU F 1539 77.51 -2.18 81.00
C GLU F 1539 78.57 -2.97 81.74
N ASN F 1540 79.35 -3.79 81.04
CA ASN F 1540 80.42 -4.57 81.65
C ASN F 1540 79.89 -5.47 82.75
N ARG F 1541 78.74 -6.10 82.51
CA ARG F 1541 78.14 -7.03 83.44
C ARG F 1541 77.49 -8.16 82.67
N CYS F 1542 77.34 -9.30 83.32
CA CYS F 1542 76.79 -10.49 82.71
C CYS F 1542 75.70 -11.07 83.59
N VAL F 1543 74.66 -11.59 82.95
CA VAL F 1543 73.62 -12.35 83.64
C VAL F 1543 73.68 -13.78 83.13
N ASP F 1544 72.84 -14.64 83.67
CA ASP F 1544 72.71 -15.99 83.15
C ASP F 1544 71.95 -15.96 81.83
N ILE F 1545 72.26 -16.91 80.96
CA ILE F 1545 71.53 -17.00 79.69
C ILE F 1545 70.07 -17.35 79.96
N LEU F 1546 69.83 -18.18 80.97
CA LEU F 1546 68.47 -18.61 81.28
C LEU F 1546 67.61 -17.47 81.79
N GLU F 1547 68.22 -16.38 82.25
CA GLU F 1547 67.44 -15.20 82.59
C GLU F 1547 66.76 -14.57 81.38
N LEU F 1548 67.16 -14.96 80.17
CA LEU F 1548 66.44 -14.54 78.98
C LEU F 1548 65.08 -15.19 78.86
N CYS F 1549 64.76 -16.15 79.74
CA CYS F 1549 63.42 -16.72 79.75
C CYS F 1549 62.36 -15.68 80.05
N GLU F 1550 62.71 -14.57 80.70
CA GLU F 1550 61.75 -13.55 81.06
C GLU F 1550 62.08 -12.17 80.49
N GLN F 1551 63.11 -12.03 79.68
CA GLN F 1551 63.47 -10.76 79.06
C GLN F 1551 63.29 -10.91 77.56
N GLU F 1552 62.09 -10.59 77.07
CA GLU F 1552 61.75 -10.87 75.68
C GLU F 1552 62.56 -10.01 74.72
N ASP F 1553 62.88 -8.78 75.11
CA ASP F 1553 63.64 -7.90 74.21
C ASP F 1553 65.03 -8.46 73.93
N LEU F 1554 65.78 -8.77 74.99
CA LEU F 1554 67.10 -9.33 74.80
C LEU F 1554 67.02 -10.71 74.16
N MET F 1555 65.98 -11.48 74.47
CA MET F 1555 65.84 -12.78 73.85
C MET F 1555 65.67 -12.65 72.34
N GLN F 1556 64.82 -11.71 71.90
CA GLN F 1556 64.62 -11.50 70.47
C GLN F 1556 65.89 -11.02 69.81
N PHE F 1557 66.60 -10.09 70.45
CA PHE F 1557 67.83 -9.59 69.84
C PHE F 1557 68.87 -10.69 69.72
N HIS F 1558 69.01 -11.53 70.74
CA HIS F 1558 70.01 -12.59 70.66
C HIS F 1558 69.58 -13.70 69.70
N TYR F 1559 68.29 -13.97 69.61
CA TYR F 1559 67.83 -14.94 68.63
C TYR F 1559 68.14 -14.46 67.21
N HIS F 1560 67.92 -13.19 66.93
CA HIS F 1560 68.26 -12.68 65.61
C HIS F 1560 69.77 -12.58 65.41
N THR F 1561 70.53 -12.40 66.49
CA THR F 1561 71.98 -12.49 66.37
C THR F 1561 72.42 -13.88 65.95
N LEU F 1562 71.82 -14.91 66.53
CA LEU F 1562 72.14 -16.27 66.14
C LEU F 1562 71.71 -16.54 64.69
N ARG F 1563 70.56 -16.00 64.28
CA ARG F 1563 70.16 -16.10 62.89
C ARG F 1563 71.19 -15.43 61.97
N LEU F 1564 71.68 -14.27 62.36
CA LEU F 1564 72.69 -13.57 61.56
C LEU F 1564 73.98 -14.36 61.49
N TYR F 1565 74.39 -14.98 62.59
CA TYR F 1565 75.55 -15.87 62.58
C TYR F 1565 75.36 -16.98 61.57
N SER F 1566 74.19 -17.63 61.59
CA SER F 1566 73.94 -18.70 60.64
C SER F 1566 73.92 -18.19 59.21
N ALA F 1567 73.49 -16.94 59.01
CA ALA F 1567 73.38 -16.41 57.65
C ALA F 1567 74.74 -16.05 57.06
N VAL F 1568 75.61 -15.42 57.84
CA VAL F 1568 76.87 -14.95 57.27
C VAL F 1568 77.74 -16.11 56.83
N CYS F 1569 77.70 -17.22 57.55
CA CYS F 1569 78.47 -18.42 57.20
C CYS F 1569 77.63 -19.40 56.40
N ALA F 1570 76.70 -18.91 55.58
CA ALA F 1570 75.79 -19.75 54.84
C ALA F 1570 76.37 -20.13 53.49
N LEU F 1571 75.98 -21.31 53.01
CA LEU F 1571 76.40 -21.80 51.70
C LEU F 1571 77.92 -21.83 51.57
N GLY F 1572 78.56 -22.50 52.53
CA GLY F 1572 79.98 -22.78 52.44
C GLY F 1572 80.92 -21.60 52.53
N ASN F 1573 80.62 -20.61 53.37
CA ASN F 1573 81.55 -19.51 53.62
C ASN F 1573 82.42 -19.93 54.79
N SER F 1574 83.39 -20.80 54.49
CA SER F 1574 84.19 -21.44 55.53
C SER F 1574 85.02 -20.44 56.33
N ARG F 1575 85.45 -19.35 55.69
CA ARG F 1575 86.21 -18.33 56.42
C ARG F 1575 85.39 -17.73 57.55
N VAL F 1576 84.13 -17.38 57.27
CA VAL F 1576 83.29 -16.79 58.30
C VAL F 1576 82.93 -17.83 59.34
N ALA F 1577 82.86 -19.11 58.97
CA ALA F 1577 82.65 -20.15 59.96
C ALA F 1577 83.84 -20.24 60.93
N TYR F 1578 85.06 -20.19 60.40
CA TYR F 1578 86.23 -20.15 61.26
C TYR F 1578 86.23 -18.92 62.15
N ALA F 1579 85.80 -17.78 61.61
CA ALA F 1579 85.69 -16.58 62.43
C ALA F 1579 84.68 -16.76 63.55
N LEU F 1580 83.52 -17.36 63.23
CA LEU F 1580 82.47 -17.55 64.22
C LEU F 1580 82.87 -18.55 65.30
N CYS F 1581 83.78 -19.46 64.98
CA CYS F 1581 84.29 -20.35 66.02
C CYS F 1581 85.11 -19.62 67.06
N GLY F 1582 85.46 -18.35 66.82
CA GLY F 1582 86.05 -17.49 67.81
C GLY F 1582 85.07 -16.74 68.66
N HIS F 1583 83.78 -16.95 68.44
CA HIS F 1583 82.71 -16.31 69.20
C HIS F 1583 81.85 -17.32 69.94
N VAL F 1584 81.33 -18.33 69.25
CA VAL F 1584 80.62 -19.43 69.86
C VAL F 1584 81.40 -20.70 69.56
N ASP F 1585 81.92 -21.34 70.60
CA ASP F 1585 82.78 -22.49 70.43
C ASP F 1585 82.04 -23.78 70.79
N LEU F 1586 82.76 -24.89 70.73
CA LEU F 1586 82.14 -26.20 70.88
C LEU F 1586 81.57 -26.40 72.27
N SER F 1587 82.27 -25.92 73.30
CA SER F 1587 81.76 -26.09 74.66
C SER F 1587 80.42 -25.40 74.83
N GLN F 1588 80.31 -24.16 74.34
CA GLN F 1588 79.05 -23.44 74.42
C GLN F 1588 77.95 -24.14 73.63
N LEU F 1589 78.28 -24.64 72.43
CA LEU F 1589 77.27 -25.29 71.61
C LEU F 1589 76.77 -26.57 72.26
N PHE F 1590 77.66 -27.37 72.82
CA PHE F 1590 77.24 -28.58 73.51
C PHE F 1590 76.40 -28.25 74.73
N TYR F 1591 76.80 -27.23 75.50
CA TYR F 1591 76.00 -26.81 76.64
C TYR F 1591 74.61 -26.37 76.20
N ALA F 1592 74.53 -25.57 75.13
CA ALA F 1592 73.26 -25.06 74.66
C ALA F 1592 72.35 -26.18 74.16
N ILE F 1593 72.90 -27.12 73.40
CA ILE F 1593 72.05 -28.18 72.88
C ILE F 1593 71.58 -29.10 74.00
N ASP F 1594 72.40 -29.30 75.03
CA ASP F 1594 71.99 -30.20 76.11
C ASP F 1594 71.10 -29.53 77.14
N ASN F 1595 71.14 -28.21 77.27
CA ASN F 1595 70.41 -27.52 78.32
C ASN F 1595 68.91 -27.57 78.08
N LYS F 1596 68.14 -27.83 79.14
CA LYS F 1596 66.70 -28.02 79.03
C LYS F 1596 65.87 -26.81 79.44
N TYR F 1597 66.44 -25.86 80.17
CA TYR F 1597 65.71 -24.68 80.57
C TYR F 1597 65.85 -23.53 79.59
N LEU F 1598 66.52 -23.74 78.47
CA LEU F 1598 66.74 -22.67 77.50
C LEU F 1598 65.43 -22.36 76.76
N PRO F 1599 65.17 -21.08 76.47
CA PRO F 1599 63.98 -20.76 75.69
C PRO F 1599 64.03 -21.41 74.31
N GLY F 1600 62.85 -21.70 73.78
CA GLY F 1600 62.76 -22.45 72.55
C GLY F 1600 63.44 -21.76 71.38
N LEU F 1601 63.28 -20.44 71.28
CA LEU F 1601 63.90 -19.72 70.17
C LEU F 1601 65.41 -19.76 70.27
N LEU F 1602 65.97 -19.58 71.48
CA LEU F 1602 67.41 -19.67 71.64
C LEU F 1602 67.90 -21.09 71.41
N ARG F 1603 67.12 -22.09 71.82
CA ARG F 1603 67.46 -23.47 71.58
C ARG F 1603 67.57 -23.77 70.08
N SER F 1604 66.57 -23.33 69.32
CA SER F 1604 66.59 -23.50 67.87
C SER F 1604 67.75 -22.75 67.25
N GLY F 1605 68.01 -21.52 67.70
CA GLY F 1605 69.12 -20.76 67.16
C GLY F 1605 70.45 -21.43 67.39
N PHE F 1606 70.65 -22.01 68.57
CA PHE F 1606 71.91 -22.69 68.85
C PHE F 1606 72.06 -23.96 68.03
N TYR F 1607 70.99 -24.74 67.88
CA TYR F 1607 71.06 -25.92 67.02
C TYR F 1607 71.39 -25.53 65.58
N ASP F 1608 70.72 -24.50 65.06
CA ASP F 1608 71.00 -24.05 63.70
C ASP F 1608 72.41 -23.53 63.56
N LEU F 1609 72.91 -22.83 64.58
CA LEU F 1609 74.27 -22.30 64.51
C LEU F 1609 75.29 -23.41 64.48
N LEU F 1610 75.10 -24.45 65.30
CA LEU F 1610 75.99 -25.59 65.26
C LEU F 1610 75.97 -26.26 63.89
N ILE F 1611 74.77 -26.46 63.34
CA ILE F 1611 74.64 -27.09 62.04
C ILE F 1611 75.32 -26.26 60.96
N SER F 1612 75.13 -24.94 61.00
CA SER F 1612 75.71 -24.08 59.97
C SER F 1612 77.23 -24.06 60.06
N ILE F 1613 77.76 -23.82 61.26
CA ILE F 1613 79.21 -23.68 61.41
C ILE F 1613 79.91 -24.99 61.09
N HIS F 1614 79.39 -26.12 61.58
CA HIS F 1614 80.17 -27.35 61.56
C HIS F 1614 79.65 -28.42 60.61
N LEU F 1615 78.36 -28.42 60.28
CA LEU F 1615 77.75 -29.57 59.62
C LEU F 1615 77.06 -29.26 58.29
N ALA F 1616 76.69 -28.02 58.02
CA ALA F 1616 75.84 -27.74 56.86
C ALA F 1616 76.57 -28.00 55.55
N ASN F 1617 77.85 -27.62 55.48
CA ASN F 1617 78.59 -27.73 54.23
C ASN F 1617 78.76 -29.19 53.81
N ALA F 1618 79.08 -30.07 54.76
CA ALA F 1618 79.23 -31.47 54.43
C ALA F 1618 77.93 -32.08 53.93
N LYS F 1619 76.82 -31.73 54.59
CA LYS F 1619 75.53 -32.24 54.15
C LYS F 1619 75.19 -31.75 52.75
N GLU F 1620 75.48 -30.48 52.46
CA GLU F 1620 75.20 -29.95 51.13
C GLU F 1620 76.02 -30.66 50.06
N ARG F 1621 77.31 -30.90 50.35
CA ARG F 1621 78.14 -31.62 49.39
C ARG F 1621 77.63 -33.04 49.19
N LYS F 1622 77.20 -33.70 50.26
CA LYS F 1622 76.65 -35.04 50.11
C LYS F 1622 75.36 -35.03 49.29
N LEU F 1623 74.55 -33.98 49.44
CA LEU F 1623 73.29 -33.91 48.71
C LEU F 1623 73.48 -33.59 47.24
N MET F 1624 74.51 -32.81 46.90
CA MET F 1624 74.79 -32.54 45.49
C MET F 1624 75.12 -33.83 44.75
N MET F 1625 75.98 -34.66 45.33
CA MET F 1625 76.42 -35.90 44.71
C MET F 1625 75.64 -37.08 45.28
N LYS F 1626 74.35 -37.11 45.00
CA LYS F 1626 73.50 -38.18 45.54
C LYS F 1626 72.65 -38.88 44.50
N ASN F 1627 72.43 -38.31 43.32
CA ASN F 1627 71.60 -38.95 42.30
C ASN F 1627 72.43 -39.76 41.31
N GLU F 1628 73.73 -39.88 41.52
CA GLU F 1628 74.61 -40.64 40.65
C GLU F 1628 75.29 -41.74 41.46
N TYR F 1629 75.48 -42.90 40.85
CA TYR F 1629 76.04 -44.07 41.52
C TYR F 1629 77.26 -44.54 40.76
N ILE F 1630 78.44 -44.14 41.22
CA ILE F 1630 79.71 -44.55 40.61
C ILE F 1630 80.29 -45.67 41.45
N ILE F 1631 80.28 -46.88 40.91
CA ILE F 1631 80.63 -48.08 41.67
C ILE F 1631 81.93 -48.64 41.11
N PRO F 1632 83.01 -48.70 41.88
CA PRO F 1632 84.17 -49.47 41.45
C PRO F 1632 83.87 -50.97 41.48
N ILE F 1633 84.55 -51.70 40.61
CA ILE F 1633 84.32 -53.14 40.45
C ILE F 1633 85.44 -53.88 41.19
N THR F 1634 85.08 -54.54 42.29
CA THR F 1634 86.02 -55.34 43.07
C THR F 1634 85.25 -56.49 43.70
N SER F 1635 85.93 -57.23 44.59
CA SER F 1635 85.26 -58.30 45.32
C SER F 1635 84.21 -57.74 46.28
N ALA F 1636 84.52 -56.61 46.92
CA ALA F 1636 83.54 -55.98 47.79
C ALA F 1636 82.27 -55.62 47.03
N THR F 1637 82.40 -55.24 45.76
CA THR F 1637 81.22 -55.01 44.93
C THR F 1637 80.42 -56.29 44.76
N ARG F 1638 81.11 -57.41 44.55
CA ARG F 1638 80.41 -58.68 44.32
C ARG F 1638 79.74 -59.19 45.59
N LYS F 1639 80.22 -58.78 46.77
CA LYS F 1639 79.69 -59.33 48.00
C LYS F 1639 78.27 -58.83 48.32
N ILE F 1640 77.82 -57.76 47.68
CA ILE F 1640 76.51 -57.20 48.01
C ILE F 1640 75.40 -58.15 47.58
N ARG F 1641 74.41 -58.31 48.44
CA ARG F 1641 73.26 -59.17 48.16
C ARG F 1641 71.97 -58.40 48.36
N LEU F 1642 70.93 -58.83 47.64
CA LEU F 1642 69.64 -58.18 47.75
C LEU F 1642 69.02 -58.40 49.13
N TYR F 1643 69.17 -59.59 49.68
CA TYR F 1643 68.63 -59.92 50.99
C TYR F 1643 69.74 -60.36 51.94
N PRO F 1644 69.56 -60.16 53.25
CA PRO F 1644 70.62 -60.51 54.20
C PRO F 1644 70.67 -61.98 54.57
N ASP F 1645 69.75 -62.81 54.08
CA ASP F 1645 69.74 -64.22 54.44
C ASP F 1645 68.82 -64.97 53.49
N GLU F 1646 68.62 -66.25 53.77
CA GLU F 1646 67.77 -67.10 52.94
C GLU F 1646 66.29 -66.97 53.27
N SER F 1647 65.94 -66.38 54.40
CA SER F 1647 64.53 -66.20 54.75
C SER F 1647 63.83 -65.22 53.82
N LYS F 1648 64.58 -64.35 53.14
CA LYS F 1648 64.03 -63.34 52.25
C LYS F 1648 63.07 -62.42 53.01
N ARG F 1649 63.61 -61.79 54.04
CA ARG F 1649 62.93 -60.76 54.80
C ARG F 1649 63.75 -59.49 54.73
N HIS F 1650 63.07 -58.35 54.53
CA HIS F 1650 63.75 -57.08 54.33
C HIS F 1650 64.64 -56.75 55.52
N GLY F 1651 65.85 -56.26 55.23
CA GLY F 1651 66.71 -55.76 56.28
C GLY F 1651 66.36 -54.33 56.64
N LEU F 1652 67.06 -53.82 57.64
CA LEU F 1652 66.84 -52.44 58.06
C LEU F 1652 67.39 -51.49 57.01
N PRO F 1653 66.60 -50.51 56.55
CA PRO F 1653 67.12 -49.55 55.58
C PRO F 1653 68.28 -48.75 56.15
N GLY F 1654 69.28 -48.49 55.31
CA GLY F 1654 70.45 -47.74 55.72
C GLY F 1654 71.54 -48.56 56.36
N VAL F 1655 71.32 -49.85 56.61
CA VAL F 1655 72.28 -50.72 57.28
C VAL F 1655 72.88 -51.65 56.24
N GLY F 1656 74.19 -51.78 56.24
CA GLY F 1656 74.88 -52.67 55.34
C GLY F 1656 76.17 -52.06 54.86
N LEU F 1657 76.69 -52.63 53.77
CA LEU F 1657 77.92 -52.15 53.15
C LEU F 1657 77.57 -51.33 51.90
N ARG F 1658 78.22 -50.19 51.76
CA ARG F 1658 77.98 -49.29 50.65
C ARG F 1658 79.17 -49.36 49.71
N THR F 1659 78.91 -49.70 48.44
CA THR F 1659 79.96 -49.84 47.45
C THR F 1659 80.05 -48.65 46.51
N CYS F 1660 79.10 -47.73 46.55
CA CYS F 1660 79.17 -46.54 45.72
C CYS F 1660 80.32 -45.64 46.17
N LEU F 1661 80.83 -44.86 45.23
CA LEU F 1661 81.97 -43.99 45.48
C LEU F 1661 81.46 -42.65 45.97
N LYS F 1662 81.88 -42.26 47.17
CA LYS F 1662 81.46 -41.00 47.79
C LYS F 1662 82.70 -40.27 48.29
N PRO F 1663 83.05 -39.11 47.72
CA PRO F 1663 84.23 -38.39 48.19
C PRO F 1663 84.09 -37.95 49.63
N GLY F 1664 85.20 -37.98 50.36
CA GLY F 1664 85.20 -37.57 51.75
C GLY F 1664 85.31 -36.07 51.91
N PHE F 1665 85.05 -35.61 53.14
CA PHE F 1665 85.07 -34.20 53.48
C PHE F 1665 86.24 -33.93 54.43
N ARG F 1666 86.81 -32.74 54.31
CA ARG F 1666 87.99 -32.35 55.08
C ARG F 1666 87.61 -31.30 56.11
N PHE F 1667 87.95 -31.56 57.36
CA PHE F 1667 87.73 -30.63 58.46
C PHE F 1667 89.08 -30.19 59.02
N SER F 1668 89.13 -28.98 59.57
CA SER F 1668 90.34 -28.49 60.20
C SER F 1668 89.96 -27.76 61.49
N THR F 1669 90.80 -27.92 62.51
CA THR F 1669 90.51 -27.32 63.80
C THR F 1669 90.71 -25.81 63.75
N PRO F 1670 89.80 -25.02 64.31
CA PRO F 1670 89.86 -23.55 64.25
C PRO F 1670 90.87 -22.94 65.23
N CYS F 1671 92.13 -22.89 64.79
CA CYS F 1671 93.20 -22.32 65.59
C CYS F 1671 93.56 -20.94 65.05
N PHE F 1672 93.62 -19.96 65.94
CA PHE F 1672 93.88 -18.57 65.56
C PHE F 1672 95.31 -18.13 65.87
N VAL F 1673 96.19 -19.08 66.17
CA VAL F 1673 97.61 -18.78 66.37
C VAL F 1673 98.37 -19.14 65.09
N VAL F 1674 97.81 -20.04 64.30
CA VAL F 1674 98.44 -20.44 63.05
C VAL F 1674 98.31 -19.33 62.03
N THR F 1675 99.43 -19.01 61.38
CA THR F 1675 99.48 -17.97 60.37
C THR F 1675 99.36 -18.60 58.98
N GLY F 1676 98.48 -18.03 58.17
CA GLY F 1676 98.22 -18.55 56.83
C GLY F 1676 96.89 -19.29 56.76
N GLU F 1677 96.37 -19.40 55.54
CA GLU F 1677 95.11 -20.08 55.30
C GLU F 1677 95.28 -21.55 54.95
N GLU F 1678 96.53 -22.02 54.80
CA GLU F 1678 96.75 -23.42 54.46
C GLU F 1678 96.20 -24.34 55.55
N HIS F 1679 96.28 -23.91 56.82
CA HIS F 1679 95.75 -24.72 57.91
C HIS F 1679 94.23 -24.90 57.77
N GLN F 1680 93.54 -23.83 57.39
CA GLN F 1680 92.09 -23.89 57.23
C GLN F 1680 91.71 -24.79 56.06
N LYS F 1681 90.75 -25.68 56.28
CA LYS F 1681 90.32 -26.65 55.25
C LYS F 1681 88.81 -26.86 55.40
N GLN F 1682 88.03 -26.15 54.60
CA GLN F 1682 86.57 -26.31 54.57
C GLN F 1682 86.02 -25.97 55.96
N SER F 1683 85.03 -26.70 56.46
CA SER F 1683 84.38 -26.33 57.70
C SER F 1683 85.24 -26.66 58.90
N PRO F 1684 85.02 -25.98 60.03
CA PRO F 1684 85.78 -26.30 61.24
C PRO F 1684 85.48 -27.69 61.76
N GLU F 1685 86.48 -28.29 62.40
CA GLU F 1685 86.37 -29.65 62.87
C GLU F 1685 85.48 -29.73 64.11
N ILE F 1686 84.71 -30.81 64.20
CA ILE F 1686 83.91 -31.13 65.38
C ILE F 1686 84.16 -32.59 65.70
N PRO F 1687 84.08 -33.01 66.97
CA PRO F 1687 84.39 -34.42 67.30
C PRO F 1687 83.63 -35.46 66.49
N LEU F 1688 82.32 -35.33 66.37
CA LEU F 1688 81.49 -36.22 65.56
C LEU F 1688 81.32 -37.60 66.18
N GLU F 1689 82.04 -37.89 67.25
CA GLU F 1689 81.81 -39.09 68.04
C GLU F 1689 81.11 -38.79 69.34
N ILE F 1690 81.44 -37.67 69.97
CA ILE F 1690 80.65 -37.16 71.08
C ILE F 1690 79.31 -36.63 70.58
N LEU F 1691 79.32 -35.96 69.43
CA LEU F 1691 78.12 -35.28 68.95
C LEU F 1691 77.03 -36.28 68.60
N LYS F 1692 77.37 -37.35 67.89
CA LYS F 1692 76.34 -38.29 67.46
C LYS F 1692 75.80 -39.10 68.64
N THR F 1693 76.67 -39.47 69.58
CA THR F 1693 76.20 -40.14 70.79
C THR F 1693 75.26 -39.24 71.59
N LYS F 1694 75.63 -37.96 71.74
CA LYS F 1694 74.76 -37.03 72.45
C LYS F 1694 73.44 -36.84 71.72
N ALA F 1695 73.48 -36.80 70.39
CA ALA F 1695 72.24 -36.66 69.62
C ALA F 1695 71.32 -37.85 69.83
N LEU F 1696 71.87 -39.06 69.78
CA LEU F 1696 71.04 -40.24 70.01
C LEU F 1696 70.48 -40.25 71.43
N SER F 1697 71.28 -39.86 72.41
CA SER F 1697 70.79 -39.81 73.78
C SER F 1697 69.67 -38.79 73.94
N MET F 1698 69.84 -37.61 73.34
CA MET F 1698 68.82 -36.58 73.43
C MET F 1698 67.52 -37.03 72.77
N LEU F 1699 67.62 -37.68 71.61
CA LEU F 1699 66.41 -38.18 70.95
C LEU F 1699 65.73 -39.25 71.79
N THR F 1700 66.51 -40.17 72.38
CA THR F 1700 65.91 -41.20 73.23
C THR F 1700 65.17 -40.58 74.40
N GLU F 1701 65.81 -39.63 75.09
CA GLU F 1701 65.16 -39.04 76.27
C GLU F 1701 63.96 -38.19 75.86
N ALA F 1702 64.03 -37.53 74.71
CA ALA F 1702 62.88 -36.77 74.24
C ALA F 1702 61.70 -37.69 73.96
N VAL F 1703 61.95 -38.83 73.32
CA VAL F 1703 60.86 -39.76 73.03
C VAL F 1703 60.30 -40.36 74.31
N GLN F 1704 61.15 -40.62 75.29
CA GLN F 1704 60.66 -41.20 76.54
C GLN F 1704 59.85 -40.23 77.39
N HIS F 1705 59.86 -38.94 77.05
CA HIS F 1705 59.04 -37.93 77.72
C HIS F 1705 58.11 -37.26 76.74
N SER F 1706 57.51 -38.05 75.85
CA SER F 1706 56.67 -37.52 74.78
C SER F 1706 55.18 -37.67 75.06
N GLY F 1707 54.80 -37.94 76.31
CA GLY F 1707 53.40 -38.05 76.62
C GLY F 1707 52.65 -36.76 76.34
N ALA F 1708 51.37 -36.89 76.02
CA ALA F 1708 50.55 -35.73 75.76
C ALA F 1708 50.19 -34.98 77.03
N HIS F 1709 50.29 -35.64 78.19
CA HIS F 1709 49.95 -35.02 79.45
C HIS F 1709 51.08 -34.22 80.07
N ILE F 1710 52.30 -34.34 79.55
CA ILE F 1710 53.43 -33.62 80.12
C ILE F 1710 53.22 -32.12 79.94
N ARG F 1711 53.57 -31.36 80.96
CA ARG F 1711 53.27 -29.93 80.99
C ARG F 1711 54.49 -29.04 80.93
N ASP F 1712 55.70 -29.60 80.84
CA ASP F 1712 56.92 -28.81 80.66
C ASP F 1712 57.78 -29.43 79.55
N PRO F 1713 57.29 -29.41 78.32
CA PRO F 1713 58.13 -29.88 77.22
C PRO F 1713 59.37 -29.01 77.10
N VAL F 1714 60.49 -29.63 76.72
CA VAL F 1714 61.75 -28.90 76.62
C VAL F 1714 61.61 -27.83 75.56
N GLY F 1715 61.96 -26.60 75.92
CA GLY F 1715 61.87 -25.48 75.02
C GLY F 1715 60.54 -24.76 75.01
N GLY F 1716 59.54 -25.27 75.71
CA GLY F 1716 58.25 -24.63 75.77
C GLY F 1716 57.17 -25.27 74.91
N SER F 1717 57.53 -26.18 74.02
CA SER F 1717 56.55 -26.83 73.16
C SER F 1717 57.14 -28.14 72.66
N VAL F 1718 56.27 -28.97 72.09
CA VAL F 1718 56.74 -30.19 71.45
C VAL F 1718 57.54 -29.86 70.19
N GLU F 1719 57.16 -28.80 69.48
CA GLU F 1719 57.93 -28.37 68.34
C GLU F 1719 59.35 -27.99 68.74
N PHE F 1720 59.49 -27.12 69.74
CA PHE F 1720 60.80 -26.70 70.20
C PHE F 1720 61.58 -27.83 70.85
N GLN F 1721 60.91 -28.91 71.22
CA GLN F 1721 61.61 -30.05 71.79
C GLN F 1721 62.13 -31.01 70.73
N PHE F 1722 61.35 -31.24 69.66
CA PHE F 1722 61.68 -32.28 68.70
C PHE F 1722 62.33 -31.77 67.43
N VAL F 1723 61.90 -30.63 66.90
CA VAL F 1723 62.42 -30.16 65.62
C VAL F 1723 63.93 -29.97 65.63
N PRO F 1724 64.53 -29.34 66.64
CA PRO F 1724 66.00 -29.22 66.64
C PRO F 1724 66.72 -30.55 66.65
N VAL F 1725 66.29 -31.49 67.49
CA VAL F 1725 66.96 -32.78 67.57
C VAL F 1725 66.78 -33.54 66.26
N LEU F 1726 65.59 -33.46 65.67
CA LEU F 1726 65.36 -34.15 64.40
C LEU F 1726 66.19 -33.56 63.28
N LYS F 1727 66.35 -32.23 63.26
CA LYS F 1727 67.21 -31.62 62.26
C LYS F 1727 68.65 -32.08 62.43
N LEU F 1728 69.14 -32.14 63.67
CA LEU F 1728 70.50 -32.62 63.89
C LEU F 1728 70.65 -34.08 63.48
N ILE F 1729 69.66 -34.91 63.79
CA ILE F 1729 69.72 -36.32 63.43
C ILE F 1729 69.72 -36.49 61.91
N GLY F 1730 68.87 -35.75 61.21
CA GLY F 1730 68.86 -35.83 59.76
C GLY F 1730 70.15 -35.36 59.14
N THR F 1731 70.72 -34.28 59.67
CA THR F 1731 72.00 -33.79 59.19
C THR F 1731 73.09 -34.82 59.37
N LEU F 1732 73.13 -35.48 60.52
CA LEU F 1732 74.17 -36.47 60.77
C LEU F 1732 73.92 -37.74 59.95
N LEU F 1733 72.66 -38.06 59.66
CA LEU F 1733 72.37 -39.20 58.80
C LEU F 1733 72.85 -38.97 57.39
N VAL F 1734 72.49 -37.82 56.80
CA VAL F 1734 72.89 -37.54 55.43
C VAL F 1734 74.39 -37.47 55.29
N MET F 1735 75.09 -36.97 56.32
CA MET F 1735 76.54 -36.95 56.31
C MET F 1735 77.16 -38.34 56.45
N GLY F 1736 76.35 -39.35 56.73
CA GLY F 1736 76.89 -40.70 56.89
C GLY F 1736 77.78 -40.89 58.09
N VAL F 1737 77.37 -40.36 59.24
CA VAL F 1737 78.16 -40.49 60.46
C VAL F 1737 77.72 -41.70 61.27
N PHE F 1738 76.43 -41.96 61.34
CA PHE F 1738 75.91 -43.05 62.14
C PHE F 1738 76.29 -44.40 61.54
N ASP F 1739 76.72 -45.32 62.40
CA ASP F 1739 77.01 -46.68 61.96
C ASP F 1739 75.73 -47.52 62.08
N ASP F 1740 75.86 -48.84 61.93
CA ASP F 1740 74.69 -49.70 61.86
C ASP F 1740 73.90 -49.71 63.15
N ASP F 1741 74.60 -49.73 64.30
CA ASP F 1741 73.88 -49.78 65.57
C ASP F 1741 73.15 -48.48 65.85
N ASP F 1742 73.75 -47.34 65.51
CA ASP F 1742 73.06 -46.06 65.67
C ASP F 1742 71.82 -46.00 64.80
N ILE F 1743 71.93 -46.47 63.56
CA ILE F 1743 70.78 -46.48 62.67
C ILE F 1743 69.70 -47.42 63.21
N ARG F 1744 70.11 -48.53 63.81
CA ARG F 1744 69.15 -49.45 64.40
C ARG F 1744 68.41 -48.80 65.56
N GLN F 1745 69.14 -48.06 66.40
CA GLN F 1745 68.50 -47.34 67.51
C GLN F 1745 67.52 -46.30 66.98
N ILE F 1746 67.92 -45.55 65.95
CA ILE F 1746 67.04 -44.53 65.40
C ILE F 1746 65.78 -45.16 64.83
N LEU F 1747 65.94 -46.28 64.12
CA LEU F 1747 64.78 -46.96 63.54
C LEU F 1747 63.85 -47.47 64.63
N LEU F 1748 64.41 -48.02 65.72
CA LEU F 1748 63.56 -48.44 66.82
C LEU F 1748 62.83 -47.28 67.47
N LEU F 1749 63.47 -46.11 67.52
CA LEU F 1749 62.76 -44.93 68.02
C LEU F 1749 61.67 -44.47 67.05
N ILE F 1750 61.85 -44.74 65.76
CA ILE F 1750 60.84 -44.34 64.76
C ILE F 1750 59.64 -45.27 64.83
N ASP F 1751 59.86 -46.57 64.66
CA ASP F 1751 58.78 -47.55 64.76
C ASP F 1751 59.35 -48.89 65.22
N PRO F 1752 59.13 -49.26 66.49
CA PRO F 1752 59.80 -50.45 67.03
C PRO F 1752 59.30 -51.76 66.45
N SER F 1753 58.01 -51.85 66.11
CA SER F 1753 57.47 -53.14 65.66
C SER F 1753 57.94 -53.48 64.26
N VAL F 1754 57.93 -52.51 63.34
CA VAL F 1754 58.29 -52.78 61.96
C VAL F 1754 59.76 -53.15 61.85
N PHE F 1755 60.62 -52.46 62.59
CA PHE F 1755 62.06 -52.62 62.49
C PHE F 1755 62.65 -53.47 63.61
N GLY F 1756 61.81 -54.20 64.33
CA GLY F 1756 62.29 -55.05 65.39
C GLY F 1756 63.04 -56.26 64.85
N GLU F 1757 63.76 -56.92 65.75
CA GLU F 1757 64.54 -58.10 65.39
C GLU F 1757 63.63 -59.25 65.00
N VAL F 1791 58.79 -47.75 73.00
CA VAL F 1791 57.51 -47.13 73.28
C VAL F 1791 56.56 -47.32 72.09
N LYS F 1792 55.68 -46.34 71.88
CA LYS F 1792 54.77 -46.40 70.75
C LYS F 1792 55.47 -46.03 69.44
N GLY F 1793 56.43 -45.11 69.49
CA GLY F 1793 57.12 -44.64 68.31
C GLY F 1793 56.70 -43.24 67.94
N LEU F 1794 57.60 -42.53 67.27
CA LEU F 1794 57.31 -41.15 66.87
C LEU F 1794 56.17 -41.09 65.88
N LEU F 1795 56.13 -42.02 64.92
CA LEU F 1795 55.13 -41.94 63.87
C LEU F 1795 53.72 -42.08 64.43
N GLN F 1796 53.53 -42.98 65.41
CA GLN F 1796 52.22 -43.20 66.00
C GLN F 1796 51.85 -42.14 67.02
N THR F 1797 52.76 -41.23 67.36
CA THR F 1797 52.49 -40.17 68.32
C THR F 1797 51.86 -38.97 67.62
N ARG F 1798 50.95 -38.30 68.31
CA ARG F 1798 50.38 -37.07 67.79
C ARG F 1798 51.44 -35.97 67.82
N LEU F 1799 51.80 -35.46 66.65
CA LEU F 1799 52.87 -34.50 66.51
C LEU F 1799 52.40 -33.27 65.77
N PRO F 1800 52.99 -32.11 66.03
CA PRO F 1800 52.72 -30.94 65.20
C PRO F 1800 53.22 -31.17 63.78
N GLU F 1801 52.93 -30.20 62.92
CA GLU F 1801 53.30 -30.33 61.52
C GLU F 1801 54.79 -30.14 61.26
N SER F 1802 55.48 -29.40 62.12
CA SER F 1802 56.93 -29.26 61.98
C SER F 1802 57.62 -30.60 62.21
N VAL F 1803 57.23 -31.29 63.29
CA VAL F 1803 57.78 -32.62 63.54
C VAL F 1803 57.41 -33.56 62.41
N LYS F 1804 56.23 -33.36 61.79
CA LYS F 1804 55.86 -34.18 60.65
C LYS F 1804 56.78 -33.92 59.46
N LEU F 1805 57.15 -32.66 59.23
CA LEU F 1805 58.10 -32.38 58.16
C LEU F 1805 59.43 -33.08 58.42
N GLN F 1806 59.91 -33.03 59.66
CA GLN F 1806 61.18 -33.69 59.98
C GLN F 1806 61.08 -35.20 59.77
N MET F 1807 59.97 -35.80 60.20
CA MET F 1807 59.78 -37.23 60.02
C MET F 1807 59.73 -37.59 58.53
N CYS F 1808 59.06 -36.76 57.73
CA CYS F 1808 59.02 -37.01 56.29
C CYS F 1808 60.41 -36.96 55.69
N GLU F 1809 61.24 -36.02 56.11
CA GLU F 1809 62.60 -35.94 55.59
C GLU F 1809 63.40 -37.19 55.96
N LEU F 1810 63.28 -37.64 57.21
CA LEU F 1810 63.98 -38.87 57.60
C LEU F 1810 63.51 -40.06 56.77
N LEU F 1811 62.21 -40.17 56.55
CA LEU F 1811 61.70 -41.28 55.74
C LEU F 1811 62.19 -41.20 54.31
N SER F 1812 62.31 -39.99 53.77
CA SER F 1812 62.87 -39.84 52.44
C SER F 1812 64.31 -40.34 52.39
N TYR F 1813 65.10 -40.04 53.41
CA TYR F 1813 66.45 -40.57 53.44
C TYR F 1813 66.47 -42.09 53.48
N LEU F 1814 65.58 -42.69 54.27
CA LEU F 1814 65.54 -44.14 54.34
C LEU F 1814 65.17 -44.75 52.99
N CYS F 1815 64.22 -44.14 52.28
CA CYS F 1815 63.87 -44.61 50.94
C CYS F 1815 65.07 -44.50 50.00
N ASP F 1816 65.83 -43.41 50.09
CA ASP F 1816 67.03 -43.27 49.27
C ASP F 1816 68.03 -44.38 49.58
N CYS F 1817 68.18 -44.73 50.85
CA CYS F 1817 69.08 -45.82 51.22
C CYS F 1817 68.64 -47.14 50.60
N GLU F 1818 67.33 -47.43 50.64
CA GLU F 1818 66.84 -48.65 50.02
C GLU F 1818 67.12 -48.66 48.52
N LEU F 1819 66.90 -47.53 47.84
CA LEU F 1819 67.15 -47.47 46.41
C LEU F 1819 68.63 -47.71 46.09
N GLN F 1820 69.52 -47.10 46.85
CA GLN F 1820 70.95 -47.32 46.62
C GLN F 1820 71.32 -48.78 46.85
N HIS F 1821 70.73 -49.40 47.87
CA HIS F 1821 70.97 -50.82 48.09
C HIS F 1821 70.55 -51.66 46.90
N ARG F 1822 69.37 -51.36 46.35
CA ARG F 1822 68.90 -52.10 45.18
C ARG F 1822 69.85 -51.94 44.00
N VAL F 1823 70.32 -50.71 43.76
CA VAL F 1823 71.23 -50.48 42.65
C VAL F 1823 72.52 -51.27 42.82
N GLU F 1824 73.08 -51.26 44.03
CA GLU F 1824 74.32 -51.99 44.28
C GLU F 1824 74.12 -53.50 44.12
N ALA F 1825 72.99 -54.02 44.60
CA ALA F 1825 72.70 -55.43 44.43
C ALA F 1825 72.61 -55.80 42.95
N ILE F 1826 71.92 -54.97 42.16
CA ILE F 1826 71.84 -55.20 40.73
C ILE F 1826 73.22 -55.23 40.11
N VAL F 1827 74.09 -54.29 40.51
CA VAL F 1827 75.41 -54.22 39.90
C VAL F 1827 76.24 -55.45 40.24
N ALA F 1828 76.17 -55.92 41.49
CA ALA F 1828 76.93 -57.11 41.86
C ALA F 1828 76.44 -58.33 41.09
N PHE F 1829 75.12 -58.51 41.02
CA PHE F 1829 74.58 -59.63 40.25
C PHE F 1829 75.01 -59.53 38.80
N GLY F 1830 74.98 -58.33 38.24
CA GLY F 1830 75.41 -58.15 36.86
C GLY F 1830 76.86 -58.52 36.65
N ASP F 1831 77.72 -58.18 37.62
CA ASP F 1831 79.12 -58.54 37.50
C ASP F 1831 79.30 -60.05 37.43
N ILE F 1832 78.68 -60.77 38.37
CA ILE F 1832 78.84 -62.23 38.36
C ILE F 1832 78.23 -62.84 37.10
N TYR F 1833 77.07 -62.34 36.69
CA TYR F 1833 76.40 -62.89 35.52
C TYR F 1833 77.22 -62.65 34.24
N VAL F 1834 77.81 -61.45 34.10
CA VAL F 1834 78.61 -61.19 32.92
C VAL F 1834 79.87 -62.02 32.92
N SER F 1835 80.46 -62.29 34.10
CA SER F 1835 81.58 -63.21 34.13
C SER F 1835 81.18 -64.59 33.62
N LYS F 1836 80.04 -65.09 34.08
CA LYS F 1836 79.56 -66.39 33.62
C LYS F 1836 79.31 -66.38 32.11
N LEU F 1837 78.69 -65.31 31.61
CA LEU F 1837 78.40 -65.23 30.17
C LEU F 1837 79.68 -65.17 29.36
N GLN F 1838 80.71 -64.47 29.87
CA GLN F 1838 81.99 -64.44 29.17
C GLN F 1838 82.59 -65.83 29.09
N ALA F 1839 82.57 -66.57 30.20
CA ALA F 1839 83.11 -67.93 30.18
C ALA F 1839 82.35 -68.80 29.19
N ASN F 1840 81.01 -68.69 29.19
CA ASN F 1840 80.23 -69.54 28.30
C ASN F 1840 80.41 -69.14 26.83
N GLN F 1841 80.57 -67.85 26.55
CA GLN F 1841 80.82 -67.46 25.17
C GLN F 1841 82.19 -67.95 24.70
N LYS F 1842 83.18 -67.94 25.59
CA LYS F 1842 84.47 -68.51 25.23
C LYS F 1842 84.33 -70.00 24.94
N SER F 1843 83.59 -70.73 25.77
CA SER F 1843 83.39 -72.16 25.52
C SER F 1843 82.66 -72.39 24.21
N ARG F 1844 81.62 -71.59 23.93
CA ARG F 1844 80.86 -71.76 22.69
C ARG F 1844 81.72 -71.46 21.47
N TYR F 1845 82.57 -70.43 21.55
CA TYR F 1845 83.47 -70.13 20.45
C TYR F 1845 84.45 -71.27 20.23
N ASN F 1846 85.00 -71.83 21.31
CA ASN F 1846 85.93 -72.95 21.16
C ASN F 1846 85.23 -74.15 20.53
N GLU F 1847 83.98 -74.41 20.94
CA GLU F 1847 83.23 -75.50 20.31
C GLU F 1847 82.99 -75.23 18.83
N LEU F 1848 82.66 -73.98 18.49
CA LEU F 1848 82.41 -73.64 17.09
C LEU F 1848 83.66 -73.82 16.24
N MET F 1849 84.82 -73.44 16.78
CA MET F 1849 86.07 -73.66 16.05
C MET F 1849 86.30 -75.14 15.81
N GLN F 1850 86.06 -75.97 16.83
CA GLN F 1850 86.20 -77.42 16.70
C GLN F 1850 84.82 -78.03 16.43
N ALA F 1851 84.30 -77.74 15.24
CA ALA F 1851 82.99 -78.21 14.81
C ALA F 1851 83.17 -79.03 13.54
N LEU F 1852 82.93 -80.34 13.64
CA LEU F 1852 83.05 -81.20 12.48
C LEU F 1852 81.94 -80.94 11.46
N ASN F 1853 80.69 -80.85 11.93
CA ASN F 1853 79.55 -80.61 11.05
C ASN F 1853 79.35 -79.11 10.89
N MET F 1854 80.29 -78.48 10.19
CA MET F 1854 80.31 -77.03 10.00
C MET F 1854 79.50 -76.69 8.75
N SER F 1855 78.20 -76.50 8.94
CA SER F 1855 77.36 -76.04 7.84
C SER F 1855 77.73 -74.61 7.45
N ALA F 1856 77.66 -74.31 6.16
CA ALA F 1856 78.02 -72.98 5.68
C ALA F 1856 77.10 -71.92 6.28
N ALA F 1857 75.79 -72.16 6.25
CA ALA F 1857 74.85 -71.19 6.82
C ALA F 1857 75.02 -71.08 8.32
N LEU F 1858 75.13 -72.21 9.01
CA LEU F 1858 75.31 -72.17 10.47
C LEU F 1858 76.64 -71.53 10.84
N THR F 1859 77.70 -71.85 10.11
CA THR F 1859 79.00 -71.24 10.39
C THR F 1859 78.95 -69.73 10.17
N ALA F 1860 78.29 -69.29 9.09
CA ALA F 1860 78.17 -67.86 8.84
C ALA F 1860 77.37 -67.17 9.94
N ARG F 1861 76.27 -67.79 10.37
CA ARG F 1861 75.46 -67.21 11.44
C ARG F 1861 76.25 -67.12 12.74
N LYS F 1862 77.02 -68.16 13.07
CA LYS F 1862 77.82 -68.13 14.29
C LYS F 1862 78.90 -67.05 14.21
N THR F 1863 79.55 -66.94 13.04
CA THR F 1863 80.57 -65.91 12.86
C THR F 1863 79.98 -64.52 12.99
N ARG F 1864 78.80 -64.30 12.42
CA ARG F 1864 78.12 -63.01 12.57
C ARG F 1864 77.78 -62.73 14.03
N GLU F 1865 77.28 -63.74 14.74
CA GLU F 1865 76.92 -63.54 16.15
C GLU F 1865 78.14 -63.19 16.99
N PHE F 1866 79.24 -63.92 16.79
CA PHE F 1866 80.45 -63.66 17.57
C PHE F 1866 81.18 -62.41 17.09
N ARG F 1867 81.05 -62.06 15.81
CA ARG F 1867 81.68 -60.87 15.27
C ARG F 1867 80.66 -59.74 15.21
N SER F 1868 80.25 -59.30 16.39
CA SER F 1868 79.25 -58.26 16.53
C SER F 1868 79.73 -57.29 17.61
N PRO F 1869 79.22 -56.07 17.62
CA PRO F 1869 79.61 -55.12 18.66
C PRO F 1869 79.27 -55.66 20.03
N PRO F 1870 80.08 -55.34 21.04
CA PRO F 1870 79.86 -55.91 22.38
C PRO F 1870 78.47 -55.63 22.94
N GLN F 1871 77.93 -54.44 22.70
CA GLN F 1871 76.56 -54.17 23.13
C GLN F 1871 75.57 -55.09 22.44
N GLU F 1872 75.77 -55.33 21.14
CA GLU F 1872 74.90 -56.26 20.42
C GLU F 1872 75.04 -57.67 20.98
N GLN F 1873 76.26 -58.07 21.33
CA GLN F 1873 76.45 -59.39 21.93
C GLN F 1873 75.71 -59.51 23.26
N ILE F 1874 75.78 -58.46 24.09
CA ILE F 1874 75.06 -58.49 25.36
C ILE F 1874 73.55 -58.54 25.13
N ASN F 1875 73.06 -57.75 24.16
CA ASN F 1875 71.63 -57.78 23.86
C ASN F 1875 71.19 -59.16 23.41
N MET F 1876 71.99 -59.80 22.55
CA MET F 1876 71.66 -61.15 22.11
C MET F 1876 71.66 -62.13 23.26
N LEU F 1877 72.65 -62.04 24.14
CA LEU F 1877 72.73 -62.97 25.26
C LEU F 1877 71.57 -62.81 26.22
N LEU F 1878 71.15 -61.58 26.49
CA LEU F 1878 70.16 -61.33 27.53
C LEU F 1878 68.72 -61.40 27.06
N ASN F 1879 68.47 -61.33 25.75
CA ASN F 1879 67.10 -61.47 25.24
C ASN F 1879 66.68 -62.93 25.35
N PHE F 1880 65.91 -63.24 26.39
CA PHE F 1880 65.48 -64.61 26.64
C PHE F 1880 64.18 -64.96 25.94
N GLN F 1881 63.52 -64.00 25.28
CA GLN F 1881 62.30 -64.28 24.54
C GLN F 1881 62.56 -64.77 23.13
N LEU F 1882 63.83 -64.83 22.71
CA LEU F 1882 64.16 -65.28 21.36
C LEU F 1882 64.25 -66.80 21.24
N GLY F 1883 64.05 -67.53 22.34
CA GLY F 1883 64.05 -68.98 22.27
C GLY F 1883 65.38 -69.51 21.79
N GLU F 1884 65.33 -70.39 20.78
CA GLU F 1884 66.55 -70.94 20.21
C GLU F 1884 67.41 -69.87 19.56
N ASN F 1885 66.82 -68.74 19.17
CA ASN F 1885 67.60 -67.66 18.58
C ASN F 1885 68.61 -67.11 19.57
N CYS F 1886 68.22 -66.97 20.84
CA CYS F 1886 69.14 -66.51 21.86
C CYS F 1886 70.14 -67.60 22.19
N PRO F 1887 71.45 -67.33 22.13
CA PRO F 1887 72.45 -68.36 22.43
C PRO F 1887 72.73 -68.60 23.90
N CYS F 1888 71.85 -68.17 24.80
CA CYS F 1888 72.09 -68.35 26.23
C CYS F 1888 71.57 -69.70 26.69
N PRO F 1889 72.40 -70.52 27.34
CA PRO F 1889 71.89 -71.77 27.92
C PRO F 1889 70.85 -71.50 28.99
N GLU F 1890 69.90 -72.43 29.12
CA GLU F 1890 68.81 -72.23 30.08
C GLU F 1890 69.29 -72.30 31.52
N GLU F 1891 70.36 -73.05 31.78
CA GLU F 1891 70.90 -73.12 33.14
C GLU F 1891 71.34 -71.74 33.61
N ILE F 1892 71.98 -70.97 32.73
CA ILE F 1892 72.32 -69.60 33.06
C ILE F 1892 71.07 -68.73 33.15
N ARG F 1893 70.08 -68.98 32.29
CA ARG F 1893 68.87 -68.17 32.28
C ARG F 1893 68.10 -68.29 33.60
N GLU F 1894 68.21 -69.44 34.26
CA GLU F 1894 67.52 -69.62 35.53
C GLU F 1894 67.98 -68.59 36.56
N GLU F 1895 69.28 -68.30 36.60
CA GLU F 1895 69.80 -67.31 37.53
C GLU F 1895 69.17 -65.94 37.29
N LEU F 1896 69.12 -65.51 36.03
CA LEU F 1896 68.56 -64.19 35.73
C LEU F 1896 67.08 -64.14 36.06
N TYR F 1897 66.33 -65.20 35.74
CA TYR F 1897 64.91 -65.20 36.07
C TYR F 1897 64.70 -65.12 37.58
N ASP F 1898 65.48 -65.89 38.35
CA ASP F 1898 65.33 -65.86 39.80
C ASP F 1898 65.67 -64.48 40.37
N PHE F 1899 66.76 -63.88 39.88
CA PHE F 1899 67.13 -62.55 40.37
C PHE F 1899 66.07 -61.52 40.03
N HIS F 1900 65.51 -61.59 38.82
CA HIS F 1900 64.47 -60.64 38.44
C HIS F 1900 63.25 -60.79 39.33
N GLU F 1901 62.84 -62.03 39.60
CA GLU F 1901 61.68 -62.24 40.47
C GLU F 1901 61.96 -61.70 41.88
N ASP F 1902 63.15 -61.98 42.42
CA ASP F 1902 63.47 -61.50 43.75
C ASP F 1902 63.52 -59.97 43.80
N LEU F 1903 64.10 -59.35 42.77
CA LEU F 1903 64.16 -57.90 42.73
C LEU F 1903 62.77 -57.28 42.68
N LEU F 1904 61.88 -57.86 41.87
CA LEU F 1904 60.52 -57.32 41.80
C LEU F 1904 59.77 -57.55 43.11
N ILE F 1905 60.09 -58.62 43.84
CA ILE F 1905 59.48 -58.81 45.15
C ILE F 1905 60.00 -57.78 46.14
N HIS F 1906 61.30 -57.48 46.07
CA HIS F 1906 61.89 -56.48 46.95
C HIS F 1906 61.30 -55.10 46.69
N CYS F 1907 61.08 -54.76 45.43
CA CYS F 1907 60.53 -53.45 45.06
C CYS F 1907 59.05 -53.31 45.40
N GLY F 1908 58.44 -54.29 46.06
CA GLY F 1908 57.07 -54.18 46.48
C GLY F 1908 56.05 -54.55 45.43
N VAL F 1909 56.48 -54.88 44.22
CA VAL F 1909 55.58 -55.30 43.15
C VAL F 1909 55.05 -56.69 43.50
N PRO F 1910 53.72 -56.88 43.58
CA PRO F 1910 53.15 -58.18 43.92
C PRO F 1910 53.20 -59.16 42.76
N GLU F 1950 44.61 -54.12 56.03
CA GLU F 1950 44.50 -53.79 57.45
C GLU F 1950 45.65 -54.41 58.24
N ARG F 1951 46.50 -55.17 57.54
CA ARG F 1951 47.61 -55.84 58.19
C ARG F 1951 48.61 -54.83 58.74
N CYS F 1952 49.24 -55.20 59.85
CA CYS F 1952 50.28 -54.36 60.41
C CYS F 1952 51.44 -54.26 59.43
N PRO F 1953 52.10 -53.11 59.32
CA PRO F 1953 53.20 -52.98 58.37
C PRO F 1953 54.36 -53.91 58.70
N THR F 1954 55.04 -54.38 57.66
CA THR F 1954 56.22 -55.21 57.83
C THR F 1954 57.42 -54.70 57.04
N THR F 1955 57.26 -53.70 56.18
CA THR F 1955 58.36 -53.12 55.44
C THR F 1955 58.23 -51.61 55.49
N LEU F 1956 59.25 -50.93 54.96
CA LEU F 1956 59.26 -49.47 55.02
C LEU F 1956 58.16 -48.87 54.15
N LYS F 1957 57.91 -49.46 52.98
CA LYS F 1957 56.89 -48.92 52.09
C LYS F 1957 55.52 -48.91 52.74
N GLU F 1958 55.13 -50.04 53.35
CA GLU F 1958 53.83 -50.11 54.00
C GLU F 1958 53.73 -49.12 55.15
N LEU F 1959 54.80 -49.02 55.95
CA LEU F 1959 54.82 -48.07 57.06
C LEU F 1959 54.62 -46.65 56.57
N ILE F 1960 55.35 -46.26 55.52
CA ILE F 1960 55.26 -44.90 55.02
C ILE F 1960 53.87 -44.62 54.46
N SER F 1961 53.33 -45.55 53.67
CA SER F 1961 52.02 -45.33 53.07
C SER F 1961 50.95 -45.19 54.14
N GLN F 1962 50.94 -46.12 55.11
CA GLN F 1962 49.94 -46.05 56.16
C GLN F 1962 50.09 -44.79 56.99
N THR F 1963 51.33 -44.39 57.29
CA THR F 1963 51.53 -43.18 58.07
C THR F 1963 51.05 -41.94 57.34
N MET F 1964 51.36 -41.83 56.05
CA MET F 1964 50.93 -40.66 55.29
C MET F 1964 49.41 -40.59 55.19
N ILE F 1965 48.78 -41.72 54.91
CA ILE F 1965 47.32 -41.71 54.78
C ILE F 1965 46.66 -41.46 56.13
N ARG F 1966 47.22 -41.99 57.22
CA ARG F 1966 46.65 -41.74 58.54
C ARG F 1966 46.81 -40.29 58.93
N TRP F 1967 47.95 -39.67 58.63
CA TRP F 1967 48.11 -38.25 58.89
C TRP F 1967 47.12 -37.43 58.09
N ALA F 1968 46.91 -37.79 56.82
CA ALA F 1968 45.97 -37.04 56.00
C ALA F 1968 44.53 -37.20 56.50
N GLN F 1969 44.19 -38.38 57.00
CA GLN F 1969 42.82 -38.62 57.49
C GLN F 1969 42.58 -37.98 58.85
N GLU F 1970 43.58 -37.99 59.72
CA GLU F 1970 43.39 -37.49 61.09
C GLU F 1970 43.04 -36.02 61.09
N ASP F 1971 43.81 -35.20 60.37
CA ASP F 1971 43.64 -33.76 60.40
C ASP F 1971 43.83 -33.20 59.01
N GLN F 1972 43.27 -32.02 58.78
CA GLN F 1972 43.43 -31.31 57.53
C GLN F 1972 44.74 -30.52 57.59
N ILE F 1973 45.70 -30.90 56.76
CA ILE F 1973 47.02 -30.31 56.83
C ILE F 1973 46.93 -28.84 56.42
N GLN F 1974 47.38 -27.96 57.30
CA GLN F 1974 47.32 -26.51 57.07
C GLN F 1974 48.61 -25.95 56.47
N ASP F 1975 49.60 -26.79 56.23
CA ASP F 1975 50.89 -26.35 55.69
C ASP F 1975 51.06 -26.91 54.28
N ALA F 1976 51.32 -26.02 53.32
CA ALA F 1976 51.47 -26.46 51.95
C ALA F 1976 52.69 -27.36 51.77
N GLU F 1977 53.81 -26.99 52.38
CA GLU F 1977 55.03 -27.78 52.23
C GLU F 1977 54.86 -29.17 52.79
N LEU F 1978 54.18 -29.30 53.93
CA LEU F 1978 53.94 -30.61 54.50
C LEU F 1978 53.05 -31.45 53.60
N VAL F 1979 52.03 -30.84 53.00
CA VAL F 1979 51.16 -31.57 52.07
C VAL F 1979 51.97 -32.09 50.91
N ARG F 1980 52.82 -31.23 50.33
CA ARG F 1980 53.64 -31.64 49.21
C ARG F 1980 54.58 -32.77 49.59
N MET F 1981 55.21 -32.67 50.76
CA MET F 1981 56.13 -33.72 51.20
C MET F 1981 55.40 -35.04 51.43
N MET F 1982 54.26 -35.00 52.12
CA MET F 1982 53.52 -36.22 52.40
C MET F 1982 53.10 -36.91 51.12
N PHE F 1983 52.54 -36.15 50.18
CA PHE F 1983 52.01 -36.80 48.99
C PHE F 1983 53.11 -37.18 48.01
N SER F 1984 54.23 -36.47 48.00
CA SER F 1984 55.39 -36.93 47.23
C SER F 1984 55.90 -38.26 47.76
N LEU F 1985 56.03 -38.37 49.09
CA LEU F 1985 56.50 -39.62 49.67
C LEU F 1985 55.53 -40.76 49.41
N LEU F 1986 54.24 -40.50 49.58
CA LEU F 1986 53.23 -41.53 49.35
C LEU F 1986 53.25 -42.01 47.91
N GLN F 1987 53.30 -41.08 46.95
CA GLN F 1987 53.35 -41.49 45.55
C GLN F 1987 54.63 -42.24 45.23
N ARG F 1988 55.75 -41.81 45.82
CA ARG F 1988 57.02 -42.47 45.58
C ARG F 1988 57.04 -43.88 46.13
N GLN F 1989 56.19 -44.16 47.13
CA GLN F 1989 56.10 -45.53 47.64
C GLN F 1989 55.56 -46.50 46.60
N TYR F 1990 54.80 -46.02 45.62
CA TYR F 1990 54.18 -46.86 44.61
C TYR F 1990 54.83 -46.65 43.23
N ASP F 1991 56.06 -46.19 43.21
CA ASP F 1991 56.84 -46.01 42.00
C ASP F 1991 58.24 -46.55 42.19
N SER F 1992 58.34 -47.75 42.77
CA SER F 1992 59.65 -48.33 43.04
C SER F 1992 60.41 -48.62 41.76
N ILE F 1993 59.74 -49.19 40.77
CA ILE F 1993 60.42 -49.58 39.53
C ILE F 1993 60.83 -48.35 38.74
N GLY F 1994 59.98 -47.33 38.71
CA GLY F 1994 60.34 -46.12 37.98
C GLY F 1994 61.58 -45.44 38.55
N GLU F 1995 61.63 -45.32 39.87
CA GLU F 1995 62.81 -44.74 40.50
C GLU F 1995 64.02 -45.63 40.33
N LEU F 1996 63.83 -46.96 40.36
CA LEU F 1996 64.94 -47.87 40.13
C LEU F 1996 65.51 -47.70 38.72
N LEU F 1997 64.64 -47.54 37.72
CA LEU F 1997 65.10 -47.28 36.37
C LEU F 1997 65.85 -45.96 36.28
N GLN F 1998 65.27 -44.91 36.86
CA GLN F 1998 65.93 -43.61 36.81
C GLN F 1998 67.26 -43.62 37.54
N ALA F 1999 67.40 -44.48 38.55
CA ALA F 1999 68.67 -44.63 39.26
C ALA F 1999 69.68 -45.39 38.42
N LEU F 2000 69.23 -46.46 37.74
CA LEU F 2000 70.13 -47.22 36.90
C LEU F 2000 70.62 -46.39 35.71
N ARG F 2001 69.80 -45.47 35.22
CA ARG F 2001 70.22 -44.64 34.11
C ARG F 2001 71.40 -43.73 34.48
N LYS F 2002 71.63 -43.49 35.76
CA LYS F 2002 72.75 -42.68 36.22
C LYS F 2002 73.80 -43.49 36.95
N THR F 2003 73.78 -44.82 36.78
CA THR F 2003 74.77 -45.69 37.39
C THR F 2003 75.92 -45.92 36.43
N TYR F 2004 77.13 -46.05 36.97
CA TYR F 2004 78.31 -46.27 36.14
C TYR F 2004 79.34 -47.05 36.96
N THR F 2005 79.81 -48.16 36.41
CA THR F 2005 80.77 -49.01 37.07
C THR F 2005 82.16 -48.77 36.46
N ILE F 2006 83.12 -48.48 37.32
CA ILE F 2006 84.48 -48.18 36.88
C ILE F 2006 85.41 -49.26 37.40
N SER F 2007 86.66 -49.18 36.96
CA SER F 2007 87.69 -50.13 37.36
C SER F 2007 88.42 -49.62 38.60
N GLN F 2008 88.94 -50.57 39.38
CA GLN F 2008 89.62 -50.21 40.63
C GLN F 2008 90.87 -49.38 40.39
N ALA F 2009 91.40 -49.36 39.17
CA ALA F 2009 92.59 -48.57 38.89
C ALA F 2009 92.29 -47.08 38.83
N SER F 2010 91.05 -46.72 38.50
CA SER F 2010 90.67 -45.32 38.33
C SER F 2010 89.96 -44.73 39.54
N VAL F 2011 90.00 -45.41 40.69
CA VAL F 2011 89.24 -44.94 41.84
C VAL F 2011 89.78 -43.61 42.32
N SER F 2012 91.10 -43.45 42.40
CA SER F 2012 91.68 -42.20 42.88
C SER F 2012 91.34 -41.05 41.93
N ASP F 2013 91.53 -41.26 40.63
CA ASP F 2013 91.24 -40.21 39.66
C ASP F 2013 89.76 -39.84 39.68
N THR F 2014 88.87 -40.84 39.79
CA THR F 2014 87.45 -40.53 39.84
C THR F 2014 87.07 -39.82 41.13
N ILE F 2015 87.75 -40.13 42.24
CA ILE F 2015 87.51 -39.41 43.47
C ILE F 2015 87.90 -37.94 43.33
N ASN F 2016 89.05 -37.68 42.71
CA ASN F 2016 89.44 -36.30 42.47
C ASN F 2016 88.46 -35.59 41.55
N LEU F 2017 88.02 -36.28 40.50
CA LEU F 2017 87.04 -35.70 39.58
C LEU F 2017 85.74 -35.37 40.29
N LEU F 2018 85.28 -36.27 41.15
CA LEU F 2018 84.03 -36.03 41.87
C LEU F 2018 84.18 -34.89 42.87
N ALA F 2019 85.35 -34.78 43.51
CA ALA F 2019 85.58 -33.66 44.41
C ALA F 2019 85.51 -32.33 43.65
N ALA F 2020 86.19 -32.25 42.51
CA ALA F 2020 86.16 -31.04 41.72
C ALA F 2020 84.76 -30.72 41.23
N LEU F 2021 84.04 -31.73 40.76
CA LEU F 2021 82.68 -31.52 40.28
C LEU F 2021 81.77 -31.04 41.40
N GLY F 2022 81.93 -31.59 42.60
CA GLY F 2022 81.13 -31.15 43.72
C GLY F 2022 81.44 -29.72 44.12
N GLN F 2023 82.72 -29.33 44.10
CA GLN F 2023 83.06 -27.95 44.37
C GLN F 2023 82.43 -27.01 43.35
N ILE F 2024 82.44 -27.40 42.08
CA ILE F 2024 81.80 -26.58 41.05
C ILE F 2024 80.30 -26.49 41.28
N ARG F 2025 79.67 -27.63 41.58
CA ARG F 2025 78.22 -27.65 41.77
C ARG F 2025 77.79 -26.80 42.95
N CYS F 2026 78.56 -26.81 44.03
CA CYS F 2026 78.20 -26.04 45.21
C CYS F 2026 78.34 -24.55 45.01
N LEU F 2027 78.97 -24.10 43.93
CA LEU F 2027 79.08 -22.68 43.63
C LEU F 2027 77.96 -22.17 42.75
N LEU F 2028 76.98 -23.01 42.42
CA LEU F 2028 75.82 -22.55 41.66
C LEU F 2028 74.81 -21.84 42.54
N SER F 2029 74.97 -21.88 43.85
CA SER F 2029 74.12 -21.15 44.79
C SER F 2029 74.93 -20.06 45.49
N VAL F 2030 75.80 -19.40 44.74
CA VAL F 2030 76.61 -18.30 45.25
C VAL F 2030 76.67 -17.21 44.17
N ARG F 2031 76.52 -15.96 44.59
CA ARG F 2031 76.65 -14.85 43.66
C ARG F 2031 78.05 -14.80 43.06
N MET F 2032 78.11 -14.66 41.74
CA MET F 2032 79.39 -14.71 41.05
C MET F 2032 80.27 -13.51 41.40
N GLY F 2033 81.55 -13.78 41.63
CA GLY F 2033 82.51 -12.75 41.95
C GLY F 2033 83.91 -13.13 41.53
N LYS F 2034 84.90 -12.32 41.91
CA LYS F 2034 86.28 -12.60 41.50
C LYS F 2034 86.78 -13.91 42.10
N GLU F 2035 86.59 -14.09 43.41
CA GLU F 2035 87.06 -15.31 44.05
C GLU F 2035 86.31 -16.53 43.53
N GLU F 2036 84.99 -16.42 43.37
CA GLU F 2036 84.21 -17.51 42.82
C GLU F 2036 84.62 -17.80 41.37
N GLU F 2037 84.90 -16.74 40.61
CA GLU F 2037 85.34 -16.93 39.24
C GLU F 2037 86.65 -17.70 39.19
N LEU F 2038 87.61 -17.34 40.04
CA LEU F 2038 88.86 -18.07 40.08
C LEU F 2038 88.65 -19.51 40.49
N LEU F 2039 87.77 -19.74 41.48
CA LEU F 2039 87.50 -21.11 41.92
C LEU F 2039 86.94 -21.95 40.79
N MET F 2040 85.97 -21.42 40.04
CA MET F 2040 85.37 -22.18 38.96
C MET F 2040 86.35 -22.38 37.81
N ILE F 2041 87.16 -21.37 37.51
CA ILE F 2041 88.16 -21.52 36.45
C ILE F 2041 89.14 -22.63 36.80
N ASN F 2042 89.65 -22.62 38.03
CA ASN F 2042 90.58 -23.67 38.45
C ASN F 2042 89.91 -25.03 38.48
N GLY F 2043 88.65 -25.10 38.91
CA GLY F 2043 87.95 -26.37 38.92
C GLY F 2043 87.78 -26.95 37.53
N LEU F 2044 87.39 -26.11 36.57
CA LEU F 2044 87.25 -26.59 35.20
C LEU F 2044 88.59 -27.02 34.63
N GLY F 2045 89.65 -26.26 34.94
CA GLY F 2045 90.98 -26.68 34.51
C GLY F 2045 91.37 -28.05 35.06
N ASP F 2046 91.14 -28.26 36.36
CA ASP F 2046 91.46 -29.55 36.96
C ASP F 2046 90.64 -30.66 36.34
N ILE F 2047 89.35 -30.42 36.08
CA ILE F 2047 88.52 -31.46 35.48
C ILE F 2047 89.01 -31.80 34.08
N MET F 2048 89.35 -30.78 33.29
CA MET F 2048 89.83 -31.04 31.93
C MET F 2048 91.15 -31.80 31.95
N ASN F 2049 92.06 -31.45 32.85
CA ASN F 2049 93.34 -32.14 32.91
C ASN F 2049 93.21 -33.56 33.44
N ASN F 2050 92.07 -33.94 33.99
CA ASN F 2050 91.92 -35.28 34.54
C ASN F 2050 91.87 -36.32 33.44
N LYS F 2051 92.52 -37.46 33.68
CA LYS F 2051 92.56 -38.53 32.69
C LYS F 2051 91.17 -39.08 32.42
N VAL F 2052 90.38 -39.29 33.48
CA VAL F 2052 89.07 -39.91 33.34
C VAL F 2052 88.11 -39.05 32.52
N PHE F 2053 88.38 -37.74 32.41
CA PHE F 2053 87.48 -36.89 31.65
C PHE F 2053 87.42 -37.30 30.19
N TYR F 2054 88.58 -37.57 29.58
CA TYR F 2054 88.63 -38.00 28.19
C TYR F 2054 88.82 -39.50 28.03
N GLN F 2055 88.98 -40.24 29.13
CA GLN F 2055 88.95 -41.70 29.02
C GLN F 2055 87.55 -42.28 29.18
N HIS F 2056 86.67 -41.59 29.91
CA HIS F 2056 85.30 -42.05 30.16
C HIS F 2056 84.33 -40.92 29.85
N PRO F 2057 84.14 -40.58 28.58
CA PRO F 2057 83.16 -39.54 28.24
C PRO F 2057 81.75 -39.89 28.67
N ASN F 2058 81.39 -41.19 28.64
CA ASN F 2058 80.09 -41.59 29.13
C ASN F 2058 79.92 -41.22 30.59
N LEU F 2059 80.99 -41.32 31.38
CA LEU F 2059 80.93 -40.91 32.77
C LEU F 2059 80.62 -39.42 32.89
N MET F 2060 81.26 -38.60 32.04
CA MET F 2060 81.00 -37.16 32.07
C MET F 2060 79.57 -36.85 31.70
N ARG F 2061 79.01 -37.58 30.73
CA ARG F 2061 77.61 -37.36 30.39
C ARG F 2061 76.68 -37.82 31.50
N VAL F 2062 77.03 -38.91 32.18
CA VAL F 2062 76.20 -39.39 33.29
C VAL F 2062 76.20 -38.39 34.44
N LEU F 2063 77.37 -37.85 34.77
CA LEU F 2063 77.48 -36.90 35.86
C LEU F 2063 76.84 -35.55 35.54
N GLY F 2064 76.45 -35.31 34.29
CA GLY F 2064 75.88 -34.04 33.92
C GLY F 2064 76.84 -32.88 34.01
N MET F 2065 78.09 -33.07 33.57
CA MET F 2065 79.06 -31.98 33.59
C MET F 2065 78.62 -30.84 32.69
N HIS F 2066 78.19 -31.16 31.47
CA HIS F 2066 77.84 -30.13 30.50
C HIS F 2066 76.67 -29.29 30.97
N GLU F 2067 75.69 -29.93 31.63
CA GLU F 2067 74.56 -29.17 32.13
C GLU F 2067 74.98 -28.19 33.22
N THR F 2068 75.88 -28.62 34.11
CA THR F 2068 76.39 -27.72 35.13
C THR F 2068 77.13 -26.53 34.53
N VAL F 2069 78.00 -26.80 33.55
CA VAL F 2069 78.77 -25.71 32.95
C VAL F 2069 77.86 -24.79 32.16
N MET F 2070 76.81 -25.34 31.54
CA MET F 2070 75.85 -24.50 30.84
C MET F 2070 75.08 -23.62 31.82
N GLU F 2071 74.74 -24.15 33.00
CA GLU F 2071 74.09 -23.32 34.02
C GLU F 2071 75.01 -22.18 34.44
N VAL F 2072 76.29 -22.48 34.64
CA VAL F 2072 77.25 -21.43 35.02
C VAL F 2072 77.33 -20.37 33.93
N MET F 2073 77.41 -20.81 32.67
CA MET F 2073 77.53 -19.86 31.57
C MET F 2073 76.28 -19.01 31.43
N VAL F 2074 75.10 -19.62 31.58
CA VAL F 2074 73.85 -18.86 31.53
C VAL F 2074 73.82 -17.82 32.65
N ASP F 2075 74.30 -18.19 33.83
CA ASP F 2075 74.36 -17.23 34.93
C ASP F 2075 75.29 -16.07 34.58
N VAL F 2076 76.47 -16.37 34.05
CA VAL F 2076 77.44 -15.33 33.76
C VAL F 2076 76.93 -14.38 32.69
N LEU F 2077 76.36 -14.93 31.62
CA LEU F 2077 75.85 -14.11 30.53
C LEU F 2077 74.62 -13.33 30.98
N ILE F 2084 77.90 -8.69 30.70
CA ILE F 2084 79.00 -9.65 30.78
C ILE F 2084 80.19 -8.99 31.47
N ALA F 2085 80.26 -9.14 32.79
CA ALA F 2085 81.35 -8.60 33.58
C ALA F 2085 82.38 -9.64 33.97
N PHE F 2086 82.21 -10.89 33.55
CA PHE F 2086 83.13 -11.98 33.85
C PHE F 2086 83.46 -12.73 32.57
N PRO F 2087 84.16 -12.08 31.63
CA PRO F 2087 84.52 -12.77 30.38
C PRO F 2087 85.38 -14.00 30.58
N LYS F 2088 86.24 -14.00 31.59
CA LYS F 2088 87.13 -15.15 31.79
C LYS F 2088 86.35 -16.42 32.12
N MET F 2089 85.30 -16.29 32.92
CA MET F 2089 84.46 -17.45 33.22
C MET F 2089 83.80 -18.00 31.96
N VAL F 2090 83.29 -17.10 31.11
CA VAL F 2090 82.68 -17.53 29.86
C VAL F 2090 83.71 -18.24 28.98
N ALA F 2091 84.92 -17.69 28.92
CA ALA F 2091 85.96 -18.32 28.12
C ALA F 2091 86.28 -19.72 28.63
N SER F 2092 86.40 -19.88 29.95
CA SER F 2092 86.70 -21.20 30.51
C SER F 2092 85.57 -22.19 30.22
N CYS F 2093 84.33 -21.75 30.41
CA CYS F 2093 83.19 -22.63 30.14
C CYS F 2093 83.17 -23.05 28.68
N CYS F 2094 83.44 -22.11 27.78
CA CYS F 2094 83.40 -22.42 26.34
C CYS F 2094 84.52 -23.36 25.94
N ARG F 2095 85.72 -23.16 26.48
CA ARG F 2095 86.80 -24.10 26.19
C ARG F 2095 86.46 -25.49 26.69
N PHE F 2096 85.92 -25.58 27.91
CA PHE F 2096 85.54 -26.88 28.45
C PHE F 2096 84.50 -27.55 27.58
N LEU F 2097 83.48 -26.81 27.14
CA LEU F 2097 82.43 -27.41 26.33
C LEU F 2097 82.93 -27.80 24.94
N CYS F 2098 83.87 -27.04 24.38
CA CYS F 2098 84.46 -27.42 23.11
C CYS F 2098 85.23 -28.73 23.24
N TYR F 2099 86.03 -28.87 24.30
CA TYR F 2099 86.74 -30.12 24.53
C TYR F 2099 85.76 -31.27 24.75
N PHE F 2100 84.71 -31.01 25.52
CA PHE F 2100 83.65 -31.98 25.78
C PHE F 2100 83.06 -32.49 24.47
N CYS F 2101 82.76 -31.59 23.55
CA CYS F 2101 82.24 -32.00 22.25
C CYS F 2101 83.27 -32.77 21.45
N ARG F 2102 84.53 -32.32 21.47
CA ARG F 2102 85.55 -32.98 20.67
C ARG F 2102 85.79 -34.42 21.12
N ILE F 2103 85.53 -34.72 22.39
CA ILE F 2103 85.87 -36.04 22.93
C ILE F 2103 85.11 -37.14 22.18
N SER F 2104 83.79 -37.13 22.25
CA SER F 2104 82.99 -38.20 21.68
C SER F 2104 81.79 -37.63 20.93
N ARG F 2105 81.28 -38.42 19.99
CA ARG F 2105 80.11 -38.00 19.23
C ARG F 2105 78.87 -37.91 20.11
N GLN F 2106 78.79 -38.75 21.14
CA GLN F 2106 77.67 -38.67 22.07
C GLN F 2106 77.64 -37.32 22.78
N ASN F 2107 78.80 -36.85 23.23
CA ASN F 2107 78.87 -35.53 23.85
C ASN F 2107 78.48 -34.45 22.88
N GLN F 2108 78.87 -34.60 21.61
CA GLN F 2108 78.51 -33.63 20.58
C GLN F 2108 77.00 -33.57 20.41
N LYS F 2109 76.35 -34.73 20.34
CA LYS F 2109 74.90 -34.75 20.21
C LYS F 2109 74.22 -34.23 21.46
N ALA F 2110 74.82 -34.43 22.63
CA ALA F 2110 74.28 -33.87 23.86
C ALA F 2110 74.34 -32.34 23.85
N MET F 2111 75.49 -31.78 23.43
CA MET F 2111 75.62 -30.33 23.38
C MET F 2111 74.81 -29.72 22.24
N PHE F 2112 74.43 -30.52 21.24
CA PHE F 2112 73.61 -29.99 20.16
C PHE F 2112 72.27 -29.49 20.65
N GLU F 2113 71.80 -29.98 21.80
CA GLU F 2113 70.51 -29.55 22.32
C GLU F 2113 70.50 -28.10 22.75
N HIS F 2114 71.66 -27.53 23.06
CA HIS F 2114 71.77 -26.16 23.51
C HIS F 2114 72.09 -25.19 22.37
N LEU F 2115 71.95 -25.64 21.12
CA LEU F 2115 72.40 -24.86 19.99
C LEU F 2115 71.63 -23.55 19.88
N SER F 2116 70.32 -23.57 20.15
CA SER F 2116 69.52 -22.36 20.02
C SER F 2116 69.98 -21.30 21.01
N TYR F 2117 70.19 -21.69 22.27
CA TYR F 2117 70.68 -20.73 23.25
C TYR F 2117 72.09 -20.26 22.91
N LEU F 2118 72.95 -21.18 22.47
CA LEU F 2118 74.32 -20.79 22.14
C LEU F 2118 74.35 -19.79 21.00
N LEU F 2119 73.48 -19.96 20.01
CA LEU F 2119 73.43 -19.01 18.91
C LEU F 2119 72.74 -17.71 19.32
N GLU F 2120 71.82 -17.77 20.29
CA GLU F 2120 71.18 -16.54 20.75
C GLU F 2120 72.19 -15.59 21.38
N ASN F 2121 73.27 -16.13 21.96
CA ASN F 2121 74.33 -15.34 22.54
C ASN F 2121 75.63 -15.45 21.75
N SER F 2122 75.52 -15.73 20.45
CA SER F 2122 76.71 -15.98 19.64
C SER F 2122 77.58 -14.75 19.47
N SER F 2123 77.09 -13.57 19.83
CA SER F 2123 77.83 -12.32 19.62
C SER F 2123 78.73 -11.97 20.79
N VAL F 2124 79.15 -12.95 21.57
CA VAL F 2124 79.95 -12.72 22.78
C VAL F 2124 81.40 -13.08 22.48
N GLY F 2125 82.30 -12.13 22.70
CA GLY F 2125 83.72 -12.38 22.60
C GLY F 2125 84.27 -12.52 21.21
N LEU F 2126 83.47 -12.21 20.18
CA LEU F 2126 83.95 -12.38 18.81
C LEU F 2126 85.02 -11.37 18.47
N ALA F 2127 84.88 -10.13 18.95
CA ALA F 2127 85.81 -9.07 18.57
C ALA F 2127 87.23 -9.37 19.01
N SER F 2128 87.41 -9.87 20.22
CA SER F 2128 88.74 -10.14 20.74
C SER F 2128 89.38 -11.27 19.95
N PRO F 2129 90.55 -11.05 19.34
CA PRO F 2129 91.16 -12.13 18.54
C PRO F 2129 91.74 -13.24 19.38
N SER F 2130 92.25 -12.94 20.57
CA SER F 2130 92.87 -13.95 21.42
C SER F 2130 91.87 -14.92 22.02
N MET F 2131 90.57 -14.65 21.92
CA MET F 2131 89.54 -15.48 22.51
C MET F 2131 88.94 -16.49 21.53
N ARG F 2132 89.56 -16.68 20.37
CA ARG F 2132 89.04 -17.65 19.42
C ARG F 2132 89.04 -19.04 20.03
N GLY F 2133 87.95 -19.78 19.81
CA GLY F 2133 87.77 -21.06 20.45
C GLY F 2133 87.27 -20.99 21.86
N SER F 2134 87.01 -19.80 22.39
CA SER F 2134 86.55 -19.57 23.75
C SER F 2134 85.35 -18.64 23.76
N THR F 2135 84.40 -18.90 22.88
CA THR F 2135 83.19 -18.12 22.75
C THR F 2135 82.02 -19.06 22.53
N PRO F 2136 80.80 -18.62 22.84
CA PRO F 2136 79.63 -19.48 22.60
C PRO F 2136 79.47 -19.90 21.16
N LEU F 2137 79.85 -19.06 20.21
CA LEU F 2137 79.78 -19.44 18.80
C LEU F 2137 80.70 -20.62 18.51
N ASP F 2138 81.87 -20.64 19.14
CA ASP F 2138 82.78 -21.77 18.96
C ASP F 2138 82.19 -23.05 19.52
N VAL F 2139 81.49 -22.97 20.66
CA VAL F 2139 80.81 -24.15 21.20
C VAL F 2139 79.74 -24.62 20.23
N ALA F 2140 78.98 -23.69 19.66
CA ALA F 2140 77.96 -24.07 18.70
C ALA F 2140 78.56 -24.75 17.48
N ALA F 2141 79.70 -24.24 17.00
CA ALA F 2141 80.38 -24.88 15.88
C ALA F 2141 80.87 -26.28 16.25
N SER F 2142 81.40 -26.43 17.46
CA SER F 2142 81.84 -27.76 17.91
C SER F 2142 80.67 -28.73 18.01
N SER F 2143 79.47 -28.22 18.31
CA SER F 2143 78.29 -29.07 18.34
C SER F 2143 78.00 -29.66 16.96
N VAL F 2144 78.16 -28.86 15.92
CA VAL F 2144 77.88 -29.27 14.54
C VAL F 2144 79.18 -29.15 13.77
N MET F 2145 79.93 -30.24 13.70
CA MET F 2145 81.23 -30.19 13.03
C MET F 2145 81.60 -31.61 12.61
N ASP F 2146 81.55 -31.87 11.31
CA ASP F 2146 81.91 -33.19 10.77
C ASP F 2146 80.99 -34.27 11.31
N ASN F 2147 79.77 -33.91 11.68
CA ASN F 2147 78.75 -34.84 12.12
C ASN F 2147 77.56 -34.66 11.19
N ASN F 2148 77.41 -35.56 10.22
CA ASN F 2148 76.39 -35.38 9.19
C ASN F 2148 74.99 -35.43 9.78
N GLU F 2149 74.77 -36.31 10.76
CA GLU F 2149 73.45 -36.44 11.34
C GLU F 2149 72.99 -35.14 11.99
N LEU F 2150 73.86 -34.52 12.79
CA LEU F 2150 73.48 -33.28 13.44
C LEU F 2150 73.39 -32.13 12.46
N ALA F 2151 74.27 -32.09 11.46
CA ALA F 2151 74.23 -31.03 10.46
C ALA F 2151 72.92 -31.07 9.69
N LEU F 2152 72.44 -32.27 9.36
CA LEU F 2152 71.14 -32.39 8.71
C LEU F 2152 69.99 -31.95 9.61
N GLY F 2153 70.21 -31.88 10.92
CA GLY F 2153 69.18 -31.49 11.85
C GLY F 2153 69.04 -30.00 12.10
N LEU F 2154 69.91 -29.18 11.51
CA LEU F 2154 69.83 -27.75 11.75
C LEU F 2154 68.52 -27.19 11.23
N GLU F 2155 67.86 -26.38 12.05
CA GLU F 2155 66.61 -25.75 11.68
C GLU F 2155 66.87 -24.39 11.04
N GLU F 2156 65.91 -23.96 10.23
CA GLU F 2156 66.06 -22.70 9.51
C GLU F 2156 66.25 -21.49 10.41
N PRO F 2157 65.48 -21.31 11.48
CA PRO F 2157 65.73 -20.15 12.36
C PRO F 2157 67.12 -20.14 13.00
N ASP F 2158 67.70 -21.31 13.27
CA ASP F 2158 69.04 -21.34 13.83
C ASP F 2158 70.06 -20.70 12.88
N LEU F 2159 69.97 -21.02 11.60
CA LEU F 2159 70.81 -20.35 10.61
C LEU F 2159 70.39 -18.90 10.42
N GLU F 2160 69.11 -18.60 10.60
CA GLU F 2160 68.62 -17.24 10.40
C GLU F 2160 69.21 -16.30 11.44
N LYS F 2161 69.40 -16.78 12.67
CA LYS F 2161 70.04 -15.96 13.69
C LYS F 2161 71.45 -15.56 13.28
N VAL F 2162 72.24 -16.53 12.81
CA VAL F 2162 73.60 -16.24 12.40
C VAL F 2162 73.62 -15.32 11.20
N VAL F 2163 72.68 -15.50 10.27
CA VAL F 2163 72.62 -14.60 9.12
C VAL F 2163 72.25 -13.19 9.55
N THR F 2164 71.37 -13.05 10.53
CA THR F 2164 71.03 -11.73 11.04
C THR F 2164 72.25 -11.06 11.70
N TYR F 2165 73.00 -11.83 12.49
CA TYR F 2165 74.21 -11.27 13.10
C TYR F 2165 75.20 -10.84 12.04
N LEU F 2166 75.36 -11.66 10.99
CA LEU F 2166 76.28 -11.33 9.92
C LEU F 2166 75.83 -10.07 9.18
N ALA F 2167 74.53 -9.95 8.92
CA ALA F 2167 74.01 -8.76 8.27
C ALA F 2167 74.27 -7.53 9.12
N GLY F 2168 74.05 -7.63 10.43
CA GLY F 2168 74.38 -6.52 11.30
C GLY F 2168 75.86 -6.16 11.25
N CYS F 2169 76.72 -7.18 11.17
CA CYS F 2169 78.15 -6.93 11.03
C CYS F 2169 78.47 -6.25 9.71
N GLY F 2170 77.63 -6.43 8.70
CA GLY F 2170 77.87 -5.82 7.41
C GLY F 2170 77.46 -4.38 7.27
N LEU F 2171 76.93 -3.75 8.33
CA LEU F 2171 76.48 -2.37 8.28
C LEU F 2171 77.21 -1.48 9.27
N GLN F 2172 77.32 -1.91 10.53
CA GLN F 2172 77.86 -1.07 11.60
C GLN F 2172 79.30 -1.45 11.91
N SER F 2173 80.13 -0.45 12.18
CA SER F 2173 81.51 -0.69 12.56
C SER F 2173 81.58 -1.30 13.96
N CYS F 2174 82.69 -1.95 14.24
CA CYS F 2174 82.85 -2.65 15.51
C CYS F 2174 82.99 -1.66 16.66
N PRO F 2175 82.09 -1.67 17.65
CA PRO F 2175 82.24 -0.72 18.76
C PRO F 2175 83.55 -0.85 19.50
N MET F 2176 84.02 -2.07 19.73
CA MET F 2176 85.30 -2.25 20.42
C MET F 2176 86.45 -1.71 19.59
N LEU F 2177 86.43 -1.96 18.28
CA LEU F 2177 87.50 -1.44 17.43
C LEU F 2177 87.50 0.08 17.40
N LEU F 2178 86.32 0.69 17.37
CA LEU F 2178 86.24 2.15 17.41
C LEU F 2178 86.75 2.68 18.74
N ALA F 2179 86.40 2.02 19.84
CA ALA F 2179 86.88 2.45 21.14
C ALA F 2179 88.40 2.36 21.22
N LYS F 2180 88.97 1.28 20.68
CA LYS F 2180 90.42 1.13 20.67
C LYS F 2180 91.12 2.06 19.69
N GLY F 2181 90.37 2.75 18.83
CA GLY F 2181 90.94 3.74 17.95
C GLY F 2181 91.10 3.34 16.50
N TYR F 2182 90.59 2.19 16.09
CA TYR F 2182 90.73 1.78 14.71
C TYR F 2182 89.92 2.71 13.79
N PRO F 2183 90.36 2.87 12.55
CA PRO F 2183 89.60 3.72 11.62
C PRO F 2183 88.20 3.17 11.39
N ASP F 2184 87.26 4.07 11.17
CA ASP F 2184 85.86 3.70 10.95
C ASP F 2184 85.68 3.40 9.47
N VAL F 2185 85.94 2.16 9.09
CA VAL F 2185 85.74 1.74 7.70
C VAL F 2185 84.27 1.59 7.36
N GLY F 2186 83.40 1.48 8.36
CA GLY F 2186 81.98 1.44 8.13
C GLY F 2186 81.34 0.07 8.20
N TRP F 2187 82.11 -0.97 8.51
CA TRP F 2187 81.54 -2.30 8.68
C TRP F 2187 82.50 -3.13 9.52
N ASN F 2188 82.00 -4.22 10.05
CA ASN F 2188 82.79 -5.05 10.96
C ASN F 2188 83.29 -6.30 10.26
N PRO F 2189 84.51 -6.29 9.74
CA PRO F 2189 84.98 -7.43 8.96
C PRO F 2189 85.59 -8.53 9.81
N ILE F 2190 85.40 -8.45 11.13
CA ILE F 2190 86.05 -9.36 12.07
C ILE F 2190 85.07 -10.37 12.63
N GLU F 2191 83.90 -9.93 13.08
CA GLU F 2191 82.88 -10.87 13.53
C GLU F 2191 82.17 -11.54 12.37
N GLY F 2192 82.04 -10.83 11.25
CA GLY F 2192 81.43 -11.43 10.08
C GLY F 2192 82.18 -12.67 9.62
N GLU F 2193 83.50 -12.63 9.71
CA GLU F 2193 84.29 -13.81 9.41
C GLU F 2193 83.93 -14.97 10.34
N ARG F 2194 83.67 -14.66 11.60
CA ARG F 2194 83.29 -15.69 12.57
C ARG F 2194 81.97 -16.35 12.17
N TYR F 2195 80.98 -15.54 11.80
CA TYR F 2195 79.70 -16.13 11.40
C TYR F 2195 79.82 -16.89 10.10
N LEU F 2196 80.65 -16.42 9.18
CA LEU F 2196 80.88 -17.16 7.95
C LEU F 2196 81.53 -18.51 8.24
N SER F 2197 82.45 -18.54 9.20
CA SER F 2197 83.07 -19.82 9.57
C SER F 2197 82.05 -20.77 10.18
N PHE F 2198 81.17 -20.26 11.03
CA PHE F 2198 80.13 -21.13 11.58
C PHE F 2198 79.24 -21.68 10.47
N LEU F 2199 78.84 -20.84 9.52
CA LEU F 2199 78.00 -21.32 8.44
C LEU F 2199 78.74 -22.33 7.57
N ARG F 2200 80.05 -22.15 7.40
CA ARG F 2200 80.85 -23.13 6.68
C ARG F 2200 80.82 -24.48 7.37
N PHE F 2201 80.91 -24.48 8.69
CA PHE F 2201 80.78 -25.74 9.43
C PHE F 2201 79.38 -26.32 9.25
N ALA F 2202 78.37 -25.46 9.19
CA ALA F 2202 77.00 -25.94 9.05
C ALA F 2202 76.77 -26.60 7.69
N VAL F 2203 77.35 -26.06 6.62
CA VAL F 2203 77.10 -26.55 5.28
C VAL F 2203 77.98 -27.72 4.92
N PHE F 2204 79.29 -27.49 4.91
CA PHE F 2204 80.25 -28.49 4.44
C PHE F 2204 80.56 -29.48 5.55
N VAL F 2205 80.20 -30.75 5.33
CA VAL F 2205 80.43 -31.80 6.31
C VAL F 2205 81.24 -32.91 5.65
N ASN F 2206 82.41 -33.19 6.20
CA ASN F 2206 83.25 -34.32 5.80
C ASN F 2206 83.49 -34.35 4.29
N SER F 2207 84.00 -33.24 3.78
CA SER F 2207 84.39 -33.13 2.37
C SER F 2207 83.19 -33.33 1.44
N GLU F 2208 82.00 -32.97 1.88
CA GLU F 2208 80.80 -33.09 1.05
C GLU F 2208 79.76 -32.12 1.55
N SER F 2209 79.34 -31.18 0.72
CA SER F 2209 78.39 -30.17 1.14
C SER F 2209 77.03 -30.78 1.39
N VAL F 2210 76.35 -30.29 2.43
CA VAL F 2210 74.97 -30.68 2.72
C VAL F 2210 74.05 -29.80 1.87
N GLU F 2211 73.27 -30.44 0.99
CA GLU F 2211 72.52 -29.68 0.01
C GLU F 2211 71.43 -28.83 0.67
N GLU F 2212 70.74 -29.37 1.66
CA GLU F 2212 69.65 -28.63 2.29
C GLU F 2212 70.16 -27.36 2.96
N ASN F 2213 71.20 -27.50 3.79
CA ASN F 2213 71.77 -26.35 4.46
C ASN F 2213 72.39 -25.38 3.46
N ALA F 2214 72.96 -25.91 2.38
CA ALA F 2214 73.51 -25.04 1.34
C ALA F 2214 72.41 -24.17 0.73
N SER F 2215 71.29 -24.77 0.38
CA SER F 2215 70.18 -24.02 -0.18
C SER F 2215 69.66 -22.98 0.81
N VAL F 2216 69.48 -23.39 2.06
CA VAL F 2216 68.94 -22.46 3.06
C VAL F 2216 69.89 -21.28 3.27
N VAL F 2217 71.19 -21.56 3.37
CA VAL F 2217 72.16 -20.50 3.61
C VAL F 2217 72.20 -19.54 2.43
N VAL F 2218 72.17 -20.07 1.20
CA VAL F 2218 72.22 -19.19 0.05
C VAL F 2218 70.97 -18.32 -0.02
N LYS F 2219 69.80 -18.91 0.25
CA LYS F 2219 68.57 -18.11 0.24
C LYS F 2219 68.63 -17.00 1.28
N LEU F 2220 69.06 -17.34 2.51
CA LEU F 2220 69.13 -16.33 3.56
C LEU F 2220 70.11 -15.22 3.18
N LEU F 2221 71.28 -15.58 2.65
CA LEU F 2221 72.26 -14.56 2.31
C LEU F 2221 71.75 -13.65 1.19
N ILE F 2222 71.13 -14.23 0.16
CA ILE F 2222 70.65 -13.41 -0.95
C ILE F 2222 69.52 -12.50 -0.51
N ARG F 2223 68.66 -12.95 0.41
CA ARG F 2223 67.61 -12.08 0.92
C ARG F 2223 68.18 -10.81 1.55
N ARG F 2224 69.38 -10.90 2.14
CA ARG F 2224 70.05 -9.77 2.78
C ARG F 2224 71.42 -9.57 2.16
N PRO F 2225 71.55 -8.73 1.15
CA PRO F 2225 72.83 -8.60 0.44
C PRO F 2225 73.96 -8.04 1.28
N GLU F 2226 73.67 -7.33 2.38
CA GLU F 2226 74.75 -6.78 3.19
C GLU F 2226 75.60 -7.86 3.85
N CYS F 2227 75.09 -9.09 3.93
CA CYS F 2227 75.92 -10.21 4.39
C CYS F 2227 77.11 -10.45 3.48
N PHE F 2228 77.06 -9.96 2.23
CA PHE F 2228 78.19 -10.06 1.33
C PHE F 2228 79.21 -8.93 1.51
N GLY F 2229 78.94 -7.95 2.35
CA GLY F 2229 79.85 -6.85 2.56
C GLY F 2229 79.69 -5.77 1.51
N PRO F 2230 80.36 -4.64 1.72
CA PRO F 2230 80.19 -3.50 0.81
C PRO F 2230 80.58 -3.79 -0.64
N ALA F 2231 81.57 -4.65 -0.86
CA ALA F 2231 82.06 -4.84 -2.22
C ALA F 2231 81.06 -5.58 -3.09
N LEU F 2232 80.29 -6.50 -2.51
CA LEU F 2232 79.35 -7.30 -3.27
C LEU F 2232 77.92 -6.78 -3.19
N ARG F 2233 77.70 -5.57 -2.69
CA ARG F 2233 76.38 -4.97 -2.75
C ARG F 2233 76.09 -4.51 -4.18
N GLY F 2234 74.83 -4.64 -4.59
CA GLY F 2234 74.48 -4.41 -5.97
C GLY F 2234 74.76 -2.99 -6.44
N GLU F 2235 74.35 -2.00 -5.64
CA GLU F 2235 74.51 -0.61 -5.99
C GLU F 2235 75.74 -0.05 -5.31
N GLY F 2236 76.71 0.41 -6.12
CA GLY F 2236 77.95 0.95 -5.60
C GLY F 2236 79.04 -0.07 -5.39
N GLY F 2237 78.74 -1.37 -5.51
CA GLY F 2237 79.74 -2.40 -5.35
C GLY F 2237 80.88 -2.28 -6.36
N ASN F 2238 82.12 -2.39 -5.88
CA ASN F 2238 83.28 -2.31 -6.74
C ASN F 2238 83.78 -3.68 -7.19
N GLY F 2239 83.22 -4.76 -6.67
CA GLY F 2239 83.65 -6.09 -7.04
C GLY F 2239 84.65 -6.67 -6.06
N LEU F 2240 84.72 -8.00 -6.07
CA LEU F 2240 85.59 -8.70 -5.13
C LEU F 2240 87.06 -8.36 -5.36
N LEU F 2241 87.47 -8.30 -6.62
CA LEU F 2241 88.86 -7.97 -6.92
C LEU F 2241 89.21 -6.56 -6.48
N ALA F 2242 88.30 -5.60 -6.71
CA ALA F 2242 88.53 -4.24 -6.26
C ALA F 2242 88.62 -4.19 -4.74
N ALA F 2243 87.75 -4.94 -4.05
CA ALA F 2243 87.80 -4.96 -2.60
C ALA F 2243 89.11 -5.52 -2.08
N MET F 2244 89.58 -6.61 -2.67
CA MET F 2244 90.84 -7.19 -2.22
C MET F 2244 92.02 -6.26 -2.49
N GLN F 2245 92.03 -5.61 -3.65
CA GLN F 2245 93.11 -4.67 -3.94
C GLN F 2245 93.08 -3.48 -2.99
N GLY F 2246 91.88 -2.98 -2.68
CA GLY F 2246 91.78 -1.93 -1.68
C GLY F 2246 92.26 -2.38 -0.32
N ALA F 2247 91.98 -3.62 0.06
CA ALA F 2247 92.47 -4.15 1.33
C ALA F 2247 93.99 -4.20 1.35
N ILE F 2248 94.59 -4.61 0.23
CA ILE F 2248 96.06 -4.65 0.17
C ILE F 2248 96.63 -3.24 0.27
N LYS F 2249 95.99 -2.27 -0.39
CA LYS F 2249 96.42 -0.88 -0.28
C LYS F 2249 96.33 -0.40 1.16
N ILE F 2250 95.25 -0.75 1.86
CA ILE F 2250 95.13 -0.42 3.27
C ILE F 2250 96.27 -1.03 4.07
N SER F 2251 96.57 -2.30 3.79
CA SER F 2251 97.62 -2.99 4.55
C SER F 2251 98.97 -2.31 4.37
N GLU F 2252 99.29 -1.90 3.14
CA GLU F 2252 100.59 -1.27 2.91
C GLU F 2252 100.73 0.07 3.60
N ASN F 2253 99.63 0.71 3.96
CA ASN F 2253 99.65 2.03 4.58
C ASN F 2253 99.36 1.92 6.06
N PRO F 2254 100.33 2.16 6.96
CA PRO F 2254 100.07 2.01 8.40
C PRO F 2254 99.02 2.96 8.93
N ALA F 2255 98.74 4.07 8.23
CA ALA F 2255 97.79 5.04 8.75
C ALA F 2255 96.34 4.57 8.60
N LEU F 2256 96.08 3.61 7.71
CA LEU F 2256 94.72 3.20 7.42
C LEU F 2256 94.28 1.93 8.14
N ASP F 2257 95.21 1.17 8.73
CA ASP F 2257 94.86 -0.07 9.38
C ASP F 2257 95.12 -0.06 10.88
N LEU F 2258 96.33 0.30 11.29
CA LEU F 2258 96.65 0.28 12.70
C LEU F 2258 95.91 1.38 13.45
N PRO F 2259 95.63 1.17 14.73
CA PRO F 2259 94.96 2.22 15.52
C PRO F 2259 95.88 3.42 15.70
N SER F 2260 95.28 4.52 16.16
CA SER F 2260 96.03 5.75 16.34
C SER F 2260 97.09 5.57 17.41
N GLN F 2261 98.18 6.34 17.29
CA GLN F 2261 99.26 6.27 18.25
C GLN F 2261 98.78 6.66 19.64
N GLY F 2262 97.97 7.71 19.74
CA GLY F 2262 97.44 8.15 21.01
C GLY F 2262 96.39 7.21 21.57
N GLU F 2274 98.38 -6.86 22.27
CA GLU F 2274 98.41 -8.31 22.13
C GLU F 2274 97.61 -8.76 20.91
N GLU F 2275 98.33 -9.19 19.87
CA GLU F 2275 97.71 -9.62 18.62
C GLU F 2275 96.88 -8.49 18.00
N ILE F 2276 97.58 -7.43 17.61
CA ILE F 2276 96.92 -6.25 17.07
C ILE F 2276 96.15 -6.62 15.82
N VAL F 2277 94.91 -6.17 15.74
CA VAL F 2277 94.06 -6.45 14.60
C VAL F 2277 94.40 -5.47 13.48
N HIS F 2278 94.70 -6.00 12.30
CA HIS F 2278 95.01 -5.20 11.12
C HIS F 2278 93.80 -5.18 10.19
N MET F 2279 93.36 -3.98 9.81
CA MET F 2279 92.11 -3.86 9.08
C MET F 2279 92.21 -4.52 7.69
N GLY F 2280 93.34 -4.34 7.01
CA GLY F 2280 93.46 -4.91 5.68
C GLY F 2280 93.36 -6.42 5.68
N ASN F 2281 94.09 -7.06 6.59
CA ASN F 2281 94.01 -8.51 6.66
C ASN F 2281 92.64 -8.98 7.13
N ALA F 2282 91.98 -8.20 7.98
CA ALA F 2282 90.62 -8.56 8.39
C ALA F 2282 89.67 -8.55 7.20
N ILE F 2283 89.77 -7.54 6.35
CA ILE F 2283 88.90 -7.48 5.18
C ILE F 2283 89.20 -8.63 4.22
N MET F 2284 90.48 -8.90 3.98
CA MET F 2284 90.85 -10.02 3.13
C MET F 2284 90.31 -11.33 3.68
N SER F 2285 90.45 -11.55 4.99
CA SER F 2285 89.98 -12.78 5.60
C SER F 2285 88.46 -12.88 5.49
N PHE F 2286 87.75 -11.77 5.65
CA PHE F 2286 86.30 -11.81 5.51
C PHE F 2286 85.90 -12.26 4.12
N TYR F 2287 86.50 -11.65 3.09
CA TYR F 2287 86.11 -12.01 1.73
C TYR F 2287 86.52 -13.43 1.39
N SER F 2288 87.68 -13.88 1.87
CA SER F 2288 88.08 -15.26 1.64
C SER F 2288 87.12 -16.24 2.29
N ALA F 2289 86.69 -15.95 3.53
CA ALA F 2289 85.73 -16.82 4.19
C ALA F 2289 84.40 -16.82 3.46
N LEU F 2290 83.97 -15.66 2.97
CA LEU F 2290 82.70 -15.60 2.24
C LEU F 2290 82.76 -16.41 0.96
N ILE F 2291 83.84 -16.25 0.18
CA ILE F 2291 83.95 -16.99 -1.07
C ILE F 2291 84.10 -18.48 -0.80
N ASP F 2292 84.79 -18.84 0.28
CA ASP F 2292 84.89 -20.25 0.65
C ASP F 2292 83.52 -20.84 0.99
N LEU F 2293 82.73 -20.12 1.78
CA LEU F 2293 81.39 -20.59 2.11
C LEU F 2293 80.53 -20.76 0.86
N LEU F 2294 80.57 -19.76 -0.04
CA LEU F 2294 79.76 -19.85 -1.25
C LEU F 2294 80.22 -21.01 -2.12
N GLY F 2295 81.53 -21.18 -2.27
CA GLY F 2295 82.03 -22.29 -3.07
C GLY F 2295 81.68 -23.64 -2.49
N ARG F 2296 81.62 -23.73 -1.15
CA ARG F 2296 81.18 -24.97 -0.52
C ARG F 2296 79.67 -25.15 -0.60
N CYS F 2297 78.92 -24.08 -0.86
CA CYS F 2297 77.49 -24.21 -1.06
C CYS F 2297 77.12 -24.64 -2.47
N ALA F 2298 78.07 -24.69 -3.39
CA ALA F 2298 77.75 -25.02 -4.77
C ALA F 2298 77.30 -26.47 -4.89
N PRO F 2299 76.36 -26.77 -5.78
CA PRO F 2299 75.82 -28.13 -5.86
C PRO F 2299 76.86 -29.12 -6.33
N GLU F 2300 76.71 -30.36 -5.89
CA GLU F 2300 77.55 -31.44 -6.39
C GLU F 2300 77.25 -31.70 -7.86
N MET F 2301 78.25 -32.22 -8.56
CA MET F 2301 78.11 -32.40 -10.01
C MET F 2301 77.03 -33.41 -10.35
N HIS F 2302 76.94 -34.49 -9.56
CA HIS F 2302 75.93 -35.51 -9.86
C HIS F 2302 74.52 -34.95 -9.69
N LEU F 2303 74.31 -34.09 -8.70
CA LEU F 2303 73.00 -33.47 -8.54
C LEU F 2303 72.64 -32.60 -9.73
N ILE F 2304 73.60 -31.85 -10.26
CA ILE F 2304 73.34 -31.04 -11.45
C ILE F 2304 73.03 -31.93 -12.64
N GLN F 2305 73.78 -33.02 -12.81
CA GLN F 2305 73.56 -33.90 -13.94
C GLN F 2305 72.26 -34.71 -13.81
N THR F 2306 71.74 -34.85 -12.60
CA THR F 2306 70.46 -35.53 -12.39
C THR F 2306 69.26 -34.67 -12.77
N GLY F 2307 69.47 -33.39 -13.06
CA GLY F 2307 68.38 -32.53 -13.50
C GLY F 2307 67.64 -31.80 -12.41
N LYS F 2308 68.18 -31.72 -11.20
CA LYS F 2308 67.50 -31.01 -10.13
C LYS F 2308 67.49 -29.50 -10.41
N GLY F 2309 66.30 -28.90 -10.33
CA GLY F 2309 66.20 -27.48 -10.58
C GLY F 2309 66.88 -26.63 -9.51
N GLU F 2310 66.80 -27.08 -8.26
CA GLU F 2310 67.38 -26.30 -7.16
C GLU F 2310 68.89 -26.18 -7.31
N ALA F 2311 69.56 -27.26 -7.71
CA ALA F 2311 71.01 -27.20 -7.88
C ALA F 2311 71.40 -26.22 -8.96
N ILE F 2312 70.71 -26.25 -10.09
CA ILE F 2312 71.01 -25.31 -11.18
C ILE F 2312 70.73 -23.89 -10.75
N ARG F 2313 69.63 -23.68 -10.01
CA ARG F 2313 69.30 -22.35 -9.52
C ARG F 2313 70.39 -21.80 -8.61
N ILE F 2314 70.86 -22.62 -7.67
CA ILE F 2314 71.89 -22.18 -6.74
C ILE F 2314 73.19 -21.91 -7.48
N ARG F 2315 73.56 -22.78 -8.42
CA ARG F 2315 74.79 -22.57 -9.18
C ARG F 2315 74.71 -21.29 -10.00
N SER F 2316 73.54 -21.01 -10.58
CA SER F 2316 73.37 -19.78 -11.34
C SER F 2316 73.49 -18.56 -10.45
N ILE F 2317 72.91 -18.61 -9.26
CA ILE F 2317 73.02 -17.50 -8.32
C ILE F 2317 74.48 -17.27 -7.97
N LEU F 2318 75.21 -18.34 -7.66
CA LEU F 2318 76.61 -18.21 -7.30
C LEU F 2318 77.43 -17.64 -8.44
N ARG F 2319 77.14 -18.08 -9.67
CA ARG F 2319 77.85 -17.54 -10.82
C ARG F 2319 77.57 -16.05 -11.00
N SER F 2320 76.32 -15.64 -10.81
CA SER F 2320 75.98 -14.24 -10.94
C SER F 2320 76.64 -13.40 -9.86
N LEU F 2321 76.88 -13.96 -8.68
CA LEU F 2321 77.47 -13.19 -7.60
C LEU F 2321 78.92 -12.81 -7.91
N VAL F 2322 79.75 -13.77 -8.29
CA VAL F 2322 81.17 -13.52 -8.50
C VAL F 2322 81.59 -13.96 -9.89
N PRO F 2323 81.99 -13.05 -10.77
CA PRO F 2323 82.45 -13.46 -12.10
C PRO F 2323 83.84 -14.08 -12.06
N THR F 2324 84.15 -14.84 -13.12
CA THR F 2324 85.45 -15.51 -13.17
C THR F 2324 86.60 -14.51 -13.31
N GLU F 2325 86.33 -13.33 -13.84
CA GLU F 2325 87.36 -12.31 -13.94
C GLU F 2325 87.87 -11.93 -12.56
N ASP F 2326 86.96 -11.77 -11.60
CA ASP F 2326 87.35 -11.43 -10.24
C ASP F 2326 88.18 -12.54 -9.60
N LEU F 2327 87.77 -13.79 -9.78
CA LEU F 2327 88.52 -14.92 -9.22
C LEU F 2327 89.92 -14.98 -9.82
N VAL F 2328 90.03 -14.87 -11.15
CA VAL F 2328 91.33 -14.98 -11.78
C VAL F 2328 92.21 -13.79 -11.41
N GLY F 2329 91.62 -12.61 -11.23
CA GLY F 2329 92.39 -11.47 -10.77
C GLY F 2329 92.91 -11.66 -9.36
N ILE F 2330 92.08 -12.19 -8.48
CA ILE F 2330 92.50 -12.42 -7.10
C ILE F 2330 93.62 -13.46 -7.05
N ILE F 2331 93.47 -14.54 -7.82
CA ILE F 2331 94.52 -15.57 -7.84
C ILE F 2331 95.82 -15.01 -8.41
N SER F 2332 95.75 -13.97 -9.22
CA SER F 2332 96.92 -13.40 -9.88
C SER F 2332 97.63 -12.36 -9.03
N ILE F 2333 97.09 -11.99 -7.87
CA ILE F 2333 97.70 -10.93 -7.05
C ILE F 2333 99.02 -11.46 -6.49
N PRO F 2334 100.14 -10.78 -6.76
CA PRO F 2334 101.43 -11.28 -6.27
C PRO F 2334 101.53 -11.21 -4.75
N LEU F 2335 102.26 -12.16 -4.20
CA LEU F 2335 102.47 -12.27 -2.77
C LEU F 2335 103.81 -11.64 -2.38
N LYS F 2336 103.94 -11.35 -1.09
CA LYS F 2336 105.17 -10.80 -0.53
C LYS F 2336 105.78 -11.88 0.36
N LEU F 2337 106.78 -12.58 -0.17
CA LEU F 2337 107.41 -13.69 0.52
C LEU F 2337 108.76 -13.28 1.07
N PRO F 2338 109.25 -13.99 2.09
CA PRO F 2338 110.51 -13.59 2.72
C PRO F 2338 111.68 -13.69 1.76
N SER F 2339 112.65 -12.81 1.96
CA SER F 2339 113.85 -12.75 1.12
C SER F 2339 115.08 -12.77 1.99
N LEU F 2340 116.17 -13.31 1.44
CA LEU F 2340 117.43 -13.46 2.16
C LEU F 2340 118.27 -12.21 1.96
N ASN F 2341 118.56 -11.50 3.05
CA ASN F 2341 119.30 -10.26 2.98
C ASN F 2341 120.77 -10.53 2.68
N LYS F 2342 121.43 -9.51 2.10
CA LYS F 2342 122.84 -9.64 1.77
C LYS F 2342 123.69 -9.83 3.03
N ASP F 2343 123.29 -9.22 4.14
CA ASP F 2343 124.03 -9.35 5.39
C ASP F 2343 123.96 -10.76 5.97
N GLY F 2344 123.08 -11.61 5.46
CA GLY F 2344 122.92 -12.96 5.96
C GLY F 2344 121.75 -13.18 6.88
N SER F 2345 120.91 -12.18 7.07
CA SER F 2345 119.72 -12.29 7.91
C SER F 2345 118.48 -12.42 7.05
N ILE F 2346 117.53 -13.21 7.52
CA ILE F 2346 116.29 -13.48 6.80
C ILE F 2346 115.29 -12.39 7.13
N SER F 2347 114.76 -11.75 6.09
CA SER F 2347 113.74 -10.72 6.22
C SER F 2347 112.38 -11.35 5.92
N GLU F 2348 111.62 -11.63 6.96
CA GLU F 2348 110.35 -12.32 6.80
C GLU F 2348 109.20 -11.33 6.93
N PRO F 2349 108.45 -11.06 5.87
CA PRO F 2349 107.29 -10.16 5.99
C PRO F 2349 106.27 -10.71 6.98
N ASP F 2350 105.60 -9.81 7.67
CA ASP F 2350 104.60 -10.20 8.65
C ASP F 2350 103.43 -10.89 7.95
N MET F 2351 103.03 -12.05 8.46
CA MET F 2351 101.96 -12.83 7.86
C MET F 2351 100.59 -12.52 8.45
N ALA F 2352 100.50 -11.58 9.38
CA ALA F 2352 99.22 -11.18 9.94
C ALA F 2352 98.67 -9.89 9.34
N ALA F 2353 99.46 -9.18 8.54
CA ALA F 2353 99.04 -7.92 7.95
C ALA F 2353 99.45 -7.86 6.48
N ASN F 2354 99.30 -8.96 5.77
CA ASN F 2354 99.64 -9.01 4.35
C ASN F 2354 98.73 -10.01 3.65
N PHE F 2355 98.67 -9.89 2.33
CA PHE F 2355 97.97 -10.88 1.52
C PHE F 2355 98.76 -12.19 1.57
N CYS F 2356 98.07 -13.28 1.88
CA CYS F 2356 98.68 -14.58 2.09
C CYS F 2356 98.04 -15.62 1.19
N PRO F 2357 98.72 -16.73 0.95
CA PRO F 2357 98.13 -17.77 0.08
C PRO F 2357 96.83 -18.34 0.61
N ASP F 2358 96.58 -18.24 1.91
CA ASP F 2358 95.32 -18.70 2.48
C ASP F 2358 94.13 -17.97 1.89
N HIS F 2359 94.34 -16.79 1.33
CA HIS F 2359 93.29 -16.02 0.70
C HIS F 2359 93.11 -16.34 -0.78
N LYS F 2360 93.97 -17.18 -1.36
CA LYS F 2360 93.80 -17.62 -2.72
C LYS F 2360 93.20 -19.01 -2.82
N ALA F 2361 93.32 -19.82 -1.78
CA ALA F 2361 92.78 -21.17 -1.82
C ALA F 2361 91.28 -21.20 -2.01
N PRO F 2362 90.48 -20.40 -1.29
CA PRO F 2362 89.03 -20.43 -1.53
C PRO F 2362 88.65 -20.09 -2.96
N MET F 2363 89.34 -19.13 -3.58
CA MET F 2363 89.01 -18.77 -4.96
C MET F 2363 89.19 -19.97 -5.88
N VAL F 2364 90.31 -20.67 -5.75
CA VAL F 2364 90.53 -21.87 -6.53
C VAL F 2364 89.42 -22.88 -6.27
N LEU F 2365 88.92 -22.92 -5.04
CA LEU F 2365 87.75 -23.75 -4.76
C LEU F 2365 86.51 -23.21 -5.48
N PHE F 2366 86.24 -21.91 -5.31
CA PHE F 2366 85.04 -21.32 -5.90
C PHE F 2366 85.10 -21.40 -7.42
N LEU F 2367 86.26 -21.13 -8.00
CA LEU F 2367 86.47 -21.24 -9.43
C LEU F 2367 86.38 -22.68 -9.93
N ASP F 2368 86.41 -23.66 -9.04
CA ASP F 2368 86.39 -25.06 -9.43
C ASP F 2368 85.04 -25.71 -9.24
N ARG F 2369 84.43 -25.57 -8.05
CA ARG F 2369 83.11 -26.14 -7.83
C ARG F 2369 82.05 -25.39 -8.62
N VAL F 2370 82.13 -24.08 -8.67
CA VAL F 2370 81.37 -23.25 -9.59
C VAL F 2370 82.31 -22.82 -10.70
N TYR F 2371 81.80 -22.69 -11.91
CA TYR F 2371 82.63 -22.30 -13.05
C TYR F 2371 83.70 -23.36 -13.32
N GLY F 2372 83.28 -24.61 -13.43
CA GLY F 2372 84.22 -25.70 -13.61
C GLY F 2372 85.15 -25.50 -14.79
N ILE F 2373 86.45 -25.74 -14.58
CA ILE F 2373 87.43 -25.56 -15.65
C ILE F 2373 87.16 -26.60 -16.72
N LYS F 2374 86.70 -26.16 -17.89
CA LYS F 2374 86.33 -27.07 -18.96
C LYS F 2374 86.90 -26.71 -20.32
N ASP F 2375 87.56 -25.57 -20.47
CA ASP F 2375 88.13 -25.16 -21.73
C ASP F 2375 89.64 -25.09 -21.63
N GLN F 2376 90.33 -25.60 -22.65
CA GLN F 2376 91.79 -25.61 -22.63
C GLN F 2376 92.36 -24.21 -22.59
N THR F 2377 91.78 -23.28 -23.35
CA THR F 2377 92.27 -21.91 -23.36
C THR F 2377 92.14 -21.26 -22.00
N PHE F 2378 91.00 -21.47 -21.33
CA PHE F 2378 90.82 -20.91 -19.99
C PHE F 2378 91.83 -21.48 -19.01
N LEU F 2379 92.04 -22.79 -19.04
CA LEU F 2379 92.99 -23.42 -18.14
C LEU F 2379 94.41 -22.90 -18.39
N LEU F 2380 94.78 -22.76 -19.65
CA LEU F 2380 96.12 -22.27 -19.97
C LEU F 2380 96.29 -20.81 -19.55
N HIS F 2381 95.26 -19.99 -19.75
CA HIS F 2381 95.35 -18.60 -19.29
C HIS F 2381 95.48 -18.54 -17.78
N LEU F 2382 94.69 -19.33 -17.07
CA LEU F 2382 94.76 -19.37 -15.61
C LEU F 2382 96.14 -19.83 -15.15
N LEU F 2383 96.70 -20.83 -15.82
CA LEU F 2383 98.02 -21.33 -15.45
C LEU F 2383 99.11 -20.30 -15.75
N GLU F 2384 98.92 -19.52 -16.82
CA GLU F 2384 99.95 -18.54 -17.18
C GLU F 2384 99.94 -17.35 -16.24
N VAL F 2385 98.76 -16.84 -15.89
CA VAL F 2385 98.69 -15.65 -15.06
C VAL F 2385 98.63 -15.99 -13.58
N GLY F 2386 97.86 -17.01 -13.20
CA GLY F 2386 97.68 -17.28 -11.80
C GLY F 2386 98.69 -18.20 -11.14
N PHE F 2387 98.78 -19.44 -11.60
CA PHE F 2387 99.46 -20.48 -10.84
C PHE F 2387 100.96 -20.51 -11.07
N LEU F 2388 101.42 -20.21 -12.27
CA LEU F 2388 102.84 -20.31 -12.58
C LEU F 2388 103.70 -19.39 -11.72
N PRO F 2389 103.35 -18.12 -11.52
CA PRO F 2389 104.16 -17.28 -10.61
C PRO F 2389 104.22 -17.83 -9.19
N ASP F 2390 103.12 -18.41 -8.69
CA ASP F 2390 103.14 -19.01 -7.37
C ASP F 2390 104.09 -20.21 -7.32
N LEU F 2391 104.04 -21.06 -8.35
CA LEU F 2391 104.96 -22.19 -8.39
C LEU F 2391 106.41 -21.72 -8.43
N ARG F 2392 106.69 -20.68 -9.22
CA ARG F 2392 108.04 -20.14 -9.29
C ARG F 2392 108.48 -19.58 -7.95
N ALA F 2393 107.59 -18.86 -7.26
CA ALA F 2393 107.95 -18.34 -5.94
C ALA F 2393 108.23 -19.45 -4.95
N SER F 2394 107.42 -20.50 -4.96
CA SER F 2394 107.65 -21.62 -4.06
C SER F 2394 109.00 -22.29 -4.36
N ALA F 2395 109.33 -22.43 -5.64
CA ALA F 2395 110.64 -22.98 -5.99
C ALA F 2395 111.76 -22.06 -5.51
N SER F 2396 111.58 -20.75 -5.67
CA SER F 2396 112.61 -19.80 -5.27
C SER F 2396 112.83 -19.79 -3.77
N LEU F 2397 111.78 -20.06 -2.99
CA LEU F 2397 111.89 -20.13 -1.54
C LEU F 2397 112.39 -21.48 -1.06
N ASP F 2398 113.07 -22.24 -1.89
CA ASP F 2398 113.54 -23.57 -1.52
C ASP F 2398 114.98 -23.58 -1.01
N THR F 2399 115.58 -22.41 -0.81
CA THR F 2399 116.92 -22.36 -0.27
C THR F 2399 116.95 -22.96 1.14
N VAL F 2400 118.16 -23.14 1.66
CA VAL F 2400 118.33 -23.77 2.96
C VAL F 2400 117.74 -22.90 4.06
N SER F 2401 117.84 -21.57 3.92
CA SER F 2401 117.37 -20.68 4.96
C SER F 2401 115.88 -20.40 4.85
N LEU F 2402 115.40 -20.11 3.64
CA LEU F 2402 114.01 -19.71 3.45
C LEU F 2402 113.04 -20.88 3.37
N SER F 2403 113.53 -22.11 3.25
CA SER F 2403 112.62 -23.24 3.06
C SER F 2403 111.76 -23.51 4.28
N THR F 2404 112.29 -23.24 5.47
CA THR F 2404 111.58 -23.57 6.70
C THR F 2404 110.70 -22.44 7.22
N THR F 2405 110.73 -21.26 6.61
CA THR F 2405 109.91 -20.16 7.09
C THR F 2405 108.44 -20.48 6.94
N GLU F 2406 107.63 -19.87 7.80
CA GLU F 2406 106.20 -20.15 7.77
C GLU F 2406 105.57 -19.75 6.45
N ALA F 2407 106.09 -18.72 5.80
CA ALA F 2407 105.57 -18.33 4.49
C ALA F 2407 105.75 -19.44 3.48
N ALA F 2408 106.92 -20.07 3.48
CA ALA F 2408 107.16 -21.17 2.55
C ALA F 2408 106.24 -22.35 2.83
N LEU F 2409 106.04 -22.67 4.11
CA LEU F 2409 105.12 -23.76 4.44
C LEU F 2409 103.70 -23.46 4.00
N ALA F 2410 103.24 -22.22 4.21
CA ALA F 2410 101.90 -21.85 3.77
C ALA F 2410 101.78 -21.92 2.25
N LEU F 2411 102.80 -21.45 1.53
CA LEU F 2411 102.76 -21.51 0.08
C LEU F 2411 102.74 -22.95 -0.41
N ASN F 2412 103.51 -23.83 0.23
CA ASN F 2412 103.51 -25.23 -0.14
C ASN F 2412 102.15 -25.87 0.11
N ARG F 2413 101.52 -25.55 1.25
CA ARG F 2413 100.19 -26.08 1.52
C ARG F 2413 99.20 -25.61 0.47
N TYR F 2414 99.26 -24.33 0.10
CA TYR F 2414 98.37 -23.84 -0.94
C TYR F 2414 98.59 -24.55 -2.26
N LEU F 2415 99.86 -24.71 -2.66
CA LEU F 2415 100.14 -25.35 -3.94
C LEU F 2415 99.70 -26.81 -3.95
N CYS F 2416 99.96 -27.53 -2.87
CA CYS F 2416 99.71 -28.97 -2.85
C CYS F 2416 98.29 -29.32 -2.46
N SER F 2417 97.49 -28.36 -2.00
CA SER F 2417 96.11 -28.64 -1.64
C SER F 2417 95.10 -27.95 -2.52
N ALA F 2418 95.48 -26.92 -3.25
CA ALA F 2418 94.57 -26.19 -4.14
C ALA F 2418 95.00 -26.21 -5.59
N VAL F 2419 96.26 -25.88 -5.87
CA VAL F 2419 96.69 -25.68 -7.25
C VAL F 2419 96.98 -27.01 -7.94
N LEU F 2420 97.92 -27.77 -7.38
CA LEU F 2420 98.40 -28.98 -8.06
C LEU F 2420 97.32 -30.02 -8.27
N PRO F 2421 96.47 -30.35 -7.30
CA PRO F 2421 95.36 -31.26 -7.61
C PRO F 2421 94.46 -30.75 -8.71
N LEU F 2422 94.23 -29.44 -8.77
CA LEU F 2422 93.43 -28.88 -9.84
C LEU F 2422 94.09 -29.10 -11.19
N LEU F 2423 95.40 -28.93 -11.27
CA LEU F 2423 96.10 -29.21 -12.53
C LEU F 2423 96.03 -30.69 -12.86
N THR F 2424 96.14 -31.56 -11.84
CA THR F 2424 96.09 -32.99 -12.08
C THR F 2424 94.73 -33.41 -12.65
N ARG F 2425 93.64 -32.88 -12.10
CA ARG F 2425 92.32 -33.23 -12.62
C ARG F 2425 92.14 -32.74 -14.05
N CYS F 2426 92.70 -31.58 -14.38
CA CYS F 2426 92.61 -31.00 -15.70
C CYS F 2426 93.74 -31.45 -16.61
N ALA F 2427 94.35 -32.59 -16.32
CA ALA F 2427 95.42 -33.10 -17.16
C ALA F 2427 94.99 -33.34 -18.61
N PRO F 2428 93.83 -33.95 -18.89
CA PRO F 2428 93.45 -34.17 -20.29
C PRO F 2428 93.40 -32.91 -21.13
N LEU F 2429 93.10 -31.76 -20.53
CA LEU F 2429 93.06 -30.52 -21.29
C LEU F 2429 94.43 -30.08 -21.79
N PHE F 2430 95.52 -30.66 -21.26
CA PHE F 2430 96.84 -30.34 -21.76
C PHE F 2430 97.11 -30.95 -23.13
N ALA F 2431 96.30 -31.90 -23.55
CA ALA F 2431 96.51 -32.53 -24.85
C ALA F 2431 96.21 -31.55 -25.98
N GLY F 2432 97.02 -31.62 -27.03
CA GLY F 2432 96.83 -30.73 -28.16
C GLY F 2432 97.11 -29.27 -27.85
N THR F 2433 98.19 -28.99 -27.13
CA THR F 2433 98.59 -27.63 -26.80
C THR F 2433 99.94 -27.31 -27.44
N GLU F 2434 100.09 -27.65 -28.72
CA GLU F 2434 101.35 -27.41 -29.42
C GLU F 2434 101.67 -25.93 -29.57
N HIS F 2435 100.68 -25.05 -29.44
CA HIS F 2435 100.89 -23.62 -29.63
C HIS F 2435 101.36 -22.92 -28.36
N TYR F 2436 101.37 -23.61 -27.21
CA TYR F 2436 101.76 -23.02 -25.94
C TYR F 2436 103.02 -23.68 -25.37
N THR F 2437 103.81 -24.34 -26.23
CA THR F 2437 104.86 -25.24 -25.76
C THR F 2437 105.76 -24.58 -24.74
N SER F 2438 106.26 -23.38 -25.06
CA SER F 2438 107.17 -22.69 -24.15
C SER F 2438 106.58 -22.58 -22.76
N LEU F 2439 105.35 -22.07 -22.67
CA LEU F 2439 104.68 -21.98 -21.38
C LEU F 2439 104.66 -23.34 -20.69
N ILE F 2440 104.18 -24.36 -21.41
CA ILE F 2440 104.11 -25.70 -20.85
C ILE F 2440 105.49 -26.12 -20.35
N ASP F 2441 106.51 -25.89 -21.17
CA ASP F 2441 107.87 -26.27 -20.78
C ASP F 2441 108.22 -25.66 -19.44
N SER F 2442 108.01 -24.35 -19.31
CA SER F 2442 108.34 -23.67 -18.06
C SER F 2442 107.59 -24.32 -16.91
N THR F 2443 106.29 -24.57 -17.10
CA THR F 2443 105.50 -25.20 -16.05
C THR F 2443 106.16 -26.48 -15.59
N LEU F 2444 106.50 -27.36 -16.54
CA LEU F 2444 107.08 -28.63 -16.18
C LEU F 2444 108.32 -28.44 -15.33
N GLN F 2445 109.20 -27.53 -15.76
CA GLN F 2445 110.44 -27.30 -15.02
C GLN F 2445 110.13 -26.97 -13.58
N THR F 2446 109.24 -26.00 -13.35
CA THR F 2446 108.96 -25.59 -11.99
C THR F 2446 108.40 -26.75 -11.19
N ILE F 2447 107.47 -27.50 -11.77
CA ILE F 2447 106.91 -28.62 -11.03
C ILE F 2447 107.97 -29.65 -10.73
N TYR F 2448 108.85 -29.91 -11.71
CA TYR F 2448 109.96 -30.82 -11.44
C TYR F 2448 110.83 -30.26 -10.34
N ARG F 2449 111.11 -28.96 -10.38
CA ARG F 2449 111.92 -28.34 -9.35
C ARG F 2449 111.23 -28.35 -8.00
N LEU F 2450 109.91 -28.53 -7.96
CA LEU F 2450 109.23 -28.68 -6.68
C LEU F 2450 109.32 -30.10 -6.14
N SER F 2451 109.51 -31.09 -7.01
CA SER F 2451 109.62 -32.46 -6.53
C SER F 2451 110.87 -32.62 -5.67
N LYS F 2452 111.95 -31.97 -6.04
CA LYS F 2452 113.20 -32.03 -5.28
C LYS F 2452 113.19 -30.99 -4.17
N GLY F 2453 112.14 -30.96 -3.37
CA GLY F 2453 112.04 -30.02 -2.29
C GLY F 2453 112.71 -30.49 -1.02
N ARG F 2454 112.99 -29.54 -0.13
CA ARG F 2454 113.61 -29.86 1.15
C ARG F 2454 112.58 -30.07 2.25
N SER F 2455 111.68 -29.10 2.44
CA SER F 2455 110.75 -29.11 3.56
C SER F 2455 109.43 -29.79 3.23
N LEU F 2456 109.27 -30.32 2.02
CA LEU F 2456 108.03 -31.00 1.67
C LEU F 2456 107.84 -32.24 2.52
N THR F 2457 106.58 -32.50 2.89
CA THR F 2457 106.26 -33.75 3.57
C THR F 2457 106.06 -34.85 2.52
N LYS F 2458 105.68 -36.05 2.99
CA LYS F 2458 105.45 -37.15 2.06
C LYS F 2458 104.23 -36.89 1.19
N ALA F 2459 103.13 -36.43 1.79
CA ALA F 2459 101.91 -36.22 1.01
C ALA F 2459 102.11 -35.13 -0.04
N GLN F 2460 102.78 -34.03 0.33
CA GLN F 2460 103.00 -32.96 -0.62
C GLN F 2460 103.88 -33.39 -1.79
N ARG F 2461 104.96 -34.11 -1.50
CA ARG F 2461 105.83 -34.58 -2.57
C ARG F 2461 105.10 -35.58 -3.46
N ASP F 2462 104.28 -36.44 -2.86
CA ASP F 2462 103.48 -37.37 -3.66
C ASP F 2462 102.53 -36.62 -4.58
N THR F 2463 101.88 -35.57 -4.07
CA THR F 2463 100.98 -34.78 -4.90
C THR F 2463 101.72 -34.13 -6.05
N ILE F 2464 102.89 -33.55 -5.78
CA ILE F 2464 103.66 -32.90 -6.82
C ILE F 2464 104.07 -33.90 -7.90
N GLU F 2465 104.57 -35.06 -7.48
CA GLU F 2465 105.00 -36.07 -8.45
C GLU F 2465 103.82 -36.60 -9.25
N GLU F 2466 102.69 -36.83 -8.60
CA GLU F 2466 101.50 -37.31 -9.31
C GLU F 2466 101.02 -36.30 -10.33
N CYS F 2467 101.02 -35.01 -9.97
CA CYS F 2467 100.64 -33.99 -10.93
C CYS F 2467 101.59 -33.96 -12.12
N LEU F 2468 102.89 -34.06 -11.85
CA LEU F 2468 103.86 -34.06 -12.94
C LEU F 2468 103.64 -35.25 -13.87
N LEU F 2469 103.42 -36.44 -13.31
CA LEU F 2469 103.20 -37.61 -14.14
C LEU F 2469 101.93 -37.49 -14.97
N ALA F 2470 100.85 -37.04 -14.34
CA ALA F 2470 99.59 -36.89 -15.08
C ALA F 2470 99.71 -35.86 -16.20
N ILE F 2471 100.39 -34.74 -15.93
CA ILE F 2471 100.57 -33.73 -16.96
C ILE F 2471 101.40 -34.27 -18.11
N CYS F 2472 102.51 -34.93 -17.80
CA CYS F 2472 103.38 -35.45 -18.84
C CYS F 2472 102.73 -36.57 -19.63
N ASN F 2473 101.77 -37.27 -19.03
CA ASN F 2473 101.15 -38.40 -19.71
C ASN F 2473 100.36 -37.96 -20.95
N HIS F 2474 99.83 -36.74 -20.95
CA HIS F 2474 98.99 -36.27 -22.03
C HIS F 2474 99.70 -35.34 -23.01
N LEU F 2475 100.97 -35.05 -22.79
CA LEU F 2475 101.72 -34.20 -23.71
C LEU F 2475 102.36 -35.05 -24.80
N ARG F 2476 102.51 -34.45 -25.98
CA ARG F 2476 103.17 -35.14 -27.07
C ARG F 2476 104.68 -35.15 -26.87
N PRO F 2477 105.39 -36.01 -27.59
CA PRO F 2477 106.84 -36.12 -27.39
C PRO F 2477 107.61 -34.85 -27.67
N SER F 2478 107.07 -33.93 -28.47
CA SER F 2478 107.82 -32.74 -28.82
C SER F 2478 107.92 -31.76 -27.65
N MET F 2479 106.97 -31.80 -26.73
CA MET F 2479 106.90 -30.85 -25.64
C MET F 2479 107.56 -31.34 -24.36
N LEU F 2480 108.11 -32.55 -24.35
CA LEU F 2480 108.78 -33.08 -23.17
C LEU F 2480 110.30 -33.00 -23.24
N GLN F 2481 110.85 -32.70 -24.43
CA GLN F 2481 112.28 -32.87 -24.66
C GLN F 2481 113.10 -32.10 -23.63
N GLN F 2482 112.78 -30.83 -23.42
CA GLN F 2482 113.50 -30.02 -22.44
C GLN F 2482 113.56 -30.71 -21.10
N LEU F 2483 112.40 -31.17 -20.60
CA LEU F 2483 112.37 -31.87 -19.32
C LEU F 2483 113.27 -33.09 -19.37
N LEU F 2484 113.17 -33.88 -20.45
CA LEU F 2484 114.01 -35.06 -20.57
C LEU F 2484 115.48 -34.70 -20.49
N ARG F 2485 115.86 -33.57 -21.10
CA ARG F 2485 117.25 -33.13 -21.05
C ARG F 2485 117.69 -32.97 -19.60
N ARG F 2486 116.87 -32.31 -18.79
CA ARG F 2486 117.20 -32.20 -17.37
C ARG F 2486 117.30 -33.57 -16.72
N LEU F 2487 116.39 -34.47 -17.05
CA LEU F 2487 116.44 -35.81 -16.47
C LEU F 2487 117.72 -36.53 -16.87
N VAL F 2488 118.28 -36.21 -18.05
CA VAL F 2488 119.51 -36.86 -18.47
C VAL F 2488 120.65 -36.54 -17.52
N PHE F 2489 120.55 -35.43 -16.78
CA PHE F 2489 121.55 -35.10 -15.79
C PHE F 2489 121.23 -35.65 -14.41
N ASP F 2490 119.99 -36.05 -14.15
CA ASP F 2490 119.56 -36.43 -12.81
C ASP F 2490 119.31 -37.93 -12.65
N VAL F 2491 118.58 -38.54 -13.60
CA VAL F 2491 118.25 -39.96 -13.45
C VAL F 2491 119.48 -40.84 -13.36
N PRO F 2492 120.54 -40.64 -14.16
CA PRO F 2492 121.72 -41.50 -14.03
C PRO F 2492 122.35 -41.49 -12.66
N GLN F 2493 122.17 -40.43 -11.88
CA GLN F 2493 122.70 -40.43 -10.52
C GLN F 2493 122.04 -41.50 -9.67
N LEU F 2494 120.73 -41.69 -9.82
CA LEU F 2494 120.00 -42.72 -9.09
C LEU F 2494 120.03 -42.44 -7.58
N ASN F 2495 119.57 -41.25 -7.21
CA ASN F 2495 119.47 -40.85 -5.82
C ASN F 2495 118.09 -41.19 -5.27
N GLU F 2496 117.73 -40.61 -4.13
CA GLU F 2496 116.43 -40.88 -3.53
C GLU F 2496 115.29 -40.48 -4.46
N TYR F 2497 115.40 -39.32 -5.09
CA TYR F 2497 114.35 -38.82 -5.98
C TYR F 2497 114.53 -39.37 -7.40
N CYS F 2498 114.47 -40.69 -7.50
CA CYS F 2498 114.59 -41.36 -8.78
C CYS F 2498 113.37 -42.16 -9.19
N LYS F 2499 112.49 -42.51 -8.24
CA LYS F 2499 111.31 -43.29 -8.56
C LYS F 2499 110.42 -42.56 -9.57
N MET F 2500 110.09 -41.30 -9.28
CA MET F 2500 109.23 -40.55 -10.19
C MET F 2500 109.85 -40.33 -11.56
N PRO F 2501 111.11 -39.88 -11.68
CA PRO F 2501 111.69 -39.76 -13.02
C PRO F 2501 111.73 -41.06 -13.78
N LEU F 2502 112.04 -42.17 -13.10
CA LEU F 2502 112.06 -43.47 -13.76
C LEU F 2502 110.68 -43.83 -14.27
N LYS F 2503 109.65 -43.62 -13.46
CA LYS F 2503 108.30 -43.96 -13.89
C LYS F 2503 107.86 -43.04 -15.04
N LEU F 2504 108.25 -41.77 -15.00
CA LEU F 2504 107.90 -40.86 -16.07
C LEU F 2504 108.54 -41.28 -17.38
N LEU F 2505 109.83 -41.62 -17.34
CA LEU F 2505 110.51 -42.09 -18.54
C LEU F 2505 109.88 -43.38 -19.05
N THR F 2506 109.55 -44.30 -18.14
CA THR F 2506 108.92 -45.55 -18.53
C THR F 2506 107.61 -45.28 -19.26
N ASN F 2507 106.73 -44.47 -18.66
CA ASN F 2507 105.45 -44.19 -19.28
C ASN F 2507 105.61 -43.52 -20.64
N HIS F 2508 106.50 -42.53 -20.72
CA HIS F 2508 106.65 -41.79 -21.97
C HIS F 2508 107.16 -42.68 -23.09
N TYR F 2509 108.24 -43.42 -22.82
CA TYR F 2509 108.84 -44.24 -23.86
C TYR F 2509 108.09 -45.54 -24.12
N GLU F 2510 107.15 -45.91 -23.25
CA GLU F 2510 106.33 -47.07 -23.50
C GLU F 2510 105.01 -46.73 -24.16
N GLN F 2511 104.56 -45.48 -24.06
CA GLN F 2511 103.38 -45.04 -24.77
C GLN F 2511 103.70 -44.45 -26.13
N CYS F 2512 104.86 -43.82 -26.28
CA CYS F 2512 105.25 -43.14 -27.51
C CYS F 2512 106.35 -43.88 -28.25
N TRP F 2513 106.30 -45.21 -28.25
CA TRP F 2513 107.37 -45.98 -28.86
C TRP F 2513 107.31 -45.92 -30.39
N LYS F 2514 106.10 -45.84 -30.96
CA LYS F 2514 106.00 -45.71 -32.41
C LYS F 2514 106.61 -44.40 -32.88
N TYR F 2515 106.53 -43.35 -32.06
CA TYR F 2515 107.11 -42.07 -32.44
C TYR F 2515 108.63 -42.17 -32.60
N TYR F 2516 109.26 -43.13 -31.93
CA TYR F 2516 110.71 -43.29 -31.98
C TYR F 2516 111.17 -44.47 -32.80
N CYS F 2517 110.39 -45.55 -32.87
CA CYS F 2517 110.86 -46.78 -33.51
C CYS F 2517 110.47 -46.84 -34.98
N LEU F 2518 109.17 -46.78 -35.26
CA LEU F 2518 108.71 -46.92 -36.63
C LEU F 2518 109.21 -45.75 -37.48
N PRO F 2519 109.81 -46.03 -38.64
CA PRO F 2519 110.25 -44.92 -39.51
C PRO F 2519 109.11 -44.03 -39.97
N SER F 2520 107.91 -44.59 -40.18
CA SER F 2520 106.79 -43.77 -40.61
C SER F 2520 106.40 -42.76 -39.55
N GLY F 2521 106.36 -43.17 -38.28
CA GLY F 2521 105.96 -42.32 -37.18
C GLY F 2521 104.64 -42.76 -36.58
N TRP F 2522 104.24 -42.03 -35.55
CA TRP F 2522 103.04 -42.36 -34.79
C TRP F 2522 101.84 -41.53 -35.27
N GLY F 2523 101.47 -41.75 -36.52
CA GLY F 2523 100.31 -41.05 -37.07
C GLY F 2523 100.50 -39.56 -37.08
N SER F 2524 99.52 -38.84 -36.53
CA SER F 2524 99.57 -37.38 -36.55
C SER F 2524 100.73 -36.83 -35.72
N TYR F 2525 101.17 -37.59 -34.71
CA TYR F 2525 102.29 -37.12 -33.88
C TYR F 2525 103.58 -37.01 -34.68
N GLY F 2526 103.70 -37.73 -35.80
CA GLY F 2526 104.85 -37.61 -36.66
C GLY F 2526 106.03 -38.42 -36.17
N LEU F 2527 107.08 -38.42 -37.00
CA LEU F 2527 108.30 -39.13 -36.67
C LEU F 2527 109.20 -38.28 -35.78
N ALA F 2528 110.18 -38.93 -35.17
CA ALA F 2528 111.08 -38.27 -34.25
C ALA F 2528 112.14 -37.49 -35.03
N VAL F 2529 113.17 -37.02 -34.34
CA VAL F 2529 114.29 -36.32 -34.95
C VAL F 2529 115.58 -36.88 -34.37
N GLU F 2530 116.69 -36.55 -35.02
CA GLU F 2530 117.98 -37.11 -34.61
C GLU F 2530 118.34 -36.68 -33.20
N GLU F 2531 118.04 -35.42 -32.84
CA GLU F 2531 118.38 -34.94 -31.50
C GLU F 2531 117.64 -35.73 -30.43
N GLU F 2532 116.35 -35.99 -30.64
CA GLU F 2532 115.57 -36.73 -29.65
C GLU F 2532 116.10 -38.16 -29.50
N LEU F 2533 116.41 -38.82 -30.60
CA LEU F 2533 116.94 -40.18 -30.53
C LEU F 2533 118.30 -40.19 -29.84
N HIS F 2534 119.14 -39.18 -30.11
CA HIS F 2534 120.43 -39.09 -29.43
C HIS F 2534 120.23 -38.92 -27.93
N LEU F 2535 119.28 -38.09 -27.53
CA LEU F 2535 118.99 -37.90 -26.12
C LEU F 2535 118.53 -39.20 -25.48
N THR F 2536 117.65 -39.93 -26.17
CA THR F 2536 117.18 -41.21 -25.64
C THR F 2536 118.33 -42.19 -25.46
N GLU F 2537 119.23 -42.27 -26.44
CA GLU F 2537 120.35 -43.19 -26.33
C GLU F 2537 121.28 -42.79 -25.19
N LYS F 2538 121.54 -41.49 -25.06
CA LYS F 2538 122.39 -41.03 -23.96
C LYS F 2538 121.77 -41.35 -22.62
N LEU F 2539 120.46 -41.16 -22.49
CA LEU F 2539 119.77 -41.49 -21.24
C LEU F 2539 119.88 -42.97 -20.94
N PHE F 2540 119.64 -43.82 -21.94
CA PHE F 2540 119.74 -45.26 -21.74
C PHE F 2540 121.14 -45.65 -21.27
N TRP F 2541 122.16 -45.16 -21.96
CA TRP F 2541 123.52 -45.54 -21.60
C TRP F 2541 123.89 -45.04 -20.21
N GLY F 2542 123.50 -43.81 -19.88
CA GLY F 2542 123.80 -43.30 -18.54
C GLY F 2542 123.16 -44.14 -17.46
N ILE F 2543 121.88 -44.46 -17.61
CA ILE F 2543 121.20 -45.25 -16.58
C ILE F 2543 121.81 -46.64 -16.50
N PHE F 2544 122.10 -47.25 -17.65
CA PHE F 2544 122.66 -48.61 -17.64
C PHE F 2544 124.01 -48.64 -16.96
N ASP F 2545 124.91 -47.73 -17.33
CA ASP F 2545 126.24 -47.72 -16.72
C ASP F 2545 126.16 -47.42 -15.23
N SER F 2546 125.30 -46.48 -14.83
CA SER F 2546 125.17 -46.17 -13.42
C SER F 2546 124.63 -47.36 -12.64
N LEU F 2547 123.62 -48.04 -13.19
CA LEU F 2547 123.05 -49.19 -12.50
C LEU F 2547 124.02 -50.34 -12.43
N SER F 2548 124.95 -50.45 -13.39
CA SER F 2548 125.93 -51.52 -13.37
C SER F 2548 126.88 -51.42 -12.18
N HIS F 2549 127.00 -50.25 -11.57
CA HIS F 2549 127.92 -50.02 -10.45
C HIS F 2549 127.18 -49.67 -9.16
N LYS F 2550 126.10 -50.39 -8.88
CA LYS F 2550 125.28 -50.14 -7.70
C LYS F 2550 125.19 -51.40 -6.86
N LYS F 2551 125.30 -51.25 -5.55
CA LYS F 2551 125.03 -52.36 -4.65
C LYS F 2551 123.57 -52.76 -4.79
N TYR F 2552 123.33 -54.08 -4.84
CA TYR F 2552 122.02 -54.60 -5.18
C TYR F 2552 120.94 -54.10 -4.23
N ASP F 2553 120.01 -53.30 -4.74
CA ASP F 2553 118.84 -52.86 -3.99
C ASP F 2553 117.60 -53.28 -4.77
N PRO F 2554 116.74 -54.13 -4.21
CA PRO F 2554 115.60 -54.64 -4.99
C PRO F 2554 114.69 -53.54 -5.53
N ASP F 2555 114.41 -52.51 -4.74
CA ASP F 2555 113.49 -51.47 -5.21
C ASP F 2555 114.10 -50.68 -6.37
N LEU F 2556 115.36 -50.29 -6.25
CA LEU F 2556 116.00 -49.51 -7.30
C LEU F 2556 116.06 -50.30 -8.61
N PHE F 2557 116.45 -51.57 -8.53
CA PHE F 2557 116.52 -52.38 -9.75
C PHE F 2557 115.14 -52.60 -10.33
N ARG F 2558 114.15 -52.84 -9.49
CA ARG F 2558 112.79 -53.07 -9.97
C ARG F 2558 112.25 -51.82 -10.67
N MET F 2559 112.59 -50.64 -10.17
CA MET F 2559 112.14 -49.42 -10.82
C MET F 2559 112.93 -49.13 -12.10
N ALA F 2560 114.23 -49.42 -12.10
CA ALA F 2560 115.08 -49.06 -13.23
C ALA F 2560 114.91 -49.99 -14.41
N LEU F 2561 114.62 -51.26 -14.19
CA LEU F 2561 114.55 -52.21 -15.29
C LEU F 2561 113.49 -51.83 -16.33
N PRO F 2562 112.24 -51.54 -15.96
CA PRO F 2562 111.26 -51.14 -16.99
C PRO F 2562 111.65 -49.89 -17.74
N CYS F 2563 112.32 -48.94 -17.11
CA CYS F 2563 112.77 -47.75 -17.82
C CYS F 2563 113.73 -48.11 -18.93
N LEU F 2564 114.72 -48.96 -18.61
CA LEU F 2564 115.69 -49.38 -19.63
C LEU F 2564 115.00 -50.17 -20.73
N SER F 2565 114.08 -51.07 -20.37
CA SER F 2565 113.37 -51.84 -21.37
C SER F 2565 112.57 -50.95 -22.31
N ALA F 2566 111.88 -49.94 -21.75
CA ALA F 2566 111.10 -49.04 -22.58
C ALA F 2566 111.99 -48.21 -23.50
N ILE F 2567 113.11 -47.70 -22.98
CA ILE F 2567 114.00 -46.91 -23.81
C ILE F 2567 114.57 -47.75 -24.94
N ALA F 2568 115.00 -48.98 -24.63
CA ALA F 2568 115.53 -49.85 -25.67
C ALA F 2568 114.47 -50.21 -26.70
N GLY F 2569 113.25 -50.47 -26.26
CA GLY F 2569 112.18 -50.78 -27.16
C GLY F 2569 111.63 -49.59 -27.91
N ALA F 2570 112.06 -48.38 -27.57
CA ALA F 2570 111.72 -47.19 -28.33
C ALA F 2570 112.80 -46.83 -29.34
N LEU F 2571 114.06 -46.94 -28.97
CA LEU F 2571 115.15 -46.64 -29.90
C LEU F 2571 115.18 -47.66 -31.02
N PRO F 2572 115.24 -47.23 -32.27
CA PRO F 2572 115.39 -48.17 -33.38
C PRO F 2572 116.68 -48.97 -33.23
N PRO F 2573 116.65 -50.26 -33.55
CA PRO F 2573 117.84 -51.09 -33.33
C PRO F 2573 119.04 -50.65 -34.14
N ASP F 2574 118.84 -49.94 -35.24
CA ASP F 2574 119.91 -49.53 -36.13
C ASP F 2574 120.10 -48.02 -36.12
N TYR F 2575 120.01 -47.41 -34.95
CA TYR F 2575 120.18 -45.96 -34.83
C TYR F 2575 121.67 -45.65 -34.78
N LEU F 2576 122.22 -45.26 -35.93
CA LEU F 2576 123.62 -44.88 -36.01
C LEU F 2576 123.75 -43.42 -35.59
N ASP F 2577 124.45 -43.19 -34.47
CA ASP F 2577 124.58 -41.85 -33.91
C ASP F 2577 125.86 -41.20 -34.42
N THR F 2578 125.71 -40.11 -35.18
CA THR F 2578 126.84 -39.38 -35.73
C THR F 2578 127.22 -38.29 -34.75
N ARG F 2579 128.15 -38.61 -33.85
CA ARG F 2579 128.62 -37.65 -32.86
C ARG F 2579 130.14 -37.71 -32.70
N SER F 2808 127.32 -44.53 -41.91
CA SER F 2808 128.68 -44.77 -41.48
C SER F 2808 128.92 -46.26 -41.22
N SER F 2809 129.93 -46.56 -40.41
CA SER F 2809 130.25 -47.95 -40.11
C SER F 2809 129.10 -48.60 -39.35
N MET F 2810 128.88 -49.89 -39.63
CA MET F 2810 127.82 -50.63 -38.96
C MET F 2810 128.14 -50.96 -37.51
N GLU F 2811 129.35 -50.66 -37.05
CA GLU F 2811 129.72 -50.91 -35.66
C GLU F 2811 129.28 -49.78 -34.74
N LYS F 2812 128.69 -48.72 -35.27
CA LYS F 2812 128.16 -47.63 -34.46
C LYS F 2812 126.67 -47.74 -34.21
N ARG F 2813 126.03 -48.81 -34.69
CA ARG F 2813 124.60 -48.97 -34.46
C ARG F 2813 124.35 -49.27 -32.98
N PHE F 2814 123.14 -48.91 -32.53
CA PHE F 2814 122.80 -49.16 -31.14
C PHE F 2814 122.75 -50.63 -30.82
N ALA F 2815 122.16 -51.44 -31.71
CA ALA F 2815 122.03 -52.87 -31.45
C ALA F 2815 123.40 -53.52 -31.34
N TYR F 2816 124.34 -53.10 -32.19
CA TYR F 2816 125.69 -53.67 -32.14
C TYR F 2816 126.34 -53.39 -30.80
N LYS F 2817 126.25 -52.14 -30.32
CA LYS F 2817 126.84 -51.80 -29.02
C LYS F 2817 126.16 -52.59 -27.90
N PHE F 2818 124.83 -52.69 -27.95
CA PHE F 2818 124.10 -53.42 -26.92
C PHE F 2818 124.54 -54.88 -26.86
N LEU F 2819 124.61 -55.52 -28.02
CA LEU F 2819 125.01 -56.92 -28.06
C LEU F 2819 126.45 -57.10 -27.62
N LYS F 2820 127.34 -56.17 -28.00
CA LYS F 2820 128.72 -56.28 -27.57
C LYS F 2820 128.84 -56.17 -26.06
N LYS F 2821 128.13 -55.21 -25.46
CA LYS F 2821 128.15 -55.06 -24.02
C LYS F 2821 127.61 -56.31 -23.34
N ILE F 2822 126.52 -56.86 -23.85
CA ILE F 2822 125.93 -58.03 -23.23
C ILE F 2822 126.84 -59.24 -23.35
N LEU F 2823 127.53 -59.38 -24.49
CA LEU F 2823 128.48 -60.47 -24.65
C LEU F 2823 129.64 -60.34 -23.68
N LYS F 2824 130.14 -59.11 -23.48
CA LYS F 2824 131.20 -58.93 -22.49
C LYS F 2824 130.73 -59.30 -21.09
N TYR F 2825 129.51 -58.89 -20.75
CA TYR F 2825 128.97 -59.25 -19.44
C TYR F 2825 128.80 -60.76 -19.30
N VAL F 2826 128.37 -61.44 -20.36
CA VAL F 2826 128.23 -62.89 -20.29
C VAL F 2826 129.59 -63.56 -20.15
N ASP F 2827 130.61 -63.03 -20.83
CA ASP F 2827 131.95 -63.58 -20.68
C ASP F 2827 132.43 -63.44 -19.24
N SER F 2828 132.21 -62.28 -18.63
CA SER F 2828 132.58 -62.12 -17.21
C SER F 2828 131.77 -63.04 -16.32
N ALA F 2829 130.48 -63.19 -16.59
CA ALA F 2829 129.63 -64.04 -15.78
C ALA F 2829 130.04 -65.50 -15.89
N GLN F 2830 130.65 -65.89 -17.01
CA GLN F 2830 131.19 -67.25 -17.10
C GLN F 2830 132.23 -67.50 -16.01
N GLU F 2831 133.21 -66.60 -15.89
CA GLU F 2831 134.21 -66.74 -14.84
C GLU F 2831 133.60 -66.65 -13.46
N PHE F 2832 132.65 -65.73 -13.28
CA PHE F 2832 132.02 -65.57 -11.97
C PHE F 2832 131.29 -66.85 -11.56
N ILE F 2833 130.56 -67.47 -12.49
CA ILE F 2833 129.82 -68.69 -12.18
C ILE F 2833 130.78 -69.85 -11.94
N ALA F 2834 131.89 -69.91 -12.71
CA ALA F 2834 132.88 -70.94 -12.46
C ALA F 2834 133.46 -70.82 -11.06
N HIS F 2835 133.80 -69.60 -10.65
CA HIS F 2835 134.35 -69.40 -9.31
C HIS F 2835 133.31 -69.70 -8.23
N LEU F 2836 132.05 -69.33 -8.48
CA LEU F 2836 130.99 -69.64 -7.52
C LEU F 2836 130.83 -71.14 -7.36
N GLU F 2837 130.86 -71.89 -8.46
CA GLU F 2837 130.76 -73.33 -8.37
C GLU F 2837 131.96 -73.91 -7.64
N ALA F 2838 133.15 -73.36 -7.88
CA ALA F 2838 134.34 -73.83 -7.18
C ALA F 2838 134.22 -73.61 -5.67
N ILE F 2839 133.74 -72.43 -5.26
CA ILE F 2839 133.60 -72.15 -3.83
C ILE F 2839 132.51 -73.04 -3.22
N VAL F 2840 131.45 -73.32 -4.00
CA VAL F 2840 130.42 -74.24 -3.51
C VAL F 2840 131.00 -75.62 -3.31
N SER F 2841 131.83 -76.08 -4.25
CA SER F 2841 132.47 -77.39 -4.10
C SER F 2841 133.38 -77.41 -2.89
N SER F 2842 134.11 -76.33 -2.65
CA SER F 2842 134.99 -76.26 -1.49
C SER F 2842 134.22 -76.27 -0.17
N GLY F 2843 132.92 -75.94 -0.20
CA GLY F 2843 132.11 -75.93 0.99
C GLY F 2843 131.96 -74.58 1.67
N LYS F 2844 132.63 -73.54 1.17
CA LYS F 2844 132.51 -72.22 1.77
C LYS F 2844 131.12 -71.66 1.52
N THR F 2845 130.49 -71.15 2.58
CA THR F 2845 129.14 -70.61 2.50
C THR F 2845 129.11 -69.09 2.50
N GLU F 2846 130.26 -68.44 2.41
CA GLU F 2846 130.29 -66.98 2.38
C GLU F 2846 129.78 -66.45 1.04
N LYS F 2847 129.33 -65.20 1.06
CA LYS F 2847 128.86 -64.57 -0.17
C LYS F 2847 130.01 -64.41 -1.16
N SER F 2848 129.68 -64.55 -2.44
CA SER F 2848 130.71 -64.46 -3.47
C SER F 2848 131.27 -63.03 -3.51
N PRO F 2849 132.56 -62.88 -3.80
CA PRO F 2849 133.12 -61.51 -3.93
C PRO F 2849 132.47 -60.70 -5.04
N HIS F 2850 132.01 -61.36 -6.11
CA HIS F 2850 131.36 -60.69 -7.23
C HIS F 2850 129.85 -60.82 -7.17
N ASP F 2851 129.27 -60.81 -5.96
CA ASP F 2851 127.82 -60.95 -5.85
C ASP F 2851 127.08 -59.81 -6.50
N GLN F 2852 127.68 -58.61 -6.53
CA GLN F 2852 127.05 -57.50 -7.24
C GLN F 2852 126.92 -57.80 -8.72
N GLU F 2853 127.98 -58.33 -9.33
CA GLU F 2853 127.93 -58.66 -10.74
C GLU F 2853 126.90 -59.74 -11.01
N ILE F 2854 126.84 -60.77 -10.16
CA ILE F 2854 125.87 -61.84 -10.37
C ILE F 2854 124.45 -61.30 -10.23
N LYS F 2855 124.20 -60.46 -9.24
CA LYS F 2855 122.87 -59.91 -9.06
C LYS F 2855 122.48 -59.03 -10.24
N PHE F 2856 123.40 -58.22 -10.74
CA PHE F 2856 123.10 -57.40 -11.91
C PHE F 2856 122.82 -58.27 -13.13
N PHE F 2857 123.62 -59.32 -13.34
CA PHE F 2857 123.46 -60.18 -14.49
C PHE F 2857 122.13 -60.94 -14.44
N ALA F 2858 121.75 -61.43 -13.27
CA ALA F 2858 120.56 -62.26 -13.16
C ALA F 2858 119.29 -61.46 -12.94
N LYS F 2859 119.39 -60.19 -12.58
CA LYS F 2859 118.21 -59.39 -12.25
C LYS F 2859 117.93 -58.26 -13.23
N VAL F 2860 118.92 -57.85 -14.03
CA VAL F 2860 118.77 -56.75 -14.98
C VAL F 2860 119.09 -57.19 -16.40
N LEU F 2861 120.20 -57.90 -16.58
CA LEU F 2861 120.67 -58.20 -17.92
C LEU F 2861 119.74 -59.19 -18.62
N LEU F 2862 119.39 -60.29 -17.96
CA LEU F 2862 118.59 -61.32 -18.62
C LEU F 2862 117.19 -60.83 -18.98
N PRO F 2863 116.41 -60.24 -18.07
CA PRO F 2863 115.11 -59.71 -18.47
C PRO F 2863 115.21 -58.63 -19.53
N LEU F 2864 116.27 -57.81 -19.46
CA LEU F 2864 116.45 -56.77 -20.47
C LEU F 2864 116.67 -57.38 -21.85
N VAL F 2865 117.51 -58.41 -21.94
CA VAL F 2865 117.75 -59.08 -23.21
C VAL F 2865 116.48 -59.73 -23.71
N ASP F 2866 115.74 -60.39 -22.80
CA ASP F 2866 114.48 -61.03 -23.18
C ASP F 2866 113.51 -60.03 -23.79
N GLN F 2867 113.32 -58.89 -23.12
CA GLN F 2867 112.40 -57.89 -23.63
C GLN F 2867 112.90 -57.28 -24.94
N TYR F 2868 114.20 -57.03 -25.04
CA TYR F 2868 114.75 -56.42 -26.25
C TYR F 2868 114.53 -57.31 -27.46
N PHE F 2869 114.76 -58.62 -27.31
CA PHE F 2869 114.54 -59.51 -28.44
C PHE F 2869 113.09 -59.92 -28.61
N THR F 2870 112.24 -59.68 -27.62
CA THR F 2870 110.80 -59.82 -27.84
C THR F 2870 110.25 -58.64 -28.62
N ASN F 2871 110.84 -57.47 -28.46
CA ASN F 2871 110.42 -56.29 -29.21
C ASN F 2871 111.01 -56.28 -30.61
N HIS F 2872 112.33 -56.22 -30.71
CA HIS F 2872 113.01 -56.17 -32.00
C HIS F 2872 113.35 -57.59 -32.47
N HIS F 2873 112.30 -58.40 -32.59
CA HIS F 2873 112.47 -59.81 -32.94
C HIS F 2873 112.62 -59.99 -34.44
N LEU F 2874 111.69 -59.42 -35.23
CA LEU F 2874 111.74 -59.55 -36.67
C LEU F 2874 112.94 -58.84 -37.28
N TYR F 2875 113.46 -57.81 -36.62
CA TYR F 2875 114.60 -57.07 -37.17
C TYR F 2875 115.84 -57.96 -37.30
N PHE F 2876 115.99 -58.93 -36.41
CA PHE F 2876 117.14 -59.83 -36.46
C PHE F 2876 116.90 -61.07 -37.30
N LEU F 2877 115.68 -61.29 -37.77
CA LEU F 2877 115.38 -62.39 -38.67
C LEU F 2877 115.29 -61.96 -40.13
N SER F 2878 114.89 -60.72 -40.38
CA SER F 2878 114.71 -60.26 -41.74
C SER F 2878 116.03 -60.22 -42.48
N SER F 2879 115.95 -60.37 -43.80
CA SER F 2879 117.10 -60.25 -44.69
C SER F 2879 116.67 -59.52 -45.95
N PRO F 2880 117.61 -59.17 -46.83
CA PRO F 2880 117.20 -58.50 -48.08
C PRO F 2880 116.25 -59.32 -48.91
N LEU F 2881 116.38 -60.64 -48.92
CA LEU F 2881 115.43 -61.48 -49.64
C LEU F 2881 114.05 -61.42 -49.00
N LYS F 2882 113.97 -61.50 -47.68
CA LYS F 2882 112.69 -61.46 -46.96
C LYS F 2882 112.67 -60.29 -46.00
N PRO F 2883 111.96 -59.21 -46.32
CA PRO F 2883 111.84 -58.05 -45.41
C PRO F 2883 110.70 -58.19 -44.41
N LEU F 2884 110.92 -59.02 -43.38
CA LEU F 2884 109.87 -59.25 -42.40
C LEU F 2884 109.59 -58.00 -41.57
N SER F 2885 110.62 -57.25 -41.22
CA SER F 2885 110.50 -56.09 -40.34
C SER F 2885 110.55 -54.81 -41.15
N SER F 2886 109.61 -53.90 -40.87
CA SER F 2886 109.60 -52.61 -41.56
C SER F 2886 110.78 -51.75 -41.16
N SER F 2887 111.28 -51.91 -39.93
CA SER F 2887 112.39 -51.08 -39.46
C SER F 2887 113.65 -51.31 -40.30
N GLY F 2888 113.93 -52.56 -40.64
CA GLY F 2888 115.12 -52.88 -41.41
C GLY F 2888 115.48 -54.34 -41.23
N TYR F 2889 116.74 -54.64 -41.51
CA TYR F 2889 117.28 -55.98 -41.29
C TYR F 2889 118.64 -55.88 -40.64
N ALA F 2890 118.89 -56.74 -39.66
CA ALA F 2890 120.14 -56.71 -38.94
C ALA F 2890 121.30 -57.12 -39.86
N SER F 2891 122.46 -56.53 -39.62
CA SER F 2891 123.63 -56.86 -40.40
C SER F 2891 124.12 -58.27 -40.05
N HIS F 2892 125.08 -58.75 -40.84
CA HIS F 2892 125.61 -60.10 -40.61
C HIS F 2892 126.27 -60.20 -39.24
N LYS F 2893 127.02 -59.17 -38.84
CA LYS F 2893 127.73 -59.21 -37.57
C LYS F 2893 126.75 -59.28 -36.41
N GLU F 2894 125.64 -58.55 -36.48
CA GLU F 2894 124.66 -58.59 -35.41
C GLU F 2894 124.02 -59.97 -35.29
N LYS F 2895 123.70 -60.61 -36.42
CA LYS F 2895 123.14 -61.95 -36.37
C LYS F 2895 124.13 -62.94 -35.80
N GLU F 2896 125.41 -62.82 -36.18
CA GLU F 2896 126.43 -63.67 -35.60
C GLU F 2896 126.53 -63.46 -34.09
N MET F 2897 126.42 -62.21 -33.65
CA MET F 2897 126.47 -61.93 -32.21
C MET F 2897 125.28 -62.54 -31.49
N VAL F 2898 124.10 -62.49 -32.10
CA VAL F 2898 122.92 -63.09 -31.48
C VAL F 2898 123.11 -64.60 -31.33
N ALA F 2899 123.61 -65.25 -32.39
CA ALA F 2899 123.85 -66.68 -32.31
C ALA F 2899 124.89 -67.01 -31.24
N SER F 2900 125.97 -66.22 -31.19
CA SER F 2900 127.01 -66.45 -30.19
C SER F 2900 126.47 -66.26 -28.78
N LEU F 2901 125.62 -65.25 -28.58
CA LEU F 2901 125.04 -65.02 -27.28
C LEU F 2901 124.13 -66.17 -26.87
N PHE F 2902 123.32 -66.68 -27.79
CA PHE F 2902 122.48 -67.83 -27.47
C PHE F 2902 123.33 -69.03 -27.09
N CYS F 2903 124.39 -69.29 -27.85
CA CYS F 2903 125.25 -70.44 -27.54
C CYS F 2903 125.90 -70.29 -26.18
N LYS F 2904 126.40 -69.09 -25.86
CA LYS F 2904 127.05 -68.88 -24.58
C LYS F 2904 126.07 -69.02 -23.42
N LEU F 2905 124.87 -68.47 -23.56
CA LEU F 2905 123.87 -68.63 -22.51
C LEU F 2905 123.51 -70.10 -22.31
N ALA F 2906 123.33 -70.84 -23.41
CA ALA F 2906 123.04 -72.25 -23.29
C ALA F 2906 124.20 -73.00 -22.62
N ALA F 2907 125.42 -72.54 -22.85
CA ALA F 2907 126.57 -73.13 -22.17
C ALA F 2907 126.55 -72.84 -20.67
N LEU F 2908 126.12 -71.64 -20.29
CA LEU F 2908 126.15 -71.27 -18.87
C LEU F 2908 125.25 -72.16 -18.03
N VAL F 2909 124.06 -72.49 -18.54
CA VAL F 2909 123.06 -73.19 -17.76
C VAL F 2909 123.05 -74.68 -18.09
N ARG F 2910 124.16 -75.22 -18.61
CA ARG F 2910 124.14 -76.59 -19.12
C ARG F 2910 123.87 -77.60 -18.01
N HIS F 2911 124.47 -77.40 -16.83
CA HIS F 2911 124.16 -78.27 -15.71
C HIS F 2911 124.09 -77.48 -14.40
N ARG F 2912 123.86 -76.18 -14.46
CA ARG F 2912 123.91 -75.30 -13.30
C ARG F 2912 122.54 -74.71 -12.98
N ILE F 2913 121.48 -75.47 -13.24
CA ILE F 2913 120.14 -75.01 -12.87
C ILE F 2913 120.03 -74.86 -11.36
N SER F 2914 120.63 -75.79 -10.62
CA SER F 2914 120.60 -75.69 -9.16
C SER F 2914 121.32 -74.43 -8.67
N LEU F 2915 122.48 -74.12 -9.27
CA LEU F 2915 123.19 -72.91 -8.88
C LEU F 2915 122.35 -71.67 -9.13
N PHE F 2916 121.71 -71.59 -10.29
CA PHE F 2916 120.88 -70.43 -10.61
C PHE F 2916 119.70 -70.33 -9.66
N GLY F 2917 119.06 -71.45 -9.36
CA GLY F 2917 117.94 -71.44 -8.45
C GLY F 2917 116.72 -70.73 -8.98
N SER F 2918 116.38 -69.57 -8.40
CA SER F 2918 115.19 -68.86 -8.79
C SER F 2918 115.30 -68.22 -10.17
N ASP F 2919 116.52 -68.03 -10.68
CA ASP F 2919 116.73 -67.39 -11.97
C ASP F 2919 116.78 -68.37 -13.13
N SER F 2920 116.60 -69.66 -12.87
CA SER F 2920 116.58 -70.64 -13.95
C SER F 2920 115.43 -70.37 -14.91
N THR F 2921 114.27 -69.98 -14.38
CA THR F 2921 113.14 -69.66 -15.23
C THR F 2921 113.45 -68.48 -16.15
N THR F 2922 114.09 -67.44 -15.60
CA THR F 2922 114.45 -66.30 -16.43
C THR F 2922 115.48 -66.69 -17.48
N MET F 2923 116.45 -67.51 -17.11
CA MET F 2923 117.45 -67.97 -18.07
C MET F 2923 116.80 -68.75 -19.21
N VAL F 2924 115.85 -69.63 -18.86
CA VAL F 2924 115.19 -70.44 -19.88
C VAL F 2924 114.31 -69.57 -20.77
N SER F 2925 113.64 -68.57 -20.21
CA SER F 2925 112.84 -67.67 -21.03
C SER F 2925 113.72 -66.88 -21.99
N CYS F 2926 114.85 -66.39 -21.51
CA CYS F 2926 115.78 -65.69 -22.39
C CYS F 2926 116.29 -66.60 -23.50
N LEU F 2927 116.56 -67.87 -23.16
CA LEU F 2927 116.98 -68.82 -24.18
C LEU F 2927 115.88 -69.08 -25.20
N HIS F 2928 114.64 -69.18 -24.76
CA HIS F 2928 113.51 -69.28 -25.68
C HIS F 2928 113.53 -68.13 -26.67
N ILE F 2929 113.61 -66.91 -26.15
CA ILE F 2929 113.54 -65.73 -27.01
C ILE F 2929 114.70 -65.71 -27.99
N LEU F 2930 115.91 -66.00 -27.52
CA LEU F 2930 117.06 -66.01 -28.41
C LEU F 2930 116.96 -67.10 -29.47
N ALA F 2931 116.46 -68.28 -29.09
CA ALA F 2931 116.32 -69.36 -30.06
C ALA F 2931 115.31 -69.00 -31.13
N GLN F 2932 114.22 -68.33 -30.76
CA GLN F 2932 113.24 -67.92 -31.75
C GLN F 2932 113.72 -66.75 -32.61
N THR F 2933 114.85 -66.14 -32.27
CA THR F 2933 115.39 -64.99 -33.01
C THR F 2933 116.73 -65.35 -33.63
N LEU F 2934 116.89 -66.60 -34.04
CA LEU F 2934 118.13 -67.09 -34.62
C LEU F 2934 117.97 -67.21 -36.13
N ASP F 2935 118.92 -66.66 -36.87
CA ASP F 2935 118.99 -66.82 -38.32
C ASP F 2935 120.21 -67.69 -38.60
N THR F 2936 120.03 -69.01 -38.53
CA THR F 2936 121.14 -69.92 -38.73
C THR F 2936 121.68 -69.87 -40.15
N ARG F 2937 120.83 -69.53 -41.12
CA ARG F 2937 121.25 -69.53 -42.52
C ARG F 2937 122.36 -68.51 -42.76
N THR F 2938 122.13 -67.27 -42.35
CA THR F 2938 123.13 -66.23 -42.55
C THR F 2938 124.38 -66.50 -41.72
N VAL F 2939 124.20 -67.03 -40.50
CA VAL F 2939 125.35 -67.33 -39.65
C VAL F 2939 126.24 -68.37 -40.30
N MET F 2940 125.64 -69.44 -40.83
CA MET F 2940 126.42 -70.48 -41.47
C MET F 2940 127.06 -69.99 -42.77
N LYS F 2941 126.33 -69.17 -43.55
CA LYS F 2941 126.86 -68.69 -44.81
C LYS F 2941 128.07 -67.77 -44.58
N SER F 2942 127.92 -66.78 -43.71
CA SER F 2942 128.98 -65.79 -43.47
C SER F 2942 129.05 -65.54 -41.97
N GLY F 2943 129.89 -66.33 -41.29
CA GLY F 2943 130.07 -66.17 -39.86
C GLY F 2943 131.41 -66.70 -39.44
N SER F 2944 131.93 -66.15 -38.35
CA SER F 2944 133.24 -66.57 -37.86
C SER F 2944 133.19 -68.04 -37.44
N GLU F 2945 134.32 -68.72 -37.62
CA GLU F 2945 134.36 -70.16 -37.38
C GLU F 2945 134.01 -70.50 -35.94
N LEU F 2946 134.30 -69.59 -35.00
CA LEU F 2946 133.94 -69.84 -33.60
C LEU F 2946 132.44 -69.93 -33.43
N VAL F 2947 131.68 -69.05 -34.07
CA VAL F 2947 130.23 -69.06 -33.92
C VAL F 2947 129.64 -70.31 -34.54
N LYS F 2948 130.12 -70.70 -35.72
CA LYS F 2948 129.65 -71.93 -36.34
C LYS F 2948 129.99 -73.13 -35.48
N ALA F 2949 131.19 -73.15 -34.90
CA ALA F 2949 131.58 -74.26 -34.03
C ALA F 2949 130.65 -74.33 -32.82
N GLY F 2950 130.34 -73.19 -32.22
CA GLY F 2950 129.42 -73.20 -31.09
C GLY F 2950 128.03 -73.68 -31.46
N LEU F 2951 127.52 -73.23 -32.61
CA LEU F 2951 126.20 -73.65 -33.04
C LEU F 2951 126.16 -75.14 -33.32
N ARG F 2952 127.21 -75.68 -33.95
CA ARG F 2952 127.23 -77.11 -34.22
C ARG F 2952 127.47 -77.93 -32.96
N ALA F 2953 128.15 -77.35 -31.97
CA ALA F 2953 128.39 -78.06 -30.71
C ALA F 2953 127.22 -78.00 -29.76
N PHE F 2954 126.29 -77.07 -29.94
CA PHE F 2954 125.10 -77.05 -29.10
C PHE F 2954 124.30 -78.35 -29.27
N PHE F 2955 124.11 -78.78 -30.51
CA PHE F 2955 123.35 -80.00 -30.75
C PHE F 2955 124.11 -81.23 -30.26
N GLU F 2956 125.44 -81.23 -30.40
CA GLU F 2956 126.22 -82.33 -29.87
C GLU F 2956 126.10 -82.42 -28.35
N ASN F 2957 126.15 -81.26 -27.66
CA ASN F 2957 125.96 -81.27 -26.22
C ASN F 2957 124.58 -81.76 -25.84
N ALA F 2958 123.55 -81.33 -26.59
CA ALA F 2958 122.20 -81.80 -26.30
C ALA F 2958 122.08 -83.31 -26.50
N ALA F 2959 122.70 -83.84 -27.55
CA ALA F 2959 122.66 -85.28 -27.79
C ALA F 2959 123.38 -86.02 -26.66
N GLU F 2960 124.54 -85.52 -26.23
CA GLU F 2960 125.25 -86.15 -25.12
C GLU F 2960 124.41 -86.13 -23.85
N ASP F 2961 123.76 -85.01 -23.56
CA ASP F 2961 122.94 -84.92 -22.36
C ASP F 2961 121.76 -85.89 -22.42
N LEU F 2962 121.12 -85.98 -23.58
CA LEU F 2962 119.99 -86.90 -23.70
C LEU F 2962 120.44 -88.36 -23.56
N GLU F 2963 121.57 -88.71 -24.16
CA GLU F 2963 122.07 -90.08 -24.01
C GLU F 2963 122.44 -90.37 -22.56
N LYS F 2964 123.02 -89.38 -21.87
CA LYS F 2964 123.36 -89.56 -20.47
C LYS F 2964 122.11 -89.74 -19.62
N THR F 2965 121.05 -88.97 -19.91
CA THR F 2965 119.80 -89.13 -19.18
C THR F 2965 119.21 -90.52 -19.42
N SER F 2966 119.24 -90.99 -20.66
CA SER F 2966 118.74 -92.33 -20.95
C SER F 2966 119.54 -93.39 -20.19
N GLU F 2967 120.87 -93.24 -20.17
CA GLU F 2967 121.72 -94.17 -19.44
C GLU F 2967 121.40 -94.16 -17.94
N ASN F 2968 121.23 -92.96 -17.37
CA ASN F 2968 120.91 -92.86 -15.95
C ASN F 2968 119.57 -93.51 -15.65
N LEU F 2969 118.57 -93.30 -16.51
CA LEU F 2969 117.28 -93.92 -16.30
C LEU F 2969 117.38 -95.43 -16.35
N LYS F 2970 118.16 -95.96 -17.29
CA LYS F 2970 118.35 -97.41 -17.36
C LYS F 2970 119.04 -97.94 -16.11
N LEU F 2971 120.13 -97.29 -15.69
CA LEU F 2971 120.88 -97.77 -14.54
C LEU F 2971 120.07 -97.62 -13.25
N GLY F 2972 119.33 -96.52 -13.11
CA GLY F 2972 118.57 -96.25 -11.90
C GLY F 2972 117.56 -97.34 -11.56
N LYS F 2973 117.54 -97.75 -10.30
CA LYS F 2973 116.64 -98.80 -9.84
C LYS F 2973 115.97 -98.43 -8.53
N VAL F 2984 122.30 -87.64 -10.87
CA VAL F 2984 121.24 -88.36 -11.57
C VAL F 2984 119.96 -87.52 -11.60
N SER F 2985 119.45 -87.18 -10.42
CA SER F 2985 118.26 -86.34 -10.36
C SER F 2985 118.55 -84.95 -10.89
N GLN F 2986 119.77 -84.46 -10.70
CA GLN F 2986 120.14 -83.15 -11.25
C GLN F 2986 120.07 -83.15 -12.77
N ASN F 2987 120.58 -84.21 -13.40
CA ASN F 2987 120.56 -84.28 -14.85
C ASN F 2987 119.15 -84.37 -15.39
N ILE F 2988 118.29 -85.17 -14.76
CA ILE F 2988 116.91 -85.27 -15.22
C ILE F 2988 116.17 -83.96 -14.99
N ASN F 2989 116.47 -83.26 -13.90
CA ASN F 2989 115.87 -81.95 -13.68
C ASN F 2989 116.29 -80.97 -14.76
N TYR F 2990 117.57 -80.98 -15.13
CA TYR F 2990 118.04 -80.10 -16.20
C TYR F 2990 117.36 -80.45 -17.52
N THR F 2991 117.26 -81.74 -17.83
CA THR F 2991 116.60 -82.14 -19.06
C THR F 2991 115.14 -81.70 -19.09
N THR F 2992 114.43 -81.87 -17.98
CA THR F 2992 113.02 -81.50 -17.95
C THR F 2992 112.83 -80.00 -18.05
N VAL F 2993 113.68 -79.22 -17.36
CA VAL F 2993 113.46 -77.78 -17.22
C VAL F 2993 114.04 -77.01 -18.38
N ALA F 2994 115.30 -77.26 -18.73
CA ALA F 2994 116.02 -76.42 -19.68
C ALA F 2994 116.13 -77.04 -21.06
N LEU F 2995 116.62 -78.28 -21.16
CA LEU F 2995 117.03 -78.81 -22.45
C LEU F 2995 115.85 -79.02 -23.39
N LEU F 2996 114.80 -79.69 -22.92
CA LEU F 2996 113.69 -80.04 -23.81
C LEU F 2996 112.97 -78.81 -24.35
N PRO F 2997 112.58 -77.83 -23.53
CA PRO F 2997 111.93 -76.63 -24.10
C PRO F 2997 112.80 -75.89 -25.10
N ILE F 2998 114.11 -75.79 -24.85
CA ILE F 2998 114.98 -75.10 -25.78
C ILE F 2998 115.09 -75.86 -27.10
N LEU F 2999 115.22 -77.19 -27.02
CA LEU F 2999 115.24 -77.98 -28.25
C LEU F 2999 113.95 -77.82 -29.03
N THR F 3000 112.81 -77.84 -28.34
CA THR F 3000 111.54 -77.67 -29.01
C THR F 3000 111.47 -76.32 -29.70
N SER F 3001 111.90 -75.26 -29.02
CA SER F 3001 111.88 -73.93 -29.63
C SER F 3001 112.79 -73.87 -30.84
N ILE F 3002 113.99 -74.43 -30.74
CA ILE F 3002 114.93 -74.39 -31.85
C ILE F 3002 114.35 -75.12 -33.07
N PHE F 3003 113.78 -76.29 -32.85
CA PHE F 3003 113.30 -77.08 -33.97
C PHE F 3003 112.05 -76.46 -34.58
N GLU F 3004 111.14 -75.92 -33.76
CA GLU F 3004 110.01 -75.21 -34.31
C GLU F 3004 110.45 -73.99 -35.12
N HIS F 3005 111.45 -73.27 -34.63
CA HIS F 3005 111.94 -72.09 -35.33
C HIS F 3005 112.56 -72.45 -36.67
N VAL F 3006 113.39 -73.50 -36.69
CA VAL F 3006 114.02 -73.90 -37.95
C VAL F 3006 113.08 -74.66 -38.85
N ALA F 3007 111.91 -75.06 -38.36
CA ALA F 3007 110.93 -75.72 -39.21
C ALA F 3007 109.94 -74.74 -39.82
N GLN F 3008 109.54 -73.71 -39.07
CA GLN F 3008 108.61 -72.74 -39.63
C GLN F 3008 109.29 -71.76 -40.57
N HIS F 3009 110.55 -71.42 -40.33
CA HIS F 3009 111.31 -70.56 -41.21
C HIS F 3009 112.08 -71.33 -42.27
N GLN F 3010 112.06 -72.66 -42.22
CA GLN F 3010 112.65 -73.50 -43.26
C GLN F 3010 114.17 -73.34 -43.31
N PHE F 3011 114.80 -73.43 -42.15
CA PHE F 3011 116.26 -73.49 -42.05
C PHE F 3011 116.77 -74.92 -41.97
N GLY F 3012 115.87 -75.91 -41.97
CA GLY F 3012 116.30 -77.28 -41.78
C GLY F 3012 117.19 -77.77 -42.92
N VAL F 3013 116.84 -77.43 -44.15
CA VAL F 3013 117.60 -77.90 -45.31
C VAL F 3013 118.99 -77.28 -45.39
N ASP F 3014 119.28 -76.28 -44.57
CA ASP F 3014 120.59 -75.65 -44.53
C ASP F 3014 121.35 -75.88 -43.24
N LEU F 3015 120.65 -76.17 -42.15
CA LEU F 3015 121.28 -76.32 -40.83
C LEU F 3015 121.57 -77.76 -40.47
N LEU F 3016 120.57 -78.63 -40.55
CA LEU F 3016 120.71 -80.02 -40.11
C LEU F 3016 121.35 -80.86 -41.22
N LEU F 3017 122.63 -80.58 -41.44
CA LEU F 3017 123.43 -81.30 -42.43
C LEU F 3017 124.77 -81.70 -41.82
N GLY F 3018 125.22 -82.90 -42.16
CA GLY F 3018 126.50 -83.38 -41.70
C GLY F 3018 126.57 -83.65 -40.21
N ASP F 3019 127.45 -82.92 -39.50
CA ASP F 3019 127.61 -83.13 -38.08
C ASP F 3019 126.33 -82.82 -37.32
N VAL F 3020 125.64 -81.74 -37.69
CA VAL F 3020 124.38 -81.41 -37.06
C VAL F 3020 123.37 -82.52 -37.30
N GLN F 3021 123.40 -83.12 -38.50
CA GLN F 3021 122.46 -84.20 -38.80
C GLN F 3021 122.77 -85.45 -37.99
N ILE F 3022 124.04 -85.74 -37.76
CA ILE F 3022 124.40 -86.87 -36.91
C ILE F 3022 123.91 -86.62 -35.48
N SER F 3023 124.13 -85.42 -34.97
CA SER F 3023 123.67 -85.08 -33.63
C SER F 3023 122.15 -85.18 -33.55
N CYS F 3024 121.46 -84.78 -34.61
CA CYS F 3024 120.01 -84.90 -34.63
C CYS F 3024 119.57 -86.35 -34.68
N TYR F 3025 120.32 -87.21 -35.36
CA TYR F 3025 120.04 -88.64 -35.31
C TYR F 3025 120.12 -89.15 -33.88
N HIS F 3026 121.17 -88.78 -33.17
CA HIS F 3026 121.31 -89.23 -31.78
C HIS F 3026 120.19 -88.68 -30.92
N ILE F 3027 119.83 -87.42 -31.11
CA ILE F 3027 118.73 -86.82 -30.34
C ILE F 3027 117.44 -87.56 -30.62
N LEU F 3028 117.18 -87.87 -31.89
CA LEU F 3028 115.94 -88.55 -32.25
C LEU F 3028 115.87 -89.93 -31.62
N CYS F 3029 116.97 -90.69 -31.68
CA CYS F 3029 116.98 -92.01 -31.08
C CYS F 3029 116.75 -91.92 -29.57
N SER F 3030 117.42 -90.98 -28.90
CA SER F 3030 117.25 -90.86 -27.46
C SER F 3030 115.83 -90.45 -27.09
N LEU F 3031 115.26 -89.50 -27.83
CA LEU F 3031 113.91 -89.06 -27.53
C LEU F 3031 112.90 -90.18 -27.74
N TYR F 3032 113.05 -90.94 -28.83
CA TYR F 3032 112.12 -92.05 -29.05
C TYR F 3032 112.28 -93.11 -27.98
N SER F 3033 113.52 -93.38 -27.56
CA SER F 3033 113.74 -94.37 -26.51
C SER F 3033 113.10 -93.94 -25.20
N LEU F 3034 113.28 -92.68 -24.81
CA LEU F 3034 112.69 -92.20 -23.57
C LEU F 3034 111.18 -92.16 -23.63
N GLY F 3035 110.61 -91.72 -24.76
CA GLY F 3035 109.18 -91.52 -24.84
C GLY F 3035 108.39 -92.80 -24.70
N THR F 3036 108.86 -93.87 -25.32
CA THR F 3036 108.13 -95.13 -25.33
C THR F 3036 108.51 -96.07 -24.19
N GLY F 3037 109.43 -95.65 -23.31
CA GLY F 3037 109.80 -96.47 -22.19
C GLY F 3037 108.77 -96.44 -21.07
N LYS F 3038 108.96 -97.33 -20.10
CA LYS F 3038 108.07 -97.46 -18.95
C LYS F 3038 108.87 -97.08 -17.70
N ASN F 3039 108.81 -95.81 -17.32
CA ASN F 3039 109.54 -95.31 -16.16
C ASN F 3039 108.72 -94.21 -15.51
N ILE F 3040 109.06 -93.89 -14.27
CA ILE F 3040 108.40 -92.80 -13.56
C ILE F 3040 108.66 -91.47 -14.27
N TYR F 3041 109.93 -91.22 -14.60
CA TYR F 3041 110.26 -90.00 -15.33
C TYR F 3041 109.56 -89.97 -16.68
N VAL F 3042 109.55 -91.09 -17.39
CA VAL F 3042 108.85 -91.16 -18.68
C VAL F 3042 107.36 -90.91 -18.48
N GLU F 3043 106.77 -91.52 -17.45
CA GLU F 3043 105.35 -91.31 -17.18
C GLU F 3043 105.04 -89.84 -16.95
N ARG F 3044 105.96 -89.13 -16.29
CA ARG F 3044 105.72 -87.71 -16.03
C ARG F 3044 105.97 -86.84 -17.26
N GLN F 3045 106.95 -87.21 -18.09
CA GLN F 3045 107.43 -86.32 -19.14
C GLN F 3045 107.09 -86.80 -20.55
N ARG F 3046 106.14 -87.72 -20.69
CA ARG F 3046 105.70 -88.12 -22.02
C ARG F 3046 105.22 -86.97 -22.89
N PRO F 3047 104.42 -86.02 -22.40
CA PRO F 3047 104.01 -84.90 -23.27
C PRO F 3047 105.19 -84.09 -23.81
N ALA F 3048 106.15 -83.75 -22.96
CA ALA F 3048 107.29 -82.97 -23.42
C ALA F 3048 108.12 -83.74 -24.43
N LEU F 3049 108.36 -85.03 -24.19
CA LEU F 3049 109.11 -85.84 -25.13
C LEU F 3049 108.37 -85.95 -26.45
N GLY F 3050 107.07 -86.13 -26.42
CA GLY F 3050 106.30 -86.19 -27.65
C GLY F 3050 106.36 -84.89 -28.43
N GLU F 3051 106.24 -83.76 -27.74
CA GLU F 3051 106.31 -82.47 -28.41
C GLU F 3051 107.68 -82.23 -29.02
N CYS F 3052 108.75 -82.54 -28.28
CA CYS F 3052 110.09 -82.35 -28.82
C CYS F 3052 110.34 -83.26 -30.02
N LEU F 3053 109.88 -84.50 -29.95
CA LEU F 3053 110.03 -85.43 -31.06
C LEU F 3053 109.25 -84.95 -32.28
N ALA F 3054 108.04 -84.42 -32.06
CA ALA F 3054 107.25 -83.90 -33.16
C ALA F 3054 107.96 -82.72 -33.81
N SER F 3055 108.53 -81.83 -33.01
CA SER F 3055 109.27 -80.70 -33.57
C SER F 3055 110.47 -81.18 -34.36
N LEU F 3056 111.18 -82.18 -33.86
CA LEU F 3056 112.35 -82.69 -34.57
C LEU F 3056 111.97 -83.32 -35.89
N ALA F 3057 110.84 -84.03 -35.93
CA ALA F 3057 110.43 -84.70 -37.17
C ALA F 3057 110.01 -83.71 -38.24
N ALA F 3058 109.61 -82.50 -37.87
CA ALA F 3058 109.17 -81.50 -38.83
C ALA F 3058 110.30 -80.63 -39.36
N ALA F 3059 111.52 -80.89 -38.97
CA ALA F 3059 112.65 -80.09 -39.43
C ALA F 3059 113.77 -80.90 -40.03
N ILE F 3060 114.06 -82.08 -39.48
CA ILE F 3060 115.20 -82.87 -39.97
C ILE F 3060 114.91 -83.33 -41.39
N PRO F 3061 115.83 -83.13 -42.33
CA PRO F 3061 115.51 -83.38 -43.75
C PRO F 3061 115.77 -84.81 -44.20
N VAL F 3062 115.86 -85.77 -43.28
CA VAL F 3062 116.10 -87.16 -43.63
C VAL F 3062 114.90 -87.99 -43.18
N ALA F 3063 114.36 -88.80 -44.09
CA ALA F 3063 113.24 -89.66 -43.79
C ALA F 3063 113.76 -90.81 -42.93
N PHE F 3064 113.63 -90.66 -41.61
CA PHE F 3064 114.15 -91.66 -40.68
C PHE F 3064 113.23 -92.85 -40.51
N LEU F 3065 112.04 -92.82 -41.11
CA LEU F 3065 111.14 -93.97 -41.09
C LEU F 3065 111.13 -94.73 -42.42
N GLU F 3066 111.82 -94.23 -43.44
CA GLU F 3066 111.88 -94.86 -44.75
C GLU F 3066 113.33 -94.92 -45.19
N PRO F 3067 114.16 -95.71 -44.49
CA PRO F 3067 115.57 -95.80 -44.88
C PRO F 3067 115.80 -96.51 -46.20
N THR F 3068 114.87 -97.36 -46.62
CA THR F 3068 115.07 -98.14 -47.84
C THR F 3068 115.20 -97.27 -49.08
N LEU F 3069 114.66 -96.05 -49.05
CA LEU F 3069 114.78 -95.11 -50.15
C LEU F 3069 115.81 -94.02 -49.88
N ASN F 3070 116.62 -94.17 -48.83
CA ASN F 3070 117.56 -93.11 -48.47
C ASN F 3070 118.56 -92.81 -49.56
N ARG F 3071 118.79 -93.75 -50.49
CA ARG F 3071 119.70 -93.50 -51.59
C ARG F 3071 119.22 -92.39 -52.52
N TYR F 3072 117.93 -92.03 -52.45
CA TYR F 3072 117.37 -90.99 -53.29
C TYR F 3072 117.31 -89.64 -52.60
N ASN F 3073 117.91 -89.51 -51.41
CA ASN F 3073 117.85 -88.27 -50.66
C ASN F 3073 119.21 -87.58 -50.69
N PRO F 3074 119.38 -86.52 -51.49
CA PRO F 3074 120.71 -85.90 -51.60
C PRO F 3074 121.17 -85.19 -50.33
N LEU F 3075 120.28 -84.92 -49.39
CA LEU F 3075 120.62 -84.16 -48.19
C LEU F 3075 121.12 -85.04 -47.06
N SER F 3076 121.09 -86.35 -47.21
CA SER F 3076 121.58 -87.23 -46.16
C SER F 3076 123.09 -87.29 -46.17
N VAL F 3077 123.67 -87.53 -44.99
CA VAL F 3077 125.13 -87.65 -44.89
C VAL F 3077 125.62 -88.86 -45.68
N PHE F 3078 124.84 -89.93 -45.72
CA PHE F 3078 125.25 -91.12 -46.45
C PHE F 3078 125.42 -90.84 -47.94
N ASN F 3079 124.70 -89.87 -48.47
CA ASN F 3079 124.80 -89.50 -49.88
C ASN F 3079 125.56 -88.21 -50.10
N THR F 3080 126.06 -87.57 -49.05
CA THR F 3080 126.78 -86.31 -49.19
C THR F 3080 128.19 -86.37 -48.60
N LYS F 3081 128.61 -87.50 -48.04
CA LYS F 3081 129.94 -87.63 -47.48
C LYS F 3081 130.57 -88.92 -47.98
N THR F 3082 131.89 -88.89 -48.14
CA THR F 3082 132.60 -90.08 -48.58
C THR F 3082 132.54 -91.16 -47.50
N PRO F 3083 132.57 -92.44 -47.89
CA PRO F 3083 132.50 -93.50 -46.87
C PRO F 3083 133.62 -93.44 -45.85
N ARG F 3084 134.83 -93.03 -46.27
CA ARG F 3084 135.92 -92.90 -45.32
C ARG F 3084 135.62 -91.84 -44.28
N GLU F 3085 135.09 -90.69 -44.71
CA GLU F 3085 134.74 -89.63 -43.76
C GLU F 3085 133.66 -90.11 -42.80
N ARG F 3086 132.64 -90.79 -43.32
CA ARG F 3086 131.57 -91.28 -42.45
C ARG F 3086 132.08 -92.29 -41.44
N SER F 3087 133.00 -93.16 -41.87
CA SER F 3087 133.61 -94.10 -40.94
C SER F 3087 134.47 -93.39 -39.90
N ILE F 3088 135.10 -92.28 -40.29
CA ILE F 3088 135.89 -91.49 -39.33
C ILE F 3088 134.99 -90.97 -38.21
N LEU F 3089 133.75 -90.59 -38.55
CA LEU F 3089 132.82 -90.05 -37.58
C LEU F 3089 132.19 -91.13 -36.71
N GLY F 3090 132.56 -92.39 -36.89
CA GLY F 3090 132.04 -93.46 -36.06
C GLY F 3090 130.57 -93.74 -36.20
N MET F 3091 130.05 -93.72 -37.42
CA MET F 3091 128.66 -94.07 -37.69
C MET F 3091 128.58 -95.40 -38.42
N PRO F 3092 127.45 -96.10 -38.30
CA PRO F 3092 127.33 -97.39 -38.99
C PRO F 3092 127.37 -97.21 -40.50
N ASP F 3093 127.87 -98.24 -41.18
CA ASP F 3093 128.05 -98.19 -42.62
C ASP F 3093 126.73 -98.20 -43.39
N THR F 3094 125.62 -98.49 -42.73
CA THR F 3094 124.31 -98.54 -43.38
C THR F 3094 123.32 -97.66 -42.63
N VAL F 3095 122.44 -97.01 -43.39
CA VAL F 3095 121.41 -96.17 -42.78
C VAL F 3095 120.43 -96.99 -41.96
N GLU F 3096 120.34 -98.29 -42.22
CA GLU F 3096 119.41 -99.13 -41.47
C GLU F 3096 119.73 -99.15 -39.99
N GLU F 3097 121.00 -98.98 -39.63
CA GLU F 3097 121.42 -99.07 -38.24
C GLU F 3097 121.46 -97.73 -37.52
N MET F 3098 121.20 -96.61 -38.22
CA MET F 3098 121.24 -95.32 -37.56
C MET F 3098 120.15 -95.20 -36.50
N CYS F 3099 118.95 -95.70 -36.79
CA CYS F 3099 117.83 -95.67 -35.85
C CYS F 3099 117.29 -97.10 -35.75
N PRO F 3100 118.01 -97.99 -35.07
CA PRO F 3100 117.56 -99.39 -35.04
C PRO F 3100 116.24 -99.59 -34.33
N ASP F 3101 115.98 -98.86 -33.24
CA ASP F 3101 114.77 -99.11 -32.47
C ASP F 3101 113.53 -98.52 -33.13
N ILE F 3102 113.67 -97.39 -33.83
CA ILE F 3102 112.53 -96.73 -34.44
C ILE F 3102 111.99 -97.60 -35.57
N PRO F 3103 110.72 -98.00 -35.52
CA PRO F 3103 110.17 -98.85 -36.58
C PRO F 3103 110.07 -98.08 -37.90
N GLN F 3104 109.78 -98.83 -38.95
CA GLN F 3104 109.53 -98.22 -40.25
C GLN F 3104 108.15 -97.59 -40.26
N LEU F 3105 107.87 -96.83 -41.33
CA LEU F 3105 106.59 -96.16 -41.45
C LEU F 3105 105.44 -97.15 -41.49
N GLU F 3106 105.60 -98.23 -42.26
CA GLU F 3106 104.53 -99.22 -42.38
C GLU F 3106 104.24 -99.88 -41.04
N GLY F 3107 105.28 -100.20 -40.27
CA GLY F 3107 105.06 -100.80 -38.97
C GLY F 3107 104.30 -99.89 -38.04
N LEU F 3108 104.66 -98.62 -37.98
CA LEU F 3108 103.96 -97.68 -37.11
C LEU F 3108 102.50 -97.54 -37.55
N MET F 3109 102.26 -97.42 -38.85
CA MET F 3109 100.89 -97.25 -39.31
C MET F 3109 100.05 -98.49 -39.01
N LYS F 3110 100.63 -99.69 -39.19
CA LYS F 3110 99.91 -100.91 -38.88
C LYS F 3110 99.60 -101.02 -37.39
N GLU F 3111 100.56 -100.65 -36.54
CA GLU F 3111 100.33 -100.69 -35.10
C GLU F 3111 99.22 -99.73 -34.70
N ILE F 3112 99.25 -98.51 -35.25
CA ILE F 3112 98.21 -97.54 -34.92
C ILE F 3112 96.85 -98.02 -35.39
N SER F 3113 96.79 -98.60 -36.59
CA SER F 3113 95.52 -99.11 -37.11
C SER F 3113 94.98 -100.23 -36.23
N ASP F 3114 95.85 -101.15 -35.81
CA ASP F 3114 95.41 -102.25 -34.95
C ASP F 3114 94.88 -101.71 -33.62
N LEU F 3115 95.59 -100.76 -33.02
CA LEU F 3115 95.12 -100.20 -31.76
C LEU F 3115 93.79 -99.49 -31.93
N ALA F 3116 93.62 -98.73 -33.02
CA ALA F 3116 92.37 -98.01 -33.21
C ALA F 3116 91.20 -98.96 -33.46
N GLU F 3117 91.41 -99.98 -34.29
CA GLU F 3117 90.31 -100.89 -34.61
C GLU F 3117 89.97 -101.80 -33.45
N SER F 3118 90.94 -102.19 -32.64
CA SER F 3118 90.65 -103.06 -31.50
C SER F 3118 89.72 -102.39 -30.51
N GLY F 3119 89.95 -101.12 -30.23
CA GLY F 3119 89.16 -100.39 -29.27
C GLY F 3119 89.87 -100.03 -27.97
N ALA F 3120 91.20 -100.08 -27.95
CA ALA F 3120 91.94 -99.81 -26.73
C ALA F 3120 91.79 -98.36 -26.30
N ARG F 3121 91.92 -98.13 -25.00
CA ARG F 3121 91.82 -96.81 -24.42
C ARG F 3121 93.22 -96.27 -24.12
N TYR F 3122 93.27 -95.03 -23.61
CA TYR F 3122 94.54 -94.35 -23.44
C TYR F 3122 95.46 -95.10 -22.47
N THR F 3123 94.88 -95.81 -21.50
CA THR F 3123 95.71 -96.57 -20.57
C THR F 3123 96.50 -97.66 -21.28
N GLU F 3124 95.87 -98.32 -22.26
CA GLU F 3124 96.54 -99.41 -22.95
C GLU F 3124 97.65 -98.93 -23.87
N MET F 3125 97.49 -97.75 -24.47
CA MET F 3125 98.46 -97.20 -25.41
C MET F 3125 98.77 -95.75 -25.05
N PRO F 3126 99.39 -95.53 -23.89
CA PRO F 3126 99.71 -94.15 -23.50
C PRO F 3126 100.86 -93.55 -24.28
N HIS F 3127 101.67 -94.37 -24.96
CA HIS F 3127 102.77 -93.86 -25.74
C HIS F 3127 102.48 -93.79 -27.23
N VAL F 3128 101.46 -94.52 -27.71
CA VAL F 3128 101.02 -94.39 -29.09
C VAL F 3128 100.16 -93.16 -29.30
N ILE F 3129 99.84 -92.44 -28.24
CA ILE F 3129 99.01 -91.24 -28.33
C ILE F 3129 99.77 -89.97 -27.99
N GLU F 3130 100.87 -90.05 -27.24
CA GLU F 3130 101.59 -88.86 -26.82
C GLU F 3130 103.00 -88.76 -27.40
N VAL F 3131 103.50 -89.81 -28.06
CA VAL F 3131 104.83 -89.76 -28.64
C VAL F 3131 104.78 -90.15 -30.11
N ILE F 3132 104.24 -91.33 -30.41
CA ILE F 3132 104.27 -91.83 -31.78
C ILE F 3132 103.36 -91.01 -32.69
N LEU F 3133 102.17 -90.67 -32.19
CA LEU F 3133 101.19 -90.01 -33.07
C LEU F 3133 101.63 -88.62 -33.52
N PRO F 3134 102.08 -87.72 -32.62
CA PRO F 3134 102.54 -86.41 -33.10
C PRO F 3134 103.71 -86.50 -34.06
N MET F 3135 104.66 -87.37 -33.78
CA MET F 3135 105.78 -87.55 -34.68
C MET F 3135 105.31 -88.02 -36.05
N LEU F 3136 104.37 -88.98 -36.08
CA LEU F 3136 103.88 -89.48 -37.34
C LEU F 3136 103.13 -88.40 -38.12
N CYS F 3137 102.32 -87.61 -37.42
CA CYS F 3137 101.59 -86.53 -38.08
C CYS F 3137 102.54 -85.52 -38.72
N ASN F 3138 103.53 -85.05 -37.95
CA ASN F 3138 104.47 -84.08 -38.49
C ASN F 3138 105.30 -84.69 -39.62
N TYR F 3139 105.71 -85.95 -39.48
CA TYR F 3139 106.50 -86.61 -40.50
C TYR F 3139 105.73 -86.72 -41.80
N LEU F 3140 104.47 -87.16 -41.72
CA LEU F 3140 103.64 -87.27 -42.91
C LEU F 3140 103.40 -85.91 -43.56
N SER F 3141 103.11 -84.89 -42.75
CA SER F 3141 102.88 -83.57 -43.31
C SER F 3141 104.14 -83.04 -44.00
N TYR F 3142 105.30 -83.26 -43.40
CA TYR F 3142 106.55 -82.76 -43.98
C TYR F 3142 106.91 -83.50 -45.26
N TRP F 3143 106.71 -84.81 -45.29
CA TRP F 3143 107.17 -85.61 -46.42
C TRP F 3143 106.11 -85.79 -47.50
N TRP F 3144 104.88 -85.36 -47.28
CA TRP F 3144 103.90 -85.38 -48.35
C TRP F 3144 104.31 -84.43 -49.46
N GLU F 3145 104.84 -83.26 -49.10
CA GLU F 3145 105.27 -82.26 -50.07
C GLU F 3145 106.53 -82.67 -50.81
N ARG F 3146 107.19 -83.74 -50.38
CA ARG F 3146 108.35 -84.28 -51.08
C ARG F 3146 108.08 -85.70 -51.59
N GLY F 3147 106.82 -86.05 -51.79
CA GLY F 3147 106.45 -87.37 -52.22
C GLY F 3147 105.89 -87.38 -53.62
N PRO F 3148 105.28 -88.51 -53.99
CA PRO F 3148 104.74 -88.63 -55.36
C PRO F 3148 103.70 -87.58 -55.71
N GLU F 3149 102.84 -87.20 -54.76
CA GLU F 3149 101.71 -86.36 -55.10
C GLU F 3149 102.13 -84.93 -55.40
N HIS F 3150 102.99 -84.36 -54.57
CA HIS F 3150 103.36 -82.96 -54.72
C HIS F 3150 104.53 -82.75 -55.66
N LEU F 3151 105.09 -83.80 -56.24
CA LEU F 3151 106.17 -83.69 -57.20
C LEU F 3151 105.81 -84.46 -58.47
N PRO F 3152 104.85 -83.94 -59.25
CA PRO F 3152 104.49 -84.59 -60.52
C PRO F 3152 105.66 -84.61 -61.48
N PRO F 3153 106.26 -83.46 -61.80
CA PRO F 3153 107.37 -83.48 -62.77
C PRO F 3153 108.57 -84.28 -62.32
N SER F 3154 108.76 -84.48 -61.02
CA SER F 3154 109.91 -85.23 -60.53
C SER F 3154 109.72 -86.71 -60.83
N THR F 3155 109.83 -87.10 -62.09
CA THR F 3155 109.57 -88.49 -62.48
C THR F 3155 110.52 -89.46 -61.79
N GLY F 3156 111.71 -89.00 -61.43
CA GLY F 3156 112.67 -89.84 -60.74
C GLY F 3156 112.15 -90.30 -59.40
N PRO F 3157 112.66 -91.43 -58.92
CA PRO F 3157 112.18 -91.95 -57.64
C PRO F 3157 112.41 -90.97 -56.51
N TRP F 3158 111.51 -90.95 -55.55
CA TRP F 3158 111.55 -90.02 -54.44
C TRP F 3158 112.10 -90.69 -53.19
N CYS F 3159 112.61 -89.87 -52.29
CA CYS F 3159 113.13 -90.35 -51.01
C CYS F 3159 112.03 -90.74 -50.04
N THR F 3160 110.77 -90.72 -50.45
CA THR F 3160 109.64 -91.07 -49.61
C THR F 3160 108.57 -91.72 -50.45
N LYS F 3161 107.64 -92.39 -49.79
CA LYS F 3161 106.51 -93.04 -50.45
C LYS F 3161 105.18 -92.58 -49.84
N VAL F 3162 105.14 -91.35 -49.35
CA VAL F 3162 103.98 -90.83 -48.64
C VAL F 3162 103.06 -90.15 -49.64
N THR F 3163 101.78 -90.54 -49.61
CA THR F 3163 100.74 -89.92 -50.41
C THR F 3163 99.62 -89.48 -49.47
N SER F 3164 98.59 -88.87 -50.05
CA SER F 3164 97.47 -88.41 -49.23
C SER F 3164 96.70 -89.58 -48.62
N GLU F 3165 96.88 -90.79 -49.13
CA GLU F 3165 96.22 -91.94 -48.51
C GLU F 3165 96.69 -92.15 -47.09
N HIS F 3166 98.00 -91.99 -46.84
CA HIS F 3166 98.51 -92.15 -45.48
C HIS F 3166 97.94 -91.10 -44.54
N LEU F 3167 97.87 -89.85 -44.99
CA LEU F 3167 97.31 -88.79 -44.16
C LEU F 3167 95.83 -89.07 -43.88
N SER F 3168 95.08 -89.50 -44.88
CA SER F 3168 93.67 -89.79 -44.68
C SER F 3168 93.48 -90.94 -43.69
N VAL F 3169 94.24 -92.02 -43.83
CA VAL F 3169 94.08 -93.16 -42.95
C VAL F 3169 94.50 -92.82 -41.54
N ILE F 3170 95.56 -92.01 -41.38
CA ILE F 3170 95.99 -91.61 -40.04
C ILE F 3170 94.94 -90.73 -39.39
N LEU F 3171 94.35 -89.81 -40.16
CA LEU F 3171 93.28 -88.98 -39.60
C LEU F 3171 92.08 -89.83 -39.19
N GLY F 3172 91.74 -90.82 -40.01
CA GLY F 3172 90.65 -91.72 -39.64
C GLY F 3172 90.95 -92.49 -38.37
N ASN F 3173 92.20 -92.94 -38.21
CA ASN F 3173 92.57 -93.65 -37.00
C ASN F 3173 92.52 -92.72 -35.78
N ILE F 3174 92.93 -91.46 -35.95
CA ILE F 3174 92.82 -90.50 -34.84
C ILE F 3174 91.37 -90.33 -34.44
N LEU F 3175 90.47 -90.19 -35.42
CA LEU F 3175 89.06 -90.03 -35.10
C LEU F 3175 88.50 -91.28 -34.43
N LYS F 3176 88.89 -92.46 -34.89
CA LYS F 3176 88.44 -93.69 -34.25
C LYS F 3176 88.93 -93.78 -32.81
N ILE F 3177 90.18 -93.38 -32.57
CA ILE F 3177 90.72 -93.39 -31.22
C ILE F 3177 89.94 -92.43 -30.33
N ILE F 3178 89.64 -91.24 -30.83
CA ILE F 3178 88.83 -90.30 -30.05
C ILE F 3178 87.46 -90.89 -29.78
N ASN F 3179 86.90 -91.61 -30.74
CA ASN F 3179 85.59 -92.22 -30.56
C ASN F 3179 85.62 -93.29 -29.47
N ASN F 3180 86.66 -94.12 -29.46
CA ASN F 3180 86.74 -95.19 -28.46
C ASN F 3180 86.82 -94.62 -27.05
N ASN F 3181 87.60 -93.55 -26.86
CA ASN F 3181 87.79 -92.93 -25.55
C ASN F 3181 86.76 -91.86 -25.27
N LEU F 3182 85.57 -91.98 -25.85
CA LEU F 3182 84.53 -90.98 -25.66
C LEU F 3182 83.82 -91.22 -24.33
N GLY F 3183 83.73 -90.17 -23.51
CA GLY F 3183 83.05 -90.28 -22.24
C GLY F 3183 83.89 -90.78 -21.09
N ILE F 3184 85.19 -90.96 -21.29
CA ILE F 3184 86.05 -91.40 -20.20
C ILE F 3184 86.05 -90.34 -19.11
N ASP F 3185 86.23 -90.79 -17.85
CA ASP F 3185 86.11 -89.89 -16.72
C ASP F 3185 87.16 -88.78 -16.75
N GLU F 3186 88.41 -89.14 -17.08
CA GLU F 3186 89.51 -88.17 -17.09
C GLU F 3186 90.46 -88.51 -18.22
N ALA F 3187 90.57 -87.63 -19.20
CA ALA F 3187 91.49 -87.82 -20.33
C ALA F 3187 91.87 -86.44 -20.85
N SER F 3188 93.03 -85.95 -20.43
CA SER F 3188 93.52 -84.64 -20.81
C SER F 3188 94.37 -84.66 -22.07
N TRP F 3189 94.54 -85.83 -22.69
CA TRP F 3189 95.33 -85.94 -23.91
C TRP F 3189 94.57 -85.49 -25.15
N MET F 3190 93.24 -85.35 -25.06
CA MET F 3190 92.46 -85.00 -26.24
C MET F 3190 92.81 -83.61 -26.76
N LYS F 3191 93.01 -82.66 -25.85
CA LYS F 3191 93.30 -81.29 -26.27
C LYS F 3191 94.65 -81.15 -26.96
N ARG F 3192 95.51 -82.17 -26.89
CA ARG F 3192 96.75 -82.16 -27.66
C ARG F 3192 96.59 -82.91 -28.97
N ILE F 3193 95.84 -84.01 -28.96
CA ILE F 3193 95.60 -84.77 -30.19
C ILE F 3193 94.80 -83.95 -31.17
N ALA F 3194 93.97 -83.02 -30.68
CA ALA F 3194 93.26 -82.13 -31.58
C ALA F 3194 94.15 -81.05 -32.18
N VAL F 3195 95.38 -80.91 -31.68
CA VAL F 3195 96.29 -79.87 -32.16
C VAL F 3195 97.36 -80.49 -33.04
N TYR F 3196 97.68 -81.75 -32.79
CA TYR F 3196 98.70 -82.43 -33.59
C TYR F 3196 98.14 -83.05 -34.86
N ALA F 3197 96.82 -83.04 -35.06
CA ALA F 3197 96.23 -83.54 -36.28
C ALA F 3197 95.95 -82.45 -37.30
N GLN F 3198 96.14 -81.18 -36.93
CA GLN F 3198 95.87 -80.09 -37.86
C GLN F 3198 96.68 -80.16 -39.15
N PRO F 3199 97.97 -80.47 -39.15
CA PRO F 3199 98.71 -80.49 -40.42
C PRO F 3199 98.16 -81.46 -41.45
N ILE F 3200 97.52 -82.55 -41.03
CA ILE F 3200 97.10 -83.59 -41.98
C ILE F 3200 95.61 -83.55 -42.27
N ILE F 3201 94.85 -82.63 -41.69
CA ILE F 3201 93.43 -82.55 -42.02
C ILE F 3201 93.25 -82.03 -43.44
N SER F 3202 94.24 -81.31 -43.97
CA SER F 3202 94.09 -80.70 -45.28
C SER F 3202 94.03 -81.72 -46.40
N LYS F 3203 94.64 -82.89 -46.21
CA LYS F 3203 94.69 -83.93 -47.23
C LYS F 3203 93.67 -85.04 -46.97
N ALA F 3204 92.75 -84.85 -46.04
CA ALA F 3204 91.76 -85.87 -45.77
C ALA F 3204 90.87 -86.10 -46.98
N ARG F 3205 90.53 -87.35 -47.22
CA ARG F 3205 89.71 -87.72 -48.37
C ARG F 3205 88.24 -87.63 -48.04
N PRO F 3206 87.38 -87.52 -49.06
CA PRO F 3206 85.94 -87.36 -48.80
C PRO F 3206 85.32 -88.52 -48.04
N ASP F 3207 85.81 -89.74 -48.21
CA ASP F 3207 85.16 -90.89 -47.60
C ASP F 3207 85.21 -90.87 -46.09
N LEU F 3208 86.03 -90.00 -45.49
CA LEU F 3208 86.02 -89.83 -44.05
C LEU F 3208 84.69 -89.29 -43.53
N LEU F 3209 83.88 -88.68 -44.39
CA LEU F 3209 82.64 -88.08 -43.91
C LEU F 3209 81.66 -89.14 -43.44
N LYS F 3210 81.41 -90.16 -44.25
CA LYS F 3210 80.43 -91.18 -43.89
C LYS F 3210 80.98 -92.17 -42.87
N SER F 3211 82.27 -92.46 -42.91
CA SER F 3211 82.80 -93.52 -42.07
C SER F 3211 83.28 -93.04 -40.71
N HIS F 3212 83.78 -91.83 -40.59
CA HIS F 3212 84.39 -91.47 -39.32
C HIS F 3212 83.83 -90.21 -38.68
N PHE F 3213 83.45 -89.20 -39.46
CA PHE F 3213 82.98 -87.96 -38.87
C PHE F 3213 81.53 -88.06 -38.43
N ILE F 3214 80.66 -88.55 -39.30
CA ILE F 3214 79.24 -88.65 -38.97
C ILE F 3214 79.00 -89.59 -37.77
N PRO F 3215 79.59 -90.78 -37.71
CA PRO F 3215 79.36 -91.62 -36.52
C PRO F 3215 79.80 -90.99 -35.21
N THR F 3216 80.97 -90.35 -35.19
CA THR F 3216 81.44 -89.72 -33.96
C THR F 3216 80.54 -88.56 -33.56
N LEU F 3217 80.14 -87.74 -34.53
CA LEU F 3217 79.26 -86.62 -34.20
C LEU F 3217 77.89 -87.13 -33.77
N GLU F 3218 77.45 -88.27 -34.30
CA GLU F 3218 76.19 -88.85 -33.87
C GLU F 3218 76.27 -89.33 -32.43
N LYS F 3219 77.39 -89.95 -32.05
CA LYS F 3219 77.57 -90.34 -30.65
C LYS F 3219 77.57 -89.12 -29.74
N LEU F 3220 78.28 -88.06 -30.14
CA LEU F 3220 78.28 -86.84 -29.34
C LEU F 3220 76.89 -86.24 -29.23
N LYS F 3221 76.13 -86.24 -30.32
CA LYS F 3221 74.79 -85.68 -30.29
C LYS F 3221 73.86 -86.49 -29.39
N LYS F 3222 73.97 -87.82 -29.44
CA LYS F 3222 73.17 -88.64 -28.55
C LYS F 3222 73.50 -88.36 -27.09
N LYS F 3223 74.79 -88.24 -26.77
CA LYS F 3223 75.18 -87.90 -25.41
C LYS F 3223 74.61 -86.56 -24.99
N ALA F 3224 74.67 -85.56 -25.88
CA ALA F 3224 74.19 -84.23 -25.54
C ALA F 3224 72.69 -84.24 -25.30
N VAL F 3225 71.93 -84.91 -26.16
CA VAL F 3225 70.48 -84.94 -25.98
C VAL F 3225 70.12 -85.67 -24.69
N LYS F 3226 70.80 -86.78 -24.41
CA LYS F 3226 70.53 -87.51 -23.17
C LYS F 3226 70.81 -86.64 -21.95
N THR F 3227 71.94 -85.95 -21.93
CA THR F 3227 72.27 -85.12 -20.79
C THR F 3227 71.29 -83.96 -20.63
N VAL F 3228 70.88 -83.35 -21.73
CA VAL F 3228 69.97 -82.21 -21.62
C VAL F 3228 68.59 -82.67 -21.16
N GLN F 3229 68.14 -83.84 -21.64
CA GLN F 3229 66.88 -84.38 -21.14
C GLN F 3229 66.96 -84.66 -19.66
N GLU F 3230 68.07 -85.25 -19.20
CA GLU F 3230 68.22 -85.51 -17.77
C GLU F 3230 68.20 -84.21 -16.97
N GLU F 3231 68.88 -83.17 -17.46
CA GLU F 3231 68.87 -81.89 -16.76
C GLU F 3231 67.47 -81.29 -16.70
N GLU F 3232 66.73 -81.35 -17.81
CA GLU F 3232 65.38 -80.80 -17.81
C GLU F 3232 64.47 -81.56 -16.86
N GLN F 3233 64.55 -82.89 -16.86
CA GLN F 3233 63.73 -83.68 -15.95
C GLN F 3233 64.11 -83.42 -14.50
N LEU F 3234 65.40 -83.23 -14.22
CA LEU F 3234 65.81 -82.89 -12.87
C LEU F 3234 65.26 -81.54 -12.44
N LYS F 3235 65.31 -80.54 -13.34
CA LYS F 3235 64.79 -79.23 -12.99
C LYS F 3235 63.28 -79.26 -12.80
N ALA F 3236 62.58 -80.07 -13.59
CA ALA F 3236 61.13 -80.16 -13.46
C ALA F 3236 60.72 -80.69 -12.09
N ASP F 3237 61.41 -81.72 -11.61
CA ASP F 3237 61.09 -82.34 -10.33
C ASP F 3237 61.87 -81.66 -9.22
N THR F 3238 61.15 -81.04 -8.29
CA THR F 3238 61.75 -80.33 -7.17
C THR F 3238 61.89 -81.21 -5.93
N LYS F 3239 61.54 -82.49 -6.01
CA LYS F 3239 61.65 -83.39 -4.88
C LYS F 3239 63.01 -84.09 -4.86
N GLY F 3240 63.42 -84.49 -3.66
CA GLY F 3240 64.70 -85.16 -3.49
C GLY F 3240 65.86 -84.18 -3.41
N ASP F 3241 67.05 -84.75 -3.38
CA ASP F 3241 68.29 -83.97 -3.31
C ASP F 3241 68.71 -83.60 -4.73
N THR F 3242 68.46 -82.36 -5.11
CA THR F 3242 68.81 -81.88 -6.45
C THR F 3242 70.25 -81.41 -6.56
N GLN F 3243 70.94 -81.22 -5.43
CA GLN F 3243 72.31 -80.71 -5.49
C GLN F 3243 73.26 -81.78 -6.04
N GLU F 3244 73.14 -83.02 -5.57
CA GLU F 3244 73.98 -84.09 -6.10
C GLU F 3244 73.73 -84.31 -7.58
N ALA F 3245 72.46 -84.31 -7.99
CA ALA F 3245 72.14 -84.46 -9.40
C ALA F 3245 72.68 -83.30 -10.22
N GLU F 3246 72.62 -82.09 -9.67
CA GLU F 3246 73.18 -80.93 -10.36
C GLU F 3246 74.68 -81.08 -10.56
N LEU F 3247 75.39 -81.53 -9.52
CA LEU F 3247 76.83 -81.74 -9.65
C LEU F 3247 77.13 -82.81 -10.68
N LEU F 3248 76.36 -83.90 -10.67
CA LEU F 3248 76.59 -84.98 -11.63
C LEU F 3248 76.36 -84.49 -13.06
N ILE F 3249 75.29 -83.72 -13.29
CA ILE F 3249 75.04 -83.24 -14.64
C ILE F 3249 76.09 -82.20 -15.04
N LEU F 3250 76.61 -81.44 -14.09
CA LEU F 3250 77.71 -80.53 -14.42
C LEU F 3250 78.95 -81.30 -14.85
N ASP F 3251 79.25 -82.40 -14.17
CA ASP F 3251 80.37 -83.23 -14.59
C ASP F 3251 80.13 -83.81 -15.98
N GLU F 3252 78.91 -84.26 -16.25
CA GLU F 3252 78.59 -84.78 -17.58
C GLU F 3252 78.76 -83.71 -18.65
N PHE F 3253 78.30 -82.49 -18.37
CA PHE F 3253 78.47 -81.41 -19.33
C PHE F 3253 79.94 -81.09 -19.53
N ALA F 3254 80.75 -81.18 -18.48
CA ALA F 3254 82.18 -80.93 -18.62
C ALA F 3254 82.82 -81.97 -19.54
N VAL F 3255 82.50 -83.25 -19.35
CA VAL F 3255 83.08 -84.28 -20.21
C VAL F 3255 82.58 -84.11 -21.64
N LEU F 3256 81.32 -83.70 -21.81
CA LEU F 3256 80.78 -83.48 -23.16
C LEU F 3256 81.48 -82.32 -23.84
N CYS F 3257 81.73 -81.23 -23.12
CA CYS F 3257 82.45 -80.11 -23.70
C CYS F 3257 83.86 -80.51 -24.08
N ARG F 3258 84.50 -81.31 -23.24
CA ARG F 3258 85.84 -81.80 -23.58
C ARG F 3258 85.82 -82.63 -24.85
N ASP F 3259 84.84 -83.52 -24.97
CA ASP F 3259 84.76 -84.36 -26.17
C ASP F 3259 84.47 -83.52 -27.41
N LEU F 3260 83.59 -82.53 -27.29
CA LEU F 3260 83.30 -81.67 -28.43
C LEU F 3260 84.52 -80.87 -28.86
N TYR F 3261 85.26 -80.31 -27.90
CA TYR F 3261 86.42 -79.53 -28.24
C TYR F 3261 87.62 -80.39 -28.60
N ALA F 3262 87.54 -81.70 -28.42
CA ALA F 3262 88.57 -82.60 -28.91
C ALA F 3262 88.28 -83.14 -30.30
N PHE F 3263 87.12 -82.83 -30.87
CA PHE F 3263 86.72 -83.37 -32.17
C PHE F 3263 86.26 -82.26 -33.13
N TYR F 3264 85.66 -81.21 -32.58
CA TYR F 3264 85.16 -80.13 -33.41
C TYR F 3264 86.21 -79.42 -34.25
N PRO F 3265 87.43 -79.17 -33.77
CA PRO F 3265 88.43 -78.53 -34.64
C PRO F 3265 88.70 -79.30 -35.93
N MET F 3266 88.79 -80.63 -35.85
CA MET F 3266 88.97 -81.42 -37.06
C MET F 3266 87.77 -81.29 -37.98
N LEU F 3267 86.57 -81.29 -37.41
CA LEU F 3267 85.36 -81.14 -38.21
C LEU F 3267 85.34 -79.80 -38.92
N ILE F 3268 85.74 -78.73 -38.22
CA ILE F 3268 85.72 -77.40 -38.81
C ILE F 3268 86.73 -77.30 -39.93
N ARG F 3269 87.93 -77.86 -39.75
CA ARG F 3269 88.91 -77.83 -40.84
C ARG F 3269 88.41 -78.63 -42.04
N TYR F 3270 87.84 -79.81 -41.79
CA TYR F 3270 87.33 -80.64 -42.88
C TYR F 3270 86.22 -79.92 -43.65
N VAL F 3271 85.31 -79.28 -42.92
CA VAL F 3271 84.23 -78.54 -43.56
C VAL F 3271 84.77 -77.36 -44.34
N ASP F 3272 85.73 -76.63 -43.78
CA ASP F 3272 86.31 -75.49 -44.50
C ASP F 3272 86.95 -75.95 -45.80
N ASN F 3273 87.58 -77.11 -45.79
CA ASN F 3273 88.21 -77.58 -47.03
C ASN F 3273 87.18 -78.08 -48.04
N ASN F 3274 86.14 -78.77 -47.60
CA ASN F 3274 85.26 -79.49 -48.51
C ASN F 3274 83.91 -78.81 -48.73
N ARG F 3275 83.71 -77.59 -48.23
CA ARG F 3275 82.41 -76.95 -48.36
C ARG F 3275 82.09 -76.65 -49.82
N SER F 3276 83.07 -76.19 -50.60
CA SER F 3276 82.81 -75.90 -52.00
C SER F 3276 82.44 -77.17 -52.76
N ASN F 3277 83.13 -78.27 -52.51
CA ASN F 3277 82.80 -79.52 -53.16
C ASN F 3277 81.40 -79.99 -52.78
N TRP F 3278 81.03 -79.85 -51.52
CA TRP F 3278 79.69 -80.24 -51.10
C TRP F 3278 78.62 -79.37 -51.76
N LEU F 3279 78.88 -78.06 -51.84
CA LEU F 3279 77.91 -77.17 -52.46
C LEU F 3279 77.74 -77.47 -53.95
N LYS F 3280 78.84 -77.73 -54.65
CA LYS F 3280 78.73 -77.97 -56.09
C LYS F 3280 78.13 -79.33 -56.40
N SER F 3281 78.30 -80.31 -55.53
CA SER F 3281 77.77 -81.66 -55.71
C SER F 3281 77.04 -82.08 -54.45
N PRO F 3282 75.79 -81.64 -54.28
CA PRO F 3282 75.05 -81.97 -53.06
C PRO F 3282 74.84 -83.46 -52.91
N SER F 3283 74.84 -83.91 -51.65
CA SER F 3283 74.64 -85.31 -51.32
C SER F 3283 73.85 -85.39 -50.03
N ALA F 3284 73.73 -86.61 -49.48
CA ALA F 3284 72.97 -86.81 -48.26
C ALA F 3284 73.83 -86.71 -47.01
N ASP F 3285 75.11 -87.08 -47.10
CA ASP F 3285 75.99 -87.00 -45.95
C ASP F 3285 76.17 -85.56 -45.48
N SER F 3286 76.31 -84.63 -46.41
CA SER F 3286 76.46 -83.23 -46.03
C SER F 3286 75.21 -82.72 -45.32
N ASP F 3287 74.03 -83.08 -45.81
CA ASP F 3287 72.79 -82.67 -45.16
C ASP F 3287 72.68 -83.27 -43.77
N GLN F 3288 73.06 -84.54 -43.61
CA GLN F 3288 73.02 -85.16 -42.30
C GLN F 3288 73.99 -84.49 -41.33
N LEU F 3289 75.17 -84.13 -41.82
CA LEU F 3289 76.13 -83.42 -40.98
C LEU F 3289 75.57 -82.08 -40.56
N PHE F 3290 74.91 -81.37 -41.47
CA PHE F 3290 74.29 -80.10 -41.10
C PHE F 3290 73.22 -80.32 -40.03
N ARG F 3291 72.40 -81.36 -40.18
CA ARG F 3291 71.35 -81.60 -39.20
C ARG F 3291 71.95 -81.88 -37.82
N MET F 3292 73.00 -82.70 -37.77
CA MET F 3292 73.64 -82.99 -36.49
C MET F 3292 74.22 -81.74 -35.86
N VAL F 3293 74.92 -80.93 -36.65
CA VAL F 3293 75.52 -79.72 -36.11
C VAL F 3293 74.46 -78.75 -35.63
N ALA F 3294 73.37 -78.62 -36.39
CA ALA F 3294 72.29 -77.73 -35.99
C ALA F 3294 71.64 -78.19 -34.70
N GLU F 3295 71.43 -79.50 -34.55
CA GLU F 3295 70.83 -80.01 -33.32
C GLU F 3295 71.73 -79.75 -32.12
N VAL F 3296 73.04 -79.98 -32.26
CA VAL F 3296 73.94 -79.72 -31.16
C VAL F 3296 73.95 -78.25 -30.81
N PHE F 3297 73.96 -77.38 -31.82
CA PHE F 3297 73.95 -75.94 -31.56
C PHE F 3297 72.66 -75.50 -30.89
N ILE F 3298 71.54 -76.09 -31.27
CA ILE F 3298 70.26 -75.76 -30.65
C ILE F 3298 70.26 -76.19 -29.19
N LEU F 3299 70.78 -77.37 -28.90
CA LEU F 3299 70.91 -77.79 -27.50
C LEU F 3299 71.81 -76.84 -26.73
N TRP F 3300 72.88 -76.38 -27.37
CA TRP F 3300 73.77 -75.42 -26.72
C TRP F 3300 73.03 -74.12 -26.41
N CYS F 3301 72.20 -73.65 -27.34
CA CYS F 3301 71.50 -72.39 -27.13
C CYS F 3301 70.46 -72.51 -26.04
N LYS F 3302 69.62 -73.54 -26.10
CA LYS F 3302 68.54 -73.67 -25.13
C LYS F 3302 69.08 -73.92 -23.73
N SER F 3303 70.02 -74.84 -23.60
CA SER F 3303 70.56 -75.18 -22.29
C SER F 3303 71.40 -74.04 -21.74
N HIS F 3304 71.37 -73.90 -20.42
CA HIS F 3304 72.15 -72.87 -19.72
C HIS F 3304 73.41 -73.41 -19.07
N ASN F 3305 73.41 -74.67 -18.64
CA ASN F 3305 74.63 -75.27 -18.12
C ASN F 3305 75.61 -75.61 -19.23
N PHE F 3306 75.10 -75.88 -20.43
CA PHE F 3306 75.99 -76.21 -21.55
C PHE F 3306 76.93 -75.06 -21.86
N LYS F 3307 76.39 -73.84 -21.97
CA LYS F 3307 77.23 -72.69 -22.28
C LYS F 3307 78.25 -72.43 -21.17
N ARG F 3308 77.81 -72.51 -19.91
CA ARG F 3308 78.72 -72.27 -18.80
C ARG F 3308 79.83 -73.31 -18.76
N GLU F 3309 79.50 -74.57 -19.00
CA GLU F 3309 80.52 -75.62 -18.99
C GLU F 3309 81.51 -75.43 -20.14
N GLU F 3310 81.00 -75.08 -21.33
CA GLU F 3310 81.92 -74.82 -22.44
C GLU F 3310 82.85 -73.66 -22.13
N GLN F 3311 82.32 -72.58 -21.56
CA GLN F 3311 83.15 -71.44 -21.21
C GLN F 3311 84.18 -71.81 -20.15
N ASN F 3312 83.77 -72.59 -19.15
CA ASN F 3312 84.71 -73.01 -18.11
C ASN F 3312 85.83 -73.86 -18.70
N PHE F 3313 85.49 -74.79 -19.59
CA PHE F 3313 86.51 -75.60 -20.22
C PHE F 3313 87.49 -74.74 -21.01
N VAL F 3314 86.97 -73.80 -21.80
CA VAL F 3314 87.82 -72.96 -22.63
C VAL F 3314 88.74 -72.11 -21.76
N ILE F 3315 88.21 -71.51 -20.71
CA ILE F 3315 89.01 -70.62 -19.88
C ILE F 3315 90.04 -71.40 -19.07
N GLN F 3316 89.63 -72.52 -18.48
CA GLN F 3316 90.54 -73.28 -17.62
C GLN F 3316 91.66 -73.91 -18.43
N ASN F 3317 91.34 -74.46 -19.60
CA ASN F 3317 92.37 -75.08 -20.42
C ASN F 3317 93.10 -74.08 -21.31
N GLU F 3318 92.71 -72.80 -21.27
CA GLU F 3318 93.38 -71.74 -22.02
C GLU F 3318 93.42 -72.07 -23.50
N ILE F 3319 92.31 -72.58 -24.01
CA ILE F 3319 92.19 -72.87 -25.44
C ILE F 3319 91.94 -71.57 -26.18
N ASN F 3320 92.72 -71.33 -27.22
CA ASN F 3320 92.56 -70.15 -28.07
C ASN F 3320 91.78 -70.58 -29.30
N ASN F 3321 90.48 -70.26 -29.32
CA ASN F 3321 89.65 -70.66 -30.45
C ASN F 3321 90.08 -69.97 -31.73
N LEU F 3322 90.71 -68.80 -31.63
CA LEU F 3322 91.18 -68.11 -32.82
C LEU F 3322 92.18 -68.95 -33.59
N ALA F 3323 92.95 -69.78 -32.89
CA ALA F 3323 93.88 -70.67 -33.60
C ALA F 3323 93.12 -71.65 -34.49
N PHE F 3324 92.03 -72.22 -33.99
CA PHE F 3324 91.26 -73.19 -34.76
C PHE F 3324 90.28 -72.52 -35.72
N LEU F 3325 90.11 -71.20 -35.64
CA LEU F 3325 89.18 -70.48 -36.51
C LEU F 3325 89.92 -69.77 -37.65
N THR F 3326 90.84 -68.87 -37.30
CA THR F 3326 91.55 -68.06 -38.29
C THR F 3326 92.99 -68.51 -38.48
N GLY F 3327 93.32 -69.74 -38.09
CA GLY F 3327 94.67 -70.23 -38.22
C GLY F 3327 95.07 -70.74 -39.58
N ASP F 3328 94.13 -70.79 -40.52
CA ASP F 3328 94.43 -71.27 -41.87
C ASP F 3328 94.87 -70.14 -42.78
N GLY F 3337 100.87 -58.79 -41.30
CA GLY F 3337 99.56 -58.80 -40.67
C GLY F 3337 99.48 -57.92 -39.45
N GLY F 3338 100.35 -56.92 -39.38
CA GLY F 3338 100.39 -56.00 -38.27
C GLY F 3338 101.16 -56.50 -37.06
N GLN F 3339 101.72 -57.71 -37.13
CA GLN F 3339 102.48 -58.23 -35.98
C GLN F 3339 103.70 -57.37 -35.69
N ASP F 3340 104.39 -56.91 -36.74
CA ASP F 3340 105.59 -56.11 -36.54
C ASP F 3340 105.30 -54.78 -35.88
N GLN F 3341 104.05 -54.30 -35.93
CA GLN F 3341 103.67 -53.03 -35.34
C GLN F 3341 102.64 -53.20 -34.23
N GLU F 3342 102.78 -54.25 -33.41
CA GLU F 3342 101.90 -54.45 -32.27
C GLU F 3342 102.71 -55.01 -31.11
N ARG F 3343 102.52 -54.42 -29.93
CA ARG F 3343 103.17 -54.88 -28.71
C ARG F 3343 102.07 -55.09 -27.67
N LYS F 3344 101.50 -56.30 -27.66
CA LYS F 3344 100.42 -56.61 -26.74
C LYS F 3344 100.93 -56.62 -25.31
N LYS F 3345 100.12 -56.08 -24.40
CA LYS F 3345 100.49 -56.00 -22.99
C LYS F 3345 99.38 -56.39 -22.03
N THR F 3346 98.14 -56.51 -22.50
CA THR F 3346 97.00 -56.85 -21.64
C THR F 3346 96.47 -58.23 -22.03
N LYS F 3347 96.24 -59.07 -21.03
CA LYS F 3347 95.71 -60.41 -21.26
C LYS F 3347 94.91 -60.82 -20.03
N ARG F 3348 93.71 -61.35 -20.26
CA ARG F 3348 92.84 -61.82 -19.19
C ARG F 3348 92.18 -63.11 -19.61
N ARG F 3349 91.87 -63.96 -18.60
CA ARG F 3349 91.20 -65.22 -18.88
C ARG F 3349 89.80 -65.00 -19.44
N GLY F 3350 89.09 -64.00 -18.92
CA GLY F 3350 87.75 -63.72 -19.41
C GLY F 3350 87.70 -63.32 -20.87
N ASP F 3351 88.80 -62.76 -21.37
CA ASP F 3351 88.89 -62.40 -22.79
C ASP F 3351 89.30 -63.57 -23.66
N LEU F 3352 89.59 -64.74 -23.08
CA LEU F 3352 89.94 -65.91 -23.86
C LEU F 3352 88.72 -66.61 -24.46
N TYR F 3353 87.52 -66.30 -23.98
CA TYR F 3353 86.29 -66.92 -24.47
C TYR F 3353 85.31 -65.85 -24.91
N SER F 3354 84.65 -66.10 -26.03
CA SER F 3354 83.60 -65.23 -26.53
C SER F 3354 82.65 -66.06 -27.38
N ILE F 3355 81.38 -65.67 -27.38
CA ILE F 3355 80.39 -66.42 -28.15
C ILE F 3355 80.69 -66.37 -29.63
N GLN F 3356 81.38 -65.31 -30.08
CA GLN F 3356 81.70 -65.19 -31.50
C GLN F 3356 82.62 -66.32 -31.94
N THR F 3357 83.63 -66.65 -31.14
CA THR F 3357 84.64 -67.62 -31.52
C THR F 3357 84.36 -69.03 -31.02
N SER F 3358 83.22 -69.25 -30.35
CA SER F 3358 82.90 -70.59 -29.88
C SER F 3358 82.81 -71.56 -31.05
N LEU F 3359 83.37 -72.76 -30.85
CA LEU F 3359 83.34 -73.74 -31.92
C LEU F 3359 81.94 -74.29 -32.16
N ILE F 3360 81.11 -74.33 -31.12
CA ILE F 3360 79.73 -74.79 -31.31
C ILE F 3360 78.98 -73.85 -32.23
N VAL F 3361 79.16 -72.55 -32.05
CA VAL F 3361 78.54 -71.56 -32.94
C VAL F 3361 79.20 -71.58 -34.31
N ALA F 3362 80.53 -71.63 -34.34
CA ALA F 3362 81.25 -71.48 -35.61
C ALA F 3362 80.99 -72.65 -36.55
N ALA F 3363 80.88 -73.86 -36.02
CA ALA F 3363 80.62 -75.01 -36.87
C ALA F 3363 79.28 -74.87 -37.57
N LEU F 3364 78.25 -74.40 -36.85
CA LEU F 3364 76.97 -74.16 -37.50
C LEU F 3364 77.06 -73.01 -38.50
N LYS F 3365 77.80 -71.95 -38.15
CA LYS F 3365 77.94 -70.85 -39.10
C LYS F 3365 78.57 -71.32 -40.39
N LYS F 3366 79.47 -72.30 -40.32
CA LYS F 3366 80.13 -72.80 -41.52
C LYS F 3366 79.32 -73.87 -42.25
N MET F 3367 78.45 -74.60 -41.54
CA MET F 3367 77.61 -75.61 -42.18
C MET F 3367 76.28 -75.06 -42.66
N LEU F 3368 75.91 -73.85 -42.26
CA LEU F 3368 74.64 -73.29 -42.69
C LEU F 3368 74.49 -73.18 -44.20
N PRO F 3369 75.50 -72.75 -44.96
CA PRO F 3369 75.36 -72.73 -46.42
C PRO F 3369 75.07 -74.10 -47.02
N ILE F 3370 75.41 -75.19 -46.33
CA ILE F 3370 75.06 -76.52 -46.82
C ILE F 3370 73.62 -76.91 -46.49
N GLY F 3371 72.95 -76.15 -45.63
CA GLY F 3371 71.58 -76.45 -45.29
C GLY F 3371 70.60 -75.59 -46.06
N LEU F 3372 71.00 -74.37 -46.37
CA LEU F 3372 70.21 -73.46 -47.19
C LEU F 3372 70.41 -73.70 -48.67
N ASN F 3373 71.25 -74.65 -49.06
CA ASN F 3373 71.61 -74.83 -50.45
C ASN F 3373 70.39 -75.20 -51.30
N MET F 3374 70.31 -74.58 -52.48
CA MET F 3374 69.27 -74.88 -53.46
C MET F 3374 67.88 -74.51 -52.95
N CYS F 3375 67.78 -73.42 -52.21
CA CYS F 3375 66.50 -72.95 -51.70
C CYS F 3375 65.89 -71.99 -52.71
N THR F 3376 64.75 -72.38 -53.29
CA THR F 3376 64.01 -71.54 -54.19
C THR F 3376 63.26 -70.47 -53.41
N PRO F 3377 62.73 -69.45 -54.10
CA PRO F 3377 62.02 -68.38 -53.38
C PRO F 3377 60.84 -68.86 -52.54
N GLY F 3378 60.14 -69.91 -52.97
CA GLY F 3378 59.08 -70.46 -52.15
C GLY F 3378 59.59 -71.01 -50.84
N ASP F 3379 60.72 -71.73 -50.88
CA ASP F 3379 61.33 -72.21 -49.65
C ASP F 3379 61.80 -71.06 -48.78
N GLN F 3380 62.26 -69.96 -49.39
CA GLN F 3380 62.63 -68.80 -48.59
C GLN F 3380 61.42 -68.19 -47.90
N GLU F 3381 60.27 -68.15 -48.59
CA GLU F 3381 59.04 -67.69 -47.95
C GLU F 3381 58.67 -68.59 -46.77
N LEU F 3382 58.74 -69.91 -46.97
CA LEU F 3382 58.41 -70.84 -45.89
C LEU F 3382 59.38 -70.68 -44.72
N ILE F 3383 60.66 -70.47 -45.00
CA ILE F 3383 61.64 -70.28 -43.94
C ILE F 3383 61.35 -69.01 -43.16
N SER F 3384 60.98 -67.92 -43.85
CA SER F 3384 60.64 -66.70 -43.16
C SER F 3384 59.41 -66.89 -42.28
N LEU F 3385 58.41 -67.61 -42.78
CA LEU F 3385 57.23 -67.92 -41.97
C LEU F 3385 57.61 -68.71 -40.73
N ALA F 3386 58.45 -69.73 -40.89
CA ALA F 3386 58.85 -70.56 -39.75
C ALA F 3386 59.63 -69.74 -38.73
N LYS F 3387 60.52 -68.87 -39.18
CA LYS F 3387 61.24 -68.03 -38.24
C LYS F 3387 60.31 -67.11 -37.49
N SER F 3388 59.32 -66.55 -38.19
CA SER F 3388 58.33 -65.70 -37.51
C SER F 3388 57.58 -66.50 -36.45
N ARG F 3389 57.17 -67.73 -36.78
CA ARG F 3389 56.48 -68.55 -35.79
C ARG F 3389 57.38 -68.86 -34.60
N TYR F 3390 58.66 -69.18 -34.85
CA TYR F 3390 59.59 -69.42 -33.75
C TYR F 3390 59.74 -68.18 -32.88
N SER F 3391 59.59 -66.99 -33.47
CA SER F 3391 59.71 -65.77 -32.68
C SER F 3391 58.67 -65.69 -31.57
N TYR F 3392 57.56 -66.40 -31.70
CA TYR F 3392 56.52 -66.43 -30.68
C TYR F 3392 56.72 -67.57 -29.69
N ARG F 3393 57.85 -68.24 -29.72
CA ARG F 3393 58.17 -69.32 -28.79
C ARG F 3393 57.20 -70.49 -28.95
N ASP F 3394 57.15 -71.01 -30.18
CA ASP F 3394 56.34 -72.17 -30.50
C ASP F 3394 57.23 -73.39 -30.66
N THR F 3395 56.66 -74.56 -30.41
CA THR F 3395 57.41 -75.81 -30.51
C THR F 3395 57.60 -76.20 -31.97
N ASP F 3396 58.34 -77.28 -32.20
CA ASP F 3396 58.57 -77.73 -33.57
C ASP F 3396 57.29 -78.20 -34.23
N GLU F 3397 56.44 -78.91 -33.49
CA GLU F 3397 55.21 -79.44 -34.07
C GLU F 3397 54.28 -78.31 -34.50
N GLU F 3398 54.19 -77.25 -33.70
CA GLU F 3398 53.34 -76.13 -34.06
C GLU F 3398 53.82 -75.46 -35.34
N VAL F 3399 55.14 -75.28 -35.47
CA VAL F 3399 55.68 -74.66 -36.68
C VAL F 3399 55.47 -75.55 -37.88
N LYS F 3400 55.63 -76.86 -37.71
CA LYS F 3400 55.37 -77.77 -38.82
C LYS F 3400 53.92 -77.73 -39.24
N GLU F 3401 52.99 -77.62 -38.28
CA GLU F 3401 51.59 -77.48 -38.63
C GLU F 3401 51.33 -76.18 -39.40
N HIS F 3402 51.92 -75.09 -38.94
CA HIS F 3402 51.72 -73.80 -39.62
C HIS F 3402 52.26 -73.86 -41.04
N LEU F 3403 53.41 -74.49 -41.24
CA LEU F 3403 53.94 -74.66 -42.59
C LEU F 3403 53.01 -75.55 -43.42
N ARG F 3404 52.39 -76.55 -42.79
CA ARG F 3404 51.44 -77.40 -43.51
C ARG F 3404 50.25 -76.60 -44.00
N ASN F 3405 49.74 -75.69 -43.17
CA ASN F 3405 48.63 -74.84 -43.62
C ASN F 3405 49.07 -73.90 -44.74
N ASN F 3406 50.17 -73.18 -44.53
CA ASN F 3406 50.62 -72.17 -45.49
C ASN F 3406 51.57 -72.80 -46.52
N LEU F 3407 51.07 -73.81 -47.20
CA LEU F 3407 51.85 -74.50 -48.22
C LEU F 3407 51.62 -73.95 -49.62
N HIS F 3408 50.86 -72.87 -49.75
CA HIS F 3408 50.67 -72.21 -51.04
C HIS F 3408 51.75 -71.18 -51.34
N LEU F 3409 52.63 -70.90 -50.38
CA LEU F 3409 53.68 -69.91 -50.60
C LEU F 3409 54.71 -70.37 -51.61
N GLN F 3410 54.76 -71.67 -51.93
CA GLN F 3410 55.73 -72.16 -52.89
C GLN F 3410 55.53 -71.52 -54.26
N GLU F 3411 54.30 -71.09 -54.57
CA GLU F 3411 54.04 -70.44 -55.84
C GLU F 3411 54.77 -69.11 -55.97
N LYS F 3412 55.32 -68.58 -54.88
CA LYS F 3412 56.19 -67.42 -54.97
C LYS F 3412 57.41 -67.68 -55.85
N SER F 3413 57.78 -68.94 -56.06
CA SER F 3413 58.84 -69.24 -57.01
C SER F 3413 58.48 -68.83 -58.43
N ASP F 3414 57.20 -68.74 -58.74
CA ASP F 3414 56.74 -68.36 -60.07
C ASP F 3414 56.50 -66.86 -60.22
N ASP F 3415 56.84 -66.08 -59.19
CA ASP F 3415 56.63 -64.65 -59.24
C ASP F 3415 57.53 -64.01 -60.30
N PRO F 3416 57.10 -62.89 -60.89
CA PRO F 3416 57.98 -62.20 -61.85
C PRO F 3416 59.06 -61.38 -61.16
N ALA F 3417 58.78 -60.90 -59.95
CA ALA F 3417 59.74 -60.08 -59.24
C ALA F 3417 60.96 -60.86 -58.82
N VAL F 3418 60.87 -62.19 -58.72
CA VAL F 3418 62.00 -63.02 -58.32
C VAL F 3418 62.29 -64.02 -59.42
N LYS F 3419 62.12 -63.60 -60.67
CA LYS F 3419 62.48 -64.44 -61.79
C LYS F 3419 63.98 -64.51 -62.01
N TRP F 3420 64.75 -63.67 -61.34
CA TRP F 3420 66.21 -63.68 -61.49
C TRP F 3420 66.87 -64.82 -60.74
N GLN F 3421 66.16 -65.51 -59.87
CA GLN F 3421 66.71 -66.66 -59.16
C GLN F 3421 66.42 -67.97 -59.86
N LEU F 3422 65.75 -67.94 -60.99
CA LEU F 3422 65.26 -69.19 -61.59
C LEU F 3422 66.38 -70.07 -62.12
N ASN F 3423 67.53 -69.49 -62.48
CA ASN F 3423 68.59 -70.28 -63.10
C ASN F 3423 69.92 -70.13 -62.36
N LEU F 3424 69.89 -69.71 -61.10
CA LEU F 3424 71.13 -69.59 -60.34
C LEU F 3424 71.77 -70.95 -60.11
N TYR F 3425 70.97 -71.97 -59.79
CA TYR F 3425 71.46 -73.30 -59.48
C TYR F 3425 71.42 -74.25 -60.68
N LYS F 3426 71.54 -73.71 -61.88
CA LYS F 3426 71.51 -74.56 -63.07
C LYS F 3426 72.71 -75.49 -63.12
N ASP F 3427 73.89 -74.98 -62.76
CA ASP F 3427 75.10 -75.81 -62.80
C ASP F 3427 75.00 -76.99 -61.82
N VAL F 3428 74.48 -76.73 -60.62
CA VAL F 3428 74.31 -77.79 -59.64
C VAL F 3428 73.42 -78.89 -60.21
N LEU F 3429 73.52 -80.08 -59.62
CA LEU F 3429 72.82 -81.24 -60.16
C LEU F 3429 71.32 -81.01 -60.21
N LYS F 3430 70.75 -80.46 -59.14
CA LYS F 3430 69.32 -80.19 -59.06
C LYS F 3430 68.50 -81.47 -59.26
N SER F 3431 69.03 -82.59 -58.82
CA SER F 3431 68.38 -83.89 -58.95
C SER F 3431 67.86 -84.34 -57.59
N GLU F 3432 66.57 -84.65 -57.53
CA GLU F 3432 65.94 -84.99 -56.26
C GLU F 3432 64.71 -85.85 -56.53
N GLU F 3433 64.21 -86.47 -55.47
CA GLU F 3433 63.05 -87.34 -55.56
C GLU F 3433 61.81 -86.54 -55.92
N PRO F 3434 60.68 -87.21 -56.14
CA PRO F 3434 59.43 -86.49 -56.40
C PRO F 3434 59.05 -85.59 -55.23
N PHE F 3435 58.35 -84.50 -55.56
CA PHE F 3435 57.98 -83.52 -54.56
C PHE F 3435 57.17 -84.17 -53.44
N ASN F 3436 57.56 -83.89 -52.20
CA ASN F 3436 56.89 -84.40 -51.01
C ASN F 3436 56.70 -83.27 -50.03
N ALA F 3437 55.46 -83.10 -49.55
CA ALA F 3437 55.17 -81.99 -48.65
C ALA F 3437 55.86 -82.15 -47.31
N GLU F 3438 55.79 -83.35 -46.74
CA GLU F 3438 56.34 -83.57 -45.40
C GLU F 3438 57.84 -83.33 -45.37
N LYS F 3439 58.56 -83.82 -46.37
CA LYS F 3439 60.01 -83.64 -46.40
C LYS F 3439 60.37 -82.17 -46.51
N THR F 3440 59.67 -81.43 -47.37
CA THR F 3440 59.93 -80.00 -47.50
C THR F 3440 59.65 -79.26 -46.20
N ILE F 3441 58.55 -79.62 -45.53
CA ILE F 3441 58.21 -78.96 -44.27
C ILE F 3441 59.27 -79.24 -43.21
N GLU F 3442 59.74 -80.49 -43.12
CA GLU F 3442 60.76 -80.83 -42.14
C GLU F 3442 62.05 -80.08 -42.43
N ARG F 3443 62.44 -80.03 -43.71
CA ARG F 3443 63.67 -79.34 -44.08
C ARG F 3443 63.59 -77.85 -43.74
N VAL F 3444 62.45 -77.22 -44.07
CA VAL F 3444 62.27 -75.81 -43.76
C VAL F 3444 62.27 -75.60 -42.26
N GLN F 3445 61.71 -76.54 -41.51
CA GLN F 3445 61.66 -76.41 -40.06
C GLN F 3445 63.07 -76.41 -39.48
N ARG F 3446 63.90 -77.37 -39.90
CA ARG F 3446 65.26 -77.45 -39.38
C ARG F 3446 66.05 -76.19 -39.75
N ILE F 3447 65.94 -75.75 -41.00
CA ILE F 3447 66.68 -74.58 -41.45
C ILE F 3447 66.25 -73.34 -40.67
N SER F 3448 64.94 -73.15 -40.52
CA SER F 3448 64.44 -71.98 -39.81
C SER F 3448 64.84 -72.01 -38.35
N ALA F 3449 64.82 -73.18 -37.72
CA ALA F 3449 65.25 -73.27 -36.33
C ALA F 3449 66.70 -72.84 -36.18
N ALA F 3450 67.59 -73.39 -37.02
CA ALA F 3450 69.00 -73.06 -36.93
C ALA F 3450 69.22 -71.57 -37.16
N VAL F 3451 68.59 -71.01 -38.21
CA VAL F 3451 68.80 -69.61 -38.54
C VAL F 3451 68.29 -68.70 -37.43
N PHE F 3452 67.11 -69.02 -36.88
CA PHE F 3452 66.54 -68.18 -35.83
C PHE F 3452 67.41 -68.18 -34.58
N HIS F 3453 67.88 -69.35 -34.15
CA HIS F 3453 68.70 -69.39 -32.96
C HIS F 3453 70.04 -68.70 -33.19
N LEU F 3454 70.61 -68.84 -34.39
CA LEU F 3454 71.86 -68.17 -34.69
C LEU F 3454 71.68 -66.65 -34.64
N GLU F 3455 70.59 -66.14 -35.20
CA GLU F 3455 70.33 -64.70 -35.14
C GLU F 3455 70.16 -64.24 -33.70
N GLN F 3456 69.43 -65.03 -32.90
CA GLN F 3456 69.23 -64.65 -31.50
C GLN F 3456 70.55 -64.57 -30.74
N VAL F 3457 71.44 -65.55 -30.94
CA VAL F 3457 72.71 -65.51 -30.22
C VAL F 3457 73.57 -64.36 -30.72
N GLU F 3458 73.54 -64.07 -32.02
CA GLU F 3458 74.42 -63.05 -32.56
C GLU F 3458 73.96 -61.63 -32.26
N GLN F 3459 72.66 -61.40 -32.08
CA GLN F 3459 72.18 -60.04 -31.84
C GLN F 3459 72.83 -59.39 -30.63
N PRO F 3460 72.89 -60.01 -29.45
CA PRO F 3460 73.55 -59.36 -28.31
C PRO F 3460 75.02 -59.05 -28.55
N LEU F 3461 75.70 -59.82 -29.41
CA LEU F 3461 77.11 -59.54 -29.68
C LEU F 3461 77.29 -58.18 -30.34
N ARG F 3462 76.31 -57.74 -31.13
CA ARG F 3462 76.39 -56.41 -31.71
C ARG F 3462 76.36 -55.35 -30.61
N SER F 3463 77.05 -54.25 -30.86
CA SER F 3463 77.15 -53.18 -29.88
C SER F 3463 75.78 -52.60 -29.55
N PHE F 3484 85.24 -60.16 11.41
CA PHE F 3484 85.52 -59.13 12.39
C PHE F 3484 85.39 -59.68 13.81
N ARG F 3485 85.46 -61.00 13.93
CA ARG F 3485 85.33 -61.66 15.24
C ARG F 3485 86.66 -61.55 15.99
N MET F 3486 86.95 -60.31 16.41
CA MET F 3486 88.21 -60.01 17.07
C MET F 3486 88.05 -59.42 18.47
N ALA F 3487 86.83 -59.11 18.90
CA ALA F 3487 86.58 -58.53 20.22
C ALA F 3487 85.45 -59.30 20.91
N PRO F 3488 85.68 -60.55 21.29
CA PRO F 3488 84.67 -61.29 22.05
C PRO F 3488 84.57 -60.78 23.48
N LEU F 3489 83.43 -61.10 24.11
CA LEU F 3489 83.16 -60.56 25.45
C LEU F 3489 84.20 -61.01 26.46
N TYR F 3490 84.81 -62.18 26.26
CA TYR F 3490 85.82 -62.67 27.19
C TYR F 3490 87.19 -62.02 26.98
N ASN F 3491 87.25 -60.91 26.25
CA ASN F 3491 88.49 -60.17 26.04
C ASN F 3491 88.37 -58.71 26.47
N LEU F 3492 87.39 -58.39 27.30
CA LEU F 3492 87.19 -57.03 27.77
C LEU F 3492 87.10 -57.01 29.29
N PRO F 3493 87.43 -55.88 29.91
CA PRO F 3493 87.33 -55.79 31.37
C PRO F 3493 85.88 -55.93 31.82
N ARG F 3494 85.71 -56.47 33.03
CA ARG F 3494 84.37 -56.74 33.54
C ARG F 3494 83.55 -55.48 33.72
N HIS F 3495 84.18 -54.31 33.86
CA HIS F 3495 83.41 -53.09 34.12
C HIS F 3495 82.69 -52.62 32.85
N LYS F 3496 83.35 -52.68 31.70
CA LYS F 3496 82.68 -52.29 30.47
C LYS F 3496 81.52 -53.25 30.15
N ILE F 3497 81.76 -54.55 30.30
CA ILE F 3497 80.70 -55.52 30.08
C ILE F 3497 79.58 -55.30 31.09
N ASN F 3498 79.91 -54.86 32.31
CA ASN F 3498 78.89 -54.64 33.31
C ASN F 3498 78.05 -53.41 32.97
N ASN F 3499 78.68 -52.38 32.41
CA ASN F 3499 77.92 -51.24 31.92
C ASN F 3499 76.94 -51.67 30.83
N PHE F 3500 77.41 -52.52 29.91
CA PHE F 3500 76.52 -53.03 28.87
C PHE F 3500 75.39 -53.86 29.48
N PHE F 3501 75.71 -54.66 30.49
CA PHE F 3501 74.67 -55.45 31.16
C PHE F 3501 73.63 -54.56 31.80
N LEU F 3502 74.06 -53.46 32.43
CA LEU F 3502 73.12 -52.55 33.06
C LEU F 3502 72.22 -51.88 32.03
N SER F 3503 72.80 -51.46 30.90
CA SER F 3503 71.98 -50.86 29.84
C SER F 3503 70.93 -51.86 29.34
N THR F 3504 71.35 -53.10 29.10
CA THR F 3504 70.41 -54.11 28.64
C THR F 3504 69.34 -54.40 29.68
N PHE F 3505 69.74 -54.48 30.95
CA PHE F 3505 68.79 -54.79 32.02
C PHE F 3505 67.73 -53.70 32.14
N GLN F 3506 68.14 -52.44 32.06
CA GLN F 3506 67.15 -51.36 32.05
C GLN F 3506 66.26 -51.46 30.82
N ARG F 3507 66.85 -51.73 29.66
CA ARG F 3507 66.12 -51.63 28.40
C ARG F 3507 65.15 -52.77 28.17
N VAL F 3508 65.45 -53.97 28.69
CA VAL F 3508 64.69 -55.18 28.37
C VAL F 3508 63.80 -55.61 29.53
N TRP F 3509 64.40 -55.89 30.68
CA TRP F 3509 63.67 -56.57 31.75
C TRP F 3509 62.78 -55.63 32.56
N LEU F 3510 63.29 -54.43 32.91
CA LEU F 3510 62.57 -53.56 33.81
C LEU F 3510 61.58 -52.64 33.12
N GLU F 3511 61.89 -52.22 31.89
CA GLU F 3511 61.04 -51.24 31.22
C GLU F 3511 59.64 -51.78 30.98
N LYS F 3512 59.54 -53.06 30.59
CA LYS F 3512 58.24 -53.67 30.41
C LYS F 3512 57.48 -53.75 31.73
N VAL F 3513 58.17 -54.10 32.81
CA VAL F 3513 57.52 -54.25 34.11
C VAL F 3513 56.98 -52.92 34.59
N ASN F 3514 57.68 -51.82 34.30
CA ASN F 3514 57.31 -50.52 34.86
C ASN F 3514 55.91 -50.11 34.43
N GLU F 3515 55.53 -50.40 33.19
CA GLU F 3515 54.24 -49.95 32.67
C GLU F 3515 53.08 -50.61 33.42
N LYS F 3516 53.19 -51.90 33.71
CA LYS F 3516 52.05 -52.64 34.27
C LYS F 3516 51.71 -52.17 35.68
N THR F 3517 52.72 -52.03 36.54
CA THR F 3517 52.53 -51.73 37.95
C THR F 3517 53.06 -50.34 38.25
N GLN F 3518 52.14 -49.38 38.41
CA GLN F 3518 52.51 -48.03 38.83
C GLN F 3518 51.26 -47.33 39.32
N TYR F 3519 51.23 -46.97 40.60
CA TYR F 3519 50.09 -46.29 41.20
C TYR F 3519 48.84 -47.15 41.19
N ASP F 3520 48.99 -48.47 41.05
CA ASP F 3520 47.82 -49.31 40.83
C ASP F 3520 47.03 -49.51 42.11
N ARG F 3521 47.70 -49.61 43.26
CA ARG F 3521 47.05 -49.86 44.53
C ARG F 3521 46.89 -48.60 45.37
N LEU F 3522 47.11 -47.43 44.78
CA LEU F 3522 47.11 -46.19 45.55
C LEU F 3522 45.77 -45.48 45.54
N ILE F 3523 45.18 -45.31 44.35
CA ILE F 3523 43.94 -44.54 44.24
C ILE F 3523 42.81 -45.13 45.07
N PRO F 3524 42.60 -46.45 45.14
CA PRO F 3524 41.54 -46.95 46.03
C PRO F 3524 41.75 -46.57 47.48
N ILE F 3525 43.00 -46.59 47.94
CA ILE F 3525 43.29 -46.24 49.34
C ILE F 3525 43.07 -44.76 49.56
N LEU F 3526 43.43 -43.93 48.58
CA LEU F 3526 43.16 -42.50 48.72
C LEU F 3526 41.66 -42.23 48.78
N MET F 3527 40.89 -42.91 47.94
CA MET F 3527 39.42 -42.76 48.01
C MET F 3527 38.82 -43.50 49.19
N LYS F 3528 39.52 -44.52 49.70
CA LYS F 3528 38.98 -45.34 50.77
C LYS F 3528 38.73 -44.52 52.04
N SER F 3529 37.64 -44.82 52.72
CA SER F 3529 37.28 -44.11 53.94
C SER F 3529 38.01 -44.69 55.14
N PRO F 3530 38.18 -43.90 56.21
CA PRO F 3530 38.88 -44.31 57.43
C PRO F 3530 38.11 -45.37 58.23
N LYS F 3542 32.70 -33.69 56.58
CA LYS F 3542 33.22 -32.37 56.91
C LYS F 3542 34.71 -32.28 56.64
N GLN F 3543 35.47 -33.17 57.26
CA GLN F 3543 36.90 -33.20 57.07
C GLN F 3543 37.23 -33.73 55.68
N PRO F 3544 37.97 -33.00 54.85
CA PRO F 3544 38.23 -33.46 53.48
C PRO F 3544 39.07 -34.74 53.46
N ASP F 3545 38.86 -35.52 52.42
CA ASP F 3545 39.62 -36.73 52.20
C ASP F 3545 41.06 -36.37 51.83
N PRO F 3546 41.99 -37.33 51.95
CA PRO F 3546 43.35 -37.07 51.45
C PRO F 3546 43.39 -36.68 49.98
N LEU F 3547 42.61 -37.36 49.14
CA LEU F 3547 42.56 -36.99 47.72
C LEU F 3547 41.97 -35.60 47.55
N HIS F 3548 40.94 -35.30 48.33
CA HIS F 3548 40.35 -33.96 48.29
C HIS F 3548 41.40 -32.91 48.67
N GLN F 3549 42.24 -33.22 49.65
CA GLN F 3549 43.27 -32.27 50.08
C GLN F 3549 44.33 -32.06 49.01
N ILE F 3550 44.76 -33.13 48.33
CA ILE F 3550 45.76 -32.95 47.29
C ILE F 3550 45.17 -32.16 46.12
N ILE F 3551 43.90 -32.41 45.80
CA ILE F 3551 43.25 -31.66 44.73
C ILE F 3551 43.12 -30.19 45.10
N LEU F 3552 42.77 -29.89 46.35
CA LEU F 3552 42.70 -28.50 46.78
C LEU F 3552 44.07 -27.83 46.74
N HIS F 3553 45.12 -28.57 47.09
CA HIS F 3553 46.47 -28.03 46.98
C HIS F 3553 46.79 -27.65 45.54
N PHE F 3554 46.45 -28.53 44.60
CA PHE F 3554 46.72 -28.24 43.19
C PHE F 3554 45.89 -27.05 42.72
N SER F 3555 44.64 -26.96 43.15
CA SER F 3555 43.82 -25.81 42.79
C SER F 3555 44.40 -24.51 43.31
N ARG F 3556 44.87 -24.50 44.56
CA ARG F 3556 45.45 -23.29 45.12
C ARG F 3556 46.73 -22.90 44.39
N ASN F 3557 47.55 -23.89 44.02
CA ASN F 3557 48.73 -23.57 43.23
C ASN F 3557 48.34 -23.00 41.86
N ALA F 3558 47.28 -23.53 41.26
CA ALA F 3558 46.85 -23.04 39.95
C ALA F 3558 46.33 -21.61 40.04
N LEU F 3559 45.61 -21.28 41.11
CA LEU F 3559 45.01 -19.95 41.24
C LEU F 3559 46.05 -18.86 41.49
N THR F 3560 47.21 -19.19 42.04
CA THR F 3560 48.21 -18.19 42.34
C THR F 3560 48.75 -17.55 41.07
N GLU F 3561 48.90 -16.23 41.10
CA GLU F 3561 49.28 -15.47 39.91
C GLU F 3561 50.78 -15.62 39.64
N ARG F 3562 51.11 -15.94 38.39
CA ARG F 3562 52.50 -16.06 37.95
C ARG F 3562 52.55 -15.67 36.48
N SER F 3563 53.67 -16.00 35.83
CA SER F 3563 53.83 -15.74 34.41
C SER F 3563 54.02 -17.00 33.58
N LYS F 3564 54.65 -18.04 34.13
CA LYS F 3564 54.84 -19.30 33.45
C LYS F 3564 54.52 -20.44 34.39
N LEU F 3565 53.88 -21.48 33.88
CA LEU F 3565 53.53 -22.66 34.68
C LEU F 3565 54.78 -23.47 34.91
N GLU F 3566 55.41 -23.28 36.07
CA GLU F 3566 56.64 -23.99 36.39
C GLU F 3566 56.38 -25.49 36.48
N ASP F 3567 57.38 -26.28 36.11
CA ASP F 3567 57.24 -27.72 36.10
C ASP F 3567 56.95 -28.23 37.50
N ASP F 3568 56.01 -29.18 37.59
CA ASP F 3568 55.55 -29.73 38.87
C ASP F 3568 55.34 -31.22 38.71
N PRO F 3569 56.37 -32.02 39.00
CA PRO F 3569 56.22 -33.48 38.84
C PRO F 3569 55.13 -34.09 39.69
N LEU F 3570 54.85 -33.51 40.86
CA LEU F 3570 53.80 -34.05 41.71
C LEU F 3570 52.45 -33.96 41.02
N TYR F 3571 52.15 -32.81 40.42
CA TYR F 3571 50.90 -32.66 39.70
C TYR F 3571 50.82 -33.63 38.54
N THR F 3572 51.91 -33.78 37.79
CA THR F 3572 51.90 -34.70 36.66
C THR F 3572 51.58 -36.11 37.10
N SER F 3573 52.28 -36.59 38.13
CA SER F 3573 52.07 -37.95 38.59
C SER F 3573 50.66 -38.15 39.12
N TYR F 3574 50.15 -37.22 39.92
CA TYR F 3574 48.84 -37.42 40.50
C TYR F 3574 47.71 -37.26 39.48
N SER F 3575 47.86 -36.34 38.52
CA SER F 3575 46.88 -36.22 37.46
C SER F 3575 46.85 -37.47 36.58
N SER F 3576 48.02 -38.02 36.26
CA SER F 3576 48.05 -39.28 35.54
C SER F 3576 47.38 -40.39 36.33
N MET F 3577 47.64 -40.44 37.63
CA MET F 3577 47.03 -41.45 38.49
C MET F 3577 45.51 -41.33 38.49
N MET F 3578 44.99 -40.12 38.61
CA MET F 3578 43.54 -39.93 38.61
C MET F 3578 42.94 -40.31 37.26
N ALA F 3579 43.59 -39.91 36.16
CA ALA F 3579 43.10 -40.25 34.84
C ALA F 3579 43.02 -41.76 34.66
N LYS F 3580 44.06 -42.48 35.06
CA LYS F 3580 44.01 -43.94 34.98
C LYS F 3580 42.98 -44.52 35.95
N SER F 3581 42.64 -43.78 37.01
CA SER F 3581 41.55 -44.20 37.87
C SER F 3581 40.24 -44.22 37.10
N CYS F 3582 39.90 -43.11 36.43
CA CYS F 3582 38.65 -43.08 35.66
C CYS F 3582 38.69 -44.06 34.51
N GLN F 3583 39.83 -44.15 33.82
CA GLN F 3583 39.96 -44.97 32.62
C GLN F 3583 40.07 -46.46 32.98
N SER F 3584 39.01 -46.97 33.60
CA SER F 3584 39.00 -48.35 34.02
C SER F 3584 38.87 -49.28 32.82
N GLY F 3585 39.57 -50.40 32.88
CA GLY F 3585 39.55 -51.38 31.80
C GLY F 3585 40.26 -52.66 32.17
N GLU F 3595 29.47 -57.12 20.07
CA GLU F 3595 28.23 -56.63 20.65
C GLU F 3595 28.07 -57.12 22.09
N LYS F 3596 27.35 -56.34 22.89
CA LYS F 3596 27.17 -56.63 24.31
C LYS F 3596 25.69 -56.55 24.67
N THR F 3597 25.35 -57.21 25.76
CA THR F 3597 23.99 -57.14 26.26
C THR F 3597 23.68 -55.71 26.72
N PHE F 3598 22.39 -55.35 26.66
CA PHE F 3598 21.98 -54.03 27.11
C PHE F 3598 22.35 -53.81 28.57
N GLU F 3599 22.12 -54.83 29.41
CA GLU F 3599 22.48 -54.70 30.83
C GLU F 3599 23.97 -54.53 31.02
N GLU F 3600 24.78 -55.23 30.21
CA GLU F 3600 26.22 -55.12 30.33
C GLU F 3600 26.71 -53.71 30.00
N LYS F 3601 26.22 -53.15 28.89
CA LYS F 3601 26.60 -51.80 28.52
C LYS F 3601 26.10 -50.78 29.53
N GLU F 3602 24.89 -50.98 30.04
CA GLU F 3602 24.36 -50.07 31.06
C GLU F 3602 25.20 -50.12 32.33
N MET F 3603 25.64 -51.31 32.75
CA MET F 3603 26.48 -51.41 33.94
C MET F 3603 27.84 -50.79 33.70
N GLU F 3604 28.39 -50.94 32.50
CA GLU F 3604 29.64 -50.27 32.19
C GLU F 3604 29.48 -48.75 32.28
N LYS F 3605 28.37 -48.23 31.77
CA LYS F 3605 28.11 -46.80 31.86
C LYS F 3605 28.00 -46.35 33.31
N GLN F 3606 27.29 -47.12 34.14
CA GLN F 3606 27.14 -46.75 35.55
C GLN F 3606 28.47 -46.78 36.27
N LYS F 3607 29.29 -47.79 35.99
CA LYS F 3607 30.61 -47.87 36.62
C LYS F 3607 31.48 -46.68 36.23
N THR F 3608 31.46 -46.30 34.95
CA THR F 3608 32.22 -45.13 34.53
C THR F 3608 31.73 -43.87 35.22
N LEU F 3609 30.41 -43.70 35.33
CA LEU F 3609 29.87 -42.52 36.01
C LEU F 3609 30.31 -42.46 37.46
N TYR F 3610 30.28 -43.62 38.15
CA TYR F 3610 30.69 -43.65 39.56
C TYR F 3610 32.18 -43.33 39.70
N GLN F 3611 33.02 -43.90 38.85
CA GLN F 3611 34.45 -43.61 38.90
C GLN F 3611 34.72 -42.14 38.65
N GLN F 3612 33.98 -41.53 37.72
CA GLN F 3612 34.18 -40.11 37.44
C GLN F 3612 33.69 -39.25 38.60
N ALA F 3613 32.61 -39.65 39.26
CA ALA F 3613 32.08 -38.89 40.38
C ALA F 3613 32.96 -38.99 41.60
N ARG F 3614 33.77 -40.05 41.72
CA ARG F 3614 34.76 -40.07 42.79
C ARG F 3614 35.68 -38.85 42.72
N LEU F 3615 35.94 -38.35 41.51
CA LEU F 3615 36.88 -37.26 41.29
C LEU F 3615 36.21 -35.89 41.14
N HIS F 3616 35.13 -35.80 40.37
CA HIS F 3616 34.56 -34.48 40.16
C HIS F 3616 33.75 -34.00 41.35
N GLU F 3617 33.51 -34.85 42.33
CA GLU F 3617 32.91 -34.43 43.59
C GLU F 3617 33.92 -33.90 44.59
N ARG F 3618 35.21 -33.97 44.25
CA ARG F 3618 36.28 -33.42 45.07
C ARG F 3618 36.96 -32.24 44.40
N GLY F 3619 36.34 -31.67 43.38
CA GLY F 3619 36.86 -30.47 42.75
C GLY F 3619 37.93 -30.70 41.72
N ALA F 3620 37.76 -31.70 40.85
CA ALA F 3620 38.72 -31.94 39.79
C ALA F 3620 38.37 -31.21 38.50
N ALA F 3621 37.08 -30.93 38.26
CA ALA F 3621 36.69 -30.16 37.09
C ALA F 3621 37.24 -28.75 37.15
N GLU F 3622 37.06 -28.09 38.29
CA GLU F 3622 37.62 -26.76 38.48
C GLU F 3622 39.14 -26.80 38.41
N MET F 3623 39.76 -27.85 38.94
CA MET F 3623 41.21 -27.96 38.87
C MET F 3623 41.68 -28.05 37.42
N VAL F 3624 40.99 -28.84 36.60
CA VAL F 3624 41.35 -28.96 35.19
C VAL F 3624 41.25 -27.60 34.50
N LEU F 3625 40.14 -26.90 34.74
CA LEU F 3625 39.96 -25.60 34.10
C LEU F 3625 41.03 -24.62 34.55
N GLN F 3626 41.34 -24.60 35.85
CA GLN F 3626 42.34 -23.66 36.37
C GLN F 3626 43.72 -23.98 35.83
N MET F 3627 44.07 -25.26 35.71
CA MET F 3627 45.39 -25.61 35.20
C MET F 3627 45.51 -25.31 33.70
N ILE F 3628 44.42 -25.44 32.94
CA ILE F 3628 44.48 -25.04 31.54
C ILE F 3628 44.59 -23.53 31.44
N SER F 3629 43.91 -22.80 32.32
CA SER F 3629 44.03 -21.34 32.33
C SER F 3629 45.43 -20.90 32.68
N ALA F 3630 46.07 -21.59 33.63
CA ALA F 3630 47.37 -21.20 34.15
C ALA F 3630 48.52 -21.51 33.19
N SER F 3631 48.29 -22.31 32.16
CA SER F 3631 49.38 -22.63 31.24
C SER F 3631 49.78 -21.43 30.40
N LYS F 3632 48.86 -20.50 30.18
CA LYS F 3632 49.05 -19.29 29.38
C LYS F 3632 49.22 -19.58 27.90
N GLY F 3633 49.09 -20.83 27.47
CA GLY F 3633 49.23 -21.19 26.08
C GLY F 3633 50.49 -21.94 25.72
N GLU F 3634 51.25 -22.42 26.69
CA GLU F 3634 52.50 -23.11 26.46
C GLU F 3634 52.34 -24.59 26.77
N MET F 3635 52.69 -25.44 25.81
CA MET F 3635 52.57 -26.87 26.03
C MET F 3635 53.64 -27.37 26.99
N SER F 3636 53.26 -28.29 27.86
CA SER F 3636 54.14 -28.85 28.87
C SER F 3636 53.50 -30.12 29.42
N PRO F 3637 54.23 -30.92 30.18
CA PRO F 3637 53.63 -32.16 30.71
C PRO F 3637 52.40 -31.92 31.55
N MET F 3638 52.36 -30.81 32.28
CA MET F 3638 51.18 -30.49 33.08
C MET F 3638 49.95 -30.28 32.22
N VAL F 3639 50.11 -29.61 31.07
CA VAL F 3639 48.96 -29.40 30.18
C VAL F 3639 48.49 -30.73 29.61
N VAL F 3640 49.43 -31.60 29.24
CA VAL F 3640 49.05 -32.91 28.69
C VAL F 3640 48.26 -33.71 29.72
N GLU F 3641 48.76 -33.75 30.95
CA GLU F 3641 48.06 -34.50 32.00
C GLU F 3641 46.71 -33.86 32.32
N THR F 3642 46.63 -32.53 32.27
CA THR F 3642 45.37 -31.85 32.53
C THR F 3642 44.34 -32.21 31.48
N LEU F 3643 44.72 -32.21 30.21
CA LEU F 3643 43.77 -32.57 29.16
C LEU F 3643 43.36 -34.03 29.27
N LYS F 3644 44.30 -34.92 29.59
CA LYS F 3644 43.93 -36.32 29.77
C LYS F 3644 42.98 -36.51 30.95
N LEU F 3645 43.21 -35.80 32.05
CA LEU F 3645 42.30 -35.90 33.19
C LEU F 3645 40.93 -35.33 32.85
N GLY F 3646 40.87 -34.23 32.11
CA GLY F 3646 39.59 -33.68 31.71
C GLY F 3646 38.82 -34.62 30.81
N ILE F 3647 39.52 -35.27 29.88
CA ILE F 3647 38.88 -36.28 29.04
C ILE F 3647 38.39 -37.44 29.90
N ALA F 3648 39.18 -37.84 30.89
CA ALA F 3648 38.80 -38.96 31.74
C ALA F 3648 37.55 -38.66 32.53
N ILE F 3649 37.42 -37.44 33.05
CA ILE F 3649 36.23 -37.10 33.84
C ILE F 3649 35.09 -36.58 32.99
N LEU F 3650 35.29 -36.40 31.69
CA LEU F 3650 34.20 -36.01 30.79
C LEU F 3650 33.76 -37.13 29.87
N ASN F 3651 34.46 -38.26 29.85
CA ASN F 3651 34.18 -39.31 28.88
C ASN F 3651 32.74 -39.79 28.96
N GLY F 3652 32.14 -40.01 27.80
CA GLY F 3652 30.73 -40.34 27.73
C GLY F 3652 29.80 -39.16 27.80
N GLY F 3653 30.33 -37.94 27.82
CA GLY F 3653 29.50 -36.76 27.95
C GLY F 3653 28.87 -36.66 29.31
N ASN F 3654 29.68 -36.42 30.34
CA ASN F 3654 29.19 -36.35 31.71
C ASN F 3654 28.48 -35.02 31.91
N ALA F 3655 27.16 -35.06 32.12
CA ALA F 3655 26.40 -33.83 32.24
C ALA F 3655 26.76 -33.06 33.49
N GLY F 3656 26.99 -33.75 34.60
CA GLY F 3656 27.34 -33.06 35.84
C GLY F 3656 28.65 -32.30 35.73
N VAL F 3657 29.67 -32.93 35.13
CA VAL F 3657 30.96 -32.27 34.97
C VAL F 3657 30.84 -31.09 34.02
N GLN F 3658 30.05 -31.22 32.96
CA GLN F 3658 29.86 -30.11 32.04
C GLN F 3658 29.17 -28.95 32.73
N GLN F 3659 28.17 -29.23 33.55
CA GLN F 3659 27.50 -28.16 34.30
C GLN F 3659 28.46 -27.48 35.25
N LYS F 3660 29.28 -28.27 35.96
CA LYS F 3660 30.25 -27.69 36.87
C LYS F 3660 31.24 -26.80 36.14
N MET F 3661 31.76 -27.27 35.00
CA MET F 3661 32.72 -26.49 34.25
C MET F 3661 32.11 -25.21 33.70
N LEU F 3662 30.89 -25.29 33.16
CA LEU F 3662 30.25 -24.11 32.63
C LEU F 3662 29.94 -23.09 33.72
N ASP F 3663 29.46 -23.56 34.87
CA ASP F 3663 29.21 -22.65 35.98
C ASP F 3663 30.49 -21.99 36.46
N TYR F 3664 31.57 -22.76 36.55
CA TYR F 3664 32.85 -22.16 36.95
C TYR F 3664 33.30 -21.11 35.96
N LEU F 3665 33.18 -21.39 34.66
CA LEU F 3665 33.67 -20.46 33.66
C LEU F 3665 32.80 -19.22 33.56
N LYS F 3666 31.51 -19.33 33.83
CA LYS F 3666 30.63 -18.17 33.73
C LYS F 3666 30.67 -17.32 34.99
N GLU F 3667 30.60 -17.97 36.17
CA GLU F 3667 30.64 -17.24 37.42
C GLU F 3667 31.96 -16.53 37.61
N LYS F 3668 33.07 -17.19 37.27
CA LYS F 3668 34.39 -16.63 37.47
C LYS F 3668 34.78 -15.62 36.40
N LYS F 3669 34.05 -15.53 35.30
CA LYS F 3669 34.40 -14.65 34.19
C LYS F 3669 35.81 -14.93 33.70
N ASP F 3670 36.17 -16.22 33.68
CA ASP F 3670 37.54 -16.64 33.39
C ASP F 3670 37.81 -16.51 31.89
N ALA F 3671 38.48 -15.43 31.49
CA ALA F 3671 38.89 -15.25 30.11
C ALA F 3671 40.29 -15.79 29.83
N GLY F 3672 41.01 -16.24 30.85
CA GLY F 3672 42.30 -16.86 30.63
C GLY F 3672 42.19 -18.26 30.08
N PHE F 3673 41.11 -18.96 30.41
CA PHE F 3673 40.90 -20.30 29.89
C PHE F 3673 40.85 -20.29 28.37
N PHE F 3674 40.10 -19.35 27.80
CA PHE F 3674 39.94 -19.32 26.36
C PHE F 3674 41.15 -18.74 25.65
N GLN F 3675 41.86 -17.80 26.28
CA GLN F 3675 43.13 -17.35 25.72
C GLN F 3675 44.12 -18.50 25.64
N SER F 3676 44.20 -19.31 26.71
CA SER F 3676 45.10 -20.46 26.70
C SER F 3676 44.66 -21.50 25.68
N LEU F 3677 43.35 -21.72 25.54
CA LEU F 3677 42.87 -22.63 24.51
C LEU F 3677 43.26 -22.15 23.12
N SER F 3678 43.10 -20.86 22.86
CA SER F 3678 43.47 -20.31 21.55
C SER F 3678 44.96 -20.48 21.30
N GLY F 3679 45.79 -20.20 22.30
CA GLY F 3679 47.22 -20.38 22.13
C GLY F 3679 47.59 -21.83 21.89
N LEU F 3680 46.98 -22.75 22.64
CA LEU F 3680 47.26 -24.17 22.45
C LEU F 3680 46.86 -24.63 21.05
N MET F 3681 45.70 -24.18 20.57
CA MET F 3681 45.29 -24.54 19.21
C MET F 3681 46.25 -23.99 18.18
N GLN F 3682 46.68 -22.74 18.35
CA GLN F 3682 47.61 -22.14 17.40
C GLN F 3682 48.99 -22.79 17.45
N SER F 3683 49.34 -23.43 18.55
CA SER F 3683 50.64 -24.10 18.65
C SER F 3683 50.61 -25.53 18.15
N CYS F 3684 49.47 -26.05 17.74
CA CYS F 3684 49.39 -27.43 17.28
C CYS F 3684 50.15 -27.60 15.98
N SER F 3685 50.82 -28.75 15.84
CA SER F 3685 51.70 -29.01 14.72
C SER F 3685 51.01 -29.84 13.66
N VAL F 3686 51.44 -29.64 12.41
CA VAL F 3686 50.89 -30.34 11.25
C VAL F 3686 52.03 -31.04 10.52
N LEU F 3687 51.67 -31.81 9.51
CA LEU F 3687 52.66 -32.50 8.68
C LEU F 3687 53.55 -31.48 7.98
N ASP F 3688 54.86 -31.73 8.00
CA ASP F 3688 55.81 -30.90 7.27
C ASP F 3688 56.72 -31.78 6.43
N LEU F 3689 56.90 -31.40 5.17
CA LEU F 3689 57.66 -32.21 4.23
C LEU F 3689 59.16 -32.02 4.36
N ASN F 3690 59.63 -30.90 4.91
CA ASN F 3690 61.06 -30.68 5.03
C ASN F 3690 61.69 -31.68 5.98
N ALA F 3691 61.08 -31.87 7.16
CA ALA F 3691 61.61 -32.84 8.12
C ALA F 3691 61.52 -34.24 7.55
N PHE F 3692 60.46 -34.55 6.82
CA PHE F 3692 60.33 -35.87 6.22
C PHE F 3692 61.43 -36.11 5.20
N GLU F 3693 61.74 -35.11 4.37
CA GLU F 3693 62.80 -35.27 3.39
C GLU F 3693 64.16 -35.42 4.07
N ARG F 3694 64.41 -34.65 5.13
CA ARG F 3694 65.66 -34.80 5.87
C ARG F 3694 65.78 -36.19 6.48
N GLN F 3695 64.67 -36.71 7.03
CA GLN F 3695 64.68 -38.06 7.58
C GLN F 3695 64.97 -39.09 6.50
N ASN F 3696 64.35 -38.93 5.33
CA ASN F 3696 64.62 -39.85 4.22
C ASN F 3696 66.08 -39.79 3.79
N LYS F 3697 66.65 -38.58 3.73
CA LYS F 3697 68.05 -38.45 3.36
C LYS F 3697 68.96 -39.15 4.37
N ALA F 3698 68.70 -38.94 5.66
CA ALA F 3698 69.50 -39.59 6.69
C ALA F 3698 69.36 -41.10 6.63
N GLU F 3699 68.15 -41.61 6.37
CA GLU F 3699 67.98 -43.05 6.24
C GLU F 3699 68.72 -43.58 5.02
N GLY F 3700 68.69 -42.85 3.90
CA GLY F 3700 69.38 -43.31 2.71
C GLY F 3700 70.88 -43.35 2.89
N LEU F 3701 71.44 -42.33 3.54
CA LEU F 3701 72.87 -42.33 3.80
C LEU F 3701 73.28 -43.49 4.69
N GLY F 3702 72.37 -44.00 5.51
CA GLY F 3702 72.65 -45.14 6.35
C GLY F 3702 72.31 -44.92 7.80
N MET F 3703 72.17 -43.67 8.21
CA MET F 3703 71.89 -43.37 9.61
C MET F 3703 70.51 -43.88 10.01
N VAL F 3704 70.45 -44.47 11.20
CA VAL F 3704 69.18 -44.97 11.73
C VAL F 3704 68.42 -43.82 12.37
N THR F 3705 67.20 -43.59 11.90
CA THR F 3705 66.40 -42.48 12.40
C THR F 3705 65.92 -42.77 13.83
N GLU F 3706 66.08 -41.79 14.70
CA GLU F 3706 65.65 -41.92 16.09
C GLU F 3706 64.16 -41.62 16.22
N GLU F 3707 63.62 -41.92 17.40
CA GLU F 3707 62.19 -41.73 17.63
C GLU F 3707 61.81 -40.25 17.56
N GLY F 3708 62.63 -39.37 18.13
CA GLY F 3708 62.35 -37.94 18.01
C GLY F 3708 62.36 -37.48 16.57
N THR F 3709 63.30 -37.98 15.78
CA THR F 3709 63.34 -37.66 14.36
C THR F 3709 62.07 -38.12 13.66
N ARG F 3710 61.58 -39.31 13.99
CA ARG F 3710 60.33 -39.78 13.41
C ARG F 3710 59.17 -38.88 13.81
N GLU F 3711 59.14 -38.46 15.08
CA GLU F 3711 58.06 -37.60 15.55
C GLU F 3711 58.16 -36.18 15.02
N LYS F 3712 59.29 -35.79 14.44
CA LYS F 3712 59.42 -34.42 13.92
C LYS F 3712 58.43 -34.12 12.81
N VAL F 3713 58.06 -35.13 12.02
CA VAL F 3713 57.26 -34.86 10.82
C VAL F 3713 55.86 -34.40 11.21
N LEU F 3714 55.20 -35.10 12.11
CA LEU F 3714 53.90 -34.70 12.66
C LEU F 3714 54.07 -34.72 14.17
N GLN F 3715 54.32 -33.55 14.76
CA GLN F 3715 54.79 -33.45 16.12
C GLN F 3715 53.64 -33.18 17.08
N ASN F 3716 53.62 -33.92 18.19
CA ASN F 3716 52.62 -33.73 19.24
C ASN F 3716 51.21 -33.97 18.70
N ASP F 3717 51.03 -35.11 18.03
CA ASP F 3717 49.70 -35.45 17.53
C ASP F 3717 48.80 -35.97 18.66
N GLU F 3718 49.36 -36.68 19.63
CA GLU F 3718 48.56 -37.11 20.77
C GLU F 3718 47.99 -35.93 21.53
N PHE F 3719 48.81 -34.88 21.72
CA PHE F 3719 48.31 -33.69 22.39
C PHE F 3719 47.22 -33.01 21.59
N THR F 3720 47.37 -32.95 20.26
CA THR F 3720 46.35 -32.35 19.42
C THR F 3720 45.03 -33.09 19.57
N ARG F 3721 45.09 -34.42 19.49
CA ARG F 3721 43.88 -35.22 19.60
C ARG F 3721 43.27 -35.10 20.99
N ASP F 3722 44.09 -35.02 22.04
CA ASP F 3722 43.57 -34.81 23.38
C ASP F 3722 42.87 -33.46 23.50
N LEU F 3723 43.48 -32.41 22.95
CA LEU F 3723 42.90 -31.07 23.02
C LEU F 3723 41.54 -31.05 22.34
N PHE F 3724 41.46 -31.60 21.13
CA PHE F 3724 40.20 -31.53 20.40
C PHE F 3724 39.18 -32.53 20.93
N ARG F 3725 39.62 -33.64 21.52
CA ARG F 3725 38.69 -34.53 22.20
C ARG F 3725 38.08 -33.86 23.43
N PHE F 3726 38.89 -33.11 24.17
CA PHE F 3726 38.39 -32.34 25.29
C PHE F 3726 37.35 -31.32 24.83
N LEU F 3727 37.67 -30.57 23.77
CA LEU F 3727 36.73 -29.58 23.25
C LEU F 3727 35.45 -30.23 22.74
N GLN F 3728 35.56 -31.42 22.15
CA GLN F 3728 34.39 -32.17 21.75
C GLN F 3728 33.54 -32.57 22.94
N LEU F 3729 34.18 -33.13 23.97
CA LEU F 3729 33.46 -33.59 25.14
C LEU F 3729 32.80 -32.47 25.91
N LEU F 3730 33.26 -31.24 25.73
CA LEU F 3730 32.55 -30.11 26.34
C LEU F 3730 31.17 -29.93 25.71
N CYS F 3731 31.01 -30.22 24.43
CA CYS F 3731 29.73 -30.09 23.74
C CYS F 3731 28.98 -31.41 23.63
N GLU F 3732 29.53 -32.50 24.14
CA GLU F 3732 28.96 -33.82 23.94
C GLU F 3732 27.55 -33.90 24.51
N GLY F 3733 26.69 -34.66 23.83
CA GLY F 3733 25.30 -34.76 24.21
C GLY F 3733 24.44 -33.60 23.81
N HIS F 3734 24.93 -32.73 22.94
CA HIS F 3734 24.19 -31.55 22.49
C HIS F 3734 23.95 -30.59 23.65
N ASN F 3735 25.03 -30.24 24.34
CA ASN F 3735 25.01 -29.25 25.41
C ASN F 3735 24.96 -27.87 24.75
N SER F 3736 23.75 -27.33 24.64
CA SER F 3736 23.57 -26.08 23.92
C SER F 3736 24.28 -24.93 24.62
N ASP F 3737 24.29 -24.95 25.95
CA ASP F 3737 24.95 -23.87 26.70
C ASP F 3737 26.44 -23.82 26.39
N PHE F 3738 27.10 -24.97 26.35
CA PHE F 3738 28.53 -25.02 26.06
C PHE F 3738 28.80 -24.93 24.57
N GLN F 3739 27.84 -25.31 23.73
CA GLN F 3739 28.01 -25.10 22.30
C GLN F 3739 28.00 -23.62 21.96
N ASN F 3740 27.14 -22.85 22.63
CA ASN F 3740 27.10 -21.40 22.42
C ASN F 3740 28.25 -20.70 23.10
N PHE F 3741 28.60 -21.11 24.33
CA PHE F 3741 29.65 -20.41 25.07
C PHE F 3741 31.00 -20.52 24.37
N LEU F 3742 31.24 -21.61 23.65
CA LEU F 3742 32.50 -21.76 22.93
C LEU F 3742 32.61 -20.84 21.73
N ARG F 3743 31.51 -20.21 21.31
CA ARG F 3743 31.53 -19.31 20.17
C ARG F 3743 31.68 -17.85 20.61
N THR F 3744 30.73 -17.36 21.40
CA THR F 3744 30.79 -16.02 21.97
C THR F 3744 30.65 -16.14 23.48
N GLN F 3745 31.68 -15.74 24.20
CA GLN F 3745 31.66 -15.80 25.66
C GLN F 3745 31.02 -14.52 26.18
N MET F 3746 29.71 -14.58 26.41
CA MET F 3746 28.98 -13.40 26.88
C MET F 3746 29.31 -13.15 28.35
N GLY F 3747 29.67 -11.91 28.66
CA GLY F 3747 30.03 -11.50 29.99
C GLY F 3747 31.51 -11.39 30.25
N ASN F 3748 32.34 -12.02 29.41
CA ASN F 3748 33.78 -11.92 29.58
C ASN F 3748 34.30 -10.64 28.96
N THR F 3749 35.47 -10.21 29.43
CA THR F 3749 36.11 -9.02 28.87
C THR F 3749 36.47 -9.23 27.41
N THR F 3750 37.02 -10.39 27.08
CA THR F 3750 37.42 -10.70 25.72
C THR F 3750 36.84 -12.05 25.32
N THR F 3751 36.48 -12.16 24.04
CA THR F 3751 35.83 -13.34 23.49
C THR F 3751 36.76 -14.04 22.51
N ILE F 3752 36.76 -15.37 22.56
CA ILE F 3752 37.51 -16.20 21.63
C ILE F 3752 36.53 -17.15 20.97
N ASN F 3753 36.61 -17.27 19.65
CA ASN F 3753 35.73 -18.14 18.87
C ASN F 3753 36.46 -19.45 18.62
N VAL F 3754 35.96 -20.53 19.22
CA VAL F 3754 36.65 -21.82 19.12
C VAL F 3754 36.26 -22.56 17.86
N ILE F 3755 35.06 -22.32 17.33
CA ILE F 3755 34.66 -22.95 16.07
C ILE F 3755 35.62 -22.53 14.95
N ILE F 3756 35.89 -21.23 14.86
CA ILE F 3756 36.76 -20.72 13.81
C ILE F 3756 38.19 -21.19 14.04
N SER F 3757 38.62 -21.32 15.29
CA SER F 3757 39.97 -21.81 15.56
C SER F 3757 40.13 -23.26 15.09
N THR F 3758 39.13 -24.09 15.36
CA THR F 3758 39.19 -25.46 14.86
C THR F 3758 39.18 -25.48 13.34
N VAL F 3759 38.37 -24.62 12.71
CA VAL F 3759 38.36 -24.58 11.25
C VAL F 3759 39.72 -24.16 10.70
N ASP F 3760 40.37 -23.20 11.34
CA ASP F 3760 41.69 -22.75 10.89
C ASP F 3760 42.71 -23.86 10.99
N TYR F 3761 42.72 -24.58 12.12
CA TYR F 3761 43.65 -25.70 12.23
C TYR F 3761 43.33 -26.76 11.19
N LEU F 3762 42.04 -26.97 10.90
CA LEU F 3762 41.67 -27.94 9.87
C LEU F 3762 42.22 -27.53 8.52
N LEU F 3763 42.15 -26.24 8.19
CA LEU F 3763 42.70 -25.78 6.92
C LEU F 3763 44.20 -25.99 6.85
N ARG F 3764 44.91 -25.67 7.93
CA ARG F 3764 46.36 -25.89 7.95
C ARG F 3764 46.71 -27.35 7.75
N LEU F 3765 46.02 -28.24 8.48
CA LEU F 3765 46.27 -29.66 8.34
C LEU F 3765 45.92 -30.15 6.94
N GLN F 3766 44.83 -29.63 6.37
CA GLN F 3766 44.44 -30.03 5.01
C GLN F 3766 45.51 -29.65 4.00
N GLU F 3767 46.06 -28.45 4.14
CA GLU F 3767 47.12 -28.02 3.22
C GLU F 3767 48.35 -28.92 3.35
N SER F 3768 48.72 -29.26 4.58
CA SER F 3768 49.87 -30.15 4.77
C SER F 3768 49.60 -31.52 4.14
N ILE F 3769 48.39 -32.04 4.30
CA ILE F 3769 48.04 -33.34 3.73
C ILE F 3769 48.06 -33.30 2.22
N SER F 3770 47.58 -32.20 1.63
CA SER F 3770 47.64 -32.05 0.18
C SER F 3770 49.07 -32.00 -0.31
N ASP F 3771 49.95 -31.33 0.44
CA ASP F 3771 51.36 -31.32 0.07
C ASP F 3771 51.94 -32.73 0.10
N PHE F 3772 51.61 -33.50 1.13
CA PHE F 3772 52.08 -34.88 1.20
C PHE F 3772 51.57 -35.69 0.02
N TYR F 3773 50.30 -35.52 -0.35
CA TYR F 3773 49.76 -36.23 -1.49
C TYR F 3773 50.46 -35.84 -2.78
N TRP F 3774 50.75 -34.55 -2.96
CA TRP F 3774 51.49 -34.12 -4.15
C TRP F 3774 52.87 -34.74 -4.17
N TYR F 3775 53.49 -34.87 -2.99
CA TYR F 3775 54.78 -35.53 -2.91
C TYR F 3775 54.70 -36.98 -3.40
N TYR F 3776 53.68 -37.71 -2.96
CA TYR F 3776 53.58 -39.13 -3.29
C TYR F 3776 52.81 -39.41 -4.57
N SER F 3777 52.33 -38.38 -5.27
CA SER F 3777 51.57 -38.61 -6.49
C SER F 3777 52.45 -39.20 -7.59
N GLY F 3778 53.67 -38.69 -7.73
CA GLY F 3778 54.56 -39.21 -8.76
C GLY F 3778 55.00 -40.64 -8.50
N LYS F 3779 55.23 -40.98 -7.23
CA LYS F 3779 55.79 -42.27 -6.88
C LYS F 3779 54.76 -43.38 -7.05
N ASP F 3780 55.25 -44.61 -7.09
CA ASP F 3780 54.39 -45.76 -7.38
C ASP F 3780 53.70 -46.27 -6.12
N ILE F 3781 54.47 -46.53 -5.05
CA ILE F 3781 53.93 -47.02 -3.79
C ILE F 3781 54.47 -46.17 -2.66
N ILE F 3782 53.75 -46.21 -1.54
CA ILE F 3782 54.08 -45.41 -0.36
C ILE F 3782 54.87 -46.27 0.61
N ASP F 3783 56.04 -45.79 1.02
CA ASP F 3783 56.88 -46.55 1.93
C ASP F 3783 56.25 -46.57 3.33
N GLU F 3784 56.95 -47.23 4.26
CA GLU F 3784 56.41 -47.39 5.61
C GLU F 3784 56.31 -46.06 6.33
N SER F 3785 57.33 -45.20 6.22
CA SER F 3785 57.30 -43.93 6.91
C SER F 3785 56.17 -43.05 6.40
N GLY F 3786 55.97 -43.04 5.08
CA GLY F 3786 54.87 -42.27 4.52
C GLY F 3786 53.52 -42.75 5.01
N GLN F 3787 53.32 -44.06 5.07
CA GLN F 3787 52.07 -44.60 5.58
C GLN F 3787 51.88 -44.25 7.05
N HIS F 3788 52.95 -44.32 7.84
CA HIS F 3788 52.87 -43.96 9.25
C HIS F 3788 52.41 -42.52 9.43
N ASN F 3789 53.05 -41.60 8.71
CA ASN F 3789 52.69 -40.19 8.84
C ASN F 3789 51.30 -39.91 8.28
N PHE F 3790 50.92 -40.57 7.19
CA PHE F 3790 49.56 -40.43 6.68
C PHE F 3790 48.54 -40.90 7.69
N SER F 3791 48.81 -42.03 8.36
CA SER F 3791 47.89 -42.55 9.35
C SER F 3791 47.73 -41.58 10.52
N LYS F 3792 48.84 -41.01 10.99
CA LYS F 3792 48.74 -40.04 12.08
C LYS F 3792 47.95 -38.80 11.66
N ALA F 3793 48.21 -38.30 10.46
CA ALA F 3793 47.47 -37.12 9.99
C ALA F 3793 45.98 -37.44 9.83
N LEU F 3794 45.65 -38.64 9.34
CA LEU F 3794 44.27 -39.03 9.21
C LEU F 3794 43.58 -39.15 10.57
N ALA F 3795 44.30 -39.65 11.57
CA ALA F 3795 43.74 -39.71 12.92
C ALA F 3795 43.43 -38.31 13.44
N VAL F 3796 44.35 -37.37 13.27
CA VAL F 3796 44.12 -36.00 13.72
C VAL F 3796 42.94 -35.38 12.99
N THR F 3797 42.86 -35.60 11.67
CA THR F 3797 41.77 -35.03 10.89
C THR F 3797 40.42 -35.61 11.30
N LYS F 3798 40.38 -36.91 11.57
CA LYS F 3798 39.16 -37.53 12.04
C LYS F 3798 38.71 -36.94 13.37
N GLN F 3799 39.67 -36.69 14.27
CA GLN F 3799 39.31 -36.05 15.54
C GLN F 3799 38.76 -34.65 15.33
N ILE F 3800 39.35 -33.88 14.42
CA ILE F 3800 38.88 -32.52 14.19
C ILE F 3800 37.49 -32.52 13.58
N PHE F 3801 37.23 -33.46 12.65
CA PHE F 3801 35.90 -33.57 12.09
C PHE F 3801 34.88 -33.93 13.16
N ASN F 3802 35.24 -34.83 14.08
CA ASN F 3802 34.33 -35.17 15.17
C ASN F 3802 34.07 -33.96 16.07
N SER F 3803 35.10 -33.15 16.30
CA SER F 3803 34.91 -31.95 17.11
C SER F 3803 33.95 -30.98 16.44
N LEU F 3804 34.13 -30.74 15.14
CA LEU F 3804 33.21 -29.83 14.44
C LEU F 3804 31.79 -30.37 14.43
N THR F 3805 31.64 -31.66 14.17
CA THR F 3805 30.32 -32.28 14.18
C THR F 3805 29.67 -32.13 15.54
N GLU F 3806 30.45 -32.26 16.62
CA GLU F 3806 29.90 -32.03 17.95
C GLU F 3806 29.49 -30.57 18.13
N TYR F 3807 30.30 -29.64 17.61
CA TYR F 3807 29.95 -28.23 17.74
C TYR F 3807 28.61 -27.92 17.12
N ILE F 3808 28.34 -28.44 15.91
CA ILE F 3808 27.17 -27.99 15.17
C ILE F 3808 25.91 -28.82 15.40
N GLN F 3809 26.03 -30.04 15.90
CA GLN F 3809 24.86 -30.89 16.04
C GLN F 3809 23.90 -30.35 17.08
N GLY F 3810 22.65 -30.80 16.99
CA GLY F 3810 21.64 -30.48 17.96
C GLY F 3810 20.31 -30.03 17.40
N PRO F 3811 20.30 -29.17 16.38
CA PRO F 3811 21.38 -28.38 15.78
C PRO F 3811 21.67 -27.11 16.56
N CYS F 3812 22.88 -26.57 16.48
CA CYS F 3812 23.19 -25.25 17.01
C CYS F 3812 23.23 -24.29 15.83
N ILE F 3813 22.22 -23.41 15.76
CA ILE F 3813 22.09 -22.53 14.60
C ILE F 3813 23.28 -21.59 14.51
N GLY F 3814 23.73 -21.05 15.65
CA GLY F 3814 24.85 -20.12 15.63
C GLY F 3814 26.11 -20.75 15.09
N ASN F 3815 26.42 -21.97 15.54
CA ASN F 3815 27.62 -22.64 15.08
C ASN F 3815 27.49 -23.09 13.63
N GLN F 3816 26.29 -23.50 13.21
CA GLN F 3816 26.08 -23.83 11.81
C GLN F 3816 26.34 -22.62 10.91
N GLN F 3817 25.77 -21.48 11.27
CA GLN F 3817 26.00 -20.27 10.49
C GLN F 3817 27.45 -19.85 10.53
N SER F 3818 28.11 -20.03 11.67
CA SER F 3818 29.52 -19.69 11.79
C SER F 3818 30.37 -20.55 10.85
N LEU F 3819 30.10 -21.85 10.81
CA LEU F 3819 30.86 -22.73 9.92
C LEU F 3819 30.54 -22.45 8.45
N ALA F 3820 29.28 -22.14 8.15
CA ALA F 3820 28.89 -21.91 6.76
C ALA F 3820 29.60 -20.70 6.18
N HIS F 3821 29.94 -19.71 7.00
CA HIS F 3821 30.59 -18.50 6.55
C HIS F 3821 32.11 -18.55 6.68
N SER F 3822 32.67 -19.67 7.14
CA SER F 3822 34.10 -19.80 7.32
C SER F 3822 34.74 -20.39 6.08
N ARG F 3823 36.00 -20.81 6.19
CA ARG F 3823 36.73 -21.45 5.11
C ARG F 3823 36.64 -22.98 5.17
N LEU F 3824 35.55 -23.52 5.73
CA LEU F 3824 35.41 -24.97 5.80
C LEU F 3824 35.27 -25.58 4.41
N TRP F 3825 34.66 -24.86 3.48
CA TRP F 3825 34.41 -25.45 2.16
C TRP F 3825 35.70 -25.66 1.38
N ASP F 3826 36.71 -24.80 1.59
CA ASP F 3826 38.00 -25.05 0.99
C ASP F 3826 38.62 -26.34 1.50
N ALA F 3827 38.52 -26.58 2.80
CA ALA F 3827 38.99 -27.84 3.36
C ALA F 3827 38.22 -29.02 2.79
N VAL F 3828 36.91 -28.86 2.60
CA VAL F 3828 36.11 -29.92 2.01
C VAL F 3828 36.57 -30.21 0.60
N VAL F 3829 36.83 -29.17 -0.20
CA VAL F 3829 37.28 -29.36 -1.58
C VAL F 3829 38.62 -30.08 -1.62
N GLY F 3830 39.57 -29.63 -0.81
CA GLY F 3830 40.88 -30.26 -0.79
C GLY F 3830 40.82 -31.70 -0.33
N PHE F 3831 40.02 -31.98 0.69
CA PHE F 3831 39.89 -33.35 1.16
C PHE F 3831 39.20 -34.23 0.14
N LEU F 3832 38.23 -33.70 -0.60
CA LEU F 3832 37.65 -34.47 -1.69
C LEU F 3832 38.70 -34.81 -2.73
N HIS F 3833 39.57 -33.85 -3.06
CA HIS F 3833 40.67 -34.13 -3.98
C HIS F 3833 41.54 -35.27 -3.47
N VAL F 3834 41.96 -35.20 -2.21
CA VAL F 3834 42.86 -36.21 -1.66
C VAL F 3834 42.19 -37.59 -1.61
N PHE F 3835 40.94 -37.63 -1.12
CA PHE F 3835 40.21 -38.90 -1.09
C PHE F 3835 40.09 -39.50 -2.48
N ALA F 3836 39.63 -38.71 -3.44
CA ALA F 3836 39.36 -39.23 -4.77
C ALA F 3836 40.64 -39.73 -5.43
N ASN F 3837 41.74 -39.00 -5.26
CA ASN F 3837 42.97 -39.39 -5.93
C ASN F 3837 43.79 -40.42 -5.15
N MET F 3838 43.49 -40.66 -3.89
CA MET F 3838 44.24 -41.65 -3.12
C MET F 3838 43.52 -42.98 -2.93
N GLN F 3839 42.20 -43.00 -2.95
CA GLN F 3839 41.52 -44.29 -2.81
C GLN F 3839 41.55 -45.08 -4.10
N MET F 3840 41.86 -44.44 -5.23
CA MET F 3840 42.14 -45.13 -6.47
C MET F 3840 43.63 -45.35 -6.69
N LYS F 3841 44.45 -44.98 -5.71
CA LYS F 3841 45.89 -45.22 -5.73
C LYS F 3841 46.35 -46.20 -4.67
N LEU F 3842 45.69 -46.21 -3.51
CA LEU F 3842 45.97 -47.19 -2.48
C LEU F 3842 45.33 -48.53 -2.76
N SER F 3843 44.29 -48.56 -3.60
CA SER F 3843 43.62 -49.80 -3.92
C SER F 3843 44.40 -50.65 -4.92
N GLN F 3844 45.34 -50.06 -5.65
CA GLN F 3844 46.13 -50.81 -6.61
C GLN F 3844 47.27 -51.58 -5.97
N ASP F 3845 47.63 -51.26 -4.72
CA ASP F 3845 48.68 -51.97 -4.01
C ASP F 3845 48.05 -52.80 -2.89
N SER F 3846 48.43 -54.07 -2.82
CA SER F 3846 47.85 -54.97 -1.83
C SER F 3846 48.43 -54.79 -0.44
N SER F 3847 49.47 -53.97 -0.29
CA SER F 3847 50.07 -53.71 1.01
C SER F 3847 49.59 -52.41 1.64
N GLN F 3848 48.55 -51.81 1.09
CA GLN F 3848 48.00 -50.55 1.56
C GLN F 3848 46.52 -50.69 1.88
N ILE F 3849 46.13 -51.83 2.42
CA ILE F 3849 44.72 -52.04 2.77
C ILE F 3849 44.34 -51.18 3.97
N GLU F 3850 45.18 -51.16 5.00
CA GLU F 3850 44.83 -50.44 6.22
C GLU F 3850 44.78 -48.93 5.97
N LEU F 3851 45.70 -48.41 5.17
CA LEU F 3851 45.66 -46.99 4.83
C LEU F 3851 44.37 -46.66 4.07
N LEU F 3852 43.94 -47.54 3.17
CA LEU F 3852 42.70 -47.32 2.47
C LEU F 3852 41.51 -47.33 3.42
N LYS F 3853 41.50 -48.24 4.39
CA LYS F 3853 40.42 -48.29 5.36
C LYS F 3853 40.36 -47.00 6.17
N GLU F 3854 41.52 -46.51 6.61
CA GLU F 3854 41.55 -45.26 7.35
C GLU F 3854 41.06 -44.09 6.51
N LEU F 3855 41.47 -44.04 5.25
CA LEU F 3855 41.01 -42.98 4.36
C LEU F 3855 39.49 -43.02 4.19
N LEU F 3856 38.94 -44.23 4.02
CA LEU F 3856 37.50 -44.36 3.88
C LEU F 3856 36.77 -43.94 5.16
N ASP F 3857 37.30 -44.31 6.32
CA ASP F 3857 36.68 -43.87 7.57
C ASP F 3857 36.70 -42.36 7.72
N LEU F 3858 37.82 -41.72 7.34
CA LEU F 3858 37.87 -40.27 7.39
C LEU F 3858 36.85 -39.64 6.44
N LEU F 3859 36.67 -40.24 5.26
CA LEU F 3859 35.65 -39.75 4.35
C LEU F 3859 34.26 -39.85 4.98
N GLN F 3860 34.00 -40.96 5.67
CA GLN F 3860 32.72 -41.12 6.35
C GLN F 3860 32.51 -40.05 7.40
N ASP F 3861 33.57 -39.72 8.16
CA ASP F 3861 33.47 -38.66 9.17
C ASP F 3861 33.19 -37.31 8.52
N MET F 3862 33.85 -37.01 7.41
CA MET F 3862 33.59 -35.75 6.72
C MET F 3862 32.15 -35.67 6.23
N VAL F 3863 31.64 -36.78 5.69
CA VAL F 3863 30.26 -36.78 5.20
C VAL F 3863 29.28 -36.63 6.35
N VAL F 3864 29.59 -37.22 7.50
CA VAL F 3864 28.73 -37.04 8.67
C VAL F 3864 28.72 -35.60 9.12
N MET F 3865 29.87 -34.93 9.06
CA MET F 3865 29.91 -33.51 9.39
C MET F 3865 29.04 -32.69 8.43
N LEU F 3866 29.11 -33.02 7.13
CA LEU F 3866 28.26 -32.32 6.16
C LEU F 3866 26.77 -32.56 6.45
N LEU F 3867 26.40 -33.79 6.77
CA LEU F 3867 25.02 -34.08 7.13
C LEU F 3867 24.59 -33.30 8.36
N SER F 3868 25.49 -33.13 9.32
CA SER F 3868 25.19 -32.32 10.49
C SER F 3868 24.97 -30.86 10.11
N LEU F 3869 25.76 -30.35 9.17
CA LEU F 3869 25.54 -29.00 8.66
C LEU F 3869 24.18 -28.87 8.00
N LEU F 3870 23.67 -29.97 7.43
CA LEU F 3870 22.37 -29.91 6.75
C LEU F 3870 21.18 -30.06 7.71
N GLU F 3871 21.40 -30.24 9.00
CA GLU F 3871 20.30 -30.38 9.94
C GLU F 3871 19.50 -29.09 10.05
N GLY F 3872 18.18 -29.22 10.16
CA GLY F 3872 17.32 -28.05 10.25
C GLY F 3872 17.36 -27.20 9.00
N ASN F 3873 17.43 -27.84 7.84
CA ASN F 3873 17.59 -27.16 6.56
C ASN F 3873 16.28 -27.24 5.79
N VAL F 3874 15.65 -26.08 5.57
CA VAL F 3874 14.41 -26.01 4.82
C VAL F 3874 14.70 -26.25 3.34
N VAL F 3875 13.67 -26.48 2.55
CA VAL F 3875 13.85 -26.61 1.11
C VAL F 3875 14.40 -25.31 0.56
N ASN F 3876 15.43 -25.41 -0.28
CA ASN F 3876 16.09 -24.25 -0.86
C ASN F 3876 16.77 -23.39 0.21
N GLY F 3877 17.33 -24.03 1.22
CA GLY F 3877 18.05 -23.31 2.24
C GLY F 3877 19.41 -22.83 1.77
N THR F 3878 20.00 -21.93 2.56
CA THR F 3878 21.27 -21.33 2.15
C THR F 3878 22.42 -22.33 2.27
N ILE F 3879 22.47 -23.08 3.37
CA ILE F 3879 23.58 -24.02 3.54
C ILE F 3879 23.50 -25.14 2.52
N GLY F 3880 22.29 -25.56 2.15
CA GLY F 3880 22.15 -26.50 1.06
C GLY F 3880 22.70 -25.97 -0.25
N LYS F 3881 22.42 -24.70 -0.55
CA LYS F 3881 22.96 -24.09 -1.76
C LYS F 3881 24.47 -24.03 -1.72
N GLN F 3882 25.04 -23.68 -0.56
CA GLN F 3882 26.49 -23.64 -0.43
C GLN F 3882 27.09 -25.02 -0.63
N MET F 3883 26.46 -26.06 -0.09
CA MET F 3883 26.99 -27.41 -0.23
C MET F 3883 26.89 -27.89 -1.67
N VAL F 3884 25.80 -27.54 -2.36
CA VAL F 3884 25.68 -27.88 -3.76
C VAL F 3884 26.76 -27.17 -4.59
N ASP F 3885 27.01 -25.90 -4.27
CA ASP F 3885 28.08 -25.18 -4.96
C ASP F 3885 29.43 -25.81 -4.72
N THR F 3886 29.71 -26.21 -3.48
CA THR F 3886 30.98 -26.85 -3.16
C THR F 3886 31.14 -28.18 -3.87
N LEU F 3887 30.07 -28.97 -3.93
CA LEU F 3887 30.14 -30.25 -4.62
C LEU F 3887 30.24 -30.09 -6.13
N VAL F 3888 29.64 -29.03 -6.67
CA VAL F 3888 29.78 -28.73 -8.09
C VAL F 3888 31.20 -28.28 -8.41
N GLU F 3889 31.82 -27.52 -7.50
CA GLU F 3889 33.18 -27.05 -7.73
C GLU F 3889 34.16 -28.20 -7.83
N SER F 3890 33.98 -29.24 -7.03
CA SER F 3890 34.83 -30.43 -7.05
C SER F 3890 34.14 -31.61 -7.71
N SER F 3891 33.38 -31.36 -8.77
CA SER F 3891 32.57 -32.41 -9.38
C SER F 3891 33.40 -33.54 -9.94
N THR F 3892 34.61 -33.25 -10.41
CA THR F 3892 35.46 -34.32 -10.93
C THR F 3892 35.82 -35.32 -9.84
N ASN F 3893 36.21 -34.82 -8.67
CA ASN F 3893 36.59 -35.70 -7.57
C ASN F 3893 35.38 -36.43 -7.00
N VAL F 3894 34.23 -35.76 -6.95
CA VAL F 3894 33.01 -36.43 -6.50
C VAL F 3894 32.66 -37.56 -7.46
N GLU F 3895 32.78 -37.32 -8.77
CA GLU F 3895 32.49 -38.36 -9.74
C GLU F 3895 33.48 -39.51 -9.62
N MET F 3896 34.75 -39.21 -9.34
CA MET F 3896 35.72 -40.29 -9.14
C MET F 3896 35.37 -41.12 -7.92
N ILE F 3897 34.94 -40.48 -6.84
CA ILE F 3897 34.53 -41.20 -5.63
C ILE F 3897 33.33 -42.10 -5.92
N LEU F 3898 32.32 -41.54 -6.57
CA LEU F 3898 31.14 -42.34 -6.92
C LEU F 3898 31.50 -43.46 -7.87
N LYS F 3899 32.46 -43.23 -8.77
CA LYS F 3899 32.91 -44.29 -9.67
C LYS F 3899 33.56 -45.43 -8.90
N PHE F 3900 34.41 -45.10 -7.93
CA PHE F 3900 35.00 -46.12 -7.06
C PHE F 3900 33.91 -46.95 -6.40
N PHE F 3901 32.95 -46.27 -5.75
CA PHE F 3901 31.92 -46.98 -5.02
C PHE F 3901 31.07 -47.84 -5.95
N ASP F 3902 30.67 -47.30 -7.10
CA ASP F 3902 29.84 -48.06 -8.02
C ASP F 3902 30.58 -49.28 -8.56
N MET F 3903 31.85 -49.11 -8.92
CA MET F 3903 32.65 -50.21 -9.43
C MET F 3903 32.79 -51.32 -8.40
N PHE F 3904 32.94 -50.97 -7.13
CA PHE F 3904 33.08 -52.02 -6.12
C PHE F 3904 31.77 -52.45 -5.50
N LEU F 3905 30.65 -51.83 -5.88
CA LEU F 3905 29.34 -52.31 -5.46
C LEU F 3905 28.70 -53.23 -6.48
N LYS F 3906 29.02 -53.05 -7.77
CA LYS F 3906 28.57 -54.02 -8.77
C LYS F 3906 29.30 -55.35 -8.67
N LEU F 3907 30.43 -55.38 -7.98
CA LEU F 3907 31.28 -56.56 -7.99
C LEU F 3907 30.61 -57.75 -7.34
N LYS F 3908 29.92 -57.54 -6.22
CA LYS F 3908 29.25 -58.64 -5.55
C LYS F 3908 28.18 -59.25 -6.45
N ASP F 3909 27.41 -58.40 -7.13
CA ASP F 3909 26.39 -58.90 -8.03
C ASP F 3909 27.01 -59.68 -9.19
N LEU F 3910 28.12 -59.17 -9.75
CA LEU F 3910 28.65 -59.80 -10.95
C LEU F 3910 29.38 -61.11 -10.63
N THR F 3911 30.09 -61.17 -9.50
CA THR F 3911 30.80 -62.41 -9.17
C THR F 3911 29.85 -63.51 -8.75
N SER F 3912 28.69 -63.16 -8.23
CA SER F 3912 27.71 -64.15 -7.79
C SER F 3912 26.76 -64.58 -8.90
N SER F 3913 26.90 -64.03 -10.09
CA SER F 3913 26.02 -64.39 -11.20
C SER F 3913 26.28 -65.83 -11.63
N ASP F 3914 25.22 -66.47 -12.14
CA ASP F 3914 25.35 -67.84 -12.63
C ASP F 3914 26.35 -67.93 -13.77
N THR F 3915 26.50 -66.86 -14.56
CA THR F 3915 27.51 -66.84 -15.60
C THR F 3915 28.90 -67.02 -15.00
N PHE F 3916 29.18 -66.33 -13.89
CA PHE F 3916 30.47 -66.47 -13.24
C PHE F 3916 30.68 -67.89 -12.73
N LYS F 3917 29.64 -68.49 -12.15
CA LYS F 3917 29.74 -69.88 -11.73
C LYS F 3917 30.05 -70.80 -12.91
N GLU F 3918 29.50 -70.49 -14.08
CA GLU F 3918 29.89 -71.22 -15.28
C GLU F 3918 31.36 -71.00 -15.60
N TYR F 3919 31.84 -69.76 -15.45
CA TYR F 3919 33.24 -69.47 -15.73
C TYR F 3919 34.19 -70.09 -14.71
N ASP F 3920 33.68 -70.53 -13.56
CA ASP F 3920 34.47 -71.22 -12.55
C ASP F 3920 33.70 -72.48 -12.12
N PRO F 3921 33.68 -73.51 -12.96
CA PRO F 3921 32.87 -74.70 -12.63
C PRO F 3921 33.27 -75.36 -11.32
N ASP F 3922 34.56 -75.35 -10.97
CA ASP F 3922 35.00 -75.97 -9.74
C ASP F 3922 34.39 -75.28 -8.52
N GLY F 3923 34.31 -73.95 -8.55
CA GLY F 3923 33.84 -73.20 -7.40
C GLY F 3923 34.77 -73.28 -6.20
N LYS F 3924 36.08 -73.20 -6.44
CA LYS F 3924 37.07 -73.26 -5.37
C LYS F 3924 37.45 -71.88 -4.85
N GLY F 3925 36.83 -70.81 -5.37
CA GLY F 3925 37.21 -69.47 -4.98
C GLY F 3925 38.46 -68.96 -5.63
N ILE F 3926 38.87 -69.52 -6.76
CA ILE F 3926 40.07 -69.12 -7.48
C ILE F 3926 39.76 -69.05 -8.95
N ILE F 3927 40.34 -68.07 -9.64
CA ILE F 3927 40.13 -67.89 -11.07
C ILE F 3927 41.32 -67.14 -11.65
N SER F 3928 41.65 -67.44 -12.91
CA SER F 3928 42.72 -66.76 -13.60
C SER F 3928 42.32 -65.33 -13.96
N LYS F 3929 43.33 -64.49 -14.18
CA LYS F 3929 43.05 -63.11 -14.56
C LYS F 3929 42.36 -63.04 -15.92
N LYS F 3930 42.80 -63.86 -16.87
CA LYS F 3930 42.17 -63.85 -18.19
C LYS F 3930 40.72 -64.28 -18.12
N GLU F 3931 40.42 -65.31 -17.33
CA GLU F 3931 39.05 -65.78 -17.22
C GLU F 3931 38.19 -64.78 -16.45
N PHE F 3932 38.75 -64.14 -15.44
CA PHE F 3932 38.03 -63.08 -14.74
C PHE F 3932 37.71 -61.92 -15.67
N GLN F 3933 38.68 -61.53 -16.50
CA GLN F 3933 38.44 -60.47 -17.48
C GLN F 3933 37.36 -60.89 -18.46
N LYS F 3934 37.39 -62.15 -18.91
CA LYS F 3934 36.37 -62.63 -19.84
C LYS F 3934 34.99 -62.61 -19.19
N ALA F 3935 34.91 -62.99 -17.91
CA ALA F 3935 33.64 -62.93 -17.20
C ALA F 3935 33.12 -61.50 -17.10
N MET F 3936 34.00 -60.56 -16.75
CA MET F 3936 33.58 -59.16 -16.67
C MET F 3936 33.11 -58.65 -18.02
N GLU F 3937 33.81 -59.03 -19.09
CA GLU F 3937 33.39 -58.63 -20.43
C GLU F 3937 32.04 -59.24 -20.79
N GLY F 3938 31.83 -60.51 -20.44
CA GLY F 3938 30.56 -61.17 -20.73
C GLY F 3938 29.40 -60.56 -19.98
N GLN F 3939 29.63 -60.08 -18.77
CA GLN F 3939 28.55 -59.44 -18.02
C GLN F 3939 28.03 -58.20 -18.75
N LYS F 3940 28.93 -57.44 -19.35
CA LYS F 3940 28.59 -56.26 -20.15
C LYS F 3940 28.11 -55.10 -19.28
N GLN F 3941 28.58 -55.02 -18.04
CA GLN F 3941 28.28 -53.91 -17.15
C GLN F 3941 29.50 -53.05 -16.84
N TYR F 3942 30.69 -53.61 -16.91
CA TYR F 3942 31.94 -52.88 -16.70
C TYR F 3942 32.52 -52.44 -18.02
N THR F 3943 32.99 -51.20 -18.08
CA THR F 3943 33.71 -50.74 -19.25
C THR F 3943 35.13 -51.31 -19.25
N GLN F 3944 35.96 -50.87 -20.20
CA GLN F 3944 37.32 -51.38 -20.27
C GLN F 3944 38.20 -50.77 -19.19
N SER F 3945 38.02 -49.48 -18.90
CA SER F 3945 38.79 -48.85 -17.84
C SER F 3945 38.49 -49.50 -16.49
N GLU F 3946 37.21 -49.76 -16.21
CA GLU F 3946 36.85 -50.41 -14.95
C GLU F 3946 37.45 -51.80 -14.86
N ILE F 3947 37.43 -52.55 -15.96
CA ILE F 3947 37.99 -53.90 -15.94
C ILE F 3947 39.50 -53.86 -15.72
N ASP F 3948 40.20 -52.94 -16.39
CA ASP F 3948 41.63 -52.80 -16.17
C ASP F 3948 41.94 -52.43 -14.73
N PHE F 3949 41.15 -51.51 -14.16
CA PHE F 3949 41.36 -51.12 -12.78
C PHE F 3949 41.15 -52.30 -11.84
N LEU F 3950 40.08 -53.07 -12.05
CA LEU F 3950 39.82 -54.21 -11.18
C LEU F 3950 40.92 -55.25 -11.28
N LEU F 3951 41.43 -55.48 -12.50
CA LEU F 3951 42.54 -56.42 -12.65
C LEU F 3951 43.79 -55.92 -11.94
N SER F 3952 44.06 -54.62 -12.04
CA SER F 3952 45.22 -54.06 -11.33
C SER F 3952 45.08 -54.21 -9.83
N CYS F 3953 43.85 -54.06 -9.31
CA CYS F 3953 43.64 -54.25 -7.88
C CYS F 3953 43.90 -55.68 -7.46
N ALA F 3954 43.45 -56.65 -8.26
CA ALA F 3954 43.53 -58.05 -7.87
C ALA F 3954 44.98 -58.50 -7.72
N GLU F 3955 45.25 -59.20 -6.62
CA GLU F 3955 46.60 -59.67 -6.30
C GLU F 3955 46.71 -61.11 -6.82
N ALA F 3956 47.18 -61.25 -8.05
CA ALA F 3956 47.25 -62.54 -8.71
C ALA F 3956 48.38 -63.38 -8.13
N ASP F 3957 48.53 -64.59 -8.66
CA ASP F 3957 49.57 -65.52 -8.25
C ASP F 3957 50.63 -65.62 -9.33
N GLU F 3958 51.67 -66.42 -9.08
CA GLU F 3958 52.65 -66.71 -10.11
C GLU F 3958 52.01 -67.40 -11.31
N ASN F 3959 50.93 -68.14 -11.09
CA ASN F 3959 50.18 -68.78 -12.15
C ASN F 3959 49.13 -67.86 -12.75
N ASP F 3960 49.07 -66.59 -12.31
CA ASP F 3960 48.10 -65.62 -12.79
C ASP F 3960 46.69 -65.96 -12.30
N MET F 3961 46.58 -66.38 -11.04
CA MET F 3961 45.30 -66.68 -10.42
C MET F 3961 45.21 -65.97 -9.08
N PHE F 3962 43.97 -65.64 -8.69
CA PHE F 3962 43.72 -64.98 -7.42
C PHE F 3962 42.39 -65.44 -6.87
N ASN F 3963 42.28 -65.45 -5.54
CA ASN F 3963 41.04 -65.86 -4.88
C ASN F 3963 40.07 -64.69 -4.93
N TYR F 3964 39.14 -64.74 -5.90
CA TYR F 3964 38.24 -63.60 -6.09
C TYR F 3964 37.28 -63.43 -4.92
N VAL F 3965 37.03 -64.47 -4.14
CA VAL F 3965 36.18 -64.33 -2.96
C VAL F 3965 36.80 -63.35 -1.97
N ASP F 3966 38.10 -63.49 -1.72
CA ASP F 3966 38.78 -62.57 -0.83
C ASP F 3966 38.89 -61.18 -1.43
N PHE F 3967 39.05 -61.09 -2.75
CA PHE F 3967 39.03 -59.79 -3.44
C PHE F 3967 37.72 -59.06 -3.17
N VAL F 3968 36.61 -59.75 -3.37
CA VAL F 3968 35.31 -59.15 -3.12
C VAL F 3968 35.12 -58.82 -1.65
N ASP F 3969 35.51 -59.73 -0.76
CA ASP F 3969 35.40 -59.45 0.67
C ASP F 3969 36.21 -58.24 1.07
N ARG F 3970 37.34 -58.00 0.40
CA ARG F 3970 38.19 -56.87 0.75
C ARG F 3970 37.63 -55.56 0.23
N PHE F 3971 37.02 -55.56 -0.95
CA PHE F 3971 36.64 -54.29 -1.56
C PHE F 3971 35.15 -53.97 -1.48
N HIS F 3972 34.28 -54.96 -1.51
CA HIS F 3972 32.84 -54.70 -1.53
C HIS F 3972 32.33 -54.27 -0.16
N GLU F 3973 32.81 -54.92 0.90
CA GLU F 3973 32.31 -54.62 2.24
C GLU F 3973 32.60 -53.19 2.67
N PRO F 3974 33.83 -52.69 2.60
CA PRO F 3974 34.07 -51.29 2.94
C PRO F 3974 33.27 -50.32 2.07
N ALA F 3975 33.12 -50.62 0.78
CA ALA F 3975 32.31 -49.77 -0.08
C ALA F 3975 30.86 -49.77 0.38
N LYS F 3976 30.31 -50.94 0.70
CA LYS F 3976 28.93 -50.99 1.18
C LYS F 3976 28.77 -50.30 2.52
N ASP F 3977 29.83 -50.24 3.31
CA ASP F 3977 29.76 -49.57 4.61
C ASP F 3977 29.82 -48.06 4.46
N ILE F 3978 30.64 -47.56 3.55
CA ILE F 3978 30.96 -46.13 3.52
C ILE F 3978 30.14 -45.38 2.47
N GLY F 3979 29.67 -46.07 1.43
CA GLY F 3979 28.93 -45.40 0.39
C GLY F 3979 27.53 -45.01 0.78
N PHE F 3980 27.00 -45.60 1.84
CA PHE F 3980 25.65 -45.25 2.28
C PHE F 3980 25.58 -43.80 2.72
N ASN F 3981 26.64 -43.29 3.34
CA ASN F 3981 26.65 -41.90 3.77
C ASN F 3981 26.62 -40.96 2.57
N VAL F 3982 27.38 -41.27 1.52
CA VAL F 3982 27.34 -40.47 0.31
C VAL F 3982 25.95 -40.54 -0.32
N ALA F 3983 25.34 -41.71 -0.32
CA ALA F 3983 23.99 -41.85 -0.85
C ALA F 3983 23.00 -41.00 -0.07
N VAL F 3984 23.12 -41.00 1.27
CA VAL F 3984 22.21 -40.20 2.10
C VAL F 3984 22.44 -38.72 1.88
N LEU F 3985 23.70 -38.31 1.72
CA LEU F 3985 24.00 -36.91 1.45
C LEU F 3985 23.37 -36.46 0.14
N LEU F 3986 23.55 -37.26 -0.91
CA LEU F 3986 23.01 -36.90 -2.22
C LEU F 3986 21.49 -36.93 -2.21
N THR F 3987 20.89 -37.89 -1.51
CA THR F 3987 19.42 -37.93 -1.40
C THR F 3987 18.90 -36.72 -0.65
N ASN F 3988 19.56 -36.35 0.44
CA ASN F 3988 19.17 -35.18 1.22
C ASN F 3988 19.20 -33.93 0.35
N LEU F 3989 20.30 -33.74 -0.38
CA LEU F 3989 20.41 -32.57 -1.25
C LEU F 3989 19.37 -32.59 -2.36
N SER F 3990 19.14 -33.76 -2.97
CA SER F 3990 18.17 -33.84 -4.05
C SER F 3990 16.77 -33.48 -3.57
N GLU F 3991 16.40 -33.96 -2.39
CA GLU F 3991 15.05 -33.70 -1.89
C GLU F 3991 14.89 -32.28 -1.38
N HIS F 3992 15.95 -31.66 -0.87
CA HIS F 3992 15.86 -30.31 -0.35
C HIS F 3992 16.31 -29.25 -1.33
N MET F 3993 16.75 -29.62 -2.52
CA MET F 3993 17.03 -28.69 -3.62
C MET F 3993 16.40 -29.25 -4.88
N PRO F 3994 15.06 -29.35 -4.93
CA PRO F 3994 14.41 -30.12 -6.00
C PRO F 3994 14.41 -29.42 -7.34
N ASN F 3995 14.83 -28.17 -7.42
CA ASN F 3995 14.74 -27.37 -8.63
C ASN F 3995 16.11 -26.85 -9.03
N ASP F 3996 17.09 -27.74 -9.04
CA ASP F 3996 18.47 -27.38 -9.33
C ASP F 3996 19.00 -28.23 -10.48
N SER F 3997 19.77 -27.60 -11.37
CA SER F 3997 20.29 -28.29 -12.55
C SER F 3997 21.68 -28.84 -12.32
N ARG F 3998 22.54 -28.08 -11.64
CA ARG F 3998 23.87 -28.58 -11.33
C ARG F 3998 23.79 -29.81 -10.45
N LEU F 3999 22.87 -29.81 -9.49
CA LEU F 3999 22.69 -30.98 -8.63
C LEU F 3999 22.29 -32.21 -9.43
N LYS F 4000 21.41 -32.03 -10.42
CA LYS F 4000 21.04 -33.16 -11.27
C LYS F 4000 22.21 -33.64 -12.11
N CYS F 4001 23.00 -32.71 -12.65
CA CYS F 4001 24.17 -33.09 -13.43
C CYS F 4001 25.20 -33.80 -12.58
N LEU F 4002 25.18 -33.56 -11.26
CA LEU F 4002 26.05 -34.31 -10.36
C LEU F 4002 25.44 -35.64 -9.94
N LEU F 4003 24.11 -35.72 -9.87
CA LEU F 4003 23.44 -36.94 -9.44
C LEU F 4003 23.43 -38.00 -10.53
N ASP F 4004 23.44 -37.61 -11.80
CA ASP F 4004 23.42 -38.58 -12.89
C ASP F 4004 24.53 -39.62 -12.78
N PRO F 4005 25.78 -39.28 -12.48
CA PRO F 4005 26.79 -40.32 -12.25
C PRO F 4005 26.50 -41.22 -11.07
N ALA F 4006 25.65 -40.80 -10.14
CA ALA F 4006 25.40 -41.51 -8.90
C ALA F 4006 24.13 -42.35 -8.94
N GLY F 4007 23.53 -42.53 -10.11
CA GLY F 4007 22.31 -43.31 -10.18
C GLY F 4007 22.52 -44.77 -9.81
N SER F 4008 23.65 -45.34 -10.23
CA SER F 4008 23.95 -46.73 -9.93
C SER F 4008 24.38 -46.96 -8.49
N VAL F 4009 24.69 -45.89 -7.76
CA VAL F 4009 24.97 -46.00 -6.33
C VAL F 4009 23.70 -45.78 -5.52
N LEU F 4010 22.94 -44.74 -5.84
CA LEU F 4010 21.70 -44.47 -5.14
C LEU F 4010 20.70 -45.61 -5.32
N ASN F 4011 20.76 -46.31 -6.44
CA ASN F 4011 19.87 -47.44 -6.65
C ASN F 4011 20.30 -48.69 -5.90
N TYR F 4012 21.55 -48.75 -5.44
CA TYR F 4012 21.98 -49.87 -4.61
C TYR F 4012 21.46 -49.74 -3.18
N PHE F 4013 21.34 -48.52 -2.67
CA PHE F 4013 20.97 -48.28 -1.29
C PHE F 4013 19.51 -47.92 -1.12
N GLU F 4014 18.70 -48.08 -2.16
CA GLU F 4014 17.26 -47.88 -1.99
C GLU F 4014 16.65 -48.83 -0.97
N PRO F 4015 16.93 -50.14 -1.01
CA PRO F 4015 16.42 -51.02 0.05
C PRO F 4015 16.94 -50.67 1.43
N TYR F 4016 18.17 -50.17 1.55
CA TYR F 4016 18.81 -49.92 2.82
C TYR F 4016 18.64 -48.50 3.33
N LEU F 4017 17.96 -47.65 2.57
CA LEU F 4017 17.75 -46.26 2.95
C LEU F 4017 16.32 -46.12 3.45
N GLY F 4018 16.17 -45.73 4.71
CA GLY F 4018 14.88 -45.54 5.32
C GLY F 4018 14.62 -44.06 5.52
N ARG F 4019 13.42 -43.65 5.14
CA ARG F 4019 12.98 -42.27 5.27
C ARG F 4019 11.77 -42.22 6.19
N ILE F 4020 11.75 -41.25 7.08
CA ILE F 4020 10.55 -40.94 7.86
C ILE F 4020 10.44 -39.42 7.96
N GLU F 4021 9.29 -38.96 8.43
CA GLU F 4021 9.06 -37.55 8.66
C GLU F 4021 8.64 -37.35 10.10
N ILE F 4022 9.25 -36.38 10.78
CA ILE F 4022 8.97 -36.11 12.17
C ILE F 4022 8.72 -34.62 12.34
N MET F 4023 7.77 -34.28 13.20
CA MET F 4023 7.61 -32.89 13.59
C MET F 4023 8.82 -32.47 14.41
N GLY F 4024 9.69 -31.66 13.82
CA GLY F 4024 10.95 -31.33 14.43
C GLY F 4024 10.83 -30.33 15.57
N GLY F 4025 12.00 -29.94 16.09
CA GLY F 4025 12.03 -29.02 17.20
C GLY F 4025 11.71 -27.59 16.84
N ALA F 4026 11.90 -27.21 15.58
CA ALA F 4026 11.63 -25.85 15.12
C ALA F 4026 10.17 -25.66 14.70
N LYS F 4027 9.28 -26.55 15.13
CA LYS F 4027 7.87 -26.48 14.76
C LYS F 4027 7.68 -26.67 13.25
N LYS F 4028 8.55 -27.46 12.63
CA LYS F 4028 8.42 -27.78 11.21
C LYS F 4028 8.65 -29.27 11.01
N ILE F 4029 7.95 -29.82 10.02
CA ILE F 4029 8.17 -31.21 9.63
C ILE F 4029 9.55 -31.33 9.00
N GLU F 4030 10.28 -32.37 9.39
CA GLU F 4030 11.63 -32.63 8.90
C GLU F 4030 11.71 -34.07 8.44
N ARG F 4031 12.54 -34.33 7.45
CA ARG F 4031 12.75 -35.67 6.95
C ARG F 4031 14.02 -36.26 7.54
N VAL F 4032 13.91 -37.48 8.04
CA VAL F 4032 15.01 -38.20 8.68
C VAL F 4032 15.37 -39.38 7.80
N TYR F 4033 16.65 -39.49 7.47
CA TYR F 4033 17.20 -40.60 6.70
C TYR F 4033 18.06 -41.46 7.61
N PHE F 4034 17.91 -42.78 7.49
CA PHE F 4034 18.66 -43.69 8.34
C PHE F 4034 18.90 -44.99 7.57
N GLU F 4035 19.64 -45.90 8.17
CA GLU F 4035 20.00 -47.15 7.54
C GLU F 4035 19.16 -48.30 8.07
N ILE F 4036 18.81 -49.22 7.17
CA ILE F 4036 18.00 -50.39 7.48
C ILE F 4036 18.82 -51.61 7.12
N SER F 4037 19.00 -52.52 8.08
CA SER F 4037 19.75 -53.73 7.84
C SER F 4037 18.88 -54.76 7.12
N GLU F 4038 19.53 -55.64 6.36
CA GLU F 4038 18.80 -56.65 5.60
C GLU F 4038 18.07 -57.61 6.53
N SER F 4039 18.69 -57.94 7.67
CA SER F 4039 18.03 -58.82 8.62
C SER F 4039 16.74 -58.22 9.14
N SER F 4040 16.66 -56.89 9.22
CA SER F 4040 15.43 -56.25 9.65
C SER F 4040 14.29 -56.54 8.69
N ARG F 4041 14.54 -56.41 7.39
CA ARG F 4041 13.52 -56.76 6.40
C ARG F 4041 13.19 -58.24 6.47
N THR F 4042 14.22 -59.09 6.61
CA THR F 4042 14.00 -60.52 6.65
C THR F 4042 13.09 -60.91 7.80
N GLN F 4043 13.29 -60.32 8.98
CA GLN F 4043 12.44 -60.62 10.12
C GLN F 4043 11.08 -59.96 10.01
N TRP F 4044 11.00 -58.80 9.35
CA TRP F 4044 9.71 -58.16 9.13
C TRP F 4044 8.84 -58.95 8.17
N GLU F 4045 9.44 -59.82 7.37
CA GLU F 4045 8.67 -60.64 6.42
C GLU F 4045 8.29 -62.00 6.97
N LYS F 4046 8.57 -62.29 8.24
CA LYS F 4046 8.24 -63.60 8.79
C LYS F 4046 6.73 -63.75 8.95
N PRO F 4047 6.24 -65.00 8.99
CA PRO F 4047 4.79 -65.21 9.12
C PRO F 4047 4.21 -64.76 10.45
N GLN F 4048 4.86 -65.07 11.57
CA GLN F 4048 4.33 -64.66 12.86
C GLN F 4048 4.31 -63.14 13.00
N VAL F 4049 5.35 -62.48 12.50
CA VAL F 4049 5.39 -61.02 12.57
C VAL F 4049 4.27 -60.41 11.74
N LYS F 4050 4.01 -60.98 10.56
CA LYS F 4050 2.91 -60.47 9.73
C LYS F 4050 1.57 -60.71 10.40
N GLU F 4051 1.41 -61.84 11.08
CA GLU F 4051 0.19 -62.10 11.83
C GLU F 4051 0.00 -61.05 12.92
N SER F 4052 1.06 -60.75 13.67
CA SER F 4052 0.97 -59.74 14.72
C SER F 4052 0.63 -58.37 14.14
N LYS F 4053 1.24 -58.04 13.01
CA LYS F 4053 0.96 -56.75 12.37
C LYS F 4053 -0.50 -56.67 11.94
N ARG F 4054 -1.02 -57.73 11.34
CA ARG F 4054 -2.42 -57.72 10.90
C ARG F 4054 -3.37 -57.56 12.08
N GLN F 4055 -3.12 -58.31 13.15
CA GLN F 4055 -3.97 -58.19 14.33
C GLN F 4055 -3.91 -56.78 14.89
N PHE F 4056 -2.71 -56.19 14.98
CA PHE F 4056 -2.60 -54.84 15.51
C PHE F 4056 -3.33 -53.84 14.65
N ILE F 4057 -3.19 -53.96 13.32
CA ILE F 4057 -3.81 -52.99 12.43
C ILE F 4057 -5.33 -53.05 12.57
N PHE F 4058 -5.88 -54.26 12.60
CA PHE F 4058 -7.33 -54.38 12.74
C PHE F 4058 -7.79 -53.82 14.08
N ASP F 4059 -7.08 -54.13 15.17
CA ASP F 4059 -7.49 -53.66 16.48
C ASP F 4059 -7.44 -52.14 16.56
N VAL F 4060 -6.32 -51.54 16.13
CA VAL F 4060 -6.15 -50.11 16.30
C VAL F 4060 -7.07 -49.33 15.39
N VAL F 4061 -7.20 -49.74 14.13
CA VAL F 4061 -8.02 -48.97 13.20
C VAL F 4061 -9.50 -49.10 13.54
N ASN F 4062 -9.94 -50.30 13.90
CA ASN F 4062 -11.37 -50.51 14.16
C ASN F 4062 -11.79 -49.88 15.49
N GLU F 4063 -10.99 -50.07 16.54
CA GLU F 4063 -11.38 -49.66 17.88
C GLU F 4063 -10.34 -48.84 18.62
N GLY F 4064 -9.14 -48.67 18.06
CA GLY F 4064 -8.10 -47.96 18.78
C GLY F 4064 -8.44 -46.52 19.07
N GLY F 4065 -9.06 -45.84 18.12
CA GLY F 4065 -9.40 -44.44 18.30
C GLY F 4065 -8.27 -43.51 17.89
N GLU F 4066 -8.64 -42.30 17.49
CA GLU F 4066 -7.64 -41.33 17.08
C GLU F 4066 -6.71 -40.96 18.22
N GLN F 4067 -7.25 -40.79 19.42
CA GLN F 4067 -6.44 -40.59 20.60
C GLN F 4067 -5.93 -41.92 21.12
N GLU F 4068 -4.68 -41.93 21.57
CA GLU F 4068 -3.94 -43.08 22.07
C GLU F 4068 -3.50 -44.02 20.96
N LYS F 4069 -3.75 -43.68 19.68
CA LYS F 4069 -3.31 -44.55 18.60
C LYS F 4069 -1.80 -44.66 18.54
N MET F 4070 -1.09 -43.56 18.80
CA MET F 4070 0.37 -43.59 18.73
C MET F 4070 1.01 -44.31 19.91
N GLU F 4071 0.40 -44.23 21.09
CA GLU F 4071 0.87 -45.05 22.21
C GLU F 4071 0.75 -46.53 21.89
N LEU F 4072 -0.39 -46.93 21.33
CA LEU F 4072 -0.57 -48.31 20.91
C LEU F 4072 0.42 -48.70 19.83
N PHE F 4073 0.68 -47.79 18.89
CA PHE F 4073 1.63 -48.09 17.83
C PHE F 4073 3.04 -48.28 18.39
N VAL F 4074 3.44 -47.45 19.36
CA VAL F 4074 4.78 -47.60 19.93
C VAL F 4074 4.86 -48.90 20.72
N ASN F 4075 3.80 -49.26 21.44
CA ASN F 4075 3.80 -50.55 22.12
C ASN F 4075 3.93 -51.69 21.13
N PHE F 4076 3.22 -51.60 20.01
CA PHE F 4076 3.35 -52.60 18.95
C PHE F 4076 4.76 -52.65 18.42
N CYS F 4077 5.40 -51.49 18.27
CA CYS F 4077 6.77 -51.46 17.78
C CYS F 4077 7.71 -52.17 18.72
N GLU F 4078 7.57 -51.94 20.03
CA GLU F 4078 8.43 -52.62 20.99
C GLU F 4078 8.20 -54.13 20.96
N ASP F 4079 6.92 -54.54 20.94
CA ASP F 4079 6.62 -55.97 20.90
C ASP F 4079 7.15 -56.61 19.63
N THR F 4080 7.08 -55.90 18.50
CA THR F 4080 7.55 -56.43 17.24
C THR F 4080 9.07 -56.48 17.17
N ILE F 4081 9.75 -55.54 17.82
CA ILE F 4081 11.20 -55.63 17.91
C ILE F 4081 11.60 -56.88 18.69
N PHE F 4082 10.89 -57.15 19.79
CA PHE F 4082 11.16 -58.39 20.51
C PHE F 4082 10.84 -59.62 19.65
N GLU F 4083 9.73 -59.59 18.92
CA GLU F 4083 9.37 -60.71 18.08
C GLU F 4083 10.42 -60.96 17.01
N MET F 4084 10.94 -59.89 16.40
CA MET F 4084 11.94 -60.03 15.36
C MET F 4084 13.25 -60.55 15.93
N GLN F 4085 13.64 -60.11 17.13
CA GLN F 4085 14.82 -60.69 17.77
C GLN F 4085 14.61 -62.18 18.03
N LEU F 4086 13.43 -62.55 18.53
CA LEU F 4086 13.15 -63.96 18.79
C LEU F 4086 13.15 -64.78 17.52
N ALA F 4087 12.61 -64.22 16.43
CA ALA F 4087 12.60 -64.93 15.15
C ALA F 4087 14.01 -65.08 14.59
N SER F 4088 14.86 -64.08 14.79
CA SER F 4088 16.26 -64.24 14.41
C SER F 4088 16.93 -65.34 15.20
N GLN F 4089 16.63 -65.42 16.49
CA GLN F 4089 17.18 -66.50 17.30
C GLN F 4089 16.68 -67.86 16.82
N ILE F 4090 15.40 -67.96 16.50
CA ILE F 4090 14.80 -69.24 16.13
C ILE F 4090 15.30 -69.71 14.77
N SER F 4091 15.45 -68.79 13.82
CA SER F 4091 15.82 -69.17 12.46
C SER F 4091 17.20 -69.80 12.44
N GLU F 4092 17.37 -70.78 11.55
CA GLU F 4092 18.63 -71.49 11.41
C GLU F 4092 19.74 -70.57 10.90
N ASN F 4379 31.37 -83.88 24.69
CA ASN F 4379 31.00 -83.87 26.09
C ASN F 4379 29.52 -84.20 26.27
N PHE F 4380 29.22 -85.48 26.47
CA PHE F 4380 27.84 -85.91 26.67
C PHE F 4380 27.28 -85.32 27.96
N PHE F 4381 25.96 -85.16 27.99
CA PHE F 4381 25.19 -84.56 29.08
C PHE F 4381 25.37 -83.05 29.14
N LYS F 4382 26.23 -82.47 28.31
CA LYS F 4382 26.38 -81.02 28.22
C LYS F 4382 26.28 -80.59 26.77
N GLY F 4383 26.67 -81.47 25.85
CA GLY F 4383 26.51 -81.21 24.42
C GLY F 4383 25.13 -81.48 23.89
N LEU F 4384 24.28 -82.16 24.66
CA LEU F 4384 22.90 -82.41 24.26
C LEU F 4384 22.08 -81.13 24.21
N GLU F 4385 22.55 -80.06 24.87
CA GLU F 4385 21.81 -78.81 24.88
C GLU F 4385 21.63 -78.27 23.46
N ILE F 4386 22.66 -78.40 22.62
CA ILE F 4386 22.57 -77.92 21.25
C ILE F 4386 21.48 -78.66 20.49
N TYR F 4387 21.42 -79.99 20.64
CA TYR F 4387 20.40 -80.77 19.95
C TYR F 4387 19.01 -80.45 20.46
N GLN F 4388 18.86 -80.29 21.78
CA GLN F 4388 17.55 -79.92 22.32
C GLN F 4388 17.11 -78.57 21.80
N THR F 4389 18.02 -77.59 21.76
CA THR F 4389 17.68 -76.27 21.26
C THR F 4389 17.33 -76.32 19.78
N LYS F 4390 18.05 -77.12 19.00
CA LYS F 4390 17.71 -77.27 17.59
C LYS F 4390 16.33 -77.86 17.41
N LEU F 4391 15.99 -78.88 18.20
CA LEU F 4391 14.66 -79.46 18.12
C LEU F 4391 13.58 -78.45 18.48
N LEU F 4392 13.81 -77.68 19.55
CA LEU F 4392 12.82 -76.69 19.96
C LEU F 4392 12.65 -75.62 18.91
N HIS F 4393 13.75 -75.15 18.31
CA HIS F 4393 13.64 -74.15 17.25
C HIS F 4393 12.92 -74.72 16.04
N TYR F 4394 13.17 -75.97 15.70
CA TYR F 4394 12.47 -76.58 14.58
C TYR F 4394 10.98 -76.65 14.84
N LEU F 4395 10.59 -77.05 16.05
CA LEU F 4395 9.17 -77.09 16.39
C LEU F 4395 8.55 -75.71 16.34
N ALA F 4396 9.24 -74.70 16.89
CA ALA F 4396 8.70 -73.36 16.94
C ALA F 4396 8.63 -72.73 15.56
N ARG F 4397 9.47 -73.18 14.64
CA ARG F 4397 9.55 -72.59 13.31
C ARG F 4397 8.54 -73.18 12.34
N ASN F 4398 7.87 -74.27 12.70
CA ASN F 4398 6.92 -74.96 11.84
C ASN F 4398 5.59 -75.18 12.54
N PHE F 4399 5.20 -74.22 13.38
CA PHE F 4399 3.97 -74.35 14.15
C PHE F 4399 2.75 -74.42 13.24
N TYR F 4400 2.69 -73.53 12.25
CA TYR F 4400 1.52 -73.47 11.38
C TYR F 4400 1.44 -74.68 10.45
N ASN F 4401 2.59 -75.15 9.97
CA ASN F 4401 2.61 -76.36 9.17
C ASN F 4401 2.11 -77.54 9.97
N LEU F 4402 2.53 -77.66 11.23
CA LEU F 4402 2.05 -78.73 12.08
C LEU F 4402 0.55 -78.62 12.33
N ARG F 4403 0.05 -77.39 12.46
CA ARG F 4403 -1.38 -77.19 12.63
C ARG F 4403 -2.16 -77.70 11.41
N PHE F 4404 -1.69 -77.35 10.21
CA PHE F 4404 -2.34 -77.84 9.00
C PHE F 4404 -2.28 -79.36 8.92
N LEU F 4405 -1.13 -79.94 9.26
CA LEU F 4405 -1.00 -81.39 9.22
C LEU F 4405 -1.95 -82.07 10.20
N ALA F 4406 -2.10 -81.50 11.39
CA ALA F 4406 -3.04 -82.05 12.36
C ALA F 4406 -4.47 -81.98 11.84
N LEU F 4407 -4.82 -80.87 11.18
CA LEU F 4407 -6.15 -80.78 10.59
C LEU F 4407 -6.37 -81.87 9.54
N PHE F 4408 -5.38 -82.09 8.68
CA PHE F 4408 -5.49 -83.14 7.67
C PHE F 4408 -5.65 -84.52 8.31
N VAL F 4409 -4.87 -84.79 9.35
CA VAL F 4409 -4.94 -86.09 10.01
C VAL F 4409 -6.31 -86.29 10.65
N ALA F 4410 -6.86 -85.24 11.27
CA ALA F 4410 -8.18 -85.35 11.86
C ALA F 4410 -9.24 -85.62 10.81
N PHE F 4411 -9.14 -84.95 9.66
CA PHE F 4411 -10.08 -85.23 8.58
C PHE F 4411 -9.98 -86.66 8.11
N ALA F 4412 -8.76 -87.19 7.99
CA ALA F 4412 -8.61 -88.59 7.59
C ALA F 4412 -9.21 -89.52 8.62
N ILE F 4413 -9.00 -89.25 9.91
CA ILE F 4413 -9.54 -90.11 10.96
C ILE F 4413 -11.06 -90.11 10.91
N ASN F 4414 -11.67 -88.95 10.70
CA ASN F 4414 -13.14 -88.90 10.67
C ASN F 4414 -13.70 -89.53 9.41
N PHE F 4415 -12.99 -89.40 8.29
CA PHE F 4415 -13.38 -90.13 7.09
C PHE F 4415 -13.37 -91.63 7.35
N ILE F 4416 -12.37 -92.12 8.08
CA ILE F 4416 -12.36 -93.54 8.44
C ILE F 4416 -13.49 -93.87 9.39
N LEU F 4417 -13.80 -92.96 10.32
CA LEU F 4417 -14.89 -93.19 11.28
C LEU F 4417 -16.25 -93.25 10.60
N LEU F 4418 -16.39 -92.66 9.42
CA LEU F 4418 -17.67 -92.73 8.72
C LEU F 4418 -18.05 -94.15 8.31
N PHE F 4419 -17.13 -95.11 8.37
CA PHE F 4419 -17.41 -96.48 7.98
C PHE F 4419 -17.76 -97.38 9.16
N TYR F 4420 -17.95 -96.81 10.34
CA TYR F 4420 -18.34 -97.62 11.49
C TYR F 4420 -19.77 -98.11 11.31
N LYS F 4421 -20.07 -99.20 12.01
CA LYS F 4421 -21.44 -99.69 12.10
C LYS F 4421 -21.56 -100.49 13.38
N VAL F 4422 -22.78 -100.73 13.81
CA VAL F 4422 -23.05 -101.40 15.07
C VAL F 4422 -23.65 -102.76 14.77
N THR F 4423 -23.09 -103.80 15.38
CA THR F 4423 -23.54 -105.17 15.16
C THR F 4423 -23.74 -105.84 16.50
N GLU F 4424 -24.88 -106.53 16.64
CA GLU F 4424 -25.16 -107.27 17.86
C GLU F 4424 -24.29 -108.52 17.96
N GLU F 4425 -24.00 -109.15 16.82
CA GLU F 4425 -23.14 -110.32 16.79
C GLU F 4425 -21.67 -109.92 16.90
N ALA F 4449 -29.06 -106.40 24.01
CA ALA F 4449 -28.03 -107.37 24.35
C ALA F 4449 -26.64 -106.73 24.33
N MET F 4450 -25.86 -107.06 23.31
CA MET F 4450 -24.51 -106.54 23.17
C MET F 4450 -24.39 -105.82 21.83
N VAL F 4451 -23.78 -104.65 21.85
CA VAL F 4451 -23.53 -103.87 20.64
C VAL F 4451 -22.03 -103.69 20.49
N PHE F 4452 -21.50 -104.09 19.34
CA PHE F 4452 -20.08 -103.93 19.03
C PHE F 4452 -19.95 -103.02 17.82
N PHE F 4453 -19.04 -102.05 17.92
CA PHE F 4453 -18.77 -101.15 16.80
C PHE F 4453 -17.70 -101.77 15.94
N VAL F 4454 -18.06 -102.08 14.70
CA VAL F 4454 -17.17 -102.74 13.74
C VAL F 4454 -17.01 -101.83 12.53
N LEU F 4455 -15.80 -101.78 12.00
CA LEU F 4455 -15.50 -100.97 10.83
C LEU F 4455 -15.83 -101.79 9.59
N GLN F 4456 -16.96 -101.49 8.96
CA GLN F 4456 -17.41 -102.27 7.82
C GLN F 4456 -16.57 -101.99 6.58
N GLU F 4457 -15.45 -102.67 6.45
CA GLU F 4457 -14.56 -102.49 5.30
C GLU F 4457 -14.13 -103.84 4.79
N SER F 4458 -13.80 -103.89 3.50
CA SER F 4458 -13.35 -105.12 2.85
C SER F 4458 -11.84 -105.18 2.67
N THR F 4459 -11.18 -104.03 2.49
CA THR F 4459 -9.74 -104.02 2.30
C THR F 4459 -9.01 -104.57 3.52
N GLY F 4460 -9.49 -104.24 4.71
CA GLY F 4460 -8.89 -104.72 5.94
C GLY F 4460 -7.79 -103.85 6.51
N TYR F 4461 -7.43 -102.77 5.83
CA TYR F 4461 -6.37 -101.88 6.29
C TYR F 4461 -6.87 -100.67 7.06
N MET F 4462 -8.18 -100.54 7.26
CA MET F 4462 -8.70 -99.33 7.86
C MET F 4462 -8.47 -99.28 9.38
N ALA F 4463 -8.57 -100.42 10.06
CA ALA F 4463 -8.30 -100.42 11.50
C ALA F 4463 -6.85 -100.08 11.81
N PRO F 4464 -5.85 -100.73 11.21
CA PRO F 4464 -4.46 -100.32 11.45
C PRO F 4464 -4.19 -98.88 11.05
N ALA F 4465 -4.80 -98.42 9.94
CA ALA F 4465 -4.64 -97.03 9.55
C ALA F 4465 -5.21 -96.10 10.60
N LEU F 4466 -6.35 -96.46 11.18
CA LEU F 4466 -6.97 -95.63 12.20
C LEU F 4466 -6.09 -95.55 13.45
N ARG F 4467 -5.51 -96.68 13.86
CA ARG F 4467 -4.64 -96.65 15.03
C ARG F 4467 -3.38 -95.82 14.77
N ALA F 4468 -2.77 -96.00 13.60
CA ALA F 4468 -1.60 -95.21 13.24
C ALA F 4468 -1.94 -93.73 13.21
N LEU F 4469 -3.09 -93.38 12.64
CA LEU F 4469 -3.48 -91.98 12.55
C LEU F 4469 -3.77 -91.40 13.92
N ALA F 4470 -4.36 -92.18 14.83
CA ALA F 4470 -4.60 -91.69 16.18
C ALA F 4470 -3.28 -91.37 16.87
N ILE F 4471 -2.30 -92.26 16.77
CA ILE F 4471 -1.00 -92.01 17.40
C ILE F 4471 -0.33 -90.79 16.76
N ILE F 4472 -0.37 -90.70 15.43
CA ILE F 4472 0.25 -89.57 14.74
C ILE F 4472 -0.41 -88.27 15.17
N HIS F 4473 -1.73 -88.26 15.29
CA HIS F 4473 -2.44 -87.05 15.67
C HIS F 4473 -2.08 -86.62 17.08
N THR F 4474 -1.98 -87.58 18.01
CA THR F 4474 -1.58 -87.22 19.37
C THR F 4474 -0.18 -86.61 19.38
N VAL F 4475 0.75 -87.22 18.64
CA VAL F 4475 2.12 -86.71 18.59
C VAL F 4475 2.14 -85.31 18.00
N ILE F 4476 1.39 -85.10 16.91
CA ILE F 4476 1.38 -83.79 16.27
C ILE F 4476 0.79 -82.74 17.19
N SER F 4477 -0.28 -83.07 17.92
CA SER F 4477 -0.86 -82.10 18.85
C SER F 4477 0.12 -81.74 19.96
N LEU F 4478 0.84 -82.74 20.49
CA LEU F 4478 1.84 -82.44 21.53
C LEU F 4478 2.94 -81.54 21.00
N VAL F 4479 3.45 -81.83 19.80
CA VAL F 4479 4.52 -81.01 19.24
C VAL F 4479 4.00 -79.61 18.93
N CYS F 4480 2.73 -79.49 18.53
CA CYS F 4480 2.15 -78.16 18.32
C CYS F 4480 2.09 -77.36 19.60
N VAL F 4481 1.71 -78.00 20.71
CA VAL F 4481 1.69 -77.31 21.99
C VAL F 4481 3.10 -76.84 22.36
N VAL F 4482 4.08 -77.73 22.20
CA VAL F 4482 5.46 -77.38 22.53
C VAL F 4482 5.95 -76.23 21.65
N GLY F 4483 5.65 -76.28 20.36
CA GLY F 4483 6.07 -75.22 19.46
C GLY F 4483 5.40 -73.89 19.75
N TYR F 4484 4.15 -73.92 20.20
CA TYR F 4484 3.53 -72.68 20.65
C TYR F 4484 4.23 -72.14 21.90
N TYR F 4485 4.61 -73.04 22.81
CA TYR F 4485 5.29 -72.59 24.02
C TYR F 4485 6.65 -71.96 23.72
N CYS F 4486 7.25 -72.24 22.57
CA CYS F 4486 8.57 -71.72 22.22
C CYS F 4486 8.50 -70.62 21.17
N LEU F 4487 7.32 -70.17 20.80
CA LEU F 4487 7.20 -69.17 19.75
C LEU F 4487 6.31 -68.00 20.14
N LYS F 4488 5.23 -68.23 20.88
CA LYS F 4488 4.30 -67.18 21.22
C LYS F 4488 4.21 -66.89 22.72
N VAL F 4489 4.55 -67.85 23.56
CA VAL F 4489 4.57 -67.59 25.01
C VAL F 4489 5.59 -66.52 25.39
N PRO F 4490 6.81 -66.49 24.83
CA PRO F 4490 7.73 -65.41 25.19
C PRO F 4490 7.17 -64.03 24.96
N LEU F 4491 6.40 -63.83 23.88
CA LEU F 4491 5.81 -62.53 23.63
C LEU F 4491 4.75 -62.19 24.68
N VAL F 4492 3.96 -63.17 25.10
CA VAL F 4492 2.94 -62.94 26.12
C VAL F 4492 3.60 -62.52 27.43
N VAL F 4493 4.64 -63.26 27.83
CA VAL F 4493 5.36 -62.94 29.05
C VAL F 4493 6.02 -61.57 28.93
N PHE F 4494 6.55 -61.25 27.75
CA PHE F 4494 7.16 -59.95 27.53
C PHE F 4494 6.16 -58.82 27.74
N LYS F 4495 4.98 -58.95 27.14
CA LYS F 4495 3.97 -57.91 27.29
C LYS F 4495 3.55 -57.75 28.74
N ARG F 4496 3.34 -58.88 29.43
CA ARG F 4496 2.92 -58.83 30.82
C ARG F 4496 3.99 -58.16 31.69
N GLU F 4497 5.25 -58.54 31.51
CA GLU F 4497 6.33 -57.93 32.28
C GLU F 4497 6.46 -56.46 31.96
N LYS F 4498 6.31 -56.08 30.69
CA LYS F 4498 6.42 -54.68 30.32
C LYS F 4498 5.35 -53.85 31.01
N GLU F 4499 4.11 -54.33 31.02
CA GLU F 4499 3.06 -53.58 31.68
C GLU F 4499 3.27 -53.53 33.19
N ILE F 4500 3.74 -54.62 33.79
CA ILE F 4500 3.99 -54.62 35.23
C ILE F 4500 5.08 -53.61 35.58
N ALA F 4501 6.17 -53.60 34.81
CA ALA F 4501 7.27 -52.68 35.08
C ALA F 4501 6.83 -51.24 34.88
N ARG F 4502 6.05 -50.97 33.84
CA ARG F 4502 5.53 -49.62 33.64
C ARG F 4502 4.65 -49.18 34.79
N LYS F 4503 3.78 -50.08 35.27
CA LYS F 4503 2.93 -49.74 36.41
C LYS F 4503 3.76 -49.46 37.65
N LEU F 4504 4.76 -50.30 37.92
CA LEU F 4504 5.65 -50.06 39.05
C LEU F 4504 6.29 -48.70 38.97
N GLU F 4505 6.89 -48.37 37.83
CA GLU F 4505 7.71 -47.18 37.75
C GLU F 4505 6.87 -45.90 37.70
N PHE F 4506 5.76 -45.91 36.95
CA PHE F 4506 5.03 -44.67 36.68
C PHE F 4506 3.66 -44.63 37.35
N ASP F 4507 3.32 -45.60 38.19
CA ASP F 4507 2.04 -45.55 38.89
C ASP F 4507 2.11 -45.96 40.36
N GLY F 4508 3.20 -46.57 40.82
CA GLY F 4508 3.26 -47.04 42.19
C GLY F 4508 2.17 -48.06 42.49
N LEU F 4509 2.02 -49.05 41.61
CA LEU F 4509 0.91 -49.99 41.74
C LEU F 4509 0.98 -50.78 43.04
N TYR F 4510 2.19 -51.18 43.45
CA TYR F 4510 2.36 -51.96 44.67
C TYR F 4510 3.10 -51.20 45.76
N ILE F 4511 3.30 -49.89 45.57
CA ILE F 4511 3.94 -49.07 46.60
C ILE F 4511 3.04 -47.89 46.94
N THR F 4512 2.81 -47.02 45.95
CA THR F 4512 1.93 -45.87 46.18
C THR F 4512 0.49 -46.31 46.37
N GLU F 4513 0.01 -47.23 45.54
CA GLU F 4513 -1.37 -47.68 45.61
C GLU F 4513 -1.40 -49.20 45.72
N GLN F 4514 -2.59 -49.79 45.57
CA GLN F 4514 -2.75 -51.23 45.59
C GLN F 4514 -3.75 -51.63 44.52
N PRO F 4515 -3.61 -52.85 43.97
CA PRO F 4515 -4.54 -53.29 42.93
C PRO F 4515 -5.95 -53.44 43.47
N SER F 4516 -6.92 -53.21 42.59
CA SER F 4516 -8.32 -53.41 42.96
C SER F 4516 -8.57 -54.90 43.24
N GLU F 4517 -9.55 -55.15 44.10
CA GLU F 4517 -9.90 -56.53 44.43
C GLU F 4517 -10.64 -57.22 43.29
N ASP F 4518 -11.24 -56.47 42.38
CA ASP F 4518 -12.03 -57.08 41.31
C ASP F 4518 -11.13 -57.79 40.29
N ASP F 4519 -10.07 -57.11 39.83
CA ASP F 4519 -9.25 -57.64 38.75
C ASP F 4519 -8.22 -58.62 39.30
N ILE F 4520 -8.11 -59.77 38.64
CA ILE F 4520 -7.20 -60.81 39.09
C ILE F 4520 -5.78 -60.63 38.54
N LYS F 4521 -5.61 -59.79 37.52
CA LYS F 4521 -4.29 -59.63 36.93
C LYS F 4521 -3.28 -59.05 37.91
N GLY F 4522 -3.64 -57.97 38.60
CA GLY F 4522 -2.73 -57.39 39.57
C GLY F 4522 -2.45 -58.33 40.74
N GLN F 4523 -3.50 -59.02 41.20
CA GLN F 4523 -3.32 -59.95 42.30
C GLN F 4523 -2.35 -61.05 41.93
N TRP F 4524 -2.47 -61.60 40.72
CA TRP F 4524 -1.52 -62.63 40.30
C TRP F 4524 -0.14 -62.04 40.08
N ASP F 4525 -0.06 -60.83 39.52
CA ASP F 4525 1.22 -60.19 39.26
C ASP F 4525 1.99 -59.90 40.52
N ARG F 4526 1.31 -59.78 41.67
CA ARG F 4526 2.02 -59.55 42.91
C ARG F 4526 3.04 -60.64 43.22
N LEU F 4527 2.89 -61.83 42.64
CA LEU F 4527 3.80 -62.94 42.94
C LEU F 4527 5.16 -62.84 42.27
N VAL F 4528 5.34 -61.93 41.31
CA VAL F 4528 6.54 -61.98 40.49
C VAL F 4528 7.52 -60.87 40.86
N ILE F 4529 7.00 -59.74 41.36
CA ILE F 4529 7.86 -58.59 41.59
C ILE F 4529 8.93 -58.88 42.63
N ASN F 4530 8.64 -59.78 43.57
CA ASN F 4530 9.62 -60.15 44.59
C ASN F 4530 10.66 -61.13 44.07
N THR F 4531 10.46 -61.71 42.90
CA THR F 4531 11.36 -62.73 42.37
C THR F 4531 12.66 -62.11 41.90
N PRO F 4532 13.70 -62.91 41.75
CA PRO F 4532 14.97 -62.40 41.22
C PRO F 4532 15.01 -62.37 39.70
N SER F 4533 14.24 -63.25 39.05
CA SER F 4533 14.24 -63.33 37.61
C SER F 4533 13.49 -62.19 36.94
N PHE F 4534 12.61 -61.52 37.67
CA PHE F 4534 11.81 -60.45 37.06
C PHE F 4534 12.69 -59.24 36.76
N PRO F 4535 12.67 -58.72 35.53
CA PRO F 4535 11.94 -59.20 34.34
C PRO F 4535 12.80 -60.12 33.50
N ASN F 4536 12.27 -61.25 33.03
CA ASN F 4536 13.11 -62.20 32.31
C ASN F 4536 13.14 -61.93 30.81
N ASN F 4537 12.01 -61.51 30.23
CA ASN F 4537 11.93 -61.21 28.81
C ASN F 4537 11.97 -59.72 28.52
N TYR F 4538 11.34 -58.90 29.35
CA TYR F 4538 11.38 -57.47 29.18
C TYR F 4538 12.82 -56.96 29.23
N TRP F 4539 13.15 -56.04 28.34
CA TRP F 4539 14.54 -55.64 28.15
C TRP F 4539 15.11 -54.95 29.38
N ASP F 4540 14.31 -54.12 30.04
CA ASP F 4540 14.82 -53.26 31.11
C ASP F 4540 15.08 -54.09 32.36
N LYS F 4541 16.34 -54.37 32.64
CA LYS F 4541 16.73 -55.13 33.82
C LYS F 4541 17.03 -54.26 35.03
N PHE F 4542 16.85 -52.95 34.93
CA PHE F 4542 17.09 -52.03 36.03
C PHE F 4542 15.81 -51.32 36.46
N VAL F 4543 14.66 -51.98 36.28
CA VAL F 4543 13.40 -51.37 36.69
C VAL F 4543 13.29 -51.32 38.20
N LYS F 4544 13.74 -52.37 38.89
CA LYS F 4544 13.68 -52.40 40.34
C LYS F 4544 14.49 -51.26 40.95
N ARG F 4545 15.69 -51.02 40.42
CA ARG F 4545 16.51 -49.94 40.94
C ARG F 4545 15.86 -48.58 40.70
N LYS F 4546 15.24 -48.40 39.53
CA LYS F 4546 14.52 -47.16 39.27
C LYS F 4546 13.40 -46.96 40.29
N VAL F 4547 12.63 -48.02 40.54
CA VAL F 4547 11.52 -47.91 41.48
C VAL F 4547 12.03 -47.58 42.88
N ILE F 4548 13.10 -48.24 43.31
CA ILE F 4548 13.62 -47.97 44.65
C ILE F 4548 14.15 -46.56 44.75
N ASN F 4549 14.91 -46.09 43.74
CA ASN F 4549 15.42 -44.73 43.77
C ASN F 4549 14.32 -43.69 43.64
N LYS F 4550 13.15 -44.07 43.12
CA LYS F 4550 12.05 -43.12 42.99
C LYS F 4550 11.15 -43.09 44.21
N TYR F 4551 11.08 -44.18 44.98
CA TYR F 4551 10.13 -44.25 46.09
C TYR F 4551 10.72 -44.45 47.47
N GLY F 4552 12.04 -44.66 47.59
CA GLY F 4552 12.62 -44.87 48.92
C GLY F 4552 12.55 -43.64 49.80
N ASP F 4553 12.69 -42.45 49.20
CA ASP F 4553 12.69 -41.23 49.99
C ASP F 4553 11.37 -41.03 50.72
N LEU F 4554 10.25 -41.32 50.06
CA LEU F 4554 8.94 -41.15 50.65
C LEU F 4554 8.41 -42.40 51.33
N TYR F 4555 8.98 -43.57 51.05
CA TYR F 4555 8.47 -44.82 51.60
C TYR F 4555 9.53 -45.74 52.17
N GLY F 4556 10.80 -45.32 52.20
CA GLY F 4556 11.81 -46.10 52.86
C GLY F 4556 12.49 -47.12 51.97
N ALA F 4557 13.80 -46.98 51.78
CA ALA F 4557 14.53 -47.85 50.87
C ALA F 4557 14.49 -49.30 51.34
N GLU F 4558 14.58 -49.53 52.65
CA GLU F 4558 14.55 -50.90 53.15
C GLU F 4558 13.21 -51.56 52.85
N ARG F 4559 12.10 -50.84 53.05
CA ARG F 4559 10.79 -51.42 52.78
C ARG F 4559 10.62 -51.72 51.30
N ILE F 4560 11.12 -50.83 50.43
CA ILE F 4560 11.02 -51.08 48.99
C ILE F 4560 11.86 -52.28 48.59
N ALA F 4561 13.07 -52.40 49.14
CA ALA F 4561 13.90 -53.55 48.84
C ALA F 4561 13.23 -54.84 49.29
N GLU F 4562 12.59 -54.81 50.45
CA GLU F 4562 11.81 -55.96 50.89
C GLU F 4562 10.67 -56.26 49.91
N LEU F 4563 9.99 -55.21 49.45
CA LEU F 4563 8.88 -55.40 48.52
C LEU F 4563 9.35 -55.99 47.20
N LEU F 4564 10.46 -55.50 46.68
CA LEU F 4564 11.00 -55.97 45.42
C LEU F 4564 12.02 -57.10 45.58
N GLY F 4565 12.25 -57.56 46.81
CA GLY F 4565 13.19 -58.64 47.01
C GLY F 4565 14.60 -58.33 46.59
N LEU F 4566 15.07 -57.12 46.88
CA LEU F 4566 16.40 -56.67 46.50
C LEU F 4566 17.28 -56.61 47.74
N ASP F 4567 18.47 -57.21 47.64
CA ASP F 4567 19.39 -57.23 48.77
C ASP F 4567 19.86 -55.82 49.12
N LYS F 4568 19.92 -55.53 50.42
CA LYS F 4568 20.32 -54.20 50.87
C LYS F 4568 21.76 -53.89 50.45
N ASN F 4569 22.66 -54.85 50.60
CA ASN F 4569 24.05 -54.64 50.18
C ASN F 4569 24.13 -54.37 48.69
N ALA F 4570 23.38 -55.15 47.89
CA ALA F 4570 23.32 -54.88 46.46
C ALA F 4570 22.65 -53.55 46.18
N LEU F 4571 21.67 -53.16 47.00
CA LEU F 4571 21.02 -51.87 46.82
C LEU F 4571 22.01 -50.73 47.00
N ASP F 4572 22.88 -50.82 48.00
CA ASP F 4572 23.87 -49.79 48.26
C ASP F 4572 25.19 -50.03 47.55
N PHE F 4573 25.28 -51.08 46.73
CA PHE F 4573 26.52 -51.37 46.03
C PHE F 4573 26.93 -50.21 45.12
N SER F 4574 28.21 -49.82 45.20
CA SER F 4574 28.74 -48.77 44.36
C SER F 4574 29.31 -49.36 43.09
N PRO F 4575 28.77 -49.04 41.90
CA PRO F 4575 29.23 -49.63 40.64
C PRO F 4575 30.66 -49.23 40.31
N SER F 4588 20.96 -78.14 45.69
CA SER F 4588 21.22 -76.75 45.35
C SER F 4588 20.28 -76.28 44.24
N TRP F 4589 19.78 -77.23 43.44
CA TRP F 4589 18.88 -76.87 42.36
C TRP F 4589 17.57 -76.29 42.87
N LEU F 4590 17.16 -76.67 44.09
CA LEU F 4590 15.93 -76.12 44.64
C LEU F 4590 16.02 -74.60 44.79
N SER F 4591 17.17 -74.10 45.27
CA SER F 4591 17.36 -72.67 45.36
C SER F 4591 17.66 -72.03 44.01
N SER F 4592 18.33 -72.77 43.12
CA SER F 4592 18.70 -72.20 41.82
C SER F 4592 17.46 -71.83 41.00
N ILE F 4593 16.47 -72.70 40.97
CA ILE F 4593 15.27 -72.46 40.19
C ILE F 4593 14.33 -71.55 40.97
N ASP F 4594 13.88 -70.48 40.32
CA ASP F 4594 12.95 -69.52 40.92
C ASP F 4594 11.54 -70.07 40.77
N MET F 4595 11.12 -70.89 41.73
CA MET F 4595 9.83 -71.55 41.64
C MET F 4595 8.69 -70.55 41.63
N LYS F 4596 8.83 -69.45 42.36
CA LYS F 4596 7.77 -68.44 42.40
C LYS F 4596 7.55 -67.82 41.02
N TYR F 4597 8.64 -67.47 40.33
CA TYR F 4597 8.52 -66.89 39.01
C TYR F 4597 7.92 -67.87 38.02
N HIS F 4598 8.30 -69.14 38.11
CA HIS F 4598 7.75 -70.13 37.19
C HIS F 4598 6.28 -70.42 37.48
N ILE F 4599 5.86 -70.37 38.75
CA ILE F 4599 4.43 -70.47 39.04
C ILE F 4599 3.68 -69.29 38.46
N TRP F 4600 4.25 -68.09 38.57
CA TRP F 4600 3.63 -66.92 37.94
C TRP F 4600 3.53 -67.11 36.44
N LYS F 4601 4.58 -67.62 35.82
CA LYS F 4601 4.58 -67.82 34.38
C LYS F 4601 3.54 -68.85 33.95
N LEU F 4602 3.41 -69.94 34.72
CA LEU F 4602 2.39 -70.93 34.41
C LEU F 4602 0.99 -70.34 34.54
N GLY F 4603 0.77 -69.52 35.56
CA GLY F 4603 -0.52 -68.86 35.67
C GLY F 4603 -0.79 -67.91 34.51
N VAL F 4604 0.25 -67.25 34.02
CA VAL F 4604 0.09 -66.33 32.89
C VAL F 4604 -0.21 -67.11 31.62
N VAL F 4605 0.50 -68.22 31.40
CA VAL F 4605 0.31 -69.01 30.18
C VAL F 4605 -1.06 -69.68 30.17
N PHE F 4606 -1.42 -70.32 31.27
CA PHE F 4606 -2.65 -71.11 31.30
C PHE F 4606 -3.91 -70.26 31.20
N THR F 4607 -3.81 -68.95 31.39
CA THR F 4607 -4.92 -68.06 31.13
C THR F 4607 -4.89 -67.48 29.72
N ASP F 4608 -3.94 -67.91 28.90
CA ASP F 4608 -3.87 -67.48 27.51
C ASP F 4608 -4.84 -68.29 26.67
N ASN F 4609 -5.61 -67.59 25.83
CA ASN F 4609 -6.68 -68.27 25.10
C ASN F 4609 -6.13 -69.29 24.11
N SER F 4610 -5.09 -68.92 23.35
CA SER F 4610 -4.55 -69.83 22.34
C SER F 4610 -3.94 -71.08 22.98
N PHE F 4611 -3.21 -70.90 24.07
CA PHE F 4611 -2.65 -72.07 24.75
C PHE F 4611 -3.75 -72.93 25.33
N LEU F 4612 -4.81 -72.32 25.84
CA LEU F 4612 -5.95 -73.10 26.34
C LEU F 4612 -6.57 -73.92 25.23
N TYR F 4613 -6.75 -73.31 24.05
CA TYR F 4613 -7.30 -74.06 22.92
C TYR F 4613 -6.40 -75.21 22.52
N LEU F 4614 -5.08 -74.99 22.50
CA LEU F 4614 -4.16 -76.06 22.14
C LEU F 4614 -4.19 -77.17 23.18
N ALA F 4615 -4.28 -76.82 24.46
CA ALA F 4615 -4.37 -77.83 25.51
C ALA F 4615 -5.66 -78.63 25.40
N TRP F 4616 -6.78 -77.97 25.09
CA TRP F 4616 -8.03 -78.69 24.87
C TRP F 4616 -7.92 -79.63 23.67
N TYR F 4617 -7.31 -79.15 22.59
CA TYR F 4617 -7.09 -79.97 21.41
C TYR F 4617 -6.30 -81.23 21.77
N THR F 4618 -5.21 -81.07 22.52
CA THR F 4618 -4.39 -82.21 22.88
C THR F 4618 -5.11 -83.14 23.85
N THR F 4619 -5.90 -82.59 24.76
CA THR F 4619 -6.68 -83.43 25.67
C THR F 4619 -7.69 -84.28 24.92
N MET F 4620 -8.36 -83.69 23.93
CA MET F 4620 -9.30 -84.49 23.13
C MET F 4620 -8.54 -85.51 22.29
N SER F 4621 -7.34 -85.18 21.81
CA SER F 4621 -6.53 -86.16 21.10
C SER F 4621 -6.20 -87.35 21.98
N VAL F 4622 -5.88 -87.09 23.25
CA VAL F 4622 -5.56 -88.17 24.18
C VAL F 4622 -6.82 -88.98 24.51
N LEU F 4623 -7.96 -88.30 24.67
CA LEU F 4623 -9.21 -89.01 24.92
C LEU F 4623 -9.62 -89.86 23.74
N GLY F 4624 -9.25 -89.47 22.52
CA GLY F 4624 -9.62 -90.23 21.35
C GLY F 4624 -9.07 -91.64 21.34
N HIS F 4625 -8.06 -91.93 22.15
CA HIS F 4625 -7.61 -93.30 22.32
C HIS F 4625 -8.53 -94.10 23.22
N TYR F 4626 -9.16 -93.45 24.20
CA TYR F 4626 -10.20 -94.09 24.98
C TYR F 4626 -11.41 -94.44 24.11
N ASN F 4627 -11.81 -93.51 23.24
CA ASN F 4627 -12.90 -93.73 22.32
C ASN F 4627 -12.61 -92.91 21.05
N ASN F 4628 -12.63 -93.58 19.90
CA ASN F 4628 -12.18 -92.93 18.67
C ASN F 4628 -13.04 -91.73 18.31
N PHE F 4629 -14.33 -91.74 18.65
CA PHE F 4629 -15.22 -90.70 18.17
C PHE F 4629 -14.89 -89.33 18.75
N PHE F 4630 -14.07 -89.26 19.80
CA PHE F 4630 -13.64 -87.96 20.29
C PHE F 4630 -12.85 -87.20 19.24
N PHE F 4631 -12.25 -87.90 18.29
CA PHE F 4631 -11.55 -87.21 17.22
C PHE F 4631 -12.48 -86.33 16.40
N ALA F 4632 -13.78 -86.62 16.42
CA ALA F 4632 -14.72 -85.74 15.74
C ALA F 4632 -14.63 -84.32 16.26
N ALA F 4633 -14.33 -84.15 17.55
CA ALA F 4633 -14.25 -82.81 18.12
C ALA F 4633 -13.17 -81.97 17.47
N HIS F 4634 -12.22 -82.59 16.77
CA HIS F 4634 -11.16 -81.83 16.13
C HIS F 4634 -11.61 -81.21 14.81
N LEU F 4635 -12.72 -81.67 14.22
CA LEU F 4635 -13.21 -81.06 13.00
C LEU F 4635 -13.53 -79.59 13.22
N LEU F 4636 -13.96 -79.22 14.43
CA LEU F 4636 -14.29 -77.84 14.73
C LEU F 4636 -13.09 -76.92 14.59
N ASP F 4637 -11.88 -77.48 14.53
CA ASP F 4637 -10.70 -76.66 14.27
C ASP F 4637 -10.82 -75.89 12.96
N ILE F 4638 -11.62 -76.39 12.00
CA ILE F 4638 -11.79 -75.64 10.76
C ILE F 4638 -12.45 -74.29 11.03
N ALA F 4639 -13.29 -74.20 12.05
CA ALA F 4639 -13.89 -72.91 12.39
C ALA F 4639 -12.89 -71.98 13.03
N MET F 4640 -11.76 -72.49 13.51
CA MET F 4640 -10.69 -71.68 14.07
C MET F 4640 -9.54 -71.49 13.08
N GLY F 4641 -9.73 -71.88 11.83
CA GLY F 4641 -8.67 -71.79 10.85
C GLY F 4641 -9.01 -70.90 9.68
N PHE F 4642 -10.30 -70.75 9.39
CA PHE F 4642 -10.78 -69.90 8.32
C PHE F 4642 -11.44 -68.66 8.90
N LYS F 4643 -11.18 -67.51 8.28
CA LYS F 4643 -11.69 -66.24 8.81
C LYS F 4643 -13.20 -66.19 8.77
N THR F 4644 -13.81 -66.72 7.71
CA THR F 4644 -15.27 -66.70 7.60
C THR F 4644 -15.93 -67.47 8.73
N LEU F 4645 -15.41 -68.66 9.04
CA LEU F 4645 -16.03 -69.47 10.08
C LEU F 4645 -15.77 -68.89 11.47
N ARG F 4646 -14.60 -68.28 11.67
CA ARG F 4646 -14.37 -67.58 12.93
C ARG F 4646 -15.34 -66.42 13.08
N THR F 4647 -15.62 -65.70 11.99
CA THR F 4647 -16.61 -64.63 12.05
C THR F 4647 -18.00 -65.17 12.38
N ILE F 4648 -18.36 -66.31 11.79
CA ILE F 4648 -19.67 -66.90 12.08
C ILE F 4648 -19.75 -67.29 13.56
N LEU F 4649 -18.69 -67.87 14.10
CA LEU F 4649 -18.68 -68.22 15.52
C LEU F 4649 -18.75 -66.97 16.39
N SER F 4650 -18.02 -65.92 16.03
CA SER F 4650 -18.04 -64.69 16.82
C SER F 4650 -19.40 -64.01 16.76
N SER F 4651 -20.15 -64.21 15.68
CA SER F 4651 -21.44 -63.56 15.55
C SER F 4651 -22.42 -64.05 16.60
N VAL F 4652 -22.23 -65.26 17.13
CA VAL F 4652 -23.11 -65.77 18.16
C VAL F 4652 -22.95 -64.96 19.45
N THR F 4653 -21.72 -64.67 19.85
CA THR F 4653 -21.45 -63.97 21.09
C THR F 4653 -21.30 -62.47 20.92
N HIS F 4654 -21.40 -61.96 19.69
CA HIS F 4654 -21.31 -60.51 19.47
C HIS F 4654 -22.42 -59.78 20.21
N ASN F 4655 -23.63 -60.32 20.18
CA ASN F 4655 -24.80 -59.75 20.86
C ASN F 4655 -25.26 -60.66 21.99
N GLY F 4656 -24.31 -61.19 22.76
CA GLY F 4656 -24.63 -62.23 23.73
C GLY F 4656 -25.60 -61.78 24.80
N LYS F 4657 -25.42 -60.57 25.32
CA LYS F 4657 -26.31 -60.09 26.37
C LYS F 4657 -27.72 -59.91 25.85
N GLN F 4658 -27.87 -59.29 24.68
CA GLN F 4658 -29.18 -59.12 24.08
C GLN F 4658 -29.80 -60.46 23.74
N LEU F 4659 -28.99 -61.40 23.26
CA LEU F 4659 -29.49 -62.73 22.93
C LEU F 4659 -30.02 -63.45 24.16
N VAL F 4660 -29.28 -63.38 25.26
CA VAL F 4660 -29.71 -64.04 26.50
C VAL F 4660 -30.99 -63.40 27.01
N LEU F 4661 -31.08 -62.07 26.96
CA LEU F 4661 -32.31 -61.41 27.40
C LEU F 4661 -33.49 -61.80 26.52
N THR F 4662 -33.28 -61.90 25.20
CA THR F 4662 -34.37 -62.25 24.31
C THR F 4662 -34.84 -63.69 24.53
N VAL F 4663 -33.91 -64.61 24.76
CA VAL F 4663 -34.32 -65.98 25.04
C VAL F 4663 -35.04 -66.05 26.38
N GLY F 4664 -34.63 -65.25 27.36
CA GLY F 4664 -35.36 -65.17 28.60
C GLY F 4664 -36.78 -64.65 28.42
N LEU F 4665 -36.95 -63.63 27.58
CA LEU F 4665 -38.29 -63.12 27.30
C LEU F 4665 -39.14 -64.19 26.61
N LEU F 4666 -38.55 -64.93 25.68
CA LEU F 4666 -39.28 -66.02 25.04
C LEU F 4666 -39.72 -67.05 26.06
N ALA F 4667 -38.83 -67.43 26.97
CA ALA F 4667 -39.18 -68.39 28.01
C ALA F 4667 -40.29 -67.87 28.91
N VAL F 4668 -40.25 -66.58 29.25
CA VAL F 4668 -41.29 -66.00 30.11
C VAL F 4668 -42.64 -66.00 29.40
N VAL F 4669 -42.65 -65.62 28.13
CA VAL F 4669 -43.91 -65.61 27.37
C VAL F 4669 -44.48 -67.01 27.25
N VAL F 4670 -43.62 -67.99 26.96
CA VAL F 4670 -44.11 -69.37 26.87
C VAL F 4670 -44.58 -69.85 28.23
N TYR F 4671 -43.99 -69.36 29.32
CA TYR F 4671 -44.48 -69.71 30.64
C TYR F 4671 -45.87 -69.15 30.89
N LEU F 4672 -46.12 -67.91 30.45
CA LEU F 4672 -47.46 -67.34 30.60
C LEU F 4672 -48.49 -68.13 29.80
N TYR F 4673 -48.12 -68.54 28.58
CA TYR F 4673 -49.02 -69.38 27.80
C TYR F 4673 -49.25 -70.72 28.47
N THR F 4674 -48.20 -71.28 29.08
CA THR F 4674 -48.34 -72.53 29.81
C THR F 4674 -49.30 -72.38 30.98
N VAL F 4675 -49.21 -71.28 31.71
CA VAL F 4675 -50.11 -71.03 32.84
C VAL F 4675 -51.55 -70.98 32.35
N VAL F 4676 -51.79 -70.24 31.27
CA VAL F 4676 -53.15 -70.13 30.74
C VAL F 4676 -53.66 -71.49 30.29
N ALA F 4677 -52.83 -72.26 29.60
CA ALA F 4677 -53.27 -73.55 29.09
C ALA F 4677 -53.45 -74.58 30.19
N PHE F 4678 -52.72 -74.44 31.30
CA PHE F 4678 -52.86 -75.35 32.42
C PHE F 4678 -54.11 -75.05 33.23
N ASN F 4679 -54.49 -73.78 33.33
CA ASN F 4679 -55.71 -73.47 34.05
C ASN F 4679 -56.97 -73.82 33.24
N PHE F 4680 -56.98 -73.54 31.94
CA PHE F 4680 -58.20 -73.61 31.15
C PHE F 4680 -58.18 -74.69 30.09
N PHE F 4681 -57.19 -74.71 29.20
CA PHE F 4681 -57.18 -75.63 28.07
C PHE F 4681 -56.34 -76.86 28.38
N ARG F 4682 -56.88 -77.73 29.25
CA ARG F 4682 -56.18 -78.95 29.58
C ARG F 4682 -56.70 -80.17 28.84
N LYS F 4683 -57.94 -80.12 28.34
CA LYS F 4683 -58.52 -81.25 27.64
C LYS F 4683 -57.94 -81.44 26.24
N PHE F 4684 -57.32 -80.40 25.69
CA PHE F 4684 -56.83 -80.44 24.32
C PHE F 4684 -55.41 -80.98 24.21
N TYR F 4685 -54.78 -81.36 25.32
CA TYR F 4685 -53.38 -81.75 25.32
C TYR F 4685 -53.19 -83.26 25.45
N ASN F 4686 -54.12 -84.04 24.93
CA ASN F 4686 -54.00 -85.50 24.94
C ASN F 4686 -53.31 -85.94 23.66
N LYS F 4687 -52.10 -86.46 23.78
CA LYS F 4687 -51.28 -86.83 22.64
C LYS F 4687 -51.23 -88.35 22.43
N SER F 4688 -52.33 -89.04 22.73
CA SER F 4688 -52.39 -90.49 22.61
C SER F 4688 -53.51 -90.87 21.64
N GLU F 4689 -53.16 -91.68 20.63
CA GLU F 4689 -54.15 -92.18 19.70
C GLU F 4689 -55.02 -93.27 20.33
N ASP F 4690 -54.41 -94.16 21.12
CA ASP F 4690 -55.14 -95.22 21.78
C ASP F 4690 -55.93 -94.68 22.96
N ASP F 4691 -57.25 -94.94 22.95
CA ASP F 4691 -58.10 -94.47 24.03
C ASP F 4691 -57.80 -95.17 25.35
N ASP F 4692 -57.15 -96.34 25.31
CA ASP F 4692 -56.85 -97.05 26.55
C ASP F 4692 -55.86 -96.27 27.40
N GLU F 4693 -54.83 -95.70 26.79
CA GLU F 4693 -53.77 -95.00 27.52
C GLU F 4693 -53.67 -93.56 27.03
N PRO F 4694 -54.29 -92.60 27.72
CA PRO F 4694 -54.17 -91.20 27.31
C PRO F 4694 -52.86 -90.60 27.81
N ASP F 4695 -52.14 -89.94 26.90
CA ASP F 4695 -50.88 -89.28 27.22
C ASP F 4695 -51.13 -87.79 27.33
N MET F 4696 -51.71 -87.39 28.46
CA MET F 4696 -52.01 -85.98 28.69
C MET F 4696 -50.72 -85.21 28.93
N LYS F 4697 -50.51 -84.15 28.17
CA LYS F 4697 -49.29 -83.37 28.21
C LYS F 4697 -49.40 -82.12 29.06
N CYS F 4698 -50.55 -81.85 29.65
CA CYS F 4698 -50.70 -80.62 30.44
C CYS F 4698 -51.47 -80.85 31.73
N ASP F 4699 -51.28 -81.99 32.37
CA ASP F 4699 -51.77 -82.22 33.71
C ASP F 4699 -50.74 -81.84 34.77
N ASP F 4700 -49.56 -81.41 34.35
CA ASP F 4700 -48.51 -80.94 35.24
C ASP F 4700 -47.93 -79.68 34.63
N MET F 4701 -47.39 -78.80 35.48
CA MET F 4701 -46.87 -77.53 34.98
C MET F 4701 -45.51 -77.72 34.31
N MET F 4702 -44.68 -78.62 34.82
CA MET F 4702 -43.39 -78.84 34.17
C MET F 4702 -43.56 -79.58 32.85
N THR F 4703 -44.45 -80.57 32.82
CA THR F 4703 -44.71 -81.26 31.56
C THR F 4703 -45.29 -80.31 30.52
N CYS F 4704 -46.24 -79.46 30.93
CA CYS F 4704 -46.84 -78.53 29.98
C CYS F 4704 -45.82 -77.49 29.52
N TYR F 4705 -44.98 -77.00 30.43
CA TYR F 4705 -43.96 -76.04 30.05
C TYR F 4705 -42.96 -76.64 29.08
N LEU F 4706 -42.54 -77.88 29.33
CA LEU F 4706 -41.62 -78.55 28.42
C LEU F 4706 -42.28 -78.78 27.07
N PHE F 4707 -43.56 -79.14 27.05
CA PHE F 4707 -44.27 -79.33 25.79
C PHE F 4707 -44.31 -78.03 24.99
N HIS F 4708 -44.66 -76.92 25.64
CA HIS F 4708 -44.74 -75.65 24.92
C HIS F 4708 -43.37 -75.19 24.44
N MET F 4709 -42.32 -75.39 25.24
CA MET F 4709 -41.00 -74.91 24.84
C MET F 4709 -40.38 -75.79 23.77
N TYR F 4710 -40.68 -77.09 23.76
CA TYR F 4710 -40.04 -78.02 22.85
C TYR F 4710 -40.87 -78.19 21.57
N VAL F 4711 -42.10 -78.65 21.72
CA VAL F 4711 -42.94 -78.90 20.56
C VAL F 4711 -43.47 -77.60 19.96
N GLY F 4712 -43.97 -76.69 20.81
CA GLY F 4712 -44.62 -75.50 20.31
C GLY F 4712 -43.68 -74.55 19.60
N VAL F 4713 -42.52 -74.29 20.16
CA VAL F 4713 -41.63 -73.29 19.60
C VAL F 4713 -41.05 -73.76 18.27
N ARG F 4714 -40.75 -75.05 18.15
CA ARG F 4714 -40.24 -75.59 16.90
C ARG F 4714 -41.31 -75.84 15.86
N ALA F 4715 -42.59 -75.78 16.25
CA ALA F 4715 -43.67 -75.99 15.30
C ALA F 4715 -43.81 -74.77 14.38
N GLY F 4716 -44.17 -75.03 13.13
CA GLY F 4716 -44.25 -73.95 12.16
C GLY F 4716 -45.37 -72.96 12.48
N GLY F 4717 -46.53 -73.46 12.84
CA GLY F 4717 -47.68 -72.63 13.12
C GLY F 4717 -47.94 -72.38 14.59
N GLY F 4718 -47.02 -72.73 15.47
CA GLY F 4718 -47.21 -72.49 16.89
C GLY F 4718 -47.68 -73.73 17.61
N ILE F 4719 -48.44 -73.53 18.68
CA ILE F 4719 -48.93 -74.65 19.48
C ILE F 4719 -50.27 -75.18 18.98
N GLY F 4720 -50.99 -74.39 18.19
CA GLY F 4720 -52.24 -74.88 17.63
C GLY F 4720 -52.06 -76.02 16.67
N ASP F 4721 -50.87 -76.16 16.10
CA ASP F 4721 -50.61 -77.29 15.20
C ASP F 4721 -50.54 -78.61 15.96
N GLU F 4722 -50.11 -78.58 17.21
CA GLU F 4722 -49.72 -79.77 17.94
C GLU F 4722 -50.73 -80.19 19.00
N ILE F 4723 -51.90 -79.59 19.05
CA ILE F 4723 -52.91 -79.94 20.03
C ILE F 4723 -54.27 -80.09 19.35
N GLU F 4724 -55.24 -80.54 20.12
CA GLU F 4724 -56.54 -80.93 19.58
C GLU F 4724 -57.28 -79.74 18.97
N ASP F 4725 -58.08 -80.03 17.97
CA ASP F 4725 -58.82 -78.98 17.27
C ASP F 4725 -59.95 -78.46 18.14
N PRO F 4726 -60.09 -77.13 18.28
CA PRO F 4726 -61.08 -76.58 19.21
C PRO F 4726 -62.50 -76.49 18.66
N ALA F 4727 -62.77 -77.05 17.48
CA ALA F 4727 -64.06 -76.87 16.85
C ALA F 4727 -65.18 -77.48 17.69
N GLY F 4728 -66.32 -76.79 17.73
CA GLY F 4728 -67.47 -77.28 18.47
C GLY F 4728 -67.24 -77.40 19.96
N ASP F 4729 -66.63 -76.39 20.58
CA ASP F 4729 -66.34 -76.40 21.99
C ASP F 4729 -66.69 -75.03 22.57
N PRO F 4730 -67.09 -74.97 23.84
CA PRO F 4730 -67.37 -73.66 24.44
C PRO F 4730 -66.18 -72.72 24.45
N TYR F 4731 -64.95 -73.25 24.47
CA TYR F 4731 -63.74 -72.45 24.48
C TYR F 4731 -63.12 -72.31 23.11
N GLU F 4732 -63.92 -72.40 22.04
CA GLU F 4732 -63.36 -72.36 20.70
C GLU F 4732 -62.72 -71.02 20.39
N MET F 4733 -63.37 -69.91 20.76
CA MET F 4733 -62.82 -68.61 20.44
C MET F 4733 -61.63 -68.27 21.31
N TYR F 4734 -61.68 -68.62 22.59
CA TYR F 4734 -60.52 -68.45 23.44
C TYR F 4734 -59.34 -69.27 22.94
N ARG F 4735 -59.61 -70.48 22.46
CA ARG F 4735 -58.56 -71.32 21.90
C ARG F 4735 -57.99 -70.71 20.63
N ILE F 4736 -58.85 -70.14 19.78
CA ILE F 4736 -58.39 -69.52 18.55
C ILE F 4736 -57.48 -68.33 18.86
N VAL F 4737 -57.90 -67.49 19.80
CA VAL F 4737 -57.07 -66.34 20.19
C VAL F 4737 -55.76 -66.81 20.79
N PHE F 4738 -55.82 -67.84 21.63
CA PHE F 4738 -54.63 -68.44 22.23
C PHE F 4738 -53.64 -68.87 21.15
N ASP F 4739 -54.11 -69.64 20.17
CA ASP F 4739 -53.23 -70.15 19.13
C ASP F 4739 -52.66 -69.03 18.27
N ILE F 4740 -53.50 -68.09 17.86
CA ILE F 4740 -53.04 -67.03 16.96
C ILE F 4740 -52.04 -66.13 17.65
N THR F 4741 -52.27 -65.80 18.92
CA THR F 4741 -51.32 -64.98 19.65
C THR F 4741 -50.01 -65.73 19.90
N PHE F 4742 -50.07 -67.04 20.19
CA PHE F 4742 -48.84 -67.80 20.30
C PHE F 4742 -48.06 -67.78 19.01
N PHE F 4743 -48.76 -67.93 17.88
CA PHE F 4743 -48.10 -67.89 16.58
C PHE F 4743 -47.46 -66.54 16.32
N PHE F 4744 -48.14 -65.45 16.71
CA PHE F 4744 -47.65 -64.13 16.37
C PHE F 4744 -46.51 -63.69 17.29
N PHE F 4745 -46.74 -63.71 18.61
CA PHE F 4745 -45.73 -63.21 19.54
C PHE F 4745 -44.50 -64.09 19.56
N VAL F 4746 -44.67 -65.40 19.55
CA VAL F 4746 -43.55 -66.32 19.72
C VAL F 4746 -42.92 -66.66 18.38
N ILE F 4747 -43.69 -67.28 17.50
CA ILE F 4747 -43.14 -67.80 16.25
C ILE F 4747 -42.70 -66.66 15.34
N VAL F 4748 -43.54 -65.64 15.18
CA VAL F 4748 -43.28 -64.63 14.17
C VAL F 4748 -42.35 -63.55 14.70
N ILE F 4749 -42.55 -63.10 15.94
CA ILE F 4749 -41.85 -61.93 16.44
C ILE F 4749 -40.56 -62.30 17.17
N LEU F 4750 -40.65 -63.16 18.18
CA LEU F 4750 -39.50 -63.39 19.04
C LEU F 4750 -38.44 -64.26 18.36
N LEU F 4751 -38.86 -65.32 17.67
CA LEU F 4751 -37.89 -66.16 16.97
C LEU F 4751 -37.15 -65.38 15.89
N ALA F 4752 -37.88 -64.55 15.16
CA ALA F 4752 -37.25 -63.73 14.12
C ALA F 4752 -36.24 -62.75 14.72
N ILE F 4753 -36.57 -62.17 15.87
CA ILE F 4753 -35.64 -61.26 16.55
C ILE F 4753 -34.40 -62.00 17.02
N ILE F 4754 -34.58 -63.19 17.59
CA ILE F 4754 -33.44 -63.98 18.03
C ILE F 4754 -32.53 -64.32 16.87
N GLN F 4755 -33.11 -64.73 15.75
CA GLN F 4755 -32.32 -65.03 14.56
C GLN F 4755 -31.61 -63.79 14.01
N GLY F 4756 -32.30 -62.65 14.01
CA GLY F 4756 -31.71 -61.44 13.52
C GLY F 4756 -30.54 -60.98 14.37
N LEU F 4757 -30.61 -61.19 15.68
CA LEU F 4757 -29.51 -60.77 16.55
C LEU F 4757 -28.20 -61.45 16.19
N ILE F 4758 -28.24 -62.59 15.52
CA ILE F 4758 -27.04 -63.30 15.08
C ILE F 4758 -26.70 -62.99 13.63
N ILE F 4759 -27.69 -62.99 12.75
CA ILE F 4759 -27.40 -62.72 11.34
C ILE F 4759 -26.91 -61.28 11.17
N ASP F 4760 -27.55 -60.33 11.86
CA ASP F 4760 -27.08 -58.94 11.83
C ASP F 4760 -25.69 -58.80 12.41
N ALA F 4761 -25.36 -59.54 13.47
CA ALA F 4761 -24.02 -59.48 14.03
C ALA F 4761 -22.98 -59.98 13.03
N PHE F 4762 -23.31 -61.05 12.31
CA PHE F 4762 -22.44 -61.54 11.26
C PHE F 4762 -22.20 -60.46 10.20
N GLY F 4763 -23.29 -59.84 9.74
CA GLY F 4763 -23.16 -58.78 8.76
C GLY F 4763 -22.35 -57.61 9.28
N GLU F 4764 -22.53 -57.24 10.54
CA GLU F 4764 -21.84 -56.12 11.14
C GLU F 4764 -20.34 -56.38 11.27
N LEU F 4765 -19.97 -57.59 11.67
CA LEU F 4765 -18.55 -57.94 11.75
C LEU F 4765 -17.89 -57.90 10.37
N ARG F 4766 -18.56 -58.45 9.36
CA ARG F 4766 -18.00 -58.38 8.02
C ARG F 4766 -17.88 -56.93 7.54
N ASP F 4767 -18.87 -56.10 7.87
CA ASP F 4767 -18.80 -54.69 7.50
C ASP F 4767 -17.63 -54.01 8.19
N GLN F 4768 -17.38 -54.32 9.45
CA GLN F 4768 -16.25 -53.73 10.16
C GLN F 4768 -14.93 -54.10 9.49
N GLN F 4769 -14.79 -55.36 9.11
CA GLN F 4769 -13.56 -55.79 8.43
C GLN F 4769 -13.37 -55.03 7.12
N GLU F 4770 -14.42 -54.97 6.31
CA GLU F 4770 -14.31 -54.24 5.04
C GLU F 4770 -14.03 -52.76 5.27
N GLN F 4771 -14.61 -52.18 6.32
CA GLN F 4771 -14.40 -50.78 6.60
C GLN F 4771 -12.97 -50.51 7.04
N VAL F 4772 -12.37 -51.41 7.81
CA VAL F 4772 -10.96 -51.26 8.17
C VAL F 4772 -10.11 -51.31 6.90
N ARG F 4773 -10.39 -52.26 6.01
CA ARG F 4773 -9.61 -52.34 4.78
C ARG F 4773 -9.75 -51.07 3.95
N GLU F 4774 -10.96 -50.50 3.90
CA GLU F 4774 -11.16 -49.28 3.14
C GLU F 4774 -10.47 -48.09 3.79
N ASP F 4775 -10.49 -48.02 5.13
CA ASP F 4775 -9.83 -46.93 5.83
C ASP F 4775 -8.33 -46.95 5.60
N MET F 4776 -7.72 -48.13 5.63
CA MET F 4776 -6.29 -48.20 5.36
C MET F 4776 -5.96 -47.76 3.94
N GLU F 4777 -6.85 -48.03 3.00
CA GLU F 4777 -6.62 -47.69 1.60
C GLU F 4777 -7.01 -46.26 1.24
N THR F 4778 -7.56 -45.49 2.19
CA THR F 4778 -7.98 -44.13 1.90
C THR F 4778 -7.48 -43.12 2.93
N LYS F 4779 -6.57 -43.52 3.81
CA LYS F 4779 -5.99 -42.61 4.78
C LYS F 4779 -4.57 -43.07 5.11
N CYS F 4780 -3.76 -42.15 5.60
CA CYS F 4780 -2.43 -42.49 6.07
C CYS F 4780 -2.49 -42.82 7.56
N PHE F 4781 -1.88 -43.96 7.92
CA PHE F 4781 -1.94 -44.42 9.30
C PHE F 4781 -1.29 -43.43 10.25
N ILE F 4782 -0.27 -42.70 9.79
CA ILE F 4782 0.53 -41.85 10.67
C ILE F 4782 -0.08 -40.46 10.76
N CYS F 4783 -0.24 -39.77 9.63
CA CYS F 4783 -0.67 -38.38 9.64
C CYS F 4783 -2.18 -38.22 9.49
N GLY F 4784 -2.87 -39.24 8.97
CA GLY F 4784 -4.32 -39.16 8.86
C GLY F 4784 -4.84 -38.33 7.71
N ILE F 4785 -3.98 -37.91 6.78
CA ILE F 4785 -4.43 -37.17 5.61
C ILE F 4785 -4.97 -38.13 4.58
N GLY F 4786 -6.13 -37.80 4.02
CA GLY F 4786 -6.76 -38.68 3.05
C GLY F 4786 -5.99 -38.75 1.75
N ASN F 4787 -6.31 -39.78 0.96
CA ASN F 4787 -5.63 -39.97 -0.31
C ASN F 4787 -6.05 -38.98 -1.37
N ASP F 4788 -7.10 -38.19 -1.12
CA ASP F 4788 -7.47 -37.15 -2.07
C ASP F 4788 -6.36 -36.11 -2.21
N TYR F 4789 -5.73 -35.74 -1.10
CA TYR F 4789 -4.67 -34.75 -1.16
C TYR F 4789 -3.48 -35.26 -1.97
N PHE F 4790 -3.08 -36.51 -1.74
CA PHE F 4790 -1.90 -37.04 -2.41
C PHE F 4790 -2.19 -37.55 -3.81
N ASP F 4791 -3.46 -37.74 -4.17
CA ASP F 4791 -3.79 -38.25 -5.49
C ASP F 4791 -3.73 -37.19 -6.58
N THR F 4792 -3.48 -35.93 -6.22
CA THR F 4792 -3.29 -34.91 -7.24
C THR F 4792 -2.08 -35.22 -8.11
N THR F 4793 -1.09 -35.90 -7.57
CA THR F 4793 0.04 -36.41 -8.33
C THR F 4793 -0.15 -37.88 -8.64
N PRO F 4794 0.49 -38.39 -9.69
CA PRO F 4794 0.34 -39.81 -10.02
C PRO F 4794 0.93 -40.69 -8.95
N HIS F 4795 0.11 -41.60 -8.43
CA HIS F 4795 0.53 -42.52 -7.37
C HIS F 4795 0.99 -41.76 -6.12
N GLY F 4796 0.34 -40.63 -5.85
CA GLY F 4796 0.74 -39.82 -4.71
C GLY F 4796 0.55 -40.54 -3.39
N PHE F 4797 -0.62 -41.16 -3.21
CA PHE F 4797 -0.90 -41.83 -1.94
C PHE F 4797 -0.01 -43.04 -1.74
N GLU F 4798 0.23 -43.82 -2.80
CA GLU F 4798 1.09 -44.98 -2.67
C GLU F 4798 2.52 -44.57 -2.33
N THR F 4799 3.02 -43.53 -2.99
CA THR F 4799 4.37 -43.06 -2.67
C THR F 4799 4.45 -42.52 -1.25
N HIS F 4800 3.42 -41.78 -0.82
CA HIS F 4800 3.43 -41.22 0.52
C HIS F 4800 3.49 -42.30 1.58
N THR F 4801 2.71 -43.36 1.42
CA THR F 4801 2.60 -44.40 2.41
C THR F 4801 3.63 -45.51 2.23
N LEU F 4802 4.50 -45.39 1.23
CA LEU F 4802 5.59 -46.33 1.05
C LEU F 4802 6.97 -45.69 1.18
N GLN F 4803 7.08 -44.38 1.02
CA GLN F 4803 8.34 -43.69 1.21
C GLN F 4803 8.28 -42.63 2.30
N GLU F 4804 7.26 -41.77 2.29
CA GLU F 4804 7.23 -40.65 3.22
C GLU F 4804 6.83 -41.10 4.63
N HIS F 4805 5.61 -41.62 4.78
CA HIS F 4805 5.10 -42.07 6.07
C HIS F 4805 4.81 -43.56 5.96
N ASN F 4806 5.77 -44.39 6.31
CA ASN F 4806 5.60 -45.85 6.31
C ASN F 4806 5.83 -46.35 7.72
N LEU F 4807 4.84 -47.04 8.29
CA LEU F 4807 4.93 -47.46 9.68
C LEU F 4807 6.08 -48.45 9.89
N ALA F 4808 6.39 -49.26 8.88
CA ALA F 4808 7.56 -50.12 8.97
C ALA F 4808 8.83 -49.30 9.12
N ASN F 4809 8.88 -48.13 8.47
CA ASN F 4809 10.05 -47.27 8.60
C ASN F 4809 10.16 -46.70 10.00
N TYR F 4810 9.03 -46.41 10.64
CA TYR F 4810 9.09 -45.95 12.03
C TYR F 4810 9.54 -47.07 12.96
N LEU F 4811 9.10 -48.30 12.72
CA LEU F 4811 9.61 -49.43 13.49
C LEU F 4811 11.11 -49.60 13.30
N PHE F 4812 11.57 -49.49 12.06
CA PHE F 4812 13.00 -49.63 11.79
C PHE F 4812 13.79 -48.47 12.38
N PHE F 4813 13.21 -47.28 12.44
CA PHE F 4813 13.89 -46.17 13.09
C PHE F 4813 14.03 -46.41 14.58
N LEU F 4814 13.01 -46.98 15.22
CA LEU F 4814 13.14 -47.31 16.62
C LEU F 4814 14.23 -48.36 16.83
N MET F 4815 14.28 -49.38 15.99
CA MET F 4815 15.36 -50.37 16.10
C MET F 4815 16.72 -49.72 15.90
N TYR F 4816 16.80 -48.80 14.94
CA TYR F 4816 18.05 -48.10 14.66
C TYR F 4816 18.51 -47.28 15.85
N LEU F 4817 17.58 -46.59 16.50
CA LEU F 4817 17.90 -45.82 17.69
C LEU F 4817 18.36 -46.72 18.83
N ILE F 4818 17.71 -47.87 19.02
CA ILE F 4818 18.09 -48.76 20.11
C ILE F 4818 19.50 -49.28 19.91
N ASN F 4819 19.85 -49.66 18.68
CA ASN F 4819 21.12 -50.31 18.41
C ASN F 4819 22.25 -49.33 18.15
N LYS F 4820 22.02 -48.04 18.28
CA LYS F 4820 23.03 -47.02 18.06
C LYS F 4820 23.44 -46.40 19.39
N ASP F 4821 24.73 -46.07 19.52
CA ASP F 4821 25.22 -45.48 20.75
C ASP F 4821 24.61 -44.10 20.95
N GLU F 4822 24.31 -43.77 22.21
CA GLU F 4822 23.76 -42.46 22.50
C GLU F 4822 24.77 -41.35 22.21
N THR F 4823 26.06 -41.64 22.24
CA THR F 4823 27.05 -40.65 21.89
C THR F 4823 27.12 -40.39 20.40
N GLU F 4824 26.62 -41.33 19.59
CA GLU F 4824 26.60 -41.19 18.15
C GLU F 4824 25.29 -40.63 17.61
N HIS F 4825 24.28 -40.47 18.46
CA HIS F 4825 23.01 -39.92 18.02
C HIS F 4825 23.18 -38.52 17.47
N THR F 4826 22.52 -38.25 16.35
CA THR F 4826 22.51 -36.92 15.77
C THR F 4826 21.44 -36.08 16.48
N GLY F 4827 21.19 -34.87 15.98
CA GLY F 4827 20.23 -34.01 16.62
C GLY F 4827 18.82 -34.56 16.54
N GLN F 4828 18.43 -35.03 15.36
CA GLN F 4828 17.08 -35.56 15.17
C GLN F 4828 16.89 -36.88 15.90
N GLU F 4829 17.88 -37.77 15.80
CA GLU F 4829 17.82 -39.04 16.53
C GLU F 4829 17.80 -38.81 18.02
N SER F 4830 18.63 -37.89 18.52
CA SER F 4830 18.65 -37.59 19.94
C SER F 4830 17.33 -36.99 20.40
N TYR F 4831 16.74 -36.11 19.60
CA TYR F 4831 15.45 -35.51 19.92
C TYR F 4831 14.37 -36.58 20.03
N VAL F 4832 14.30 -37.46 19.03
CA VAL F 4832 13.28 -38.50 19.03
C VAL F 4832 13.51 -39.47 20.18
N TRP F 4833 14.77 -39.79 20.46
CA TRP F 4833 15.07 -40.72 21.56
C TRP F 4833 14.68 -40.13 22.91
N LYS F 4834 14.94 -38.85 23.11
CA LYS F 4834 14.52 -38.22 24.36
C LYS F 4834 13.00 -38.22 24.49
N MET F 4835 12.29 -37.89 23.41
CA MET F 4835 10.84 -37.90 23.48
C MET F 4835 10.30 -39.30 23.73
N TYR F 4836 10.93 -40.32 23.15
CA TYR F 4836 10.51 -41.69 23.39
C TYR F 4836 10.77 -42.11 24.83
N GLN F 4837 11.92 -41.73 25.38
CA GLN F 4837 12.21 -42.04 26.77
C GLN F 4837 11.19 -41.39 27.70
N GLU F 4838 10.84 -40.13 27.43
CA GLU F 4838 9.80 -39.46 28.19
C GLU F 4838 8.40 -39.89 27.78
N ARG F 4839 8.26 -40.67 26.72
CA ARG F 4839 6.97 -41.12 26.22
C ARG F 4839 6.07 -39.95 25.85
N CYS F 4840 6.62 -39.03 25.06
CA CYS F 4840 5.87 -37.95 24.45
C CYS F 4840 5.87 -38.17 22.95
N TRP F 4841 4.69 -38.29 22.35
CA TRP F 4841 4.54 -38.70 20.96
C TRP F 4841 4.28 -37.53 20.04
N ASP F 4842 4.90 -36.38 20.34
CA ASP F 4842 4.72 -35.19 19.53
C ASP F 4842 5.57 -35.18 18.28
N PHE F 4843 6.47 -36.15 18.12
CA PHE F 4843 7.34 -36.17 16.95
C PHE F 4843 6.72 -36.88 15.75
N PHE F 4844 5.58 -37.52 15.91
CA PHE F 4844 4.88 -38.06 14.76
C PHE F 4844 4.18 -36.94 14.01
N PRO F 4845 4.25 -36.94 12.68
CA PRO F 4845 3.53 -35.90 11.93
C PRO F 4845 2.04 -36.18 11.91
N ALA F 4846 1.27 -35.37 12.65
CA ALA F 4846 -0.17 -35.55 12.78
C ALA F 4846 -0.88 -34.49 11.95
N GLY F 4847 -1.52 -34.93 10.86
CA GLY F 4847 -2.23 -34.00 10.01
C GLY F 4847 -1.34 -33.10 9.18
N ASP F 4848 -0.08 -33.47 8.99
CA ASP F 4848 0.86 -32.63 8.26
C ASP F 4848 1.92 -33.52 7.64
N CYS F 4849 2.58 -33.00 6.61
CA CYS F 4849 3.62 -33.75 5.92
C CYS F 4849 4.57 -32.78 5.25
N PHE F 4850 5.59 -33.32 4.60
CA PHE F 4850 6.56 -32.50 3.88
C PHE F 4850 5.91 -31.77 2.72
N ARG F 4851 4.96 -32.42 2.03
CA ARG F 4851 4.28 -31.80 0.91
C ARG F 4851 3.49 -30.57 1.36
N LYS F 4852 2.66 -30.73 2.39
CA LYS F 4852 1.88 -29.61 2.88
C LYS F 4852 2.78 -28.52 3.45
N GLN F 4853 3.85 -28.92 4.15
CA GLN F 4853 4.77 -27.95 4.73
C GLN F 4853 5.40 -27.08 3.66
N TYR F 4854 5.86 -27.69 2.58
CA TYR F 4854 6.58 -26.96 1.54
C TYR F 4854 5.86 -27.06 0.20
N GLU F 4855 4.53 -26.87 0.22
CA GLU F 4855 3.76 -27.04 -1.00
C GLU F 4855 4.18 -26.03 -2.07
N ASP F 4856 4.45 -24.79 -1.66
CA ASP F 4856 4.86 -23.77 -2.62
C ASP F 4856 6.26 -24.06 -3.16
N GLN F 4857 7.26 -24.12 -2.28
CA GLN F 4857 8.64 -24.31 -2.73
C GLN F 4857 8.82 -25.66 -3.40
N LEU F 4858 8.36 -26.73 -2.77
CA LEU F 4858 8.60 -28.07 -3.30
C LEU F 4858 7.89 -28.27 -4.64
N GLY F 4859 6.66 -27.78 -4.75
CA GLY F 4859 5.90 -27.90 -5.98
C GLY F 4859 4.85 -28.99 -5.95
N ALA G 3 82.90 -9.55 -105.47
CA ALA G 3 81.67 -9.84 -104.75
C ALA G 3 81.92 -9.89 -103.25
N GLY G 4 80.85 -9.96 -102.48
CA GLY G 4 80.94 -10.02 -101.03
C GLY G 4 81.09 -11.41 -100.46
N VAL G 5 81.23 -12.42 -101.30
CA VAL G 5 81.34 -13.81 -100.87
C VAL G 5 82.74 -14.31 -101.22
N GLU G 6 83.38 -14.98 -100.27
CA GLU G 6 84.67 -15.62 -100.48
C GLU G 6 84.46 -17.13 -100.49
N ILE G 7 84.83 -17.77 -101.59
CA ILE G 7 84.63 -19.20 -101.77
C ILE G 7 85.96 -19.91 -101.51
N GLU G 8 85.93 -20.92 -100.65
CA GLU G 8 87.08 -21.77 -100.37
C GLU G 8 86.67 -23.20 -100.66
N THR G 9 87.35 -23.83 -101.62
CA THR G 9 86.97 -25.17 -102.05
C THR G 9 87.27 -26.19 -100.96
N ILE G 10 86.45 -27.25 -100.93
CA ILE G 10 86.64 -28.34 -99.99
C ILE G 10 86.80 -29.64 -100.78
N SER G 11 85.79 -29.97 -101.58
CA SER G 11 85.82 -31.14 -102.45
C SER G 11 85.44 -30.69 -103.85
N PRO G 12 86.29 -30.89 -104.85
CA PRO G 12 86.03 -30.34 -106.18
C PRO G 12 84.85 -31.03 -106.87
N GLY G 13 84.24 -30.31 -107.79
CA GLY G 13 83.23 -30.83 -108.67
C GLY G 13 83.77 -31.14 -110.04
N ASP G 14 82.89 -31.12 -111.05
CA ASP G 14 83.33 -31.36 -112.41
C ASP G 14 84.01 -30.13 -113.03
N GLY G 15 83.80 -28.95 -112.46
CA GLY G 15 84.44 -27.74 -112.96
C GLY G 15 83.96 -27.30 -114.32
N ARG G 16 82.87 -27.86 -114.82
CA ARG G 16 82.35 -27.54 -116.15
C ARG G 16 80.87 -27.18 -116.14
N THR G 17 80.07 -27.86 -115.33
CA THR G 17 78.62 -27.64 -115.28
C THR G 17 78.32 -26.65 -114.17
N PHE G 18 77.94 -25.43 -114.56
CA PHE G 18 77.61 -24.40 -113.58
C PHE G 18 76.13 -24.06 -113.67
N PRO G 19 75.54 -23.61 -112.56
CA PRO G 19 74.12 -23.26 -112.59
C PRO G 19 73.83 -22.14 -113.57
N LYS G 20 72.68 -22.23 -114.23
CA LYS G 20 72.24 -21.24 -115.20
C LYS G 20 70.87 -20.72 -114.82
N LYS G 21 70.43 -19.70 -115.56
CA LYS G 21 69.14 -19.08 -115.28
C LYS G 21 68.01 -20.08 -115.48
N GLY G 22 66.99 -19.98 -114.63
CA GLY G 22 65.87 -20.91 -114.69
C GLY G 22 66.24 -22.33 -114.35
N GLN G 23 67.15 -22.51 -113.40
CA GLN G 23 67.56 -23.83 -112.94
C GLN G 23 67.40 -23.90 -111.42
N THR G 24 67.00 -25.06 -110.93
CA THR G 24 66.90 -25.30 -109.49
C THR G 24 68.20 -25.92 -109.00
N CYS G 25 68.78 -25.30 -107.97
CA CYS G 25 70.06 -25.75 -107.42
C CYS G 25 69.77 -26.49 -106.12
N VAL G 26 69.73 -27.81 -106.19
CA VAL G 26 69.51 -28.63 -105.01
C VAL G 26 70.83 -28.72 -104.26
N VAL G 27 70.95 -28.01 -103.15
CA VAL G 27 72.18 -27.90 -102.40
C VAL G 27 71.93 -28.29 -100.96
N HIS G 28 72.88 -29.02 -100.38
CA HIS G 28 72.89 -29.35 -98.96
C HIS G 28 73.91 -28.44 -98.28
N TYR G 29 73.46 -27.68 -97.29
CA TYR G 29 74.29 -26.66 -96.68
C TYR G 29 74.31 -26.81 -95.17
N THR G 30 75.18 -26.02 -94.53
CA THR G 30 75.30 -26.00 -93.08
C THR G 30 75.85 -24.62 -92.70
N GLY G 31 74.97 -23.73 -92.25
CA GLY G 31 75.34 -22.36 -91.97
C GLY G 31 75.56 -22.12 -90.49
N MET G 32 76.65 -21.42 -90.19
CA MET G 32 77.01 -21.09 -88.82
C MET G 32 77.51 -19.65 -88.77
N LEU G 33 77.47 -19.09 -87.56
CA LEU G 33 77.98 -17.75 -87.33
C LEU G 33 79.50 -17.75 -87.39
N GLN G 34 80.07 -16.55 -87.49
CA GLN G 34 81.52 -16.41 -87.58
C GLN G 34 82.24 -16.85 -86.31
N ASN G 35 81.52 -17.02 -85.21
CA ASN G 35 82.10 -17.45 -83.95
C ASN G 35 82.08 -18.95 -83.75
N GLY G 36 81.55 -19.71 -84.71
CA GLY G 36 81.45 -21.15 -84.58
C GLY G 36 80.12 -21.65 -84.06
N LYS G 37 79.11 -20.80 -83.96
CA LYS G 37 77.81 -21.17 -83.44
C LYS G 37 76.89 -21.52 -84.60
N LYS G 38 76.58 -22.79 -84.76
CA LYS G 38 75.74 -23.23 -85.87
C LYS G 38 74.33 -22.68 -85.71
N PHE G 39 73.75 -22.21 -86.80
CA PHE G 39 72.39 -21.71 -86.78
C PHE G 39 71.47 -22.37 -87.79
N ASP G 40 71.99 -23.15 -88.73
CA ASP G 40 71.10 -23.82 -89.68
C ASP G 40 71.84 -24.96 -90.34
N SER G 41 71.09 -25.99 -90.74
CA SER G 41 71.68 -27.12 -91.44
C SER G 41 70.56 -27.90 -92.10
N SER G 42 70.65 -28.06 -93.42
CA SER G 42 69.66 -28.86 -94.14
C SER G 42 69.95 -30.35 -94.05
N ARG G 43 71.14 -30.74 -93.60
CA ARG G 43 71.45 -32.16 -93.46
C ARG G 43 70.80 -32.76 -92.21
N ASP G 44 70.55 -31.93 -91.19
CA ASP G 44 69.83 -32.41 -90.02
C ASP G 44 68.40 -32.77 -90.38
N ARG G 45 67.76 -31.99 -91.25
CA ARG G 45 66.38 -32.22 -91.65
C ARG G 45 66.24 -33.28 -92.73
N ASN G 46 67.35 -33.75 -93.29
CA ASN G 46 67.33 -34.75 -94.35
C ASN G 46 66.60 -34.24 -95.59
N LYS G 47 66.65 -32.93 -95.82
CA LYS G 47 65.94 -32.32 -96.93
C LYS G 47 66.82 -31.30 -97.62
N PRO G 48 67.33 -31.60 -98.81
CA PRO G 48 68.15 -30.61 -99.53
C PRO G 48 67.34 -29.37 -99.88
N PHE G 49 68.02 -28.23 -99.88
CA PHE G 49 67.39 -26.95 -100.13
C PHE G 49 67.41 -26.63 -101.62
N LYS G 50 66.27 -26.22 -102.15
CA LYS G 50 66.11 -25.92 -103.57
C LYS G 50 65.78 -24.46 -103.75
N PHE G 51 66.49 -23.81 -104.67
CA PHE G 51 66.22 -22.42 -105.02
C PHE G 51 66.58 -22.22 -106.47
N ARG G 52 65.98 -21.21 -107.08
CA ARG G 52 66.15 -20.92 -108.50
C ARG G 52 67.01 -19.67 -108.65
N ILE G 53 68.01 -19.74 -109.54
CA ILE G 53 68.88 -18.60 -109.78
C ILE G 53 68.13 -17.52 -110.51
N GLY G 54 68.42 -16.26 -110.17
CA GLY G 54 67.83 -15.12 -110.82
C GLY G 54 66.48 -14.69 -110.30
N LYS G 55 65.93 -15.38 -109.30
CA LYS G 55 64.65 -15.01 -108.71
C LYS G 55 64.80 -14.32 -107.37
N GLN G 56 66.02 -14.24 -106.83
CA GLN G 56 66.27 -13.59 -105.55
C GLN G 56 65.48 -14.25 -104.41
N GLU G 57 65.44 -15.58 -104.44
CA GLU G 57 64.79 -16.31 -103.35
C GLU G 57 65.66 -16.31 -102.10
N VAL G 58 66.96 -16.50 -102.26
CA VAL G 58 67.88 -16.64 -101.14
C VAL G 58 68.69 -15.36 -101.00
N ILE G 59 69.44 -15.27 -99.90
CA ILE G 59 70.28 -14.10 -99.69
C ILE G 59 71.33 -14.01 -100.80
N LYS G 60 71.81 -12.80 -101.04
CA LYS G 60 72.65 -12.55 -102.21
C LYS G 60 73.94 -13.35 -102.17
N GLY G 61 74.61 -13.39 -101.01
CA GLY G 61 75.87 -14.10 -100.93
C GLY G 61 75.73 -15.59 -101.22
N PHE G 62 74.68 -16.20 -100.66
CA PHE G 62 74.45 -17.63 -100.90
C PHE G 62 74.22 -17.91 -102.38
N GLU G 63 73.40 -17.09 -103.03
CA GLU G 63 73.11 -17.28 -104.45
C GLU G 63 74.36 -17.09 -105.30
N GLU G 64 75.16 -16.06 -105.02
CA GLU G 64 76.39 -15.84 -105.78
C GLU G 64 77.36 -17.00 -105.59
N GLY G 65 77.51 -17.48 -104.35
CA GLY G 65 78.42 -18.59 -104.11
C GLY G 65 77.98 -19.86 -104.82
N ALA G 66 76.68 -20.16 -104.78
CA ALA G 66 76.19 -21.32 -105.52
C ALA G 66 76.34 -21.12 -107.02
N ALA G 67 76.24 -19.89 -107.50
CA ALA G 67 76.44 -19.61 -108.92
C ALA G 67 77.88 -19.90 -109.34
N GLN G 68 78.85 -19.49 -108.50
CA GLN G 68 80.25 -19.79 -108.82
C GLN G 68 80.56 -21.27 -108.71
N MET G 69 79.88 -21.97 -107.82
CA MET G 69 80.15 -23.39 -107.60
C MET G 69 79.70 -24.21 -108.79
N SER G 70 80.34 -25.37 -108.96
CA SER G 70 80.03 -26.31 -110.03
C SER G 70 79.26 -27.50 -109.49
N LEU G 71 78.83 -28.36 -110.41
CA LEU G 71 78.04 -29.51 -110.03
C LEU G 71 78.85 -30.47 -109.16
N GLY G 72 78.22 -30.99 -108.11
CA GLY G 72 78.88 -31.92 -107.22
C GLY G 72 80.08 -31.35 -106.50
N GLN G 73 80.05 -30.06 -106.16
CA GLN G 73 81.16 -29.39 -105.52
C GLN G 73 80.78 -28.97 -104.11
N ARG G 74 81.68 -29.22 -103.16
CA ARG G 74 81.51 -28.83 -101.78
C ARG G 74 82.50 -27.72 -101.46
N ALA G 75 82.00 -26.57 -101.04
CA ALA G 75 82.84 -25.40 -100.84
C ALA G 75 82.31 -24.58 -99.68
N LYS G 76 83.19 -23.75 -99.11
CA LYS G 76 82.84 -22.88 -98.01
C LYS G 76 82.62 -21.46 -98.54
N LEU G 77 81.46 -20.90 -98.20
CA LEU G 77 81.08 -19.55 -98.62
C LEU G 77 81.00 -18.65 -97.40
N THR G 78 81.68 -17.52 -97.45
CA THR G 78 81.67 -16.54 -96.37
C THR G 78 80.84 -15.34 -96.83
N CYS G 79 79.61 -15.25 -96.34
CA CYS G 79 78.71 -14.15 -96.69
C CYS G 79 78.86 -13.06 -95.65
N THR G 80 79.38 -11.91 -96.07
CA THR G 80 79.52 -10.77 -95.18
C THR G 80 78.14 -10.16 -94.92
N PRO G 81 78.04 -9.34 -93.87
CA PRO G 81 76.72 -8.76 -93.54
C PRO G 81 76.15 -7.90 -94.65
N ASP G 82 76.98 -7.40 -95.55
CA ASP G 82 76.48 -6.61 -96.67
C ASP G 82 75.55 -7.44 -97.55
N VAL G 83 75.91 -8.69 -97.82
CA VAL G 83 75.12 -9.56 -98.68
C VAL G 83 74.40 -10.64 -97.89
N ALA G 84 74.26 -10.48 -96.58
CA ALA G 84 73.49 -11.41 -95.76
C ALA G 84 72.91 -10.61 -94.60
N TYR G 85 71.66 -10.15 -94.76
CA TYR G 85 71.00 -9.35 -93.74
C TYR G 85 71.80 -8.09 -93.44
N GLY G 86 72.38 -8.00 -92.25
CA GLY G 86 73.19 -6.85 -91.91
C GLY G 86 72.73 -6.15 -90.64
N ALA G 87 72.25 -4.92 -90.76
CA ALA G 87 71.75 -4.19 -89.60
C ALA G 87 70.57 -4.92 -88.98
N THR G 88 69.72 -5.51 -89.80
CA THR G 88 68.59 -6.31 -89.34
C THR G 88 68.80 -7.76 -89.76
N GLY G 89 69.05 -8.62 -88.79
CA GLY G 89 69.14 -10.06 -89.03
C GLY G 89 67.89 -10.77 -88.57
N HIS G 90 67.92 -12.09 -88.73
CA HIS G 90 66.84 -12.89 -88.19
C HIS G 90 66.78 -12.72 -86.68
N PRO G 91 65.76 -12.08 -86.14
CA PRO G 91 65.69 -11.90 -84.70
C PRO G 91 65.59 -13.24 -83.97
N GLY G 92 66.42 -13.40 -82.95
CA GLY G 92 66.48 -14.63 -82.20
C GLY G 92 67.32 -15.72 -82.81
N VAL G 93 67.87 -15.51 -84.00
CA VAL G 93 68.75 -16.49 -84.62
C VAL G 93 70.08 -15.84 -84.98
N ILE G 94 70.03 -14.86 -85.86
CA ILE G 94 71.22 -14.20 -86.40
C ILE G 94 71.30 -12.79 -85.83
N PRO G 95 72.35 -12.45 -85.10
CA PRO G 95 72.47 -11.10 -84.55
C PRO G 95 72.78 -10.10 -85.65
N PRO G 96 72.56 -8.81 -85.39
CA PRO G 96 72.83 -7.79 -86.41
C PRO G 96 74.32 -7.72 -86.74
N ASN G 97 74.61 -7.41 -87.99
CA ASN G 97 75.98 -7.25 -88.47
C ASN G 97 76.82 -8.49 -88.17
N ALA G 98 76.36 -9.63 -88.67
CA ALA G 98 77.00 -10.91 -88.44
C ALA G 98 77.41 -11.52 -89.77
N THR G 99 78.68 -11.90 -89.88
CA THR G 99 79.16 -12.66 -91.03
C THR G 99 78.77 -14.12 -90.87
N LEU G 100 78.38 -14.74 -91.98
CA LEU G 100 77.88 -16.11 -91.98
C LEU G 100 78.80 -16.99 -92.79
N ILE G 101 78.93 -18.25 -92.40
CA ILE G 101 79.78 -19.21 -93.09
C ILE G 101 78.95 -20.45 -93.41
N PHE G 102 78.90 -20.81 -94.69
CA PHE G 102 78.09 -21.92 -95.16
C PHE G 102 78.98 -22.98 -95.79
N ASP G 103 78.80 -24.23 -95.35
CA ASP G 103 79.47 -25.37 -95.96
C ASP G 103 78.51 -25.96 -96.99
N VAL G 104 78.55 -25.43 -98.21
CA VAL G 104 77.52 -25.67 -99.21
C VAL G 104 78.00 -26.74 -100.17
N GLU G 105 77.16 -27.75 -100.40
CA GLU G 105 77.41 -28.76 -101.42
C GLU G 105 76.33 -28.66 -102.49
N LEU G 106 76.75 -28.53 -103.74
CA LEU G 106 75.83 -28.41 -104.87
C LEU G 106 75.49 -29.81 -105.34
N LEU G 107 74.44 -30.38 -104.74
CA LEU G 107 74.06 -31.76 -105.06
C LEU G 107 73.64 -31.89 -106.51
N ASN G 108 72.57 -31.19 -106.90
CA ASN G 108 71.98 -31.36 -108.22
C ASN G 108 71.66 -30.02 -108.87
N LEU G 109 71.60 -30.05 -110.20
CA LEU G 109 71.19 -28.90 -111.01
C LEU G 109 69.88 -29.18 -111.74
N GLU G 110 68.93 -29.77 -111.04
CA GLU G 110 67.62 -30.06 -111.63
C GLU G 110 66.51 -29.48 -110.74
N GLU H 11 33.89 -12.95 -4.49
CA GLU H 11 33.58 -11.78 -3.69
C GLU H 11 34.19 -10.52 -4.30
N ILE H 12 33.68 -9.36 -3.88
CA ILE H 12 34.19 -8.09 -4.40
C ILE H 12 35.52 -7.68 -3.80
N GLN H 13 36.07 -8.49 -2.90
CA GLN H 13 37.37 -8.20 -2.29
C GLN H 13 38.35 -9.36 -2.43
N PHE H 14 38.06 -10.35 -3.28
CA PHE H 14 38.95 -11.48 -3.48
C PHE H 14 39.28 -11.61 -4.97
N LEU H 15 40.54 -11.88 -5.26
CA LEU H 15 41.00 -12.03 -6.63
C LEU H 15 40.81 -13.47 -7.09
N ARG H 16 40.37 -13.64 -8.33
CA ARG H 16 40.13 -14.94 -8.92
C ARG H 16 40.82 -15.00 -10.27
N THR H 17 40.97 -16.22 -10.79
CA THR H 17 41.60 -16.37 -12.09
C THR H 17 40.70 -15.80 -13.18
N GLU H 18 41.29 -15.58 -14.35
CA GLU H 18 40.59 -14.99 -15.50
C GLU H 18 40.13 -13.58 -15.20
N ASP H 19 40.83 -12.90 -14.29
CA ASP H 19 40.49 -11.57 -13.83
C ASP H 19 41.54 -10.60 -14.35
N GLU H 20 41.13 -9.62 -15.16
CA GLU H 20 42.05 -8.65 -15.72
C GLU H 20 42.37 -7.59 -14.68
N VAL H 21 43.65 -7.47 -14.34
CA VAL H 21 44.12 -6.57 -13.29
C VAL H 21 45.32 -5.79 -13.81
N VAL H 22 45.64 -4.71 -13.11
CA VAL H 22 46.83 -3.90 -13.36
C VAL H 22 47.69 -3.92 -12.11
N LEU H 23 48.99 -4.12 -12.29
CA LEU H 23 49.93 -4.17 -11.18
C LEU H 23 50.54 -2.79 -10.98
N GLN H 24 50.19 -2.14 -9.88
CA GLN H 24 50.60 -0.77 -9.61
C GLN H 24 51.58 -0.71 -8.46
N CYS H 25 52.53 0.21 -8.56
CA CYS H 25 53.55 0.43 -7.53
C CYS H 25 53.72 1.92 -7.28
N ILE H 26 54.04 2.26 -6.04
CA ILE H 26 54.18 3.65 -5.61
C ILE H 26 55.66 3.93 -5.39
N ALA H 27 56.17 5.01 -5.98
CA ALA H 27 57.54 5.43 -5.80
C ALA H 27 57.55 6.87 -5.32
N ASN H 28 58.32 7.15 -4.28
CA ASN H 28 58.40 8.48 -3.70
C ASN H 28 59.54 9.24 -4.38
N ILE H 29 59.19 10.23 -5.19
CA ILE H 29 60.16 11.02 -5.93
C ILE H 29 59.89 12.50 -5.64
N HIS H 30 60.92 13.22 -5.21
CA HIS H 30 60.82 14.65 -4.92
C HIS H 30 59.70 14.94 -3.92
N LYS H 31 59.57 14.07 -2.93
CA LYS H 31 58.57 14.19 -1.86
C LYS H 31 57.15 13.98 -2.36
N GLU H 32 56.97 13.47 -3.57
CA GLU H 32 55.66 13.21 -4.13
C GLU H 32 55.53 11.72 -4.45
N GLN H 33 54.40 11.13 -4.09
CA GLN H 33 54.15 9.72 -4.31
C GLN H 33 53.60 9.54 -5.72
N ARG H 34 54.49 9.19 -6.66
CA ARG H 34 54.09 8.95 -8.03
C ARG H 34 53.78 7.47 -8.21
N LYS H 35 52.61 7.18 -8.76
CA LYS H 35 52.17 5.80 -8.97
C LYS H 35 52.42 5.39 -10.40
N PHE H 36 52.78 4.12 -10.60
CA PHE H 36 53.15 3.57 -11.89
C PHE H 36 52.47 2.22 -12.06
N CYS H 37 52.26 1.82 -13.30
CA CYS H 37 51.67 0.53 -13.61
C CYS H 37 52.61 -0.25 -14.51
N LEU H 38 52.80 -1.53 -14.20
CA LEU H 38 53.65 -2.37 -15.04
C LEU H 38 53.04 -2.52 -16.42
N ALA H 39 53.85 -2.32 -17.46
CA ALA H 39 53.37 -2.30 -18.83
C ALA H 39 54.37 -3.00 -19.73
N ALA H 40 53.88 -3.44 -20.88
CA ALA H 40 54.73 -4.04 -21.90
C ALA H 40 54.05 -3.85 -23.24
N GLU H 41 54.82 -4.04 -24.31
CA GLU H 41 54.31 -3.95 -25.66
C GLU H 41 54.58 -5.27 -26.38
N GLY H 42 53.65 -5.66 -27.25
CA GLY H 42 53.82 -6.93 -27.92
C GLY H 42 54.92 -6.95 -28.96
N LEU H 43 54.73 -6.25 -30.07
CA LEU H 43 55.69 -6.26 -31.16
C LEU H 43 56.71 -5.16 -30.98
N GLY H 44 57.95 -5.44 -31.38
CA GLY H 44 59.01 -4.46 -31.30
C GLY H 44 59.80 -4.52 -30.01
N ASN H 45 59.17 -4.16 -28.89
CA ASN H 45 59.84 -4.08 -27.59
C ASN H 45 59.12 -5.03 -26.64
N ARG H 46 59.82 -6.05 -26.18
CA ARG H 46 59.26 -7.03 -25.26
C ARG H 46 59.60 -6.77 -23.81
N LEU H 47 60.34 -5.71 -23.51
CA LEU H 47 60.69 -5.42 -22.13
C LEU H 47 59.58 -4.60 -21.46
N CYS H 48 59.44 -4.81 -20.14
CA CYS H 48 58.43 -4.11 -19.37
C CYS H 48 58.94 -2.75 -18.92
N PHE H 49 58.05 -1.76 -18.92
CA PHE H 49 58.34 -0.44 -18.40
C PHE H 49 57.22 -0.08 -17.44
N LEU H 50 57.23 1.16 -16.95
CA LEU H 50 56.25 1.60 -15.96
C LEU H 50 55.49 2.81 -16.51
N GLU H 51 54.22 2.61 -16.81
CA GLU H 51 53.37 3.69 -17.28
C GLU H 51 52.93 4.55 -16.10
N PRO H 52 53.22 5.85 -16.09
CA PRO H 52 52.82 6.68 -14.94
C PRO H 52 51.34 6.98 -14.96
N THR H 53 50.65 6.63 -13.87
CA THR H 53 49.22 6.84 -13.75
C THR H 53 48.88 7.81 -12.62
N SER H 54 49.82 8.68 -12.25
CA SER H 54 49.64 9.61 -11.15
C SER H 54 49.08 10.95 -11.59
N GLU H 55 49.66 11.55 -12.62
CA GLU H 55 49.16 12.80 -13.19
C GLU H 55 48.21 12.50 -14.35
N ALA H 56 47.15 11.76 -14.03
CA ALA H 56 46.21 11.30 -15.04
C ALA H 56 45.16 12.34 -15.38
N LYS H 57 45.08 13.44 -14.63
CA LYS H 57 44.12 14.48 -14.94
C LYS H 57 44.54 15.32 -16.13
N TYR H 58 45.84 15.45 -16.37
CA TYR H 58 46.36 16.30 -17.43
C TYR H 58 46.99 15.54 -18.58
N VAL H 59 47.33 14.27 -18.39
CA VAL H 59 47.91 13.45 -19.44
C VAL H 59 47.28 12.06 -19.36
N PRO H 60 46.60 11.59 -20.40
CA PRO H 60 45.89 10.33 -20.32
C PRO H 60 46.84 9.17 -20.12
N PRO H 61 46.52 8.22 -19.24
CA PRO H 61 47.29 6.99 -19.15
C PRO H 61 46.83 5.93 -20.14
N ASP H 62 47.81 5.18 -20.64
CA ASP H 62 47.57 4.12 -21.63
C ASP H 62 47.48 2.81 -20.88
N LEU H 63 46.27 2.46 -20.46
CA LEU H 63 46.03 1.22 -19.74
C LEU H 63 45.82 0.02 -20.64
N CYS H 64 45.87 0.22 -21.96
CA CYS H 64 45.73 -0.90 -22.88
C CYS H 64 46.83 -1.93 -22.67
N VAL H 65 48.07 -1.46 -22.49
CA VAL H 65 49.22 -2.34 -22.36
C VAL H 65 49.57 -2.66 -20.91
N CYS H 66 48.84 -2.11 -19.95
CA CYS H 66 49.05 -2.39 -18.54
C CYS H 66 48.15 -3.51 -18.03
N ASN H 67 47.37 -4.14 -18.89
CA ASN H 67 46.36 -5.11 -18.48
C ASN H 67 46.92 -6.53 -18.60
N PHE H 68 46.93 -7.25 -17.49
CA PHE H 68 47.34 -8.64 -17.44
C PHE H 68 46.17 -9.50 -16.97
N VAL H 69 46.20 -10.77 -17.34
CA VAL H 69 45.14 -11.72 -16.99
C VAL H 69 45.73 -12.78 -16.07
N LEU H 70 45.09 -13.01 -14.93
CA LEU H 70 45.48 -14.05 -14.00
C LEU H 70 44.95 -15.38 -14.53
N GLU H 71 45.82 -16.14 -15.20
CA GLU H 71 45.38 -17.38 -15.82
C GLU H 71 45.26 -18.52 -14.80
N GLN H 72 46.35 -18.81 -14.09
CA GLN H 72 46.38 -19.93 -13.16
C GLN H 72 46.99 -19.51 -11.84
N SER H 73 46.59 -20.21 -10.78
CA SER H 73 46.92 -19.91 -9.40
C SER H 73 47.32 -21.17 -8.64
N LEU H 74 48.26 -21.93 -9.18
CA LEU H 74 48.65 -23.20 -8.58
C LEU H 74 49.36 -22.97 -7.25
N SER H 75 49.80 -24.06 -6.64
CA SER H 75 50.64 -24.01 -5.44
C SER H 75 52.02 -24.56 -5.77
N VAL H 76 52.92 -24.44 -4.80
CA VAL H 76 54.34 -24.73 -5.05
C VAL H 76 54.54 -26.22 -5.35
N ARG H 77 53.98 -27.10 -4.51
CA ARG H 77 54.10 -28.52 -4.76
C ARG H 77 53.33 -28.93 -6.02
N ALA H 78 52.14 -28.37 -6.21
CA ALA H 78 51.40 -28.62 -7.44
C ALA H 78 52.16 -28.12 -8.65
N LEU H 79 52.80 -26.96 -8.52
CA LEU H 79 53.60 -26.43 -9.62
C LEU H 79 54.77 -27.34 -9.94
N GLN H 80 55.46 -27.83 -8.91
CA GLN H 80 56.59 -28.73 -9.14
C GLN H 80 56.13 -30.02 -9.83
N GLU H 81 55.00 -30.57 -9.39
CA GLU H 81 54.49 -31.78 -10.01
C GLU H 81 54.09 -31.51 -11.47
N MET H 82 53.48 -30.37 -11.73
CA MET H 82 53.11 -30.02 -13.10
C MET H 82 54.35 -29.90 -13.98
N LEU H 83 55.40 -29.27 -13.46
CA LEU H 83 56.63 -29.15 -14.23
C LEU H 83 57.26 -30.51 -14.50
N ALA H 84 57.30 -31.37 -13.48
CA ALA H 84 57.91 -32.68 -13.64
C ALA H 84 57.13 -33.55 -14.62
N ASN H 85 55.80 -33.46 -14.59
CA ASN H 85 54.99 -34.29 -15.48
C ASN H 85 55.25 -33.97 -16.94
N THR H 86 55.35 -32.69 -17.27
CA THR H 86 55.59 -32.26 -18.64
C THR H 86 54.48 -32.74 -19.58
N GLY H 99 38.52 -23.60 -13.20
CA GLY H 99 37.48 -22.70 -12.73
C GLY H 99 38.04 -21.38 -12.22
N HIS H 100 37.19 -20.60 -11.57
CA HIS H 100 37.59 -19.30 -11.02
C HIS H 100 38.13 -19.48 -9.61
N ARG H 101 39.33 -20.07 -9.54
CA ARG H 101 40.00 -20.26 -8.27
C ARG H 101 40.36 -18.92 -7.64
N THR H 102 40.38 -18.92 -6.31
CA THR H 102 40.81 -17.75 -5.55
C THR H 102 42.30 -17.84 -5.28
N LEU H 103 42.98 -16.70 -5.38
CA LEU H 103 44.40 -16.65 -5.05
C LEU H 103 44.59 -16.74 -3.55
N LEU H 104 45.65 -17.43 -3.14
CA LEU H 104 46.05 -17.49 -1.73
C LEU H 104 47.51 -17.10 -1.62
N TYR H 105 47.86 -16.40 -0.54
CA TYR H 105 49.24 -16.03 -0.32
C TYR H 105 50.12 -17.27 -0.27
N GLY H 106 51.18 -17.27 -1.06
CA GLY H 106 52.05 -18.41 -1.17
C GLY H 106 51.82 -19.29 -2.38
N HIS H 107 50.98 -18.88 -3.32
CA HIS H 107 50.72 -19.64 -4.53
C HIS H 107 51.55 -19.11 -5.69
N ALA H 108 51.65 -19.93 -6.73
CA ALA H 108 52.34 -19.57 -7.96
C ALA H 108 51.32 -19.25 -9.03
N ILE H 109 51.34 -18.00 -9.51
CA ILE H 109 50.37 -17.49 -10.46
C ILE H 109 51.04 -17.26 -11.80
N LEU H 110 50.22 -17.28 -12.85
CA LEU H 110 50.64 -17.03 -14.21
C LEU H 110 49.90 -15.82 -14.76
N LEU H 111 50.64 -14.87 -15.31
CA LEU H 111 50.07 -13.62 -15.82
C LEU H 111 50.24 -13.57 -17.33
N ARG H 112 49.13 -13.34 -18.04
CA ARG H 112 49.13 -13.23 -19.48
C ARG H 112 48.78 -11.81 -19.91
N HIS H 113 49.60 -11.24 -20.77
CA HIS H 113 49.30 -9.91 -21.30
C HIS H 113 47.99 -9.93 -22.05
N SER H 114 47.13 -8.96 -21.75
CA SER H 114 45.80 -8.98 -22.35
C SER H 114 45.82 -8.54 -23.81
N PHE H 115 46.79 -7.70 -24.18
CA PHE H 115 46.86 -7.22 -25.55
C PHE H 115 47.53 -8.22 -26.47
N SER H 116 48.79 -8.53 -26.20
CA SER H 116 49.59 -9.35 -27.11
C SER H 116 49.41 -10.84 -26.89
N GLY H 117 48.88 -11.26 -25.75
CA GLY H 117 48.75 -12.67 -25.46
C GLY H 117 50.02 -13.34 -24.98
N MET H 118 51.09 -12.59 -24.79
CA MET H 118 52.33 -13.14 -24.27
C MET H 118 52.29 -13.15 -22.75
N TYR H 119 53.18 -13.94 -22.16
CA TYR H 119 53.23 -14.15 -20.72
C TYR H 119 54.40 -13.40 -20.12
N LEU H 120 54.15 -12.74 -18.98
CA LEU H 120 55.21 -12.06 -18.26
C LEU H 120 56.25 -13.07 -17.79
N THR H 121 57.52 -12.75 -18.03
CA THR H 121 58.61 -13.67 -17.80
C THR H 121 59.78 -12.94 -17.16
N CYS H 122 60.56 -13.70 -16.38
CA CYS H 122 61.81 -13.23 -15.82
C CYS H 122 62.91 -13.57 -16.81
N LEU H 123 63.28 -12.59 -17.62
CA LEU H 123 64.30 -12.80 -18.64
C LEU H 123 65.68 -12.83 -18.02
N THR H 124 66.47 -13.85 -18.41
CA THR H 124 67.81 -14.01 -17.88
C THR H 124 68.70 -12.83 -18.26
N THR H 125 68.56 -12.33 -19.48
CA THR H 125 69.36 -11.20 -19.92
C THR H 125 69.08 -10.00 -19.04
N SER H 126 70.12 -9.21 -18.77
CA SER H 126 69.99 -8.04 -17.93
C SER H 126 70.53 -6.81 -18.65
N ARG H 127 69.98 -5.65 -18.27
CA ARG H 127 70.45 -4.38 -18.80
C ARG H 127 70.56 -3.32 -17.70
N SER H 128 70.70 -3.74 -16.45
CA SER H 128 70.75 -2.83 -15.31
C SER H 128 72.21 -2.64 -14.91
N GLN H 129 72.78 -1.49 -15.25
CA GLN H 129 74.15 -1.20 -14.88
C GLN H 129 74.31 -1.10 -13.36
N THR H 130 73.33 -0.50 -12.68
CA THR H 130 73.45 -0.27 -11.25
C THR H 130 73.55 -1.59 -10.47
N ASP H 131 72.70 -2.55 -10.79
CA ASP H 131 72.69 -3.83 -10.10
C ASP H 131 73.52 -4.86 -10.83
N LYS H 132 73.75 -5.99 -10.18
CA LYS H 132 74.53 -7.09 -10.74
C LYS H 132 73.74 -8.37 -10.89
N LEU H 133 72.91 -8.71 -9.92
CA LEU H 133 72.08 -9.92 -9.97
C LEU H 133 70.65 -9.62 -10.34
N ALA H 134 70.38 -8.47 -10.95
CA ALA H 134 69.04 -8.08 -11.36
C ALA H 134 68.81 -8.51 -12.80
N PHE H 135 67.89 -9.44 -13.01
CA PHE H 135 67.54 -9.87 -14.36
C PHE H 135 66.58 -8.85 -14.97
N ASP H 136 65.95 -9.21 -16.08
CA ASP H 136 64.97 -8.35 -16.70
C ASP H 136 63.59 -8.95 -16.55
N VAL H 137 62.56 -8.14 -16.78
CA VAL H 137 61.18 -8.60 -16.83
C VAL H 137 60.64 -8.25 -18.21
N GLY H 138 60.08 -9.24 -18.89
CA GLY H 138 59.58 -9.00 -20.23
C GLY H 138 58.42 -9.89 -20.59
N LEU H 139 58.13 -10.05 -21.87
CA LEU H 139 57.08 -10.93 -22.34
C LEU H 139 57.70 -12.04 -23.17
N ARG H 140 57.12 -13.22 -23.11
CA ARG H 140 57.53 -14.33 -23.96
C ARG H 140 56.29 -15.07 -24.43
N GLU H 141 56.37 -15.62 -25.64
CA GLU H 141 55.17 -16.11 -26.30
C GLU H 141 54.53 -17.26 -25.55
N ASN H 142 55.33 -18.19 -25.04
CA ASN H 142 54.83 -19.43 -24.46
C ASN H 142 55.14 -19.50 -22.97
N ALA H 143 54.30 -20.23 -22.25
CA ALA H 143 54.41 -20.38 -20.81
C ALA H 143 55.27 -21.57 -20.39
N THR H 144 56.10 -22.09 -21.30
CA THR H 144 56.91 -23.25 -21.00
C THR H 144 58.03 -22.89 -20.03
N GLY H 145 58.20 -23.71 -19.00
CA GLY H 145 59.25 -23.52 -18.02
C GLY H 145 58.72 -22.88 -16.75
N GLU H 146 59.64 -22.70 -15.80
CA GLU H 146 59.35 -22.11 -14.51
C GLU H 146 59.63 -20.62 -14.47
N ALA H 147 60.00 -20.02 -15.61
CA ALA H 147 60.31 -18.60 -15.63
C ALA H 147 59.08 -17.71 -15.59
N CYS H 148 57.92 -18.21 -15.98
CA CYS H 148 56.72 -17.39 -16.13
C CYS H 148 55.77 -17.52 -14.95
N TRP H 149 56.19 -18.13 -13.85
CA TRP H 149 55.34 -18.32 -12.68
C TRP H 149 55.88 -17.49 -11.52
N TRP H 150 54.99 -16.74 -10.88
CA TRP H 150 55.37 -15.79 -9.82
C TRP H 150 54.66 -16.14 -8.54
N THR H 151 55.38 -16.16 -7.43
CA THR H 151 54.81 -16.45 -6.12
C THR H 151 54.35 -15.16 -5.45
N ILE H 152 53.24 -15.26 -4.73
CA ILE H 152 52.62 -14.15 -4.03
C ILE H 152 52.97 -14.25 -2.55
N HIS H 153 53.36 -13.14 -1.95
CA HIS H 153 53.62 -13.12 -0.52
C HIS H 153 53.00 -11.87 0.10
N PRO H 154 52.53 -11.97 1.34
CA PRO H 154 52.03 -10.79 2.03
C PRO H 154 53.13 -9.80 2.31
N ALA H 155 52.74 -8.52 2.34
CA ALA H 155 53.68 -7.44 2.65
C ALA H 155 53.65 -7.02 4.11
N SER H 156 52.72 -7.56 4.90
CA SER H 156 52.59 -7.22 6.31
C SER H 156 52.32 -8.47 7.12
N LYS H 157 52.59 -8.38 8.42
CA LYS H 157 52.41 -9.54 9.29
C LYS H 157 50.94 -9.87 9.51
N GLN H 158 50.03 -8.92 9.24
CA GLN H 158 48.61 -9.20 9.40
C GLN H 158 48.17 -10.31 8.44
N ARG H 159 48.68 -10.29 7.21
CA ARG H 159 48.42 -11.35 6.25
C ARG H 159 49.46 -12.46 6.42
N SER H 160 49.01 -13.70 6.33
CA SER H 160 49.87 -14.86 6.52
C SER H 160 49.67 -15.84 5.39
N GLU H 161 50.65 -16.73 5.23
CA GLU H 161 50.64 -17.67 4.11
C GLU H 161 49.40 -18.54 4.14
N GLY H 162 48.75 -18.66 2.98
CA GLY H 162 47.54 -19.44 2.84
C GLY H 162 46.27 -18.63 2.86
N GLU H 163 46.30 -17.43 3.43
CA GLU H 163 45.12 -16.58 3.43
C GLU H 163 44.76 -16.15 2.01
N LYS H 164 43.48 -15.92 1.78
CA LYS H 164 43.04 -15.42 0.49
C LYS H 164 43.60 -14.02 0.26
N VAL H 165 44.11 -13.77 -0.94
CA VAL H 165 44.59 -12.45 -1.32
C VAL H 165 43.39 -11.56 -1.59
N ARG H 166 43.39 -10.36 -1.03
CA ARG H 166 42.27 -9.44 -1.13
C ARG H 166 42.59 -8.29 -2.06
N ILE H 167 41.54 -7.72 -2.66
CA ILE H 167 41.70 -6.55 -3.51
C ILE H 167 42.12 -5.36 -2.67
N GLY H 168 43.18 -4.68 -3.09
CA GLY H 168 43.73 -3.60 -2.32
C GLY H 168 44.83 -3.98 -1.36
N ASP H 169 45.24 -5.24 -1.34
CA ASP H 169 46.36 -5.70 -0.53
C ASP H 169 47.66 -5.50 -1.29
N ASP H 170 48.71 -5.15 -0.55
CA ASP H 170 50.04 -5.01 -1.13
C ASP H 170 50.70 -6.37 -1.22
N LEU H 171 51.07 -6.77 -2.42
CA LEU H 171 51.68 -8.06 -2.67
C LEU H 171 53.19 -7.94 -2.79
N ILE H 172 53.86 -9.07 -2.68
CA ILE H 172 55.26 -9.22 -3.04
C ILE H 172 55.35 -10.36 -4.03
N LEU H 173 55.86 -10.07 -5.23
CA LEU H 173 55.95 -11.06 -6.29
C LEU H 173 57.38 -11.56 -6.40
N VAL H 174 57.56 -12.86 -6.30
CA VAL H 174 58.88 -13.48 -6.33
C VAL H 174 58.93 -14.46 -7.49
N SER H 175 59.93 -14.31 -8.36
CA SER H 175 60.02 -15.19 -9.51
C SER H 175 60.31 -16.62 -9.06
N VAL H 176 59.58 -17.58 -9.62
CA VAL H 176 59.74 -18.97 -9.21
C VAL H 176 61.12 -19.48 -9.60
N SER H 177 61.64 -19.04 -10.74
CA SER H 177 62.90 -19.58 -11.24
C SER H 177 64.10 -18.87 -10.64
N SER H 178 64.18 -17.56 -10.81
CA SER H 178 65.34 -16.81 -10.34
C SER H 178 65.29 -16.50 -8.84
N GLU H 179 64.14 -16.69 -8.19
CA GLU H 179 63.99 -16.35 -6.77
C GLU H 179 64.30 -14.88 -6.52
N ARG H 180 63.83 -14.03 -7.42
CA ARG H 180 64.04 -12.59 -7.33
C ARG H 180 62.70 -11.87 -7.27
N TYR H 181 62.66 -10.79 -6.51
CA TYR H 181 61.47 -9.96 -6.42
C TYR H 181 61.26 -9.16 -7.70
N LEU H 182 60.00 -8.89 -8.02
CA LEU H 182 59.64 -7.97 -9.10
C LEU H 182 59.79 -6.55 -8.58
N HIS H 183 61.04 -6.09 -8.56
CA HIS H 183 61.43 -4.88 -7.87
C HIS H 183 61.44 -3.69 -8.81
N LEU H 184 61.00 -2.54 -8.30
CA LEU H 184 61.03 -1.28 -9.03
C LEU H 184 62.24 -0.47 -8.57
N SER H 185 63.04 -0.02 -9.54
CA SER H 185 64.28 0.70 -9.27
C SER H 185 64.12 2.17 -9.63
N VAL H 186 64.51 3.04 -8.71
CA VAL H 186 64.47 4.48 -8.89
C VAL H 186 65.89 5.02 -8.86
N SER H 187 66.26 5.78 -9.89
CA SER H 187 67.60 6.34 -9.97
C SER H 187 67.55 7.64 -10.75
N ASN H 188 67.80 8.76 -10.06
CA ASN H 188 67.89 10.08 -10.68
C ASN H 188 66.63 10.43 -11.47
N GLY H 189 65.48 10.10 -10.90
CA GLY H 189 64.21 10.36 -11.55
C GLY H 189 63.82 9.37 -12.62
N ASN H 190 64.62 8.33 -12.84
CA ASN H 190 64.30 7.30 -13.81
C ASN H 190 63.78 6.07 -13.06
N VAL H 191 62.64 5.56 -13.51
CA VAL H 191 61.96 4.44 -12.86
C VAL H 191 61.97 3.26 -13.81
N GLN H 192 62.37 2.09 -13.30
CA GLN H 192 62.40 0.87 -14.11
C GLN H 192 61.89 -0.29 -13.27
N VAL H 193 61.64 -1.40 -13.94
CA VAL H 193 61.18 -2.63 -13.29
C VAL H 193 62.11 -3.76 -13.70
N ASP H 194 62.55 -4.56 -12.73
CA ASP H 194 63.42 -5.68 -13.00
C ASP H 194 63.33 -6.66 -11.85
N ALA H 195 63.82 -7.88 -12.09
CA ALA H 195 63.82 -8.92 -11.08
C ALA H 195 65.13 -8.81 -10.29
N SER H 196 65.03 -8.36 -9.05
CA SER H 196 66.21 -8.15 -8.22
C SER H 196 65.92 -8.63 -6.80
N PHE H 197 66.98 -8.75 -6.00
CA PHE H 197 66.86 -9.28 -4.65
C PHE H 197 66.27 -8.28 -3.66
N MET H 198 66.07 -7.03 -4.05
CA MET H 198 65.30 -6.09 -3.25
C MET H 198 63.82 -6.27 -3.55
N GLN H 199 62.97 -5.87 -2.60
CA GLN H 199 61.54 -6.14 -2.68
C GLN H 199 60.75 -4.84 -2.79
N THR H 200 59.67 -4.89 -3.57
CA THR H 200 58.74 -3.78 -3.73
C THR H 200 57.33 -4.31 -3.65
N LEU H 201 56.43 -3.51 -3.08
CA LEU H 201 55.06 -3.93 -2.83
C LEU H 201 54.15 -3.46 -3.95
N TRP H 202 53.38 -4.39 -4.51
CA TRP H 202 52.52 -4.12 -5.66
C TRP H 202 51.06 -4.23 -5.25
N ASN H 203 50.26 -3.27 -5.68
CA ASN H 203 48.81 -3.31 -5.50
C ASN H 203 48.19 -3.81 -6.80
N VAL H 204 47.46 -4.92 -6.71
CA VAL H 204 46.81 -5.49 -7.88
C VAL H 204 45.39 -4.93 -7.92
N HIS H 205 45.19 -3.92 -8.77
CA HIS H 205 43.88 -3.31 -8.93
C HIS H 205 43.10 -4.06 -10.00
N PRO H 206 41.93 -4.61 -9.69
CA PRO H 206 41.15 -5.28 -10.73
C PRO H 206 40.56 -4.27 -11.68
N THR H 207 40.58 -4.61 -12.97
CA THR H 207 39.92 -3.81 -13.98
C THR H 207 38.72 -4.50 -14.61
N CYS H 208 38.72 -5.83 -14.64
CA CYS H 208 37.57 -6.56 -15.16
C CYS H 208 37.49 -7.90 -14.47
N SER H 209 36.35 -8.17 -13.84
CA SER H 209 36.14 -9.43 -13.14
C SER H 209 35.98 -10.58 -14.12
N GLY H 210 36.46 -11.75 -13.72
CA GLY H 210 36.34 -12.92 -14.57
C GLY H 210 34.90 -13.35 -14.80
N SER H 211 34.03 -13.13 -13.81
CA SER H 211 32.62 -13.48 -13.92
C SER H 211 31.88 -12.37 -14.67
N SER H 212 32.20 -12.25 -15.95
CA SER H 212 31.62 -11.25 -16.84
C SER H 212 31.27 -11.88 -18.17
N ILE H 213 30.57 -13.01 -18.12
CA ILE H 213 30.20 -13.72 -19.35
C ILE H 213 29.31 -12.87 -20.23
N GLU H 214 28.42 -12.07 -19.63
CA GLU H 214 27.48 -11.26 -20.40
C GLU H 214 28.23 -10.32 -21.34
N GLU H 215 27.79 -10.28 -22.60
CA GLU H 215 28.44 -9.48 -23.62
C GLU H 215 27.39 -8.79 -24.46
N GLY H 216 27.80 -7.71 -25.13
CA GLY H 216 26.91 -6.93 -25.96
C GLY H 216 26.70 -5.50 -25.50
N TYR H 217 27.30 -5.08 -24.39
CA TYR H 217 27.18 -3.72 -23.89
C TYR H 217 28.54 -3.05 -23.89
N LEU H 218 28.53 -1.73 -23.79
CA LEU H 218 29.76 -0.95 -23.86
C LEU H 218 30.50 -1.04 -22.52
N LEU H 219 31.71 -1.58 -22.55
CA LEU H 219 32.60 -1.64 -21.40
C LEU H 219 33.80 -0.75 -21.64
N GLY H 220 34.46 -0.37 -20.55
CA GLY H 220 35.61 0.51 -20.68
C GLY H 220 36.74 -0.17 -21.42
N GLY H 221 37.43 0.61 -22.25
CA GLY H 221 38.55 0.12 -23.01
C GLY H 221 38.20 -0.51 -24.33
N HIS H 222 36.91 -0.73 -24.58
CA HIS H 222 36.48 -1.33 -25.83
C HIS H 222 36.78 -0.42 -27.01
N VAL H 223 37.23 -1.01 -28.11
CA VAL H 223 37.45 -0.29 -29.35
C VAL H 223 36.17 -0.38 -30.17
N VAL H 224 35.60 0.77 -30.50
CA VAL H 224 34.28 0.84 -31.12
C VAL H 224 34.34 1.73 -32.35
N ARG H 225 33.35 1.54 -33.22
CA ARG H 225 33.07 2.44 -34.34
C ARG H 225 31.76 3.15 -34.04
N LEU H 226 31.75 4.47 -34.20
CA LEU H 226 30.56 5.28 -33.94
C LEU H 226 29.89 5.59 -35.27
N PHE H 227 28.78 4.93 -35.55
CA PHE H 227 28.07 5.07 -36.81
C PHE H 227 27.00 6.14 -36.70
N HIS H 228 27.00 7.06 -37.66
CA HIS H 228 25.93 8.03 -37.82
C HIS H 228 25.06 7.60 -38.98
N GLY H 229 23.76 7.49 -38.74
CA GLY H 229 22.91 6.87 -39.74
C GLY H 229 23.26 5.40 -39.85
N HIS H 230 23.48 4.93 -41.07
CA HIS H 230 23.79 3.52 -41.30
C HIS H 230 25.19 3.33 -41.89
N ASP H 231 25.55 4.12 -42.90
CA ASP H 231 26.86 3.98 -43.53
C ASP H 231 27.89 4.94 -42.96
N GLU H 232 27.47 6.14 -42.59
CA GLU H 232 28.41 7.14 -42.10
C GLU H 232 29.00 6.72 -40.77
N CYS H 233 30.30 6.97 -40.60
CA CYS H 233 30.98 6.70 -39.35
C CYS H 233 32.00 7.80 -39.11
N LEU H 234 32.43 7.93 -37.87
CA LEU H 234 33.37 8.98 -37.47
C LEU H 234 34.77 8.55 -37.84
N THR H 235 35.39 9.25 -38.79
CA THR H 235 36.72 8.92 -39.27
C THR H 235 37.55 10.19 -39.38
N ILE H 236 38.73 10.05 -39.96
CA ILE H 236 39.60 11.19 -40.26
C ILE H 236 40.10 11.02 -41.69
N PRO H 237 40.73 12.06 -42.24
CA PRO H 237 41.26 11.94 -43.61
C PRO H 237 42.36 10.90 -43.78
N SER H 238 43.44 11.01 -43.01
CA SER H 238 44.61 10.15 -43.24
C SER H 238 45.27 9.83 -41.92
N THR H 239 45.91 8.65 -41.87
CA THR H 239 46.68 8.26 -40.70
C THR H 239 48.03 8.96 -40.67
N ASP H 240 48.57 9.30 -41.84
CA ASP H 240 49.84 10.00 -41.91
C ASP H 240 49.75 11.33 -41.18
N GLN H 241 50.72 11.58 -40.30
CA GLN H 241 50.68 12.73 -39.42
C GLN H 241 51.39 13.95 -39.99
N ASN H 242 51.75 13.92 -41.27
CA ASN H 242 52.34 15.09 -41.91
C ASN H 242 51.27 16.11 -42.25
N ASP H 243 50.30 15.73 -43.08
CA ASP H 243 49.22 16.64 -43.44
C ASP H 243 48.39 16.98 -42.21
N ALA H 244 48.14 18.26 -41.99
CA ALA H 244 47.35 18.69 -40.84
C ALA H 244 45.90 18.26 -40.94
N GLN H 245 45.41 17.96 -42.15
CA GLN H 245 44.01 17.61 -42.32
C GLN H 245 43.62 16.34 -41.58
N HIS H 246 44.60 15.53 -41.18
CA HIS H 246 44.28 14.34 -40.39
C HIS H 246 43.71 14.69 -39.03
N ARG H 247 43.92 15.92 -38.55
CA ARG H 247 43.33 16.33 -37.28
C ARG H 247 41.81 16.46 -37.35
N ARG H 248 41.25 16.58 -38.53
CA ARG H 248 39.83 16.84 -38.67
C ARG H 248 39.02 15.56 -38.49
N ILE H 249 37.76 15.73 -38.09
CA ILE H 249 36.83 14.63 -37.90
C ILE H 249 35.67 14.83 -38.86
N PHE H 250 35.32 13.78 -39.60
CA PHE H 250 34.25 13.82 -40.58
C PHE H 250 33.30 12.65 -40.35
N TYR H 251 32.07 12.81 -40.83
CA TYR H 251 31.13 11.68 -40.92
C TYR H 251 31.22 11.01 -42.28
N GLU H 252 32.43 10.67 -42.69
CA GLU H 252 32.64 10.08 -44.00
C GLU H 252 31.94 8.74 -44.10
N ALA H 253 31.29 8.50 -45.23
CA ALA H 253 30.51 7.29 -45.44
C ALA H 253 30.94 6.63 -46.74
N GLY H 254 30.97 5.30 -46.73
CA GLY H 254 31.34 4.55 -47.91
C GLY H 254 32.77 4.06 -47.86
N GLY H 255 32.95 2.80 -47.50
CA GLY H 255 34.27 2.22 -47.40
C GLY H 255 35.05 2.60 -46.17
N ALA H 256 34.53 3.49 -45.33
CA ALA H 256 35.21 3.93 -44.13
C ALA H 256 34.81 3.14 -42.89
N GLY H 257 33.78 2.31 -42.99
CA GLY H 257 33.41 1.45 -41.89
C GLY H 257 34.24 0.20 -41.77
N THR H 258 35.17 -0.02 -42.70
CA THR H 258 36.09 -1.14 -42.64
C THR H 258 37.53 -0.72 -42.40
N ARG H 259 37.89 0.52 -42.70
CA ARG H 259 39.24 1.00 -42.46
C ARG H 259 39.54 1.01 -40.96
N ALA H 260 40.80 1.27 -40.65
CA ALA H 260 41.25 1.39 -39.26
C ALA H 260 41.31 2.83 -38.78
N ARG H 261 41.08 3.81 -39.67
CA ARG H 261 41.03 5.20 -39.24
C ARG H 261 39.74 5.54 -38.51
N SER H 262 38.76 4.64 -38.53
CA SER H 262 37.47 4.86 -37.89
C SER H 262 37.29 4.03 -36.63
N LEU H 263 38.39 3.64 -35.99
CA LEU H 263 38.33 2.88 -34.75
C LEU H 263 38.65 3.81 -33.59
N TRP H 264 37.76 3.87 -32.62
CA TRP H 264 37.90 4.70 -31.44
C TRP H 264 37.92 3.81 -30.20
N ARG H 265 38.62 4.26 -29.18
CA ARG H 265 38.72 3.53 -27.92
C ARG H 265 38.13 4.38 -26.81
N VAL H 266 37.24 3.77 -26.02
CA VAL H 266 36.51 4.46 -24.96
C VAL H 266 37.25 4.21 -23.66
N GLU H 267 37.92 5.23 -23.16
CA GLU H 267 38.75 5.10 -21.97
C GLU H 267 38.13 5.86 -20.80
N PRO H 268 37.55 5.19 -19.82
CA PRO H 268 36.97 5.91 -18.68
C PRO H 268 38.02 6.70 -17.92
N LEU H 269 37.54 7.55 -17.02
CA LEU H 269 38.42 8.36 -16.18
C LEU H 269 38.65 7.68 -14.83
N ARG H 270 39.19 6.47 -14.90
CA ARG H 270 39.44 5.68 -13.69
C ARG H 270 40.40 4.56 -14.02
N ILE H 271 41.22 4.20 -13.04
CA ILE H 271 42.24 3.17 -13.21
C ILE H 271 41.77 1.81 -12.72
N SER H 272 41.09 1.77 -11.58
CA SER H 272 40.50 0.55 -11.08
C SER H 272 39.10 0.38 -11.63
N TRP H 273 38.77 -0.85 -12.01
CA TRP H 273 37.46 -1.17 -12.59
C TRP H 273 37.22 -0.38 -13.88
N SER H 274 38.30 0.01 -14.55
CA SER H 274 38.17 0.74 -15.79
C SER H 274 37.62 -0.11 -16.93
N GLY H 275 37.63 -1.43 -16.77
CA GLY H 275 37.11 -2.30 -17.80
C GLY H 275 35.69 -2.71 -17.53
N SER H 276 34.98 -1.92 -16.72
CA SER H 276 33.61 -2.21 -16.33
C SER H 276 32.64 -1.44 -17.22
N ASN H 277 31.35 -1.64 -16.97
CA ASN H 277 30.32 -1.12 -17.86
C ASN H 277 30.25 0.40 -17.80
N ILE H 278 30.04 1.01 -18.95
CA ILE H 278 29.93 2.45 -19.07
C ILE H 278 28.46 2.84 -18.91
N ARG H 279 28.20 3.82 -18.05
CA ARG H 279 26.86 4.26 -17.73
C ARG H 279 26.53 5.55 -18.47
N TRP H 280 25.23 5.79 -18.67
CA TRP H 280 24.79 7.01 -19.32
C TRP H 280 25.27 8.22 -18.53
N GLY H 281 25.86 9.19 -19.23
CA GLY H 281 26.38 10.38 -18.59
C GLY H 281 27.76 10.25 -18.01
N GLN H 282 28.37 9.06 -18.06
CA GLN H 282 29.71 8.88 -17.53
C GLN H 282 30.75 9.55 -18.43
N ALA H 283 31.72 10.21 -17.80
CA ALA H 283 32.77 10.88 -18.56
C ALA H 283 33.84 9.88 -18.98
N PHE H 284 34.28 9.99 -20.23
CA PHE H 284 35.34 9.15 -20.75
C PHE H 284 36.18 9.97 -21.71
N ARG H 285 37.11 9.29 -22.37
CA ARG H 285 37.91 9.87 -23.45
C ARG H 285 37.78 8.99 -24.67
N LEU H 286 37.77 9.60 -25.84
CA LEU H 286 37.79 8.88 -27.10
C LEU H 286 39.19 9.00 -27.70
N ARG H 287 39.90 7.89 -27.78
CA ARG H 287 41.23 7.87 -28.36
C ARG H 287 41.18 7.27 -29.76
N HIS H 288 41.81 7.95 -30.70
CA HIS H 288 41.95 7.42 -32.05
C HIS H 288 43.09 6.42 -32.08
N ILE H 289 42.82 5.20 -32.54
CA ILE H 289 43.81 4.13 -32.41
C ILE H 289 44.99 4.38 -33.34
N THR H 290 44.73 4.51 -34.64
CA THR H 290 45.81 4.59 -35.61
C THR H 290 46.64 5.86 -35.46
N THR H 291 46.13 6.88 -34.77
CA THR H 291 46.88 8.10 -34.57
C THR H 291 47.34 8.29 -33.14
N GLY H 292 46.60 7.81 -32.15
CA GLY H 292 46.95 8.05 -30.78
C GLY H 292 46.56 9.41 -30.27
N HIS H 293 45.71 10.11 -30.98
CA HIS H 293 45.22 11.42 -30.56
C HIS H 293 43.82 11.30 -29.99
N TYR H 294 43.47 12.24 -29.14
CA TYR H 294 42.21 12.23 -28.42
C TYR H 294 41.26 13.27 -29.00
N LEU H 295 39.99 12.90 -29.13
CA LEU H 295 38.98 13.87 -29.50
C LEU H 295 38.91 14.94 -28.42
N ALA H 296 38.93 16.20 -28.82
CA ALA H 296 39.03 17.28 -27.86
C ALA H 296 38.35 18.53 -28.42
N LEU H 297 38.06 19.47 -27.52
CA LEU H 297 37.53 20.78 -27.88
C LEU H 297 38.67 21.77 -27.68
N THR H 298 39.49 21.95 -28.70
CA THR H 298 40.52 22.96 -28.66
C THR H 298 39.92 24.34 -28.81
N GLU H 299 40.52 25.32 -28.13
CA GLU H 299 39.98 26.68 -28.16
C GLU H 299 40.01 27.26 -29.57
N ASP H 300 41.11 27.06 -30.29
CA ASP H 300 41.29 27.70 -31.59
C ASP H 300 40.48 27.02 -32.70
N GLN H 301 40.35 25.69 -32.64
CA GLN H 301 39.81 24.95 -33.77
C GLN H 301 38.53 24.17 -33.48
N GLY H 302 38.01 24.19 -32.26
CA GLY H 302 36.79 23.45 -31.99
C GLY H 302 37.07 21.97 -31.80
N LEU H 303 36.20 21.14 -32.36
CA LEU H 303 36.37 19.69 -32.24
C LEU H 303 37.54 19.25 -33.11
N LEU H 304 38.50 18.57 -32.49
CA LEU H 304 39.75 18.27 -33.19
C LEU H 304 40.48 17.16 -32.46
N LEU H 305 41.37 16.50 -33.19
CA LEU H 305 42.27 15.53 -32.56
C LEU H 305 43.41 16.27 -31.91
N GLN H 306 43.72 15.90 -30.67
CA GLN H 306 44.76 16.58 -29.91
C GLN H 306 45.76 15.55 -29.42
N ASP H 307 46.98 16.03 -29.16
CA ASP H 307 48.05 15.16 -28.75
C ASP H 307 47.78 14.56 -27.38
N ARG H 308 48.39 13.42 -27.11
CA ARG H 308 48.28 12.82 -25.78
C ARG H 308 48.93 13.68 -24.72
N ALA H 309 49.86 14.56 -25.08
CA ALA H 309 50.51 15.40 -24.10
C ALA H 309 49.62 16.54 -23.61
N LYS H 310 48.78 17.08 -24.49
CA LYS H 310 47.92 18.20 -24.16
C LYS H 310 46.52 17.79 -23.74
N SER H 311 46.21 16.49 -23.75
CA SER H 311 44.84 16.03 -23.54
C SER H 311 44.55 15.96 -22.06
N ASP H 312 44.07 17.05 -21.49
CA ASP H 312 43.57 17.06 -20.13
C ASP H 312 42.08 16.70 -20.13
N THR H 313 41.53 16.57 -18.92
CA THR H 313 40.13 16.16 -18.81
C THR H 313 39.20 17.26 -19.30
N LYS H 314 39.57 18.52 -19.11
CA LYS H 314 38.72 19.61 -19.55
C LYS H 314 38.54 19.60 -21.07
N SER H 315 39.64 19.41 -21.81
CA SER H 315 39.55 19.36 -23.27
C SER H 315 38.93 18.05 -23.74
N THR H 316 39.38 16.93 -23.18
CA THR H 316 39.03 15.60 -23.67
C THR H 316 38.23 14.87 -22.62
N ALA H 317 36.91 15.05 -22.62
CA ALA H 317 36.03 14.32 -21.71
C ALA H 317 34.62 14.42 -22.25
N PHE H 318 34.09 13.32 -22.75
CA PHE H 318 32.78 13.29 -23.39
C PHE H 318 31.92 12.26 -22.69
N SER H 319 30.62 12.36 -22.90
CA SER H 319 29.68 11.43 -22.30
C SER H 319 28.62 11.03 -23.31
N PHE H 320 28.08 9.83 -23.12
CA PHE H 320 26.98 9.32 -23.91
C PHE H 320 25.68 9.54 -23.15
N ARG H 321 24.68 10.11 -23.83
CA ARG H 321 23.41 10.44 -23.21
C ARG H 321 22.28 9.87 -24.05
N ALA H 322 21.29 9.29 -23.36
CA ALA H 322 20.19 8.62 -24.06
C ALA H 322 19.36 9.62 -24.86
N SER H 323 19.26 10.86 -24.38
CA SER H 323 18.49 11.88 -25.06
C SER H 323 19.02 13.24 -24.68
N LYS H 324 18.65 14.26 -25.44
CA LYS H 324 19.11 15.61 -25.19
C LYS H 324 18.32 16.31 -24.10
N GLU H 325 17.43 15.61 -23.41
CA GLU H 325 16.68 16.22 -22.32
C GLU H 325 17.63 16.70 -21.23
N ILE H 326 17.39 17.91 -20.75
CA ILE H 326 18.23 18.50 -19.71
C ILE H 326 18.13 17.70 -18.42
N ARG H 336 27.90 7.15 -9.16
CA ARG H 336 29.26 7.65 -9.03
C ARG H 336 30.27 6.56 -9.35
N ASP H 337 31.36 6.52 -8.57
CA ASP H 337 32.42 5.54 -8.78
C ASP H 337 31.97 4.20 -8.20
N ILE H 338 31.14 3.50 -8.96
CA ILE H 338 30.68 2.19 -8.55
C ILE H 338 31.85 1.23 -8.53
N GLU H 339 32.15 0.67 -7.35
CA GLU H 339 33.30 -0.20 -7.17
C GLU H 339 32.93 -1.63 -7.59
N GLY H 340 32.77 -1.80 -8.90
CA GLY H 340 32.45 -3.10 -9.44
C GLY H 340 32.15 -2.99 -10.92
N MET H 341 31.70 -4.12 -11.47
CA MET H 341 31.36 -4.16 -12.89
C MET H 341 30.11 -3.35 -13.22
N GLY H 342 29.36 -2.89 -12.22
CA GLY H 342 28.19 -2.10 -12.49
C GLY H 342 27.09 -2.91 -13.14
N VAL H 343 26.16 -2.20 -13.76
CA VAL H 343 25.07 -2.83 -14.51
C VAL H 343 25.11 -2.33 -15.94
N PRO H 344 24.88 -3.17 -16.93
CA PRO H 344 24.96 -2.73 -18.33
C PRO H 344 23.90 -1.69 -18.66
N GLU H 345 24.34 -0.55 -19.19
CA GLU H 345 23.43 0.51 -19.60
C GLU H 345 23.42 0.70 -21.11
N ILE H 346 24.58 0.96 -21.71
CA ILE H 346 24.67 1.22 -23.14
C ILE H 346 24.87 -0.09 -23.87
N LYS H 347 24.25 -0.22 -25.04
CA LYS H 347 24.23 -1.47 -25.77
C LYS H 347 24.71 -1.26 -27.19
N TYR H 348 25.30 -2.29 -27.77
CA TYR H 348 25.89 -2.18 -29.11
C TYR H 348 24.79 -2.31 -30.15
N GLY H 349 24.64 -1.31 -31.00
CA GLY H 349 23.62 -1.33 -32.04
C GLY H 349 22.23 -0.94 -31.60
N ASP H 350 21.76 -1.49 -30.48
CA ASP H 350 20.42 -1.18 -30.01
C ASP H 350 20.30 0.28 -29.58
N SER H 351 21.21 0.74 -28.74
CA SER H 351 21.09 2.05 -28.13
C SER H 351 21.59 3.15 -29.06
N VAL H 352 20.92 4.29 -29.03
CA VAL H 352 21.32 5.47 -29.79
C VAL H 352 21.88 6.48 -28.79
N CYS H 353 23.13 6.85 -28.98
CA CYS H 353 23.88 7.66 -28.01
C CYS H 353 24.09 9.06 -28.55
N PHE H 354 23.94 10.05 -27.68
CA PHE H 354 24.27 11.43 -28.00
C PHE H 354 25.56 11.79 -27.27
N VAL H 355 26.54 12.29 -28.01
CA VAL H 355 27.85 12.59 -27.44
C VAL H 355 27.87 14.05 -27.01
N GLN H 356 28.16 14.28 -25.73
CA GLN H 356 28.18 15.62 -25.18
C GLN H 356 29.53 15.91 -24.55
N HIS H 357 30.05 17.10 -24.78
CA HIS H 357 31.26 17.53 -24.10
C HIS H 357 30.94 17.85 -22.65
N ILE H 358 31.69 17.24 -21.73
CA ILE H 358 31.34 17.32 -20.32
C ILE H 358 31.47 18.76 -19.81
N ALA H 359 32.54 19.44 -20.19
CA ALA H 359 32.74 20.81 -19.71
C ALA H 359 31.88 21.79 -20.49
N SER H 360 32.10 21.90 -21.80
CA SER H 360 31.39 22.89 -22.60
C SER H 360 29.90 22.61 -22.66
N GLY H 361 29.50 21.36 -22.51
CA GLY H 361 28.11 20.98 -22.64
C GLY H 361 27.63 20.88 -24.08
N LEU H 362 28.48 21.19 -25.05
CA LEU H 362 28.08 21.18 -26.45
C LEU H 362 27.81 19.75 -26.92
N TRP H 363 27.16 19.65 -28.06
CA TRP H 363 26.74 18.39 -28.63
C TRP H 363 27.46 18.13 -29.94
N VAL H 364 27.81 16.87 -30.19
CA VAL H 364 28.56 16.49 -31.38
C VAL H 364 27.59 16.39 -32.55
N THR H 365 27.65 17.35 -33.46
CA THR H 365 26.74 17.41 -34.59
C THR H 365 27.52 17.67 -35.87
N TYR H 366 26.99 17.15 -36.98
CA TYR H 366 27.61 17.41 -38.27
C TYR H 366 27.29 18.82 -38.73
N LYS H 367 28.29 19.50 -39.28
CA LYS H 367 28.07 20.81 -39.85
C LYS H 367 27.23 20.70 -41.12
N ALA H 368 26.28 21.62 -41.27
CA ALA H 368 25.43 21.63 -42.45
C ALA H 368 26.26 21.85 -43.70
N GLN H 369 25.84 21.22 -44.80
CA GLN H 369 26.55 21.31 -46.06
C GLN H 369 26.67 22.75 -46.54
N LEU H 379 27.64 10.98 -47.92
CA LEU H 379 28.34 12.26 -47.99
C LEU H 379 29.45 12.35 -46.94
N LYS H 380 30.37 13.28 -47.12
CA LYS H 380 31.47 13.51 -46.19
C LYS H 380 31.14 14.78 -45.39
N ARG H 381 30.35 14.62 -44.33
CA ARG H 381 29.94 15.73 -43.49
C ARG H 381 30.99 16.04 -42.44
N LYS H 382 31.19 17.33 -42.17
CA LYS H 382 32.09 17.74 -41.12
C LYS H 382 31.42 17.58 -39.76
N VAL H 383 32.23 17.59 -38.71
CA VAL H 383 31.76 17.38 -37.34
C VAL H 383 32.22 18.55 -36.47
N ILE H 384 31.34 19.00 -35.60
CA ILE H 384 31.58 20.15 -34.73
C ILE H 384 30.81 19.95 -33.44
N LEU H 385 31.05 20.83 -32.48
CA LEU H 385 30.28 20.90 -31.24
C LEU H 385 29.37 22.12 -31.31
N HIS H 386 28.07 21.90 -31.09
CA HIS H 386 27.08 22.95 -31.24
C HIS H 386 26.22 23.04 -30.00
N GLN H 387 25.59 24.21 -29.81
CA GLN H 387 24.87 24.49 -28.58
C GLN H 387 23.72 23.51 -28.35
N GLU H 388 22.86 23.34 -29.35
CA GLU H 388 21.71 22.46 -29.24
C GLU H 388 21.80 21.24 -30.14
N GLY H 389 22.13 21.45 -31.41
CA GLY H 389 22.35 20.34 -32.32
C GLY H 389 21.08 19.87 -32.99
N HIS H 390 21.26 19.12 -34.07
CA HIS H 390 20.16 18.61 -34.86
C HIS H 390 19.42 17.53 -34.08
N MET H 391 18.42 16.92 -34.72
CA MET H 391 17.72 15.80 -34.12
C MET H 391 18.29 14.46 -34.54
N ASP H 392 18.97 14.39 -35.68
CA ASP H 392 19.65 13.18 -36.11
C ASP H 392 21.12 13.19 -35.69
N ASP H 393 21.38 13.47 -34.41
CA ASP H 393 22.73 13.51 -33.87
C ASP H 393 23.09 12.23 -33.12
N GLY H 394 22.19 11.26 -33.06
CA GLY H 394 22.48 10.04 -32.33
C GLY H 394 23.47 9.17 -33.07
N LEU H 395 24.43 8.63 -32.31
CA LEU H 395 25.47 7.77 -32.85
C LEU H 395 25.28 6.37 -32.27
N THR H 396 25.16 5.37 -33.14
CA THR H 396 25.19 4.00 -32.68
C THR H 396 26.63 3.52 -32.56
N LEU H 397 26.83 2.43 -31.84
CA LEU H 397 28.17 1.91 -31.60
C LEU H 397 28.25 0.46 -32.04
N GLN H 398 29.38 0.10 -32.64
CA GLN H 398 29.66 -1.29 -32.98
C GLN H 398 31.05 -1.66 -32.52
N ARG H 399 31.17 -2.77 -31.80
CA ARG H 399 32.48 -3.21 -31.31
C ARG H 399 33.27 -3.82 -32.46
N CYS H 400 34.52 -3.38 -32.60
CA CYS H 400 35.37 -3.93 -33.65
C CYS H 400 36.05 -5.20 -33.18
N GLN H 401 36.41 -6.04 -34.15
CA GLN H 401 37.02 -7.32 -33.83
C GLN H 401 38.41 -7.12 -33.24
N ARG H 402 38.89 -8.14 -32.54
CA ARG H 402 40.19 -8.04 -31.87
C ARG H 402 41.31 -7.85 -32.88
N GLU H 403 41.22 -8.53 -34.02
CA GLU H 403 42.25 -8.42 -35.04
C GLU H 403 42.35 -6.98 -35.55
N GLU H 404 41.22 -6.33 -35.78
CA GLU H 404 41.25 -4.97 -36.32
C GLU H 404 41.89 -4.00 -35.32
N SER H 405 41.52 -4.09 -34.06
CA SER H 405 42.08 -3.17 -33.06
C SER H 405 43.57 -3.42 -32.86
N GLN H 406 43.97 -4.69 -32.81
CA GLN H 406 45.39 -5.00 -32.67
C GLN H 406 46.19 -4.49 -33.87
N ALA H 407 45.66 -4.70 -35.07
CA ALA H 407 46.33 -4.21 -36.28
C ALA H 407 46.41 -2.70 -36.27
N ALA H 408 45.38 -2.01 -35.79
CA ALA H 408 45.41 -0.56 -35.75
C ALA H 408 46.49 -0.05 -34.82
N ARG H 409 46.61 -0.65 -33.62
CA ARG H 409 47.68 -0.21 -32.72
C ARG H 409 49.06 -0.51 -33.30
N ILE H 410 49.20 -1.66 -33.95
CA ILE H 410 50.47 -2.01 -34.57
C ILE H 410 50.80 -1.03 -35.70
N ILE H 411 49.78 -0.60 -36.45
CA ILE H 411 49.97 0.40 -37.48
C ILE H 411 50.49 1.69 -36.87
N ARG H 412 49.89 2.11 -35.75
CA ARG H 412 50.35 3.33 -35.10
C ARG H 412 51.82 3.24 -34.72
N ASN H 413 52.19 2.16 -34.02
CA ASN H 413 53.56 2.02 -33.55
C ASN H 413 54.54 1.96 -34.72
N THR H 414 54.22 1.16 -35.73
CA THR H 414 55.11 1.00 -36.88
C THR H 414 55.26 2.30 -37.65
N THR H 415 54.16 3.04 -37.83
CA THR H 415 54.25 4.31 -38.53
C THR H 415 55.13 5.28 -37.78
N ALA H 416 54.98 5.36 -36.45
CA ALA H 416 55.82 6.26 -35.68
C ALA H 416 57.29 5.89 -35.83
N LEU H 417 57.60 4.60 -35.68
CA LEU H 417 58.98 4.15 -35.76
C LEU H 417 59.59 4.44 -37.13
N PHE H 418 58.92 4.02 -38.20
CA PHE H 418 59.49 4.20 -39.53
C PHE H 418 59.56 5.67 -39.92
N SER H 419 58.58 6.48 -39.52
CA SER H 419 58.64 7.89 -39.81
C SER H 419 59.83 8.55 -39.13
N GLN H 420 60.10 8.19 -37.88
CA GLN H 420 61.32 8.70 -37.26
C GLN H 420 62.55 8.18 -37.98
N PHE H 421 62.47 6.96 -38.54
CA PHE H 421 63.58 6.38 -39.28
C PHE H 421 63.73 6.97 -40.69
N VAL H 422 62.69 7.60 -41.22
CA VAL H 422 62.72 8.13 -42.58
C VAL H 422 62.56 9.65 -42.52
N SER H 423 63.09 10.25 -41.47
CA SER H 423 62.97 11.69 -41.28
C SER H 423 63.97 12.45 -42.14
N THR H 433 71.29 7.79 -33.59
CA THR H 433 70.02 8.42 -33.90
C THR H 433 68.86 7.45 -33.74
N LEU H 434 68.58 6.68 -34.79
CA LEU H 434 67.47 5.73 -34.76
C LEU H 434 67.88 4.46 -34.03
N PRO H 435 67.02 3.92 -33.17
CA PRO H 435 67.36 2.69 -32.46
C PRO H 435 67.37 1.50 -33.40
N ILE H 436 68.56 0.98 -33.71
CA ILE H 436 68.68 -0.07 -34.72
C ILE H 436 68.05 -1.36 -34.21
N GLN H 437 68.26 -1.70 -32.95
CA GLN H 437 67.73 -2.96 -32.43
C GLN H 437 66.20 -2.96 -32.43
N GLU H 438 65.59 -1.82 -32.07
CA GLU H 438 64.14 -1.74 -32.11
C GLU H 438 63.62 -1.91 -33.53
N VAL H 439 64.29 -1.30 -34.50
CA VAL H 439 63.89 -1.46 -35.91
C VAL H 439 64.01 -2.91 -36.34
N LEU H 440 65.10 -3.57 -35.95
CA LEU H 440 65.30 -4.96 -36.34
C LEU H 440 64.23 -5.86 -35.73
N GLN H 441 63.94 -5.69 -34.45
CA GLN H 441 62.93 -6.50 -33.81
C GLN H 441 61.55 -6.24 -34.40
N THR H 442 61.24 -4.97 -34.69
CA THR H 442 59.96 -4.65 -35.30
C THR H 442 59.83 -5.30 -36.68
N LEU H 443 60.89 -5.24 -37.49
CA LEU H 443 60.81 -5.83 -38.83
C LEU H 443 60.66 -7.33 -38.75
N GLN H 444 61.38 -7.99 -37.83
CA GLN H 444 61.24 -9.43 -37.69
C GLN H 444 59.83 -9.80 -37.23
N ASP H 445 59.28 -9.05 -36.27
CA ASP H 445 57.94 -9.34 -35.77
C ASP H 445 56.89 -9.09 -36.85
N LEU H 446 57.08 -8.05 -37.67
CA LEU H 446 56.13 -7.78 -38.75
C LEU H 446 56.21 -8.85 -39.83
N ILE H 447 57.41 -9.33 -40.15
CA ILE H 447 57.54 -10.40 -41.13
C ILE H 447 56.89 -11.68 -40.62
N ALA H 448 57.03 -11.96 -39.33
CA ALA H 448 56.34 -13.12 -38.75
C ALA H 448 54.84 -12.89 -38.65
N TYR H 449 54.42 -11.62 -38.63
CA TYR H 449 53.00 -11.29 -38.54
C TYR H 449 52.28 -11.60 -39.84
N PHE H 450 52.93 -11.36 -40.98
CA PHE H 450 52.35 -11.61 -42.28
C PHE H 450 52.82 -12.95 -42.84
N GLN H 451 52.59 -14.00 -42.05
CA GLN H 451 53.13 -15.30 -42.38
C GLN H 451 52.03 -16.20 -42.93
N PRO H 452 52.16 -16.69 -44.15
CA PRO H 452 51.10 -17.53 -44.70
C PRO H 452 50.97 -18.82 -43.92
N PRO H 453 49.78 -19.40 -43.87
CA PRO H 453 49.60 -20.67 -43.18
C PRO H 453 50.36 -21.79 -43.85
N GLU H 454 50.79 -22.77 -43.06
CA GLU H 454 51.49 -23.92 -43.59
C GLU H 454 50.58 -24.70 -44.54
N GLU H 455 51.17 -25.26 -45.60
CA GLU H 455 50.39 -25.99 -46.57
C GLU H 455 49.74 -27.24 -45.97
N GLU H 456 50.38 -27.84 -44.96
CA GLU H 456 49.84 -29.04 -44.34
C GLU H 456 48.57 -28.80 -43.56
N MET H 457 48.20 -27.54 -43.32
CA MET H 457 47.03 -27.23 -42.51
C MET H 457 45.76 -27.73 -43.19
N GLN H 458 44.73 -27.95 -42.38
CA GLN H 458 43.44 -28.36 -42.90
C GLN H 458 42.83 -27.24 -43.75
N HIS H 459 41.94 -27.63 -44.66
CA HIS H 459 41.43 -26.69 -45.64
C HIS H 459 40.66 -25.54 -44.97
N GLU H 460 39.80 -25.86 -44.01
CA GLU H 460 39.00 -24.82 -43.37
C GLU H 460 39.87 -23.87 -42.56
N ASP H 461 40.78 -24.42 -41.74
CA ASP H 461 41.69 -23.58 -40.98
C ASP H 461 42.59 -22.78 -41.89
N LYS H 462 43.07 -23.40 -42.96
CA LYS H 462 43.94 -22.70 -43.91
C LYS H 462 43.20 -21.54 -44.55
N GLN H 463 41.94 -21.74 -44.91
CA GLN H 463 41.16 -20.66 -45.51
C GLN H 463 40.89 -19.54 -44.52
N ASN H 464 40.62 -19.90 -43.26
CA ASN H 464 40.44 -18.85 -42.26
C ASN H 464 41.71 -18.04 -42.07
N LYS H 465 42.86 -18.71 -42.01
CA LYS H 465 44.12 -18.00 -41.88
C LYS H 465 44.38 -17.11 -43.08
N LEU H 466 44.09 -17.61 -44.29
CA LEU H 466 44.26 -16.79 -45.48
C LEU H 466 43.37 -15.56 -45.45
N ARG H 467 42.12 -15.72 -45.02
CA ARG H 467 41.21 -14.58 -44.95
C ARG H 467 41.70 -13.54 -43.95
N SER H 468 42.13 -13.98 -42.76
CA SER H 468 42.63 -13.03 -41.78
C SER H 468 43.90 -12.34 -42.27
N LEU H 469 44.78 -13.08 -42.93
CA LEU H 469 46.00 -12.49 -43.46
C LEU H 469 45.68 -11.45 -44.52
N LYS H 470 44.71 -11.73 -45.40
CA LYS H 470 44.34 -10.75 -46.41
C LYS H 470 43.72 -9.52 -45.78
N ASN H 471 42.92 -9.70 -44.72
CA ASN H 471 42.37 -8.55 -44.02
C ASN H 471 43.46 -7.68 -43.42
N ARG H 472 44.47 -8.30 -42.80
CA ARG H 472 45.56 -7.53 -42.22
C ARG H 472 46.37 -6.81 -43.29
N GLN H 473 46.60 -7.48 -44.43
CA GLN H 473 47.29 -6.82 -45.53
C GLN H 473 46.51 -5.62 -46.02
N ASN H 474 45.20 -5.75 -46.17
CA ASN H 474 44.38 -4.62 -46.59
C ASN H 474 44.42 -3.49 -45.58
N LEU H 475 44.33 -3.81 -44.29
CA LEU H 475 44.37 -2.78 -43.26
C LEU H 475 45.69 -2.02 -43.30
N PHE H 476 46.80 -2.73 -43.45
CA PHE H 476 48.09 -2.06 -43.51
C PHE H 476 48.24 -1.23 -44.79
N LYS H 477 47.77 -1.76 -45.93
CA LYS H 477 47.89 -1.02 -47.18
C LYS H 477 47.06 0.26 -47.15
N GLU H 478 45.87 0.21 -46.55
CA GLU H 478 45.01 1.39 -46.53
C GLU H 478 45.63 2.53 -45.73
N GLU H 479 46.39 2.22 -44.68
CA GLU H 479 47.03 3.23 -43.85
C GLU H 479 48.35 3.70 -44.42
N GLY H 480 48.62 3.43 -45.69
CA GLY H 480 49.85 3.89 -46.31
C GLY H 480 51.11 3.28 -45.73
N MET H 481 51.08 1.98 -45.46
CA MET H 481 52.29 1.32 -44.97
C MET H 481 53.21 0.92 -46.11
N LEU H 482 52.66 0.63 -47.29
CA LEU H 482 53.51 0.37 -48.46
C LEU H 482 54.34 1.59 -48.81
N ALA H 483 53.72 2.78 -48.82
CA ALA H 483 54.46 3.99 -49.09
C ALA H 483 55.53 4.24 -48.04
N LEU H 484 55.22 3.94 -46.78
CA LEU H 484 56.22 4.09 -45.72
C LEU H 484 57.39 3.16 -45.93
N VAL H 485 57.13 1.91 -46.30
CA VAL H 485 58.21 0.95 -46.56
C VAL H 485 59.07 1.42 -47.72
N LEU H 486 58.44 1.90 -48.79
CA LEU H 486 59.20 2.39 -49.93
C LEU H 486 60.06 3.59 -49.55
N ASN H 487 59.51 4.51 -48.75
CA ASN H 487 60.30 5.66 -48.31
C ASN H 487 61.46 5.24 -47.44
N CYS H 488 61.24 4.26 -46.55
CA CYS H 488 62.33 3.76 -45.73
C CYS H 488 63.43 3.16 -46.59
N ILE H 489 63.04 2.38 -47.61
CA ILE H 489 64.03 1.80 -48.52
C ILE H 489 64.81 2.89 -49.23
N ASP H 490 64.12 3.92 -49.71
CA ASP H 490 64.80 5.01 -50.41
C ASP H 490 65.78 5.72 -49.49
N ARG H 491 65.38 5.99 -48.26
CA ARG H 491 66.27 6.66 -47.33
C ARG H 491 67.49 5.80 -47.00
N LEU H 492 67.28 4.49 -46.81
CA LEU H 492 68.42 3.60 -46.56
C LEU H 492 69.38 3.60 -47.73
N ASN H 493 68.84 3.56 -48.96
CA ASN H 493 69.71 3.57 -50.13
C ASN H 493 70.48 4.89 -50.25
N ILE H 494 69.81 6.01 -49.95
CA ILE H 494 70.50 7.30 -49.97
C ILE H 494 71.60 7.33 -48.92
N TYR H 495 71.33 6.82 -47.72
CA TYR H 495 72.35 6.79 -46.67
C TYR H 495 73.54 5.94 -47.09
N ASN H 496 73.28 4.76 -47.67
CA ASN H 496 74.38 3.90 -48.10
C ASN H 496 75.17 4.53 -49.26
N SER H 497 74.49 5.29 -50.12
CA SER H 497 75.18 5.89 -51.25
C SER H 497 76.24 6.88 -50.80
N VAL H 498 75.94 7.69 -49.79
CA VAL H 498 76.90 8.66 -49.27
C VAL H 498 77.52 8.14 -47.98
N SER H 509 78.46 -0.01 -39.05
CA SER H 509 77.08 -0.49 -38.97
C SER H 509 76.59 -0.93 -40.35
N GLY H 510 77.52 -1.29 -41.23
CA GLY H 510 77.13 -1.71 -42.56
C GLY H 510 76.34 -3.00 -42.56
N MET H 511 76.75 -3.98 -41.75
CA MET H 511 76.02 -5.24 -41.70
C MET H 511 74.62 -5.06 -41.15
N ALA H 512 74.47 -4.22 -40.12
CA ALA H 512 73.14 -3.99 -39.55
C ALA H 512 72.21 -3.35 -40.57
N TRP H 513 72.71 -2.36 -41.31
CA TRP H 513 71.87 -1.70 -42.31
C TRP H 513 71.57 -2.60 -43.50
N LYS H 514 72.52 -3.45 -43.88
CA LYS H 514 72.23 -4.43 -44.91
C LYS H 514 71.12 -5.37 -44.47
N GLU H 515 71.17 -5.82 -43.22
CA GLU H 515 70.11 -6.66 -42.69
C GLU H 515 68.78 -5.91 -42.65
N ILE H 516 68.82 -4.62 -42.29
CA ILE H 516 67.60 -3.82 -42.26
C ILE H 516 66.99 -3.72 -43.65
N LEU H 517 67.82 -3.50 -44.67
CA LEU H 517 67.32 -3.40 -46.03
C LEU H 517 66.74 -4.72 -46.50
N ASN H 518 67.41 -5.84 -46.19
CA ASN H 518 66.87 -7.14 -46.58
C ASN H 518 65.54 -7.41 -45.89
N LEU H 519 65.44 -7.07 -44.61
CA LEU H 519 64.19 -7.25 -43.88
C LEU H 519 63.10 -6.36 -44.45
N LEU H 520 63.45 -5.15 -44.90
CA LEU H 520 62.46 -4.29 -45.52
C LEU H 520 61.92 -4.91 -46.80
N TYR H 521 62.79 -5.48 -47.63
CA TYR H 521 62.32 -6.12 -48.84
C TYR H 521 61.45 -7.34 -48.52
N LYS H 522 61.84 -8.13 -47.53
CA LYS H 522 61.03 -9.27 -47.14
C LYS H 522 59.66 -8.82 -46.61
N LEU H 523 59.63 -7.74 -45.84
CA LEU H 523 58.37 -7.21 -45.33
C LEU H 523 57.49 -6.71 -46.46
N LEU H 524 58.08 -6.05 -47.46
CA LEU H 524 57.30 -5.61 -48.61
C LEU H 524 56.69 -6.78 -49.33
N ALA H 525 57.47 -7.84 -49.56
CA ALA H 525 56.93 -9.02 -50.22
C ALA H 525 55.82 -9.65 -49.38
N ALA H 526 56.00 -9.71 -48.06
CA ALA H 526 54.97 -10.28 -47.19
C ALA H 526 53.70 -9.44 -47.20
N LEU H 527 53.85 -8.13 -47.31
CA LEU H 527 52.69 -7.24 -47.39
C LEU H 527 51.92 -7.45 -48.68
N ILE H 528 52.61 -7.60 -49.81
CA ILE H 528 51.93 -7.69 -51.10
C ILE H 528 51.75 -9.12 -51.59
N ARG H 529 52.30 -10.11 -50.90
CA ARG H 529 52.23 -11.48 -51.40
C ARG H 529 50.81 -12.01 -51.35
N GLY H 530 50.31 -12.46 -52.49
CA GLY H 530 49.00 -13.07 -52.56
C GLY H 530 47.83 -12.13 -52.45
N ASN H 531 48.08 -10.82 -52.51
CA ASN H 531 47.04 -9.81 -52.38
C ASN H 531 46.99 -9.03 -53.68
N ARG H 532 45.90 -9.20 -54.44
CA ARG H 532 45.82 -8.60 -55.75
C ARG H 532 45.79 -7.08 -55.68
N ASN H 533 45.06 -6.52 -54.70
CA ASN H 533 44.98 -5.06 -54.61
C ASN H 533 46.33 -4.44 -54.28
N ASN H 534 47.08 -5.04 -53.37
CA ASN H 534 48.39 -4.51 -53.03
C ASN H 534 49.34 -4.58 -54.22
N CYS H 535 49.31 -5.69 -54.96
CA CYS H 535 50.15 -5.80 -56.14
C CYS H 535 49.76 -4.80 -57.21
N ALA H 536 48.45 -4.59 -57.41
CA ALA H 536 48.01 -3.59 -58.36
C ALA H 536 48.47 -2.20 -57.93
N GLN H 537 48.42 -1.92 -56.64
CA GLN H 537 48.92 -0.64 -56.13
C GLN H 537 50.41 -0.50 -56.39
N PHE H 538 51.17 -1.57 -56.21
CA PHE H 538 52.61 -1.53 -56.40
C PHE H 538 53.01 -1.53 -57.87
N SER H 539 52.08 -1.85 -58.77
CA SER H 539 52.39 -1.86 -60.20
C SER H 539 52.89 -0.51 -60.68
N ASN H 540 52.51 0.58 -60.00
CA ASN H 540 52.96 1.91 -60.39
C ASN H 540 54.45 2.12 -60.16
N ASN H 541 55.10 1.25 -59.39
CA ASN H 541 56.51 1.40 -59.05
C ASN H 541 57.39 0.37 -59.76
N LEU H 542 56.98 -0.06 -60.95
CA LEU H 542 57.79 -1.01 -61.69
C LEU H 542 59.14 -0.40 -62.07
N ASP H 543 59.14 0.88 -62.46
CA ASP H 543 60.40 1.53 -62.78
C ASP H 543 61.32 1.58 -61.57
N TRP H 544 60.77 1.91 -60.40
CA TRP H 544 61.54 1.94 -59.17
C TRP H 544 62.13 0.57 -58.86
N LEU H 545 61.31 -0.47 -58.94
CA LEU H 545 61.76 -1.82 -58.63
C LEU H 545 62.86 -2.26 -59.59
N ILE H 546 62.66 -2.07 -60.89
CA ILE H 546 63.64 -2.51 -61.87
C ILE H 546 64.92 -1.71 -61.73
N SER H 547 64.82 -0.40 -61.46
CA SER H 547 66.01 0.41 -61.25
C SER H 547 66.80 -0.09 -60.06
N LYS H 548 66.13 -0.60 -59.03
CA LYS H 548 66.84 -1.17 -57.89
C LYS H 548 67.24 -2.62 -58.10
N LEU H 549 66.85 -3.24 -59.22
CA LEU H 549 67.29 -4.60 -59.50
C LEU H 549 68.79 -4.69 -59.65
N ASP H 550 69.44 -3.62 -60.12
CA ASP H 550 70.84 -3.69 -60.52
C ASP H 550 71.76 -4.01 -59.35
N ARG H 551 71.54 -3.36 -58.21
CA ARG H 551 72.46 -3.49 -57.09
C ARG H 551 72.51 -4.92 -56.58
N LEU H 552 73.72 -5.36 -56.21
CA LEU H 552 73.93 -6.76 -55.85
C LEU H 552 73.16 -7.13 -54.59
N GLU H 553 73.19 -6.27 -53.57
CA GLU H 553 72.53 -6.59 -52.31
C GLU H 553 71.02 -6.70 -52.49
N SER H 554 70.43 -5.81 -53.27
CA SER H 554 68.98 -5.71 -53.37
C SER H 554 68.37 -6.63 -54.42
N SER H 555 69.18 -7.37 -55.18
CA SER H 555 68.65 -8.09 -56.33
C SER H 555 67.69 -9.20 -55.92
N SER H 556 68.01 -9.93 -54.84
CA SER H 556 67.20 -11.09 -54.47
C SER H 556 65.82 -10.68 -53.97
N GLY H 557 65.78 -9.71 -53.04
CA GLY H 557 64.49 -9.23 -52.56
C GLY H 557 63.67 -8.58 -53.64
N ILE H 558 64.33 -7.83 -54.52
CA ILE H 558 63.64 -7.24 -55.66
C ILE H 558 63.04 -8.32 -56.55
N LEU H 559 63.77 -9.40 -56.78
CA LEU H 559 63.24 -10.49 -57.59
C LEU H 559 62.04 -11.14 -56.93
N GLU H 560 62.09 -11.35 -55.62
CA GLU H 560 60.95 -11.92 -54.90
C GLU H 560 59.73 -11.03 -55.03
N VAL H 561 59.90 -9.72 -54.80
CA VAL H 561 58.78 -8.78 -54.89
C VAL H 561 58.24 -8.74 -56.31
N LEU H 562 59.13 -8.69 -57.30
CA LEU H 562 58.69 -8.59 -58.69
C LEU H 562 57.94 -9.84 -59.12
N HIS H 563 58.40 -11.02 -58.72
CA HIS H 563 57.66 -12.23 -59.06
C HIS H 563 56.31 -12.25 -58.39
N CYS H 564 56.21 -11.79 -57.13
CA CYS H 564 54.90 -11.69 -56.49
C CYS H 564 53.97 -10.76 -57.29
N ILE H 565 54.49 -9.61 -57.71
CA ILE H 565 53.68 -8.65 -58.45
C ILE H 565 53.20 -9.26 -59.76
N LEU H 566 54.11 -9.88 -60.51
CA LEU H 566 53.74 -10.45 -61.80
C LEU H 566 52.73 -11.56 -61.65
N ILE H 567 52.90 -12.43 -60.66
CA ILE H 567 51.95 -13.51 -60.46
C ILE H 567 50.58 -12.97 -60.10
N GLU H 568 50.52 -11.98 -59.20
CA GLU H 568 49.23 -11.50 -58.72
C GLU H 568 48.62 -10.42 -59.61
N SER H 569 49.34 -9.34 -59.84
CA SER H 569 48.81 -8.28 -60.67
C SER H 569 48.75 -8.72 -62.12
N PRO H 570 47.57 -8.78 -62.74
CA PRO H 570 47.51 -9.10 -64.17
C PRO H 570 47.78 -7.91 -65.07
N GLU H 571 47.61 -6.69 -64.58
CA GLU H 571 47.92 -5.51 -65.39
C GLU H 571 49.39 -5.13 -65.32
N ALA H 572 50.15 -5.67 -64.36
CA ALA H 572 51.56 -5.32 -64.26
C ALA H 572 52.32 -5.72 -65.51
N LEU H 573 52.00 -6.88 -66.08
CA LEU H 573 52.64 -7.31 -67.32
C LEU H 573 52.37 -6.33 -68.46
N ASN H 574 51.31 -5.54 -68.37
CA ASN H 574 51.03 -4.54 -69.40
C ASN H 574 51.96 -3.34 -69.29
N LEU H 575 52.56 -3.12 -68.13
CA LEU H 575 53.47 -1.99 -67.95
C LEU H 575 54.93 -2.35 -68.16
N ILE H 576 55.22 -3.60 -68.52
CA ILE H 576 56.61 -4.03 -68.72
C ILE H 576 57.04 -3.62 -70.12
N ALA H 577 58.06 -2.78 -70.20
CA ALA H 577 58.60 -2.28 -71.46
C ALA H 577 59.91 -2.98 -71.77
N GLU H 578 60.51 -2.58 -72.90
CA GLU H 578 61.75 -3.22 -73.34
C GLU H 578 62.89 -2.96 -72.36
N GLY H 579 62.95 -1.76 -71.78
CA GLY H 579 64.00 -1.46 -70.84
C GLY H 579 63.99 -2.37 -69.63
N HIS H 580 62.80 -2.68 -69.12
CA HIS H 580 62.69 -3.56 -67.97
C HIS H 580 63.13 -4.97 -68.30
N ILE H 581 62.75 -5.46 -69.48
CA ILE H 581 63.16 -6.80 -69.91
C ILE H 581 64.67 -6.85 -70.07
N LYS H 582 65.27 -5.82 -70.67
CA LYS H 582 66.71 -5.78 -70.81
C LYS H 582 67.39 -5.71 -69.46
N SER H 583 66.79 -5.01 -68.49
CA SER H 583 67.36 -4.97 -67.15
C SER H 583 67.35 -6.34 -66.50
N ILE H 584 66.27 -7.09 -66.65
CA ILE H 584 66.21 -8.43 -66.07
C ILE H 584 67.23 -9.35 -66.75
N ILE H 585 67.33 -9.27 -68.07
CA ILE H 585 68.31 -10.10 -68.79
C ILE H 585 69.73 -9.73 -68.39
N SER H 586 69.99 -8.43 -68.19
CA SER H 586 71.31 -8.01 -67.73
C SER H 586 71.58 -8.49 -66.31
N LEU H 587 70.56 -8.60 -65.49
CA LEU H 587 70.72 -9.22 -64.18
C LEU H 587 71.16 -10.67 -64.33
N LEU H 588 70.54 -11.40 -65.26
CA LEU H 588 71.00 -12.75 -65.58
C LEU H 588 72.46 -12.74 -65.99
N ASP H 589 72.85 -11.76 -66.81
CA ASP H 589 74.20 -11.72 -67.34
C ASP H 589 75.25 -11.39 -66.30
N LYS H 590 74.92 -10.51 -65.34
CA LYS H 590 75.91 -10.01 -64.40
C LYS H 590 75.92 -10.73 -63.06
N HIS H 591 74.84 -11.40 -62.68
CA HIS H 591 74.83 -12.11 -61.41
C HIS H 591 75.04 -13.61 -61.54
N GLY H 592 75.07 -14.13 -62.76
CA GLY H 592 75.28 -15.55 -62.97
C GLY H 592 74.00 -16.26 -63.35
N ARG H 593 74.13 -17.57 -63.55
CA ARG H 593 73.03 -18.40 -64.03
C ARG H 593 72.12 -18.74 -62.87
N ASN H 594 71.15 -17.87 -62.62
CA ASN H 594 70.13 -18.07 -61.61
C ASN H 594 68.79 -18.30 -62.30
N HIS H 595 68.10 -19.38 -61.93
CA HIS H 595 66.90 -19.77 -62.67
C HIS H 595 65.65 -19.00 -62.23
N LYS H 596 65.73 -18.22 -61.16
CA LYS H 596 64.59 -17.41 -60.77
C LYS H 596 64.37 -16.25 -61.75
N VAL H 597 65.45 -15.74 -62.34
CA VAL H 597 65.30 -14.76 -63.41
C VAL H 597 64.58 -15.38 -64.59
N LEU H 598 64.87 -16.65 -64.90
CA LEU H 598 64.17 -17.33 -65.96
C LEU H 598 62.71 -17.56 -65.61
N ASP H 599 62.41 -17.82 -64.33
CA ASP H 599 61.02 -17.89 -63.90
C ASP H 599 60.30 -16.57 -64.12
N VAL H 600 60.96 -15.45 -63.79
CA VAL H 600 60.35 -14.14 -64.00
C VAL H 600 60.09 -13.90 -65.48
N LEU H 601 61.04 -14.28 -66.33
CA LEU H 601 60.83 -14.09 -67.77
C LEU H 601 59.67 -14.93 -68.27
N CYS H 602 59.57 -16.19 -67.81
CA CYS H 602 58.43 -17.02 -68.18
C CYS H 602 57.12 -16.40 -67.73
N SER H 603 57.10 -15.82 -66.53
CA SER H 603 55.90 -15.13 -66.06
C SER H 603 55.56 -13.96 -66.96
N LEU H 604 56.57 -13.24 -67.43
CA LEU H 604 56.32 -12.14 -68.36
C LEU H 604 55.69 -12.63 -69.66
N CYS H 605 56.12 -13.80 -70.13
CA CYS H 605 55.63 -14.26 -71.43
C CYS H 605 54.14 -14.62 -71.40
N LEU H 606 53.70 -15.37 -70.39
CA LEU H 606 52.32 -15.84 -70.30
C LEU H 606 51.64 -15.28 -69.07
N CYS H 607 50.47 -14.68 -69.26
CA CYS H 607 49.75 -13.98 -68.20
C CYS H 607 48.43 -14.70 -67.92
N ASN H 608 48.51 -15.76 -67.10
CA ASN H 608 47.32 -16.51 -66.67
C ASN H 608 46.52 -17.03 -67.86
N GLY H 609 47.22 -17.61 -68.82
CA GLY H 609 46.60 -18.22 -69.98
C GLY H 609 46.58 -17.35 -71.22
N VAL H 610 46.85 -16.05 -71.09
CA VAL H 610 46.86 -15.12 -72.21
C VAL H 610 48.30 -14.79 -72.54
N ALA H 611 48.68 -14.97 -73.80
CA ALA H 611 50.04 -14.71 -74.24
C ALA H 611 50.23 -13.25 -74.58
N VAL H 612 51.33 -12.68 -74.13
CA VAL H 612 51.71 -11.31 -74.43
C VAL H 612 52.80 -11.37 -75.49
N ARG H 613 52.46 -11.01 -76.73
CA ARG H 613 53.39 -11.16 -77.84
C ARG H 613 54.57 -10.21 -77.72
N ALA H 614 54.35 -9.01 -77.18
CA ALA H 614 55.45 -8.06 -77.06
C ALA H 614 56.54 -8.59 -76.14
N ASN H 615 56.15 -9.14 -75.00
CA ASN H 615 57.13 -9.72 -74.08
C ASN H 615 57.85 -10.91 -74.71
N GLN H 616 57.09 -11.79 -75.38
CA GLN H 616 57.71 -12.95 -76.01
C GLN H 616 58.73 -12.53 -77.05
N ASN H 617 58.37 -11.58 -77.91
CA ASN H 617 59.28 -11.12 -78.95
C ASN H 617 60.50 -10.42 -78.36
N LEU H 618 60.31 -9.60 -77.33
CA LEU H 618 61.44 -8.93 -76.71
C LEU H 618 62.41 -9.92 -76.10
N ILE H 619 61.87 -10.90 -75.37
CA ILE H 619 62.72 -11.89 -74.73
C ILE H 619 63.45 -12.73 -75.76
N CYS H 620 62.75 -13.14 -76.82
CA CYS H 620 63.41 -13.91 -77.87
C CYS H 620 64.51 -13.11 -78.55
N ASP H 621 64.26 -11.84 -78.84
CA ASP H 621 65.23 -11.05 -79.59
C ASP H 621 66.42 -10.64 -78.73
N ASN H 622 66.24 -10.47 -77.42
CA ASN H 622 67.31 -9.97 -76.57
C ASN H 622 68.07 -11.06 -75.82
N LEU H 623 67.47 -12.22 -75.59
CA LEU H 623 68.13 -13.27 -74.81
C LEU H 623 68.73 -14.36 -75.67
N LEU H 624 68.11 -14.72 -76.79
CA LEU H 624 68.52 -15.85 -77.60
C LEU H 624 69.70 -15.58 -78.51
N PRO H 625 69.69 -14.51 -79.30
CA PRO H 625 70.73 -14.35 -80.34
C PRO H 625 72.15 -14.32 -79.82
N ARG H 626 72.36 -13.81 -78.60
CA ARG H 626 73.72 -13.63 -78.11
C ARG H 626 74.45 -14.97 -77.98
N ARG H 627 73.77 -15.99 -77.45
CA ARG H 627 74.36 -17.31 -77.25
C ARG H 627 75.56 -17.25 -76.30
N ASN H 628 75.43 -16.47 -75.24
CA ASN H 628 76.49 -16.36 -74.25
C ASN H 628 75.99 -16.50 -72.82
N LEU H 629 74.68 -16.60 -72.60
CA LEU H 629 74.10 -16.79 -71.28
C LEU H 629 73.52 -18.19 -71.11
N LEU H 630 72.68 -18.63 -72.04
CA LEU H 630 72.05 -19.94 -71.93
C LEU H 630 73.00 -21.02 -72.45
N LEU H 631 73.04 -22.14 -71.74
CA LEU H 631 73.86 -23.26 -72.15
C LEU H 631 73.39 -23.79 -73.50
N GLN H 632 74.33 -24.18 -74.35
CA GLN H 632 73.99 -24.65 -75.68
C GLN H 632 73.95 -26.17 -75.70
N THR H 633 73.25 -26.72 -76.68
CA THR H 633 73.19 -28.16 -76.88
C THR H 633 73.38 -28.49 -78.34
N ARG H 634 73.98 -29.63 -78.62
CA ARG H 634 74.18 -29.99 -80.01
C ARG H 634 74.64 -31.44 -80.12
N LEU H 635 74.24 -32.11 -81.18
CA LEU H 635 74.66 -33.48 -81.43
C LEU H 635 76.02 -33.49 -82.12
N ILE H 636 77.03 -34.08 -81.48
CA ILE H 636 78.38 -34.13 -82.00
C ILE H 636 78.77 -35.57 -82.21
N ASN H 637 79.50 -35.83 -83.30
CA ASN H 637 80.05 -37.15 -83.57
C ASN H 637 81.17 -37.46 -82.61
N ASP H 638 81.25 -38.72 -82.20
CA ASP H 638 82.34 -39.17 -81.35
C ASP H 638 83.58 -39.47 -82.19
N VAL H 639 84.74 -39.09 -81.67
CA VAL H 639 86.02 -39.19 -82.35
C VAL H 639 86.94 -40.08 -81.54
N THR H 640 87.76 -40.86 -82.23
CA THR H 640 88.72 -41.75 -81.60
C THR H 640 90.08 -41.63 -82.27
N SER H 641 91.13 -41.79 -81.48
CA SER H 641 92.50 -41.72 -81.95
C SER H 641 93.14 -43.09 -81.89
N ILE H 642 93.99 -43.38 -82.87
CA ILE H 642 94.71 -44.65 -82.94
C ILE H 642 96.15 -44.38 -83.32
N ARG H 643 97.07 -45.07 -82.67
CA ARG H 643 98.50 -44.93 -82.88
C ARG H 643 99.16 -46.29 -83.01
N PRO H 644 100.25 -46.38 -83.75
CA PRO H 644 101.07 -47.58 -83.69
C PRO H 644 101.87 -47.63 -82.40
N ASN H 645 102.73 -48.63 -82.26
CA ASN H 645 103.53 -48.82 -81.06
C ASN H 645 104.91 -48.16 -81.17
N ILE H 646 104.98 -47.04 -81.87
CA ILE H 646 106.24 -46.39 -82.20
C ILE H 646 106.34 -45.09 -81.43
N PHE H 647 107.36 -44.96 -80.59
CA PHE H 647 107.58 -43.76 -79.80
C PHE H 647 108.96 -43.20 -80.12
N LEU H 648 109.01 -41.91 -80.42
CA LEU H 648 110.25 -41.23 -80.78
C LEU H 648 110.47 -40.06 -79.85
N GLY H 649 111.71 -39.90 -79.39
CA GLY H 649 112.04 -38.85 -78.46
C GLY H 649 113.39 -38.24 -78.79
N VAL H 650 113.60 -37.04 -78.26
CA VAL H 650 114.86 -36.31 -78.42
C VAL H 650 115.40 -36.01 -77.04
N ALA H 651 116.63 -36.43 -76.78
CA ALA H 651 117.27 -36.19 -75.50
C ALA H 651 118.77 -36.17 -75.69
N GLU H 652 119.46 -35.54 -74.74
CA GLU H 652 120.91 -35.46 -74.81
C GLU H 652 121.55 -36.80 -74.43
N GLY H 653 122.54 -37.21 -75.22
CA GLY H 653 123.20 -38.46 -74.97
C GLY H 653 122.28 -39.65 -75.15
N SER H 654 121.51 -39.64 -76.24
CA SER H 654 120.58 -40.71 -76.55
C SER H 654 120.87 -41.24 -77.95
N ALA H 655 120.57 -42.52 -78.15
CA ALA H 655 120.81 -43.18 -79.43
C ALA H 655 119.69 -42.96 -80.43
N GLN H 656 118.63 -42.26 -80.05
CA GLN H 656 117.50 -42.05 -80.94
C GLN H 656 117.91 -41.27 -82.18
N TYR H 657 117.33 -41.63 -83.31
CA TYR H 657 117.51 -40.89 -84.55
C TYR H 657 116.44 -39.82 -84.66
N LYS H 658 116.82 -38.67 -85.22
CA LYS H 658 115.95 -37.50 -85.20
C LYS H 658 114.87 -37.54 -86.27
N LYS H 659 115.24 -37.70 -87.54
CA LYS H 659 114.29 -37.65 -88.63
C LYS H 659 113.50 -38.96 -88.75
N TRP H 660 112.21 -38.84 -89.00
CA TRP H 660 111.33 -40.00 -89.12
C TRP H 660 110.24 -39.71 -90.15
N TYR H 661 109.65 -40.77 -90.66
CA TYR H 661 108.71 -40.68 -91.77
C TYR H 661 107.72 -41.84 -91.70
N PHE H 662 106.47 -41.59 -92.09
CA PHE H 662 105.50 -42.68 -92.23
C PHE H 662 104.41 -42.24 -93.19
N GLU H 663 103.49 -43.16 -93.50
CA GLU H 663 102.43 -42.85 -94.44
C GLU H 663 101.11 -43.45 -94.00
N LEU H 664 100.03 -42.89 -94.52
CA LEU H 664 98.67 -43.35 -94.28
C LEU H 664 97.94 -43.42 -95.61
N ILE H 665 97.28 -44.55 -95.86
CA ILE H 665 96.49 -44.75 -97.07
C ILE H 665 95.01 -44.73 -96.68
N ILE H 666 94.23 -43.93 -97.39
CA ILE H 666 92.82 -43.74 -97.05
C ILE H 666 92.01 -44.60 -98.02
N ASP H 667 91.53 -45.75 -97.54
CA ASP H 667 90.82 -46.68 -98.41
C ASP H 667 89.42 -46.18 -98.74
N GLN H 668 88.75 -45.57 -97.77
CA GLN H 668 87.36 -45.16 -97.97
C GLN H 668 86.97 -44.17 -96.89
N VAL H 669 86.48 -43.00 -97.31
CA VAL H 669 85.92 -42.01 -96.40
C VAL H 669 84.49 -41.75 -96.84
N ASP H 670 83.57 -41.79 -95.89
CA ASP H 670 82.16 -41.50 -96.14
C ASP H 670 81.83 -40.17 -95.51
N PRO H 671 82.04 -39.05 -96.20
CA PRO H 671 81.67 -37.76 -95.63
C PRO H 671 80.16 -37.68 -95.43
N PHE H 672 79.76 -37.07 -94.32
CA PHE H 672 78.34 -36.91 -93.99
C PHE H 672 77.66 -38.26 -93.88
N LEU H 673 78.10 -39.03 -92.87
CA LEU H 673 77.42 -40.25 -92.49
C LEU H 673 76.37 -40.03 -91.42
N THR H 674 76.43 -38.89 -90.70
CA THR H 674 75.48 -38.61 -89.64
C THR H 674 75.06 -37.15 -89.62
N ALA H 675 74.98 -36.51 -90.79
CA ALA H 675 74.58 -35.11 -90.94
C ALA H 675 75.63 -34.13 -90.44
N GLU H 676 76.79 -34.63 -90.00
CA GLU H 676 77.94 -33.81 -89.64
C GLU H 676 79.16 -34.36 -90.35
N PRO H 677 80.09 -33.51 -90.76
CA PRO H 677 81.22 -33.98 -91.57
C PRO H 677 82.03 -35.04 -90.84
N THR H 678 82.46 -36.05 -91.59
CA THR H 678 83.34 -37.06 -91.02
C THR H 678 84.66 -36.44 -90.62
N HIS H 679 85.18 -36.86 -89.48
CA HIS H 679 86.45 -36.39 -88.95
C HIS H 679 87.55 -37.35 -89.37
N LEU H 680 88.61 -36.82 -89.97
CA LEU H 680 89.77 -37.65 -90.31
C LEU H 680 90.98 -36.75 -90.40
N ARG H 681 91.84 -36.82 -89.39
CA ARG H 681 93.10 -36.09 -89.38
C ARG H 681 94.23 -37.07 -89.10
N VAL H 682 95.38 -36.80 -89.69
CA VAL H 682 96.56 -37.63 -89.49
C VAL H 682 97.72 -36.72 -89.11
N GLY H 683 98.61 -37.21 -88.26
CA GLY H 683 99.75 -36.39 -87.90
C GLY H 683 100.54 -36.99 -86.77
N TRP H 684 101.18 -36.13 -86.00
CA TRP H 684 102.02 -36.55 -84.89
C TRP H 684 101.42 -36.07 -83.58
N ALA H 685 101.80 -36.73 -82.50
CA ALA H 685 101.33 -36.32 -81.18
C ALA H 685 102.43 -36.59 -80.18
N SER H 686 102.36 -35.91 -79.05
CA SER H 686 103.34 -36.02 -77.99
C SER H 686 102.72 -36.66 -76.77
N SER H 687 103.42 -37.63 -76.18
CA SER H 687 102.92 -38.32 -75.01
C SER H 687 102.91 -37.46 -73.76
N SER H 688 103.53 -36.28 -73.81
CA SER H 688 103.59 -35.43 -72.62
C SER H 688 102.20 -35.00 -72.18
N GLY H 689 101.34 -34.62 -73.12
CA GLY H 689 100.03 -34.16 -72.71
C GLY H 689 98.88 -34.48 -73.65
N TYR H 690 99.10 -35.27 -74.69
CA TYR H 690 98.05 -35.59 -75.64
C TYR H 690 97.30 -36.82 -75.12
N ALA H 691 96.11 -36.59 -74.57
CA ALA H 691 95.30 -37.66 -74.02
C ALA H 691 93.84 -37.29 -74.20
N PRO H 692 93.23 -37.66 -75.32
CA PRO H 692 91.83 -37.32 -75.54
C PRO H 692 90.88 -38.38 -75.00
N TYR H 693 89.96 -37.99 -74.13
CA TYR H 693 89.00 -38.99 -73.70
C TYR H 693 87.75 -38.92 -74.55
N PRO H 694 87.10 -40.04 -74.83
CA PRO H 694 85.84 -39.99 -75.59
C PRO H 694 84.79 -39.23 -74.81
N GLY H 695 83.96 -38.47 -75.54
CA GLY H 695 82.92 -37.66 -74.94
C GLY H 695 83.15 -36.18 -75.25
N GLY H 696 82.87 -35.34 -74.26
CA GLY H 696 82.97 -33.91 -74.42
C GLY H 696 84.26 -33.36 -73.84
N GLY H 697 84.80 -32.35 -74.49
CA GLY H 697 86.01 -31.69 -74.02
C GLY H 697 86.01 -30.23 -74.42
N GLU H 698 87.16 -29.76 -74.89
CA GLU H 698 87.27 -28.37 -75.29
C GLU H 698 86.41 -28.07 -76.51
N GLY H 699 85.98 -26.83 -76.61
CA GLY H 699 85.17 -26.43 -77.75
C GLY H 699 83.85 -27.15 -77.77
N TRP H 700 83.56 -27.79 -78.89
CA TRP H 700 82.34 -28.56 -79.08
C TRP H 700 82.62 -30.06 -79.14
N GLY H 701 83.52 -30.52 -78.30
CA GLY H 701 83.83 -31.93 -78.25
C GLY H 701 84.44 -32.41 -79.55
N GLY H 702 84.48 -33.73 -79.70
CA GLY H 702 85.03 -34.34 -80.89
C GLY H 702 86.47 -33.95 -81.12
N ASN H 703 87.29 -34.04 -80.07
CA ASN H 703 88.67 -33.61 -80.14
C ASN H 703 89.56 -34.70 -80.73
N GLY H 704 90.30 -34.35 -81.77
CA GLY H 704 91.17 -35.29 -82.42
C GLY H 704 92.59 -34.80 -82.49
N VAL H 705 93.30 -35.16 -83.57
CA VAL H 705 94.70 -34.81 -83.72
C VAL H 705 94.77 -33.35 -84.15
N GLY H 706 95.11 -32.47 -83.22
CA GLY H 706 95.25 -31.07 -83.54
C GLY H 706 94.32 -30.20 -82.72
N ASP H 707 93.67 -30.79 -81.72
CA ASP H 707 92.75 -30.06 -80.87
C ASP H 707 93.36 -29.71 -79.53
N ASP H 708 94.69 -29.79 -79.40
CA ASP H 708 95.42 -29.23 -78.28
C ASP H 708 96.79 -28.80 -78.78
N LEU H 709 97.66 -28.41 -77.87
CA LEU H 709 98.99 -27.94 -78.22
C LEU H 709 100.03 -29.04 -78.20
N TYR H 710 99.62 -30.30 -77.99
CA TYR H 710 100.52 -31.44 -78.00
C TYR H 710 100.41 -32.30 -79.24
N SER H 711 99.40 -32.09 -80.07
CA SER H 711 99.22 -32.84 -81.30
C SER H 711 99.21 -31.90 -82.49
N TYR H 712 99.74 -32.38 -83.61
CA TYR H 712 99.91 -31.59 -84.83
C TYR H 712 99.36 -32.43 -85.97
N GLY H 713 98.21 -32.00 -86.51
CA GLY H 713 97.44 -32.79 -87.44
C GLY H 713 97.23 -32.11 -88.77
N PHE H 714 96.70 -32.90 -89.71
CA PHE H 714 96.47 -32.45 -91.08
C PHE H 714 95.26 -33.20 -91.61
N ASP H 715 94.33 -32.48 -92.22
CA ASP H 715 93.06 -33.06 -92.67
C ASP H 715 92.84 -32.87 -94.16
N GLY H 716 93.88 -32.53 -94.91
CA GLY H 716 93.80 -32.38 -96.35
C GLY H 716 93.66 -30.95 -96.81
N LEU H 717 93.14 -30.07 -95.97
CA LEU H 717 92.99 -28.65 -96.29
C LEU H 717 93.70 -27.74 -95.31
N HIS H 718 93.63 -28.04 -94.01
CA HIS H 718 94.15 -27.16 -92.99
C HIS H 718 95.20 -27.87 -92.15
N LEU H 719 96.06 -27.07 -91.53
CA LEU H 719 96.96 -27.54 -90.50
C LEU H 719 96.37 -27.19 -89.14
N TRP H 720 96.30 -28.19 -88.25
CA TRP H 720 95.59 -28.06 -86.99
C TRP H 720 96.58 -28.11 -85.83
N SER H 721 96.44 -27.16 -84.91
CA SER H 721 97.19 -27.18 -83.66
C SER H 721 96.59 -26.17 -82.70
N GLY H 722 96.32 -26.59 -81.48
CA GLY H 722 95.61 -25.72 -80.55
C GLY H 722 94.14 -25.60 -80.82
N ARG H 723 93.59 -26.42 -81.71
CA ARG H 723 92.19 -26.38 -82.12
C ARG H 723 91.89 -25.17 -82.99
N ILE H 724 92.89 -24.70 -83.73
CA ILE H 724 92.72 -23.57 -84.63
C ILE H 724 93.22 -24.00 -86.00
N PRO H 725 92.38 -24.01 -87.03
CA PRO H 725 92.84 -24.44 -88.36
C PRO H 725 93.51 -23.32 -89.11
N ARG H 726 94.56 -23.68 -89.85
CA ARG H 726 95.26 -22.74 -90.71
C ARG H 726 95.18 -23.27 -92.14
N ALA H 727 94.50 -22.54 -93.01
CA ALA H 727 94.31 -23.00 -94.38
C ALA H 727 95.65 -23.05 -95.10
N VAL H 728 96.02 -24.23 -95.57
CA VAL H 728 97.32 -24.46 -96.21
C VAL H 728 97.09 -24.63 -97.70
N ALA H 729 98.08 -24.18 -98.48
CA ALA H 729 97.99 -24.18 -99.93
C ALA H 729 98.65 -25.41 -100.50
N SER H 730 97.96 -26.09 -101.41
CA SER H 730 98.47 -27.30 -102.04
C SER H 730 97.90 -27.41 -103.44
N ILE H 731 98.57 -28.19 -104.28
CA ILE H 731 98.09 -28.46 -105.62
C ILE H 731 96.96 -29.47 -105.55
N ASN H 732 95.82 -29.15 -106.15
CA ASN H 732 94.62 -29.97 -106.03
C ASN H 732 94.17 -30.08 -104.58
N LEU H 733 93.96 -28.92 -103.95
CA LEU H 733 93.50 -28.91 -102.57
C LEU H 733 92.13 -29.57 -102.45
N HIS H 734 91.98 -30.42 -101.45
CA HIS H 734 90.70 -31.06 -101.18
C HIS H 734 90.80 -31.82 -99.87
N LEU H 735 89.66 -32.00 -99.23
CA LEU H 735 89.59 -32.79 -98.02
C LEU H 735 90.05 -34.22 -98.32
N LEU H 736 90.62 -34.88 -97.31
CA LEU H 736 91.09 -36.24 -97.49
C LEU H 736 89.94 -37.14 -97.92
N ARG H 737 90.16 -37.91 -98.99
CA ARG H 737 89.15 -38.81 -99.51
C ARG H 737 89.75 -40.16 -99.83
N SER H 738 88.98 -41.02 -100.50
CA SER H 738 89.46 -42.36 -100.81
C SER H 738 90.65 -42.30 -101.75
N ASP H 739 91.54 -43.28 -101.61
CA ASP H 739 92.73 -43.38 -102.46
C ASP H 739 93.64 -42.15 -102.32
N ASP H 740 93.81 -41.70 -101.08
CA ASP H 740 94.74 -40.62 -100.75
C ASP H 740 95.88 -41.19 -99.92
N VAL H 741 97.10 -40.77 -100.25
CA VAL H 741 98.29 -41.20 -99.53
C VAL H 741 98.89 -39.97 -98.86
N VAL H 742 98.93 -39.99 -97.53
CA VAL H 742 99.41 -38.86 -96.73
C VAL H 742 100.74 -39.27 -96.12
N SER H 743 101.80 -38.55 -96.46
CA SER H 743 103.13 -38.82 -95.94
C SER H 743 103.45 -37.78 -94.88
N CYS H 744 103.85 -38.25 -93.70
CA CYS H 744 104.16 -37.39 -92.57
C CYS H 744 105.63 -37.51 -92.21
N CYS H 745 106.30 -36.37 -92.08
CA CYS H 745 107.73 -36.31 -91.79
C CYS H 745 107.94 -35.49 -90.52
N LEU H 746 108.74 -36.04 -89.60
CA LEU H 746 109.07 -35.39 -88.36
C LEU H 746 110.58 -35.23 -88.26
N ASP H 747 111.02 -34.12 -87.68
CA ASP H 747 112.45 -33.85 -87.51
C ASP H 747 112.64 -33.19 -86.15
N LEU H 748 112.99 -34.00 -85.14
CA LEU H 748 113.18 -33.46 -83.81
C LEU H 748 114.39 -32.53 -83.72
N GLY H 749 115.23 -32.49 -84.75
CA GLY H 749 116.39 -31.62 -84.70
C GLY H 749 116.03 -30.15 -84.72
N VAL H 750 115.03 -29.77 -85.52
CA VAL H 750 114.69 -28.36 -85.69
C VAL H 750 113.96 -27.83 -84.47
N PRO H 751 112.83 -28.41 -84.04
CA PRO H 751 112.04 -29.50 -84.64
C PRO H 751 111.06 -29.01 -85.69
N SER H 752 110.59 -29.88 -86.57
CA SER H 752 109.67 -29.47 -87.61
C SER H 752 108.85 -30.67 -88.07
N ILE H 753 107.57 -30.44 -88.29
CA ILE H 753 106.64 -31.46 -88.78
C ILE H 753 106.09 -30.97 -90.11
N SER H 754 106.21 -31.81 -91.15
CA SER H 754 105.76 -31.46 -92.48
C SER H 754 105.00 -32.63 -93.08
N PHE H 755 104.21 -32.33 -94.11
CA PHE H 755 103.33 -33.29 -94.73
C PHE H 755 103.49 -33.28 -96.24
N ARG H 756 102.94 -34.32 -96.86
CA ARG H 756 102.84 -34.43 -98.31
C ARG H 756 101.57 -35.19 -98.63
N ILE H 757 100.87 -34.77 -99.68
CA ILE H 757 99.61 -35.38 -100.08
C ILE H 757 99.80 -35.93 -101.49
N ASN H 758 99.65 -37.25 -101.64
CA ASN H 758 99.79 -37.91 -102.94
C ASN H 758 101.16 -37.65 -103.57
N GLY H 759 102.18 -37.50 -102.74
CA GLY H 759 103.50 -37.20 -103.24
C GLY H 759 103.77 -35.75 -103.54
N GLN H 760 102.76 -34.88 -103.39
CA GLN H 760 102.92 -33.46 -103.61
C GLN H 760 103.12 -32.74 -102.29
N PRO H 761 104.06 -31.82 -102.18
CA PRO H 761 104.29 -31.14 -100.91
C PRO H 761 103.12 -30.24 -100.52
N VAL H 762 102.95 -30.07 -99.22
CA VAL H 762 101.97 -29.15 -98.66
C VAL H 762 102.71 -27.91 -98.19
N GLN H 763 102.23 -26.74 -98.60
CA GLN H 763 102.94 -25.48 -98.37
C GLN H 763 102.65 -25.00 -96.95
N GLY H 764 103.35 -25.62 -96.00
CA GLY H 764 103.23 -25.26 -94.61
C GLY H 764 103.79 -26.34 -93.72
N MET H 765 104.09 -25.96 -92.48
CA MET H 765 104.64 -26.92 -91.53
C MET H 765 104.51 -26.37 -90.12
N PHE H 766 104.70 -27.25 -89.15
CA PHE H 766 104.77 -26.87 -87.74
C PHE H 766 106.22 -26.83 -87.30
N GLU H 767 106.54 -25.91 -86.40
CA GLU H 767 107.90 -25.80 -85.89
C GLU H 767 107.89 -25.20 -84.50
N ASN H 768 109.05 -25.25 -83.86
CA ASN H 768 109.29 -24.61 -82.57
C ASN H 768 108.30 -25.07 -81.51
N PHE H 769 107.98 -26.35 -81.52
CA PHE H 769 107.16 -26.93 -80.46
C PHE H 769 108.05 -27.63 -79.45
N ASN H 770 107.45 -27.94 -78.29
CA ASN H 770 108.20 -28.60 -77.24
C ASN H 770 108.55 -30.01 -77.65
N THR H 771 109.83 -30.36 -77.54
CA THR H 771 110.31 -31.68 -77.90
C THR H 771 110.42 -32.62 -76.71
N ASP H 772 109.92 -32.21 -75.55
CA ASP H 772 109.86 -33.11 -74.40
C ASP H 772 108.79 -34.17 -74.63
N GLY H 773 108.98 -35.31 -73.98
CA GLY H 773 108.07 -36.42 -74.16
C GLY H 773 108.38 -37.20 -75.42
N LEU H 774 107.54 -38.20 -75.67
CA LEU H 774 107.74 -39.13 -76.78
C LEU H 774 106.72 -38.83 -77.87
N PHE H 775 107.19 -38.76 -79.10
CA PHE H 775 106.35 -38.45 -80.26
C PHE H 775 105.93 -39.74 -80.94
N PHE H 776 104.64 -39.86 -81.22
CA PHE H 776 104.13 -41.02 -81.93
C PHE H 776 103.21 -40.59 -83.06
N PRO H 777 103.15 -41.37 -84.13
CA PRO H 777 102.16 -41.12 -85.17
C PRO H 777 100.76 -41.37 -84.65
N VAL H 778 99.79 -40.62 -85.18
CA VAL H 778 98.43 -40.72 -84.68
C VAL H 778 97.47 -40.39 -85.81
N VAL H 779 96.31 -41.04 -85.78
CA VAL H 779 95.20 -40.73 -86.67
C VAL H 779 93.94 -40.61 -85.83
N SER H 780 93.23 -39.49 -85.97
CA SER H 780 91.95 -39.29 -85.32
C SER H 780 90.85 -39.37 -86.37
N PHE H 781 89.76 -40.05 -86.03
CA PHE H 781 88.71 -40.31 -86.99
C PHE H 781 87.38 -40.47 -86.28
N SER H 782 86.31 -40.28 -87.03
CA SER H 782 84.97 -40.63 -86.59
C SER H 782 84.47 -41.80 -87.45
N ALA H 783 83.27 -42.27 -87.14
CA ALA H 783 82.74 -43.46 -87.81
C ALA H 783 82.60 -43.22 -89.31
N GLY H 784 83.00 -44.21 -90.09
CA GLY H 784 82.82 -44.16 -91.53
C GLY H 784 84.11 -44.05 -92.32
N VAL H 785 85.21 -44.61 -91.81
CA VAL H 785 86.50 -44.53 -92.46
C VAL H 785 87.20 -45.87 -92.42
N LYS H 786 88.11 -46.06 -93.39
CA LYS H 786 89.07 -47.15 -93.40
C LYS H 786 90.42 -46.59 -93.80
N VAL H 787 91.45 -46.87 -93.01
CA VAL H 787 92.78 -46.35 -93.26
C VAL H 787 93.79 -47.46 -93.04
N ARG H 788 95.01 -47.24 -93.56
CA ARG H 788 96.10 -48.20 -93.42
C ARG H 788 97.39 -47.46 -93.11
N PHE H 789 97.97 -47.75 -91.96
CA PHE H 789 99.30 -47.27 -91.64
C PHE H 789 100.33 -48.04 -92.44
N LEU H 790 101.26 -47.29 -93.05
CA LEU H 790 102.44 -47.85 -93.70
C LEU H 790 103.66 -47.29 -93.00
N THR H 791 104.46 -48.17 -92.41
CA THR H 791 105.62 -47.78 -91.63
C THR H 791 106.91 -48.42 -92.15
N GLY H 792 106.90 -48.92 -93.38
CA GLY H 792 108.11 -49.43 -94.00
C GLY H 792 108.39 -50.88 -93.65
N GLY H 793 109.34 -51.45 -94.39
CA GLY H 793 109.76 -52.81 -94.12
C GLY H 793 108.63 -53.80 -94.35
N ARG H 794 108.44 -54.69 -93.39
CA ARG H 794 107.37 -55.67 -93.45
C ARG H 794 106.07 -55.18 -92.84
N HIS H 795 106.08 -54.03 -92.17
CA HIS H 795 104.89 -53.47 -91.53
C HIS H 795 104.22 -52.41 -92.39
N GLY H 796 104.36 -52.52 -93.71
CA GLY H 796 103.77 -51.54 -94.61
C GLY H 796 104.74 -51.12 -95.69
N GLU H 797 104.28 -51.11 -96.94
CA GLU H 797 105.12 -50.78 -98.08
C GLU H 797 104.87 -49.32 -98.46
N PHE H 798 105.92 -48.52 -98.41
CA PHE H 798 105.80 -47.11 -98.76
C PHE H 798 105.48 -46.96 -100.25
N LYS H 799 104.55 -46.07 -100.55
CA LYS H 799 104.18 -45.78 -101.92
C LYS H 799 104.92 -44.58 -102.49
N PHE H 800 105.72 -43.89 -101.69
CA PHE H 800 106.53 -42.77 -102.16
C PHE H 800 107.87 -42.79 -101.44
N LEU H 801 108.89 -42.32 -102.13
CA LEU H 801 110.23 -42.33 -101.57
C LEU H 801 110.31 -41.38 -100.39
N PRO H 802 110.73 -41.83 -99.22
CA PRO H 802 110.92 -40.89 -98.11
C PRO H 802 111.96 -39.86 -98.45
N PRO H 803 111.81 -38.63 -97.94
CA PRO H 803 112.83 -37.61 -98.18
C PRO H 803 114.18 -38.05 -97.64
N SER H 804 115.24 -37.59 -98.29
CA SER H 804 116.59 -38.05 -97.95
C SER H 804 116.90 -37.76 -96.48
N GLY H 805 117.39 -38.76 -95.78
CA GLY H 805 117.72 -38.65 -94.38
C GLY H 805 116.62 -39.06 -93.43
N TYR H 806 115.39 -39.22 -93.92
CA TYR H 806 114.25 -39.56 -93.08
C TYR H 806 114.11 -41.08 -92.99
N ALA H 807 113.93 -41.56 -91.80
CA ALA H 807 113.87 -43.00 -91.61
C ALA H 807 112.43 -43.47 -91.46
N PRO H 808 112.11 -44.65 -91.98
CA PRO H 808 110.79 -45.23 -91.74
C PRO H 808 110.57 -45.51 -90.26
N CYS H 809 109.31 -45.44 -89.85
CA CYS H 809 108.98 -45.58 -88.43
C CYS H 809 109.24 -46.98 -87.90
N TYR H 810 109.22 -48.01 -88.74
CA TYR H 810 109.39 -49.36 -88.23
C TYR H 810 110.77 -49.58 -87.64
N GLU H 811 111.74 -48.73 -87.97
CA GLU H 811 113.06 -48.81 -87.36
C GLU H 811 113.10 -48.32 -85.93
N ALA H 812 112.02 -47.73 -85.43
CA ALA H 812 111.99 -47.26 -84.06
C ALA H 812 111.63 -48.36 -83.06
N LEU H 813 111.32 -49.56 -83.53
CA LEU H 813 110.97 -50.65 -82.65
C LEU H 813 112.22 -51.41 -82.21
N LEU H 814 112.14 -51.98 -81.01
CA LEU H 814 113.20 -52.84 -80.51
C LEU H 814 113.04 -54.24 -81.13
N PRO H 815 114.12 -55.03 -81.13
CA PRO H 815 114.01 -56.40 -81.66
C PRO H 815 112.98 -57.24 -80.94
N LYS H 816 112.80 -57.02 -79.63
CA LYS H 816 111.79 -57.76 -78.88
C LYS H 816 110.38 -57.26 -79.15
N GLU H 817 110.22 -55.95 -79.35
CA GLU H 817 108.89 -55.38 -79.53
C GLU H 817 108.27 -55.84 -80.84
N LYS H 818 106.97 -56.10 -80.80
CA LYS H 818 106.18 -56.43 -81.98
C LYS H 818 105.16 -55.32 -82.20
N MET H 819 105.04 -54.86 -83.44
CA MET H 819 104.20 -53.71 -83.73
C MET H 819 102.72 -54.06 -83.53
N ARG H 820 101.95 -53.06 -83.09
CA ARG H 820 100.51 -53.20 -82.91
C ARG H 820 99.89 -51.82 -82.98
N LEU H 821 98.58 -51.79 -83.18
CA LEU H 821 97.81 -50.55 -83.18
C LEU H 821 96.96 -50.50 -81.93
N GLU H 822 97.05 -49.41 -81.19
CA GLU H 822 96.37 -49.28 -79.91
C GLU H 822 95.75 -47.91 -79.76
N PRO H 823 94.71 -47.78 -78.95
CA PRO H 823 94.18 -46.45 -78.63
C PRO H 823 95.18 -45.60 -77.86
N VAL H 824 95.10 -44.29 -78.08
CA VAL H 824 96.06 -43.38 -77.46
C VAL H 824 95.89 -43.36 -75.95
N LYS H 825 94.66 -43.20 -75.49
CA LYS H 825 94.35 -43.21 -74.07
C LYS H 825 93.24 -44.22 -73.81
N GLU H 826 93.36 -44.96 -72.71
CA GLU H 826 92.44 -46.06 -72.47
C GLU H 826 92.28 -46.27 -70.98
N TYR H 827 91.04 -46.24 -70.50
CA TYR H 827 90.72 -46.53 -69.11
C TYR H 827 89.78 -47.73 -69.00
N LYS H 828 89.72 -48.55 -70.03
CA LYS H 828 88.76 -49.65 -70.09
C LYS H 828 89.03 -50.44 -71.36
N ARG H 829 88.78 -51.73 -71.30
CA ARG H 829 88.99 -52.61 -72.44
C ARG H 829 87.90 -53.67 -72.45
N ASP H 830 87.13 -53.72 -73.52
CA ASP H 830 86.05 -54.69 -73.66
C ASP H 830 86.50 -55.83 -74.55
N ALA H 831 86.16 -57.06 -74.16
CA ALA H 831 86.49 -58.24 -74.95
C ALA H 831 85.37 -59.25 -74.79
N GLU H 832 84.67 -59.54 -75.89
CA GLU H 832 83.61 -60.55 -75.92
C GLU H 832 82.54 -60.28 -74.86
N GLY H 833 82.27 -59.00 -74.62
CA GLY H 833 81.26 -58.62 -73.65
C GLY H 833 81.71 -58.57 -72.21
N ILE H 834 83.00 -58.73 -71.94
CA ILE H 834 83.56 -58.61 -70.60
C ILE H 834 84.45 -57.39 -70.56
N ARG H 835 84.18 -56.48 -69.63
CA ARG H 835 84.85 -55.18 -69.59
C ARG H 835 85.82 -55.13 -68.43
N ASP H 836 87.09 -54.86 -68.74
CA ASP H 836 88.13 -54.70 -67.74
C ASP H 836 88.39 -53.22 -67.51
N LEU H 837 88.34 -52.81 -66.25
CA LEU H 837 88.68 -51.45 -65.86
C LEU H 837 90.18 -51.36 -65.61
N LEU H 838 90.82 -50.41 -66.27
CA LEU H 838 92.27 -50.31 -66.26
C LEU H 838 92.73 -49.16 -65.38
N GLY H 839 93.89 -49.35 -64.75
CA GLY H 839 94.57 -48.27 -64.07
C GLY H 839 95.32 -47.41 -65.06
N THR H 840 96.41 -46.81 -64.61
CA THR H 840 97.22 -45.93 -65.45
C THR H 840 98.57 -46.56 -65.71
N THR H 841 99.06 -46.40 -66.94
CA THR H 841 100.39 -46.89 -67.29
C THR H 841 101.44 -45.85 -66.92
N GLN H 842 102.47 -46.28 -66.21
CA GLN H 842 103.46 -45.35 -65.68
C GLN H 842 104.19 -44.62 -66.80
N SER H 843 104.62 -45.35 -67.83
CA SER H 843 105.39 -44.76 -68.91
C SER H 843 105.15 -45.56 -70.17
N LEU H 844 105.94 -45.28 -71.21
CA LEU H 844 105.80 -45.95 -72.49
C LEU H 844 107.15 -46.45 -73.00
N SER H 845 107.19 -46.92 -74.24
CA SER H 845 108.44 -47.46 -74.79
C SER H 845 109.41 -46.33 -75.11
N GLN H 846 110.19 -45.92 -74.12
CA GLN H 846 111.11 -44.80 -74.34
C GLN H 846 112.15 -45.14 -75.40
N ALA H 847 112.82 -46.29 -75.27
CA ALA H 847 113.86 -46.73 -76.18
C ALA H 847 115.06 -45.80 -76.18
N SER H 848 115.18 -44.94 -75.16
CA SER H 848 116.27 -43.99 -75.05
C SER H 848 117.30 -44.57 -74.08
N PHE H 849 118.45 -44.98 -74.61
CA PHE H 849 119.45 -45.64 -73.79
C PHE H 849 120.03 -44.67 -72.75
N ILE H 850 120.46 -43.49 -73.19
CA ILE H 850 121.16 -42.48 -72.38
C ILE H 850 122.17 -43.15 -71.44
N PRO H 851 123.28 -43.67 -71.96
CA PRO H 851 124.18 -44.46 -71.13
C PRO H 851 124.80 -43.63 -70.01
N CYS H 852 124.96 -44.25 -68.85
CA CYS H 852 125.57 -43.63 -67.67
C CYS H 852 126.59 -44.58 -67.07
N PRO H 853 127.71 -44.80 -67.76
CA PRO H 853 128.73 -45.70 -67.23
C PRO H 853 129.38 -45.13 -65.97
N ILE H 854 129.99 -46.03 -65.20
CA ILE H 854 130.58 -45.65 -63.92
C ILE H 854 131.71 -44.64 -64.17
N ASP H 855 131.67 -43.55 -63.41
CA ASP H 855 132.63 -42.47 -63.57
C ASP H 855 133.93 -42.84 -62.86
N THR H 856 134.95 -43.23 -63.63
CA THR H 856 136.23 -43.62 -63.10
C THR H 856 137.28 -42.51 -63.20
N SER H 857 136.86 -41.29 -63.54
CA SER H 857 137.80 -40.18 -63.67
C SER H 857 138.51 -39.88 -62.35
N GLN H 858 137.76 -39.91 -61.25
CA GLN H 858 138.33 -39.66 -59.93
C GLN H 858 138.95 -40.91 -59.31
N VAL H 859 138.87 -42.06 -59.98
CA VAL H 859 139.47 -43.29 -59.47
C VAL H 859 140.96 -43.28 -59.81
N VAL H 860 141.79 -43.38 -58.78
CA VAL H 860 143.24 -43.30 -58.93
C VAL H 860 143.81 -44.71 -58.88
N LEU H 861 144.59 -45.07 -59.89
CA LEU H 861 145.20 -46.39 -59.95
C LEU H 861 146.39 -46.45 -59.00
N PRO H 862 146.39 -47.34 -58.01
CA PRO H 862 147.55 -47.48 -57.14
C PRO H 862 148.78 -47.91 -57.93
N PRO H 863 149.95 -47.39 -57.58
CA PRO H 863 151.16 -47.76 -58.35
C PRO H 863 151.47 -49.24 -58.31
N HIS H 864 151.28 -49.89 -57.16
CA HIS H 864 151.64 -51.29 -57.04
C HIS H 864 150.80 -52.20 -57.92
N LEU H 865 149.61 -51.75 -58.32
CA LEU H 865 148.76 -52.51 -59.21
C LEU H 865 149.05 -52.24 -60.68
N GLU H 866 149.94 -51.28 -60.98
CA GLU H 866 150.22 -50.95 -62.37
C GLU H 866 151.03 -52.04 -63.06
N LYS H 867 152.06 -52.56 -62.39
CA LYS H 867 152.93 -53.55 -63.01
C LYS H 867 152.13 -54.76 -63.47
N ILE H 868 151.32 -55.33 -62.59
CA ILE H 868 150.42 -56.42 -62.98
C ILE H 868 149.52 -55.97 -64.12
N ARG H 869 148.99 -54.75 -64.04
CA ARG H 869 148.23 -54.19 -65.14
C ARG H 869 149.06 -54.18 -66.42
N ASP H 870 150.30 -53.74 -66.32
CA ASP H 870 151.19 -53.74 -67.48
C ASP H 870 151.34 -55.14 -68.05
N ARG H 871 151.28 -56.17 -67.20
CA ARG H 871 151.29 -57.54 -67.70
C ARG H 871 149.98 -57.87 -68.40
N LEU H 872 148.84 -57.52 -67.76
CA LEU H 872 147.54 -57.95 -68.28
C LEU H 872 147.31 -57.44 -69.69
N ALA H 873 147.52 -56.14 -69.91
CA ALA H 873 147.38 -55.58 -71.25
C ALA H 873 148.29 -56.30 -72.23
N GLU H 874 149.52 -56.61 -71.81
CA GLU H 874 150.40 -57.39 -72.67
C GLU H 874 149.78 -58.74 -73.00
N ASN H 875 149.25 -59.43 -71.98
CA ASN H 875 148.50 -60.65 -72.23
C ASN H 875 147.31 -60.37 -73.15
N ILE H 876 146.63 -59.24 -72.91
CA ILE H 876 145.54 -58.82 -73.80
C ILE H 876 146.04 -58.72 -75.23
N HIS H 877 147.25 -58.19 -75.41
CA HIS H 877 147.83 -58.10 -76.75
C HIS H 877 147.90 -59.48 -77.41
N GLU H 878 148.33 -60.48 -76.65
CA GLU H 878 148.33 -61.84 -77.17
C GLU H 878 146.93 -62.26 -77.56
N LEU H 879 145.94 -61.97 -76.71
CA LEU H 879 144.56 -62.31 -77.02
C LEU H 879 144.09 -61.66 -78.30
N TRP H 880 144.74 -60.59 -78.74
CA TRP H 880 144.49 -60.07 -80.08
C TRP H 880 145.25 -60.86 -81.13
N GLY H 881 146.59 -60.94 -80.97
CA GLY H 881 147.42 -61.42 -82.06
C GLY H 881 147.09 -62.85 -82.47
N MET H 882 146.98 -63.74 -81.48
CA MET H 882 146.63 -65.13 -81.77
C MET H 882 145.33 -65.22 -82.54
N ASN H 883 144.35 -64.39 -82.18
CA ASN H 883 143.07 -64.42 -82.89
C ASN H 883 143.25 -64.07 -84.35
N LYS H 884 144.14 -63.11 -84.65
CA LYS H 884 144.41 -62.78 -86.04
C LYS H 884 144.94 -63.99 -86.80
N ILE H 885 145.72 -64.85 -86.13
CA ILE H 885 146.15 -66.09 -86.75
C ILE H 885 144.97 -67.04 -86.91
N GLU H 886 144.08 -67.08 -85.91
CA GLU H 886 142.97 -68.02 -85.93
C GLU H 886 141.89 -67.64 -86.94
N LEU H 887 141.81 -66.37 -87.31
CA LEU H 887 140.86 -65.92 -88.32
C LEU H 887 141.44 -65.90 -89.73
N GLY H 888 142.68 -66.36 -89.90
CA GLY H 888 143.33 -66.36 -91.19
C GLY H 888 144.15 -65.13 -91.51
N TRP H 889 144.15 -64.13 -90.64
CA TRP H 889 144.90 -62.91 -90.91
C TRP H 889 146.40 -63.20 -90.94
N THR H 890 147.12 -62.49 -91.81
CA THR H 890 148.56 -62.65 -91.95
C THR H 890 149.24 -61.30 -91.77
N PHE H 891 150.42 -61.32 -91.15
CA PHE H 891 151.16 -60.09 -90.92
C PHE H 891 151.68 -59.52 -92.22
N GLY H 892 151.61 -58.20 -92.35
CA GLY H 892 152.12 -57.51 -93.52
C GLY H 892 152.43 -56.08 -93.19
N LYS H 893 153.17 -55.43 -94.10
CA LYS H 893 153.50 -54.03 -93.91
C LYS H 893 152.26 -53.15 -93.89
N ILE H 894 151.30 -53.45 -94.76
CA ILE H 894 150.06 -52.69 -94.86
C ILE H 894 148.89 -53.64 -94.69
N ARG H 895 147.92 -53.26 -93.85
CA ARG H 895 146.74 -54.08 -93.64
C ARG H 895 145.91 -54.17 -94.92
N ASP H 896 145.40 -55.36 -95.21
CA ASP H 896 144.55 -55.57 -96.38
C ASP H 896 143.44 -56.53 -95.99
N ASP H 897 142.18 -56.11 -96.17
CA ASP H 897 141.06 -56.99 -95.86
C ASP H 897 141.06 -58.23 -96.76
N ASN H 898 141.34 -58.04 -98.05
CA ASN H 898 141.37 -59.18 -98.97
C ASN H 898 142.47 -60.15 -98.62
N LYS H 899 143.64 -59.65 -98.22
CA LYS H 899 144.78 -60.48 -97.90
C LYS H 899 144.87 -60.81 -96.41
N ARG H 900 143.93 -60.34 -95.59
CA ARG H 900 143.96 -60.59 -94.15
C ARG H 900 145.22 -60.05 -93.52
N GLN H 901 145.69 -58.91 -94.01
CA GLN H 901 146.93 -58.31 -93.55
C GLN H 901 146.67 -57.23 -92.52
N HIS H 902 147.64 -57.02 -91.63
CA HIS H 902 147.57 -55.97 -90.63
C HIS H 902 148.96 -55.67 -90.09
N PRO H 903 149.40 -54.42 -90.13
CA PRO H 903 150.74 -54.09 -89.61
C PRO H 903 150.91 -54.35 -88.12
N CYS H 904 149.81 -54.44 -87.37
CA CYS H 904 149.89 -54.61 -85.92
C CYS H 904 150.33 -55.99 -85.49
N LEU H 905 150.43 -56.96 -86.42
CA LEU H 905 150.79 -58.32 -86.06
C LEU H 905 152.26 -58.44 -85.70
N VAL H 906 152.66 -57.85 -84.57
CA VAL H 906 154.04 -57.83 -84.12
C VAL H 906 154.06 -58.00 -82.61
N GLU H 907 155.26 -58.19 -82.07
CA GLU H 907 155.44 -58.32 -80.63
C GLU H 907 154.96 -57.06 -79.93
N PHE H 908 154.69 -57.21 -78.62
CA PHE H 908 154.21 -56.07 -77.84
C PHE H 908 155.25 -54.96 -77.81
N SER H 909 156.52 -55.31 -77.65
CA SER H 909 157.58 -54.30 -77.66
C SER H 909 157.65 -53.61 -79.02
N LYS H 910 157.51 -54.37 -80.10
CA LYS H 910 157.54 -53.81 -81.45
C LYS H 910 156.19 -53.23 -81.87
N LEU H 911 155.17 -53.35 -81.03
CA LEU H 911 153.85 -52.83 -81.37
C LEU H 911 153.91 -51.32 -81.52
N PRO H 912 153.11 -50.74 -82.41
CA PRO H 912 153.10 -49.28 -82.56
C PRO H 912 152.64 -48.59 -81.29
N GLU H 913 153.12 -47.36 -81.11
CA GLU H 913 152.83 -46.60 -79.90
C GLU H 913 151.32 -46.40 -79.72
N THR H 914 150.58 -46.23 -80.81
CA THR H 914 149.14 -46.03 -80.70
C THR H 914 148.45 -47.25 -80.09
N GLU H 915 148.82 -48.45 -80.54
CA GLU H 915 148.21 -49.66 -80.00
C GLU H 915 148.54 -49.84 -78.52
N LYS H 916 149.80 -49.60 -78.14
CA LYS H 916 150.19 -49.73 -76.75
C LYS H 916 149.47 -48.70 -75.88
N ASN H 917 149.33 -47.47 -76.37
CA ASN H 917 148.58 -46.46 -75.64
C ASN H 917 147.13 -46.87 -75.47
N TYR H 918 146.52 -47.41 -76.52
CA TYR H 918 145.13 -47.86 -76.42
C TYR H 918 144.98 -48.97 -75.40
N ASN H 919 145.89 -49.96 -75.42
CA ASN H 919 145.80 -51.06 -74.47
C ASN H 919 146.01 -50.57 -73.04
N LEU H 920 146.99 -49.69 -72.82
CA LEU H 920 147.22 -49.17 -71.48
C LEU H 920 146.03 -48.37 -71.00
N GLN H 921 145.43 -47.55 -71.87
CA GLN H 921 144.26 -46.77 -71.48
C GLN H 921 143.09 -47.67 -71.14
N MET H 922 142.87 -48.73 -71.93
CA MET H 922 141.79 -49.66 -71.63
C MET H 922 142.01 -50.36 -70.29
N SER H 923 143.24 -50.81 -70.03
CA SER H 923 143.52 -51.47 -68.78
C SER H 923 143.36 -50.52 -67.59
N THR H 924 143.79 -49.27 -67.75
CA THR H 924 143.60 -48.28 -66.69
C THR H 924 142.13 -48.01 -66.45
N GLU H 925 141.33 -47.94 -67.53
CA GLU H 925 139.89 -47.77 -67.38
C GLU H 925 139.29 -48.93 -66.61
N THR H 926 139.70 -50.16 -66.93
CA THR H 926 139.18 -51.33 -66.22
C THR H 926 139.58 -51.30 -64.75
N LEU H 927 140.84 -50.94 -64.46
CA LEU H 927 141.28 -50.87 -63.08
C LEU H 927 140.51 -49.82 -62.29
N LYS H 928 140.30 -48.64 -62.90
CA LYS H 928 139.53 -47.59 -62.24
C LYS H 928 138.08 -48.01 -62.04
N THR H 929 137.52 -48.75 -63.00
CA THR H 929 136.17 -49.27 -62.84
C THR H 929 136.10 -50.23 -61.67
N LEU H 930 137.08 -51.12 -61.55
CA LEU H 930 137.11 -52.05 -60.42
C LEU H 930 137.25 -51.32 -59.10
N LEU H 931 138.11 -50.31 -59.04
CA LEU H 931 138.29 -49.56 -57.81
C LEU H 931 137.04 -48.79 -57.42
N ALA H 932 136.35 -48.20 -58.41
CA ALA H 932 135.15 -47.42 -58.11
C ALA H 932 134.03 -48.29 -57.56
N LEU H 933 134.00 -49.57 -57.94
CA LEU H 933 132.97 -50.48 -57.46
C LEU H 933 133.09 -50.79 -55.97
N GLY H 934 134.22 -50.41 -55.35
CA GLY H 934 134.48 -50.77 -53.98
C GLY H 934 135.22 -52.08 -53.80
N CYS H 935 135.41 -52.84 -54.87
CA CYS H 935 136.15 -54.09 -54.78
C CYS H 935 137.59 -53.81 -54.33
N HIS H 936 138.08 -54.62 -53.40
CA HIS H 936 139.42 -54.48 -52.87
C HIS H 936 140.33 -55.52 -53.52
N ILE H 937 141.43 -55.05 -54.11
CA ILE H 937 142.41 -55.92 -54.77
C ILE H 937 143.54 -56.19 -53.81
N ALA H 938 143.84 -57.47 -53.60
CA ALA H 938 144.89 -57.89 -52.69
C ALA H 938 145.84 -58.84 -53.40
N HIS H 939 147.14 -58.55 -53.34
CA HIS H 939 148.16 -59.41 -53.94
C HIS H 939 148.57 -60.43 -52.89
N VAL H 940 147.97 -61.62 -52.96
CA VAL H 940 148.11 -62.64 -51.93
C VAL H 940 148.84 -63.87 -52.41
N ASN H 941 149.21 -63.94 -53.69
CA ASN H 941 149.89 -65.10 -54.26
C ASN H 941 151.15 -64.65 -55.01
N PRO H 942 152.18 -64.23 -54.28
CA PRO H 942 153.46 -63.91 -54.95
C PRO H 942 154.05 -65.10 -55.67
N ALA H 943 153.85 -66.32 -55.16
CA ALA H 943 154.39 -67.51 -55.80
C ALA H 943 153.53 -68.03 -56.95
N ALA H 944 152.33 -67.46 -57.14
CA ALA H 944 151.48 -67.89 -58.25
C ALA H 944 152.03 -67.43 -59.60
N GLU H 945 152.70 -66.27 -59.63
CA GLU H 945 153.25 -65.77 -60.89
C GLU H 945 154.29 -66.72 -61.45
N GLU H 946 155.10 -67.32 -60.57
CA GLU H 946 156.08 -68.30 -61.02
C GLU H 946 155.40 -69.51 -61.65
N ASP H 947 154.31 -69.99 -61.06
CA ASP H 947 153.63 -71.17 -61.58
C ASP H 947 153.03 -70.90 -62.96
N LEU H 948 152.50 -69.71 -63.18
CA LEU H 948 151.82 -69.40 -64.43
C LEU H 948 152.76 -69.55 -65.61
N LYS H 949 152.26 -70.15 -66.68
CA LYS H 949 153.04 -70.42 -67.88
C LYS H 949 152.25 -70.03 -69.11
N LYS H 950 152.95 -69.81 -70.21
CA LYS H 950 152.32 -69.46 -71.47
C LYS H 950 151.88 -70.73 -72.20
N VAL H 951 151.51 -70.58 -73.47
CA VAL H 951 151.12 -71.71 -74.32
C VAL H 951 152.08 -71.75 -75.51
N LYS H 952 152.65 -72.92 -75.76
CA LYS H 952 153.62 -73.11 -76.85
C LYS H 952 152.87 -73.27 -78.16
N LEU H 953 152.59 -72.15 -78.82
CA LEU H 953 151.89 -72.20 -80.09
C LEU H 953 152.80 -72.74 -81.19
N PRO H 954 152.28 -73.56 -82.09
CA PRO H 954 153.11 -74.09 -83.18
C PRO H 954 153.50 -73.02 -84.17
N LYS H 955 154.42 -73.37 -85.07
CA LYS H 955 154.97 -72.41 -86.01
C LYS H 955 153.92 -71.85 -86.96
N ASN H 956 152.81 -72.56 -87.17
CA ASN H 956 151.77 -72.06 -88.08
C ASN H 956 151.20 -70.73 -87.61
N TYR H 957 151.21 -70.47 -86.30
CA TYR H 957 150.71 -69.20 -85.79
C TYR H 957 151.64 -68.05 -86.17
N MET H 958 152.94 -68.25 -86.05
CA MET H 958 153.89 -67.16 -86.26
C MET H 958 153.82 -66.65 -87.69
N MET H 959 153.94 -65.33 -87.84
CA MET H 959 153.88 -64.69 -89.14
C MET H 959 155.28 -64.63 -89.75
N SER H 960 155.41 -63.94 -90.89
CA SER H 960 156.70 -63.84 -91.56
C SER H 960 157.70 -63.02 -90.75
N ASN H 961 157.22 -62.08 -89.93
CA ASN H 961 158.13 -61.22 -89.16
C ASN H 961 158.94 -62.02 -88.16
N GLY H 962 158.48 -63.19 -87.74
CA GLY H 962 159.14 -63.95 -86.72
C GLY H 962 158.50 -63.89 -85.35
N TYR H 963 157.35 -63.23 -85.22
CA TYR H 963 156.62 -63.17 -83.97
C TYR H 963 155.57 -64.28 -83.93
N LYS H 964 155.58 -65.06 -82.86
CA LYS H 964 154.59 -66.08 -82.61
C LYS H 964 153.92 -65.81 -81.27
N PRO H 965 152.61 -65.65 -81.21
CA PRO H 965 151.96 -65.33 -79.93
C PRO H 965 152.18 -66.41 -78.89
N ALA H 966 152.29 -65.97 -77.64
CA ALA H 966 152.46 -66.86 -76.49
C ALA H 966 151.45 -66.48 -75.41
N PRO H 967 150.16 -66.69 -75.67
CA PRO H 967 149.15 -66.36 -74.66
C PRO H 967 149.29 -67.23 -73.42
N LEU H 968 148.97 -66.64 -72.28
CA LEU H 968 149.14 -67.34 -71.01
C LEU H 968 148.16 -68.50 -70.91
N ASP H 969 148.65 -69.64 -70.42
CA ASP H 969 147.84 -70.84 -70.25
C ASP H 969 146.90 -70.63 -69.06
N LEU H 970 145.67 -70.23 -69.35
CA LEU H 970 144.69 -69.90 -68.31
C LEU H 970 143.54 -70.90 -68.27
N SER H 971 143.70 -72.05 -68.92
CA SER H 971 142.64 -73.06 -68.93
C SER H 971 142.35 -73.58 -67.53
N ASP H 972 143.40 -73.84 -66.75
CA ASP H 972 143.22 -74.35 -65.39
C ASP H 972 142.57 -73.32 -64.47
N VAL H 973 142.62 -72.03 -64.82
CA VAL H 973 142.08 -70.99 -63.97
C VAL H 973 140.56 -71.14 -63.87
N LYS H 974 140.04 -71.06 -62.65
CA LYS H 974 138.61 -71.14 -62.39
C LYS H 974 138.17 -69.91 -61.62
N LEU H 975 136.92 -69.49 -61.86
CA LEU H 975 136.37 -68.27 -61.30
C LEU H 975 135.22 -68.59 -60.35
N LEU H 976 135.16 -67.84 -59.26
CA LEU H 976 134.10 -68.00 -58.27
C LEU H 976 132.81 -67.36 -58.76
N PRO H 977 131.68 -67.70 -58.15
CA PRO H 977 130.41 -67.02 -58.49
C PRO H 977 130.51 -65.51 -58.30
N PRO H 978 131.10 -65.03 -57.21
CA PRO H 978 131.36 -63.58 -57.11
C PRO H 978 132.25 -63.06 -58.22
N GLN H 979 133.25 -63.85 -58.65
CA GLN H 979 134.08 -63.43 -59.75
C GLN H 979 133.29 -63.40 -61.05
N GLU H 980 132.37 -64.35 -61.24
CA GLU H 980 131.51 -64.31 -62.42
C GLU H 980 130.62 -63.06 -62.40
N VAL H 981 130.09 -62.71 -61.23
CA VAL H 981 129.29 -61.50 -61.11
C VAL H 981 130.13 -60.27 -61.44
N LEU H 982 131.37 -60.23 -60.96
CA LEU H 982 132.27 -59.13 -61.29
C LEU H 982 132.51 -59.05 -62.79
N VAL H 983 132.71 -60.19 -63.44
CA VAL H 983 132.93 -60.21 -64.88
C VAL H 983 131.70 -59.69 -65.61
N ASP H 984 130.51 -60.09 -65.18
CA ASP H 984 129.28 -59.63 -65.82
C ASP H 984 129.11 -58.13 -65.65
N LYS H 985 129.37 -57.61 -64.44
CA LYS H 985 129.26 -56.18 -64.21
C LYS H 985 130.28 -55.41 -65.06
N LEU H 986 131.50 -55.93 -65.17
CA LEU H 986 132.51 -55.28 -66.00
C LEU H 986 132.08 -55.29 -67.47
N ALA H 987 131.49 -56.39 -67.93
CA ALA H 987 130.99 -56.44 -69.30
C ALA H 987 129.90 -55.40 -69.54
N GLU H 988 128.97 -55.27 -68.59
CA GLU H 988 127.92 -54.27 -68.73
C GLU H 988 128.50 -52.86 -68.75
N ASN H 989 129.45 -52.58 -67.87
CA ASN H 989 130.07 -51.26 -67.84
C ASN H 989 130.81 -50.97 -69.14
N ALA H 990 131.53 -51.96 -69.67
CA ALA H 990 132.22 -51.78 -70.95
C ALA H 990 131.23 -51.51 -72.07
N HIS H 991 130.11 -52.24 -72.07
CA HIS H 991 129.09 -51.99 -73.10
C HIS H 991 128.55 -50.58 -72.99
N ASN H 992 128.27 -50.10 -71.78
CA ASN H 992 127.75 -48.75 -71.62
C ASN H 992 128.78 -47.72 -72.05
N VAL H 993 130.06 -47.93 -71.74
CA VAL H 993 131.09 -46.99 -72.13
C VAL H 993 131.22 -46.95 -73.65
N TRP H 994 131.20 -48.12 -74.30
CA TRP H 994 131.27 -48.16 -75.76
C TRP H 994 130.06 -47.50 -76.39
N ALA H 995 128.88 -47.71 -75.83
CA ALA H 995 127.68 -47.07 -76.36
C ALA H 995 127.77 -45.56 -76.23
N LYS H 996 128.25 -45.07 -75.09
CA LYS H 996 128.42 -43.63 -74.93
C LYS H 996 129.42 -43.08 -75.94
N ASP H 997 130.52 -43.81 -76.15
CA ASP H 997 131.50 -43.37 -77.14
C ASP H 997 130.89 -43.32 -78.54
N ARG H 998 130.11 -44.33 -78.90
CA ARG H 998 129.47 -44.34 -80.21
C ARG H 998 128.48 -43.18 -80.34
N ILE H 999 127.71 -42.91 -79.29
CA ILE H 999 126.76 -41.81 -79.32
C ILE H 999 127.48 -40.49 -79.51
N LYS H 1000 128.58 -40.28 -78.78
CA LYS H 1000 129.37 -39.07 -78.98
C LYS H 1000 129.94 -39.00 -80.38
N GLN H 1001 130.22 -40.14 -81.00
CA GLN H 1001 130.70 -40.18 -82.37
C GLN H 1001 129.63 -39.81 -83.39
N GLY H 1002 128.38 -39.71 -82.98
CA GLY H 1002 127.28 -39.45 -83.89
C GLY H 1002 126.48 -40.67 -84.27
N TRP H 1003 126.85 -41.85 -83.78
CA TRP H 1003 126.12 -43.06 -84.09
C TRP H 1003 124.73 -43.04 -83.45
N THR H 1004 123.83 -43.84 -84.01
CA THR H 1004 122.47 -43.93 -83.51
C THR H 1004 121.99 -45.37 -83.67
N TYR H 1005 121.05 -45.76 -82.81
CA TYR H 1005 120.52 -47.11 -82.84
C TYR H 1005 119.72 -47.35 -84.11
N GLY H 1006 119.93 -48.52 -84.72
CA GLY H 1006 119.20 -48.91 -85.90
C GLY H 1006 118.66 -50.32 -85.77
N ILE H 1007 117.80 -50.69 -86.71
CA ILE H 1007 117.17 -52.00 -86.73
C ILE H 1007 117.87 -52.85 -87.79
N GLN H 1008 118.73 -53.76 -87.32
CA GLN H 1008 119.36 -54.77 -88.17
C GLN H 1008 120.13 -54.15 -89.33
N GLN H 1009 120.56 -52.89 -89.18
CA GLN H 1009 121.33 -52.20 -90.20
C GLN H 1009 122.52 -51.52 -89.55
N ASP H 1010 123.68 -51.64 -90.18
CA ASP H 1010 124.90 -50.99 -89.73
C ASP H 1010 125.45 -50.08 -90.83
N LEU H 1011 124.56 -49.33 -91.47
CA LEU H 1011 124.99 -48.41 -92.52
C LEU H 1011 125.93 -47.36 -91.93
N LYS H 1012 126.95 -47.01 -92.69
CA LYS H 1012 127.98 -46.12 -92.17
C LYS H 1012 127.50 -44.68 -92.01
N ASN H 1013 126.21 -44.37 -92.22
CA ASN H 1013 125.70 -43.05 -91.90
C ASN H 1013 125.35 -42.98 -90.42
N LYS H 1014 126.30 -43.36 -89.57
CA LYS H 1014 126.13 -43.32 -88.12
C LYS H 1014 124.88 -44.08 -87.68
N ARG H 1015 124.68 -45.26 -88.25
CA ARG H 1015 123.56 -46.12 -87.89
C ARG H 1015 124.12 -47.47 -87.42
N ASN H 1016 124.03 -47.71 -86.12
CA ASN H 1016 124.52 -48.94 -85.51
C ASN H 1016 123.37 -49.61 -84.76
N PRO H 1017 123.09 -50.88 -85.03
CA PRO H 1017 121.95 -51.55 -84.38
C PRO H 1017 122.26 -52.12 -83.00
N ARG H 1018 123.37 -51.73 -82.37
CA ARG H 1018 123.74 -52.28 -81.08
C ARG H 1018 123.73 -51.26 -79.95
N LEU H 1019 123.43 -49.99 -80.23
CA LEU H 1019 123.40 -48.96 -79.21
C LEU H 1019 122.06 -49.03 -78.45
N VAL H 1020 121.98 -50.04 -77.60
CA VAL H 1020 120.75 -50.33 -76.86
C VAL H 1020 121.10 -50.57 -75.40
N PRO H 1021 120.12 -50.80 -74.52
CA PRO H 1021 120.44 -51.21 -73.15
C PRO H 1021 121.10 -52.58 -73.14
N TYR H 1022 121.86 -52.84 -72.09
CA TYR H 1022 122.59 -54.10 -72.00
C TYR H 1022 121.64 -55.30 -72.00
N ALA H 1023 120.49 -55.15 -71.34
CA ALA H 1023 119.53 -56.25 -71.27
C ALA H 1023 119.04 -56.66 -72.64
N LEU H 1024 118.75 -55.68 -73.50
CA LEU H 1024 118.27 -55.97 -74.85
C LEU H 1024 119.39 -56.36 -75.81
N LEU H 1025 120.65 -56.26 -75.37
CA LEU H 1025 121.77 -56.60 -76.25
C LEU H 1025 121.75 -58.08 -76.61
N ASP H 1026 122.29 -58.39 -77.79
CA ASP H 1026 122.35 -59.78 -78.24
C ASP H 1026 123.28 -60.58 -77.34
N GLU H 1027 122.90 -61.83 -77.08
CA GLU H 1027 123.72 -62.69 -76.25
C GLU H 1027 125.09 -62.94 -76.88
N ARG H 1028 125.12 -63.15 -78.19
CA ARG H 1028 126.39 -63.31 -78.89
C ARG H 1028 127.24 -62.04 -78.77
N THR H 1029 126.61 -60.88 -78.92
CA THR H 1029 127.32 -59.62 -78.77
C THR H 1029 127.85 -59.46 -77.35
N LYS H 1030 127.05 -59.86 -76.36
CA LYS H 1030 127.52 -59.86 -74.97
C LYS H 1030 128.78 -60.71 -74.84
N LYS H 1031 128.72 -61.96 -75.30
CA LYS H 1031 129.84 -62.88 -75.16
C LYS H 1031 131.08 -62.36 -75.89
N SER H 1032 130.89 -61.62 -76.99
CA SER H 1032 132.02 -61.13 -77.77
C SER H 1032 133.04 -60.39 -76.91
N ASN H 1033 132.56 -59.55 -75.99
CA ASN H 1033 133.45 -58.85 -75.07
C ASN H 1033 133.54 -59.53 -73.70
N ARG H 1034 132.53 -60.31 -73.32
CA ARG H 1034 132.59 -61.02 -72.05
C ARG H 1034 133.71 -62.06 -72.04
N ASP H 1035 134.01 -62.67 -73.19
CA ASP H 1035 135.12 -63.62 -73.26
C ASP H 1035 136.44 -62.92 -72.95
N SER H 1036 136.66 -61.74 -73.54
CA SER H 1036 137.88 -61.01 -73.26
C SER H 1036 137.93 -60.55 -71.80
N LEU H 1037 136.80 -60.10 -71.26
CA LEU H 1037 136.78 -59.68 -69.87
C LEU H 1037 137.07 -60.84 -68.92
N ARG H 1038 136.52 -62.02 -69.22
CA ARG H 1038 136.80 -63.19 -68.41
C ARG H 1038 138.24 -63.65 -68.55
N GLU H 1039 138.82 -63.51 -69.75
CA GLU H 1039 140.24 -63.79 -69.92
C GLU H 1039 141.08 -62.87 -69.04
N ALA H 1040 140.74 -61.58 -69.02
CA ALA H 1040 141.45 -60.63 -68.16
C ALA H 1040 141.28 -60.99 -66.69
N VAL H 1041 140.07 -61.39 -66.29
CA VAL H 1041 139.82 -61.75 -64.89
C VAL H 1041 140.64 -62.97 -64.51
N ARG H 1042 140.69 -63.98 -65.39
CA ARG H 1042 141.47 -65.17 -65.10
C ARG H 1042 142.96 -64.85 -65.06
N THR H 1043 143.43 -63.96 -65.93
CA THR H 1043 144.82 -63.52 -65.86
C THR H 1043 145.11 -62.85 -64.53
N PHE H 1044 144.22 -61.97 -64.07
CA PHE H 1044 144.42 -61.32 -62.79
C PHE H 1044 144.44 -62.32 -61.65
N VAL H 1045 143.52 -63.30 -61.68
CA VAL H 1045 143.47 -64.30 -60.61
C VAL H 1045 144.73 -65.15 -60.61
N GLY H 1046 145.27 -65.45 -61.80
CA GLY H 1046 146.48 -66.26 -61.87
C GLY H 1046 147.67 -65.58 -61.22
N TYR H 1047 147.83 -64.28 -61.46
CA TYR H 1047 148.95 -63.55 -60.87
C TYR H 1047 148.83 -63.39 -59.36
N GLY H 1048 147.66 -63.65 -58.78
CA GLY H 1048 147.48 -63.57 -57.35
C GLY H 1048 146.78 -62.33 -56.84
N TYR H 1049 146.27 -61.47 -57.73
CA TYR H 1049 145.53 -60.28 -57.31
C TYR H 1049 144.06 -60.66 -57.17
N ASN H 1050 143.67 -61.05 -55.97
CA ASN H 1050 142.30 -61.45 -55.69
C ASN H 1050 141.43 -60.22 -55.44
N ILE H 1051 140.21 -60.28 -55.93
CA ILE H 1051 139.27 -59.16 -55.86
C ILE H 1051 138.17 -59.51 -54.86
N GLU H 1052 137.90 -58.60 -53.94
CA GLU H 1052 136.84 -58.76 -52.95
C GLU H 1052 135.85 -57.61 -53.07
N PRO H 1053 134.77 -57.77 -53.81
CA PRO H 1053 133.72 -56.73 -53.84
C PRO H 1053 132.96 -56.66 -52.52
N SER H 1054 132.40 -55.49 -52.25
CA SER H 1054 131.61 -55.27 -51.06
C SER H 1054 130.13 -55.54 -51.34
N ASP H 1055 129.41 -55.93 -50.30
CA ASP H 1055 128.00 -56.25 -50.44
C ASP H 1055 127.20 -55.01 -50.83
N GLN H 1056 126.21 -55.20 -51.69
CA GLN H 1056 125.39 -54.09 -52.18
C GLN H 1056 124.25 -53.73 -51.23
N GLU H 1057 124.03 -54.50 -50.17
CA GLU H 1057 122.97 -54.19 -49.23
C GLU H 1057 123.22 -52.92 -48.44
N LEU H 1058 124.46 -52.42 -48.43
CA LEU H 1058 124.78 -51.19 -47.72
C LEU H 1058 124.11 -49.97 -48.33
N ALA H 1059 123.65 -50.06 -49.58
CA ALA H 1059 123.00 -48.92 -50.22
C ALA H 1059 121.71 -48.54 -49.49
N ASP H 1060 120.93 -49.53 -49.08
CA ASP H 1060 119.66 -49.30 -48.40
C ASP H 1060 118.72 -48.50 -49.31
N PRO H 1061 118.22 -49.11 -50.39
CA PRO H 1061 117.36 -48.36 -51.32
C PRO H 1061 116.00 -48.01 -50.74
N ALA H 1062 115.17 -47.36 -51.54
CA ALA H 1062 113.83 -46.97 -51.11
C ALA H 1062 112.93 -46.92 -52.34
N VAL H 1063 111.65 -46.61 -52.12
CA VAL H 1063 110.65 -46.56 -53.18
C VAL H 1063 109.89 -45.25 -53.08
N GLU H 1064 109.31 -44.84 -54.20
CA GLU H 1064 108.55 -43.60 -54.28
C GLU H 1064 107.06 -43.87 -54.06
N LYS H 1065 106.31 -42.78 -53.93
CA LYS H 1065 104.87 -42.83 -53.69
C LYS H 1065 104.13 -42.31 -54.91
N VAL H 1066 103.17 -43.09 -55.39
CA VAL H 1066 102.38 -42.69 -56.55
C VAL H 1066 101.40 -41.61 -56.15
N SER H 1067 101.36 -40.53 -56.92
CA SER H 1067 100.47 -39.42 -56.62
C SER H 1067 99.02 -39.85 -56.73
N ILE H 1068 98.16 -39.20 -55.95
CA ILE H 1068 96.73 -39.53 -55.99
C ILE H 1068 96.11 -39.11 -57.31
N ASP H 1069 96.78 -38.25 -58.08
CA ASP H 1069 96.28 -37.88 -59.40
C ASP H 1069 96.45 -39.00 -60.42
N LYS H 1070 97.33 -39.96 -60.16
CA LYS H 1070 97.62 -41.04 -61.09
C LYS H 1070 96.86 -42.32 -60.77
N ILE H 1071 96.00 -42.31 -59.75
CA ILE H 1071 95.19 -43.46 -59.38
C ILE H 1071 93.78 -43.21 -59.91
N ARG H 1072 93.19 -44.23 -60.55
CA ARG H 1072 91.93 -44.05 -61.24
C ARG H 1072 90.78 -44.62 -60.42
N PHE H 1073 89.79 -43.78 -60.14
CA PHE H 1073 88.61 -44.17 -59.37
C PHE H 1073 87.49 -44.48 -60.32
N PHE H 1074 86.83 -45.61 -60.13
CA PHE H 1074 85.62 -45.99 -60.84
C PHE H 1074 84.49 -46.10 -59.83
N ARG H 1075 83.28 -45.78 -60.28
CA ARG H 1075 82.22 -45.53 -59.33
C ARG H 1075 80.88 -45.69 -60.02
N VAL H 1076 79.88 -46.11 -59.28
CA VAL H 1076 78.53 -46.07 -59.81
C VAL H 1076 77.92 -44.70 -59.51
N GLU H 1077 77.04 -44.25 -60.40
CA GLU H 1077 76.49 -42.90 -60.34
C GLU H 1077 75.73 -42.67 -59.04
N TRP H 1078 75.74 -41.42 -58.57
CA TRP H 1078 75.14 -41.11 -57.27
C TRP H 1078 73.64 -41.38 -57.24
N SER H 1079 72.97 -41.27 -58.37
CA SER H 1079 71.53 -41.46 -58.35
C SER H 1079 71.12 -42.90 -58.09
N TYR H 1080 72.07 -43.84 -58.14
CA TYR H 1080 71.81 -45.24 -57.84
C TYR H 1080 72.07 -45.58 -56.38
N ALA H 1081 72.34 -44.58 -55.55
CA ALA H 1081 72.66 -44.81 -54.14
C ALA H 1081 71.53 -45.52 -53.44
N VAL H 1082 71.88 -46.47 -52.57
CA VAL H 1082 70.92 -47.28 -51.84
C VAL H 1082 70.89 -46.84 -50.39
N ARG H 1083 69.68 -46.72 -49.84
CA ARG H 1083 69.50 -46.32 -48.45
C ARG H 1083 68.86 -47.40 -47.60
N SER H 1084 68.68 -48.60 -48.13
CA SER H 1084 68.07 -49.68 -47.37
C SER H 1084 68.23 -50.97 -48.16
N GLY H 1085 67.98 -52.09 -47.48
CA GLY H 1085 68.08 -53.38 -48.12
C GLY H 1085 69.46 -53.98 -47.98
N LYS H 1086 69.61 -55.17 -48.55
CA LYS H 1086 70.85 -55.92 -48.50
C LYS H 1086 71.33 -56.16 -49.93
N TRP H 1087 72.53 -55.66 -50.25
CA TRP H 1087 73.01 -55.64 -51.63
C TRP H 1087 74.38 -56.28 -51.72
N TYR H 1088 74.69 -56.82 -52.90
CA TYR H 1088 75.87 -57.62 -53.14
C TYR H 1088 76.44 -57.27 -54.51
N PHE H 1089 77.77 -57.16 -54.60
CA PHE H 1089 78.41 -57.02 -55.90
C PHE H 1089 79.82 -57.58 -55.84
N GLU H 1090 80.36 -57.98 -56.98
CA GLU H 1090 81.66 -58.61 -57.01
C GLU H 1090 82.68 -57.74 -57.73
N PHE H 1091 83.95 -58.00 -57.45
CA PHE H 1091 85.07 -57.27 -58.03
C PHE H 1091 86.19 -58.27 -58.25
N GLU H 1092 86.45 -58.61 -59.50
CA GLU H 1092 87.51 -59.55 -59.83
C GLU H 1092 88.80 -58.82 -60.07
N VAL H 1093 89.88 -59.30 -59.44
CA VAL H 1093 91.18 -58.65 -59.50
C VAL H 1093 92.00 -59.42 -60.53
N VAL H 1094 91.98 -58.94 -61.77
CA VAL H 1094 92.75 -59.59 -62.82
C VAL H 1094 94.24 -59.49 -62.55
N THR H 1095 94.69 -58.33 -62.11
CA THR H 1095 96.09 -58.08 -61.78
C THR H 1095 96.18 -57.81 -60.29
N GLY H 1096 96.65 -58.79 -59.53
CA GLY H 1096 96.84 -58.62 -58.11
C GLY H 1096 97.80 -57.49 -57.81
N GLY H 1097 97.39 -56.55 -56.98
CA GLY H 1097 98.21 -55.37 -56.73
C GLY H 1097 97.45 -54.32 -55.97
N ASP H 1098 97.84 -53.07 -56.19
CA ASP H 1098 97.31 -51.93 -55.45
C ASP H 1098 95.93 -51.56 -55.98
N MET H 1099 94.90 -52.11 -55.35
CA MET H 1099 93.52 -51.81 -55.69
C MET H 1099 92.70 -51.78 -54.42
N ARG H 1100 91.60 -51.03 -54.46
CA ARG H 1100 90.68 -50.95 -53.34
C ARG H 1100 89.26 -51.10 -53.86
N VAL H 1101 88.39 -51.69 -53.04
CA VAL H 1101 87.01 -51.89 -53.47
C VAL H 1101 86.09 -51.77 -52.26
N GLY H 1102 84.93 -51.15 -52.48
CA GLY H 1102 84.00 -50.99 -51.37
C GLY H 1102 82.85 -50.09 -51.73
N TRP H 1103 82.38 -49.34 -50.74
CA TRP H 1103 81.20 -48.50 -50.86
C TRP H 1103 81.57 -47.05 -50.65
N ALA H 1104 80.86 -46.15 -51.31
CA ALA H 1104 81.17 -44.73 -51.28
C ALA H 1104 79.90 -43.90 -51.10
N ARG H 1105 80.00 -42.90 -50.24
CA ARG H 1105 78.93 -41.93 -50.02
C ARG H 1105 78.94 -40.88 -51.14
N PRO H 1106 77.76 -40.36 -51.51
CA PRO H 1106 77.74 -39.19 -52.37
C PRO H 1106 78.48 -38.03 -51.73
N GLY H 1107 79.60 -37.63 -52.33
CA GLY H 1107 80.45 -36.64 -51.73
C GLY H 1107 81.90 -37.06 -51.67
N CYS H 1108 82.15 -38.32 -52.02
CA CYS H 1108 83.52 -38.80 -52.11
C CYS H 1108 84.26 -38.04 -53.20
N ARG H 1109 85.50 -37.64 -52.91
CA ARG H 1109 86.24 -36.84 -53.86
C ARG H 1109 87.31 -37.68 -54.57
N PRO H 1110 87.66 -37.34 -55.81
CA PRO H 1110 88.64 -38.13 -56.55
C PRO H 1110 90.09 -37.82 -56.19
N ASP H 1111 90.36 -36.74 -55.45
CA ASP H 1111 91.71 -36.34 -55.12
C ASP H 1111 92.11 -36.71 -53.70
N ILE H 1112 91.37 -37.61 -53.06
CA ILE H 1112 91.70 -38.12 -51.74
C ILE H 1112 91.66 -39.64 -51.80
N GLU H 1113 92.65 -40.28 -51.18
CA GLU H 1113 92.74 -41.74 -51.24
C GLU H 1113 91.47 -42.38 -50.71
N LEU H 1114 91.04 -43.43 -51.39
CA LEU H 1114 89.77 -44.08 -51.08
C LEU H 1114 89.80 -44.66 -49.68
N GLY H 1115 89.04 -44.08 -48.76
CA GLY H 1115 88.97 -44.55 -47.40
C GLY H 1115 89.78 -43.78 -46.40
N ALA H 1116 90.49 -42.73 -46.82
CA ALA H 1116 91.25 -41.91 -45.89
C ALA H 1116 90.40 -40.85 -45.21
N ASP H 1117 89.10 -40.81 -45.50
CA ASP H 1117 88.17 -39.90 -44.84
C ASP H 1117 86.90 -40.68 -44.54
N ASP H 1118 85.83 -39.95 -44.22
CA ASP H 1118 84.57 -40.58 -43.80
C ASP H 1118 83.60 -40.77 -44.95
N GLN H 1119 84.07 -40.68 -46.20
CA GLN H 1119 83.20 -40.75 -47.36
C GLN H 1119 83.33 -42.06 -48.13
N ALA H 1120 84.06 -43.03 -47.60
CA ALA H 1120 84.21 -44.29 -48.32
C ALA H 1120 84.67 -45.37 -47.35
N PHE H 1121 84.10 -46.56 -47.51
CA PHE H 1121 84.40 -47.74 -46.71
C PHE H 1121 84.97 -48.77 -47.68
N VAL H 1122 86.28 -48.98 -47.66
CA VAL H 1122 86.91 -49.81 -48.67
C VAL H 1122 87.76 -50.90 -48.03
N PHE H 1123 88.10 -51.90 -48.84
CA PHE H 1123 89.02 -52.95 -48.47
C PHE H 1123 90.13 -52.98 -49.50
N GLU H 1124 91.38 -53.00 -49.03
CA GLU H 1124 92.55 -53.12 -49.87
C GLU H 1124 93.18 -54.49 -49.64
N GLY H 1125 93.28 -55.27 -50.70
CA GLY H 1125 93.75 -56.63 -50.56
C GLY H 1125 95.22 -56.86 -50.82
N SER H 1126 95.92 -55.88 -51.39
CA SER H 1126 97.36 -56.03 -51.55
C SER H 1126 98.05 -56.12 -50.20
N ARG H 1127 97.62 -55.31 -49.24
CA ARG H 1127 98.17 -55.31 -47.90
C ARG H 1127 97.21 -55.85 -46.85
N GLY H 1128 96.02 -56.31 -47.25
CA GLY H 1128 95.09 -56.88 -46.31
C GLY H 1128 94.58 -55.92 -45.28
N GLN H 1129 94.18 -54.73 -45.69
CA GLN H 1129 93.71 -53.70 -44.79
C GLN H 1129 92.28 -53.28 -45.15
N ARG H 1130 91.66 -52.57 -44.21
CA ARG H 1130 90.37 -51.96 -44.40
C ARG H 1130 90.48 -50.48 -44.09
N TRP H 1131 89.87 -49.65 -44.92
CA TRP H 1131 90.01 -48.21 -44.86
C TRP H 1131 88.68 -47.56 -44.59
N HIS H 1132 88.57 -46.86 -43.46
CA HIS H 1132 87.52 -45.89 -43.22
C HIS H 1132 88.04 -44.91 -42.18
N GLN H 1133 88.34 -43.69 -42.60
CA GLN H 1133 88.93 -42.70 -41.72
C GLN H 1133 90.26 -43.18 -41.17
N GLY H 1134 90.98 -43.98 -41.93
CA GLY H 1134 92.23 -44.56 -41.51
C GLY H 1134 92.38 -45.95 -42.06
N SER H 1135 93.32 -46.70 -41.50
CA SER H 1135 93.58 -48.06 -41.94
C SER H 1135 93.62 -48.99 -40.75
N GLY H 1136 93.07 -50.18 -40.92
CA GLY H 1136 93.18 -51.23 -39.92
C GLY H 1136 93.34 -52.57 -40.58
N TYR H 1137 94.29 -53.38 -40.13
CA TYR H 1137 94.52 -54.66 -40.76
C TYR H 1137 93.29 -55.55 -40.61
N PHE H 1138 92.94 -56.25 -41.70
CA PHE H 1138 91.70 -56.99 -41.77
C PHE H 1138 91.81 -58.02 -42.87
N GLY H 1139 91.33 -59.23 -42.60
CA GLY H 1139 91.29 -60.24 -43.63
C GLY H 1139 92.67 -60.65 -44.09
N ARG H 1140 92.75 -61.11 -45.33
CA ARG H 1140 93.98 -61.60 -45.91
C ARG H 1140 94.13 -61.06 -47.33
N THR H 1141 95.37 -61.00 -47.79
CA THR H 1141 95.66 -60.43 -49.09
C THR H 1141 95.13 -61.34 -50.20
N TRP H 1142 94.98 -60.74 -51.39
CA TRP H 1142 94.47 -61.45 -52.55
C TRP H 1142 95.61 -61.78 -53.50
N GLN H 1143 95.26 -62.40 -54.61
CA GLN H 1143 96.23 -62.67 -55.68
C GLN H 1143 95.48 -62.64 -57.00
N PRO H 1144 96.19 -62.67 -58.12
CA PRO H 1144 95.53 -62.55 -59.42
C PRO H 1144 94.47 -63.63 -59.63
N GLY H 1145 93.34 -63.21 -60.18
CA GLY H 1145 92.21 -64.10 -60.39
C GLY H 1145 91.28 -64.26 -59.22
N ASP H 1146 91.47 -63.50 -58.15
CA ASP H 1146 90.57 -63.56 -57.02
C ASP H 1146 89.32 -62.72 -57.27
N VAL H 1147 88.27 -63.03 -56.52
CA VAL H 1147 86.99 -62.36 -56.63
C VAL H 1147 86.56 -61.91 -55.25
N VAL H 1148 86.40 -60.61 -55.06
CA VAL H 1148 85.97 -60.03 -53.79
C VAL H 1148 84.48 -59.77 -53.89
N GLY H 1149 83.70 -60.41 -53.01
CA GLY H 1149 82.29 -60.18 -52.92
C GLY H 1149 82.00 -59.22 -51.79
N CYS H 1150 81.48 -58.04 -52.14
CA CYS H 1150 81.18 -56.99 -51.18
C CYS H 1150 79.68 -56.96 -50.94
N MET H 1151 79.30 -57.05 -49.66
CA MET H 1151 77.90 -57.05 -49.26
C MET H 1151 77.67 -55.93 -48.27
N ILE H 1152 76.57 -55.20 -48.46
CA ILE H 1152 76.14 -54.17 -47.52
C ILE H 1152 74.77 -54.56 -47.01
N ASN H 1153 74.59 -54.43 -45.70
CA ASN H 1153 73.32 -54.68 -45.03
C ASN H 1153 72.93 -53.34 -44.42
N LEU H 1154 72.16 -52.56 -45.16
CA LEU H 1154 71.69 -51.27 -44.67
C LEU H 1154 70.53 -51.41 -43.70
N ASP H 1155 69.99 -52.61 -43.54
CA ASP H 1155 68.96 -52.85 -42.55
C ASP H 1155 69.51 -52.66 -41.14
N ASP H 1156 70.71 -53.18 -40.87
CA ASP H 1156 71.31 -53.07 -39.55
C ASP H 1156 72.73 -52.52 -39.60
N ALA H 1157 73.07 -51.77 -40.65
CA ALA H 1157 74.33 -51.01 -40.71
C ALA H 1157 75.54 -51.95 -40.57
N SER H 1158 75.72 -52.80 -41.57
CA SER H 1158 76.83 -53.74 -41.58
C SER H 1158 77.43 -53.81 -42.97
N MET H 1159 78.73 -54.09 -43.04
CA MET H 1159 79.45 -54.25 -44.29
C MET H 1159 80.38 -55.46 -44.18
N ILE H 1160 80.23 -56.39 -45.11
CA ILE H 1160 80.93 -57.68 -45.10
C ILE H 1160 81.67 -57.85 -46.42
N PHE H 1161 82.81 -58.53 -46.35
CA PHE H 1161 83.62 -58.85 -47.52
C PHE H 1161 83.88 -60.34 -47.55
N THR H 1162 84.02 -60.89 -48.76
CA THR H 1162 84.40 -62.27 -48.93
C THR H 1162 85.46 -62.36 -50.02
N LEU H 1163 86.44 -63.21 -49.82
CA LEU H 1163 87.49 -63.46 -50.81
C LEU H 1163 87.36 -64.89 -51.29
N ASN H 1164 86.87 -65.05 -52.52
CA ASN H 1164 86.68 -66.38 -53.11
C ASN H 1164 85.63 -67.19 -52.36
N GLY H 1165 84.52 -66.53 -52.01
CA GLY H 1165 83.42 -67.20 -51.37
C GLY H 1165 83.59 -67.45 -49.90
N GLU H 1166 84.72 -67.03 -49.32
CA GLU H 1166 85.00 -67.23 -47.91
C GLU H 1166 85.06 -65.87 -47.22
N LEU H 1167 84.34 -65.73 -46.12
CA LEU H 1167 84.27 -64.44 -45.45
C LEU H 1167 85.65 -64.02 -44.95
N LEU H 1168 85.89 -62.72 -44.97
CA LEU H 1168 87.09 -62.14 -44.36
C LEU H 1168 86.71 -61.63 -42.97
N ILE H 1169 87.42 -62.12 -41.96
CA ILE H 1169 87.10 -61.82 -40.57
C ILE H 1169 88.19 -60.92 -40.00
N THR H 1170 87.82 -60.10 -39.02
CA THR H 1170 88.77 -59.22 -38.35
C THR H 1170 89.68 -60.04 -37.44
N ASN H 1171 90.58 -59.33 -36.74
CA ASN H 1171 91.46 -59.99 -35.79
C ASN H 1171 90.71 -60.56 -34.60
N LYS H 1172 89.50 -60.08 -34.34
CA LYS H 1172 88.68 -60.55 -33.23
C LYS H 1172 87.70 -61.64 -33.64
N GLY H 1173 87.79 -62.13 -34.87
CA GLY H 1173 86.95 -63.22 -35.32
C GLY H 1173 85.58 -62.85 -35.80
N SER H 1174 85.33 -61.56 -36.07
CA SER H 1174 84.03 -61.10 -36.54
C SER H 1174 84.04 -60.95 -38.05
N GLU H 1175 82.91 -61.28 -38.67
CA GLU H 1175 82.76 -61.17 -40.11
C GLU H 1175 82.44 -59.75 -40.56
N LEU H 1176 82.07 -58.87 -39.64
CA LEU H 1176 81.66 -57.51 -39.99
C LEU H 1176 82.89 -56.65 -40.22
N ALA H 1177 83.21 -56.40 -41.49
CA ALA H 1177 84.30 -55.49 -41.80
C ALA H 1177 83.99 -54.09 -41.29
N PHE H 1178 82.76 -53.63 -41.45
CA PHE H 1178 82.34 -52.35 -40.90
C PHE H 1178 80.97 -52.51 -40.28
N ALA H 1179 80.66 -51.66 -39.30
CA ALA H 1179 79.35 -51.72 -38.69
C ALA H 1179 79.04 -50.39 -38.01
N ASP H 1180 77.76 -50.16 -37.77
CA ASP H 1180 77.27 -48.99 -37.04
C ASP H 1180 77.73 -47.68 -37.70
N TYR H 1181 77.26 -47.48 -38.92
CA TYR H 1181 77.52 -46.26 -39.69
C TYR H 1181 76.21 -45.55 -39.96
N GLU H 1182 76.27 -44.24 -40.14
CA GLU H 1182 75.09 -43.47 -40.45
C GLU H 1182 74.78 -43.56 -41.94
N ILE H 1183 73.53 -43.86 -42.27
CA ILE H 1183 73.17 -44.05 -43.67
C ILE H 1183 73.32 -42.75 -44.46
N GLU H 1184 72.72 -41.67 -43.96
CA GLU H 1184 72.77 -40.36 -44.61
C GLU H 1184 72.21 -40.52 -46.03
N ASN H 1185 72.95 -40.13 -47.07
CA ASN H 1185 72.42 -40.19 -48.44
C ASN H 1185 72.29 -41.63 -48.92
N GLY H 1186 73.34 -42.43 -48.75
CA GLY H 1186 73.36 -43.79 -49.22
C GLY H 1186 74.75 -44.16 -49.67
N PHE H 1187 74.87 -45.31 -50.34
CA PHE H 1187 76.16 -45.82 -50.77
C PHE H 1187 76.06 -46.32 -52.20
N VAL H 1188 77.15 -46.18 -52.94
CA VAL H 1188 77.26 -46.78 -54.28
C VAL H 1188 78.57 -47.53 -54.38
N PRO H 1189 78.66 -48.57 -55.19
CA PRO H 1189 79.94 -49.27 -55.39
C PRO H 1189 81.02 -48.33 -55.91
N ILE H 1190 82.23 -48.50 -55.36
CA ILE H 1190 83.39 -47.74 -55.79
C ILE H 1190 84.59 -48.67 -55.77
N CYS H 1191 85.49 -48.44 -56.71
CA CYS H 1191 86.76 -49.15 -56.78
C CYS H 1191 87.84 -48.15 -57.17
N SER H 1192 89.06 -48.46 -56.79
CA SER H 1192 90.22 -47.64 -57.11
C SER H 1192 91.32 -48.54 -57.63
N LEU H 1193 91.85 -48.20 -58.80
CA LEU H 1193 92.88 -48.98 -59.47
C LEU H 1193 94.15 -48.16 -59.55
N GLY H 1194 95.27 -48.77 -59.22
CA GLY H 1194 96.57 -48.13 -59.25
C GLY H 1194 97.23 -48.27 -60.61
N LEU H 1195 98.55 -48.15 -60.61
CA LEU H 1195 99.30 -48.21 -61.86
C LEU H 1195 99.30 -49.61 -62.42
N SER H 1196 98.93 -49.73 -63.69
CA SER H 1196 98.98 -51.00 -64.42
C SER H 1196 98.06 -52.04 -63.82
N GLN H 1197 97.07 -51.64 -63.05
CA GLN H 1197 96.13 -52.57 -62.42
C GLN H 1197 94.90 -52.74 -63.29
N ILE H 1198 94.29 -53.92 -63.19
CA ILE H 1198 93.10 -54.26 -63.94
C ILE H 1198 92.07 -54.85 -62.99
N GLY H 1199 90.80 -54.64 -63.30
CA GLY H 1199 89.73 -55.14 -62.45
C GLY H 1199 88.46 -55.27 -63.25
N ARG H 1200 87.51 -55.99 -62.66
CA ARG H 1200 86.21 -56.21 -63.28
C ARG H 1200 85.13 -56.11 -62.22
N MET H 1201 84.38 -55.01 -62.23
CA MET H 1201 83.28 -54.82 -61.30
C MET H 1201 82.02 -55.42 -61.89
N ASN H 1202 81.47 -56.43 -61.22
CA ASN H 1202 80.26 -57.11 -61.65
C ASN H 1202 79.14 -56.73 -60.69
N LEU H 1203 78.19 -55.93 -61.16
CA LEU H 1203 77.14 -55.40 -60.31
C LEU H 1203 75.91 -56.30 -60.25
N GLY H 1204 75.90 -57.41 -60.98
CA GLY H 1204 74.79 -58.33 -60.90
C GLY H 1204 73.69 -58.10 -61.89
N MET H 1205 73.98 -57.49 -63.04
CA MET H 1205 72.97 -57.35 -64.09
C MET H 1205 72.50 -58.72 -64.56
N ASP H 1206 73.34 -59.74 -64.42
CA ASP H 1206 72.95 -61.13 -64.65
C ASP H 1206 73.59 -61.94 -63.52
N ALA H 1207 72.78 -62.31 -62.53
CA ALA H 1207 73.31 -62.96 -61.34
C ALA H 1207 73.95 -64.31 -61.65
N SER H 1208 73.63 -64.92 -62.79
CA SER H 1208 74.29 -66.16 -63.15
C SER H 1208 75.72 -65.95 -63.61
N THR H 1209 76.14 -64.69 -63.81
CA THR H 1209 77.54 -64.40 -64.09
C THR H 1209 78.35 -64.26 -62.82
N PHE H 1210 77.70 -64.19 -61.67
CA PHE H 1210 78.41 -64.20 -60.40
C PHE H 1210 79.14 -65.53 -60.22
N LYS H 1211 80.26 -65.50 -59.50
CA LYS H 1211 81.05 -66.69 -59.30
C LYS H 1211 80.89 -67.30 -57.92
N PHE H 1212 80.64 -66.49 -56.89
CA PHE H 1212 80.47 -67.00 -55.54
C PHE H 1212 79.23 -66.42 -54.86
N TYR H 1213 78.26 -65.98 -55.65
CA TYR H 1213 77.02 -65.46 -55.08
C TYR H 1213 76.27 -66.54 -54.32
N THR H 1214 76.19 -67.74 -54.90
CA THR H 1214 75.45 -68.82 -54.27
C THR H 1214 76.18 -69.36 -53.06
N MET H 1215 77.51 -69.41 -53.11
CA MET H 1215 78.28 -69.93 -51.99
C MET H 1215 78.10 -69.08 -50.74
N CYS H 1216 78.16 -67.75 -50.89
CA CYS H 1216 77.96 -66.86 -49.76
C CYS H 1216 77.37 -65.57 -50.30
N GLY H 1217 76.08 -65.35 -50.02
CA GLY H 1217 75.43 -64.13 -50.46
C GLY H 1217 73.99 -64.31 -50.91
N LEU H 1218 73.66 -65.47 -51.49
CA LEU H 1218 72.33 -65.67 -52.02
C LEU H 1218 71.34 -65.99 -50.91
N GLN H 1219 71.61 -67.05 -50.15
CA GLN H 1219 70.71 -67.49 -49.10
C GLN H 1219 70.74 -66.61 -47.86
N GLU H 1220 71.74 -65.74 -47.74
CA GLU H 1220 71.83 -64.84 -46.61
C GLU H 1220 70.98 -63.58 -46.80
N GLY H 1221 70.29 -63.46 -47.93
CA GLY H 1221 69.36 -62.38 -48.15
C GLY H 1221 69.88 -61.23 -48.98
N PHE H 1222 71.06 -61.36 -49.58
CA PHE H 1222 71.65 -60.27 -50.34
C PHE H 1222 71.28 -60.40 -51.81
N GLU H 1223 70.79 -59.32 -52.37
CA GLU H 1223 70.41 -59.30 -53.76
C GLU H 1223 71.46 -58.59 -54.59
N PRO H 1224 71.61 -58.95 -55.87
CA PRO H 1224 72.59 -58.27 -56.70
C PRO H 1224 72.28 -56.79 -56.76
N PHE H 1225 73.32 -55.97 -56.86
CA PHE H 1225 73.11 -54.53 -56.79
C PHE H 1225 72.22 -54.05 -57.93
N ALA H 1226 72.49 -54.53 -59.14
CA ALA H 1226 71.69 -54.16 -60.30
C ALA H 1226 70.62 -55.20 -60.61
N VAL H 1227 69.81 -55.55 -59.63
CA VAL H 1227 68.78 -56.56 -59.81
C VAL H 1227 67.48 -55.88 -60.23
N ASN H 1228 66.76 -56.50 -61.15
CA ASN H 1228 65.51 -55.96 -61.67
C ASN H 1228 65.73 -54.59 -62.32
N MET H 1229 66.84 -54.46 -63.05
CA MET H 1229 67.13 -53.27 -63.83
C MET H 1229 67.17 -53.65 -65.30
N ASN H 1230 66.64 -52.76 -66.15
CA ASN H 1230 66.50 -53.09 -67.56
C ASN H 1230 67.76 -52.77 -68.35
N ARG H 1231 68.38 -51.63 -68.08
CA ARG H 1231 69.55 -51.18 -68.81
C ARG H 1231 70.75 -51.10 -67.88
N ASP H 1232 71.94 -51.02 -68.48
CA ASP H 1232 73.17 -51.02 -67.71
C ASP H 1232 73.22 -49.83 -66.75
N VAL H 1233 74.11 -49.92 -65.78
CA VAL H 1233 74.21 -48.91 -64.73
C VAL H 1233 75.24 -47.87 -65.16
N ALA H 1234 74.83 -46.60 -65.11
CA ALA H 1234 75.75 -45.52 -65.43
C ALA H 1234 76.92 -45.51 -64.46
N MET H 1235 78.13 -45.40 -65.00
CA MET H 1235 79.34 -45.43 -64.18
C MET H 1235 80.19 -44.21 -64.50
N TRP H 1236 80.75 -43.63 -63.45
CA TRP H 1236 81.64 -42.48 -63.54
C TRP H 1236 83.05 -42.90 -63.16
N PHE H 1237 84.02 -42.11 -63.60
CA PHE H 1237 85.42 -42.36 -63.31
C PHE H 1237 86.07 -41.04 -62.99
N SER H 1238 87.30 -41.08 -62.52
CA SER H 1238 88.02 -39.87 -62.15
C SER H 1238 89.12 -39.66 -63.17
N LYS H 1239 89.15 -38.47 -63.77
CA LYS H 1239 90.15 -38.12 -64.75
C LYS H 1239 90.98 -36.94 -64.26
N ARG H 1240 92.24 -36.93 -64.66
CA ARG H 1240 93.18 -35.90 -64.24
C ARG H 1240 93.28 -34.82 -65.32
N LEU H 1241 92.25 -33.98 -65.35
CA LEU H 1241 92.21 -32.82 -66.23
C LEU H 1241 92.06 -31.58 -65.38
N PRO H 1242 93.15 -30.85 -65.09
CA PRO H 1242 93.04 -29.69 -64.22
C PRO H 1242 92.09 -28.65 -64.80
N THR H 1243 91.31 -28.03 -63.91
CA THR H 1243 90.25 -27.11 -64.32
C THR H 1243 90.12 -26.04 -63.27
N PHE H 1244 89.85 -24.81 -63.70
CA PHE H 1244 89.66 -23.71 -62.77
C PHE H 1244 88.24 -23.76 -62.21
N VAL H 1245 88.12 -23.78 -60.89
CA VAL H 1245 86.83 -23.75 -60.22
C VAL H 1245 86.85 -22.61 -59.20
N ASN H 1246 85.67 -22.08 -58.91
CA ASN H 1246 85.57 -20.93 -58.01
C ASN H 1246 86.09 -21.28 -56.62
N VAL H 1247 86.79 -20.33 -56.02
CA VAL H 1247 87.32 -20.53 -54.66
C VAL H 1247 86.12 -20.56 -53.71
N PRO H 1248 85.92 -21.63 -52.97
CA PRO H 1248 84.78 -21.70 -52.04
C PRO H 1248 85.07 -20.89 -50.79
N LYS H 1249 84.01 -20.67 -50.02
CA LYS H 1249 84.17 -20.04 -48.70
C LYS H 1249 84.89 -20.94 -47.72
N ASP H 1250 85.06 -22.23 -48.04
CA ASP H 1250 85.72 -23.19 -47.17
C ASP H 1250 87.05 -23.68 -47.75
N HIS H 1251 87.66 -22.91 -48.65
CA HIS H 1251 88.92 -23.32 -49.25
C HIS H 1251 90.00 -23.38 -48.17
N PRO H 1252 90.77 -24.45 -48.09
CA PRO H 1252 91.73 -24.60 -47.00
C PRO H 1252 93.02 -23.81 -47.16
N HIS H 1253 93.21 -23.09 -48.24
CA HIS H 1253 94.51 -22.46 -48.42
C HIS H 1253 94.45 -20.97 -48.71
N ILE H 1254 93.46 -20.51 -49.48
CA ILE H 1254 93.41 -19.11 -49.88
C ILE H 1254 92.01 -18.56 -49.68
N GLU H 1255 91.93 -17.24 -49.54
CA GLU H 1255 90.67 -16.55 -49.33
C GLU H 1255 90.63 -15.29 -50.19
N VAL H 1256 89.43 -14.95 -50.65
CA VAL H 1256 89.21 -13.83 -51.55
C VAL H 1256 88.23 -12.87 -50.88
N VAL H 1257 88.59 -11.59 -50.86
CA VAL H 1257 87.75 -10.55 -50.27
C VAL H 1257 87.47 -9.50 -51.33
N ARG H 1258 86.19 -9.15 -51.50
CA ARG H 1258 85.82 -8.10 -52.41
C ARG H 1258 85.96 -6.73 -51.74
N ILE H 1259 86.43 -5.75 -52.49
CA ILE H 1259 86.61 -4.39 -52.00
C ILE H 1259 85.89 -3.46 -52.95
N ASP H 1260 84.87 -2.77 -52.46
CA ASP H 1260 84.06 -1.92 -53.31
C ASP H 1260 84.88 -0.74 -53.82
N GLY H 1261 84.47 -0.22 -54.97
CA GLY H 1261 85.18 0.89 -55.58
C GLY H 1261 84.75 2.24 -55.05
N THR H 1262 85.70 2.99 -54.50
CA THR H 1262 85.42 4.32 -53.98
C THR H 1262 85.68 5.35 -55.08
N MET H 1263 85.74 6.63 -54.70
CA MET H 1263 85.99 7.68 -55.69
C MET H 1263 87.36 7.51 -56.34
N ASP H 1264 88.38 7.17 -55.55
CA ASP H 1264 89.74 7.00 -56.05
C ASP H 1264 90.11 5.53 -56.25
N SER H 1265 89.91 4.70 -55.23
CA SER H 1265 90.28 3.29 -55.34
C SER H 1265 89.27 2.55 -56.21
N PRO H 1266 89.72 1.85 -57.24
CA PRO H 1266 88.80 1.07 -58.06
C PRO H 1266 88.39 -0.21 -57.34
N PRO H 1267 87.35 -0.89 -57.79
CA PRO H 1267 86.96 -2.15 -57.15
C PRO H 1267 88.07 -3.18 -57.25
N CYS H 1268 88.23 -3.98 -56.20
CA CYS H 1268 89.37 -4.88 -56.11
C CYS H 1268 88.93 -6.23 -55.57
N LEU H 1269 89.75 -7.23 -55.87
CA LEU H 1269 89.60 -8.59 -55.34
C LEU H 1269 90.92 -8.96 -54.69
N LYS H 1270 90.94 -9.01 -53.36
CA LYS H 1270 92.16 -9.24 -52.60
C LYS H 1270 92.27 -10.71 -52.24
N VAL H 1271 93.37 -11.35 -52.65
CA VAL H 1271 93.63 -12.76 -52.39
C VAL H 1271 94.71 -12.86 -51.33
N THR H 1272 94.42 -13.60 -50.26
CA THR H 1272 95.31 -13.77 -49.12
C THR H 1272 95.41 -15.24 -48.76
N HIS H 1273 96.51 -15.61 -48.12
CA HIS H 1273 96.78 -17.00 -47.76
C HIS H 1273 96.26 -17.28 -46.36
N LYS H 1274 95.39 -18.29 -46.23
CA LYS H 1274 94.76 -18.57 -44.95
C LYS H 1274 95.74 -19.15 -43.94
N THR H 1275 96.55 -20.11 -44.36
CA THR H 1275 97.28 -20.97 -43.43
C THR H 1275 98.77 -20.96 -43.74
N PHE H 1276 99.33 -19.77 -43.91
CA PHE H 1276 100.77 -19.62 -44.12
C PHE H 1276 101.42 -19.06 -42.87
N GLY H 1277 102.60 -19.57 -42.53
CA GLY H 1277 103.28 -19.22 -41.31
C GLY H 1277 102.96 -20.11 -40.13
N THR H 1278 102.05 -21.06 -40.28
CA THR H 1278 101.67 -21.97 -39.21
C THR H 1278 102.29 -23.34 -39.46
N GLN H 1279 101.97 -24.28 -38.58
CA GLN H 1279 102.46 -25.65 -38.73
C GLN H 1279 101.80 -26.37 -39.90
N ASN H 1280 100.72 -25.82 -40.45
CA ASN H 1280 100.01 -26.40 -41.58
C ASN H 1280 100.32 -25.67 -42.89
N SER H 1281 101.44 -24.95 -42.94
CA SER H 1281 101.77 -24.17 -44.14
C SER H 1281 102.03 -25.09 -45.32
N ASN H 1282 101.57 -24.66 -46.50
CA ASN H 1282 101.77 -25.40 -47.75
C ASN H 1282 102.41 -24.46 -48.76
N ALA H 1283 103.73 -24.58 -48.95
CA ALA H 1283 104.45 -23.75 -49.90
C ALA H 1283 104.40 -24.39 -51.29
N SER H 1284 103.20 -24.34 -51.87
CA SER H 1284 102.95 -24.91 -53.19
C SER H 1284 102.33 -23.85 -54.08
N MET H 1285 102.52 -24.01 -55.38
CA MET H 1285 102.06 -23.01 -56.33
C MET H 1285 100.54 -22.87 -56.29
N ILE H 1286 100.06 -21.67 -56.56
CA ILE H 1286 98.64 -21.35 -56.65
C ILE H 1286 98.38 -20.78 -58.03
N TYR H 1287 97.38 -21.33 -58.71
CA TYR H 1287 97.01 -20.94 -60.06
C TYR H 1287 95.63 -20.29 -60.01
N CYS H 1288 95.59 -18.96 -60.08
CA CYS H 1288 94.37 -18.19 -59.96
C CYS H 1288 94.02 -17.56 -61.30
N ARG H 1289 92.73 -17.56 -61.61
CA ARG H 1289 92.20 -16.99 -62.83
C ARG H 1289 90.95 -16.20 -62.50
N LEU H 1290 90.57 -15.30 -63.39
CA LEU H 1290 89.30 -14.59 -63.22
C LEU H 1290 88.20 -15.35 -63.95
N SER H 1291 86.98 -15.27 -63.39
CA SER H 1291 85.90 -16.12 -63.84
C SER H 1291 85.51 -15.87 -65.29
N MET H 1292 85.51 -14.62 -65.73
CA MET H 1292 84.98 -14.29 -67.05
C MET H 1292 86.09 -13.86 -68.00
N PRO H 1293 85.97 -14.18 -69.28
CA PRO H 1293 87.03 -13.85 -70.23
C PRO H 1293 86.90 -12.48 -70.86
N VAL H 1294 87.80 -12.18 -71.78
CA VAL H 1294 87.79 -10.94 -72.56
C VAL H 1294 88.08 -11.34 -73.99
N GLU H 1295 87.04 -11.43 -74.82
CA GLU H 1295 87.18 -11.98 -76.16
C GLU H 1295 87.57 -10.90 -77.17
N CYS H 1296 88.53 -11.23 -78.02
CA CYS H 1296 88.97 -10.33 -79.08
C CYS H 1296 87.97 -10.33 -80.23
N HIS H 1297 88.07 -9.31 -81.07
CA HIS H 1297 87.16 -9.18 -82.20
C HIS H 1297 87.41 -10.27 -83.23
N SER H 1298 86.37 -10.60 -83.98
CA SER H 1298 86.48 -11.67 -84.98
C SER H 1298 87.33 -11.27 -86.17
N SER H 1299 87.49 -9.97 -86.42
CA SER H 1299 88.33 -9.49 -87.50
C SER H 1299 89.18 -8.33 -87.01
N PHE H 1300 90.38 -8.21 -87.54
CA PHE H 1300 91.32 -7.19 -87.15
C PHE H 1300 91.49 -6.17 -88.27
N SER H 1301 91.76 -4.92 -87.88
CA SER H 1301 91.97 -3.84 -88.85
C SER H 1301 93.30 -4.03 -89.58
N THR H 1324 84.06 3.68 -77.85
CA THR H 1324 85.02 4.18 -78.81
C THR H 1324 86.32 3.39 -78.73
N THR H 1325 86.95 3.41 -77.57
CA THR H 1325 88.21 2.71 -77.38
C THR H 1325 88.00 1.20 -77.42
N THR H 1326 88.95 0.49 -78.01
CA THR H 1326 88.91 -0.96 -78.11
C THR H 1326 89.89 -1.65 -77.16
N GLN H 1327 90.50 -0.91 -76.24
CA GLN H 1327 91.51 -1.46 -75.35
C GLN H 1327 90.92 -1.71 -73.97
N CYS H 1328 91.28 -2.85 -73.40
CA CYS H 1328 90.90 -3.23 -72.05
C CYS H 1328 92.14 -3.23 -71.17
N TYR H 1329 91.93 -3.10 -69.86
CA TYR H 1329 93.03 -2.97 -68.92
C TYR H 1329 92.63 -3.58 -67.59
N TYR H 1330 93.61 -4.18 -66.92
CA TYR H 1330 93.45 -4.55 -65.51
C TYR H 1330 94.82 -4.49 -64.86
N ALA H 1331 94.85 -4.53 -63.53
CA ALA H 1331 96.12 -4.44 -62.85
C ALA H 1331 96.16 -5.44 -61.70
N ILE H 1332 97.38 -5.73 -61.25
CA ILE H 1332 97.60 -6.58 -60.09
C ILE H 1332 98.54 -5.84 -59.16
N ARG H 1333 98.21 -5.85 -57.87
CA ARG H 1333 99.06 -5.24 -56.85
C ARG H 1333 99.55 -6.33 -55.92
N ILE H 1334 100.87 -6.50 -55.86
CA ILE H 1334 101.53 -7.50 -55.04
C ILE H 1334 101.99 -6.80 -53.76
N PHE H 1335 101.47 -7.26 -52.63
CA PHE H 1335 101.73 -6.60 -51.36
C PHE H 1335 103.16 -6.86 -50.90
N ALA H 1336 103.64 -5.98 -50.02
CA ALA H 1336 104.94 -6.18 -49.40
C ALA H 1336 104.92 -7.48 -48.60
N GLY H 1337 106.00 -8.25 -48.72
CA GLY H 1337 106.06 -9.58 -48.14
C GLY H 1337 105.85 -10.69 -49.13
N GLN H 1338 105.47 -10.38 -50.37
CA GLN H 1338 105.33 -11.36 -51.44
C GLN H 1338 106.45 -11.11 -52.44
N ASP H 1339 107.33 -12.10 -52.60
CA ASP H 1339 108.48 -11.95 -53.46
C ASP H 1339 108.03 -11.84 -54.91
N PRO H 1340 108.38 -10.75 -55.62
CA PRO H 1340 107.99 -10.65 -57.03
C PRO H 1340 108.62 -11.69 -57.92
N SER H 1341 109.67 -12.37 -57.48
CA SER H 1341 110.29 -13.41 -58.30
C SER H 1341 109.46 -14.68 -58.37
N CYS H 1342 108.48 -14.85 -57.47
CA CYS H 1342 107.62 -16.02 -57.46
C CYS H 1342 106.21 -15.69 -57.92
N VAL H 1343 106.06 -14.69 -58.79
CA VAL H 1343 104.75 -14.24 -59.26
C VAL H 1343 104.81 -14.05 -60.76
N TRP H 1344 103.90 -14.73 -61.47
CA TRP H 1344 103.71 -14.56 -62.91
C TRP H 1344 102.32 -13.99 -63.12
N VAL H 1345 102.22 -12.94 -63.94
CA VAL H 1345 100.96 -12.21 -64.13
C VAL H 1345 100.69 -12.08 -65.61
N GLY H 1346 99.45 -12.35 -66.03
CA GLY H 1346 99.11 -12.19 -67.43
C GLY H 1346 97.74 -12.72 -67.80
N TRP H 1347 97.66 -13.44 -68.92
CA TRP H 1347 96.41 -13.99 -69.44
C TRP H 1347 96.58 -15.46 -69.78
N VAL H 1348 95.49 -16.21 -69.73
CA VAL H 1348 95.48 -17.61 -70.11
C VAL H 1348 94.26 -17.86 -70.99
N THR H 1349 94.42 -18.71 -72.00
CA THR H 1349 93.30 -19.09 -72.86
C THR H 1349 92.47 -20.15 -72.17
N PRO H 1350 91.27 -20.43 -72.69
CA PRO H 1350 90.41 -21.43 -72.05
C PRO H 1350 91.00 -22.84 -72.04
N ASP H 1351 91.97 -23.12 -72.91
CA ASP H 1351 92.52 -24.45 -73.06
C ASP H 1351 93.81 -24.66 -72.25
N TYR H 1352 93.97 -23.92 -71.16
CA TYR H 1352 95.12 -24.11 -70.27
C TYR H 1352 94.74 -25.13 -69.20
N HIS H 1353 95.36 -26.31 -69.27
CA HIS H 1353 95.09 -27.41 -68.36
C HIS H 1353 96.37 -27.97 -67.80
N LEU H 1354 97.24 -27.10 -67.31
CA LEU H 1354 98.52 -27.52 -66.76
C LEU H 1354 98.55 -27.29 -65.26
N TYR H 1355 99.10 -28.27 -64.54
CA TYR H 1355 99.26 -28.17 -63.09
C TYR H 1355 100.55 -28.84 -62.71
N SER H 1356 101.38 -28.14 -61.95
CA SER H 1356 102.69 -28.66 -61.55
C SER H 1356 103.14 -27.95 -60.29
N GLU H 1357 104.07 -28.59 -59.58
CA GLU H 1357 104.58 -28.00 -58.33
C GLU H 1357 105.45 -26.79 -58.61
N LYS H 1358 106.24 -26.82 -59.68
CA LYS H 1358 107.14 -25.74 -60.04
C LYS H 1358 106.78 -25.22 -61.42
N PHE H 1359 106.63 -23.91 -61.54
CA PHE H 1359 106.23 -23.28 -62.79
C PHE H 1359 107.43 -22.57 -63.41
N ASP H 1360 107.42 -22.50 -64.74
CA ASP H 1360 108.49 -21.83 -65.48
C ASP H 1360 107.96 -21.44 -66.84
N LEU H 1361 108.09 -20.16 -67.19
CA LEU H 1361 107.58 -19.67 -68.47
C LEU H 1361 108.31 -20.31 -69.65
N ASN H 1362 109.56 -20.72 -69.47
CA ASN H 1362 110.29 -21.35 -70.56
C ASN H 1362 109.65 -22.68 -70.95
N LYS H 1363 109.20 -23.45 -69.97
CA LYS H 1363 108.54 -24.73 -70.24
C LYS H 1363 107.05 -24.48 -70.44
N ASN H 1364 106.71 -24.04 -71.65
CA ASN H 1364 105.35 -23.69 -72.02
C ASN H 1364 104.99 -24.36 -73.34
N CYS H 1365 103.71 -24.68 -73.49
CA CYS H 1365 103.24 -25.25 -74.74
C CYS H 1365 103.15 -24.18 -75.81
N THR H 1366 103.79 -24.41 -76.93
CA THR H 1366 103.88 -23.42 -77.99
C THR H 1366 104.05 -24.13 -79.32
N VAL H 1367 103.75 -23.43 -80.41
CA VAL H 1367 103.96 -23.96 -81.74
C VAL H 1367 103.90 -22.79 -82.71
N THR H 1368 104.60 -22.94 -83.85
CA THR H 1368 104.60 -21.93 -84.90
C THR H 1368 104.18 -22.61 -86.19
N VAL H 1369 103.14 -22.08 -86.83
CA VAL H 1369 102.63 -22.62 -88.08
C VAL H 1369 103.15 -21.75 -89.21
N THR H 1370 104.07 -22.29 -90.01
CA THR H 1370 104.64 -21.55 -91.12
C THR H 1370 103.91 -21.91 -92.41
N LEU H 1371 103.55 -20.91 -93.18
CA LEU H 1371 102.88 -21.09 -94.47
C LEU H 1371 103.76 -20.53 -95.57
N GLY H 1372 104.11 -21.36 -96.54
CA GLY H 1372 104.97 -20.97 -97.62
C GLY H 1372 104.22 -20.82 -98.94
N ASP H 1373 104.94 -20.34 -99.94
CA ASP H 1373 104.38 -20.15 -101.27
C ASP H 1373 104.57 -21.43 -102.08
N GLU H 1374 104.28 -21.36 -103.38
CA GLU H 1374 104.47 -22.52 -104.25
C GLU H 1374 105.93 -22.96 -104.28
N ARG H 1375 106.86 -22.02 -104.13
CA ARG H 1375 108.28 -22.32 -104.12
C ARG H 1375 108.83 -22.52 -102.71
N GLY H 1376 107.98 -22.48 -101.69
CA GLY H 1376 108.40 -22.69 -100.32
C GLY H 1376 108.77 -21.43 -99.55
N ARG H 1377 108.66 -20.25 -100.17
CA ARG H 1377 108.97 -19.01 -99.46
C ARG H 1377 107.91 -18.74 -98.40
N VAL H 1378 108.36 -18.44 -97.19
CA VAL H 1378 107.45 -18.22 -96.07
C VAL H 1378 106.78 -16.86 -96.23
N HIS H 1379 105.45 -16.86 -96.32
CA HIS H 1379 104.68 -15.62 -96.40
C HIS H 1379 103.79 -15.41 -95.18
N GLU H 1380 103.98 -16.18 -94.12
CA GLU H 1380 103.23 -16.02 -92.89
C GLU H 1380 103.81 -16.96 -91.85
N SER H 1381 103.64 -16.60 -90.58
CA SER H 1381 104.12 -17.44 -89.48
C SER H 1381 103.34 -17.07 -88.23
N VAL H 1382 102.52 -18.01 -87.76
CA VAL H 1382 101.62 -17.79 -86.64
C VAL H 1382 102.14 -18.58 -85.44
N LYS H 1383 102.22 -17.93 -84.29
CA LYS H 1383 102.68 -18.55 -83.06
C LYS H 1383 101.52 -18.68 -82.09
N ARG H 1384 101.28 -19.90 -81.63
CA ARG H 1384 100.19 -20.17 -80.70
C ARG H 1384 100.74 -20.46 -79.31
N SER H 1385 99.85 -20.36 -78.33
CA SER H 1385 100.17 -20.68 -76.94
C SER H 1385 98.88 -20.55 -76.15
N ASN H 1386 98.93 -20.91 -74.88
CA ASN H 1386 97.78 -20.81 -74.01
C ASN H 1386 98.10 -20.07 -72.72
N CYS H 1387 99.21 -19.33 -72.67
CA CYS H 1387 99.62 -18.66 -71.45
C CYS H 1387 100.52 -17.49 -71.86
N TYR H 1388 99.97 -16.29 -71.85
CA TYR H 1388 100.70 -15.07 -72.18
C TYR H 1388 100.91 -14.31 -70.88
N MET H 1389 102.03 -14.57 -70.22
CA MET H 1389 102.29 -14.00 -68.90
C MET H 1389 103.69 -13.42 -68.86
N VAL H 1390 103.94 -12.60 -67.83
CA VAL H 1390 105.25 -12.03 -67.57
C VAL H 1390 105.65 -12.38 -66.15
N TRP H 1391 106.96 -12.51 -65.95
CA TRP H 1391 107.52 -12.89 -64.66
C TRP H 1391 107.87 -11.66 -63.85
N GLY H 1392 107.53 -11.68 -62.56
CA GLY H 1392 107.90 -10.59 -61.69
C GLY H 1392 109.40 -10.47 -61.50
N GLY H 1393 110.11 -11.59 -61.64
CA GLY H 1393 111.57 -11.54 -61.50
C GLY H 1393 112.23 -10.66 -62.54
N ASP H 1394 111.80 -10.79 -63.80
CA ASP H 1394 112.36 -9.94 -64.85
C ASP H 1394 112.03 -8.47 -64.61
N ILE H 1395 110.82 -8.19 -64.12
CA ILE H 1395 110.42 -6.82 -63.83
C ILE H 1395 111.30 -6.24 -62.74
N VAL H 1396 111.52 -6.99 -61.65
CA VAL H 1396 112.35 -6.49 -60.56
C VAL H 1396 113.80 -6.35 -61.02
N ALA H 1397 114.25 -7.25 -61.88
CA ALA H 1397 115.60 -7.13 -62.43
C ALA H 1397 115.75 -5.84 -63.25
N THR H 1398 114.74 -5.53 -64.07
CA THR H 1398 114.75 -4.29 -64.83
C THR H 1398 114.34 -3.08 -64.01
N SER H 1399 113.89 -3.29 -62.77
CA SER H 1399 113.46 -2.19 -61.92
C SER H 1399 114.48 -1.93 -60.82
N ASN H 1406 109.74 -4.77 -48.51
CA ASN H 1406 109.97 -3.67 -49.44
C ASN H 1406 108.70 -2.83 -49.63
N VAL H 1407 108.31 -2.66 -50.90
CA VAL H 1407 107.14 -1.86 -51.25
C VAL H 1407 106.28 -2.66 -52.22
N ASP H 1408 104.99 -2.34 -52.24
CA ASP H 1408 104.06 -3.04 -53.12
C ASP H 1408 104.43 -2.80 -54.58
N LEU H 1409 104.22 -3.82 -55.41
CA LEU H 1409 104.55 -3.75 -56.83
C LEU H 1409 103.28 -3.86 -57.66
N GLU H 1410 103.10 -2.95 -58.61
CA GLU H 1410 101.91 -2.92 -59.44
C GLU H 1410 102.27 -3.27 -60.88
N ILE H 1411 101.60 -4.27 -61.44
CA ILE H 1411 101.80 -4.71 -62.81
C ILE H 1411 100.48 -4.56 -63.54
N GLY H 1412 100.48 -3.81 -64.64
CA GLY H 1412 99.27 -3.55 -65.41
C GLY H 1412 99.33 -4.28 -66.74
N CYS H 1413 98.22 -4.92 -67.08
CA CYS H 1413 98.08 -5.69 -68.30
C CYS H 1413 97.03 -5.04 -69.19
N LEU H 1414 97.40 -4.77 -70.43
CA LEU H 1414 96.54 -4.06 -71.37
C LEU H 1414 96.40 -4.87 -72.64
N VAL H 1415 95.19 -4.87 -73.22
CA VAL H 1415 94.88 -5.69 -74.38
C VAL H 1415 94.15 -4.85 -75.41
N ASP H 1416 94.71 -4.77 -76.61
CA ASP H 1416 94.04 -4.15 -77.74
C ASP H 1416 93.22 -5.22 -78.45
N LEU H 1417 91.90 -5.15 -78.28
CA LEU H 1417 91.02 -6.18 -78.83
C LEU H 1417 90.89 -6.04 -80.34
N ALA H 1418 90.85 -4.81 -80.84
CA ALA H 1418 90.72 -4.62 -82.28
C ALA H 1418 91.94 -5.14 -83.04
N MET H 1419 93.12 -5.11 -82.40
CA MET H 1419 94.33 -5.65 -82.99
C MET H 1419 94.82 -6.90 -82.28
N GLY H 1420 94.24 -7.26 -81.14
CA GLY H 1420 94.64 -8.45 -80.41
C GLY H 1420 96.08 -8.40 -79.95
N MET H 1421 96.49 -7.29 -79.36
CA MET H 1421 97.88 -7.09 -78.93
C MET H 1421 97.91 -6.95 -77.42
N LEU H 1422 98.69 -7.81 -76.76
CA LEU H 1422 98.81 -7.81 -75.31
C LEU H 1422 100.12 -7.15 -74.91
N SER H 1423 100.05 -6.22 -73.97
CA SER H 1423 101.22 -5.51 -73.49
C SER H 1423 101.15 -5.38 -71.97
N PHE H 1424 102.31 -5.16 -71.36
CA PHE H 1424 102.44 -5.11 -69.92
C PHE H 1424 103.25 -3.89 -69.52
N SER H 1425 103.03 -3.43 -68.29
CA SER H 1425 103.74 -2.26 -67.78
C SER H 1425 103.82 -2.34 -66.26
N ALA H 1426 105.03 -2.31 -65.72
CA ALA H 1426 105.24 -2.35 -64.28
C ALA H 1426 105.57 -0.94 -63.79
N ASN H 1427 104.73 -0.42 -62.90
CA ASN H 1427 104.93 0.91 -62.33
C ASN H 1427 104.99 1.98 -63.43
N GLY H 1428 104.05 1.91 -64.35
CA GLY H 1428 103.92 2.90 -65.42
C GLY H 1428 104.79 2.67 -66.64
N ARG H 1429 106.05 2.30 -66.42
CA ARG H 1429 106.95 2.07 -67.53
C ARG H 1429 106.52 0.85 -68.33
N GLU H 1430 106.56 0.97 -69.66
CA GLU H 1430 106.11 -0.10 -70.53
C GLU H 1430 107.22 -1.14 -70.72
N LEU H 1431 106.90 -2.40 -70.44
CA LEU H 1431 107.86 -3.47 -70.61
C LEU H 1431 107.96 -3.88 -72.09
N GLY H 1432 109.04 -4.56 -72.41
CA GLY H 1432 109.26 -5.02 -73.77
C GLY H 1432 108.60 -6.34 -74.13
N THR H 1433 107.87 -6.94 -73.20
CA THR H 1433 107.22 -8.23 -73.42
C THR H 1433 105.82 -7.98 -74.00
N CYS H 1434 105.67 -8.21 -75.30
CA CYS H 1434 104.40 -8.03 -75.98
C CYS H 1434 104.04 -9.31 -76.72
N TYR H 1435 102.74 -9.59 -76.79
CA TYR H 1435 102.24 -10.79 -77.43
C TYR H 1435 101.19 -10.42 -78.47
N GLN H 1436 101.03 -11.30 -79.46
CA GLN H 1436 100.04 -11.13 -80.51
C GLN H 1436 99.17 -12.38 -80.57
N VAL H 1437 97.85 -12.20 -80.60
CA VAL H 1437 96.91 -13.30 -80.58
C VAL H 1437 95.94 -13.15 -81.74
N GLU H 1438 95.36 -14.27 -82.14
CA GLU H 1438 94.46 -14.31 -83.29
C GLU H 1438 93.07 -13.82 -82.91
N PRO H 1439 92.24 -13.51 -83.91
CA PRO H 1439 90.87 -13.08 -83.63
C PRO H 1439 90.05 -14.19 -82.98
N ASN H 1440 89.02 -13.77 -82.25
CA ASN H 1440 88.14 -14.70 -81.54
C ASN H 1440 88.85 -15.40 -80.39
N THR H 1441 89.88 -14.78 -79.83
CA THR H 1441 90.67 -15.37 -78.76
C THR H 1441 90.13 -14.90 -77.43
N LYS H 1442 89.80 -15.85 -76.55
CA LYS H 1442 89.35 -15.55 -75.20
C LYS H 1442 90.54 -15.65 -74.26
N VAL H 1443 90.78 -14.61 -73.48
CA VAL H 1443 91.88 -14.55 -72.53
C VAL H 1443 91.33 -14.17 -71.18
N PHE H 1444 91.60 -14.99 -70.18
CA PHE H 1444 91.23 -14.78 -68.80
C PHE H 1444 92.40 -14.16 -68.05
N PRO H 1445 92.19 -13.13 -67.23
CA PRO H 1445 93.26 -12.67 -66.35
C PRO H 1445 93.73 -13.80 -65.43
N ALA H 1446 95.04 -13.89 -65.24
CA ALA H 1446 95.59 -15.01 -64.49
C ALA H 1446 96.83 -14.57 -63.72
N VAL H 1447 96.95 -15.11 -62.51
CA VAL H 1447 98.12 -14.92 -61.66
C VAL H 1447 98.54 -16.29 -61.12
N PHE H 1448 99.79 -16.65 -61.36
CA PHE H 1448 100.35 -17.90 -60.85
C PHE H 1448 101.47 -17.55 -59.89
N LEU H 1449 101.33 -17.96 -58.62
CA LEU H 1449 102.30 -17.48 -57.64
C LEU H 1449 102.56 -18.53 -56.59
N GLN H 1450 103.77 -18.51 -56.03
CA GLN H 1450 104.12 -19.32 -54.89
C GLN H 1450 104.08 -18.44 -53.66
N PRO H 1451 103.20 -18.69 -52.69
CA PRO H 1451 103.01 -17.73 -51.59
C PRO H 1451 104.21 -17.69 -50.66
N THR H 1452 104.60 -16.48 -50.29
CA THR H 1452 105.62 -16.25 -49.28
C THR H 1452 105.11 -15.39 -48.12
N SER H 1453 103.83 -15.04 -48.11
CA SER H 1453 103.26 -14.22 -47.05
C SER H 1453 101.75 -14.42 -47.03
N THR H 1454 101.14 -14.01 -45.91
CA THR H 1454 99.70 -14.20 -45.76
C THR H 1454 98.92 -13.32 -46.72
N ALA H 1455 99.34 -12.08 -46.92
CA ALA H 1455 98.70 -11.18 -47.87
C ALA H 1455 99.38 -11.38 -49.22
N LEU H 1456 98.64 -11.96 -50.18
CA LEU H 1456 99.25 -12.41 -51.42
C LEU H 1456 99.23 -11.34 -52.50
N PHE H 1457 98.05 -10.90 -52.92
CA PHE H 1457 97.99 -9.91 -54.00
C PHE H 1457 96.55 -9.43 -54.12
N GLN H 1458 96.29 -8.57 -55.11
CA GLN H 1458 94.93 -8.14 -55.36
C GLN H 1458 94.75 -7.73 -56.81
N PHE H 1459 93.69 -8.24 -57.43
CA PHE H 1459 93.23 -7.75 -58.71
C PHE H 1459 92.63 -6.36 -58.55
N GLU H 1460 93.02 -5.43 -59.41
CA GLU H 1460 92.46 -4.09 -59.46
C GLU H 1460 91.80 -3.92 -60.83
N LEU H 1461 90.47 -3.90 -60.84
CA LEU H 1461 89.69 -3.75 -62.06
C LEU H 1461 89.45 -2.28 -62.38
N GLY H 1462 90.52 -1.51 -62.42
CA GLY H 1462 90.44 -0.09 -62.62
C GLY H 1462 90.35 0.28 -64.08
N LYS H 1463 90.60 1.57 -64.35
CA LYS H 1463 90.50 2.11 -65.68
C LYS H 1463 91.63 3.13 -65.87
N LEU H 1464 91.96 3.38 -67.13
CA LEU H 1464 92.86 4.47 -67.48
C LEU H 1464 92.40 5.05 -68.81
N LYS H 1465 92.95 6.22 -69.15
CA LYS H 1465 92.54 6.92 -70.36
C LYS H 1465 92.81 6.06 -71.59
N ASN H 1466 91.84 6.01 -72.50
CA ASN H 1466 91.88 5.22 -73.72
C ASN H 1466 91.78 3.73 -73.47
N ALA H 1467 91.46 3.30 -72.26
CA ALA H 1467 91.35 1.89 -71.94
C ALA H 1467 90.09 1.64 -71.12
N MET H 1468 89.32 0.64 -71.53
CA MET H 1468 88.12 0.28 -70.81
C MET H 1468 88.47 -0.45 -69.52
N PRO H 1469 87.57 -0.45 -68.55
CA PRO H 1469 87.71 -1.37 -67.42
C PRO H 1469 87.39 -2.78 -67.83
N LEU H 1470 87.73 -3.73 -66.95
CA LEU H 1470 87.50 -5.14 -67.25
C LEU H 1470 86.01 -5.43 -67.35
N SER H 1471 85.20 -4.84 -66.46
CA SER H 1471 83.77 -5.07 -66.50
C SER H 1471 83.16 -4.55 -67.80
N ALA H 1472 83.63 -3.41 -68.29
CA ALA H 1472 83.12 -2.87 -69.54
C ALA H 1472 83.43 -3.79 -70.70
N ALA H 1473 84.61 -4.40 -70.72
CA ALA H 1473 84.98 -5.29 -71.81
C ALA H 1473 84.29 -6.64 -71.71
N ILE H 1474 83.96 -7.08 -70.49
CA ILE H 1474 83.35 -8.40 -70.33
C ILE H 1474 81.84 -8.33 -70.52
N PHE H 1475 81.18 -7.38 -69.86
CA PHE H 1475 79.72 -7.31 -69.84
C PHE H 1475 79.26 -6.27 -70.85
N LYS H 1476 78.41 -6.69 -71.79
CA LYS H 1476 77.88 -5.77 -72.79
C LYS H 1476 76.96 -4.73 -72.20
N SER H 1477 76.37 -5.00 -71.03
CA SER H 1477 75.50 -4.02 -70.40
C SER H 1477 76.27 -2.75 -70.04
N GLU H 1478 77.49 -2.90 -69.54
CA GLU H 1478 78.32 -1.78 -69.13
C GLU H 1478 79.27 -1.31 -70.22
N GLU H 1479 79.02 -1.71 -71.48
CA GLU H 1479 79.90 -1.30 -72.57
C GLU H 1479 79.91 0.21 -72.71
N LYS H 1480 78.74 0.84 -72.64
CA LYS H 1480 78.65 2.30 -72.71
C LYS H 1480 79.11 2.95 -71.41
N ASN H 1481 78.77 2.36 -70.28
CA ASN H 1481 79.07 2.96 -68.99
C ASN H 1481 80.57 2.92 -68.71
N PRO H 1482 81.18 4.04 -68.34
CA PRO H 1482 82.61 4.04 -68.00
C PRO H 1482 82.93 3.82 -66.53
N VAL H 1483 81.95 3.47 -65.71
CA VAL H 1483 82.18 3.26 -64.28
C VAL H 1483 82.72 1.86 -64.05
N PRO H 1484 83.91 1.71 -63.47
CA PRO H 1484 84.41 0.37 -63.14
C PRO H 1484 83.48 -0.34 -62.18
N GLN H 1485 83.32 -1.65 -62.38
CA GLN H 1485 82.47 -2.45 -61.52
C GLN H 1485 83.08 -3.85 -61.39
N CYS H 1486 82.67 -4.54 -60.34
CA CYS H 1486 83.08 -5.93 -60.08
C CYS H 1486 81.83 -6.73 -59.76
N PRO H 1487 81.08 -7.13 -60.77
CA PRO H 1487 79.82 -7.85 -60.53
C PRO H 1487 80.06 -9.17 -59.84
N PRO H 1488 79.05 -9.71 -59.17
CA PRO H 1488 79.24 -10.98 -58.45
C PRO H 1488 79.53 -12.16 -59.35
N ARG H 1489 79.31 -12.05 -60.66
CA ARG H 1489 79.70 -13.12 -61.56
C ARG H 1489 81.20 -13.16 -61.80
N LEU H 1490 81.91 -12.11 -61.43
CA LEU H 1490 83.35 -12.02 -61.61
C LEU H 1490 84.02 -12.42 -60.30
N ASP H 1491 84.49 -13.65 -60.22
CA ASP H 1491 85.06 -14.20 -59.00
C ASP H 1491 86.38 -14.89 -59.33
N VAL H 1492 87.23 -15.00 -58.32
CA VAL H 1492 88.55 -15.60 -58.49
C VAL H 1492 88.43 -17.11 -58.38
N GLN H 1493 89.01 -17.82 -59.34
CA GLN H 1493 89.01 -19.27 -59.41
C GLN H 1493 90.42 -19.79 -59.27
N THR H 1494 90.54 -21.01 -58.74
CA THR H 1494 91.82 -21.69 -58.62
C THR H 1494 91.76 -23.03 -59.32
N ILE H 1495 92.93 -23.51 -59.74
CA ILE H 1495 92.98 -24.80 -60.44
C ILE H 1495 92.79 -25.95 -59.46
N GLN H 1496 91.95 -26.91 -59.83
CA GLN H 1496 91.83 -28.20 -59.17
C GLN H 1496 92.22 -29.31 -60.13
N PRO H 1497 92.94 -30.33 -59.67
CA PRO H 1497 93.64 -31.22 -60.59
C PRO H 1497 92.87 -32.46 -61.05
N VAL H 1498 91.82 -32.87 -60.37
CA VAL H 1498 91.12 -34.11 -60.70
C VAL H 1498 89.62 -33.85 -60.68
N LEU H 1499 88.89 -34.55 -61.54
CA LEU H 1499 87.45 -34.37 -61.60
C LEU H 1499 86.76 -35.69 -61.94
N TRP H 1500 85.52 -35.82 -61.51
CA TRP H 1500 84.68 -36.92 -61.97
C TRP H 1500 84.21 -36.66 -63.38
N SER H 1501 84.04 -37.74 -64.14
CA SER H 1501 83.65 -37.67 -65.54
C SER H 1501 82.84 -38.90 -65.87
N ARG H 1502 81.76 -38.73 -66.61
CA ARG H 1502 80.84 -39.82 -66.88
C ARG H 1502 81.39 -40.72 -67.97
N MET H 1503 81.43 -42.01 -67.68
CA MET H 1503 81.84 -42.98 -68.69
C MET H 1503 80.74 -43.10 -69.74
N PRO H 1504 81.05 -42.93 -71.02
CA PRO H 1504 80.01 -42.96 -72.05
C PRO H 1504 79.28 -44.30 -72.08
N SER H 1505 78.00 -44.23 -72.42
CA SER H 1505 77.19 -45.44 -72.47
C SER H 1505 77.67 -46.38 -73.56
N SER H 1506 78.04 -45.84 -74.72
CA SER H 1506 78.53 -46.63 -75.83
C SER H 1506 79.83 -46.06 -76.34
N PHE H 1507 80.63 -46.90 -76.99
CA PHE H 1507 81.93 -46.51 -77.50
C PHE H 1507 82.02 -46.89 -78.97
N LEU H 1508 82.91 -46.20 -79.68
CA LEU H 1508 83.17 -46.53 -81.08
C LEU H 1508 83.77 -47.91 -81.20
N LYS H 1509 83.28 -48.68 -82.16
CA LYS H 1509 83.77 -50.04 -82.39
C LYS H 1509 84.85 -49.98 -83.47
N VAL H 1510 86.08 -49.75 -83.05
CA VAL H 1510 87.22 -49.69 -83.95
C VAL H 1510 87.80 -51.09 -84.11
N GLU H 1511 88.23 -51.42 -85.33
CA GLU H 1511 88.76 -52.74 -85.63
C GLU H 1511 90.12 -52.59 -86.29
N THR H 1512 91.14 -53.20 -85.70
CA THR H 1512 92.49 -53.15 -86.20
C THR H 1512 92.93 -54.54 -86.65
N GLU H 1513 93.83 -54.59 -87.63
CA GLU H 1513 94.24 -55.86 -88.20
C GLU H 1513 95.43 -55.65 -89.11
N ARG H 1514 96.35 -56.61 -89.11
CA ARG H 1514 97.51 -56.58 -89.99
C ARG H 1514 97.12 -57.21 -91.32
N VAL H 1515 96.98 -56.38 -92.35
CA VAL H 1515 96.51 -56.88 -93.64
C VAL H 1515 97.54 -57.81 -94.26
N SER H 1516 98.79 -57.39 -94.31
CA SER H 1516 99.85 -58.17 -94.93
C SER H 1516 101.18 -57.48 -94.66
N GLU H 1517 102.24 -58.01 -95.25
CA GLU H 1517 103.56 -57.42 -95.09
C GLU H 1517 103.81 -56.24 -96.04
N ARG H 1518 102.91 -56.00 -96.98
CA ARG H 1518 103.03 -54.85 -97.86
C ARG H 1518 101.80 -53.95 -97.84
N HIS H 1519 100.74 -54.32 -97.13
CA HIS H 1519 99.55 -53.49 -97.01
C HIS H 1519 99.46 -52.79 -95.66
N GLY H 1520 100.46 -52.92 -94.81
CA GLY H 1520 100.44 -52.21 -93.55
C GLY H 1520 99.34 -52.70 -92.63
N TRP H 1521 98.96 -51.81 -91.72
CA TRP H 1521 97.98 -52.12 -90.69
C TRP H 1521 96.67 -51.38 -90.95
N ALA H 1522 95.56 -52.10 -90.88
CA ALA H 1522 94.26 -51.56 -91.22
C ALA H 1522 93.51 -51.15 -89.97
N VAL H 1523 92.87 -49.97 -90.03
CA VAL H 1523 91.97 -49.49 -88.99
C VAL H 1523 90.68 -49.04 -89.65
N GLN H 1524 89.56 -49.55 -89.20
CA GLN H 1524 88.27 -49.19 -89.78
C GLN H 1524 87.26 -48.91 -88.69
N CYS H 1525 86.42 -47.90 -88.92
CA CYS H 1525 85.28 -47.64 -88.05
C CYS H 1525 84.10 -47.30 -88.95
N LEU H 1526 83.01 -48.04 -88.81
CA LEU H 1526 81.90 -47.95 -89.76
C LEU H 1526 80.58 -47.57 -89.14
N GLU H 1527 80.26 -48.08 -87.96
CA GLU H 1527 78.98 -47.80 -87.33
C GLU H 1527 78.99 -46.42 -86.70
N PRO H 1528 78.06 -45.54 -87.05
CA PRO H 1528 78.08 -44.17 -86.53
C PRO H 1528 77.71 -44.12 -85.06
N LEU H 1529 78.24 -43.11 -84.37
CA LEU H 1529 77.92 -42.84 -82.98
C LEU H 1529 77.90 -41.34 -82.76
N GLN H 1530 77.01 -40.88 -81.88
CA GLN H 1530 76.86 -39.47 -81.59
C GLN H 1530 76.55 -39.29 -80.12
N MET H 1531 76.62 -38.03 -79.68
CA MET H 1531 76.21 -37.70 -78.33
C MET H 1531 75.75 -36.25 -78.30
N MET H 1532 74.78 -35.96 -77.43
CA MET H 1532 74.30 -34.59 -77.25
C MET H 1532 75.18 -33.90 -76.22
N ALA H 1533 75.92 -32.90 -76.65
CA ALA H 1533 76.84 -32.15 -75.82
C ALA H 1533 76.19 -30.87 -75.35
N LEU H 1534 76.45 -30.53 -74.09
CA LEU H 1534 76.04 -29.28 -73.48
C LEU H 1534 77.27 -28.38 -73.36
N HIS H 1535 77.19 -27.19 -73.92
CA HIS H 1535 78.32 -26.30 -74.10
C HIS H 1535 78.15 -25.09 -73.21
N ILE H 1536 79.12 -24.84 -72.35
CA ILE H 1536 79.14 -23.68 -71.47
C ILE H 1536 79.83 -22.54 -72.23
N PRO H 1537 79.10 -21.48 -72.60
CA PRO H 1537 79.67 -20.55 -73.60
C PRO H 1537 80.91 -19.81 -73.16
N GLU H 1538 80.95 -19.30 -71.92
CA GLU H 1538 82.08 -18.47 -71.51
C GLU H 1538 83.34 -19.29 -71.38
N GLU H 1539 83.24 -20.51 -70.86
CA GLU H 1539 84.39 -21.37 -70.68
C GLU H 1539 84.86 -22.03 -71.97
N ASN H 1540 84.06 -21.97 -73.02
CA ASN H 1540 84.41 -22.53 -74.32
C ASN H 1540 84.72 -24.02 -74.20
N ARG H 1541 83.92 -24.74 -73.42
CA ARG H 1541 84.05 -26.17 -73.27
C ARG H 1541 82.68 -26.79 -73.16
N CYS H 1542 82.59 -28.07 -73.49
CA CYS H 1542 81.35 -28.81 -73.49
C CYS H 1542 81.50 -30.11 -72.74
N VAL H 1543 80.46 -30.49 -72.01
CA VAL H 1543 80.38 -31.80 -71.39
C VAL H 1543 79.24 -32.57 -72.05
N ASP H 1544 79.03 -33.79 -71.63
CA ASP H 1544 77.88 -34.56 -72.09
C ASP H 1544 76.63 -34.04 -71.40
N ILE H 1545 75.50 -34.15 -72.08
CA ILE H 1545 74.24 -33.75 -71.47
C ILE H 1545 73.92 -34.66 -70.29
N LEU H 1546 74.26 -35.94 -70.41
CA LEU H 1546 73.96 -36.90 -69.35
C LEU H 1546 74.76 -36.63 -68.09
N GLU H 1547 75.84 -35.87 -68.18
CA GLU H 1547 76.54 -35.44 -66.98
C GLU H 1547 75.70 -34.52 -66.11
N LEU H 1548 74.61 -33.98 -66.64
CA LEU H 1548 73.68 -33.23 -65.82
C LEU H 1548 72.91 -34.12 -64.86
N CYS H 1549 73.05 -35.44 -64.96
CA CYS H 1549 72.44 -36.33 -63.98
C CYS H 1549 72.96 -36.09 -62.58
N GLU H 1550 74.15 -35.50 -62.44
CA GLU H 1550 74.75 -35.27 -61.13
C GLU H 1550 75.06 -33.80 -60.85
N GLN H 1551 74.72 -32.89 -61.74
CA GLN H 1551 74.95 -31.47 -61.54
C GLN H 1551 73.60 -30.79 -61.45
N GLU H 1552 73.07 -30.67 -60.23
CA GLU H 1552 71.70 -30.21 -60.05
C GLU H 1552 71.55 -28.74 -60.43
N ASP H 1553 72.58 -27.93 -60.20
CA ASP H 1553 72.48 -26.50 -60.53
C ASP H 1553 72.30 -26.29 -62.03
N LEU H 1554 73.19 -26.87 -62.83
CA LEU H 1554 73.07 -26.73 -64.27
C LEU H 1554 71.82 -27.43 -64.78
N MET H 1555 71.43 -28.53 -64.16
CA MET H 1555 70.21 -29.20 -64.57
C MET H 1555 68.99 -28.30 -64.37
N GLN H 1556 68.91 -27.64 -63.22
CA GLN H 1556 67.80 -26.74 -62.96
C GLN H 1556 67.81 -25.57 -63.92
N PHE H 1557 68.99 -24.99 -64.16
CA PHE H 1557 69.04 -23.85 -65.07
C PHE H 1557 68.63 -24.24 -66.48
N HIS H 1558 69.07 -25.41 -66.96
CA HIS H 1558 68.70 -25.82 -68.31
C HIS H 1558 67.25 -26.25 -68.39
N TYR H 1559 66.71 -26.84 -67.33
CA TYR H 1559 65.29 -27.16 -67.33
C TYR H 1559 64.45 -25.89 -67.43
N HIS H 1560 64.82 -24.85 -66.69
CA HIS H 1560 64.08 -23.61 -66.80
C HIS H 1560 64.34 -22.90 -68.12
N THR H 1561 65.50 -23.12 -68.73
CA THR H 1561 65.71 -22.63 -70.09
C THR H 1561 64.76 -23.28 -71.07
N LEU H 1562 64.56 -24.59 -70.95
CA LEU H 1562 63.61 -25.28 -71.81
C LEU H 1562 62.19 -24.80 -71.55
N ARG H 1563 61.84 -24.55 -70.29
CA ARG H 1563 60.54 -23.97 -69.97
C ARG H 1563 60.38 -22.60 -70.63
N LEU H 1564 61.43 -21.78 -70.59
CA LEU H 1564 61.38 -20.46 -71.22
C LEU H 1564 61.22 -20.57 -72.73
N TYR H 1565 61.91 -21.53 -73.35
CA TYR H 1565 61.73 -21.78 -74.77
C TYR H 1565 60.28 -22.11 -75.08
N SER H 1566 59.68 -23.00 -74.28
CA SER H 1566 58.28 -23.35 -74.52
C SER H 1566 57.37 -22.16 -74.29
N ALA H 1567 57.74 -21.25 -73.38
CA ALA H 1567 56.87 -20.12 -73.06
C ALA H 1567 56.90 -19.05 -74.15
N VAL H 1568 58.08 -18.73 -74.67
CA VAL H 1568 58.16 -17.62 -75.63
C VAL H 1568 57.41 -17.94 -76.91
N CYS H 1569 57.43 -19.21 -77.33
CA CYS H 1569 56.71 -19.64 -78.53
C CYS H 1569 55.34 -20.20 -78.19
N ALA H 1570 54.70 -19.68 -77.15
CA ALA H 1570 53.43 -20.20 -76.68
C ALA H 1570 52.26 -19.51 -77.37
N LEU H 1571 51.18 -20.26 -77.53
CA LEU H 1571 49.95 -19.75 -78.11
C LEU H 1571 50.19 -19.17 -79.51
N GLY H 1572 50.79 -19.99 -80.36
CA GLY H 1572 50.93 -19.68 -81.77
C GLY H 1572 51.83 -18.52 -82.13
N ASN H 1573 52.96 -18.37 -81.43
CA ASN H 1573 53.96 -17.37 -81.81
C ASN H 1573 54.93 -18.05 -82.78
N SER H 1574 54.46 -18.20 -84.02
CA SER H 1574 55.18 -19.00 -85.00
C SER H 1574 56.55 -18.42 -85.34
N ARG H 1575 56.70 -17.10 -85.26
CA ARG H 1575 58.00 -16.49 -85.53
C ARG H 1575 59.04 -16.96 -84.52
N VAL H 1576 58.68 -16.96 -83.24
CA VAL H 1576 59.63 -17.40 -82.21
C VAL H 1576 59.86 -18.90 -82.32
N ALA H 1577 58.88 -19.67 -82.79
CA ALA H 1577 59.11 -21.08 -83.04
C ALA H 1577 60.15 -21.29 -84.14
N TYR H 1578 60.04 -20.54 -85.23
CA TYR H 1578 61.06 -20.60 -86.28
C TYR H 1578 62.42 -20.19 -85.75
N ALA H 1579 62.45 -19.18 -84.89
CA ALA H 1579 63.71 -18.77 -84.28
C ALA H 1579 64.29 -19.90 -83.43
N LEU H 1580 63.44 -20.56 -82.63
CA LEU H 1580 63.91 -21.63 -81.75
C LEU H 1580 64.37 -22.85 -82.52
N CYS H 1581 63.87 -23.04 -83.74
CA CYS H 1581 64.38 -24.12 -84.56
C CYS H 1581 65.82 -23.89 -84.99
N GLY H 1582 66.35 -22.68 -84.78
CA GLY H 1582 67.75 -22.40 -84.95
C GLY H 1582 68.61 -22.66 -83.73
N HIS H 1583 68.00 -23.13 -82.65
CA HIS H 1583 68.69 -23.45 -81.41
C HIS H 1583 68.57 -24.91 -81.04
N VAL H 1584 67.35 -25.45 -81.00
CA VAL H 1584 67.12 -26.87 -80.81
C VAL H 1584 66.41 -27.39 -82.06
N ASP H 1585 67.06 -28.27 -82.79
CA ASP H 1585 66.54 -28.75 -84.05
C ASP H 1585 66.00 -30.17 -83.91
N LEU H 1586 65.55 -30.72 -85.04
CA LEU H 1586 64.85 -32.00 -85.03
C LEU H 1586 65.75 -33.14 -84.58
N SER H 1587 67.01 -33.13 -85.00
CA SER H 1587 67.92 -34.19 -84.60
C SER H 1587 68.09 -34.23 -83.10
N GLN H 1588 68.29 -33.06 -82.48
CA GLN H 1588 68.42 -33.00 -81.04
C GLN H 1588 67.15 -33.45 -80.34
N LEU H 1589 65.98 -33.03 -80.85
CA LEU H 1589 64.72 -33.39 -80.21
C LEU H 1589 64.47 -34.89 -80.29
N PHE H 1590 64.74 -35.50 -81.43
CA PHE H 1590 64.59 -36.95 -81.55
C PHE H 1590 65.55 -37.68 -80.64
N TYR H 1591 66.80 -37.22 -80.57
CA TYR H 1591 67.76 -37.83 -79.65
C TYR H 1591 67.28 -37.72 -78.21
N ALA H 1592 66.80 -36.54 -77.82
CA ALA H 1592 66.37 -36.33 -76.45
C ALA H 1592 65.17 -37.19 -76.10
N ILE H 1593 64.18 -37.27 -77.00
CA ILE H 1593 63.00 -38.05 -76.67
C ILE H 1593 63.34 -39.54 -76.62
N ASP H 1594 64.28 -40.00 -77.44
CA ASP H 1594 64.61 -41.42 -77.44
C ASP H 1594 65.58 -41.82 -76.34
N ASN H 1595 66.38 -40.88 -75.83
CA ASN H 1595 67.42 -41.22 -74.87
C ASN H 1595 66.83 -41.62 -73.52
N LYS H 1596 67.38 -42.69 -72.93
CA LYS H 1596 66.84 -43.27 -71.71
C LYS H 1596 67.59 -42.87 -70.44
N TYR H 1597 68.82 -42.38 -70.55
CA TYR H 1597 69.58 -41.97 -69.38
C TYR H 1597 69.40 -40.50 -69.04
N LEU H 1598 68.54 -39.79 -69.75
CA LEU H 1598 68.35 -38.38 -69.51
C LEU H 1598 67.59 -38.17 -68.20
N PRO H 1599 67.93 -37.13 -67.43
CA PRO H 1599 67.16 -36.85 -66.22
C PRO H 1599 65.71 -36.54 -66.54
N GLY H 1600 64.83 -36.85 -65.60
CA GLY H 1600 63.41 -36.74 -65.84
C GLY H 1600 62.97 -35.33 -66.17
N LEU H 1601 63.53 -34.34 -65.48
CA LEU H 1601 63.15 -32.96 -65.75
C LEU H 1601 63.58 -32.53 -67.14
N LEU H 1602 64.79 -32.89 -67.56
CA LEU H 1602 65.23 -32.56 -68.91
C LEU H 1602 64.43 -33.33 -69.95
N ARG H 1603 64.07 -34.57 -69.65
CA ARG H 1603 63.24 -35.36 -70.55
C ARG H 1603 61.88 -34.68 -70.78
N SER H 1604 61.24 -34.26 -69.69
CA SER H 1604 59.96 -33.56 -69.80
C SER H 1604 60.12 -32.24 -70.54
N GLY H 1605 61.19 -31.50 -70.25
CA GLY H 1605 61.42 -30.25 -70.95
C GLY H 1605 61.58 -30.43 -72.44
N PHE H 1606 62.30 -31.46 -72.85
CA PHE H 1606 62.49 -31.70 -74.28
C PHE H 1606 61.19 -32.13 -74.95
N TYR H 1607 60.41 -32.99 -74.30
CA TYR H 1607 59.11 -33.36 -74.87
C TYR H 1607 58.21 -32.14 -75.02
N ASP H 1608 58.15 -31.30 -73.98
CA ASP H 1608 57.33 -30.10 -74.06
C ASP H 1608 57.83 -29.15 -75.13
N LEU H 1609 59.14 -29.03 -75.28
CA LEU H 1609 59.70 -28.13 -76.29
C LEU H 1609 59.36 -28.61 -77.69
N LEU H 1610 59.44 -29.91 -77.94
CA LEU H 1610 59.04 -30.44 -79.23
C LEU H 1610 57.56 -30.17 -79.49
N ILE H 1611 56.72 -30.40 -78.49
CA ILE H 1611 55.28 -30.18 -78.66
C ILE H 1611 54.99 -28.71 -78.92
N SER H 1612 55.66 -27.82 -78.20
CA SER H 1612 55.41 -26.40 -78.38
C SER H 1612 55.86 -25.91 -79.75
N ILE H 1613 57.09 -26.23 -80.12
CA ILE H 1613 57.64 -25.72 -81.38
C ILE H 1613 56.87 -26.28 -82.57
N HIS H 1614 56.57 -27.58 -82.56
CA HIS H 1614 56.12 -28.22 -83.78
C HIS H 1614 54.66 -28.66 -83.77
N LEU H 1615 54.07 -28.91 -82.60
CA LEU H 1615 52.78 -29.60 -82.53
C LEU H 1615 51.69 -28.86 -81.79
N ALA H 1616 52.02 -27.89 -80.93
CA ALA H 1616 50.99 -27.31 -80.05
C ALA H 1616 49.96 -26.51 -80.83
N ASN H 1617 50.41 -25.75 -81.83
CA ASN H 1617 49.51 -24.87 -82.57
C ASN H 1617 48.45 -25.66 -83.33
N ALA H 1618 48.85 -26.75 -83.99
CA ALA H 1618 47.90 -27.57 -84.72
C ALA H 1618 46.86 -28.17 -83.79
N LYS H 1619 47.31 -28.67 -82.63
CA LYS H 1619 46.37 -29.24 -81.67
C LYS H 1619 45.39 -28.19 -81.17
N GLU H 1620 45.88 -26.97 -80.90
CA GLU H 1620 44.98 -25.92 -80.44
C GLU H 1620 43.95 -25.56 -81.49
N ARG H 1621 44.38 -25.47 -82.76
CA ARG H 1621 43.42 -25.18 -83.82
C ARG H 1621 42.39 -26.30 -83.96
N LYS H 1622 42.83 -27.55 -83.83
CA LYS H 1622 41.88 -28.66 -83.89
C LYS H 1622 40.90 -28.61 -82.73
N LEU H 1623 41.36 -28.19 -81.56
CA LEU H 1623 40.49 -28.16 -80.39
C LEU H 1623 39.50 -27.02 -80.44
N MET H 1624 39.88 -25.88 -81.05
CA MET H 1624 38.92 -24.79 -81.19
C MET H 1624 37.73 -25.22 -82.04
N MET H 1625 37.99 -25.87 -83.17
CA MET H 1625 36.95 -26.29 -84.09
C MET H 1625 36.62 -27.78 -83.88
N LYS H 1626 36.06 -28.08 -82.71
CA LYS H 1626 35.74 -29.47 -82.38
C LYS H 1626 34.31 -29.69 -81.92
N ASN H 1627 33.59 -28.67 -81.48
CA ASN H 1627 32.23 -28.85 -81.01
C ASN H 1627 31.20 -28.61 -82.11
N GLU H 1628 31.62 -28.38 -83.34
CA GLU H 1628 30.73 -28.16 -84.46
C GLU H 1628 31.01 -29.21 -85.54
N TYR H 1629 29.94 -29.66 -86.20
CA TYR H 1629 30.03 -30.73 -87.19
C TYR H 1629 29.46 -30.23 -88.51
N ILE H 1630 30.33 -29.79 -89.40
CA ILE H 1630 29.93 -29.31 -90.73
C ILE H 1630 30.19 -30.44 -91.72
N ILE H 1631 29.13 -31.04 -92.22
CA ILE H 1631 29.21 -32.25 -93.04
C ILE H 1631 28.77 -31.91 -94.46
N PRO H 1632 29.64 -32.02 -95.45
CA PRO H 1632 29.18 -31.96 -96.84
C PRO H 1632 28.36 -33.19 -97.19
N ILE H 1633 27.43 -33.02 -98.12
CA ILE H 1633 26.51 -34.08 -98.52
C ILE H 1633 27.01 -34.67 -99.84
N THR H 1634 27.48 -35.92 -99.78
CA THR H 1634 27.94 -36.64 -100.96
C THR H 1634 27.68 -38.12 -100.74
N SER H 1635 28.20 -38.95 -101.66
CA SER H 1635 28.08 -40.39 -101.50
C SER H 1635 28.90 -40.88 -100.30
N ALA H 1636 30.08 -40.30 -100.10
CA ALA H 1636 30.89 -40.65 -98.94
C ALA H 1636 30.14 -40.38 -97.64
N THR H 1637 29.32 -39.33 -97.62
CA THR H 1637 28.48 -39.09 -96.46
C THR H 1637 27.48 -40.22 -96.27
N ARG H 1638 26.89 -40.71 -97.37
CA ARG H 1638 25.89 -41.77 -97.27
C ARG H 1638 26.50 -43.09 -96.86
N LYS H 1639 27.79 -43.29 -97.12
CA LYS H 1639 28.40 -44.59 -96.85
C LYS H 1639 28.57 -44.89 -95.36
N ILE H 1640 28.48 -43.87 -94.49
CA ILE H 1640 28.73 -44.09 -93.08
C ILE H 1640 27.62 -44.93 -92.46
N ARG H 1641 27.99 -45.88 -91.62
CA ARG H 1641 27.04 -46.75 -90.94
C ARG H 1641 27.28 -46.72 -89.44
N LEU H 1642 26.22 -47.00 -88.69
CA LEU H 1642 26.33 -47.01 -87.24
C LEU H 1642 27.20 -48.17 -86.76
N TYR H 1643 27.08 -49.32 -87.40
CA TYR H 1643 27.85 -50.50 -87.03
C TYR H 1643 28.67 -50.99 -88.21
N PRO H 1644 29.81 -51.65 -87.96
CA PRO H 1644 30.67 -52.09 -89.06
C PRO H 1644 30.23 -53.38 -89.73
N ASP H 1645 29.18 -54.04 -89.24
CA ASP H 1645 28.74 -55.31 -89.82
C ASP H 1645 27.35 -55.64 -89.30
N GLU H 1646 26.87 -56.82 -89.66
CA GLU H 1646 25.55 -57.27 -89.25
C GLU H 1646 25.52 -57.87 -87.85
N SER H 1647 26.68 -58.20 -87.28
CA SER H 1647 26.71 -58.73 -85.91
C SER H 1647 26.27 -57.71 -84.88
N LYS H 1648 26.35 -56.42 -85.20
CA LYS H 1648 26.00 -55.34 -84.28
C LYS H 1648 26.87 -55.41 -83.02
N ARG H 1649 28.18 -55.35 -83.24
CA ARG H 1649 29.16 -55.24 -82.18
C ARG H 1649 29.95 -53.97 -82.39
N HIS H 1650 30.20 -53.24 -81.30
CA HIS H 1650 30.86 -51.94 -81.39
C HIS H 1650 32.23 -52.07 -82.06
N GLY H 1651 32.53 -51.13 -82.94
CA GLY H 1651 33.87 -51.05 -83.50
C GLY H 1651 34.81 -50.30 -82.59
N LEU H 1652 36.07 -50.25 -83.00
CA LEU H 1652 37.07 -49.54 -82.22
C LEU H 1652 36.83 -48.04 -82.33
N PRO H 1653 36.77 -47.32 -81.21
CA PRO H 1653 36.59 -45.87 -81.28
C PRO H 1653 37.76 -45.20 -82.00
N GLY H 1654 37.44 -44.19 -82.80
CA GLY H 1654 38.44 -43.47 -83.54
C GLY H 1654 38.83 -44.07 -84.88
N VAL H 1655 38.31 -45.26 -85.20
CA VAL H 1655 38.64 -45.95 -86.44
C VAL H 1655 37.45 -45.85 -87.38
N GLY H 1656 37.71 -45.50 -88.63
CA GLY H 1656 36.69 -45.43 -89.64
C GLY H 1656 36.91 -44.26 -90.56
N LEU H 1657 35.86 -43.89 -91.28
CA LEU H 1657 35.90 -42.75 -92.19
C LEU H 1657 35.21 -41.56 -91.55
N ARG H 1658 35.84 -40.40 -91.66
CA ARG H 1658 35.32 -39.17 -91.07
C ARG H 1658 34.80 -38.28 -92.19
N THR H 1659 33.53 -37.90 -92.11
CA THR H 1659 32.89 -37.08 -93.12
C THR H 1659 32.75 -35.62 -92.72
N CYS H 1660 33.03 -35.28 -91.46
CA CYS H 1660 32.97 -33.90 -91.04
C CYS H 1660 34.09 -33.09 -91.70
N LEU H 1661 33.84 -31.80 -91.85
CA LEU H 1661 34.77 -30.91 -92.51
C LEU H 1661 35.74 -30.35 -91.48
N LYS H 1662 37.03 -30.60 -91.69
CA LYS H 1662 38.09 -30.15 -90.78
C LYS H 1662 39.18 -29.47 -91.59
N PRO H 1663 39.38 -28.16 -91.43
CA PRO H 1663 40.43 -27.49 -92.20
C PRO H 1663 41.82 -28.03 -91.88
N GLY H 1664 42.67 -28.08 -92.89
CA GLY H 1664 44.02 -28.57 -92.71
C GLY H 1664 44.95 -27.50 -92.18
N PHE H 1665 46.13 -27.94 -91.74
CA PHE H 1665 47.15 -27.08 -91.17
C PHE H 1665 48.36 -27.02 -92.10
N ARG H 1666 49.00 -25.86 -92.13
CA ARG H 1666 50.12 -25.61 -93.03
C ARG H 1666 51.42 -25.53 -92.24
N PHE H 1667 52.40 -26.33 -92.65
CA PHE H 1667 53.72 -26.33 -92.05
C PHE H 1667 54.74 -25.86 -93.08
N SER H 1668 55.82 -25.25 -92.62
CA SER H 1668 56.90 -24.84 -93.51
C SER H 1668 58.23 -25.15 -92.86
N THR H 1669 59.20 -25.57 -93.67
CA THR H 1669 60.50 -25.96 -93.14
C THR H 1669 61.28 -24.73 -92.70
N PRO H 1670 61.92 -24.77 -91.53
CA PRO H 1670 62.65 -23.62 -90.97
C PRO H 1670 64.01 -23.37 -91.62
N CYS H 1671 63.99 -22.65 -92.75
CA CYS H 1671 65.20 -22.32 -93.48
C CYS H 1671 65.56 -20.86 -93.24
N PHE H 1672 66.80 -20.61 -92.87
CA PHE H 1672 67.26 -19.26 -92.53
C PHE H 1672 68.10 -18.62 -93.64
N VAL H 1673 68.07 -19.20 -94.83
CA VAL H 1673 68.73 -18.61 -95.99
C VAL H 1673 67.69 -17.89 -96.84
N VAL H 1674 66.43 -18.31 -96.72
CA VAL H 1674 65.35 -17.68 -97.46
C VAL H 1674 65.05 -16.31 -96.90
N THR H 1675 64.96 -15.32 -97.79
CA THR H 1675 64.67 -13.95 -97.39
C THR H 1675 63.18 -13.67 -97.56
N GLY H 1676 62.59 -13.09 -96.53
CA GLY H 1676 61.17 -12.81 -96.53
C GLY H 1676 60.40 -13.77 -95.63
N GLU H 1677 59.21 -13.33 -95.21
CA GLU H 1677 58.35 -14.12 -94.35
C GLU H 1677 57.35 -14.97 -95.13
N GLU H 1678 57.29 -14.82 -96.46
CA GLU H 1678 56.36 -15.60 -97.25
C GLU H 1678 56.64 -17.09 -97.12
N HIS H 1679 57.92 -17.46 -97.02
CA HIS H 1679 58.27 -18.87 -96.86
C HIS H 1679 57.69 -19.44 -95.55
N GLN H 1680 57.76 -18.66 -94.48
CA GLN H 1680 57.24 -19.11 -93.20
C GLN H 1680 55.73 -19.24 -93.23
N LYS H 1681 55.21 -20.36 -92.73
CA LYS H 1681 53.77 -20.65 -92.75
C LYS H 1681 53.41 -21.40 -91.47
N GLN H 1682 52.94 -20.69 -90.47
CA GLN H 1682 52.47 -21.28 -89.21
C GLN H 1682 53.65 -22.01 -88.56
N SER H 1683 53.44 -23.17 -87.96
CA SER H 1683 54.49 -23.82 -87.21
C SER H 1683 55.53 -24.47 -88.13
N PRO H 1684 56.74 -24.68 -87.63
CA PRO H 1684 57.76 -25.34 -88.44
C PRO H 1684 57.39 -26.78 -88.75
N GLU H 1685 57.86 -27.26 -89.89
CA GLU H 1685 57.53 -28.58 -90.36
C GLU H 1685 58.28 -29.65 -89.59
N ILE H 1686 57.61 -30.77 -89.33
CA ILE H 1686 58.23 -31.95 -88.74
C ILE H 1686 57.80 -33.14 -89.58
N PRO H 1687 58.60 -34.21 -89.66
CA PRO H 1687 58.23 -35.34 -90.54
C PRO H 1687 56.84 -35.91 -90.29
N LEU H 1688 56.49 -36.20 -89.05
CA LEU H 1688 55.16 -36.69 -88.67
C LEU H 1688 54.92 -38.13 -89.09
N GLU H 1689 55.83 -38.71 -89.86
CA GLU H 1689 55.80 -40.14 -90.15
C GLU H 1689 56.85 -40.89 -89.37
N ILE H 1690 58.03 -40.30 -89.20
CA ILE H 1690 59.01 -40.82 -88.26
C ILE H 1690 58.54 -40.60 -86.83
N LEU H 1691 57.95 -39.44 -86.56
CA LEU H 1691 57.60 -39.06 -85.19
C LEU H 1691 56.54 -39.98 -84.62
N LYS H 1692 55.49 -40.27 -85.38
CA LYS H 1692 54.40 -41.07 -84.85
C LYS H 1692 54.82 -42.53 -84.69
N THR H 1693 55.62 -43.05 -85.62
CA THR H 1693 56.15 -44.40 -85.47
C THR H 1693 57.04 -44.49 -84.23
N LYS H 1694 57.91 -43.50 -84.03
CA LYS H 1694 58.76 -43.51 -82.85
C LYS H 1694 57.93 -43.40 -81.58
N ALA H 1695 56.87 -42.60 -81.60
CA ALA H 1695 56.02 -42.48 -80.43
C ALA H 1695 55.35 -43.81 -80.09
N LEU H 1696 54.81 -44.49 -81.10
CA LEU H 1696 54.19 -45.79 -80.84
C LEU H 1696 55.21 -46.79 -80.31
N SER H 1697 56.42 -46.79 -80.87
CA SER H 1697 57.46 -47.70 -80.40
C SER H 1697 57.84 -47.41 -78.96
N MET H 1698 57.99 -46.13 -78.62
CA MET H 1698 58.35 -45.76 -77.25
C MET H 1698 57.25 -46.15 -76.27
N LEU H 1699 55.99 -45.94 -76.65
CA LEU H 1699 54.91 -46.36 -75.76
C LEU H 1699 54.87 -47.87 -75.58
N THR H 1700 55.07 -48.62 -76.67
CA THR H 1700 55.09 -50.08 -76.55
C THR H 1700 56.20 -50.55 -75.61
N GLU H 1701 57.41 -50.01 -75.79
CA GLU H 1701 58.52 -50.45 -74.95
C GLU H 1701 58.33 -49.99 -73.50
N ALA H 1702 57.74 -48.83 -73.30
CA ALA H 1702 57.46 -48.38 -71.94
C ALA H 1702 56.48 -49.31 -71.25
N VAL H 1703 55.43 -49.72 -71.96
CA VAL H 1703 54.44 -50.61 -71.37
C VAL H 1703 55.04 -51.98 -71.10
N GLN H 1704 55.93 -52.46 -71.97
CA GLN H 1704 56.53 -53.76 -71.76
C GLN H 1704 57.54 -53.79 -70.62
N HIS H 1705 57.92 -52.63 -70.08
CA HIS H 1705 58.80 -52.54 -68.91
C HIS H 1705 58.10 -51.79 -67.79
N SER H 1706 56.82 -52.08 -67.58
CA SER H 1706 56.01 -51.36 -66.60
C SER H 1706 55.80 -52.14 -65.31
N GLY H 1707 56.59 -53.18 -65.07
CA GLY H 1707 56.45 -53.92 -63.84
C GLY H 1707 56.71 -53.06 -62.63
N ALA H 1708 56.05 -53.40 -61.52
CA ALA H 1708 56.24 -52.66 -60.29
C ALA H 1708 57.58 -52.95 -59.64
N HIS H 1709 58.22 -54.06 -60.01
CA HIS H 1709 59.49 -54.44 -59.43
C HIS H 1709 60.69 -53.81 -60.11
N ILE H 1710 60.49 -53.19 -61.27
CA ILE H 1710 61.61 -52.58 -61.99
C ILE H 1710 62.18 -51.44 -61.17
N ARG H 1711 63.50 -51.32 -61.17
CA ARG H 1711 64.19 -50.38 -60.29
C ARG H 1711 64.89 -49.26 -61.03
N ASP H 1712 64.83 -49.22 -62.36
CA ASP H 1712 65.38 -48.11 -63.14
C ASP H 1712 64.37 -47.65 -64.18
N PRO H 1713 63.24 -47.10 -63.75
CA PRO H 1713 62.30 -46.53 -64.72
C PRO H 1713 62.95 -45.39 -65.48
N VAL H 1714 62.60 -45.27 -66.76
CA VAL H 1714 63.19 -44.23 -67.59
C VAL H 1714 62.84 -42.87 -67.02
N GLY H 1715 63.86 -42.04 -66.82
CA GLY H 1715 63.67 -40.72 -66.28
C GLY H 1715 63.71 -40.63 -64.78
N GLY H 1716 63.77 -41.75 -64.07
CA GLY H 1716 63.84 -41.75 -62.63
C GLY H 1716 62.55 -42.10 -61.93
N SER H 1717 61.43 -42.15 -62.64
CA SER H 1717 60.15 -42.48 -62.04
C SER H 1717 59.20 -42.97 -63.12
N VAL H 1718 58.09 -43.57 -62.69
CA VAL H 1718 57.05 -43.96 -63.62
C VAL H 1718 56.39 -42.72 -64.23
N GLU H 1719 56.26 -41.66 -63.44
CA GLU H 1719 55.72 -40.41 -63.98
C GLU H 1719 56.60 -39.88 -65.10
N PHE H 1720 57.90 -39.74 -64.85
CA PHE H 1720 58.81 -39.25 -65.86
C PHE H 1720 58.97 -40.21 -67.04
N GLN H 1721 58.55 -41.45 -66.88
CA GLN H 1721 58.60 -42.39 -67.98
C GLN H 1721 57.36 -42.32 -68.87
N PHE H 1722 56.17 -42.15 -68.27
CA PHE H 1722 54.92 -42.28 -69.01
C PHE H 1722 54.31 -40.94 -69.39
N VAL H 1723 54.35 -39.94 -68.53
CA VAL H 1723 53.66 -38.68 -68.82
C VAL H 1723 54.14 -38.03 -70.11
N PRO H 1724 55.45 -37.93 -70.38
CA PRO H 1724 55.87 -37.33 -71.66
C PRO H 1724 55.36 -38.10 -72.87
N VAL H 1725 55.47 -39.43 -72.87
CA VAL H 1725 55.03 -40.20 -74.02
C VAL H 1725 53.52 -40.09 -74.18
N LEU H 1726 52.78 -40.10 -73.07
CA LEU H 1726 51.33 -39.97 -73.16
C LEU H 1726 50.92 -38.61 -73.67
N LYS H 1727 51.63 -37.55 -73.27
CA LYS H 1727 51.33 -36.23 -73.80
C LYS H 1727 51.58 -36.18 -75.30
N LEU H 1728 52.68 -36.76 -75.76
CA LEU H 1728 52.96 -36.78 -77.19
C LEU H 1728 51.90 -37.59 -77.95
N ILE H 1729 51.49 -38.73 -77.40
CA ILE H 1729 50.48 -39.56 -78.04
C ILE H 1729 49.15 -38.82 -78.13
N GLY H 1730 48.75 -38.16 -77.05
CA GLY H 1730 47.51 -37.39 -77.08
C GLY H 1730 47.56 -36.25 -78.06
N THR H 1731 48.69 -35.55 -78.12
CA THR H 1731 48.85 -34.47 -79.08
C THR H 1731 48.74 -34.98 -80.51
N LEU H 1732 49.37 -36.11 -80.80
CA LEU H 1732 49.30 -36.64 -82.16
C LEU H 1732 47.93 -37.22 -82.48
N LEU H 1733 47.20 -37.71 -81.46
CA LEU H 1733 45.85 -38.18 -81.69
C LEU H 1733 44.91 -37.03 -82.03
N VAL H 1734 44.95 -35.97 -81.24
CA VAL H 1734 44.05 -34.83 -81.48
C VAL H 1734 44.35 -34.19 -82.83
N MET H 1735 45.61 -34.17 -83.25
CA MET H 1735 45.98 -33.65 -84.56
C MET H 1735 45.52 -34.56 -85.69
N GLY H 1736 45.03 -35.75 -85.39
CA GLY H 1736 44.60 -36.66 -86.43
C GLY H 1736 45.71 -37.18 -87.31
N VAL H 1737 46.83 -37.58 -86.71
CA VAL H 1737 47.96 -38.11 -87.47
C VAL H 1737 47.90 -39.63 -87.58
N PHE H 1738 47.49 -40.30 -86.51
CA PHE H 1738 47.47 -41.75 -86.49
C PHE H 1738 46.38 -42.29 -87.40
N ASP H 1739 46.71 -43.32 -88.18
CA ASP H 1739 45.73 -43.99 -89.01
C ASP H 1739 45.08 -45.13 -88.20
N ASP H 1740 44.31 -45.98 -88.88
CA ASP H 1740 43.52 -46.98 -88.17
C ASP H 1740 44.39 -48.00 -87.46
N ASP H 1741 45.49 -48.42 -88.08
CA ASP H 1741 46.33 -49.43 -87.45
C ASP H 1741 47.05 -48.86 -86.23
N ASP H 1742 47.50 -47.61 -86.31
CA ASP H 1742 48.13 -46.99 -85.14
C ASP H 1742 47.14 -46.86 -83.99
N ILE H 1743 45.90 -46.47 -84.30
CA ILE H 1743 44.88 -46.37 -83.27
C ILE H 1743 44.58 -47.74 -82.67
N ARG H 1744 44.60 -48.77 -83.51
CA ARG H 1744 44.39 -50.13 -83.02
C ARG H 1744 45.50 -50.55 -82.06
N GLN H 1745 46.75 -50.24 -82.41
CA GLN H 1745 47.86 -50.54 -81.52
C GLN H 1745 47.74 -49.79 -80.20
N ILE H 1746 47.38 -48.52 -80.25
CA ILE H 1746 47.23 -47.73 -79.04
C ILE H 1746 46.13 -48.31 -78.16
N LEU H 1747 45.00 -48.68 -78.77
CA LEU H 1747 43.90 -49.26 -78.01
C LEU H 1747 44.30 -50.59 -77.38
N LEU H 1748 45.04 -51.42 -78.10
CA LEU H 1748 45.54 -52.66 -77.51
C LEU H 1748 46.48 -52.40 -76.35
N LEU H 1749 47.28 -51.34 -76.42
CA LEU H 1749 48.13 -50.98 -75.29
C LEU H 1749 47.30 -50.46 -74.12
N ILE H 1750 46.14 -49.86 -74.40
CA ILE H 1750 45.28 -49.34 -73.33
C ILE H 1750 44.56 -50.48 -72.62
N ASP H 1751 43.81 -51.28 -73.37
CA ASP H 1751 43.12 -52.44 -72.81
C ASP H 1751 42.97 -53.52 -73.87
N PRO H 1752 43.75 -54.59 -73.82
CA PRO H 1752 43.75 -55.55 -74.93
C PRO H 1752 42.48 -56.37 -75.03
N SER H 1753 41.83 -56.69 -73.90
CA SER H 1753 40.67 -57.58 -73.95
C SER H 1753 39.45 -56.87 -74.53
N VAL H 1754 39.20 -55.63 -74.11
CA VAL H 1754 38.01 -54.93 -74.57
C VAL H 1754 38.09 -54.64 -76.06
N PHE H 1755 39.28 -54.25 -76.54
CA PHE H 1755 39.45 -53.82 -77.93
C PHE H 1755 40.08 -54.90 -78.80
N GLY H 1756 40.09 -56.14 -78.35
CA GLY H 1756 40.65 -57.22 -79.13
C GLY H 1756 39.76 -57.56 -80.32
N GLU H 1757 40.34 -58.32 -81.24
CA GLU H 1757 39.62 -58.72 -82.45
C GLU H 1757 38.49 -59.69 -82.12
N VAL H 1791 49.80 -57.28 -72.84
CA VAL H 1791 50.03 -57.41 -71.41
C VAL H 1791 48.73 -57.20 -70.64
N LYS H 1792 48.84 -56.65 -69.43
CA LYS H 1792 47.66 -56.35 -68.63
C LYS H 1792 46.95 -55.09 -69.12
N GLY H 1793 47.69 -54.11 -69.61
CA GLY H 1793 47.14 -52.86 -70.05
C GLY H 1793 47.45 -51.73 -69.08
N LEU H 1794 47.48 -50.51 -69.61
CA LEU H 1794 47.79 -49.36 -68.77
C LEU H 1794 46.73 -49.13 -67.71
N LEU H 1795 45.46 -49.30 -68.08
CA LEU H 1795 44.39 -48.98 -67.14
C LEU H 1795 44.44 -49.89 -65.92
N GLN H 1796 44.72 -51.18 -66.12
CA GLN H 1796 44.78 -52.13 -65.02
C GLN H 1796 46.08 -52.05 -64.23
N THR H 1797 47.04 -51.24 -64.67
CA THR H 1797 48.31 -51.09 -63.97
C THR H 1797 48.20 -50.00 -62.91
N ARG H 1798 48.89 -50.21 -61.79
CA ARG H 1798 48.97 -49.19 -60.76
C ARG H 1798 49.81 -48.02 -61.27
N LEU H 1799 49.20 -46.85 -61.38
CA LEU H 1799 49.84 -45.69 -61.96
C LEU H 1799 49.75 -44.50 -61.02
N PRO H 1800 50.69 -43.58 -61.07
CA PRO H 1800 50.55 -42.33 -60.34
C PRO H 1800 49.39 -41.52 -60.90
N GLU H 1801 49.10 -40.40 -60.24
CA GLU H 1801 47.97 -39.58 -60.63
C GLU H 1801 48.23 -38.78 -61.91
N SER H 1802 49.48 -38.49 -62.22
CA SER H 1802 49.79 -37.81 -63.48
C SER H 1802 49.48 -38.70 -64.67
N VAL H 1803 49.90 -39.97 -64.60
CA VAL H 1803 49.56 -40.92 -65.65
C VAL H 1803 48.06 -41.10 -65.71
N LYS H 1804 47.37 -41.01 -64.57
CA LYS H 1804 45.91 -41.09 -64.58
C LYS H 1804 45.30 -39.91 -65.32
N LEU H 1805 45.84 -38.70 -65.12
CA LEU H 1805 45.34 -37.56 -65.88
C LEU H 1805 45.52 -37.78 -67.38
N GLN H 1806 46.68 -38.29 -67.78
CA GLN H 1806 46.91 -38.53 -69.21
C GLN H 1806 45.94 -39.57 -69.75
N MET H 1807 45.71 -40.64 -69.00
CA MET H 1807 44.78 -41.68 -69.43
C MET H 1807 43.36 -41.12 -69.54
N CYS H 1808 42.96 -40.27 -68.59
CA CYS H 1808 41.65 -39.65 -68.67
C CYS H 1808 41.51 -38.80 -69.91
N GLU H 1809 42.56 -38.05 -70.27
CA GLU H 1809 42.49 -37.24 -71.47
C GLU H 1809 42.36 -38.10 -72.72
N LEU H 1810 43.12 -39.19 -72.80
CA LEU H 1810 42.98 -40.10 -73.94
C LEU H 1810 41.58 -40.68 -74.03
N LEU H 1811 41.01 -41.07 -72.89
CA LEU H 1811 39.66 -41.62 -72.89
C LEU H 1811 38.64 -40.58 -73.32
N SER H 1812 38.85 -39.32 -72.92
CA SER H 1812 37.96 -38.26 -73.38
C SER H 1812 38.01 -38.12 -74.90
N TYR H 1813 39.21 -38.21 -75.48
CA TYR H 1813 39.30 -38.17 -76.94
C TYR H 1813 38.54 -39.32 -77.58
N LEU H 1814 38.67 -40.52 -77.02
CA LEU H 1814 37.96 -41.66 -77.59
C LEU H 1814 36.45 -41.47 -77.52
N CYS H 1815 35.95 -40.93 -76.41
CA CYS H 1815 34.53 -40.64 -76.30
C CYS H 1815 34.10 -39.61 -77.35
N ASP H 1816 34.92 -38.59 -77.58
CA ASP H 1816 34.61 -37.62 -78.62
C ASP H 1816 34.54 -38.27 -79.99
N CYS H 1817 35.44 -39.21 -80.26
CA CYS H 1817 35.40 -39.93 -81.53
C CYS H 1817 34.11 -40.71 -81.69
N GLU H 1818 33.67 -41.39 -80.62
CA GLU H 1818 32.41 -42.12 -80.69
C GLU H 1818 31.24 -41.18 -80.96
N LEU H 1819 31.22 -40.03 -80.30
CA LEU H 1819 30.13 -39.08 -80.51
C LEU H 1819 30.10 -38.57 -81.96
N GLN H 1820 31.27 -38.26 -82.51
CA GLN H 1820 31.31 -37.79 -83.90
C GLN H 1820 30.84 -38.89 -84.84
N HIS H 1821 31.20 -40.14 -84.56
CA HIS H 1821 30.72 -41.25 -85.37
C HIS H 1821 29.21 -41.34 -85.33
N ARG H 1822 28.62 -41.20 -84.15
CA ARG H 1822 27.16 -41.24 -84.04
C ARG H 1822 26.51 -40.13 -84.85
N VAL H 1823 27.06 -38.92 -84.76
CA VAL H 1823 26.48 -37.80 -85.50
C VAL H 1823 26.54 -38.05 -87.00
N GLU H 1824 27.67 -38.54 -87.49
CA GLU H 1824 27.80 -38.80 -88.92
C GLU H 1824 26.85 -39.91 -89.38
N ALA H 1825 26.70 -40.96 -88.57
CA ALA H 1825 25.76 -42.02 -88.90
C ALA H 1825 24.34 -41.49 -88.98
N ILE H 1826 23.94 -40.65 -88.02
CA ILE H 1826 22.63 -40.04 -88.04
C ILE H 1826 22.44 -39.23 -89.32
N VAL H 1827 23.46 -38.46 -89.71
CA VAL H 1827 23.33 -37.61 -90.88
C VAL H 1827 23.17 -38.44 -92.15
N ALA H 1828 23.94 -39.53 -92.27
CA ALA H 1828 23.82 -40.37 -93.46
C ALA H 1828 22.44 -41.01 -93.54
N PHE H 1829 21.96 -41.55 -92.41
CA PHE H 1829 20.62 -42.14 -92.40
C PHE H 1829 19.58 -41.09 -92.75
N GLY H 1830 19.73 -39.88 -92.23
CA GLY H 1830 18.80 -38.82 -92.56
C GLY H 1830 18.80 -38.48 -94.03
N ASP H 1831 19.97 -38.49 -94.66
CA ASP H 1831 20.03 -38.21 -96.08
C ASP H 1831 19.25 -39.25 -96.88
N ILE H 1832 19.49 -40.53 -96.61
CA ILE H 1832 18.78 -41.56 -97.37
C ILE H 1832 17.28 -41.51 -97.08
N TYR H 1833 16.91 -41.30 -95.82
CA TYR H 1833 15.50 -41.26 -95.45
C TYR H 1833 14.78 -40.08 -96.09
N VAL H 1834 15.42 -38.91 -96.14
CA VAL H 1834 14.78 -37.76 -96.76
C VAL H 1834 14.66 -37.96 -98.25
N SER H 1835 15.63 -38.62 -98.89
CA SER H 1835 15.46 -38.94 -100.30
C SER H 1835 14.23 -39.83 -100.52
N LYS H 1836 14.08 -40.86 -99.68
CA LYS H 1836 12.91 -41.73 -99.80
C LYS H 1836 11.62 -40.94 -99.58
N LEU H 1837 11.60 -40.07 -98.57
CA LEU H 1837 10.40 -39.30 -98.29
C LEU H 1837 10.07 -38.34 -99.43
N GLN H 1838 11.09 -37.77 -100.06
CA GLN H 1838 10.85 -36.91 -101.22
C GLN H 1838 10.21 -37.70 -102.36
N ALA H 1839 10.75 -38.89 -102.63
CA ALA H 1839 10.16 -39.71 -103.69
C ALA H 1839 8.71 -40.06 -103.37
N ASN H 1840 8.44 -40.43 -102.12
CA ASN H 1840 7.08 -40.82 -101.76
C ASN H 1840 6.12 -39.63 -101.78
N GLN H 1841 6.59 -38.45 -101.38
CA GLN H 1841 5.72 -37.28 -101.45
C GLN H 1841 5.42 -36.93 -102.91
N LYS H 1842 6.40 -37.08 -103.80
CA LYS H 1842 6.13 -36.87 -105.21
C LYS H 1842 5.08 -37.86 -105.71
N SER H 1843 5.21 -39.13 -105.34
CA SER H 1843 4.22 -40.12 -105.76
C SER H 1843 2.85 -39.80 -105.20
N ARG H 1844 2.77 -39.40 -103.92
CA ARG H 1844 1.49 -39.08 -103.32
C ARG H 1844 0.85 -37.87 -103.98
N TYR H 1845 1.65 -36.86 -104.32
CA TYR H 1845 1.12 -35.70 -105.02
C TYR H 1845 0.58 -36.08 -106.39
N ASN H 1846 1.33 -36.93 -107.11
CA ASN H 1846 0.86 -37.37 -108.42
C ASN H 1846 -0.44 -38.15 -108.30
N GLU H 1847 -0.56 -39.00 -107.27
CA GLU H 1847 -1.81 -39.72 -107.05
C GLU H 1847 -2.95 -38.75 -106.73
N LEU H 1848 -2.68 -37.73 -105.91
CA LEU H 1848 -3.71 -36.76 -105.55
C LEU H 1848 -4.20 -35.99 -106.77
N MET H 1849 -3.27 -35.62 -107.66
CA MET H 1849 -3.68 -34.94 -108.89
C MET H 1849 -4.58 -35.84 -109.73
N GLN H 1850 -4.23 -37.12 -109.84
CA GLN H 1850 -5.05 -38.08 -110.57
C GLN H 1850 -5.92 -38.85 -109.58
N ALA H 1851 -6.87 -38.14 -109.00
CA ALA H 1851 -7.80 -38.69 -108.00
C ALA H 1851 -9.21 -38.52 -108.52
N LEU H 1852 -9.86 -39.64 -108.85
CA LEU H 1852 -11.24 -39.58 -109.33
C LEU H 1852 -12.20 -39.18 -108.22
N ASN H 1853 -12.07 -39.81 -107.05
CA ASN H 1853 -12.96 -39.51 -105.92
C ASN H 1853 -12.37 -38.37 -105.11
N MET H 1854 -12.39 -37.18 -105.71
CA MET H 1854 -11.80 -35.98 -105.11
C MET H 1854 -12.85 -35.29 -104.25
N SER H 1855 -12.91 -35.70 -102.98
CA SER H 1855 -13.78 -35.01 -102.03
C SER H 1855 -13.28 -33.60 -101.78
N ALA H 1856 -14.20 -32.66 -101.60
CA ALA H 1856 -13.82 -31.27 -101.37
C ALA H 1856 -13.01 -31.13 -100.09
N ALA H 1857 -13.47 -31.74 -99.00
CA ALA H 1857 -12.74 -31.66 -97.74
C ALA H 1857 -11.40 -32.38 -97.83
N LEU H 1858 -11.38 -33.58 -98.41
CA LEU H 1858 -10.13 -34.32 -98.54
C LEU H 1858 -9.17 -33.60 -99.47
N THR H 1859 -9.68 -33.06 -100.58
CA THR H 1859 -8.82 -32.31 -101.49
C THR H 1859 -8.23 -31.08 -100.82
N ALA H 1860 -9.05 -30.36 -100.05
CA ALA H 1860 -8.55 -29.18 -99.34
C ALA H 1860 -7.49 -29.57 -98.32
N ARG H 1861 -7.73 -30.66 -97.57
CA ARG H 1861 -6.74 -31.11 -96.59
C ARG H 1861 -5.43 -31.51 -97.26
N LYS H 1862 -5.50 -32.22 -98.39
CA LYS H 1862 -4.30 -32.61 -99.10
C LYS H 1862 -3.55 -31.39 -99.63
N THR H 1863 -4.29 -30.42 -100.17
CA THR H 1863 -3.66 -29.20 -100.68
C THR H 1863 -2.98 -28.44 -99.56
N ARG H 1864 -3.63 -28.36 -98.39
CA ARG H 1864 -3.00 -27.70 -97.24
C ARG H 1864 -1.74 -28.44 -96.80
N GLU H 1865 -1.79 -29.77 -96.77
CA GLU H 1865 -0.63 -30.54 -96.35
C GLU H 1865 0.54 -30.35 -97.30
N PHE H 1866 0.28 -30.41 -98.61
CA PHE H 1866 1.34 -30.24 -99.58
C PHE H 1866 1.77 -28.78 -99.72
N ARG H 1867 0.86 -27.84 -99.48
CA ARG H 1867 1.19 -26.42 -99.55
C ARG H 1867 1.47 -25.89 -98.15
N SER H 1868 2.56 -26.37 -97.58
CA SER H 1868 2.98 -26.01 -96.24
C SER H 1868 4.48 -25.74 -96.26
N PRO H 1869 4.99 -25.01 -95.29
CA PRO H 1869 6.42 -24.76 -95.23
C PRO H 1869 7.19 -26.06 -95.16
N PRO H 1870 8.39 -26.12 -95.74
CA PRO H 1870 9.14 -27.39 -95.77
C PRO H 1870 9.40 -27.96 -94.38
N GLN H 1871 9.68 -27.12 -93.39
CA GLN H 1871 9.84 -27.63 -92.03
C GLN H 1871 8.56 -28.26 -91.53
N GLU H 1872 7.42 -27.64 -91.82
CA GLU H 1872 6.14 -28.22 -91.44
C GLU H 1872 5.90 -29.54 -92.13
N GLN H 1873 6.29 -29.63 -93.41
CA GLN H 1873 6.14 -30.89 -94.13
C GLN H 1873 6.99 -31.99 -93.49
N ILE H 1874 8.23 -31.65 -93.11
CA ILE H 1874 9.09 -32.64 -92.46
C ILE H 1874 8.50 -33.06 -91.12
N ASN H 1875 8.00 -32.10 -90.35
CA ASN H 1875 7.39 -32.43 -89.06
C ASN H 1875 6.20 -33.35 -89.25
N MET H 1876 5.36 -33.08 -90.25
CA MET H 1876 4.21 -33.94 -90.51
C MET H 1876 4.66 -35.33 -90.92
N LEU H 1877 5.67 -35.43 -91.79
CA LEU H 1877 6.13 -36.73 -92.24
C LEU H 1877 6.72 -37.55 -91.10
N LEU H 1878 7.47 -36.92 -90.20
CA LEU H 1878 8.22 -37.68 -89.19
C LEU H 1878 7.44 -37.95 -87.91
N ASN H 1879 6.34 -37.23 -87.66
CA ASN H 1879 5.51 -37.51 -86.49
C ASN H 1879 4.76 -38.82 -86.72
N PHE H 1880 5.25 -39.90 -86.14
CA PHE H 1880 4.65 -41.21 -86.32
C PHE H 1880 3.58 -41.52 -85.29
N GLN H 1881 3.37 -40.66 -84.30
CA GLN H 1881 2.32 -40.86 -83.31
C GLN H 1881 0.97 -40.33 -83.77
N LEU H 1882 0.90 -39.70 -84.95
CA LEU H 1882 -0.35 -39.15 -85.45
C LEU H 1882 -1.21 -40.20 -86.16
N GLY H 1883 -0.73 -41.44 -86.29
CA GLY H 1883 -1.54 -42.48 -86.89
C GLY H 1883 -1.88 -42.16 -88.33
N GLU H 1884 -3.17 -42.26 -88.66
CA GLU H 1884 -3.63 -41.92 -90.00
C GLU H 1884 -3.41 -40.46 -90.33
N ASN H 1885 -3.29 -39.59 -89.32
CA ASN H 1885 -3.02 -38.18 -89.58
C ASN H 1885 -1.67 -38.00 -90.27
N CYS H 1886 -0.67 -38.75 -89.84
CA CYS H 1886 0.64 -38.67 -90.48
C CYS H 1886 0.59 -39.33 -91.85
N PRO H 1887 1.01 -38.65 -92.92
CA PRO H 1887 0.96 -39.24 -94.25
C PRO H 1887 2.12 -40.17 -94.59
N CYS H 1888 2.86 -40.66 -93.62
CA CYS H 1888 4.00 -41.52 -93.89
C CYS H 1888 3.56 -42.98 -93.98
N PRO H 1889 3.87 -43.68 -95.08
CA PRO H 1889 3.58 -45.12 -95.13
C PRO H 1889 4.35 -45.88 -94.07
N GLU H 1890 3.75 -46.98 -93.60
CA GLU H 1890 4.37 -47.74 -92.51
C GLU H 1890 5.64 -48.44 -92.97
N GLU H 1891 5.73 -48.80 -94.26
CA GLU H 1891 6.94 -49.44 -94.76
C GLU H 1891 8.15 -48.53 -94.58
N ILE H 1892 7.97 -47.22 -94.84
CA ILE H 1892 9.03 -46.27 -94.58
C ILE H 1892 9.25 -46.10 -93.07
N ARG H 1893 8.17 -46.14 -92.29
CA ARG H 1893 8.28 -45.94 -90.85
C ARG H 1893 9.11 -47.04 -90.19
N GLU H 1894 9.10 -48.23 -90.77
CA GLU H 1894 9.88 -49.33 -90.20
C GLU H 1894 11.37 -48.99 -90.18
N GLU H 1895 11.87 -48.35 -91.24
CA GLU H 1895 13.28 -47.97 -91.28
C GLU H 1895 13.62 -47.03 -90.15
N LEU H 1896 12.79 -46.00 -89.93
CA LEU H 1896 13.10 -45.04 -88.88
C LEU H 1896 13.03 -45.68 -87.51
N TYR H 1897 12.03 -46.54 -87.28
CA TYR H 1897 11.96 -47.22 -85.98
C TYR H 1897 13.19 -48.09 -85.74
N ASP H 1898 13.61 -48.84 -86.77
CA ASP H 1898 14.79 -49.70 -86.61
C ASP H 1898 16.04 -48.87 -86.34
N PHE H 1899 16.22 -47.77 -87.08
CA PHE H 1899 17.40 -46.93 -86.86
C PHE H 1899 17.39 -46.33 -85.46
N HIS H 1900 16.23 -45.88 -84.99
CA HIS H 1900 16.16 -45.31 -83.66
C HIS H 1900 16.50 -46.34 -82.60
N GLU H 1901 15.99 -47.56 -82.75
CA GLU H 1901 16.32 -48.61 -81.78
C GLU H 1901 17.81 -48.91 -81.79
N ASP H 1902 18.41 -49.02 -82.98
CA ASP H 1902 19.83 -49.32 -83.07
C ASP H 1902 20.66 -48.18 -82.47
N LEU H 1903 20.28 -46.94 -82.74
CA LEU H 1903 21.01 -45.81 -82.19
C LEU H 1903 20.94 -45.79 -80.67
N LEU H 1904 19.76 -46.06 -80.10
CA LEU H 1904 19.66 -46.09 -78.65
C LEU H 1904 20.43 -47.26 -78.06
N ILE H 1905 20.56 -48.36 -78.78
CA ILE H 1905 21.38 -49.46 -78.30
C ILE H 1905 22.86 -49.08 -78.34
N HIS H 1906 23.27 -48.37 -79.39
CA HIS H 1906 24.65 -47.92 -79.50
C HIS H 1906 25.00 -46.94 -78.39
N CYS H 1907 24.09 -46.04 -78.05
CA CYS H 1907 24.33 -45.05 -77.01
C CYS H 1907 24.31 -45.63 -75.61
N GLY H 1908 24.21 -46.95 -75.46
CA GLY H 1908 24.27 -47.57 -74.16
C GLY H 1908 22.96 -47.60 -73.40
N VAL H 1909 21.91 -47.01 -73.94
CA VAL H 1909 20.60 -47.03 -73.31
C VAL H 1909 20.03 -48.44 -73.40
N PRO H 1910 19.68 -49.08 -72.28
CA PRO H 1910 19.15 -50.44 -72.30
C PRO H 1910 17.70 -50.50 -72.77
N GLU H 1950 29.11 -57.21 -62.75
CA GLU H 1950 30.42 -57.81 -62.51
C GLU H 1950 31.03 -58.33 -63.81
N ARG H 1951 30.27 -58.21 -64.90
CA ARG H 1951 30.73 -58.70 -66.18
C ARG H 1951 31.95 -57.92 -66.67
N CYS H 1952 32.83 -58.62 -67.38
CA CYS H 1952 33.98 -57.95 -67.98
C CYS H 1952 33.50 -56.92 -68.99
N PRO H 1953 34.16 -55.78 -69.10
CA PRO H 1953 33.71 -54.76 -70.06
C PRO H 1953 33.80 -55.26 -71.50
N THR H 1954 32.87 -54.78 -72.32
CA THR H 1954 32.86 -55.10 -73.74
C THR H 1954 32.78 -53.86 -74.63
N THR H 1955 32.54 -52.68 -74.06
CA THR H 1955 32.50 -51.45 -74.83
C THR H 1955 33.28 -50.38 -74.07
N LEU H 1956 33.45 -49.23 -74.72
CA LEU H 1956 34.24 -48.17 -74.12
C LEU H 1956 33.58 -47.60 -72.88
N LYS H 1957 32.25 -47.46 -72.90
CA LYS H 1957 31.54 -46.89 -71.76
C LYS H 1957 31.74 -47.72 -70.50
N GLU H 1958 31.57 -49.05 -70.61
CA GLU H 1958 31.76 -49.92 -69.46
C GLU H 1958 33.19 -49.86 -68.96
N LEU H 1959 34.15 -49.87 -69.87
CA LEU H 1959 35.56 -49.79 -69.49
C LEU H 1959 35.84 -48.52 -68.71
N ILE H 1960 35.36 -47.38 -69.22
CA ILE H 1960 35.62 -46.11 -68.57
C ILE H 1960 34.97 -46.05 -67.19
N SER H 1961 33.71 -46.48 -67.10
CA SER H 1961 33.01 -46.43 -65.83
C SER H 1961 33.70 -47.30 -64.79
N GLN H 1962 34.01 -48.54 -65.15
CA GLN H 1962 34.67 -49.43 -64.21
C GLN H 1962 36.03 -48.91 -63.81
N THR H 1963 36.79 -48.36 -64.77
CA THR H 1963 38.11 -47.83 -64.44
C THR H 1963 38.02 -46.65 -63.48
N MET H 1964 37.09 -45.73 -63.73
CA MET H 1964 36.97 -44.57 -62.86
C MET H 1964 36.55 -44.97 -61.46
N ILE H 1965 35.58 -45.87 -61.35
CA ILE H 1965 35.13 -46.29 -60.04
C ILE H 1965 36.20 -47.09 -59.31
N ARG H 1966 36.96 -47.92 -60.04
CA ARG H 1966 38.04 -48.68 -59.40
C ARG H 1966 39.16 -47.77 -58.93
N TRP H 1967 39.49 -46.74 -59.72
CA TRP H 1967 40.48 -45.77 -59.26
C TRP H 1967 40.00 -45.04 -58.02
N ALA H 1968 38.72 -44.66 -57.98
CA ALA H 1968 38.20 -43.95 -56.83
C ALA H 1968 38.18 -44.84 -55.59
N GLN H 1969 37.91 -46.14 -55.77
CA GLN H 1969 37.84 -47.05 -54.63
C GLN H 1969 39.23 -47.43 -54.13
N GLU H 1970 40.20 -47.60 -55.03
CA GLU H 1970 41.52 -48.06 -54.65
C GLU H 1970 42.20 -47.08 -53.71
N ASP H 1971 42.21 -45.80 -54.07
CA ASP H 1971 42.93 -44.79 -53.31
C ASP H 1971 42.13 -43.52 -53.26
N GLN H 1972 42.41 -42.70 -52.26
CA GLN H 1972 41.79 -41.40 -52.11
C GLN H 1972 42.57 -40.40 -52.97
N ILE H 1973 41.93 -39.89 -54.01
CA ILE H 1973 42.61 -39.03 -54.97
C ILE H 1973 43.00 -37.73 -54.27
N GLN H 1974 44.29 -37.41 -54.30
CA GLN H 1974 44.83 -36.22 -53.64
C GLN H 1974 44.94 -35.03 -54.58
N ASP H 1975 44.55 -35.17 -55.84
CA ASP H 1975 44.65 -34.10 -56.82
C ASP H 1975 43.25 -33.66 -57.23
N ALA H 1976 42.98 -32.36 -57.11
CA ALA H 1976 41.66 -31.85 -57.43
C ALA H 1976 41.34 -32.01 -58.91
N GLU H 1977 42.31 -31.70 -59.77
CA GLU H 1977 42.08 -31.79 -61.21
C GLU H 1977 41.79 -33.21 -61.63
N LEU H 1978 42.49 -34.19 -61.06
CA LEU H 1978 42.23 -35.57 -61.40
C LEU H 1978 40.83 -35.99 -60.94
N VAL H 1979 40.41 -35.54 -59.76
CA VAL H 1979 39.06 -35.85 -59.29
C VAL H 1979 38.03 -35.30 -60.25
N ARG H 1980 38.20 -34.04 -60.66
CA ARG H 1980 37.27 -33.43 -61.59
C ARG H 1980 37.24 -34.17 -62.91
N MET H 1981 38.40 -34.55 -63.44
CA MET H 1981 38.45 -35.27 -64.70
C MET H 1981 37.78 -36.64 -64.59
N MET H 1982 38.09 -37.39 -63.53
CA MET H 1982 37.51 -38.72 -63.38
C MET H 1982 36.00 -38.64 -63.29
N PHE H 1983 35.48 -37.73 -62.47
CA PHE H 1983 34.04 -37.72 -62.27
C PHE H 1983 33.32 -37.08 -63.45
N SER H 1984 33.94 -36.15 -64.16
CA SER H 1984 33.35 -35.67 -65.41
C SER H 1984 33.23 -36.79 -66.43
N LEU H 1985 34.29 -37.58 -66.58
CA LEU H 1985 34.25 -38.69 -67.52
C LEU H 1985 33.21 -39.72 -67.12
N LEU H 1986 33.16 -40.07 -65.84
CA LEU H 1986 32.20 -41.05 -65.36
C LEU H 1986 30.77 -40.58 -65.59
N GLN H 1987 30.48 -39.33 -65.25
CA GLN H 1987 29.13 -38.81 -65.48
C GLN H 1987 28.80 -38.76 -66.96
N ARG H 1988 29.77 -38.39 -67.79
CA ARG H 1988 29.54 -38.31 -69.22
C ARG H 1988 29.28 -39.68 -69.82
N GLN H 1989 29.74 -40.75 -69.16
CA GLN H 1989 29.44 -42.09 -69.66
C GLN H 1989 27.95 -42.41 -69.57
N TYR H 1990 27.21 -41.75 -68.69
CA TYR H 1990 25.79 -42.02 -68.49
C TYR H 1990 24.92 -40.85 -68.99
N ASP H 1991 25.45 -40.08 -69.93
CA ASP H 1991 24.74 -38.99 -70.57
C ASP H 1991 24.96 -39.02 -72.07
N SER H 1992 24.83 -40.21 -72.66
CA SER H 1992 25.09 -40.37 -74.09
C SER H 1992 24.07 -39.58 -74.91
N ILE H 1993 22.79 -39.68 -74.54
CA ILE H 1993 21.75 -39.03 -75.33
C ILE H 1993 21.82 -37.52 -75.20
N GLY H 1994 22.12 -37.03 -74.00
CA GLY H 1994 22.23 -35.58 -73.82
C GLY H 1994 23.34 -34.98 -74.66
N GLU H 1995 24.51 -35.63 -74.65
CA GLU H 1995 25.62 -35.15 -75.47
C GLU H 1995 25.31 -35.31 -76.96
N LEU H 1996 24.61 -36.38 -77.33
CA LEU H 1996 24.22 -36.55 -78.72
C LEU H 1996 23.29 -35.43 -79.17
N LEU H 1997 22.33 -35.04 -78.32
CA LEU H 1997 21.47 -33.92 -78.64
C LEU H 1997 22.26 -32.63 -78.77
N GLN H 1998 23.14 -32.36 -77.80
CA GLN H 1998 23.92 -31.14 -77.86
C GLN H 1998 24.85 -31.12 -79.06
N ALA H 1999 25.27 -32.29 -79.54
CA ALA H 1999 26.08 -32.36 -80.75
C ALA H 1999 25.25 -32.12 -81.99
N LEU H 2000 24.04 -32.68 -82.04
CA LEU H 2000 23.17 -32.46 -83.18
C LEU H 2000 22.74 -31.00 -83.29
N ARG H 2001 22.61 -30.31 -82.16
CA ARG H 2001 22.22 -28.91 -82.20
C ARG H 2001 23.28 -28.04 -82.89
N LYS H 2002 24.52 -28.52 -82.99
CA LYS H 2002 25.58 -27.78 -83.66
C LYS H 2002 26.01 -28.45 -84.96
N THR H 2003 25.21 -29.36 -85.50
CA THR H 2003 25.50 -30.02 -86.75
C THR H 2003 24.86 -29.25 -87.90
N TYR H 2004 25.53 -29.24 -89.04
CA TYR H 2004 25.04 -28.54 -90.22
C TYR H 2004 25.55 -29.23 -91.47
N THR H 2005 24.64 -29.59 -92.36
CA THR H 2005 24.98 -30.28 -93.59
C THR H 2005 24.95 -29.28 -94.74
N ILE H 2006 26.04 -29.22 -95.50
CA ILE H 2006 26.16 -28.28 -96.61
C ILE H 2006 26.26 -29.07 -97.91
N SER H 2007 26.24 -28.34 -99.01
CA SER H 2007 26.34 -28.92 -100.34
C SER H 2007 27.80 -29.00 -100.78
N GLN H 2008 28.08 -29.97 -101.65
CA GLN H 2008 29.45 -30.18 -102.10
C GLN H 2008 29.99 -29.01 -102.89
N ALA H 2009 29.13 -28.11 -103.37
CA ALA H 2009 29.59 -26.96 -104.13
C ALA H 2009 30.24 -25.91 -103.23
N SER H 2010 29.85 -25.88 -101.96
CA SER H 2010 30.34 -24.86 -101.02
C SER H 2010 31.46 -25.35 -100.13
N VAL H 2011 32.07 -26.50 -100.44
CA VAL H 2011 33.08 -27.07 -99.55
C VAL H 2011 34.28 -26.16 -99.46
N SER H 2012 34.75 -25.63 -100.60
CA SER H 2012 35.93 -24.77 -100.59
C SER H 2012 35.65 -23.48 -99.82
N ASP H 2013 34.52 -22.84 -100.08
CA ASP H 2013 34.19 -21.60 -99.39
C ASP H 2013 34.05 -21.84 -97.89
N THR H 2014 33.41 -22.95 -97.50
CA THR H 2014 33.26 -23.23 -96.08
C THR H 2014 34.59 -23.57 -95.43
N ILE H 2015 35.50 -24.20 -96.17
CA ILE H 2015 36.84 -24.45 -95.64
C ILE H 2015 37.56 -23.13 -95.38
N ASN H 2016 37.47 -22.19 -96.32
CA ASN H 2016 38.09 -20.90 -96.10
C ASN H 2016 37.45 -20.17 -94.92
N LEU H 2017 36.13 -20.24 -94.81
CA LEU H 2017 35.43 -19.61 -93.69
C LEU H 2017 35.87 -20.21 -92.37
N LEU H 2018 35.99 -21.54 -92.31
CA LEU H 2018 36.41 -22.19 -91.07
C LEU H 2018 37.85 -21.86 -90.73
N ALA H 2019 38.72 -21.74 -91.73
CA ALA H 2019 40.09 -21.33 -91.47
C ALA H 2019 40.14 -19.94 -90.86
N ALA H 2020 39.40 -18.99 -91.45
CA ALA H 2020 39.38 -17.64 -90.92
C ALA H 2020 38.79 -17.61 -89.52
N LEU H 2021 37.71 -18.34 -89.29
CA LEU H 2021 37.09 -18.36 -87.97
C LEU H 2021 38.04 -18.96 -86.94
N GLY H 2022 38.78 -20.00 -87.31
CA GLY H 2022 39.74 -20.58 -86.39
C GLY H 2022 40.88 -19.63 -86.07
N GLN H 2023 41.36 -18.90 -87.06
CA GLN H 2023 42.39 -17.90 -86.80
C GLN H 2023 41.87 -16.83 -85.83
N ILE H 2024 40.63 -16.39 -86.01
CA ILE H 2024 40.06 -15.41 -85.10
C ILE H 2024 39.92 -15.99 -83.70
N ARG H 2025 39.43 -17.23 -83.60
CA ARG H 2025 39.22 -17.84 -82.29
C ARG H 2025 40.51 -18.02 -81.53
N CYS H 2026 41.58 -18.39 -82.24
CA CYS H 2026 42.87 -18.60 -81.57
C CYS H 2026 43.51 -17.32 -81.07
N LEU H 2027 43.00 -16.16 -81.47
CA LEU H 2027 43.51 -14.89 -80.98
C LEU H 2027 42.78 -14.39 -79.75
N LEU H 2028 41.83 -15.16 -79.22
CA LEU H 2028 41.17 -14.79 -77.98
C LEU H 2028 42.00 -15.09 -76.75
N SER H 2029 43.10 -15.82 -76.91
CA SER H 2029 44.04 -16.09 -75.84
C SER H 2029 45.37 -15.40 -76.09
N VAL H 2030 45.32 -14.19 -76.62
CA VAL H 2030 46.49 -13.37 -76.87
C VAL H 2030 46.19 -11.93 -76.50
N ARG H 2031 47.13 -11.28 -75.83
CA ARG H 2031 46.97 -9.87 -75.48
C ARG H 2031 46.84 -9.02 -76.74
N MET H 2032 45.85 -8.14 -76.75
CA MET H 2032 45.57 -7.35 -77.93
C MET H 2032 46.69 -6.36 -78.23
N GLY H 2033 47.05 -6.25 -79.50
CA GLY H 2033 48.08 -5.34 -79.94
C GLY H 2033 47.88 -4.90 -81.38
N LYS H 2034 48.85 -4.17 -81.93
CA LYS H 2034 48.70 -3.68 -83.30
C LYS H 2034 48.65 -4.83 -84.30
N GLU H 2035 49.59 -5.78 -84.20
CA GLU H 2035 49.60 -6.90 -85.13
C GLU H 2035 48.35 -7.77 -84.96
N GLU H 2036 47.97 -8.04 -83.72
CA GLU H 2036 46.76 -8.81 -83.47
C GLU H 2036 45.52 -8.06 -83.98
N GLU H 2037 45.50 -6.74 -83.79
CA GLU H 2037 44.39 -5.95 -84.28
C GLU H 2037 44.27 -6.05 -85.79
N LEU H 2038 45.40 -5.94 -86.51
CA LEU H 2038 45.35 -6.09 -87.95
C LEU H 2038 44.90 -7.48 -88.36
N LEU H 2039 45.37 -8.51 -87.65
CA LEU H 2039 44.97 -9.87 -87.97
C LEU H 2039 43.47 -10.05 -87.83
N MET H 2040 42.91 -9.56 -86.72
CA MET H 2040 41.47 -9.71 -86.51
C MET H 2040 40.66 -8.87 -87.49
N ILE H 2041 41.13 -7.67 -87.81
CA ILE H 2041 40.43 -6.84 -88.79
C ILE H 2041 40.38 -7.53 -90.14
N ASN H 2042 41.52 -8.06 -90.59
CA ASN H 2042 41.55 -8.76 -91.87
C ASN H 2042 40.71 -10.02 -91.83
N GLY H 2043 40.73 -10.75 -90.71
CA GLY H 2043 39.91 -11.95 -90.61
C GLY H 2043 38.43 -11.65 -90.71
N LEU H 2044 37.97 -10.61 -90.01
CA LEU H 2044 36.57 -10.23 -90.09
C LEU H 2044 36.21 -9.77 -91.50
N GLY H 2045 37.11 -9.02 -92.14
CA GLY H 2045 36.86 -8.64 -93.52
C GLY H 2045 36.71 -9.84 -94.45
N ASP H 2046 37.60 -10.82 -94.31
CA ASP H 2046 37.52 -12.01 -95.14
C ASP H 2046 36.23 -12.77 -94.87
N ILE H 2047 35.83 -12.88 -93.60
CA ILE H 2047 34.60 -13.60 -93.28
C ILE H 2047 33.39 -12.89 -93.88
N MET H 2048 33.35 -11.56 -93.77
CA MET H 2048 32.22 -10.82 -94.33
C MET H 2048 32.16 -10.95 -95.84
N ASN H 2049 33.31 -10.89 -96.51
CA ASN H 2049 33.33 -11.01 -97.97
C ASN H 2049 32.99 -12.41 -98.44
N ASN H 2050 32.96 -13.40 -97.56
CA ASN H 2050 32.69 -14.76 -97.97
C ASN H 2050 31.24 -14.93 -98.38
N LYS H 2051 31.01 -15.71 -99.44
CA LYS H 2051 29.65 -15.93 -99.93
C LYS H 2051 28.81 -16.66 -98.91
N VAL H 2052 29.38 -17.69 -98.27
CA VAL H 2052 28.63 -18.52 -97.34
C VAL H 2052 28.17 -17.74 -96.12
N PHE H 2053 28.81 -16.60 -95.81
CA PHE H 2053 28.40 -15.84 -94.65
C PHE H 2053 26.98 -15.33 -94.77
N TYR H 2054 26.63 -14.79 -95.94
CA TYR H 2054 25.27 -14.31 -96.18
C TYR H 2054 24.41 -15.27 -96.99
N GLN H 2055 24.97 -16.40 -97.43
CA GLN H 2055 24.14 -17.44 -98.02
C GLN H 2055 23.62 -18.44 -96.98
N HIS H 2056 24.35 -18.63 -95.89
CA HIS H 2056 23.99 -19.59 -94.84
C HIS H 2056 24.08 -18.91 -93.49
N PRO H 2057 23.16 -17.98 -93.20
CA PRO H 2057 23.18 -17.35 -91.86
C PRO H 2057 23.00 -18.34 -90.72
N ASN H 2058 22.24 -19.41 -90.94
CA ASN H 2058 22.11 -20.44 -89.92
C ASN H 2058 23.46 -21.05 -89.60
N LEU H 2059 24.32 -21.20 -90.61
CA LEU H 2059 25.66 -21.71 -90.37
C LEU H 2059 26.45 -20.77 -89.47
N MET H 2060 26.32 -19.46 -89.71
CA MET H 2060 27.03 -18.49 -88.88
C MET H 2060 26.53 -18.53 -87.45
N ARG H 2061 25.23 -18.71 -87.25
CA ARG H 2061 24.72 -18.83 -85.89
C ARG H 2061 25.17 -20.13 -85.23
N VAL H 2062 25.25 -21.21 -86.00
CA VAL H 2062 25.71 -22.48 -85.44
C VAL H 2062 27.17 -22.38 -85.01
N LEU H 2063 28.01 -21.78 -85.85
CA LEU H 2063 29.42 -21.65 -85.54
C LEU H 2063 29.69 -20.68 -84.39
N GLY H 2064 28.70 -19.92 -83.95
CA GLY H 2064 28.90 -18.94 -82.90
C GLY H 2064 29.81 -17.80 -83.29
N MET H 2065 29.65 -17.27 -84.50
CA MET H 2065 30.47 -16.14 -84.92
C MET H 2065 30.21 -14.91 -84.06
N HIS H 2066 28.93 -14.61 -83.81
CA HIS H 2066 28.59 -13.40 -83.07
C HIS H 2066 29.11 -13.44 -81.65
N GLU H 2067 29.09 -14.63 -81.02
CA GLU H 2067 29.62 -14.74 -79.66
C GLU H 2067 31.12 -14.48 -79.64
N THR H 2068 31.85 -15.00 -80.63
CA THR H 2068 33.28 -14.74 -80.71
C THR H 2068 33.57 -13.25 -80.89
N VAL H 2069 32.85 -12.60 -81.80
CA VAL H 2069 33.09 -11.18 -82.04
C VAL H 2069 32.70 -10.35 -80.83
N MET H 2070 31.65 -10.76 -80.12
CA MET H 2070 31.27 -10.07 -78.90
C MET H 2070 32.34 -10.22 -77.83
N GLU H 2071 32.96 -11.41 -77.72
CA GLU H 2071 34.06 -11.59 -76.79
C GLU H 2071 35.22 -10.66 -77.14
N VAL H 2072 35.55 -10.57 -78.43
CA VAL H 2072 36.62 -9.68 -78.85
C VAL H 2072 36.30 -8.24 -78.49
N MET H 2073 35.06 -7.81 -78.76
CA MET H 2073 34.66 -6.44 -78.48
C MET H 2073 34.69 -6.15 -76.98
N VAL H 2074 34.22 -7.09 -76.17
CA VAL H 2074 34.26 -6.93 -74.72
C VAL H 2074 35.70 -6.79 -74.25
N ASP H 2075 36.60 -7.58 -74.83
CA ASP H 2075 38.01 -7.46 -74.47
C ASP H 2075 38.55 -6.09 -74.84
N VAL H 2076 38.24 -5.60 -76.03
CA VAL H 2076 38.78 -4.32 -76.48
C VAL H 2076 38.26 -3.18 -75.62
N LEU H 2077 36.96 -3.17 -75.35
CA LEU H 2077 36.36 -2.12 -74.55
C LEU H 2077 36.83 -2.20 -73.10
N ILE H 2084 39.79 2.54 -74.14
CA ILE H 2084 39.63 2.15 -75.54
C ILE H 2084 40.83 2.66 -76.34
N ALA H 2085 41.86 1.82 -76.46
CA ALA H 2085 43.05 2.15 -77.21
C ALA H 2085 43.09 1.49 -78.58
N PHE H 2086 42.05 0.74 -78.95
CA PHE H 2086 41.97 0.07 -80.24
C PHE H 2086 40.61 0.34 -80.87
N PRO H 2087 40.35 1.60 -81.24
CA PRO H 2087 39.05 1.92 -81.86
C PRO H 2087 38.79 1.19 -83.16
N LYS H 2088 39.84 0.89 -83.94
CA LYS H 2088 39.62 0.22 -85.23
C LYS H 2088 39.04 -1.17 -85.04
N MET H 2089 39.51 -1.89 -84.02
CA MET H 2089 38.97 -3.22 -83.75
C MET H 2089 37.49 -3.14 -83.39
N VAL H 2090 37.12 -2.15 -82.56
CA VAL H 2090 35.72 -1.97 -82.19
C VAL H 2090 34.89 -1.66 -83.42
N ALA H 2091 35.41 -0.79 -84.30
CA ALA H 2091 34.69 -0.46 -85.52
C ALA H 2091 34.46 -1.68 -86.39
N SER H 2092 35.49 -2.51 -86.55
CA SER H 2092 35.35 -3.71 -87.37
C SER H 2092 34.34 -4.68 -86.76
N CYS H 2093 34.40 -4.87 -85.45
CA CYS H 2093 33.45 -5.76 -84.79
C CYS H 2093 32.03 -5.26 -84.96
N CYS H 2094 31.84 -3.94 -84.81
CA CYS H 2094 30.50 -3.39 -84.92
C CYS H 2094 29.95 -3.47 -86.33
N ARG H 2095 30.79 -3.22 -87.34
CA ARG H 2095 30.33 -3.40 -88.71
C ARG H 2095 29.94 -4.83 -88.99
N PHE H 2096 30.77 -5.78 -88.52
CA PHE H 2096 30.45 -7.19 -88.71
C PHE H 2096 29.14 -7.55 -88.05
N LEU H 2097 28.91 -7.09 -86.82
CA LEU H 2097 27.67 -7.43 -86.13
C LEU H 2097 26.46 -6.77 -86.76
N CYS H 2098 26.61 -5.56 -87.29
CA CYS H 2098 25.52 -4.92 -88.00
C CYS H 2098 25.14 -5.71 -89.25
N TYR H 2099 26.13 -6.15 -90.03
CA TYR H 2099 25.85 -6.97 -91.19
C TYR H 2099 25.20 -8.29 -90.78
N PHE H 2100 25.72 -8.90 -89.71
CA PHE H 2100 25.17 -10.12 -89.15
C PHE H 2100 23.69 -9.96 -88.85
N CYS H 2101 23.32 -8.86 -88.19
CA CYS H 2101 21.91 -8.61 -87.91
C CYS H 2101 21.11 -8.38 -89.17
N ARG H 2102 21.67 -7.63 -90.13
CA ARG H 2102 20.92 -7.31 -91.34
C ARG H 2102 20.61 -8.57 -92.15
N ILE H 2103 21.44 -9.61 -92.03
CA ILE H 2103 21.28 -10.78 -92.89
C ILE H 2103 19.92 -11.44 -92.68
N SER H 2104 19.65 -11.92 -91.47
CA SER H 2104 18.44 -12.66 -91.19
C SER H 2104 17.83 -12.23 -89.88
N ARG H 2105 16.52 -12.45 -89.75
CA ARG H 2105 15.83 -12.11 -88.51
C ARG H 2105 16.29 -12.96 -87.34
N GLN H 2106 16.69 -14.21 -87.61
CA GLN H 2106 17.22 -15.05 -86.54
C GLN H 2106 18.50 -14.46 -85.96
N ASN H 2107 19.38 -13.97 -86.81
CA ASN H 2107 20.60 -13.32 -86.32
C ASN H 2107 20.25 -12.08 -85.52
N GLN H 2108 19.23 -11.34 -85.95
CA GLN H 2108 18.80 -10.15 -85.22
C GLN H 2108 18.31 -10.52 -83.82
N LYS H 2109 17.50 -11.57 -83.72
CA LYS H 2109 17.03 -12.00 -82.41
C LYS H 2109 18.16 -12.56 -81.57
N ALA H 2110 19.17 -13.17 -82.19
CA ALA H 2110 20.34 -13.64 -81.45
C ALA H 2110 21.13 -12.47 -80.87
N MET H 2111 21.36 -11.42 -81.68
CA MET H 2111 22.08 -10.26 -81.19
C MET H 2111 21.26 -9.43 -80.21
N PHE H 2112 19.94 -9.58 -80.21
CA PHE H 2112 19.12 -8.85 -79.25
C PHE H 2112 19.46 -9.22 -77.82
N GLU H 2113 20.03 -10.40 -77.59
CA GLU H 2113 20.36 -10.81 -76.23
C GLU H 2113 21.46 -9.97 -75.61
N HIS H 2114 22.30 -9.33 -76.42
CA HIS H 2114 23.39 -8.52 -75.94
C HIS H 2114 23.04 -7.04 -75.84
N LEU H 2115 21.74 -6.72 -75.91
CA LEU H 2115 21.32 -5.33 -76.00
C LEU H 2115 21.72 -4.55 -74.75
N SER H 2116 21.61 -5.17 -73.57
CA SER H 2116 21.93 -4.46 -72.34
C SER H 2116 23.40 -4.08 -72.30
N TYR H 2117 24.29 -5.01 -72.65
CA TYR H 2117 25.71 -4.68 -72.68
C TYR H 2117 26.02 -3.66 -73.77
N LEU H 2118 25.39 -3.80 -74.94
CA LEU H 2118 25.65 -2.86 -76.03
C LEU H 2118 25.24 -1.45 -75.64
N LEU H 2119 24.13 -1.31 -74.93
CA LEU H 2119 23.70 0.01 -74.49
C LEU H 2119 24.54 0.51 -73.32
N GLU H 2120 25.08 -0.39 -72.50
CA GLU H 2120 25.93 0.05 -71.40
C GLU H 2120 27.19 0.74 -71.92
N ASN H 2121 27.65 0.38 -73.11
CA ASN H 2121 28.80 1.00 -73.75
C ASN H 2121 28.40 1.81 -74.97
N SER H 2122 27.16 2.30 -75.00
CA SER H 2122 26.66 2.98 -76.19
C SER H 2122 27.37 4.29 -76.47
N SER H 2123 28.15 4.81 -75.53
CA SER H 2123 28.79 6.11 -75.68
C SER H 2123 30.17 6.01 -76.35
N VAL H 2124 30.41 4.97 -77.13
CA VAL H 2124 31.71 4.74 -77.74
C VAL H 2124 31.63 5.13 -79.22
N GLY H 2125 32.52 6.02 -79.63
CA GLY H 2125 32.66 6.37 -81.03
C GLY H 2125 31.57 7.25 -81.60
N LEU H 2126 30.69 7.79 -80.75
CA LEU H 2126 29.59 8.61 -81.27
C LEU H 2126 30.10 9.93 -81.82
N ALA H 2127 31.11 10.53 -81.17
CA ALA H 2127 31.56 11.86 -81.57
C ALA H 2127 32.11 11.86 -82.98
N SER H 2128 32.90 10.86 -83.35
CA SER H 2128 33.50 10.82 -84.66
C SER H 2128 32.44 10.64 -85.73
N PRO H 2129 32.32 11.55 -86.70
CA PRO H 2129 31.27 11.41 -87.71
C PRO H 2129 31.52 10.29 -88.70
N SER H 2130 32.79 10.01 -89.02
CA SER H 2130 33.12 8.99 -90.01
C SER H 2130 32.86 7.58 -89.50
N MET H 2131 32.60 7.40 -88.21
CA MET H 2131 32.41 6.08 -87.62
C MET H 2131 30.94 5.69 -87.50
N ARG H 2132 30.03 6.41 -88.15
CA ARG H 2132 28.63 6.06 -88.09
C ARG H 2132 28.42 4.66 -88.67
N GLY H 2133 27.59 3.86 -87.99
CA GLY H 2133 27.41 2.48 -88.36
C GLY H 2133 28.50 1.55 -87.87
N SER H 2134 29.47 2.07 -87.13
CA SER H 2134 30.60 1.30 -86.61
C SER H 2134 30.78 1.59 -85.13
N THR H 2135 29.69 1.57 -84.38
CA THR H 2135 29.70 1.81 -82.95
C THR H 2135 28.75 0.84 -82.28
N PRO H 2136 28.93 0.58 -80.99
CA PRO H 2136 28.02 -0.33 -80.29
C PRO H 2136 26.56 0.12 -80.34
N LEU H 2137 26.31 1.42 -80.33
CA LEU H 2137 24.94 1.92 -80.43
C LEU H 2137 24.32 1.51 -81.78
N ASP H 2138 25.11 1.53 -82.84
CA ASP H 2138 24.60 1.10 -84.14
C ASP H 2138 24.26 -0.38 -84.13
N VAL H 2139 25.07 -1.20 -83.46
CA VAL H 2139 24.74 -2.62 -83.33
C VAL H 2139 23.44 -2.79 -82.56
N ALA H 2140 23.26 -2.03 -81.49
CA ALA H 2140 22.03 -2.11 -80.72
C ALA H 2140 20.83 -1.72 -81.57
N ALA H 2141 20.97 -0.68 -82.39
CA ALA H 2141 19.89 -0.29 -83.29
C ALA H 2141 19.59 -1.38 -84.31
N SER H 2142 20.63 -2.00 -84.86
CA SER H 2142 20.43 -3.10 -85.80
C SER H 2142 19.73 -4.29 -85.15
N SER H 2143 19.94 -4.48 -83.84
CA SER H 2143 19.24 -5.54 -83.13
C SER H 2143 17.73 -5.29 -83.12
N VAL H 2144 17.33 -4.04 -82.93
CA VAL H 2144 15.92 -3.66 -82.85
C VAL H 2144 15.66 -2.69 -84.00
N MET H 2145 15.23 -3.21 -85.14
CA MET H 2145 15.02 -2.34 -86.31
C MET H 2145 14.03 -3.04 -87.24
N ASP H 2146 12.82 -2.52 -87.32
CA ASP H 2146 11.79 -3.07 -88.20
C ASP H 2146 11.45 -4.51 -87.81
N ASN H 2147 11.64 -4.86 -86.55
CA ASN H 2147 11.28 -6.16 -86.01
C ASN H 2147 10.31 -5.89 -84.86
N ASN H 2148 9.01 -6.07 -85.11
CA ASN H 2148 8.02 -5.70 -84.12
C ASN H 2148 8.13 -6.54 -82.86
N GLU H 2149 8.42 -7.83 -83.02
CA GLU H 2149 8.52 -8.72 -81.87
C GLU H 2149 9.60 -8.27 -80.90
N LEU H 2150 10.79 -7.96 -81.43
CA LEU H 2150 11.88 -7.54 -80.56
C LEU H 2150 11.64 -6.14 -80.00
N ALA H 2151 11.05 -5.25 -80.80
CA ALA H 2151 10.77 -3.90 -80.32
C ALA H 2151 9.80 -3.94 -79.15
N LEU H 2152 8.78 -4.81 -79.22
CA LEU H 2152 7.87 -4.98 -78.10
C LEU H 2152 8.56 -5.54 -76.87
N GLY H 2153 9.72 -6.17 -77.02
CA GLY H 2153 10.44 -6.76 -75.92
C GLY H 2153 11.37 -5.83 -75.16
N LEU H 2154 11.53 -4.58 -75.61
CA LEU H 2154 12.44 -3.67 -74.94
C LEU H 2154 11.98 -3.41 -73.52
N GLU H 2155 12.92 -3.50 -72.58
CA GLU H 2155 12.63 -3.24 -71.18
C GLU H 2155 12.86 -1.77 -70.85
N GLU H 2156 12.18 -1.31 -69.80
CA GLU H 2156 12.27 0.10 -69.42
C GLU H 2156 13.69 0.55 -69.08
N PRO H 2157 14.47 -0.19 -68.29
CA PRO H 2157 15.85 0.27 -68.03
C PRO H 2157 16.72 0.38 -69.28
N ASP H 2158 16.48 -0.45 -70.29
CA ASP H 2158 17.25 -0.33 -71.53
C ASP H 2158 17.06 1.03 -72.18
N LEU H 2159 15.81 1.50 -72.25
CA LEU H 2159 15.55 2.84 -72.74
C LEU H 2159 16.03 3.89 -71.75
N GLU H 2160 16.02 3.58 -70.46
CA GLU H 2160 16.45 4.53 -69.45
C GLU H 2160 17.92 4.85 -69.58
N LYS H 2161 18.74 3.86 -69.95
CA LYS H 2161 20.15 4.11 -70.18
C LYS H 2161 20.37 5.13 -71.29
N VAL H 2162 19.67 4.94 -72.42
CA VAL H 2162 19.82 5.85 -73.54
C VAL H 2162 19.30 7.23 -73.18
N VAL H 2163 18.22 7.30 -72.40
CA VAL H 2163 17.72 8.61 -71.99
C VAL H 2163 18.72 9.29 -71.06
N THR H 2164 19.38 8.54 -70.19
CA THR H 2164 20.40 9.12 -69.33
C THR H 2164 21.57 9.66 -70.14
N TYR H 2165 22.01 8.90 -71.14
CA TYR H 2165 23.10 9.38 -72.00
C TYR H 2165 22.68 10.64 -72.73
N LEU H 2166 21.44 10.68 -73.23
CA LEU H 2166 20.96 11.85 -73.93
C LEU H 2166 20.89 13.06 -73.00
N ALA H 2167 20.42 12.85 -71.77
CA ALA H 2167 20.37 13.94 -70.80
C ALA H 2167 21.76 14.46 -70.52
N GLY H 2168 22.73 13.57 -70.35
CA GLY H 2168 24.11 14.01 -70.18
C GLY H 2168 24.61 14.81 -71.37
N CYS H 2169 24.22 14.39 -72.58
CA CYS H 2169 24.59 15.14 -73.78
C CYS H 2169 23.93 16.51 -73.80
N GLY H 2170 22.81 16.67 -73.11
CA GLY H 2170 22.12 17.94 -73.08
C GLY H 2170 22.65 18.96 -72.11
N LEU H 2171 23.70 18.65 -71.36
CA LEU H 2171 24.27 19.55 -70.37
C LEU H 2171 25.72 19.90 -70.65
N GLN H 2172 26.56 18.91 -70.92
CA GLN H 2172 28.00 19.11 -71.06
C GLN H 2172 28.41 19.13 -72.52
N SER H 2173 29.35 20.01 -72.85
CA SER H 2173 29.88 20.08 -74.21
C SER H 2173 30.73 18.86 -74.51
N CYS H 2174 30.91 18.58 -75.80
CA CYS H 2174 31.62 17.39 -76.22
C CYS H 2174 33.11 17.53 -75.91
N PRO H 2175 33.70 16.65 -75.10
CA PRO H 2175 35.14 16.78 -74.83
C PRO H 2175 36.01 16.70 -76.07
N MET H 2176 35.68 15.83 -77.01
CA MET H 2176 36.46 15.73 -78.24
C MET H 2176 36.34 17.00 -79.07
N LEU H 2177 35.14 17.55 -79.16
CA LEU H 2177 34.96 18.79 -79.92
C LEU H 2177 35.72 19.94 -79.29
N LEU H 2178 35.71 20.02 -77.96
CA LEU H 2178 36.49 21.06 -77.27
C LEU H 2178 37.97 20.87 -77.50
N ALA H 2179 38.45 19.63 -77.45
CA ALA H 2179 39.86 19.38 -77.70
C ALA H 2179 40.25 19.78 -79.11
N LYS H 2180 39.39 19.48 -80.09
CA LYS H 2180 39.66 19.86 -81.47
C LYS H 2180 39.50 21.35 -81.72
N GLY H 2181 38.96 22.10 -80.76
CA GLY H 2181 38.90 23.54 -80.87
C GLY H 2181 37.54 24.12 -81.19
N TYR H 2182 36.48 23.32 -81.22
CA TYR H 2182 35.17 23.85 -81.52
C TYR H 2182 34.70 24.78 -80.41
N PRO H 2183 33.87 25.77 -80.74
CA PRO H 2183 33.35 26.68 -79.71
C PRO H 2183 32.54 25.92 -78.67
N ASP H 2184 32.59 26.40 -77.44
CA ASP H 2184 31.88 25.76 -76.33
C ASP H 2184 30.46 26.33 -76.29
N VAL H 2185 29.57 25.70 -77.06
CA VAL H 2185 28.17 26.11 -77.07
C VAL H 2185 27.45 25.69 -75.80
N GLY H 2186 28.00 24.74 -75.04
CA GLY H 2186 27.45 24.36 -73.77
C GLY H 2186 26.64 23.08 -73.76
N TRP H 2187 26.55 22.39 -74.88
CA TRP H 2187 25.87 21.10 -74.93
C TRP H 2187 26.36 20.33 -76.15
N ASN H 2188 26.12 19.04 -76.15
CA ASN H 2188 26.63 18.17 -77.20
C ASN H 2188 25.54 17.80 -78.19
N PRO H 2189 25.42 18.52 -79.29
CA PRO H 2189 24.30 18.27 -80.20
C PRO H 2189 24.59 17.17 -81.21
N ILE H 2190 25.66 16.42 -81.00
CA ILE H 2190 26.12 15.42 -81.96
C ILE H 2190 25.83 14.01 -81.49
N GLU H 2191 26.14 13.69 -80.24
CA GLU H 2191 25.77 12.38 -79.70
C GLU H 2191 24.30 12.30 -79.35
N GLY H 2192 23.71 13.43 -78.94
CA GLY H 2192 22.29 13.44 -78.64
C GLY H 2192 21.46 13.03 -79.84
N GLU H 2193 21.89 13.45 -81.04
CA GLU H 2193 21.22 13.01 -82.25
C GLU H 2193 21.29 11.49 -82.40
N ARG H 2194 22.44 10.91 -82.03
CA ARG H 2194 22.60 9.47 -82.10
C ARG H 2194 21.62 8.75 -81.19
N TYR H 2195 21.48 9.22 -79.95
CA TYR H 2195 20.54 8.58 -79.04
C TYR H 2195 19.11 8.79 -79.47
N LEU H 2196 18.80 9.95 -80.04
CA LEU H 2196 17.46 10.18 -80.57
C LEU H 2196 17.16 9.23 -81.72
N SER H 2197 18.16 8.97 -82.57
CA SER H 2197 17.96 8.01 -83.66
C SER H 2197 17.73 6.60 -83.13
N PHE H 2198 18.47 6.20 -82.10
CA PHE H 2198 18.22 4.89 -81.52
C PHE H 2198 16.81 4.80 -80.96
N LEU H 2199 16.36 5.83 -80.24
CA LEU H 2199 15.02 5.80 -79.69
C LEU H 2199 13.97 5.79 -80.79
N ARG H 2200 14.25 6.47 -81.91
CA ARG H 2200 13.34 6.42 -83.04
C ARG H 2200 13.21 5.01 -83.58
N PHE H 2201 14.32 4.28 -83.66
CA PHE H 2201 14.24 2.88 -84.06
C PHE H 2201 13.46 2.07 -83.04
N ALA H 2202 13.59 2.41 -81.75
CA ALA H 2202 12.90 1.66 -80.71
C ALA H 2202 11.39 1.85 -80.80
N VAL H 2203 10.94 3.06 -81.11
CA VAL H 2203 9.51 3.38 -81.08
C VAL H 2203 8.84 3.00 -82.38
N PHE H 2204 9.27 3.63 -83.48
CA PHE H 2204 8.59 3.48 -84.77
C PHE H 2204 9.07 2.21 -85.46
N VAL H 2205 8.16 1.27 -85.66
CA VAL H 2205 8.47 0.00 -86.30
C VAL H 2205 7.56 -0.18 -87.51
N ASN H 2206 8.16 -0.31 -88.69
CA ASN H 2206 7.45 -0.64 -89.92
C ASN H 2206 6.25 0.29 -90.16
N SER H 2207 6.52 1.59 -90.17
CA SER H 2207 5.51 2.60 -90.48
C SER H 2207 4.35 2.57 -89.49
N GLU H 2208 4.61 2.18 -88.26
CA GLU H 2208 3.57 2.16 -87.22
C GLU H 2208 4.24 2.24 -85.86
N SER H 2209 3.93 3.28 -85.10
CA SER H 2209 4.57 3.47 -83.81
C SER H 2209 4.12 2.40 -82.83
N VAL H 2210 5.06 1.95 -81.99
CA VAL H 2210 4.77 1.03 -80.90
C VAL H 2210 4.30 1.85 -79.71
N GLU H 2211 3.05 1.61 -79.27
CA GLU H 2211 2.45 2.49 -78.28
C GLU H 2211 3.16 2.38 -76.93
N GLU H 2212 3.53 1.17 -76.52
CA GLU H 2212 4.17 0.99 -75.22
C GLU H 2212 5.49 1.73 -75.15
N ASN H 2213 6.36 1.51 -76.14
CA ASN H 2213 7.64 2.19 -76.17
C ASN H 2213 7.46 3.69 -76.34
N ALA H 2214 6.44 4.11 -77.08
CA ALA H 2214 6.17 5.53 -77.22
C ALA H 2214 5.86 6.16 -75.87
N SER H 2215 4.98 5.52 -75.10
CA SER H 2215 4.63 6.03 -73.78
C SER H 2215 5.86 6.06 -72.87
N VAL H 2216 6.64 4.98 -72.87
CA VAL H 2216 7.80 4.93 -71.98
C VAL H 2216 8.81 6.02 -72.35
N VAL H 2217 9.07 6.19 -73.64
CA VAL H 2217 10.05 7.18 -74.08
C VAL H 2217 9.58 8.58 -73.73
N VAL H 2218 8.30 8.87 -73.93
CA VAL H 2218 7.80 10.21 -73.62
C VAL H 2218 7.89 10.47 -72.12
N LYS H 2219 7.53 9.48 -71.29
CA LYS H 2219 7.63 9.66 -69.84
C LYS H 2219 9.07 9.92 -69.43
N LEU H 2220 10.01 9.12 -69.96
CA LEU H 2220 11.41 9.30 -69.58
C LEU H 2220 11.91 10.67 -70.01
N LEU H 2221 11.57 11.11 -71.22
CA LEU H 2221 12.06 12.40 -71.69
C LEU H 2221 11.48 13.54 -70.86
N ILE H 2222 10.19 13.48 -70.54
CA ILE H 2222 9.58 14.56 -69.78
C ILE H 2222 10.13 14.61 -68.36
N ARG H 2223 10.45 13.46 -67.76
CA ARG H 2223 11.06 13.46 -66.44
C ARG H 2223 12.37 14.24 -66.43
N ARG H 2224 13.10 14.26 -67.55
CA ARG H 2224 14.38 14.96 -67.68
C ARG H 2224 14.30 15.93 -68.84
N PRO H 2225 13.93 17.18 -68.61
CA PRO H 2225 13.73 18.12 -69.73
C PRO H 2225 14.98 18.44 -70.52
N GLU H 2226 16.17 18.25 -69.95
CA GLU H 2226 17.39 18.56 -70.69
C GLU H 2226 17.58 17.67 -71.90
N CYS H 2227 16.90 16.52 -71.96
CA CYS H 2227 16.90 15.72 -73.17
C CYS H 2227 16.32 16.46 -74.36
N PHE H 2228 15.54 17.52 -74.13
CA PHE H 2228 15.02 18.34 -75.20
C PHE H 2228 16.00 19.43 -75.65
N GLY H 2229 17.13 19.59 -74.97
CA GLY H 2229 18.08 20.60 -75.35
C GLY H 2229 17.75 21.95 -74.76
N PRO H 2230 18.66 22.91 -74.89
CA PRO H 2230 18.45 24.22 -74.27
C PRO H 2230 17.22 24.96 -74.76
N ALA H 2231 16.82 24.79 -76.02
CA ALA H 2231 15.73 25.58 -76.56
C ALA H 2231 14.39 25.18 -75.96
N LEU H 2232 14.21 23.91 -75.64
CA LEU H 2232 12.94 23.42 -75.13
C LEU H 2232 12.93 23.27 -73.61
N ARG H 2233 13.91 23.82 -72.91
CA ARG H 2233 13.84 23.86 -71.45
C ARG H 2233 12.83 24.92 -71.01
N GLY H 2234 12.13 24.62 -69.92
CA GLY H 2234 11.01 25.46 -69.51
C GLY H 2234 11.43 26.88 -69.18
N GLU H 2235 12.49 27.03 -68.40
CA GLU H 2235 12.96 28.33 -67.95
C GLU H 2235 14.11 28.78 -68.84
N GLY H 2236 13.93 29.91 -69.53
CA GLY H 2236 14.93 30.44 -70.43
C GLY H 2236 14.85 29.92 -71.84
N GLY H 2237 14.00 28.93 -72.11
CA GLY H 2237 13.84 28.41 -73.45
C GLY H 2237 13.36 29.45 -74.43
N ASN H 2238 14.00 29.52 -75.60
CA ASN H 2238 13.61 30.47 -76.64
C ASN H 2238 12.66 29.87 -77.66
N GLY H 2239 12.40 28.57 -77.61
CA GLY H 2239 11.51 27.94 -78.55
C GLY H 2239 12.26 27.28 -79.70
N LEU H 2240 11.60 26.31 -80.32
CA LEU H 2240 12.22 25.55 -81.40
C LEU H 2240 12.56 26.44 -82.59
N LEU H 2241 11.65 27.35 -82.95
CA LEU H 2241 11.92 28.24 -84.08
C LEU H 2241 13.09 29.16 -83.79
N ALA H 2242 13.17 29.70 -82.57
CA ALA H 2242 14.30 30.54 -82.21
C ALA H 2242 15.60 29.74 -82.26
N ALA H 2243 15.56 28.49 -81.77
CA ALA H 2243 16.76 27.67 -81.81
C ALA H 2243 17.22 27.40 -83.24
N MET H 2244 16.29 27.08 -84.13
CA MET H 2244 16.67 26.81 -85.52
C MET H 2244 17.21 28.07 -86.20
N GLN H 2245 16.59 29.22 -85.94
CA GLN H 2245 17.09 30.46 -86.54
C GLN H 2245 18.48 30.79 -86.00
N GLY H 2246 18.71 30.57 -84.70
CA GLY H 2246 20.04 30.77 -84.16
C GLY H 2246 21.06 29.81 -84.77
N ALA H 2247 20.65 28.58 -85.03
CA ALA H 2247 21.54 27.63 -85.69
C ALA H 2247 21.90 28.09 -87.09
N ILE H 2248 20.93 28.62 -87.82
CA ILE H 2248 21.22 29.13 -89.16
C ILE H 2248 22.16 30.32 -89.09
N LYS H 2249 21.96 31.21 -88.11
CA LYS H 2249 22.86 32.33 -87.91
C LYS H 2249 24.28 31.84 -87.62
N ILE H 2250 24.41 30.81 -86.79
CA ILE H 2250 25.71 30.22 -86.52
C ILE H 2250 26.32 29.69 -87.81
N SER H 2251 25.53 29.00 -88.62
CA SER H 2251 26.05 28.41 -89.85
C SER H 2251 26.57 29.48 -90.80
N GLU H 2252 25.86 30.59 -90.92
CA GLU H 2252 26.30 31.64 -91.85
C GLU H 2252 27.60 32.30 -91.40
N ASN H 2253 27.96 32.20 -90.13
CA ASN H 2253 29.16 32.84 -89.60
C ASN H 2253 30.24 31.82 -89.36
N PRO H 2254 31.34 31.82 -90.14
CA PRO H 2254 32.37 30.79 -89.95
C PRO H 2254 33.05 30.84 -88.60
N ALA H 2255 32.98 31.97 -87.89
CA ALA H 2255 33.67 32.09 -86.61
C ALA H 2255 32.95 31.33 -85.50
N LEU H 2256 31.67 31.03 -85.67
CA LEU H 2256 30.88 30.42 -84.60
C LEU H 2256 30.71 28.91 -84.73
N ASP H 2257 31.03 28.33 -85.89
CA ASP H 2257 30.84 26.90 -86.09
C ASP H 2257 32.14 26.15 -86.31
N LEU H 2258 32.97 26.60 -87.25
CA LEU H 2258 34.19 25.88 -87.54
C LEU H 2258 35.20 26.03 -86.41
N PRO H 2259 36.07 25.05 -86.22
CA PRO H 2259 37.09 25.16 -85.18
C PRO H 2259 38.09 26.27 -85.50
N SER H 2260 38.88 26.62 -84.50
CA SER H 2260 39.84 27.69 -84.66
C SER H 2260 40.90 27.31 -85.69
N GLN H 2261 41.45 28.33 -86.36
CA GLN H 2261 42.48 28.09 -87.36
C GLN H 2261 43.71 27.43 -86.75
N GLY H 2262 44.12 27.89 -85.58
CA GLY H 2262 45.27 27.31 -84.90
C GLY H 2262 44.99 25.93 -84.34
N GLU H 2274 38.81 15.68 -92.03
CA GLU H 2274 37.95 14.69 -92.67
C GLU H 2274 36.52 14.78 -92.14
N GLU H 2275 35.62 15.29 -92.98
CA GLU H 2275 34.22 15.47 -92.61
C GLU H 2275 34.09 16.38 -91.38
N ILE H 2276 34.49 17.64 -91.58
CA ILE H 2276 34.50 18.60 -90.49
C ILE H 2276 33.08 18.78 -89.96
N VAL H 2277 32.95 18.74 -88.64
CA VAL H 2277 31.65 18.89 -87.99
C VAL H 2277 31.32 20.37 -87.90
N HIS H 2278 30.15 20.75 -88.40
CA HIS H 2278 29.67 22.13 -88.36
C HIS H 2278 28.63 22.25 -87.26
N MET H 2279 28.82 23.22 -86.36
CA MET H 2279 27.97 23.30 -85.18
C MET H 2279 26.52 23.63 -85.56
N GLY H 2280 26.33 24.55 -86.51
CA GLY H 2280 24.97 24.92 -86.87
C GLY H 2280 24.17 23.75 -87.41
N ASN H 2281 24.76 23.00 -88.34
CA ASN H 2281 24.07 21.84 -88.88
C ASN H 2281 23.87 20.77 -87.82
N ALA H 2282 24.82 20.63 -86.89
CA ALA H 2282 24.63 19.67 -85.80
C ALA H 2282 23.43 20.03 -84.95
N ILE H 2283 23.27 21.31 -84.62
CA ILE H 2283 22.12 21.73 -83.81
C ILE H 2283 20.83 21.50 -84.58
N MET H 2284 20.80 21.88 -85.85
CA MET H 2284 19.61 21.66 -86.66
C MET H 2284 19.25 20.18 -86.72
N SER H 2285 20.25 19.32 -86.93
CA SER H 2285 20.00 17.89 -87.00
C SER H 2285 19.49 17.36 -85.68
N PHE H 2286 20.03 17.86 -84.56
CA PHE H 2286 19.54 17.41 -83.27
C PHE H 2286 18.06 17.73 -83.10
N TYR H 2287 17.68 18.97 -83.40
CA TYR H 2287 16.29 19.35 -83.21
C TYR H 2287 15.36 18.62 -84.17
N SER H 2288 15.81 18.40 -85.41
CA SER H 2288 15.01 17.64 -86.35
C SER H 2288 14.82 16.21 -85.89
N ALA H 2289 15.87 15.58 -85.37
CA ALA H 2289 15.73 14.22 -84.86
C ALA H 2289 14.80 14.18 -83.65
N LEU H 2290 14.90 15.18 -82.78
CA LEU H 2290 14.01 15.21 -81.61
C LEU H 2290 12.56 15.35 -82.01
N ILE H 2291 12.27 16.28 -82.93
CA ILE H 2291 10.89 16.48 -83.36
C ILE H 2291 10.38 15.27 -84.11
N ASP H 2292 11.25 14.61 -84.88
CA ASP H 2292 10.86 13.38 -85.56
C ASP H 2292 10.50 12.29 -84.56
N LEU H 2293 11.32 12.11 -83.53
CA LEU H 2293 11.02 11.11 -82.51
C LEU H 2293 9.70 11.40 -81.81
N LEU H 2294 9.49 12.67 -81.43
CA LEU H 2294 8.25 13.02 -80.74
C LEU H 2294 7.04 12.81 -81.65
N GLY H 2295 7.15 13.21 -82.92
CA GLY H 2295 6.05 13.00 -83.84
C GLY H 2295 5.76 11.54 -84.09
N ARG H 2296 6.78 10.69 -84.06
CA ARG H 2296 6.55 9.26 -84.18
C ARG H 2296 6.03 8.65 -82.88
N CYS H 2297 6.18 9.35 -81.75
CA CYS H 2297 5.60 8.88 -80.50
C CYS H 2297 4.13 9.22 -80.36
N ALA H 2298 3.58 10.04 -81.26
CA ALA H 2298 2.20 10.47 -81.11
C ALA H 2298 1.25 9.29 -81.31
N PRO H 2299 0.13 9.27 -80.60
CA PRO H 2299 -0.76 8.10 -80.68
C PRO H 2299 -1.41 7.99 -82.04
N GLU H 2300 -1.73 6.76 -82.41
CA GLU H 2300 -2.48 6.52 -83.63
C GLU H 2300 -3.90 7.06 -83.48
N MET H 2301 -4.50 7.42 -84.62
CA MET H 2301 -5.81 8.05 -84.58
C MET H 2301 -6.88 7.12 -84.02
N HIS H 2302 -6.82 5.84 -84.38
CA HIS H 2302 -7.83 4.90 -83.89
C HIS H 2302 -7.75 4.74 -82.38
N LEU H 2303 -6.54 4.76 -81.82
CA LEU H 2303 -6.41 4.68 -80.37
C LEU H 2303 -7.02 5.88 -79.69
N ILE H 2304 -6.84 7.07 -80.25
CA ILE H 2304 -7.46 8.26 -79.69
C ILE H 2304 -8.98 8.17 -79.78
N GLN H 2305 -9.49 7.71 -80.92
CA GLN H 2305 -10.94 7.62 -81.10
C GLN H 2305 -11.56 6.50 -80.26
N THR H 2306 -10.76 5.53 -79.83
CA THR H 2306 -11.26 4.47 -78.96
C THR H 2306 -11.41 4.91 -77.51
N GLY H 2307 -10.94 6.11 -77.16
CA GLY H 2307 -11.13 6.63 -75.82
C GLY H 2307 -10.04 6.31 -74.83
N LYS H 2308 -8.87 5.86 -75.28
CA LYS H 2308 -7.79 5.55 -74.35
C LYS H 2308 -7.25 6.83 -73.72
N GLY H 2309 -7.16 6.84 -72.39
CA GLY H 2309 -6.66 8.01 -71.70
C GLY H 2309 -5.19 8.26 -71.95
N GLU H 2310 -4.39 7.18 -72.06
CA GLU H 2310 -2.96 7.34 -72.26
C GLU H 2310 -2.65 8.03 -73.58
N ALA H 2311 -3.37 7.68 -74.64
CA ALA H 2311 -3.12 8.31 -75.93
C ALA H 2311 -3.41 9.80 -75.88
N ILE H 2312 -4.53 10.19 -75.28
CA ILE H 2312 -4.87 11.61 -75.16
C ILE H 2312 -3.85 12.33 -74.31
N ARG H 2313 -3.39 11.69 -73.23
CA ARG H 2313 -2.40 12.30 -72.36
C ARG H 2313 -1.10 12.56 -73.12
N ILE H 2314 -0.64 11.57 -73.87
CA ILE H 2314 0.61 11.72 -74.62
C ILE H 2314 0.47 12.78 -75.70
N ARG H 2315 -0.67 12.80 -76.41
CA ARG H 2315 -0.89 13.81 -77.43
C ARG H 2315 -0.92 15.21 -76.83
N SER H 2316 -1.54 15.34 -75.66
CA SER H 2316 -1.58 16.65 -74.99
C SER H 2316 -0.18 17.09 -74.58
N ILE H 2317 0.63 16.17 -74.06
CA ILE H 2317 2.00 16.51 -73.70
C ILE H 2317 2.77 16.98 -74.93
N LEU H 2318 2.64 16.25 -76.03
CA LEU H 2318 3.35 16.61 -77.25
C LEU H 2318 2.90 17.97 -77.76
N ARG H 2319 1.59 18.25 -77.69
CA ARG H 2319 1.10 19.55 -78.12
C ARG H 2319 1.65 20.67 -77.24
N SER H 2320 1.71 20.44 -75.93
CA SER H 2320 2.24 21.45 -75.04
C SER H 2320 3.72 21.69 -75.28
N LEU H 2321 4.46 20.67 -75.72
CA LEU H 2321 5.90 20.83 -75.93
C LEU H 2321 6.19 21.79 -77.08
N VAL H 2322 5.58 21.57 -78.24
CA VAL H 2322 5.89 22.36 -79.42
C VAL H 2322 4.61 22.97 -80.01
N PRO H 2323 4.46 24.29 -80.00
CA PRO H 2323 3.27 24.90 -80.59
C PRO H 2323 3.32 24.88 -82.11
N THR H 2324 2.15 25.02 -82.73
CA THR H 2324 2.06 24.99 -84.18
C THR H 2324 2.75 26.20 -84.81
N GLU H 2325 2.85 27.31 -84.07
CA GLU H 2325 3.55 28.47 -84.59
C GLU H 2325 5.01 28.14 -84.88
N ASP H 2326 5.65 27.40 -83.97
CA ASP H 2326 7.05 27.01 -84.18
C ASP H 2326 7.20 26.11 -85.40
N LEU H 2327 6.30 25.14 -85.54
CA LEU H 2327 6.37 24.24 -86.69
C LEU H 2327 6.19 25.01 -87.99
N VAL H 2328 5.19 25.87 -88.06
CA VAL H 2328 4.92 26.60 -89.29
C VAL H 2328 6.05 27.58 -89.59
N GLY H 2329 6.66 28.16 -88.56
CA GLY H 2329 7.81 29.02 -88.78
C GLY H 2329 9.01 28.24 -89.32
N ILE H 2330 9.26 27.06 -88.78
CA ILE H 2330 10.37 26.25 -89.25
C ILE H 2330 10.15 25.82 -90.69
N ILE H 2331 8.92 25.40 -91.02
CA ILE H 2331 8.63 25.00 -92.40
C ILE H 2331 8.77 26.18 -93.35
N SER H 2332 8.62 27.40 -92.86
CA SER H 2332 8.67 28.60 -93.69
C SER H 2332 10.07 29.14 -93.89
N ILE H 2333 11.08 28.57 -93.24
CA ILE H 2333 12.44 29.10 -93.34
C ILE H 2333 12.96 28.84 -94.75
N PRO H 2334 13.36 29.88 -95.49
CA PRO H 2334 13.82 29.67 -96.87
C PRO H 2334 15.12 28.89 -96.91
N LEU H 2335 15.27 28.11 -97.97
CA LEU H 2335 16.45 27.28 -98.21
C LEU H 2335 17.41 27.99 -99.15
N LYS H 2336 18.65 27.52 -99.14
CA LYS H 2336 19.69 28.03 -100.02
C LYS H 2336 20.02 26.92 -101.02
N LEU H 2337 19.48 27.05 -102.22
CA LEU H 2337 19.62 26.04 -103.25
C LEU H 2337 20.61 26.49 -104.31
N PRO H 2338 21.21 25.54 -105.04
CA PRO H 2338 22.24 25.91 -106.01
C PRO H 2338 21.68 26.78 -107.12
N SER H 2339 22.54 27.67 -107.64
CA SER H 2339 22.17 28.59 -108.70
C SER H 2339 23.18 28.50 -109.83
N LEU H 2340 22.71 28.77 -111.04
CA LEU H 2340 23.53 28.68 -112.24
C LEU H 2340 24.22 30.02 -112.49
N ASN H 2341 25.55 30.03 -112.44
CA ASN H 2341 26.31 31.25 -112.60
C ASN H 2341 26.28 31.72 -114.05
N LYS H 2342 26.49 33.03 -114.22
CA LYS H 2342 26.51 33.61 -115.56
C LYS H 2342 27.65 33.04 -116.39
N ASP H 2343 28.78 32.73 -115.77
CA ASP H 2343 29.92 32.17 -116.49
C ASP H 2343 29.65 30.76 -117.02
N GLY H 2344 28.57 30.11 -116.57
CA GLY H 2344 28.25 28.76 -117.00
C GLY H 2344 28.61 27.68 -116.02
N SER H 2345 29.08 28.03 -114.83
CA SER H 2345 29.42 27.06 -113.80
C SER H 2345 28.34 27.04 -112.73
N ILE H 2346 28.10 25.84 -112.19
CA ILE H 2346 27.06 25.64 -111.19
C ILE H 2346 27.64 25.93 -109.81
N SER H 2347 26.99 26.81 -109.07
CA SER H 2347 27.39 27.16 -107.72
C SER H 2347 26.48 26.40 -106.75
N GLU H 2348 27.01 25.34 -106.17
CA GLU H 2348 26.21 24.48 -105.30
C GLU H 2348 26.55 24.76 -103.84
N PRO H 2349 25.62 25.31 -103.05
CA PRO H 2349 25.91 25.52 -101.63
C PRO H 2349 26.18 24.20 -100.93
N ASP H 2350 27.05 24.25 -99.93
CA ASP H 2350 27.41 23.06 -99.18
C ASP H 2350 26.20 22.55 -98.42
N MET H 2351 25.92 21.25 -98.54
CA MET H 2351 24.76 20.64 -97.90
C MET H 2351 25.07 20.07 -96.52
N ALA H 2352 26.30 20.22 -96.03
CA ALA H 2352 26.65 19.76 -94.70
C ALA H 2352 26.70 20.88 -93.67
N ALA H 2353 26.60 22.13 -94.09
CA ALA H 2353 26.65 23.27 -93.18
C ALA H 2353 25.59 24.29 -93.54
N ASN H 2354 24.38 23.82 -93.87
CA ASN H 2354 23.28 24.71 -94.21
C ASN H 2354 21.97 24.05 -93.81
N PHE H 2355 20.93 24.87 -93.71
CA PHE H 2355 19.59 24.35 -93.51
C PHE H 2355 19.14 23.62 -94.76
N CYS H 2356 18.67 22.39 -94.59
CA CYS H 2356 18.33 21.50 -95.70
C CYS H 2356 16.89 21.02 -95.55
N PRO H 2357 16.28 20.55 -96.63
CA PRO H 2357 14.89 20.08 -96.54
C PRO H 2357 14.72 18.90 -95.60
N ASP H 2358 15.79 18.15 -95.32
CA ASP H 2358 15.70 17.06 -94.36
C ASP H 2358 15.30 17.53 -92.98
N HIS H 2359 15.50 18.81 -92.68
CA HIS H 2359 15.12 19.39 -91.40
C HIS H 2359 13.70 19.92 -91.38
N LYS H 2360 13.01 19.91 -92.53
CA LYS H 2360 11.60 20.30 -92.57
C LYS H 2360 10.67 19.11 -92.60
N ALA H 2361 11.13 17.96 -93.05
CA ALA H 2361 10.28 16.79 -93.13
C ALA H 2361 9.74 16.36 -91.77
N PRO H 2362 10.54 16.28 -90.71
CA PRO H 2362 9.98 15.90 -89.41
C PRO H 2362 8.88 16.84 -88.93
N MET H 2363 9.04 18.15 -89.16
CA MET H 2363 8.02 19.09 -88.72
C MET H 2363 6.68 18.78 -89.39
N VAL H 2364 6.70 18.57 -90.70
CA VAL H 2364 5.50 18.18 -91.42
C VAL H 2364 4.91 16.90 -90.82
N LEU H 2365 5.78 16.00 -90.37
CA LEU H 2365 5.30 14.82 -89.66
C LEU H 2365 4.70 15.21 -88.32
N PHE H 2366 5.42 16.00 -87.53
CA PHE H 2366 4.95 16.37 -86.19
C PHE H 2366 3.68 17.19 -86.29
N LEU H 2367 3.62 18.12 -87.24
CA LEU H 2367 2.44 18.92 -87.48
C LEU H 2367 1.27 18.10 -88.01
N ASP H 2368 1.51 16.87 -88.44
CA ASP H 2368 0.46 16.04 -89.01
C ASP H 2368 -0.05 14.98 -88.05
N ARG H 2369 0.85 14.20 -87.44
CA ARG H 2369 0.42 13.20 -86.47
C ARG H 2369 -0.11 13.85 -85.20
N VAL H 2370 0.56 14.89 -84.73
CA VAL H 2370 0.03 15.78 -83.69
C VAL H 2370 -0.42 17.04 -84.38
N TYR H 2371 -1.49 17.66 -83.87
CA TYR H 2371 -2.02 18.88 -84.47
C TYR H 2371 -2.52 18.61 -85.88
N GLY H 2372 -3.36 17.59 -86.02
CA GLY H 2372 -3.84 17.20 -87.34
C GLY H 2372 -4.48 18.34 -88.11
N ILE H 2373 -4.11 18.48 -89.39
CA ILE H 2373 -4.66 19.56 -90.21
C ILE H 2373 -6.14 19.30 -90.42
N LYS H 2374 -6.99 20.14 -89.82
CA LYS H 2374 -8.42 19.94 -89.86
C LYS H 2374 -9.21 21.17 -90.25
N ASP H 2375 -8.58 22.34 -90.37
CA ASP H 2375 -9.28 23.57 -90.73
C ASP H 2375 -8.79 24.07 -92.07
N GLN H 2376 -9.73 24.50 -92.92
CA GLN H 2376 -9.36 24.98 -94.24
C GLN H 2376 -8.46 26.20 -94.17
N THR H 2377 -8.75 27.13 -93.26
CA THR H 2377 -7.94 28.33 -93.14
C THR H 2377 -6.51 27.99 -92.73
N PHE H 2378 -6.35 27.07 -91.78
CA PHE H 2378 -5.01 26.67 -91.37
C PHE H 2378 -4.24 26.02 -92.52
N LEU H 2379 -4.90 25.13 -93.26
CA LEU H 2379 -4.24 24.47 -94.38
C LEU H 2379 -3.84 25.49 -95.44
N LEU H 2380 -4.71 26.44 -95.74
CA LEU H 2380 -4.39 27.44 -96.75
C LEU H 2380 -3.26 28.35 -96.30
N HIS H 2381 -3.25 28.73 -95.02
CA HIS H 2381 -2.14 29.54 -94.51
C HIS H 2381 -0.83 28.77 -94.59
N LEU H 2382 -0.85 27.50 -94.20
CA LEU H 2382 0.36 26.66 -94.27
C LEU H 2382 0.84 26.52 -95.71
N LEU H 2383 -0.10 26.35 -96.65
CA LEU H 2383 0.27 26.22 -98.05
C LEU H 2383 0.81 27.53 -98.61
N GLU H 2384 0.30 28.66 -98.13
CA GLU H 2384 0.75 29.94 -98.65
C GLU H 2384 2.13 30.30 -98.13
N VAL H 2385 2.39 30.07 -96.84
CA VAL H 2385 3.67 30.48 -96.27
C VAL H 2385 4.70 29.35 -96.36
N GLY H 2386 4.30 28.11 -96.08
CA GLY H 2386 5.27 27.05 -96.02
C GLY H 2386 5.59 26.33 -97.31
N PHE H 2387 4.59 25.70 -97.92
CA PHE H 2387 4.84 24.72 -98.97
C PHE H 2387 5.01 25.34 -100.35
N LEU H 2388 4.29 26.40 -100.64
CA LEU H 2388 4.33 26.98 -101.98
C LEU H 2388 5.72 27.48 -102.37
N PRO H 2389 6.45 28.20 -101.52
CA PRO H 2389 7.83 28.58 -101.89
C PRO H 2389 8.73 27.38 -102.16
N ASP H 2390 8.57 26.29 -101.41
CA ASP H 2390 9.36 25.09 -101.67
C ASP H 2390 9.01 24.49 -103.04
N LEU H 2391 7.72 24.42 -103.36
CA LEU H 2391 7.32 23.92 -104.67
C LEU H 2391 7.89 24.79 -105.78
N ARG H 2392 7.84 26.11 -105.60
CA ARG H 2392 8.39 27.01 -106.60
C ARG H 2392 9.89 26.82 -106.76
N ALA H 2393 10.61 26.66 -105.65
CA ALA H 2393 12.05 26.43 -105.75
C ALA H 2393 12.36 25.12 -106.45
N SER H 2394 11.61 24.07 -106.16
CA SER H 2394 11.83 22.80 -106.83
C SER H 2394 11.58 22.92 -108.33
N ALA H 2395 10.53 23.65 -108.71
CA ALA H 2395 10.28 23.88 -110.13
C ALA H 2395 11.42 24.69 -110.76
N SER H 2396 11.92 25.70 -110.05
CA SER H 2396 12.99 26.54 -110.58
C SER H 2396 14.28 25.76 -110.77
N LEU H 2397 14.52 24.75 -109.92
CA LEU H 2397 15.71 23.92 -110.04
C LEU H 2397 15.53 22.80 -111.05
N ASP H 2398 14.62 22.94 -112.01
CA ASP H 2398 14.36 21.89 -112.98
C ASP H 2398 15.12 22.09 -114.28
N THR H 2399 16.04 23.05 -114.34
CA THR H 2399 16.84 23.23 -115.53
C THR H 2399 17.69 22.00 -115.80
N VAL H 2400 18.32 21.98 -116.98
CA VAL H 2400 19.11 20.82 -117.38
C VAL H 2400 20.32 20.65 -116.47
N SER H 2401 20.90 21.76 -116.01
CA SER H 2401 22.11 21.67 -115.20
C SER H 2401 21.79 21.43 -113.73
N LEU H 2402 20.83 22.17 -113.17
CA LEU H 2402 20.54 22.11 -111.75
C LEU H 2402 19.64 20.95 -111.35
N SER H 2403 19.02 20.26 -112.32
CA SER H 2403 18.06 19.22 -111.97
C SER H 2403 18.72 18.03 -111.29
N THR H 2404 19.97 17.73 -111.65
CA THR H 2404 20.65 16.54 -111.14
C THR H 2404 21.43 16.79 -109.86
N THR H 2405 21.54 18.03 -109.40
CA THR H 2405 22.30 18.31 -108.19
C THR H 2405 21.65 17.64 -106.99
N GLU H 2406 22.48 17.34 -105.99
CA GLU H 2406 21.96 16.66 -104.81
C GLU H 2406 20.93 17.50 -104.07
N ALA H 2407 21.05 18.82 -104.12
CA ALA H 2407 20.05 19.68 -103.49
C ALA H 2407 18.69 19.49 -104.14
N ALA H 2408 18.66 19.41 -105.47
CA ALA H 2408 17.39 19.20 -106.15
C ALA H 2408 16.78 17.84 -105.81
N LEU H 2409 17.62 16.81 -105.74
CA LEU H 2409 17.11 15.48 -105.37
C LEU H 2409 16.55 15.48 -103.95
N ALA H 2410 17.25 16.13 -103.02
CA ALA H 2410 16.75 16.21 -101.65
C ALA H 2410 15.44 16.97 -101.58
N LEU H 2411 15.33 18.09 -102.31
CA LEU H 2411 14.10 18.85 -102.31
C LEU H 2411 12.95 18.04 -102.90
N ASN H 2412 13.22 17.29 -103.97
CA ASN H 2412 12.18 16.45 -104.55
C ASN H 2412 11.74 15.36 -103.58
N ARG H 2413 12.68 14.75 -102.87
CA ARG H 2413 12.30 13.73 -101.88
C ARG H 2413 11.44 14.35 -100.79
N TYR H 2414 11.81 15.54 -100.31
CA TYR H 2414 11.00 16.19 -99.31
C TYR H 2414 9.60 16.49 -99.82
N LEU H 2415 9.49 17.03 -101.04
CA LEU H 2415 8.19 17.38 -101.58
C LEU H 2415 7.32 16.14 -101.78
N CYS H 2416 7.89 15.08 -102.32
CA CYS H 2416 7.10 13.90 -102.69
C CYS H 2416 6.91 12.93 -101.55
N SER H 2417 7.58 13.11 -100.41
CA SER H 2417 7.40 12.23 -99.28
C SER H 2417 6.77 12.90 -98.07
N ALA H 2418 6.80 14.23 -97.99
CA ALA H 2418 6.22 14.96 -96.87
C ALA H 2418 5.13 15.93 -97.28
N VAL H 2419 5.37 16.76 -98.29
CA VAL H 2419 4.45 17.84 -98.61
C VAL H 2419 3.28 17.33 -99.44
N LEU H 2420 3.56 16.76 -100.60
CA LEU H 2420 2.51 16.41 -101.55
C LEU H 2420 1.53 15.39 -101.01
N PRO H 2421 1.94 14.30 -100.36
CA PRO H 2421 0.95 13.42 -99.74
C PRO H 2421 0.09 14.12 -98.72
N LEU H 2422 0.67 15.05 -97.96
CA LEU H 2422 -0.13 15.81 -97.00
C LEU H 2422 -1.19 16.64 -97.71
N LEU H 2423 -0.85 17.26 -98.82
CA LEU H 2423 -1.85 18.00 -99.59
C LEU H 2423 -2.90 17.06 -100.15
N THR H 2424 -2.48 15.87 -100.60
CA THR H 2424 -3.43 14.91 -101.16
C THR H 2424 -4.45 14.46 -100.11
N ARG H 2425 -3.99 14.17 -98.89
CA ARG H 2425 -4.92 13.76 -97.85
C ARG H 2425 -5.89 14.88 -97.49
N CYS H 2426 -5.41 16.12 -97.51
CA CYS H 2426 -6.24 17.28 -97.19
C CYS H 2426 -6.94 17.85 -98.41
N ALA H 2427 -7.14 17.04 -99.45
CA ALA H 2427 -7.83 17.50 -100.64
C ALA H 2427 -9.24 18.00 -100.36
N PRO H 2428 -10.07 17.31 -99.56
CA PRO H 2428 -11.44 17.81 -99.32
C PRO H 2428 -11.49 19.21 -98.76
N LEU H 2429 -10.47 19.63 -98.00
CA LEU H 2429 -10.47 20.98 -97.45
C LEU H 2429 -10.31 22.06 -98.51
N PHE H 2430 -9.92 21.70 -99.73
CA PHE H 2430 -9.84 22.66 -100.80
C PHE H 2430 -11.21 23.08 -101.32
N ALA H 2431 -12.25 22.34 -100.98
CA ALA H 2431 -13.59 22.68 -101.44
C ALA H 2431 -14.08 23.95 -100.77
N GLY H 2432 -14.79 24.77 -101.54
CA GLY H 2432 -15.30 26.02 -101.01
C GLY H 2432 -14.23 27.03 -100.65
N THR H 2433 -13.23 27.19 -101.51
CA THR H 2433 -12.16 28.16 -101.30
C THR H 2433 -12.19 29.23 -102.39
N GLU H 2434 -13.38 29.75 -102.67
CA GLU H 2434 -13.52 30.75 -103.73
C GLU H 2434 -12.82 32.06 -103.40
N HIS H 2435 -12.50 32.30 -102.13
CA HIS H 2435 -11.85 33.55 -101.73
C HIS H 2435 -10.34 33.52 -101.85
N TYR H 2436 -9.75 32.34 -102.14
CA TYR H 2436 -8.30 32.20 -102.24
C TYR H 2436 -7.87 31.81 -103.65
N THR H 2437 -8.73 32.07 -104.65
CA THR H 2437 -8.55 31.49 -105.98
C THR H 2437 -7.14 31.71 -106.52
N SER H 2438 -6.67 32.96 -106.47
CA SER H 2438 -5.35 33.27 -107.00
C SER H 2438 -4.30 32.36 -106.40
N LEU H 2439 -4.25 32.27 -105.07
CA LEU H 2439 -3.31 31.37 -104.41
C LEU H 2439 -3.45 29.96 -104.96
N ILE H 2440 -4.68 29.44 -104.96
CA ILE H 2440 -4.93 28.10 -105.45
C ILE H 2440 -4.40 27.96 -106.88
N ASP H 2441 -4.70 28.95 -107.71
CA ASP H 2441 -4.25 28.90 -109.10
C ASP H 2441 -2.74 28.72 -109.15
N SER H 2442 -2.02 29.56 -108.41
CA SER H 2442 -0.56 29.47 -108.42
C SER H 2442 -0.13 28.07 -108.01
N THR H 2443 -0.72 27.55 -106.93
CA THR H 2443 -0.39 26.21 -106.47
C THR H 2443 -0.50 25.21 -107.60
N LEU H 2444 -1.66 25.22 -108.28
CA LEU H 2444 -1.88 24.25 -109.34
C LEU H 2444 -0.77 24.34 -110.38
N GLN H 2445 -0.44 25.56 -110.80
CA GLN H 2445 0.58 25.73 -111.83
C GLN H 2445 1.87 25.05 -111.39
N THR H 2446 2.33 25.35 -110.19
CA THR H 2446 3.60 24.78 -109.74
C THR H 2446 3.52 23.27 -109.72
N ILE H 2447 2.43 22.72 -109.19
CA ILE H 2447 2.32 21.27 -109.14
C ILE H 2447 2.30 20.69 -110.54
N TYR H 2448 1.58 21.35 -111.46
CA TYR H 2448 1.60 20.90 -112.84
C TYR H 2448 3.01 20.98 -113.39
N ARG H 2449 3.71 22.08 -113.09
CA ARG H 2449 5.08 22.22 -113.57
C ARG H 2449 6.02 21.21 -112.93
N LEU H 2450 5.62 20.61 -111.81
CA LEU H 2450 6.43 19.54 -111.24
C LEU H 2450 6.17 18.21 -111.92
N SER H 2451 4.99 18.02 -112.50
CA SER H 2451 4.71 16.76 -113.18
C SER H 2451 5.64 16.57 -114.37
N LYS H 2452 5.93 17.64 -115.10
CA LYS H 2452 6.83 17.59 -116.24
C LYS H 2452 8.28 17.73 -115.79
N GLY H 2453 8.69 16.94 -114.81
CA GLY H 2453 10.04 17.00 -114.33
C GLY H 2453 11.00 16.15 -115.12
N ARG H 2454 12.30 16.44 -114.95
CA ARG H 2454 13.33 15.69 -115.65
C ARG H 2454 13.88 14.56 -114.80
N SER H 2455 14.31 14.87 -113.57
CA SER H 2455 15.00 13.91 -112.73
C SER H 2455 14.06 13.13 -111.80
N LEU H 2456 12.76 13.37 -111.90
CA LEU H 2456 11.81 12.64 -111.06
C LEU H 2456 11.83 11.16 -111.40
N THR H 2457 11.69 10.33 -110.37
CA THR H 2457 11.52 8.90 -110.59
C THR H 2457 10.05 8.60 -110.88
N LYS H 2458 9.73 7.31 -111.04
CA LYS H 2458 8.35 6.93 -111.30
C LYS H 2458 7.46 7.21 -110.09
N ALA H 2459 7.91 6.84 -108.89
CA ALA H 2459 7.09 7.03 -107.70
C ALA H 2459 6.84 8.50 -107.43
N GLN H 2460 7.86 9.35 -107.58
CA GLN H 2460 7.69 10.77 -107.33
C GLN H 2460 6.72 11.40 -108.32
N ARG H 2461 6.86 11.07 -109.60
CA ARG H 2461 5.95 11.63 -110.60
C ARG H 2461 4.53 11.14 -110.36
N ASP H 2462 4.38 9.87 -109.97
CA ASP H 2462 3.05 9.36 -109.64
C ASP H 2462 2.44 10.12 -108.47
N THR H 2463 3.24 10.40 -107.43
CA THR H 2463 2.75 11.15 -106.29
C THR H 2463 2.31 12.55 -106.70
N ILE H 2464 3.12 13.22 -107.52
CA ILE H 2464 2.79 14.57 -107.96
C ILE H 2464 1.49 14.57 -108.75
N GLU H 2465 1.36 13.64 -109.69
CA GLU H 2465 0.15 13.58 -110.51
C GLU H 2465 -1.07 13.24 -109.67
N GLU H 2466 -0.94 12.31 -108.73
CA GLU H 2466 -2.06 11.95 -107.86
C GLU H 2466 -2.49 13.12 -107.01
N CYS H 2467 -1.53 13.88 -106.47
CA CYS H 2467 -1.88 15.06 -105.70
C CYS H 2467 -2.61 16.08 -106.56
N LEU H 2468 -2.13 16.30 -107.79
CA LEU H 2468 -2.80 17.25 -108.67
C LEU H 2468 -4.22 16.82 -108.97
N LEU H 2469 -4.42 15.53 -109.27
CA LEU H 2469 -5.77 15.05 -109.57
C LEU H 2469 -6.69 15.18 -108.37
N ALA H 2470 -6.21 14.80 -107.19
CA ALA H 2470 -7.05 14.90 -106.00
C ALA H 2470 -7.40 16.34 -105.69
N ILE H 2471 -6.44 17.26 -105.83
CA ILE H 2471 -6.73 18.67 -105.58
C ILE H 2471 -7.75 19.20 -106.56
N CYS H 2472 -7.55 18.90 -107.85
CA CYS H 2472 -8.47 19.41 -108.86
C CYS H 2472 -9.86 18.80 -108.74
N ASN H 2473 -9.96 17.60 -108.16
CA ASN H 2473 -11.26 16.94 -108.08
C ASN H 2473 -12.23 17.70 -107.19
N HIS H 2474 -11.74 18.43 -106.20
CA HIS H 2474 -12.59 19.12 -105.24
C HIS H 2474 -12.74 20.61 -105.50
N LEU H 2475 -12.10 21.14 -106.53
CA LEU H 2475 -12.24 22.55 -106.87
C LEU H 2475 -13.41 22.75 -107.81
N ARG H 2476 -14.04 23.92 -107.70
CA ARG H 2476 -15.13 24.26 -108.59
C ARG H 2476 -14.60 24.65 -109.97
N PRO H 2477 -15.46 24.66 -110.98
CA PRO H 2477 -15.00 24.95 -112.35
C PRO H 2477 -14.38 26.33 -112.52
N SER H 2478 -14.71 27.28 -111.64
CA SER H 2478 -14.19 28.63 -111.83
C SER H 2478 -12.71 28.73 -111.50
N MET H 2479 -12.20 27.85 -110.65
CA MET H 2479 -10.82 27.91 -110.18
C MET H 2479 -9.86 27.04 -110.98
N LEU H 2480 -10.36 26.32 -111.98
CA LEU H 2480 -9.50 25.48 -112.81
C LEU H 2480 -9.14 26.10 -114.15
N GLN H 2481 -9.83 27.19 -114.53
CA GLN H 2481 -9.74 27.68 -115.90
C GLN H 2481 -8.31 27.95 -116.32
N GLN H 2482 -7.56 28.67 -115.49
CA GLN H 2482 -6.17 28.97 -115.80
C GLN H 2482 -5.41 27.70 -116.13
N LEU H 2483 -5.51 26.68 -115.27
CA LEU H 2483 -4.83 25.42 -115.52
C LEU H 2483 -5.28 24.84 -116.86
N LEU H 2484 -6.59 24.84 -117.11
CA LEU H 2484 -7.10 24.30 -118.37
C LEU H 2484 -6.49 25.03 -119.54
N ARG H 2485 -6.32 26.35 -119.42
CA ARG H 2485 -5.71 27.12 -120.49
C ARG H 2485 -4.32 26.56 -120.82
N ARG H 2486 -3.52 26.31 -119.79
CA ARG H 2486 -2.21 25.70 -120.04
C ARG H 2486 -2.36 24.35 -120.70
N LEU H 2487 -3.32 23.55 -120.25
CA LEU H 2487 -3.52 22.24 -120.85
C LEU H 2487 -3.91 22.36 -122.32
N VAL H 2488 -4.57 23.46 -122.70
CA VAL H 2488 -4.95 23.64 -124.09
C VAL H 2488 -3.73 23.71 -124.99
N PHE H 2489 -2.57 24.09 -124.43
CA PHE H 2489 -1.34 24.12 -125.19
C PHE H 2489 -0.57 22.81 -125.12
N ASP H 2490 -0.87 21.94 -124.16
CA ASP H 2490 -0.07 20.75 -123.92
C ASP H 2490 -0.77 19.45 -124.32
N VAL H 2491 -2.03 19.28 -123.92
CA VAL H 2491 -2.73 18.03 -124.21
C VAL H 2491 -2.81 17.74 -125.70
N PRO H 2492 -3.11 18.70 -126.58
CA PRO H 2492 -3.16 18.39 -128.01
C PRO H 2492 -1.87 17.83 -128.57
N GLN H 2493 -0.72 18.11 -127.96
CA GLN H 2493 0.53 17.52 -128.43
C GLN H 2493 0.52 16.01 -128.28
N LEU H 2494 -0.04 15.51 -127.17
CA LEU H 2494 -0.14 14.08 -126.92
C LEU H 2494 1.25 13.44 -126.82
N ASN H 2495 2.06 13.96 -125.90
CA ASN H 2495 3.39 13.43 -125.63
C ASN H 2495 3.31 12.39 -124.53
N GLU H 2496 4.47 12.06 -123.94
CA GLU H 2496 4.50 11.07 -122.87
C GLU H 2496 3.67 11.50 -121.68
N TYR H 2497 3.77 12.78 -121.29
CA TYR H 2497 3.05 13.30 -120.14
C TYR H 2497 1.64 13.75 -120.54
N CYS H 2498 0.86 12.80 -121.04
CA CYS H 2498 -0.51 13.07 -121.44
C CYS H 2498 -1.54 12.28 -120.67
N LYS H 2499 -1.16 11.18 -120.01
CA LYS H 2499 -2.12 10.39 -119.26
C LYS H 2499 -2.79 11.20 -118.17
N MET H 2500 -1.99 11.87 -117.34
CA MET H 2500 -2.54 12.65 -116.25
C MET H 2500 -3.41 13.81 -116.73
N PRO H 2501 -2.98 14.64 -117.68
CA PRO H 2501 -3.88 15.70 -118.16
C PRO H 2501 -5.16 15.17 -118.76
N LEU H 2502 -5.10 14.06 -119.49
CA LEU H 2502 -6.31 13.47 -120.06
C LEU H 2502 -7.24 13.02 -118.97
N LYS H 2503 -6.72 12.36 -117.94
CA LYS H 2503 -7.58 11.90 -116.85
C LYS H 2503 -8.16 13.08 -116.08
N LEU H 2504 -7.38 14.14 -115.91
CA LEU H 2504 -7.88 15.32 -115.21
C LEU H 2504 -9.01 15.97 -115.98
N LEU H 2505 -8.84 16.14 -117.29
CA LEU H 2505 -9.90 16.70 -118.12
C LEU H 2505 -11.14 15.81 -118.08
N THR H 2506 -10.94 14.48 -118.17
CA THR H 2506 -12.07 13.56 -118.12
C THR H 2506 -12.84 13.73 -116.82
N ASN H 2507 -12.15 13.70 -115.68
CA ASN H 2507 -12.82 13.82 -114.40
C ASN H 2507 -13.55 15.15 -114.28
N HIS H 2508 -12.89 16.24 -114.67
CA HIS H 2508 -13.51 17.56 -114.51
C HIS H 2508 -14.75 17.70 -115.36
N TYR H 2509 -14.66 17.37 -116.65
CA TYR H 2509 -15.79 17.55 -117.53
C TYR H 2509 -16.85 16.47 -117.41
N GLU H 2510 -16.56 15.38 -116.70
CA GLU H 2510 -17.56 14.37 -116.44
C GLU H 2510 -18.25 14.55 -115.10
N GLN H 2511 -17.63 15.28 -114.18
CA GLN H 2511 -18.28 15.61 -112.92
C GLN H 2511 -19.02 16.94 -112.98
N CYS H 2512 -18.53 17.89 -113.77
CA CYS H 2512 -19.09 19.23 -113.85
C CYS H 2512 -19.82 19.47 -115.16
N TRP H 2513 -20.51 18.46 -115.67
CA TRP H 2513 -21.15 18.60 -116.97
C TRP H 2513 -22.40 19.49 -116.90
N LYS H 2514 -23.11 19.46 -115.78
CA LYS H 2514 -24.26 20.35 -115.64
C LYS H 2514 -23.83 21.81 -115.65
N TYR H 2515 -22.64 22.10 -115.13
CA TYR H 2515 -22.13 23.46 -115.12
C TYR H 2515 -21.96 24.01 -116.54
N TYR H 2516 -21.75 23.12 -117.51
CA TYR H 2516 -21.52 23.52 -118.89
C TYR H 2516 -22.69 23.26 -119.82
N CYS H 2517 -23.49 22.23 -119.56
CA CYS H 2517 -24.53 21.83 -120.51
C CYS H 2517 -25.87 22.49 -120.19
N LEU H 2518 -26.39 22.26 -118.99
CA LEU H 2518 -27.70 22.78 -118.64
C LEU H 2518 -27.67 24.30 -118.63
N PRO H 2519 -28.62 24.96 -119.28
CA PRO H 2519 -28.66 26.44 -119.22
C PRO H 2519 -28.86 26.97 -117.82
N SER H 2520 -29.61 26.27 -116.96
CA SER H 2520 -29.82 26.74 -115.60
C SER H 2520 -28.51 26.75 -114.82
N GLY H 2521 -27.70 25.71 -114.95
CA GLY H 2521 -26.45 25.60 -114.22
C GLY H 2521 -26.50 24.47 -113.20
N TRP H 2522 -25.39 24.29 -112.52
CA TRP H 2522 -25.22 23.20 -111.56
C TRP H 2522 -25.48 23.69 -110.13
N GLY H 2523 -26.72 24.11 -109.90
CA GLY H 2523 -27.09 24.55 -108.56
C GLY H 2523 -26.29 25.74 -108.11
N SER H 2524 -25.70 25.64 -106.91
CA SER H 2524 -24.95 26.75 -106.35
C SER H 2524 -23.71 27.08 -107.16
N TYR H 2525 -23.15 26.09 -107.87
CA TYR H 2525 -21.97 26.35 -108.68
C TYR H 2525 -22.25 27.33 -109.81
N GLY H 2526 -23.50 27.47 -110.23
CA GLY H 2526 -23.87 28.44 -111.24
C GLY H 2526 -23.60 27.96 -112.65
N LEU H 2527 -24.02 28.79 -113.60
CA LEU H 2527 -23.82 28.49 -115.01
C LEU H 2527 -22.44 28.92 -115.46
N ALA H 2528 -22.03 28.42 -116.61
CA ALA H 2528 -20.70 28.69 -117.15
C ALA H 2528 -20.69 30.08 -117.79
N VAL H 2529 -19.62 30.39 -118.52
CA VAL H 2529 -19.50 31.65 -119.25
C VAL H 2529 -18.99 31.33 -120.66
N GLU H 2530 -19.09 32.33 -121.53
CA GLU H 2530 -18.72 32.12 -122.93
C GLU H 2530 -17.25 31.76 -123.07
N GLU H 2531 -16.38 32.40 -122.27
CA GLU H 2531 -14.96 32.10 -122.36
C GLU H 2531 -14.66 30.65 -122.02
N GLU H 2532 -15.28 30.14 -120.95
CA GLU H 2532 -15.04 28.76 -120.56
C GLU H 2532 -15.51 27.78 -121.62
N LEU H 2533 -16.69 28.02 -122.19
CA LEU H 2533 -17.19 27.14 -123.25
C LEU H 2533 -16.31 27.21 -124.48
N HIS H 2534 -15.81 28.40 -124.82
CA HIS H 2534 -14.89 28.52 -125.94
C HIS H 2534 -13.62 27.73 -125.68
N LEU H 2535 -13.09 27.80 -124.46
CA LEU H 2535 -11.90 27.04 -124.11
C LEU H 2535 -12.16 25.54 -124.24
N THR H 2536 -13.32 25.09 -123.75
CA THR H 2536 -13.66 23.67 -123.86
C THR H 2536 -13.73 23.22 -125.31
N GLU H 2537 -14.36 24.03 -126.17
CA GLU H 2537 -14.46 23.66 -127.57
C GLU H 2537 -13.10 23.63 -128.24
N LYS H 2538 -12.25 24.61 -127.93
CA LYS H 2538 -10.91 24.62 -128.50
C LYS H 2538 -10.11 23.40 -128.07
N LEU H 2539 -10.23 23.03 -126.79
CA LEU H 2539 -9.55 21.84 -126.29
C LEU H 2539 -10.03 20.59 -127.01
N PHE H 2540 -11.36 20.44 -127.16
CA PHE H 2540 -11.90 19.28 -127.85
C PHE H 2540 -11.38 19.20 -129.28
N TRP H 2541 -11.45 20.31 -130.00
CA TRP H 2541 -11.01 20.29 -131.40
C TRP H 2541 -9.52 20.00 -131.51
N GLY H 2542 -8.71 20.59 -130.64
CA GLY H 2542 -7.28 20.32 -130.69
C GLY H 2542 -6.97 18.86 -130.45
N ILE H 2543 -7.57 18.26 -129.41
CA ILE H 2543 -7.30 16.85 -129.13
C ILE H 2543 -7.81 15.97 -130.26
N PHE H 2544 -8.99 16.27 -130.80
CA PHE H 2544 -9.55 15.45 -131.87
C PHE H 2544 -8.67 15.49 -133.11
N ASP H 2545 -8.29 16.69 -133.54
CA ASP H 2545 -7.46 16.81 -134.74
C ASP H 2545 -6.10 16.15 -134.53
N SER H 2546 -5.50 16.33 -133.36
CA SER H 2546 -4.21 15.72 -133.10
C SER H 2546 -4.31 14.20 -133.10
N LEU H 2547 -5.35 13.66 -132.47
CA LEU H 2547 -5.52 12.21 -132.43
C LEU H 2547 -5.82 11.64 -133.80
N SER H 2548 -6.44 12.42 -134.68
CA SER H 2548 -6.73 11.95 -136.03
C SER H 2548 -5.47 11.67 -136.84
N HIS H 2549 -4.34 12.24 -136.45
CA HIS H 2549 -3.08 12.08 -137.18
C HIS H 2549 -2.02 11.36 -136.36
N LYS H 2550 -2.42 10.29 -135.67
CA LYS H 2550 -1.52 9.53 -134.82
C LYS H 2550 -1.50 8.08 -135.26
N LYS H 2551 -0.31 7.48 -135.29
CA LYS H 2551 -0.22 6.05 -135.50
C LYS H 2551 -0.90 5.33 -134.34
N TYR H 2552 -1.68 4.29 -134.67
CA TYR H 2552 -2.54 3.65 -133.70
C TYR H 2552 -1.76 3.10 -132.51
N ASP H 2553 -2.00 3.68 -131.33
CA ASP H 2553 -1.45 3.19 -130.08
C ASP H 2553 -2.61 2.90 -129.14
N PRO H 2554 -2.79 1.65 -128.71
CA PRO H 2554 -3.97 1.33 -127.89
C PRO H 2554 -4.08 2.14 -126.61
N ASP H 2555 -2.97 2.37 -125.91
CA ASP H 2555 -3.04 3.10 -124.65
C ASP H 2555 -3.43 4.56 -124.88
N LEU H 2556 -2.83 5.21 -125.86
CA LEU H 2556 -3.14 6.61 -126.12
C LEU H 2556 -4.60 6.79 -126.52
N PHE H 2557 -5.10 5.93 -127.41
CA PHE H 2557 -6.49 6.03 -127.82
C PHE H 2557 -7.43 5.74 -126.66
N ARG H 2558 -7.10 4.73 -125.86
CA ARG H 2558 -7.94 4.38 -124.72
C ARG H 2558 -8.01 5.53 -123.71
N MET H 2559 -6.91 6.24 -123.52
CA MET H 2559 -6.93 7.38 -122.61
C MET H 2559 -7.63 8.58 -123.21
N ALA H 2560 -7.47 8.81 -124.51
CA ALA H 2560 -7.99 10.01 -125.15
C ALA H 2560 -9.50 9.94 -125.39
N LEU H 2561 -10.04 8.75 -125.65
CA LEU H 2561 -11.45 8.65 -126.00
C LEU H 2561 -12.36 9.17 -124.89
N PRO H 2562 -12.22 8.75 -123.63
CA PRO H 2562 -13.09 9.29 -122.57
C PRO H 2562 -12.98 10.79 -122.41
N CYS H 2563 -11.80 11.37 -122.62
CA CYS H 2563 -11.66 12.81 -122.53
C CYS H 2563 -12.53 13.51 -123.57
N LEU H 2564 -12.47 13.03 -124.81
CA LEU H 2564 -13.28 13.63 -125.88
C LEU H 2564 -14.76 13.42 -125.59
N SER H 2565 -15.14 12.23 -125.13
CA SER H 2565 -16.55 11.99 -124.82
C SER H 2565 -17.04 12.91 -123.73
N ALA H 2566 -16.24 13.12 -122.68
CA ALA H 2566 -16.64 14.00 -121.60
C ALA H 2566 -16.76 15.44 -122.06
N ILE H 2567 -15.80 15.91 -122.85
CA ILE H 2567 -15.86 17.28 -123.34
C ILE H 2567 -17.08 17.49 -124.22
N ALA H 2568 -17.36 16.54 -125.12
CA ALA H 2568 -18.53 16.66 -125.98
C ALA H 2568 -19.82 16.62 -125.17
N GLY H 2569 -19.88 15.75 -124.17
CA GLY H 2569 -21.05 15.67 -123.34
C GLY H 2569 -21.19 16.80 -122.34
N ALA H 2570 -20.18 17.66 -122.23
CA ALA H 2570 -20.28 18.87 -121.43
C ALA H 2570 -20.66 20.08 -122.26
N LEU H 2571 -20.10 20.22 -123.45
CA LEU H 2571 -20.43 21.34 -124.32
C LEU H 2571 -21.89 21.23 -124.78
N PRO H 2572 -22.68 22.28 -124.66
CA PRO H 2572 -24.03 22.26 -125.21
C PRO H 2572 -24.01 22.02 -126.71
N PRO H 2573 -24.94 21.23 -127.23
CA PRO H 2573 -24.90 20.89 -128.65
C PRO H 2573 -25.04 22.08 -129.56
N ASP H 2574 -25.64 23.17 -129.09
CA ASP H 2574 -25.89 24.34 -129.90
C ASP H 2574 -25.06 25.54 -129.44
N TYR H 2575 -23.81 25.29 -129.09
CA TYR H 2575 -22.92 26.37 -128.64
C TYR H 2575 -22.36 27.08 -129.86
N LEU H 2576 -22.96 28.21 -130.20
CA LEU H 2576 -22.49 29.02 -131.31
C LEU H 2576 -21.36 29.92 -130.83
N ASP H 2577 -20.16 29.70 -131.35
CA ASP H 2577 -18.97 30.41 -130.90
C ASP H 2577 -18.75 31.64 -131.79
N THR H 2578 -18.85 32.82 -131.21
CA THR H 2578 -18.65 34.07 -131.94
C THR H 2578 -17.18 34.46 -131.82
N ARG H 2579 -16.38 34.02 -132.79
CA ARG H 2579 -14.96 34.34 -132.81
C ARG H 2579 -14.50 34.72 -134.21
N SER H 2808 -26.26 33.90 -134.58
CA SER H 2808 -25.70 33.94 -135.91
C SER H 2808 -26.19 32.76 -136.75
N SER H 2809 -25.43 32.42 -137.79
CA SER H 2809 -25.81 31.32 -138.66
C SER H 2809 -25.82 30.01 -137.87
N MET H 2810 -26.76 29.13 -138.22
CA MET H 2810 -26.85 27.83 -137.56
C MET H 2810 -25.76 26.86 -137.98
N GLU H 2811 -24.93 27.24 -138.95
CA GLU H 2811 -23.82 26.39 -139.38
C GLU H 2811 -22.59 26.56 -138.50
N LYS H 2812 -22.62 27.46 -137.52
CA LYS H 2812 -21.53 27.63 -136.58
C LYS H 2812 -21.74 26.89 -135.27
N ARG H 2813 -22.84 26.16 -135.13
CA ARG H 2813 -23.08 25.41 -133.91
C ARG H 2813 -22.09 24.26 -133.80
N PHE H 2814 -21.83 23.86 -132.55
CA PHE H 2814 -20.88 22.76 -132.33
C PHE H 2814 -21.40 21.46 -132.90
N ALA H 2815 -22.69 21.17 -132.71
CA ALA H 2815 -23.24 19.91 -133.19
C ALA H 2815 -23.16 19.83 -134.70
N TYR H 2816 -23.41 20.94 -135.40
CA TYR H 2816 -23.33 20.94 -136.84
C TYR H 2816 -21.91 20.61 -137.32
N LYS H 2817 -20.91 21.24 -136.71
CA LYS H 2817 -19.53 20.96 -137.09
C LYS H 2817 -19.17 19.50 -136.80
N PHE H 2818 -19.59 19.00 -135.63
CA PHE H 2818 -19.29 17.62 -135.26
C PHE H 2818 -19.89 16.65 -136.27
N LEU H 2819 -21.16 16.85 -136.62
CA LEU H 2819 -21.81 15.96 -137.57
C LEU H 2819 -21.20 16.07 -138.96
N LYS H 2820 -20.82 17.28 -139.37
CA LYS H 2820 -20.18 17.43 -140.66
C LYS H 2820 -18.85 16.69 -140.72
N LYS H 2821 -18.04 16.83 -139.66
CA LYS H 2821 -16.77 16.12 -139.61
C LYS H 2821 -16.98 14.61 -139.64
N ILE H 2822 -17.95 14.12 -138.87
CA ILE H 2822 -18.18 12.68 -138.83
C ILE H 2822 -18.69 12.17 -140.17
N LEU H 2823 -19.53 12.95 -140.85
CA LEU H 2823 -19.99 12.55 -142.18
C LEU H 2823 -18.84 12.49 -143.17
N LYS H 2824 -17.92 13.46 -143.11
CA LYS H 2824 -16.76 13.39 -143.99
C LYS H 2824 -15.92 12.16 -143.70
N TYR H 2825 -15.72 11.85 -142.42
CA TYR H 2825 -14.96 10.65 -142.07
C TYR H 2825 -15.66 9.39 -142.55
N VAL H 2826 -16.99 9.33 -142.45
CA VAL H 2826 -17.71 8.16 -142.93
C VAL H 2826 -17.61 8.04 -144.45
N ASP H 2827 -17.65 9.17 -145.16
CA ASP H 2827 -17.47 9.13 -146.61
C ASP H 2827 -16.11 8.58 -146.97
N SER H 2828 -15.05 9.02 -146.27
CA SER H 2828 -13.72 8.47 -146.53
C SER H 2828 -13.66 6.99 -146.18
N ALA H 2829 -14.28 6.60 -145.07
CA ALA H 2829 -14.26 5.21 -144.65
C ALA H 2829 -14.99 4.33 -145.63
N GLN H 2830 -15.96 4.88 -146.36
CA GLN H 2830 -16.61 4.10 -147.42
C GLN H 2830 -15.59 3.64 -148.46
N GLU H 2831 -14.78 4.58 -148.97
CA GLU H 2831 -13.75 4.21 -149.94
C GLU H 2831 -12.71 3.29 -149.33
N PHE H 2832 -12.33 3.55 -148.08
CA PHE H 2832 -11.33 2.71 -147.43
C PHE H 2832 -11.82 1.27 -147.30
N ILE H 2833 -13.09 1.09 -146.90
CA ILE H 2833 -13.64 -0.25 -146.76
C ILE H 2833 -13.80 -0.93 -148.11
N ALA H 2834 -14.20 -0.16 -149.13
CA ALA H 2834 -14.28 -0.74 -150.47
C ALA H 2834 -12.92 -1.25 -150.93
N HIS H 2835 -11.87 -0.45 -150.73
CA HIS H 2835 -10.54 -0.88 -151.13
C HIS H 2835 -10.07 -2.07 -150.30
N LEU H 2836 -10.39 -2.08 -149.00
CA LEU H 2836 -10.01 -3.21 -148.17
C LEU H 2836 -10.70 -4.49 -148.65
N GLU H 2837 -11.98 -4.41 -149.00
CA GLU H 2837 -12.67 -5.58 -149.52
C GLU H 2837 -12.08 -6.01 -150.84
N ALA H 2838 -11.69 -5.06 -151.69
CA ALA H 2838 -11.07 -5.41 -152.95
C ALA H 2838 -9.75 -6.14 -152.75
N ILE H 2839 -8.92 -5.65 -151.82
CA ILE H 2839 -7.63 -6.32 -151.56
C ILE H 2839 -7.86 -7.69 -150.94
N VAL H 2840 -8.89 -7.83 -150.11
CA VAL H 2840 -9.22 -9.13 -149.54
C VAL H 2840 -9.63 -10.09 -150.65
N SER H 2841 -10.44 -9.62 -151.60
CA SER H 2841 -10.83 -10.45 -152.73
C SER H 2841 -9.62 -10.86 -153.56
N SER H 2842 -8.69 -9.93 -153.77
CA SER H 2842 -7.48 -10.25 -154.53
C SER H 2842 -6.59 -11.26 -153.82
N GLY H 2843 -6.76 -11.45 -152.51
CA GLY H 2843 -5.98 -12.39 -151.75
C GLY H 2843 -4.77 -11.82 -151.05
N LYS H 2844 -4.47 -10.53 -151.23
CA LYS H 2844 -3.34 -9.92 -150.57
C LYS H 2844 -3.59 -9.83 -149.06
N THR H 2845 -2.61 -10.26 -148.27
CA THR H 2845 -2.73 -10.28 -146.82
C THR H 2845 -1.95 -9.15 -146.15
N GLU H 2846 -1.41 -8.22 -146.92
CA GLU H 2846 -0.67 -7.11 -146.34
C GLU H 2846 -1.63 -6.13 -145.67
N LYS H 2847 -1.08 -5.35 -144.74
CA LYS H 2847 -1.88 -4.34 -144.05
C LYS H 2847 -2.33 -3.26 -145.04
N SER H 2848 -3.54 -2.75 -144.81
CA SER H 2848 -4.08 -1.74 -145.71
C SER H 2848 -3.26 -0.46 -145.62
N PRO H 2849 -3.09 0.26 -146.73
CA PRO H 2849 -2.36 1.55 -146.67
C PRO H 2849 -3.02 2.56 -145.75
N HIS H 2850 -4.35 2.52 -145.62
CA HIS H 2850 -5.08 3.44 -144.75
C HIS H 2850 -5.47 2.79 -143.43
N ASP H 2851 -4.61 1.92 -142.90
CA ASP H 2851 -4.93 1.25 -141.65
C ASP H 2851 -5.07 2.23 -140.50
N GLN H 2852 -4.34 3.34 -140.54
CA GLN H 2852 -4.50 4.37 -139.50
C GLN H 2852 -5.91 4.94 -139.52
N GLU H 2853 -6.41 5.25 -140.71
CA GLU H 2853 -7.77 5.79 -140.83
C GLU H 2853 -8.79 4.78 -140.33
N ILE H 2854 -8.64 3.51 -140.70
CA ILE H 2854 -9.60 2.50 -140.27
C ILE H 2854 -9.55 2.34 -138.76
N LYS H 2855 -8.36 2.31 -138.17
CA LYS H 2855 -8.26 2.17 -136.73
C LYS H 2855 -8.87 3.37 -136.00
N PHE H 2856 -8.64 4.57 -136.51
CA PHE H 2856 -9.26 5.75 -135.91
C PHE H 2856 -10.78 5.70 -136.03
N PHE H 2857 -11.28 5.31 -137.20
CA PHE H 2857 -12.72 5.26 -137.42
C PHE H 2857 -13.39 4.22 -136.53
N ALA H 2858 -12.78 3.05 -136.39
CA ALA H 2858 -13.40 1.97 -135.65
C ALA H 2858 -13.12 2.01 -134.15
N LYS H 2859 -12.14 2.79 -133.71
CA LYS H 2859 -11.75 2.80 -132.31
C LYS H 2859 -12.05 4.10 -131.59
N VAL H 2860 -12.25 5.20 -132.32
CA VAL H 2860 -12.50 6.51 -131.73
C VAL H 2860 -13.81 7.11 -132.21
N LEU H 2861 -14.05 7.05 -133.52
CA LEU H 2861 -15.20 7.75 -134.08
C LEU H 2861 -16.51 7.09 -133.66
N LEU H 2862 -16.62 5.77 -133.80
CA LEU H 2862 -17.89 5.11 -133.50
C LEU H 2862 -18.27 5.20 -132.03
N PRO H 2863 -17.41 4.86 -131.07
CA PRO H 2863 -17.79 5.04 -129.67
C PRO H 2863 -18.07 6.49 -129.32
N LEU H 2864 -17.34 7.42 -129.93
CA LEU H 2864 -17.59 8.83 -129.67
C LEU H 2864 -18.98 9.24 -130.14
N VAL H 2865 -19.37 8.80 -131.34
CA VAL H 2865 -20.71 9.11 -131.84
C VAL H 2865 -21.77 8.47 -130.96
N ASP H 2866 -21.54 7.22 -130.56
CA ASP H 2866 -22.49 6.53 -129.69
C ASP H 2866 -22.70 7.29 -128.40
N GLN H 2867 -21.62 7.69 -127.74
CA GLN H 2867 -21.75 8.42 -126.49
C GLN H 2867 -22.39 9.79 -126.69
N TYR H 2868 -22.03 10.48 -127.78
CA TYR H 2868 -22.58 11.81 -128.03
C TYR H 2868 -24.07 11.75 -128.21
N PHE H 2869 -24.58 10.77 -128.96
CA PHE H 2869 -26.02 10.68 -129.14
C PHE H 2869 -26.72 9.97 -128.00
N THR H 2870 -25.99 9.29 -127.12
CA THR H 2870 -26.60 8.83 -125.88
C THR H 2870 -26.77 9.96 -124.89
N ASN H 2871 -25.88 10.95 -124.93
CA ASN H 2871 -26.00 12.11 -124.06
C ASN H 2871 -27.00 13.12 -124.60
N HIS H 2872 -26.73 13.67 -125.79
CA HIS H 2872 -27.59 14.68 -126.39
C HIS H 2872 -28.64 14.00 -127.29
N HIS H 2873 -29.41 13.10 -126.68
CA HIS H 2873 -30.37 12.31 -127.43
C HIS H 2873 -31.67 13.08 -127.65
N LEU H 2874 -32.24 13.63 -126.57
CA LEU H 2874 -33.49 14.38 -126.68
C LEU H 2874 -33.33 15.67 -127.48
N TYR H 2875 -32.13 16.24 -127.52
CA TYR H 2875 -31.91 17.49 -128.25
C TYR H 2875 -32.18 17.32 -129.73
N PHE H 2876 -31.91 16.14 -130.29
CA PHE H 2876 -32.13 15.89 -131.70
C PHE H 2876 -33.53 15.36 -132.02
N LEU H 2877 -34.32 15.04 -130.99
CA LEU H 2877 -35.70 14.63 -131.19
C LEU H 2877 -36.69 15.75 -130.94
N SER H 2878 -36.36 16.68 -130.06
CA SER H 2878 -37.29 17.74 -129.71
C SER H 2878 -37.56 18.65 -130.91
N SER H 2879 -38.74 19.26 -130.90
CA SER H 2879 -39.12 20.23 -131.91
C SER H 2879 -39.89 21.36 -131.22
N PRO H 2880 -40.21 22.45 -131.93
CA PRO H 2880 -40.99 23.52 -131.29
C PRO H 2880 -42.33 23.06 -130.77
N LEU H 2881 -42.98 22.11 -131.45
CA LEU H 2881 -44.24 21.58 -130.95
C LEU H 2881 -44.02 20.79 -129.66
N LYS H 2882 -43.00 19.95 -129.61
CA LYS H 2882 -42.69 19.13 -128.43
C LYS H 2882 -41.30 19.45 -127.91
N PRO H 2883 -41.18 20.20 -126.81
CA PRO H 2883 -39.87 20.50 -126.22
C PRO H 2883 -39.40 19.45 -125.23
N LEU H 2884 -38.93 18.32 -125.76
CA LEU H 2884 -38.49 17.22 -124.91
C LEU H 2884 -37.24 17.60 -124.11
N SER H 2885 -36.32 18.31 -124.75
CA SER H 2885 -35.03 18.63 -124.13
C SER H 2885 -35.02 20.07 -123.65
N SER H 2886 -34.54 20.27 -122.41
CA SER H 2886 -34.46 21.62 -121.87
C SER H 2886 -33.40 22.44 -122.58
N SER H 2887 -32.35 21.79 -123.09
CA SER H 2887 -31.26 22.53 -123.75
C SER H 2887 -31.77 23.26 -124.99
N GLY H 2888 -32.61 22.61 -125.78
CA GLY H 2888 -33.12 23.22 -126.99
C GLY H 2888 -33.63 22.15 -127.93
N TYR H 2889 -33.71 22.50 -129.21
CA TYR H 2889 -34.09 21.56 -130.24
C TYR H 2889 -33.18 21.74 -131.44
N ALA H 2890 -32.75 20.62 -132.02
CA ALA H 2890 -31.84 20.66 -133.14
C ALA H 2890 -32.52 21.27 -134.36
N SER H 2891 -31.74 21.97 -135.17
CA SER H 2891 -32.27 22.56 -136.38
C SER H 2891 -32.57 21.48 -137.42
N HIS H 2892 -33.24 21.89 -138.49
CA HIS H 2892 -33.62 20.93 -139.54
C HIS H 2892 -32.38 20.30 -140.16
N LYS H 2893 -31.34 21.11 -140.42
CA LYS H 2893 -30.14 20.59 -141.06
C LYS H 2893 -29.47 19.54 -140.20
N GLU H 2894 -29.42 19.75 -138.88
CA GLU H 2894 -28.79 18.77 -138.00
C GLU H 2894 -29.57 17.46 -138.00
N LYS H 2895 -30.90 17.52 -137.98
CA LYS H 2895 -31.69 16.30 -138.03
C LYS H 2895 -31.49 15.56 -139.35
N GLU H 2896 -31.43 16.31 -140.46
CA GLU H 2896 -31.14 15.69 -141.74
C GLU H 2896 -29.77 15.02 -141.73
N MET H 2897 -28.78 15.66 -141.11
CA MET H 2897 -27.45 15.08 -141.02
C MET H 2897 -27.46 13.80 -140.19
N VAL H 2898 -28.23 13.78 -139.10
CA VAL H 2898 -28.31 12.58 -138.28
C VAL H 2898 -28.92 11.43 -139.08
N ALA H 2899 -30.00 11.72 -139.82
CA ALA H 2899 -30.61 10.68 -140.64
C ALA H 2899 -29.65 10.18 -141.71
N SER H 2900 -28.94 11.11 -142.36
CA SER H 2900 -27.98 10.73 -143.39
C SER H 2900 -26.86 9.88 -142.81
N LEU H 2901 -26.38 10.23 -141.62
CA LEU H 2901 -25.32 9.46 -140.97
C LEU H 2901 -25.80 8.06 -140.64
N PHE H 2902 -27.03 7.93 -140.11
CA PHE H 2902 -27.56 6.60 -139.83
C PHE H 2902 -27.66 5.77 -141.10
N CYS H 2903 -28.16 6.37 -142.18
CA CYS H 2903 -28.28 5.63 -143.43
C CYS H 2903 -26.93 5.19 -143.96
N LYS H 2904 -25.93 6.08 -143.91
CA LYS H 2904 -24.60 5.72 -144.41
C LYS H 2904 -23.97 4.62 -143.56
N LEU H 2905 -24.09 4.71 -142.24
CA LEU H 2905 -23.55 3.64 -141.39
C LEU H 2905 -24.24 2.32 -141.68
N ALA H 2906 -25.56 2.33 -141.84
CA ALA H 2906 -26.27 1.11 -142.18
C ALA H 2906 -25.81 0.55 -143.52
N ALA H 2907 -25.47 1.45 -144.44
CA ALA H 2907 -24.93 1.01 -145.73
C ALA H 2907 -23.55 0.37 -145.58
N LEU H 2908 -22.73 0.90 -144.68
CA LEU H 2908 -21.36 0.38 -144.55
C LEU H 2908 -21.36 -1.07 -144.09
N VAL H 2909 -22.22 -1.43 -143.16
CA VAL H 2909 -22.19 -2.74 -142.53
C VAL H 2909 -23.23 -3.68 -143.15
N ARG H 2910 -23.66 -3.41 -144.39
CA ARG H 2910 -24.79 -4.15 -144.95
C ARG H 2910 -24.46 -5.62 -145.11
N HIS H 2911 -23.26 -5.94 -145.57
CA HIS H 2911 -22.85 -7.33 -145.64
C HIS H 2911 -21.39 -7.52 -145.24
N ARG H 2912 -20.83 -6.58 -144.49
CA ARG H 2912 -19.41 -6.57 -144.16
C ARG H 2912 -19.17 -6.78 -142.67
N ILE H 2913 -20.04 -7.56 -142.02
CA ILE H 2913 -19.83 -7.89 -140.60
C ILE H 2913 -18.53 -8.67 -140.44
N SER H 2914 -18.24 -9.58 -141.36
CA SER H 2914 -17.00 -10.35 -141.28
C SER H 2914 -15.79 -9.44 -141.40
N LEU H 2915 -15.84 -8.47 -142.33
CA LEU H 2915 -14.72 -7.54 -142.47
C LEU H 2915 -14.49 -6.76 -141.19
N PHE H 2916 -15.56 -6.25 -140.58
CA PHE H 2916 -15.43 -5.49 -139.34
C PHE H 2916 -14.89 -6.35 -138.23
N GLY H 2917 -15.37 -7.59 -138.11
CA GLY H 2917 -14.88 -8.48 -137.08
C GLY H 2917 -15.26 -8.06 -135.68
N SER H 2918 -14.27 -7.64 -134.90
CA SER H 2918 -14.52 -7.29 -133.50
C SER H 2918 -15.30 -5.99 -133.35
N ASP H 2919 -15.32 -5.14 -134.38
CA ASP H 2919 -16.00 -3.86 -134.31
C ASP H 2919 -17.44 -3.91 -134.78
N SER H 2920 -17.94 -5.09 -135.16
CA SER H 2920 -19.34 -5.21 -135.56
C SER H 2920 -20.26 -4.86 -134.41
N THR H 2921 -19.90 -5.26 -133.19
CA THR H 2921 -20.72 -4.92 -132.03
C THR H 2921 -20.79 -3.41 -131.83
N THR H 2922 -19.65 -2.72 -131.96
CA THR H 2922 -19.65 -1.28 -131.82
C THR H 2922 -20.47 -0.62 -132.92
N MET H 2923 -20.35 -1.11 -134.15
CA MET H 2923 -21.14 -0.57 -135.26
C MET H 2923 -22.63 -0.73 -135.00
N VAL H 2924 -23.03 -1.90 -134.50
CA VAL H 2924 -24.45 -2.16 -134.26
C VAL H 2924 -24.95 -1.30 -133.09
N SER H 2925 -24.13 -1.10 -132.07
CA SER H 2925 -24.54 -0.23 -130.96
C SER H 2925 -24.71 1.21 -131.44
N CYS H 2926 -23.79 1.69 -132.26
CA CYS H 2926 -23.92 3.03 -132.82
C CYS H 2926 -25.18 3.15 -133.67
N LEU H 2927 -25.48 2.10 -134.43
CA LEU H 2927 -26.71 2.11 -135.23
C LEU H 2927 -27.94 2.12 -134.35
N HIS H 2928 -27.94 1.37 -133.26
CA HIS H 2928 -29.03 1.44 -132.29
C HIS H 2928 -29.24 2.88 -131.82
N ILE H 2929 -28.17 3.52 -131.38
CA ILE H 2929 -28.29 4.87 -130.83
C ILE H 2929 -28.79 5.84 -131.89
N LEU H 2930 -28.26 5.76 -133.11
CA LEU H 2930 -28.72 6.65 -134.16
C LEU H 2930 -30.17 6.40 -134.53
N ALA H 2931 -30.59 5.14 -134.57
CA ALA H 2931 -31.98 4.83 -134.90
C ALA H 2931 -32.92 5.36 -133.84
N GLN H 2932 -32.53 5.28 -132.57
CA GLN H 2932 -33.38 5.82 -131.51
C GLN H 2932 -33.37 7.35 -131.46
N THR H 2933 -32.50 8.00 -132.23
CA THR H 2933 -32.38 9.46 -132.25
C THR H 2933 -32.75 10.00 -133.62
N LEU H 2934 -33.70 9.35 -134.30
CA LEU H 2934 -34.12 9.74 -135.63
C LEU H 2934 -35.47 10.46 -135.54
N ASP H 2935 -35.56 11.62 -136.18
CA ASP H 2935 -36.81 12.34 -136.32
C ASP H 2935 -37.19 12.27 -137.80
N THR H 2936 -37.86 11.18 -138.19
CA THR H 2936 -38.21 10.99 -139.59
C THR H 2936 -39.23 12.02 -140.06
N ARG H 2937 -40.06 12.54 -139.15
CA ARG H 2937 -41.10 13.48 -139.55
C ARG H 2937 -40.50 14.75 -140.13
N THR H 2938 -39.59 15.38 -139.39
CA THR H 2938 -38.97 16.61 -139.87
C THR H 2938 -38.11 16.35 -141.11
N VAL H 2939 -37.44 15.21 -141.16
CA VAL H 2939 -36.61 14.89 -142.32
C VAL H 2939 -37.47 14.79 -143.57
N MET H 2940 -38.60 14.08 -143.48
CA MET H 2940 -39.47 13.93 -144.63
C MET H 2940 -40.13 15.26 -145.01
N LYS H 2941 -40.52 16.06 -144.02
CA LYS H 2941 -41.18 17.32 -144.31
C LYS H 2941 -40.23 18.29 -145.01
N SER H 2942 -39.04 18.49 -144.46
CA SER H 2942 -38.07 19.45 -145.00
C SER H 2942 -36.69 18.80 -144.96
N GLY H 2943 -36.34 18.11 -146.03
CA GLY H 2943 -35.04 17.48 -146.12
C GLY H 2943 -34.63 17.29 -147.56
N SER H 2944 -33.33 17.27 -147.80
CA SER H 2944 -32.82 17.12 -149.15
C SER H 2944 -33.25 15.77 -149.72
N GLU H 2945 -33.47 15.75 -151.04
CA GLU H 2945 -34.00 14.54 -151.68
C GLU H 2945 -33.07 13.35 -151.49
N LEU H 2946 -31.77 13.59 -151.36
CA LEU H 2946 -30.84 12.49 -151.13
C LEU H 2946 -31.10 11.80 -149.81
N VAL H 2947 -31.36 12.58 -148.75
CA VAL H 2947 -31.60 11.99 -147.43
C VAL H 2947 -32.90 11.21 -147.43
N LYS H 2948 -33.95 11.75 -148.04
CA LYS H 2948 -35.21 11.02 -148.13
C LYS H 2948 -35.03 9.74 -148.94
N ALA H 2949 -34.27 9.81 -150.03
CA ALA H 2949 -34.03 8.62 -150.83
C ALA H 2949 -33.30 7.56 -150.02
N GLY H 2950 -32.30 7.97 -149.25
CA GLY H 2950 -31.60 7.01 -148.42
C GLY H 2950 -32.50 6.39 -147.36
N LEU H 2951 -33.33 7.20 -146.72
CA LEU H 2951 -34.23 6.69 -145.69
C LEU H 2951 -35.23 5.71 -146.28
N ARG H 2952 -35.76 6.02 -147.46
CA ARG H 2952 -36.72 5.11 -148.09
C ARG H 2952 -36.05 3.87 -148.64
N ALA H 2953 -34.76 3.96 -149.00
CA ALA H 2953 -34.04 2.81 -149.51
C ALA H 2953 -33.52 1.90 -148.41
N PHE H 2954 -33.41 2.39 -147.18
CA PHE H 2954 -33.00 1.51 -146.10
C PHE H 2954 -34.00 0.37 -145.91
N PHE H 2955 -35.29 0.69 -145.92
CA PHE H 2955 -36.30 -0.34 -145.75
C PHE H 2955 -36.35 -1.28 -146.95
N GLU H 2956 -36.14 -0.75 -148.15
CA GLU H 2956 -36.07 -1.61 -149.33
C GLU H 2956 -34.90 -2.58 -149.24
N ASN H 2957 -33.74 -2.09 -148.79
CA ASN H 2957 -32.59 -2.98 -148.62
C ASN H 2957 -32.88 -4.03 -147.56
N ALA H 2958 -33.52 -3.64 -146.46
CA ALA H 2958 -33.85 -4.61 -145.43
C ALA H 2958 -34.81 -5.68 -145.95
N ALA H 2959 -35.81 -5.26 -146.74
CA ALA H 2959 -36.75 -6.21 -147.31
C ALA H 2959 -36.04 -7.16 -148.27
N GLU H 2960 -35.14 -6.64 -149.10
CA GLU H 2960 -34.38 -7.50 -150.00
C GLU H 2960 -33.53 -8.50 -149.23
N ASP H 2961 -32.87 -8.05 -148.16
CA ASP H 2961 -32.04 -8.94 -147.38
C ASP H 2961 -32.88 -10.03 -146.71
N LEU H 2962 -34.04 -9.66 -146.17
CA LEU H 2962 -34.88 -10.66 -145.54
C LEU H 2962 -35.40 -11.68 -146.56
N GLU H 2963 -35.80 -11.22 -147.74
CA GLU H 2963 -36.26 -12.16 -148.76
C GLU H 2963 -35.12 -13.08 -149.21
N LYS H 2964 -33.91 -12.53 -149.32
CA LYS H 2964 -32.76 -13.35 -149.69
C LYS H 2964 -32.47 -14.39 -148.62
N THR H 2965 -32.58 -14.01 -147.34
CA THR H 2965 -32.36 -14.97 -146.26
C THR H 2965 -33.41 -16.07 -146.31
N SER H 2966 -34.67 -15.72 -146.55
CA SER H 2966 -35.71 -16.73 -146.66
C SER H 2966 -35.44 -17.67 -147.82
N GLU H 2967 -35.03 -17.12 -148.96
CA GLU H 2967 -34.70 -17.94 -150.12
C GLU H 2967 -33.54 -18.89 -149.82
N ASN H 2968 -32.49 -18.38 -149.16
CA ASN H 2968 -31.35 -19.22 -148.81
C ASN H 2968 -31.77 -20.34 -147.86
N LEU H 2969 -32.61 -20.02 -146.87
CA LEU H 2969 -33.07 -21.05 -145.96
C LEU H 2969 -33.87 -22.12 -146.68
N LYS H 2970 -34.71 -21.72 -147.63
CA LYS H 2970 -35.47 -22.69 -148.40
C LYS H 2970 -34.55 -23.57 -149.24
N LEU H 2971 -33.61 -22.95 -149.95
CA LEU H 2971 -32.72 -23.71 -150.83
C LEU H 2971 -31.79 -24.61 -150.02
N GLY H 2972 -31.29 -24.11 -148.88
CA GLY H 2972 -30.34 -24.86 -148.08
C GLY H 2972 -30.87 -26.21 -147.61
N LYS H 2973 -30.04 -27.25 -147.76
CA LYS H 2973 -30.43 -28.60 -147.38
C LYS H 2973 -29.32 -29.30 -146.60
N VAL H 2984 -24.16 -17.74 -147.85
CA VAL H 2984 -25.35 -18.24 -147.19
C VAL H 2984 -25.26 -18.02 -145.68
N SER H 2985 -24.24 -18.62 -145.07
CA SER H 2985 -24.05 -18.43 -143.63
C SER H 2985 -23.70 -16.99 -143.31
N GLN H 2986 -22.99 -16.31 -144.22
CA GLN H 2986 -22.67 -14.90 -144.01
C GLN H 2986 -23.94 -14.06 -143.96
N ASN H 2987 -24.89 -14.31 -144.87
CA ASN H 2987 -26.12 -13.54 -144.89
C ASN H 2987 -26.96 -13.78 -143.65
N ILE H 2988 -27.05 -15.04 -143.20
CA ILE H 2988 -27.82 -15.32 -142.00
C ILE H 2988 -27.14 -14.72 -140.77
N ASN H 2989 -25.81 -14.72 -140.74
CA ASN H 2989 -25.10 -14.07 -139.65
C ASN H 2989 -25.39 -12.57 -139.62
N TYR H 2990 -25.38 -11.94 -140.79
CA TYR H 2990 -25.69 -10.51 -140.86
C TYR H 2990 -27.12 -10.25 -140.40
N THR H 2991 -28.07 -11.07 -140.85
CA THR H 2991 -29.45 -10.90 -140.43
C THR H 2991 -29.60 -11.05 -138.92
N THR H 2992 -28.95 -12.05 -138.34
CA THR H 2992 -29.07 -12.28 -136.90
C THR H 2992 -28.42 -11.16 -136.11
N VAL H 2993 -27.26 -10.68 -136.54
CA VAL H 2993 -26.46 -9.76 -135.73
C VAL H 2993 -26.87 -8.32 -135.94
N ALA H 2994 -26.98 -7.87 -137.20
CA ALA H 2994 -27.16 -6.46 -137.50
C ALA H 2994 -28.58 -6.10 -137.88
N LEU H 2995 -29.18 -6.81 -138.84
CA LEU H 2995 -30.41 -6.34 -139.45
C LEU H 2995 -31.58 -6.36 -138.47
N LEU H 2996 -31.79 -7.48 -137.80
CA LEU H 2996 -32.97 -7.61 -136.95
C LEU H 2996 -32.97 -6.63 -135.77
N PRO H 2997 -31.89 -6.49 -135.01
CA PRO H 2997 -31.90 -5.50 -133.92
C PRO H 2997 -32.13 -4.07 -134.40
N ILE H 2998 -31.55 -3.70 -135.55
CA ILE H 2998 -31.74 -2.36 -136.06
C ILE H 2998 -33.18 -2.14 -136.49
N LEU H 2999 -33.77 -3.13 -137.16
CA LEU H 2999 -35.19 -3.02 -137.52
C LEU H 2999 -36.07 -2.89 -136.29
N THR H 3000 -35.78 -3.69 -135.26
CA THR H 3000 -36.56 -3.61 -134.03
C THR H 3000 -36.45 -2.23 -133.41
N SER H 3001 -35.24 -1.68 -133.35
CA SER H 3001 -35.06 -0.35 -132.78
C SER H 3001 -35.81 0.70 -133.59
N ILE H 3002 -35.72 0.63 -134.92
CA ILE H 3002 -36.38 1.62 -135.76
C ILE H 3002 -37.89 1.57 -135.55
N PHE H 3003 -38.46 0.37 -135.52
CA PHE H 3003 -39.90 0.26 -135.41
C PHE H 3003 -40.39 0.64 -134.03
N GLU H 3004 -39.66 0.27 -132.98
CA GLU H 3004 -40.02 0.73 -131.65
C GLU H 3004 -39.96 2.25 -131.55
N HIS H 3005 -38.93 2.85 -132.16
CA HIS H 3005 -38.78 4.30 -132.10
C HIS H 3005 -39.92 5.00 -132.84
N VAL H 3006 -40.27 4.51 -134.02
CA VAL H 3006 -41.36 5.14 -134.78
C VAL H 3006 -42.73 4.77 -134.24
N ALA H 3007 -42.81 3.79 -133.35
CA ALA H 3007 -44.09 3.45 -132.74
C ALA H 3007 -44.33 4.19 -131.44
N GLN H 3008 -43.28 4.40 -130.63
CA GLN H 3008 -43.47 5.13 -129.39
C GLN H 3008 -43.58 6.63 -129.61
N HIS H 3009 -42.88 7.17 -130.61
CA HIS H 3009 -42.99 8.58 -130.94
C HIS H 3009 -44.06 8.86 -131.98
N GLN H 3010 -44.72 7.83 -132.51
CA GLN H 3010 -45.86 8.00 -133.40
C GLN H 3010 -45.44 8.67 -134.72
N PHE H 3011 -44.37 8.15 -135.32
CA PHE H 3011 -43.97 8.55 -136.67
C PHE H 3011 -44.52 7.61 -137.72
N GLY H 3012 -45.24 6.56 -137.33
CA GLY H 3012 -45.69 5.57 -138.30
C GLY H 3012 -46.66 6.15 -139.32
N VAL H 3013 -47.58 6.99 -138.86
CA VAL H 3013 -48.59 7.56 -139.76
C VAL H 3013 -48.00 8.54 -140.76
N ASP H 3014 -46.74 8.93 -140.60
CA ASP H 3014 -46.07 9.83 -141.52
C ASP H 3014 -44.94 9.17 -142.30
N LEU H 3015 -44.36 8.10 -141.78
CA LEU H 3015 -43.20 7.45 -142.40
C LEU H 3015 -43.58 6.26 -143.27
N LEU H 3016 -44.34 5.32 -142.72
CA LEU H 3016 -44.65 4.07 -143.43
C LEU H 3016 -45.84 4.30 -144.37
N LEU H 3017 -45.57 5.07 -145.42
CA LEU H 3017 -46.55 5.36 -146.46
C LEU H 3017 -45.93 5.17 -147.83
N GLY H 3018 -46.72 4.62 -148.75
CA GLY H 3018 -46.27 4.44 -150.11
C GLY H 3018 -45.17 3.41 -150.27
N ASP H 3019 -44.00 3.85 -150.76
CA ASP H 3019 -42.90 2.94 -150.98
C ASP H 3019 -42.43 2.30 -149.68
N VAL H 3020 -42.35 3.09 -148.61
CA VAL H 3020 -41.97 2.55 -147.32
C VAL H 3020 -42.98 1.51 -146.87
N GLN H 3021 -44.26 1.75 -147.16
CA GLN H 3021 -45.30 0.80 -146.76
C GLN H 3021 -45.20 -0.49 -147.55
N ILE H 3022 -44.85 -0.41 -148.84
CA ILE H 3022 -44.65 -1.62 -149.62
C ILE H 3022 -43.46 -2.41 -149.07
N SER H 3023 -42.37 -1.72 -148.76
CA SER H 3023 -41.21 -2.40 -148.19
C SER H 3023 -41.56 -3.03 -146.85
N CYS H 3024 -42.39 -2.36 -146.06
CA CYS H 3024 -42.83 -2.93 -144.79
C CYS H 3024 -43.73 -4.14 -145.01
N TYR H 3025 -44.55 -4.14 -146.05
CA TYR H 3025 -45.31 -5.33 -146.39
C TYR H 3025 -44.38 -6.50 -146.67
N HIS H 3026 -43.34 -6.28 -147.47
CA HIS H 3026 -42.40 -7.35 -147.77
C HIS H 3026 -41.68 -7.82 -146.52
N ILE H 3027 -41.28 -6.89 -145.66
CA ILE H 3027 -40.61 -7.25 -144.41
C ILE H 3027 -41.53 -8.08 -143.55
N LEU H 3028 -42.80 -7.69 -143.45
CA LEU H 3028 -43.75 -8.41 -142.62
C LEU H 3028 -43.96 -9.82 -143.13
N CYS H 3029 -44.13 -9.98 -144.44
CA CYS H 3029 -44.31 -11.31 -145.00
C CYS H 3029 -43.09 -12.18 -144.74
N SER H 3030 -41.88 -11.63 -144.95
CA SER H 3030 -40.67 -12.41 -144.73
C SER H 3030 -40.51 -12.80 -143.27
N LEU H 3031 -40.76 -11.87 -142.36
CA LEU H 3031 -40.63 -12.16 -140.94
C LEU H 3031 -41.62 -13.23 -140.51
N TYR H 3032 -42.87 -13.13 -140.96
CA TYR H 3032 -43.85 -14.15 -140.59
C TYR H 3032 -43.47 -15.50 -141.18
N SER H 3033 -42.97 -15.52 -142.41
CA SER H 3033 -42.56 -16.78 -143.01
C SER H 3033 -41.41 -17.43 -142.24
N LEU H 3034 -40.41 -16.64 -141.87
CA LEU H 3034 -39.27 -17.19 -141.13
C LEU H 3034 -39.68 -17.63 -139.73
N GLY H 3035 -40.52 -16.85 -139.05
CA GLY H 3035 -40.82 -17.15 -137.66
C GLY H 3035 -41.56 -18.46 -137.48
N THR H 3036 -42.52 -18.74 -138.36
CA THR H 3036 -43.35 -19.93 -138.23
C THR H 3036 -42.79 -21.15 -138.96
N GLY H 3037 -41.64 -21.02 -139.61
CA GLY H 3037 -41.05 -22.16 -140.29
C GLY H 3037 -40.37 -23.12 -139.33
N LYS H 3038 -39.99 -24.27 -139.87
CA LYS H 3038 -39.31 -25.33 -139.10
C LYS H 3038 -37.90 -25.49 -139.66
N ASN H 3039 -36.95 -24.77 -139.07
CA ASN H 3039 -35.56 -24.81 -139.51
C ASN H 3039 -34.67 -24.63 -138.30
N ILE H 3040 -33.39 -24.99 -138.47
CA ILE H 3040 -32.41 -24.80 -137.40
C ILE H 3040 -32.25 -23.31 -137.09
N TYR H 3041 -32.08 -22.50 -138.13
CA TYR H 3041 -31.98 -21.06 -137.93
C TYR H 3041 -33.24 -20.50 -137.30
N VAL H 3042 -34.41 -20.95 -137.76
CA VAL H 3042 -35.67 -20.50 -137.17
C VAL H 3042 -35.74 -20.94 -135.71
N GLU H 3043 -35.35 -22.17 -135.42
CA GLU H 3043 -35.37 -22.66 -134.06
C GLU H 3043 -34.50 -21.79 -133.15
N ARG H 3044 -33.37 -21.33 -133.67
CA ARG H 3044 -32.48 -20.49 -132.86
C ARG H 3044 -32.98 -19.06 -132.73
N GLN H 3045 -33.61 -18.53 -133.78
CA GLN H 3045 -33.90 -17.10 -133.85
C GLN H 3045 -35.40 -16.78 -133.75
N ARG H 3046 -36.21 -17.71 -133.28
CA ARG H 3046 -37.62 -17.40 -133.06
C ARG H 3046 -37.85 -16.20 -132.15
N PRO H 3047 -37.16 -16.05 -131.02
CA PRO H 3047 -37.41 -14.85 -130.19
C PRO H 3047 -37.15 -13.54 -130.92
N ALA H 3048 -36.03 -13.44 -131.65
CA ALA H 3048 -35.73 -12.20 -132.36
C ALA H 3048 -36.75 -11.92 -133.44
N LEU H 3049 -37.15 -12.95 -134.19
CA LEU H 3049 -38.17 -12.76 -135.22
C LEU H 3049 -39.50 -12.34 -134.62
N GLY H 3050 -39.87 -12.94 -133.49
CA GLY H 3050 -41.10 -12.54 -132.84
C GLY H 3050 -41.06 -11.11 -132.35
N GLU H 3051 -39.94 -10.70 -131.77
CA GLU H 3051 -39.81 -9.32 -131.30
C GLU H 3051 -39.86 -8.33 -132.44
N CYS H 3052 -39.15 -8.62 -133.54
CA CYS H 3052 -39.16 -7.71 -134.68
C CYS H 3052 -40.56 -7.62 -135.30
N LEU H 3053 -41.25 -8.75 -135.40
CA LEU H 3053 -42.61 -8.76 -135.93
C LEU H 3053 -43.56 -7.98 -135.03
N ALA H 3054 -43.39 -8.12 -133.71
CA ALA H 3054 -44.23 -7.37 -132.79
C ALA H 3054 -43.98 -5.87 -132.94
N SER H 3055 -42.72 -5.47 -133.08
CA SER H 3055 -42.42 -4.06 -133.28
C SER H 3055 -43.03 -3.55 -134.58
N LEU H 3056 -42.95 -4.35 -135.64
CA LEU H 3056 -43.51 -3.92 -136.91
C LEU H 3056 -45.02 -3.77 -136.84
N ALA H 3057 -45.69 -4.67 -136.12
CA ALA H 3057 -47.15 -4.60 -136.03
C ALA H 3057 -47.63 -3.39 -135.25
N ALA H 3058 -46.80 -2.83 -134.37
CA ALA H 3058 -47.18 -1.69 -133.56
C ALA H 3058 -46.90 -0.36 -134.23
N ALA H 3059 -46.41 -0.35 -135.45
CA ALA H 3059 -46.10 0.89 -136.14
C ALA H 3059 -46.73 1.00 -137.51
N ILE H 3060 -46.82 -0.09 -138.26
CA ILE H 3060 -47.34 -0.02 -139.62
C ILE H 3060 -48.82 0.35 -139.56
N PRO H 3061 -49.27 1.35 -140.32
CA PRO H 3061 -50.64 1.86 -140.15
C PRO H 3061 -51.69 1.14 -140.98
N VAL H 3062 -51.40 -0.07 -141.46
CA VAL H 3062 -52.35 -0.83 -142.26
C VAL H 3062 -52.69 -2.12 -141.52
N ALA H 3063 -53.99 -2.38 -141.38
CA ALA H 3063 -54.46 -3.59 -140.72
C ALA H 3063 -54.22 -4.76 -141.66
N PHE H 3064 -53.09 -5.44 -141.47
CA PHE H 3064 -52.71 -6.54 -142.35
C PHE H 3064 -53.41 -7.84 -142.01
N LEU H 3065 -54.18 -7.89 -140.93
CA LEU H 3065 -54.98 -9.06 -140.60
C LEU H 3065 -56.46 -8.87 -140.92
N GLU H 3066 -56.87 -7.69 -141.34
CA GLU H 3066 -58.26 -7.39 -141.67
C GLU H 3066 -58.30 -6.69 -143.02
N PRO H 3067 -57.93 -7.39 -144.09
CA PRO H 3067 -57.94 -6.77 -145.42
C PRO H 3067 -59.33 -6.47 -145.93
N THR H 3068 -60.36 -7.18 -145.45
CA THR H 3068 -61.71 -7.00 -145.96
C THR H 3068 -62.25 -5.60 -145.72
N LEU H 3069 -61.73 -4.89 -144.72
CA LEU H 3069 -62.12 -3.52 -144.45
C LEU H 3069 -61.09 -2.50 -144.92
N ASN H 3070 -60.10 -2.94 -145.71
CA ASN H 3070 -59.03 -2.03 -146.12
C ASN H 3070 -59.53 -0.84 -146.91
N ARG H 3071 -60.72 -0.94 -147.52
CA ARG H 3071 -61.27 0.18 -148.25
C ARG H 3071 -61.58 1.37 -147.35
N TYR H 3072 -61.65 1.16 -146.04
CA TYR H 3072 -61.95 2.24 -145.09
C TYR H 3072 -60.70 2.84 -144.47
N ASN H 3073 -59.51 2.46 -144.95
CA ASN H 3073 -58.27 2.94 -144.37
C ASN H 3073 -57.61 3.93 -145.31
N PRO H 3074 -57.68 5.24 -145.04
CA PRO H 3074 -57.12 6.22 -145.98
C PRO H 3074 -55.60 6.19 -146.10
N LEU H 3075 -54.91 5.55 -145.16
CA LEU H 3075 -53.45 5.55 -145.15
C LEU H 3075 -52.84 4.41 -145.97
N SER H 3076 -53.65 3.51 -146.48
CA SER H 3076 -53.12 2.42 -147.29
C SER H 3076 -52.78 2.89 -148.69
N VAL H 3077 -51.80 2.24 -149.30
CA VAL H 3077 -51.43 2.59 -150.68
C VAL H 3077 -52.58 2.31 -151.63
N PHE H 3078 -53.36 1.26 -151.37
CA PHE H 3078 -54.47 0.93 -152.25
C PHE H 3078 -55.50 2.04 -152.30
N ASN H 3079 -55.62 2.83 -151.24
CA ASN H 3079 -56.57 3.94 -151.19
C ASN H 3079 -55.90 5.30 -151.34
N THR H 3080 -54.58 5.34 -151.52
CA THR H 3080 -53.86 6.60 -151.65
C THR H 3080 -53.07 6.71 -152.95
N LYS H 3081 -53.09 5.69 -153.80
CA LYS H 3081 -52.37 5.72 -155.06
C LYS H 3081 -53.30 5.26 -156.18
N THR H 3082 -53.09 5.82 -157.36
CA THR H 3082 -53.89 5.42 -158.51
C THR H 3082 -53.57 3.98 -158.89
N PRO H 3083 -54.54 3.25 -159.46
CA PRO H 3083 -54.27 1.86 -159.84
C PRO H 3083 -53.12 1.71 -160.82
N ARG H 3084 -52.97 2.66 -161.75
CA ARG H 3084 -51.85 2.58 -162.68
C ARG H 3084 -50.52 2.68 -161.95
N GLU H 3085 -50.41 3.61 -160.99
CA GLU H 3085 -49.17 3.74 -160.23
C GLU H 3085 -48.89 2.47 -159.43
N ARG H 3086 -49.92 1.90 -158.80
CA ARG H 3086 -49.72 0.68 -158.02
C ARG H 3086 -49.29 -0.48 -158.91
N SER H 3087 -49.86 -0.57 -160.11
CA SER H 3087 -49.42 -1.60 -161.05
C SER H 3087 -48.00 -1.36 -161.53
N ILE H 3088 -47.58 -0.10 -161.64
CA ILE H 3088 -46.21 0.21 -162.01
C ILE H 3088 -45.24 -0.34 -160.98
N LEU H 3089 -45.62 -0.28 -159.69
CA LEU H 3089 -44.77 -0.75 -158.61
C LEU H 3089 -44.77 -2.26 -158.48
N GLY H 3090 -45.48 -2.97 -159.34
CA GLY H 3090 -45.46 -4.43 -159.32
C GLY H 3090 -46.08 -5.06 -158.09
N MET H 3091 -47.21 -4.53 -157.63
CA MET H 3091 -47.94 -5.11 -156.52
C MET H 3091 -49.26 -5.71 -157.00
N PRO H 3092 -49.78 -6.69 -156.28
CA PRO H 3092 -51.05 -7.31 -156.71
C PRO H 3092 -52.19 -6.30 -156.68
N ASP H 3093 -53.16 -6.51 -157.59
CA ASP H 3093 -54.27 -5.59 -157.73
C ASP H 3093 -55.23 -5.61 -156.54
N THR H 3094 -55.11 -6.58 -155.65
CA THR H 3094 -55.99 -6.69 -154.49
C THR H 3094 -55.17 -6.80 -153.21
N VAL H 3095 -55.67 -6.18 -152.15
CA VAL H 3095 -54.99 -6.25 -150.85
C VAL H 3095 -54.96 -7.66 -150.30
N GLU H 3096 -55.87 -8.52 -150.76
CA GLU H 3096 -55.92 -9.89 -150.27
C GLU H 3096 -54.64 -10.64 -150.56
N GLU H 3097 -53.93 -10.28 -151.64
CA GLU H 3097 -52.74 -11.01 -152.05
C GLU H 3097 -51.45 -10.40 -151.51
N MET H 3098 -51.52 -9.25 -150.83
CA MET H 3098 -50.30 -8.64 -150.30
C MET H 3098 -49.63 -9.53 -149.26
N CYS H 3099 -50.42 -10.15 -148.37
CA CYS H 3099 -49.91 -11.04 -147.34
C CYS H 3099 -50.69 -12.35 -147.44
N PRO H 3100 -50.42 -13.15 -148.47
CA PRO H 3100 -51.21 -14.38 -148.66
C PRO H 3100 -51.06 -15.38 -147.53
N ASP H 3101 -49.85 -15.54 -146.98
CA ASP H 3101 -49.64 -16.58 -145.98
C ASP H 3101 -50.18 -16.18 -144.61
N ILE H 3102 -50.15 -14.89 -144.27
CA ILE H 3102 -50.59 -14.44 -142.96
C ILE H 3102 -52.09 -14.64 -142.84
N PRO H 3103 -52.57 -15.40 -141.86
CA PRO H 3103 -54.02 -15.61 -141.72
C PRO H 3103 -54.72 -14.32 -141.32
N GLN H 3104 -56.05 -14.38 -141.38
CA GLN H 3104 -56.86 -13.26 -140.91
C GLN H 3104 -56.89 -13.26 -139.39
N LEU H 3105 -57.45 -12.18 -138.83
CA LEU H 3105 -57.51 -12.05 -137.38
C LEU H 3105 -58.32 -13.16 -136.75
N GLU H 3106 -59.48 -13.47 -137.36
CA GLU H 3106 -60.35 -14.50 -136.80
C GLU H 3106 -59.66 -15.86 -136.80
N GLY H 3107 -58.94 -16.18 -137.88
CA GLY H 3107 -58.23 -17.46 -137.92
C GLY H 3107 -57.18 -17.57 -136.84
N LEU H 3108 -56.39 -16.51 -136.64
CA LEU H 3108 -55.37 -16.54 -135.59
C LEU H 3108 -56.00 -16.69 -134.22
N MET H 3109 -57.08 -15.94 -133.96
CA MET H 3109 -57.71 -16.02 -132.65
C MET H 3109 -58.29 -17.41 -132.41
N LYS H 3110 -58.92 -18.00 -133.43
CA LYS H 3110 -59.48 -19.34 -133.29
C LYS H 3110 -58.37 -20.37 -133.05
N GLU H 3111 -57.26 -20.25 -133.76
CA GLU H 3111 -56.15 -21.19 -133.55
C GLU H 3111 -55.60 -21.07 -132.14
N ILE H 3112 -55.40 -19.84 -131.66
CA ILE H 3112 -54.90 -19.65 -130.31
C ILE H 3112 -55.86 -20.20 -129.27
N SER H 3113 -57.16 -19.98 -129.47
CA SER H 3113 -58.15 -20.50 -128.54
C SER H 3113 -58.15 -22.01 -128.51
N ASP H 3114 -58.07 -22.65 -129.68
CA ASP H 3114 -58.02 -24.11 -129.72
C ASP H 3114 -56.79 -24.65 -129.02
N LEU H 3115 -55.63 -24.04 -129.26
CA LEU H 3115 -54.42 -24.49 -128.59
C LEU H 3115 -54.52 -24.32 -127.08
N ALA H 3116 -55.06 -23.19 -126.62
CA ALA H 3116 -55.16 -22.96 -125.18
C ALA H 3116 -56.14 -23.93 -124.52
N GLU H 3117 -57.28 -24.16 -125.15
CA GLU H 3117 -58.29 -25.02 -124.54
C GLU H 3117 -57.90 -26.48 -124.59
N SER H 3118 -57.18 -26.91 -125.64
CA SER H 3118 -56.77 -28.30 -125.73
C SER H 3118 -55.85 -28.68 -124.59
N GLY H 3119 -54.90 -27.81 -124.27
CA GLY H 3119 -53.92 -28.08 -123.24
C GLY H 3119 -52.51 -28.30 -123.73
N ALA H 3120 -52.18 -27.91 -124.95
CA ALA H 3120 -50.86 -28.15 -125.50
C ALA H 3120 -49.80 -27.36 -124.75
N ARG H 3121 -48.58 -27.89 -124.76
CA ARG H 3121 -47.45 -27.25 -124.12
C ARG H 3121 -46.59 -26.55 -125.16
N TYR H 3122 -45.52 -25.89 -124.68
CA TYR H 3122 -44.71 -25.06 -125.55
C TYR H 3122 -44.09 -25.85 -126.69
N THR H 3123 -43.79 -27.13 -126.45
CA THR H 3123 -43.21 -27.95 -127.52
C THR H 3123 -44.17 -28.09 -128.70
N GLU H 3124 -45.46 -28.25 -128.41
CA GLU H 3124 -46.43 -28.43 -129.48
C GLU H 3124 -46.67 -27.17 -130.29
N MET H 3125 -46.59 -26.00 -129.65
CA MET H 3125 -46.85 -24.72 -130.31
C MET H 3125 -45.73 -23.74 -129.98
N PRO H 3126 -44.51 -24.02 -130.44
CA PRO H 3126 -43.40 -23.10 -130.16
C PRO H 3126 -43.45 -21.82 -130.96
N HIS H 3127 -44.23 -21.77 -132.04
CA HIS H 3127 -44.35 -20.56 -132.83
C HIS H 3127 -45.60 -19.77 -132.55
N VAL H 3128 -46.62 -20.39 -131.94
CA VAL H 3128 -47.80 -19.66 -131.49
C VAL H 3128 -47.55 -18.91 -130.20
N ILE H 3129 -46.38 -19.09 -129.60
CA ILE H 3129 -46.05 -18.41 -128.34
C ILE H 3129 -44.92 -17.40 -128.50
N GLU H 3130 -44.07 -17.52 -129.52
CA GLU H 3130 -42.94 -16.62 -129.68
C GLU H 3130 -43.04 -15.73 -130.91
N VAL H 3131 -43.98 -15.98 -131.82
CA VAL H 3131 -44.12 -15.15 -133.01
C VAL H 3131 -45.53 -14.62 -133.14
N ILE H 3132 -46.52 -15.52 -133.14
CA ILE H 3132 -47.90 -15.10 -133.39
C ILE H 3132 -48.43 -14.28 -132.23
N LEU H 3133 -48.16 -14.71 -130.99
CA LEU H 3133 -48.78 -14.05 -129.84
C LEU H 3133 -48.31 -12.62 -129.67
N PRO H 3134 -47.01 -12.29 -129.69
CA PRO H 3134 -46.62 -10.89 -129.56
C PRO H 3134 -47.17 -10.01 -130.66
N MET H 3135 -47.15 -10.50 -131.89
CA MET H 3135 -47.71 -9.73 -132.99
C MET H 3135 -49.19 -9.47 -132.76
N LEU H 3136 -49.94 -10.49 -132.32
CA LEU H 3136 -51.36 -10.31 -132.09
C LEU H 3136 -51.61 -9.32 -130.96
N CYS H 3137 -50.84 -9.39 -129.89
CA CYS H 3137 -51.01 -8.46 -128.78
C CYS H 3137 -50.78 -7.02 -129.23
N ASN H 3138 -49.67 -6.77 -129.92
CA ASN H 3138 -49.38 -5.41 -130.37
C ASN H 3138 -50.41 -4.94 -131.39
N TYR H 3139 -50.84 -5.84 -132.29
CA TYR H 3139 -51.83 -5.48 -133.30
C TYR H 3139 -53.15 -5.07 -132.64
N LEU H 3140 -53.62 -5.88 -131.68
CA LEU H 3140 -54.86 -5.56 -130.99
C LEU H 3140 -54.74 -4.27 -130.21
N SER H 3141 -53.63 -4.06 -129.51
CA SER H 3141 -53.46 -2.83 -128.76
C SER H 3141 -53.45 -1.61 -129.68
N TYR H 3142 -52.79 -1.72 -130.82
CA TYR H 3142 -52.71 -0.59 -131.75
C TYR H 3142 -54.04 -0.30 -132.41
N TRP H 3143 -54.80 -1.33 -132.77
CA TRP H 3143 -56.03 -1.13 -133.53
C TRP H 3143 -57.27 -1.00 -132.65
N TRP H 3144 -57.16 -1.23 -131.35
CA TRP H 3144 -58.29 -0.96 -130.48
C TRP H 3144 -58.61 0.52 -130.46
N GLU H 3145 -57.58 1.37 -130.44
CA GLU H 3145 -57.77 2.82 -130.43
C GLU H 3145 -58.28 3.36 -131.75
N ARG H 3146 -58.32 2.54 -132.80
CA ARG H 3146 -58.89 2.93 -134.08
C ARG H 3146 -60.09 2.06 -134.43
N GLY H 3147 -60.75 1.49 -133.43
CA GLY H 3147 -61.86 0.61 -133.66
C GLY H 3147 -63.17 1.21 -133.16
N PRO H 3148 -64.20 0.38 -133.08
CA PRO H 3148 -65.52 0.88 -132.65
C PRO H 3148 -65.53 1.51 -131.27
N GLU H 3149 -64.76 0.96 -130.33
CA GLU H 3149 -64.88 1.40 -128.95
C GLU H 3149 -64.29 2.78 -128.73
N HIS H 3150 -63.10 3.03 -129.27
CA HIS H 3150 -62.41 4.29 -129.02
C HIS H 3150 -62.79 5.38 -130.00
N LEU H 3151 -63.67 5.11 -130.95
CA LEU H 3151 -64.14 6.11 -131.90
C LEU H 3151 -65.67 6.13 -131.90
N PRO H 3152 -66.28 6.64 -130.82
CA PRO H 3152 -67.73 6.75 -130.77
C PRO H 3152 -68.26 7.69 -131.85
N PRO H 3153 -67.78 8.93 -131.92
CA PRO H 3153 -68.32 9.85 -132.94
C PRO H 3153 -68.07 9.40 -134.36
N SER H 3154 -67.05 8.58 -134.61
CA SER H 3154 -66.76 8.13 -135.96
C SER H 3154 -67.81 7.12 -136.41
N THR H 3155 -69.03 7.59 -136.68
CA THR H 3155 -70.12 6.69 -137.04
C THR H 3155 -69.81 5.89 -138.29
N GLY H 3156 -68.99 6.43 -139.19
CA GLY H 3156 -68.63 5.74 -140.40
C GLY H 3156 -67.89 4.46 -140.11
N PRO H 3157 -67.95 3.51 -141.04
CA PRO H 3157 -67.28 2.23 -140.82
C PRO H 3157 -65.79 2.40 -140.61
N TRP H 3158 -65.22 1.55 -139.77
CA TRP H 3158 -63.82 1.64 -139.41
C TRP H 3158 -63.01 0.61 -140.18
N CYS H 3159 -61.70 0.88 -140.29
CA CYS H 3159 -60.78 -0.03 -140.96
C CYS H 3159 -60.44 -1.26 -140.12
N THR H 3160 -61.08 -1.42 -138.97
CA THR H 3160 -60.85 -2.55 -138.08
C THR H 3160 -62.14 -2.92 -137.39
N LYS H 3161 -62.16 -4.12 -136.82
CA LYS H 3161 -63.31 -4.62 -136.07
C LYS H 3161 -62.90 -5.07 -134.67
N VAL H 3162 -61.87 -4.45 -134.11
CA VAL H 3162 -61.32 -4.86 -132.83
C VAL H 3162 -62.01 -4.09 -131.72
N THR H 3163 -62.50 -4.83 -130.72
CA THR H 3163 -63.09 -4.27 -129.53
C THR H 3163 -62.37 -4.85 -128.32
N SER H 3164 -62.78 -4.42 -127.13
CA SER H 3164 -62.15 -4.92 -125.91
C SER H 3164 -62.43 -6.40 -125.70
N GLU H 3165 -63.43 -6.96 -126.38
CA GLU H 3165 -63.67 -8.40 -126.25
C GLU H 3165 -62.49 -9.21 -126.76
N HIS H 3166 -61.89 -8.78 -127.87
CA HIS H 3166 -60.73 -9.49 -128.40
C HIS H 3166 -59.56 -9.44 -127.43
N LEU H 3167 -59.30 -8.27 -126.85
CA LEU H 3167 -58.21 -8.15 -125.89
C LEU H 3167 -58.47 -9.02 -124.66
N SER H 3168 -59.71 -9.03 -124.17
CA SER H 3168 -60.05 -9.84 -123.01
C SER H 3168 -59.87 -11.33 -123.30
N VAL H 3169 -60.35 -11.79 -124.46
CA VAL H 3169 -60.26 -13.21 -124.78
C VAL H 3169 -58.81 -13.62 -125.01
N ILE H 3170 -58.01 -12.73 -125.63
CA ILE H 3170 -56.60 -13.05 -125.84
C ILE H 3170 -55.87 -13.12 -124.52
N LEU H 3171 -56.16 -12.20 -123.59
CA LEU H 3171 -55.54 -12.26 -122.28
C LEU H 3171 -55.94 -13.53 -121.54
N GLY H 3172 -57.21 -13.93 -121.65
CA GLY H 3172 -57.62 -15.18 -121.04
C GLY H 3172 -56.90 -16.38 -121.62
N ASN H 3173 -56.71 -16.38 -122.94
CA ASN H 3173 -55.98 -17.47 -123.57
C ASN H 3173 -54.51 -17.49 -123.13
N ILE H 3174 -53.90 -16.32 -122.97
CA ILE H 3174 -52.53 -16.27 -122.46
C ILE H 3174 -52.45 -16.86 -121.07
N LEU H 3175 -53.42 -16.50 -120.20
CA LEU H 3175 -53.42 -17.05 -118.85
C LEU H 3175 -53.63 -18.56 -118.86
N LYS H 3176 -54.53 -19.04 -119.71
CA LYS H 3176 -54.75 -20.48 -119.81
C LYS H 3176 -53.49 -21.20 -120.28
N ILE H 3177 -52.79 -20.61 -121.26
CA ILE H 3177 -51.54 -21.21 -121.75
C ILE H 3177 -50.51 -21.26 -120.62
N ILE H 3178 -50.39 -20.19 -119.85
CA ILE H 3178 -49.46 -20.20 -118.73
C ILE H 3178 -49.87 -21.26 -117.72
N ASN H 3179 -51.18 -21.44 -117.52
CA ASN H 3179 -51.66 -22.45 -116.58
C ASN H 3179 -51.31 -23.85 -117.05
N ASN H 3180 -51.47 -24.13 -118.34
CA ASN H 3180 -51.18 -25.47 -118.85
C ASN H 3180 -49.71 -25.82 -118.67
N ASN H 3181 -48.81 -24.87 -118.95
CA ASN H 3181 -47.37 -25.08 -118.84
C ASN H 3181 -46.84 -24.79 -117.45
N LEU H 3182 -47.67 -24.96 -116.43
CA LEU H 3182 -47.25 -24.68 -115.06
C LEU H 3182 -46.45 -25.85 -114.51
N GLY H 3183 -45.27 -25.56 -113.98
CA GLY H 3183 -44.44 -26.60 -113.40
C GLY H 3183 -43.55 -27.34 -114.36
N ILE H 3184 -43.49 -26.92 -115.62
CA ILE H 3184 -42.60 -27.58 -116.58
C ILE H 3184 -41.16 -27.41 -116.12
N ASP H 3185 -40.32 -28.40 -116.47
CA ASP H 3185 -38.96 -28.41 -115.97
C ASP H 3185 -38.15 -27.21 -116.47
N GLU H 3186 -38.30 -26.86 -117.75
CA GLU H 3186 -37.55 -25.75 -118.34
C GLU H 3186 -38.41 -25.05 -119.36
N ALA H 3187 -38.75 -23.78 -119.10
CA ALA H 3187 -39.55 -22.98 -120.02
C ALA H 3187 -39.17 -21.51 -119.80
N SER H 3188 -38.28 -21.00 -120.64
CA SER H 3188 -37.81 -19.63 -120.53
C SER H 3188 -38.64 -18.64 -121.33
N TRP H 3189 -39.71 -19.10 -121.97
CA TRP H 3189 -40.58 -18.22 -122.74
C TRP H 3189 -41.56 -17.44 -121.87
N MET H 3190 -41.73 -17.83 -120.61
CA MET H 3190 -42.72 -17.17 -119.76
C MET H 3190 -42.34 -15.72 -119.50
N LYS H 3191 -41.06 -15.45 -119.28
CA LYS H 3191 -40.62 -14.10 -118.98
C LYS H 3191 -40.78 -13.14 -120.15
N ARG H 3192 -41.04 -13.64 -121.35
CA ARG H 3192 -41.38 -12.78 -122.48
C ARG H 3192 -42.88 -12.64 -122.65
N ILE H 3193 -43.62 -13.73 -122.44
CA ILE H 3193 -45.08 -13.68 -122.55
C ILE H 3193 -45.66 -12.78 -121.48
N ALA H 3194 -44.98 -12.65 -120.34
CA ALA H 3194 -45.43 -11.71 -119.32
C ALA H 3194 -45.15 -10.26 -119.69
N VAL H 3195 -44.37 -10.01 -120.74
CA VAL H 3195 -44.00 -8.66 -121.13
C VAL H 3195 -44.79 -8.25 -122.37
N TYR H 3196 -45.15 -9.23 -123.19
CA TYR H 3196 -45.91 -8.94 -124.40
C TYR H 3196 -47.41 -8.86 -124.16
N ALA H 3197 -47.89 -9.20 -122.97
CA ALA H 3197 -49.30 -9.08 -122.65
C ALA H 3197 -49.64 -7.77 -121.94
N GLN H 3198 -48.64 -6.97 -121.59
CA GLN H 3198 -48.90 -5.72 -120.89
C GLN H 3198 -49.81 -4.76 -121.66
N PRO H 3199 -49.65 -4.55 -122.96
CA PRO H 3199 -50.52 -3.60 -123.66
C PRO H 3199 -52.01 -3.91 -123.56
N ILE H 3200 -52.38 -5.19 -123.45
CA ILE H 3200 -53.79 -5.57 -123.50
C ILE H 3200 -54.38 -5.88 -122.14
N ILE H 3201 -53.61 -5.79 -121.06
CA ILE H 3201 -54.19 -6.01 -119.74
C ILE H 3201 -55.13 -4.88 -119.36
N SER H 3202 -54.95 -3.71 -119.96
CA SER H 3202 -55.76 -2.55 -119.59
C SER H 3202 -57.22 -2.70 -119.97
N LYS H 3203 -57.50 -3.48 -121.01
CA LYS H 3203 -58.87 -3.66 -121.49
C LYS H 3203 -59.48 -4.98 -121.04
N ALA H 3204 -58.84 -5.68 -120.11
CA ALA H 3204 -59.38 -6.95 -119.64
C ALA H 3204 -60.72 -6.73 -118.93
N ARG H 3205 -61.64 -7.64 -119.15
CA ARG H 3205 -62.97 -7.54 -118.57
C ARG H 3205 -63.02 -8.16 -117.20
N PRO H 3206 -64.01 -7.79 -116.38
CA PRO H 3206 -64.05 -8.31 -115.01
C PRO H 3206 -64.19 -9.82 -114.92
N ASP H 3207 -64.84 -10.47 -115.88
CA ASP H 3207 -65.09 -11.90 -115.76
C ASP H 3207 -63.82 -12.73 -115.80
N LEU H 3208 -62.68 -12.14 -116.16
CA LEU H 3208 -61.41 -12.84 -116.08
C LEU H 3208 -61.03 -13.18 -114.64
N LEU H 3209 -61.62 -12.51 -113.65
CA LEU H 3209 -61.22 -12.75 -112.27
C LEU H 3209 -61.62 -14.15 -111.82
N LYS H 3210 -62.87 -14.53 -112.03
CA LYS H 3210 -63.34 -15.84 -111.57
C LYS H 3210 -62.88 -16.97 -112.47
N SER H 3211 -62.74 -16.73 -113.76
CA SER H 3211 -62.47 -17.82 -114.69
C SER H 3211 -60.99 -18.07 -114.91
N HIS H 3212 -60.14 -17.06 -114.84
CA HIS H 3212 -58.77 -17.31 -115.25
C HIS H 3212 -57.72 -16.92 -114.21
N PHE H 3213 -57.95 -15.85 -113.44
CA PHE H 3213 -56.93 -15.42 -112.49
C PHE H 3213 -56.97 -16.24 -111.21
N ILE H 3214 -58.16 -16.40 -110.63
CA ILE H 3214 -58.28 -17.16 -109.39
C ILE H 3214 -57.84 -18.61 -109.55
N PRO H 3215 -58.26 -19.35 -110.58
CA PRO H 3215 -57.77 -20.73 -110.72
C PRO H 3215 -56.27 -20.85 -110.84
N THR H 3216 -55.63 -19.99 -111.64
CA THR H 3216 -54.18 -20.05 -111.79
C THR H 3216 -53.48 -19.72 -110.48
N LEU H 3217 -53.95 -18.69 -109.79
CA LEU H 3217 -53.32 -18.34 -108.52
C LEU H 3217 -53.56 -19.43 -107.48
N GLU H 3218 -54.69 -20.14 -107.57
CA GLU H 3218 -54.94 -21.24 -106.66
C GLU H 3218 -53.98 -22.39 -106.93
N LYS H 3219 -53.71 -22.70 -108.21
CA LYS H 3219 -52.72 -23.73 -108.52
C LYS H 3219 -51.34 -23.33 -108.00
N LEU H 3220 -50.96 -22.06 -108.19
CA LEU H 3220 -49.67 -21.60 -107.68
C LEU H 3220 -49.61 -21.69 -106.17
N LYS H 3221 -50.69 -21.33 -105.48
CA LYS H 3221 -50.71 -21.39 -104.03
C LYS H 3221 -50.61 -22.82 -103.53
N LYS H 3222 -51.32 -23.75 -104.18
CA LYS H 3222 -51.20 -25.15 -103.79
C LYS H 3222 -49.77 -25.66 -103.96
N LYS H 3223 -49.14 -25.30 -105.08
CA LYS H 3223 -47.75 -25.70 -105.28
C LYS H 3223 -46.85 -25.12 -104.20
N ALA H 3224 -47.05 -23.85 -103.86
CA ALA H 3224 -46.20 -23.22 -102.85
C ALA H 3224 -46.38 -23.87 -101.48
N VAL H 3225 -47.62 -24.14 -101.08
CA VAL H 3225 -47.84 -24.76 -99.78
C VAL H 3225 -47.24 -26.16 -99.75
N LYS H 3226 -47.41 -26.92 -100.83
CA LYS H 3226 -46.84 -28.26 -100.88
C LYS H 3226 -45.32 -28.22 -100.76
N THR H 3227 -44.68 -27.32 -101.50
CA THR H 3227 -43.23 -27.24 -101.44
C THR H 3227 -42.74 -26.80 -100.07
N VAL H 3228 -43.43 -25.85 -99.44
CA VAL H 3228 -42.98 -25.37 -98.13
C VAL H 3228 -43.18 -26.45 -97.07
N GLN H 3229 -44.27 -27.20 -97.16
CA GLN H 3229 -44.45 -28.32 -96.24
C GLN H 3229 -43.35 -29.35 -96.42
N GLU H 3230 -43.02 -29.67 -97.67
CA GLU H 3230 -41.94 -30.62 -97.90
C GLU H 3230 -40.62 -30.12 -97.33
N GLU H 3231 -40.32 -28.83 -97.52
CA GLU H 3231 -39.08 -28.28 -96.97
C GLU H 3231 -39.07 -28.34 -95.44
N GLU H 3232 -40.19 -28.00 -94.81
CA GLU H 3232 -40.24 -28.05 -93.35
C GLU H 3232 -40.08 -29.47 -92.83
N GLN H 3233 -40.74 -30.44 -93.47
CA GLN H 3233 -40.60 -31.83 -93.05
C GLN H 3233 -39.18 -32.33 -93.27
N LEU H 3234 -38.54 -31.90 -94.36
CA LEU H 3234 -37.14 -32.28 -94.59
C LEU H 3234 -36.23 -31.70 -93.51
N LYS H 3235 -36.44 -30.43 -93.15
CA LYS H 3235 -35.61 -29.82 -92.12
C LYS H 3235 -35.84 -30.47 -90.76
N ALA H 3236 -37.08 -30.86 -90.47
CA ALA H 3236 -37.37 -31.49 -89.18
C ALA H 3236 -36.61 -32.81 -89.03
N ASP H 3237 -36.59 -33.61 -90.09
CA ASP H 3237 -35.93 -34.92 -90.04
C ASP H 3237 -34.48 -34.77 -90.46
N THR H 3238 -33.57 -35.08 -89.54
CA THR H 3238 -32.13 -34.99 -89.79
C THR H 3238 -31.53 -36.31 -90.26
N LYS H 3239 -32.34 -37.34 -90.49
CA LYS H 3239 -31.86 -38.62 -90.95
C LYS H 3239 -31.87 -38.69 -92.47
N GLY H 3240 -30.99 -39.53 -93.01
CA GLY H 3240 -30.88 -39.69 -94.45
C GLY H 3240 -30.03 -38.62 -95.09
N ASP H 3241 -30.00 -38.65 -96.42
CA ASP H 3241 -29.24 -37.68 -97.20
C ASP H 3241 -30.11 -36.46 -97.45
N THR H 3242 -29.85 -35.40 -96.70
CA THR H 3242 -30.62 -34.16 -96.83
C THR H 3242 -30.12 -33.26 -97.95
N GLN H 3243 -28.93 -33.52 -98.48
CA GLN H 3243 -28.38 -32.64 -99.51
C GLN H 3243 -29.14 -32.80 -100.83
N GLU H 3244 -29.43 -34.04 -101.23
CA GLU H 3244 -30.20 -34.25 -102.45
C GLU H 3244 -31.60 -33.66 -102.33
N ALA H 3245 -32.24 -33.86 -101.18
CA ALA H 3245 -33.56 -33.28 -100.96
C ALA H 3245 -33.49 -31.76 -100.97
N GLU H 3246 -32.44 -31.18 -100.40
CA GLU H 3246 -32.28 -29.73 -100.43
C GLU H 3246 -32.15 -29.22 -101.86
N LEU H 3247 -31.35 -29.90 -102.68
CA LEU H 3247 -31.21 -29.50 -104.08
C LEU H 3247 -32.54 -29.61 -104.82
N LEU H 3248 -33.28 -30.70 -104.56
CA LEU H 3248 -34.57 -30.88 -105.23
C LEU H 3248 -35.56 -29.77 -104.83
N ILE H 3249 -35.61 -29.43 -103.54
CA ILE H 3249 -36.53 -28.39 -103.12
C ILE H 3249 -36.07 -27.03 -103.64
N LEU H 3250 -34.76 -26.82 -103.79
CA LEU H 3250 -34.30 -25.58 -104.40
C LEU H 3250 -34.75 -25.49 -105.86
N ASP H 3251 -34.67 -26.60 -106.59
CA ASP H 3251 -35.18 -26.59 -107.96
C ASP H 3251 -36.68 -26.32 -107.99
N GLU H 3252 -37.43 -26.92 -107.07
CA GLU H 3252 -38.87 -26.66 -107.01
C GLU H 3252 -39.16 -25.19 -106.72
N PHE H 3253 -38.42 -24.59 -105.79
CA PHE H 3253 -38.60 -23.18 -105.50
C PHE H 3253 -38.25 -22.32 -106.71
N ALA H 3254 -37.23 -22.72 -107.47
CA ALA H 3254 -36.87 -21.96 -108.66
C ALA H 3254 -38.01 -22.00 -109.69
N VAL H 3255 -38.58 -23.17 -109.93
CA VAL H 3255 -39.68 -23.25 -110.89
C VAL H 3255 -40.89 -22.49 -110.38
N LEU H 3256 -41.13 -22.51 -109.07
CA LEU H 3256 -42.24 -21.77 -108.50
C LEU H 3256 -42.05 -20.27 -108.65
N CYS H 3257 -40.84 -19.78 -108.41
CA CYS H 3257 -40.56 -18.36 -108.60
C CYS H 3257 -40.73 -17.97 -110.05
N ARG H 3258 -40.29 -18.83 -110.97
CA ARG H 3258 -40.49 -18.55 -112.39
C ARG H 3258 -41.98 -18.45 -112.73
N ASP H 3259 -42.77 -19.38 -112.22
CA ASP H 3259 -44.20 -19.35 -112.50
C ASP H 3259 -44.87 -18.12 -111.90
N LEU H 3260 -44.48 -17.74 -110.68
CA LEU H 3260 -45.04 -16.55 -110.07
C LEU H 3260 -44.69 -15.29 -110.85
N TYR H 3261 -43.43 -15.16 -111.27
CA TYR H 3261 -43.02 -13.99 -112.00
C TYR H 3261 -43.46 -14.03 -113.46
N ALA H 3262 -44.01 -15.13 -113.92
CA ALA H 3262 -44.63 -15.18 -115.25
C ALA H 3262 -46.12 -14.89 -115.22
N PHE H 3263 -46.71 -14.72 -114.04
CA PHE H 3263 -48.15 -14.52 -113.91
C PHE H 3263 -48.47 -13.31 -113.04
N TYR H 3264 -47.63 -13.04 -112.05
CA TYR H 3264 -47.89 -11.93 -111.14
C TYR H 3264 -47.95 -10.56 -111.82
N PRO H 3265 -47.12 -10.24 -112.81
CA PRO H 3265 -47.28 -8.92 -113.46
C PRO H 3265 -48.67 -8.66 -114.03
N MET H 3266 -49.26 -9.67 -114.67
CA MET H 3266 -50.62 -9.52 -115.18
C MET H 3266 -51.60 -9.30 -114.04
N LEU H 3267 -51.43 -10.04 -112.94
CA LEU H 3267 -52.31 -9.88 -111.79
C LEU H 3267 -52.20 -8.48 -111.22
N ILE H 3268 -50.98 -7.94 -111.13
CA ILE H 3268 -50.78 -6.62 -110.56
C ILE H 3268 -51.41 -5.56 -111.44
N ARG H 3269 -51.25 -5.67 -112.76
CA ARG H 3269 -51.89 -4.71 -113.65
C ARG H 3269 -53.41 -4.78 -113.54
N TYR H 3270 -53.96 -6.00 -113.51
CA TYR H 3270 -55.41 -6.17 -113.40
C TYR H 3270 -55.94 -5.58 -112.11
N VAL H 3271 -55.23 -5.83 -111.00
CA VAL H 3271 -55.64 -5.28 -109.71
C VAL H 3271 -55.54 -3.76 -109.72
N ASP H 3272 -54.46 -3.21 -110.27
CA ASP H 3272 -54.32 -1.76 -110.33
C ASP H 3272 -55.48 -1.14 -111.11
N ASN H 3273 -55.92 -1.79 -112.18
CA ASN H 3273 -57.02 -1.23 -112.95
C ASN H 3273 -58.37 -1.37 -112.25
N ASN H 3274 -58.60 -2.50 -111.58
CA ASN H 3274 -59.95 -2.81 -111.08
C ASN H 3274 -60.11 -2.64 -109.57
N ARG H 3275 -59.11 -2.09 -108.88
CA ARG H 3275 -59.22 -1.97 -107.43
C ARG H 3275 -60.34 -1.03 -107.03
N SER H 3276 -60.50 0.09 -107.73
CA SER H 3276 -61.57 1.03 -107.39
C SER H 3276 -62.94 0.38 -107.58
N ASN H 3277 -63.13 -0.35 -108.67
CA ASN H 3277 -64.39 -1.03 -108.90
C ASN H 3277 -64.66 -2.07 -107.82
N TRP H 3278 -63.63 -2.82 -107.42
CA TRP H 3278 -63.82 -3.80 -106.36
C TRP H 3278 -64.17 -3.13 -105.03
N LEU H 3279 -63.51 -2.02 -104.72
CA LEU H 3279 -63.79 -1.33 -103.46
C LEU H 3279 -65.21 -0.77 -103.45
N LYS H 3280 -65.66 -0.19 -104.56
CA LYS H 3280 -66.99 0.42 -104.59
C LYS H 3280 -68.09 -0.63 -104.60
N SER H 3281 -67.83 -1.81 -105.17
CA SER H 3281 -68.81 -2.88 -105.25
C SER H 3281 -68.17 -4.17 -104.75
N PRO H 3282 -68.11 -4.36 -103.43
CA PRO H 3282 -67.46 -5.55 -102.89
C PRO H 3282 -68.15 -6.83 -103.32
N SER H 3283 -67.35 -7.88 -103.50
CA SER H 3283 -67.85 -9.19 -103.91
C SER H 3283 -67.01 -10.25 -103.21
N ALA H 3284 -67.22 -11.51 -103.60
CA ALA H 3284 -66.51 -12.62 -102.99
C ALA H 3284 -65.21 -12.96 -103.72
N ASP H 3285 -65.17 -12.75 -105.04
CA ASP H 3285 -63.97 -13.05 -105.79
C ASP H 3285 -62.79 -12.18 -105.34
N SER H 3286 -63.05 -10.90 -105.09
CA SER H 3286 -61.98 -10.02 -104.64
C SER H 3286 -61.43 -10.48 -103.30
N ASP H 3287 -62.32 -10.86 -102.37
CA ASP H 3287 -61.87 -11.35 -101.07
C ASP H 3287 -61.06 -12.63 -101.21
N GLN H 3288 -61.50 -13.53 -102.09
CA GLN H 3288 -60.74 -14.77 -102.30
C GLN H 3288 -59.37 -14.48 -102.89
N LEU H 3289 -59.29 -13.53 -103.82
CA LEU H 3289 -58.01 -13.16 -104.39
C LEU H 3289 -57.10 -12.59 -103.32
N PHE H 3290 -57.65 -11.75 -102.42
CA PHE H 3290 -56.85 -11.23 -101.32
C PHE H 3290 -56.34 -12.36 -100.44
N ARG H 3291 -57.21 -13.34 -100.13
CA ARG H 3291 -56.78 -14.43 -99.27
C ARG H 3291 -55.65 -15.22 -99.92
N MET H 3292 -55.76 -15.51 -101.22
CA MET H 3292 -54.70 -16.24 -101.91
C MET H 3292 -53.40 -15.46 -101.90
N VAL H 3293 -53.47 -14.17 -102.21
CA VAL H 3293 -52.25 -13.36 -102.24
C VAL H 3293 -51.62 -13.28 -100.87
N ALA H 3294 -52.44 -13.12 -99.83
CA ALA H 3294 -51.92 -13.05 -98.48
C ALA H 3294 -51.25 -14.35 -98.06
N GLU H 3295 -51.85 -15.49 -98.43
CA GLU H 3295 -51.25 -16.76 -98.09
C GLU H 3295 -49.91 -16.95 -98.78
N VAL H 3296 -49.83 -16.60 -100.07
CA VAL H 3296 -48.56 -16.72 -100.77
C VAL H 3296 -47.51 -15.82 -100.16
N PHE H 3297 -47.90 -14.59 -99.81
CA PHE H 3297 -46.95 -13.66 -99.20
C PHE H 3297 -46.48 -14.16 -97.84
N ILE H 3298 -47.38 -14.76 -97.07
CA ILE H 3298 -47.01 -15.30 -95.77
C ILE H 3298 -46.03 -16.46 -95.94
N LEU H 3299 -46.27 -17.33 -96.91
CA LEU H 3299 -45.31 -18.39 -97.18
C LEU H 3299 -43.96 -17.82 -97.60
N TRP H 3300 -43.98 -16.75 -98.39
CA TRP H 3300 -42.74 -16.09 -98.78
C TRP H 3300 -42.00 -15.55 -97.56
N CYS H 3301 -42.72 -14.95 -96.62
CA CYS H 3301 -42.08 -14.36 -95.45
C CYS H 3301 -41.50 -15.43 -94.55
N LYS H 3302 -42.29 -16.45 -94.22
CA LYS H 3302 -41.82 -17.46 -93.28
C LYS H 3302 -40.66 -18.27 -93.87
N SER H 3303 -40.80 -18.72 -95.11
CA SER H 3303 -39.77 -19.53 -95.74
C SER H 3303 -38.52 -18.70 -96.02
N HIS H 3304 -37.37 -19.36 -95.92
CA HIS H 3304 -36.08 -18.73 -96.19
C HIS H 3304 -35.52 -19.07 -97.55
N ASN H 3305 -35.81 -20.26 -98.08
CA ASN H 3305 -35.38 -20.59 -99.44
C ASN H 3305 -36.24 -19.87 -100.47
N PHE H 3306 -37.49 -19.56 -100.13
CA PHE H 3306 -38.36 -18.87 -101.08
C PHE H 3306 -37.79 -17.51 -101.46
N LYS H 3307 -37.38 -16.72 -100.47
CA LYS H 3307 -36.85 -15.40 -100.75
C LYS H 3307 -35.56 -15.49 -101.56
N ARG H 3308 -34.67 -16.41 -101.18
CA ARG H 3308 -33.41 -16.56 -101.90
C ARG H 3308 -33.64 -16.98 -103.34
N GLU H 3309 -34.56 -17.90 -103.57
CA GLU H 3309 -34.85 -18.34 -104.93
C GLU H 3309 -35.46 -17.21 -105.76
N GLU H 3310 -36.37 -16.44 -105.17
CA GLU H 3310 -36.93 -15.30 -105.89
C GLU H 3310 -35.84 -14.30 -106.26
N GLN H 3311 -34.95 -14.00 -105.32
CA GLN H 3311 -33.87 -13.06 -105.59
C GLN H 3311 -32.95 -13.59 -106.67
N ASN H 3312 -32.63 -14.88 -106.62
CA ASN H 3312 -31.76 -15.46 -107.64
C ASN H 3312 -32.40 -15.39 -109.01
N PHE H 3313 -33.70 -15.69 -109.11
CA PHE H 3313 -34.39 -15.59 -110.38
C PHE H 3313 -34.35 -14.16 -110.91
N VAL H 3314 -34.65 -13.19 -110.05
CA VAL H 3314 -34.68 -11.80 -110.48
C VAL H 3314 -33.31 -11.34 -110.95
N ILE H 3315 -32.26 -11.68 -110.21
CA ILE H 3315 -30.92 -11.21 -110.56
C ILE H 3315 -30.42 -11.90 -111.81
N GLN H 3316 -30.59 -13.22 -111.90
CA GLN H 3316 -30.07 -13.96 -113.04
C GLN H 3316 -30.79 -13.60 -114.33
N ASN H 3317 -32.11 -13.45 -114.28
CA ASN H 3317 -32.85 -13.09 -115.48
C ASN H 3317 -32.88 -11.59 -115.73
N GLU H 3318 -32.28 -10.79 -114.84
CA GLU H 3318 -32.19 -9.34 -115.01
C GLU H 3318 -33.58 -8.72 -115.20
N ILE H 3319 -34.53 -9.20 -114.41
CA ILE H 3319 -35.88 -8.65 -114.43
C ILE H 3319 -35.88 -7.33 -113.66
N ASN H 3320 -36.42 -6.29 -114.28
CA ASN H 3320 -36.55 -4.98 -113.64
C ASN H 3320 -37.98 -4.87 -113.13
N ASN H 3321 -38.14 -5.06 -111.82
CA ASN H 3321 -39.48 -5.00 -111.24
C ASN H 3321 -40.08 -3.60 -111.35
N LEU H 3322 -39.24 -2.58 -111.43
CA LEU H 3322 -39.75 -1.22 -111.57
C LEU H 3322 -40.57 -1.07 -112.84
N ALA H 3323 -40.23 -1.83 -113.89
CA ALA H 3323 -41.04 -1.78 -115.10
C ALA H 3323 -42.46 -2.26 -114.84
N PHE H 3324 -42.61 -3.34 -114.08
CA PHE H 3324 -43.93 -3.89 -113.78
C PHE H 3324 -44.62 -3.17 -112.63
N LEU H 3325 -43.91 -2.29 -111.90
CA LEU H 3325 -44.49 -1.57 -110.78
C LEU H 3325 -44.87 -0.14 -111.15
N THR H 3326 -43.90 0.65 -111.61
CA THR H 3326 -44.12 2.06 -111.93
C THR H 3326 -44.16 2.32 -113.43
N GLY H 3327 -44.40 1.29 -114.24
CA GLY H 3327 -44.41 1.45 -115.68
C GLY H 3327 -45.71 1.99 -116.26
N ASP H 3328 -46.73 2.17 -115.43
CA ASP H 3328 -48.02 2.67 -115.91
C ASP H 3328 -48.08 4.19 -115.84
N GLY H 3337 -39.55 13.88 -116.53
CA GLY H 3337 -39.36 13.06 -115.35
C GLY H 3337 -37.91 13.00 -114.89
N GLY H 3338 -37.14 14.01 -115.26
CA GLY H 3338 -35.74 14.08 -114.90
C GLY H 3338 -34.82 13.28 -115.80
N GLN H 3339 -35.35 12.60 -116.82
CA GLN H 3339 -34.51 11.82 -117.71
C GLN H 3339 -33.53 12.71 -118.47
N ASP H 3340 -33.98 13.89 -118.91
CA ASP H 3340 -33.11 14.78 -119.66
C ASP H 3340 -31.95 15.30 -118.83
N GLN H 3341 -32.05 15.26 -117.50
CA GLN H 3341 -31.01 15.75 -116.61
C GLN H 3341 -30.43 14.64 -115.74
N GLU H 3342 -30.27 13.44 -116.30
CA GLU H 3342 -29.65 12.34 -115.58
C GLU H 3342 -28.79 11.54 -116.54
N ARG H 3343 -27.56 11.24 -116.12
CA ARG H 3343 -26.63 10.42 -116.89
C ARG H 3343 -26.16 9.30 -115.97
N LYS H 3344 -26.91 8.19 -115.96
CA LYS H 3344 -26.58 7.07 -115.10
C LYS H 3344 -25.28 6.42 -115.56
N LYS H 3345 -24.45 6.03 -114.59
CA LYS H 3345 -23.16 5.42 -114.88
C LYS H 3345 -22.84 4.20 -114.03
N THR H 3346 -23.59 3.95 -112.95
CA THR H 3346 -23.34 2.82 -112.06
C THR H 3346 -24.50 1.83 -112.15
N LYS H 3347 -24.17 0.55 -112.29
CA LYS H 3347 -25.16 -0.51 -112.37
C LYS H 3347 -24.57 -1.78 -111.81
N ARG H 3348 -25.33 -2.45 -110.94
CA ARG H 3348 -24.90 -3.72 -110.35
C ARG H 3348 -26.06 -4.67 -110.29
N ARG H 3349 -25.76 -5.97 -110.35
CA ARG H 3349 -26.79 -6.99 -110.27
C ARG H 3349 -27.48 -6.98 -108.91
N GLY H 3350 -26.72 -6.77 -107.85
CA GLY H 3350 -27.30 -6.74 -106.52
C GLY H 3350 -28.31 -5.63 -106.32
N ASP H 3351 -28.17 -4.55 -107.08
CA ASP H 3351 -29.11 -3.45 -107.03
C ASP H 3351 -30.34 -3.69 -107.89
N LEU H 3352 -30.39 -4.79 -108.64
CA LEU H 3352 -31.56 -5.10 -109.46
C LEU H 3352 -32.70 -5.70 -108.64
N TYR H 3353 -32.44 -6.15 -107.43
CA TYR H 3353 -33.47 -6.75 -106.58
C TYR H 3353 -33.52 -6.03 -105.24
N SER H 3354 -34.73 -5.80 -104.75
CA SER H 3354 -34.95 -5.23 -103.44
C SER H 3354 -36.30 -5.69 -102.93
N ILE H 3355 -36.41 -5.83 -101.62
CA ILE H 3355 -37.67 -6.29 -101.03
C ILE H 3355 -38.78 -5.31 -101.30
N GLN H 3356 -38.45 -4.03 -101.48
CA GLN H 3356 -39.47 -3.02 -101.74
C GLN H 3356 -40.20 -3.29 -103.04
N THR H 3357 -39.46 -3.66 -104.09
CA THR H 3357 -40.02 -3.83 -105.42
C THR H 3357 -40.41 -5.26 -105.75
N SER H 3358 -40.25 -6.19 -104.81
CA SER H 3358 -40.63 -7.57 -105.07
C SER H 3358 -42.11 -7.66 -105.41
N LEU H 3359 -42.43 -8.48 -106.41
CA LEU H 3359 -43.82 -8.62 -106.81
C LEU H 3359 -44.63 -9.36 -105.77
N ILE H 3360 -44.01 -10.27 -105.02
CA ILE H 3360 -44.73 -10.98 -103.97
C ILE H 3360 -45.20 -10.00 -102.89
N VAL H 3361 -44.33 -9.07 -102.51
CA VAL H 3361 -44.71 -8.04 -101.54
C VAL H 3361 -45.69 -7.05 -102.16
N ALA H 3362 -45.41 -6.61 -103.38
CA ALA H 3362 -46.20 -5.53 -103.99
C ALA H 3362 -47.63 -5.96 -104.25
N ALA H 3363 -47.84 -7.21 -104.66
CA ALA H 3363 -49.20 -7.67 -104.90
C ALA H 3363 -50.04 -7.62 -103.63
N LEU H 3364 -49.46 -8.04 -102.50
CA LEU H 3364 -50.18 -7.91 -101.24
C LEU H 3364 -50.39 -6.46 -100.85
N LYS H 3365 -49.38 -5.62 -101.07
CA LYS H 3365 -49.55 -4.20 -100.75
C LYS H 3365 -50.70 -3.60 -101.53
N LYS H 3366 -50.93 -4.07 -102.75
CA LYS H 3366 -52.01 -3.54 -103.57
C LYS H 3366 -53.35 -4.21 -103.30
N MET H 3367 -53.37 -5.44 -102.80
CA MET H 3367 -54.61 -6.12 -102.46
C MET H 3367 -55.06 -5.89 -101.03
N LEU H 3368 -54.19 -5.33 -100.19
CA LEU H 3368 -54.55 -5.11 -98.79
C LEU H 3368 -55.78 -4.22 -98.63
N PRO H 3369 -55.94 -3.12 -99.37
CA PRO H 3369 -57.17 -2.32 -99.25
C PRO H 3369 -58.43 -3.10 -99.56
N ILE H 3370 -58.35 -4.20 -100.32
CA ILE H 3370 -59.52 -5.03 -100.56
C ILE H 3370 -59.80 -5.99 -99.42
N GLY H 3371 -58.86 -6.14 -98.49
CA GLY H 3371 -59.07 -7.03 -97.37
C GLY H 3371 -59.50 -6.29 -96.12
N LEU H 3372 -59.02 -5.06 -95.98
CA LEU H 3372 -59.43 -4.19 -94.89
C LEU H 3372 -60.73 -3.45 -95.17
N ASN H 3373 -61.33 -3.65 -96.34
CA ASN H 3373 -62.48 -2.88 -96.75
C ASN H 3373 -63.66 -3.08 -95.81
N MET H 3374 -64.33 -1.98 -95.49
CA MET H 3374 -65.55 -1.99 -94.67
C MET H 3374 -65.28 -2.48 -93.25
N CYS H 3375 -64.13 -2.12 -92.70
CA CYS H 3375 -63.78 -2.50 -91.33
C CYS H 3375 -64.26 -1.41 -90.38
N THR H 3376 -65.21 -1.76 -89.53
CA THR H 3376 -65.71 -0.87 -88.50
C THR H 3376 -64.70 -0.78 -87.37
N PRO H 3377 -64.87 0.20 -86.46
CA PRO H 3377 -63.90 0.35 -85.37
C PRO H 3377 -63.76 -0.88 -84.50
N GLY H 3378 -64.82 -1.66 -84.30
CA GLY H 3378 -64.69 -2.90 -83.56
C GLY H 3378 -63.77 -3.89 -84.24
N ASP H 3379 -63.90 -4.01 -85.57
CA ASP H 3379 -62.98 -4.87 -86.32
C ASP H 3379 -61.56 -4.34 -86.25
N GLN H 3380 -61.38 -3.02 -86.22
CA GLN H 3380 -60.04 -2.48 -86.06
C GLN H 3380 -59.45 -2.83 -84.71
N GLU H 3381 -60.28 -2.79 -83.65
CA GLU H 3381 -59.81 -3.24 -82.34
C GLU H 3381 -59.40 -4.70 -82.36
N LEU H 3382 -60.22 -5.55 -82.98
CA LEU H 3382 -59.89 -6.98 -83.07
C LEU H 3382 -58.62 -7.19 -83.87
N ILE H 3383 -58.43 -6.44 -84.94
CA ILE H 3383 -57.21 -6.57 -85.75
C ILE H 3383 -56.00 -6.16 -84.94
N SER H 3384 -56.10 -5.08 -84.16
CA SER H 3384 -54.98 -4.68 -83.33
C SER H 3384 -54.65 -5.74 -82.30
N LEU H 3385 -55.68 -6.33 -81.69
CA LEU H 3385 -55.47 -7.42 -80.74
C LEU H 3385 -54.76 -8.60 -81.40
N ALA H 3386 -55.21 -8.98 -82.60
CA ALA H 3386 -54.60 -10.11 -83.29
C ALA H 3386 -53.15 -9.82 -83.66
N LYS H 3387 -52.86 -8.60 -84.10
CA LYS H 3387 -51.48 -8.27 -84.41
C LYS H 3387 -50.61 -8.32 -83.16
N SER H 3388 -51.14 -7.84 -82.03
CA SER H 3388 -50.39 -7.93 -80.78
C SER H 3388 -50.11 -9.38 -80.42
N ARG H 3389 -51.11 -10.26 -80.56
CA ARG H 3389 -50.89 -11.68 -80.28
C ARG H 3389 -49.84 -12.28 -81.22
N TYR H 3390 -49.91 -11.94 -82.51
CA TYR H 3390 -48.91 -12.42 -83.44
C TYR H 3390 -47.51 -11.94 -83.06
N SER H 3391 -47.42 -10.77 -82.43
CA SER H 3391 -46.12 -10.27 -82.02
C SER H 3391 -45.41 -11.20 -81.04
N TYR H 3392 -46.16 -12.03 -80.32
CA TYR H 3392 -45.59 -12.98 -79.38
C TYR H 3392 -45.31 -14.33 -80.03
N ARG H 3393 -45.41 -14.43 -81.35
CA ARG H 3393 -45.12 -15.66 -82.08
C ARG H 3393 -46.09 -16.77 -81.69
N ASP H 3394 -47.38 -16.48 -81.87
CA ASP H 3394 -48.44 -17.44 -81.62
C ASP H 3394 -48.98 -17.96 -82.95
N THR H 3395 -49.52 -19.18 -82.92
CA THR H 3395 -50.06 -19.80 -84.12
C THR H 3395 -51.41 -19.19 -84.46
N ASP H 3396 -51.98 -19.61 -85.59
CA ASP H 3396 -53.28 -19.10 -86.00
C ASP H 3396 -54.38 -19.51 -85.04
N GLU H 3397 -54.33 -20.75 -84.56
CA GLU H 3397 -55.39 -21.23 -83.67
C GLU H 3397 -55.39 -20.46 -82.36
N GLU H 3398 -54.21 -20.16 -81.82
CA GLU H 3398 -54.13 -19.40 -80.59
C GLU H 3398 -54.73 -18.01 -80.75
N VAL H 3399 -54.42 -17.35 -81.87
CA VAL H 3399 -54.95 -16.02 -82.11
C VAL H 3399 -56.46 -16.06 -82.31
N LYS H 3400 -56.96 -17.09 -83.00
CA LYS H 3400 -58.40 -17.23 -83.15
C LYS H 3400 -59.08 -17.45 -81.82
N GLU H 3401 -58.46 -18.23 -80.93
CA GLU H 3401 -59.01 -18.40 -79.60
C GLU H 3401 -59.03 -17.09 -78.83
N HIS H 3402 -57.95 -16.32 -78.90
CA HIS H 3402 -57.91 -15.04 -78.18
C HIS H 3402 -58.97 -14.09 -78.71
N LEU H 3403 -59.18 -14.06 -80.02
CA LEU H 3403 -60.25 -13.24 -80.58
C LEU H 3403 -61.61 -13.74 -80.12
N ARG H 3404 -61.76 -15.07 -79.96
CA ARG H 3404 -63.01 -15.62 -79.47
C ARG H 3404 -63.30 -15.14 -78.05
N ASN H 3405 -62.28 -15.10 -77.20
CA ASN H 3405 -62.48 -14.60 -75.84
C ASN H 3405 -62.81 -13.11 -75.86
N ASN H 3406 -62.00 -12.31 -76.55
CA ASN H 3406 -62.16 -10.85 -76.55
C ASN H 3406 -63.09 -10.41 -77.68
N LEU H 3407 -64.30 -10.95 -77.65
CA LEU H 3407 -65.30 -10.62 -78.66
C LEU H 3407 -66.22 -9.50 -78.23
N HIS H 3408 -65.97 -8.87 -77.09
CA HIS H 3408 -66.72 -7.71 -76.65
C HIS H 3408 -66.18 -6.40 -77.20
N LEU H 3409 -65.03 -6.43 -77.88
CA LEU H 3409 -64.44 -5.22 -78.42
C LEU H 3409 -65.27 -4.63 -79.55
N GLN H 3410 -66.17 -5.41 -80.15
CA GLN H 3410 -66.99 -4.89 -81.23
C GLN H 3410 -67.83 -3.70 -80.79
N GLU H 3411 -68.17 -3.63 -79.50
CA GLU H 3411 -68.94 -2.51 -79.00
C GLU H 3411 -68.19 -1.18 -79.11
N LYS H 3412 -66.88 -1.22 -79.38
CA LYS H 3412 -66.15 0.00 -79.68
C LYS H 3412 -66.71 0.72 -80.90
N SER H 3413 -67.43 0.02 -81.77
CA SER H 3413 -68.10 0.69 -82.87
C SER H 3413 -69.15 1.69 -82.39
N ASP H 3414 -69.68 1.50 -81.18
CA ASP H 3414 -70.69 2.39 -80.62
C ASP H 3414 -70.10 3.51 -79.77
N ASP H 3415 -68.77 3.62 -79.75
CA ASP H 3415 -68.12 4.65 -78.95
C ASP H 3415 -68.44 6.03 -79.51
N PRO H 3416 -68.46 7.07 -78.67
CA PRO H 3416 -68.68 8.42 -79.17
C PRO H 3416 -67.42 9.02 -79.81
N ALA H 3417 -66.25 8.60 -79.34
CA ALA H 3417 -65.01 9.13 -79.86
C ALA H 3417 -64.77 8.72 -81.30
N VAL H 3418 -65.40 7.64 -81.77
CA VAL H 3418 -65.22 7.17 -83.14
C VAL H 3418 -66.56 7.15 -83.84
N LYS H 3419 -67.42 8.12 -83.51
CA LYS H 3419 -68.68 8.26 -84.20
C LYS H 3419 -68.54 8.83 -85.59
N TRP H 3420 -67.36 9.35 -85.93
CA TRP H 3420 -67.14 9.92 -87.26
C TRP H 3420 -66.94 8.87 -88.34
N GLN H 3421 -66.75 7.61 -87.97
CA GLN H 3421 -66.62 6.53 -88.94
C GLN H 3421 -67.94 5.84 -89.25
N LEU H 3422 -69.03 6.29 -88.62
CA LEU H 3422 -70.27 5.52 -88.71
C LEU H 3422 -70.90 5.55 -90.10
N ASN H 3423 -70.61 6.58 -90.91
CA ASN H 3423 -71.27 6.71 -92.20
C ASN H 3423 -70.26 6.85 -93.33
N LEU H 3424 -69.01 6.43 -93.13
CA LEU H 3424 -68.02 6.52 -94.20
C LEU H 3424 -68.37 5.58 -95.35
N TYR H 3425 -68.84 4.37 -95.04
CA TYR H 3425 -69.14 3.36 -96.05
C TYR H 3425 -70.63 3.32 -96.41
N LYS H 3426 -71.32 4.45 -96.31
CA LYS H 3426 -72.74 4.49 -96.65
C LYS H 3426 -72.96 4.23 -98.13
N ASP H 3427 -72.11 4.80 -98.98
CA ASP H 3427 -72.28 4.61 -100.42
C ASP H 3427 -72.11 3.14 -100.82
N VAL H 3428 -71.12 2.47 -100.23
CA VAL H 3428 -70.89 1.07 -100.52
C VAL H 3428 -72.14 0.27 -100.17
N LEU H 3429 -72.25 -0.92 -100.76
CA LEU H 3429 -73.46 -1.73 -100.61
C LEU H 3429 -73.75 -2.04 -99.15
N LYS H 3430 -72.72 -2.43 -98.40
CA LYS H 3430 -72.87 -2.76 -96.98
C LYS H 3430 -73.89 -3.88 -96.77
N SER H 3431 -73.98 -4.79 -97.73
CA SER H 3431 -74.92 -5.91 -97.68
C SER H 3431 -74.16 -7.19 -97.40
N GLU H 3432 -74.57 -7.90 -96.35
CA GLU H 3432 -73.87 -9.09 -95.91
C GLU H 3432 -74.83 -10.00 -95.16
N GLU H 3433 -74.40 -11.25 -94.95
CA GLU H 3433 -75.20 -12.24 -94.26
C GLU H 3433 -75.39 -11.85 -92.80
N PRO H 3434 -76.18 -12.62 -92.06
CA PRO H 3434 -76.34 -12.35 -90.63
C PRO H 3434 -75.01 -12.47 -89.89
N PHE H 3435 -74.89 -11.71 -88.81
CA PHE H 3435 -73.64 -11.68 -88.05
C PHE H 3435 -73.26 -13.07 -87.58
N ASN H 3436 -72.00 -13.44 -87.81
CA ASN H 3436 -71.45 -14.73 -87.41
C ASN H 3436 -70.11 -14.50 -86.74
N ALA H 3437 -69.94 -15.07 -85.55
CA ALA H 3437 -68.70 -14.85 -84.81
C ALA H 3437 -67.51 -15.50 -85.49
N GLU H 3438 -67.67 -16.75 -85.94
CA GLU H 3438 -66.55 -17.48 -86.51
C GLU H 3438 -66.04 -16.82 -87.77
N LYS H 3439 -66.94 -16.37 -88.64
CA LYS H 3439 -66.51 -15.72 -89.87
C LYS H 3439 -65.75 -14.43 -89.59
N THR H 3440 -66.25 -13.63 -88.66
CA THR H 3440 -65.56 -12.40 -88.30
C THR H 3440 -64.18 -12.68 -87.72
N ILE H 3441 -64.08 -13.70 -86.86
CA ILE H 3441 -62.79 -14.05 -86.28
C ILE H 3441 -61.80 -14.50 -87.34
N GLU H 3442 -62.26 -15.33 -88.28
CA GLU H 3442 -61.38 -15.79 -89.35
C GLU H 3442 -60.92 -14.62 -90.22
N ARG H 3443 -61.85 -13.72 -90.56
CA ARG H 3443 -61.50 -12.57 -91.39
C ARG H 3443 -60.48 -11.69 -90.68
N VAL H 3444 -60.69 -11.41 -89.39
CA VAL H 3444 -59.76 -10.59 -88.64
C VAL H 3444 -58.42 -11.29 -88.53
N GLN H 3445 -58.42 -12.62 -88.41
CA GLN H 3445 -57.17 -13.36 -88.30
C GLN H 3445 -56.35 -13.22 -89.58
N ARG H 3446 -56.99 -13.41 -90.74
CA ARG H 3446 -56.27 -13.30 -92.00
C ARG H 3446 -55.73 -11.88 -92.19
N ILE H 3447 -56.57 -10.87 -91.92
CA ILE H 3447 -56.16 -9.49 -92.10
C ILE H 3447 -54.98 -9.15 -91.19
N SER H 3448 -55.07 -9.54 -89.92
CA SER H 3448 -54.02 -9.24 -88.97
C SER H 3448 -52.72 -9.96 -89.34
N ALA H 3449 -52.81 -11.20 -89.80
CA ALA H 3449 -51.62 -11.91 -90.22
C ALA H 3449 -50.92 -11.18 -91.36
N ALA H 3450 -51.68 -10.82 -92.40
CA ALA H 3450 -51.09 -10.14 -93.54
C ALA H 3450 -50.46 -8.81 -93.12
N VAL H 3451 -51.19 -8.01 -92.32
CA VAL H 3451 -50.69 -6.71 -91.92
C VAL H 3451 -49.43 -6.84 -91.07
N PHE H 3452 -49.42 -7.78 -90.13
CA PHE H 3452 -48.28 -7.94 -89.25
C PHE H 3452 -47.04 -8.36 -90.04
N HIS H 3453 -47.17 -9.33 -90.94
CA HIS H 3453 -46.00 -9.76 -91.70
C HIS H 3453 -45.51 -8.65 -92.63
N LEU H 3454 -46.44 -7.88 -93.22
CA LEU H 3454 -46.03 -6.78 -94.07
C LEU H 3454 -45.25 -5.73 -93.27
N GLU H 3455 -45.72 -5.40 -92.07
CA GLU H 3455 -44.99 -4.45 -91.24
C GLU H 3455 -43.62 -4.98 -90.87
N GLN H 3456 -43.54 -6.27 -90.54
CA GLN H 3456 -42.24 -6.86 -90.18
C GLN H 3456 -41.26 -6.78 -91.34
N VAL H 3457 -41.71 -7.09 -92.56
CA VAL H 3457 -40.79 -7.04 -93.70
C VAL H 3457 -40.39 -5.61 -94.00
N GLU H 3458 -41.32 -4.66 -93.86
CA GLU H 3458 -41.02 -3.29 -94.24
C GLU H 3458 -40.16 -2.56 -93.22
N GLN H 3459 -40.21 -2.93 -91.94
CA GLN H 3459 -39.43 -2.21 -90.93
C GLN H 3459 -37.95 -2.19 -91.24
N PRO H 3460 -37.28 -3.30 -91.55
CA PRO H 3460 -35.85 -3.24 -91.87
C PRO H 3460 -35.53 -2.38 -93.07
N LEU H 3461 -36.45 -2.24 -94.02
CA LEU H 3461 -36.20 -1.39 -95.18
C LEU H 3461 -35.99 0.06 -94.78
N ARG H 3462 -36.65 0.51 -93.72
CA ARG H 3462 -36.43 1.87 -93.23
C ARG H 3462 -34.99 2.02 -92.75
N SER H 3463 -34.46 3.22 -92.93
CA SER H 3463 -33.08 3.50 -92.56
C SER H 3463 -32.84 3.27 -91.07
N PHE H 3484 -0.75 -22.48 -102.51
CA PHE H 3484 0.65 -22.18 -102.33
C PHE H 3484 1.51 -23.44 -102.43
N ARG H 3485 0.94 -24.47 -103.04
CA ARG H 3485 1.64 -25.76 -103.20
C ARG H 3485 2.65 -25.65 -104.35
N MET H 3486 3.70 -24.86 -104.09
CA MET H 3486 4.70 -24.59 -105.10
C MET H 3486 6.12 -24.99 -104.70
N ALA H 3487 6.34 -25.42 -103.46
CA ALA H 3487 7.66 -25.83 -102.98
C ALA H 3487 7.56 -27.18 -102.26
N PRO H 3488 7.28 -28.25 -103.01
CA PRO H 3488 7.27 -29.58 -102.39
C PRO H 3488 8.68 -30.05 -102.08
N LEU H 3489 8.77 -31.03 -101.17
CA LEU H 3489 10.07 -31.49 -100.69
C LEU H 3489 10.92 -32.04 -101.81
N TYR H 3490 10.31 -32.59 -102.85
CA TYR H 3490 11.07 -33.15 -103.97
C TYR H 3490 11.57 -32.08 -104.94
N ASN H 3491 11.55 -30.81 -104.54
CA ASN H 3491 12.07 -29.72 -105.36
C ASN H 3491 13.14 -28.91 -104.64
N LEU H 3492 13.75 -29.48 -103.60
CA LEU H 3492 14.79 -28.79 -102.85
C LEU H 3492 16.02 -29.67 -102.75
N PRO H 3493 17.19 -29.07 -102.57
CA PRO H 3493 18.41 -29.87 -102.43
C PRO H 3493 18.36 -30.73 -101.17
N ARG H 3494 19.03 -31.88 -101.23
CA ARG H 3494 18.99 -32.83 -100.13
C ARG H 3494 19.58 -32.26 -98.84
N HIS H 3495 20.45 -31.25 -98.93
CA HIS H 3495 21.10 -30.75 -97.72
C HIS H 3495 20.14 -29.92 -96.88
N LYS H 3496 19.31 -29.08 -97.51
CA LYS H 3496 18.33 -28.32 -96.75
C LYS H 3496 17.30 -29.25 -96.10
N ILE H 3497 16.81 -30.22 -96.86
CA ILE H 3497 15.87 -31.19 -96.31
C ILE H 3497 16.54 -31.98 -95.19
N ASN H 3498 17.85 -32.23 -95.30
CA ASN H 3498 18.54 -32.99 -94.27
C ASN H 3498 18.70 -32.16 -93.00
N ASN H 3499 18.91 -30.85 -93.14
CA ASN H 3499 18.91 -29.98 -91.97
C ASN H 3499 17.55 -30.02 -91.28
N PHE H 3500 16.47 -29.97 -92.06
CA PHE H 3500 15.14 -30.06 -91.48
C PHE H 3500 14.94 -31.41 -90.79
N PHE H 3501 15.43 -32.48 -91.41
CA PHE H 3501 15.32 -33.81 -90.80
C PHE H 3501 16.05 -33.86 -89.47
N LEU H 3502 17.24 -33.25 -89.40
CA LEU H 3502 18.00 -33.24 -88.15
C LEU H 3502 17.27 -32.46 -87.07
N SER H 3503 16.71 -31.31 -87.43
CA SER H 3503 15.94 -30.54 -86.44
C SER H 3503 14.77 -31.36 -85.91
N THR H 3504 14.03 -32.01 -86.81
CA THR H 3504 12.90 -32.82 -86.38
C THR H 3504 13.35 -34.00 -85.53
N PHE H 3505 14.44 -34.64 -85.92
CA PHE H 3505 14.93 -35.80 -85.18
C PHE H 3505 15.33 -35.42 -83.76
N GLN H 3506 16.02 -34.29 -83.60
CA GLN H 3506 16.32 -33.81 -82.24
C GLN H 3506 15.04 -33.49 -81.49
N ARG H 3507 14.09 -32.83 -82.15
CA ARG H 3507 12.93 -32.28 -81.45
C ARG H 3507 11.92 -33.34 -81.05
N VAL H 3508 11.80 -34.43 -81.82
CA VAL H 3508 10.73 -35.41 -81.64
C VAL H 3508 11.25 -36.70 -81.01
N TRP H 3509 12.21 -37.36 -81.65
CA TRP H 3509 12.55 -38.73 -81.27
C TRP H 3509 13.48 -38.78 -80.07
N LEU H 3510 14.50 -37.92 -80.02
CA LEU H 3510 15.52 -38.03 -78.99
C LEU H 3510 15.18 -37.27 -77.71
N GLU H 3511 14.46 -36.16 -77.83
CA GLU H 3511 14.21 -35.33 -76.66
C GLU H 3511 13.39 -36.08 -75.62
N LYS H 3512 12.39 -36.84 -76.06
CA LYS H 3512 11.61 -37.64 -75.13
C LYS H 3512 12.47 -38.72 -74.47
N VAL H 3513 13.35 -39.35 -75.24
CA VAL H 3513 14.17 -40.42 -74.70
C VAL H 3513 15.13 -39.89 -73.65
N ASN H 3514 15.62 -38.66 -73.83
CA ASN H 3514 16.66 -38.14 -72.94
C ASN H 3514 16.17 -38.06 -71.49
N GLU H 3515 14.91 -37.70 -71.29
CA GLU H 3515 14.41 -37.51 -69.93
C GLU H 3515 14.40 -38.82 -69.14
N LYS H 3516 14.00 -39.92 -69.79
CA LYS H 3516 13.80 -41.18 -69.06
C LYS H 3516 15.12 -41.74 -68.54
N THR H 3517 16.14 -41.79 -69.39
CA THR H 3517 17.41 -42.43 -69.08
C THR H 3517 18.50 -41.38 -68.97
N GLN H 3518 18.90 -41.07 -67.74
CA GLN H 3518 20.03 -40.17 -67.51
C GLN H 3518 20.48 -40.35 -66.08
N TYR H 3519 21.72 -40.82 -65.89
CA TYR H 3519 22.29 -41.05 -64.57
C TYR H 3519 21.53 -42.10 -63.79
N ASP H 3520 20.77 -42.95 -64.48
CA ASP H 3520 19.87 -43.86 -63.77
C ASP H 3520 20.63 -45.01 -63.12
N ARG H 3521 21.68 -45.51 -63.77
CA ARG H 3521 22.44 -46.64 -63.27
C ARG H 3521 23.74 -46.23 -62.60
N LEU H 3522 23.91 -44.95 -62.30
CA LEU H 3522 25.19 -44.46 -61.79
C LEU H 3522 25.21 -44.37 -60.26
N ILE H 3523 24.18 -43.77 -59.67
CA ILE H 3523 24.19 -43.56 -58.22
C ILE H 3523 24.28 -44.85 -57.44
N PRO H 3524 23.61 -45.95 -57.80
CA PRO H 3524 23.82 -47.20 -57.04
C PRO H 3524 25.26 -47.67 -57.06
N ILE H 3525 25.94 -47.52 -58.20
CA ILE H 3525 27.33 -47.96 -58.30
C ILE H 3525 28.24 -47.05 -57.49
N LEU H 3526 27.95 -45.75 -57.48
CA LEU H 3526 28.72 -44.84 -56.64
C LEU H 3526 28.56 -45.19 -55.15
N MET H 3527 27.32 -45.48 -54.74
CA MET H 3527 27.09 -45.91 -53.35
C MET H 3527 27.53 -47.34 -53.11
N LYS H 3528 27.60 -48.15 -54.16
CA LYS H 3528 27.94 -49.57 -54.01
C LYS H 3528 29.33 -49.75 -53.43
N SER H 3529 29.47 -50.74 -52.56
CA SER H 3529 30.75 -51.02 -51.92
C SER H 3529 31.62 -51.90 -52.82
N PRO H 3530 32.94 -51.85 -52.64
CA PRO H 3530 33.90 -52.62 -53.44
C PRO H 3530 33.83 -54.12 -53.17
N LYS H 3542 37.17 -46.29 -43.38
CA LYS H 3542 38.24 -45.31 -43.29
C LYS H 3542 38.44 -44.59 -44.61
N GLN H 3543 38.68 -45.35 -45.67
CA GLN H 3543 38.84 -44.77 -46.99
C GLN H 3543 37.50 -44.26 -47.51
N PRO H 3544 37.38 -43.00 -47.88
CA PRO H 3544 36.09 -42.48 -48.33
C PRO H 3544 35.62 -43.13 -49.62
N ASP H 3545 34.30 -43.19 -49.77
CA ASP H 3545 33.68 -43.71 -50.96
C ASP H 3545 33.92 -42.75 -52.13
N PRO H 3546 33.75 -43.22 -53.37
CA PRO H 3546 33.81 -42.28 -54.50
C PRO H 3546 32.81 -41.13 -54.39
N LEU H 3547 31.57 -41.42 -53.97
CA LEU H 3547 30.59 -40.36 -53.78
C LEU H 3547 31.02 -39.42 -52.67
N HIS H 3548 31.57 -39.99 -51.60
CA HIS H 3548 32.08 -39.17 -50.50
C HIS H 3548 33.19 -38.24 -51.01
N GLN H 3549 34.03 -38.75 -51.89
CA GLN H 3549 35.13 -37.93 -52.43
C GLN H 3549 34.61 -36.80 -53.31
N ILE H 3550 33.62 -37.07 -54.15
CA ILE H 3550 33.09 -36.00 -55.00
C ILE H 3550 32.40 -34.95 -54.14
N ILE H 3551 31.69 -35.38 -53.09
CA ILE H 3551 31.04 -34.43 -52.20
C ILE H 3551 32.07 -33.59 -51.46
N LEU H 3552 33.17 -34.20 -51.01
CA LEU H 3552 34.22 -33.43 -50.36
C LEU H 3552 34.87 -32.44 -51.32
N HIS H 3553 35.03 -32.83 -52.59
CA HIS H 3553 35.55 -31.91 -53.58
C HIS H 3553 34.64 -30.70 -53.72
N PHE H 3554 33.33 -30.93 -53.80
CA PHE H 3554 32.39 -29.82 -53.93
C PHE H 3554 32.40 -28.93 -52.68
N SER H 3555 32.51 -29.55 -51.50
CA SER H 3555 32.59 -28.75 -50.27
C SER H 3555 33.84 -27.88 -50.26
N ARG H 3556 34.98 -28.43 -50.67
CA ARG H 3556 36.21 -27.65 -50.69
C ARG H 3556 36.12 -26.51 -51.69
N ASN H 3557 35.51 -26.75 -52.85
CA ASN H 3557 35.30 -25.66 -53.79
C ASN H 3557 34.39 -24.60 -53.21
N ALA H 3558 33.35 -25.00 -52.47
CA ALA H 3558 32.44 -24.04 -51.89
C ALA H 3558 33.11 -23.20 -50.82
N LEU H 3559 33.99 -23.80 -50.02
CA LEU H 3559 34.63 -23.08 -48.92
C LEU H 3559 35.64 -22.06 -49.40
N THR H 3560 36.22 -22.23 -50.59
CA THR H 3560 37.22 -21.31 -51.07
C THR H 3560 36.64 -19.92 -51.31
N GLU H 3561 37.38 -18.90 -50.89
CA GLU H 3561 36.88 -17.53 -50.93
C GLU H 3561 36.95 -16.97 -52.35
N ARG H 3562 35.84 -16.39 -52.80
CA ARG H 3562 35.76 -15.75 -54.10
C ARG H 3562 34.76 -14.61 -54.00
N SER H 3563 34.33 -14.10 -55.16
CA SER H 3563 33.34 -13.05 -55.21
C SER H 3563 32.05 -13.45 -55.92
N LYS H 3564 32.13 -14.33 -56.92
CA LYS H 3564 30.96 -14.81 -57.62
C LYS H 3564 31.08 -16.32 -57.81
N LEU H 3565 29.95 -17.02 -57.67
CA LEU H 3565 29.93 -18.47 -57.83
C LEU H 3565 30.00 -18.78 -59.31
N GLU H 3566 31.21 -19.09 -59.79
CA GLU H 3566 31.40 -19.39 -61.20
C GLU H 3566 30.65 -20.65 -61.59
N ASP H 3567 30.17 -20.68 -62.83
CA ASP H 3567 29.39 -21.81 -63.31
C ASP H 3567 30.21 -23.09 -63.25
N ASP H 3568 29.57 -24.17 -62.80
CA ASP H 3568 30.22 -25.46 -62.60
C ASP H 3568 29.27 -26.56 -63.04
N PRO H 3569 29.36 -26.97 -64.31
CA PRO H 3569 28.43 -28.02 -64.78
C PRO H 3569 28.55 -29.33 -64.04
N LEU H 3570 29.75 -29.67 -63.54
CA LEU H 3570 29.91 -30.91 -62.80
C LEU H 3570 29.06 -30.91 -61.54
N TYR H 3571 29.08 -29.81 -60.79
CA TYR H 3571 28.26 -29.71 -59.60
C TYR H 3571 26.78 -29.81 -59.94
N THR H 3572 26.36 -29.12 -61.00
CA THR H 3572 24.96 -29.16 -61.38
C THR H 3572 24.52 -30.58 -61.68
N SER H 3573 25.28 -31.29 -62.51
CA SER H 3573 24.92 -32.65 -62.89
C SER H 3573 24.90 -33.57 -61.68
N TYR H 3574 25.91 -33.50 -60.83
CA TYR H 3574 25.97 -34.43 -59.71
C TYR H 3574 24.94 -34.11 -58.63
N SER H 3575 24.66 -32.83 -58.40
CA SER H 3575 23.61 -32.47 -57.45
C SER H 3575 22.24 -32.92 -57.96
N SER H 3576 21.98 -32.75 -59.25
CA SER H 3576 20.73 -33.26 -59.83
C SER H 3576 20.65 -34.77 -59.67
N MET H 3577 21.76 -35.47 -59.91
CA MET H 3577 21.79 -36.92 -59.78
C MET H 3577 21.49 -37.35 -58.35
N MET H 3578 22.09 -36.69 -57.37
CA MET H 3578 21.82 -37.03 -55.97
C MET H 3578 20.37 -36.76 -55.60
N ALA H 3579 19.84 -35.61 -56.03
CA ALA H 3579 18.46 -35.28 -55.73
C ALA H 3579 17.51 -36.34 -56.29
N LYS H 3580 17.73 -36.75 -57.54
CA LYS H 3580 16.90 -37.81 -58.10
C LYS H 3580 17.15 -39.14 -57.41
N SER H 3581 18.32 -39.31 -56.78
CA SER H 3581 18.54 -40.49 -55.96
C SER H 3581 17.57 -40.51 -54.78
N CYS H 3582 17.51 -39.41 -54.02
CA CYS H 3582 16.60 -39.38 -52.88
C CYS H 3582 15.15 -39.44 -53.33
N GLN H 3583 14.82 -38.73 -54.41
CA GLN H 3583 13.43 -38.62 -54.88
C GLN H 3583 13.00 -39.90 -55.60
N SER H 3584 12.98 -40.99 -54.85
CA SER H 3584 12.61 -42.27 -55.41
C SER H 3584 11.12 -42.32 -55.69
N GLY H 3585 10.76 -42.96 -56.80
CA GLY H 3585 9.37 -43.08 -57.20
C GLY H 3585 9.20 -44.02 -58.37
N GLU H 3595 -5.69 -44.13 -50.55
CA GLU H 3595 -5.27 -44.52 -49.21
C GLU H 3595 -4.38 -45.76 -49.25
N LYS H 3596 -3.48 -45.88 -48.27
CA LYS H 3596 -2.52 -46.96 -48.21
C LYS H 3596 -2.54 -47.61 -46.84
N THR H 3597 -2.07 -48.84 -46.80
CA THR H 3597 -1.94 -49.54 -45.52
C THR H 3597 -0.92 -48.83 -44.64
N PHE H 3598 -1.09 -48.97 -43.32
CA PHE H 3598 -0.14 -48.38 -42.39
C PHE H 3598 1.27 -48.93 -42.62
N GLU H 3599 1.38 -50.24 -42.84
CA GLU H 3599 2.69 -50.83 -43.09
C GLU H 3599 3.29 -50.30 -44.38
N GLU H 3600 2.47 -50.09 -45.41
CA GLU H 3600 2.97 -49.59 -46.68
C GLU H 3600 3.55 -48.18 -46.53
N LYS H 3601 2.81 -47.29 -45.85
CA LYS H 3601 3.29 -45.94 -45.64
C LYS H 3601 4.53 -45.92 -44.75
N GLU H 3602 4.55 -46.78 -43.73
CA GLU H 3602 5.73 -46.86 -42.87
C GLU H 3602 6.95 -47.33 -43.64
N MET H 3603 6.78 -48.31 -44.53
CA MET H 3603 7.91 -48.78 -45.32
C MET H 3603 8.37 -47.72 -46.30
N GLU H 3604 7.44 -46.95 -46.88
CA GLU H 3604 7.84 -45.84 -47.73
C GLU H 3604 8.65 -44.82 -46.95
N LYS H 3605 8.23 -44.51 -45.72
CA LYS H 3605 8.98 -43.59 -44.89
C LYS H 3605 10.38 -44.11 -44.59
N GLN H 3606 10.49 -45.41 -44.26
CA GLN H 3606 11.80 -45.98 -43.96
C GLN H 3606 12.71 -45.97 -45.18
N LYS H 3607 12.15 -46.28 -46.35
CA LYS H 3607 12.95 -46.24 -47.58
C LYS H 3607 13.46 -44.84 -47.87
N THR H 3608 12.59 -43.83 -47.69
CA THR H 3608 13.04 -42.47 -47.90
C THR H 3608 14.13 -42.08 -46.93
N LEU H 3609 13.99 -42.46 -45.66
CA LEU H 3609 15.01 -42.15 -44.67
C LEU H 3609 16.35 -42.78 -45.03
N TYR H 3610 16.32 -44.05 -45.47
CA TYR H 3610 17.55 -44.73 -45.86
C TYR H 3610 18.20 -44.07 -47.07
N GLN H 3611 17.41 -43.72 -48.08
CA GLN H 3611 17.96 -43.05 -49.26
C GLN H 3611 18.57 -41.71 -48.89
N GLN H 3612 17.94 -40.98 -47.97
CA GLN H 3612 18.50 -39.70 -47.56
C GLN H 3612 19.77 -39.88 -46.74
N ALA H 3613 19.83 -40.92 -45.92
CA ALA H 3613 21.01 -41.17 -45.11
C ALA H 3613 22.19 -41.65 -45.95
N ARG H 3614 21.94 -42.22 -47.12
CA ARG H 3614 23.05 -42.51 -48.02
C ARG H 3614 23.84 -41.25 -48.35
N LEU H 3615 23.17 -40.09 -48.39
CA LEU H 3615 23.78 -38.83 -48.78
C LEU H 3615 24.20 -37.95 -47.61
N HIS H 3616 23.34 -37.81 -46.59
CA HIS H 3616 23.71 -36.90 -45.52
C HIS H 3616 24.74 -37.49 -44.57
N GLU H 3617 25.06 -38.78 -44.71
CA GLU H 3617 26.16 -39.38 -43.98
C GLU H 3617 27.49 -39.21 -44.67
N ARG H 3618 27.50 -38.62 -45.86
CA ARG H 3618 28.72 -38.32 -46.60
C ARG H 3618 28.95 -36.82 -46.74
N GLY H 3619 28.24 -36.03 -45.94
CA GLY H 3619 28.48 -34.60 -45.92
C GLY H 3619 27.76 -33.81 -46.98
N ALA H 3620 26.49 -34.12 -47.25
CA ALA H 3620 25.73 -33.37 -48.24
C ALA H 3620 24.96 -32.21 -47.61
N ALA H 3621 24.59 -32.31 -46.34
CA ALA H 3621 23.93 -31.19 -45.67
C ALA H 3621 24.85 -29.98 -45.58
N GLU H 3622 26.08 -30.20 -45.13
CA GLU H 3622 27.06 -29.13 -45.08
C GLU H 3622 27.35 -28.60 -46.48
N MET H 3623 27.39 -29.47 -47.48
CA MET H 3623 27.63 -29.02 -48.84
C MET H 3623 26.51 -28.11 -49.32
N VAL H 3624 25.26 -28.46 -49.03
CA VAL H 3624 24.14 -27.63 -49.42
C VAL H 3624 24.24 -26.26 -48.76
N LEU H 3625 24.52 -26.24 -47.45
CA LEU H 3625 24.62 -24.97 -46.75
C LEU H 3625 25.76 -24.12 -47.31
N GLN H 3626 26.91 -24.74 -47.57
CA GLN H 3626 28.06 -24.00 -48.08
C GLN H 3626 27.80 -23.46 -49.48
N MET H 3627 27.12 -24.23 -50.32
CA MET H 3627 26.84 -23.75 -51.67
C MET H 3627 25.81 -22.63 -51.67
N ILE H 3628 24.84 -22.67 -50.75
CA ILE H 3628 23.91 -21.55 -50.64
C ILE H 3628 24.63 -20.32 -50.10
N SER H 3629 25.56 -20.51 -49.17
CA SER H 3629 26.35 -19.38 -48.67
C SER H 3629 27.21 -18.79 -49.77
N ALA H 3630 27.79 -19.61 -50.62
CA ALA H 3630 28.73 -19.18 -51.64
C ALA H 3630 28.07 -18.47 -52.81
N SER H 3631 26.75 -18.56 -52.95
CA SER H 3631 26.10 -17.91 -54.08
C SER H 3631 26.12 -16.40 -53.95
N LYS H 3632 26.19 -15.88 -52.72
CA LYS H 3632 26.21 -14.46 -52.40
C LYS H 3632 24.88 -13.78 -52.68
N GLY H 3633 23.85 -14.51 -53.09
CA GLY H 3633 22.56 -13.94 -53.38
C GLY H 3633 22.19 -13.87 -54.84
N GLU H 3634 22.92 -14.53 -55.72
CA GLU H 3634 22.69 -14.48 -57.15
C GLU H 3634 22.14 -15.82 -57.62
N MET H 3635 21.00 -15.79 -58.31
CA MET H 3635 20.41 -17.03 -58.79
C MET H 3635 21.21 -17.58 -59.96
N SER H 3636 21.36 -18.89 -60.00
CA SER H 3636 22.11 -19.59 -61.02
C SER H 3636 21.75 -21.07 -60.97
N PRO H 3637 22.15 -21.86 -61.97
CA PRO H 3637 21.79 -23.29 -61.93
C PRO H 3637 22.31 -24.01 -60.71
N MET H 3638 23.47 -23.60 -60.20
CA MET H 3638 24.01 -24.23 -59.00
C MET H 3638 23.10 -24.00 -57.80
N VAL H 3639 22.56 -22.79 -57.67
CA VAL H 3639 21.65 -22.52 -56.56
C VAL H 3639 20.38 -23.34 -56.68
N VAL H 3640 19.85 -23.46 -57.90
CA VAL H 3640 18.64 -24.26 -58.11
C VAL H 3640 18.87 -25.71 -57.71
N GLU H 3641 19.99 -26.28 -58.18
CA GLU H 3641 20.30 -27.67 -57.85
C GLU H 3641 20.56 -27.83 -56.36
N THR H 3642 21.18 -26.84 -55.73
CA THR H 3642 21.43 -26.91 -54.30
C THR H 3642 20.13 -26.93 -53.51
N LEU H 3643 19.18 -26.08 -53.87
CA LEU H 3643 17.90 -26.07 -53.18
C LEU H 3643 17.14 -27.36 -53.41
N LYS H 3644 17.17 -27.90 -54.63
CA LYS H 3644 16.51 -29.17 -54.88
C LYS H 3644 17.15 -30.30 -54.08
N LEU H 3645 18.48 -30.32 -53.99
CA LEU H 3645 19.15 -31.35 -53.20
C LEU H 3645 18.82 -31.20 -51.71
N GLY H 3646 18.78 -29.98 -51.21
CA GLY H 3646 18.41 -29.77 -49.82
C GLY H 3646 17.00 -30.23 -49.52
N ILE H 3647 16.06 -29.95 -50.43
CA ILE H 3647 14.71 -30.44 -50.28
C ILE H 3647 14.69 -31.96 -50.32
N ALA H 3648 15.50 -32.56 -51.20
CA ALA H 3648 15.52 -34.01 -51.32
C ALA H 3648 16.03 -34.67 -50.05
N ILE H 3649 17.05 -34.10 -49.41
CA ILE H 3649 17.58 -34.69 -48.18
C ILE H 3649 16.87 -34.21 -46.94
N LEU H 3650 15.94 -33.26 -47.04
CA LEU H 3650 15.14 -32.83 -45.91
C LEU H 3650 13.69 -33.29 -45.98
N ASN H 3651 13.27 -33.89 -47.09
CA ASN H 3651 11.86 -34.22 -47.28
C ASN H 3651 11.34 -35.12 -46.18
N GLY H 3652 10.13 -34.83 -45.73
CA GLY H 3652 9.54 -35.51 -44.60
C GLY H 3652 9.98 -34.98 -43.26
N GLY H 3653 10.76 -33.90 -43.23
CA GLY H 3653 11.26 -33.37 -41.99
C GLY H 3653 12.29 -34.29 -41.35
N ASN H 3654 13.45 -34.42 -41.98
CA ASN H 3654 14.49 -35.31 -41.50
C ASN H 3654 15.18 -34.68 -40.29
N ALA H 3655 15.00 -35.28 -39.11
CA ALA H 3655 15.54 -34.68 -37.90
C ALA H 3655 17.06 -34.69 -37.89
N GLY H 3656 17.67 -35.77 -38.38
CA GLY H 3656 19.13 -35.83 -38.41
C GLY H 3656 19.75 -34.76 -39.28
N VAL H 3657 19.18 -34.54 -40.47
CA VAL H 3657 19.71 -33.51 -41.36
C VAL H 3657 19.50 -32.13 -40.77
N GLN H 3658 18.37 -31.89 -40.12
CA GLN H 3658 18.14 -30.60 -39.49
C GLN H 3658 19.14 -30.36 -38.37
N GLN H 3659 19.43 -31.39 -37.57
CA GLN H 3659 20.42 -31.23 -36.51
C GLN H 3659 21.80 -30.95 -37.09
N LYS H 3660 22.17 -31.66 -38.16
CA LYS H 3660 23.46 -31.42 -38.80
C LYS H 3660 23.55 -29.99 -39.32
N MET H 3661 22.50 -29.52 -40.00
CA MET H 3661 22.51 -28.18 -40.56
C MET H 3661 22.58 -27.12 -39.46
N LEU H 3662 21.79 -27.28 -38.39
CA LEU H 3662 21.80 -26.31 -37.32
C LEU H 3662 23.15 -26.28 -36.61
N ASP H 3663 23.74 -27.45 -36.36
CA ASP H 3663 25.05 -27.49 -35.74
C ASP H 3663 26.10 -26.84 -36.62
N TYR H 3664 26.05 -27.09 -37.93
CA TYR H 3664 27.00 -26.44 -38.83
C TYR H 3664 26.83 -24.93 -38.81
N LEU H 3665 25.59 -24.45 -38.83
CA LEU H 3665 25.36 -23.01 -38.89
C LEU H 3665 25.72 -22.32 -37.58
N LYS H 3666 25.56 -23.00 -36.45
CA LYS H 3666 25.86 -22.37 -35.17
C LYS H 3666 27.35 -22.45 -34.85
N GLU H 3667 27.95 -23.62 -35.04
CA GLU H 3667 29.38 -23.77 -34.76
C GLU H 3667 30.22 -22.90 -35.66
N LYS H 3668 29.86 -22.82 -36.94
CA LYS H 3668 30.64 -22.07 -37.91
C LYS H 3668 30.38 -20.57 -37.85
N LYS H 3669 29.34 -20.13 -37.15
CA LYS H 3669 28.97 -18.72 -37.11
C LYS H 3669 28.76 -18.17 -38.52
N ASP H 3670 28.17 -18.99 -39.38
CA ASP H 3670 28.05 -18.68 -40.80
C ASP H 3670 26.96 -17.64 -41.00
N ALA H 3671 27.35 -16.38 -41.17
CA ALA H 3671 26.41 -15.32 -41.47
C ALA H 3671 26.24 -15.08 -42.97
N GLY H 3672 27.03 -15.76 -43.81
CA GLY H 3672 26.83 -15.65 -45.24
C GLY H 3672 25.64 -16.43 -45.73
N PHE H 3673 25.28 -17.51 -45.04
CA PHE H 3673 24.12 -18.29 -45.42
C PHE H 3673 22.87 -17.43 -45.38
N PHE H 3674 22.69 -16.66 -44.31
CA PHE H 3674 21.48 -15.87 -44.16
C PHE H 3674 21.50 -14.62 -45.02
N GLN H 3675 22.66 -14.03 -45.26
CA GLN H 3675 22.75 -12.94 -46.24
C GLN H 3675 22.34 -13.42 -47.62
N SER H 3676 22.82 -14.61 -48.02
CA SER H 3676 22.44 -15.15 -49.32
C SER H 3676 20.96 -15.51 -49.36
N LEU H 3677 20.41 -16.03 -48.27
CA LEU H 3677 18.97 -16.29 -48.22
C LEU H 3677 18.17 -15.01 -48.39
N SER H 3678 18.58 -13.95 -47.70
CA SER H 3678 17.88 -12.67 -47.82
C SER H 3678 17.95 -12.14 -49.24
N GLY H 3679 19.12 -12.22 -49.87
CA GLY H 3679 19.24 -11.78 -51.24
C GLY H 3679 18.38 -12.60 -52.19
N LEU H 3680 18.38 -13.92 -52.01
CA LEU H 3680 17.56 -14.77 -52.87
C LEU H 3680 16.07 -14.46 -52.70
N MET H 3681 15.63 -14.24 -51.47
CA MET H 3681 14.22 -13.88 -51.26
C MET H 3681 13.89 -12.56 -51.91
N GLN H 3682 14.79 -11.58 -51.78
CA GLN H 3682 14.54 -10.27 -52.37
C GLN H 3682 14.59 -10.31 -53.89
N SER H 3683 15.24 -11.29 -54.47
CA SER H 3683 15.30 -11.41 -55.92
C SER H 3683 14.14 -12.20 -56.51
N CYS H 3684 13.26 -12.75 -55.69
CA CYS H 3684 12.16 -13.55 -56.21
C CYS H 3684 11.18 -12.67 -56.98
N SER H 3685 10.64 -13.22 -58.07
CA SER H 3685 9.81 -12.48 -58.99
C SER H 3685 8.33 -12.73 -58.71
N VAL H 3686 7.51 -11.73 -59.03
CA VAL H 3686 6.07 -11.78 -58.83
C VAL H 3686 5.39 -11.50 -60.17
N LEU H 3687 4.07 -11.62 -60.17
CA LEU H 3687 3.28 -11.33 -61.36
C LEU H 3687 3.45 -9.87 -61.76
N ASP H 3688 3.65 -9.62 -63.05
CA ASP H 3688 3.71 -8.26 -63.56
C ASP H 3688 2.79 -8.13 -64.76
N LEU H 3689 1.99 -7.06 -64.78
CA LEU H 3689 0.99 -6.87 -65.81
C LEU H 3689 1.56 -6.30 -67.10
N ASN H 3690 2.70 -5.61 -67.05
CA ASN H 3690 3.27 -5.03 -68.25
C ASN H 3690 3.70 -6.10 -69.24
N ALA H 3691 4.41 -7.12 -68.76
CA ALA H 3691 4.83 -8.21 -69.64
C ALA H 3691 3.63 -8.98 -70.15
N PHE H 3692 2.60 -9.15 -69.32
CA PHE H 3692 1.39 -9.83 -69.76
C PHE H 3692 0.70 -9.06 -70.87
N GLU H 3693 0.61 -7.74 -70.73
CA GLU H 3693 -0.02 -6.93 -71.77
C GLU H 3693 0.80 -6.97 -73.07
N ARG H 3694 2.12 -6.92 -72.95
CA ARG H 3694 2.96 -7.02 -74.15
C ARG H 3694 2.78 -8.37 -74.84
N GLN H 3695 2.69 -9.44 -74.05
CA GLN H 3695 2.45 -10.77 -74.62
C GLN H 3695 1.10 -10.82 -75.31
N ASN H 3696 0.07 -10.25 -74.71
CA ASN H 3696 -1.24 -10.22 -75.34
C ASN H 3696 -1.22 -9.43 -76.64
N LYS H 3697 -0.50 -8.30 -76.65
CA LYS H 3697 -0.40 -7.51 -77.88
C LYS H 3697 0.30 -8.30 -78.98
N ALA H 3698 1.40 -8.96 -78.64
CA ALA H 3698 2.12 -9.77 -79.64
C ALA H 3698 1.24 -10.91 -80.15
N GLU H 3699 0.48 -11.55 -79.26
CA GLU H 3699 -0.42 -12.61 -79.71
C GLU H 3699 -1.51 -12.06 -80.62
N GLY H 3700 -2.06 -10.90 -80.29
CA GLY H 3700 -3.11 -10.32 -81.12
C GLY H 3700 -2.62 -9.94 -82.49
N LEU H 3701 -1.42 -9.36 -82.58
CA LEU H 3701 -0.86 -9.02 -83.87
C LEU H 3701 -0.62 -10.26 -84.73
N GLY H 3702 -0.43 -11.42 -84.10
CA GLY H 3702 -0.26 -12.65 -84.83
C GLY H 3702 0.97 -13.44 -84.42
N MET H 3703 1.92 -12.78 -83.77
CA MET H 3703 3.15 -13.45 -83.38
C MET H 3703 2.88 -14.53 -82.34
N VAL H 3704 3.54 -15.66 -82.51
CA VAL H 3704 3.40 -16.77 -81.57
C VAL H 3704 4.34 -16.54 -80.39
N THR H 3705 3.77 -16.51 -79.19
CA THR H 3705 4.56 -16.24 -77.99
C THR H 3705 5.46 -17.43 -77.67
N GLU H 3706 6.73 -17.14 -77.40
CA GLU H 3706 7.69 -18.17 -77.05
C GLU H 3706 7.60 -18.53 -75.57
N GLU H 3707 8.28 -19.61 -75.19
CA GLU H 3707 8.21 -20.08 -73.82
C GLU H 3707 8.82 -19.07 -72.85
N GLY H 3708 9.94 -18.45 -73.22
CA GLY H 3708 10.51 -17.41 -72.38
C GLY H 3708 9.57 -16.24 -72.20
N THR H 3709 8.89 -15.85 -73.27
CA THR H 3709 7.90 -14.78 -73.18
C THR H 3709 6.78 -15.16 -72.22
N ARG H 3710 6.32 -16.42 -72.28
CA ARG H 3710 5.29 -16.86 -71.34
C ARG H 3710 5.80 -16.81 -69.91
N GLU H 3711 7.05 -17.22 -69.70
CA GLU H 3711 7.62 -17.22 -68.35
C GLU H 3711 7.94 -15.82 -67.85
N LYS H 3712 7.94 -14.81 -68.72
CA LYS H 3712 8.25 -13.46 -68.28
C LYS H 3712 7.25 -12.93 -67.25
N VAL H 3713 5.99 -13.36 -67.34
CA VAL H 3713 4.95 -12.75 -66.52
C VAL H 3713 5.16 -13.10 -65.04
N LEU H 3714 5.38 -14.37 -64.73
CA LEU H 3714 5.72 -14.82 -63.39
C LEU H 3714 7.00 -15.64 -63.53
N GLN H 3715 8.13 -15.01 -63.26
CA GLN H 3715 9.42 -15.55 -63.64
C GLN H 3715 10.06 -16.29 -62.47
N ASN H 3716 10.60 -17.48 -62.76
CA ASN H 3716 11.31 -18.28 -61.76
C ASN H 3716 10.40 -18.63 -60.59
N ASP H 3717 9.23 -19.17 -60.91
CA ASP H 3717 8.32 -19.59 -59.85
C ASP H 3717 8.75 -20.92 -59.23
N GLU H 3718 9.32 -21.82 -60.03
CA GLU H 3718 9.84 -23.06 -59.48
C GLU H 3718 10.93 -22.80 -58.47
N PHE H 3719 11.83 -21.85 -58.76
CA PHE H 3719 12.88 -21.51 -57.81
C PHE H 3719 12.30 -20.91 -56.54
N THR H 3720 11.28 -20.06 -56.67
CA THR H 3720 10.64 -19.48 -55.49
C THR H 3720 10.06 -20.57 -54.60
N ARG H 3721 9.34 -21.50 -55.22
CA ARG H 3721 8.71 -22.57 -54.45
C ARG H 3721 9.76 -23.48 -53.84
N ASP H 3722 10.86 -23.74 -54.54
CA ASP H 3722 11.95 -24.52 -53.97
C ASP H 3722 12.57 -23.82 -52.77
N LEU H 3723 12.82 -22.51 -52.89
CA LEU H 3723 13.41 -21.75 -51.79
C LEU H 3723 12.53 -21.81 -50.56
N PHE H 3724 11.24 -21.56 -50.73
CA PHE H 3724 10.38 -21.52 -49.56
C PHE H 3724 10.03 -22.92 -49.04
N ARG H 3725 10.06 -23.93 -49.90
CA ARG H 3725 9.93 -25.30 -49.43
C ARG H 3725 11.13 -25.71 -48.59
N PHE H 3726 12.33 -25.29 -49.00
CA PHE H 3726 13.53 -25.52 -48.21
C PHE H 3726 13.42 -24.85 -46.85
N LEU H 3727 13.01 -23.58 -46.83
CA LEU H 3727 12.87 -22.87 -45.57
C LEU H 3727 11.81 -23.50 -44.68
N GLN H 3728 10.73 -24.01 -45.29
CA GLN H 3728 9.73 -24.74 -44.53
C GLN H 3728 10.30 -26.01 -43.93
N LEU H 3729 11.01 -26.80 -44.73
CA LEU H 3729 11.56 -28.06 -44.26
C LEU H 3729 12.60 -27.88 -43.19
N LEU H 3730 13.21 -26.70 -43.09
CA LEU H 3730 14.11 -26.44 -41.97
C LEU H 3730 13.35 -26.42 -40.64
N CYS H 3731 12.10 -25.96 -40.63
CA CYS H 3731 11.30 -25.91 -39.42
C CYS H 3731 10.34 -27.09 -39.29
N GLU H 3732 10.34 -28.01 -40.25
CA GLU H 3732 9.35 -29.08 -40.28
C GLU H 3732 9.43 -29.94 -39.03
N GLY H 3733 8.27 -30.41 -38.57
CA GLY H 3733 8.20 -31.18 -37.36
C GLY H 3733 8.25 -30.38 -36.09
N HIS H 3734 8.11 -29.06 -36.18
CA HIS H 3734 8.17 -28.17 -35.01
C HIS H 3734 9.55 -28.20 -34.38
N ASN H 3735 10.56 -27.96 -35.21
CA ASN H 3735 11.94 -27.83 -34.78
C ASN H 3735 12.10 -26.45 -34.15
N SER H 3736 11.99 -26.40 -32.83
CA SER H 3736 12.00 -25.11 -32.15
C SER H 3736 13.34 -24.41 -32.31
N ASP H 3737 14.43 -25.17 -32.32
CA ASP H 3737 15.76 -24.57 -32.46
C ASP H 3737 15.89 -23.84 -33.79
N PHE H 3738 15.43 -24.46 -34.87
CA PHE H 3738 15.52 -23.85 -36.18
C PHE H 3738 14.41 -22.84 -36.41
N GLN H 3739 13.29 -22.97 -35.70
CA GLN H 3739 12.25 -21.94 -35.78
C GLN H 3739 12.74 -20.64 -35.16
N ASN H 3740 13.47 -20.74 -34.04
CA ASN H 3740 14.03 -19.55 -33.41
C ASN H 3740 15.24 -19.02 -34.15
N PHE H 3741 16.12 -19.91 -34.63
CA PHE H 3741 17.35 -19.45 -35.28
C PHE H 3741 17.05 -18.68 -36.56
N LEU H 3742 15.96 -19.00 -37.24
CA LEU H 3742 15.59 -18.28 -38.45
C LEU H 3742 15.11 -16.86 -38.16
N ARG H 3743 14.82 -16.53 -36.92
CA ARG H 3743 14.35 -15.19 -36.57
C ARG H 3743 15.49 -14.31 -36.09
N THR H 3744 16.17 -14.71 -35.01
CA THR H 3744 17.34 -14.01 -34.50
C THR H 3744 18.48 -15.01 -34.41
N GLN H 3745 19.54 -14.77 -35.18
CA GLN H 3745 20.70 -15.65 -35.18
C GLN H 3745 21.63 -15.21 -34.05
N MET H 3746 21.47 -15.83 -32.89
CA MET H 3746 22.29 -15.47 -31.73
C MET H 3746 23.70 -16.00 -31.91
N GLY H 3747 24.68 -15.13 -31.71
CA GLY H 3747 26.07 -15.46 -31.85
C GLY H 3747 26.70 -15.02 -33.16
N ASN H 3748 25.89 -14.73 -34.17
CA ASN H 3748 26.44 -14.27 -35.44
C ASN H 3748 26.71 -12.77 -35.38
N THR H 3749 27.61 -12.32 -36.26
CA THR H 3749 27.91 -10.90 -36.34
C THR H 3749 26.69 -10.09 -36.78
N THR H 3750 25.96 -10.59 -37.76
CA THR H 3750 24.77 -9.91 -38.27
C THR H 3750 23.61 -10.89 -38.31
N THR H 3751 22.42 -10.37 -38.03
CA THR H 3751 21.20 -11.16 -37.94
C THR H 3751 20.26 -10.81 -39.09
N ILE H 3752 19.62 -11.83 -39.65
CA ILE H 3752 18.60 -11.67 -40.68
C ILE H 3752 17.33 -12.34 -40.19
N ASN H 3753 16.21 -11.65 -40.33
CA ASN H 3753 14.91 -12.15 -39.90
C ASN H 3753 14.20 -12.74 -41.11
N VAL H 3754 14.02 -14.06 -41.10
CA VAL H 3754 13.45 -14.73 -42.28
C VAL H 3754 11.92 -14.70 -42.24
N ILE H 3755 11.32 -14.63 -41.07
CA ILE H 3755 9.87 -14.52 -40.96
C ILE H 3755 9.41 -13.25 -41.67
N ILE H 3756 10.07 -12.13 -41.38
CA ILE H 3756 9.68 -10.86 -41.96
C ILE H 3756 9.96 -10.85 -43.45
N SER H 3757 11.04 -11.50 -43.88
CA SER H 3757 11.33 -11.57 -45.31
C SER H 3757 10.25 -12.34 -46.07
N THR H 3758 9.79 -13.45 -45.51
CA THR H 3758 8.69 -14.17 -46.13
C THR H 3758 7.42 -13.32 -46.15
N VAL H 3759 7.15 -12.59 -45.06
CA VAL H 3759 5.97 -11.73 -45.04
C VAL H 3759 6.07 -10.64 -46.10
N ASP H 3760 7.25 -10.07 -46.29
CA ASP H 3760 7.43 -9.02 -47.30
C ASP H 3760 7.19 -9.57 -48.70
N TYR H 3761 7.75 -10.74 -49.00
CA TYR H 3761 7.49 -11.33 -50.31
C TYR H 3761 6.01 -11.64 -50.47
N LEU H 3762 5.36 -12.07 -49.39
CA LEU H 3762 3.93 -12.34 -49.47
C LEU H 3762 3.15 -11.07 -49.81
N LEU H 3763 3.53 -9.95 -49.21
CA LEU H 3763 2.85 -8.69 -49.52
C LEU H 3763 3.05 -8.29 -50.97
N ARG H 3764 4.28 -8.43 -51.48
CA ARG H 3764 4.54 -8.11 -52.88
C ARG H 3764 3.70 -8.97 -53.81
N LEU H 3765 3.68 -10.28 -53.55
CA LEU H 3765 2.89 -11.19 -54.37
C LEU H 3765 1.41 -10.88 -54.27
N GLN H 3766 0.94 -10.53 -53.07
CA GLN H 3766 -0.47 -10.20 -52.90
C GLN H 3766 -0.85 -8.96 -53.72
N GLU H 3767 0.02 -7.95 -53.71
CA GLU H 3767 -0.26 -6.76 -54.50
C GLU H 3767 -0.31 -7.08 -55.99
N SER H 3768 0.62 -7.92 -56.47
CA SER H 3768 0.59 -8.29 -57.87
C SER H 3768 -0.70 -9.05 -58.21
N ILE H 3769 -1.12 -9.94 -57.33
CA ILE H 3769 -2.35 -10.71 -57.56
C ILE H 3769 -3.57 -9.81 -57.57
N SER H 3770 -3.60 -8.82 -56.68
CA SER H 3770 -4.71 -7.86 -56.68
C SER H 3770 -4.73 -7.06 -57.97
N ASP H 3771 -3.56 -6.68 -58.47
CA ASP H 3771 -3.51 -5.98 -59.76
C ASP H 3771 -4.07 -6.86 -60.88
N PHE H 3772 -3.70 -8.13 -60.89
CA PHE H 3772 -4.24 -9.05 -61.90
C PHE H 3772 -5.75 -9.16 -61.78
N TYR H 3773 -6.27 -9.24 -60.56
CA TYR H 3773 -7.71 -9.32 -60.37
C TYR H 3773 -8.40 -8.05 -60.85
N TRP H 3774 -7.82 -6.89 -60.57
CA TRP H 3774 -8.38 -5.64 -61.08
C TRP H 3774 -8.38 -5.62 -62.59
N TYR H 3775 -7.33 -6.18 -63.20
CA TYR H 3775 -7.29 -6.28 -64.65
C TYR H 3775 -8.46 -7.11 -65.18
N TYR H 3776 -8.72 -8.25 -64.56
CA TYR H 3776 -9.75 -9.16 -65.07
C TYR H 3776 -11.14 -8.90 -64.49
N SER H 3777 -11.30 -7.89 -63.63
CA SER H 3777 -12.61 -7.63 -63.05
C SER H 3777 -13.59 -7.16 -64.11
N GLY H 3778 -13.15 -6.27 -65.00
CA GLY H 3778 -14.05 -5.77 -66.03
C GLY H 3778 -14.46 -6.84 -67.03
N LYS H 3779 -13.54 -7.73 -67.37
CA LYS H 3779 -13.77 -8.71 -68.41
C LYS H 3779 -14.74 -9.80 -67.95
N ASP H 3780 -15.29 -10.53 -68.91
CA ASP H 3780 -16.32 -11.52 -68.62
C ASP H 3780 -15.71 -12.85 -68.19
N ILE H 3781 -14.79 -13.39 -68.99
CA ILE H 3781 -14.14 -14.66 -68.70
C ILE H 3781 -12.63 -14.48 -68.82
N ILE H 3782 -11.91 -15.39 -68.18
CA ILE H 3782 -10.45 -15.35 -68.13
C ILE H 3782 -9.90 -16.28 -69.20
N ASP H 3783 -9.03 -15.76 -70.05
CA ASP H 3783 -8.46 -16.56 -71.13
C ASP H 3783 -7.48 -17.58 -70.56
N GLU H 3784 -6.89 -18.37 -71.46
CA GLU H 3784 -6.00 -19.44 -71.03
C GLU H 3784 -4.74 -18.89 -70.37
N SER H 3785 -4.14 -17.85 -70.95
CA SER H 3785 -2.93 -17.29 -70.38
C SER H 3785 -3.17 -16.72 -68.99
N GLY H 3786 -4.29 -16.04 -68.81
CA GLY H 3786 -4.63 -15.52 -67.50
C GLY H 3786 -4.80 -16.61 -66.47
N GLN H 3787 -5.47 -17.70 -66.84
CA GLN H 3787 -5.63 -18.82 -65.93
C GLN H 3787 -4.30 -19.46 -65.59
N HIS H 3788 -3.43 -19.59 -66.59
CA HIS H 3788 -2.10 -20.16 -66.35
C HIS H 3788 -1.33 -19.34 -65.33
N ASN H 3789 -1.29 -18.02 -65.53
CA ASN H 3789 -0.54 -17.16 -64.61
C ASN H 3789 -1.19 -17.12 -63.24
N PHE H 3790 -2.52 -17.11 -63.18
CA PHE H 3790 -3.21 -17.18 -61.89
C PHE H 3790 -2.86 -18.46 -61.16
N SER H 3791 -2.83 -19.59 -61.87
CA SER H 3791 -2.51 -20.85 -61.23
C SER H 3791 -1.09 -20.84 -60.68
N LYS H 3792 -0.13 -20.31 -61.44
CA LYS H 3792 1.23 -20.24 -60.94
C LYS H 3792 1.33 -19.34 -59.71
N ALA H 3793 0.67 -18.19 -59.74
CA ALA H 3793 0.70 -17.30 -58.58
C ALA H 3793 0.05 -17.95 -57.37
N LEU H 3794 -1.05 -18.68 -57.57
CA LEU H 3794 -1.70 -19.37 -56.47
C LEU H 3794 -0.81 -20.46 -55.89
N ALA H 3795 -0.07 -21.17 -56.74
CA ALA H 3795 0.88 -22.17 -56.25
C ALA H 3795 1.95 -21.53 -55.38
N VAL H 3796 2.51 -20.41 -55.83
CA VAL H 3796 3.54 -19.73 -55.04
C VAL H 3796 2.96 -19.24 -53.72
N THR H 3797 1.75 -18.69 -53.74
CA THR H 3797 1.13 -18.19 -52.53
C THR H 3797 0.84 -19.32 -51.54
N LYS H 3798 0.39 -20.46 -52.04
CA LYS H 3798 0.15 -21.60 -51.19
C LYS H 3798 1.44 -22.07 -50.52
N GLN H 3799 2.55 -22.07 -51.28
CA GLN H 3799 3.82 -22.44 -50.68
C GLN H 3799 4.24 -21.46 -49.59
N ILE H 3800 4.03 -20.16 -49.82
CA ILE H 3800 4.43 -19.18 -48.83
C ILE H 3800 3.59 -19.30 -47.56
N PHE H 3801 2.29 -19.56 -47.73
CA PHE H 3801 1.43 -19.78 -46.56
C PHE H 3801 1.88 -21.01 -45.78
N ASN H 3802 2.26 -22.08 -46.48
CA ASN H 3802 2.77 -23.26 -45.79
C ASN H 3802 4.06 -22.95 -45.04
N SER H 3803 4.92 -22.13 -45.64
CA SER H 3803 6.15 -21.76 -44.95
C SER H 3803 5.86 -20.98 -43.68
N LEU H 3804 4.97 -20.00 -43.74
CA LEU H 3804 4.64 -19.23 -42.55
C LEU H 3804 4.00 -20.11 -41.48
N THR H 3805 3.09 -20.98 -41.89
CA THR H 3805 2.46 -21.90 -40.95
C THR H 3805 3.49 -22.79 -40.28
N GLU H 3806 4.50 -23.23 -41.03
CA GLU H 3806 5.58 -24.01 -40.43
C GLU H 3806 6.38 -23.16 -39.44
N TYR H 3807 6.62 -21.89 -39.79
CA TYR H 3807 7.38 -21.03 -38.89
C TYR H 3807 6.69 -20.89 -37.54
N ILE H 3808 5.38 -20.70 -37.53
CA ILE H 3808 4.71 -20.32 -36.28
C ILE H 3808 4.16 -21.50 -35.48
N GLN H 3809 3.98 -22.66 -36.10
CA GLN H 3809 3.36 -23.78 -35.40
C GLN H 3809 4.26 -24.30 -34.28
N GLY H 3810 3.64 -25.01 -33.35
CA GLY H 3810 4.37 -25.66 -32.29
C GLY H 3810 3.82 -25.46 -30.89
N PRO H 3811 3.42 -24.24 -30.53
CA PRO H 3811 3.61 -22.94 -31.19
C PRO H 3811 4.96 -22.34 -30.91
N CYS H 3812 5.46 -21.47 -31.78
CA CYS H 3812 6.65 -20.68 -31.51
C CYS H 3812 6.19 -19.28 -31.15
N ILE H 3813 6.33 -18.92 -29.87
CA ILE H 3813 5.81 -17.65 -29.39
C ILE H 3813 6.51 -16.49 -30.07
N GLY H 3814 7.83 -16.58 -30.24
CA GLY H 3814 8.56 -15.49 -30.87
C GLY H 3814 8.11 -15.23 -32.29
N ASN H 3815 7.92 -16.29 -33.07
CA ASN H 3815 7.49 -16.13 -34.45
C ASN H 3815 6.04 -15.67 -34.53
N GLN H 3816 5.20 -16.15 -33.62
CA GLN H 3816 3.81 -15.67 -33.58
C GLN H 3816 3.77 -14.17 -33.31
N GLN H 3817 4.51 -13.71 -32.31
CA GLN H 3817 4.54 -12.29 -32.02
C GLN H 3817 5.15 -11.50 -33.17
N SER H 3818 6.16 -12.07 -33.83
CA SER H 3818 6.77 -11.40 -34.96
C SER H 3818 5.77 -11.21 -36.10
N LEU H 3819 5.00 -12.25 -36.41
CA LEU H 3819 4.00 -12.14 -37.47
C LEU H 3819 2.86 -11.21 -37.07
N ALA H 3820 2.46 -11.23 -35.80
CA ALA H 3820 1.34 -10.40 -35.36
C ALA H 3820 1.66 -8.92 -35.50
N HIS H 3821 2.93 -8.54 -35.39
CA HIS H 3821 3.34 -7.15 -35.48
C HIS H 3821 3.79 -6.75 -36.88
N SER H 3822 3.73 -7.66 -37.85
CA SER H 3822 4.16 -7.37 -39.21
C SER H 3822 2.99 -6.89 -40.04
N ARG H 3823 3.18 -6.84 -41.36
CA ARG H 3823 2.13 -6.46 -42.30
C ARG H 3823 1.37 -7.66 -42.85
N LEU H 3824 1.30 -8.75 -42.09
CA LEU H 3824 0.57 -9.92 -42.56
C LEU H 3824 -0.91 -9.65 -42.71
N TRP H 3825 -1.47 -8.78 -41.86
CA TRP H 3825 -2.91 -8.56 -41.89
C TRP H 3825 -3.35 -7.82 -43.15
N ASP H 3826 -2.48 -6.96 -43.71
CA ASP H 3826 -2.79 -6.36 -44.99
C ASP H 3826 -2.89 -7.41 -46.09
N ALA H 3827 -1.96 -8.37 -46.08
CA ALA H 3827 -2.04 -9.46 -47.04
C ALA H 3827 -3.30 -10.28 -46.84
N VAL H 3828 -3.69 -10.51 -45.59
CA VAL H 3828 -4.92 -11.24 -45.31
C VAL H 3828 -6.12 -10.49 -45.86
N VAL H 3829 -6.17 -9.17 -45.66
CA VAL H 3829 -7.30 -8.38 -46.16
C VAL H 3829 -7.37 -8.43 -47.69
N GLY H 3830 -6.24 -8.24 -48.35
CA GLY H 3830 -6.24 -8.27 -49.80
C GLY H 3830 -6.61 -9.63 -50.35
N PHE H 3831 -6.11 -10.69 -49.73
CA PHE H 3831 -6.46 -12.03 -50.18
C PHE H 3831 -7.92 -12.34 -49.93
N LEU H 3832 -8.49 -11.85 -48.83
CA LEU H 3832 -9.92 -12.01 -48.64
C LEU H 3832 -10.70 -11.32 -49.74
N HIS H 3833 -10.26 -10.12 -50.13
CA HIS H 3833 -10.90 -9.43 -51.26
C HIS H 3833 -10.85 -10.27 -52.52
N VAL H 3834 -9.67 -10.79 -52.86
CA VAL H 3834 -9.53 -11.55 -54.10
C VAL H 3834 -10.35 -12.84 -54.07
N PHE H 3835 -10.28 -13.58 -52.95
CA PHE H 3835 -11.08 -14.79 -52.80
C PHE H 3835 -12.56 -14.50 -52.97
N ALA H 3836 -13.06 -13.51 -52.22
CA ALA H 3836 -14.49 -13.23 -52.21
C ALA H 3836 -14.98 -12.80 -53.59
N ASN H 3837 -14.20 -11.97 -54.28
CA ASN H 3837 -14.64 -11.46 -55.57
C ASN H 3837 -14.33 -12.39 -56.73
N MET H 3838 -13.48 -13.40 -56.56
CA MET H 3838 -13.18 -14.32 -57.65
C MET H 3838 -13.89 -15.67 -57.54
N GLN H 3839 -14.24 -16.12 -56.35
CA GLN H 3839 -14.95 -17.40 -56.28
C GLN H 3839 -16.42 -17.24 -56.64
N MET H 3840 -16.94 -16.02 -56.67
CA MET H 3840 -18.25 -15.73 -57.22
C MET H 3840 -18.17 -15.26 -58.67
N LYS H 3841 -16.98 -15.26 -59.25
CA LYS H 3841 -16.77 -14.94 -60.66
C LYS H 3841 -16.29 -16.12 -61.47
N LEU H 3842 -15.49 -17.01 -60.87
CA LEU H 3842 -15.08 -18.24 -61.53
C LEU H 3842 -16.16 -19.30 -61.51
N SER H 3843 -17.12 -19.20 -60.59
CA SER H 3843 -18.19 -20.18 -60.50
C SER H 3843 -19.26 -19.97 -61.57
N GLN H 3844 -19.32 -18.80 -62.18
CA GLN H 3844 -20.31 -18.55 -63.22
C GLN H 3844 -19.89 -19.09 -64.58
N ASP H 3845 -18.62 -19.44 -64.76
CA ASP H 3845 -18.14 -20.03 -66.01
C ASP H 3845 -17.80 -21.50 -65.77
N SER H 3846 -18.30 -22.36 -66.65
CA SER H 3846 -18.10 -23.79 -66.49
C SER H 3846 -16.72 -24.25 -66.93
N SER H 3847 -15.91 -23.37 -67.53
CA SER H 3847 -14.57 -23.71 -67.96
C SER H 3847 -13.51 -23.26 -66.97
N GLN H 3848 -13.91 -22.85 -65.78
CA GLN H 3848 -12.99 -22.37 -64.75
C GLN H 3848 -13.17 -23.16 -63.46
N ILE H 3849 -13.41 -24.46 -63.58
CA ILE H 3849 -13.57 -25.28 -62.39
C ILE H 3849 -12.24 -25.45 -61.67
N GLU H 3850 -11.18 -25.74 -62.42
CA GLU H 3850 -9.89 -26.01 -61.79
C GLU H 3850 -9.32 -24.76 -61.12
N LEU H 3851 -9.50 -23.60 -61.74
CA LEU H 3851 -9.05 -22.36 -61.11
C LEU H 3851 -9.81 -22.12 -59.81
N LEU H 3852 -11.12 -22.41 -59.79
CA LEU H 3852 -11.89 -22.27 -58.57
C LEU H 3852 -11.40 -23.22 -57.50
N LYS H 3853 -11.08 -24.46 -57.86
CA LYS H 3853 -10.57 -25.42 -56.89
C LYS H 3853 -9.24 -24.93 -56.29
N GLU H 3854 -8.35 -24.42 -57.14
CA GLU H 3854 -7.08 -23.90 -56.63
C GLU H 3854 -7.29 -22.72 -55.71
N LEU H 3855 -8.22 -21.82 -56.06
CA LEU H 3855 -8.51 -20.68 -55.21
C LEU H 3855 -9.05 -21.12 -53.85
N LEU H 3856 -9.94 -22.12 -53.86
CA LEU H 3856 -10.47 -22.64 -52.60
C LEU H 3856 -9.39 -23.30 -51.75
N ASP H 3857 -8.49 -24.05 -52.38
CA ASP H 3857 -7.39 -24.65 -51.63
C ASP H 3857 -6.48 -23.59 -51.01
N LEU H 3858 -6.19 -22.52 -51.76
CA LEU H 3858 -5.39 -21.44 -51.20
C LEU H 3858 -6.10 -20.79 -50.03
N LEU H 3859 -7.42 -20.62 -50.12
CA LEU H 3859 -8.16 -20.08 -48.99
C LEU H 3859 -8.04 -20.98 -47.77
N GLN H 3860 -8.10 -22.30 -47.99
CA GLN H 3860 -7.94 -23.24 -46.89
C GLN H 3860 -6.58 -23.11 -46.24
N ASP H 3861 -5.53 -22.94 -47.06
CA ASP H 3861 -4.18 -22.75 -46.52
C ASP H 3861 -4.07 -21.47 -45.70
N MET H 3862 -4.68 -20.38 -46.18
CA MET H 3862 -4.67 -19.14 -45.42
C MET H 3862 -5.37 -19.30 -44.09
N VAL H 3863 -6.52 -19.98 -44.09
CA VAL H 3863 -7.25 -20.18 -42.85
C VAL H 3863 -6.48 -21.05 -41.88
N VAL H 3864 -5.75 -22.04 -42.40
CA VAL H 3864 -4.91 -22.87 -41.54
C VAL H 3864 -3.80 -22.05 -40.92
N MET H 3865 -3.23 -21.12 -41.69
CA MET H 3865 -2.22 -20.23 -41.12
C MET H 3865 -2.80 -19.37 -40.00
N LEU H 3866 -4.02 -18.86 -40.21
CA LEU H 3866 -4.66 -18.07 -39.15
C LEU H 3866 -4.90 -18.92 -37.90
N LEU H 3867 -5.36 -20.15 -38.08
CA LEU H 3867 -5.56 -21.04 -36.95
C LEU H 3867 -4.26 -21.30 -36.21
N SER H 3868 -3.16 -21.42 -36.96
CA SER H 3868 -1.85 -21.58 -36.33
C SER H 3868 -1.46 -20.34 -35.52
N LEU H 3869 -1.78 -19.16 -36.04
CA LEU H 3869 -1.56 -17.94 -35.28
C LEU H 3869 -2.37 -17.92 -33.99
N LEU H 3870 -3.53 -18.59 -33.98
CA LEU H 3870 -4.37 -18.60 -32.80
C LEU H 3870 -3.96 -19.66 -31.77
N GLU H 3871 -2.93 -20.46 -32.03
CA GLU H 3871 -2.50 -21.48 -31.08
C GLU H 3871 -1.95 -20.84 -29.81
N GLY H 3872 -2.24 -21.46 -28.67
CA GLY H 3872 -1.77 -20.92 -27.40
C GLY H 3872 -2.36 -19.56 -27.09
N ASN H 3873 -3.62 -19.36 -27.43
CA ASN H 3873 -4.28 -18.07 -27.30
C ASN H 3873 -5.27 -18.14 -26.15
N VAL H 3874 -5.02 -17.36 -25.10
CA VAL H 3874 -5.90 -17.30 -23.94
C VAL H 3874 -7.16 -16.54 -24.32
N VAL H 3875 -8.19 -16.61 -23.48
CA VAL H 3875 -9.40 -15.83 -23.72
C VAL H 3875 -9.04 -14.35 -23.67
N ASN H 3876 -9.53 -13.60 -24.66
CA ASN H 3876 -9.25 -12.17 -24.78
C ASN H 3876 -7.77 -11.90 -25.03
N GLY H 3877 -7.13 -12.78 -25.80
CA GLY H 3877 -5.74 -12.57 -26.14
C GLY H 3877 -5.55 -11.48 -27.17
N THR H 3878 -4.30 -11.05 -27.32
CA THR H 3878 -4.01 -9.95 -28.23
C THR H 3878 -4.15 -10.36 -29.69
N ILE H 3879 -3.62 -11.53 -30.05
CA ILE H 3879 -3.69 -11.95 -31.45
C ILE H 3879 -5.12 -12.24 -31.85
N GLY H 3880 -5.94 -12.76 -30.93
CA GLY H 3880 -7.35 -12.89 -31.21
C GLY H 3880 -8.02 -11.56 -31.50
N LYS H 3881 -7.68 -10.54 -30.71
CA LYS H 3881 -8.23 -9.20 -30.95
C LYS H 3881 -7.80 -8.67 -32.30
N GLN H 3882 -6.53 -8.87 -32.66
CA GLN H 3882 -6.05 -8.42 -33.96
C GLN H 3882 -6.77 -9.14 -35.10
N MET H 3883 -7.02 -10.44 -34.94
CA MET H 3883 -7.70 -11.18 -35.99
C MET H 3883 -9.15 -10.76 -36.10
N VAL H 3884 -9.81 -10.48 -34.98
CA VAL H 3884 -11.17 -9.97 -35.04
C VAL H 3884 -11.21 -8.61 -35.72
N ASP H 3885 -10.24 -7.74 -35.41
CA ASP H 3885 -10.17 -6.45 -36.08
C ASP H 3885 -9.97 -6.60 -37.58
N THR H 3886 -9.08 -7.52 -37.98
CA THR H 3886 -8.84 -7.74 -39.40
C THR H 3886 -10.07 -8.28 -40.11
N LEU H 3887 -10.79 -9.20 -39.47
CA LEU H 3887 -12.00 -9.74 -40.09
C LEU H 3887 -13.13 -8.73 -40.11
N VAL H 3888 -13.17 -7.83 -39.13
CA VAL H 3888 -14.16 -6.75 -39.14
C VAL H 3888 -13.84 -5.74 -40.24
N GLU H 3889 -12.56 -5.49 -40.48
CA GLU H 3889 -12.17 -4.54 -41.52
C GLU H 3889 -12.61 -5.01 -42.89
N SER H 3890 -12.52 -6.31 -43.16
CA SER H 3890 -12.94 -6.89 -44.42
C SER H 3890 -14.26 -7.64 -44.30
N SER H 3891 -15.20 -7.10 -43.51
CA SER H 3891 -16.43 -7.81 -43.22
C SER H 3891 -17.27 -8.06 -44.46
N THR H 3892 -17.21 -7.16 -45.44
CA THR H 3892 -17.98 -7.38 -46.66
C THR H 3892 -17.50 -8.63 -47.40
N ASN H 3893 -16.19 -8.79 -47.54
CA ASN H 3893 -15.66 -9.94 -48.24
C ASN H 3893 -15.86 -11.22 -47.44
N VAL H 3894 -15.75 -11.14 -46.12
CA VAL H 3894 -16.03 -12.31 -45.28
C VAL H 3894 -17.48 -12.73 -45.44
N GLU H 3895 -18.39 -11.77 -45.47
CA GLU H 3895 -19.81 -12.09 -45.65
C GLU H 3895 -20.06 -12.68 -47.03
N MET H 3896 -19.36 -12.19 -48.05
CA MET H 3896 -19.51 -12.77 -49.37
C MET H 3896 -19.03 -14.21 -49.41
N ILE H 3897 -17.91 -14.49 -48.72
CA ILE H 3897 -17.39 -15.86 -48.66
C ILE H 3897 -18.38 -16.78 -47.95
N LEU H 3898 -18.88 -16.33 -46.80
CA LEU H 3898 -19.86 -17.13 -46.07
C LEU H 3898 -21.14 -17.30 -46.87
N LYS H 3899 -21.51 -16.30 -47.66
CA LYS H 3899 -22.69 -16.42 -48.51
C LYS H 3899 -22.49 -17.49 -49.57
N PHE H 3900 -21.32 -17.50 -50.20
CA PHE H 3900 -20.99 -18.56 -51.15
C PHE H 3900 -21.12 -19.94 -50.51
N PHE H 3901 -20.49 -20.12 -49.35
CA PHE H 3901 -20.50 -21.43 -48.70
C PHE H 3901 -21.91 -21.83 -48.30
N ASP H 3902 -22.67 -20.91 -47.73
CA ASP H 3902 -24.03 -21.22 -47.29
C ASP H 3902 -24.92 -21.59 -48.48
N MET H 3903 -24.82 -20.82 -49.56
CA MET H 3903 -25.60 -21.08 -50.76
C MET H 3903 -25.30 -22.44 -51.34
N PHE H 3904 -24.04 -22.86 -51.32
CA PHE H 3904 -23.71 -24.17 -51.88
C PHE H 3904 -23.74 -25.29 -50.86
N LEU H 3905 -24.01 -24.99 -49.59
CA LEU H 3905 -24.23 -26.03 -48.59
C LEU H 3905 -25.70 -26.36 -48.41
N LYS H 3906 -26.59 -25.38 -48.64
CA LYS H 3906 -28.02 -25.69 -48.64
C LYS H 3906 -28.45 -26.49 -49.86
N LEU H 3907 -27.61 -26.53 -50.90
CA LEU H 3907 -28.02 -27.12 -52.17
C LEU H 3907 -28.26 -28.61 -52.04
N LYS H 3908 -27.40 -29.32 -51.32
CA LYS H 3908 -27.58 -30.76 -51.17
C LYS H 3908 -28.90 -31.06 -50.46
N ASP H 3909 -29.21 -30.31 -49.42
CA ASP H 3909 -30.46 -30.51 -48.70
C ASP H 3909 -31.66 -30.22 -49.60
N LEU H 3910 -31.58 -29.15 -50.40
CA LEU H 3910 -32.76 -28.75 -51.15
C LEU H 3910 -33.00 -29.66 -52.36
N THR H 3911 -31.93 -30.10 -53.02
CA THR H 3911 -32.13 -30.98 -54.19
C THR H 3911 -32.57 -32.37 -53.78
N SER H 3912 -32.26 -32.80 -52.57
CA SER H 3912 -32.65 -34.12 -52.09
C SER H 3912 -34.01 -34.13 -51.42
N SER H 3913 -34.67 -32.99 -51.32
CA SER H 3913 -35.98 -32.93 -50.69
C SER H 3913 -37.01 -33.68 -51.53
N ASP H 3914 -38.02 -34.22 -50.84
CA ASP H 3914 -39.09 -34.93 -51.54
C ASP H 3914 -39.84 -34.01 -52.50
N THR H 3915 -39.88 -32.71 -52.18
CA THR H 3915 -40.48 -31.76 -53.10
C THR H 3915 -39.75 -31.76 -54.43
N PHE H 3916 -38.42 -31.78 -54.39
CA PHE H 3916 -37.64 -31.82 -55.61
C PHE H 3916 -37.89 -33.10 -56.40
N LYS H 3917 -37.99 -34.23 -55.70
CA LYS H 3917 -38.33 -35.48 -56.37
C LYS H 3917 -39.68 -35.39 -57.05
N GLU H 3918 -40.63 -34.68 -56.43
CA GLU H 3918 -41.90 -34.40 -57.09
C GLU H 3918 -41.69 -33.56 -58.34
N TYR H 3919 -40.82 -32.55 -58.26
CA TYR H 3919 -40.54 -31.70 -59.41
C TYR H 3919 -39.80 -32.42 -60.52
N ASP H 3920 -39.20 -33.58 -60.23
CA ASP H 3920 -38.54 -34.40 -61.23
C ASP H 3920 -39.02 -35.85 -61.06
N PRO H 3921 -40.24 -36.15 -61.48
CA PRO H 3921 -40.77 -37.51 -61.25
C PRO H 3921 -39.95 -38.61 -61.87
N ASP H 3922 -39.34 -38.36 -63.03
CA ASP H 3922 -38.54 -39.38 -63.69
C ASP H 3922 -37.33 -39.76 -62.83
N GLY H 3923 -36.69 -38.77 -62.21
CA GLY H 3923 -35.48 -39.03 -61.46
C GLY H 3923 -34.31 -39.45 -62.32
N LYS H 3924 -34.15 -38.82 -63.48
CA LYS H 3924 -33.05 -39.13 -64.39
C LYS H 3924 -31.82 -38.26 -64.16
N GLY H 3925 -31.85 -37.38 -63.15
CA GLY H 3925 -30.75 -36.47 -62.93
C GLY H 3925 -30.71 -35.29 -63.86
N ILE H 3926 -31.84 -34.93 -64.47
CA ILE H 3926 -31.91 -33.81 -65.40
C ILE H 3926 -33.18 -33.03 -65.10
N ILE H 3927 -33.09 -31.70 -65.22
CA ILE H 3927 -34.23 -30.83 -64.97
C ILE H 3927 -34.02 -29.53 -65.74
N SER H 3928 -35.13 -28.93 -66.17
CA SER H 3928 -35.09 -27.66 -66.86
C SER H 3928 -34.73 -26.53 -65.90
N LYS H 3929 -34.26 -25.42 -66.47
CA LYS H 3929 -33.92 -24.27 -65.64
C LYS H 3929 -35.17 -23.68 -64.99
N LYS H 3930 -36.27 -23.60 -65.74
CA LYS H 3930 -37.49 -23.05 -65.18
C LYS H 3930 -38.02 -23.91 -64.05
N GLU H 3931 -37.98 -25.23 -64.20
CA GLU H 3931 -38.46 -26.11 -63.14
C GLU H 3931 -37.52 -26.10 -61.94
N PHE H 3932 -36.21 -26.00 -62.18
CA PHE H 3932 -35.28 -25.86 -61.07
C PHE H 3932 -35.53 -24.56 -60.30
N GLN H 3933 -35.77 -23.47 -61.02
CA GLN H 3933 -36.09 -22.20 -60.37
C GLN H 3933 -37.37 -22.32 -59.57
N LYS H 3934 -38.38 -22.99 -60.13
CA LYS H 3934 -39.64 -23.18 -59.42
C LYS H 3934 -39.44 -24.00 -58.15
N ALA H 3935 -38.60 -25.04 -58.22
CA ALA H 3935 -38.30 -25.83 -57.04
C ALA H 3935 -37.61 -24.99 -55.97
N MET H 3936 -36.62 -24.19 -56.37
CA MET H 3936 -35.94 -23.34 -55.40
C MET H 3936 -36.90 -22.34 -54.77
N GLU H 3937 -37.81 -21.78 -55.57
CA GLU H 3937 -38.80 -20.87 -55.03
C GLU H 3937 -39.75 -21.57 -54.07
N GLY H 3938 -40.16 -22.79 -54.41
CA GLY H 3938 -41.05 -23.55 -53.54
C GLY H 3938 -40.41 -23.92 -52.22
N GLN H 3939 -39.09 -24.17 -52.22
CA GLN H 3939 -38.42 -24.49 -50.96
C GLN H 3939 -38.50 -23.33 -49.98
N LYS H 3940 -38.39 -22.10 -50.48
CA LYS H 3940 -38.52 -20.88 -49.68
C LYS H 3940 -37.33 -20.67 -48.75
N GLN H 3941 -36.15 -21.16 -49.14
CA GLN H 3941 -34.92 -20.94 -48.40
C GLN H 3941 -33.92 -20.06 -49.14
N TYR H 3942 -33.98 -20.03 -50.46
CA TYR H 3942 -33.12 -19.18 -51.28
C TYR H 3942 -33.85 -17.90 -51.63
N THR H 3943 -33.15 -16.78 -51.55
CA THR H 3943 -33.69 -15.52 -52.01
C THR H 3943 -33.64 -15.47 -53.54
N GLN H 3944 -33.99 -14.31 -54.11
CA GLN H 3944 -33.98 -14.18 -55.56
C GLN H 3944 -32.56 -14.05 -56.10
N SER H 3945 -31.71 -13.32 -55.40
CA SER H 3945 -30.31 -13.18 -55.83
C SER H 3945 -29.62 -14.54 -55.82
N GLU H 3946 -29.84 -15.33 -54.76
CA GLU H 3946 -29.23 -16.65 -54.69
C GLU H 3946 -29.71 -17.54 -55.82
N ILE H 3947 -31.02 -17.48 -56.13
CA ILE H 3947 -31.56 -18.31 -57.20
C ILE H 3947 -30.98 -17.90 -58.55
N ASP H 3948 -30.89 -16.59 -58.80
CA ASP H 3948 -30.29 -16.12 -60.05
C ASP H 3948 -28.84 -16.56 -60.16
N PHE H 3949 -28.10 -16.46 -59.05
CA PHE H 3949 -26.70 -16.89 -59.07
C PHE H 3949 -26.58 -18.38 -59.37
N LEU H 3950 -27.42 -19.20 -58.72
CA LEU H 3950 -27.36 -20.63 -58.95
C LEU H 3950 -27.70 -20.97 -60.39
N LEU H 3951 -28.70 -20.29 -60.96
CA LEU H 3951 -29.04 -20.52 -62.36
C LEU H 3951 -27.88 -20.13 -63.28
N SER H 3952 -27.23 -19.01 -62.98
CA SER H 3952 -26.09 -18.60 -63.79
C SER H 3952 -24.96 -19.61 -63.72
N CYS H 3953 -24.76 -20.21 -62.54
CA CYS H 3953 -23.73 -21.24 -62.41
C CYS H 3953 -24.05 -22.47 -63.25
N ALA H 3954 -25.32 -22.89 -63.25
CA ALA H 3954 -25.71 -24.13 -63.90
C ALA H 3954 -25.46 -24.05 -65.40
N GLU H 3955 -24.85 -25.12 -65.94
CA GLU H 3955 -24.50 -25.19 -67.36
C GLU H 3955 -25.64 -25.93 -68.06
N ALA H 3956 -26.60 -25.18 -68.56
CA ALA H 3956 -27.79 -25.75 -69.17
C ALA H 3956 -27.47 -26.33 -70.55
N ASP H 3957 -28.49 -26.87 -71.19
CA ASP H 3957 -28.38 -27.45 -72.52
C ASP H 3957 -29.06 -26.54 -73.54
N GLU H 3958 -29.01 -26.93 -74.81
CA GLU H 3958 -29.77 -26.22 -75.83
C GLU H 3958 -31.27 -26.28 -75.55
N ASN H 3959 -31.73 -27.32 -74.88
CA ASN H 3959 -33.12 -27.45 -74.47
C ASN H 3959 -33.39 -26.78 -73.13
N ASP H 3960 -32.39 -26.11 -72.55
CA ASP H 3960 -32.52 -25.44 -71.26
C ASP H 3960 -32.64 -26.45 -70.12
N MET H 3961 -31.84 -27.51 -70.19
CA MET H 3961 -31.80 -28.53 -69.16
C MET H 3961 -30.35 -28.80 -68.75
N PHE H 3962 -30.17 -29.19 -67.49
CA PHE H 3962 -28.85 -29.50 -66.97
C PHE H 3962 -28.96 -30.62 -65.96
N ASN H 3963 -27.91 -31.42 -65.85
CA ASN H 3963 -27.87 -32.52 -64.89
C ASN H 3963 -27.55 -31.94 -63.53
N TYR H 3964 -28.59 -31.75 -62.71
CA TYR H 3964 -28.39 -31.10 -61.41
C TYR H 3964 -27.57 -31.96 -60.46
N VAL H 3965 -27.52 -33.27 -60.67
CA VAL H 3965 -26.69 -34.13 -59.82
C VAL H 3965 -25.22 -33.75 -59.98
N ASP H 3966 -24.77 -33.55 -61.21
CA ASP H 3966 -23.39 -33.14 -61.43
C ASP H 3966 -23.15 -31.71 -60.95
N PHE H 3967 -24.15 -30.84 -61.07
CA PHE H 3967 -24.05 -29.49 -60.52
C PHE H 3967 -23.78 -29.54 -59.03
N VAL H 3968 -24.56 -30.33 -58.30
CA VAL H 3968 -24.37 -30.45 -56.86
C VAL H 3968 -23.04 -31.11 -56.55
N ASP H 3969 -22.68 -32.16 -57.28
CA ASP H 3969 -21.39 -32.81 -57.04
C ASP H 3969 -20.24 -31.85 -57.27
N ARG H 3970 -20.39 -30.91 -58.20
CA ARG H 3970 -19.31 -29.97 -58.50
C ARG H 3970 -19.20 -28.89 -57.44
N PHE H 3971 -20.33 -28.42 -56.90
CA PHE H 3971 -20.26 -27.25 -56.03
C PHE H 3971 -20.40 -27.56 -54.55
N HIS H 3972 -21.15 -28.59 -54.16
CA HIS H 3972 -21.38 -28.87 -52.74
C HIS H 3972 -20.16 -29.50 -52.10
N GLU H 3973 -19.50 -30.43 -52.79
CA GLU H 3973 -18.37 -31.14 -52.20
C GLU H 3973 -17.21 -30.22 -51.86
N PRO H 3974 -16.70 -29.38 -52.78
CA PRO H 3974 -15.65 -28.44 -52.40
C PRO H 3974 -16.06 -27.49 -51.28
N ALA H 3975 -17.31 -27.04 -51.28
CA ALA H 3975 -17.78 -26.19 -50.19
C ALA H 3975 -17.75 -26.94 -48.87
N LYS H 3976 -18.22 -28.19 -48.86
CA LYS H 3976 -18.20 -28.97 -47.62
C LYS H 3976 -16.78 -29.27 -47.18
N ASP H 3977 -15.83 -29.32 -48.11
CA ASP H 3977 -14.44 -29.58 -47.76
C ASP H 3977 -13.77 -28.34 -47.18
N ILE H 3978 -14.07 -27.17 -47.72
CA ILE H 3978 -13.28 -25.98 -47.41
C ILE H 3978 -13.95 -25.10 -46.36
N GLY H 3979 -15.28 -25.18 -46.24
CA GLY H 3979 -15.98 -24.34 -45.28
C GLY H 3979 -15.79 -24.74 -43.85
N PHE H 3980 -15.35 -25.97 -43.61
CA PHE H 3980 -15.13 -26.42 -42.24
C PHE H 3980 -14.05 -25.61 -41.56
N ASN H 3981 -13.02 -25.22 -42.30
CA ASN H 3981 -11.95 -24.42 -41.72
C ASN H 3981 -12.46 -23.05 -41.31
N VAL H 3982 -13.29 -22.43 -42.15
CA VAL H 3982 -13.89 -21.14 -41.78
C VAL H 3982 -14.78 -21.31 -40.55
N ALA H 3983 -15.53 -22.40 -40.49
CA ALA H 3983 -16.36 -22.66 -39.33
C ALA H 3983 -15.52 -22.81 -38.06
N VAL H 3984 -14.41 -23.53 -38.16
CA VAL H 3984 -13.54 -23.71 -37.00
C VAL H 3984 -12.90 -22.39 -36.58
N LEU H 3985 -12.51 -21.57 -37.56
CA LEU H 3985 -11.94 -20.27 -37.24
C LEU H 3985 -12.94 -19.40 -36.49
N LEU H 3986 -14.17 -19.34 -37.00
CA LEU H 3986 -15.19 -18.50 -36.37
C LEU H 3986 -15.57 -19.05 -35.00
N THR H 3987 -15.63 -20.38 -34.85
CA THR H 3987 -15.91 -20.97 -33.54
C THR H 3987 -14.80 -20.68 -32.55
N ASN H 3988 -13.55 -20.79 -32.99
CA ASN H 3988 -12.42 -20.48 -32.13
C ASN H 3988 -12.48 -19.04 -31.64
N LEU H 3989 -12.72 -18.11 -32.57
CA LEU H 3989 -12.80 -16.71 -32.19
C LEU H 3989 -13.97 -16.44 -31.27
N SER H 3990 -15.14 -17.04 -31.55
CA SER H 3990 -16.31 -16.82 -30.71
C SER H 3990 -16.06 -17.30 -29.29
N GLU H 3991 -15.43 -18.46 -29.13
CA GLU H 3991 -15.22 -19.02 -27.80
C GLU H 3991 -14.10 -18.31 -27.06
N HIS H 3992 -13.11 -17.76 -27.76
CA HIS H 3992 -12.01 -17.08 -27.10
C HIS H 3992 -12.15 -15.57 -27.08
N MET H 3993 -13.22 -15.03 -27.64
CA MET H 3993 -13.58 -13.61 -27.51
C MET H 3993 -15.06 -13.52 -27.18
N PRO H 3994 -15.47 -14.03 -26.01
CA PRO H 3994 -16.91 -14.21 -25.75
C PRO H 3994 -17.65 -12.93 -25.47
N ASN H 3995 -16.97 -11.80 -25.32
CA ASN H 3995 -17.58 -10.54 -24.91
C ASN H 3995 -17.30 -9.46 -25.94
N ASP H 3996 -17.53 -9.78 -27.21
CA ASP H 3996 -17.24 -8.88 -28.31
C ASP H 3996 -18.49 -8.69 -29.16
N SER H 3997 -18.72 -7.45 -29.60
CA SER H 3997 -19.90 -7.11 -30.36
C SER H 3997 -19.67 -7.18 -31.86
N ARG H 3998 -18.51 -6.71 -32.32
CA ARG H 3998 -18.18 -6.81 -33.74
C ARG H 3998 -18.11 -8.25 -34.17
N LEU H 3999 -17.56 -9.11 -33.33
CA LEU H 3999 -17.49 -10.53 -33.64
C LEU H 3999 -18.88 -11.13 -33.81
N LYS H 4000 -19.82 -10.74 -32.94
CA LYS H 4000 -21.19 -11.23 -33.08
C LYS H 4000 -21.84 -10.71 -34.35
N CYS H 4001 -21.61 -9.44 -34.68
CA CYS H 4001 -22.16 -8.88 -35.91
C CYS H 4001 -21.57 -9.55 -37.14
N LEU H 4002 -20.38 -10.13 -37.01
CA LEU H 4002 -19.80 -10.90 -38.10
C LEU H 4002 -20.28 -12.35 -38.10
N LEU H 4003 -20.59 -12.89 -36.94
CA LEU H 4003 -21.04 -14.28 -36.83
C LEU H 4003 -22.48 -14.46 -37.27
N ASP H 4004 -23.32 -13.44 -37.13
CA ASP H 4004 -24.71 -13.55 -37.53
C ASP H 4004 -24.90 -14.01 -38.97
N PRO H 4005 -24.17 -13.50 -39.96
CA PRO H 4005 -24.27 -14.07 -41.31
C PRO H 4005 -23.84 -15.52 -41.41
N ALA H 4006 -23.06 -16.02 -40.46
CA ALA H 4006 -22.47 -17.34 -40.52
C ALA H 4006 -23.24 -18.38 -39.72
N GLY H 4007 -24.44 -18.05 -39.26
CA GLY H 4007 -25.20 -19.01 -38.48
C GLY H 4007 -25.60 -20.24 -39.28
N SER H 4008 -25.96 -20.04 -40.55
CA SER H 4008 -26.36 -21.15 -41.40
C SER H 4008 -25.18 -22.00 -41.87
N VAL H 4009 -23.96 -21.51 -41.71
CA VAL H 4009 -22.77 -22.31 -41.99
C VAL H 4009 -22.29 -23.05 -40.75
N LEU H 4010 -22.21 -22.33 -39.62
CA LEU H 4010 -21.80 -22.96 -38.37
C LEU H 4010 -22.78 -24.05 -37.94
N ASN H 4011 -24.05 -23.91 -38.30
CA ASN H 4011 -25.03 -24.94 -37.98
C ASN H 4011 -24.94 -26.15 -38.87
N TYR H 4012 -24.28 -26.04 -40.03
CA TYR H 4012 -24.08 -27.20 -40.88
C TYR H 4012 -22.96 -28.09 -40.35
N PHE H 4013 -21.95 -27.51 -39.73
CA PHE H 4013 -20.78 -28.25 -39.28
C PHE H 4013 -20.81 -28.57 -37.80
N GLU H 4014 -21.94 -28.38 -37.14
CA GLU H 4014 -22.05 -28.81 -35.75
C GLU H 4014 -21.85 -30.31 -35.58
N PRO H 4015 -22.49 -31.17 -36.39
CA PRO H 4015 -22.20 -32.61 -36.29
C PRO H 4015 -20.75 -32.96 -36.60
N TYR H 4016 -20.10 -32.23 -37.50
CA TYR H 4016 -18.76 -32.56 -37.98
C TYR H 4016 -17.67 -31.83 -37.22
N LEU H 4017 -18.02 -30.99 -36.25
CA LEU H 4017 -17.04 -30.25 -35.48
C LEU H 4017 -16.91 -30.91 -34.12
N GLY H 4018 -15.70 -31.39 -33.81
CA GLY H 4018 -15.42 -32.03 -32.55
C GLY H 4018 -14.56 -31.13 -31.69
N ARG H 4019 -14.95 -31.01 -30.43
CA ARG H 4019 -14.25 -30.21 -29.45
C ARG H 4019 -13.76 -31.10 -28.33
N ILE H 4020 -12.52 -30.90 -27.90
CA ILE H 4020 -12.03 -31.51 -26.67
C ILE H 4020 -11.18 -30.47 -25.93
N GLU H 4021 -10.85 -30.78 -24.70
CA GLU H 4021 -9.98 -29.94 -23.90
C GLU H 4021 -8.81 -30.76 -23.42
N ILE H 4022 -7.60 -30.21 -23.56
CA ILE H 4022 -6.38 -30.89 -23.18
C ILE H 4022 -5.54 -29.96 -22.33
N MET H 4023 -4.89 -30.52 -21.31
CA MET H 4023 -3.88 -29.76 -20.58
C MET H 4023 -2.70 -29.50 -21.50
N GLY H 4024 -2.56 -28.26 -21.96
CA GLY H 4024 -1.58 -27.93 -22.96
C GLY H 4024 -0.16 -27.87 -22.42
N GLY H 4025 0.76 -27.48 -23.31
CA GLY H 4025 2.16 -27.41 -22.95
C GLY H 4025 2.51 -26.24 -22.07
N ALA H 4026 1.71 -25.18 -22.09
CA ALA H 4026 1.97 -23.99 -21.27
C ALA H 4026 1.37 -24.11 -19.88
N LYS H 4027 1.05 -25.32 -19.44
CA LYS H 4027 0.43 -25.54 -18.13
C LYS H 4027 -0.95 -24.89 -18.05
N LYS H 4028 -1.66 -24.83 -19.17
CA LYS H 4028 -3.02 -24.30 -19.20
C LYS H 4028 -3.90 -25.22 -20.03
N ILE H 4029 -5.17 -25.31 -19.64
CA ILE H 4029 -6.14 -26.05 -20.42
C ILE H 4029 -6.38 -25.31 -21.73
N GLU H 4030 -6.42 -26.06 -22.83
CA GLU H 4030 -6.63 -25.52 -24.16
C GLU H 4030 -7.73 -26.31 -24.84
N ARG H 4031 -8.47 -25.65 -25.72
CA ARG H 4031 -9.52 -26.31 -26.46
C ARG H 4031 -9.04 -26.64 -27.86
N VAL H 4032 -9.28 -27.89 -28.27
CA VAL H 4032 -8.85 -28.41 -29.57
C VAL H 4032 -10.10 -28.68 -30.40
N TYR H 4033 -10.11 -28.13 -31.61
CA TYR H 4033 -11.18 -28.34 -32.58
C TYR H 4033 -10.66 -29.20 -33.71
N PHE H 4034 -11.47 -30.17 -34.13
CA PHE H 4034 -11.06 -31.09 -35.19
C PHE H 4034 -12.31 -31.53 -35.95
N GLU H 4035 -12.09 -32.31 -37.00
CA GLU H 4035 -13.18 -32.76 -37.86
C GLU H 4035 -13.54 -34.20 -37.57
N ILE H 4036 -14.83 -34.50 -37.64
CA ILE H 4036 -15.38 -35.83 -37.40
C ILE H 4036 -16.09 -36.26 -38.66
N SER H 4037 -15.74 -37.42 -39.19
CA SER H 4037 -16.38 -37.94 -40.39
C SER H 4037 -17.71 -38.59 -40.03
N GLU H 4038 -18.63 -38.60 -41.00
CA GLU H 4038 -19.95 -39.17 -40.76
C GLU H 4038 -19.86 -40.67 -40.50
N SER H 4039 -18.94 -41.35 -41.19
CA SER H 4039 -18.77 -42.78 -40.95
C SER H 4039 -18.35 -43.06 -39.52
N SER H 4040 -17.62 -42.14 -38.89
CA SER H 4040 -17.24 -42.33 -37.50
C SER H 4040 -18.45 -42.39 -36.59
N ARG H 4041 -19.40 -41.46 -36.78
CA ARG H 4041 -20.64 -41.51 -36.01
C ARG H 4041 -21.42 -42.77 -36.33
N THR H 4042 -21.50 -43.13 -37.62
CA THR H 4042 -22.25 -44.30 -38.02
C THR H 4042 -21.73 -45.56 -37.34
N GLN H 4043 -20.41 -45.72 -37.27
CA GLN H 4043 -19.83 -46.89 -36.62
C GLN H 4043 -19.92 -46.79 -35.10
N TRP H 4044 -19.87 -45.58 -34.56
CA TRP H 4044 -20.05 -45.40 -33.12
C TRP H 4044 -21.45 -45.75 -32.66
N GLU H 4045 -22.42 -45.74 -33.58
CA GLU H 4045 -23.79 -46.07 -33.24
C GLU H 4045 -24.14 -47.54 -33.45
N LYS H 4046 -23.18 -48.38 -33.81
CA LYS H 4046 -23.48 -49.78 -34.06
C LYS H 4046 -23.80 -50.51 -32.75
N PRO H 4047 -24.52 -51.63 -32.83
CA PRO H 4047 -24.88 -52.35 -31.61
C PRO H 4047 -23.70 -52.96 -30.88
N GLN H 4048 -22.77 -53.62 -31.59
CA GLN H 4048 -21.64 -54.23 -30.92
C GLN H 4048 -20.75 -53.18 -30.27
N VAL H 4049 -20.57 -52.04 -30.94
CA VAL H 4049 -19.74 -50.98 -30.36
C VAL H 4049 -20.39 -50.43 -29.10
N LYS H 4050 -21.71 -50.27 -29.11
CA LYS H 4050 -22.40 -49.79 -27.91
C LYS H 4050 -22.30 -50.81 -26.79
N GLU H 4051 -22.37 -52.10 -27.11
CA GLU H 4051 -22.17 -53.14 -26.10
C GLU H 4051 -20.79 -53.03 -25.47
N SER H 4052 -19.76 -52.88 -26.31
CA SER H 4052 -18.40 -52.75 -25.80
C SER H 4052 -18.25 -51.51 -24.92
N LYS H 4053 -18.86 -50.41 -25.34
CA LYS H 4053 -18.79 -49.18 -24.56
C LYS H 4053 -19.46 -49.36 -23.20
N ARG H 4054 -20.63 -50.00 -23.17
CA ARG H 4054 -21.33 -50.21 -21.90
C ARG H 4054 -20.51 -51.09 -20.96
N GLN H 4055 -19.95 -52.17 -21.50
CA GLN H 4055 -19.12 -53.05 -20.67
C GLN H 4055 -17.92 -52.29 -20.12
N PHE H 4056 -17.25 -51.50 -20.97
CA PHE H 4056 -16.10 -50.75 -20.51
C PHE H 4056 -16.48 -49.75 -19.42
N ILE H 4057 -17.59 -49.04 -19.61
CA ILE H 4057 -17.98 -48.02 -18.64
C ILE H 4057 -18.26 -48.66 -17.29
N PHE H 4058 -19.00 -49.78 -17.30
CA PHE H 4058 -19.30 -50.44 -16.03
C PHE H 4058 -18.02 -50.94 -15.37
N ASP H 4059 -17.11 -51.55 -16.14
CA ASP H 4059 -15.89 -52.08 -15.55
C ASP H 4059 -15.03 -50.98 -14.97
N VAL H 4060 -14.80 -49.90 -15.73
CA VAL H 4060 -13.88 -48.87 -15.29
C VAL H 4060 -14.45 -48.08 -14.13
N VAL H 4061 -15.73 -47.71 -14.19
CA VAL H 4061 -16.30 -46.88 -13.13
C VAL H 4061 -16.45 -47.68 -11.85
N ASN H 4062 -16.88 -48.93 -11.94
CA ASN H 4062 -17.12 -49.73 -10.74
C ASN H 4062 -15.81 -50.15 -10.08
N GLU H 4063 -14.85 -50.62 -10.87
CA GLU H 4063 -13.63 -51.22 -10.34
C GLU H 4063 -12.35 -50.67 -10.94
N GLY H 4064 -12.43 -49.81 -11.95
CA GLY H 4064 -11.21 -49.33 -12.60
C GLY H 4064 -10.32 -48.54 -11.68
N GLY H 4065 -10.91 -47.70 -10.84
CA GLY H 4065 -10.12 -46.87 -9.94
C GLY H 4065 -9.70 -45.56 -10.59
N GLU H 4066 -9.49 -44.55 -9.74
CA GLU H 4066 -9.09 -43.25 -10.24
C GLU H 4066 -7.73 -43.31 -10.93
N GLN H 4067 -6.80 -44.05 -10.36
CA GLN H 4067 -5.52 -44.29 -11.00
C GLN H 4067 -5.66 -45.41 -12.02
N GLU H 4068 -4.99 -45.25 -13.16
CA GLU H 4068 -4.97 -46.15 -14.31
C GLU H 4068 -6.28 -46.06 -15.11
N LYS H 4069 -7.21 -45.17 -14.75
CA LYS H 4069 -8.44 -45.05 -15.52
C LYS H 4069 -8.17 -44.59 -16.94
N MET H 4070 -7.21 -43.67 -17.12
CA MET H 4070 -6.94 -43.15 -18.46
C MET H 4070 -6.18 -44.15 -19.33
N GLU H 4071 -5.32 -44.97 -18.73
CA GLU H 4071 -4.70 -46.06 -19.50
C GLU H 4071 -5.76 -47.02 -20.01
N LEU H 4072 -6.71 -47.39 -19.15
CA LEU H 4072 -7.80 -48.25 -19.57
C LEU H 4072 -8.65 -47.58 -20.63
N PHE H 4073 -8.90 -46.28 -20.50
CA PHE H 4073 -9.68 -45.58 -21.50
C PHE H 4073 -8.98 -45.56 -22.85
N VAL H 4074 -7.66 -45.35 -22.85
CA VAL H 4074 -6.94 -45.34 -24.12
C VAL H 4074 -6.94 -46.74 -24.75
N ASN H 4075 -6.79 -47.77 -23.93
CA ASN H 4075 -6.89 -49.13 -24.46
C ASN H 4075 -8.27 -49.37 -25.06
N PHE H 4076 -9.31 -48.90 -24.39
CA PHE H 4076 -10.66 -49.01 -24.94
C PHE H 4076 -10.78 -48.26 -26.24
N CYS H 4077 -10.15 -47.09 -26.34
CA CYS H 4077 -10.21 -46.32 -27.57
C CYS H 4077 -9.57 -47.06 -28.72
N GLU H 4078 -8.41 -47.69 -28.48
CA GLU H 4078 -7.76 -48.46 -29.54
C GLU H 4078 -8.61 -49.64 -29.96
N ASP H 4079 -9.16 -50.37 -28.99
CA ASP H 4079 -10.00 -51.52 -29.30
C ASP H 4079 -11.24 -51.10 -30.06
N THR H 4080 -11.82 -49.95 -29.71
CA THR H 4080 -13.02 -49.47 -30.37
C THR H 4080 -12.73 -48.95 -31.77
N ILE H 4081 -11.55 -48.38 -31.99
CA ILE H 4081 -11.15 -48.01 -33.34
C ILE H 4081 -11.06 -49.25 -34.21
N PHE H 4082 -10.47 -50.32 -33.68
CA PHE H 4082 -10.46 -51.57 -34.44
C PHE H 4082 -11.87 -52.10 -34.67
N GLU H 4083 -12.73 -52.04 -33.66
CA GLU H 4083 -14.09 -52.53 -33.82
C GLU H 4083 -14.84 -51.75 -34.87
N MET H 4084 -14.66 -50.43 -34.90
CA MET H 4084 -15.34 -49.60 -35.88
C MET H 4084 -14.82 -49.86 -37.28
N GLN H 4085 -13.51 -50.08 -37.44
CA GLN H 4085 -13.00 -50.48 -38.75
C GLN H 4085 -13.60 -51.81 -39.18
N LEU H 4086 -13.67 -52.78 -38.27
CA LEU H 4086 -14.25 -54.08 -38.60
C LEU H 4086 -15.72 -53.96 -38.96
N ALA H 4087 -16.46 -53.11 -38.24
CA ALA H 4087 -17.87 -52.92 -38.53
C ALA H 4087 -18.07 -52.23 -39.87
N SER H 4088 -17.18 -51.30 -40.23
CA SER H 4088 -17.24 -50.73 -41.57
C SER H 4088 -16.98 -51.78 -42.64
N GLN H 4089 -16.03 -52.68 -42.39
CA GLN H 4089 -15.80 -53.76 -43.33
C GLN H 4089 -17.01 -54.68 -43.46
N ILE H 4090 -17.64 -55.00 -42.33
CA ILE H 4090 -18.75 -55.95 -42.32
C ILE H 4090 -19.99 -55.35 -42.99
N SER H 4091 -20.26 -54.07 -42.74
CA SER H 4091 -21.48 -53.46 -43.25
C SER H 4091 -21.49 -53.45 -44.77
N GLU H 4092 -22.68 -53.62 -45.34
CA GLU H 4092 -22.85 -53.64 -46.78
C GLU H 4092 -22.52 -52.28 -47.41
N ASN H 4379 -15.20 -66.13 -63.44
CA ASN H 4379 -14.13 -67.06 -63.09
C ASN H 4379 -14.52 -67.91 -61.88
N PHE H 4380 -15.07 -69.08 -62.15
CA PHE H 4380 -15.48 -69.98 -61.07
C PHE H 4380 -14.25 -70.47 -60.31
N PHE H 4381 -14.47 -70.82 -59.04
CA PHE H 4381 -13.44 -71.25 -58.09
C PHE H 4381 -12.58 -70.09 -57.61
N LYS H 4382 -12.75 -68.89 -58.16
CA LYS H 4382 -12.05 -67.71 -57.67
C LYS H 4382 -13.04 -66.59 -57.42
N GLY H 4383 -14.16 -66.59 -58.15
CA GLY H 4383 -15.22 -65.65 -57.91
C GLY H 4383 -16.15 -66.01 -56.77
N LEU H 4384 -16.07 -67.25 -56.29
CA LEU H 4384 -16.87 -67.67 -55.14
C LEU H 4384 -16.44 -66.97 -53.85
N GLU H 4385 -15.24 -66.38 -53.83
CA GLU H 4385 -14.77 -65.70 -52.64
C GLU H 4385 -15.70 -64.55 -52.26
N ILE H 4386 -16.21 -63.83 -53.25
CA ILE H 4386 -17.11 -62.71 -52.98
C ILE H 4386 -18.38 -63.21 -52.30
N TYR H 4387 -18.96 -64.31 -52.81
CA TYR H 4387 -20.18 -64.84 -52.21
C TYR H 4387 -19.93 -65.36 -50.81
N GLN H 4388 -18.80 -66.05 -50.60
CA GLN H 4388 -18.49 -66.53 -49.25
C GLN H 4388 -18.33 -65.37 -48.28
N THR H 4389 -17.63 -64.30 -48.71
CA THR H 4389 -17.45 -63.15 -47.85
C THR H 4389 -18.77 -62.46 -47.56
N LYS H 4390 -19.65 -62.37 -48.56
CA LYS H 4390 -20.97 -61.79 -48.33
C LYS H 4390 -21.76 -62.60 -47.32
N LEU H 4391 -21.72 -63.94 -47.43
CA LEU H 4391 -22.41 -64.77 -46.47
C LEU H 4391 -21.85 -64.59 -45.06
N LEU H 4392 -20.52 -64.55 -44.94
CA LEU H 4392 -19.91 -64.39 -43.62
C LEU H 4392 -20.27 -63.03 -43.02
N HIS H 4393 -20.26 -61.97 -43.83
CA HIS H 4393 -20.63 -60.66 -43.33
C HIS H 4393 -22.10 -60.64 -42.91
N TYR H 4394 -22.96 -61.30 -43.68
CA TYR H 4394 -24.38 -61.35 -43.30
C TYR H 4394 -24.56 -62.06 -41.97
N LEU H 4395 -23.86 -63.18 -41.78
CA LEU H 4395 -23.96 -63.89 -40.50
C LEU H 4395 -23.43 -63.04 -39.36
N ALA H 4396 -22.29 -62.36 -39.56
CA ALA H 4396 -21.70 -61.57 -38.51
C ALA H 4396 -22.52 -60.34 -38.19
N ARG H 4397 -23.31 -59.86 -39.15
CA ARG H 4397 -24.08 -58.64 -38.99
C ARG H 4397 -25.43 -58.86 -38.33
N ASN H 4398 -25.85 -60.12 -38.17
CA ASN H 4398 -27.15 -60.47 -37.60
C ASN H 4398 -27.00 -61.49 -36.49
N PHE H 4399 -25.91 -61.38 -35.71
CA PHE H 4399 -25.65 -62.33 -34.65
C PHE H 4399 -26.73 -62.28 -33.58
N TYR H 4400 -27.11 -61.07 -33.16
CA TYR H 4400 -28.07 -60.93 -32.07
C TYR H 4400 -29.48 -61.33 -32.52
N ASN H 4401 -29.84 -61.02 -33.76
CA ASN H 4401 -31.12 -61.46 -34.29
C ASN H 4401 -31.19 -62.97 -34.33
N LEU H 4402 -30.10 -63.64 -34.75
CA LEU H 4402 -30.08 -65.09 -34.76
C LEU H 4402 -30.17 -65.65 -33.35
N ARG H 4403 -29.55 -64.98 -32.38
CA ARG H 4403 -29.67 -65.41 -30.99
C ARG H 4403 -31.13 -65.37 -30.51
N PHE H 4404 -31.82 -64.26 -30.80
CA PHE H 4404 -33.22 -64.16 -30.42
C PHE H 4404 -34.06 -65.23 -31.11
N LEU H 4405 -33.79 -65.47 -32.40
CA LEU H 4405 -34.54 -66.49 -33.13
C LEU H 4405 -34.32 -67.88 -32.54
N ALA H 4406 -33.08 -68.17 -32.16
CA ALA H 4406 -32.80 -69.46 -31.53
C ALA H 4406 -33.54 -69.60 -30.20
N LEU H 4407 -33.60 -68.51 -29.42
CA LEU H 4407 -34.36 -68.57 -28.18
C LEU H 4407 -35.84 -68.86 -28.45
N PHE H 4408 -36.42 -68.19 -29.44
CA PHE H 4408 -37.81 -68.43 -29.79
C PHE H 4408 -38.04 -69.89 -30.22
N VAL H 4409 -37.12 -70.42 -31.03
CA VAL H 4409 -37.27 -71.79 -31.51
C VAL H 4409 -37.17 -72.77 -30.35
N ALA H 4410 -36.26 -72.53 -29.40
CA ALA H 4410 -36.15 -73.40 -28.24
C ALA H 4410 -37.42 -73.37 -27.40
N PHE H 4411 -38.00 -72.17 -27.22
CA PHE H 4411 -39.26 -72.08 -26.49
C PHE H 4411 -40.36 -72.86 -27.19
N ALA H 4412 -40.43 -72.76 -28.52
CA ALA H 4412 -41.43 -73.54 -29.25
C ALA H 4412 -41.23 -75.02 -29.08
N ILE H 4413 -39.97 -75.48 -29.14
CA ILE H 4413 -39.68 -76.91 -29.01
C ILE H 4413 -40.09 -77.40 -27.63
N ASN H 4414 -39.82 -76.62 -26.59
CA ASN H 4414 -40.18 -77.07 -25.24
C ASN H 4414 -41.67 -77.01 -25.00
N PHE H 4415 -42.36 -76.03 -25.60
CA PHE H 4415 -43.81 -76.03 -25.56
C PHE H 4415 -44.37 -77.29 -26.20
N ILE H 4416 -43.77 -77.74 -27.30
CA ILE H 4416 -44.21 -78.99 -27.90
C ILE H 4416 -43.87 -80.17 -27.01
N LEU H 4417 -42.72 -80.13 -26.34
CA LEU H 4417 -42.32 -81.22 -25.44
C LEU H 4417 -43.22 -81.34 -24.24
N LEU H 4418 -43.93 -80.27 -23.87
CA LEU H 4418 -44.86 -80.36 -22.74
C LEU H 4418 -46.02 -81.31 -22.99
N PHE H 4419 -46.24 -81.76 -24.23
CA PHE H 4419 -47.33 -82.65 -24.55
C PHE H 4419 -46.90 -84.12 -24.61
N TYR H 4420 -45.68 -84.44 -24.19
CA TYR H 4420 -45.26 -85.82 -24.16
C TYR H 4420 -46.01 -86.58 -23.07
N LYS H 4421 -46.07 -87.89 -23.24
CA LYS H 4421 -46.58 -88.78 -22.21
C LYS H 4421 -45.96 -90.15 -22.43
N VAL H 4422 -46.04 -90.98 -21.41
CA VAL H 4422 -45.41 -92.29 -21.44
C VAL H 4422 -46.51 -93.35 -21.47
N THR H 4423 -46.40 -94.28 -22.41
CA THR H 4423 -47.40 -95.33 -22.58
C THR H 4423 -46.69 -96.67 -22.67
N GLU H 4424 -47.21 -97.65 -21.92
CA GLU H 4424 -46.64 -98.99 -21.97
C GLU H 4424 -46.99 -99.69 -23.28
N GLU H 4425 -48.18 -99.42 -23.81
CA GLU H 4425 -48.61 -99.98 -25.09
C GLU H 4425 -47.96 -99.24 -26.25
N ALA H 4449 -42.10 -103.17 -18.01
CA ALA H 4449 -42.07 -103.74 -19.35
C ALA H 4449 -41.42 -102.78 -20.34
N MET H 4450 -42.22 -102.18 -21.20
CA MET H 4450 -41.76 -101.24 -22.21
C MET H 4450 -42.45 -99.91 -22.03
N VAL H 4451 -41.69 -98.83 -22.09
CA VAL H 4451 -42.23 -97.48 -22.00
C VAL H 4451 -41.88 -96.75 -23.29
N PHE H 4452 -42.90 -96.21 -23.95
CA PHE H 4452 -42.74 -95.43 -25.17
C PHE H 4452 -43.22 -94.02 -24.92
N PHE H 4453 -42.42 -93.04 -25.33
CA PHE H 4453 -42.80 -91.64 -25.21
C PHE H 4453 -43.58 -91.24 -26.45
N VAL H 4454 -44.85 -90.89 -26.27
CA VAL H 4454 -45.76 -90.54 -27.35
C VAL H 4454 -46.25 -89.12 -27.13
N LEU H 4455 -46.36 -88.36 -28.21
CA LEU H 4455 -46.84 -86.99 -28.15
C LEU H 4455 -48.35 -87.01 -28.20
N GLN H 4456 -49.00 -86.81 -27.06
CA GLN H 4456 -50.45 -86.90 -26.98
C GLN H 4456 -51.11 -85.69 -27.63
N GLU H 4457 -51.29 -85.74 -28.94
CA GLU H 4457 -51.92 -84.66 -29.69
C GLU H 4457 -52.93 -85.23 -30.65
N SER H 4458 -53.94 -84.42 -30.97
CA SER H 4458 -54.99 -84.82 -31.90
C SER H 4458 -54.81 -84.24 -33.30
N THR H 4459 -54.20 -83.07 -33.41
CA THR H 4459 -54.01 -82.45 -34.73
C THR H 4459 -53.11 -83.31 -35.61
N GLY H 4460 -52.08 -83.91 -35.02
CA GLY H 4460 -51.17 -84.76 -35.76
C GLY H 4460 -49.98 -84.06 -36.39
N TYR H 4461 -49.89 -82.74 -36.27
CA TYR H 4461 -48.80 -81.97 -36.86
C TYR H 4461 -47.66 -81.69 -35.89
N MET H 4462 -47.75 -82.14 -34.64
CA MET H 4462 -46.76 -81.76 -33.66
C MET H 4462 -45.44 -82.50 -33.83
N ALA H 4463 -45.49 -83.77 -34.21
CA ALA H 4463 -44.24 -84.50 -34.45
C ALA H 4463 -43.46 -83.93 -35.62
N PRO H 4464 -44.04 -83.74 -36.81
CA PRO H 4464 -43.29 -83.09 -37.90
C PRO H 4464 -42.82 -81.69 -37.54
N ALA H 4465 -43.63 -80.94 -36.81
CA ALA H 4465 -43.20 -79.61 -36.37
C ALA H 4465 -42.00 -79.71 -35.46
N LEU H 4466 -41.99 -80.70 -34.56
CA LEU H 4466 -40.87 -80.87 -33.65
C LEU H 4466 -39.59 -81.22 -34.40
N ARG H 4467 -39.69 -82.11 -35.40
CA ARG H 4467 -38.50 -82.45 -36.18
C ARG H 4467 -37.98 -81.25 -36.97
N ALA H 4468 -38.89 -80.51 -37.61
CA ALA H 4468 -38.49 -79.32 -38.34
C ALA H 4468 -37.84 -78.31 -37.42
N LEU H 4469 -38.41 -78.11 -36.23
CA LEU H 4469 -37.85 -77.15 -35.28
C LEU H 4469 -36.49 -77.60 -34.77
N ALA H 4470 -36.30 -78.90 -34.56
CA ALA H 4470 -35.00 -79.38 -34.12
C ALA H 4470 -33.94 -79.09 -35.18
N ILE H 4471 -34.25 -79.36 -36.44
CA ILE H 4471 -33.28 -79.08 -37.51
C ILE H 4471 -33.01 -77.58 -37.62
N ILE H 4472 -34.07 -76.77 -37.55
CA ILE H 4472 -33.91 -75.32 -37.64
C ILE H 4472 -33.05 -74.81 -36.50
N HIS H 4473 -33.27 -75.33 -35.30
CA HIS H 4473 -32.50 -74.88 -34.14
C HIS H 4473 -31.03 -75.24 -34.28
N THR H 4474 -30.74 -76.46 -34.76
CA THR H 4474 -29.34 -76.82 -34.96
C THR H 4474 -28.67 -75.90 -35.98
N VAL H 4475 -29.36 -75.62 -37.09
CA VAL H 4475 -28.80 -74.74 -38.11
C VAL H 4475 -28.57 -73.35 -37.55
N ILE H 4476 -29.53 -72.83 -36.79
CA ILE H 4476 -29.40 -71.49 -36.23
C ILE H 4476 -28.24 -71.42 -35.26
N SER H 4477 -28.08 -72.45 -34.42
CA SER H 4477 -26.96 -72.45 -33.48
C SER H 4477 -25.62 -72.48 -34.22
N LEU H 4478 -25.51 -73.28 -35.28
CA LEU H 4478 -24.27 -73.31 -36.04
C LEU H 4478 -23.97 -71.96 -36.68
N VAL H 4479 -24.99 -71.32 -37.27
CA VAL H 4479 -24.76 -70.03 -37.90
C VAL H 4479 -24.43 -68.98 -36.84
N CYS H 4480 -25.00 -69.10 -35.64
CA CYS H 4480 -24.63 -68.18 -34.56
C CYS H 4480 -23.17 -68.34 -34.17
N VAL H 4481 -22.70 -69.57 -34.08
CA VAL H 4481 -21.29 -69.79 -33.76
C VAL H 4481 -20.40 -69.17 -34.84
N VAL H 4482 -20.75 -69.41 -36.10
CA VAL H 4482 -19.96 -68.86 -37.21
C VAL H 4482 -19.97 -67.34 -37.18
N GLY H 4483 -21.13 -66.74 -36.93
CA GLY H 4483 -21.23 -65.29 -36.88
C GLY H 4483 -20.46 -64.69 -35.72
N TYR H 4484 -20.41 -65.39 -34.59
CA TYR H 4484 -19.56 -64.94 -33.50
C TYR H 4484 -18.09 -65.01 -33.90
N TYR H 4485 -17.70 -66.06 -34.62
CA TYR H 4485 -16.31 -66.18 -35.04
C TYR H 4485 -15.90 -65.08 -36.01
N CYS H 4486 -16.84 -64.44 -36.68
CA CYS H 4486 -16.55 -63.40 -37.66
C CYS H 4486 -16.86 -62.00 -37.15
N LEU H 4487 -17.22 -61.85 -35.89
CA LEU H 4487 -17.59 -60.55 -35.37
C LEU H 4487 -16.89 -60.20 -34.07
N LYS H 4488 -16.66 -61.16 -33.18
CA LYS H 4488 -16.07 -60.88 -31.89
C LYS H 4488 -14.71 -61.54 -31.68
N VAL H 4489 -14.42 -62.64 -32.39
CA VAL H 4489 -13.10 -63.25 -32.28
C VAL H 4489 -11.99 -62.33 -32.75
N PRO H 4490 -12.13 -61.57 -33.86
CA PRO H 4490 -11.06 -60.65 -34.24
C PRO H 4490 -10.67 -59.68 -33.15
N LEU H 4491 -11.64 -59.18 -32.38
CA LEU H 4491 -11.33 -58.26 -31.29
C LEU H 4491 -10.55 -58.96 -30.18
N VAL H 4492 -10.90 -60.21 -29.87
CA VAL H 4492 -10.19 -60.96 -28.84
C VAL H 4492 -8.74 -61.17 -29.26
N VAL H 4493 -8.54 -61.60 -30.52
CA VAL H 4493 -7.19 -61.81 -31.01
C VAL H 4493 -6.42 -60.49 -31.04
N PHE H 4494 -7.10 -59.40 -31.40
CA PHE H 4494 -6.46 -58.09 -31.41
C PHE H 4494 -5.96 -57.71 -30.03
N LYS H 4495 -6.81 -57.86 -29.01
CA LYS H 4495 -6.39 -57.51 -27.66
C LYS H 4495 -5.22 -58.37 -27.20
N ARG H 4496 -5.29 -59.67 -27.48
CA ARG H 4496 -4.21 -60.57 -27.07
C ARG H 4496 -2.90 -60.20 -27.75
N GLU H 4497 -2.93 -59.95 -29.06
CA GLU H 4497 -1.72 -59.57 -29.77
C GLU H 4497 -1.19 -58.24 -29.29
N LYS H 4498 -2.08 -57.29 -29.00
CA LYS H 4498 -1.64 -55.99 -28.51
C LYS H 4498 -0.90 -56.13 -27.19
N GLU H 4499 -1.45 -56.91 -26.26
CA GLU H 4499 -0.78 -57.08 -24.99
C GLU H 4499 0.54 -57.83 -25.15
N ILE H 4500 0.58 -58.84 -26.02
CA ILE H 4500 1.83 -59.57 -26.25
C ILE H 4500 2.90 -58.64 -26.81
N ALA H 4501 2.54 -57.82 -27.80
CA ALA H 4501 3.50 -56.92 -28.41
C ALA H 4501 3.98 -55.87 -27.40
N ARG H 4502 3.08 -55.35 -26.59
CA ARG H 4502 3.47 -54.39 -25.56
C ARG H 4502 4.43 -55.03 -24.57
N LYS H 4503 4.15 -56.27 -24.14
CA LYS H 4503 5.05 -56.95 -23.22
C LYS H 4503 6.42 -57.16 -23.85
N LEU H 4504 6.45 -57.61 -25.11
CA LEU H 4504 7.73 -57.78 -25.80
C LEU H 4504 8.52 -56.48 -25.83
N GLU H 4505 7.89 -55.39 -26.24
CA GLU H 4505 8.64 -54.16 -26.48
C GLU H 4505 9.05 -53.47 -25.18
N PHE H 4506 8.17 -53.43 -24.19
CA PHE H 4506 8.39 -52.60 -23.00
C PHE H 4506 8.63 -53.41 -21.74
N ASP H 4507 8.74 -54.74 -21.83
CA ASP H 4507 9.03 -55.54 -20.64
C ASP H 4507 10.04 -56.65 -20.87
N GLY H 4508 10.37 -57.00 -22.11
CA GLY H 4508 11.28 -58.11 -22.35
C GLY H 4508 10.74 -59.41 -21.79
N LEU H 4509 9.47 -59.71 -22.07
CA LEU H 4509 8.81 -60.86 -21.46
C LEU H 4509 9.49 -62.17 -21.84
N TYR H 4510 9.92 -62.29 -23.10
CA TYR H 4510 10.56 -63.51 -23.57
C TYR H 4510 12.03 -63.31 -23.92
N ILE H 4511 12.61 -62.16 -23.56
CA ILE H 4511 14.02 -61.91 -23.79
C ILE H 4511 14.69 -61.52 -22.47
N THR H 4512 14.27 -60.39 -21.90
CA THR H 4512 14.83 -59.96 -20.62
C THR H 4512 14.41 -60.89 -19.50
N GLU H 4513 13.14 -61.27 -19.45
CA GLU H 4513 12.62 -62.11 -18.39
C GLU H 4513 11.92 -63.32 -19.00
N GLN H 4514 11.21 -64.08 -18.16
CA GLN H 4514 10.45 -65.23 -18.62
C GLN H 4514 9.12 -65.26 -17.89
N PRO H 4515 8.07 -65.81 -18.53
CA PRO H 4515 6.76 -65.86 -17.88
C PRO H 4515 6.78 -66.76 -16.66
N SER H 4516 5.95 -66.42 -15.68
CA SER H 4516 5.80 -67.26 -14.50
C SER H 4516 5.21 -68.61 -14.89
N GLU H 4517 5.54 -69.62 -14.10
CA GLU H 4517 5.02 -70.96 -14.36
C GLU H 4517 3.55 -71.09 -13.99
N ASP H 4518 3.04 -70.21 -13.13
CA ASP H 4518 1.65 -70.32 -12.68
C ASP H 4518 0.67 -69.97 -13.80
N ASP H 4519 0.90 -68.84 -14.48
CA ASP H 4519 -0.06 -68.34 -15.46
C ASP H 4519 0.13 -69.04 -16.80
N ILE H 4520 -0.97 -69.48 -17.38
CA ILE H 4520 -0.92 -70.21 -18.65
C ILE H 4520 -0.93 -69.27 -19.86
N LYS H 4521 -1.28 -68.01 -19.68
CA LYS H 4521 -1.37 -67.10 -20.81
C LYS H 4521 -0.01 -66.89 -21.48
N GLY H 4522 1.02 -66.59 -20.69
CA GLY H 4522 2.33 -66.40 -21.27
C GLY H 4522 2.88 -67.67 -21.90
N GLN H 4523 2.65 -68.81 -21.24
CA GLN H 4523 3.12 -70.08 -21.79
C GLN H 4523 2.48 -70.36 -23.13
N TRP H 4524 1.18 -70.12 -23.26
CA TRP H 4524 0.53 -70.32 -24.55
C TRP H 4524 0.99 -69.29 -25.57
N ASP H 4525 1.17 -68.04 -25.13
CA ASP H 4525 1.60 -66.98 -26.03
C ASP H 4525 2.98 -67.21 -26.60
N ARG H 4526 3.81 -68.01 -25.92
CA ARG H 4526 5.13 -68.31 -26.46
C ARG H 4526 5.08 -68.95 -27.84
N LEU H 4527 3.95 -69.56 -28.21
CA LEU H 4527 3.84 -70.25 -29.49
C LEU H 4527 3.68 -69.33 -30.69
N VAL H 4528 3.40 -68.04 -30.48
CA VAL H 4528 2.99 -67.20 -31.60
C VAL H 4528 4.10 -66.25 -32.03
N ILE H 4529 4.97 -65.86 -31.07
CA ILE H 4529 5.97 -64.84 -31.37
C ILE H 4529 6.93 -65.29 -32.46
N ASN H 4530 7.17 -66.60 -32.56
CA ASN H 4530 8.05 -67.11 -33.59
C ASN H 4530 7.38 -67.20 -34.96
N THR H 4531 6.07 -67.04 -35.02
CA THR H 4531 5.33 -67.19 -36.27
C THR H 4531 5.58 -66.02 -37.20
N PRO H 4532 5.30 -66.18 -38.49
CA PRO H 4532 5.44 -65.06 -39.43
C PRO H 4532 4.21 -64.16 -39.46
N SER H 4533 3.05 -64.72 -39.13
CA SER H 4533 1.81 -63.95 -39.18
C SER H 4533 1.67 -62.97 -38.02
N PHE H 4534 2.39 -63.18 -36.94
CA PHE H 4534 2.26 -62.32 -35.77
C PHE H 4534 2.84 -60.94 -36.06
N PRO H 4535 2.09 -59.85 -35.83
CA PRO H 4535 0.69 -59.78 -35.38
C PRO H 4535 -0.27 -59.70 -36.56
N ASN H 4536 -1.36 -60.46 -36.56
CA ASN H 4536 -2.24 -60.48 -37.72
C ASN H 4536 -3.33 -59.41 -37.64
N ASN H 4537 -3.86 -59.15 -36.45
CA ASN H 4537 -4.90 -58.14 -36.26
C ASN H 4537 -4.36 -56.84 -35.68
N TYR H 4538 -3.41 -56.92 -34.75
CA TYR H 4538 -2.80 -55.74 -34.19
C TYR H 4538 -2.14 -54.91 -35.29
N TRP H 4539 -2.33 -53.59 -35.21
CA TRP H 4539 -1.93 -52.71 -36.30
C TRP H 4539 -0.43 -52.70 -36.52
N ASP H 4540 0.35 -52.73 -35.45
CA ASP H 4540 1.79 -52.52 -35.53
C ASP H 4540 2.45 -53.76 -36.11
N LYS H 4541 2.85 -53.70 -37.37
CA LYS H 4541 3.52 -54.81 -38.04
C LYS H 4541 5.03 -54.75 -37.93
N PHE H 4542 5.58 -53.77 -37.22
CA PHE H 4542 7.02 -53.62 -37.04
C PHE H 4542 7.43 -53.78 -35.58
N VAL H 4543 6.67 -54.56 -34.82
CA VAL H 4543 7.00 -54.76 -33.41
C VAL H 4543 8.24 -55.63 -33.28
N LYS H 4544 8.38 -56.65 -34.12
CA LYS H 4544 9.55 -57.52 -34.06
C LYS H 4544 10.82 -56.74 -34.32
N ARG H 4545 10.81 -55.84 -35.31
CA ARG H 4545 11.99 -55.06 -35.61
C ARG H 4545 12.33 -54.12 -34.45
N LYS H 4546 11.32 -53.53 -33.82
CA LYS H 4546 11.57 -52.71 -32.64
C LYS H 4546 12.23 -53.51 -31.54
N VAL H 4547 11.71 -54.72 -31.28
CA VAL H 4547 12.26 -55.55 -30.22
C VAL H 4547 13.70 -55.92 -30.53
N ILE H 4548 13.99 -56.30 -31.78
CA ILE H 4548 15.34 -56.68 -32.12
C ILE H 4548 16.29 -55.50 -32.00
N ASN H 4549 15.88 -54.32 -32.52
CA ASN H 4549 16.73 -53.14 -32.41
C ASN H 4549 16.89 -52.66 -30.98
N LYS H 4550 15.98 -53.05 -30.08
CA LYS H 4550 16.10 -52.64 -28.69
C LYS H 4550 16.89 -53.62 -27.84
N TYR H 4551 16.96 -54.90 -28.23
CA TYR H 4551 17.59 -55.90 -27.39
C TYR H 4551 18.77 -56.64 -28.00
N GLY H 4552 19.08 -56.42 -29.28
CA GLY H 4552 20.20 -57.13 -29.89
C GLY H 4552 21.54 -56.74 -29.30
N ASP H 4553 21.70 -55.46 -28.93
CA ASP H 4553 22.98 -55.00 -28.42
C ASP H 4553 23.36 -55.71 -27.13
N LEU H 4554 22.39 -55.93 -26.24
CA LEU H 4554 22.65 -56.58 -24.97
C LEU H 4554 22.42 -58.09 -25.01
N TYR H 4555 21.75 -58.62 -26.03
CA TYR H 4555 21.42 -60.03 -26.07
C TYR H 4555 21.68 -60.68 -27.42
N GLY H 4556 22.22 -59.96 -28.40
CA GLY H 4556 22.62 -60.58 -29.64
C GLY H 4556 21.53 -60.60 -30.69
N ALA H 4557 21.77 -59.94 -31.82
CA ALA H 4557 20.74 -59.83 -32.85
C ALA H 4557 20.37 -61.19 -33.42
N GLU H 4558 21.35 -62.08 -33.60
CA GLU H 4558 21.06 -63.40 -34.14
C GLU H 4558 20.15 -64.18 -33.20
N ARG H 4559 20.40 -64.13 -31.89
CA ARG H 4559 19.56 -64.85 -30.94
C ARG H 4559 18.15 -64.29 -30.92
N ILE H 4560 18.01 -62.96 -31.01
CA ILE H 4560 16.68 -62.36 -31.03
C ILE H 4560 15.94 -62.75 -32.30
N ALA H 4561 16.63 -62.74 -33.45
CA ALA H 4561 15.99 -63.14 -34.69
C ALA H 4561 15.54 -64.59 -34.62
N GLU H 4562 16.35 -65.46 -34.01
CA GLU H 4562 15.92 -66.83 -33.78
C GLU H 4562 14.69 -66.88 -32.88
N LEU H 4563 14.68 -66.06 -31.82
CA LEU H 4563 13.55 -66.05 -30.91
C LEU H 4563 12.28 -65.59 -31.58
N LEU H 4564 12.37 -64.55 -32.40
CA LEU H 4564 11.22 -63.99 -33.10
C LEU H 4564 11.03 -64.58 -34.49
N GLY H 4565 11.85 -65.54 -34.89
CA GLY H 4565 11.70 -66.16 -36.19
C GLY H 4565 11.86 -65.20 -37.34
N LEU H 4566 12.84 -64.31 -37.27
CA LEU H 4566 13.07 -63.30 -38.28
C LEU H 4566 14.33 -63.66 -39.05
N ASP H 4567 14.24 -63.64 -40.38
CA ASP H 4567 15.38 -63.99 -41.22
C ASP H 4567 16.51 -62.97 -41.04
N LYS H 4568 17.75 -63.48 -40.97
CA LYS H 4568 18.89 -62.59 -40.78
C LYS H 4568 19.06 -61.64 -41.95
N ASN H 4569 18.91 -62.14 -43.17
CA ASN H 4569 19.01 -61.27 -44.35
C ASN H 4569 17.94 -60.19 -44.32
N ALA H 4570 16.71 -60.57 -43.97
CA ALA H 4570 15.65 -59.58 -43.82
C ALA H 4570 15.94 -58.65 -42.65
N LEU H 4571 16.58 -59.16 -41.59
CA LEU H 4571 16.94 -58.31 -40.46
C LEU H 4571 17.91 -57.22 -40.88
N ASP H 4572 18.90 -57.57 -41.71
CA ASP H 4572 19.88 -56.61 -42.17
C ASP H 4572 19.50 -55.93 -43.47
N PHE H 4573 18.31 -56.22 -44.00
CA PHE H 4573 17.88 -55.61 -45.25
C PHE H 4573 17.83 -54.09 -45.14
N SER H 4574 18.41 -53.41 -46.14
CA SER H 4574 18.39 -51.96 -46.19
C SER H 4574 17.18 -51.49 -46.97
N PRO H 4575 16.24 -50.76 -46.35
CA PRO H 4575 15.01 -50.32 -47.02
C PRO H 4575 15.29 -49.35 -48.16
N SER H 4588 2.47 -77.35 -51.42
CA SER H 4588 2.96 -76.02 -51.09
C SER H 4588 2.08 -75.37 -50.04
N TRP H 4589 0.82 -75.79 -49.99
CA TRP H 4589 -0.12 -75.21 -49.03
C TRP H 4589 0.28 -75.52 -47.59
N LEU H 4590 0.99 -76.62 -47.37
CA LEU H 4590 1.43 -76.95 -46.02
C LEU H 4590 2.34 -75.87 -45.46
N SER H 4591 3.28 -75.37 -46.29
CA SER H 4591 4.14 -74.29 -45.87
C SER H 4591 3.43 -72.94 -45.88
N SER H 4592 2.48 -72.75 -46.81
CA SER H 4592 1.80 -71.47 -46.91
C SER H 4592 1.02 -71.15 -45.65
N ILE H 4593 0.29 -72.12 -45.11
CA ILE H 4593 -0.52 -71.90 -43.92
C ILE H 4593 0.37 -71.98 -42.67
N ASP H 4594 0.27 -70.96 -41.82
CA ASP H 4594 1.03 -70.90 -40.58
C ASP H 4594 0.28 -71.71 -39.52
N MET H 4595 0.56 -73.02 -39.49
CA MET H 4595 -0.19 -73.89 -38.59
C MET H 4595 0.04 -73.53 -37.13
N LYS H 4596 1.24 -73.07 -36.79
CA LYS H 4596 1.53 -72.71 -35.41
C LYS H 4596 0.67 -71.53 -34.96
N TYR H 4597 0.55 -70.51 -35.81
CA TYR H 4597 -0.27 -69.36 -35.46
C TYR H 4597 -1.73 -69.73 -35.34
N HIS H 4598 -2.22 -70.61 -36.21
CA HIS H 4598 -3.62 -71.01 -36.14
C HIS H 4598 -3.89 -71.89 -34.92
N ILE H 4599 -2.92 -72.72 -34.51
CA ILE H 4599 -3.07 -73.45 -33.26
C ILE H 4599 -3.14 -72.49 -32.08
N TRP H 4600 -2.29 -71.46 -32.09
CA TRP H 4600 -2.36 -70.44 -31.05
C TRP H 4600 -3.71 -69.75 -31.05
N LYS H 4601 -4.23 -69.43 -32.22
CA LYS H 4601 -5.52 -68.76 -32.31
C LYS H 4601 -6.65 -69.64 -31.80
N LEU H 4602 -6.61 -70.94 -32.14
CA LEU H 4602 -7.62 -71.85 -31.63
C LEU H 4602 -7.56 -71.96 -30.11
N GLY H 4603 -6.35 -72.01 -29.56
CA GLY H 4603 -6.23 -72.01 -28.10
C GLY H 4603 -6.76 -70.73 -27.48
N VAL H 4604 -6.57 -69.60 -28.15
CA VAL H 4604 -7.06 -68.33 -27.63
C VAL H 4604 -8.59 -68.28 -27.69
N VAL H 4605 -9.17 -68.76 -28.80
CA VAL H 4605 -10.62 -68.71 -28.97
C VAL H 4605 -11.31 -69.67 -28.01
N PHE H 4606 -10.83 -70.90 -27.94
CA PHE H 4606 -11.50 -71.93 -27.15
C PHE H 4606 -11.46 -71.67 -25.65
N THR H 4607 -10.60 -70.76 -25.19
CA THR H 4607 -10.63 -70.32 -23.81
C THR H 4607 -11.48 -69.08 -23.61
N ASP H 4608 -12.14 -68.61 -24.66
CA ASP H 4608 -13.04 -67.47 -24.55
C ASP H 4608 -14.39 -67.93 -24.02
N ASN H 4609 -14.92 -67.19 -23.03
CA ASN H 4609 -16.13 -67.65 -22.35
C ASN H 4609 -17.33 -67.65 -23.28
N SER H 4610 -17.51 -66.59 -24.08
CA SER H 4610 -18.68 -66.52 -24.95
C SER H 4610 -18.65 -67.61 -26.02
N PHE H 4611 -17.48 -67.85 -26.61
CA PHE H 4611 -17.38 -68.92 -27.60
C PHE H 4611 -17.61 -70.27 -26.96
N LEU H 4612 -17.14 -70.46 -25.73
CA LEU H 4612 -17.41 -71.71 -25.02
C LEU H 4612 -18.90 -71.91 -24.81
N TYR H 4613 -19.60 -70.84 -24.41
CA TYR H 4613 -21.05 -70.94 -24.22
C TYR H 4613 -21.75 -71.27 -25.53
N LEU H 4614 -21.33 -70.65 -26.63
CA LEU H 4614 -21.94 -70.93 -27.92
C LEU H 4614 -21.67 -72.37 -28.35
N ALA H 4615 -20.46 -72.86 -28.11
CA ALA H 4615 -20.14 -74.24 -28.45
C ALA H 4615 -20.96 -75.22 -27.62
N TRP H 4616 -21.15 -74.94 -26.32
CA TRP H 4616 -22.00 -75.78 -25.49
C TRP H 4616 -23.44 -75.75 -25.98
N TYR H 4617 -23.94 -74.57 -26.36
CA TYR H 4617 -25.28 -74.44 -26.91
C TYR H 4617 -25.44 -75.31 -28.15
N THR H 4618 -24.47 -75.25 -29.06
CA THR H 4618 -24.56 -76.03 -30.29
C THR H 4618 -24.43 -77.53 -30.01
N THR H 4619 -23.58 -77.90 -29.06
CA THR H 4619 -23.45 -79.31 -28.70
C THR H 4619 -24.75 -79.87 -28.15
N MET H 4620 -25.43 -79.10 -27.29
CA MET H 4620 -26.72 -79.55 -26.79
C MET H 4620 -27.76 -79.58 -27.90
N SER H 4621 -27.68 -78.65 -28.86
CA SER H 4621 -28.58 -78.70 -30.01
C SER H 4621 -28.38 -79.98 -30.80
N VAL H 4622 -27.13 -80.40 -30.98
CA VAL H 4622 -26.85 -81.63 -31.71
C VAL H 4622 -27.30 -82.86 -30.91
N LEU H 4623 -27.10 -82.82 -29.59
CA LEU H 4623 -27.55 -83.92 -28.74
C LEU H 4623 -29.07 -84.03 -28.73
N GLY H 4624 -29.77 -82.92 -28.92
CA GLY H 4624 -31.23 -82.94 -28.91
C GLY H 4624 -31.83 -83.80 -30.00
N HIS H 4625 -31.05 -84.14 -31.03
CA HIS H 4625 -31.51 -85.10 -32.02
C HIS H 4625 -31.41 -86.53 -31.50
N TYR H 4626 -30.42 -86.82 -30.66
CA TYR H 4626 -30.37 -88.09 -29.98
C TYR H 4626 -31.55 -88.27 -29.03
N ASN H 4627 -31.88 -87.22 -28.29
CA ASN H 4627 -33.03 -87.22 -27.39
C ASN H 4627 -33.57 -85.80 -27.32
N ASN H 4628 -34.87 -85.65 -27.59
CA ASN H 4628 -35.44 -84.31 -27.72
C ASN H 4628 -35.33 -83.49 -26.45
N PHE H 4629 -35.37 -84.14 -25.29
CA PHE H 4629 -35.45 -83.39 -24.04
C PHE H 4629 -34.19 -82.58 -23.77
N PHE H 4630 -33.09 -82.85 -24.47
CA PHE H 4630 -31.90 -82.01 -24.32
C PHE H 4630 -32.18 -80.58 -24.72
N PHE H 4631 -33.17 -80.36 -25.57
CA PHE H 4631 -33.53 -78.99 -25.93
C PHE H 4631 -33.98 -78.18 -24.72
N ALA H 4632 -34.43 -78.85 -23.66
CA ALA H 4632 -34.77 -78.13 -22.44
C ALA H 4632 -33.59 -77.33 -21.92
N ALA H 4633 -32.37 -77.83 -22.12
CA ALA H 4633 -31.19 -77.13 -21.62
C ALA H 4633 -31.03 -75.76 -22.26
N HIS H 4634 -31.69 -75.50 -23.38
CA HIS H 4634 -31.57 -74.21 -24.03
C HIS H 4634 -32.44 -73.14 -23.37
N LEU H 4635 -33.44 -73.54 -22.56
CA LEU H 4635 -34.24 -72.55 -21.87
C LEU H 4635 -33.38 -71.68 -20.96
N LEU H 4636 -32.31 -72.24 -20.41
CA LEU H 4636 -31.43 -71.50 -19.53
C LEU H 4636 -30.77 -70.32 -20.23
N ASP H 4637 -30.81 -70.29 -21.57
CA ASP H 4637 -30.33 -69.12 -22.29
C ASP H 4637 -31.04 -67.84 -21.88
N ILE H 4638 -32.27 -67.94 -21.36
CA ILE H 4638 -32.95 -66.73 -20.90
C ILE H 4638 -32.20 -66.10 -19.74
N ALA H 4639 -31.52 -66.90 -18.93
CA ALA H 4639 -30.72 -66.34 -17.84
C ALA H 4639 -29.46 -65.66 -18.36
N MET H 4640 -29.06 -65.94 -19.60
CA MET H 4640 -27.92 -65.28 -20.22
C MET H 4640 -28.36 -64.18 -21.19
N GLY H 4641 -29.63 -63.83 -21.20
CA GLY H 4641 -30.13 -62.84 -22.13
C GLY H 4641 -30.72 -61.62 -21.45
N PHE H 4642 -31.18 -61.79 -20.22
CA PHE H 4642 -31.76 -60.70 -19.44
C PHE H 4642 -30.81 -60.33 -18.32
N LYS H 4643 -30.66 -59.03 -18.07
CA LYS H 4643 -29.70 -58.55 -17.09
C LYS H 4643 -30.07 -59.01 -15.68
N THR H 4644 -31.35 -59.02 -15.36
CA THR H 4644 -31.79 -59.43 -14.03
C THR H 4644 -31.43 -60.87 -13.74
N LEU H 4645 -31.66 -61.76 -14.70
CA LEU H 4645 -31.37 -63.18 -14.48
C LEU H 4645 -29.87 -63.44 -14.46
N ARG H 4646 -29.10 -62.70 -15.27
CA ARG H 4646 -27.65 -62.82 -15.17
C ARG H 4646 -27.17 -62.36 -13.80
N THR H 4647 -27.76 -61.30 -13.25
CA THR H 4647 -27.40 -60.87 -11.90
C THR H 4647 -27.75 -61.93 -10.87
N ILE H 4648 -28.91 -62.58 -11.03
CA ILE H 4648 -29.29 -63.63 -10.08
C ILE H 4648 -28.30 -64.79 -10.16
N LEU H 4649 -27.89 -65.17 -11.36
CA LEU H 4649 -26.90 -66.24 -11.50
C LEU H 4649 -25.55 -65.83 -10.92
N SER H 4650 -25.14 -64.59 -11.13
CA SER H 4650 -23.86 -64.13 -10.60
C SER H 4650 -23.89 -64.04 -9.08
N SER H 4651 -25.06 -63.83 -8.49
CA SER H 4651 -25.16 -63.71 -7.04
C SER H 4651 -24.78 -65.01 -6.35
N VAL H 4652 -24.92 -66.14 -7.03
CA VAL H 4652 -24.55 -67.42 -6.43
C VAL H 4652 -23.04 -67.50 -6.23
N THR H 4653 -22.26 -67.08 -7.22
CA THR H 4653 -20.81 -67.18 -7.18
C THR H 4653 -20.15 -65.90 -6.68
N HIS H 4654 -20.92 -64.85 -6.38
CA HIS H 4654 -20.33 -63.62 -5.86
C HIS H 4654 -19.61 -63.87 -4.54
N ASN H 4655 -20.22 -64.67 -3.66
CA ASN H 4655 -19.65 -65.02 -2.36
C ASN H 4655 -19.30 -66.51 -2.32
N GLY H 4656 -18.71 -67.02 -3.40
CA GLY H 4656 -18.53 -68.46 -3.53
C GLY H 4656 -17.65 -69.06 -2.45
N LYS H 4657 -16.55 -68.40 -2.11
CA LYS H 4657 -15.66 -68.93 -1.09
C LYS H 4657 -16.35 -68.98 0.27
N GLN H 4658 -17.02 -67.90 0.65
CA GLN H 4658 -17.75 -67.87 1.91
C GLN H 4658 -18.87 -68.90 1.90
N LEU H 4659 -19.54 -69.06 0.77
CA LEU H 4659 -20.63 -70.03 0.66
C LEU H 4659 -20.12 -71.45 0.85
N VAL H 4660 -18.99 -71.78 0.22
CA VAL H 4660 -18.42 -73.12 0.34
C VAL H 4660 -17.99 -73.37 1.78
N LEU H 4661 -17.37 -72.38 2.42
CA LEU H 4661 -16.97 -72.55 3.81
C LEU H 4661 -18.18 -72.74 4.72
N THR H 4662 -19.26 -71.99 4.47
CA THR H 4662 -20.45 -72.12 5.31
C THR H 4662 -21.11 -73.48 5.14
N VAL H 4663 -21.18 -73.98 3.91
CA VAL H 4663 -21.74 -75.31 3.70
C VAL H 4663 -20.85 -76.38 4.34
N GLY H 4664 -19.54 -76.18 4.31
CA GLY H 4664 -18.65 -77.08 5.01
C GLY H 4664 -18.88 -77.08 6.52
N LEU H 4665 -19.09 -75.90 7.09
CA LEU H 4665 -19.39 -75.81 8.52
C LEU H 4665 -20.71 -76.51 8.85
N LEU H 4666 -21.72 -76.33 7.99
CA LEU H 4666 -22.98 -77.03 8.19
C LEU H 4666 -22.78 -78.54 8.17
N ALA H 4667 -22.00 -79.03 7.21
CA ALA H 4667 -21.74 -80.46 7.13
C ALA H 4667 -21.00 -80.97 8.37
N VAL H 4668 -20.04 -80.18 8.87
CA VAL H 4668 -19.29 -80.58 10.07
C VAL H 4668 -20.20 -80.64 11.28
N VAL H 4669 -21.06 -79.64 11.44
CA VAL H 4669 -21.98 -79.62 12.59
C VAL H 4669 -22.95 -80.80 12.52
N VAL H 4670 -23.48 -81.08 11.32
CA VAL H 4670 -24.38 -82.22 11.19
C VAL H 4670 -23.62 -83.52 11.42
N TYR H 4671 -22.33 -83.57 11.10
CA TYR H 4671 -21.54 -84.75 11.41
C TYR H 4671 -21.39 -84.94 12.91
N LEU H 4672 -21.17 -83.85 13.65
CA LEU H 4672 -21.09 -83.97 15.11
C LEU H 4672 -22.41 -84.45 15.70
N TYR H 4673 -23.52 -83.94 15.19
CA TYR H 4673 -24.82 -84.43 15.65
C TYR H 4673 -25.01 -85.90 15.29
N THR H 4674 -24.54 -86.31 14.12
CA THR H 4674 -24.61 -87.70 13.72
C THR H 4674 -23.82 -88.58 14.67
N VAL H 4675 -22.62 -88.14 15.05
CA VAL H 4675 -21.79 -88.90 15.98
C VAL H 4675 -22.52 -89.08 17.31
N VAL H 4676 -23.08 -87.99 17.83
CA VAL H 4676 -23.79 -88.07 19.11
C VAL H 4676 -24.98 -89.01 19.01
N ALA H 4677 -25.74 -88.91 17.91
CA ALA H 4677 -26.94 -89.74 17.77
C ALA H 4677 -26.61 -91.19 17.51
N PHE H 4678 -25.45 -91.47 16.91
CA PHE H 4678 -25.02 -92.84 16.67
C PHE H 4678 -24.52 -93.50 17.93
N ASN H 4679 -23.88 -92.73 18.81
CA ASN H 4679 -23.42 -93.33 20.07
C ASN H 4679 -24.56 -93.56 21.05
N PHE H 4680 -25.50 -92.61 21.16
CA PHE H 4680 -26.48 -92.62 22.24
C PHE H 4680 -27.90 -92.83 21.76
N PHE H 4681 -28.40 -92.01 20.83
CA PHE H 4681 -29.80 -92.04 20.44
C PHE H 4681 -29.97 -92.86 19.17
N ARG H 4682 -29.85 -94.18 19.30
CA ARG H 4682 -30.03 -95.04 18.16
C ARG H 4682 -31.39 -95.71 18.11
N LYS H 4683 -32.08 -95.81 19.25
CA LYS H 4683 -33.38 -96.46 19.30
C LYS H 4683 -34.48 -95.60 18.68
N PHE H 4684 -34.25 -94.30 18.56
CA PHE H 4684 -35.27 -93.38 18.08
C PHE H 4684 -35.29 -93.25 16.56
N TYR H 4685 -34.42 -93.94 15.84
CA TYR H 4685 -34.28 -93.76 14.41
C TYR H 4685 -34.91 -94.90 13.60
N ASN H 4686 -35.97 -95.50 14.11
CA ASN H 4686 -36.68 -96.56 13.40
C ASN H 4686 -37.79 -95.92 12.57
N LYS H 4687 -37.66 -95.97 11.26
CA LYS H 4687 -38.59 -95.32 10.35
C LYS H 4687 -39.53 -96.32 9.67
N SER H 4688 -39.91 -97.38 10.38
CA SER H 4688 -40.77 -98.41 9.83
C SER H 4688 -42.03 -98.53 10.67
N GLU H 4689 -43.19 -98.45 10.01
CA GLU H 4689 -44.46 -98.62 10.70
C GLU H 4689 -44.71 -100.10 11.03
N ASP H 4690 -44.37 -101.00 10.11
CA ASP H 4690 -44.56 -102.42 10.33
C ASP H 4690 -43.51 -102.96 11.29
N ASP H 4691 -43.97 -103.59 12.38
CA ASP H 4691 -43.04 -104.15 13.35
C ASP H 4691 -42.24 -105.32 12.79
N ASP H 4692 -42.72 -105.95 11.72
CA ASP H 4692 -41.99 -107.08 11.16
C ASP H 4692 -40.64 -106.65 10.59
N GLU H 4693 -40.61 -105.53 9.88
CA GLU H 4693 -39.39 -105.05 9.23
C GLU H 4693 -39.01 -103.67 9.73
N PRO H 4694 -38.11 -103.55 10.70
CA PRO H 4694 -37.69 -102.23 11.18
C PRO H 4694 -36.66 -101.62 10.25
N ASP H 4695 -36.90 -100.37 9.86
CA ASP H 4695 -35.99 -99.62 8.99
C ASP H 4695 -35.18 -98.66 9.85
N MET H 4696 -34.20 -99.19 10.55
CA MET H 4696 -33.36 -98.37 11.41
C MET H 4696 -32.45 -97.50 10.57
N LYS H 4697 -32.48 -96.19 10.82
CA LYS H 4697 -31.75 -95.22 10.04
C LYS H 4697 -30.42 -94.81 10.66
N CYS H 4698 -30.08 -95.34 11.83
CA CYS H 4698 -28.85 -94.91 12.49
C CYS H 4698 -28.09 -96.08 13.09
N ASP H 4699 -28.11 -97.23 12.45
CA ASP H 4699 -27.24 -98.34 12.81
C ASP H 4699 -25.92 -98.31 12.05
N ASP H 4700 -25.75 -97.35 11.15
CA ASP H 4700 -24.52 -97.14 10.40
C ASP H 4700 -24.23 -95.65 10.39
N MET H 4701 -22.95 -95.30 10.28
CA MET H 4701 -22.58 -93.89 10.33
C MET H 4701 -22.90 -93.18 9.02
N MET H 4702 -22.74 -93.86 7.89
CA MET H 4702 -23.07 -93.22 6.62
C MET H 4702 -24.58 -93.08 6.45
N THR H 4703 -25.33 -94.10 6.85
CA THR H 4703 -26.78 -93.99 6.79
C THR H 4703 -27.29 -92.89 7.70
N CYS H 4704 -26.76 -92.81 8.92
CA CYS H 4704 -27.20 -91.77 9.85
C CYS H 4704 -26.79 -90.39 9.36
N TYR H 4705 -25.59 -90.25 8.81
CA TYR H 4705 -25.15 -88.98 8.28
C TYR H 4705 -26.03 -88.53 7.12
N LEU H 4706 -26.35 -89.46 6.21
CA LEU H 4706 -27.22 -89.13 5.09
C LEU H 4706 -28.61 -88.75 5.59
N PHE H 4707 -29.12 -89.45 6.59
CA PHE H 4707 -30.43 -89.11 7.15
C PHE H 4707 -30.42 -87.71 7.72
N HIS H 4708 -29.41 -87.36 8.51
CA HIS H 4708 -29.36 -86.03 9.11
C HIS H 4708 -29.19 -84.94 8.06
N MET H 4709 -28.37 -85.19 7.03
CA MET H 4709 -28.14 -84.15 6.03
C MET H 4709 -29.32 -83.99 5.08
N TYR H 4710 -30.06 -85.06 4.81
CA TYR H 4710 -31.14 -85.01 3.84
C TYR H 4710 -32.48 -84.70 4.51
N VAL H 4711 -32.90 -85.55 5.44
CA VAL H 4711 -34.18 -85.36 6.09
C VAL H 4711 -34.13 -84.23 7.10
N GLY H 4712 -33.09 -84.20 7.95
CA GLY H 4712 -33.05 -83.25 9.03
C GLY H 4712 -32.92 -81.81 8.58
N VAL H 4713 -32.03 -81.55 7.63
CA VAL H 4713 -31.76 -80.16 7.24
C VAL H 4713 -32.96 -79.57 6.51
N ARG H 4714 -33.65 -80.36 5.69
CA ARG H 4714 -34.83 -79.88 4.99
C ARG H 4714 -36.07 -79.84 5.86
N ALA H 4715 -36.04 -80.45 7.04
CA ALA H 4715 -37.19 -80.43 7.93
C ALA H 4715 -37.35 -79.05 8.56
N GLY H 4716 -38.60 -78.65 8.77
CA GLY H 4716 -38.86 -77.32 9.29
C GLY H 4716 -38.36 -77.14 10.71
N GLY H 4717 -38.61 -78.12 11.57
CA GLY H 4717 -38.22 -78.05 12.96
C GLY H 4717 -36.95 -78.79 13.32
N GLY H 4718 -36.18 -79.23 12.33
CA GLY H 4718 -34.94 -79.92 12.62
C GLY H 4718 -35.10 -81.43 12.53
N ILE H 4719 -34.31 -82.15 13.31
CA ILE H 4719 -34.35 -83.60 13.29
C ILE H 4719 -35.36 -84.17 14.28
N GLY H 4720 -35.78 -83.38 15.27
CA GLY H 4720 -36.79 -83.85 16.20
C GLY H 4720 -38.12 -84.10 15.55
N ASP H 4721 -38.38 -83.47 14.40
CA ASP H 4721 -39.63 -83.71 13.68
C ASP H 4721 -39.67 -85.11 13.07
N GLU H 4722 -38.52 -85.65 12.70
CA GLU H 4722 -38.44 -86.82 11.86
C GLU H 4722 -38.03 -88.09 12.60
N ILE H 4723 -37.96 -88.07 13.92
CA ILE H 4723 -37.58 -89.24 14.71
C ILE H 4723 -38.56 -89.42 15.86
N GLU H 4724 -38.40 -90.53 16.57
CA GLU H 4724 -39.35 -90.95 17.57
C GLU H 4724 -39.41 -89.97 18.74
N ASP H 4725 -40.59 -89.88 19.34
CA ASP H 4725 -40.81 -88.95 20.45
C ASP H 4725 -40.09 -89.44 21.70
N PRO H 4726 -39.33 -88.58 22.38
CA PRO H 4726 -38.53 -89.03 23.52
C PRO H 4726 -39.29 -89.14 24.84
N ALA H 4727 -40.60 -88.98 24.84
CA ALA H 4727 -41.35 -88.92 26.09
C ALA H 4727 -41.24 -90.24 26.85
N GLY H 4728 -41.12 -90.13 28.18
CA GLY H 4728 -41.06 -91.31 29.02
C GLY H 4728 -39.83 -92.18 28.77
N ASP H 4729 -38.66 -91.56 28.65
CA ASP H 4729 -37.42 -92.27 28.39
C ASP H 4729 -36.34 -91.69 29.28
N PRO H 4730 -35.37 -92.51 29.68
CA PRO H 4730 -34.26 -91.97 30.49
C PRO H 4730 -33.49 -90.86 29.81
N TYR H 4731 -33.44 -90.85 28.47
CA TYR H 4731 -32.72 -89.85 27.71
C TYR H 4731 -33.63 -88.75 27.19
N GLU H 4732 -34.74 -88.48 27.87
CA GLU H 4732 -35.70 -87.50 27.37
C GLU H 4732 -35.10 -86.10 27.35
N MET H 4733 -34.38 -85.71 28.41
CA MET H 4733 -33.84 -84.36 28.45
C MET H 4733 -32.66 -84.19 27.51
N TYR H 4734 -31.80 -85.21 27.42
CA TYR H 4734 -30.73 -85.17 26.45
C TYR H 4734 -31.28 -85.09 25.03
N ARG H 4735 -32.36 -85.82 24.76
CA ARG H 4735 -32.99 -85.77 23.45
C ARG H 4735 -33.59 -84.40 23.18
N ILE H 4736 -34.20 -83.79 24.19
CA ILE H 4736 -34.78 -82.45 24.03
C ILE H 4736 -33.69 -81.43 23.70
N VAL H 4737 -32.58 -81.48 24.44
CA VAL H 4737 -31.48 -80.57 24.18
C VAL H 4737 -30.90 -80.82 22.79
N PHE H 4738 -30.75 -82.09 22.42
CA PHE H 4738 -30.28 -82.46 21.09
C PHE H 4738 -31.15 -81.84 20.01
N ASP H 4739 -32.46 -82.01 20.10
CA ASP H 4739 -33.37 -81.50 19.09
C ASP H 4739 -33.37 -79.98 19.03
N ILE H 4740 -33.42 -79.33 20.18
CA ILE H 4740 -33.50 -77.87 20.20
C ILE H 4740 -32.23 -77.25 19.68
N THR H 4741 -31.06 -77.81 20.03
CA THR H 4741 -29.81 -77.28 19.52
C THR H 4741 -29.66 -77.54 18.02
N PHE H 4742 -30.13 -78.70 17.53
CA PHE H 4742 -30.12 -78.92 16.09
C PHE H 4742 -30.99 -77.90 15.38
N PHE H 4743 -32.16 -77.61 15.94
CA PHE H 4743 -33.05 -76.61 15.35
C PHE H 4743 -32.40 -75.24 15.34
N PHE H 4744 -31.70 -74.87 16.42
CA PHE H 4744 -31.17 -73.52 16.52
C PHE H 4744 -29.91 -73.33 15.67
N PHE H 4745 -28.90 -74.18 15.89
CA PHE H 4745 -27.63 -73.99 15.18
C PHE H 4745 -27.76 -74.24 13.69
N VAL H 4746 -28.49 -75.28 13.30
CA VAL H 4746 -28.54 -75.67 11.90
C VAL H 4746 -29.67 -74.96 11.18
N ILE H 4747 -30.90 -75.18 11.62
CA ILE H 4747 -32.06 -74.67 10.88
C ILE H 4747 -32.11 -73.15 10.95
N VAL H 4748 -31.93 -72.58 12.15
CA VAL H 4748 -32.18 -71.16 12.33
C VAL H 4748 -30.96 -70.34 11.94
N ILE H 4749 -29.76 -70.78 12.32
CA ILE H 4749 -28.56 -69.95 12.17
C ILE H 4749 -27.85 -70.20 10.86
N LEU H 4750 -27.47 -71.45 10.58
CA LEU H 4750 -26.61 -71.72 9.44
C LEU H 4750 -27.36 -71.62 8.13
N LEU H 4751 -28.57 -72.16 8.05
CA LEU H 4751 -29.34 -72.06 6.81
C LEU H 4751 -29.66 -70.62 6.46
N ALA H 4752 -30.00 -69.82 7.46
CA ALA H 4752 -30.28 -68.40 7.22
C ALA H 4752 -29.04 -67.67 6.73
N ILE H 4753 -27.87 -68.00 7.28
CA ILE H 4753 -26.62 -67.39 6.82
C ILE H 4753 -26.31 -67.79 5.38
N ILE H 4754 -26.50 -69.07 5.06
CA ILE H 4754 -26.26 -69.53 3.69
C ILE H 4754 -27.17 -68.80 2.71
N GLN H 4755 -28.45 -68.67 3.06
CA GLN H 4755 -29.39 -67.95 2.21
C GLN H 4755 -29.02 -66.47 2.08
N GLY H 4756 -28.61 -65.86 3.19
CA GLY H 4756 -28.23 -64.47 3.15
C GLY H 4756 -27.02 -64.20 2.29
N LEU H 4757 -26.07 -65.13 2.27
CA LEU H 4757 -24.87 -64.94 1.46
C LEU H 4757 -25.19 -64.80 -0.02
N ILE H 4758 -26.35 -65.28 -0.46
CA ILE H 4758 -26.77 -65.16 -1.86
C ILE H 4758 -27.72 -63.98 -2.05
N ILE H 4759 -28.69 -63.82 -1.15
CA ILE H 4759 -29.64 -62.71 -1.31
C ILE H 4759 -28.92 -61.37 -1.15
N ASP H 4760 -28.02 -61.27 -0.18
CA ASP H 4760 -27.22 -60.06 -0.02
C ASP H 4760 -26.33 -59.81 -1.22
N ALA H 4761 -25.75 -60.86 -1.82
CA ALA H 4761 -24.94 -60.67 -3.01
C ALA H 4761 -25.76 -60.12 -4.16
N PHE H 4762 -26.98 -60.63 -4.32
CA PHE H 4762 -27.89 -60.09 -5.33
C PHE H 4762 -28.15 -58.60 -5.10
N GLY H 4763 -28.47 -58.25 -3.85
CA GLY H 4763 -28.69 -56.85 -3.53
C GLY H 4763 -27.47 -55.99 -3.78
N GLU H 4764 -26.29 -56.51 -3.44
CA GLU H 4764 -25.05 -55.76 -3.60
C GLU H 4764 -24.72 -55.52 -5.07
N LEU H 4765 -24.92 -56.53 -5.91
CA LEU H 4765 -24.69 -56.36 -7.35
C LEU H 4765 -25.63 -55.32 -7.94
N ARG H 4766 -26.91 -55.38 -7.57
CA ARG H 4766 -27.84 -54.37 -8.06
C ARG H 4766 -27.47 -52.98 -7.56
N ASP H 4767 -27.01 -52.88 -6.31
CA ASP H 4767 -26.57 -51.59 -5.79
C ASP H 4767 -25.36 -51.07 -6.56
N GLN H 4768 -24.43 -51.94 -6.91
CA GLN H 4768 -23.27 -51.51 -7.68
C GLN H 4768 -23.68 -50.97 -9.04
N GLN H 4769 -24.61 -51.65 -9.70
CA GLN H 4769 -25.08 -51.16 -11.00
C GLN H 4769 -25.72 -49.78 -10.87
N GLU H 4770 -26.62 -49.63 -9.89
CA GLU H 4770 -27.26 -48.33 -9.70
C GLU H 4770 -26.24 -47.25 -9.33
N GLN H 4771 -25.22 -47.62 -8.55
CA GLN H 4771 -24.21 -46.65 -8.15
C GLN H 4771 -23.37 -46.21 -9.33
N VAL H 4772 -23.05 -47.12 -10.25
CA VAL H 4772 -22.34 -46.74 -11.47
C VAL H 4772 -23.19 -45.77 -12.27
N ARG H 4773 -24.47 -46.06 -12.42
CA ARG H 4773 -25.35 -45.15 -13.17
C ARG H 4773 -25.41 -43.78 -12.51
N GLU H 4774 -25.45 -43.74 -11.18
CA GLU H 4774 -25.50 -42.45 -10.49
C GLU H 4774 -24.17 -41.71 -10.61
N ASP H 4775 -23.05 -42.42 -10.56
CA ASP H 4775 -21.75 -41.78 -10.69
C ASP H 4775 -21.59 -41.16 -12.07
N MET H 4776 -22.02 -41.85 -13.12
CA MET H 4776 -21.93 -41.26 -14.45
C MET H 4776 -22.79 -40.01 -14.57
N GLU H 4777 -23.92 -39.97 -13.88
CA GLU H 4777 -24.84 -38.84 -13.96
C GLU H 4777 -24.49 -37.71 -13.01
N THR H 4778 -23.45 -37.86 -12.18
CA THR H 4778 -23.08 -36.82 -11.24
C THR H 4778 -21.59 -36.48 -11.26
N LYS H 4779 -20.85 -36.97 -12.24
CA LYS H 4779 -19.45 -36.64 -12.38
C LYS H 4779 -19.08 -36.69 -13.85
N CYS H 4780 -18.00 -36.01 -14.20
CA CYS H 4780 -17.46 -36.07 -15.55
C CYS H 4780 -16.43 -37.19 -15.62
N PHE H 4781 -16.57 -38.04 -16.65
CA PHE H 4781 -15.68 -39.19 -16.78
C PHE H 4781 -14.23 -38.77 -16.95
N ILE H 4782 -13.98 -37.62 -17.57
CA ILE H 4782 -12.63 -37.21 -17.93
C ILE H 4782 -11.99 -36.42 -16.80
N CYS H 4783 -12.61 -35.32 -16.38
CA CYS H 4783 -11.98 -34.43 -15.39
C CYS H 4783 -12.39 -34.74 -13.96
N GLY H 4784 -13.51 -35.44 -13.76
CA GLY H 4784 -13.92 -35.82 -12.42
C GLY H 4784 -14.57 -34.72 -11.61
N ILE H 4785 -14.90 -33.58 -12.22
CA ILE H 4785 -15.59 -32.51 -11.51
C ILE H 4785 -17.07 -32.83 -11.43
N GLY H 4786 -17.64 -32.66 -10.24
CA GLY H 4786 -19.04 -32.97 -10.04
C GLY H 4786 -19.96 -32.03 -10.78
N ASN H 4787 -21.21 -32.46 -10.93
CA ASN H 4787 -22.18 -31.65 -11.64
C ASN H 4787 -22.66 -30.44 -10.85
N ASP H 4788 -22.30 -30.35 -9.57
CA ASP H 4788 -22.64 -29.16 -8.80
C ASP H 4788 -21.95 -27.92 -9.37
N TYR H 4789 -20.69 -28.06 -9.78
CA TYR H 4789 -19.97 -26.93 -10.33
C TYR H 4789 -20.62 -26.44 -11.63
N PHE H 4790 -20.97 -27.37 -12.51
CA PHE H 4790 -21.51 -26.98 -13.81
C PHE H 4790 -22.99 -26.67 -13.77
N ASP H 4791 -23.69 -27.04 -12.70
CA ASP H 4791 -25.12 -26.78 -12.63
C ASP H 4791 -25.45 -25.35 -12.25
N THR H 4792 -24.45 -24.52 -11.94
CA THR H 4792 -24.71 -23.11 -11.69
C THR H 4792 -25.30 -22.44 -12.93
N THR H 4793 -24.96 -22.91 -14.11
CA THR H 4793 -25.57 -22.48 -15.35
C THR H 4793 -26.62 -23.48 -15.81
N PRO H 4794 -27.60 -23.03 -16.60
CA PRO H 4794 -28.64 -23.96 -17.07
C PRO H 4794 -28.06 -25.03 -17.96
N HIS H 4795 -28.30 -26.30 -17.60
CA HIS H 4795 -27.80 -27.44 -18.35
C HIS H 4795 -26.28 -27.42 -18.44
N GLY H 4796 -25.63 -26.95 -17.38
CA GLY H 4796 -24.17 -26.86 -17.40
C GLY H 4796 -23.51 -28.21 -17.51
N PHE H 4797 -23.96 -29.18 -16.70
CA PHE H 4797 -23.33 -30.50 -16.72
C PHE H 4797 -23.57 -31.21 -18.04
N GLU H 4798 -24.80 -31.11 -18.59
CA GLU H 4798 -25.07 -31.77 -19.85
C GLU H 4798 -24.23 -31.16 -20.98
N THR H 4799 -24.11 -29.84 -21.00
CA THR H 4799 -23.28 -29.20 -22.02
C THR H 4799 -21.82 -29.58 -21.86
N HIS H 4800 -21.33 -29.63 -20.62
CA HIS H 4800 -19.94 -29.96 -20.38
C HIS H 4800 -19.61 -31.36 -20.88
N THR H 4801 -20.48 -32.32 -20.61
CA THR H 4801 -20.22 -33.71 -20.95
C THR H 4801 -20.69 -34.08 -22.35
N LEU H 4802 -21.24 -33.12 -23.10
CA LEU H 4802 -21.61 -33.35 -24.48
C LEU H 4802 -20.84 -32.48 -25.46
N GLN H 4803 -20.26 -31.38 -25.01
CA GLN H 4803 -19.44 -30.53 -25.86
C GLN H 4803 -18.02 -30.38 -25.36
N GLU H 4804 -17.84 -30.08 -24.07
CA GLU H 4804 -16.50 -29.79 -23.57
C GLU H 4804 -15.68 -31.06 -23.38
N HIS H 4805 -16.11 -31.95 -22.50
CA HIS H 4805 -15.41 -33.20 -22.22
C HIS H 4805 -16.34 -34.34 -22.57
N ASN H 4806 -16.25 -34.84 -23.80
CA ASN H 4806 -17.03 -35.99 -24.24
C ASN H 4806 -16.07 -37.09 -24.66
N LEU H 4807 -16.21 -38.27 -24.04
CA LEU H 4807 -15.26 -39.34 -24.29
C LEU H 4807 -15.31 -39.82 -25.75
N ALA H 4808 -16.49 -39.73 -26.37
CA ALA H 4808 -16.57 -40.04 -27.79
C ALA H 4808 -15.71 -39.07 -28.60
N ASN H 4809 -15.63 -37.81 -28.17
CA ASN H 4809 -14.80 -36.84 -28.88
C ASN H 4809 -13.32 -37.17 -28.72
N TYR H 4810 -12.93 -37.71 -27.57
CA TYR H 4810 -11.53 -38.13 -27.41
C TYR H 4810 -11.23 -39.35 -28.28
N LEU H 4811 -12.18 -40.28 -28.40
CA LEU H 4811 -11.99 -41.39 -29.33
C LEU H 4811 -11.87 -40.90 -30.77
N PHE H 4812 -12.72 -39.96 -31.16
CA PHE H 4812 -12.67 -39.42 -32.51
C PHE H 4812 -11.39 -38.62 -32.73
N PHE H 4813 -10.88 -37.96 -31.70
CA PHE H 4813 -9.60 -37.27 -31.86
C PHE H 4813 -8.47 -38.25 -32.07
N LEU H 4814 -8.49 -39.38 -31.38
CA LEU H 4814 -7.47 -40.39 -31.63
C LEU H 4814 -7.56 -40.92 -33.06
N MET H 4815 -8.78 -41.19 -33.53
CA MET H 4815 -8.93 -41.62 -34.93
C MET H 4815 -8.43 -40.56 -35.89
N TYR H 4816 -8.72 -39.30 -35.60
CA TYR H 4816 -8.29 -38.19 -36.43
C TYR H 4816 -6.78 -38.10 -36.49
N LEU H 4817 -6.11 -38.27 -35.34
CA LEU H 4817 -4.66 -38.26 -35.32
C LEU H 4817 -4.07 -39.43 -36.10
N ILE H 4818 -4.67 -40.62 -35.99
CA ILE H 4818 -4.14 -41.77 -36.70
C ILE H 4818 -4.23 -41.57 -38.20
N ASN H 4819 -5.35 -41.03 -38.69
CA ASN H 4819 -5.59 -40.93 -40.12
C ASN H 4819 -5.02 -39.67 -40.75
N LYS H 4820 -4.30 -38.86 -39.98
CA LYS H 4820 -3.72 -37.62 -40.47
C LYS H 4820 -2.21 -37.78 -40.58
N ASP H 4821 -1.62 -37.16 -41.61
CA ASP H 4821 -0.18 -37.25 -41.80
C ASP H 4821 0.54 -36.55 -40.66
N GLU H 4822 1.67 -37.12 -40.25
CA GLU H 4822 2.45 -36.49 -39.20
C GLU H 4822 3.03 -35.15 -39.64
N THR H 4823 3.22 -34.95 -40.94
CA THR H 4823 3.69 -33.67 -41.42
C THR H 4823 2.61 -32.60 -41.39
N GLU H 4824 1.34 -33.01 -41.33
CA GLU H 4824 0.22 -32.09 -41.27
C GLU H 4824 -0.25 -31.82 -39.86
N HIS H 4825 0.29 -32.52 -38.86
CA HIS H 4825 -0.11 -32.30 -37.48
C HIS H 4825 0.20 -30.87 -37.06
N THR H 4826 -0.74 -30.26 -36.35
CA THR H 4826 -0.53 -28.94 -35.78
C THR H 4826 0.21 -29.08 -34.46
N GLY H 4827 0.37 -27.97 -33.73
CA GLY H 4827 1.11 -28.03 -32.49
C GLY H 4827 0.41 -28.87 -31.44
N GLN H 4828 -0.90 -28.68 -31.29
CA GLN H 4828 -1.66 -29.43 -30.29
C GLN H 4828 -1.78 -30.90 -30.67
N GLU H 4829 -2.07 -31.17 -31.94
CA GLU H 4829 -2.15 -32.55 -32.41
C GLU H 4829 -0.80 -33.24 -32.29
N SER H 4830 0.27 -32.55 -32.65
CA SER H 4830 1.61 -33.13 -32.53
C SER H 4830 1.97 -33.40 -31.08
N TYR H 4831 1.62 -32.47 -30.18
CA TYR H 4831 1.88 -32.65 -28.76
C TYR H 4831 1.15 -33.88 -28.22
N VAL H 4832 -0.14 -33.99 -28.53
CA VAL H 4832 -0.93 -35.12 -28.05
C VAL H 4832 -0.42 -36.42 -28.65
N TRP H 4833 -0.04 -36.40 -29.93
CA TRP H 4833 0.45 -37.61 -30.58
C TRP H 4833 1.77 -38.07 -29.97
N LYS H 4834 2.66 -37.14 -29.66
CA LYS H 4834 3.90 -37.52 -29.01
C LYS H 4834 3.64 -38.11 -27.63
N MET H 4835 2.75 -37.50 -26.86
CA MET H 4835 2.45 -38.04 -25.54
C MET H 4835 1.80 -39.41 -25.64
N TYR H 4836 0.96 -39.63 -26.63
CA TYR H 4836 0.34 -40.93 -26.83
C TYR H 4836 1.38 -41.98 -27.24
N GLN H 4837 2.31 -41.61 -28.12
CA GLN H 4837 3.37 -42.55 -28.50
C GLN H 4837 4.20 -42.93 -27.29
N GLU H 4838 4.55 -41.95 -26.45
CA GLU H 4838 5.26 -42.24 -25.22
C GLU H 4838 4.37 -42.81 -24.13
N ARG H 4839 3.06 -42.83 -24.34
CA ARG H 4839 2.10 -43.33 -23.36
C ARG H 4839 2.18 -42.54 -22.06
N CYS H 4840 2.14 -41.22 -22.18
CA CYS H 4840 2.00 -40.31 -21.05
C CYS H 4840 0.66 -39.62 -21.15
N TRP H 4841 -0.18 -39.78 -20.14
CA TRP H 4841 -1.57 -39.35 -20.18
C TRP H 4841 -1.79 -38.03 -19.46
N ASP H 4842 -0.80 -37.14 -19.54
CA ASP H 4842 -0.91 -35.84 -18.88
C ASP H 4842 -1.72 -34.84 -19.66
N PHE H 4843 -2.13 -35.16 -20.89
CA PHE H 4843 -2.88 -34.21 -21.69
C PHE H 4843 -4.39 -34.27 -21.43
N PHE H 4844 -4.86 -35.23 -20.66
CA PHE H 4844 -6.25 -35.22 -20.26
C PHE H 4844 -6.47 -34.19 -19.17
N PRO H 4845 -7.54 -33.41 -19.24
CA PRO H 4845 -7.81 -32.45 -18.16
C PRO H 4845 -8.33 -33.15 -16.92
N ALA H 4846 -7.49 -33.23 -15.88
CA ALA H 4846 -7.83 -33.94 -14.65
C ALA H 4846 -8.14 -32.91 -13.56
N GLY H 4847 -9.41 -32.84 -13.18
CA GLY H 4847 -9.81 -31.89 -12.15
C GLY H 4847 -9.81 -30.45 -12.58
N ASP H 4848 -9.85 -30.19 -13.89
CA ASP H 4848 -9.79 -28.82 -14.40
C ASP H 4848 -10.50 -28.77 -15.73
N CYS H 4849 -10.91 -27.57 -16.12
CA CYS H 4849 -11.61 -27.39 -17.39
C CYS H 4849 -11.43 -25.96 -17.85
N PHE H 4850 -12.00 -25.64 -19.00
CA PHE H 4850 -11.93 -24.29 -19.54
C PHE H 4850 -12.67 -23.31 -18.66
N ARG H 4851 -13.79 -23.73 -18.08
CA ARG H 4851 -14.56 -22.85 -17.21
C ARG H 4851 -13.76 -22.46 -15.97
N LYS H 4852 -13.19 -23.45 -15.27
CA LYS H 4852 -12.40 -23.15 -14.09
C LYS H 4852 -11.15 -22.37 -14.45
N GLN H 4853 -10.53 -22.69 -15.58
CA GLN H 4853 -9.32 -21.98 -16.00
C GLN H 4853 -9.60 -20.50 -16.22
N TYR H 4854 -10.70 -20.19 -16.90
CA TYR H 4854 -11.00 -18.80 -17.26
C TYR H 4854 -12.32 -18.37 -16.65
N GLU H 4855 -12.53 -18.69 -15.37
CA GLU H 4855 -13.82 -18.38 -14.75
C GLU H 4855 -14.07 -16.87 -14.71
N ASP H 4856 -13.04 -16.08 -14.44
CA ASP H 4856 -13.20 -14.64 -14.39
C ASP H 4856 -13.45 -14.06 -15.79
N GLN H 4857 -12.51 -14.28 -16.71
CA GLN H 4857 -12.64 -13.69 -18.05
C GLN H 4857 -13.85 -14.25 -18.78
N LEU H 4858 -13.99 -15.58 -18.81
CA LEU H 4858 -15.05 -16.19 -19.59
C LEU H 4858 -16.43 -15.82 -19.04
N GLY H 4859 -16.56 -15.82 -17.72
CA GLY H 4859 -17.83 -15.46 -17.09
C GLY H 4859 -18.62 -16.65 -16.60
ZN ZN I . -35.13 -19.58 -0.24
CA CA J . -47.81 2.57 -16.35
PG ATP K . -50.12 -29.93 4.87
O1G ATP K . -50.79 -30.60 3.72
O2G ATP K . -50.66 -28.52 5.15
O3G ATP K . -50.13 -30.75 6.15
PB ATP K . -47.41 -28.70 4.90
O1B ATP K . -47.90 -27.46 5.53
O2B ATP K . -46.37 -29.48 5.70
O3B ATP K . -48.57 -29.70 4.55
PA ATP K . -45.36 -28.51 2.79
O1A ATP K . -45.07 -27.34 1.94
O2A ATP K . -45.29 -29.87 2.06
O3A ATP K . -46.78 -28.41 3.46
O5' ATP K . -44.39 -28.56 4.03
C5' ATP K . -44.04 -27.37 4.76
C4' ATP K . -42.58 -27.48 5.10
O4' ATP K . -41.86 -27.05 3.92
C3' ATP K . -42.20 -26.48 6.19
O3' ATP K . -41.32 -27.18 7.06
C2' ATP K . -41.32 -25.46 5.47
O2' ATP K . -40.21 -25.24 6.33
C1' ATP K . -40.76 -26.31 4.34
N9 ATP K . -40.33 -25.50 3.20
C8 ATP K . -39.12 -25.55 2.59
N7 ATP K . -38.99 -24.72 1.58
C5 ATP K . -40.22 -24.08 1.54
C6 ATP K . -40.73 -23.07 0.69
N6 ATP K . -40.04 -22.52 -0.31
N1 ATP K . -41.98 -22.66 0.91
C2 ATP K . -42.69 -23.21 1.91
N3 ATP K . -42.30 -24.15 2.76
C4 ATP K . -41.05 -24.56 2.52
H5'1 ATP K . -44.57 -27.31 5.56
H5'2 ATP K . -44.19 -26.60 4.20
H4' ATP K . -42.36 -28.39 5.36
H3' ATP K . -42.96 -26.09 6.66
HO3' ATP K . -40.78 -27.63 6.58
H2' ATP K . -41.79 -24.65 5.22
HO2' ATP K . -40.20 -24.40 6.51
H1' ATP K . -40.03 -26.87 4.67
H8 ATP K . -38.43 -26.12 2.86
HN61 ATP K . -39.18 -22.49 -0.27
HN62 ATP K . -40.45 -22.20 -1.00
H2 ATP K . -43.55 -22.89 2.02
N1 CFF L . -54.11 -15.47 -17.61
C2 CFF L . -52.77 -15.81 -17.58
C10 CFF L . -54.45 -14.23 -18.33
C6 CFF L . -55.17 -16.17 -17.03
N3 CFF L . -52.43 -16.96 -16.92
O11 CFF L . -51.93 -15.14 -18.13
C12 CFF L . -51.05 -17.40 -16.85
C4 CFF L . -53.40 -17.71 -16.32
C5 CFF L . -54.72 -17.34 -16.36
N9 CFF L . -53.23 -18.85 -15.65
O13 CFF L . -56.32 -15.79 -17.10
N7 CFF L . -55.38 -18.31 -15.67
C8 CFF L . -54.46 -19.17 -15.27
C14 CFF L . -56.80 -18.40 -15.42
H101 CFF L . -55.29 -13.87 -18.01
H102 CFF L . -54.53 -14.41 -19.27
H103 CFF L . -53.76 -13.56 -18.19
H121 CFF L . -50.90 -17.91 -16.03
H122 CFF L . -50.45 -16.63 -16.84
H123 CFF L . -50.84 -17.95 -17.61
H81 CFF L . -54.66 -19.93 -14.77
H141 CFF L . -57.20 -19.11 -15.95
H142 CFF L . -57.25 -17.57 -15.61
H143 CFF L . -56.92 -18.62 -14.48
PG ATP M . 6.73 25.42 -37.93
O1G ATP M . 6.54 25.84 -39.34
O2G ATP M . 8.17 25.49 -37.44
O3G ATP M . 5.83 26.16 -36.94
PB ATP M . 6.27 22.76 -36.64
O1B ATP M . 5.50 21.58 -37.07
O2B ATP M . 7.72 22.49 -36.21
O3B ATP M . 6.32 23.89 -37.75
PA ATP M . 5.21 23.21 -33.92
O1A ATP M . 6.37 22.64 -33.20
O2A ATP M . 3.97 22.32 -33.93
O3A ATP M . 5.57 23.52 -35.43
O5' ATP M . 4.81 24.62 -33.34
C5' ATP M . 5.54 25.23 -32.25
C4' ATP M . 6.72 25.97 -32.82
O4' ATP M . 6.24 26.65 -34.01
C3' ATP M . 7.16 27.11 -31.92
O3' ATP M . 8.39 27.56 -32.45
C2' ATP M . 6.14 28.19 -32.24
O2' ATP M . 6.83 29.42 -32.05
C1' ATP M . 6.04 28.02 -33.76
N9 ATP M . 4.70 28.33 -34.25
C8 ATP M . 3.93 27.55 -35.06
N7 ATP M . 2.76 28.06 -35.34
C5 ATP M . 2.76 29.28 -34.67
C6 ATP M . 1.81 30.29 -34.56
N6 ATP M . 0.61 30.27 -35.16
N1 ATP M . 2.13 31.38 -33.81
C2 ATP M . 3.31 31.40 -33.21
N3 ATP M . 4.29 30.50 -33.23
C4 ATP M . 3.95 29.45 -33.98
H5'1 ATP M . 5.86 24.53 -31.66
H5'2 ATP M . 4.95 25.82 -31.76
H4' ATP M . 7.45 25.36 -33.01
H3' ATP M . 7.21 26.87 -30.98
HO3' ATP M . 8.65 28.20 -31.95
H2' ATP M . 5.30 28.13 -31.77
HO2' ATP M . 6.58 29.95 -32.65
H1' ATP M . 6.70 28.57 -34.23
H8 ATP M . 4.21 26.72 -35.38
HN61 ATP M . 0.09 30.95 -35.12
HN62 ATP M . 0.36 29.57 -35.59
H2 ATP M . 3.48 32.17 -32.70
CL CL N . -11.55 32.28 -40.25
ZN ZN O . -18.86 -26.47 23.70
CA CA P . -23.80 -5.04 44.36
PG ATP Q . -23.64 -42.23 33.01
O1G ATP Q . -25.09 -42.30 33.32
O2G ATP Q . -22.82 -41.52 34.09
O3G ATP Q . -23.01 -43.58 32.68
PB ATP Q . -22.32 -40.40 31.06
O1B ATP Q . -21.28 -40.01 32.04
O2B ATP Q . -21.81 -41.09 29.79
O3B ATP Q . -23.40 -41.35 31.69
PA ATP Q . -23.46 -38.36 29.26
O1A ATP Q . -23.48 -36.90 29.48
O2A ATP Q . -24.73 -38.94 28.63
O3A ATP Q . -23.20 -39.16 30.60
O5' ATP Q . -22.23 -38.78 28.37
C5' ATP Q . -20.93 -38.18 28.55
C4' ATP Q . -20.35 -37.96 27.19
O4' ATP Q . -20.92 -36.73 26.70
C3' ATP Q . -18.84 -37.71 27.27
O3' ATP Q . -18.27 -38.43 26.18
C2' ATP Q . -18.69 -36.23 26.90
O2' ATP Q . -17.61 -36.18 25.98
C1' ATP Q . -19.92 -36.04 26.02
N9 ATP Q . -20.34 -34.64 25.96
C8 ATP Q . -20.58 -33.91 24.83
N7 ATP Q . -20.94 -32.67 25.05
C5 ATP Q . -20.95 -32.59 26.44
C6 ATP Q . -21.25 -31.52 27.32
N6 ATP Q . -21.62 -30.31 26.91
N1 ATP Q . -21.16 -31.77 28.64
C2 ATP Q . -20.80 -32.99 29.05
N3 ATP Q . -20.49 -34.05 28.31
C4 ATP Q . -20.58 -33.79 27.01
H5'1 ATP Q . -20.36 -38.77 29.07
H5'2 ATP Q . -21.03 -37.33 29.01
H4' ATP Q . -20.55 -38.71 26.60
H3' ATP Q . -18.45 -37.94 28.12
HO3' ATP Q . -18.77 -38.31 25.50
H2' ATP Q . -18.60 -35.64 27.66
HO2' ATP Q . -17.03 -35.65 26.32
H1' ATP Q . -19.77 -36.39 25.12
H8 ATP Q . -20.48 -34.26 23.97
HN61 ATP Q . -21.36 -30.01 26.15
HN62 ATP Q . -22.12 -29.82 27.42
H2 ATP Q . -20.75 -33.11 29.97
N1 CFF R . -35.65 -19.97 42.52
C2 CFF R . -35.48 -19.79 41.15
C10 CFF R . -35.69 -18.75 43.34
C6 CFF R . -35.79 -21.18 43.19
N3 CFF R . -35.44 -20.90 40.38
O11 CFF R . -35.37 -18.68 40.67
C12 CFF R . -35.27 -20.80 38.93
C4 CFF R . -35.57 -22.13 40.94
C5 CFF R . -35.74 -22.29 42.30
N9 CFF R . -35.56 -23.32 40.33
O13 CFF R . -35.94 -21.26 44.39
N7 CFF R . -35.83 -23.64 42.49
C8 CFF R . -35.72 -24.19 41.30
C14 CFF R . -36.02 -24.33 43.74
H101 CFF R . -35.45 -18.95 44.25
H102 CFF R . -36.58 -18.37 43.33
H103 CFF R . -35.06 -18.09 43.00
H121 CFF R . -34.82 -21.60 38.59
H122 CFF R . -34.72 -20.04 38.71
H123 CFF R . -36.13 -20.71 38.51
H81 CFF R . -35.75 -25.11 41.17
H141 CFF R . -36.91 -24.69 43.81
H142 CFF R . -35.85 -23.75 44.50
H143 CFF R . -35.38 -25.07 43.77
PG ATP S . -16.46 42.91 4.25
O1G ATP S . -17.44 43.97 4.59
O2G ATP S . -15.67 43.17 2.98
O3G ATP S . -15.48 42.59 5.39
PB ATP S . -16.88 40.03 3.56
O1B ATP S . -18.02 39.13 3.77
O2B ATP S . -16.31 40.08 2.14
O3B ATP S . -17.20 41.52 3.98
PA ATP S . -14.67 38.46 4.73
O1A ATP S . -14.09 38.02 3.45
O2A ATP S . -15.43 37.37 5.49
O3A ATP S . -15.66 39.67 4.53
O5' ATP S . -13.57 39.05 5.70
C5' ATP S . -12.18 39.13 5.30
C4' ATP S . -11.98 40.41 4.53
O4' ATP S . -12.72 41.43 5.24
C3' ATP S . -10.54 40.89 4.61
O3' ATP S . -10.45 41.96 3.68
C2' ATP S . -10.50 41.54 5.99
O2' ATP S . -9.54 42.59 5.88
C1' ATP S . -11.86 42.25 6.00
N9 ATP S . -12.43 42.30 7.34
C8 ATP S . -13.68 41.91 7.70
N7 ATP S . -13.94 42.06 8.99
C5 ATP S . -12.76 42.59 9.50
C6 ATP S . -12.38 42.96 10.79
N6 ATP S . -13.18 42.88 11.86
N1 ATP S . -11.13 43.45 10.96
C2 ATP S . -10.33 43.54 9.90
N3 ATP S . -10.58 43.20 8.63
C4 ATP S . -11.82 42.73 8.49
H5'1 ATP S . -11.97 38.38 4.72
H5'2 ATP S . -11.62 39.09 6.08
H4' ATP S . -12.27 40.31 3.61
H3' ATP S . -9.88 40.20 4.48
HO3' ATP S . -9.64 42.24 3.72
H2' ATP S . -10.35 40.94 6.73
HO2' ATP S . -9.82 43.25 6.33
H1' ATP S . -11.80 43.15 5.62
H8 ATP S . -14.31 41.57 7.11
HN61 ATP S . -12.92 43.19 12.62
HN62 ATP S . -13.96 42.52 11.79
H2 ATP S . -9.48 43.88 10.07
CL CL T . -19.30 43.14 23.71
ZN ZN U . 1.25 -39.72 6.21
CA CA V . 28.06 -37.14 19.83
PG ATP W . -0.37 -58.44 4.02
O1G ATP W . -0.50 -59.17 5.31
O2G ATP W . 1.08 -58.25 3.58
O3G ATP W . -1.18 -59.05 2.88
PB ATP W . -0.71 -55.51 3.56
O1B ATP W . 0.55 -55.42 2.80
O2B ATP W . -1.98 -55.13 2.81
O3B ATP W . -0.94 -56.95 4.16
PA ATP W . -1.42 -53.35 5.45
O1A ATP W . -0.49 -52.39 6.08
O2A ATP W . -2.55 -53.86 6.35
O3A ATP W . -0.67 -54.62 4.88
O5' ATP W . -2.06 -52.74 4.15
C5' ATP W . -1.28 -51.95 3.22
C4' ATP W . -2.16 -50.81 2.78
O4' ATP W . -2.06 -49.81 3.81
C3' ATP W . -1.59 -50.15 1.51
O3' ATP W . -2.72 -49.88 0.69
C2' ATP W . -1.10 -48.79 1.99
O2' ATP W . -1.56 -47.86 1.02
C1' ATP W . -2.02 -48.56 3.19
N9 ATP W . -1.45 -47.62 4.15
C8 ATP W . -2.06 -46.52 4.66
N7 ATP W . -1.33 -45.84 5.52
C5 ATP W . -0.15 -46.57 5.57
C6 ATP W . 1.04 -46.38 6.30
N6 ATP W . 1.25 -45.36 7.13
N1 ATP W . 2.03 -47.28 6.12
C2 ATP W . 1.82 -48.30 5.29
N3 ATP W . 0.75 -48.57 4.55
C4 ATP W . -0.21 -47.67 4.74
H5'1 ATP W . -1.02 -52.50 2.46
H5'2 ATP W . -0.50 -51.61 3.67
H4' ATP W . -3.07 -51.11 2.64
H3' ATP W . -0.91 -50.68 1.06
HO3' ATP W . -3.33 -49.57 1.19
H2' ATP W . -0.15 -48.75 2.17
HO2' ATP W . -0.86 -47.46 0.72
H1' ATP W . -2.90 -48.26 2.89
H8 ATP W . -2.92 -46.26 4.42
HN61 ATP W . 0.83 -44.62 7.02
HN62 ATP W . 1.79 -45.45 7.79
H2 ATP W . 2.53 -48.90 5.20
N1 CFF X . 15.97 -51.29 24.33
C2 CFF X . 14.98 -50.32 24.23
C10 CFF X . 17.25 -50.86 24.87
C6 CFF X . 15.86 -52.63 23.95
N3 CFF X . 13.77 -50.70 23.71
O11 CFF X . 15.17 -49.18 24.59
C12 CFF X . 12.69 -49.75 23.60
C4 CFF X . 13.58 -51.99 23.34
C5 CFF X . 14.57 -52.93 23.43
N9 CFF X . 12.47 -52.52 22.82
O13 CFF X . 16.77 -53.42 24.06
N7 CFF X . 14.02 -54.08 22.95
C8 CFF X . 12.77 -53.78 22.61
C14 CFF X . 14.64 -55.37 22.83
H101 CFF X . 17.97 -51.45 24.58
H102 CFF X . 17.22 -50.87 25.84
H103 CFF X . 17.47 -49.96 24.58
H121 CFF X . 12.10 -49.99 22.86
H122 CFF X . 13.04 -48.86 23.42
H123 CFF X . 12.17 -49.72 24.42
H81 CFF X . 12.19 -54.40 22.25
H141 CFF X . 14.29 -55.99 23.51
H142 CFF X . 15.60 -55.31 22.94
H143 CFF X . 14.44 -55.73 21.96
PG ATP Y . 21.56 24.07 32.95
O1G ATP Y . 22.13 24.34 34.30
O2G ATP Y . 20.83 25.27 32.34
O3G ATP Y . 22.56 23.53 31.94
PB ATP Y . 19.40 22.17 32.11
O1B ATP Y . 18.83 20.99 32.79
O2B ATP Y . 18.40 23.21 31.62
O3B ATP Y . 20.44 22.94 33.04
PA ATP Y . 20.10 21.08 29.47
O1A ATP Y . 18.96 21.68 28.75
O2A ATP Y . 19.97 19.58 29.71
O3A ATP Y . 20.31 21.77 30.87
O5' ATP Y . 21.46 21.35 28.72
C5' ATP Y . 21.51 22.11 27.49
C4' ATP Y . 21.59 23.58 27.84
O4' ATP Y . 22.51 23.68 28.95
C3' ATP Y . 22.26 24.38 26.74
O3' ATP Y . 22.06 25.74 27.09
C2' ATP Y . 23.73 24.09 26.99
O2' ATP Y . 24.41 25.27 26.55
C1' ATP Y . 23.77 24.16 28.51
N9 ATP Y . 24.76 23.24 29.06
C8 ATP Y . 24.55 22.31 30.04
N7 ATP Y . 25.62 21.61 30.35
C5 ATP Y . 26.60 22.11 29.50
C6 ATP Y . 27.95 21.78 29.32
N6 ATP Y . 28.59 20.84 30.02
N1 ATP Y . 28.64 22.48 28.39
C2 ATP Y . 28.02 23.41 27.69
N3 ATP Y . 26.74 23.80 27.77
C4 ATP Y . 26.08 23.11 28.70
H5'1 ATP Y . 20.70 21.95 26.98
H5'2 ATP Y . 22.27 21.83 26.97
H4' ATP Y . 20.71 23.93 28.06
H3' ATP Y . 21.95 24.16 25.85
HO3' ATP Y . 22.43 26.21 26.48
H2' ATP Y . 24.07 23.27 26.60
HO2' ATP Y . 25.05 25.41 27.09
H1' ATP Y . 23.94 25.06 28.82
H8 ATP Y . 23.74 22.18 30.46
HN61 ATP Y . 29.43 20.73 29.92
HN62 ATP Y . 28.15 20.34 30.57
H2 ATP Y . 28.53 23.87 27.06
CL CL Z . 36.96 12.20 35.77
ZN ZN AA . -15.02 -32.83 -17.73
CA CA BA . 4.05 -29.52 -40.89
PG ATP CA . -26.85 -46.14 -24.12
O1G ATP CA . -26.20 -47.46 -24.29
O2G ATP CA . -26.76 -45.25 -25.36
O3G ATP CA . -28.30 -46.22 -23.65
PB ATP CA . -25.80 -43.81 -22.59
O1B ATP CA . -26.08 -42.87 -23.70
O2B ATP CA . -26.54 -43.52 -21.28
O3B ATP CA . -26.10 -45.31 -22.98
PA ATP CA . -23.31 -43.50 -21.03
O1A ATP CA . -22.08 -42.83 -21.46
O2A ATP CA . -23.11 -44.78 -20.21
O3A ATP CA . -24.24 -43.88 -22.24
O5' ATP CA . -24.23 -42.52 -20.19
C5' ATP CA . -24.38 -41.14 -20.58
C4' ATP CA . -24.39 -40.33 -19.31
O4' ATP CA . -23.00 -40.13 -18.97
C3' ATP CA . -24.95 -38.93 -19.56
O3' ATP CA . -25.76 -38.64 -18.43
C2' ATP CA . -23.73 -38.01 -19.43
O2' ATP CA . -24.17 -36.92 -18.64
C1' ATP CA . -22.86 -38.83 -18.49
N9 ATP CA . -21.44 -38.49 -18.60
C8 ATP CA . -20.60 -38.16 -17.58
N7 ATP CA . -19.38 -37.89 -17.95
C5 ATP CA . -19.41 -38.07 -19.33
C6 ATP CA . -18.43 -37.93 -20.33
N6 ATP CA . -17.17 -37.57 -20.09
N1 ATP CA . -18.80 -38.17 -21.61
C2 ATP CA . -20.06 -38.53 -21.85
N3 ATP CA . -21.07 -38.68 -20.99
C4 ATP CA . -20.68 -38.43 -19.75
H5'1 ATP CA . -25.24 -41.03 -21.05
H5'2 ATP CA . -23.66 -40.87 -21.14
H4' ATP CA . -24.87 -40.80 -18.61
H3' ATP CA . -25.41 -38.84 -20.40
HO3' ATP CA . -25.34 -38.90 -17.73
H2' ATP CA . -23.34 -37.76 -20.28
HO2' ATP CA . -24.03 -36.21 -19.09
H1' ATP CA . -23.16 -38.74 -17.57
H8 ATP CA . -20.88 -38.12 -16.69
HN61 ATP CA . -16.98 -37.09 -19.40
HN62 ATP CA . -16.54 -37.84 -20.62
H2 ATP CA . -20.26 -38.69 -22.75
N1 CFF DA . -2.49 -46.79 -35.80
C2 CFF DA . -2.31 -46.35 -34.50
C10 CFF DA . -1.50 -46.34 -36.79
C6 CFF DA . -3.52 -47.61 -36.27
N3 CFF DA . -3.22 -46.75 -33.57
O11 CFF DA . -1.38 -45.64 -34.20
C12 CFF DA . -3.10 -46.33 -32.19
C4 CFF DA . -4.25 -47.56 -33.93
C5 CFF DA . -4.41 -47.99 -35.23
N9 CFF DA . -5.22 -48.04 -33.15
O13 CFF DA . -3.61 -47.96 -37.43
N7 CFF DA . -5.54 -48.76 -35.21
C8 CFF DA . -5.96 -48.76 -33.96
C14 CFF DA . -6.14 -49.45 -36.32
H101 CFF DA . -1.88 -46.37 -37.68
H102 CFF DA . -0.72 -46.92 -36.76
H103 CFF DA . -1.23 -45.43 -36.61
H121 CFF DA . -3.97 -46.30 -31.76
H122 CFF DA . -2.70 -45.46 -32.14
H123 CFF DA . -2.54 -46.96 -31.70
H81 CFF DA . -6.73 -49.22 -33.69
H141 CFF DA . -5.99 -50.41 -36.25
H142 CFF DA . -5.79 -49.13 -37.17
H143 CFF DA . -7.10 -49.28 -36.29
PG ATP EA . 44.73 6.59 -9.24
O1G ATP EA . 46.12 6.22 -9.64
O2G ATP EA . 44.67 7.59 -8.08
O3G ATP EA . 43.88 7.09 -10.39
PB ATP EA . 42.55 4.90 -8.08
O1B ATP EA . 42.35 3.45 -8.05
O2B ATP EA . 42.42 5.63 -6.74
O3B ATP EA . 43.96 5.30 -8.69
PA ATP EA . 39.97 5.83 -9.19
O1A ATP EA . 39.41 6.31 -7.91
O2A ATP EA . 39.37 4.53 -9.70
O3A ATP EA . 41.55 5.62 -9.09
O5' ATP EA . 39.83 6.92 -10.32
C5' ATP EA . 39.23 8.21 -10.06
C4' ATP EA . 40.30 9.13 -9.52
O4' ATP EA . 41.48 8.90 -10.30
C3' ATP EA . 39.96 10.59 -9.79
O3' ATP EA . 40.90 11.34 -9.04
C2' ATP EA . 40.38 10.73 -11.25
O2' ATP EA . 40.78 12.10 -11.38
C1' ATP EA . 41.68 9.92 -11.25
N9 ATP EA . 41.89 9.27 -12.53
C8 ATP EA . 42.18 7.94 -12.72
N7 ATP EA . 42.32 7.61 -13.98
C5 ATP EA . 42.12 8.79 -14.67
C6 ATP EA . 42.14 9.11 -16.03
N6 ATP EA . 42.38 8.23 -17.00
N1 ATP EA . 41.90 10.40 -16.37
C2 ATP EA . 41.65 11.29 -15.42
N3 ATP EA . 41.60 11.10 -14.10
C4 ATP EA . 41.85 9.83 -13.78
H5'1 ATP EA . 38.53 8.10 -9.39
H5'2 ATP EA . 38.84 8.55 -10.87
H4' ATP EA . 40.43 8.98 -8.57
H3' ATP EA . 39.04 10.83 -9.61
HO3' ATP EA . 40.74 12.16 -9.19
H2' ATP EA . 39.72 10.46 -11.90
HO2' ATP EA . 41.45 12.11 -11.90
H1' ATP EA . 42.44 10.48 -11.02
H8 ATP EA . 42.25 7.33 -12.03
HN61 ATP EA . 42.45 8.49 -17.82
HN62 ATP EA . 42.47 7.39 -16.81
H2 ATP EA . 41.49 12.16 -15.70
CL CL FA . 44.71 1.34 -28.18
#